data_9P73
#
_entry.id   9P73
#
_cell.length_a   1.00
_cell.length_b   1.00
_cell.length_c   1.00
_cell.angle_alpha   90.00
_cell.angle_beta   90.00
_cell.angle_gamma   90.00
#
_symmetry.space_group_name_H-M   'P 1'
#
loop_
_entity.id
_entity.type
_entity.pdbx_description
1 polymer 'A/P site tRNA'
2 polymer 'Elongation factor 2'
3 polymer 'P/E site tRNA'
4 polymer 'Small ribosomal subunit protein uS3'
5 polymer '40S ribosomal protein S5'
6 polymer '40S ribosomal protein S10'
7 polymer 'Small ribosomal subunit protein eS12'
8 polymer '40S ribosomal protein S15'
9 polymer 'Small ribosomal subunit protein uS9'
10 polymer 'Small ribosomal subunit protein eS17'
11 polymer '40S ribosomal protein S18'
12 polymer '40S ribosomal protein S19'
13 polymer '40S ribosomal protein S20'
14 polymer 'Small ribosomal subunit protein eS25'
15 polymer '40S ribosomal protein S28'
16 polymer '40S ribosomal protein S29'
17 polymer 'Ubiquitin-40S ribosomal protein S27a'
18 polymer 'Receptor of activated protein C kinase 1'
19 polymer '40S ribosomal protein SA'
20 polymer '40S ribosomal protein S3a'
21 polymer '40S ribosomal protein S2'
22 polymer 'Small ribosomal subunit protein eS4, X isoform'
23 polymer '40S ribosomal protein S6'
24 polymer 'Small ribosomal subunit protein eS7'
25 polymer '40S ribosomal protein S8'
26 polymer '40S ribosomal protein S9'
27 polymer '40S ribosomal protein S11'
28 polymer '40S ribosomal protein S13'
29 polymer 'Small ribosomal subunit protein uS11'
30 polymer 'Small ribosomal subunit protein eS21'
31 polymer '40S ribosomal protein S15a'
32 polymer '40S ribosomal protein S23'
33 polymer '40S ribosomal protein S24'
34 polymer '40S ribosomal protein S26'
35 polymer 'Small ribosomal subunit protein eS27'
36 polymer '18S rRNA [Homo sapiens]'
37 polymer '60S ribosomal protein L19'
38 polymer 'Ribosomal protein L24'
39 polymer 'Transcription factor BTF3'
40 polymer '28S rRNA'
41 polymer '5S rRNA'
42 polymer '5.8S rRNA'
43 polymer '60S ribosomal protein L8'
44 polymer 'Large ribosomal subunit protein uL3'
45 polymer '60S ribosomal protein L4'
46 polymer 'Large ribosomal subunit protein uL18'
47 polymer 'Large ribosomal subunit protein eL6'
48 polymer '60S ribosomal protein L7'
49 polymer '60S ribosomal protein L7a'
50 polymer '60S ribosomal protein L9'
51 polymer 'Ribosomal protein uL16-like'
52 polymer '60S ribosomal protein L11'
53 polymer 'Large ribosomal subunit protein eL13'
54 polymer '60S ribosomal protein L14'
55 polymer '60S ribosomal protein L15'
56 polymer '60S ribosomal protein L13a'
57 polymer '60S ribosomal protein L17'
58 polymer '60S ribosomal protein L18'
59 polymer '60S ribosomal protein L18a'
60 polymer '60S ribosomal protein L21'
61 polymer 'Heparin-binding protein HBp15'
62 polymer '60S ribosomal protein L23'
63 polymer '60S ribosomal protein L23a'
64 polymer '60S ribosomal protein L26'
65 polymer '60S ribosomal protein L27'
66 polymer '60S ribosomal protein L27a'
67 polymer 'Large ribosomal subunit protein eL29'
68 polymer '60S ribosomal protein L30'
69 polymer '60S ribosomal protein L31'
70 polymer '60S ribosomal protein L32'
71 polymer '60S ribosomal protein L35a'
72 polymer '60S ribosomal protein L34'
73 polymer '60S ribosomal protein L35'
74 polymer '60S ribosomal protein L36'
75 polymer '60S ribosomal protein L37'
76 polymer '60S ribosomal protein L38'
77 polymer '60S ribosomal protein L39'
78 polymer 'Large ribosomal subunit protein eL40'
79 polymer '60S ribosomal protein L41'
80 polymer '60S ribosomal protein L36a'
81 polymer '60S ribosomal protein L37a'
82 polymer '60S ribosomal protein L28'
83 polymer '60S acidic ribosomal protein P0'
84 polymer 'Large ribosomal subunit protein uL11'
85 polymer 'Endothelial differentiation-related factor 1'
86 non-polymer 'MAGNESIUM ION'
87 non-polymer 'ZINC ION'
88 non-polymer SPERMINE
89 non-polymer SPERMIDINE
#
loop_
_entity_poly.entity_id
_entity_poly.type
_entity_poly.pdbx_seq_one_letter_code
_entity_poly.pdbx_strand_id
1 'polyribonucleotide' GUCUCCGUAGUGUAGGGUAUCACGUUCGCCUAACACGCGAAAGGUCCUCGGUUCGAAACCGGGCGGAAACA AP
2 'polypeptide(L)'
;NFTVDQIRAIMDKKANIRNMSVIAHVDHGKSTLTDSLVCKAGIIASARAGETRFTDTRKDEQERCITIKSTAISLFYELS
ENDLNFIKQSKDGAGFLINLIDSPGHVDFSSEVTAALRVTDGALVVVDCVSGVCVQTETVLRQAIAERIKPVLMMNKMDR
ALLELQLEPEELYQTFQRIVENVNVIISTYGEGESGPMGNIMIDPVLGTVGFGSGLHGWAFTLKQFAEMYVAKFAAKGEG
QLGPAERAKKVEDMMKKLWGDRYFDPANGKFSKSATSPEGKKLPRTFCQLILDPIFKVFDAIMNFKKEETAKLIEKLDIK
LDSEDKDKEGKPLLKAVMRRWLPAGDALLQMITIHLPSPVTAQKYRCELLYEGPPDDEAAMGIKSCDPKGPLMMYISKMV
PTSDKGRFYAFGRVFSGLVSTGLKVRIMGPNYTPGKKEDLYLKPIQRTILMMGRYVEPIEDVPCGNIVGLVGVDQFLVKT
GTITTFEHAHNMRVMKFSVSPVVRVAVEAKNPADLPKLVEGLKRLAKSDPMVQCIIEESGEHIIAGAGELHLEICLKDLE
EDHACIPIKKSDPVVSYRETVSEESNVLCLSKSPNKHNRLYMKARPFPDGLAEDIDKGEVSARQELKQRARYLAEKYEWD
VAEARKIWCFGPDGTGPNILTDITKGVQYLNEIKDSVVAGFQWATKEGALCEENMRGVRFDVHDVTLHADAIHRGGGQII
PTARRCLYASVLTAQPRLMEPIYLVEIQCPEQVVGGIYGVLNRKRGHVFEESQVAGTPMFVVKAYLPVNESFGFTADLRS
NTGGQAFPQCVFDHWQILPGDPFDNSSRPSQVVAETRKRKGLKEGIPALDNFLDKL
;
CB
3 'polyribonucleotide' GCCCGGAUAGCUCAGCUGUAGAGCAUCAGACUUUUAAUCUGAGGGUCCAGGGUUCAAGUCCCUGUUCGGGCGCCA PE
4 'polypeptide(L)'
;MAVQISKKRKFVADGIFKAELNEFLTRELAEDGYSGVEVRVTPTRTEIIILATRTQNVLGEKGRRIRELTAVVQKRFGFP
EGSVELYAEKVATRGLCAIAQAESLRYKLLGGLAVRRACYGVLRFIMESGAKGCEVVVSGKLRGQRAKSMKFVDGLMIHS
GDPVNYYVDTAVRHVLLRQGVLGIKVKIMLPWDPTGKIGPKKPLPDHVSIVEPKDEILPTTPISEQK
;
SD
5 'polypeptide(L)'
;DIKLFGKWSTDDVQINDISLQDYIAVKEKYAKYLPHSAGRYAAKRFRKAQCPIVERLTNSMMMHGRNNGKKLMTVRIVKH
AFEIIHLLTGENPLQVLVNAIINSGPREDSTRIGRAGTVRRQAVDVSPLRRVNQAIWLLCTGAREAAFRNIKTIAECLAD
ELINAAKGSSNSYAIKKKDELERVAKSNR
;
SF
6 'polypeptide(L)'
;MLMPKKNRIAIYELLFKEGVMVAKKDVHMPKHPELADKNVPNLHVMKAMQSLKSRGYVKEQFAWRHFYWYLTNEGIQYLR
DYLHLPPEIVPATLRRSR
;
SK
7 'polypeptide(L)'
;VMDVNTALQEVLKTALIHDGLARGIREAAKALDKRQAHLCVLASNCDEPMYVKLVEALCAEHQINLIKVDDNKKLGEWVG
LCKIDREGKPRKVVGCSCVVVKDYGKESQAKDVIEEYFKCKK
;
SM
8 'polypeptide(L)'
;RTFRKFTYRGVDLDQLLDMSYEQLMQLYSARQRRRLNRGLRRKQHSLLKRLRKAKKEAPPMEKPEVVKTHLRDMIILPEM
VGSMVGVYNGKTFNQVEIKPEMIGHYLGEFSITYKPVKHGRPGIGAT
;
SP
9 'polypeptide(L)'
;SKGPLQSVQVFGRKKTATAVAHCKRGNGLIKVNGRPLEMIEPRTLQYKLLEPVLLLGKERFAGVDIRVRVKGGGHVAQIY
AIRQSISKALVAYYQKYVDEASKKEIKDILIQYDRTLLVADPRRCESKKFGGPGARARYQKSYR
;
SQ
10 'polypeptide(L)'
;MGRVRTKTVKKAARVIIEKYYTRLGNDFHTNKRVCEEIAIIPSKKLRNKIAGYVTHLMKRIQRGPVRGISIKLQEEERER
RDNYVPEVSALDQEIIEVDPDTKEMLKLLDFGSLSNLQVTQPTVGMNFKTPRGPV
;
SR
11 'polypeptide(L)'
;MSLVIPEKFQHILRVLNTNIDGRRKIAFAITAIKGVGRRYAHVVLRKADIDLTKRAGELTEDEVERVITIMQNPRQYKIP
DWFLNRQKDVKDGKYSQVLANGLDNKLREDLERLKKIRAHRGLRHFWGLRVRGQHTKTTGRRGRT
;
SS
12 'polypeptide(L)'
;PGVTVKDVNQQEFVRALAAFLKKSGKLKVPEWVDTVKLAKHKELAPYDENWFYTRAASTARHLYLRGGAGVGSMTKIYGG
RQRNGVMPSHFSRGSKSVARRVLQALEGLKMVEKDQDGGRKLTPQGQRDLDRIAGQVAAANKK
;
ST
13 'polypeptide(L)'
;AIHRIRITLTSRNVKSLEKVCADLIRGAKEKNLKVKGPVRMPTKTLRITTRKTPCGEGSKTWDRFQMRIHKRLIDLHSPS
EIVKQITSISIEPGVEVEVTIADA
;
SU
14 'polypeptide(L)' RDKLNNLVLFDKATYDKLCKEVPNYKLITPAVVSERLKIRGSLARAALQELLSKGLIKLVSKHRAQVIYTRNTKG SZ
15 'polypeptide(L)' RVQPIKLARVTKVLGRTGSQGQCTQVRVEFMDDTSRSIIRNVKGPVREGDVLTLLESEREARRL Sc
16 'polypeptide(L)' GHQQLYWSHPRKFGQGSRSCRVCSNRHGLIRKYGLNMCRQCFRQYAKDIGFIKLD Sd
17 'polypeptide(L)' YTTPKKNKHKRKKVKLAVLKYYKVDENGKISRLRRECPSDECGAGVFMASHFDRHYCGKCCLTYCFN Sf
18 'polypeptide(L)'
;TEQMTLRGTLKGHNGWVTQIATTPQFPDMILSASRDKTIIMWKLTRDETNYGIPQRALRGHSHFVSDVVISSDGQFALSG
SWDGTLRLWDLTTGTTTRRFVGHTKDVLSVAFSSDNRQIVSGSRDKTIKLWNTLGVCKYTVQDESHSEWVSCVRFSPNSS
NPIIVSCGWDKLVKVWNLANCKLKTNHIGHTGYLNTVTVSPDGSLCASGGKDGQAMLWDLNEGKHLYTLDGGDIINALCF
SPNRYWLCAATGPSIKIWDLEGKIIVDELKQEVISTSSKAEPPQCTSLAWSADGQTLFAGYTDNLVRVWQVTI
;
Sg
19 'polypeptide(L)'
;GALDVLQMKEEDVLKFLAAGTHLGGTNLDFQMEQYIYKRKSDGIYIINLKRTWEKLLLAARAIVAIENPADVSVISSRNT
GQRAVLKFAAATGATPIAGRFTPGTFTNQIQAAFREPRLLVVTDPRADHQPLTEASYVNLPTIALCNTDSPLRYVDIAIP
CNNKGAHSVGLMWWMLAREVLRMRGTISREHPWEVMPDLYFYRDPEEIEKEEQAAAEKAVT
;
SA
20 'polypeptide(L)'
;VVDPFSKKDWYDVKAPAMFNIRNIGKTLVTRTQGTKIASDGLKGRVFEVSLADLQNDEVAFRKFKLITEDVQGKNCLTNF
HGMDLTRDKMCSMVKKWQTMIEAHVDVKTTDGYLLRLFCVGFTKKRNNQIRKTSYAQHQQVRQIRKKMMEIMTREVQTND
LKEVVNKLIPDSIGKDIEKACQSIYPLHDVFVRKVKMLKKPKFELGKLMELHGE
;
SB
21 'polypeptide(L)'
;EWMPVTKLGRLVKDMKIKSLEEIYLFSLPIKESEIIDFFLGASLKDEVLKIMPVQKQTRAGQRTRFKAFVAIGDYNGHVG
LGVKCSKEVATAIRGAIILAKLSIVPVRRGYWGNKIGKPHTVPCKVTGRCGSVLVRLIPAPRGTGIVSAPVPKKLLMMAG
IDDCYTSARGCTATLGNFAKATFDAISKTYSYLTPDLWKETVFTKSPYQEFTDHLVKTHTRV
;
SC
22 'polypeptide(L)'
;ARGPKKHLKRVAAPKHWMLDKLTGVFAPRPSTGPHKLRECLPLIIFLRNRLKYALTGDEVKKICMQRFIKIDGKVRTDIT
YPAGFMDVISIDKTGENFRLIYDTKGRFAVHRITPEEAKYKLCKVRKIFVGTKGIPHLVTHDARTIRYPDPLIKVNDTIQ
IDLETGKITDFIKFDTGNLCMVTGGANLGRIGVITNRERHPGSFDVVHVKDANGNSFATRLSNIFVIGKGNKPWISLPRG
KGIRLTIAEERDKRLAAKQSSG
;
SE
23 'polypeptide(L)'
;MKLNISFPATGCQKLIEVDDERKLRTFYEKRMATEVAADALGEEWKGYVVRISGGNDKQGFPMKQGVLTHGRVRLLLSKG
HSCYRPRRTGERKRKSVRGCIVDANLSVLNLVIVKKGEKDIPGLTDTTVPRRLGPKRASRIRKLFNLSKEDDVRQYVVRK
PLNKEGKKPRTKAPKIQRLVTPRVLQHKRRRIALKKQRTKKNKEEAAEYAKLLAKRMKEAKEKRQEQIAKRRRLSSL
;
SG
24 'polypeptide(L)'
;SAKIVKPNGEKPDEFESGISQALLELEMNSDLKAQLRELNITAAKEIEVGGGRKAIIIFVPVPQLKSFQKIQVRLVRELE
KKFSGKHVVFIAQRRILPKPTRKSRTKNKQKRPRSRTLTAVHDAILEDLVFPSEIVGKRIRVKLDGSRLIKVHLDKAQQN
NVEHKVETFSGVYKKLTGKDVNFEFPEFQ
;
SH
25 'polypeptide(L)'
;GISRDNWHKRRKTGGKRKPYHKKRKYELGRPAANTKIGPRRIHTVRVRGGNKKYRALRLDVGNFSWGSECCTRKTRIIDV
VYNASNNELVRTKTLVKNCIVLIDSTPYRQWYESHYALPLGRKKGAKLTPEEEEILNKKRSKKIQKKYDERKKNAKISSL
LEEQFQQGKLLACIASRPGQCGRADGYVLEGKELEFYLRKIKARKG
;
SI
26 'polypeptide(L)'
;PVARSWVCRKTYVTPRRPFEKSRLDQELKLIGEYGLRNKREVWRVKFTLAKIRKAARELLTLDEKDPRRLFEGNALLRRL
VRIGVLDEGKMKLDYILGLKIEDFLERRLQTQVFKLGLAKSIHHARVLIRQRHIRVRKQVVNIPSFIVRLDSQKHIDFSL
RSPYGGGRPGRVKRKNAKKGQGGAG
;
SJ
27 'polypeptide(L)'
;ADIQTERAYQKQPTIFQNKKRVLLGETGKEKLPRYYKNIGLGFKTPKEAIEGTYIDKKCPFTGNVSIRGRILSGVVTKMK
MQRTIVIRRDYLHYIRKYNRFEKRHKNMSVHLSPCFRDVQIGDIVTVGECRPLSKTVRFNVLKVTKAAGTKKQ
;
SL
28 'polypeptide(L)'
;GRMHAPGKGLSQSALPYRRSVPTWLKLTSDDVKEQIYKLAKKGLTPSQIGVILRDSHGVAQVRFVTGNKILRILKSKGLA
PDLPEDLYHLIKKAVAVRKHLERNRKDKDAKFRLILIESRIHRLARYYKTKRVLPPNWKYESSTASALVA
;
SN
29 'polypeptide(L)'
;EQVISLGPQVAEGENVFGVCHIFASFNDTFVHVTDLSGKETICRVTGGMKVKADRDESSPYAAMLAAQDVAQRCKELGIT
ALHIKLRATGGNRTKTPGPGAQSALRALARSGMKIGRIEDVTPIPSDSTRRKGGRRGRRL
;
SO
30 'polypeptide(L)'
;MQNDAGEFVDLYVPRKCSASNRIIGAKDHASIQMNVAEVDKVTGRFNGQFKTYAICGAIRRMGESDDSILRLAKADGIVS
KNF
;
SV
31 'polypeptide(L)'
;VRMNVLADALKSINNAEKRGKRQVLIRPCSKVIVRFLTVMMKHGYIGEFEIIDDHRAGKIVVNLTGRLNKCGVISPRFDV
QLKDLEKWQNNLLPSRQFGFIVLTTSAGIMDHEEARRKHTGGKILGFFF
;
SW
32 'polypeptide(L)'
;GKCRGLRTARKLRSHRRDQKWHDKQYKKAHLGTALKANPFGGASHAKGIVLEKVGVEAKQPNSAIRKCVRVQLIKNGKKI
TAFVPNDGCLNFIEENDEVLVAGFGRKGHAVGDIPGVRFKVVKVANVSLLALYKGKKERPR
;
SX
33 'polypeptide(L)'
;NDTVTIRTRKFMTNRLLQRKQMVIDVLHPGKATVPKTEIREKLAKMYKTTPDVIFVFGFRTHFGGGKTTGFGMIYDSLDY
AKKNEPKHRLARHGLYEKKKTSRKQRKERKNRMKKVRGTAKANVGAGKKPK
;
SY
34 'polypeptide(L)'
;TKKRRNNGRAKKGRGHVQPIRCTNCARCVPKDKAIKKFVIRNIVEAAAVRDISEASVFDAYVLPKLYVKLHYCVSCAIHS
KVVRNRSREARKDRTPPPRFRP
;
Sa
35 'polypeptide(L)'
;PLAKDLLHPSPEEEKRKHKKKRLVQSPNSYFMDVKCPGCYKITTVFSHAQTVVLCVGCSTVLCQPTGGKARLTEGCSFRR
KQH
;
Sb
36 'polyribonucleotide'
;UACCUGGUUGAUCCUGCCAGUAGCAU(A2M)UGCUUGUCUCAAAGAUUAAGCCAUGCAUGUCUAAGUACGCACGGCCGGU
ACAGUGAAACUGCGAA(PSU)GGCUC(A2M)UUAAA(PSU)CAG(PSU)UAUGGU(OMU)CCUU(OMU)GGUCGCUCGCU
CCUCUCCCACUUGGAUAACUGUGGUA(A2M)UUCUAG(A2M)GCUAA(OMU)A(OMC)AUGCCGACGGGCGCUGACCCCC
UUCGCGGGGGGGAUGCGUGCAUUUAUCAGUGGUGACUCUAGAUAACCUCGGGCCGAUCGCACGCCCCCCGUGGCGGCGAC
GACCCAUUCGAACGUC(OMU)GCCCUAUCAACUUUCGAUGGUAGUCGCCGUGCCUACCAUGGUGACCACGGG(PSU)GAC
GGGGAAUCAGGGUUCGAU(OMU)CCGGAGA(OMG)GGAGCCUGAGAAACGGCUACCACAU(OMC)CAAGG(A2M)AGGCA
GCAGGCGCGC(A2M)AAUUACCCACUCCCGACCCGGGGA(OMG)GUAGUGA(OMC)GAAAAAUAACAAUACAGGACUCUU
UCGAGGCCCUGUAAUUGGAAUGAGUCCACUUUAA(A2M)UCCUUUAACGAGGAUCCAUUGGAG(OMG)GCAAGUCUGGUG
CCAGCAGCCGCGG(OMU)AAUUCCAGCUCCAAUA(OMG)CGUA(PSU)A(PSU)UAAAGUUGCUGCAGUU(A2M)AAAAG
CUCGUAG(PSU)U(OMG)GA(PSU)CUUGGGAGCGGGCGUCCCCGCCCUCUCGGCCGGGGCCCGAAGCG(OMU)U(PSU)
ACUUUGAAAAAA(PSU)UAGAGUGUUCAAAGCAGGCCCGAGCCGCCUGGAUACCGCAGCUAGGAA(PSU)AA(PSU)
(OMG)GAAUAGGACCGCGGUUCUAUUUUGUUGGUUUUCGGAACUGAGGCCAUGAUUAAGAGGGACGGCCGGGGGCAUUCG
UAUUGCGCCGCUAGAGGUGAAAU(PSU)CUUGGACCGGCGCAAGACGGACCAGAGCGAAAGCAUU(PSU)GCCAAGAAUG
UUUUCAUUAAUCAAGA(A2M)CGAAAGUCGGAGG(PSU)(PSU)CGAAGACGA(PSU)CAGAUACCGUCGUAGUUCCGAC
CA(PSU)AAACGAUGCCGACCGGCGAUGCGGCGGCGUUAUUCCCAUGACCCGCCGGGCAGCUUCCGGGAAACCAAAGUCU
UUGGGUUCCGGGGGGAGUA(PSU)GG(PSU)UGCAAAGCUGAAACUUAAAGGAAUUGACGGAAGGGCACCACCAGGAGUG
GAGCC(PSU)GCGGCUUAAUU(PSU)GAC(B8N)CAACACGGGAAACCUCACCCGGC(OMC)CGGACACGGACAGGA
(OMU)UGACAGAUUGAUAGCUCUUUCUCGAUUCCGUGGGUGG(OMU)G(OMG)UGCAUGGC(4AC)GUUCUUAGUUGGUG
GAGCGAUUUGUCUGG(PSU)UAAUUCCGAUAACGA(A2M)CGAGACU(OMC)UGGCAUGCUAACUAGUUACGCGACCCCC
GAGCGGUCGGCGUCCCCCAACU(OMU)CUUAGAGGGACAAGUGGCGUUCAGCCACCCGAGAUUGAGCAAUAACA(OMG)G
UCUGUGAUGCCCUUAGAUGUCCGGGGCUGCACGCGCGCUACACUGACUGGCUCAGCGUGUGCCUACCCUACGCCGGCAGG
CGCGGGUAACCCGUUGAACCCCAUUCGUGAUGGGGAUCGGGGAUUGCAAUUAUUCCCCAUGAACGAG(G7M)AAUUCCCA
GUAAGUGCGGGUCAUAAGCUUGCGUUGAUUAAGUCCCUGCCCUUUGUACACACCG(OMC)CCGUCGCUACUACCGAUUGG
AUGGUUUAGUGAGGCCCUCGGAUCGGCCCCGCCGGGGUCGGCCCACGGCCCUGGCGGAGCGCUGAGAAGACGGUCGAACU
UGACUAUCUAGAGGAAGUAAAAGUCGUA(6MZ)CAAGGUUUC(4AC)GUAGGUG(MA6)(MA6)CCUGCGGAAGGAUCAU
UA
;
S2
37 'polypeptide(L)'
;SMLRLQKRLASSVLRCGKKKVWLDPNETNEIANANSRQQIRKLIKDGLIIRKPVTVHSRARCRKNTLARRKGRHMGIGKR
KGTANARMPEKVTWMRRMRILRRLLRRYRESKKIDRHMYHSLYLKVKGNVFKNKRILMEHIHKLKADKARKKLLADQAEA
RRSKTKEARKRREERLQAKKEEIIKTL
;
LR
38 'polypeptide(L)'
;MKVELCSFSGYKIYPGHGRRYARTDGKVFQFLNAKCESAFLSKRNPRQINWTVLYRRKHKKGQSEEIQKKRTRRAVKFQR
AITGASLADIMAKRNQKPEVRKAQREQAIRAAKEAKKAKQASKK
;
LW
39 'polypeptide(L)' IMNQEKLAKLQAQVRIGGKGTARRKKKVVHR CI
40 'polyribonucleotide'
;CGCGACCUCAGAUCAGACGUGGCGACCCGCUGAAUUUAAGCAUAUUAGUCAGCGGAGGAGAAGAAACUAACCAGGAUUCC
CUCAGUAACGGCGAGUGAACAGGGAAGAGCCCAGCGCCGAAUCCCCGCCCCGCGGCGGGGCGCGGGACAUGUGGCGUACG
GAAGACCCGCUCCCCGGCGCCGCUCGUGGGGGGCCCAAGUCCUUCUGAUCGAGGCCCAGCCCGUGGACGGUGUGAGGCCG
GUAGCGGCCCCCGGCGCGCCGGGCCCGGGUCUUCCCGGAGUCGGGUUGCUUGGGAAUGCAGCCCAAAGCGGGUGGUAAAC
UCCAUCUAAGGCUAAAUACCGGCACGAGACCGAUAGUCAACAAGUACCGUAAGGGAAAGUUGAAAAGAACUUUGAAG
(A2M)G(A2M)GAGUUCAAGAGGGCGUGAAACCGUUAAGAGGUAAACGGGUGGGGUCCGCGCAGUCCGCCCGGAGGAUUC
AACCCGGCGGCGGGUCCGGCCGUGUCGGCGGCCCGGCGGAUCUUUCCCGCGCGGGGGACCGUCCCCCGACCGGCGACCGG
CCGCCGCCGGGCGCAUUUCCACCGCGGCGGUGCGCCGCGACCGGCUCCGGGACGGCUGGGAAGGCCCGGCGGGGAAGGUG
GCUCGGGGGCCCCCGAGUGUUACAGCCCCCCCGGCAGCAGCACUCGCCGAAUCCCGGGGCCGAGGGAGCGAGACCCGUCG
CCGCGCUCUCCCCCCUCGGGGGGGCCGGGCCACCCCUCCCACGGCGCGACCGCUCGGGGCGGACUGUCCCCAGUGCGCCC
CGGGCGGGUCGCGCCGUCGGGCCCGGGGGAGGCCACGCGCGCGUCCCCCGAAGAGGGGGACGGCGGAGCGAGCGCACGGG
GUCGGCGGCGACGUCGGCUACCCACCCGACCC(OMG)UCUUG(1MA)(A2M)AC(A2M)CGGACCAAGGAGU(OMC)UAA
CACGUGCGCGAGUCGGGGGCUCGCACGAAAGCCGCCGUGGCGCAAUGAAGGUGAAGGCCGGCGCGCUCGCCGGCCGAGGU
GGGAUCCCGAGGCCUCUCCAGUCCGCCGAGGGCGCACCACCGGCCCGUCUCGCCCGCCGCGCCGGGGAGGUGGAGCACGA
GCGCACGUGUUAGGACCC(OMG)A(A2M)AGAUGGUGA(A2M)C(PSU)AUGCCUGGGCAGGGCGAAGCCAGAGGAAACU
CUGGUGGAGGUCCG(PSU)AGCGGUCCUGACGUGCAAAUCGGUCGUCCGACCUGGGUAUAG(OMG)GGCGAAAGACUAAU
CGAACCAUCUAGUAGCUGGUUCCCUCCGAAGUUUCCC(PSU)CAGGA(PSU)AGCUGGCGCUCUCGCAGACCCGAGCCAC
GCAGUUUUAUCCGGUAAAGCGAA(PSU)GAUUAGAGGUCUUGGGGCCGAAACGAUCUCAACCUA(PSU)(PSU)CUCAAA
CUU(PSU)AAAUGGGUAAGAAGCCCGGCUCGCUGGCGUGGAGCCGGGCGUGGAAUGCGAGUGCCUAGUGGGCCAC(PSU)
U(PSU)UGGUAAGC(A2M)GAACUGGCGCUGCGGGAUGAACCGAACGCCGGGUUAAGGCGCCCGAUGCCGACGCUCAUCA
GACCCCAGAAAAGGUGUUGGUUGAUAUAGACAGCAGGACGGUGGCCAUGGAAGUCGGAAUCCGCUAAGGAGUGUGUAACA
ACUCACCUGCCGAAUCAACUAGCCCUGAAAAUGGAUGGCGCUGGAGCGUCGGGCCCAUACCCGGCCGUCGCCGGCAGUCG
AGAGUGGACGGGAGCGGCGGCCGGAGCCCCGCGGACGCUACGCCGCGACGAGUAGGAGGGCCGCUGCGGUGAGCCUUGAA
GCCUAGGGCGCGGGCCCGGGUGGAGCCGCCGCAGGUGCAGAU(OMC)UUGGUGGUAGU(A2M)(OMG)(OMC)AAAUAUU
CAAACGAGAACUUUGAAGGCCGAAGUGG(A2M)GAAGGGUUCCAUGUGAACAG(OMC)A(OMG)UUGAACAUGGGUCAGU
CGGUCCUGAGAGAUGGGCGAGCGCCGUUCCGAAGGGACGGGCGAUGGCCUCCGUUGCCCUCGGCCGAUCGAAAGGGAGUC
GGGUUCAGAUCCCCGAAUCCGGAGUGGCGGAGAUGGGCGCCGCGAGGCGUCCAGUGCGGUAACGCGACCGAUCCCGGAGA
AGCCGGCGGGAGCCCCGGGGAGAGUUCUCUU(PSU)UCUUUGUGAAGGGCAGGGCGCCCUGGAAUGGGUUCGCCCCGAGA
GAGGGGCCCGUGCCUUGGAAAGCGUCGCGGUUCCGGCGGCGUCCGGUGAGCUCUCGCUGGCCCUUGAAAAUCCGGGGGAG
AGGGUGUAAAUCUCGCGCCGGGCCGUACCC(A2M)UAUCCGCAGCAGGUCU(OMC)CAAGGUGAAC(A2M)GCCUCUGG
(OMC)AUGUUGGAACAA(OMU)G(PSU)AGGUAAGGGAAGUCGGCAAGC(OMC)GGAUCCGUAACUUC(OMG)GGAUAAG
GAUUGGCUCUAAGGGCUGGGUCGGUCGCGGCCGGCGCCUAGCAGCCGACUUAGAACUGGUGCGGACCAGG(OMG)GAAUC
CGAC(PSU)G(PSU)UUAAUUAAAACAAAGCAUCGCGAAGGCCCGCGGCGGGUGUUGACGCGAUGUGAUU(PSU)CUGCC
(OMC)AGUGCUCUGAAUGUCA(A2M)AGUGAAGAAAUUCAAUGAAGCGCGG(OMG)UAAACGGCGGGAGUAACUAUGACU
CUCUUAAGGUAGC(5MC)AA(A2M)UGCCUC(OMG)UCAUCUAAUUAGUGA(OMC)GCGCAUGAA(UY1)GGA(PSU)GA
(A2M)CGAG(A2M)UUCCCACUGU(OMC)CC(PSU)ACCUAC(PSU)A(PSU)CCAGCGAAACCAC(A2M)G(OMC)CAA
GGGAACGGGCU(PSU)GG(OMC)GGAAUCAGCGG(OMG)GAAAGAAGACCCUGUUGAGC(PSU)UGAC(OMU)CUAGUCU
GGCACGGUGAAGAGACAUGAGAACUCUGAUCGUUUUUUCACUGACCCGGUGAGGCGGGGGGGCGAGCCCCGAGGGGCUCU
CGCUUCUGGCGCCAAGCGCCCGGCCGCGCGCCGGCCGGGCGCGACCCGCUCCGGGGACAGUGCCAGGUGGGGAGUUUGAC
UG(OMG)GGCGGUACACCUGUCAAACGGUA(6MZ)CGCAGG(OMU)(OMG)UCCUAAGGCGAGCUCAGGGAGGACAGAAA
CCUCCCGUGGAGCAGAAGGGCAAAAGCUCGCUUGA(PSU)CU(PSU)GA(PSU)UUUCAG(OMU)ACGAA(PSU)ACAGA
CCGUGAAAGCGGGGCCUCACGAUCCUUCUGACCUU(PSU)UGGGUUU(PSU)AAGCAGGA(OMG)GUGUCAGAAAAGUUA
CCACAG(OMG)GAUAACUGGC(PSU)UGUGGCGGCCAAGCGUUCAUAGCGACG(PSU)CGCUUUUUGA(PSU)CCUU
(5MC)GAUGUCGG(OMC)(PSU)CUUCCUAUCAUUG(PSU)GAAGCAGAAUUCACCAAGCGU(PSU)(OMG)GAU(OMU)
(OMG)(PSU)UCACCCACUAAUAGGGAACG(PSU)G(A2M)GCUGGG(UR3)U(PSU)AGA(OMC)CGUCGUGAGACAGG
U(PSU)AGUUUUACCCUACUGAUG(A2M)UGUG(PSU)UG(PSU)UGCCAUGGUA(A2M)UCCUGCUCAGUACGAGAGGA
ACCGCAG(OMG)U(OMU)CA(OMG)ACAU(PSU)UGGUGUA(PSU)(OMG)UGCUUGGCUGAGGAGCCAAUGGGGCGAAG
CUACCA(PSU)CUGUGGGAUUAUGAC(PSU)GAACGCCUCUAAGUCAGAAUCCCGCCCAGGCGGAACGAUACGGCAGCGC
CGCGGAGCCUCGGUUGGCCUCGGAUAGCCGGUCCCCCGCCGGGGUCCGGUGCGGAGUGCCCUUCGUCCUGGGAAACGGGG
CGCGGCCGGAGAGGCGGCCGCCCCCUCGCCCGUCACGCACCGCACGUUCGUGGGGAACCUGGCGCUAAACCA(PSU)
(PSU)CGUAGACGACCUGCUUCUGGGUCGGGG(PSU)UUCGUACG(PSU)AGCAGAGCAGCUCCCUCGCUGCGAUCUAUU
GAAAGUCAGCCCUCGACACAAGGGUUUGU
;
L5
41 'polyribonucleotide'
;GUCUACGGCCAUACCACCCUGAACGCGCCCGAUCUCGUCUGAUCUCGGAAGCUAAGCAGGGUCGGGCCUGGUUAGUACUU
GGAUGGGAGACCGCCUGGGAAUACCGGGUGCUGUAGGCUU
;
L7
42 'polyribonucleotide'
;CGACUCUUAGCGGUGGAUCACUCGGCUCGUGCGUCGAUGAAGAACGCAGCUAGC(PSU)GCGAGAAUUAAUG(PSU)GAA
UU(OMG)CAGGACACAUUGAUCAUCGACACUUCGAACGCACUUGCGGCCCCGGGUUCCUCCCGGGGCUACGCCUGUCUGA
GCGUCGCU
;
L8
43 'polypeptide(L)'
;GRVIRGQRKGAGSVFRAHVKHRKGAARLRAVDFAERHGYIKGIVKDIIHDPGRGAPLAKVVFRDPYRFKKRTELFIAAEG
IHTGQFVYCGKKAQLNIGNVLPVGTMPEGTIVCCLEEKPGDRGKLARASGNYATVISHNPETKKTRVKLPSGSKKVISSA
NRAVVGVVAGGGRIDKPILKAGRAYHKYKAKRNCWPRVRGVAMNPVEHPFGGGNHQHIGKPSTIRRDAPAGRKVGLIAAR
RTGRLRGT
;
LA
44 'polypeptide(L)'
;SHRKFSAPRHGSLGFLPRKRSSRHRGKVKSFPKDDPSKPVHLTAFLGYKAGMTHIVREVDRPGSKVNKKEVVEAVTIVET
PPMVVVGIVGYVETPRGLRTFKTVFAEHISDECKRRFYKNWHKSKKKAFTKYCKKWQDEDGKKQLEKDFSSMKKYCQVIR
VIAHTQMRLLPLRQKKAHLMEIQVNGGTVAEKLDWARERLEQQVPVNQVFGQDEMIDVIGVTKGKGYKGVTSRWHTKKLP
RKTHRGLRKVACIGAWHPARVAFSVARAGQKGYHHRTEINKKIYKIGQGYLIKDGKLIKNNASTDYDLSDKSINPLGGFV
HYGEVTNDFVMLKGCVVGTKKRVLTLRKSLLVQTKRRALEKIDLKFIDTTSKFGHGRFQTMEEKKAFMGPLKKDRIAKEE
GA
;
LB
45 'polypeptide(L)'
;MACARPLISVYSEKGESSGKNVTLPAVFKAPIRPDIVNFVHTNLRKNNRQPYAVSELAGHQTSAESWGTGRAVARIPRVR
GGGTHRSGQGAFGNMCRGGRMFAPTKTWRRWHRRVNTTQKRYAICSALAASALPALVMSKGHRIEEVPELPLVVEDKVEG
YKKTKEAVLLLKKLKAWNDIKKVYASQRMRAGKGKMRNRRRIQRRGPCIIYNEDNGIIKAFRNIPGITLLNVSKLNILKL
APGGHVGRFCIWTESAFRKLDELYGTWRKAASLKSNYNLPMHKMINTDLSRILKSPEIQRALRAPRKKIHRRVLKKNPLK
NLRIMLKLNPYAKTMRRNTILRQARNHKLRVDKAAAAAAALQAKSDEK
;
LC
46 'polypeptide(L)'
;GFVKVVKNKAYFKRYQVKFRRRREGKTDYYARKRLVIQDKNKYNTPKYRMIVRVTNRDIICQIAYARIEGDMIVCAAYAH
ELPKYGVKVGLTNYAAAYCTGLLLARRLLNRFGMDKIYEGQVEVTGDEYNVESIDGQPGAFTCYLDAGLARTTTGNKVFG
ALKGAVDGGLSIPHSTKRFPGYDSESKEFNAEVHRKHIMGQNVADYMRYLMEEDEDAYKKQFSQYIKNSVTPDMMEEMYK
KAHAAIRENPVYEKKPKKEVKKKRWNRPKMSLAQKKDRVAQKKASFLRAQERA
;
LD
47 'polypeptide(L)'
;KGKPHCSRNPVLVRGIGRYSRSAMYSRKAMYKRKYSAAKSKVEKKKKEKVLATVTKPVGGDKNGGTRVVKLRKMPRYYPT
EDVPRKLLSHGKKPFSQHVRKLRASITPGTILIILTGRHRGKRVVFLKQLASGLLLVTGPLVLNRVPLRRTHQKFVIATS
TKIDISNVKIPKHLTDAYFKKKKLRKPRHQEGEIFDTEKEKYEITEQRKIDQKAVDSQILPKIKAIPQLQGYLRSVFALT
NGIYPHKLVF
;
LE
48 'polypeptide(L)'
;NFAELKIKRLRKKFAQKMLRKARRKLIYEKAKHYHKEYRQMYRTEIRMARMARKAGNFYVPAEPKLAFVIRIRGINGVSP
KVRKVLQLLRLRQIFNGTFVKLNKASINMLRIVEPYIAWGYPNLKSVNELIYKRGYGKINKKRIALTDNALIARSLGKYG
IICMEDLIHEIYTVGKRFKEANNFLWPFKLSSPRGGMKKKTTHFVEGGDAGNREDQINRLIRRMN
;
LF
49 'polypeptide(L)'
;KVVNPLFEKRPKNFGIGQDIQPKRDLTRFVKWPRYIRLQRQRAILYKRLKVPPAINQFTQALDRQTATQLLKLAHKYRPE
TKQEKKQRLLARAEKKAAGKGDVPTKRPPVLRAGVNTVTTLVENKKAQLVVIAHDVDPIELVVFLPALCRKMGVPYCIIK
GKARLGRLVHRKTCTTVAFTQVNSEDKGALAKLVEAIRTNYNDRYDEIRRHWGGNVLGPKSVARIAKLEKAKAKELATKL
G
;
LG
50 'polypeptide(L)'
;MKTILSNQTVDIPENVDITLKGRTVIVKGPRGTLRRDFNHINVELSLLGKKKKRLRVDKWWGNRKELATVRTICSHVQNM
IKGVTLGFRYKMRSVYAHFPINVVIQENGSLVEIRNFLGEKYIRRVRMRPGVACSVSQAQKDELILEGNDIELVSNSAAL
IQQATTVKNKDIRKFLDGIYVSEKGTVQQA
;
LH
51 'polypeptide(L)'
;GRRPARCYRYCKNKPYPKSRFCRGVPDAKIRIFDLGRKKAKVDEFPLGGHMVSDEYEQLSSEALEAARICANKYMVKSCG
RDGFHMRVRLHPFHVIRINKMLSCAGADRLQTGMRGAFGKPQGTVARVHIGQVIMSIRTKLQNEEHVIEALRRAKFKFPG
RQKIHISKKWGFTKFNADEFEDMVAKKCLIPDGCGVKYVPSHGPLDKWRVLHS
;
LI
52 'polypeptide(L)'
;QDQGEKENPMRELRIRKLCLNICVGESGDRLTRAAKVLEQLTGQTPVFSKARYTVRSFGIRRNEKIAVHCTVRGAKAEEI
LEKGLKVREYELRKNNFSDTGNFGFGIQEHIDLGIKYDPSIGIYGLDFYVVLGRPGFSIADKKRRTGCIGAKHRISKEEA
MRWFQQKYDGIILPGK
;
LJ
53 'polypeptide(L)'
;APSRNGMVLKPHFHKDWQRRVATWFNQPARKIRRRKARQAKARRIAPRPASGPIRPIVRCPTVRYHTKVRAGRGFSLEEL
RVAGIHKKVARTIGISVDPRRRNKSTESLQANVQRLKEYRSKLILFPRKPSAPKKGDSSAEELKLATQLTGPVMPVRNVY
KKEKARVITEEEKNFKAFASLRMARANARLFGIRAKRAKEAAEQDVEKKK
;
LL
54 'polypeptide(L)'
;VFRRFVEVGRVAYVSFGPHAGKLVAIVDVIDQNRALVDGPCTQVRRQAMPFKCMQLTDFILKFPHSAHQKYVRQAWQKAD
INTKWAATRWAKKIEARERKAKMTDFDRFKVMKAKKMRNRIIKNEVKKLQKAALLKASP
;
LM
55 'polypeptide(L)'
;GAYKYIQELWRKKQSDVMRFLLRVRCWQYRQLSALHRAPRPTRPDKARRLGYKAKQGYVIYRIRVRRGGRKRPVPKGATY
GKPVHHGVNQLKFARSLQSVAEERAGRHCGALRVLNSYWVGEDSTYKFFEVILIDPFHKAIRRNPDTQWITKPVHKHREM
RGLTSAGRKSRGLGKGHKFHHTIGGSRRAAWRRRNTLQLHRYR
;
LN
56 'polypeptide(L)'
;EVQVLVLDGRGHLLGRLAAIVAKQVLLGRKVVVVRCEGINISGNFYRNKLKYLAFLRKRMNTNPSRGPYHFRAPSRIFWR
TVRGMLPHKTKRGQAALDRLKVFDGIPPPYDKKKRMVVPAALKVVRLKPTRKFAYLGRLAHEVGWKYQAVTATLEEKRKE
KAKIHYRKKKQLMRLRKQAEKNVEKKIDKYTEVLKTHGLLV
;
LO
57 'polypeptide(L)'
;VRYSLDPENPTKSCKSRGSNLRVHFKNTRETAQAIKGMHIRKATKYLKDVTLQKQCVPFRRYNGGVGRCAQAKQWGWTQG
RWPKKSAEFLLHMLKNAESNAELKGLDVDSLVIEHIQVNKAPKMRRRTYRAHGRINPYMSSPCHIEMILTEKE
;
LP
58 'polypeptide(L)'
;GVDIRHNKDRKVRRKEPKSQDIYLRLLVKLYRFLARRTNSTFNQVVLKRLFMSRTNRPPLSLSRMIRKMKLPGRENKTAV
VVGTITDDVRVQEVPKLKVCALRVTSRARSRILRAGGKILTFDQLALDSPKGCGTVLLSGPRKGREVYRHFGKAPGTPHS
HTKPYVRSKGRKFERARGRRASRGYKN
;
LQ
59 'polypeptide(L)'
;KASGTLREYKVVGRCLPTPKCHTPPLYRMRIFAPNHVVAKSRFWYFVSQLKKMKKSSGEIVYCGQVFEKSPLRVKNFGIW
LRYDSRSGTHNMYREYRDLTTAGAVTQCYRDMGARHRARAHSIQIMKVEEIAASKCRRPAVKQFHDSKIKFPLPHRVLRR
QHKPRFTTKRPNTFF
;
LS
60 'polypeptide(L)'
;TNTKGKRRGTRYMFSRPFRKHGVVPLATYMRIYKKGDIVDIKGMGTVQKGMPHKCYHGKTGRVYNVTQHAVGIVVNKQVK
GKILAKRINVRIEHIKHSKSRDSFLKRVKENDQKKKEAKEKGTWVQLKRQPAPPREAHFVRTNGKEPELLEPIPYEFMA
;
LT
61 'polypeptide(L)'
;QVLKFTLDCTHPVEDGIMDAANFEQFLQERIKVNGKAGNLGGGVVTIERSKSKITVTSEVPFSKRYLKYLTKKYLKKNNL
RDWLRVVANSKESYELRYFQI
;
LU
62 'polypeptide(L)'
;SGAKFRISLGLPVGAVINCADNTGAKNLYIISVKGIKGRLNRLPAAGVGDMVMATVKKGKPELRKKVHPAVVIRQRKSYR
RKDGVFLYFEDNAGVIVNNKGEMKGSAITGPVAKECADLWPRIASNAGSIA
;
LV
63 'polypeptide(L)'
;KKKIRTSPTFRRPKTLRLRRQPKYPRKSAPRRNKLDHYAIIKFPLTTESAMKKIEDNNTLVFIVDVKANKHQIKQAVKKL
YDIDVAKVNTLIRPDGEKKAYVRLAPDYDALDVANKIGII
;
LX
64 'polypeptide(L)'
;MKFNPFVTSDRSKNRKRHFNAPSHIRRKIMSSPLSKELRQKYNVRSMPIRKDDEVQVVRGHYKGQQIGKVVQVYRKKYVI
YIERVQREKANGTTVHVGIHPSKVVITRLKLDKDRKKILERKAKSRQVGKEKGK
;
LY
65 'polypeptide(L)'
;GKFMKPGKVVLVLAGRYSGRKAVIVKNIDDGTSDRPYSHALVAGIDRYPRKVTAAMGKKKIAKRSKIKSFVKVYNYNHLM
PTRYSVDIPLDKTVVNKDVFRDPALKRKARREAKVKFEERYKTGKNKWFFQKLRF
;
LZ
66 'polypeptide(L)'
;PSRLRKTRKLRGHVSHGHGRIGKHRKHPGGRGNAGGLHHHRINFDKYHPGYFGKVGMKHYHLKRNQSFCPTVNLDKLWTL
VSEQTRVNAAKNKTGAAPIIDVVRSGYYKVLGKGKLPKQPVIVKAKFFSRRAEEKIKSVGGACVLVA
;
La
67 'polypeptide(L)'
;AKSKNHTTHNQSRKWHRNGIKKPRSQRYESLKGVDPKFLRNMRFAKKHNKKGLKKMQANNAKAMSARAEAIKALVKPKEV
KPKIPKGVSRKLDRLAYIAHPKLGKRARARIAKGLRLCRPK
;
Lb
68 'polypeptide(L)'
;KSLESINSRLQLVMKSGKYVLGYKQTLKMIRQGKAKLVILANNCPALRKSEIEYYAMLAKTGVHHYSGNNIELGTACGKY
YRVCTLAIIDPGDSDIIR
;
Lc
69 'polypeptide(L)'
;NEVVTREYTINIHKRIHGVGFKKRAPRALKEIRKFAMKEMGTPDVRIDTRLNKAVWAKGIRNVPYRIRVRLSRKRNEDED
SPNKLYTLVTYVPVTTFKNLQTVNVDE
;
Ld
70 'polypeptide(L)'
;AALRPLVKPKIVKKRTKKFIRHQSDRYVKIKRNWRKPRGIDNRVRRRFKGQILMPNIGYGSNKKTKHMLPSGFRKFLVHN
VKELEVLLMCNKSYCAEIAHNVSSKNRKAIVERAAQLAIRVTNPNARL
;
Le
71 'polypeptide(L)'
;SGRLWSKAIFAGYKRGLRNQREHTALLKIEGVYARDETEFYLGKRCAYVYKAKNNTVTPGGKPNKTRVIWGKVTRAHGNS
GMVRAKFRSNLPAKAIGHRIRVMLYPSRI
;
Lf
72 'polypeptide(L)'
;VQRLTYRRRLSYNTASNKTRLSRTPGNRIVYLYTKKVGKAPKSACGVCPGRLRGVRAVRPKVLMRLSKTKKHVSRAYGGS
MCAKCVRDRIKRAFLIEEQKIVVKVLKAQAQSQK
;
Lg
73 'polypeptide(L)'
;AKIKARDLRGKKKEELLKQLDDLKVELSQLRVAKVTGGAASKLSKIRVVRKSIARVLTVINQTQKENLRKFYKGKKYKPL
DLRPKKTRAMRRRLNKHEENLKTKKQQRKERLYPLRKYAVKA
;
Lh
74 'polypeptide(L)'
;ALRYPMAVGLNKGHKVTKNVSKPRHSRRRGRLTKHTKFVRDMIREVCGFAPYERRAMELLKVSKDKRALKFIKKRVGTHI
RAKRKREELSNVLAAMRKAAAK
;
Li
75 'polypeptide(L)'
;TKGTSSFGKRRNKTHTLCRRCGSKAYHLQKSTCGKCGYPAKRKRKYNWSAKAKRRNTTGTGRMRHLKIVYRRFRHGFREG
TTPKPK
;
Lj
76 'polypeptide(L)' PRKIEEIKDFLLTARRKDAKSVKIKKNKDNVKFKVRCSRYLYTLVITDKEKAEKLKQSLPPGLAVKELK Lk
77 'polypeptide(L)' SSHKTFRIKRFLAKKQKQNRPIPQWIRMKTGNKIRYNSKRRHWRRTKLGL Ll
78 'polypeptide(L)' IIEPSLRQLAQKYNCDKMICRKCYARLHPRAVNCRKKKCGHTNNLRPKKKVK Lm
79 'polypeptide(L)' MRAKWRKKRMRRLKRKRRKMRQRS Ln
80 'polypeptide(L)'
;VNVPKTRRTFCKKCGKHQPHKVTQYKKGKDSLYAQGKRRYDRKQSGYGGQTKPIFRKKAKTTKKIVLRLECVEPNCRSKR
MLAIKRCKHFELGGDKKRKGQVIQF
;
Lo
81 'polypeptide(L)'
;AKRTKKVGIVGKYGTRYGASLRKMVKKIEISQHAKYTCSFCGKTKMKRRAVGIWHCGSCMKTVAGGAWTYNTTSAVTVKS
AIRRLKELKDQ
;
Lp
82 'polypeptide(L)'
;SAHLQWMVVRNCSSFLIKRNKQTYSTEPNNLKARNSFRYNGLIHRKTVGVEPAADGKGVVVVIKRRSGQRKPATSYVRTT
INKNARATLSSIRHMIRKNKYRPDLRMAAIRRASAILRSQKPVMV
;
Lr
83 'polypeptide(L)'
;DRATWKSNYFLKIIQLLDDYPKCFIVGADNVGSKQMQQIRMSLRGKAVVLMGKNTMMRKAIRGHLENNPALEKLLPHIRG
NVGFVFTKEDLTEIRDMLLANKVPAAARAGAIAPCEVTVPAQNTGLGPEKTSFFQALGITTKISRGTIEILSDVQLIKTG
DKVGASEATLLNMLNISPFSFGLVIQQVFDNGSIYN
;
Ls
84 'polypeptide(L)'
;PNEIKVVYLRCTGGEVGATSALAPKIGPLGLSPKKVGDDIAKATGDWKGLRITVKLTIQNRQAQIEVVPSASALIIKALK
EPPRDRKKQKNIKHSGNITFDEIVNIARQMRHRSLARELSGTIKEILGTAQSVGCNVDGRHPHDIIDDINSGAVECP
;
Lt
85 'polypeptide(L)'
;GPTAAQAKSKQAILAAQRRGEDVETSKKWAAGQNKQHSITKNTAKLDRETEELHHDRVTLEVGKVIQQGRQSKGLTQKDL
ATKINEKPQVIADYESGRAIPNNQVLGKIERAIGLKLRGKDIGKPIEKGPRA
;
CH
#
loop_
_chem_comp.id
_chem_comp.type
_chem_comp.name
_chem_comp.formula
1MA RNA linking 6-HYDRO-1-METHYLADENOSINE-5'-MONOPHOSPHATE 'C11 H16 N5 O7 P'
4AC RNA linking N(4)-ACETYLCYTIDINE-5'-MONOPHOSPHATE 'C11 H16 N3 O9 P'
5MC RNA linking 5-METHYLCYTIDINE-5'-MONOPHOSPHATE 'C10 H16 N3 O8 P'
6MZ RNA linking N6-METHYLADENOSINE-5'-MONOPHOSPHATE 'C11 H16 N5 O7 P'
A RNA linking ADENOSINE-5'-MONOPHOSPHATE 'C10 H14 N5 O7 P'
A2M RNA linking '2'-O-methyladenosine 5'-(dihydrogen phosphate)' 'C11 H16 N5 O7 P'
B8N RNA linking '(2~{R})-2-azanyl-4-[5-[(2~{S},3~{R},4~{S},5~{R})-3,4-bis(oxidanyl)-5-(phosphonooxymethyl)oxolan-2-yl]-3-methyl-2,6-bis(oxidanylidene)pyrimidin-1-yl]butanoic acid' 'C14 H22 N3 O11 P'
C RNA linking CYTIDINE-5'-MONOPHOSPHATE 'C9 H14 N3 O8 P'
G RNA linking GUANOSINE-5'-MONOPHOSPHATE 'C10 H14 N5 O8 P'
G7M RNA linking N7-METHYL-GUANOSINE-5'-MONOPHOSPHATE 'C11 H17 N5 O8 P 1'
MA6 RNA linking 6N-DIMETHYLADENOSINE-5'-MONOPHOSHATE 'C12 H18 N5 O7 P'
MG non-polymer 'MAGNESIUM ION' 'Mg 2'
OMC RNA linking O2'-METHYLYCYTIDINE-5'-MONOPHOSPHATE 'C10 H16 N3 O8 P'
OMG RNA linking O2'-METHYLGUANOSINE-5'-MONOPHOSPHATE 'C11 H16 N5 O8 P'
OMU RNA linking 'O2'-METHYLURIDINE 5'-MONOPHOSPHATE' 'C10 H15 N2 O9 P'
PSU RNA linking PSEUDOURIDINE-5'-MONOPHOSPHATE 'C9 H13 N2 O9 P'
SPD non-polymer SPERMIDINE 'C7 H19 N3'
SPM non-polymer SPERMINE 'C10 H26 N4'
U RNA linking URIDINE-5'-MONOPHOSPHATE 'C9 H13 N2 O9 P'
UR3 RNA linking 3-METHYLURIDINE-5'-MONOPHOSHATE 'C10 H15 N2 O9 P'
UY1 RNA linking 2'-O-methylpseudouridine-5'-monophosphate 'C10 H15 N2 O9 P'
ZN non-polymer 'ZINC ION' 'Zn 2'
#
# COMPACT_ATOMS: atom_id res chain seq x y z
N ASN B 1 75.12 7.16 -44.98
CA ASN B 1 74.80 7.38 -43.58
C ASN B 1 75.75 8.39 -42.94
N PHE B 2 75.86 9.58 -43.53
CA PHE B 2 76.81 10.58 -43.06
C PHE B 2 76.11 11.55 -42.09
N THR B 3 76.78 12.65 -41.77
CA THR B 3 76.21 13.64 -40.88
C THR B 3 75.06 14.38 -41.56
N VAL B 4 74.23 15.02 -40.74
CA VAL B 4 73.13 15.79 -41.30
C VAL B 4 73.62 17.04 -42.00
N ASP B 5 74.55 17.76 -41.38
CA ASP B 5 75.00 19.03 -41.93
C ASP B 5 75.81 18.88 -43.20
N GLN B 6 76.29 17.67 -43.52
CA GLN B 6 76.90 17.50 -44.83
C GLN B 6 75.86 17.57 -45.94
N ILE B 7 74.57 17.44 -45.61
CA ILE B 7 73.53 17.71 -46.60
C ILE B 7 73.54 19.18 -46.98
N ARG B 8 73.71 20.07 -45.99
CA ARG B 8 73.93 21.49 -46.29
C ARG B 8 75.21 21.68 -47.09
N ALA B 9 76.27 20.97 -46.68
CA ALA B 9 77.55 21.04 -47.37
C ALA B 9 77.49 20.48 -48.79
N ILE B 10 76.44 19.76 -49.13
CA ILE B 10 76.22 19.28 -50.49
C ILE B 10 75.27 20.20 -51.26
N MET B 11 74.18 20.64 -50.63
CA MET B 11 73.23 21.52 -51.27
C MET B 11 73.76 22.92 -51.47
N ASP B 12 74.93 23.24 -50.92
CA ASP B 12 75.58 24.48 -51.32
C ASP B 12 75.89 24.48 -52.81
N LYS B 13 76.38 23.36 -53.35
CA LYS B 13 76.66 23.23 -54.77
C LYS B 13 75.45 22.59 -55.43
N LYS B 14 74.86 23.28 -56.40
CA LYS B 14 73.66 22.81 -57.07
C LYS B 14 74.05 21.80 -58.15
N ALA B 15 73.10 21.50 -59.04
CA ALA B 15 73.20 20.53 -60.14
C ALA B 15 73.35 19.10 -59.64
N ASN B 16 73.34 18.87 -58.33
CA ASN B 16 73.30 17.53 -57.78
C ASN B 16 72.09 17.30 -56.90
N ILE B 17 71.19 18.27 -56.82
CA ILE B 17 69.97 18.18 -56.03
C ILE B 17 68.83 17.80 -56.95
N ARG B 18 68.03 16.83 -56.55
CA ARG B 18 66.87 16.38 -57.32
C ARG B 18 65.63 16.55 -56.46
N ASN B 19 64.87 17.61 -56.72
CA ASN B 19 63.58 17.83 -56.06
C ASN B 19 62.53 16.99 -56.77
N MET B 20 62.21 15.82 -56.22
CA MET B 20 61.35 14.87 -56.90
C MET B 20 60.18 14.45 -56.01
N SER B 21 59.03 14.27 -56.65
CA SER B 21 57.80 13.85 -56.00
C SER B 21 57.23 12.65 -56.72
N VAL B 22 56.68 11.71 -55.95
CA VAL B 22 56.18 10.46 -56.50
C VAL B 22 54.66 10.58 -56.59
N ILE B 23 54.12 10.30 -57.77
CA ILE B 23 52.69 10.46 -58.03
C ILE B 23 52.18 9.22 -58.76
N ALA B 24 50.96 8.81 -58.41
CA ALA B 24 50.32 7.63 -59.00
C ALA B 24 48.86 7.64 -58.59
N HIS B 25 48.12 6.66 -59.08
CA HIS B 25 46.77 6.36 -58.65
C HIS B 25 46.82 5.55 -57.35
N VAL B 26 45.67 5.41 -56.70
CA VAL B 26 45.58 4.72 -55.41
C VAL B 26 46.16 3.32 -55.50
N ASP B 27 46.94 2.95 -54.48
CA ASP B 27 47.43 1.59 -54.28
C ASP B 27 48.30 1.12 -55.44
N HIS B 28 49.08 2.01 -56.02
CA HIS B 28 50.01 1.64 -57.07
C HIS B 28 51.42 1.43 -56.55
N GLY B 29 51.60 1.39 -55.23
CA GLY B 29 52.88 1.02 -54.66
C GLY B 29 53.91 2.12 -54.60
N LYS B 30 53.49 3.38 -54.72
CA LYS B 30 54.43 4.47 -54.59
C LYS B 30 55.09 4.49 -53.22
N SER B 31 54.32 4.18 -52.17
CA SER B 31 54.87 4.15 -50.83
C SER B 31 55.93 3.06 -50.68
N THR B 32 55.66 1.88 -51.23
CA THR B 32 56.63 0.79 -51.13
C THR B 32 57.86 1.05 -51.98
N LEU B 33 57.69 1.70 -53.14
CA LEU B 33 58.83 2.04 -53.97
C LEU B 33 59.75 3.02 -53.25
N THR B 34 59.16 4.06 -52.66
CA THR B 34 59.94 4.97 -51.83
C THR B 34 60.52 4.28 -50.60
N ASP B 35 59.85 3.24 -50.09
CA ASP B 35 60.43 2.44 -49.02
C ASP B 35 61.72 1.77 -49.47
N SER B 36 61.71 1.22 -50.70
CA SER B 36 62.93 0.62 -51.23
C SER B 36 64.04 1.64 -51.38
N LEU B 37 63.68 2.84 -51.86
CA LEU B 37 64.68 3.90 -51.98
C LEU B 37 65.25 4.29 -50.62
N VAL B 38 64.39 4.39 -49.61
CA VAL B 38 64.85 4.69 -48.25
C VAL B 38 65.76 3.58 -47.74
N CYS B 39 65.37 2.34 -47.97
CA CYS B 39 66.15 1.20 -47.48
C CYS B 39 67.56 1.20 -48.06
N LYS B 40 67.67 1.41 -49.36
CA LYS B 40 69.00 1.40 -49.96
C LYS B 40 69.79 2.64 -49.54
N ALA B 41 69.18 3.80 -49.64
CA ALA B 41 69.88 5.06 -49.41
C ALA B 41 69.77 5.46 -47.95
N GLY B 42 70.08 6.72 -47.66
CA GLY B 42 69.90 7.26 -46.33
C GLY B 42 71.08 8.09 -45.87
N ILE B 43 70.82 9.35 -45.54
CA ILE B 43 71.87 10.19 -44.98
C ILE B 43 71.99 9.96 -43.48
N ILE B 44 70.87 9.88 -42.78
CA ILE B 44 70.84 9.44 -41.39
C ILE B 44 69.72 8.42 -41.29
N ALA B 45 68.98 8.27 -42.39
CA ALA B 45 67.87 7.32 -42.45
C ALA B 45 68.40 5.89 -42.38
N SER B 46 67.48 4.97 -42.12
CA SER B 46 67.85 3.61 -41.77
C SER B 46 68.18 2.81 -43.03
N ALA B 47 68.27 1.49 -42.88
CA ALA B 47 68.40 0.57 -44.01
C ALA B 47 67.46 -0.62 -43.85
N ARG B 48 66.39 -0.46 -43.07
CA ARG B 48 65.46 -1.55 -42.82
C ARG B 48 64.71 -1.94 -44.09
N ALA B 49 64.59 -3.25 -44.32
CA ALA B 49 63.90 -3.78 -45.48
C ALA B 49 62.49 -4.24 -45.16
N GLY B 50 62.01 -4.01 -43.95
CA GLY B 50 60.72 -4.52 -43.52
C GLY B 50 59.51 -3.72 -43.97
N GLU B 51 59.13 -3.87 -45.24
CA GLU B 51 57.90 -3.31 -45.79
C GLU B 51 57.79 -1.81 -45.60
N THR B 52 56.95 -1.38 -44.66
CA THR B 52 56.62 0.04 -44.51
C THR B 52 57.82 0.82 -43.99
N ARG B 53 57.95 2.05 -44.48
CA ARG B 53 59.04 2.95 -44.09
C ARG B 53 58.44 4.34 -43.93
N PHE B 54 59.30 5.37 -43.97
CA PHE B 54 58.95 6.72 -43.55
C PHE B 54 57.92 7.42 -44.43
N THR B 55 57.27 6.68 -45.33
CA THR B 55 56.20 7.27 -46.13
C THR B 55 55.03 7.69 -45.25
N ASP B 56 54.51 6.78 -44.43
CA ASP B 56 53.29 7.01 -43.67
C ASP B 56 53.68 7.15 -42.20
N THR B 57 54.03 8.37 -41.81
CA THR B 57 54.57 8.64 -40.47
C THR B 57 53.49 9.03 -39.49
N ARG B 58 52.43 8.23 -39.38
CA ARG B 58 51.32 8.58 -38.50
C ARG B 58 50.44 7.36 -38.32
N LYS B 59 49.66 7.37 -37.24
CA LYS B 59 48.60 6.37 -37.09
C LYS B 59 47.58 6.55 -38.20
N ASP B 60 46.71 5.54 -38.32
CA ASP B 60 45.67 5.33 -39.34
C ASP B 60 46.17 5.72 -40.73
N GLU B 61 47.47 5.53 -40.97
CA GLU B 61 48.06 5.63 -42.29
C GLU B 61 48.62 4.30 -42.76
N GLN B 62 49.53 3.71 -41.97
CA GLN B 62 49.92 2.33 -42.22
C GLN B 62 49.02 1.33 -41.53
N GLU B 63 48.09 1.81 -40.70
CA GLU B 63 47.08 0.91 -40.14
C GLU B 63 46.08 0.49 -41.20
N ARG B 64 45.83 1.36 -42.18
CA ARG B 64 44.94 1.03 -43.30
C ARG B 64 45.61 1.24 -44.65
N CYS B 65 46.93 1.36 -44.67
CA CYS B 65 47.73 1.45 -45.90
C CYS B 65 47.25 2.59 -46.80
N ILE B 66 47.07 3.76 -46.20
CA ILE B 66 46.57 4.93 -46.91
C ILE B 66 47.50 6.10 -46.60
N THR B 67 48.09 6.68 -47.64
CA THR B 67 48.84 7.91 -47.49
C THR B 67 47.88 9.09 -47.47
N ILE B 68 47.89 9.85 -46.39
CA ILE B 68 47.00 10.99 -46.23
C ILE B 68 47.74 12.31 -46.39
N LYS B 69 48.75 12.54 -45.55
CA LYS B 69 49.53 13.77 -45.61
C LYS B 69 50.78 13.53 -46.42
N SER B 70 51.06 14.44 -47.35
CA SER B 70 52.28 14.36 -48.15
C SER B 70 53.49 14.46 -47.24
N THR B 71 54.46 13.59 -47.46
CA THR B 71 55.60 13.46 -46.56
C THR B 71 56.90 13.63 -47.34
N ALA B 72 57.82 14.40 -46.78
CA ALA B 72 59.09 14.72 -47.43
C ALA B 72 60.24 14.09 -46.66
N ILE B 73 61.21 13.55 -47.41
CA ILE B 73 62.47 13.07 -46.87
C ILE B 73 63.59 13.63 -47.72
N SER B 74 64.80 13.60 -47.16
CA SER B 74 66.00 14.02 -47.86
C SER B 74 67.04 12.92 -47.75
N LEU B 75 67.58 12.49 -48.88
CA LEU B 75 68.51 11.37 -48.94
C LEU B 75 69.80 11.79 -49.63
N PHE B 76 70.89 11.12 -49.27
CA PHE B 76 72.20 11.39 -49.85
C PHE B 76 72.77 10.10 -50.39
N TYR B 77 73.48 10.20 -51.52
CA TYR B 77 74.15 9.02 -52.04
C TYR B 77 75.32 9.45 -52.92
N GLU B 78 76.43 8.74 -52.81
CA GLU B 78 77.60 8.98 -53.65
C GLU B 78 77.61 7.96 -54.78
N LEU B 79 77.77 8.45 -56.00
CA LEU B 79 77.65 7.62 -57.18
C LEU B 79 79.04 7.22 -57.68
N SER B 80 79.07 6.15 -58.48
CA SER B 80 80.34 5.67 -59.01
C SER B 80 80.75 6.48 -60.23
N GLU B 81 81.99 6.27 -60.66
CA GLU B 81 82.54 7.03 -61.77
C GLU B 81 81.80 6.74 -63.07
N ASN B 82 81.41 5.48 -63.30
CA ASN B 82 80.62 5.17 -64.47
C ASN B 82 79.23 5.79 -64.40
N ASP B 83 78.68 5.93 -63.20
CA ASP B 83 77.40 6.61 -63.05
C ASP B 83 77.52 8.10 -63.39
N LEU B 84 78.59 8.74 -62.93
CA LEU B 84 78.83 10.13 -63.31
C LEU B 84 79.09 10.25 -64.80
N ASN B 85 79.69 9.22 -65.40
CA ASN B 85 79.84 9.21 -66.85
C ASN B 85 78.49 9.13 -67.54
N PHE B 86 77.58 8.31 -67.02
CA PHE B 86 76.28 8.12 -67.64
C PHE B 86 75.42 9.37 -67.54
N ILE B 87 75.47 10.08 -66.41
CA ILE B 87 74.64 11.28 -66.29
C ILE B 87 75.12 12.33 -67.28
N LYS B 88 74.16 13.02 -67.92
CA LYS B 88 74.46 13.97 -68.97
C LYS B 88 74.29 15.42 -68.56
N GLN B 89 73.69 15.69 -67.41
CA GLN B 89 73.52 17.05 -66.93
C GLN B 89 74.83 17.52 -66.30
N SER B 90 74.79 18.67 -65.64
CA SER B 90 75.96 19.17 -64.92
C SER B 90 76.22 18.29 -63.70
N LYS B 91 77.50 18.11 -63.38
CA LYS B 91 77.91 17.25 -62.29
C LYS B 91 78.95 17.96 -61.45
N ASP B 92 78.69 18.08 -60.15
CA ASP B 92 79.62 18.64 -59.17
C ASP B 92 79.85 17.56 -58.11
N GLY B 93 80.80 16.67 -58.38
CA GLY B 93 81.10 15.60 -57.46
C GLY B 93 80.07 14.48 -57.52
N ALA B 94 80.34 13.44 -56.75
CA ALA B 94 79.49 12.27 -56.72
C ALA B 94 78.40 12.33 -55.66
N GLY B 95 78.41 13.33 -54.79
CA GLY B 95 77.48 13.39 -53.69
C GLY B 95 76.12 13.94 -54.04
N PHE B 96 75.27 13.12 -54.65
CA PHE B 96 73.96 13.58 -55.08
C PHE B 96 72.97 13.57 -53.92
N LEU B 97 72.14 14.62 -53.87
CA LEU B 97 71.16 14.82 -52.82
C LEU B 97 69.77 14.82 -53.42
N ILE B 98 68.87 14.02 -52.85
CA ILE B 98 67.53 13.81 -53.37
C ILE B 98 66.54 14.32 -52.34
N ASN B 99 65.67 15.23 -52.74
CA ASN B 99 64.58 15.71 -51.90
C ASN B 99 63.31 15.01 -52.40
N LEU B 100 62.96 13.92 -51.73
CA LEU B 100 61.85 13.07 -52.14
C LEU B 100 60.59 13.49 -51.40
N ILE B 101 59.47 13.54 -52.11
CA ILE B 101 58.18 13.82 -51.49
C ILE B 101 57.17 12.81 -52.03
N ASP B 102 56.53 12.07 -51.12
CA ASP B 102 55.38 11.28 -51.55
C ASP B 102 54.09 12.02 -51.24
N SER B 103 53.10 11.81 -52.09
CA SER B 103 51.85 12.55 -52.02
C SER B 103 50.68 11.57 -52.04
N PRO B 104 49.57 11.95 -51.42
CA PRO B 104 48.38 11.09 -51.50
C PRO B 104 47.81 11.06 -52.91
N GLY B 105 47.88 9.91 -53.55
CA GLY B 105 47.35 9.78 -54.89
C GLY B 105 45.88 9.37 -54.88
N HIS B 106 45.14 9.84 -53.88
CA HIS B 106 43.75 9.43 -53.74
C HIS B 106 42.85 10.24 -54.66
N VAL B 107 41.70 9.63 -54.98
CA VAL B 107 40.84 10.11 -56.05
C VAL B 107 40.13 11.41 -55.72
N ASP B 108 40.21 11.86 -54.47
CA ASP B 108 39.79 13.21 -54.17
C ASP B 108 40.78 14.25 -54.68
N PHE B 109 41.94 13.80 -55.16
CA PHE B 109 43.07 14.67 -55.50
C PHE B 109 43.38 15.59 -54.32
N SER B 110 43.74 14.96 -53.21
CA SER B 110 44.10 15.68 -52.00
C SER B 110 45.17 16.70 -52.33
N SER B 111 44.83 17.99 -52.15
CA SER B 111 45.63 19.11 -52.61
C SER B 111 47.07 19.09 -52.12
N GLU B 112 47.40 18.16 -51.22
CA GLU B 112 48.79 17.96 -50.85
C GLU B 112 49.63 17.51 -52.04
N VAL B 113 49.03 16.86 -53.03
CA VAL B 113 49.75 16.57 -54.26
C VAL B 113 50.05 17.86 -55.01
N THR B 114 49.10 18.80 -55.03
CA THR B 114 49.34 20.09 -55.65
C THR B 114 50.47 20.83 -54.94
N ALA B 115 50.48 20.75 -53.60
CA ALA B 115 51.55 21.38 -52.82
C ALA B 115 52.90 20.73 -53.12
N ALA B 116 52.93 19.40 -53.19
CA ALA B 116 54.18 18.70 -53.47
C ALA B 116 54.72 19.06 -54.84
N LEU B 117 53.84 19.17 -55.83
CA LEU B 117 54.29 19.56 -57.17
C LEU B 117 54.64 21.04 -57.26
N ARG B 118 54.06 21.87 -56.39
CA ARG B 118 54.53 23.25 -56.28
C ARG B 118 55.97 23.29 -55.78
N VAL B 119 56.29 22.44 -54.81
CA VAL B 119 57.66 22.38 -54.31
C VAL B 119 58.61 21.62 -55.24
N THR B 120 58.08 20.78 -56.12
CA THR B 120 58.86 19.77 -56.84
C THR B 120 59.14 20.21 -58.28
N ASP B 121 60.26 19.71 -58.83
CA ASP B 121 60.60 19.87 -60.23
C ASP B 121 60.50 18.59 -61.05
N GLY B 122 60.72 17.42 -60.44
CA GLY B 122 60.66 16.17 -61.18
C GLY B 122 59.73 15.15 -60.55
N ALA B 123 58.86 14.56 -61.36
CA ALA B 123 57.87 13.61 -60.89
C ALA B 123 58.24 12.20 -61.30
N LEU B 124 58.08 11.27 -60.38
CA LEU B 124 58.15 9.85 -60.64
C LEU B 124 56.71 9.36 -60.73
N VAL B 125 56.26 9.08 -61.94
CA VAL B 125 54.91 8.60 -62.17
C VAL B 125 54.92 7.09 -62.11
N VAL B 126 54.20 6.53 -61.15
CA VAL B 126 54.15 5.09 -60.92
C VAL B 126 52.85 4.57 -61.52
N VAL B 127 52.96 3.51 -62.32
CA VAL B 127 51.78 2.85 -62.90
C VAL B 127 51.93 1.36 -62.72
N ASP B 128 50.80 0.68 -62.48
CA ASP B 128 50.79 -0.77 -62.43
C ASP B 128 50.80 -1.32 -63.84
N CYS B 129 51.52 -2.43 -64.02
CA CYS B 129 51.53 -3.08 -65.33
C CYS B 129 50.18 -3.69 -65.65
N VAL B 130 49.53 -4.32 -64.67
CA VAL B 130 48.28 -5.03 -64.93
C VAL B 130 47.04 -4.16 -64.78
N SER B 131 47.18 -2.96 -64.22
CA SER B 131 46.05 -2.03 -64.12
C SER B 131 46.07 -0.97 -65.21
N GLY B 132 47.19 -0.79 -65.89
CA GLY B 132 47.27 0.24 -66.90
C GLY B 132 47.28 1.63 -66.30
N VAL B 133 46.93 2.60 -67.14
CA VAL B 133 46.89 4.01 -66.74
C VAL B 133 45.48 4.28 -66.22
N CYS B 134 45.35 4.46 -64.91
CA CYS B 134 44.06 4.65 -64.28
C CYS B 134 43.67 6.12 -64.31
N VAL B 135 42.65 6.47 -63.53
CA VAL B 135 42.10 7.83 -63.58
C VAL B 135 43.03 8.81 -62.89
N GLN B 136 43.41 8.51 -61.65
CA GLN B 136 44.23 9.44 -60.89
C GLN B 136 45.63 9.56 -61.44
N THR B 137 46.14 8.54 -62.14
CA THR B 137 47.42 8.70 -62.82
C THR B 137 47.34 9.80 -63.86
N GLU B 138 46.27 9.81 -64.66
CA GLU B 138 46.07 10.88 -65.63
C GLU B 138 45.86 12.21 -64.93
N THR B 139 45.15 12.22 -63.80
CA THR B 139 44.91 13.47 -63.09
C THR B 139 46.21 14.08 -62.57
N VAL B 140 47.06 13.27 -61.92
CA VAL B 140 48.32 13.79 -61.39
C VAL B 140 49.27 14.13 -62.52
N LEU B 141 49.22 13.41 -63.65
CA LEU B 141 50.04 13.80 -64.79
C LEU B 141 49.58 15.14 -65.35
N ARG B 142 48.27 15.37 -65.39
CA ARG B 142 47.76 16.66 -65.85
C ARG B 142 48.23 17.78 -64.94
N GLN B 143 48.19 17.54 -63.62
CA GLN B 143 48.67 18.55 -62.68
C GLN B 143 50.16 18.81 -62.87
N ALA B 144 50.95 17.75 -63.08
CA ALA B 144 52.38 17.92 -63.30
C ALA B 144 52.67 18.70 -64.57
N ILE B 145 51.91 18.43 -65.63
CA ILE B 145 52.12 19.18 -66.87
C ILE B 145 51.71 20.63 -66.69
N ALA B 146 50.63 20.88 -65.96
CA ALA B 146 50.25 22.26 -65.65
C ALA B 146 51.31 22.96 -64.83
N GLU B 147 52.05 22.24 -63.99
CA GLU B 147 53.06 22.84 -63.14
C GLU B 147 54.48 22.72 -63.72
N ARG B 148 54.62 22.23 -64.95
CA ARG B 148 55.91 22.11 -65.62
C ARG B 148 56.88 21.22 -64.83
N ILE B 149 56.48 19.97 -64.67
CA ILE B 149 57.26 18.97 -63.95
C ILE B 149 57.83 17.99 -64.96
N LYS B 150 59.07 17.55 -64.73
CA LYS B 150 59.65 16.57 -65.64
C LYS B 150 59.27 15.16 -65.20
N PRO B 151 58.51 14.41 -65.99
CA PRO B 151 58.05 13.09 -65.56
C PRO B 151 58.95 11.94 -66.00
N VAL B 152 59.04 10.94 -65.13
CA VAL B 152 59.75 9.70 -65.40
C VAL B 152 58.88 8.54 -64.95
N LEU B 153 58.68 7.56 -65.81
CA LEU B 153 57.69 6.52 -65.56
C LEU B 153 58.29 5.30 -64.87
N MET B 154 57.45 4.59 -64.14
CA MET B 154 57.86 3.34 -63.50
C MET B 154 56.69 2.37 -63.53
N MET B 155 56.84 1.27 -64.28
CA MET B 155 55.85 0.20 -64.27
C MET B 155 56.05 -0.63 -63.00
N ASN B 156 55.09 -0.56 -62.10
CA ASN B 156 55.18 -1.22 -60.80
C ASN B 156 54.38 -2.52 -60.79
N LYS B 157 54.60 -3.29 -59.73
CA LYS B 157 53.88 -4.54 -59.48
C LYS B 157 53.99 -5.50 -60.65
N MET B 158 55.21 -5.65 -61.18
CA MET B 158 55.45 -6.63 -62.23
C MET B 158 55.24 -8.06 -61.73
N ASP B 159 55.32 -8.26 -60.41
CA ASP B 159 55.20 -9.61 -59.86
C ASP B 159 53.82 -10.20 -60.13
N ARG B 160 52.77 -9.38 -60.11
CA ARG B 160 51.46 -9.93 -60.40
C ARG B 160 51.23 -10.15 -61.89
N ALA B 161 51.99 -9.48 -62.75
CA ALA B 161 51.99 -9.86 -64.17
C ALA B 161 52.69 -11.19 -64.35
N LEU B 162 53.75 -11.43 -63.59
CA LEU B 162 54.44 -12.72 -63.66
C LEU B 162 53.58 -13.86 -63.14
N LEU B 163 53.24 -13.84 -61.86
CA LEU B 163 52.68 -15.01 -61.21
C LEU B 163 51.17 -14.94 -61.02
N GLU B 164 50.63 -13.76 -60.73
CA GLU B 164 49.19 -13.67 -60.50
C GLU B 164 48.42 -13.80 -61.81
N LEU B 165 48.98 -13.29 -62.91
CA LEU B 165 48.33 -13.37 -64.21
C LEU B 165 48.89 -14.46 -65.10
N GLN B 166 50.16 -14.84 -64.90
CA GLN B 166 50.84 -15.84 -65.72
C GLN B 166 50.84 -15.45 -67.20
N LEU B 167 51.40 -14.27 -67.47
CA LEU B 167 51.46 -13.75 -68.82
C LEU B 167 52.73 -14.20 -69.52
N GLU B 168 52.62 -14.48 -70.81
CA GLU B 168 53.78 -14.80 -71.63
C GLU B 168 54.55 -13.52 -71.93
N PRO B 169 55.87 -13.62 -72.16
CA PRO B 169 56.67 -12.40 -72.38
C PRO B 169 56.18 -11.47 -73.48
N GLU B 170 55.65 -12.01 -74.58
CA GLU B 170 55.12 -11.13 -75.63
C GLU B 170 53.93 -10.34 -75.12
N GLU B 171 53.05 -10.97 -74.36
CA GLU B 171 51.93 -10.26 -73.77
C GLU B 171 52.40 -9.20 -72.79
N LEU B 172 53.43 -9.52 -72.00
CA LEU B 172 53.96 -8.53 -71.07
C LEU B 172 54.54 -7.34 -71.80
N TYR B 173 55.29 -7.58 -72.88
CA TYR B 173 55.83 -6.48 -73.67
C TYR B 173 54.72 -5.66 -74.30
N GLN B 174 53.67 -6.32 -74.78
CA GLN B 174 52.55 -5.58 -75.36
C GLN B 174 51.87 -4.71 -74.33
N THR B 175 51.69 -5.22 -73.11
CA THR B 175 51.09 -4.41 -72.06
C THR B 175 51.97 -3.22 -71.71
N PHE B 176 53.29 -3.44 -71.64
CA PHE B 176 54.20 -2.34 -71.36
C PHE B 176 54.14 -1.28 -72.46
N GLN B 177 54.12 -1.72 -73.72
CA GLN B 177 54.04 -0.78 -74.83
C GLN B 177 52.73 -0.01 -74.80
N ARG B 178 51.63 -0.68 -74.44
CA ARG B 178 50.36 0.02 -74.34
C ARG B 178 50.39 1.07 -73.24
N ILE B 179 51.01 0.74 -72.10
CA ILE B 179 51.08 1.71 -71.00
C ILE B 179 51.91 2.91 -71.40
N VAL B 180 53.10 2.67 -71.98
CA VAL B 180 53.95 3.80 -72.33
C VAL B 180 53.31 4.63 -73.45
N GLU B 181 52.61 3.99 -74.38
CA GLU B 181 51.93 4.72 -75.44
C GLU B 181 50.80 5.58 -74.87
N ASN B 182 50.04 5.05 -73.91
CA ASN B 182 48.96 5.82 -73.31
C ASN B 182 49.50 7.01 -72.53
N VAL B 183 50.58 6.81 -71.78
CA VAL B 183 51.16 7.93 -71.05
C VAL B 183 51.71 8.97 -72.02
N ASN B 184 52.34 8.52 -73.11
CA ASN B 184 52.87 9.47 -74.10
C ASN B 184 51.76 10.25 -74.78
N VAL B 185 50.64 9.60 -75.12
CA VAL B 185 49.59 10.32 -75.82
C VAL B 185 48.90 11.30 -74.87
N ILE B 186 48.71 10.93 -73.60
CA ILE B 186 48.07 11.89 -72.71
C ILE B 186 49.01 13.06 -72.41
N ILE B 187 50.31 12.80 -72.25
CA ILE B 187 51.23 13.91 -72.00
C ILE B 187 51.40 14.77 -73.24
N SER B 188 51.20 14.21 -74.45
CA SER B 188 51.22 15.05 -75.64
C SER B 188 49.96 15.90 -75.73
N THR B 189 48.78 15.31 -75.49
CA THR B 189 47.55 16.05 -75.70
C THR B 189 47.31 17.10 -74.63
N TYR B 190 47.89 16.94 -73.44
CA TYR B 190 47.77 18.01 -72.46
C TYR B 190 49.02 18.87 -72.35
N GLY B 191 50.19 18.31 -72.67
CA GLY B 191 51.42 19.07 -72.71
C GLY B 191 51.67 19.72 -74.05
N GLU B 192 50.98 20.83 -74.32
CA GLU B 192 51.25 21.58 -75.54
C GLU B 192 52.65 22.19 -75.53
N GLY B 193 53.33 22.17 -74.38
CA GLY B 193 54.73 22.50 -74.32
C GLY B 193 55.59 21.40 -74.92
N GLU B 194 55.54 21.28 -76.24
CA GLU B 194 56.39 20.36 -76.99
C GLU B 194 57.78 20.95 -77.10
N SER B 195 58.59 20.44 -78.01
CA SER B 195 59.89 21.04 -78.32
C SER B 195 59.77 22.55 -78.42
N GLY B 196 60.60 23.25 -77.63
CA GLY B 196 60.32 24.61 -77.27
C GLY B 196 60.42 24.83 -75.78
N PRO B 197 59.27 25.07 -75.12
CA PRO B 197 59.30 25.50 -73.70
C PRO B 197 60.04 24.56 -72.77
N MET B 198 59.90 23.24 -72.97
CA MET B 198 60.66 22.26 -72.21
C MET B 198 61.40 21.28 -73.11
N GLY B 199 61.39 21.51 -74.43
CA GLY B 199 61.96 20.53 -75.33
C GLY B 199 61.07 19.29 -75.43
N ASN B 200 61.69 18.18 -75.79
CA ASN B 200 60.97 16.92 -75.82
C ASN B 200 60.57 16.51 -74.41
N ILE B 201 59.35 15.98 -74.28
CA ILE B 201 58.81 15.63 -72.98
C ILE B 201 58.27 14.20 -73.02
N MET B 202 58.28 13.61 -74.22
CA MET B 202 57.86 12.21 -74.36
C MET B 202 58.80 11.30 -73.59
N ILE B 203 58.32 10.10 -73.28
CA ILE B 203 59.10 9.11 -72.55
C ILE B 203 59.24 7.87 -73.42
N ASP B 204 60.48 7.38 -73.52
CA ASP B 204 60.80 6.17 -74.25
C ASP B 204 61.67 5.28 -73.38
N PRO B 205 61.42 3.97 -73.37
CA PRO B 205 62.33 3.05 -72.66
C PRO B 205 63.74 3.06 -73.19
N VAL B 206 63.92 3.36 -74.48
CA VAL B 206 65.27 3.51 -75.03
C VAL B 206 65.98 4.66 -74.35
N LEU B 207 65.27 5.77 -74.13
CA LEU B 207 65.84 6.93 -73.46
C LEU B 207 66.18 6.66 -72.00
N GLY B 208 65.66 5.60 -71.40
CA GLY B 208 65.94 5.32 -70.01
C GLY B 208 65.09 6.08 -69.03
N THR B 209 63.99 6.67 -69.49
CA THR B 209 63.10 7.44 -68.66
C THR B 209 61.89 6.63 -68.18
N VAL B 210 61.89 5.32 -68.39
CA VAL B 210 60.93 4.43 -67.75
C VAL B 210 61.70 3.32 -67.04
N GLY B 211 61.13 2.84 -65.95
CA GLY B 211 61.71 1.76 -65.19
C GLY B 211 60.74 0.62 -65.05
N PHE B 212 61.29 -0.55 -64.73
CA PHE B 212 60.51 -1.78 -64.62
C PHE B 212 60.87 -2.49 -63.32
N GLY B 213 59.86 -2.96 -62.61
CA GLY B 213 60.10 -3.70 -61.39
C GLY B 213 58.85 -3.78 -60.54
N SER B 214 59.05 -4.25 -59.31
CA SER B 214 57.98 -4.36 -58.33
C SER B 214 58.47 -3.83 -57.00
N GLY B 215 57.68 -2.94 -56.38
CA GLY B 215 58.10 -2.34 -55.13
C GLY B 215 57.94 -3.24 -53.92
N LEU B 216 56.93 -4.12 -53.93
CA LEU B 216 56.72 -5.01 -52.81
C LEU B 216 57.89 -5.97 -52.64
N HIS B 217 58.38 -6.52 -53.75
CA HIS B 217 59.51 -7.42 -53.71
C HIS B 217 60.84 -6.68 -53.65
N GLY B 218 60.83 -5.36 -53.74
CA GLY B 218 62.05 -4.57 -53.60
C GLY B 218 63.07 -4.75 -54.71
N TRP B 219 62.63 -4.90 -55.95
CA TRP B 219 63.55 -5.01 -57.07
C TRP B 219 63.01 -4.22 -58.25
N ALA B 220 63.92 -3.61 -59.01
CA ALA B 220 63.57 -2.88 -60.20
C ALA B 220 64.79 -2.80 -61.11
N PHE B 221 64.55 -2.59 -62.40
CA PHE B 221 65.65 -2.54 -63.35
C PHE B 221 65.31 -1.54 -64.45
N THR B 222 66.31 -1.26 -65.28
CA THR B 222 66.16 -0.41 -66.45
C THR B 222 66.85 -1.06 -67.64
N LEU B 223 66.43 -0.64 -68.82
CA LEU B 223 67.13 -1.02 -70.04
C LEU B 223 68.58 -0.59 -69.99
N LYS B 224 68.86 0.51 -69.29
CA LYS B 224 70.24 0.93 -69.08
C LYS B 224 71.03 -0.11 -68.31
N GLN B 225 70.47 -0.63 -67.23
CA GLN B 225 71.17 -1.62 -66.42
C GLN B 225 71.35 -2.93 -67.19
N PHE B 226 70.33 -3.37 -67.91
CA PHE B 226 70.47 -4.60 -68.69
C PHE B 226 71.48 -4.43 -69.82
N ALA B 227 71.46 -3.29 -70.50
CA ALA B 227 72.45 -3.03 -71.53
C ALA B 227 73.86 -3.00 -70.95
N GLU B 228 74.01 -2.40 -69.77
CA GLU B 228 75.33 -2.33 -69.15
C GLU B 228 75.84 -3.71 -68.78
N MET B 229 74.97 -4.57 -68.23
CA MET B 229 75.45 -5.90 -67.87
C MET B 229 75.70 -6.79 -69.08
N TYR B 230 74.92 -6.63 -70.16
CA TYR B 230 75.27 -7.32 -71.41
C TYR B 230 76.58 -6.81 -72.00
N VAL B 231 76.84 -5.51 -71.94
CA VAL B 231 78.11 -4.98 -72.44
C VAL B 231 79.27 -5.52 -71.61
N ALA B 232 79.09 -5.57 -70.28
CA ALA B 232 80.11 -6.14 -69.41
C ALA B 232 80.36 -7.61 -69.72
N LYS B 233 79.29 -8.35 -70.03
CA LYS B 233 79.45 -9.74 -70.47
C LYS B 233 80.21 -9.82 -71.79
N PHE B 234 79.91 -8.90 -72.71
CA PHE B 234 80.52 -8.87 -74.03
C PHE B 234 82.03 -8.64 -73.96
N ALA B 245 83.99 6.30 -71.19
CA ALA B 245 83.37 7.21 -72.15
C ALA B 245 82.86 6.45 -73.37
N GLU B 246 83.69 5.54 -73.88
CA GLU B 246 83.27 4.67 -74.97
C GLU B 246 82.27 3.62 -74.48
N ARG B 247 82.39 3.20 -73.22
CA ARG B 247 81.44 2.25 -72.67
C ARG B 247 80.04 2.86 -72.58
N ALA B 248 79.95 4.17 -72.33
CA ALA B 248 78.64 4.83 -72.33
C ALA B 248 78.00 4.77 -73.70
N LYS B 249 78.78 5.04 -74.75
CA LYS B 249 78.25 4.94 -76.11
C LYS B 249 77.83 3.52 -76.45
N LYS B 250 78.64 2.54 -76.04
CA LYS B 250 78.28 1.14 -76.28
C LYS B 250 77.00 0.77 -75.56
N VAL B 251 76.85 1.23 -74.32
CA VAL B 251 75.64 0.97 -73.55
C VAL B 251 74.43 1.61 -74.22
N GLU B 252 74.58 2.84 -74.72
CA GLU B 252 73.46 3.49 -75.41
C GLU B 252 73.09 2.74 -76.68
N ASP B 253 74.09 2.24 -77.41
CA ASP B 253 73.79 1.48 -78.63
C ASP B 253 73.05 0.19 -78.31
N MET B 254 73.55 -0.57 -77.33
CA MET B 254 72.85 -1.78 -76.90
C MET B 254 71.46 -1.47 -76.39
N MET B 255 71.31 -0.34 -75.69
CA MET B 255 70.02 0.09 -75.18
C MET B 255 69.03 0.36 -76.30
N LYS B 256 69.48 1.04 -77.36
CA LYS B 256 68.61 1.29 -78.49
C LYS B 256 68.23 0.00 -79.20
N LYS B 257 69.18 -0.91 -79.35
CA LYS B 257 68.85 -2.17 -80.01
C LYS B 257 68.05 -3.12 -79.12
N LEU B 258 67.95 -2.84 -77.83
CA LEU B 258 67.35 -3.77 -76.89
C LEU B 258 65.84 -3.59 -76.72
N TRP B 259 65.24 -2.57 -77.33
CA TRP B 259 63.81 -2.37 -77.25
C TRP B 259 63.24 -2.09 -78.63
N GLY B 260 62.00 -2.52 -78.84
CA GLY B 260 61.27 -2.18 -80.04
C GLY B 260 61.01 -3.37 -80.94
N ASP B 261 60.99 -3.14 -82.24
CA ASP B 261 60.77 -4.19 -83.23
C ASP B 261 62.07 -4.84 -83.68
N ARG B 262 63.07 -4.87 -82.82
CA ARG B 262 64.30 -5.60 -83.08
C ARG B 262 64.14 -7.01 -82.55
N TYR B 263 64.55 -8.00 -83.32
CA TYR B 263 64.38 -9.40 -82.93
C TYR B 263 65.75 -10.05 -82.79
N PHE B 264 65.79 -11.15 -82.06
CA PHE B 264 67.05 -11.80 -81.73
C PHE B 264 66.95 -13.29 -82.05
N ASP B 265 67.97 -13.81 -82.73
CA ASP B 265 67.96 -15.22 -83.07
C ASP B 265 68.81 -15.97 -82.05
N PRO B 266 68.20 -16.79 -81.18
CA PRO B 266 69.01 -17.56 -80.21
C PRO B 266 69.97 -18.53 -80.87
N ALA B 267 69.60 -19.08 -82.02
CA ALA B 267 70.48 -20.03 -82.70
C ALA B 267 71.75 -19.35 -83.19
N ASN B 268 71.65 -18.14 -83.72
CA ASN B 268 72.80 -17.42 -84.23
C ASN B 268 73.35 -16.38 -83.26
N GLY B 269 72.61 -16.05 -82.21
CA GLY B 269 73.06 -15.03 -81.28
C GLY B 269 73.22 -13.66 -81.90
N LYS B 270 72.34 -13.30 -82.83
CA LYS B 270 72.48 -12.06 -83.59
C LYS B 270 71.13 -11.36 -83.68
N PHE B 271 71.18 -10.03 -83.73
CA PHE B 271 69.98 -9.23 -83.90
C PHE B 271 69.53 -9.26 -85.35
N SER B 272 68.30 -8.79 -85.58
CA SER B 272 67.73 -8.73 -86.91
C SER B 272 66.58 -7.74 -86.91
N LYS B 273 66.46 -6.96 -87.98
CA LYS B 273 65.26 -6.14 -88.15
C LYS B 273 64.09 -6.99 -88.63
N SER B 274 64.37 -8.09 -89.33
CA SER B 274 63.32 -8.95 -89.83
C SER B 274 62.59 -9.65 -88.69
N ALA B 275 61.27 -9.74 -88.81
CA ALA B 275 60.46 -10.40 -87.79
C ALA B 275 60.72 -11.90 -87.73
N THR B 276 61.23 -12.49 -88.81
CA THR B 276 61.49 -13.91 -88.86
C THR B 276 62.88 -14.15 -89.42
N SER B 277 63.43 -15.32 -89.11
CA SER B 277 64.71 -15.71 -89.65
C SER B 277 64.59 -15.92 -91.16
N PRO B 278 65.69 -15.78 -91.90
CA PRO B 278 65.62 -16.01 -93.36
C PRO B 278 65.15 -17.40 -93.72
N GLU B 279 65.44 -18.39 -92.87
CA GLU B 279 64.89 -19.73 -93.09
C GLU B 279 63.38 -19.73 -92.98
N GLY B 280 62.83 -18.98 -92.04
CA GLY B 280 61.39 -18.87 -91.91
C GLY B 280 60.89 -19.06 -90.50
N LYS B 281 61.80 -19.13 -89.54
CA LYS B 281 61.44 -19.32 -88.13
C LYS B 281 61.30 -17.96 -87.46
N LYS B 282 60.17 -17.76 -86.78
CA LYS B 282 59.91 -16.48 -86.15
C LYS B 282 60.83 -16.28 -84.96
N LEU B 283 61.42 -15.09 -84.87
CA LEU B 283 62.37 -14.85 -83.79
C LEU B 283 61.74 -13.97 -82.71
N PRO B 284 61.98 -14.29 -81.45
CA PRO B 284 61.51 -13.41 -80.36
C PRO B 284 62.21 -12.07 -80.41
N ARG B 285 61.49 -11.04 -79.98
CA ARG B 285 62.07 -9.71 -80.01
C ARG B 285 63.11 -9.55 -78.90
N THR B 286 63.98 -8.57 -79.08
CA THR B 286 65.14 -8.40 -78.20
C THR B 286 64.72 -8.14 -76.76
N PHE B 287 63.73 -7.27 -76.55
CA PHE B 287 63.29 -6.98 -75.19
C PHE B 287 62.90 -8.24 -74.44
N CYS B 288 61.93 -8.98 -74.96
CA CYS B 288 61.49 -10.20 -74.30
C CYS B 288 62.65 -11.18 -74.14
N GLN B 289 63.31 -11.52 -75.25
CA GLN B 289 64.31 -12.59 -75.24
C GLN B 289 65.48 -12.29 -74.32
N LEU B 290 65.95 -11.06 -74.28
CA LEU B 290 67.15 -10.72 -73.55
C LEU B 290 66.87 -10.07 -72.20
N ILE B 291 65.62 -9.86 -71.83
CA ILE B 291 65.34 -9.26 -70.53
C ILE B 291 64.36 -10.11 -69.74
N LEU B 292 63.22 -10.43 -70.34
CA LEU B 292 62.18 -11.14 -69.60
C LEU B 292 62.55 -12.61 -69.42
N ASP B 293 63.18 -13.21 -70.42
CA ASP B 293 63.49 -14.64 -70.36
C ASP B 293 64.35 -15.03 -69.16
N PRO B 294 65.42 -14.30 -68.80
CA PRO B 294 66.10 -14.66 -67.55
C PRO B 294 65.26 -14.46 -66.30
N ILE B 295 64.52 -13.34 -66.24
CA ILE B 295 63.67 -13.09 -65.08
C ILE B 295 62.56 -14.14 -65.01
N PHE B 296 61.95 -14.47 -66.15
CA PHE B 296 60.95 -15.53 -66.15
C PHE B 296 61.56 -16.87 -65.75
N LYS B 297 62.78 -17.15 -66.20
CA LYS B 297 63.44 -18.40 -65.84
C LYS B 297 63.68 -18.50 -64.34
N VAL B 298 64.17 -17.42 -63.72
CA VAL B 298 64.42 -17.49 -62.28
C VAL B 298 63.11 -17.56 -61.51
N PHE B 299 62.07 -16.85 -61.96
CA PHE B 299 60.77 -16.95 -61.29
C PHE B 299 60.22 -18.37 -61.37
N ASP B 300 60.28 -18.97 -62.56
CA ASP B 300 59.79 -20.34 -62.73
C ASP B 300 60.58 -21.32 -61.88
N ALA B 301 61.90 -21.17 -61.85
CA ALA B 301 62.73 -22.07 -61.06
C ALA B 301 62.41 -21.96 -59.58
N ILE B 302 62.24 -20.75 -59.07
CA ILE B 302 62.00 -20.57 -57.64
C ILE B 302 60.61 -21.07 -57.26
N MET B 303 59.60 -20.77 -58.06
CA MET B 303 58.26 -21.21 -57.70
C MET B 303 58.05 -22.69 -57.98
N ASN B 304 58.88 -23.30 -58.82
CA ASN B 304 58.80 -24.74 -59.03
C ASN B 304 59.81 -25.51 -58.21
N PHE B 305 60.61 -24.82 -57.39
CA PHE B 305 61.51 -25.43 -56.41
C PHE B 305 62.53 -26.35 -57.10
N LYS B 306 63.36 -25.73 -57.93
CA LYS B 306 64.49 -26.40 -58.57
C LYS B 306 65.75 -25.87 -57.88
N LYS B 307 66.18 -26.57 -56.82
CA LYS B 307 67.27 -26.07 -56.00
C LYS B 307 68.58 -26.02 -56.77
N GLU B 308 68.86 -27.04 -57.58
CA GLU B 308 70.11 -27.08 -58.32
C GLU B 308 70.18 -25.95 -59.35
N GLU B 309 69.07 -25.70 -60.07
CA GLU B 309 69.07 -24.63 -61.05
C GLU B 309 69.13 -23.27 -60.37
N THR B 310 68.44 -23.13 -59.23
CA THR B 310 68.48 -21.90 -58.47
C THR B 310 69.88 -21.62 -57.93
N ALA B 311 70.61 -22.68 -57.59
CA ALA B 311 71.99 -22.50 -57.12
C ALA B 311 72.92 -22.13 -58.26
N LYS B 312 72.77 -22.79 -59.42
CA LYS B 312 73.70 -22.51 -60.51
C LYS B 312 73.41 -21.17 -61.20
N LEU B 313 72.17 -20.70 -61.17
CA LEU B 313 71.91 -19.37 -61.70
C LEU B 313 72.58 -18.29 -60.85
N ILE B 314 72.87 -18.58 -59.58
CA ILE B 314 73.58 -17.61 -58.75
C ILE B 314 74.96 -17.33 -59.33
N GLU B 315 75.70 -18.39 -59.65
CA GLU B 315 77.00 -18.18 -60.27
C GLU B 315 76.86 -17.73 -61.73
N LYS B 316 75.74 -18.02 -62.38
CA LYS B 316 75.50 -17.46 -63.70
C LYS B 316 75.41 -15.95 -63.65
N LEU B 317 74.67 -15.42 -62.66
CA LEU B 317 74.49 -13.98 -62.52
C LEU B 317 75.65 -13.30 -61.80
N ASP B 318 76.52 -14.07 -61.14
CA ASP B 318 77.69 -13.54 -60.44
C ASP B 318 77.29 -12.56 -59.33
N ILE B 319 76.10 -12.72 -58.79
CA ILE B 319 75.61 -11.80 -57.78
C ILE B 319 76.24 -12.14 -56.43
N LYS B 320 76.57 -11.10 -55.67
CA LYS B 320 77.01 -11.31 -54.30
C LYS B 320 75.84 -11.81 -53.46
N LEU B 321 76.16 -12.66 -52.48
CA LEU B 321 75.13 -13.29 -51.68
C LEU B 321 75.62 -13.31 -50.23
N ASP B 322 75.04 -12.46 -49.40
CA ASP B 322 75.42 -12.36 -47.99
C ASP B 322 74.77 -13.49 -47.21
N SER B 323 74.79 -13.39 -45.88
CA SER B 323 74.27 -14.45 -45.03
C SER B 323 72.74 -14.35 -44.94
N GLU B 324 72.16 -15.26 -44.14
CA GLU B 324 70.78 -15.29 -43.71
C GLU B 324 69.81 -15.61 -44.85
N ASP B 325 70.28 -15.73 -46.09
CA ASP B 325 69.41 -16.06 -47.21
C ASP B 325 69.66 -17.45 -47.78
N LYS B 326 70.86 -18.00 -47.61
CA LYS B 326 71.16 -19.35 -48.08
C LYS B 326 70.41 -20.43 -47.32
N ASP B 327 69.84 -20.11 -46.16
CA ASP B 327 69.24 -21.10 -45.28
C ASP B 327 67.73 -21.23 -45.46
N LYS B 328 67.11 -20.46 -46.35
CA LYS B 328 65.67 -20.54 -46.51
C LYS B 328 65.31 -20.37 -47.97
N GLU B 329 64.21 -21.01 -48.37
CA GLU B 329 63.80 -21.06 -49.77
C GLU B 329 62.30 -20.83 -49.87
N GLY B 330 61.86 -20.38 -51.05
CA GLY B 330 60.45 -20.11 -51.30
C GLY B 330 60.19 -18.73 -51.87
N LYS B 331 58.99 -18.21 -51.61
CA LYS B 331 58.65 -16.85 -52.02
C LYS B 331 59.53 -15.79 -51.37
N PRO B 332 59.82 -15.83 -50.06
CA PRO B 332 60.85 -14.91 -49.53
C PRO B 332 62.21 -15.09 -50.17
N LEU B 333 62.56 -16.32 -50.59
CA LEU B 333 63.79 -16.51 -51.34
C LEU B 333 63.75 -15.76 -52.67
N LEU B 334 62.60 -15.80 -53.34
CA LEU B 334 62.44 -15.02 -54.57
C LEU B 334 62.62 -13.54 -54.30
N LYS B 335 62.01 -13.06 -53.22
CA LYS B 335 62.16 -11.65 -52.85
C LYS B 335 63.63 -11.31 -52.61
N ALA B 336 64.33 -12.15 -51.85
CA ALA B 336 65.73 -11.85 -51.50
C ALA B 336 66.62 -11.87 -52.73
N VAL B 337 66.45 -12.87 -53.59
CA VAL B 337 67.33 -12.96 -54.76
C VAL B 337 67.05 -11.84 -55.74
N MET B 338 65.79 -11.44 -55.91
CA MET B 338 65.50 -10.32 -56.79
C MET B 338 66.02 -9.01 -56.21
N ARG B 339 65.91 -8.85 -54.88
CA ARG B 339 66.46 -7.67 -54.22
C ARG B 339 67.96 -7.56 -54.45
N ARG B 340 68.68 -8.65 -54.23
CA ARG B 340 70.13 -8.59 -54.30
C ARG B 340 70.64 -8.66 -55.73
N TRP B 341 69.79 -9.03 -56.69
CA TRP B 341 70.20 -9.03 -58.09
C TRP B 341 69.93 -7.69 -58.76
N LEU B 342 68.73 -7.15 -58.57
CA LEU B 342 68.35 -5.89 -59.20
C LEU B 342 67.82 -4.95 -58.12
N PRO B 343 68.71 -4.22 -57.45
CA PRO B 343 68.26 -3.32 -56.37
C PRO B 343 67.36 -2.22 -56.90
N ALA B 344 66.14 -2.18 -56.38
CA ALA B 344 65.13 -1.23 -56.85
C ALA B 344 65.58 0.20 -56.59
N GLY B 345 66.07 0.48 -55.38
CA GLY B 345 66.55 1.82 -55.08
C GLY B 345 67.69 2.24 -55.97
N ASP B 346 68.60 1.31 -56.25
CA ASP B 346 69.72 1.63 -57.14
C ASP B 346 69.24 1.99 -58.54
N ALA B 347 68.32 1.19 -59.10
CA ALA B 347 67.83 1.49 -60.44
C ALA B 347 67.07 2.81 -60.47
N LEU B 348 66.20 3.03 -59.49
CA LEU B 348 65.43 4.28 -59.45
C LEU B 348 66.35 5.48 -59.33
N LEU B 349 67.37 5.39 -58.48
CA LEU B 349 68.26 6.53 -58.30
C LEU B 349 69.10 6.77 -59.55
N GLN B 350 69.61 5.70 -60.16
CA GLN B 350 70.43 5.88 -61.35
C GLN B 350 69.62 6.36 -62.54
N MET B 351 68.29 6.25 -62.52
CA MET B 351 67.52 6.90 -63.57
C MET B 351 67.04 8.31 -63.20
N ILE B 352 66.69 8.56 -61.95
CA ILE B 352 66.22 9.91 -61.60
C ILE B 352 67.37 10.91 -61.61
N THR B 353 68.58 10.49 -61.22
CA THR B 353 69.71 11.40 -61.30
C THR B 353 70.00 11.77 -62.74
N ILE B 354 69.87 10.81 -63.66
CA ILE B 354 70.16 11.08 -65.05
C ILE B 354 69.11 11.99 -65.67
N HIS B 355 67.83 11.72 -65.39
CA HIS B 355 66.78 12.34 -66.18
C HIS B 355 65.98 13.43 -65.47
N LEU B 356 65.88 13.40 -64.16
CA LEU B 356 65.19 14.48 -63.47
C LEU B 356 66.09 15.72 -63.39
N PRO B 357 65.50 16.91 -63.45
CA PRO B 357 66.32 18.12 -63.56
C PRO B 357 66.69 18.71 -62.20
N SER B 358 67.81 19.43 -62.21
CA SER B 358 68.26 20.17 -61.04
C SER B 358 67.40 21.41 -60.84
N PRO B 359 67.39 21.96 -59.62
CA PRO B 359 66.64 23.22 -59.40
C PRO B 359 67.13 24.36 -60.26
N VAL B 360 68.43 24.42 -60.55
CA VAL B 360 68.98 25.51 -61.37
C VAL B 360 68.33 25.52 -62.75
N THR B 361 68.31 24.37 -63.42
CA THR B 361 67.70 24.32 -64.74
C THR B 361 66.18 24.37 -64.67
N ALA B 362 65.58 23.86 -63.60
CA ALA B 362 64.12 23.83 -63.52
C ALA B 362 63.54 25.22 -63.30
N GLN B 363 64.11 25.98 -62.36
CA GLN B 363 63.54 27.27 -62.01
C GLN B 363 63.68 28.30 -63.12
N LYS B 364 64.52 28.04 -64.13
CA LYS B 364 64.62 28.95 -65.27
C LYS B 364 63.28 29.05 -65.99
N TYR B 365 62.71 27.91 -66.37
CA TYR B 365 61.42 27.88 -67.04
C TYR B 365 60.26 27.76 -66.06
N ARG B 366 60.54 27.57 -64.78
CA ARG B 366 59.49 27.42 -63.78
C ARG B 366 59.21 28.69 -62.99
N CYS B 367 60.14 29.66 -63.01
CA CYS B 367 59.96 30.86 -62.20
C CYS B 367 58.74 31.67 -62.63
N GLU B 368 58.51 31.79 -63.93
CA GLU B 368 57.39 32.58 -64.43
C GLU B 368 56.05 31.97 -64.07
N LEU B 369 56.01 30.67 -63.76
CA LEU B 369 54.76 30.01 -63.44
C LEU B 369 54.45 30.05 -61.96
N LEU B 370 55.44 30.30 -61.10
CA LEU B 370 55.23 30.35 -59.66
C LEU B 370 55.32 31.75 -59.09
N TYR B 371 55.87 32.72 -59.82
CA TYR B 371 56.05 34.08 -59.35
C TYR B 371 55.10 35.00 -60.10
N GLU B 372 54.26 35.72 -59.36
CA GLU B 372 53.31 36.65 -59.98
C GLU B 372 53.91 38.02 -60.26
N GLY B 373 55.13 38.27 -59.79
CA GLY B 373 55.80 39.52 -60.08
C GLY B 373 56.33 39.55 -61.50
N PRO B 374 56.61 40.75 -62.00
CA PRO B 374 57.18 40.89 -63.34
C PRO B 374 58.52 40.18 -63.45
N PRO B 375 58.82 39.58 -64.60
CA PRO B 375 60.07 38.82 -64.73
C PRO B 375 61.33 39.64 -64.57
N ASP B 376 61.29 40.93 -64.93
CA ASP B 376 62.46 41.79 -64.81
C ASP B 376 62.77 42.15 -63.37
N ASP B 377 61.89 41.82 -62.42
CA ASP B 377 62.11 42.18 -61.02
C ASP B 377 63.33 41.46 -60.47
N GLU B 378 63.97 42.08 -59.47
CA GLU B 378 65.17 41.50 -58.88
C GLU B 378 64.85 40.18 -58.18
N ALA B 379 63.71 40.11 -57.50
CA ALA B 379 63.31 38.86 -56.86
C ALA B 379 63.09 37.75 -57.90
N ALA B 380 62.44 38.09 -59.01
CA ALA B 380 62.23 37.11 -60.08
C ALA B 380 63.56 36.63 -60.66
N MET B 381 64.50 37.56 -60.89
CA MET B 381 65.80 37.16 -61.41
C MET B 381 66.57 36.31 -60.42
N GLY B 382 66.46 36.63 -59.13
CA GLY B 382 67.10 35.81 -58.11
C GLY B 382 66.51 34.41 -58.05
N ILE B 383 65.20 34.28 -58.24
CA ILE B 383 64.58 32.97 -58.31
C ILE B 383 65.08 32.21 -59.55
N LYS B 384 65.16 32.91 -60.69
CA LYS B 384 65.60 32.26 -61.92
C LYS B 384 67.03 31.74 -61.79
N SER B 385 67.92 32.54 -61.20
CA SER B 385 69.30 32.12 -61.06
C SER B 385 69.49 31.11 -59.93
N CYS B 386 68.66 31.17 -58.89
CA CYS B 386 68.85 30.47 -57.62
C CYS B 386 70.27 30.74 -57.10
N ASP B 387 70.49 32.00 -56.79
CA ASP B 387 71.71 32.42 -56.10
C ASP B 387 71.47 32.47 -54.60
N PRO B 388 72.27 31.79 -53.79
CA PRO B 388 72.03 31.80 -52.34
C PRO B 388 72.62 33.03 -51.67
N LYS B 389 72.44 34.20 -52.28
CA LYS B 389 72.93 35.44 -51.70
C LYS B 389 71.94 36.59 -51.80
N GLY B 390 70.98 36.58 -52.72
CA GLY B 390 70.21 37.76 -53.03
C GLY B 390 68.82 37.79 -52.43
N PRO B 391 67.83 38.12 -53.26
CA PRO B 391 66.48 38.41 -52.75
C PRO B 391 65.74 37.16 -52.33
N LEU B 392 65.92 36.76 -51.07
CA LEU B 392 65.29 35.58 -50.47
C LEU B 392 63.83 35.44 -50.87
N MET B 393 63.46 34.23 -51.29
CA MET B 393 62.13 33.94 -51.77
C MET B 393 61.77 32.50 -51.38
N MET B 394 60.87 32.35 -50.41
CA MET B 394 60.41 31.04 -49.97
C MET B 394 58.89 31.01 -50.01
N TYR B 395 58.33 29.91 -50.51
CA TYR B 395 56.89 29.72 -50.55
C TYR B 395 56.51 28.55 -49.66
N ILE B 396 55.59 28.79 -48.73
CA ILE B 396 55.10 27.74 -47.85
C ILE B 396 53.97 27.02 -48.56
N SER B 397 54.15 25.73 -48.80
CA SER B 397 53.11 24.89 -49.38
C SER B 397 52.31 24.13 -48.34
N LYS B 398 52.96 23.67 -47.27
CA LYS B 398 52.33 22.82 -46.28
C LYS B 398 52.55 23.37 -44.89
N MET B 399 51.66 23.00 -43.97
CA MET B 399 51.82 23.29 -42.55
C MET B 399 51.56 21.99 -41.79
N VAL B 400 52.64 21.25 -41.53
CA VAL B 400 52.54 19.92 -40.93
C VAL B 400 52.61 20.04 -39.41
N PRO B 401 51.72 19.39 -38.66
CA PRO B 401 51.73 19.54 -37.20
C PRO B 401 53.02 19.05 -36.57
N THR B 402 53.42 19.71 -35.49
CA THR B 402 54.64 19.39 -34.77
C THR B 402 54.36 18.28 -33.75
N SER B 403 55.33 18.03 -32.87
CA SER B 403 55.13 17.05 -31.82
C SER B 403 54.03 17.50 -30.85
N ASP B 404 54.03 18.77 -30.48
CA ASP B 404 52.94 19.28 -29.66
C ASP B 404 51.72 19.54 -30.53
N LYS B 405 50.57 19.70 -29.87
CA LYS B 405 49.31 19.72 -30.60
C LYS B 405 49.12 21.01 -31.39
N GLY B 406 49.40 22.16 -30.77
CA GLY B 406 49.01 23.42 -31.37
C GLY B 406 49.88 23.89 -32.52
N ARG B 407 51.16 23.58 -32.50
CA ARG B 407 52.10 24.22 -33.40
C ARG B 407 52.27 23.43 -34.70
N PHE B 408 52.62 24.15 -35.76
CA PHE B 408 52.79 23.57 -37.08
C PHE B 408 54.12 24.03 -37.67
N TYR B 409 54.91 23.08 -38.16
CA TYR B 409 56.06 23.40 -38.97
C TYR B 409 55.58 23.86 -40.34
N ALA B 410 56.03 25.03 -40.76
CA ALA B 410 55.68 25.60 -42.05
C ALA B 410 56.69 25.09 -43.08
N PHE B 411 56.28 24.10 -43.87
CA PHE B 411 57.17 23.43 -44.80
C PHE B 411 56.96 23.98 -46.21
N GLY B 412 58.06 24.32 -46.86
CA GLY B 412 58.01 24.86 -48.20
C GLY B 412 59.37 24.83 -48.86
N ARG B 413 59.47 25.53 -49.98
CA ARG B 413 60.69 25.55 -50.78
C ARG B 413 61.26 26.95 -50.84
N VAL B 414 62.59 27.05 -50.83
CA VAL B 414 63.30 28.31 -50.99
C VAL B 414 63.73 28.42 -52.44
N PHE B 415 63.30 29.48 -53.11
CA PHE B 415 63.64 29.71 -54.51
C PHE B 415 64.80 30.67 -54.69
N SER B 416 65.14 31.45 -53.67
CA SER B 416 66.22 32.41 -53.75
C SER B 416 66.71 32.70 -52.34
N GLY B 417 67.93 33.24 -52.27
CA GLY B 417 68.48 33.60 -50.97
C GLY B 417 68.96 32.38 -50.19
N LEU B 418 69.14 32.60 -48.89
CA LEU B 418 69.62 31.55 -48.00
C LEU B 418 68.98 31.76 -46.64
N VAL B 419 68.06 30.87 -46.27
CA VAL B 419 67.40 30.95 -44.98
C VAL B 419 68.34 30.43 -43.90
N SER B 420 68.48 31.20 -42.82
CA SER B 420 69.28 30.82 -41.66
C SER B 420 68.36 30.74 -40.44
N THR B 421 68.96 30.60 -39.27
CA THR B 421 68.20 30.61 -38.02
C THR B 421 68.19 32.02 -37.43
N GLY B 422 67.01 32.50 -37.08
CA GLY B 422 66.88 33.79 -36.45
C GLY B 422 67.25 34.99 -37.31
N LEU B 423 66.79 35.00 -38.56
CA LEU B 423 66.93 36.17 -39.41
C LEU B 423 65.56 36.79 -39.62
N LYS B 424 65.50 38.12 -39.61
CA LYS B 424 64.24 38.82 -39.78
C LYS B 424 63.76 38.69 -41.21
N VAL B 425 62.51 38.29 -41.39
CA VAL B 425 61.92 38.12 -42.71
C VAL B 425 60.49 38.64 -42.68
N ARG B 426 59.97 38.91 -43.87
CA ARG B 426 58.62 39.45 -44.04
C ARG B 426 57.67 38.30 -44.37
N ILE B 427 56.97 37.81 -43.36
CA ILE B 427 55.91 36.82 -43.55
C ILE B 427 54.74 37.54 -44.18
N MET B 428 54.43 37.20 -45.43
CA MET B 428 53.36 37.85 -46.17
C MET B 428 52.41 36.81 -46.74
N GLY B 429 51.12 37.00 -46.48
CA GLY B 429 50.12 36.01 -46.79
C GLY B 429 49.63 36.07 -48.22
N PRO B 430 48.65 35.21 -48.54
CA PRO B 430 48.13 35.18 -49.91
C PRO B 430 47.47 36.47 -50.35
N ASN B 431 46.75 37.13 -49.44
CA ASN B 431 46.02 38.34 -49.79
C ASN B 431 46.87 39.59 -49.73
N TYR B 432 48.14 39.47 -49.36
CA TYR B 432 48.99 40.64 -49.18
C TYR B 432 49.36 41.25 -50.53
N THR B 433 49.23 42.57 -50.63
CA THR B 433 49.76 43.34 -51.73
C THR B 433 50.89 44.24 -51.23
N PRO B 434 51.92 44.47 -52.05
CA PRO B 434 53.06 45.27 -51.56
C PRO B 434 52.69 46.69 -51.13
N GLY B 435 51.65 47.26 -51.74
CA GLY B 435 51.26 48.62 -51.37
C GLY B 435 50.68 48.71 -49.97
N LYS B 436 49.90 47.71 -49.56
CA LYS B 436 49.16 47.77 -48.31
C LYS B 436 49.86 46.97 -47.22
N LYS B 437 49.52 47.32 -45.97
CA LYS B 437 50.10 46.68 -44.79
C LYS B 437 49.33 45.44 -44.35
N GLU B 438 48.14 45.20 -44.93
CA GLU B 438 47.35 44.04 -44.55
C GLU B 438 48.07 42.75 -44.91
N ASP B 439 48.02 41.79 -44.00
CA ASP B 439 48.67 40.48 -44.15
C ASP B 439 50.18 40.61 -44.34
N LEU B 440 50.79 41.39 -43.45
CA LEU B 440 52.24 41.59 -43.41
C LEU B 440 52.72 41.44 -41.98
N TYR B 441 53.87 40.77 -41.82
CA TYR B 441 54.55 40.73 -40.53
C TYR B 441 56.05 40.71 -40.77
N LEU B 442 56.80 41.37 -39.90
CA LEU B 442 58.26 41.22 -39.86
C LEU B 442 58.58 40.39 -38.63
N LYS B 443 58.94 39.12 -38.86
CA LYS B 443 59.14 38.20 -37.77
C LYS B 443 60.34 37.31 -38.05
N PRO B 444 61.32 37.25 -37.15
CA PRO B 444 62.38 36.26 -37.30
C PRO B 444 61.86 34.86 -37.07
N ILE B 445 62.46 33.91 -37.73
CA ILE B 445 62.04 32.51 -37.60
C ILE B 445 62.87 31.84 -36.51
N GLN B 446 62.24 30.86 -35.85
CA GLN B 446 62.90 30.19 -34.74
C GLN B 446 64.03 29.29 -35.21
N ARG B 447 63.71 28.31 -36.06
CA ARG B 447 64.68 27.29 -36.42
C ARG B 447 64.29 26.67 -37.76
N THR B 448 65.31 26.28 -38.51
CA THR B 448 65.16 25.56 -39.77
C THR B 448 65.49 24.09 -39.56
N ILE B 449 64.62 23.22 -40.06
CA ILE B 449 64.73 21.78 -39.87
C ILE B 449 64.54 21.09 -41.22
N LEU B 450 64.99 19.85 -41.29
CA LEU B 450 64.78 19.00 -42.44
C LEU B 450 64.06 17.74 -41.99
N MET B 451 63.02 17.35 -42.72
CA MET B 451 62.15 16.25 -42.35
C MET B 451 62.72 14.96 -42.93
N MET B 452 63.19 14.07 -42.07
CA MET B 452 63.58 12.72 -42.48
C MET B 452 62.42 11.74 -42.29
N GLY B 453 61.24 12.08 -42.80
CA GLY B 453 60.09 11.25 -42.58
C GLY B 453 59.70 11.21 -41.12
N ARG B 454 59.97 10.09 -40.46
CA ARG B 454 59.77 10.02 -39.01
C ARG B 454 60.71 10.95 -38.27
N TYR B 455 61.97 11.01 -38.67
CA TYR B 455 62.95 11.85 -38.00
C TYR B 455 62.79 13.31 -38.42
N VAL B 456 63.34 14.20 -37.60
CA VAL B 456 63.51 15.61 -37.94
C VAL B 456 64.91 16.02 -37.48
N GLU B 457 65.65 16.71 -38.36
CA GLU B 457 67.02 17.11 -38.04
C GLU B 457 67.18 18.62 -38.24
N PRO B 458 67.50 19.37 -37.18
CA PRO B 458 67.74 20.80 -37.36
C PRO B 458 69.01 21.08 -38.14
N ILE B 459 68.98 22.17 -38.91
CA ILE B 459 70.15 22.64 -39.67
C ILE B 459 70.22 24.15 -39.52
N GLU B 460 71.44 24.68 -39.39
CA GLU B 460 71.62 26.12 -39.18
C GLU B 460 71.08 26.93 -40.35
N ASP B 461 71.34 26.49 -41.57
CA ASP B 461 70.98 27.30 -42.73
C ASP B 461 70.63 26.41 -43.92
N VAL B 462 69.84 26.96 -44.84
CA VAL B 462 69.45 26.25 -46.05
C VAL B 462 69.46 27.22 -47.23
N PRO B 463 70.27 26.98 -48.25
CA PRO B 463 70.26 27.83 -49.44
C PRO B 463 69.14 27.44 -50.38
N CYS B 464 69.03 28.18 -51.47
CA CYS B 464 67.95 28.01 -52.44
C CYS B 464 68.00 26.65 -53.11
N GLY B 465 66.86 26.26 -53.69
CA GLY B 465 66.77 25.02 -54.41
C GLY B 465 66.63 23.78 -53.56
N ASN B 466 66.03 23.90 -52.37
CA ASN B 466 65.90 22.77 -51.47
C ASN B 466 64.59 22.88 -50.70
N ILE B 467 64.29 21.84 -49.94
CA ILE B 467 63.11 21.79 -49.08
C ILE B 467 63.55 21.94 -47.64
N VAL B 468 62.80 22.73 -46.87
CA VAL B 468 63.14 22.99 -45.48
C VAL B 468 61.87 23.36 -44.74
N GLY B 469 61.74 22.87 -43.51
CA GLY B 469 60.65 23.26 -42.63
C GLY B 469 61.11 24.37 -41.70
N LEU B 470 60.22 25.32 -41.46
CA LEU B 470 60.51 26.46 -40.60
C LEU B 470 59.59 26.38 -39.40
N VAL B 471 60.14 26.60 -38.21
CA VAL B 471 59.32 26.69 -36.99
C VAL B 471 59.27 28.15 -36.57
N GLY B 472 58.10 28.58 -36.13
CA GLY B 472 57.86 29.97 -35.81
C GLY B 472 57.15 30.77 -36.87
N VAL B 473 56.48 30.12 -37.82
CA VAL B 473 55.77 30.81 -38.88
C VAL B 473 54.27 30.57 -38.84
N ASP B 474 53.80 29.46 -38.27
CA ASP B 474 52.41 29.07 -38.40
C ASP B 474 51.45 30.02 -37.70
N GLN B 475 51.86 30.65 -36.61
CA GLN B 475 50.96 31.53 -35.89
C GLN B 475 50.78 32.87 -36.58
N PHE B 476 51.68 33.24 -37.49
CA PHE B 476 51.57 34.47 -38.25
C PHE B 476 51.11 34.24 -39.69
N LEU B 477 50.55 33.07 -39.98
CA LEU B 477 50.27 32.74 -41.36
C LEU B 477 49.20 31.66 -41.39
N VAL B 478 48.52 31.53 -42.53
CA VAL B 478 47.44 30.56 -42.63
C VAL B 478 47.36 30.04 -44.07
N LYS B 479 47.40 28.71 -44.19
CA LYS B 479 46.99 27.95 -45.37
C LYS B 479 47.95 28.07 -46.55
N THR B 480 48.82 29.09 -46.53
CA THR B 480 49.87 29.35 -47.51
C THR B 480 50.53 30.66 -47.10
N GLY B 481 51.64 30.97 -47.75
CA GLY B 481 52.30 32.24 -47.50
C GLY B 481 53.66 32.26 -48.15
N THR B 482 54.31 33.43 -48.03
CA THR B 482 55.64 33.61 -48.59
C THR B 482 56.53 34.35 -47.59
N ILE B 483 57.82 34.10 -47.73
CA ILE B 483 58.87 34.62 -46.85
C ILE B 483 59.92 35.27 -47.73
N THR B 484 60.31 36.49 -47.38
CA THR B 484 61.26 37.22 -48.20
C THR B 484 62.05 38.19 -47.34
N THR B 485 63.22 38.56 -47.85
CA THR B 485 64.00 39.68 -47.33
C THR B 485 63.95 40.88 -48.25
N PHE B 486 63.11 40.83 -49.27
CA PHE B 486 62.99 41.91 -50.25
C PHE B 486 61.85 42.83 -49.83
N GLU B 487 62.15 44.13 -49.74
CA GLU B 487 61.14 45.08 -49.28
C GLU B 487 60.08 45.37 -50.33
N HIS B 488 60.45 45.33 -51.62
CA HIS B 488 59.50 45.53 -52.72
C HIS B 488 59.08 44.21 -53.32
N ALA B 489 58.93 43.19 -52.49
CA ALA B 489 58.69 41.84 -52.96
C ALA B 489 57.26 41.65 -53.44
N HIS B 490 57.10 40.89 -54.51
CA HIS B 490 55.80 40.45 -54.97
C HIS B 490 55.49 39.07 -54.41
N ASN B 491 54.20 38.73 -54.42
CA ASN B 491 53.76 37.44 -53.91
C ASN B 491 54.07 36.34 -54.93
N MET B 492 53.81 35.10 -54.52
CA MET B 492 53.89 33.96 -55.43
C MET B 492 52.51 33.63 -55.94
N ARG B 493 52.45 33.03 -57.12
CA ARG B 493 51.18 32.62 -57.69
C ARG B 493 50.58 31.50 -56.85
N VAL B 494 49.29 31.60 -56.55
CA VAL B 494 48.65 30.63 -55.68
C VAL B 494 48.43 29.33 -56.42
N MET B 495 48.14 28.28 -55.66
CA MET B 495 47.96 26.96 -56.24
C MET B 495 46.64 26.86 -56.99
N LYS B 496 46.66 26.09 -58.07
CA LYS B 496 45.46 25.80 -58.86
C LYS B 496 45.03 24.38 -58.52
N PHE B 497 44.18 24.25 -57.51
CA PHE B 497 43.70 22.94 -57.11
C PHE B 497 42.78 22.36 -58.16
N SER B 498 42.96 21.07 -58.44
CA SER B 498 42.09 20.40 -59.41
C SER B 498 40.68 20.22 -58.86
N VAL B 499 40.54 20.09 -57.55
CA VAL B 499 39.25 19.89 -56.93
C VAL B 499 38.91 21.11 -56.09
N SER B 500 37.69 21.13 -55.56
CA SER B 500 37.16 22.24 -54.80
C SER B 500 36.46 21.68 -53.56
N PRO B 501 36.27 22.50 -52.53
CA PRO B 501 35.59 21.99 -51.33
C PRO B 501 34.12 21.75 -51.57
N VAL B 502 33.80 20.61 -52.18
CA VAL B 502 32.42 20.33 -52.56
C VAL B 502 31.62 19.78 -51.38
N VAL B 503 32.09 18.68 -50.79
CA VAL B 503 31.30 18.00 -49.78
C VAL B 503 31.31 18.81 -48.50
N ARG B 504 30.15 18.90 -47.86
CA ARG B 504 29.97 19.74 -46.69
C ARG B 504 29.38 18.92 -45.55
N VAL B 505 29.83 19.22 -44.33
CA VAL B 505 29.27 18.59 -43.14
C VAL B 505 29.13 19.64 -42.04
N ALA B 506 27.97 19.69 -41.40
CA ALA B 506 27.76 20.52 -40.22
C ALA B 506 28.24 19.75 -39.00
N VAL B 507 29.02 20.42 -38.16
CA VAL B 507 29.62 19.79 -36.99
C VAL B 507 29.25 20.57 -35.75
N GLU B 508 29.02 19.86 -34.64
CA GLU B 508 28.71 20.54 -33.38
C GLU B 508 29.13 19.65 -32.22
N ALA B 509 29.68 20.26 -31.18
CA ALA B 509 30.19 19.49 -30.05
C ALA B 509 29.06 18.76 -29.33
N LYS B 510 29.40 17.61 -28.74
CA LYS B 510 28.42 16.87 -27.94
C LYS B 510 28.01 17.66 -26.71
N ASN B 511 28.98 18.26 -26.02
CA ASN B 511 28.68 19.20 -24.96
C ASN B 511 28.56 20.59 -25.57
N PRO B 512 27.39 21.23 -25.51
CA PRO B 512 27.22 22.53 -26.19
C PRO B 512 28.13 23.62 -25.65
N ALA B 513 28.55 23.54 -24.39
CA ALA B 513 29.37 24.59 -23.80
C ALA B 513 30.85 24.37 -24.05
N ASP B 514 31.21 24.12 -25.32
CA ASP B 514 32.62 23.99 -25.70
C ASP B 514 32.89 24.60 -27.07
N LEU B 515 32.04 25.53 -27.51
CA LEU B 515 32.25 26.18 -28.80
C LEU B 515 33.59 26.88 -28.94
N PRO B 516 34.16 27.55 -27.91
CA PRO B 516 35.52 28.09 -28.08
C PRO B 516 36.56 27.04 -28.46
N LYS B 517 36.63 25.92 -27.75
CA LYS B 517 37.61 24.91 -28.12
C LYS B 517 37.28 24.27 -29.45
N LEU B 518 35.99 24.15 -29.78
CA LEU B 518 35.61 23.61 -31.09
C LEU B 518 36.08 24.52 -32.21
N VAL B 519 35.88 25.83 -32.08
CA VAL B 519 36.26 26.73 -33.16
C VAL B 519 37.78 26.85 -33.23
N GLU B 520 38.47 26.76 -32.09
CA GLU B 520 39.94 26.72 -32.13
C GLU B 520 40.42 25.48 -32.87
N GLY B 521 39.77 24.34 -32.62
CA GLY B 521 40.10 23.14 -33.37
C GLY B 521 39.80 23.28 -34.85
N LEU B 522 38.73 24.00 -35.19
CA LEU B 522 38.42 24.25 -36.60
C LEU B 522 39.51 25.08 -37.26
N LYS B 523 40.00 26.10 -36.56
CA LYS B 523 41.12 26.88 -37.08
C LYS B 523 42.35 26.01 -37.27
N ARG B 524 42.61 25.11 -36.30
CA ARG B 524 43.74 24.20 -36.43
C ARG B 524 43.58 23.28 -37.63
N LEU B 525 42.36 22.78 -37.86
CA LEU B 525 42.12 21.88 -38.99
C LEU B 525 42.30 22.61 -40.32
N ALA B 526 41.79 23.85 -40.40
CA ALA B 526 41.98 24.63 -41.62
C ALA B 526 43.46 24.91 -41.87
N LYS B 527 44.20 25.20 -40.80
CA LYS B 527 45.64 25.35 -40.94
C LYS B 527 46.29 24.05 -41.42
N SER B 528 45.85 22.91 -40.89
CA SER B 528 46.51 21.64 -41.16
C SER B 528 46.31 21.21 -42.60
N ASP B 529 45.06 21.19 -43.07
CA ASP B 529 44.78 20.69 -44.41
C ASP B 529 44.77 21.84 -45.41
N PRO B 530 45.63 21.84 -46.42
CA PRO B 530 45.70 23.03 -47.28
C PRO B 530 44.69 23.02 -48.41
N MET B 531 43.48 22.54 -48.15
CA MET B 531 42.34 22.77 -49.05
C MET B 531 41.02 22.99 -48.32
N VAL B 532 40.86 22.46 -47.10
CA VAL B 532 39.57 22.42 -46.45
C VAL B 532 39.11 23.84 -46.10
N GLN B 533 37.80 24.06 -46.13
CA GLN B 533 37.22 25.35 -45.84
C GLN B 533 36.27 25.22 -44.67
N CYS B 534 36.46 26.06 -43.65
CA CYS B 534 35.56 26.12 -42.51
C CYS B 534 34.71 27.37 -42.66
N ILE B 535 33.39 27.19 -42.64
CA ILE B 535 32.45 28.28 -42.91
C ILE B 535 31.49 28.39 -41.74
N ILE B 536 31.33 29.60 -41.22
CA ILE B 536 30.30 29.90 -40.24
C ILE B 536 29.06 30.29 -41.01
N GLU B 537 28.07 29.41 -41.05
CA GLU B 537 26.84 29.67 -41.76
C GLU B 537 26.08 30.82 -41.12
N GLU B 538 25.10 31.34 -41.86
CA GLU B 538 24.28 32.45 -41.37
C GLU B 538 23.54 32.09 -40.10
N SER B 539 23.25 30.81 -39.89
CA SER B 539 22.56 30.35 -38.69
C SER B 539 23.52 29.97 -37.57
N GLY B 540 24.83 30.16 -37.77
CA GLY B 540 25.81 29.82 -36.76
C GLY B 540 26.35 28.42 -36.82
N GLU B 541 25.85 27.59 -37.75
CA GLU B 541 26.39 26.25 -37.89
C GLU B 541 27.80 26.29 -38.47
N HIS B 542 28.58 25.26 -38.16
CA HIS B 542 29.96 25.17 -38.63
C HIS B 542 30.03 24.12 -39.73
N ILE B 543 30.31 24.58 -40.94
CA ILE B 543 30.34 23.74 -42.13
C ILE B 543 31.78 23.50 -42.50
N ILE B 544 32.19 22.23 -42.49
CA ILE B 544 33.48 21.81 -43.00
C ILE B 544 33.28 21.33 -44.43
N ALA B 545 33.99 21.94 -45.37
CA ALA B 545 33.85 21.64 -46.78
C ALA B 545 35.18 21.13 -47.31
N GLY B 546 35.15 19.94 -47.90
CA GLY B 546 36.32 19.31 -48.46
C GLY B 546 36.05 18.67 -49.81
N ALA B 547 36.98 17.85 -50.28
CA ALA B 547 36.86 17.28 -51.62
C ALA B 547 35.87 16.12 -51.64
N GLY B 548 36.15 15.06 -50.89
CA GLY B 548 35.35 13.86 -50.96
C GLY B 548 34.99 13.34 -49.59
N GLU B 549 34.26 12.21 -49.59
CA GLU B 549 33.82 11.60 -48.34
C GLU B 549 35.01 11.10 -47.53
N LEU B 550 36.02 10.54 -48.19
CA LEU B 550 37.19 10.06 -47.48
C LEU B 550 37.94 11.22 -46.82
N HIS B 551 38.16 12.30 -47.56
CA HIS B 551 38.81 13.48 -46.99
C HIS B 551 38.00 14.05 -45.85
N LEU B 552 36.69 14.08 -46.01
CA LEU B 552 35.81 14.62 -44.98
C LEU B 552 35.85 13.79 -43.70
N GLU B 553 35.85 12.47 -43.81
CA GLU B 553 35.90 11.64 -42.62
C GLU B 553 37.28 11.65 -41.97
N ILE B 554 38.35 11.76 -42.77
CA ILE B 554 39.68 11.87 -42.19
C ILE B 554 39.81 13.18 -41.41
N CYS B 555 39.36 14.29 -42.00
CA CYS B 555 39.43 15.56 -41.30
C CYS B 555 38.50 15.60 -40.11
N LEU B 556 37.36 14.90 -40.17
CA LEU B 556 36.49 14.78 -39.02
C LEU B 556 37.18 14.05 -37.88
N LYS B 557 37.87 12.95 -38.18
CA LYS B 557 38.61 12.24 -37.14
C LYS B 557 39.73 13.10 -36.56
N ASP B 558 40.44 13.83 -37.42
CA ASP B 558 41.52 14.70 -36.95
C ASP B 558 40.97 15.80 -36.04
N LEU B 559 39.81 16.36 -36.40
CA LEU B 559 39.18 17.35 -35.54
C LEU B 559 38.74 16.72 -34.22
N GLU B 560 38.22 15.49 -34.28
CA GLU B 560 37.72 14.83 -33.08
C GLU B 560 38.85 14.53 -32.10
N GLU B 561 40.02 14.14 -32.60
CA GLU B 561 41.09 13.68 -31.73
C GLU B 561 42.29 14.62 -31.70
N ASP B 562 42.92 14.88 -32.84
CA ASP B 562 44.23 15.52 -32.85
C ASP B 562 44.18 17.03 -32.78
N HIS B 563 43.00 17.64 -32.94
CA HIS B 563 42.90 19.10 -32.98
C HIS B 563 42.14 19.65 -31.79
N ALA B 564 40.91 19.20 -31.56
CA ALA B 564 40.09 19.72 -30.48
C ALA B 564 39.93 18.76 -29.31
N CYS B 565 40.09 17.46 -29.53
CA CYS B 565 40.00 16.44 -28.49
C CYS B 565 38.66 16.50 -27.76
N ILE B 566 37.58 16.62 -28.52
CA ILE B 566 36.23 16.64 -27.96
C ILE B 566 35.28 15.88 -28.88
N PRO B 567 34.40 15.03 -28.33
CA PRO B 567 33.42 14.34 -29.18
C PRO B 567 32.45 15.33 -29.83
N ILE B 568 32.18 15.10 -31.11
CA ILE B 568 31.28 15.96 -31.87
C ILE B 568 30.23 15.09 -32.56
N LYS B 569 29.14 15.73 -32.94
CA LYS B 569 28.12 15.14 -33.78
C LYS B 569 28.14 15.81 -35.15
N LYS B 570 27.95 15.01 -36.18
CA LYS B 570 27.97 15.45 -37.56
C LYS B 570 26.58 15.33 -38.16
N SER B 571 26.30 16.19 -39.15
CA SER B 571 25.02 16.17 -39.83
C SER B 571 25.19 16.85 -41.17
N ASP B 572 24.13 16.83 -41.96
CA ASP B 572 24.15 17.57 -43.20
C ASP B 572 23.86 19.06 -42.94
N PRO B 573 24.41 19.95 -43.75
CA PRO B 573 24.11 21.37 -43.60
C PRO B 573 22.63 21.63 -43.81
N VAL B 574 22.09 22.56 -43.03
CA VAL B 574 20.67 22.88 -43.10
C VAL B 574 20.40 23.74 -44.32
N VAL B 575 19.35 23.40 -45.06
CA VAL B 575 18.99 24.11 -46.28
C VAL B 575 18.02 25.22 -45.92
N SER B 576 18.29 26.42 -46.42
CA SER B 576 17.47 27.59 -46.13
C SER B 576 16.52 27.84 -47.30
N TYR B 577 15.22 27.83 -47.02
CA TYR B 577 14.18 28.02 -48.02
C TYR B 577 13.51 29.37 -47.81
N ARG B 578 12.60 29.71 -48.72
CA ARG B 578 11.81 30.92 -48.62
C ARG B 578 10.35 30.60 -48.88
N GLU B 579 9.49 31.38 -48.23
CA GLU B 579 8.05 31.30 -48.46
C GLU B 579 7.65 32.42 -49.40
N THR B 580 7.10 32.07 -50.55
CA THR B 580 6.62 33.05 -51.51
C THR B 580 5.13 32.85 -51.73
N VAL B 581 4.56 33.65 -52.61
CA VAL B 581 3.15 33.55 -52.97
C VAL B 581 3.06 33.19 -54.43
N SER B 582 2.17 32.25 -54.76
CA SER B 582 2.07 31.79 -56.14
C SER B 582 1.30 32.79 -57.00
N GLU B 583 0.25 33.40 -56.47
CA GLU B 583 -0.48 34.42 -57.22
C GLU B 583 -1.06 35.44 -56.24
N GLU B 584 -1.97 36.26 -56.75
CA GLU B 584 -2.66 37.27 -55.94
C GLU B 584 -3.48 36.61 -54.84
N SER B 585 -3.55 37.27 -53.70
CA SER B 585 -4.38 36.80 -52.60
C SER B 585 -5.85 36.86 -52.99
N ASN B 586 -6.59 35.80 -52.65
CA ASN B 586 -7.96 35.64 -53.13
C ASN B 586 -8.92 36.63 -52.48
N VAL B 587 -8.54 37.26 -51.37
CA VAL B 587 -9.40 38.22 -50.70
C VAL B 587 -8.50 39.17 -49.90
N LEU B 588 -8.94 40.42 -49.76
CA LEU B 588 -8.26 41.35 -48.87
C LEU B 588 -8.31 40.82 -47.45
N CYS B 589 -7.20 41.00 -46.71
CA CYS B 589 -7.08 40.45 -45.38
C CYS B 589 -7.30 41.54 -44.35
N LEU B 590 -8.23 41.30 -43.44
CA LEU B 590 -8.58 42.23 -42.37
C LEU B 590 -7.99 41.73 -41.06
N SER B 591 -7.34 42.63 -40.32
CA SER B 591 -6.82 42.33 -39.00
C SER B 591 -7.36 43.33 -38.01
N LYS B 592 -7.88 42.82 -36.89
CA LYS B 592 -8.35 43.63 -35.78
C LYS B 592 -7.32 43.58 -34.66
N SER B 593 -7.04 44.73 -34.06
CA SER B 593 -6.05 44.80 -33.01
C SER B 593 -6.58 44.16 -31.73
N PRO B 594 -5.69 43.76 -30.82
CA PRO B 594 -6.15 43.25 -29.53
C PRO B 594 -7.00 44.22 -28.74
N ASN B 595 -6.82 45.53 -28.96
CA ASN B 595 -7.70 46.51 -28.32
C ASN B 595 -9.00 46.69 -29.05
N LYS B 596 -9.17 46.05 -30.20
CA LYS B 596 -10.38 46.14 -31.03
C LYS B 596 -10.68 47.59 -31.42
N HIS B 597 -9.64 48.40 -31.56
CA HIS B 597 -9.77 49.78 -31.96
C HIS B 597 -8.98 50.11 -33.22
N ASN B 598 -8.32 49.14 -33.82
CA ASN B 598 -7.53 49.35 -35.02
C ASN B 598 -7.77 48.20 -35.99
N ARG B 599 -7.91 48.54 -37.27
CA ARG B 599 -8.14 47.56 -38.31
C ARG B 599 -7.23 47.85 -39.49
N LEU B 600 -6.61 46.79 -40.01
CA LEU B 600 -5.70 46.89 -41.15
C LEU B 600 -6.20 46.00 -42.28
N TYR B 601 -6.01 46.48 -43.50
CA TYR B 601 -6.33 45.73 -44.71
C TYR B 601 -5.03 45.51 -45.50
N MET B 602 -4.74 44.25 -45.81
CA MET B 602 -3.51 43.89 -46.51
C MET B 602 -3.83 43.08 -47.76
N LYS B 603 -2.93 43.17 -48.73
CA LYS B 603 -2.97 42.37 -49.94
C LYS B 603 -1.57 41.91 -50.30
N ALA B 604 -1.47 40.72 -50.87
CA ALA B 604 -0.19 40.14 -51.25
C ALA B 604 -0.24 39.64 -52.68
N ARG B 605 0.84 39.84 -53.43
CA ARG B 605 0.94 39.27 -54.77
C ARG B 605 2.41 39.15 -55.14
N PRO B 606 2.78 38.17 -55.97
CA PRO B 606 4.19 37.89 -56.21
C PRO B 606 4.86 38.92 -57.12
N PHE B 607 6.19 38.95 -57.02
CA PHE B 607 6.99 39.76 -57.93
C PHE B 607 6.88 39.20 -59.35
N PRO B 608 6.80 40.06 -60.37
CA PRO B 608 6.45 39.57 -61.71
C PRO B 608 7.39 38.54 -62.30
N ASP B 609 8.65 38.92 -62.56
CA ASP B 609 9.61 37.92 -63.03
C ASP B 609 10.91 37.90 -62.24
N GLY B 610 11.55 39.06 -62.11
CA GLY B 610 12.90 39.11 -61.59
C GLY B 610 13.21 40.34 -60.77
N LEU B 611 12.18 40.99 -60.23
CA LEU B 611 12.41 42.12 -59.35
C LEU B 611 13.16 41.69 -58.09
N ALA B 612 12.86 40.49 -57.58
CA ALA B 612 13.61 39.96 -56.46
C ALA B 612 15.08 39.79 -56.81
N GLU B 613 15.36 39.30 -58.02
CA GLU B 613 16.75 39.16 -58.47
C GLU B 613 17.43 40.52 -58.58
N ASP B 614 16.72 41.52 -59.11
CA ASP B 614 17.31 42.86 -59.23
C ASP B 614 17.63 43.45 -57.86
N ILE B 615 16.76 43.22 -56.87
CA ILE B 615 16.98 43.81 -55.54
C ILE B 615 18.28 43.30 -54.93
N ASP B 616 18.51 41.99 -54.97
CA ASP B 616 19.76 41.48 -54.42
C ASP B 616 20.94 41.72 -55.36
N LYS B 617 20.68 41.94 -56.65
CA LYS B 617 21.74 42.36 -57.54
C LYS B 617 22.27 43.72 -57.15
N GLY B 618 21.38 44.62 -56.73
CA GLY B 618 21.77 45.94 -56.30
C GLY B 618 21.33 47.05 -57.22
N GLU B 619 20.60 46.73 -58.30
CA GLU B 619 20.09 47.76 -59.19
C GLU B 619 19.00 48.58 -58.50
N VAL B 620 18.20 47.95 -57.63
CA VAL B 620 17.18 48.63 -56.85
C VAL B 620 17.53 48.44 -55.38
N SER B 621 17.52 49.52 -54.62
CA SER B 621 17.92 49.50 -53.22
C SER B 621 17.08 50.48 -52.42
N ALA B 622 17.07 50.28 -51.10
CA ALA B 622 16.51 51.29 -50.21
C ALA B 622 17.42 52.51 -50.13
N ARG B 623 18.73 52.31 -50.31
CA ARG B 623 19.64 53.43 -50.43
C ARG B 623 19.35 54.24 -51.69
N GLN B 624 18.82 53.59 -52.73
CA GLN B 624 18.50 54.27 -53.97
C GLN B 624 17.39 55.29 -53.75
N GLU B 625 17.53 56.46 -54.38
CA GLU B 625 16.59 57.55 -54.19
C GLU B 625 15.20 57.15 -54.68
N LEU B 626 14.18 57.77 -54.08
CA LEU B 626 12.80 57.43 -54.44
C LEU B 626 12.50 57.77 -55.89
N LYS B 627 13.00 58.90 -56.38
CA LYS B 627 12.76 59.30 -57.76
C LYS B 627 13.25 58.26 -58.75
N GLN B 628 14.55 57.96 -58.72
CA GLN B 628 15.14 57.00 -59.65
C GLN B 628 14.58 55.60 -59.43
N ARG B 629 14.38 55.20 -58.16
CA ARG B 629 13.83 53.88 -57.88
C ARG B 629 12.46 53.71 -58.50
N ALA B 630 11.56 54.66 -58.24
CA ALA B 630 10.22 54.57 -58.78
C ALA B 630 10.22 54.62 -60.31
N ARG B 631 11.03 55.51 -60.89
CA ARG B 631 11.01 55.62 -62.34
C ARG B 631 11.53 54.34 -63.00
N TYR B 632 12.63 53.78 -62.49
CA TYR B 632 13.17 52.57 -63.10
C TYR B 632 12.23 51.38 -62.90
N LEU B 633 11.71 51.24 -61.68
CA LEU B 633 10.83 50.12 -61.37
C LEU B 633 9.54 50.20 -62.18
N ALA B 634 8.96 51.39 -62.34
CA ALA B 634 7.74 51.54 -63.12
C ALA B 634 8.00 51.30 -64.60
N GLU B 635 9.11 51.83 -65.13
CA GLU B 635 9.40 51.64 -66.54
C GLU B 635 9.67 50.17 -66.87
N LYS B 636 10.45 49.49 -66.02
CA LYS B 636 10.82 48.11 -66.32
C LYS B 636 9.71 47.13 -66.02
N TYR B 637 8.89 47.39 -65.00
CA TYR B 637 7.92 46.41 -64.55
C TYR B 637 6.50 46.97 -64.53
N GLU B 638 6.19 47.84 -65.50
CA GLU B 638 4.86 48.39 -65.79
C GLU B 638 4.08 48.80 -64.54
N TRP B 639 4.79 49.29 -63.53
CA TRP B 639 4.16 49.70 -62.28
C TRP B 639 3.49 51.06 -62.43
N ASP B 640 2.47 51.28 -61.60
CA ASP B 640 1.92 52.62 -61.45
C ASP B 640 2.97 53.52 -60.80
N VAL B 641 3.14 54.72 -61.35
CA VAL B 641 4.23 55.59 -60.89
C VAL B 641 3.99 56.05 -59.46
N ALA B 642 2.76 56.49 -59.16
CA ALA B 642 2.44 56.91 -57.80
C ALA B 642 2.52 55.74 -56.82
N GLU B 643 2.03 54.57 -57.23
CA GLU B 643 2.09 53.40 -56.38
C GLU B 643 3.52 53.01 -56.06
N ALA B 644 4.41 53.10 -57.06
CA ALA B 644 5.82 52.86 -56.83
C ALA B 644 6.43 53.92 -55.92
N ARG B 645 5.99 55.17 -56.06
CA ARG B 645 6.45 56.22 -55.17
C ARG B 645 6.01 56.00 -53.73
N LYS B 646 4.88 55.32 -53.52
CA LYS B 646 4.35 55.08 -52.18
C LYS B 646 4.88 53.79 -51.56
N ILE B 647 6.09 53.39 -51.91
CA ILE B 647 6.73 52.23 -51.27
C ILE B 647 7.15 52.60 -49.86
N TRP B 648 6.93 51.69 -48.91
CA TRP B 648 7.37 51.90 -47.53
C TRP B 648 8.56 51.03 -47.17
N CYS B 649 8.43 49.71 -47.28
CA CYS B 649 9.42 48.79 -46.75
C CYS B 649 10.08 47.99 -47.86
N PHE B 650 11.34 47.66 -47.65
CA PHE B 650 12.21 47.04 -48.63
C PHE B 650 12.86 45.79 -48.07
N GLY B 651 12.05 44.91 -47.50
CA GLY B 651 12.48 43.57 -47.17
C GLY B 651 13.18 43.43 -45.84
N PRO B 652 13.65 42.22 -45.54
CA PRO B 652 14.39 42.00 -44.30
C PRO B 652 15.63 42.85 -44.25
N ASP B 653 15.93 43.37 -43.06
CA ASP B 653 17.06 44.25 -42.80
C ASP B 653 17.00 45.54 -43.62
N GLY B 654 15.83 45.87 -44.15
CA GLY B 654 15.65 47.06 -44.95
C GLY B 654 16.19 46.98 -46.37
N THR B 655 16.68 45.82 -46.80
CA THR B 655 17.30 45.69 -48.11
C THR B 655 16.77 44.50 -48.89
N GLY B 656 16.20 43.50 -48.21
CA GLY B 656 15.81 42.25 -48.83
C GLY B 656 14.75 42.39 -49.92
N PRO B 657 14.60 41.35 -50.74
CA PRO B 657 13.73 41.43 -51.92
C PRO B 657 12.25 41.29 -51.60
N ASN B 658 11.71 42.28 -50.91
CA ASN B 658 10.29 42.33 -50.60
C ASN B 658 9.89 43.80 -50.50
N ILE B 659 8.78 44.17 -51.13
CA ILE B 659 8.38 45.58 -51.15
C ILE B 659 6.99 45.71 -50.55
N LEU B 660 6.79 46.82 -49.84
CA LEU B 660 5.51 47.15 -49.24
C LEU B 660 5.10 48.54 -49.68
N THR B 661 3.90 48.66 -50.25
CA THR B 661 3.42 49.90 -50.86
C THR B 661 2.04 50.26 -50.29
N ASP B 662 1.59 51.45 -50.67
CA ASP B 662 0.39 52.06 -50.13
C ASP B 662 -0.70 52.11 -51.19
N ILE B 663 -1.93 51.83 -50.77
CA ILE B 663 -3.12 52.11 -51.56
C ILE B 663 -4.05 53.08 -50.83
N THR B 664 -3.80 53.34 -49.54
CA THR B 664 -4.65 54.18 -48.72
C THR B 664 -4.78 55.58 -49.31
N LYS B 665 -6.00 56.11 -49.29
CA LYS B 665 -6.29 57.45 -49.78
C LYS B 665 -6.77 58.32 -48.63
N GLY B 666 -6.10 59.45 -48.43
CA GLY B 666 -6.50 60.41 -47.42
C GLY B 666 -6.41 59.94 -45.99
N VAL B 667 -5.32 59.27 -45.63
CA VAL B 667 -5.08 58.87 -44.24
C VAL B 667 -4.24 59.96 -43.59
N GLN B 668 -4.76 60.54 -42.50
CA GLN B 668 -4.10 61.65 -41.84
C GLN B 668 -3.16 61.21 -40.73
N TYR B 669 -2.96 59.91 -40.55
CA TYR B 669 -2.13 59.39 -39.46
C TYR B 669 -1.28 58.22 -39.92
N LEU B 670 -0.97 58.15 -41.21
CA LEU B 670 -0.14 57.08 -41.73
C LEU B 670 1.29 57.17 -41.18
N ASN B 671 1.81 58.39 -41.04
CA ASN B 671 3.15 58.56 -40.49
C ASN B 671 3.23 58.11 -39.04
N GLU B 672 2.13 58.16 -38.29
CA GLU B 672 2.12 57.61 -36.95
C GLU B 672 2.26 56.09 -36.96
N ILE B 673 1.62 55.43 -37.94
CA ILE B 673 1.75 53.98 -38.06
C ILE B 673 3.13 53.58 -38.59
N LYS B 674 3.77 54.47 -39.36
CA LYS B 674 4.95 54.16 -40.16
C LYS B 674 5.96 53.26 -39.45
N ASP B 675 6.46 53.69 -38.29
CA ASP B 675 7.51 52.92 -37.61
C ASP B 675 6.99 51.56 -37.16
N SER B 676 5.77 51.52 -36.62
CA SER B 676 5.21 50.26 -36.13
C SER B 676 4.97 49.28 -37.27
N VAL B 677 4.45 49.77 -38.40
CA VAL B 677 4.22 48.88 -39.54
C VAL B 677 5.54 48.46 -40.18
N VAL B 678 6.58 49.30 -40.13
CA VAL B 678 7.89 48.87 -40.59
C VAL B 678 8.40 47.73 -39.71
N ALA B 679 8.25 47.87 -38.39
CA ALA B 679 8.69 46.82 -37.48
C ALA B 679 7.92 45.53 -37.73
N GLY B 680 6.61 45.64 -37.93
CA GLY B 680 5.82 44.45 -38.21
C GLY B 680 6.19 43.80 -39.53
N PHE B 681 6.46 44.60 -40.56
CA PHE B 681 6.87 44.06 -41.85
C PHE B 681 8.20 43.34 -41.74
N GLN B 682 9.16 43.94 -41.04
CA GLN B 682 10.45 43.28 -40.83
C GLN B 682 10.27 41.99 -40.05
N TRP B 683 9.42 42.00 -39.02
CA TRP B 683 9.17 40.81 -38.22
C TRP B 683 8.59 39.69 -39.07
N ALA B 684 7.59 40.01 -39.90
CA ALA B 684 6.95 38.99 -40.73
C ALA B 684 7.86 38.50 -41.85
N THR B 685 8.63 39.39 -42.46
CA THR B 685 9.53 38.98 -43.53
C THR B 685 10.79 38.30 -43.00
N LYS B 686 11.07 38.41 -41.71
CA LYS B 686 12.14 37.65 -41.09
C LYS B 686 11.67 36.27 -40.64
N GLU B 687 10.44 36.17 -40.14
CA GLU B 687 9.85 34.88 -39.77
C GLU B 687 8.57 34.70 -40.56
N GLY B 688 8.59 33.81 -41.55
CA GLY B 688 7.45 33.63 -42.43
C GLY B 688 6.28 32.94 -41.77
N ALA B 689 5.25 32.68 -42.57
CA ALA B 689 4.01 32.12 -42.06
C ALA B 689 3.98 30.61 -42.06
N LEU B 690 4.87 29.95 -42.80
CA LEU B 690 4.86 28.50 -42.87
C LEU B 690 5.82 27.88 -41.86
N CYS B 691 7.09 28.24 -41.94
CA CYS B 691 8.07 27.67 -41.01
C CYS B 691 9.06 28.73 -40.52
N GLU B 692 8.62 29.97 -40.42
CA GLU B 692 9.40 31.06 -39.82
C GLU B 692 10.72 31.29 -40.57
N GLU B 693 10.68 31.23 -41.89
CA GLU B 693 11.82 31.55 -42.72
C GLU B 693 11.57 32.83 -43.48
N ASN B 694 12.61 33.30 -44.16
CA ASN B 694 12.50 34.56 -44.90
C ASN B 694 11.58 34.40 -46.10
N MET B 695 11.12 35.54 -46.61
CA MET B 695 10.26 35.57 -47.78
C MET B 695 11.04 36.15 -48.96
N ARG B 696 10.53 35.89 -50.16
CA ARG B 696 11.19 36.37 -51.37
C ARG B 696 10.16 36.61 -52.45
N GLY B 697 10.31 37.73 -53.16
CA GLY B 697 9.49 38.01 -54.33
C GLY B 697 8.02 38.19 -54.04
N VAL B 698 7.68 38.77 -52.90
CA VAL B 698 6.30 39.02 -52.51
C VAL B 698 6.14 40.51 -52.27
N ARG B 699 5.27 41.14 -53.03
CA ARG B 699 4.90 42.53 -52.83
C ARG B 699 3.61 42.61 -52.03
N PHE B 700 3.55 43.59 -51.13
CA PHE B 700 2.41 43.78 -50.24
C PHE B 700 1.85 45.18 -50.45
N ASP B 701 0.53 45.29 -50.38
CA ASP B 701 -0.16 46.57 -50.50
C ASP B 701 -1.03 46.76 -49.26
N VAL B 702 -0.87 47.89 -48.59
CA VAL B 702 -1.79 48.23 -47.50
C VAL B 702 -2.96 49.00 -48.09
N HIS B 703 -4.17 48.47 -47.88
CA HIS B 703 -5.36 49.01 -48.52
C HIS B 703 -6.03 50.10 -47.68
N ASP B 704 -6.37 49.79 -46.43
CA ASP B 704 -7.00 50.78 -45.56
C ASP B 704 -6.61 50.50 -44.12
N VAL B 705 -6.65 51.56 -43.32
CA VAL B 705 -6.45 51.46 -41.88
C VAL B 705 -7.52 52.29 -41.20
N THR B 706 -8.16 51.74 -40.18
CA THR B 706 -9.12 52.46 -39.37
C THR B 706 -8.67 52.36 -37.93
N LEU B 707 -8.20 53.48 -37.38
CA LEU B 707 -7.53 53.46 -36.08
C LEU B 707 -8.29 54.30 -35.07
N HIS B 708 -8.02 54.00 -33.79
CA HIS B 708 -8.52 54.81 -32.68
C HIS B 708 -8.02 56.24 -32.78
N ALA B 709 -8.87 57.18 -32.36
CA ALA B 709 -8.53 58.59 -32.44
C ALA B 709 -7.45 58.99 -31.43
N ASP B 710 -7.13 58.12 -30.48
CA ASP B 710 -6.10 58.38 -29.49
C ASP B 710 -4.82 57.65 -29.88
N ALA B 711 -3.69 58.35 -29.78
CA ALA B 711 -2.42 57.76 -30.20
C ALA B 711 -1.97 56.66 -29.26
N ILE B 712 -2.26 56.80 -27.96
CA ILE B 712 -1.80 55.81 -26.99
C ILE B 712 -2.47 54.46 -27.25
N HIS B 713 -3.73 54.47 -27.66
CA HIS B 713 -4.40 53.21 -27.99
C HIS B 713 -3.85 52.59 -29.28
N ARG B 714 -3.38 53.41 -30.22
CA ARG B 714 -2.81 52.89 -31.46
C ARG B 714 -1.29 52.90 -31.43
N GLY B 715 -0.71 52.87 -30.23
CA GLY B 715 0.74 52.75 -30.10
C GLY B 715 1.28 51.49 -30.77
N GLY B 716 2.62 51.47 -30.88
CA GLY B 716 3.27 50.43 -31.65
C GLY B 716 3.07 49.04 -31.08
N GLY B 717 2.98 48.92 -29.76
CA GLY B 717 2.80 47.62 -29.14
C GLY B 717 1.48 46.97 -29.49
N GLN B 718 0.47 47.74 -29.83
CA GLN B 718 -0.83 47.22 -30.24
C GLN B 718 -0.98 47.13 -31.75
N ILE B 719 0.08 47.42 -32.51
CA ILE B 719 0.03 47.44 -33.96
C ILE B 719 0.98 46.44 -34.58
N ILE B 720 2.21 46.32 -34.05
CA ILE B 720 3.17 45.36 -34.61
C ILE B 720 2.62 43.93 -34.65
N PRO B 721 2.04 43.38 -33.56
CA PRO B 721 1.45 42.05 -33.69
C PRO B 721 0.35 41.98 -34.73
N THR B 722 -0.44 43.05 -34.87
CA THR B 722 -1.47 43.07 -35.90
C THR B 722 -0.87 43.08 -37.30
N ALA B 723 0.22 43.82 -37.49
CA ALA B 723 0.89 43.84 -38.78
C ALA B 723 1.41 42.45 -39.15
N ARG B 724 2.07 41.78 -38.19
CA ARG B 724 2.55 40.43 -38.46
C ARG B 724 1.39 39.48 -38.73
N ARG B 725 0.32 39.59 -37.94
CA ARG B 725 -0.83 38.71 -38.11
C ARG B 725 -1.46 38.88 -39.49
N CYS B 726 -1.61 40.12 -39.95
CA CYS B 726 -2.29 40.33 -41.22
C CYS B 726 -1.39 40.00 -42.39
N LEU B 727 -0.08 40.23 -42.26
CA LEU B 727 0.84 39.80 -43.29
C LEU B 727 0.85 38.28 -43.42
N TYR B 728 0.80 37.58 -42.29
CA TYR B 728 0.67 36.12 -42.32
C TYR B 728 -0.62 35.70 -43.00
N ALA B 729 -1.72 36.40 -42.69
CA ALA B 729 -3.00 36.06 -43.31
C ALA B 729 -2.95 36.24 -44.82
N SER B 730 -2.36 37.34 -45.28
CA SER B 730 -2.26 37.58 -46.72
C SER B 730 -1.38 36.53 -47.40
N VAL B 731 -0.25 36.18 -46.77
CA VAL B 731 0.64 35.17 -47.34
C VAL B 731 -0.07 33.83 -47.43
N LEU B 732 -0.80 33.46 -46.37
CA LEU B 732 -1.52 32.19 -46.39
C LEU B 732 -2.63 32.19 -47.43
N THR B 733 -3.36 33.30 -47.56
CA THR B 733 -4.46 33.35 -48.52
C THR B 733 -3.99 33.42 -49.96
N ALA B 734 -2.77 33.87 -50.20
CA ALA B 734 -2.25 33.99 -51.55
C ALA B 734 -1.64 32.70 -52.07
N GLN B 735 -2.05 31.54 -51.53
CA GLN B 735 -1.57 30.22 -51.92
C GLN B 735 -0.04 30.17 -51.84
N PRO B 736 0.53 30.09 -50.64
CA PRO B 736 1.98 30.19 -50.52
C PRO B 736 2.68 28.96 -51.07
N ARG B 737 3.91 29.19 -51.53
CA ARG B 737 4.78 28.17 -52.08
C ARG B 737 6.14 28.24 -51.40
N LEU B 738 6.94 27.21 -51.61
CA LEU B 738 8.27 27.10 -51.02
C LEU B 738 9.32 27.19 -52.11
N MET B 739 10.46 27.78 -51.76
CA MET B 739 11.61 27.90 -52.65
C MET B 739 12.70 26.94 -52.19
N GLU B 740 13.53 26.51 -53.13
CA GLU B 740 14.70 25.72 -52.78
C GLU B 740 15.92 26.28 -53.50
N PRO B 741 17.10 26.18 -52.88
CA PRO B 741 18.33 26.76 -53.46
C PRO B 741 18.99 25.91 -54.54
N ILE B 742 18.51 26.04 -55.77
CA ILE B 742 19.19 25.40 -56.89
C ILE B 742 20.48 26.15 -57.18
N TYR B 743 21.58 25.40 -57.26
CA TYR B 743 22.89 25.96 -57.42
C TYR B 743 23.57 25.37 -58.64
N LEU B 744 24.53 26.12 -59.17
CA LEU B 744 25.24 25.73 -60.38
C LEU B 744 26.36 24.75 -60.06
N VAL B 745 26.43 23.68 -60.85
CA VAL B 745 27.50 22.71 -60.81
C VAL B 745 28.35 22.87 -62.07
N GLU B 746 29.66 22.95 -61.87
CA GLU B 746 30.66 23.18 -62.90
C GLU B 746 31.51 21.90 -62.90
N ILE B 747 31.33 21.06 -63.91
CA ILE B 747 31.90 19.72 -63.91
C ILE B 747 32.86 19.58 -65.08
N GLN B 748 34.07 19.10 -64.80
CA GLN B 748 35.02 18.74 -65.83
C GLN B 748 35.06 17.21 -65.93
N CYS B 749 34.88 16.70 -67.14
CA CYS B 749 34.78 15.27 -67.36
C CYS B 749 35.18 14.98 -68.80
N PRO B 750 35.66 13.78 -69.08
CA PRO B 750 35.97 13.40 -70.46
C PRO B 750 34.73 12.83 -71.16
N GLU B 751 34.92 12.55 -72.44
CA GLU B 751 33.83 12.18 -73.33
C GLU B 751 33.37 10.75 -73.14
N GLN B 752 34.17 9.91 -72.50
CA GLN B 752 33.72 8.56 -72.22
C GLN B 752 32.62 8.54 -71.16
N VAL B 753 32.57 9.55 -70.30
CA VAL B 753 31.66 9.57 -69.16
C VAL B 753 30.80 10.82 -69.19
N VAL B 754 30.88 11.60 -70.27
CA VAL B 754 30.05 12.79 -70.37
C VAL B 754 28.58 12.43 -70.35
N GLY B 755 28.21 11.29 -70.94
CA GLY B 755 26.80 10.92 -71.01
C GLY B 755 26.18 10.61 -69.67
N GLY B 756 26.89 9.87 -68.83
CA GLY B 756 26.32 9.41 -67.58
C GLY B 756 26.05 10.49 -66.57
N ILE B 757 26.68 11.66 -66.74
CA ILE B 757 26.42 12.79 -65.84
C ILE B 757 24.98 13.23 -65.98
N TYR B 758 24.44 13.16 -67.20
CA TYR B 758 23.01 13.46 -67.41
C TYR B 758 22.14 12.55 -66.56
N GLY B 759 22.42 11.25 -66.61
CA GLY B 759 21.62 10.29 -65.84
C GLY B 759 21.75 10.50 -64.34
N VAL B 760 22.97 10.74 -63.87
CA VAL B 760 23.16 10.98 -62.44
C VAL B 760 22.41 12.23 -62.00
N LEU B 761 22.51 13.30 -62.79
CA LEU B 761 21.85 14.54 -62.43
C LEU B 761 20.34 14.40 -62.43
N ASN B 762 19.80 13.63 -63.38
CA ASN B 762 18.35 13.46 -63.42
C ASN B 762 17.85 12.50 -62.36
N ARG B 763 18.68 11.56 -61.90
CA ARG B 763 18.32 10.85 -60.68
C ARG B 763 18.43 11.74 -59.46
N LYS B 764 19.23 12.80 -59.54
CA LYS B 764 19.32 13.79 -58.48
C LYS B 764 18.43 15.00 -58.73
N ARG B 765 17.48 14.89 -59.66
CA ARG B 765 16.50 15.93 -59.97
C ARG B 765 17.18 17.23 -60.41
N GLY B 766 17.87 17.14 -61.54
CA GLY B 766 18.55 18.29 -62.11
C GLY B 766 18.54 18.20 -63.62
N HIS B 767 19.16 19.19 -64.26
CA HIS B 767 19.25 19.20 -65.70
C HIS B 767 20.52 19.93 -66.11
N VAL B 768 21.04 19.55 -67.27
CA VAL B 768 22.24 20.15 -67.84
C VAL B 768 21.82 21.17 -68.89
N PHE B 769 22.33 22.39 -68.76
CA PHE B 769 22.02 23.43 -69.72
C PHE B 769 23.21 23.83 -70.59
N GLU B 770 24.44 23.54 -70.18
CA GLU B 770 25.59 23.91 -70.98
C GLU B 770 26.57 22.75 -71.06
N GLU B 771 27.11 22.53 -72.25
CA GLU B 771 28.11 21.49 -72.47
C GLU B 771 29.03 21.93 -73.59
N SER B 772 30.32 22.06 -73.32
CA SER B 772 31.24 22.57 -74.33
C SER B 772 32.63 22.01 -74.06
N GLN B 773 33.55 22.32 -74.97
CA GLN B 773 34.94 21.89 -74.88
C GLN B 773 35.82 23.09 -74.57
N VAL B 774 36.87 22.89 -73.78
CA VAL B 774 37.59 24.01 -73.20
C VAL B 774 38.70 24.55 -74.11
N ALA B 775 39.77 23.78 -74.35
CA ALA B 775 40.87 24.27 -75.17
C ALA B 775 41.69 23.08 -75.68
N GLY B 776 41.46 22.69 -76.94
CA GLY B 776 42.29 21.72 -77.63
C GLY B 776 42.57 20.41 -76.93
N THR B 777 41.75 20.05 -75.96
CA THR B 777 41.91 18.86 -75.14
C THR B 777 40.63 18.07 -75.17
N PRO B 778 40.68 16.76 -74.86
CA PRO B 778 39.43 15.99 -74.74
C PRO B 778 38.61 16.36 -73.52
N MET B 779 39.11 17.22 -72.65
CA MET B 779 38.37 17.62 -71.47
C MET B 779 37.12 18.38 -71.87
N PHE B 780 36.01 18.04 -71.23
CA PHE B 780 34.70 18.58 -71.56
C PHE B 780 34.14 19.25 -70.30
N VAL B 781 33.69 20.49 -70.46
CA VAL B 781 33.16 21.29 -69.35
C VAL B 781 31.65 21.31 -69.46
N VAL B 782 30.98 21.10 -68.31
CA VAL B 782 29.54 20.96 -68.24
C VAL B 782 29.01 21.89 -67.15
N LYS B 783 28.05 22.73 -67.50
CA LYS B 783 27.37 23.58 -66.55
C LYS B 783 25.94 23.10 -66.39
N ALA B 784 25.54 22.88 -65.13
CA ALA B 784 24.22 22.33 -64.86
C ALA B 784 23.67 22.89 -63.56
N TYR B 785 22.43 22.53 -63.27
CA TYR B 785 21.71 23.01 -62.10
C TYR B 785 21.34 21.84 -61.19
N LEU B 786 21.47 22.03 -59.89
CA LEU B 786 21.14 20.97 -58.96
C LEU B 786 20.64 21.56 -57.66
N PRO B 787 19.59 21.01 -57.06
CA PRO B 787 19.14 21.51 -55.76
C PRO B 787 20.08 21.11 -54.63
N VAL B 788 20.18 22.00 -53.65
CA VAL B 788 20.95 21.72 -52.44
C VAL B 788 20.35 20.54 -51.68
N ASN B 789 19.03 20.35 -51.78
CA ASN B 789 18.37 19.27 -51.05
C ASN B 789 18.94 17.91 -51.41
N GLU B 790 19.19 17.67 -52.68
CA GLU B 790 19.82 16.43 -53.13
C GLU B 790 21.29 16.62 -53.48
N SER B 791 21.87 17.77 -53.13
CA SER B 791 23.32 17.94 -53.27
C SER B 791 24.10 16.96 -52.41
N PHE B 792 23.54 16.54 -51.28
CA PHE B 792 24.25 15.65 -50.38
C PHE B 792 24.29 14.24 -50.94
N GLY B 793 25.49 13.67 -51.00
CA GLY B 793 25.69 12.38 -51.64
C GLY B 793 25.81 12.45 -53.15
N PHE B 794 25.77 13.64 -53.73
CA PHE B 794 25.84 13.76 -55.19
C PHE B 794 27.25 13.49 -55.69
N THR B 795 28.26 14.02 -55.01
CA THR B 795 29.63 13.85 -55.48
C THR B 795 30.06 12.39 -55.43
N ALA B 796 29.68 11.68 -54.36
CA ALA B 796 30.02 10.27 -54.25
C ALA B 796 29.38 9.46 -55.36
N ASP B 797 28.12 9.76 -55.68
CA ASP B 797 27.45 9.03 -56.75
C ASP B 797 27.99 9.41 -58.12
N LEU B 798 28.35 10.69 -58.30
CA LEU B 798 28.99 11.09 -59.55
C LEU B 798 30.33 10.40 -59.74
N ARG B 799 31.11 10.30 -58.67
CA ARG B 799 32.36 9.53 -58.73
C ARG B 799 32.08 8.07 -59.02
N SER B 800 31.05 7.51 -58.41
CA SER B 800 30.71 6.11 -58.62
C SER B 800 30.36 5.83 -60.08
N ASN B 801 29.61 6.74 -60.70
CA ASN B 801 29.15 6.50 -62.06
C ASN B 801 30.24 6.81 -63.08
N THR B 802 30.91 7.96 -62.95
CA THR B 802 31.94 8.31 -63.90
C THR B 802 33.24 7.54 -63.67
N GLY B 803 33.34 6.78 -62.58
CA GLY B 803 34.59 6.12 -62.27
C GLY B 803 35.67 7.09 -61.87
N GLY B 804 35.30 8.13 -61.11
CA GLY B 804 36.27 9.14 -60.71
C GLY B 804 36.65 10.10 -61.80
N GLN B 805 35.91 10.13 -62.90
CA GLN B 805 36.25 10.93 -64.07
C GLN B 805 35.42 12.22 -64.14
N ALA B 806 35.10 12.82 -63.00
CA ALA B 806 34.32 14.05 -62.99
C ALA B 806 34.71 14.87 -61.78
N PHE B 807 35.07 16.13 -62.01
CA PHE B 807 35.46 17.04 -60.93
C PHE B 807 34.41 18.12 -60.78
N PRO B 808 33.38 17.89 -59.97
CA PRO B 808 32.20 18.78 -59.89
C PRO B 808 32.26 19.90 -58.85
N GLN B 809 32.90 21.01 -59.18
CA GLN B 809 32.85 22.15 -58.28
C GLN B 809 31.46 22.78 -58.31
N CYS B 810 31.14 23.59 -57.30
CA CYS B 810 29.77 24.00 -57.09
C CYS B 810 29.70 25.39 -56.48
N VAL B 811 28.63 26.12 -56.82
CA VAL B 811 28.40 27.44 -56.23
C VAL B 811 26.92 27.77 -56.33
N PHE B 812 26.41 28.48 -55.33
CA PHE B 812 24.99 28.84 -55.30
C PHE B 812 24.65 29.79 -56.44
N ASP B 813 23.53 29.53 -57.12
CA ASP B 813 23.14 30.32 -58.29
C ASP B 813 21.86 31.10 -58.08
N HIS B 814 20.73 30.45 -57.78
CA HIS B 814 19.46 31.15 -57.77
C HIS B 814 18.43 30.33 -57.00
N TRP B 815 17.17 30.74 -57.10
CA TRP B 815 16.04 30.11 -56.43
C TRP B 815 15.02 29.66 -57.46
N GLN B 816 14.20 28.68 -57.07
CA GLN B 816 13.14 28.18 -57.93
C GLN B 816 12.08 27.52 -57.07
N ILE B 817 10.83 27.63 -57.50
CA ILE B 817 9.69 27.15 -56.74
C ILE B 817 9.57 25.64 -56.89
N LEU B 818 9.44 24.94 -55.76
CA LEU B 818 9.15 23.51 -55.82
C LEU B 818 7.77 23.31 -56.43
N PRO B 819 7.62 22.39 -57.40
CA PRO B 819 6.31 22.20 -58.04
C PRO B 819 5.22 21.74 -57.09
N GLY B 820 5.56 21.18 -55.94
CA GLY B 820 4.56 20.74 -55.00
C GLY B 820 3.91 21.91 -54.27
N ASP B 821 2.89 21.58 -53.48
CA ASP B 821 2.18 22.55 -52.67
C ASP B 821 2.36 22.21 -51.19
N PRO B 822 2.67 23.19 -50.34
CA PRO B 822 2.93 22.90 -48.93
C PRO B 822 1.68 22.64 -48.10
N PHE B 823 0.54 22.42 -48.73
CA PHE B 823 -0.70 22.10 -48.00
C PHE B 823 -1.25 20.73 -48.35
N ASP B 824 -0.51 19.93 -49.11
CA ASP B 824 -0.90 18.56 -49.42
C ASP B 824 -0.11 17.61 -48.54
N ASN B 825 -0.81 16.68 -47.89
CA ASN B 825 -0.16 15.83 -46.89
C ASN B 825 0.92 14.93 -47.49
N SER B 826 0.93 14.73 -48.80
CA SER B 826 1.92 13.88 -49.44
C SER B 826 2.73 14.66 -50.46
N SER B 827 3.22 15.84 -50.09
CA SER B 827 3.94 16.71 -51.00
C SER B 827 5.34 17.00 -50.48
N ARG B 828 6.27 17.24 -51.40
CA ARG B 828 7.65 17.55 -51.01
C ARG B 828 7.77 18.83 -50.22
N PRO B 829 7.18 19.98 -50.62
CA PRO B 829 7.25 21.16 -49.74
C PRO B 829 6.60 20.93 -48.39
N SER B 830 5.52 20.16 -48.33
CA SER B 830 4.89 19.88 -47.05
C SER B 830 5.80 19.06 -46.15
N GLN B 831 6.50 18.08 -46.73
CA GLN B 831 7.44 17.30 -45.94
C GLN B 831 8.60 18.16 -45.47
N VAL B 832 9.07 19.08 -46.32
CA VAL B 832 10.16 19.96 -45.94
C VAL B 832 9.74 20.86 -44.78
N VAL B 833 8.55 21.47 -44.88
CA VAL B 833 8.11 22.36 -43.82
C VAL B 833 7.85 21.58 -42.54
N ALA B 834 7.35 20.34 -42.63
CA ALA B 834 7.18 19.54 -41.43
C ALA B 834 8.53 19.22 -40.79
N GLU B 835 9.53 18.89 -41.61
CA GLU B 835 10.86 18.59 -41.07
C GLU B 835 11.45 19.79 -40.36
N THR B 836 11.34 20.98 -40.97
CA THR B 836 11.91 22.14 -40.31
C THR B 836 11.07 22.63 -39.12
N ARG B 837 9.76 22.37 -39.11
CA ARG B 837 8.98 22.62 -37.90
C ARG B 837 9.45 21.72 -36.76
N LYS B 838 9.70 20.45 -37.05
CA LYS B 838 10.27 19.55 -36.03
C LYS B 838 11.65 20.03 -35.61
N ARG B 839 12.44 20.55 -36.55
CA ARG B 839 13.76 21.06 -36.22
C ARG B 839 13.68 22.24 -35.25
N LYS B 840 12.77 23.17 -35.52
CA LYS B 840 12.61 24.35 -34.68
C LYS B 840 11.78 24.08 -33.43
N GLY B 841 11.21 22.89 -33.31
CA GLY B 841 10.41 22.56 -32.14
C GLY B 841 9.00 23.09 -32.20
N LEU B 842 8.59 23.71 -33.30
CA LEU B 842 7.26 24.25 -33.43
C LEU B 842 6.26 23.15 -33.75
N LYS B 843 4.98 23.52 -33.77
CA LYS B 843 3.94 22.60 -34.17
C LYS B 843 4.08 22.26 -35.65
N GLU B 844 3.93 20.97 -35.97
CA GLU B 844 4.14 20.49 -37.33
C GLU B 844 3.07 20.96 -38.29
N GLY B 845 1.93 21.46 -37.79
CA GLY B 845 0.90 21.99 -38.64
C GLY B 845 1.06 23.50 -38.82
N ILE B 846 0.81 23.95 -40.05
CA ILE B 846 0.79 25.39 -40.30
C ILE B 846 -0.37 26.01 -39.54
N PRO B 847 -0.20 27.14 -38.87
CA PRO B 847 -1.33 27.79 -38.21
C PRO B 847 -2.42 28.15 -39.21
N ALA B 848 -3.66 28.01 -38.78
CA ALA B 848 -4.79 28.09 -39.69
C ALA B 848 -5.03 29.52 -40.15
N LEU B 849 -6.05 29.69 -41.00
CA LEU B 849 -6.42 31.02 -41.45
C LEU B 849 -7.25 31.77 -40.44
N ASP B 850 -7.86 31.06 -39.48
CA ASP B 850 -8.83 31.69 -38.60
C ASP B 850 -8.18 32.64 -37.61
N ASN B 851 -7.07 32.23 -36.99
CA ASN B 851 -6.42 33.05 -35.98
C ASN B 851 -5.69 34.25 -36.55
N PHE B 852 -5.54 34.34 -37.87
CA PHE B 852 -4.95 35.50 -38.51
C PHE B 852 -5.96 36.38 -39.22
N LEU B 853 -6.94 35.79 -39.91
CA LEU B 853 -7.95 36.54 -40.62
C LEU B 853 -9.18 36.67 -39.72
N ASP B 854 -9.65 37.90 -39.54
CA ASP B 854 -10.71 38.20 -38.60
C ASP B 854 -11.84 38.94 -39.32
N LYS B 855 -13.04 38.82 -38.77
CA LYS B 855 -14.21 39.49 -39.31
C LYS B 855 -14.23 40.94 -38.82
N LEU B 856 -15.34 41.64 -39.06
CA LEU B 856 -15.46 43.03 -38.65
C LEU B 856 -15.50 43.17 -37.14
N MET D 1 -40.11 109.59 -15.03
CA MET D 1 -41.29 109.20 -15.78
C MET D 1 -41.16 107.75 -16.25
N ALA D 2 -42.04 107.33 -17.17
CA ALA D 2 -41.98 105.96 -17.67
C ALA D 2 -40.70 105.70 -18.46
N VAL D 3 -40.19 106.71 -19.16
CA VAL D 3 -38.91 106.56 -19.85
C VAL D 3 -37.80 106.33 -18.85
N GLN D 4 -37.81 107.08 -17.75
CA GLN D 4 -36.81 106.87 -16.70
C GLN D 4 -37.05 105.54 -16.02
N ILE D 5 -35.95 104.86 -15.71
CA ILE D 5 -36.03 103.55 -15.06
C ILE D 5 -36.31 103.75 -13.57
N SER D 6 -36.75 102.67 -12.93
CA SER D 6 -37.10 102.71 -11.52
C SER D 6 -35.86 102.97 -10.67
N LYS D 7 -36.10 103.32 -9.40
CA LYS D 7 -34.99 103.64 -8.50
C LYS D 7 -34.10 102.43 -8.27
N LYS D 8 -34.69 101.26 -8.03
CA LYS D 8 -33.90 100.06 -7.78
C LYS D 8 -33.04 99.71 -8.98
N ARG D 9 -33.65 99.68 -10.17
CA ARG D 9 -32.88 99.36 -11.37
C ARG D 9 -31.83 100.42 -11.66
N LYS D 10 -32.13 101.70 -11.36
CA LYS D 10 -31.15 102.75 -11.58
C LYS D 10 -29.94 102.59 -10.68
N PHE D 11 -30.16 102.28 -9.41
CA PHE D 11 -29.03 102.10 -8.50
C PHE D 11 -28.24 100.85 -8.85
N VAL D 12 -28.92 99.77 -9.23
CA VAL D 12 -28.21 98.56 -9.65
C VAL D 12 -27.41 98.84 -10.92
N ALA D 13 -27.97 99.64 -11.83
CA ALA D 13 -27.24 100.00 -13.04
C ALA D 13 -26.02 100.85 -12.71
N ASP D 14 -26.15 101.75 -11.74
CA ASP D 14 -24.99 102.55 -11.31
C ASP D 14 -23.90 101.66 -10.75
N GLY D 15 -24.28 100.69 -9.91
CA GLY D 15 -23.29 99.75 -9.39
C GLY D 15 -22.64 98.91 -10.47
N ILE D 16 -23.43 98.48 -11.45
CA ILE D 16 -22.90 97.71 -12.57
C ILE D 16 -21.91 98.54 -13.36
N PHE D 17 -22.24 99.81 -13.60
CA PHE D 17 -21.34 100.70 -14.30
C PHE D 17 -20.04 100.88 -13.53
N LYS D 18 -20.13 101.06 -12.22
CA LYS D 18 -18.92 101.18 -11.40
C LYS D 18 -18.06 99.93 -11.51
N ALA D 19 -18.68 98.76 -11.40
CA ALA D 19 -17.91 97.51 -11.44
C ALA D 19 -17.27 97.29 -12.81
N GLU D 20 -18.01 97.55 -13.89
CA GLU D 20 -17.46 97.37 -15.22
C GLU D 20 -16.33 98.34 -15.50
N LEU D 21 -16.50 99.60 -15.10
CA LEU D 21 -15.42 100.58 -15.27
C LEU D 21 -14.21 100.19 -14.45
N ASN D 22 -14.43 99.70 -13.23
CA ASN D 22 -13.33 99.28 -12.37
C ASN D 22 -12.56 98.13 -12.99
N GLU D 23 -13.27 97.15 -13.53
CA GLU D 23 -12.60 96.01 -14.16
C GLU D 23 -11.81 96.44 -15.40
N PHE D 24 -12.42 97.29 -16.23
CA PHE D 24 -11.73 97.75 -17.43
C PHE D 24 -10.48 98.54 -17.07
N LEU D 25 -10.59 99.43 -16.07
CA LEU D 25 -9.44 100.23 -15.66
C LEU D 25 -8.37 99.37 -15.01
N THR D 26 -8.77 98.36 -14.24
CA THR D 26 -7.81 97.44 -13.64
C THR D 26 -7.05 96.69 -14.71
N ARG D 27 -7.76 96.18 -15.73
CA ARG D 27 -7.08 95.43 -16.78
C ARG D 27 -6.17 96.33 -17.61
N GLU D 28 -6.60 97.55 -17.91
CA GLU D 28 -5.80 98.40 -18.78
C GLU D 28 -4.62 99.04 -18.04
N LEU D 29 -4.79 99.42 -16.78
CA LEU D 29 -3.83 100.24 -16.07
C LEU D 29 -3.13 99.49 -14.94
N ALA D 30 -3.12 98.16 -14.96
CA ALA D 30 -2.54 97.40 -13.86
C ALA D 30 -1.04 97.68 -13.72
N GLU D 31 -0.33 97.70 -14.85
CA GLU D 31 1.09 97.97 -14.80
C GLU D 31 1.41 99.44 -14.56
N ASP D 32 0.40 100.31 -14.62
CA ASP D 32 0.60 101.75 -14.45
C ASP D 32 0.31 102.21 -13.03
N GLY D 33 0.18 101.28 -12.08
CA GLY D 33 -0.04 101.66 -10.70
C GLY D 33 -1.47 102.01 -10.36
N TYR D 34 -2.44 101.50 -11.11
CA TYR D 34 -3.84 101.78 -10.82
C TYR D 34 -4.23 101.19 -9.47
N SER D 35 -5.01 101.96 -8.71
CA SER D 35 -5.42 101.57 -7.38
C SER D 35 -6.93 101.49 -7.19
N GLY D 36 -7.68 102.43 -7.75
CA GLY D 36 -9.11 102.43 -7.62
C GLY D 36 -9.71 103.60 -8.37
N VAL D 37 -11.03 103.57 -8.47
CA VAL D 37 -11.77 104.58 -9.23
C VAL D 37 -12.86 105.16 -8.34
N GLU D 38 -13.05 106.48 -8.42
CA GLU D 38 -14.16 107.15 -7.78
C GLU D 38 -14.87 108.01 -8.83
N VAL D 39 -16.20 108.00 -8.79
CA VAL D 39 -17.02 108.76 -9.73
C VAL D 39 -18.02 109.57 -8.93
N ARG D 40 -18.01 110.89 -9.12
CA ARG D 40 -19.05 111.76 -8.60
C ARG D 40 -19.97 112.10 -9.77
N VAL D 41 -21.15 111.49 -9.80
CA VAL D 41 -22.06 111.60 -10.92
C VAL D 41 -22.94 112.83 -10.73
N THR D 42 -22.92 113.74 -11.70
CA THR D 42 -23.83 114.86 -11.75
C THR D 42 -24.60 114.81 -13.06
N PRO D 43 -25.86 115.28 -13.07
CA PRO D 43 -26.65 115.23 -14.31
C PRO D 43 -26.04 116.02 -15.46
N THR D 44 -25.38 117.15 -15.18
CA THR D 44 -24.80 117.96 -16.24
C THR D 44 -23.64 117.21 -16.91
N ARG D 45 -22.70 116.72 -16.11
CA ARG D 45 -21.57 115.96 -16.63
C ARG D 45 -20.98 115.13 -15.51
N THR D 46 -20.31 114.05 -15.87
CA THR D 46 -19.73 113.13 -14.92
C THR D 46 -18.20 113.18 -14.98
N GLU D 47 -17.59 113.03 -13.82
CA GLU D 47 -16.14 113.04 -13.67
C GLU D 47 -15.70 111.71 -13.08
N ILE D 48 -14.63 111.15 -13.64
CA ILE D 48 -14.07 109.89 -13.19
C ILE D 48 -12.64 110.14 -12.76
N ILE D 49 -12.35 109.88 -11.50
CA ILE D 49 -11.03 110.09 -10.91
C ILE D 49 -10.35 108.73 -10.79
N ILE D 50 -9.16 108.62 -11.36
CA ILE D 50 -8.37 107.40 -11.33
C ILE D 50 -7.30 107.55 -10.26
N LEU D 51 -7.39 106.77 -9.20
CA LEU D 51 -6.38 106.78 -8.16
C LEU D 51 -5.23 105.89 -8.60
N ALA D 52 -4.06 106.48 -8.82
CA ALA D 52 -2.93 105.74 -9.34
C ALA D 52 -1.66 106.17 -8.62
N THR D 53 -0.62 105.34 -8.75
CA THR D 53 0.70 105.68 -8.22
C THR D 53 1.57 106.33 -9.30
N ARG D 54 1.64 105.71 -10.47
CA ARG D 54 2.39 106.25 -11.59
C ARG D 54 1.45 107.05 -12.48
N THR D 55 0.96 108.16 -11.93
CA THR D 55 0.00 108.99 -12.64
C THR D 55 0.63 109.65 -13.86
N GLN D 56 1.92 109.96 -13.80
CA GLN D 56 2.61 110.49 -14.95
C GLN D 56 2.68 109.46 -16.07
N ASN D 57 2.76 108.18 -15.73
CA ASN D 57 2.69 107.13 -16.74
C ASN D 57 1.27 106.91 -17.23
N VAL D 58 0.29 107.12 -16.35
CA VAL D 58 -1.11 107.01 -16.75
C VAL D 58 -1.47 108.07 -17.78
N LEU D 59 -1.05 109.31 -17.53
CA LEU D 59 -1.24 110.39 -18.48
C LEU D 59 -0.18 110.27 -19.57
N GLY D 60 -0.60 109.89 -20.77
CA GLY D 60 0.35 109.63 -21.84
C GLY D 60 1.02 110.87 -22.40
N GLU D 61 1.58 110.74 -23.60
CA GLU D 61 2.25 111.86 -24.24
C GLU D 61 1.27 112.99 -24.50
N LYS D 62 1.41 114.10 -23.75
CA LYS D 62 0.49 115.24 -23.81
C LYS D 62 -0.93 114.81 -23.52
N GLY D 63 -1.10 113.87 -22.59
CA GLY D 63 -2.41 113.39 -22.23
C GLY D 63 -3.07 112.50 -23.27
N ARG D 64 -2.28 111.88 -24.14
CA ARG D 64 -2.87 111.03 -25.18
C ARG D 64 -3.53 109.81 -24.58
N ARG D 65 -2.92 109.20 -23.56
CA ARG D 65 -3.50 108.01 -22.96
C ARG D 65 -4.83 108.33 -22.28
N ILE D 66 -4.89 109.43 -21.53
CA ILE D 66 -6.14 109.80 -20.88
C ILE D 66 -7.19 110.22 -21.90
N ARG D 67 -6.78 110.83 -23.02
CA ARG D 67 -7.73 111.13 -24.08
C ARG D 67 -8.32 109.85 -24.67
N GLU D 68 -7.47 108.86 -24.94
CA GLU D 68 -7.95 107.59 -25.45
C GLU D 68 -8.90 106.92 -24.47
N LEU D 69 -8.54 106.91 -23.18
CA LEU D 69 -9.40 106.29 -22.19
C LEU D 69 -10.75 106.99 -22.10
N THR D 70 -10.75 108.32 -22.16
CA THR D 70 -12.00 109.06 -22.11
C THR D 70 -12.87 108.74 -23.32
N ALA D 71 -12.26 108.70 -24.51
CA ALA D 71 -13.05 108.38 -25.71
C ALA D 71 -13.61 106.96 -25.65
N VAL D 72 -12.80 106.02 -25.17
CA VAL D 72 -13.24 104.64 -25.05
C VAL D 72 -14.42 104.52 -24.08
N VAL D 73 -14.31 105.16 -22.91
CA VAL D 73 -15.39 105.11 -21.95
C VAL D 73 -16.65 105.75 -22.52
N GLN D 74 -16.47 106.90 -23.18
CA GLN D 74 -17.59 107.59 -23.81
C GLN D 74 -18.32 106.70 -24.79
N LYS D 75 -17.58 106.03 -25.67
CA LYS D 75 -18.21 105.15 -26.66
C LYS D 75 -18.87 103.95 -26.00
N ARG D 76 -18.18 103.33 -25.05
CA ARG D 76 -18.71 102.09 -24.48
C ARG D 76 -19.98 102.33 -23.69
N PHE D 77 -20.04 103.42 -22.91
CA PHE D 77 -21.20 103.66 -22.07
C PHE D 77 -22.18 104.65 -22.69
N GLY D 78 -21.93 105.09 -23.93
CA GLY D 78 -22.90 105.92 -24.62
C GLY D 78 -23.15 107.26 -23.98
N PHE D 79 -22.14 107.83 -23.32
CA PHE D 79 -22.29 109.16 -22.76
C PHE D 79 -22.43 110.19 -23.88
N PRO D 80 -23.20 111.24 -23.66
CA PRO D 80 -23.23 112.34 -24.63
C PRO D 80 -21.86 112.99 -24.75
N GLU D 81 -21.57 113.53 -25.93
CA GLU D 81 -20.23 114.00 -26.24
C GLU D 81 -19.83 115.17 -25.34
N GLY D 82 -18.65 115.06 -24.75
CA GLY D 82 -18.14 116.06 -23.84
C GLY D 82 -18.71 116.01 -22.44
N SER D 83 -19.56 115.03 -22.12
CA SER D 83 -20.23 114.97 -20.84
C SER D 83 -19.52 114.08 -19.83
N VAL D 84 -18.37 113.51 -20.18
CA VAL D 84 -17.60 112.67 -19.27
C VAL D 84 -16.13 113.10 -19.32
N GLU D 85 -15.54 113.32 -18.15
CA GLU D 85 -14.16 113.76 -18.07
C GLU D 85 -13.40 112.90 -17.08
N LEU D 86 -12.20 112.47 -17.45
CA LEU D 86 -11.37 111.61 -16.62
C LEU D 86 -10.16 112.39 -16.14
N TYR D 87 -9.97 112.41 -14.82
CA TYR D 87 -8.78 112.96 -14.18
C TYR D 87 -8.05 111.86 -13.45
N ALA D 88 -6.78 112.10 -13.16
CA ALA D 88 -5.94 111.15 -12.43
C ALA D 88 -5.42 111.82 -11.17
N GLU D 89 -5.48 111.09 -10.06
CA GLU D 89 -4.98 111.57 -8.78
C GLU D 89 -3.96 110.58 -8.23
N LYS D 90 -2.86 111.12 -7.72
CA LYS D 90 -1.82 110.29 -7.14
C LYS D 90 -2.23 109.87 -5.73
N VAL D 91 -2.08 108.58 -5.44
CA VAL D 91 -2.42 108.07 -4.13
C VAL D 91 -1.35 108.50 -3.13
N ALA D 92 -1.79 109.05 -2.00
CA ALA D 92 -0.87 109.42 -0.94
C ALA D 92 -0.52 108.19 -0.11
N THR D 93 0.77 108.01 0.16
CA THR D 93 1.31 106.87 0.90
C THR D 93 0.90 105.56 0.23
N ARG D 94 1.46 105.36 -0.96
CA ARG D 94 1.11 104.21 -1.80
C ARG D 94 1.38 102.88 -1.12
N GLY D 95 2.26 102.86 -0.11
CA GLY D 95 2.52 101.62 0.60
C GLY D 95 1.33 101.10 1.39
N LEU D 96 0.34 101.95 1.64
CA LEU D 96 -0.85 101.54 2.37
C LEU D 96 -1.97 101.08 1.46
N CYS D 97 -1.80 101.16 0.14
CA CYS D 97 -2.78 100.63 -0.80
C CYS D 97 -2.44 99.16 -1.04
N ALA D 98 -3.25 98.27 -0.48
CA ALA D 98 -2.99 96.84 -0.62
C ALA D 98 -3.04 96.39 -2.07
N ILE D 99 -3.81 97.10 -2.90
CA ILE D 99 -3.86 96.75 -4.31
C ILE D 99 -2.52 97.05 -4.98
N ALA D 100 -1.98 98.25 -4.76
CA ALA D 100 -0.75 98.65 -5.43
C ALA D 100 0.41 97.73 -5.06
N GLN D 101 0.49 97.36 -3.79
CA GLN D 101 1.52 96.41 -3.36
C GLN D 101 1.37 95.06 -4.05
N ALA D 102 0.15 94.67 -4.40
CA ALA D 102 -0.04 93.41 -5.10
C ALA D 102 0.63 93.44 -6.47
N GLU D 103 0.43 94.53 -7.24
CA GLU D 103 1.12 94.60 -8.52
C GLU D 103 2.62 94.82 -8.36
N SER D 104 3.04 95.47 -7.27
CA SER D 104 4.48 95.59 -7.03
C SER D 104 5.11 94.23 -6.82
N LEU D 105 4.48 93.39 -5.98
CA LEU D 105 4.99 92.04 -5.76
C LEU D 105 4.91 91.22 -7.04
N ARG D 106 3.84 91.40 -7.82
CA ARG D 106 3.73 90.71 -9.09
C ARG D 106 4.83 91.14 -10.05
N TYR D 107 5.19 92.42 -10.04
CA TYR D 107 6.28 92.90 -10.86
C TYR D 107 7.59 92.26 -10.45
N LYS D 108 7.84 92.16 -9.15
CA LYS D 108 9.07 91.51 -8.69
C LYS D 108 9.10 90.04 -9.08
N LEU D 109 7.99 89.33 -8.91
CA LEU D 109 7.96 87.91 -9.23
C LEU D 109 8.11 87.68 -10.72
N LEU D 110 7.51 88.51 -11.55
CA LEU D 110 7.70 88.40 -12.99
C LEU D 110 9.13 88.73 -13.39
N GLY D 111 9.75 89.69 -12.70
CA GLY D 111 11.15 89.98 -12.95
C GLY D 111 12.04 88.80 -12.62
N GLY D 112 11.71 88.07 -11.56
CA GLY D 112 12.42 86.84 -11.29
C GLY D 112 13.08 86.82 -9.92
N LEU D 113 12.69 87.77 -9.08
CA LEU D 113 13.18 87.78 -7.70
C LEU D 113 12.66 86.55 -6.96
N ALA D 114 13.47 86.05 -6.03
CA ALA D 114 13.05 84.95 -5.18
C ALA D 114 11.84 85.36 -4.37
N VAL D 115 10.89 84.42 -4.21
CA VAL D 115 9.61 84.77 -3.63
C VAL D 115 9.73 85.20 -2.18
N ARG D 116 10.61 84.56 -1.41
CA ARG D 116 10.80 84.95 -0.02
C ARG D 116 11.35 86.36 0.08
N ARG D 117 12.39 86.66 -0.70
CA ARG D 117 13.00 87.99 -0.68
C ARG D 117 12.00 89.06 -1.13
N ALA D 118 11.24 88.77 -2.19
CA ALA D 118 10.27 89.75 -2.67
C ALA D 118 9.17 90.01 -1.65
N CYS D 119 8.63 88.95 -1.05
CA CYS D 119 7.59 89.13 -0.05
C CYS D 119 8.12 89.89 1.16
N TYR D 120 9.33 89.57 1.61
CA TYR D 120 9.89 90.28 2.75
C TYR D 120 10.15 91.75 2.43
N GLY D 121 10.60 92.05 1.21
CA GLY D 121 10.77 93.44 0.83
C GLY D 121 9.45 94.20 0.81
N VAL D 122 8.40 93.60 0.26
CA VAL D 122 7.09 94.25 0.24
C VAL D 122 6.58 94.45 1.65
N LEU D 123 6.73 93.45 2.51
CA LEU D 123 6.27 93.55 3.90
C LEU D 123 7.00 94.66 4.64
N ARG D 124 8.32 94.72 4.48
CA ARG D 124 9.10 95.78 5.11
C ARG D 124 8.70 97.14 4.59
N PHE D 125 8.45 97.26 3.29
CA PHE D 125 8.04 98.54 2.75
C PHE D 125 6.68 98.97 3.28
N ILE D 126 5.75 98.03 3.42
CA ILE D 126 4.43 98.37 3.94
C ILE D 126 4.55 98.87 5.37
N MET D 127 5.31 98.15 6.20
CA MET D 127 5.48 98.60 7.58
C MET D 127 6.21 99.93 7.66
N GLU D 128 7.18 100.17 6.76
CA GLU D 128 7.87 101.45 6.75
C GLU D 128 6.92 102.57 6.35
N SER D 129 6.05 102.33 5.38
CA SER D 129 5.02 103.28 5.02
C SER D 129 4.06 103.52 6.18
N GLY D 130 3.91 102.54 7.07
CA GLY D 130 3.23 102.78 8.32
C GLY D 130 1.85 102.17 8.39
N ALA D 131 1.76 101.02 9.04
CA ALA D 131 0.49 100.34 9.22
C ALA D 131 0.51 99.63 10.56
N LYS D 132 -0.69 99.35 11.08
CA LYS D 132 -0.78 98.60 12.32
C LYS D 132 -0.31 97.16 12.12
N GLY D 133 -0.35 96.68 10.90
CA GLY D 133 0.13 95.33 10.61
C GLY D 133 -0.14 94.98 9.17
N CYS D 134 0.43 93.86 8.75
CA CYS D 134 0.29 93.42 7.37
C CYS D 134 0.40 91.91 7.30
N GLU D 135 -0.13 91.36 6.23
CA GLU D 135 -0.13 89.92 6.01
C GLU D 135 -0.15 89.67 4.52
N VAL D 136 0.91 89.07 3.99
CA VAL D 136 1.01 88.75 2.57
C VAL D 136 1.13 87.24 2.44
N VAL D 137 0.25 86.64 1.64
CA VAL D 137 0.29 85.20 1.41
C VAL D 137 0.37 84.96 -0.08
N VAL D 138 1.29 84.10 -0.48
CA VAL D 138 1.45 83.72 -1.87
C VAL D 138 1.33 82.21 -1.99
N SER D 139 0.48 81.76 -2.90
CA SER D 139 0.16 80.34 -3.04
C SER D 139 0.36 79.92 -4.48
N GLY D 140 0.70 78.66 -4.67
CA GLY D 140 0.76 78.12 -6.01
C GLY D 140 1.88 77.12 -6.14
N LYS D 141 2.37 76.97 -7.36
CA LYS D 141 3.40 75.97 -7.69
C LYS D 141 4.78 76.56 -7.43
N LEU D 142 5.08 76.76 -6.15
CA LEU D 142 6.38 77.21 -5.73
C LEU D 142 7.36 76.04 -5.78
N ARG D 143 8.51 76.26 -6.41
CA ARG D 143 9.54 75.24 -6.59
C ARG D 143 8.99 74.02 -7.31
N GLY D 144 8.55 73.01 -6.55
CA GLY D 144 8.13 71.75 -7.13
C GLY D 144 6.73 71.81 -7.71
N GLN D 145 6.30 70.66 -8.23
CA GLN D 145 4.97 70.56 -8.81
C GLN D 145 3.89 70.64 -7.75
N ARG D 146 4.19 70.18 -6.54
CA ARG D 146 3.21 70.19 -5.46
C ARG D 146 2.97 71.62 -4.99
N ALA D 147 1.69 71.98 -4.83
CA ALA D 147 1.35 73.35 -4.48
C ALA D 147 1.71 73.65 -3.03
N LYS D 148 2.16 74.87 -2.78
CA LYS D 148 2.51 75.31 -1.43
C LYS D 148 2.07 76.75 -1.26
N SER D 149 1.93 77.16 0.00
CA SER D 149 1.58 78.52 0.36
C SER D 149 2.57 79.05 1.38
N MET D 150 2.96 80.31 1.20
CA MET D 150 3.85 81.01 2.12
C MET D 150 3.11 82.21 2.68
N LYS D 151 3.10 82.32 4.00
CA LYS D 151 2.43 83.41 4.70
C LYS D 151 3.47 84.22 5.46
N PHE D 152 3.38 85.54 5.34
CA PHE D 152 4.29 86.47 6.01
C PHE D 152 3.43 87.51 6.69
N VAL D 153 3.30 87.40 8.02
CA VAL D 153 2.44 88.26 8.81
C VAL D 153 3.29 88.97 9.84
N ASP D 154 3.09 90.27 9.99
CA ASP D 154 3.72 90.98 11.08
C ASP D 154 2.85 92.14 11.53
N GLY D 155 2.75 92.32 12.84
CA GLY D 155 1.98 93.40 13.39
C GLY D 155 0.57 92.98 13.78
N LEU D 156 -0.37 93.91 13.70
CA LEU D 156 -1.75 93.68 14.09
C LEU D 156 -2.57 93.30 12.87
N MET D 157 -3.40 92.27 13.02
CA MET D 157 -4.25 91.83 11.90
C MET D 157 -5.52 91.23 12.48
N ILE D 158 -6.63 91.96 12.35
CA ILE D 158 -7.91 91.48 12.85
C ILE D 158 -8.61 90.69 11.75
N HIS D 159 -9.50 89.83 12.15
CA HIS D 159 -10.18 88.95 11.20
C HIS D 159 -11.70 89.03 11.29
N SER D 160 -12.25 89.24 12.48
CA SER D 160 -13.67 89.04 12.72
C SER D 160 -14.36 90.36 13.02
N GLY D 161 -15.68 90.35 12.83
CA GLY D 161 -16.50 91.47 13.20
C GLY D 161 -16.58 92.54 12.13
N ASP D 162 -17.30 93.61 12.45
CA ASP D 162 -17.41 94.74 11.55
C ASP D 162 -16.08 95.45 11.27
N PRO D 163 -15.21 95.73 12.24
CA PRO D 163 -14.04 96.59 11.94
C PRO D 163 -13.12 96.05 10.88
N VAL D 164 -13.17 94.75 10.57
CA VAL D 164 -12.33 94.24 9.49
C VAL D 164 -12.79 94.80 8.16
N ASN D 165 -14.03 95.28 8.07
CA ASN D 165 -14.49 95.87 6.82
C ASN D 165 -13.75 97.15 6.48
N TYR D 166 -13.49 97.99 7.47
CA TYR D 166 -12.93 99.32 7.21
C TYR D 166 -11.56 99.54 7.81
N TYR D 167 -10.94 98.53 8.43
CA TYR D 167 -9.59 98.67 8.95
C TYR D 167 -8.53 97.93 8.14
N VAL D 168 -8.90 96.94 7.33
CA VAL D 168 -7.92 96.26 6.50
C VAL D 168 -8.25 96.51 5.05
N ASP D 169 -7.22 96.75 4.27
CA ASP D 169 -7.30 96.76 2.81
C ASP D 169 -6.90 95.39 2.32
N THR D 170 -7.75 94.76 1.54
CA THR D 170 -7.54 93.41 1.03
C THR D 170 -7.41 93.46 -0.48
N ALA D 171 -6.43 92.73 -1.00
CA ALA D 171 -6.21 92.68 -2.44
C ALA D 171 -5.82 91.27 -2.85
N VAL D 172 -6.39 90.81 -3.96
CA VAL D 172 -6.08 89.50 -4.52
C VAL D 172 -5.66 89.71 -5.97
N ARG D 173 -4.53 89.12 -6.34
CA ARG D 173 -4.04 89.25 -7.71
C ARG D 173 -3.47 87.92 -8.18
N HIS D 174 -3.72 87.60 -9.44
CA HIS D 174 -3.16 86.43 -10.09
C HIS D 174 -1.87 86.81 -10.81
N VAL D 175 -0.89 85.91 -10.77
CA VAL D 175 0.36 86.09 -11.49
C VAL D 175 0.55 84.89 -12.39
N LEU D 176 0.80 85.15 -13.68
CA LEU D 176 0.91 84.09 -14.68
C LEU D 176 2.38 83.77 -14.88
N LEU D 177 2.81 82.61 -14.40
CA LEU D 177 4.15 82.10 -14.65
C LEU D 177 4.06 80.92 -15.60
N ARG D 178 5.21 80.58 -16.19
CA ARG D 178 5.25 79.50 -17.17
C ARG D 178 4.88 78.16 -16.55
N GLN D 179 4.89 78.05 -15.22
CA GLN D 179 4.45 76.84 -14.55
C GLN D 179 2.97 76.87 -14.18
N GLY D 180 2.36 78.04 -14.11
CA GLY D 180 0.97 78.13 -13.73
C GLY D 180 0.55 79.49 -13.23
N VAL D 181 -0.23 79.52 -12.15
CA VAL D 181 -0.75 80.75 -11.58
C VAL D 181 -0.36 80.82 -10.11
N LEU D 182 0.17 81.96 -9.70
CA LEU D 182 0.45 82.23 -8.31
C LEU D 182 -0.57 83.22 -7.78
N GLY D 183 -1.22 82.88 -6.68
CA GLY D 183 -2.20 83.74 -6.05
C GLY D 183 -1.57 84.57 -4.96
N ILE D 184 -1.76 85.88 -5.03
CA ILE D 184 -1.21 86.82 -4.07
C ILE D 184 -2.38 87.46 -3.34
N LYS D 185 -2.40 87.33 -2.02
CA LYS D 185 -3.35 88.07 -1.19
C LYS D 185 -2.57 88.97 -0.25
N VAL D 186 -2.95 90.23 -0.21
CA VAL D 186 -2.29 91.23 0.62
C VAL D 186 -3.35 91.88 1.49
N LYS D 187 -3.18 91.80 2.80
CA LYS D 187 -4.03 92.48 3.76
C LYS D 187 -3.18 93.46 4.56
N ILE D 188 -3.65 94.69 4.65
CA ILE D 188 -2.93 95.74 5.36
C ILE D 188 -3.88 96.39 6.34
N MET D 189 -3.56 96.30 7.63
CA MET D 189 -4.40 96.92 8.65
C MET D 189 -4.07 98.40 8.70
N LEU D 190 -5.02 99.23 8.32
CA LEU D 190 -4.78 100.66 8.25
C LEU D 190 -4.64 101.26 9.65
N PRO D 191 -3.82 102.29 9.80
CA PRO D 191 -3.70 102.95 11.10
C PRO D 191 -4.83 103.93 11.34
N TRP D 192 -5.20 104.07 12.61
CA TRP D 192 -6.24 105.00 13.00
C TRP D 192 -5.72 106.43 12.95
N ASP D 193 -6.55 107.35 12.47
CA ASP D 193 -6.20 108.75 12.38
C ASP D 193 -7.44 109.61 12.35
N PRO D 194 -7.50 110.69 13.15
CA PRO D 194 -8.66 111.59 13.09
C PRO D 194 -8.78 112.35 11.78
N THR D 195 -7.70 112.46 11.00
CA THR D 195 -7.78 113.17 9.74
C THR D 195 -8.49 112.37 8.66
N GLY D 196 -8.46 111.05 8.74
CA GLY D 196 -9.18 110.22 7.80
C GLY D 196 -8.54 110.08 6.44
N LYS D 197 -7.35 110.62 6.24
CA LYS D 197 -6.67 110.53 4.95
C LYS D 197 -5.81 109.27 4.87
N ILE D 198 -4.88 109.11 5.81
CA ILE D 198 -3.97 107.96 5.80
C ILE D 198 -4.69 106.68 6.21
N GLY D 199 -5.92 106.77 6.69
CA GLY D 199 -6.68 105.63 7.09
C GLY D 199 -8.05 106.01 7.62
N PRO D 200 -8.62 105.17 8.47
CA PRO D 200 -9.97 105.43 8.99
C PRO D 200 -9.93 106.40 10.16
N LYS D 201 -11.13 106.85 10.53
CA LYS D 201 -11.32 107.83 11.61
C LYS D 201 -11.83 107.21 12.90
N LYS D 202 -12.72 106.23 12.81
CA LYS D 202 -13.25 105.62 14.01
C LYS D 202 -12.14 104.84 14.73
N PRO D 203 -12.11 104.87 16.06
CA PRO D 203 -11.13 104.07 16.79
C PRO D 203 -11.57 102.61 16.85
N LEU D 204 -10.66 101.77 17.29
CA LEU D 204 -10.98 100.37 17.52
C LEU D 204 -12.10 100.28 18.55
N PRO D 205 -13.12 99.45 18.33
CA PRO D 205 -14.25 99.41 19.27
C PRO D 205 -13.87 99.02 20.68
N ASP D 206 -12.87 98.16 20.84
CA ASP D 206 -12.43 97.75 22.17
C ASP D 206 -11.29 98.61 22.70
N HIS D 207 -10.89 99.65 21.99
CA HIS D 207 -9.83 100.53 22.45
C HIS D 207 -10.45 101.65 23.27
N VAL D 208 -10.10 101.72 24.54
CA VAL D 208 -10.56 102.75 25.45
C VAL D 208 -9.38 103.64 25.79
N SER D 209 -9.49 104.92 25.46
CA SER D 209 -8.46 105.91 25.76
C SER D 209 -8.96 106.83 26.85
N ILE D 210 -8.21 106.91 27.94
CA ILE D 210 -8.59 107.69 29.11
C ILE D 210 -7.78 108.97 29.13
N VAL D 211 -8.46 110.11 29.14
CA VAL D 211 -7.77 111.39 29.15
C VAL D 211 -7.06 111.58 30.48
N GLU D 212 -5.95 112.30 30.45
CA GLU D 212 -5.17 112.56 31.65
C GLU D 212 -5.61 113.86 32.30
N PRO D 213 -6.02 113.86 33.56
CA PRO D 213 -6.43 115.09 34.22
C PRO D 213 -5.22 115.88 34.69
N LYS D 214 -5.49 117.06 35.24
CA LYS D 214 -4.46 117.87 35.87
C LYS D 214 -4.38 117.50 37.35
N ASP D 215 -3.66 118.30 38.14
CA ASP D 215 -3.53 118.00 39.56
C ASP D 215 -4.81 118.35 40.31
N GLU D 216 -5.19 119.63 40.32
CA GLU D 216 -6.45 120.10 40.90
C GLU D 216 -6.63 119.65 42.34
N ILE D 217 -5.53 119.67 43.10
CA ILE D 217 -5.58 119.20 44.48
C ILE D 217 -6.23 120.23 45.39
N LEU D 218 -5.72 121.45 45.37
CA LEU D 218 -6.19 122.60 46.15
C LEU D 218 -6.31 122.23 47.62
N PRO D 219 -5.21 122.13 48.34
CA PRO D 219 -5.26 121.89 49.79
C PRO D 219 -5.27 123.16 50.64
N THR D 220 -5.42 124.33 50.03
CA THR D 220 -5.24 125.59 50.74
C THR D 220 -6.48 125.94 51.55
N THR D 221 -6.38 127.04 52.29
CA THR D 221 -7.50 127.52 53.08
C THR D 221 -8.60 128.06 52.17
N PRO D 222 -9.85 128.01 52.61
CA PRO D 222 -10.95 128.58 51.80
C PRO D 222 -10.88 130.09 51.70
N ILE D 223 -10.60 130.59 50.51
CA ILE D 223 -10.60 132.03 50.24
C ILE D 223 -11.68 132.31 49.21
N SER D 224 -11.83 133.58 48.81
CA SER D 224 -12.82 133.94 47.80
C SER D 224 -12.27 135.08 46.97
N GLU D 225 -11.98 134.81 45.69
CA GLU D 225 -11.55 135.85 44.79
C GLU D 225 -12.70 136.81 44.51
N GLN D 226 -12.40 138.10 44.52
CA GLN D 226 -13.38 139.14 44.25
C GLN D 226 -13.06 139.78 42.91
N LYS D 227 -14.04 139.77 42.00
CA LYS D 227 -13.84 140.33 40.67
C LYS D 227 -15.10 141.05 40.18
N ASP E 1 -67.71 84.26 40.65
CA ASP E 1 -67.74 85.56 40.01
C ASP E 1 -67.03 85.52 38.66
N ILE E 2 -66.37 84.42 38.38
CA ILE E 2 -65.63 84.25 37.13
C ILE E 2 -66.42 83.39 36.17
N LYS E 3 -66.82 82.19 36.61
CA LYS E 3 -67.68 81.30 35.83
C LYS E 3 -67.04 80.95 34.48
N LEU E 4 -65.98 80.15 34.56
CA LEU E 4 -65.35 79.56 33.39
C LEU E 4 -66.37 79.04 32.39
N PHE E 5 -66.29 79.55 31.15
CA PHE E 5 -67.27 79.28 30.11
C PHE E 5 -68.67 79.77 30.50
N GLY E 6 -68.73 80.85 31.28
CA GLY E 6 -70.00 81.43 31.65
C GLY E 6 -70.68 80.78 32.83
N LYS E 7 -70.23 79.61 33.27
CA LYS E 7 -70.89 78.89 34.35
C LYS E 7 -69.84 78.18 35.19
N TRP E 8 -70.32 77.45 36.20
CA TRP E 8 -69.51 76.54 37.01
C TRP E 8 -68.36 77.26 37.71
N SER E 9 -68.75 78.05 38.71
CA SER E 9 -67.83 78.73 39.62
C SER E 9 -66.67 77.83 40.05
N THR E 10 -65.49 78.41 40.22
CA THR E 10 -64.28 77.65 40.53
C THR E 10 -64.05 77.45 42.01
N ASP E 11 -64.60 78.32 42.86
CA ASP E 11 -64.28 78.30 44.28
C ASP E 11 -64.85 77.09 45.01
N ASP E 12 -65.81 76.39 44.41
CA ASP E 12 -66.44 75.26 45.07
C ASP E 12 -65.65 73.96 44.92
N VAL E 13 -64.52 73.98 44.21
CA VAL E 13 -63.72 72.79 43.98
C VAL E 13 -62.68 72.66 45.08
N GLN E 14 -62.58 71.47 45.67
CA GLN E 14 -61.60 71.19 46.70
C GLN E 14 -60.65 70.09 46.21
N ILE E 15 -59.36 70.32 46.39
CA ILE E 15 -58.34 69.37 45.94
C ILE E 15 -58.23 68.24 46.96
N ASN E 16 -58.25 67.01 46.47
CA ASN E 16 -58.35 65.85 47.36
C ASN E 16 -57.07 65.64 48.16
N ASP E 17 -55.96 65.35 47.48
CA ASP E 17 -54.73 65.02 48.15
C ASP E 17 -53.80 66.22 48.26
N ILE E 18 -53.03 66.25 49.34
CA ILE E 18 -52.12 67.35 49.62
C ILE E 18 -51.00 67.41 48.58
N SER E 19 -50.66 66.26 47.98
CA SER E 19 -49.48 66.20 47.11
C SER E 19 -49.64 67.02 45.84
N LEU E 20 -50.87 67.24 45.38
CA LEU E 20 -51.09 67.91 44.10
C LEU E 20 -51.81 69.25 44.26
N GLN E 21 -51.97 69.73 45.49
CA GLN E 21 -52.64 71.00 45.71
C GLN E 21 -51.87 72.16 45.10
N ASP E 22 -50.54 72.17 45.27
CA ASP E 22 -49.73 73.26 44.76
C ASP E 22 -49.55 73.21 43.25
N TYR E 23 -49.93 72.11 42.61
CA TYR E 23 -49.73 71.96 41.18
C TYR E 23 -51.03 71.96 40.37
N ILE E 24 -52.17 71.74 41.00
CA ILE E 24 -53.45 71.90 40.34
C ILE E 24 -53.92 73.33 40.56
N ALA E 25 -54.18 74.05 39.47
CA ALA E 25 -54.45 75.48 39.50
C ALA E 25 -55.87 75.72 39.00
N VAL E 26 -56.82 75.82 39.93
CA VAL E 26 -58.23 75.98 39.57
C VAL E 26 -58.85 77.20 40.24
N LYS E 27 -58.31 77.59 41.39
CA LYS E 27 -59.00 78.54 42.26
C LYS E 27 -58.27 79.86 42.38
N GLU E 28 -59.01 80.84 42.91
CA GLU E 28 -58.53 82.16 43.33
C GLU E 28 -57.95 82.93 42.16
N LYS E 29 -56.63 82.99 42.03
CA LYS E 29 -56.06 83.69 40.89
C LYS E 29 -56.03 82.83 39.64
N TYR E 30 -56.23 81.53 39.78
CA TYR E 30 -56.37 80.64 38.63
C TYR E 30 -57.83 80.52 38.22
N ALA E 31 -58.49 81.65 38.09
CA ALA E 31 -59.91 81.71 37.74
C ALA E 31 -60.02 82.63 36.52
N LYS E 32 -60.09 82.03 35.34
CA LYS E 32 -60.19 82.76 34.09
C LYS E 32 -61.48 82.41 33.38
N TYR E 33 -61.96 83.34 32.55
CA TYR E 33 -63.16 83.09 31.76
C TYR E 33 -62.91 82.04 30.70
N LEU E 34 -61.72 82.03 30.10
CA LEU E 34 -61.43 81.13 29.00
C LEU E 34 -60.11 80.42 29.22
N PRO E 35 -59.98 79.19 28.75
CA PRO E 35 -58.70 78.48 28.79
C PRO E 35 -57.78 78.83 27.63
N HIS E 36 -57.65 80.13 27.36
CA HIS E 36 -56.78 80.60 26.29
C HIS E 36 -56.22 81.96 26.74
N SER E 37 -55.08 81.91 27.41
CA SER E 37 -54.45 83.09 27.98
C SER E 37 -52.95 83.03 27.76
N ALA E 38 -52.54 82.78 26.51
CA ALA E 38 -51.14 82.49 26.17
C ALA E 38 -50.19 83.51 26.80
N GLY E 39 -49.38 83.04 27.74
CA GLY E 39 -48.66 83.93 28.63
C GLY E 39 -47.24 83.51 28.96
N ARG E 40 -46.57 82.85 28.03
CA ARG E 40 -45.17 82.45 28.16
C ARG E 40 -44.97 81.56 29.38
N TYR E 41 -45.70 80.45 29.40
CA TYR E 41 -45.65 79.52 30.53
C TYR E 41 -44.50 78.54 30.44
N ALA E 42 -43.71 78.56 29.37
CA ALA E 42 -42.54 77.70 29.24
C ALA E 42 -41.24 78.46 29.41
N ALA E 43 -41.31 79.73 29.80
CA ALA E 43 -40.11 80.56 29.88
C ALA E 43 -39.19 80.15 31.03
N LYS E 44 -39.71 79.46 32.03
CA LYS E 44 -38.89 79.03 33.16
C LYS E 44 -39.45 77.74 33.72
N ARG E 45 -38.60 77.04 34.47
CA ARG E 45 -39.01 75.82 35.15
C ARG E 45 -40.05 76.14 36.22
N PHE E 46 -40.97 75.20 36.43
CA PHE E 46 -42.00 75.28 37.46
C PHE E 46 -42.89 76.51 37.30
N ARG E 47 -43.11 76.92 36.06
CA ARG E 47 -44.04 78.00 35.76
C ARG E 47 -45.37 77.47 35.23
N LYS E 48 -45.37 76.32 34.55
CA LYS E 48 -46.60 75.73 34.08
C LYS E 48 -47.50 75.31 35.24
N ALA E 49 -46.94 75.13 36.44
CA ALA E 49 -47.77 74.88 37.61
C ALA E 49 -48.67 76.06 37.93
N GLN E 50 -48.29 77.26 37.50
CA GLN E 50 -49.12 78.44 37.64
C GLN E 50 -50.10 78.61 36.49
N CYS E 51 -49.98 77.80 35.44
CA CYS E 51 -50.96 77.83 34.36
C CYS E 51 -52.22 77.10 34.78
N PRO E 52 -53.40 77.67 34.53
CA PRO E 52 -54.65 76.99 34.93
C PRO E 52 -54.79 75.65 34.23
N ILE E 53 -55.35 74.68 34.95
CA ILE E 53 -55.33 73.31 34.49
C ILE E 53 -56.21 73.09 33.27
N VAL E 54 -57.25 73.90 33.08
CA VAL E 54 -58.07 73.77 31.88
C VAL E 54 -57.25 74.18 30.66
N GLU E 55 -56.37 75.17 30.81
CA GLU E 55 -55.52 75.56 29.69
C GLU E 55 -54.50 74.48 29.38
N ARG E 56 -53.99 73.80 30.42
CA ARG E 56 -53.09 72.67 30.17
C ARG E 56 -53.82 71.56 29.43
N LEU E 57 -55.06 71.28 29.81
CA LEU E 57 -55.85 70.27 29.09
C LEU E 57 -56.06 70.67 27.64
N THR E 58 -56.38 71.95 27.41
CA THR E 58 -56.57 72.44 26.05
C THR E 58 -55.29 72.31 25.23
N ASN E 59 -54.15 72.68 25.82
CA ASN E 59 -52.89 72.60 25.11
C ASN E 59 -52.54 71.15 24.78
N SER E 60 -52.78 70.23 25.70
CA SER E 60 -52.46 68.84 25.46
C SER E 60 -53.43 68.16 24.51
N MET E 61 -54.64 68.67 24.36
CA MET E 61 -55.64 68.00 23.54
C MET E 61 -55.45 68.19 22.04
N MET E 62 -54.70 69.20 21.60
CA MET E 62 -54.45 69.41 20.18
C MET E 62 -53.12 68.77 19.81
N MET E 63 -53.17 67.56 19.24
CA MET E 63 -51.96 66.81 18.95
C MET E 63 -52.13 66.03 17.65
N HIS E 64 -51.04 65.37 17.25
CA HIS E 64 -50.94 64.51 16.08
C HIS E 64 -50.97 65.30 14.77
N GLY E 65 -50.43 66.52 14.79
CA GLY E 65 -50.13 67.19 13.54
C GLY E 65 -51.32 67.75 12.80
N ARG E 66 -52.36 66.93 12.63
CA ARG E 66 -53.54 67.35 11.89
C ARG E 66 -54.19 68.57 12.52
N ASN E 67 -53.99 68.76 13.83
CA ASN E 67 -54.52 69.93 14.51
C ASN E 67 -53.54 70.30 15.64
N ASN E 68 -52.61 71.19 15.31
CA ASN E 68 -51.58 71.63 16.24
C ASN E 68 -51.73 73.06 16.69
N GLY E 69 -52.15 73.96 15.81
CA GLY E 69 -52.34 75.33 16.21
C GLY E 69 -53.79 75.63 16.53
N LYS E 70 -54.67 74.69 16.20
CA LYS E 70 -56.11 74.90 16.33
C LYS E 70 -56.49 74.80 17.81
N LYS E 71 -56.23 75.91 18.52
CA LYS E 71 -56.58 75.96 19.93
C LYS E 71 -58.01 76.44 20.16
N LEU E 72 -58.57 77.22 19.25
CA LEU E 72 -59.97 77.62 19.40
C LEU E 72 -60.89 76.42 19.32
N MET E 73 -60.60 75.50 18.39
CA MET E 73 -61.38 74.26 18.31
C MET E 73 -61.25 73.46 19.60
N THR E 74 -60.06 73.44 20.18
CA THR E 74 -59.87 72.69 21.42
C THR E 74 -60.60 73.35 22.59
N VAL E 75 -60.63 74.68 22.62
CA VAL E 75 -61.40 75.40 23.64
C VAL E 75 -62.88 75.04 23.51
N ARG E 76 -63.38 75.02 22.27
CA ARG E 76 -64.75 74.63 22.03
C ARG E 76 -65.02 73.19 22.48
N ILE E 77 -64.08 72.30 22.20
CA ILE E 77 -64.22 70.90 22.58
C ILE E 77 -64.27 70.76 24.09
N VAL E 78 -63.41 71.48 24.80
CA VAL E 78 -63.40 71.43 26.26
C VAL E 78 -64.71 71.97 26.81
N LYS E 79 -65.22 73.06 26.23
CA LYS E 79 -66.49 73.63 26.67
C LYS E 79 -67.62 72.61 26.53
N HIS E 80 -67.70 71.97 25.36
CA HIS E 80 -68.74 70.97 25.16
C HIS E 80 -68.58 69.81 26.14
N ALA E 81 -67.39 69.23 26.20
CA ALA E 81 -67.14 68.11 27.11
C ALA E 81 -67.51 68.45 28.56
N PHE E 82 -67.27 69.70 28.97
CA PHE E 82 -67.76 70.13 30.27
C PHE E 82 -69.27 70.11 30.34
N GLU E 83 -69.95 70.54 29.28
CA GLU E 83 -71.41 70.47 29.27
C GLU E 83 -71.90 69.03 29.43
N ILE E 84 -71.31 68.10 28.69
CA ILE E 84 -71.72 66.69 28.81
C ILE E 84 -71.43 66.13 30.20
N ILE E 85 -70.25 66.44 30.76
CA ILE E 85 -69.97 65.83 32.07
C ILE E 85 -70.88 66.42 33.14
N HIS E 86 -71.19 67.72 33.07
CA HIS E 86 -72.17 68.27 34.00
C HIS E 86 -73.54 67.63 33.80
N LEU E 87 -73.93 67.40 32.55
CA LEU E 87 -75.22 66.79 32.27
C LEU E 87 -75.30 65.38 32.84
N LEU E 88 -74.22 64.60 32.71
CA LEU E 88 -74.25 63.23 33.21
C LEU E 88 -74.19 63.16 34.73
N THR E 89 -73.31 63.94 35.35
CA THR E 89 -73.06 63.77 36.77
C THR E 89 -73.91 64.65 37.67
N GLY E 90 -74.21 65.87 37.24
CA GLY E 90 -74.90 66.82 38.08
C GLY E 90 -74.01 67.60 39.01
N GLU E 91 -72.72 67.29 39.05
CA GLU E 91 -71.75 67.98 39.88
C GLU E 91 -70.86 68.87 39.00
N ASN E 92 -69.87 69.48 39.63
CA ASN E 92 -69.05 70.48 38.96
C ASN E 92 -68.10 69.79 37.98
N PRO E 93 -68.09 70.19 36.71
CA PRO E 93 -67.10 69.65 35.77
C PRO E 93 -65.67 69.90 36.20
N LEU E 94 -65.39 71.04 36.84
CA LEU E 94 -64.04 71.29 37.32
C LEU E 94 -63.66 70.31 38.42
N GLN E 95 -64.60 70.00 39.31
CA GLN E 95 -64.35 68.99 40.33
C GLN E 95 -64.13 67.63 39.69
N VAL E 96 -64.91 67.30 38.66
CA VAL E 96 -64.73 66.02 37.98
C VAL E 96 -63.35 65.96 37.33
N LEU E 97 -62.93 67.04 36.67
CA LEU E 97 -61.62 67.07 36.05
C LEU E 97 -60.50 66.94 37.08
N VAL E 98 -60.64 67.63 38.21
CA VAL E 98 -59.63 67.56 39.26
C VAL E 98 -59.52 66.14 39.78
N ASN E 99 -60.66 65.51 40.09
CA ASN E 99 -60.64 64.15 40.58
C ASN E 99 -60.08 63.18 39.56
N ALA E 100 -60.41 63.39 38.28
CA ALA E 100 -59.86 62.54 37.23
C ALA E 100 -58.35 62.66 37.15
N ILE E 101 -57.83 63.88 37.29
CA ILE E 101 -56.37 64.06 37.27
C ILE E 101 -55.73 63.37 38.47
N ILE E 102 -56.34 63.52 39.65
CA ILE E 102 -55.79 62.88 40.85
C ILE E 102 -55.75 61.38 40.68
N ASN E 103 -56.82 60.80 40.17
CA ASN E 103 -56.89 59.35 40.03
C ASN E 103 -56.10 58.82 38.84
N SER E 104 -55.79 59.68 37.85
CA SER E 104 -55.09 59.20 36.67
C SER E 104 -53.58 59.32 36.81
N GLY E 105 -53.11 60.34 37.53
CA GLY E 105 -51.69 60.52 37.73
C GLY E 105 -51.06 59.35 38.45
N PRO E 106 -50.11 58.67 37.80
CA PRO E 106 -49.45 57.53 38.42
C PRO E 106 -48.61 57.96 39.59
N ARG E 107 -48.43 57.04 40.54
CA ARG E 107 -47.68 57.32 41.75
C ARG E 107 -46.28 56.73 41.75
N GLU E 108 -45.99 55.78 40.87
CA GLU E 108 -44.66 55.20 40.76
C GLU E 108 -44.44 54.77 39.31
N ASP E 109 -43.17 54.61 38.95
CA ASP E 109 -42.81 54.21 37.59
C ASP E 109 -41.51 53.43 37.64
N SER E 110 -40.94 53.16 36.48
CA SER E 110 -39.67 52.47 36.36
C SER E 110 -38.73 53.28 35.49
N THR E 111 -37.44 53.06 35.68
CA THR E 111 -36.42 53.79 34.94
C THR E 111 -35.15 52.95 34.91
N ARG E 112 -34.04 53.59 34.49
CA ARG E 112 -32.71 53.01 34.34
C ARG E 112 -32.67 52.08 33.13
N ILE E 113 -31.52 52.05 32.45
CA ILE E 113 -31.37 51.27 31.23
C ILE E 113 -30.29 50.21 31.46
N GLY E 114 -30.17 49.73 32.69
CA GLY E 114 -29.17 48.74 33.03
C GLY E 114 -29.48 47.37 32.47
N ARG E 115 -29.39 47.24 31.15
CA ARG E 115 -29.57 45.97 30.42
C ARG E 115 -30.99 45.41 30.58
N ALA E 116 -31.96 46.27 30.91
CA ALA E 116 -33.38 45.92 30.96
C ALA E 116 -33.62 44.74 31.89
N GLY E 117 -33.38 44.99 33.18
CA GLY E 117 -33.38 43.97 34.20
C GLY E 117 -34.58 43.04 34.25
N THR E 118 -35.76 43.55 34.62
CA THR E 118 -36.96 42.73 34.69
C THR E 118 -38.04 43.21 33.74
N VAL E 119 -38.42 44.48 33.81
CA VAL E 119 -39.38 45.06 32.87
C VAL E 119 -38.71 46.26 32.20
N ARG E 120 -38.33 47.26 33.00
CA ARG E 120 -37.48 48.34 32.55
C ARG E 120 -36.11 48.28 33.22
N ARG E 121 -36.07 48.35 34.55
CA ARG E 121 -34.89 48.12 35.38
C ARG E 121 -35.24 48.36 36.84
N GLN E 122 -35.23 49.62 37.28
CA GLN E 122 -35.31 49.92 38.70
C GLN E 122 -36.46 50.89 38.95
N ALA E 123 -37.24 50.62 40.01
CA ALA E 123 -38.43 51.40 40.28
C ALA E 123 -38.09 52.77 40.85
N VAL E 124 -38.96 53.73 40.58
CA VAL E 124 -38.70 55.12 40.92
C VAL E 124 -40.03 55.78 41.28
N ASP E 125 -39.97 56.79 42.14
CA ASP E 125 -41.15 57.58 42.43
C ASP E 125 -41.26 58.73 41.45
N VAL E 126 -42.43 59.34 41.39
CA VAL E 126 -42.71 60.41 40.44
C VAL E 126 -43.02 61.70 41.20
N SER E 127 -42.62 62.81 40.62
CA SER E 127 -42.89 64.11 41.21
C SER E 127 -44.35 64.49 41.01
N PRO E 128 -44.88 65.39 41.84
CA PRO E 128 -46.25 65.89 41.61
C PRO E 128 -46.46 66.53 40.25
N LEU E 129 -45.47 67.31 39.77
CA LEU E 129 -45.62 67.93 38.46
C LEU E 129 -45.69 66.88 37.36
N ARG E 130 -44.86 65.86 37.42
CA ARG E 130 -44.95 64.79 36.45
C ARG E 130 -46.24 64.00 36.60
N ARG E 131 -46.76 63.87 37.82
CA ARG E 131 -48.06 63.25 38.01
C ARG E 131 -49.14 63.99 37.24
N VAL E 132 -49.17 65.32 37.40
CA VAL E 132 -50.16 66.12 36.69
C VAL E 132 -49.97 66.03 35.17
N ASN E 133 -48.72 66.14 34.72
CA ASN E 133 -48.45 66.10 33.28
C ASN E 133 -48.87 64.78 32.67
N GLN E 134 -48.51 63.67 33.32
CA GLN E 134 -48.84 62.36 32.81
C GLN E 134 -50.34 62.09 32.90
N ALA E 135 -51.01 62.61 33.92
CA ALA E 135 -52.45 62.45 34.00
C ALA E 135 -53.14 63.15 32.83
N ILE E 136 -52.77 64.40 32.56
CA ILE E 136 -53.38 65.13 31.45
C ILE E 136 -53.07 64.45 30.13
N TRP E 137 -51.82 64.02 29.94
CA TRP E 137 -51.44 63.33 28.72
C TRP E 137 -52.23 62.04 28.53
N LEU E 138 -52.39 61.27 29.60
CA LEU E 138 -53.13 60.01 29.53
C LEU E 138 -54.59 60.25 29.21
N LEU E 139 -55.20 61.27 29.82
CA LEU E 139 -56.60 61.59 29.52
C LEU E 139 -56.78 61.97 28.06
N CYS E 140 -55.90 62.84 27.55
CA CYS E 140 -56.02 63.26 26.16
C CYS E 140 -55.81 62.09 25.21
N THR E 141 -54.82 61.25 25.49
CA THR E 141 -54.57 60.07 24.65
C THR E 141 -55.76 59.13 24.68
N GLY E 142 -56.35 58.91 25.85
CA GLY E 142 -57.51 58.04 25.95
C GLY E 142 -58.69 58.56 25.16
N ALA E 143 -58.97 59.87 25.27
CA ALA E 143 -60.07 60.45 24.50
C ALA E 143 -59.81 60.35 23.01
N ARG E 144 -58.59 60.65 22.58
CA ARG E 144 -58.27 60.60 21.15
C ARG E 144 -58.40 59.19 20.60
N GLU E 145 -57.87 58.20 21.31
CA GLU E 145 -57.98 56.82 20.87
C GLU E 145 -59.42 56.34 20.89
N ALA E 146 -60.20 56.80 21.86
CA ALA E 146 -61.60 56.37 21.92
C ALA E 146 -62.42 56.97 20.79
N ALA E 147 -62.08 58.18 20.35
CA ALA E 147 -62.89 58.87 19.36
C ALA E 147 -62.30 58.83 17.95
N PHE E 148 -61.20 58.11 17.73
CA PHE E 148 -60.58 58.15 16.41
C PHE E 148 -61.46 57.60 15.30
N ARG E 149 -61.62 56.28 15.23
CA ARG E 149 -62.37 55.69 14.12
C ARG E 149 -63.77 55.24 14.57
N ASN E 150 -64.60 56.20 14.98
CA ASN E 150 -65.98 55.87 15.33
C ASN E 150 -66.81 57.14 15.30
N ILE E 151 -68.13 56.94 15.46
CA ILE E 151 -69.08 58.05 15.33
C ILE E 151 -69.11 58.93 16.57
N LYS E 152 -68.60 58.45 17.71
CA LYS E 152 -68.64 59.23 18.93
C LYS E 152 -67.74 60.45 18.80
N THR E 153 -68.23 61.60 19.24
CA THR E 153 -67.54 62.85 19.08
C THR E 153 -66.36 62.95 20.06
N ILE E 154 -65.41 63.82 19.73
CA ILE E 154 -64.28 64.10 20.63
C ILE E 154 -64.79 64.59 21.97
N ALA E 155 -65.79 65.46 21.96
CA ALA E 155 -66.34 65.96 23.22
C ALA E 155 -66.92 64.84 24.06
N GLU E 156 -67.67 63.93 23.44
CA GLU E 156 -68.27 62.84 24.18
C GLU E 156 -67.21 61.89 24.72
N CYS E 157 -66.19 61.58 23.91
CA CYS E 157 -65.15 60.67 24.36
C CYS E 157 -64.30 61.29 25.47
N LEU E 158 -63.97 62.57 25.35
CA LEU E 158 -63.29 63.26 26.43
C LEU E 158 -64.14 63.26 27.70
N ALA E 159 -65.45 63.47 27.54
CA ALA E 159 -66.35 63.46 28.68
C ALA E 159 -66.34 62.12 29.39
N ASP E 160 -66.50 61.02 28.64
CA ASP E 160 -66.56 59.72 29.30
C ASP E 160 -65.21 59.32 29.85
N GLU E 161 -64.11 59.70 29.19
CA GLU E 161 -62.78 59.46 29.73
C GLU E 161 -62.61 60.14 31.07
N LEU E 162 -62.96 61.42 31.16
CA LEU E 162 -62.84 62.15 32.41
C LEU E 162 -63.76 61.58 33.49
N ILE E 163 -64.98 61.19 33.11
CA ILE E 163 -65.92 60.66 34.09
C ILE E 163 -65.41 59.35 34.66
N ASN E 164 -64.95 58.45 33.79
CA ASN E 164 -64.45 57.16 34.25
C ASN E 164 -63.18 57.33 35.08
N ALA E 165 -62.32 58.27 34.71
CA ALA E 165 -61.13 58.52 35.51
C ALA E 165 -61.47 59.10 36.87
N ALA E 166 -62.47 59.99 36.92
CA ALA E 166 -62.87 60.59 38.19
C ALA E 166 -63.49 59.54 39.12
N LYS E 167 -64.32 58.65 38.57
CA LYS E 167 -64.93 57.64 39.42
C LYS E 167 -64.03 56.43 39.64
N GLY E 168 -62.90 56.34 38.92
CA GLY E 168 -61.96 55.25 39.12
C GLY E 168 -62.51 53.88 38.77
N SER E 169 -63.31 53.80 37.71
CA SER E 169 -64.00 52.57 37.38
C SER E 169 -63.11 51.56 36.67
N SER E 170 -61.88 51.94 36.32
CA SER E 170 -60.94 51.13 35.55
C SER E 170 -61.48 50.78 34.16
N ASN E 171 -62.51 51.48 33.71
CA ASN E 171 -62.98 51.41 32.34
C ASN E 171 -62.32 52.47 31.46
N SER E 172 -61.42 53.26 32.02
CA SER E 172 -60.77 54.33 31.29
C SER E 172 -59.37 53.91 30.87
N TYR E 173 -58.97 54.40 29.69
CA TYR E 173 -57.63 54.13 29.17
C TYR E 173 -56.57 54.69 30.11
N ALA E 174 -56.79 55.88 30.65
CA ALA E 174 -55.81 56.49 31.55
C ALA E 174 -55.64 55.64 32.81
N ILE E 175 -56.74 55.16 33.38
CA ILE E 175 -56.65 54.35 34.59
C ILE E 175 -55.97 53.01 34.29
N LYS E 176 -56.29 52.40 33.15
CA LYS E 176 -55.65 51.14 32.81
C LYS E 176 -54.14 51.31 32.62
N LYS E 177 -53.74 52.38 31.92
CA LYS E 177 -52.31 52.63 31.73
C LYS E 177 -51.62 52.91 33.06
N LYS E 178 -52.27 53.68 33.93
CA LYS E 178 -51.70 53.95 35.24
C LYS E 178 -51.52 52.67 36.04
N ASP E 179 -52.52 51.78 36.00
CA ASP E 179 -52.42 50.52 36.71
C ASP E 179 -51.28 49.66 36.17
N GLU E 180 -51.13 49.64 34.84
CA GLU E 180 -50.03 48.90 34.25
C GLU E 180 -48.67 49.46 34.68
N LEU E 181 -48.54 50.79 34.71
CA LEU E 181 -47.29 51.39 35.14
C LEU E 181 -46.99 51.06 36.60
N GLU E 182 -48.00 51.13 37.47
CA GLU E 182 -47.78 50.78 38.86
C GLU E 182 -47.40 49.31 39.02
N ARG E 183 -48.03 48.43 38.23
CA ARG E 183 -47.69 47.01 38.29
C ARG E 183 -46.25 46.75 37.89
N VAL E 184 -45.81 47.37 36.79
CA VAL E 184 -44.43 47.12 36.37
C VAL E 184 -43.45 47.78 37.34
N ALA E 185 -43.83 48.90 37.96
CA ALA E 185 -42.98 49.48 38.99
C ALA E 185 -42.86 48.55 40.19
N LYS E 186 -43.96 47.91 40.58
CA LYS E 186 -43.92 46.93 41.64
C LYS E 186 -43.02 45.76 41.29
N SER E 187 -43.10 45.30 40.04
CA SER E 187 -42.21 44.22 39.61
C SER E 187 -40.76 44.65 39.58
N ASN E 188 -40.50 45.93 39.30
CA ASN E 188 -39.14 46.46 39.22
C ASN E 188 -38.65 47.04 40.54
N ARG E 189 -39.42 46.88 41.61
CA ARG E 189 -38.96 47.26 42.95
C ARG E 189 -37.61 46.63 43.31
N MET F 1 -10.78 87.22 -44.11
CA MET F 1 -12.10 87.81 -44.04
C MET F 1 -12.51 88.40 -45.38
N LEU F 2 -13.78 88.22 -45.74
CA LEU F 2 -14.29 88.59 -47.06
C LEU F 2 -15.08 89.89 -47.02
N MET F 3 -14.64 90.86 -46.25
CA MET F 3 -15.38 92.11 -46.24
C MET F 3 -15.06 92.95 -47.47
N PRO F 4 -16.01 93.75 -47.94
CA PRO F 4 -15.75 94.58 -49.11
C PRO F 4 -14.94 95.82 -48.78
N LYS F 5 -14.47 96.47 -49.85
CA LYS F 5 -13.61 97.64 -49.72
C LYS F 5 -14.31 98.77 -48.98
N LYS F 6 -15.60 98.99 -49.27
CA LYS F 6 -16.30 100.09 -48.61
C LYS F 6 -16.39 99.86 -47.10
N ASN F 7 -16.68 98.62 -46.68
CA ASN F 7 -16.74 98.32 -45.27
C ASN F 7 -15.39 98.50 -44.61
N ARG F 8 -14.33 98.01 -45.26
CA ARG F 8 -12.98 98.18 -44.71
C ARG F 8 -12.62 99.65 -44.58
N ILE F 9 -12.96 100.45 -45.60
CA ILE F 9 -12.63 101.87 -45.59
C ILE F 9 -13.38 102.59 -44.47
N ALA F 10 -14.67 102.28 -44.30
CA ALA F 10 -15.43 102.91 -43.23
C ALA F 10 -14.87 102.54 -41.86
N ILE F 11 -14.52 101.27 -41.68
CA ILE F 11 -13.94 100.83 -40.40
C ILE F 11 -12.63 101.56 -40.12
N TYR F 12 -11.79 101.73 -41.15
CA TYR F 12 -10.52 102.42 -40.93
C TYR F 12 -10.73 103.91 -40.69
N GLU F 13 -11.68 104.52 -41.41
CA GLU F 13 -11.89 105.95 -41.26
C GLU F 13 -12.50 106.31 -39.92
N LEU F 14 -13.25 105.39 -39.29
CA LEU F 14 -13.67 105.67 -37.92
C LEU F 14 -12.49 105.72 -36.97
N LEU F 15 -11.56 104.76 -37.10
CA LEU F 15 -10.34 104.77 -36.31
C LEU F 15 -9.51 106.01 -36.56
N PHE F 16 -9.54 106.55 -37.77
CA PHE F 16 -8.75 107.76 -37.99
C PHE F 16 -9.48 109.02 -37.55
N LYS F 17 -10.81 109.04 -37.62
CA LYS F 17 -11.55 110.17 -37.06
C LYS F 17 -11.34 110.27 -35.56
N GLU F 18 -11.30 109.13 -34.88
CA GLU F 18 -10.87 109.10 -33.49
C GLU F 18 -10.12 107.81 -33.23
N GLY F 19 -8.99 107.91 -32.55
CA GLY F 19 -8.03 106.82 -32.51
C GLY F 19 -8.38 105.68 -31.57
N VAL F 20 -9.67 105.46 -31.35
CA VAL F 20 -10.14 104.39 -30.48
C VAL F 20 -11.23 103.61 -31.21
N MET F 21 -11.46 102.39 -30.74
CA MET F 21 -12.51 101.56 -31.32
C MET F 21 -13.07 100.65 -30.24
N VAL F 22 -14.34 100.86 -29.88
CA VAL F 22 -15.03 100.06 -28.89
C VAL F 22 -16.00 99.16 -29.62
N ALA F 23 -15.92 97.86 -29.35
CA ALA F 23 -16.81 96.92 -30.03
C ALA F 23 -17.28 95.83 -29.08
N LYS F 24 -18.59 95.62 -29.04
CA LYS F 24 -19.15 94.51 -28.28
C LYS F 24 -18.76 93.18 -28.94
N LYS F 25 -18.39 92.21 -28.11
CA LYS F 25 -18.04 90.88 -28.62
C LYS F 25 -19.32 90.15 -28.94
N ASP F 26 -19.78 90.27 -30.19
CA ASP F 26 -20.96 89.54 -30.64
C ASP F 26 -20.88 89.43 -32.15
N VAL F 27 -20.58 88.22 -32.65
CA VAL F 27 -20.48 88.00 -34.08
C VAL F 27 -21.84 87.90 -34.76
N HIS F 28 -22.93 88.02 -33.99
CA HIS F 28 -24.28 87.92 -34.53
C HIS F 28 -25.02 89.24 -34.49
N MET F 29 -24.36 90.33 -34.18
CA MET F 29 -25.00 91.63 -34.27
C MET F 29 -25.11 92.05 -35.73
N PRO F 30 -26.31 92.33 -36.23
CA PRO F 30 -26.43 92.72 -37.64
C PRO F 30 -25.68 93.98 -38.00
N LYS F 31 -25.61 94.95 -37.08
CA LYS F 31 -24.95 96.22 -37.34
C LYS F 31 -24.11 96.62 -36.15
N HIS F 32 -22.97 97.24 -36.44
CA HIS F 32 -22.21 97.91 -35.39
C HIS F 32 -23.01 99.10 -34.89
N PRO F 33 -23.04 99.34 -33.57
CA PRO F 33 -23.85 100.45 -33.05
C PRO F 33 -23.47 101.80 -33.61
N GLU F 34 -22.18 102.05 -33.80
CA GLU F 34 -21.74 103.19 -34.59
C GLU F 34 -21.58 102.75 -36.04
N LEU F 35 -21.47 103.74 -36.93
CA LEU F 35 -21.34 103.53 -38.38
C LEU F 35 -22.38 102.53 -38.92
N ALA F 36 -23.56 102.51 -38.32
CA ALA F 36 -24.63 101.62 -38.78
C ALA F 36 -25.16 102.03 -40.14
N ASP F 37 -24.89 103.26 -40.58
CA ASP F 37 -25.33 103.71 -41.89
C ASP F 37 -24.63 102.97 -43.03
N LYS F 38 -23.44 102.44 -42.78
CA LYS F 38 -22.72 101.70 -43.81
C LYS F 38 -23.14 100.24 -43.89
N ASN F 39 -23.92 99.76 -42.92
CA ASN F 39 -24.47 98.40 -42.92
C ASN F 39 -23.36 97.35 -42.94
N VAL F 40 -22.49 97.42 -41.94
CA VAL F 40 -21.46 96.41 -41.76
C VAL F 40 -21.51 95.92 -40.33
N PRO F 41 -21.43 94.61 -40.08
CA PRO F 41 -21.68 94.10 -38.74
C PRO F 41 -20.43 94.04 -37.88
N ASN F 42 -20.70 93.80 -36.59
CA ASN F 42 -19.66 93.71 -35.58
C ASN F 42 -18.68 92.59 -35.87
N LEU F 43 -19.10 91.55 -36.60
CA LEU F 43 -18.17 90.49 -36.98
C LEU F 43 -17.06 91.03 -37.88
N HIS F 44 -17.44 91.73 -38.95
CA HIS F 44 -16.43 92.32 -39.82
C HIS F 44 -15.61 93.36 -39.08
N VAL F 45 -16.24 94.15 -38.21
CA VAL F 45 -15.49 95.15 -37.45
C VAL F 45 -14.40 94.49 -36.61
N MET F 46 -14.77 93.47 -35.84
CA MET F 46 -13.82 92.84 -34.94
C MET F 46 -12.77 92.03 -35.69
N LYS F 47 -13.10 91.47 -36.86
CA LYS F 47 -12.07 90.78 -37.63
C LYS F 47 -11.07 91.74 -38.24
N ALA F 48 -11.53 92.89 -38.75
CA ALA F 48 -10.59 93.91 -39.22
C ALA F 48 -9.69 94.37 -38.08
N MET F 49 -10.27 94.55 -36.89
CA MET F 49 -9.47 94.96 -35.75
C MET F 49 -8.44 93.90 -35.35
N GLN F 50 -8.81 92.61 -35.43
CA GLN F 50 -7.82 91.61 -35.08
C GLN F 50 -6.71 91.54 -36.12
N SER F 51 -7.02 91.80 -37.39
CA SER F 51 -5.96 91.90 -38.38
C SER F 51 -5.01 93.05 -38.07
N LEU F 52 -5.56 94.20 -37.68
CA LEU F 52 -4.72 95.33 -37.31
C LEU F 52 -3.88 95.02 -36.08
N LYS F 53 -4.45 94.32 -35.10
CA LYS F 53 -3.70 93.99 -33.89
C LYS F 53 -2.57 93.02 -34.20
N SER F 54 -2.85 91.98 -34.98
CA SER F 54 -1.80 91.03 -35.35
C SER F 54 -0.72 91.68 -36.19
N ARG F 55 -1.06 92.69 -36.98
CA ARG F 55 -0.06 93.46 -37.71
C ARG F 55 0.54 94.58 -36.88
N GLY F 56 0.11 94.73 -35.63
CA GLY F 56 0.77 95.67 -34.73
C GLY F 56 0.36 97.11 -34.88
N TYR F 57 -0.80 97.37 -35.46
CA TYR F 57 -1.28 98.72 -35.67
C TYR F 57 -2.27 99.19 -34.59
N VAL F 58 -2.55 98.36 -33.60
CA VAL F 58 -3.54 98.70 -32.59
C VAL F 58 -3.30 97.83 -31.36
N LYS F 59 -3.63 98.36 -30.19
CA LYS F 59 -3.51 97.65 -28.93
C LYS F 59 -4.88 97.21 -28.46
N GLU F 60 -5.02 95.93 -28.13
CA GLU F 60 -6.33 95.36 -27.82
C GLU F 60 -6.47 95.16 -26.32
N GLN F 61 -7.55 95.69 -25.76
CA GLN F 61 -7.91 95.48 -24.37
C GLN F 61 -9.31 94.90 -24.32
N PHE F 62 -9.52 93.93 -23.44
CA PHE F 62 -10.80 93.22 -23.36
C PHE F 62 -11.28 93.16 -21.92
N ALA F 63 -12.26 93.99 -21.59
CA ALA F 63 -13.03 93.86 -20.36
C ALA F 63 -14.14 92.84 -20.59
N TRP F 64 -15.17 92.87 -19.74
CA TRP F 64 -16.20 91.85 -19.64
C TRP F 64 -16.64 91.26 -20.98
N ARG F 65 -17.21 92.08 -21.86
CA ARG F 65 -17.63 91.58 -23.17
C ARG F 65 -17.38 92.59 -24.28
N HIS F 66 -16.37 93.43 -24.13
CA HIS F 66 -16.11 94.49 -25.10
C HIS F 66 -14.62 94.61 -25.35
N PHE F 67 -14.28 94.98 -26.59
CA PHE F 67 -12.93 95.31 -26.98
C PHE F 67 -12.78 96.82 -27.04
N TYR F 68 -11.57 97.29 -26.72
CA TYR F 68 -11.29 98.71 -26.56
C TYR F 68 -10.01 99.09 -27.28
N TRP F 69 -9.94 98.76 -28.58
CA TRP F 69 -8.72 98.94 -29.37
C TRP F 69 -8.23 100.39 -29.35
N TYR F 70 -6.93 100.57 -29.13
CA TYR F 70 -6.27 101.87 -29.10
C TYR F 70 -5.31 101.97 -30.28
N LEU F 71 -5.48 102.99 -31.11
CA LEU F 71 -4.62 103.16 -32.27
C LEU F 71 -3.20 103.54 -31.86
N THR F 72 -2.22 102.95 -32.53
CA THR F 72 -0.80 103.21 -32.29
C THR F 72 -0.26 104.12 -33.39
N ASN F 73 1.01 104.51 -33.23
CA ASN F 73 1.65 105.34 -34.25
C ASN F 73 1.99 104.52 -35.50
N GLU F 74 2.41 103.28 -35.29
CA GLU F 74 2.62 102.37 -36.41
C GLU F 74 1.34 102.20 -37.21
N GLY F 75 0.19 102.26 -36.53
CA GLY F 75 -1.09 102.27 -37.20
C GLY F 75 -1.44 103.63 -37.77
N ILE F 76 -0.94 104.71 -37.17
CA ILE F 76 -1.16 106.03 -37.72
C ILE F 76 -0.58 106.13 -39.12
N GLN F 77 0.68 105.72 -39.27
CA GLN F 77 1.30 105.75 -40.59
C GLN F 77 0.59 104.81 -41.56
N TYR F 78 0.19 103.62 -41.09
CA TYR F 78 -0.46 102.66 -41.97
C TYR F 78 -1.80 103.16 -42.46
N LEU F 79 -2.61 103.72 -41.57
CA LEU F 79 -3.88 104.31 -41.98
C LEU F 79 -3.67 105.51 -42.87
N ARG F 80 -2.61 106.31 -42.62
CA ARG F 80 -2.32 107.43 -43.49
C ARG F 80 -2.08 106.98 -44.92
N ASP F 81 -1.20 105.98 -45.09
CA ASP F 81 -0.89 105.54 -46.44
C ASP F 81 -2.03 104.74 -47.07
N TYR F 82 -2.86 104.09 -46.25
CA TYR F 82 -3.97 103.32 -46.81
C TYR F 82 -5.12 104.20 -47.24
N LEU F 83 -5.41 105.25 -46.47
CA LEU F 83 -6.51 106.16 -46.78
C LEU F 83 -6.07 107.35 -47.61
N HIS F 84 -4.77 107.46 -47.92
CA HIS F 84 -4.23 108.52 -48.75
C HIS F 84 -4.44 109.89 -48.13
N LEU F 85 -4.58 109.94 -46.82
CA LEU F 85 -4.76 111.20 -46.13
C LEU F 85 -3.46 111.99 -46.08
N PRO F 86 -3.52 113.31 -46.16
CA PRO F 86 -2.31 114.12 -46.17
C PRO F 86 -1.62 114.05 -44.81
N PRO F 87 -0.29 114.30 -44.76
CA PRO F 87 0.44 114.25 -43.49
C PRO F 87 0.20 115.48 -42.61
N GLU F 88 -1.07 115.86 -42.48
CA GLU F 88 -1.47 117.00 -41.68
C GLU F 88 -2.66 116.73 -40.78
N ILE F 89 -3.48 115.72 -41.08
CA ILE F 89 -4.68 115.41 -40.33
C ILE F 89 -4.39 114.25 -39.39
N VAL F 90 -4.71 114.43 -38.11
CA VAL F 90 -4.45 113.42 -37.09
C VAL F 90 -5.73 113.19 -36.30
N PRO F 91 -5.86 112.02 -35.67
CA PRO F 91 -7.05 111.75 -34.85
C PRO F 91 -7.14 112.66 -33.64
N ALA F 92 -8.37 112.79 -33.13
CA ALA F 92 -8.63 113.68 -32.00
C ALA F 92 -7.91 113.23 -30.74
N THR F 93 -7.80 111.92 -30.54
CA THR F 93 -7.03 111.42 -29.41
C THR F 93 -5.57 111.80 -29.53
N LEU F 94 -5.00 111.73 -30.74
CA LEU F 94 -3.62 112.11 -30.93
C LEU F 94 -3.41 113.60 -30.70
N ARG F 95 -4.34 114.43 -31.18
CA ARG F 95 -4.25 115.87 -30.97
C ARG F 95 -5.64 116.44 -30.73
N ARG F 96 -5.80 117.18 -29.64
CA ARG F 96 -7.05 117.89 -29.35
C ARG F 96 -6.79 119.39 -29.49
N SER F 97 -7.16 119.94 -30.65
CA SER F 97 -7.10 121.37 -30.93
C SER F 97 -5.69 121.95 -30.88
N ARG F 98 -4.68 121.10 -30.64
CA ARG F 98 -3.32 121.56 -30.44
C ARG F 98 -2.31 120.62 -31.08
N VAL G 1 5.73 114.44 -76.01
CA VAL G 1 4.86 113.38 -75.53
C VAL G 1 5.17 113.12 -74.05
N MET G 2 6.29 113.67 -73.57
CA MET G 2 6.64 113.49 -72.17
C MET G 2 5.63 114.15 -71.24
N ASP G 3 5.16 115.35 -71.60
CA ASP G 3 4.16 116.02 -70.78
C ASP G 3 2.86 115.22 -70.73
N VAL G 4 2.43 114.67 -71.86
CA VAL G 4 1.22 113.85 -71.88
C VAL G 4 1.44 112.55 -71.10
N ASN G 5 2.64 111.99 -71.18
CA ASN G 5 2.94 110.77 -70.43
C ASN G 5 2.88 111.02 -68.93
N THR G 6 3.47 112.12 -68.48
CA THR G 6 3.39 112.48 -67.06
C THR G 6 1.95 112.81 -66.66
N ALA G 7 1.19 113.43 -67.57
CA ALA G 7 -0.21 113.70 -67.30
C ALA G 7 -1.00 112.42 -67.09
N LEU G 8 -0.78 111.43 -67.96
CA LEU G 8 -1.43 110.14 -67.79
C LEU G 8 -0.99 109.46 -66.50
N GLN G 9 0.30 109.58 -66.15
CA GLN G 9 0.79 109.03 -64.90
C GLN G 9 0.06 109.63 -63.70
N GLU G 10 -0.07 110.95 -63.66
CA GLU G 10 -0.72 111.57 -62.51
C GLU G 10 -2.22 111.32 -62.52
N VAL G 11 -2.83 111.16 -63.71
CA VAL G 11 -4.23 110.77 -63.76
C VAL G 11 -4.42 109.40 -63.15
N LEU G 12 -3.52 108.45 -63.47
CA LEU G 12 -3.61 107.13 -62.86
C LEU G 12 -3.38 107.20 -61.36
N LYS G 13 -2.47 108.06 -60.91
CA LYS G 13 -2.24 108.20 -59.47
C LYS G 13 -3.48 108.77 -58.77
N THR G 14 -4.13 109.77 -59.38
CA THR G 14 -5.36 110.30 -58.81
C THR G 14 -6.48 109.27 -58.83
N ALA G 15 -6.50 108.42 -59.85
CA ALA G 15 -7.45 107.31 -59.88
C ALA G 15 -7.16 106.28 -58.80
N LEU G 16 -5.90 106.14 -58.39
CA LEU G 16 -5.61 105.35 -57.20
C LEU G 16 -6.13 106.03 -55.95
N ILE G 17 -5.95 107.36 -55.86
CA ILE G 17 -6.40 108.11 -54.70
C ILE G 17 -7.90 107.96 -54.52
N HIS G 18 -8.65 108.19 -55.58
CA HIS G 18 -10.09 108.01 -55.59
C HIS G 18 -10.41 106.60 -56.06
N ASP G 19 -11.67 106.34 -56.40
CA ASP G 19 -12.08 105.07 -56.99
C ASP G 19 -12.47 105.37 -58.44
N GLY G 20 -11.48 105.36 -59.32
CA GLY G 20 -11.71 105.61 -60.73
C GLY G 20 -10.86 104.76 -61.66
N LEU G 21 -10.53 103.54 -61.23
CA LEU G 21 -9.60 102.71 -61.98
C LEU G 21 -10.28 101.92 -63.09
N ALA G 22 -11.25 101.08 -62.72
CA ALA G 22 -11.99 100.23 -63.67
C ALA G 22 -11.04 99.36 -64.48
N ARG G 23 -10.00 98.86 -63.82
CA ARG G 23 -9.01 98.02 -64.48
C ARG G 23 -9.62 96.68 -64.88
N GLY G 24 -9.23 96.19 -66.06
CA GLY G 24 -9.70 94.92 -66.54
C GLY G 24 -10.85 95.06 -67.54
N ILE G 25 -11.04 93.98 -68.30
CA ILE G 25 -12.01 94.01 -69.40
C ILE G 25 -13.42 94.19 -68.87
N ARG G 26 -13.79 93.44 -67.83
CA ARG G 26 -15.16 93.47 -67.33
C ARG G 26 -15.52 94.85 -66.79
N GLU G 27 -14.67 95.41 -65.94
CA GLU G 27 -14.93 96.73 -65.40
C GLU G 27 -14.87 97.80 -66.48
N ALA G 28 -13.96 97.66 -67.44
CA ALA G 28 -13.87 98.61 -68.55
C ALA G 28 -15.17 98.63 -69.35
N ALA G 29 -15.66 97.45 -69.72
CA ALA G 29 -16.91 97.37 -70.47
C ALA G 29 -18.08 97.87 -69.65
N LYS G 30 -18.10 97.55 -68.35
CA LYS G 30 -19.19 97.99 -67.49
C LYS G 30 -19.24 99.51 -67.40
N ALA G 31 -18.08 100.16 -67.36
CA ALA G 31 -18.08 101.62 -67.35
C ALA G 31 -18.47 102.18 -68.72
N LEU G 32 -17.91 101.61 -69.79
CA LEU G 32 -18.09 102.18 -71.12
C LEU G 32 -19.53 102.09 -71.58
N ASP G 33 -20.18 100.94 -71.36
CA ASP G 33 -21.54 100.79 -71.86
C ASP G 33 -22.56 101.56 -71.03
N LYS G 34 -22.22 101.92 -69.79
CA LYS G 34 -23.06 102.81 -69.01
C LYS G 34 -22.62 104.26 -69.13
N ARG G 35 -21.61 104.53 -69.98
CA ARG G 35 -21.18 105.87 -70.39
C ARG G 35 -20.46 106.62 -69.29
N GLN G 36 -20.24 106.00 -68.13
CA GLN G 36 -19.52 106.64 -67.04
C GLN G 36 -18.02 106.41 -67.20
N ALA G 37 -17.51 106.86 -68.34
CA ALA G 37 -16.11 106.70 -68.71
C ALA G 37 -15.58 108.04 -69.20
N HIS G 38 -14.29 108.26 -68.97
CA HIS G 38 -13.67 109.51 -69.40
C HIS G 38 -12.41 109.27 -70.22
N LEU G 39 -11.73 108.16 -69.96
CA LEU G 39 -10.49 107.88 -70.68
C LEU G 39 -10.26 106.38 -70.70
N CYS G 40 -9.67 105.88 -71.79
CA CYS G 40 -9.31 104.48 -71.90
C CYS G 40 -7.84 104.38 -72.28
N VAL G 41 -7.08 103.59 -71.52
CA VAL G 41 -5.67 103.39 -71.75
C VAL G 41 -5.40 101.90 -71.84
N LEU G 42 -4.86 101.45 -72.97
CA LEU G 42 -4.65 100.04 -73.20
C LEU G 42 -3.22 99.80 -73.67
N ALA G 43 -2.71 98.61 -73.40
CA ALA G 43 -1.37 98.25 -73.84
C ALA G 43 -1.38 97.92 -75.32
N SER G 44 -0.47 98.55 -76.07
CA SER G 44 -0.33 98.27 -77.50
C SER G 44 0.22 96.88 -77.77
N ASN G 45 0.74 96.20 -76.76
CA ASN G 45 1.22 94.83 -76.88
C ASN G 45 0.17 93.90 -76.28
N CYS G 46 -0.50 93.15 -77.14
CA CYS G 46 -1.49 92.16 -76.68
C CYS G 46 -1.65 91.14 -77.80
N ASP G 47 -1.18 89.92 -77.57
CA ASP G 47 -1.20 88.90 -78.62
C ASP G 47 -2.62 88.53 -79.04
N GLU G 48 -3.57 88.61 -78.12
CA GLU G 48 -4.94 88.26 -78.46
C GLU G 48 -5.56 89.39 -79.29
N PRO G 49 -6.02 89.11 -80.51
CA PRO G 49 -6.53 90.18 -81.37
C PRO G 49 -7.92 90.67 -81.00
N MET G 50 -8.76 89.76 -80.51
CA MET G 50 -10.11 90.13 -80.14
C MET G 50 -10.11 91.14 -79.00
N TYR G 51 -9.11 91.07 -78.11
CA TYR G 51 -8.95 92.05 -77.05
C TYR G 51 -8.92 93.47 -77.61
N VAL G 52 -7.90 93.75 -78.42
CA VAL G 52 -7.72 95.09 -78.95
C VAL G 52 -8.86 95.46 -79.88
N LYS G 53 -9.37 94.51 -80.66
CA LYS G 53 -10.47 94.81 -81.56
C LYS G 53 -11.70 95.28 -80.77
N LEU G 54 -12.07 94.54 -79.72
CA LEU G 54 -13.23 94.89 -78.92
C LEU G 54 -13.04 96.25 -78.26
N VAL G 55 -11.86 96.47 -77.65
CA VAL G 55 -11.69 97.70 -76.89
C VAL G 55 -11.71 98.92 -77.82
N GLU G 56 -11.03 98.84 -78.96
CA GLU G 56 -11.10 99.94 -79.90
C GLU G 56 -12.50 100.11 -80.46
N ALA G 57 -13.23 99.02 -80.66
CA ALA G 57 -14.58 99.10 -81.20
C ALA G 57 -15.49 99.89 -80.28
N LEU G 58 -15.55 99.51 -78.99
CA LEU G 58 -16.50 100.24 -78.15
C LEU G 58 -15.98 101.61 -77.76
N CYS G 59 -14.66 101.80 -77.64
CA CYS G 59 -14.12 103.13 -77.35
C CYS G 59 -14.21 104.06 -78.55
N ALA G 60 -14.44 103.53 -79.76
CA ALA G 60 -14.76 104.38 -80.89
C ALA G 60 -16.25 104.63 -81.00
N GLU G 61 -17.07 103.63 -80.65
CA GLU G 61 -18.52 103.79 -80.73
C GLU G 61 -19.01 104.77 -79.67
N HIS G 62 -18.43 104.74 -78.49
CA HIS G 62 -18.74 105.71 -77.45
C HIS G 62 -17.63 106.76 -77.41
N GLN G 63 -18.02 108.00 -77.09
CA GLN G 63 -17.13 109.16 -77.26
C GLN G 63 -16.17 109.24 -76.08
N ILE G 64 -15.15 108.39 -76.10
CA ILE G 64 -14.09 108.37 -75.09
C ILE G 64 -12.75 108.26 -75.79
N ASN G 65 -11.77 109.03 -75.29
CA ASN G 65 -10.42 108.97 -75.83
C ASN G 65 -9.76 107.63 -75.50
N LEU G 66 -8.87 107.22 -76.39
CA LEU G 66 -8.15 105.96 -76.29
C LEU G 66 -6.66 106.21 -76.48
N ILE G 67 -5.84 105.65 -75.60
CA ILE G 67 -4.39 105.85 -75.62
C ILE G 67 -3.69 104.51 -75.50
N LYS G 68 -2.72 104.26 -76.38
CA LYS G 68 -1.90 103.05 -76.32
C LYS G 68 -0.65 103.32 -75.51
N VAL G 69 -0.37 102.44 -74.54
CA VAL G 69 0.84 102.49 -73.75
C VAL G 69 1.77 101.41 -74.25
N ASP G 70 3.07 101.58 -73.97
CA ASP G 70 4.08 100.70 -74.55
C ASP G 70 4.02 99.30 -73.94
N ASP G 71 3.72 99.19 -72.64
CA ASP G 71 3.91 97.94 -71.93
C ASP G 71 2.76 97.65 -70.97
N ASN G 72 2.27 96.42 -71.03
CA ASN G 72 1.17 96.01 -70.14
C ASN G 72 1.62 95.94 -68.69
N LYS G 73 2.85 95.47 -68.44
CA LYS G 73 3.34 95.45 -67.07
C LYS G 73 3.56 96.86 -66.55
N LYS G 74 4.01 97.78 -67.41
CA LYS G 74 4.11 99.18 -67.02
C LYS G 74 2.75 99.75 -66.67
N LEU G 75 1.73 99.43 -67.47
CA LEU G 75 0.38 99.90 -67.16
C LEU G 75 -0.10 99.34 -65.83
N GLY G 76 0.15 98.05 -65.58
CA GLY G 76 -0.25 97.45 -64.32
C GLY G 76 0.48 98.07 -63.14
N GLU G 77 1.76 98.40 -63.33
CA GLU G 77 2.52 99.08 -62.28
C GLU G 77 1.94 100.46 -61.99
N TRP G 78 1.60 101.22 -63.04
CA TRP G 78 1.06 102.55 -62.84
C TRP G 78 -0.32 102.50 -62.19
N VAL G 79 -1.11 101.47 -62.51
CA VAL G 79 -2.42 101.28 -61.88
C VAL G 79 -2.29 100.63 -60.51
N GLY G 80 -1.11 100.16 -60.15
CA GLY G 80 -0.88 99.65 -58.81
C GLY G 80 -1.08 98.17 -58.64
N LEU G 81 -0.89 97.39 -59.71
CA LEU G 81 -1.06 95.94 -59.64
C LEU G 81 0.28 95.27 -59.31
N CYS G 82 0.86 95.73 -58.20
CA CYS G 82 2.18 95.25 -57.77
C CYS G 82 2.18 94.94 -56.29
N LYS G 83 3.37 94.67 -55.73
CA LYS G 83 3.52 94.37 -54.32
C LYS G 83 3.58 95.63 -53.46
N ILE G 84 3.63 96.82 -54.07
CA ILE G 84 3.77 98.10 -53.38
C ILE G 84 5.01 98.05 -52.50
N ASP G 85 6.11 97.51 -53.05
CA ASP G 85 7.35 97.38 -52.32
C ASP G 85 8.53 97.76 -53.21
N ARG G 86 8.39 98.84 -53.96
CA ARG G 86 9.43 99.25 -54.90
C ARG G 86 10.70 99.74 -54.22
N GLU G 87 10.66 100.00 -52.92
CA GLU G 87 11.86 100.47 -52.22
C GLU G 87 12.93 99.39 -52.15
N GLY G 88 12.55 98.12 -52.17
CA GLY G 88 13.52 97.06 -52.09
C GLY G 88 13.19 95.84 -52.94
N LYS G 89 12.25 95.98 -53.87
CA LYS G 89 11.84 94.85 -54.70
C LYS G 89 11.20 95.37 -55.97
N PRO G 90 11.41 94.71 -57.11
CA PRO G 90 10.66 95.07 -58.33
C PRO G 90 9.16 94.82 -58.21
N ARG G 91 8.72 94.09 -57.19
CA ARG G 91 7.32 93.82 -56.86
C ARG G 91 6.69 92.85 -57.86
N LYS G 92 5.84 91.97 -57.36
CA LYS G 92 5.14 91.02 -58.22
C LYS G 92 4.09 91.77 -59.05
N VAL G 93 4.30 91.82 -60.36
CA VAL G 93 3.48 92.62 -61.25
C VAL G 93 2.75 91.69 -62.22
N VAL G 94 1.45 91.87 -62.35
CA VAL G 94 0.63 91.04 -63.20
C VAL G 94 0.30 91.80 -64.48
N GLY G 95 -0.25 91.09 -65.46
CA GLY G 95 -0.59 91.69 -66.73
C GLY G 95 -1.90 92.45 -66.72
N CYS G 96 -1.82 93.77 -66.78
CA CYS G 96 -2.98 94.63 -66.94
C CYS G 96 -2.81 95.42 -68.23
N SER G 97 -3.71 95.20 -69.19
CA SER G 97 -3.55 95.78 -70.52
C SER G 97 -4.75 96.64 -70.92
N CYS G 98 -5.60 97.04 -69.98
CA CYS G 98 -6.67 97.98 -70.26
C CYS G 98 -7.20 98.55 -68.96
N VAL G 99 -7.32 99.88 -68.90
CA VAL G 99 -7.93 100.58 -67.77
C VAL G 99 -8.78 101.71 -68.32
N VAL G 100 -9.78 102.11 -67.54
CA VAL G 100 -10.70 103.17 -67.91
C VAL G 100 -10.77 104.16 -66.76
N VAL G 101 -10.18 105.33 -66.94
CA VAL G 101 -10.33 106.41 -65.97
C VAL G 101 -11.74 106.95 -66.07
N LYS G 102 -12.44 107.00 -64.94
CA LYS G 102 -13.87 107.26 -64.93
C LYS G 102 -14.30 108.25 -63.86
N ASP G 103 -13.37 108.88 -63.15
CA ASP G 103 -13.73 109.77 -62.06
C ASP G 103 -13.30 111.21 -62.28
N TYR G 104 -12.02 111.45 -62.59
CA TYR G 104 -11.43 112.79 -62.60
C TYR G 104 -11.76 113.55 -61.32
N GLY G 105 -11.36 112.95 -60.19
CA GLY G 105 -11.53 113.63 -58.92
C GLY G 105 -10.66 114.86 -58.78
N LYS G 106 -9.43 114.80 -59.29
CA LYS G 106 -8.47 115.88 -59.19
C LYS G 106 -7.96 116.22 -60.58
N GLU G 107 -7.95 117.51 -60.91
CA GLU G 107 -7.51 117.99 -62.22
C GLU G 107 -6.26 118.85 -62.04
N SER G 108 -5.09 118.24 -62.28
CA SER G 108 -3.84 118.99 -62.32
C SER G 108 -3.23 118.96 -63.71
N GLN G 109 -2.95 117.78 -64.25
CA GLN G 109 -2.59 117.61 -65.65
C GLN G 109 -3.69 116.88 -66.42
N ALA G 110 -4.82 116.62 -65.76
CA ALA G 110 -6.01 116.20 -66.47
C ALA G 110 -6.43 117.23 -67.51
N LYS G 111 -6.12 118.51 -67.25
CA LYS G 111 -6.29 119.53 -68.29
C LYS G 111 -5.41 119.25 -69.50
N ASP G 112 -4.17 118.80 -69.27
CA ASP G 112 -3.30 118.41 -70.38
C ASP G 112 -3.89 117.21 -71.13
N VAL G 113 -4.43 116.24 -70.39
CA VAL G 113 -5.02 115.07 -71.04
C VAL G 113 -6.23 115.49 -71.88
N ILE G 114 -7.07 116.37 -71.35
CA ILE G 114 -8.26 116.83 -72.07
C ILE G 114 -7.85 117.65 -73.30
N GLU G 115 -6.77 118.42 -73.19
CA GLU G 115 -6.28 119.17 -74.35
C GLU G 115 -5.75 118.24 -75.42
N GLU G 116 -5.04 117.18 -75.03
CA GLU G 116 -4.56 116.21 -76.00
C GLU G 116 -5.72 115.49 -76.67
N TYR G 117 -6.77 115.19 -75.91
CA TYR G 117 -7.98 114.59 -76.48
C TYR G 117 -8.65 115.55 -77.45
N PHE G 118 -8.72 116.84 -77.11
CA PHE G 118 -9.27 117.84 -78.01
C PHE G 118 -8.48 117.89 -79.31
N LYS G 119 -7.14 117.93 -79.21
CA LYS G 119 -6.29 117.96 -80.38
C LYS G 119 -6.49 116.72 -81.24
N CYS G 120 -6.61 115.56 -80.60
CA CYS G 120 -6.82 114.31 -81.35
C CYS G 120 -8.16 114.33 -82.08
N LYS G 121 -9.19 114.91 -81.46
CA LYS G 121 -10.49 114.98 -82.09
C LYS G 121 -10.64 116.17 -83.04
N LYS G 122 -9.63 117.03 -83.13
CA LYS G 122 -9.61 118.05 -84.19
C LYS G 122 -9.49 117.40 -85.56
N ARG H 1 -70.09 47.92 -50.31
CA ARG H 1 -70.74 47.56 -49.06
C ARG H 1 -69.73 47.37 -47.94
N THR H 2 -68.99 48.43 -47.62
CA THR H 2 -68.00 48.34 -46.55
C THR H 2 -68.70 48.19 -45.20
N PHE H 3 -68.08 47.41 -44.32
CA PHE H 3 -68.68 47.16 -43.00
C PHE H 3 -68.69 48.42 -42.15
N ARG H 4 -67.56 49.10 -42.06
CA ARG H 4 -67.43 50.29 -41.22
C ARG H 4 -66.79 51.40 -42.05
N LYS H 5 -67.61 52.32 -42.53
CA LYS H 5 -67.08 53.49 -43.21
C LYS H 5 -66.31 54.35 -42.23
N PHE H 6 -65.17 54.86 -42.65
CA PHE H 6 -64.38 55.74 -41.81
C PHE H 6 -64.98 57.14 -41.83
N THR H 7 -65.34 57.65 -40.65
CA THR H 7 -65.79 59.02 -40.51
C THR H 7 -65.00 59.67 -39.38
N TYR H 8 -64.63 60.94 -39.58
CA TYR H 8 -63.85 61.63 -38.55
C TYR H 8 -64.75 62.17 -37.45
N ARG H 9 -65.65 63.08 -37.80
CA ARG H 9 -66.63 63.60 -36.84
C ARG H 9 -68.02 63.59 -37.46
N GLY H 10 -68.37 62.45 -38.05
CA GLY H 10 -69.60 62.34 -38.80
C GLY H 10 -69.46 62.66 -40.27
N VAL H 11 -68.30 63.12 -40.71
CA VAL H 11 -68.01 63.38 -42.11
C VAL H 11 -66.96 62.39 -42.57
N ASP H 12 -67.13 61.87 -43.77
CA ASP H 12 -66.24 60.83 -44.27
C ASP H 12 -65.07 61.44 -45.03
N LEU H 13 -64.21 60.58 -45.57
CA LEU H 13 -63.02 61.03 -46.27
C LEU H 13 -63.38 61.86 -47.50
N ASP H 14 -64.53 61.60 -48.11
CA ASP H 14 -64.93 62.35 -49.29
C ASP H 14 -65.11 63.83 -48.98
N GLN H 15 -65.78 64.14 -47.87
CA GLN H 15 -65.86 65.54 -47.46
C GLN H 15 -64.56 66.04 -46.87
N LEU H 16 -63.79 65.15 -46.23
CA LEU H 16 -62.54 65.59 -45.59
C LEU H 16 -61.54 66.11 -46.62
N LEU H 17 -61.46 65.44 -47.78
CA LEU H 17 -60.51 65.88 -48.80
C LEU H 17 -60.84 67.25 -49.35
N ASP H 18 -62.12 67.52 -49.66
CA ASP H 18 -62.49 68.75 -50.32
C ASP H 18 -62.98 69.84 -49.38
N MET H 19 -62.96 69.60 -48.07
CA MET H 19 -63.27 70.66 -47.12
C MET H 19 -62.03 71.50 -46.84
N SER H 20 -62.24 72.81 -46.67
CA SER H 20 -61.13 73.74 -46.50
C SER H 20 -60.64 73.74 -45.06
N TYR H 21 -59.53 74.46 -44.84
CA TYR H 21 -58.94 74.53 -43.51
C TYR H 21 -59.88 75.17 -42.51
N GLU H 22 -60.61 76.20 -42.93
CA GLU H 22 -61.45 76.94 -41.98
C GLU H 22 -62.56 76.07 -41.42
N GLN H 23 -63.21 75.27 -42.27
CA GLN H 23 -64.20 74.34 -41.76
C GLN H 23 -63.56 73.13 -41.09
N LEU H 24 -62.32 72.80 -41.47
CA LEU H 24 -61.60 71.73 -40.80
C LEU H 24 -61.19 72.10 -39.38
N MET H 25 -61.12 73.41 -39.09
CA MET H 25 -60.84 73.86 -37.74
C MET H 25 -61.84 73.30 -36.74
N GLN H 26 -63.13 73.37 -37.07
CA GLN H 26 -64.16 72.86 -36.18
C GLN H 26 -64.21 71.35 -36.15
N LEU H 27 -63.49 70.68 -37.04
CA LEU H 27 -63.39 69.22 -36.99
C LEU H 27 -62.24 68.76 -36.12
N TYR H 28 -61.09 69.42 -36.22
CA TYR H 28 -59.95 69.07 -35.39
C TYR H 28 -60.20 69.40 -33.92
N SER H 29 -59.33 68.86 -33.08
CA SER H 29 -59.36 69.13 -31.66
C SER H 29 -58.81 70.53 -31.38
N ALA H 30 -58.73 70.87 -30.10
CA ALA H 30 -58.27 72.20 -29.71
C ALA H 30 -56.83 72.43 -30.15
N ARG H 31 -55.96 71.45 -29.93
CA ARG H 31 -54.54 71.63 -30.24
C ARG H 31 -54.32 71.80 -31.73
N GLN H 32 -54.92 70.92 -32.54
CA GLN H 32 -54.75 71.02 -33.98
C GLN H 32 -55.42 72.26 -34.53
N ARG H 33 -56.55 72.65 -33.96
CA ARG H 33 -57.22 73.87 -34.38
C ARG H 33 -56.35 75.09 -34.12
N ARG H 34 -55.71 75.16 -32.95
CA ARG H 34 -54.80 76.26 -32.66
C ARG H 34 -53.58 76.22 -33.58
N ARG H 35 -53.05 75.03 -33.83
CA ARG H 35 -51.88 74.91 -34.70
C ARG H 35 -52.19 75.38 -36.11
N LEU H 36 -53.37 75.05 -36.62
CA LEU H 36 -53.74 75.52 -37.95
C LEU H 36 -54.11 76.99 -37.96
N ASN H 37 -54.66 77.49 -36.84
CA ASN H 37 -54.98 78.91 -36.74
C ASN H 37 -53.71 79.74 -36.82
N ARG H 38 -52.67 79.32 -36.10
CA ARG H 38 -51.36 79.89 -36.31
C ARG H 38 -50.84 79.46 -37.68
N GLY H 39 -50.08 80.35 -38.31
CA GLY H 39 -49.65 80.12 -39.68
C GLY H 39 -48.81 78.88 -39.89
N LEU H 40 -49.23 78.02 -40.81
CA LEU H 40 -48.42 76.87 -41.19
C LEU H 40 -47.22 77.34 -42.00
N ARG H 41 -46.04 76.86 -41.65
CA ARG H 41 -44.82 77.49 -42.15
C ARG H 41 -44.37 76.86 -43.47
N ARG H 42 -43.33 77.48 -44.03
CA ARG H 42 -42.90 77.16 -45.38
C ARG H 42 -42.36 75.74 -45.48
N LYS H 43 -41.74 75.23 -44.42
CA LYS H 43 -41.21 73.87 -44.47
C LYS H 43 -42.34 72.84 -44.58
N GLN H 44 -43.40 73.00 -43.77
CA GLN H 44 -44.54 72.11 -43.88
C GLN H 44 -45.24 72.28 -45.22
N HIS H 45 -45.31 73.51 -45.73
CA HIS H 45 -45.90 73.72 -47.05
C HIS H 45 -45.11 72.98 -48.13
N SER H 46 -43.78 73.04 -48.06
CA SER H 46 -42.96 72.34 -49.03
C SER H 46 -43.12 70.83 -48.92
N LEU H 47 -43.21 70.32 -47.70
CA LEU H 47 -43.43 68.89 -47.53
C LEU H 47 -44.77 68.46 -48.12
N LEU H 48 -45.81 69.24 -47.87
CA LEU H 48 -47.13 68.94 -48.44
C LEU H 48 -47.10 68.99 -49.95
N LYS H 49 -46.41 69.98 -50.52
CA LYS H 49 -46.32 70.09 -51.97
C LYS H 49 -45.57 68.90 -52.56
N ARG H 50 -44.49 68.47 -51.92
CA ARG H 50 -43.75 67.33 -52.40
C ARG H 50 -44.58 66.05 -52.30
N LEU H 51 -45.37 65.93 -51.23
CA LEU H 51 -46.26 64.78 -51.09
C LEU H 51 -47.33 64.78 -52.17
N ARG H 52 -47.88 65.95 -52.49
CA ARG H 52 -48.86 66.05 -53.56
C ARG H 52 -48.24 65.66 -54.90
N LYS H 53 -47.01 66.11 -55.14
CA LYS H 53 -46.32 65.72 -56.37
C LYS H 53 -46.11 64.22 -56.45
N ALA H 54 -45.68 63.60 -55.35
CA ALA H 54 -45.46 62.16 -55.34
C ALA H 54 -46.76 61.41 -55.56
N LYS H 55 -47.84 61.85 -54.92
CA LYS H 55 -49.14 61.19 -55.09
C LYS H 55 -49.64 61.34 -56.53
N LYS H 56 -49.39 62.49 -57.15
CA LYS H 56 -49.81 62.68 -58.53
C LYS H 56 -49.02 61.78 -59.47
N GLU H 57 -47.70 61.76 -59.34
CA GLU H 57 -46.88 60.99 -60.26
C GLU H 57 -46.79 59.52 -59.87
N ALA H 58 -47.48 59.11 -58.82
CA ALA H 58 -47.48 57.71 -58.43
C ALA H 58 -48.12 56.85 -59.52
N PRO H 59 -47.64 55.61 -59.69
CA PRO H 59 -48.25 54.72 -60.67
C PRO H 59 -49.67 54.36 -60.27
N PRO H 60 -50.56 54.08 -61.22
CA PRO H 60 -51.94 53.75 -60.87
C PRO H 60 -52.04 52.43 -60.14
N MET H 61 -53.00 52.38 -59.20
CA MET H 61 -53.27 51.19 -58.40
C MET H 61 -52.02 50.72 -57.64
N GLU H 62 -51.12 51.65 -57.33
CA GLU H 62 -49.85 51.34 -56.70
C GLU H 62 -49.56 52.39 -55.64
N LYS H 63 -48.97 51.96 -54.53
CA LYS H 63 -48.63 52.89 -53.47
C LYS H 63 -47.52 53.83 -53.95
N PRO H 64 -47.56 55.10 -53.54
CA PRO H 64 -46.56 56.06 -54.00
C PRO H 64 -45.21 55.82 -53.34
N GLU H 65 -44.18 56.41 -53.94
CA GLU H 65 -42.85 56.37 -53.36
C GLU H 65 -42.83 57.16 -52.06
N VAL H 66 -41.89 56.80 -51.19
CA VAL H 66 -41.83 57.39 -49.86
C VAL H 66 -41.12 58.74 -49.94
N VAL H 67 -41.61 59.69 -49.15
CA VAL H 67 -40.98 60.99 -49.00
C VAL H 67 -40.43 61.10 -47.59
N LYS H 68 -39.13 61.31 -47.46
CA LYS H 68 -38.50 61.39 -46.16
C LYS H 68 -38.58 62.81 -45.62
N THR H 69 -38.73 62.93 -44.31
CA THR H 69 -38.80 64.24 -43.68
C THR H 69 -38.31 64.16 -42.24
N HIS H 70 -37.58 65.20 -41.82
CA HIS H 70 -37.18 65.32 -40.43
C HIS H 70 -38.34 65.77 -39.55
N LEU H 71 -39.13 66.72 -40.03
CA LEU H 71 -40.16 67.33 -39.19
C LEU H 71 -41.22 66.31 -38.82
N ARG H 72 -41.59 66.30 -37.55
CA ARG H 72 -42.54 65.35 -37.02
C ARG H 72 -43.72 66.01 -36.31
N ASP H 73 -43.76 67.34 -36.28
CA ASP H 73 -44.86 68.05 -35.69
C ASP H 73 -45.94 68.42 -36.70
N MET H 74 -45.84 67.90 -37.93
CA MET H 74 -46.87 68.13 -38.91
C MET H 74 -48.09 67.28 -38.60
N ILE H 75 -49.23 67.94 -38.34
CA ILE H 75 -50.46 67.20 -38.13
C ILE H 75 -50.90 66.57 -39.44
N ILE H 76 -51.64 65.46 -39.34
CA ILE H 76 -52.01 64.70 -40.51
C ILE H 76 -53.28 65.31 -41.11
N LEU H 77 -53.12 65.98 -42.24
CA LEU H 77 -54.25 66.53 -42.97
C LEU H 77 -54.94 65.43 -43.76
N PRO H 78 -56.22 65.62 -44.10
CA PRO H 78 -56.92 64.63 -44.94
C PRO H 78 -56.30 64.45 -46.31
N GLU H 79 -55.58 65.45 -46.82
CA GLU H 79 -54.98 65.35 -48.14
C GLU H 79 -53.70 64.52 -48.14
N MET H 80 -53.21 64.11 -46.98
CA MET H 80 -52.03 63.25 -46.88
C MET H 80 -52.39 61.80 -46.63
N VAL H 81 -53.67 61.44 -46.71
CA VAL H 81 -54.08 60.06 -46.53
C VAL H 81 -53.59 59.23 -47.71
N GLY H 82 -53.07 58.04 -47.41
CA GLY H 82 -52.56 57.16 -48.43
C GLY H 82 -51.12 57.38 -48.81
N SER H 83 -50.45 58.36 -48.21
CA SER H 83 -49.08 58.67 -48.56
C SER H 83 -48.10 57.77 -47.81
N MET H 84 -46.86 57.76 -48.28
CA MET H 84 -45.76 57.08 -47.63
C MET H 84 -44.75 58.12 -47.18
N VAL H 85 -44.58 58.27 -45.87
CA VAL H 85 -43.68 59.27 -45.31
C VAL H 85 -42.64 58.55 -44.45
N GLY H 86 -41.37 58.80 -44.74
CA GLY H 86 -40.30 58.35 -43.89
C GLY H 86 -40.02 59.40 -42.83
N VAL H 87 -40.58 59.21 -41.64
CA VAL H 87 -40.41 60.17 -40.57
C VAL H 87 -39.08 59.89 -39.89
N TYR H 88 -38.31 60.94 -39.64
CA TYR H 88 -37.02 60.79 -38.99
C TYR H 88 -37.22 60.71 -37.49
N ASN H 89 -36.68 59.65 -36.88
CA ASN H 89 -36.82 59.43 -35.44
C ASN H 89 -35.56 59.78 -34.67
N GLY H 90 -34.58 60.41 -35.31
CA GLY H 90 -33.33 60.78 -34.68
C GLY H 90 -32.14 60.05 -35.28
N LYS H 91 -32.32 58.80 -35.70
CA LYS H 91 -31.25 58.01 -36.29
C LYS H 91 -31.57 57.52 -37.69
N THR H 92 -32.82 57.13 -37.94
CA THR H 92 -33.22 56.59 -39.24
C THR H 92 -34.47 57.29 -39.72
N PHE H 93 -34.87 56.95 -40.94
CA PHE H 93 -36.13 57.41 -41.52
C PHE H 93 -37.09 56.23 -41.51
N ASN H 94 -37.89 56.12 -40.46
CA ASN H 94 -38.86 55.04 -40.35
C ASN H 94 -40.03 55.30 -41.29
N GLN H 95 -40.34 54.33 -42.14
CA GLN H 95 -41.38 54.51 -43.14
C GLN H 95 -42.75 54.22 -42.56
N VAL H 96 -43.68 55.14 -42.76
CA VAL H 96 -45.04 55.04 -42.25
C VAL H 96 -46.01 55.30 -43.40
N GLU H 97 -46.98 54.41 -43.56
CA GLU H 97 -48.09 54.61 -44.48
C GLU H 97 -49.23 55.29 -43.75
N ILE H 98 -49.67 56.44 -44.24
CA ILE H 98 -50.74 57.19 -43.59
C ILE H 98 -52.07 56.50 -43.86
N LYS H 99 -52.66 55.94 -42.82
CA LYS H 99 -54.01 55.41 -42.89
C LYS H 99 -55.02 56.54 -42.74
N PRO H 100 -56.27 56.33 -43.19
CA PRO H 100 -57.28 57.39 -43.04
C PRO H 100 -57.51 57.82 -41.61
N GLU H 101 -57.46 56.89 -40.65
CA GLU H 101 -57.74 57.21 -39.26
C GLU H 101 -56.58 57.89 -38.55
N MET H 102 -55.51 58.24 -39.26
CA MET H 102 -54.37 58.92 -38.68
C MET H 102 -54.52 60.43 -38.63
N ILE H 103 -55.67 60.96 -39.04
CA ILE H 103 -55.80 62.38 -39.29
C ILE H 103 -55.60 63.19 -38.01
N GLY H 104 -56.26 62.79 -36.93
CA GLY H 104 -56.18 63.56 -35.70
C GLY H 104 -54.94 63.29 -34.88
N HIS H 105 -53.78 63.23 -35.51
CA HIS H 105 -52.55 62.92 -34.81
C HIS H 105 -51.39 63.64 -35.47
N TYR H 106 -50.29 63.74 -34.73
CA TYR H 106 -49.06 64.29 -35.26
C TYR H 106 -48.32 63.25 -36.08
N LEU H 107 -47.44 63.72 -36.95
CA LEU H 107 -46.66 62.81 -37.78
C LEU H 107 -45.66 62.02 -36.96
N GLY H 108 -45.19 62.57 -35.83
CA GLY H 108 -44.17 61.92 -35.05
C GLY H 108 -44.65 60.83 -34.13
N GLU H 109 -45.95 60.57 -34.07
CA GLU H 109 -46.47 59.56 -33.18
C GLU H 109 -46.29 58.15 -33.71
N PHE H 110 -45.81 57.99 -34.94
CA PHE H 110 -45.71 56.67 -35.56
C PHE H 110 -44.28 56.29 -35.92
N SER H 111 -43.29 57.03 -35.42
CA SER H 111 -41.87 56.67 -35.57
C SER H 111 -41.25 56.81 -34.19
N ILE H 112 -41.23 55.72 -33.43
CA ILE H 112 -40.76 55.77 -32.06
C ILE H 112 -39.28 56.12 -32.03
N THR H 113 -38.87 56.93 -31.06
CA THR H 113 -37.52 57.46 -30.99
C THR H 113 -36.59 56.58 -30.17
N TYR H 114 -37.07 55.45 -29.66
CA TYR H 114 -36.28 54.60 -28.77
C TYR H 114 -36.72 53.16 -28.95
N LYS H 115 -35.84 52.25 -28.63
CA LYS H 115 -36.46 50.94 -28.67
C LYS H 115 -36.88 50.52 -27.27
N PRO H 116 -37.97 49.75 -27.15
CA PRO H 116 -38.46 49.37 -25.83
C PRO H 116 -37.45 48.54 -25.06
N VAL H 117 -37.47 48.70 -23.74
CA VAL H 117 -36.44 48.12 -22.88
C VAL H 117 -36.78 46.67 -22.60
N LYS H 118 -35.77 45.81 -22.74
CA LYS H 118 -35.85 44.40 -22.35
C LYS H 118 -34.81 44.19 -21.25
N HIS H 119 -35.29 44.08 -20.02
CA HIS H 119 -34.38 44.10 -18.88
C HIS H 119 -33.57 42.81 -18.79
N GLY H 120 -32.27 42.96 -18.62
CA GLY H 120 -31.37 41.85 -18.41
C GLY H 120 -31.02 41.69 -16.94
N ARG H 121 -29.86 41.09 -16.70
CA ARG H 121 -29.38 40.88 -15.34
C ARG H 121 -28.78 42.18 -14.80
N PRO H 122 -29.30 42.73 -13.71
CA PRO H 122 -28.68 43.91 -13.11
C PRO H 122 -27.30 43.58 -12.56
N GLY H 123 -26.44 44.60 -12.54
CA GLY H 123 -25.06 44.41 -12.15
C GLY H 123 -24.79 44.75 -10.70
N ILE H 124 -24.17 45.91 -10.46
CA ILE H 124 -23.81 46.31 -9.11
C ILE H 124 -24.90 47.19 -8.51
N GLY H 125 -26.07 47.18 -9.12
CA GLY H 125 -27.21 47.90 -8.60
C GLY H 125 -28.06 47.04 -7.69
N ALA H 126 -28.70 47.71 -6.72
CA ALA H 126 -29.54 47.06 -5.71
C ALA H 126 -28.75 45.99 -4.93
N THR H 127 -27.75 46.45 -4.21
CA THR H 127 -26.89 45.56 -3.43
C THR H 127 -27.61 45.02 -2.20
N SER I 1 -69.06 120.54 31.76
CA SER I 1 -70.00 119.60 31.16
C SER I 1 -69.76 119.47 29.66
N LYS I 2 -69.19 120.51 29.08
CA LYS I 2 -68.88 120.57 27.65
C LYS I 2 -67.37 120.73 27.43
N GLY I 3 -66.58 120.09 28.28
CA GLY I 3 -65.14 120.22 28.24
C GLY I 3 -64.53 119.68 26.97
N PRO I 4 -63.94 120.56 26.17
CA PRO I 4 -63.36 120.14 24.90
C PRO I 4 -62.09 119.31 25.11
N LEU I 5 -61.76 118.54 24.08
CA LEU I 5 -60.53 117.74 24.04
C LEU I 5 -60.44 116.75 25.19
N GLN I 6 -61.59 116.27 25.67
CA GLN I 6 -61.63 115.29 26.75
C GLN I 6 -61.55 113.89 26.14
N SER I 7 -60.38 113.58 25.60
CA SER I 7 -60.22 112.34 24.87
C SER I 7 -58.76 111.89 24.90
N VAL I 8 -58.58 110.57 24.77
CA VAL I 8 -57.27 109.94 24.67
C VAL I 8 -57.30 108.99 23.48
N GLN I 9 -56.11 108.69 22.97
CA GLN I 9 -55.94 107.72 21.89
C GLN I 9 -54.76 106.83 22.28
N VAL I 10 -55.05 105.60 22.69
CA VAL I 10 -54.05 104.70 23.23
C VAL I 10 -54.03 103.42 22.41
N PHE I 11 -52.85 103.00 21.98
CA PHE I 11 -52.73 101.83 21.13
C PHE I 11 -52.36 100.59 21.95
N GLY I 12 -52.66 99.44 21.36
CA GLY I 12 -52.23 98.17 21.91
C GLY I 12 -51.78 97.28 20.77
N ARG I 13 -50.90 96.34 21.09
CA ARG I 13 -50.25 95.56 20.06
C ARG I 13 -49.99 94.15 20.54
N LYS I 14 -50.12 93.19 19.61
CA LYS I 14 -49.65 91.83 19.82
C LYS I 14 -49.50 91.18 18.46
N LYS I 15 -48.26 90.78 18.11
CA LYS I 15 -47.97 90.07 16.88
C LYS I 15 -48.43 90.88 15.65
N THR I 16 -47.76 92.02 15.46
CA THR I 16 -47.94 92.90 14.31
C THR I 16 -49.38 93.39 14.15
N ALA I 17 -50.22 93.25 15.16
CA ALA I 17 -51.61 93.67 15.11
C ALA I 17 -51.76 94.89 16.02
N THR I 18 -52.02 96.04 15.41
CA THR I 18 -52.16 97.27 16.17
C THR I 18 -53.64 97.69 16.24
N ALA I 19 -54.08 98.01 17.46
CA ALA I 19 -55.45 98.44 17.71
C ALA I 19 -55.40 99.72 18.53
N VAL I 20 -55.86 100.82 17.96
CA VAL I 20 -55.88 102.10 18.64
C VAL I 20 -57.27 102.34 19.20
N ALA I 21 -57.38 102.56 20.49
CA ALA I 21 -58.63 102.88 21.15
C ALA I 21 -58.71 104.39 21.34
N HIS I 22 -59.75 104.99 20.77
CA HIS I 22 -60.07 106.40 20.96
C HIS I 22 -61.14 106.45 22.04
N CYS I 23 -60.77 106.96 23.21
CA CYS I 23 -61.69 107.07 24.34
C CYS I 23 -62.04 108.52 24.57
N LYS I 24 -63.32 108.78 24.84
CA LYS I 24 -63.82 110.13 24.95
C LYS I 24 -64.84 110.20 26.09
N ARG I 25 -65.06 111.40 26.61
CA ARG I 25 -66.14 111.61 27.55
C ARG I 25 -67.48 111.46 26.85
N GLY I 26 -68.42 110.79 27.51
CA GLY I 26 -69.74 110.60 26.95
C GLY I 26 -70.45 109.46 27.65
N ASN I 27 -71.51 109.00 27.02
CA ASN I 27 -72.26 107.87 27.55
C ASN I 27 -71.45 106.59 27.43
N GLY I 28 -71.79 105.61 28.24
CA GLY I 28 -71.12 104.32 28.19
C GLY I 28 -71.35 103.62 26.87
N LEU I 29 -70.32 103.55 26.04
CA LEU I 29 -70.44 102.92 24.73
C LEU I 29 -69.06 102.44 24.30
N ILE I 30 -69.01 101.24 23.72
CA ILE I 30 -67.76 100.69 23.19
C ILE I 30 -68.04 100.02 21.86
N LYS I 31 -67.14 100.24 20.90
CA LYS I 31 -67.28 99.72 19.55
C LYS I 31 -65.90 99.49 18.96
N VAL I 32 -65.83 98.59 17.99
CA VAL I 32 -64.61 98.35 17.23
C VAL I 32 -64.94 98.36 15.75
N ASN I 33 -64.18 99.15 14.97
CA ASN I 33 -64.35 99.26 13.52
C ASN I 33 -65.78 99.60 13.14
N GLY I 34 -66.49 100.30 14.02
CA GLY I 34 -67.89 100.59 13.81
C GLY I 34 -68.84 99.51 14.23
N ARG I 35 -68.34 98.38 14.71
CA ARG I 35 -69.21 97.29 15.14
C ARG I 35 -69.23 97.20 16.67
N PRO I 36 -70.32 96.71 17.25
CA PRO I 36 -70.36 96.52 18.70
C PRO I 36 -69.36 95.47 19.13
N LEU I 37 -68.91 95.60 20.38
CA LEU I 37 -67.91 94.66 20.90
C LEU I 37 -68.46 93.24 20.97
N GLU I 38 -69.74 93.07 21.28
CA GLU I 38 -70.31 91.74 21.34
C GLU I 38 -70.46 91.11 19.95
N MET I 39 -70.41 91.92 18.90
CA MET I 39 -70.54 91.43 17.53
C MET I 39 -69.16 91.21 16.91
N ILE I 40 -68.41 90.29 17.52
CA ILE I 40 -67.08 89.92 17.04
C ILE I 40 -67.13 88.47 16.61
N GLU I 41 -66.63 88.20 15.39
CA GLU I 41 -66.90 86.93 14.72
C GLU I 41 -66.34 85.72 15.46
N PRO I 42 -65.07 85.72 15.92
CA PRO I 42 -64.69 84.55 16.75
C PRO I 42 -65.28 84.68 18.15
N ARG I 43 -66.55 84.30 18.29
CA ARG I 43 -67.24 84.35 19.57
C ARG I 43 -66.64 83.39 20.58
N THR I 44 -65.80 82.46 20.15
CA THR I 44 -65.09 81.59 21.09
C THR I 44 -64.25 82.41 22.05
N LEU I 45 -63.68 83.52 21.58
CA LEU I 45 -62.90 84.42 22.43
C LEU I 45 -63.69 85.67 22.80
N GLN I 46 -65.01 85.56 22.93
CA GLN I 46 -65.80 86.70 23.35
C GLN I 46 -65.43 87.15 24.75
N TYR I 47 -65.18 86.20 25.65
CA TYR I 47 -64.81 86.55 27.01
C TYR I 47 -63.47 87.24 27.09
N LYS I 48 -62.57 86.99 26.14
CA LYS I 48 -61.29 87.70 26.14
C LYS I 48 -61.51 89.19 25.95
N LEU I 49 -62.43 89.59 25.08
CA LEU I 49 -62.76 90.99 24.91
C LEU I 49 -63.64 91.50 26.04
N LEU I 50 -64.50 90.65 26.60
CA LEU I 50 -65.36 91.05 27.71
C LEU I 50 -64.61 91.14 29.04
N GLU I 51 -63.37 90.66 29.08
CA GLU I 51 -62.61 90.61 30.32
C GLU I 51 -62.43 91.97 31.00
N PRO I 52 -62.05 93.06 30.29
CA PRO I 52 -61.89 94.34 31.02
C PRO I 52 -63.17 94.86 31.64
N VAL I 53 -64.28 94.84 30.91
CA VAL I 53 -65.52 95.36 31.47
C VAL I 53 -66.02 94.47 32.59
N LEU I 54 -65.85 93.15 32.45
CA LEU I 54 -66.28 92.24 33.51
C LEU I 54 -65.45 92.44 34.77
N LEU I 55 -64.15 92.63 34.63
CA LEU I 55 -63.30 92.82 35.80
C LEU I 55 -63.55 94.16 36.47
N LEU I 56 -63.57 95.24 35.69
CA LEU I 56 -63.62 96.57 36.30
C LEU I 56 -65.04 96.95 36.71
N GLY I 57 -66.01 96.72 35.83
CA GLY I 57 -67.37 97.09 36.13
C GLY I 57 -67.95 98.04 35.11
N LYS I 58 -69.21 97.83 34.75
CA LYS I 58 -69.86 98.69 33.78
C LYS I 58 -70.00 100.12 34.30
N GLU I 59 -69.99 100.31 35.62
CA GLU I 59 -70.05 101.65 36.18
C GLU I 59 -68.79 102.45 35.84
N ARG I 60 -67.64 101.79 35.82
CA ARG I 60 -66.42 102.45 35.40
C ARG I 60 -66.49 102.87 33.94
N PHE I 61 -67.07 102.02 33.09
CA PHE I 61 -67.19 102.29 31.67
C PHE I 61 -68.40 103.15 31.34
N ALA I 62 -69.20 103.52 32.33
CA ALA I 62 -70.43 104.26 32.08
C ALA I 62 -70.18 105.68 31.57
N GLY I 63 -68.95 106.18 31.63
CA GLY I 63 -68.69 107.54 31.21
C GLY I 63 -67.71 107.66 30.07
N VAL I 64 -67.58 106.63 29.25
CA VAL I 64 -66.59 106.62 28.18
C VAL I 64 -67.23 106.15 26.87
N ASP I 65 -66.86 106.81 25.79
CA ASP I 65 -67.15 106.39 24.42
C ASP I 65 -65.84 105.88 23.83
N ILE I 66 -65.78 104.59 23.54
CA ILE I 66 -64.55 103.94 23.08
C ILE I 66 -64.78 103.44 21.66
N ARG I 67 -63.90 103.85 20.75
CA ARG I 67 -63.91 103.38 19.36
C ARG I 67 -62.53 102.83 19.04
N VAL I 68 -62.46 101.53 18.75
CA VAL I 68 -61.19 100.85 18.51
C VAL I 68 -61.06 100.60 17.02
N ARG I 69 -59.94 101.04 16.46
CA ARG I 69 -59.59 100.77 15.06
C ARG I 69 -58.39 99.84 15.05
N VAL I 70 -58.55 98.67 14.45
CA VAL I 70 -57.54 97.61 14.49
C VAL I 70 -57.20 97.19 13.07
N LYS I 71 -55.91 97.15 12.76
CA LYS I 71 -55.47 97.05 11.37
C LYS I 71 -54.25 96.14 11.21
N GLY I 72 -54.27 94.95 11.81
CA GLY I 72 -53.15 94.06 11.57
C GLY I 72 -53.36 92.68 12.15
N GLY I 73 -52.38 91.80 11.86
CA GLY I 73 -52.30 90.50 12.46
C GLY I 73 -53.40 89.55 12.01
N GLY I 74 -53.52 88.45 12.75
CA GLY I 74 -54.61 87.52 12.57
C GLY I 74 -55.70 87.72 13.60
N HIS I 75 -56.62 86.75 13.66
CA HIS I 75 -57.87 86.94 14.41
C HIS I 75 -57.61 87.14 15.90
N VAL I 76 -56.86 86.23 16.51
CA VAL I 76 -56.68 86.33 17.96
C VAL I 76 -55.73 87.47 18.31
N ALA I 77 -54.80 87.80 17.40
CA ALA I 77 -53.98 88.98 17.62
C ALA I 77 -54.81 90.25 17.61
N GLN I 78 -55.78 90.32 16.69
CA GLN I 78 -56.75 91.40 16.71
C GLN I 78 -57.47 91.46 18.05
N ILE I 79 -57.91 90.30 18.54
CA ILE I 79 -58.65 90.26 19.80
C ILE I 79 -57.80 90.79 20.95
N TYR I 80 -56.57 90.28 21.07
CA TYR I 80 -55.72 90.67 22.18
C TYR I 80 -55.31 92.13 22.09
N ALA I 81 -55.02 92.61 20.87
CA ALA I 81 -54.69 94.02 20.70
C ALA I 81 -55.87 94.91 21.08
N ILE I 82 -57.09 94.49 20.73
CA ILE I 82 -58.26 95.29 21.05
C ILE I 82 -58.47 95.37 22.55
N ARG I 83 -58.39 94.22 23.24
CA ARG I 83 -58.61 94.24 24.69
C ARG I 83 -57.52 95.01 25.42
N GLN I 84 -56.27 94.86 24.98
CA GLN I 84 -55.19 95.64 25.56
C GLN I 84 -55.39 97.13 25.32
N SER I 85 -55.84 97.50 24.12
CA SER I 85 -56.10 98.89 23.81
C SER I 85 -57.20 99.46 24.69
N ILE I 86 -58.27 98.69 24.89
CA ILE I 86 -59.36 99.15 25.74
C ILE I 86 -58.87 99.40 27.16
N SER I 87 -58.15 98.43 27.73
CA SER I 87 -57.68 98.56 29.10
C SER I 87 -56.72 99.74 29.23
N LYS I 88 -55.78 99.86 28.30
CA LYS I 88 -54.78 100.92 28.41
C LYS I 88 -55.39 102.29 28.15
N ALA I 89 -56.36 102.40 27.25
CA ALA I 89 -57.03 103.67 27.04
C ALA I 89 -57.82 104.08 28.27
N LEU I 90 -58.48 103.12 28.93
CA LEU I 90 -59.19 103.46 30.16
C LEU I 90 -58.22 103.93 31.25
N VAL I 91 -57.11 103.23 31.42
CA VAL I 91 -56.19 103.64 32.48
C VAL I 91 -55.53 104.97 32.15
N ALA I 92 -55.31 105.27 30.85
CA ALA I 92 -54.72 106.55 30.50
C ALA I 92 -55.71 107.70 30.69
N TYR I 93 -56.98 107.47 30.33
CA TYR I 93 -58.01 108.47 30.56
C TYR I 93 -58.15 108.77 32.05
N TYR I 94 -58.17 107.72 32.87
CA TYR I 94 -58.23 107.93 34.31
C TYR I 94 -56.96 108.58 34.84
N GLN I 95 -55.81 108.30 34.21
CA GLN I 95 -54.55 108.88 34.66
C GLN I 95 -54.53 110.38 34.41
N LYS I 96 -54.92 110.83 33.23
CA LYS I 96 -54.82 112.25 32.92
C LYS I 96 -56.11 113.02 33.15
N TYR I 97 -57.15 112.39 33.68
CA TYR I 97 -58.33 113.21 33.96
C TYR I 97 -58.82 113.11 35.39
N VAL I 98 -58.72 111.94 36.02
CA VAL I 98 -59.15 111.79 37.41
C VAL I 98 -57.95 111.40 38.26
N ASP I 99 -58.20 111.17 39.55
CA ASP I 99 -57.10 111.03 40.50
C ASP I 99 -56.37 109.68 40.37
N GLU I 100 -55.12 109.69 40.80
CA GLU I 100 -54.34 108.46 40.88
C GLU I 100 -54.89 107.50 41.93
N ALA I 101 -55.68 107.97 42.88
CA ALA I 101 -56.33 107.06 43.82
C ALA I 101 -57.27 106.10 43.11
N SER I 102 -57.84 106.54 41.99
CA SER I 102 -58.64 105.66 41.14
C SER I 102 -57.80 104.99 40.06
N LYS I 103 -56.81 105.71 39.53
CA LYS I 103 -55.96 105.13 38.49
C LYS I 103 -55.22 103.90 39.00
N LYS I 104 -54.70 103.97 40.22
CA LYS I 104 -53.97 102.84 40.79
C LYS I 104 -54.89 101.66 41.09
N GLU I 105 -56.08 101.94 41.62
CA GLU I 105 -56.98 100.83 41.94
C GLU I 105 -57.59 100.21 40.70
N ILE I 106 -57.52 100.87 39.55
CA ILE I 106 -57.85 100.20 38.30
C ILE I 106 -56.66 99.40 37.76
N LYS I 107 -55.48 100.05 37.75
CA LYS I 107 -54.30 99.44 37.15
C LYS I 107 -53.88 98.18 37.89
N ASP I 108 -53.93 98.21 39.23
CA ASP I 108 -53.49 97.04 39.99
C ASP I 108 -54.42 95.85 39.77
N ILE I 109 -55.73 96.09 39.69
CA ILE I 109 -56.66 94.99 39.43
C ILE I 109 -56.43 94.42 38.04
N LEU I 110 -56.28 95.29 37.04
CA LEU I 110 -56.04 94.79 35.69
C LEU I 110 -54.74 94.01 35.59
N ILE I 111 -53.67 94.53 36.18
CA ILE I 111 -52.36 93.88 36.07
C ILE I 111 -52.31 92.62 36.92
N GLN I 112 -53.12 92.55 37.99
CA GLN I 112 -53.16 91.33 38.78
C GLN I 112 -53.92 90.24 38.05
N TYR I 113 -55.05 90.58 37.43
CA TYR I 113 -55.82 89.57 36.72
C TYR I 113 -55.10 89.09 35.47
N ASP I 114 -54.44 90.00 34.75
CA ASP I 114 -53.73 89.63 33.53
C ASP I 114 -52.72 90.72 33.20
N ARG I 115 -51.43 90.35 33.20
CA ARG I 115 -50.39 91.32 32.90
C ARG I 115 -50.47 91.79 31.45
N THR I 116 -50.87 90.92 30.54
CA THR I 116 -50.96 91.30 29.13
C THR I 116 -52.06 92.32 28.85
N LEU I 117 -52.93 92.58 29.82
CA LEU I 117 -53.93 93.62 29.66
C LEU I 117 -53.35 95.02 29.73
N LEU I 118 -52.09 95.17 30.11
CA LEU I 118 -51.48 96.48 30.22
C LEU I 118 -50.11 96.60 29.58
N VAL I 119 -49.36 95.50 29.43
CA VAL I 119 -48.02 95.55 28.84
C VAL I 119 -48.00 94.65 27.62
N ALA I 120 -47.28 95.08 26.59
CA ALA I 120 -47.27 94.38 25.32
C ALA I 120 -46.42 93.12 25.40
N ASP I 121 -46.86 92.08 24.71
CA ASP I 121 -46.05 90.88 24.58
C ASP I 121 -44.90 91.18 23.63
N PRO I 122 -43.65 91.09 24.08
CA PRO I 122 -42.53 91.51 23.22
C PRO I 122 -42.16 90.50 22.15
N ARG I 123 -42.70 89.29 22.19
CA ARG I 123 -42.31 88.25 21.25
C ARG I 123 -43.04 88.45 19.93
N ARG I 124 -42.28 88.49 18.83
CA ARG I 124 -42.87 88.73 17.52
C ARG I 124 -42.75 87.53 16.58
N CYS I 125 -41.53 87.11 16.25
CA CYS I 125 -41.30 86.04 15.28
C CYS I 125 -39.78 85.84 15.19
N GLU I 126 -39.39 84.74 14.55
CA GLU I 126 -37.99 84.43 14.34
C GLU I 126 -37.76 84.16 12.86
N SER I 127 -36.65 84.68 12.34
CA SER I 127 -36.36 84.56 10.92
C SER I 127 -36.02 83.13 10.54
N LYS I 128 -36.43 82.75 9.34
CA LYS I 128 -36.07 81.45 8.79
C LYS I 128 -34.61 81.45 8.37
N LYS I 129 -33.96 80.31 8.52
CA LYS I 129 -32.58 80.14 8.12
C LYS I 129 -32.50 79.25 6.88
N PHE I 130 -31.31 79.20 6.28
CA PHE I 130 -31.15 78.61 4.96
C PHE I 130 -30.80 77.13 5.01
N GLY I 131 -31.26 76.40 6.02
CA GLY I 131 -30.98 74.98 6.05
C GLY I 131 -32.16 74.15 6.53
N GLY I 132 -33.32 74.78 6.69
CA GLY I 132 -34.48 74.09 7.21
C GLY I 132 -35.77 74.79 6.87
N PRO I 133 -36.90 74.12 7.12
CA PRO I 133 -38.20 74.73 6.80
C PRO I 133 -38.51 75.95 7.63
N GLY I 134 -38.03 76.01 8.87
CA GLY I 134 -38.39 77.12 9.75
C GLY I 134 -37.20 77.79 10.40
N ALA I 135 -37.46 78.48 11.53
CA ALA I 135 -36.40 79.22 12.19
C ALA I 135 -35.41 78.28 12.87
N ARG I 136 -35.90 77.25 13.56
CA ARG I 136 -35.04 76.34 14.28
C ARG I 136 -34.93 74.96 13.64
N ALA I 137 -35.98 74.49 12.98
CA ALA I 137 -35.95 73.16 12.39
C ALA I 137 -34.93 73.08 11.25
N ARG I 138 -34.43 71.88 11.01
CA ARG I 138 -33.51 71.62 9.92
C ARG I 138 -34.09 70.56 9.00
N TYR I 139 -33.61 70.56 7.77
CA TYR I 139 -34.02 69.53 6.81
C TYR I 139 -33.48 68.18 7.23
N GLN I 140 -34.24 67.13 6.92
CA GLN I 140 -33.82 65.78 7.27
C GLN I 140 -32.54 65.43 6.52
N LYS I 141 -31.59 64.84 7.24
CA LYS I 141 -30.32 64.44 6.65
C LYS I 141 -30.22 62.92 6.60
N SER I 142 -29.47 62.43 5.63
CA SER I 142 -29.34 61.00 5.37
C SER I 142 -27.88 60.65 5.21
N TYR I 143 -27.51 59.48 5.73
CA TYR I 143 -26.11 59.06 5.75
C TYR I 143 -25.79 58.00 4.70
N ARG I 144 -26.75 57.19 4.30
CA ARG I 144 -26.52 56.18 3.26
C ARG I 144 -27.54 56.34 2.12
N MET J 1 -27.16 83.97 34.05
CA MET J 1 -25.78 83.51 33.95
C MET J 1 -25.08 84.15 32.75
N GLY J 2 -23.81 83.81 32.56
CA GLY J 2 -23.03 84.36 31.46
C GLY J 2 -22.79 85.85 31.58
N ARG J 3 -22.44 86.33 32.76
CA ARG J 3 -22.24 87.76 33.01
C ARG J 3 -20.81 88.04 33.43
N VAL J 4 -19.84 87.44 32.75
CA VAL J 4 -18.43 87.61 33.09
C VAL J 4 -17.89 88.79 32.30
N ARG J 5 -17.17 89.67 32.99
CA ARG J 5 -16.61 90.86 32.38
C ARG J 5 -15.17 90.60 32.00
N THR J 6 -14.78 91.05 30.80
CA THR J 6 -13.52 90.68 30.20
C THR J 6 -12.42 91.69 30.55
N LYS J 7 -11.23 91.47 29.99
CA LYS J 7 -10.11 92.39 30.22
C LYS J 7 -10.45 93.78 29.73
N THR J 8 -11.12 93.89 28.59
CA THR J 8 -11.38 95.18 27.97
C THR J 8 -12.15 96.09 28.91
N VAL J 9 -13.10 95.55 29.65
CA VAL J 9 -13.84 96.35 30.60
C VAL J 9 -13.15 96.43 31.95
N LYS J 10 -12.51 95.34 32.41
CA LYS J 10 -11.94 95.34 33.75
C LYS J 10 -10.73 96.26 33.84
N LYS J 11 -9.81 96.19 32.88
CA LYS J 11 -8.64 97.06 32.90
C LYS J 11 -9.05 98.52 32.77
N ALA J 12 -10.01 98.80 31.89
CA ALA J 12 -10.47 100.18 31.72
C ALA J 12 -11.12 100.70 32.99
N ALA J 13 -11.93 99.87 33.65
CA ALA J 13 -12.55 100.28 34.90
C ALA J 13 -11.52 100.55 35.97
N ARG J 14 -10.51 99.68 36.09
CA ARG J 14 -9.48 99.89 37.08
C ARG J 14 -8.71 101.18 36.81
N VAL J 15 -8.37 101.43 35.54
CA VAL J 15 -7.61 102.63 35.21
C VAL J 15 -8.41 103.89 35.51
N ILE J 16 -9.69 103.91 35.11
CA ILE J 16 -10.46 105.13 35.33
C ILE J 16 -10.78 105.31 36.80
N ILE J 17 -10.89 104.23 37.58
CA ILE J 17 -11.06 104.38 39.01
C ILE J 17 -9.81 104.95 39.65
N GLU J 18 -8.64 104.49 39.20
CA GLU J 18 -7.39 105.04 39.71
C GLU J 18 -7.25 106.52 39.37
N LYS J 19 -7.61 106.90 38.15
CA LYS J 19 -7.41 108.28 37.73
C LYS J 19 -8.43 109.22 38.36
N TYR J 20 -9.70 108.81 38.41
CA TYR J 20 -10.80 109.69 38.80
C TYR J 20 -11.61 109.09 39.94
N TYR J 21 -10.92 108.63 40.99
CA TYR J 21 -11.63 108.08 42.14
C TYR J 21 -12.48 109.14 42.83
N THR J 22 -11.97 110.37 42.90
CA THR J 22 -12.68 111.43 43.61
C THR J 22 -14.00 111.76 42.94
N ARG J 23 -14.01 111.89 41.61
CA ARG J 23 -15.23 112.21 40.90
C ARG J 23 -16.22 111.05 40.89
N LEU J 24 -15.71 109.82 40.84
CA LEU J 24 -16.56 108.66 40.74
C LEU J 24 -17.31 108.42 42.04
N GLY J 25 -18.41 107.68 41.95
CA GLY J 25 -19.26 107.44 43.10
C GLY J 25 -20.00 106.13 43.06
N ASN J 26 -21.05 106.02 43.87
CA ASN J 26 -21.81 104.79 44.02
C ASN J 26 -23.01 104.71 43.09
N ASP J 27 -23.28 105.74 42.30
CA ASP J 27 -24.44 105.77 41.42
C ASP J 27 -24.04 105.30 40.03
N PHE J 28 -24.73 104.26 39.54
CA PHE J 28 -24.44 103.76 38.20
C PHE J 28 -24.77 104.80 37.13
N HIS J 29 -25.90 105.49 37.29
CA HIS J 29 -26.34 106.44 36.29
C HIS J 29 -25.53 107.72 36.30
N THR J 30 -24.74 107.95 37.35
CA THR J 30 -23.83 109.08 37.38
C THR J 30 -22.44 108.67 36.93
N ASN J 31 -22.03 107.44 37.24
CA ASN J 31 -20.77 106.93 36.73
C ASN J 31 -20.81 106.77 35.22
N LYS J 32 -21.95 106.36 34.66
CA LYS J 32 -22.07 106.30 33.21
C LYS J 32 -21.96 107.68 32.58
N ARG J 33 -22.33 108.73 33.32
CA ARG J 33 -22.23 110.08 32.77
C ARG J 33 -20.81 110.62 32.89
N VAL J 34 -20.11 110.30 33.98
CA VAL J 34 -18.72 110.76 34.09
C VAL J 34 -17.84 110.00 33.11
N CYS J 35 -18.20 108.75 32.78
CA CYS J 35 -17.46 107.98 31.79
C CYS J 35 -17.59 108.58 30.40
N GLU J 36 -18.57 109.45 30.18
CA GLU J 36 -18.69 110.13 28.90
C GLU J 36 -17.48 110.99 28.62
N GLU J 37 -17.00 111.72 29.63
CA GLU J 37 -15.94 112.69 29.42
C GLU J 37 -14.59 112.27 29.98
N ILE J 38 -14.54 111.30 30.90
CA ILE J 38 -13.23 110.90 31.39
C ILE J 38 -12.50 109.98 30.42
N ALA J 39 -13.21 109.41 29.44
CA ALA J 39 -12.57 108.53 28.48
C ALA J 39 -13.42 108.49 27.21
N ILE J 40 -12.79 108.09 26.11
CA ILE J 40 -13.46 107.91 24.83
C ILE J 40 -13.78 106.44 24.69
N ILE J 41 -15.06 106.10 24.79
CA ILE J 41 -15.54 104.73 24.70
C ILE J 41 -16.36 104.61 23.41
N PRO J 42 -15.94 103.79 22.46
CA PRO J 42 -16.62 103.78 21.15
C PRO J 42 -18.07 103.35 21.20
N SER J 43 -18.46 102.47 22.12
CA SER J 43 -19.79 101.88 22.13
C SER J 43 -20.50 102.19 23.44
N LYS J 44 -21.80 102.45 23.34
CA LYS J 44 -22.61 102.69 24.53
C LYS J 44 -22.71 101.44 25.41
N LYS J 45 -22.83 100.27 24.78
CA LYS J 45 -22.83 99.03 25.55
C LYS J 45 -21.52 98.84 26.29
N LEU J 46 -20.40 99.14 25.64
CA LEU J 46 -19.11 99.06 26.32
C LEU J 46 -19.06 100.05 27.48
N ARG J 47 -19.54 101.27 27.26
CA ARG J 47 -19.46 102.30 28.29
C ARG J 47 -20.32 101.95 29.51
N ASN J 48 -21.51 101.38 29.31
CA ASN J 48 -22.31 101.09 30.50
C ASN J 48 -21.92 99.79 31.16
N LYS J 49 -21.34 98.83 30.42
CA LYS J 49 -20.69 97.70 31.09
C LYS J 49 -19.56 98.19 31.97
N ILE J 50 -18.74 99.11 31.44
CA ILE J 50 -17.63 99.67 32.21
C ILE J 50 -18.14 100.42 33.44
N ALA J 51 -19.20 101.20 33.27
CA ALA J 51 -19.77 101.94 34.40
C ALA J 51 -20.31 101.00 35.47
N GLY J 52 -20.98 99.92 35.08
CA GLY J 52 -21.45 98.96 36.06
C GLY J 52 -20.31 98.32 36.84
N TYR J 53 -19.25 97.93 36.13
CA TYR J 53 -18.11 97.37 36.84
C TYR J 53 -17.45 98.40 37.73
N VAL J 54 -17.45 99.67 37.32
CA VAL J 54 -16.89 100.73 38.15
C VAL J 54 -17.66 100.85 39.45
N THR J 55 -18.99 100.83 39.38
CA THR J 55 -19.78 100.91 40.60
C THR J 55 -19.54 99.70 41.49
N HIS J 56 -19.44 98.50 40.90
CA HIS J 56 -19.13 97.32 41.69
C HIS J 56 -17.78 97.44 42.37
N LEU J 57 -16.77 97.91 41.64
CA LEU J 57 -15.44 98.02 42.22
C LEU J 57 -15.38 99.10 43.28
N MET J 58 -16.17 100.16 43.13
CA MET J 58 -16.20 101.19 44.17
C MET J 58 -16.91 100.69 45.42
N LYS J 59 -17.95 99.87 45.26
CA LYS J 59 -18.54 99.21 46.42
C LYS J 59 -17.52 98.33 47.13
N ARG J 60 -16.66 97.65 46.35
CA ARG J 60 -15.59 96.88 46.98
C ARG J 60 -14.55 97.77 47.65
N ILE J 61 -14.24 98.91 47.04
CA ILE J 61 -13.18 99.78 47.54
C ILE J 61 -13.60 100.43 48.86
N GLN J 62 -14.86 100.84 48.97
CA GLN J 62 -15.32 101.52 50.18
C GLN J 62 -15.19 100.64 51.41
N ARG J 63 -15.07 99.32 51.24
CA ARG J 63 -14.82 98.42 52.36
C ARG J 63 -13.36 97.99 52.46
N GLY J 64 -12.77 97.53 51.36
CA GLY J 64 -11.45 96.93 51.43
C GLY J 64 -10.44 97.53 50.48
N PRO J 65 -9.19 97.09 50.59
CA PRO J 65 -8.12 97.53 49.68
C PRO J 65 -8.01 96.69 48.40
N VAL J 66 -8.85 97.05 47.43
CA VAL J 66 -8.79 96.42 46.12
C VAL J 66 -7.46 96.75 45.45
N ARG J 67 -7.02 95.87 44.54
CA ARG J 67 -5.75 96.05 43.84
C ARG J 67 -5.67 97.39 43.11
N GLY J 68 -6.81 97.93 42.68
CA GLY J 68 -6.83 99.29 42.17
C GLY J 68 -6.41 100.29 43.22
N ILE J 69 -5.39 101.09 42.91
CA ILE J 69 -4.83 101.98 43.92
C ILE J 69 -5.76 103.16 44.17
N SER J 70 -5.65 103.75 45.36
CA SER J 70 -6.43 104.92 45.74
C SER J 70 -5.57 105.75 46.67
N ILE J 71 -5.53 107.06 46.44
CA ILE J 71 -4.61 107.92 47.20
C ILE J 71 -5.01 107.97 48.67
N LYS J 72 -6.31 107.94 48.98
CA LYS J 72 -6.74 108.00 50.37
C LYS J 72 -6.34 106.74 51.12
N LEU J 73 -6.59 105.57 50.54
CA LEU J 73 -6.16 104.32 51.16
C LEU J 73 -4.65 104.24 51.25
N GLN J 74 -3.95 104.75 50.24
CA GLN J 74 -2.48 104.73 50.26
C GLN J 74 -1.94 105.59 51.38
N GLU J 75 -2.50 106.79 51.59
CA GLU J 75 -2.00 107.64 52.67
C GLU J 75 -2.43 107.11 54.02
N GLU J 76 -3.58 106.44 54.08
CA GLU J 76 -4.03 105.82 55.36
C GLU J 76 -3.03 104.72 55.71
N GLU J 77 -2.66 103.89 54.73
CA GLU J 77 -1.62 102.86 54.98
C GLU J 77 -0.35 103.55 55.45
N ARG J 78 0.15 104.51 54.65
CA ARG J 78 1.40 105.17 54.99
C ARG J 78 1.33 105.82 56.36
N GLU J 79 0.11 106.00 56.87
CA GLU J 79 -0.04 106.52 58.26
C GLU J 79 0.08 105.34 59.21
N ARG J 80 -0.83 104.37 59.09
CA ARG J 80 -0.85 103.24 60.05
C ARG J 80 0.55 102.65 60.19
N ARG J 81 1.22 102.39 59.06
CA ARG J 81 2.54 101.72 59.11
C ARG J 81 3.53 102.55 59.94
N ASP J 82 3.65 103.83 59.66
CA ASP J 82 4.69 104.64 60.33
C ASP J 82 4.17 105.15 61.68
N ASN J 83 2.97 104.75 62.07
CA ASN J 83 2.43 105.36 63.30
C ASN J 83 2.08 104.31 64.35
N TYR J 84 1.03 104.58 65.12
CA TYR J 84 0.72 103.68 66.23
C TYR J 84 1.99 103.12 66.85
N VAL J 85 3.01 103.96 66.91
CA VAL J 85 4.23 103.63 67.64
C VAL J 85 3.87 103.73 69.12
N PRO J 86 4.02 102.65 69.88
CA PRO J 86 3.58 102.67 71.28
C PRO J 86 4.39 103.67 72.09
N GLU J 87 3.73 104.23 73.11
CA GLU J 87 4.40 105.18 74.00
C GLU J 87 5.50 104.49 74.81
N VAL J 88 5.36 103.20 75.06
CA VAL J 88 6.38 102.40 75.73
C VAL J 88 6.70 101.19 74.86
N SER J 89 7.97 100.88 74.74
CA SER J 89 8.38 99.77 73.90
C SER J 89 8.01 98.44 74.54
N ALA J 90 7.90 97.41 73.69
CA ALA J 90 7.73 96.05 74.18
C ALA J 90 9.06 95.39 74.52
N LEU J 91 10.17 96.10 74.33
CA LEU J 91 11.51 95.55 74.55
C LEU J 91 12.17 96.11 75.79
N ASP J 92 11.46 96.88 76.61
CA ASP J 92 12.01 97.38 77.87
C ASP J 92 11.33 96.75 79.07
N GLN J 93 10.92 95.49 78.95
CA GLN J 93 10.27 94.79 80.05
C GLN J 93 11.24 94.66 81.22
N GLU J 94 10.70 94.86 82.43
CA GLU J 94 11.55 94.88 83.62
C GLU J 94 12.17 93.53 83.90
N ILE J 95 11.41 92.46 83.73
CA ILE J 95 11.92 91.11 83.94
C ILE J 95 11.91 90.38 82.61
N ILE J 96 12.90 89.52 82.42
CA ILE J 96 13.07 88.77 81.18
C ILE J 96 13.20 87.29 81.52
N GLU J 97 12.38 86.47 80.87
CA GLU J 97 12.42 85.02 81.07
C GLU J 97 13.65 84.45 80.38
N VAL J 98 14.58 83.90 81.16
CA VAL J 98 15.87 83.43 80.65
C VAL J 98 16.07 81.99 81.08
N ASP J 99 16.30 81.12 80.11
CA ASP J 99 16.64 79.73 80.41
C ASP J 99 18.06 79.66 80.95
N PRO J 100 18.32 78.82 81.96
CA PRO J 100 19.70 78.64 82.43
C PRO J 100 20.70 78.27 81.35
N ASP J 101 20.29 77.47 80.35
CA ASP J 101 21.18 77.20 79.23
C ASP J 101 21.51 78.47 78.46
N THR J 102 20.51 79.34 78.28
CA THR J 102 20.77 80.64 77.66
C THR J 102 21.57 81.55 78.58
N LYS J 103 21.46 81.34 79.89
CA LYS J 103 22.17 82.19 80.84
C LYS J 103 23.68 82.04 80.71
N GLU J 104 24.16 80.81 80.51
CA GLU J 104 25.59 80.57 80.42
C GLU J 104 26.19 81.24 79.20
N MET J 105 25.40 81.43 78.14
CA MET J 105 25.93 82.06 76.93
C MET J 105 26.34 83.50 77.20
N LEU J 106 25.54 84.23 77.98
CA LEU J 106 25.88 85.61 78.30
C LEU J 106 27.12 85.70 79.17
N LYS J 107 27.43 84.64 79.92
CA LYS J 107 28.59 84.67 80.80
C LYS J 107 29.89 84.77 80.00
N LEU J 108 29.97 84.04 78.89
CA LEU J 108 31.16 84.13 78.04
C LEU J 108 31.28 85.51 77.42
N LEU J 109 30.16 86.08 76.98
CA LEU J 109 30.04 87.41 76.39
C LEU J 109 30.09 88.54 77.45
N ASP J 110 30.40 88.11 78.68
CA ASP J 110 30.49 88.88 79.93
C ASP J 110 29.46 89.98 80.01
N PHE J 111 28.23 89.68 79.57
CA PHE J 111 27.10 90.58 79.71
C PHE J 111 26.03 89.98 80.61
N GLY J 112 26.33 88.87 81.28
CA GLY J 112 25.39 88.24 82.16
C GLY J 112 25.27 88.96 83.49
N SER J 113 24.50 88.34 84.40
CA SER J 113 24.23 88.88 85.72
C SER J 113 23.64 90.29 85.65
N LEU J 114 22.70 90.49 84.73
CA LEU J 114 21.97 91.74 84.65
C LEU J 114 20.72 91.68 85.54
N SER J 115 20.25 92.86 85.93
CA SER J 115 19.09 92.95 86.80
C SER J 115 17.83 92.44 86.10
N ASN J 116 17.67 92.77 84.82
CA ASN J 116 16.46 92.42 84.09
C ASN J 116 16.38 90.93 83.76
N LEU J 117 17.47 90.19 83.92
CA LEU J 117 17.43 88.76 83.66
C LEU J 117 16.92 88.01 84.88
N GLN J 118 16.03 87.05 84.63
CA GLN J 118 15.53 86.16 85.66
C GLN J 118 15.80 84.72 85.22
N VAL J 119 16.67 84.04 85.95
CA VAL J 119 17.01 82.65 85.63
C VAL J 119 15.83 81.78 86.03
N THR J 120 15.18 81.17 85.04
CA THR J 120 14.02 80.34 85.29
C THR J 120 14.45 78.90 85.58
N GLN J 121 13.49 77.99 85.61
CA GLN J 121 13.76 76.57 85.75
C GLN J 121 13.52 75.88 84.42
N PRO J 122 14.54 75.26 83.82
CA PRO J 122 14.36 74.64 82.51
C PRO J 122 13.37 73.48 82.57
N THR J 123 12.67 73.28 81.46
CA THR J 123 11.69 72.20 81.38
C THR J 123 12.38 70.85 81.48
N VAL J 124 11.69 69.90 82.11
CA VAL J 124 12.22 68.57 82.35
C VAL J 124 11.28 67.57 81.71
N GLY J 125 11.84 66.65 80.93
CA GLY J 125 11.05 65.62 80.28
C GLY J 125 11.49 65.35 78.86
N MET J 126 11.99 66.39 78.19
CA MET J 126 12.43 66.29 76.79
C MET J 126 11.32 65.74 75.92
N ASN J 127 10.09 66.16 76.20
CA ASN J 127 8.90 65.63 75.56
C ASN J 127 8.61 66.30 74.22
N PHE J 128 9.57 66.95 73.61
CA PHE J 128 9.37 67.53 72.29
C PHE J 128 9.42 66.42 71.24
N LYS J 129 9.38 66.82 69.96
CA LYS J 129 9.27 65.94 68.80
C LYS J 129 7.88 65.31 68.73
N THR J 130 7.25 65.41 67.58
CA THR J 130 5.95 64.80 67.35
C THR J 130 6.07 63.29 67.20
N PRO J 131 5.05 62.52 67.58
CA PRO J 131 5.05 61.09 67.30
C PRO J 131 5.18 60.83 65.80
N ARG J 132 5.97 59.84 65.45
CA ARG J 132 6.36 59.64 64.06
C ARG J 132 5.27 58.94 63.28
N GLY J 133 5.19 59.28 61.99
CA GLY J 133 4.27 58.65 61.07
C GLY J 133 2.82 58.94 61.40
N PRO J 134 1.92 58.08 60.94
CA PRO J 134 0.52 58.21 61.32
C PRO J 134 0.34 57.94 62.81
N VAL J 135 -0.70 58.54 63.38
CA VAL J 135 -1.00 58.46 64.80
C VAL J 135 0.18 58.98 65.63
N MET K 1 -90.62 63.09 6.99
CA MET K 1 -90.32 63.63 8.32
C MET K 1 -89.46 62.66 9.12
N SER K 2 -88.69 61.85 8.39
CA SER K 2 -87.80 60.83 8.97
C SER K 2 -88.59 59.84 9.81
N LEU K 3 -89.72 59.40 9.27
CA LEU K 3 -90.58 58.42 9.92
C LEU K 3 -89.99 57.03 9.75
N VAL K 4 -90.81 56.01 10.04
CA VAL K 4 -90.41 54.64 9.73
C VAL K 4 -90.19 54.50 8.23
N ILE K 5 -89.47 53.44 7.87
CA ILE K 5 -89.15 53.21 6.46
C ILE K 5 -90.45 52.98 5.69
N PRO K 6 -90.60 53.54 4.48
CA PRO K 6 -91.80 53.26 3.69
C PRO K 6 -91.88 51.80 3.30
N GLU K 7 -93.11 51.32 3.13
CA GLU K 7 -93.33 49.93 2.79
C GLU K 7 -92.76 49.59 1.41
N LYS K 8 -92.93 50.49 0.46
CA LYS K 8 -92.43 50.28 -0.91
C LYS K 8 -91.01 50.79 -1.06
N PHE K 9 -90.12 50.31 -0.17
CA PHE K 9 -88.72 50.70 -0.18
C PHE K 9 -87.90 49.62 -0.85
N GLN K 10 -87.17 49.98 -1.89
CA GLN K 10 -86.32 49.06 -2.62
C GLN K 10 -84.90 49.23 -2.09
N HIS K 11 -84.43 48.25 -1.31
CA HIS K 11 -83.08 48.31 -0.79
C HIS K 11 -82.05 48.11 -1.90
N ILE K 12 -82.43 47.40 -2.96
CA ILE K 12 -81.54 47.04 -4.05
C ILE K 12 -82.23 47.42 -5.35
N LEU K 13 -81.64 48.33 -6.11
CA LEU K 13 -82.14 48.73 -7.41
C LEU K 13 -81.25 48.18 -8.52
N ARG K 14 -81.84 48.02 -9.70
CA ARG K 14 -81.17 47.40 -10.84
C ARG K 14 -81.23 48.32 -12.05
N VAL K 15 -80.87 49.59 -11.84
CA VAL K 15 -80.84 50.55 -12.94
C VAL K 15 -79.72 50.20 -13.90
N LEU K 16 -80.05 50.13 -15.19
CA LEU K 16 -79.10 49.81 -16.28
C LEU K 16 -78.54 48.41 -16.01
N ASN K 17 -77.29 48.19 -16.38
CA ASN K 17 -76.65 46.90 -16.18
C ASN K 17 -75.93 46.80 -14.85
N THR K 18 -76.00 47.82 -14.01
CA THR K 18 -75.36 47.83 -12.70
C THR K 18 -76.41 47.77 -11.61
N ASN K 19 -75.92 47.63 -10.38
CA ASN K 19 -76.75 47.54 -9.19
C ASN K 19 -76.34 48.64 -8.22
N ILE K 20 -77.32 49.30 -7.61
CA ILE K 20 -77.03 50.39 -6.69
C ILE K 20 -77.67 50.07 -5.33
N ASP K 21 -77.11 50.70 -4.29
CA ASP K 21 -77.59 50.53 -2.94
C ASP K 21 -78.59 51.62 -2.60
N GLY K 22 -79.75 51.23 -2.10
CA GLY K 22 -80.81 52.17 -1.79
C GLY K 22 -80.72 52.82 -0.43
N ARG K 23 -79.74 52.45 0.39
CA ARG K 23 -79.62 53.02 1.72
C ARG K 23 -78.90 54.36 1.73
N ARG K 24 -78.25 54.75 0.64
CA ARG K 24 -77.63 56.05 0.54
C ARG K 24 -78.55 57.01 -0.18
N LYS K 25 -78.27 58.31 -0.03
CA LYS K 25 -79.07 59.32 -0.70
C LYS K 25 -78.96 59.16 -2.20
N ILE K 26 -80.02 59.58 -2.91
CA ILE K 26 -80.14 59.31 -4.34
C ILE K 26 -78.99 59.90 -5.14
N ALA K 27 -78.54 61.10 -4.76
CA ALA K 27 -77.52 61.79 -5.54
C ALA K 27 -76.20 61.01 -5.53
N PHE K 28 -75.82 60.46 -4.39
CA PHE K 28 -74.61 59.66 -4.29
C PHE K 28 -74.87 58.18 -4.51
N ALA K 29 -76.13 57.80 -4.72
CA ALA K 29 -76.45 56.41 -5.02
C ALA K 29 -76.42 56.14 -6.52
N ILE K 30 -76.87 57.11 -7.33
CA ILE K 30 -76.75 56.94 -8.77
C ILE K 30 -75.33 57.13 -9.27
N THR K 31 -74.42 57.61 -8.41
CA THR K 31 -73.01 57.67 -8.78
C THR K 31 -72.40 56.29 -8.88
N ALA K 32 -73.07 55.25 -8.37
CA ALA K 32 -72.59 53.89 -8.54
C ALA K 32 -72.59 53.48 -9.99
N ILE K 33 -73.47 54.07 -10.80
CA ILE K 33 -73.47 53.81 -12.23
C ILE K 33 -72.20 54.37 -12.85
N LYS K 34 -71.48 53.54 -13.58
CA LYS K 34 -70.25 53.98 -14.22
C LYS K 34 -70.57 55.02 -15.30
N GLY K 35 -69.77 56.07 -15.36
CA GLY K 35 -70.05 57.20 -16.22
C GLY K 35 -70.81 58.32 -15.55
N VAL K 36 -71.27 58.12 -14.31
CA VAL K 36 -72.00 59.12 -13.56
C VAL K 36 -71.17 59.48 -12.34
N GLY K 37 -70.88 60.77 -12.18
CA GLY K 37 -70.18 61.27 -11.02
C GLY K 37 -71.08 62.11 -10.13
N ARG K 38 -70.45 62.76 -9.16
CA ARG K 38 -71.21 63.61 -8.25
C ARG K 38 -71.84 64.79 -8.97
N ARG K 39 -71.07 65.45 -9.84
CA ARG K 39 -71.57 66.61 -10.57
C ARG K 39 -72.72 66.23 -11.50
N TYR K 40 -72.50 65.21 -12.33
CA TYR K 40 -73.53 64.78 -13.26
C TYR K 40 -74.77 64.27 -12.52
N ALA K 41 -74.58 63.53 -11.45
CA ALA K 41 -75.70 63.02 -10.67
C ALA K 41 -76.51 64.17 -10.09
N HIS K 42 -75.85 65.15 -9.50
CA HIS K 42 -76.57 66.28 -8.94
C HIS K 42 -77.31 67.06 -10.00
N VAL K 43 -76.71 67.28 -11.16
CA VAL K 43 -77.39 68.07 -12.16
C VAL K 43 -78.57 67.31 -12.76
N VAL K 44 -78.46 65.99 -12.93
CA VAL K 44 -79.59 65.27 -13.50
C VAL K 44 -80.71 65.17 -12.49
N LEU K 45 -80.40 65.06 -11.20
CA LEU K 45 -81.45 65.12 -10.19
C LEU K 45 -82.10 66.49 -10.16
N ARG K 46 -81.31 67.55 -10.32
CA ARG K 46 -81.86 68.90 -10.38
C ARG K 46 -82.80 69.06 -11.56
N LYS K 47 -82.42 68.51 -12.72
CA LYS K 47 -83.28 68.60 -13.90
C LYS K 47 -84.54 67.77 -13.73
N ALA K 48 -84.41 66.56 -13.18
CA ALA K 48 -85.56 65.70 -12.94
C ALA K 48 -86.48 66.23 -11.84
N ASP K 49 -86.01 67.20 -11.06
CA ASP K 49 -86.83 67.92 -10.10
C ASP K 49 -87.40 66.99 -9.03
N ILE K 50 -86.50 66.26 -8.39
CA ILE K 50 -86.84 65.39 -7.28
C ILE K 50 -86.23 65.95 -6.01
N ASP K 51 -86.64 65.39 -4.88
CA ASP K 51 -86.10 65.80 -3.59
C ASP K 51 -84.68 65.24 -3.45
N LEU K 52 -83.70 66.14 -3.36
CA LEU K 52 -82.33 65.71 -3.15
C LEU K 52 -82.13 65.06 -1.79
N THR K 53 -82.98 65.37 -0.82
CA THR K 53 -82.80 64.85 0.53
C THR K 53 -83.20 63.39 0.64
N LYS K 54 -84.24 62.97 -0.06
CA LYS K 54 -84.76 61.62 0.09
C LYS K 54 -83.77 60.59 -0.46
N ARG K 55 -83.82 59.39 0.12
CA ARG K 55 -82.92 58.32 -0.27
C ARG K 55 -83.35 57.72 -1.61
N ALA K 56 -82.47 56.90 -2.17
CA ALA K 56 -82.76 56.27 -3.45
C ALA K 56 -83.80 55.16 -3.30
N GLY K 57 -83.86 54.54 -2.13
CA GLY K 57 -84.79 53.44 -1.94
C GLY K 57 -86.24 53.88 -1.99
N GLU K 58 -86.55 55.02 -1.40
CA GLU K 58 -87.90 55.55 -1.39
C GLU K 58 -88.23 56.36 -2.62
N LEU K 59 -87.51 56.15 -3.71
CA LEU K 59 -87.79 56.81 -4.97
C LEU K 59 -88.69 55.92 -5.81
N THR K 60 -89.83 56.46 -6.24
CA THR K 60 -90.80 55.66 -6.96
C THR K 60 -90.30 55.31 -8.36
N GLU K 61 -90.91 54.27 -8.93
CA GLU K 61 -90.40 53.72 -10.19
C GLU K 61 -90.57 54.68 -11.36
N ASP K 62 -91.63 55.50 -11.35
CA ASP K 62 -91.77 56.52 -12.39
C ASP K 62 -90.70 57.58 -12.27
N GLU K 63 -90.38 57.99 -11.04
CA GLU K 63 -89.26 58.90 -10.84
C GLU K 63 -87.95 58.24 -11.27
N VAL K 64 -87.81 56.93 -11.01
CA VAL K 64 -86.60 56.23 -11.38
C VAL K 64 -86.42 56.22 -12.89
N GLU K 65 -87.49 55.89 -13.63
CA GLU K 65 -87.35 55.90 -15.08
C GLU K 65 -87.19 57.31 -15.62
N ARG K 66 -87.77 58.31 -14.94
CA ARG K 66 -87.58 59.70 -15.35
C ARG K 66 -86.11 60.09 -15.24
N VAL K 67 -85.48 59.80 -14.10
CA VAL K 67 -84.07 60.16 -13.96
C VAL K 67 -83.21 59.30 -14.89
N ILE K 68 -83.62 58.06 -15.17
CA ILE K 68 -82.88 57.23 -16.10
C ILE K 68 -82.88 57.86 -17.49
N THR K 69 -84.05 58.28 -17.97
CA THR K 69 -84.08 58.89 -19.30
C THR K 69 -83.43 60.27 -19.31
N ILE K 70 -83.44 60.98 -18.18
CA ILE K 70 -82.67 62.22 -18.09
C ILE K 70 -81.18 61.93 -18.29
N MET K 71 -80.68 60.89 -17.64
CA MET K 71 -79.29 60.51 -17.79
C MET K 71 -78.97 60.08 -19.22
N GLN K 72 -79.87 59.30 -19.83
CA GLN K 72 -79.58 58.75 -21.14
C GLN K 72 -79.70 59.79 -22.25
N ASN K 73 -80.55 60.80 -22.07
CA ASN K 73 -80.73 61.86 -23.06
C ASN K 73 -80.55 63.20 -22.38
N PRO K 74 -79.31 63.62 -22.14
CA PRO K 74 -79.08 64.90 -21.46
C PRO K 74 -79.21 66.10 -22.37
N ARG K 75 -79.05 65.93 -23.69
CA ARG K 75 -79.09 67.08 -24.58
C ARG K 75 -80.48 67.71 -24.64
N GLN K 76 -81.53 66.89 -24.61
CA GLN K 76 -82.87 67.41 -24.70
C GLN K 76 -83.29 68.19 -23.47
N TYR K 77 -82.58 68.03 -22.36
CA TYR K 77 -82.96 68.66 -21.09
C TYR K 77 -81.98 69.76 -20.71
N LYS K 78 -81.53 70.54 -21.70
CA LYS K 78 -80.76 71.77 -21.52
C LYS K 78 -79.41 71.55 -20.87
N ILE K 79 -79.01 70.30 -20.66
CA ILE K 79 -77.67 70.06 -20.08
C ILE K 79 -76.62 70.49 -21.10
N PRO K 80 -75.68 71.35 -20.73
CA PRO K 80 -74.80 71.95 -21.72
C PRO K 80 -73.84 70.94 -22.33
N ASP K 81 -73.42 71.25 -23.56
CA ASP K 81 -72.55 70.37 -24.31
C ASP K 81 -71.17 70.22 -23.67
N TRP K 82 -70.73 71.21 -22.89
CA TRP K 82 -69.44 71.14 -22.23
C TRP K 82 -69.46 70.28 -20.98
N PHE K 83 -70.62 69.81 -20.56
CA PHE K 83 -70.73 69.08 -19.30
C PHE K 83 -70.62 67.57 -19.50
N LEU K 84 -70.62 67.10 -20.75
CA LEU K 84 -70.77 65.69 -21.06
C LEU K 84 -69.42 64.98 -21.10
N ASN K 85 -69.49 63.64 -21.12
CA ASN K 85 -68.29 62.82 -21.23
C ASN K 85 -67.80 62.74 -22.66
N ARG K 86 -68.61 62.16 -23.54
CA ARG K 86 -68.19 61.86 -24.91
C ARG K 86 -68.53 63.03 -25.83
N GLN K 87 -67.87 64.14 -25.57
CA GLN K 87 -68.01 65.32 -26.42
C GLN K 87 -67.22 65.12 -27.70
N LYS K 88 -67.85 65.39 -28.84
CA LYS K 88 -67.18 65.49 -30.14
C LYS K 88 -66.45 64.17 -30.46
N ASP K 89 -67.25 63.14 -30.63
CA ASP K 89 -66.73 61.77 -30.74
C ASP K 89 -65.79 61.63 -31.92
N VAL K 90 -64.77 60.79 -31.73
CA VAL K 90 -63.75 60.56 -32.74
C VAL K 90 -64.28 59.76 -33.93
N LYS K 91 -65.48 59.18 -33.80
CA LYS K 91 -66.06 58.39 -34.88
C LYS K 91 -67.16 59.14 -35.62
N ASP K 92 -68.19 59.60 -34.89
CA ASP K 92 -69.33 60.25 -35.51
C ASP K 92 -69.50 61.70 -35.10
N GLY K 93 -68.71 62.19 -34.16
CA GLY K 93 -68.77 63.60 -33.79
C GLY K 93 -70.09 64.03 -33.20
N LYS K 94 -70.68 63.21 -32.34
CA LYS K 94 -71.94 63.53 -31.68
C LYS K 94 -71.71 63.71 -30.19
N TYR K 95 -72.15 64.83 -29.66
CA TYR K 95 -71.97 65.11 -28.23
C TYR K 95 -72.94 64.24 -27.44
N SER K 96 -72.41 63.52 -26.45
CA SER K 96 -73.25 62.65 -25.64
C SER K 96 -72.55 62.35 -24.34
N GLN K 97 -73.29 61.77 -23.41
CA GLN K 97 -72.77 61.29 -22.14
C GLN K 97 -73.03 59.79 -22.09
N VAL K 98 -72.00 59.00 -22.38
CA VAL K 98 -72.14 57.55 -22.37
C VAL K 98 -71.88 57.05 -20.94
N LEU K 99 -72.87 56.37 -20.37
CA LEU K 99 -72.79 55.92 -18.98
C LEU K 99 -73.40 54.51 -18.87
N ALA K 100 -72.58 53.51 -19.12
CA ALA K 100 -73.03 52.12 -19.19
C ALA K 100 -71.82 51.23 -19.35
N ASN K 101 -72.08 49.96 -19.64
CA ASN K 101 -71.08 49.12 -20.32
C ASN K 101 -70.70 49.73 -21.67
N GLY K 102 -71.55 50.59 -22.22
CA GLY K 102 -71.16 51.36 -23.39
C GLY K 102 -69.96 52.24 -23.14
N LEU K 103 -69.82 52.78 -21.93
CA LEU K 103 -68.60 53.54 -21.62
C LEU K 103 -67.38 52.65 -21.71
N ASP K 104 -67.48 51.41 -21.21
CA ASP K 104 -66.38 50.47 -21.32
C ASP K 104 -66.09 50.13 -22.77
N ASN K 105 -67.13 49.98 -23.60
CA ASN K 105 -66.86 49.64 -24.99
C ASN K 105 -66.23 50.81 -25.73
N LYS K 106 -66.61 52.04 -25.39
CA LYS K 106 -65.95 53.20 -25.98
C LYS K 106 -64.49 53.28 -25.55
N LEU K 107 -64.21 52.98 -24.28
CA LEU K 107 -62.83 52.99 -23.81
C LEU K 107 -61.99 51.97 -24.55
N ARG K 108 -62.45 50.71 -24.59
CA ARG K 108 -61.70 49.69 -25.30
C ARG K 108 -61.63 49.99 -26.79
N GLU K 109 -62.63 50.68 -27.35
CA GLU K 109 -62.58 51.02 -28.76
C GLU K 109 -61.50 52.06 -29.02
N ASP K 110 -61.38 53.06 -28.15
CA ASP K 110 -60.30 54.04 -28.29
C ASP K 110 -58.95 53.36 -28.15
N LEU K 111 -58.81 52.46 -27.18
CA LEU K 111 -57.55 51.74 -26.99
C LEU K 111 -57.20 50.92 -28.23
N GLU K 112 -58.19 50.22 -28.79
CA GLU K 112 -57.91 49.38 -29.94
C GLU K 112 -57.70 50.21 -31.20
N ARG K 113 -58.32 51.39 -31.30
CA ARG K 113 -58.03 52.27 -32.41
C ARG K 113 -56.59 52.75 -32.36
N LEU K 114 -56.12 53.11 -31.16
CA LEU K 114 -54.72 53.49 -31.05
C LEU K 114 -53.78 52.31 -31.31
N LYS K 115 -54.16 51.11 -30.86
CA LYS K 115 -53.32 49.94 -31.12
C LYS K 115 -53.25 49.60 -32.60
N LYS K 116 -54.37 49.72 -33.32
CA LYS K 116 -54.36 49.41 -34.75
C LYS K 116 -53.70 50.52 -35.57
N ILE K 117 -53.76 51.76 -35.10
CA ILE K 117 -53.07 52.85 -35.79
C ILE K 117 -51.60 52.85 -35.46
N ARG K 118 -51.19 52.12 -34.42
CA ARG K 118 -49.80 52.01 -33.99
C ARG K 118 -49.23 53.37 -33.58
N ALA K 119 -50.08 54.17 -32.93
CA ALA K 119 -49.61 55.41 -32.35
C ALA K 119 -48.77 55.14 -31.11
N HIS K 120 -48.02 56.15 -30.68
CA HIS K 120 -47.16 55.97 -29.53
C HIS K 120 -47.97 55.66 -28.28
N ARG K 121 -49.08 56.38 -28.07
CA ARG K 121 -49.92 56.13 -26.90
C ARG K 121 -50.53 54.75 -26.96
N GLY K 122 -50.92 54.30 -28.15
CA GLY K 122 -51.44 52.94 -28.29
C GLY K 122 -50.41 51.89 -27.97
N LEU K 123 -49.17 52.10 -28.42
CA LEU K 123 -48.11 51.15 -28.09
C LEU K 123 -47.82 51.16 -26.59
N ARG K 124 -47.89 52.33 -25.96
CA ARG K 124 -47.72 52.40 -24.51
C ARG K 124 -48.82 51.62 -23.80
N HIS K 125 -50.05 51.75 -24.25
CA HIS K 125 -51.14 50.96 -23.68
C HIS K 125 -50.90 49.47 -23.87
N PHE K 126 -50.44 49.07 -25.06
CA PHE K 126 -50.19 47.66 -25.33
C PHE K 126 -49.09 47.11 -24.42
N TRP K 127 -48.02 47.87 -24.24
CA TRP K 127 -46.97 47.44 -23.33
C TRP K 127 -47.37 47.55 -21.87
N GLY K 128 -48.44 48.27 -21.56
CA GLY K 128 -48.88 48.38 -20.18
C GLY K 128 -48.14 49.41 -19.37
N LEU K 129 -47.48 50.36 -20.01
CA LEU K 129 -46.72 51.39 -19.33
C LEU K 129 -47.56 52.67 -19.23
N ARG K 130 -46.96 53.73 -18.73
CA ARG K 130 -47.64 55.01 -18.64
C ARG K 130 -47.84 55.62 -20.02
N VAL K 131 -48.93 56.35 -20.18
CA VAL K 131 -49.23 57.00 -21.45
C VAL K 131 -49.15 58.52 -21.37
N ARG K 132 -49.29 59.12 -20.18
CA ARG K 132 -49.31 60.56 -20.04
C ARG K 132 -47.92 61.17 -19.90
N GLY K 133 -46.90 60.44 -20.32
CA GLY K 133 -45.55 60.97 -20.39
C GLY K 133 -44.90 61.35 -19.07
N GLN K 134 -45.10 60.55 -18.04
CA GLN K 134 -44.44 60.80 -16.78
C GLN K 134 -43.37 59.75 -16.51
N HIS K 135 -42.53 60.04 -15.53
CA HIS K 135 -41.35 59.22 -15.27
C HIS K 135 -41.73 57.84 -14.77
N THR K 136 -41.07 56.81 -15.30
CA THR K 136 -41.33 55.44 -14.92
C THR K 136 -40.14 54.80 -14.22
N LYS K 137 -39.11 55.57 -13.90
CA LYS K 137 -37.89 55.00 -13.35
C LYS K 137 -38.10 54.50 -11.92
N THR K 138 -38.92 55.19 -11.13
CA THR K 138 -39.05 54.90 -9.72
C THR K 138 -40.46 54.56 -9.25
N THR K 139 -41.48 54.92 -10.01
CA THR K 139 -42.86 54.72 -9.57
C THR K 139 -43.56 53.70 -10.46
N GLY K 140 -44.68 53.19 -9.96
CA GLY K 140 -45.45 52.22 -10.69
C GLY K 140 -44.94 50.80 -10.64
N ARG K 141 -44.02 50.50 -9.73
CA ARG K 141 -43.46 49.16 -9.65
C ARG K 141 -44.44 48.14 -9.06
N ARG K 142 -45.58 48.59 -8.53
CA ARG K 142 -46.57 47.67 -8.01
C ARG K 142 -47.11 46.74 -9.09
N GLY K 143 -47.42 47.30 -10.25
CA GLY K 143 -48.02 46.51 -11.32
C GLY K 143 -47.06 45.58 -12.01
N ARG K 144 -45.78 45.65 -11.68
CA ARG K 144 -44.74 44.81 -12.28
C ARG K 144 -44.18 43.79 -11.29
N THR K 145 -44.00 44.19 -10.03
CA THR K 145 -43.60 43.26 -8.98
C THR K 145 -44.42 43.52 -7.72
N PRO L 1 -82.81 104.33 18.52
CA PRO L 1 -83.06 103.01 17.94
C PRO L 1 -82.51 102.89 16.53
N GLY L 2 -81.78 103.92 16.09
CA GLY L 2 -81.17 103.91 14.78
C GLY L 2 -80.14 102.81 14.62
N VAL L 3 -80.47 101.82 13.81
CA VAL L 3 -79.64 100.64 13.67
C VAL L 3 -79.00 100.63 12.29
N THR L 4 -77.84 99.98 12.20
CA THR L 4 -77.11 99.82 10.96
C THR L 4 -76.77 98.33 10.85
N VAL L 5 -76.53 97.88 9.61
CA VAL L 5 -76.17 96.47 9.38
C VAL L 5 -74.92 96.09 10.17
N LYS L 6 -74.03 97.05 10.44
CA LYS L 6 -72.88 96.77 11.28
C LYS L 6 -73.26 96.47 12.72
N ASP L 7 -74.49 96.80 13.13
CA ASP L 7 -74.93 96.57 14.50
C ASP L 7 -75.62 95.23 14.71
N VAL L 8 -75.74 94.41 13.67
CA VAL L 8 -76.48 93.16 13.74
C VAL L 8 -75.56 92.02 13.30
N ASN L 9 -76.05 90.79 13.51
CA ASN L 9 -75.29 89.61 13.14
C ASN L 9 -75.24 89.47 11.63
N GLN L 10 -74.03 89.50 11.06
CA GLN L 10 -73.88 89.49 9.60
C GLN L 10 -74.34 88.17 9.01
N GLN L 11 -74.05 87.05 9.67
CA GLN L 11 -74.42 85.75 9.14
C GLN L 11 -75.94 85.60 9.07
N GLU L 12 -76.65 86.11 10.08
CA GLU L 12 -78.11 86.09 10.01
C GLU L 12 -78.64 87.19 9.09
N PHE L 13 -77.92 88.31 9.00
CA PHE L 13 -78.35 89.39 8.13
C PHE L 13 -78.38 88.96 6.67
N VAL L 14 -77.35 88.23 6.23
CA VAL L 14 -77.32 87.79 4.84
C VAL L 14 -78.45 86.81 4.58
N ARG L 15 -78.76 85.94 5.55
CA ARG L 15 -79.87 85.01 5.39
C ARG L 15 -81.20 85.75 5.25
N ALA L 16 -81.41 86.75 6.09
CA ALA L 16 -82.66 87.49 6.05
C ALA L 16 -82.78 88.33 4.78
N LEU L 17 -81.67 88.89 4.30
CA LEU L 17 -81.76 89.68 3.09
C LEU L 17 -81.95 88.79 1.87
N ALA L 18 -81.38 87.58 1.89
CA ALA L 18 -81.69 86.61 0.84
C ALA L 18 -83.16 86.23 0.87
N ALA L 19 -83.73 86.07 2.06
CA ALA L 19 -85.16 85.81 2.16
C ALA L 19 -85.98 86.96 1.59
N PHE L 20 -85.56 88.19 1.89
CA PHE L 20 -86.25 89.35 1.33
C PHE L 20 -86.17 89.39 -0.18
N LEU L 21 -85.00 89.07 -0.73
CA LEU L 21 -84.84 89.03 -2.18
C LEU L 21 -85.71 87.95 -2.81
N LYS L 22 -85.82 86.80 -2.14
CA LYS L 22 -86.74 85.76 -2.62
C LYS L 22 -88.18 86.24 -2.59
N LYS L 23 -88.57 86.94 -1.51
CA LYS L 23 -89.95 87.42 -1.41
C LYS L 23 -90.25 88.43 -2.50
N SER L 24 -89.31 89.34 -2.76
CA SER L 24 -89.49 90.34 -3.83
C SER L 24 -88.94 89.74 -5.12
N GLY L 25 -89.79 89.02 -5.84
CA GLY L 25 -89.35 88.27 -7.00
C GLY L 25 -89.03 89.11 -8.22
N LYS L 26 -88.23 90.16 -8.04
CA LYS L 26 -87.79 91.00 -9.13
C LYS L 26 -86.35 90.74 -9.54
N LEU L 27 -85.68 89.79 -8.90
CA LEU L 27 -84.27 89.53 -9.14
C LEU L 27 -84.10 88.67 -10.39
N LYS L 28 -83.36 89.18 -11.37
CA LYS L 28 -83.03 88.39 -12.55
C LYS L 28 -82.09 87.25 -12.17
N VAL L 29 -82.39 86.05 -12.63
CA VAL L 29 -81.56 84.89 -12.34
C VAL L 29 -81.20 84.20 -13.66
N PRO L 30 -79.92 83.95 -13.93
CA PRO L 30 -79.57 83.22 -15.15
C PRO L 30 -80.06 81.78 -15.08
N GLU L 31 -80.33 81.23 -16.26
CA GLU L 31 -80.91 79.90 -16.34
C GLU L 31 -79.93 78.79 -16.03
N TRP L 32 -78.62 79.07 -15.97
CA TRP L 32 -77.62 78.04 -15.75
C TRP L 32 -77.20 77.93 -14.29
N VAL L 33 -77.93 78.59 -13.38
CA VAL L 33 -77.61 78.50 -11.96
C VAL L 33 -77.73 77.09 -11.44
N ASP L 34 -78.51 76.24 -12.09
CA ASP L 34 -78.64 74.84 -11.69
C ASP L 34 -77.46 73.99 -12.13
N THR L 35 -76.57 74.52 -12.95
CA THR L 35 -75.51 73.74 -13.57
C THR L 35 -74.11 74.08 -13.07
N VAL L 36 -73.80 75.37 -12.94
CA VAL L 36 -72.42 75.78 -12.77
C VAL L 36 -72.00 75.67 -11.31
N LYS L 37 -70.69 75.55 -11.10
CA LYS L 37 -70.08 75.68 -9.79
C LYS L 37 -69.75 77.14 -9.52
N LEU L 38 -69.70 77.50 -8.24
CA LEU L 38 -69.47 78.89 -7.90
C LEU L 38 -68.02 79.32 -8.07
N ALA L 39 -67.09 78.38 -8.19
CA ALA L 39 -65.70 78.71 -8.44
C ALA L 39 -65.00 77.47 -8.97
N LYS L 40 -63.88 77.71 -9.66
CA LYS L 40 -63.12 76.62 -10.24
C LYS L 40 -62.53 75.70 -9.19
N HIS L 41 -62.35 76.19 -7.96
CA HIS L 41 -61.78 75.39 -6.89
C HIS L 41 -62.83 74.65 -6.08
N LYS L 42 -64.10 74.75 -6.45
CA LYS L 42 -65.16 74.03 -5.78
C LYS L 42 -65.36 72.68 -6.45
N GLU L 43 -65.36 71.62 -5.65
CA GLU L 43 -65.56 70.28 -6.18
C GLU L 43 -67.02 70.01 -6.53
N LEU L 44 -67.96 70.76 -5.96
CA LEU L 44 -69.38 70.45 -6.10
C LEU L 44 -70.18 71.73 -6.30
N ALA L 45 -71.34 71.57 -6.91
CA ALA L 45 -72.30 72.68 -7.00
C ALA L 45 -72.93 72.92 -5.64
N PRO L 46 -73.36 74.17 -5.36
CA PRO L 46 -73.92 74.47 -4.04
C PRO L 46 -75.19 73.69 -3.76
N TYR L 47 -75.38 73.37 -2.48
CA TYR L 47 -76.55 72.60 -2.07
C TYR L 47 -77.83 73.42 -2.19
N ASP L 48 -77.77 74.68 -1.77
CA ASP L 48 -78.98 75.50 -1.72
C ASP L 48 -79.50 75.81 -3.11
N GLU L 49 -80.82 75.79 -3.25
CA GLU L 49 -81.44 76.17 -4.52
C GLU L 49 -81.43 77.68 -4.72
N ASN L 50 -81.38 78.44 -3.63
CA ASN L 50 -81.41 79.90 -3.68
C ASN L 50 -80.02 80.49 -3.49
N TRP L 51 -79.01 79.77 -3.98
CA TRP L 51 -77.64 80.25 -3.84
C TRP L 51 -77.43 81.58 -4.55
N PHE L 52 -78.14 81.81 -5.66
CA PHE L 52 -78.01 83.10 -6.31
C PHE L 52 -78.55 84.22 -5.43
N TYR L 53 -79.67 83.96 -4.75
CA TYR L 53 -80.22 84.97 -3.85
C TYR L 53 -79.28 85.26 -2.69
N THR L 54 -78.69 84.22 -2.10
CA THR L 54 -77.77 84.50 -1.00
C THR L 54 -76.46 85.13 -1.48
N ARG L 55 -76.01 84.81 -2.70
CA ARG L 55 -74.87 85.51 -3.27
C ARG L 55 -75.18 86.99 -3.48
N ALA L 56 -76.37 87.30 -3.98
CA ALA L 56 -76.76 88.70 -4.16
C ALA L 56 -76.82 89.42 -2.82
N ALA L 57 -77.34 88.75 -1.80
CA ALA L 57 -77.37 89.35 -0.46
C ALA L 57 -75.96 89.63 0.04
N SER L 58 -75.06 88.66 -0.09
CA SER L 58 -73.69 88.85 0.35
C SER L 58 -73.00 89.97 -0.41
N THR L 59 -73.22 90.03 -1.73
CA THR L 59 -72.58 91.06 -2.54
C THR L 59 -73.10 92.45 -2.19
N ALA L 60 -74.40 92.57 -1.96
CA ALA L 60 -74.95 93.86 -1.54
C ALA L 60 -74.39 94.28 -0.20
N ARG L 61 -74.27 93.32 0.74
CA ARG L 61 -73.70 93.64 2.03
C ARG L 61 -72.25 94.08 1.92
N HIS L 62 -71.47 93.41 1.07
CA HIS L 62 -70.08 93.79 0.88
C HIS L 62 -69.96 95.16 0.23
N LEU L 63 -70.86 95.49 -0.70
CA LEU L 63 -70.87 96.82 -1.28
C LEU L 63 -71.24 97.87 -0.25
N TYR L 64 -72.09 97.53 0.71
CA TYR L 64 -72.33 98.44 1.82
C TYR L 64 -71.06 98.64 2.64
N LEU L 65 -70.36 97.55 2.94
CA LEU L 65 -69.19 97.63 3.80
C LEU L 65 -68.07 98.46 3.16
N ARG L 66 -67.83 98.27 1.86
CA ARG L 66 -66.91 99.15 1.15
C ARG L 66 -67.30 99.19 -0.32
N GLY L 67 -67.34 100.40 -0.86
CA GLY L 67 -67.74 100.61 -2.24
C GLY L 67 -66.58 100.47 -3.20
N GLY L 68 -66.89 100.66 -4.48
CA GLY L 68 -65.89 100.57 -5.51
C GLY L 68 -65.48 99.16 -5.89
N ALA L 69 -66.16 98.15 -5.36
CA ALA L 69 -65.79 96.78 -5.68
C ALA L 69 -66.24 96.43 -7.08
N GLY L 70 -65.35 95.77 -7.83
CA GLY L 70 -65.65 95.28 -9.16
C GLY L 70 -65.76 93.77 -9.19
N VAL L 71 -65.77 93.23 -10.41
CA VAL L 71 -65.85 91.79 -10.60
C VAL L 71 -64.61 91.10 -10.04
N GLY L 72 -63.43 91.69 -10.29
CA GLY L 72 -62.22 91.12 -9.72
C GLY L 72 -62.21 91.15 -8.21
N SER L 73 -62.73 92.24 -7.63
CA SER L 73 -62.83 92.31 -6.17
C SER L 73 -63.78 91.25 -5.65
N MET L 74 -64.90 91.02 -6.34
CA MET L 74 -65.83 89.98 -5.91
C MET L 74 -65.19 88.61 -5.99
N THR L 75 -64.45 88.34 -7.06
CA THR L 75 -63.78 87.05 -7.20
C THR L 75 -62.73 86.86 -6.12
N LYS L 76 -62.00 87.93 -5.76
CA LYS L 76 -61.06 87.84 -4.66
C LYS L 76 -61.77 87.58 -3.34
N ILE L 77 -62.92 88.21 -3.13
CA ILE L 77 -63.65 88.04 -1.87
C ILE L 77 -64.15 86.60 -1.73
N TYR L 78 -64.72 86.06 -2.81
CA TYR L 78 -65.32 84.74 -2.74
C TYR L 78 -64.37 83.62 -3.15
N GLY L 79 -63.11 83.93 -3.42
CA GLY L 79 -62.13 82.90 -3.69
C GLY L 79 -61.82 82.08 -2.45
N GLY L 80 -61.15 80.95 -2.68
CA GLY L 80 -60.86 80.06 -1.58
C GLY L 80 -59.80 79.05 -1.95
N ARG L 81 -59.66 78.05 -1.09
CA ARG L 81 -58.56 77.10 -1.19
C ARG L 81 -58.87 76.01 -2.22
N GLN L 82 -57.98 75.86 -3.19
CA GLN L 82 -58.02 74.77 -4.14
C GLN L 82 -57.04 73.70 -3.69
N ARG L 83 -57.54 72.47 -3.52
CA ARG L 83 -56.71 71.43 -2.93
C ARG L 83 -55.74 70.79 -3.92
N ASN L 84 -55.97 70.94 -5.22
CA ASN L 84 -55.03 70.52 -6.26
C ASN L 84 -54.70 69.03 -6.22
N GLY L 85 -55.52 68.23 -5.57
CA GLY L 85 -55.26 66.80 -5.52
C GLY L 85 -54.02 66.49 -4.72
N VAL L 86 -53.08 65.78 -5.35
CA VAL L 86 -51.83 65.41 -4.69
C VAL L 86 -50.87 66.61 -4.61
N MET L 87 -51.07 67.61 -5.45
CA MET L 87 -50.26 68.81 -5.38
C MET L 87 -50.60 69.61 -4.12
N PRO L 88 -49.66 70.41 -3.62
CA PRO L 88 -49.98 71.28 -2.49
C PRO L 88 -51.10 72.26 -2.83
N SER L 89 -51.90 72.56 -1.82
CA SER L 89 -53.07 73.41 -2.03
C SER L 89 -52.66 74.86 -2.23
N HIS L 90 -53.54 75.63 -2.86
CA HIS L 90 -53.29 77.03 -3.15
C HIS L 90 -54.60 77.81 -3.02
N PHE L 91 -54.57 79.05 -3.47
CA PHE L 91 -55.74 79.91 -3.46
C PHE L 91 -56.21 80.17 -4.89
N SER L 92 -57.53 80.21 -5.07
CA SER L 92 -58.13 80.40 -6.38
C SER L 92 -59.23 81.44 -6.30
N ARG L 93 -59.38 82.20 -7.37
CA ARG L 93 -60.38 83.25 -7.44
C ARG L 93 -61.78 82.65 -7.57
N GLY L 94 -62.77 83.53 -7.55
CA GLY L 94 -64.14 83.11 -7.78
C GLY L 94 -64.47 83.03 -9.25
N SER L 95 -65.74 82.78 -9.53
CA SER L 95 -66.22 82.70 -10.90
C SER L 95 -66.67 84.08 -11.38
N LYS L 96 -65.96 84.60 -12.37
CA LYS L 96 -66.20 85.96 -12.84
C LYS L 96 -67.59 86.13 -13.43
N SER L 97 -68.08 85.13 -14.17
CA SER L 97 -69.40 85.24 -14.77
C SER L 97 -70.47 85.32 -13.70
N VAL L 98 -70.36 84.48 -12.66
CA VAL L 98 -71.35 84.51 -11.58
C VAL L 98 -71.31 85.84 -10.86
N ALA L 99 -70.10 86.33 -10.55
CA ALA L 99 -70.00 87.61 -9.86
C ALA L 99 -70.57 88.74 -10.70
N ARG L 100 -70.23 88.77 -11.99
CA ARG L 100 -70.72 89.81 -12.88
C ARG L 100 -72.22 89.75 -13.04
N ARG L 101 -72.77 88.54 -13.14
CA ARG L 101 -74.22 88.40 -13.24
C ARG L 101 -74.92 88.87 -11.98
N VAL L 102 -74.34 88.58 -10.82
CA VAL L 102 -74.93 89.06 -9.56
C VAL L 102 -74.90 90.59 -9.51
N LEU L 103 -73.77 91.17 -9.90
CA LEU L 103 -73.67 92.64 -9.90
C LEU L 103 -74.63 93.27 -10.88
N GLN L 104 -74.79 92.68 -12.07
CA GLN L 104 -75.74 93.21 -13.04
C GLN L 104 -77.17 93.04 -12.57
N ALA L 105 -77.46 91.93 -11.88
CA ALA L 105 -78.79 91.74 -11.30
C ALA L 105 -79.09 92.81 -10.26
N LEU L 106 -78.11 93.13 -9.42
CA LEU L 106 -78.30 94.19 -8.43
C LEU L 106 -78.49 95.54 -9.12
N GLU L 107 -77.72 95.80 -10.17
CA GLU L 107 -77.87 97.05 -10.90
C GLU L 107 -79.25 97.17 -11.53
N GLY L 108 -79.77 96.08 -12.08
CA GLY L 108 -81.13 96.06 -12.58
C GLY L 108 -82.18 96.10 -11.49
N LEU L 109 -81.83 95.67 -10.29
CA LEU L 109 -82.69 95.80 -9.12
C LEU L 109 -82.63 97.18 -8.50
N LYS L 110 -81.74 98.04 -9.01
CA LYS L 110 -81.66 99.47 -8.70
C LYS L 110 -81.04 99.72 -7.33
N MET L 111 -80.63 98.67 -6.62
CA MET L 111 -79.96 98.83 -5.35
C MET L 111 -78.48 99.17 -5.51
N VAL L 112 -77.92 99.06 -6.72
CA VAL L 112 -76.50 99.24 -6.97
C VAL L 112 -76.32 100.11 -8.19
N GLU L 113 -75.42 101.09 -8.10
CA GLU L 113 -75.11 101.96 -9.23
C GLU L 113 -73.59 102.01 -9.42
N LYS L 114 -73.20 102.34 -10.65
CA LYS L 114 -71.78 102.46 -10.98
C LYS L 114 -71.20 103.76 -10.43
N ASP L 115 -69.93 103.70 -10.06
CA ASP L 115 -69.21 104.87 -9.60
C ASP L 115 -68.72 105.69 -10.79
N GLN L 116 -68.19 106.88 -10.49
CA GLN L 116 -67.54 107.67 -11.54
C GLN L 116 -66.29 106.97 -12.05
N ASP L 117 -65.56 106.32 -11.16
CA ASP L 117 -64.48 105.41 -11.55
C ASP L 117 -65.04 103.99 -11.61
N GLY L 118 -64.16 103.01 -11.70
CA GLY L 118 -64.58 101.63 -11.81
C GLY L 118 -65.24 101.12 -10.55
N GLY L 119 -65.87 99.95 -10.69
CA GLY L 119 -66.60 99.36 -9.59
C GLY L 119 -68.00 99.91 -9.47
N ARG L 120 -68.68 99.47 -8.42
CA ARG L 120 -70.05 99.91 -8.16
C ARG L 120 -70.30 99.90 -6.67
N LYS L 121 -71.23 100.75 -6.23
CA LYS L 121 -71.58 100.87 -4.82
C LYS L 121 -73.10 100.85 -4.67
N LEU L 122 -73.56 101.05 -3.44
CA LEU L 122 -74.99 101.03 -3.17
C LEU L 122 -75.63 102.40 -3.43
N THR L 123 -76.80 102.36 -4.04
CA THR L 123 -77.61 103.56 -4.17
C THR L 123 -78.19 103.95 -2.82
N PRO L 124 -78.68 105.19 -2.69
CA PRO L 124 -79.44 105.53 -1.47
C PRO L 124 -80.59 104.59 -1.21
N GLN L 125 -81.28 104.16 -2.27
CA GLN L 125 -82.33 103.15 -2.13
C GLN L 125 -81.76 101.84 -1.60
N GLY L 126 -80.59 101.45 -2.09
CA GLY L 126 -79.95 100.23 -1.59
C GLY L 126 -79.61 100.34 -0.12
N GLN L 127 -79.06 101.48 0.30
CA GLN L 127 -78.75 101.68 1.71
C GLN L 127 -80.01 101.64 2.55
N ARG L 128 -81.10 102.23 2.04
CA ARG L 128 -82.38 102.18 2.73
C ARG L 128 -82.88 100.75 2.92
N ASP L 129 -82.77 99.94 1.86
CA ASP L 129 -83.20 98.54 1.97
C ASP L 129 -82.33 97.77 2.96
N LEU L 130 -81.01 97.96 2.88
CA LEU L 130 -80.08 97.30 3.79
C LEU L 130 -80.38 97.66 5.24
N ASP L 131 -80.62 98.95 5.52
CA ASP L 131 -80.87 99.34 6.90
C ASP L 131 -82.27 98.94 7.38
N ARG L 132 -83.26 98.87 6.49
CA ARG L 132 -84.55 98.33 6.89
C ARG L 132 -84.43 96.87 7.28
N ILE L 133 -83.67 96.09 6.51
CA ILE L 133 -83.46 94.69 6.85
C ILE L 133 -82.66 94.57 8.13
N ALA L 134 -81.71 95.49 8.34
CA ALA L 134 -81.00 95.53 9.62
C ALA L 134 -81.96 95.80 10.78
N GLY L 135 -82.92 96.70 10.56
CA GLY L 135 -83.91 96.95 11.59
C GLY L 135 -84.75 95.73 11.90
N GLN L 136 -85.21 95.03 10.87
CA GLN L 136 -86.05 93.86 11.14
C GLN L 136 -85.25 92.73 11.78
N VAL L 137 -83.98 92.55 11.43
CA VAL L 137 -83.21 91.49 12.07
C VAL L 137 -82.86 91.87 13.50
N ALA L 138 -82.62 93.16 13.76
CA ALA L 138 -82.42 93.60 15.14
C ALA L 138 -83.66 93.37 15.99
N ALA L 139 -84.84 93.68 15.43
CA ALA L 139 -86.09 93.43 16.15
C ALA L 139 -86.31 91.94 16.38
N ALA L 140 -86.02 91.12 15.39
CA ALA L 140 -86.18 89.68 15.54
C ALA L 140 -85.24 89.12 16.60
N ASN L 141 -84.00 89.59 16.63
CA ASN L 141 -83.07 89.18 17.68
C ASN L 141 -83.53 89.64 19.05
N LYS L 142 -84.08 90.86 19.13
CA LYS L 142 -84.57 91.37 20.41
C LYS L 142 -85.75 90.54 20.92
N LYS L 143 -86.67 90.19 20.04
CA LYS L 143 -87.81 89.38 20.43
C LYS L 143 -88.02 88.19 19.51
CA ALA M 1 -44.42 134.37 -10.08
C ALA M 1 -44.44 133.36 -8.95
N ILE M 2 -45.32 132.36 -9.06
CA ILE M 2 -45.50 131.34 -8.05
C ILE M 2 -45.13 130.00 -8.67
N HIS M 3 -44.21 129.28 -8.03
CA HIS M 3 -43.78 127.97 -8.49
C HIS M 3 -43.62 127.05 -7.30
N ARG M 4 -43.83 125.76 -7.54
CA ARG M 4 -43.74 124.73 -6.51
C ARG M 4 -42.65 123.76 -6.89
N ILE M 5 -41.71 123.51 -6.00
CA ILE M 5 -40.57 122.64 -6.27
C ILE M 5 -40.50 121.56 -5.20
N ARG M 6 -40.43 120.31 -5.65
CA ARG M 6 -40.19 119.17 -4.78
C ARG M 6 -38.81 118.61 -5.13
N ILE M 7 -37.98 118.44 -4.11
CA ILE M 7 -36.64 117.90 -4.27
C ILE M 7 -36.60 116.54 -3.60
N THR M 8 -36.40 115.50 -4.39
CA THR M 8 -36.30 114.14 -3.89
C THR M 8 -34.82 113.75 -3.86
N LEU M 9 -34.34 113.33 -2.70
CA LEU M 9 -32.95 112.94 -2.51
C LEU M 9 -32.92 111.45 -2.19
N THR M 10 -32.23 110.68 -3.02
CA THR M 10 -32.20 109.23 -2.85
C THR M 10 -30.76 108.75 -2.83
N SER M 11 -30.42 107.91 -1.86
CA SER M 11 -29.04 107.49 -1.69
C SER M 11 -29.01 106.12 -1.02
N ARG M 12 -27.81 105.69 -0.62
CA ARG M 12 -27.64 104.40 0.02
C ARG M 12 -27.18 104.49 1.47
N ASN M 13 -26.60 105.61 1.89
CA ASN M 13 -26.16 105.76 3.27
C ASN M 13 -26.86 106.94 3.94
N VAL M 14 -27.44 106.66 5.11
CA VAL M 14 -28.27 107.64 5.80
C VAL M 14 -27.44 108.83 6.24
N LYS M 15 -26.15 108.66 6.48
CA LYS M 15 -25.33 109.80 6.91
C LYS M 15 -25.25 110.85 5.81
N SER M 16 -24.86 110.44 4.60
CA SER M 16 -24.80 111.40 3.50
C SER M 16 -26.18 111.93 3.14
N LEU M 17 -27.20 111.06 3.19
CA LEU M 17 -28.54 111.54 2.89
C LEU M 17 -28.99 112.59 3.89
N GLU M 18 -28.73 112.38 5.18
CA GLU M 18 -29.13 113.35 6.19
C GLU M 18 -28.33 114.63 6.07
N LYS M 19 -27.04 114.53 5.74
CA LYS M 19 -26.25 115.73 5.55
C LYS M 19 -26.77 116.57 4.38
N VAL M 20 -27.09 115.92 3.27
CA VAL M 20 -27.56 116.65 2.10
C VAL M 20 -29.01 117.13 2.27
N CYS M 21 -29.78 116.52 3.17
CA CYS M 21 -31.05 117.12 3.54
C CYS M 21 -30.85 118.34 4.45
N ALA M 22 -29.95 118.21 5.43
CA ALA M 22 -29.80 119.23 6.45
C ALA M 22 -29.23 120.52 5.87
N ASP M 23 -28.23 120.41 4.98
CA ASP M 23 -27.66 121.65 4.45
C ASP M 23 -28.64 122.36 3.53
N LEU M 24 -29.42 121.61 2.75
CA LEU M 24 -30.45 122.24 1.92
C LEU M 24 -31.49 122.94 2.77
N ILE M 25 -31.97 122.27 3.83
CA ILE M 25 -32.95 122.88 4.71
C ILE M 25 -32.37 124.12 5.39
N ARG M 26 -31.10 124.04 5.81
CA ARG M 26 -30.47 125.18 6.47
C ARG M 26 -30.33 126.36 5.52
N GLY M 27 -29.90 126.12 4.29
CA GLY M 27 -29.79 127.21 3.33
C GLY M 27 -31.12 127.85 3.01
N ALA M 28 -32.16 127.02 2.82
CA ALA M 28 -33.48 127.57 2.55
C ALA M 28 -34.03 128.33 3.74
N LYS M 29 -33.78 127.84 4.97
CA LYS M 29 -34.20 128.57 6.16
C LYS M 29 -33.48 129.90 6.29
N GLU M 30 -32.18 129.93 5.97
CA GLU M 30 -31.43 131.17 6.00
C GLU M 30 -31.98 132.17 4.99
N LYS M 31 -32.36 131.67 3.81
CA LYS M 31 -33.03 132.50 2.82
C LYS M 31 -34.55 132.56 3.07
N ASN M 32 -34.98 132.17 4.27
CA ASN M 32 -36.37 132.27 4.76
C ASN M 32 -37.39 131.61 3.83
N LEU M 33 -36.94 130.65 3.04
CA LEU M 33 -37.86 129.80 2.28
C LEU M 33 -38.72 128.99 3.24
N LYS M 34 -40.00 128.82 2.88
CA LYS M 34 -40.85 127.93 3.67
C LYS M 34 -40.52 126.50 3.27
N VAL M 35 -39.95 125.74 4.20
CA VAL M 35 -39.48 124.39 3.94
C VAL M 35 -40.51 123.43 4.52
N LYS M 36 -41.11 122.60 3.67
CA LYS M 36 -41.91 121.52 4.19
C LYS M 36 -40.99 120.51 4.86
N GLY M 37 -41.48 119.88 5.92
CA GLY M 37 -40.67 119.00 6.73
C GLY M 37 -40.04 117.88 5.94
N PRO M 38 -38.83 117.50 6.31
CA PRO M 38 -38.14 116.40 5.59
C PRO M 38 -38.85 115.08 5.80
N VAL M 39 -39.46 114.57 4.75
CA VAL M 39 -40.24 113.35 4.85
C VAL M 39 -39.41 112.20 4.31
N ARG M 40 -39.59 111.03 4.92
CA ARG M 40 -38.73 109.87 4.71
C ARG M 40 -39.60 108.74 4.17
N MET M 41 -39.47 108.47 2.87
CA MET M 41 -40.14 107.32 2.30
C MET M 41 -39.55 106.05 2.90
N PRO M 42 -40.35 104.99 3.05
CA PRO M 42 -39.83 103.76 3.63
C PRO M 42 -38.66 103.20 2.83
N THR M 43 -37.65 102.72 3.54
CA THR M 43 -36.42 102.29 2.91
C THR M 43 -36.64 100.99 2.15
N LYS M 44 -35.99 100.87 1.00
CA LYS M 44 -36.11 99.70 0.15
C LYS M 44 -34.93 98.77 0.38
N THR M 45 -35.21 97.49 0.61
CA THR M 45 -34.17 96.50 0.86
C THR M 45 -34.12 95.54 -0.31
N LEU M 46 -33.13 95.73 -1.18
CA LEU M 46 -32.89 94.82 -2.30
C LEU M 46 -32.10 93.65 -1.76
N ARG M 47 -32.74 92.50 -1.67
CA ARG M 47 -32.14 91.32 -1.07
C ARG M 47 -31.91 90.25 -2.13
N ILE M 48 -30.68 89.76 -2.21
CA ILE M 48 -30.33 88.67 -3.12
C ILE M 48 -29.70 87.55 -2.31
N THR M 49 -30.23 86.34 -2.48
CA THR M 49 -29.75 85.19 -1.71
C THR M 49 -29.25 84.14 -2.70
N THR M 50 -27.94 83.92 -2.71
CA THR M 50 -27.32 82.99 -3.64
C THR M 50 -26.61 81.88 -2.88
N ARG M 51 -26.08 80.92 -3.63
CA ARG M 51 -25.25 79.89 -3.01
C ARG M 51 -23.82 80.40 -2.88
N LYS M 52 -23.23 80.20 -1.71
CA LYS M 52 -21.85 80.64 -1.48
C LYS M 52 -20.89 79.88 -2.38
N THR M 53 -21.11 78.58 -2.55
CA THR M 53 -20.21 77.79 -3.36
C THR M 53 -20.35 78.16 -4.84
N PRO M 54 -19.29 77.97 -5.63
CA PRO M 54 -19.41 78.11 -7.08
C PRO M 54 -19.68 76.80 -7.82
N CYS M 55 -19.62 75.66 -7.13
CA CYS M 55 -19.70 74.37 -7.79
C CYS M 55 -20.82 73.47 -7.30
N GLY M 56 -21.56 73.88 -6.28
CA GLY M 56 -22.65 73.06 -5.80
C GLY M 56 -22.26 71.96 -4.84
N GLU M 57 -21.00 71.87 -4.44
CA GLU M 57 -20.56 70.94 -3.41
C GLU M 57 -20.39 71.68 -2.10
N GLY M 58 -20.77 71.03 -1.01
CA GLY M 58 -20.62 71.60 0.31
C GLY M 58 -21.86 71.34 1.12
N SER M 59 -22.02 72.11 2.19
CA SER M 59 -23.15 71.97 3.08
C SER M 59 -24.30 72.89 2.75
N LYS M 60 -24.34 73.42 1.52
CA LYS M 60 -25.41 74.30 1.04
C LYS M 60 -25.55 75.53 1.92
N THR M 61 -24.51 76.35 1.91
CA THR M 61 -24.46 77.58 2.68
C THR M 61 -24.84 78.75 1.77
N TRP M 62 -25.77 79.57 2.23
CA TRP M 62 -26.34 80.62 1.39
C TRP M 62 -25.80 81.98 1.81
N ASP M 63 -25.53 82.81 0.82
CA ASP M 63 -25.04 84.17 1.00
C ASP M 63 -26.19 85.14 0.79
N ARG M 64 -26.34 86.08 1.72
CA ARG M 64 -27.45 87.03 1.73
C ARG M 64 -26.90 88.44 1.58
N PHE M 65 -27.03 88.99 0.38
CA PHE M 65 -26.59 90.35 0.09
C PHE M 65 -27.77 91.30 0.20
N GLN M 66 -27.55 92.42 0.87
CA GLN M 66 -28.55 93.44 1.05
C GLN M 66 -28.09 94.75 0.42
N MET M 67 -29.04 95.52 -0.07
CA MET M 67 -28.77 96.86 -0.58
C MET M 67 -29.88 97.77 -0.07
N ARG M 68 -29.52 98.74 0.76
CA ARG M 68 -30.50 99.63 1.37
C ARG M 68 -30.57 100.93 0.59
N ILE M 69 -31.76 101.27 0.12
CA ILE M 69 -32.00 102.52 -0.60
C ILE M 69 -32.89 103.39 0.29
N HIS M 70 -32.40 104.59 0.59
CA HIS M 70 -33.12 105.54 1.42
C HIS M 70 -33.55 106.73 0.58
N LYS M 71 -34.77 107.20 0.82
CA LYS M 71 -35.41 108.23 0.02
C LYS M 71 -36.01 109.27 0.95
N ARG M 72 -35.54 110.52 0.82
CA ARG M 72 -36.13 111.66 1.51
C ARG M 72 -36.65 112.63 0.47
N LEU M 73 -37.55 113.52 0.87
CA LEU M 73 -37.91 114.58 -0.07
C LEU M 73 -38.39 115.82 0.66
N ILE M 74 -38.25 116.96 -0.01
CA ILE M 74 -38.47 118.30 0.54
C ILE M 74 -39.39 119.04 -0.42
N ASP M 75 -40.16 119.99 0.11
CA ASP M 75 -40.96 120.90 -0.70
C ASP M 75 -40.58 122.33 -0.37
N LEU M 76 -40.36 123.14 -1.39
CA LEU M 76 -39.91 124.52 -1.23
C LEU M 76 -41.05 125.47 -1.55
N HIS M 77 -41.24 126.48 -0.70
CA HIS M 77 -42.33 127.43 -0.85
C HIS M 77 -41.79 128.85 -0.74
N SER M 78 -42.23 129.71 -1.65
CA SER M 78 -41.91 131.13 -1.62
C SER M 78 -42.89 131.87 -2.52
N PRO M 79 -43.24 133.11 -2.18
CA PRO M 79 -43.98 133.94 -3.15
C PRO M 79 -43.16 134.29 -4.38
N SER M 80 -41.84 134.15 -4.33
CA SER M 80 -40.97 134.44 -5.46
C SER M 80 -40.54 133.14 -6.13
N GLU M 81 -39.94 133.29 -7.30
CA GLU M 81 -39.49 132.13 -8.06
C GLU M 81 -38.26 131.55 -7.39
N ILE M 82 -38.15 130.22 -7.40
CA ILE M 82 -37.27 129.52 -6.47
C ILE M 82 -35.98 129.06 -7.15
N VAL M 83 -36.04 128.79 -8.46
CA VAL M 83 -34.85 128.29 -9.17
C VAL M 83 -33.76 129.35 -9.19
N LYS M 84 -34.14 130.61 -9.47
CA LYS M 84 -33.16 131.68 -9.44
C LYS M 84 -32.63 131.92 -8.04
N GLN M 85 -33.44 131.64 -7.01
CA GLN M 85 -33.00 131.85 -5.64
C GLN M 85 -31.96 130.80 -5.23
N ILE M 86 -32.25 129.53 -5.53
CA ILE M 86 -31.31 128.44 -5.23
C ILE M 86 -31.04 127.68 -6.53
N THR M 87 -29.79 127.72 -6.97
CA THR M 87 -29.38 127.03 -8.19
C THR M 87 -28.40 125.90 -7.94
N SER M 88 -27.54 126.03 -6.93
CA SER M 88 -26.62 124.96 -6.57
C SER M 88 -27.37 123.85 -5.83
N ILE M 89 -26.67 122.73 -5.62
CA ILE M 89 -27.26 121.58 -4.96
C ILE M 89 -26.49 121.26 -3.69
N SER M 90 -25.19 121.58 -3.69
CA SER M 90 -24.29 121.36 -2.55
C SER M 90 -24.36 119.92 -2.03
N ILE M 91 -24.16 118.98 -2.95
CA ILE M 91 -24.26 117.56 -2.63
C ILE M 91 -22.87 116.95 -2.57
N GLU M 92 -22.80 115.71 -2.13
CA GLU M 92 -21.60 114.90 -2.10
C GLU M 92 -21.89 113.61 -2.85
N PRO M 93 -20.85 112.92 -3.35
CA PRO M 93 -21.10 111.70 -4.14
C PRO M 93 -21.80 110.64 -3.30
N GLY M 94 -22.66 109.87 -3.99
CA GLY M 94 -23.45 108.84 -3.36
C GLY M 94 -24.93 109.17 -3.24
N VAL M 95 -25.32 110.41 -3.47
CA VAL M 95 -26.70 110.83 -3.38
C VAL M 95 -27.14 111.35 -4.75
N GLU M 96 -28.42 111.17 -5.05
CA GLU M 96 -29.01 111.60 -6.31
C GLU M 96 -30.17 112.54 -6.03
N VAL M 97 -30.24 113.61 -6.81
CA VAL M 97 -31.25 114.65 -6.65
C VAL M 97 -32.31 114.50 -7.75
N GLU M 98 -33.49 115.00 -7.44
CA GLU M 98 -34.61 114.96 -8.40
C GLU M 98 -35.47 116.20 -8.13
N VAL M 99 -35.33 117.22 -8.95
CA VAL M 99 -36.14 118.41 -8.84
C VAL M 99 -37.36 118.27 -9.74
N THR M 100 -38.53 118.61 -9.20
CA THR M 100 -39.78 118.42 -9.93
C THR M 100 -40.73 119.57 -9.62
N ILE M 101 -41.33 120.13 -10.66
CA ILE M 101 -42.37 121.12 -10.50
C ILE M 101 -43.70 120.40 -10.32
N ALA M 102 -44.62 121.03 -9.59
CA ALA M 102 -45.90 120.41 -9.24
C ALA M 102 -46.78 120.15 -10.45
N ASP M 103 -46.47 120.73 -11.61
CA ASP M 103 -47.27 120.46 -12.81
C ASP M 103 -47.21 118.99 -13.20
N ALA M 104 -46.02 118.39 -13.13
CA ALA M 104 -45.85 116.98 -13.46
C ALA M 104 -46.34 116.09 -12.32
N ARG N 1 -67.95 43.18 16.13
CA ARG N 1 -67.35 44.46 15.78
C ARG N 1 -66.61 44.34 14.44
N ASP N 2 -67.36 44.13 13.38
CA ASP N 2 -66.83 44.15 12.02
C ASP N 2 -67.47 45.23 11.16
N LYS N 3 -68.79 45.29 11.11
CA LYS N 3 -69.51 46.33 10.39
C LYS N 3 -70.77 46.67 11.15
N LEU N 4 -71.27 47.88 10.93
CA LEU N 4 -72.41 48.36 11.70
C LEU N 4 -73.75 48.08 11.02
N ASN N 5 -73.79 48.20 9.69
CA ASN N 5 -75.02 48.13 8.88
C ASN N 5 -76.18 48.84 9.56
N ASN N 6 -75.91 50.07 9.99
CA ASN N 6 -76.89 50.85 10.73
C ASN N 6 -78.08 51.20 9.86
N LEU N 7 -79.26 51.27 10.49
CA LEU N 7 -80.49 51.53 9.77
C LEU N 7 -80.55 52.96 9.28
N VAL N 8 -80.75 53.12 7.97
CA VAL N 8 -80.89 54.46 7.40
C VAL N 8 -82.23 55.07 7.80
N LEU N 9 -83.29 54.27 7.84
CA LEU N 9 -84.61 54.74 8.20
C LEU N 9 -85.17 53.84 9.30
N PHE N 10 -86.13 54.39 10.05
CA PHE N 10 -86.71 53.69 11.18
C PHE N 10 -87.62 52.56 10.72
N ASP N 11 -87.96 51.70 11.66
CA ASP N 11 -89.08 50.78 11.55
C ASP N 11 -89.98 51.01 12.76
N LYS N 12 -91.02 50.19 12.87
CA LYS N 12 -91.89 50.31 14.05
C LYS N 12 -91.15 49.93 15.32
N ALA N 13 -90.39 48.83 15.28
CA ALA N 13 -89.68 48.34 16.46
C ALA N 13 -88.51 49.22 16.87
N THR N 14 -88.12 50.18 16.03
CA THR N 14 -87.14 51.19 16.41
C THR N 14 -87.79 52.50 16.82
N TYR N 15 -88.85 52.90 16.13
CA TYR N 15 -89.52 54.16 16.46
C TYR N 15 -90.20 54.07 17.83
N ASP N 16 -90.80 52.91 18.14
CA ASP N 16 -91.44 52.77 19.46
C ASP N 16 -90.40 52.81 20.57
N LYS N 17 -89.24 52.18 20.36
CA LYS N 17 -88.17 52.26 21.34
C LYS N 17 -87.69 53.68 21.52
N LEU N 18 -87.55 54.43 20.42
CA LEU N 18 -87.16 55.82 20.49
C LEU N 18 -88.17 56.63 21.29
N CYS N 19 -89.46 56.44 21.03
CA CYS N 19 -90.47 57.22 21.72
C CYS N 19 -90.71 56.76 23.16
N LYS N 20 -90.26 55.56 23.52
CA LYS N 20 -90.51 55.04 24.85
C LYS N 20 -89.35 55.16 25.81
N GLU N 21 -88.10 55.19 25.33
CA GLU N 21 -86.99 55.23 26.27
C GLU N 21 -85.86 56.20 25.93
N VAL N 22 -85.83 56.80 24.74
CA VAL N 22 -84.83 57.84 24.48
C VAL N 22 -85.01 59.05 25.38
N PRO N 23 -86.25 59.62 25.59
CA PRO N 23 -86.40 60.73 26.53
C PRO N 23 -86.42 60.29 28.00
N ASN N 24 -85.47 59.41 28.35
CA ASN N 24 -85.32 58.93 29.72
C ASN N 24 -83.96 59.28 30.31
N TYR N 25 -82.89 58.98 29.58
CA TYR N 25 -81.54 59.21 30.08
C TYR N 25 -81.10 60.64 29.81
N LYS N 26 -80.07 61.06 30.56
CA LYS N 26 -79.74 62.48 30.64
C LYS N 26 -79.15 63.00 29.33
N LEU N 27 -78.20 62.26 28.76
CA LEU N 27 -77.46 62.74 27.60
C LEU N 27 -78.11 62.27 26.32
N ILE N 28 -78.43 63.22 25.44
CA ILE N 28 -78.98 62.92 24.12
C ILE N 28 -78.15 63.66 23.10
N THR N 29 -77.31 62.93 22.38
CA THR N 29 -76.52 63.41 21.25
C THR N 29 -76.78 62.48 20.07
N PRO N 30 -76.60 62.98 18.85
CA PRO N 30 -76.80 62.09 17.68
C PRO N 30 -75.94 60.85 17.71
N ALA N 31 -74.70 60.95 18.16
CA ALA N 31 -73.82 59.78 18.21
C ALA N 31 -74.32 58.76 19.22
N VAL N 32 -74.73 59.20 20.41
CA VAL N 32 -75.19 58.24 21.40
C VAL N 32 -76.53 57.65 20.99
N VAL N 33 -77.39 58.42 20.33
CA VAL N 33 -78.64 57.88 19.82
C VAL N 33 -78.37 56.84 18.74
N SER N 34 -77.43 57.12 17.83
CA SER N 34 -77.09 56.16 16.79
C SER N 34 -76.50 54.89 17.38
N GLU N 35 -75.64 55.02 18.38
CA GLU N 35 -75.04 53.84 18.98
C GLU N 35 -76.06 53.02 19.76
N ARG N 36 -77.01 53.69 20.42
CA ARG N 36 -78.00 52.96 21.20
C ARG N 36 -79.08 52.34 20.34
N LEU N 37 -79.38 52.92 19.18
CA LEU N 37 -80.49 52.46 18.36
C LEU N 37 -80.06 51.76 17.09
N LYS N 38 -78.75 51.66 16.83
CA LYS N 38 -78.21 51.05 15.61
C LYS N 38 -78.76 51.74 14.35
N ILE N 39 -78.91 53.05 14.41
CA ILE N 39 -79.40 53.82 13.28
C ILE N 39 -78.24 54.58 12.65
N ARG N 40 -78.51 55.22 11.52
CA ARG N 40 -77.47 55.85 10.71
C ARG N 40 -76.75 56.95 11.48
N GLY N 41 -77.47 57.98 11.88
CA GLY N 41 -76.88 59.10 12.58
C GLY N 41 -77.31 60.41 11.99
N SER N 42 -77.37 60.49 10.66
CA SER N 42 -78.14 61.56 10.03
C SER N 42 -79.62 61.41 10.35
N LEU N 43 -80.12 60.18 10.28
CA LEU N 43 -81.47 59.88 10.76
C LEU N 43 -81.62 60.20 12.22
N ALA N 44 -80.58 59.94 13.02
CA ALA N 44 -80.63 60.29 14.44
C ALA N 44 -80.75 61.78 14.64
N ARG N 45 -79.99 62.56 13.86
CA ARG N 45 -80.09 64.02 13.94
C ARG N 45 -81.49 64.49 13.60
N ALA N 46 -82.06 63.95 12.52
CA ALA N 46 -83.40 64.34 12.11
C ALA N 46 -84.43 63.94 13.17
N ALA N 47 -84.31 62.75 13.75
CA ALA N 47 -85.25 62.32 14.76
C ALA N 47 -85.14 63.17 16.02
N LEU N 48 -83.91 63.56 16.39
CA LEU N 48 -83.73 64.37 17.59
C LEU N 48 -84.32 65.76 17.41
N GLN N 49 -84.11 66.38 16.24
CA GLN N 49 -84.74 67.67 16.02
C GLN N 49 -86.24 67.54 15.85
N GLU N 50 -86.74 66.39 15.38
CA GLU N 50 -88.17 66.15 15.37
C GLU N 50 -88.74 66.07 16.79
N LEU N 51 -88.02 65.40 17.69
CA LEU N 51 -88.45 65.36 19.08
C LEU N 51 -88.43 66.75 19.71
N LEU N 52 -87.42 67.55 19.38
CA LEU N 52 -87.40 68.93 19.84
C LEU N 52 -88.59 69.71 19.33
N SER N 53 -88.92 69.55 18.04
CA SER N 53 -90.11 70.21 17.50
C SER N 53 -91.38 69.72 18.18
N LYS N 54 -91.41 68.45 18.58
CA LYS N 54 -92.52 67.96 19.39
C LYS N 54 -92.55 68.66 20.75
N GLY N 55 -91.39 68.99 21.29
CA GLY N 55 -91.30 69.71 22.54
C GLY N 55 -90.98 68.88 23.76
N LEU N 56 -90.61 67.61 23.58
CA LEU N 56 -90.33 66.72 24.70
C LEU N 56 -88.83 66.51 24.92
N ILE N 57 -87.99 67.30 24.27
CA ILE N 57 -86.54 67.19 24.39
C ILE N 57 -85.96 68.59 24.46
N LYS N 58 -85.03 68.82 25.38
CA LYS N 58 -84.49 70.15 25.65
C LYS N 58 -83.08 70.26 25.10
N LEU N 59 -82.86 71.19 24.18
CA LEU N 59 -81.54 71.46 23.63
C LEU N 59 -80.74 72.32 24.60
N VAL N 60 -79.40 72.17 24.57
CA VAL N 60 -78.53 73.01 25.37
C VAL N 60 -77.52 73.78 24.52
N SER N 61 -76.91 73.14 23.52
CA SER N 61 -75.75 73.73 22.85
C SER N 61 -76.02 74.14 21.41
N LYS N 62 -76.40 73.20 20.54
CA LYS N 62 -76.62 73.45 19.12
C LYS N 62 -75.39 74.08 18.46
N HIS N 63 -74.34 73.29 18.38
CA HIS N 63 -73.15 73.70 17.65
C HIS N 63 -73.00 72.86 16.38
N ARG N 64 -72.19 73.38 15.46
CA ARG N 64 -71.95 72.70 14.20
C ARG N 64 -71.38 71.30 14.42
N ALA N 65 -70.33 71.20 15.24
CA ALA N 65 -69.66 69.93 15.44
C ALA N 65 -70.38 69.04 16.44
N GLN N 66 -71.30 69.58 17.23
CA GLN N 66 -71.91 68.81 18.30
C GLN N 66 -73.19 69.50 18.74
N VAL N 67 -74.29 68.75 18.76
CA VAL N 67 -75.56 69.22 19.30
C VAL N 67 -75.94 68.33 20.46
N ILE N 68 -76.34 68.93 21.58
CA ILE N 68 -76.55 68.22 22.83
C ILE N 68 -77.96 68.48 23.34
N TYR N 69 -78.64 67.42 23.73
CA TYR N 69 -79.99 67.48 24.25
C TYR N 69 -80.06 66.83 25.62
N THR N 70 -81.22 66.97 26.26
CA THR N 70 -81.45 66.45 27.59
C THR N 70 -82.95 66.24 27.78
N ARG N 71 -83.28 65.50 28.83
CA ARG N 71 -84.67 65.23 29.17
C ARG N 71 -85.29 66.43 29.85
N ASN N 72 -86.62 66.51 29.76
CA ASN N 72 -87.34 67.55 30.48
C ASN N 72 -87.37 67.24 31.97
N THR N 73 -87.31 68.29 32.77
CA THR N 73 -87.30 68.13 34.23
C THR N 73 -88.69 67.80 34.75
N LYS N 74 -88.74 66.90 35.73
CA LYS N 74 -89.99 66.46 36.34
C LYS N 74 -90.07 67.02 37.77
N GLY N 75 -91.23 67.53 38.12
CA GLY N 75 -91.45 68.07 39.46
C GLY N 75 -92.45 69.20 39.51
N ARG O 1 -52.14 43.98 56.99
CA ARG O 1 -50.78 43.46 56.94
C ARG O 1 -49.90 44.31 56.03
N VAL O 2 -50.42 44.62 54.83
CA VAL O 2 -49.66 45.41 53.88
C VAL O 2 -49.51 46.84 54.40
N GLN O 3 -48.38 47.45 54.07
CA GLN O 3 -48.14 48.84 54.47
C GLN O 3 -49.01 49.77 53.65
N PRO O 4 -49.66 50.75 54.27
CA PRO O 4 -50.49 51.69 53.50
C PRO O 4 -49.65 52.73 52.79
N ILE O 5 -50.27 53.37 51.81
CA ILE O 5 -49.62 54.43 51.04
C ILE O 5 -49.49 55.65 51.93
N LYS O 6 -48.31 56.22 52.01
CA LYS O 6 -48.08 57.38 52.87
C LYS O 6 -47.49 58.53 52.07
N LEU O 7 -47.18 59.62 52.77
CA LEU O 7 -46.72 60.84 52.13
C LEU O 7 -45.39 61.28 52.75
N ALA O 8 -44.52 61.85 51.92
CA ALA O 8 -43.25 62.38 52.39
C ALA O 8 -42.98 63.70 51.69
N ARG O 9 -42.47 64.67 52.44
CA ARG O 9 -42.18 65.99 51.91
C ARG O 9 -40.68 66.14 51.67
N VAL O 10 -40.33 66.69 50.50
CA VAL O 10 -38.94 66.92 50.16
C VAL O 10 -38.39 68.07 50.98
N THR O 11 -37.24 67.86 51.62
CA THR O 11 -36.52 68.91 52.31
C THR O 11 -35.31 69.41 51.54
N LYS O 12 -34.54 68.49 50.96
CA LYS O 12 -33.35 68.84 50.21
C LYS O 12 -33.28 68.01 48.94
N VAL O 13 -32.58 68.54 47.94
CA VAL O 13 -32.34 67.85 46.69
C VAL O 13 -30.87 67.47 46.65
N LEU O 14 -30.59 66.19 46.40
CA LEU O 14 -29.24 65.66 46.52
C LEU O 14 -28.54 65.50 45.18
N GLY O 15 -29.10 66.06 44.12
CA GLY O 15 -28.49 66.00 42.80
C GLY O 15 -29.08 64.88 41.94
N ARG O 16 -28.74 64.94 40.66
CA ARG O 16 -29.29 64.01 39.69
C ARG O 16 -28.60 62.65 39.77
N THR O 17 -29.19 61.69 39.09
CA THR O 17 -28.75 60.29 39.08
C THR O 17 -29.56 59.57 38.01
N GLY O 18 -29.15 58.34 37.72
CA GLY O 18 -29.81 57.52 36.74
C GLY O 18 -29.04 57.29 35.46
N SER O 19 -27.76 57.69 35.42
CA SER O 19 -26.85 57.57 34.28
C SER O 19 -27.27 58.43 33.10
N GLN O 20 -28.37 59.17 33.20
CA GLN O 20 -28.79 60.05 32.13
C GLN O 20 -29.35 61.37 32.67
N GLY O 21 -29.28 61.59 33.98
CA GLY O 21 -29.88 62.76 34.59
C GLY O 21 -31.38 62.68 34.72
N GLN O 22 -31.97 61.54 34.41
CA GLN O 22 -33.43 61.41 34.37
C GLN O 22 -34.06 61.26 35.74
N CYS O 23 -33.28 61.04 36.79
CA CYS O 23 -33.80 61.00 38.14
C CYS O 23 -33.04 62.00 38.99
N THR O 24 -33.67 62.46 40.07
CA THR O 24 -33.02 63.29 41.05
C THR O 24 -33.25 62.68 42.42
N GLN O 25 -32.20 62.63 43.24
CA GLN O 25 -32.31 62.08 44.59
C GLN O 25 -32.65 63.20 45.55
N VAL O 26 -33.67 62.98 46.36
CA VAL O 26 -34.17 63.98 47.28
C VAL O 26 -34.29 63.36 48.67
N ARG O 27 -33.93 64.14 49.68
CA ARG O 27 -34.15 63.76 51.07
C ARG O 27 -35.59 64.11 51.43
N VAL O 28 -36.35 63.12 51.88
CA VAL O 28 -37.76 63.28 52.18
C VAL O 28 -38.02 62.89 53.62
N GLU O 29 -38.78 63.71 54.31
CA GLU O 29 -39.21 63.43 55.68
C GLU O 29 -40.71 63.12 55.67
N PHE O 30 -41.08 62.07 56.40
CA PHE O 30 -42.47 61.64 56.43
C PHE O 30 -43.32 62.67 57.16
N MET O 31 -44.51 62.93 56.64
CA MET O 31 -45.43 63.86 57.29
C MET O 31 -45.94 63.30 58.62
N ASP O 32 -45.86 61.99 58.81
CA ASP O 32 -46.25 61.40 60.09
C ASP O 32 -45.24 61.72 61.18
N ASP O 33 -43.96 61.54 60.90
CA ASP O 33 -42.89 61.82 61.86
C ASP O 33 -41.88 62.74 61.22
N THR O 34 -41.73 63.94 61.78
CA THR O 34 -40.80 64.93 61.23
C THR O 34 -39.36 64.44 61.30
N SER O 35 -39.00 63.78 62.40
CA SER O 35 -37.62 63.35 62.59
C SER O 35 -37.23 62.27 61.58
N ARG O 36 -38.13 61.32 61.31
CA ARG O 36 -37.80 60.21 60.43
C ARG O 36 -37.74 60.70 58.99
N SER O 37 -36.58 60.53 58.35
CA SER O 37 -36.37 61.00 56.99
C SER O 37 -35.38 60.08 56.29
N ILE O 38 -35.61 59.84 55.00
CA ILE O 38 -34.76 59.00 54.18
C ILE O 38 -34.40 59.76 52.92
N ILE O 39 -33.71 59.09 52.00
CA ILE O 39 -33.38 59.63 50.69
C ILE O 39 -33.93 58.69 49.63
N ARG O 40 -34.63 59.28 48.65
CA ARG O 40 -35.23 58.50 47.58
C ARG O 40 -34.99 59.19 46.25
N ASN O 41 -34.80 58.40 45.20
CA ASN O 41 -34.67 58.93 43.86
C ASN O 41 -36.04 58.98 43.20
N VAL O 42 -36.37 60.15 42.64
CA VAL O 42 -37.67 60.41 42.03
C VAL O 42 -37.44 60.95 40.62
N LYS O 43 -38.45 60.80 39.78
CA LYS O 43 -38.39 61.29 38.41
C LYS O 43 -39.39 62.43 38.23
N GLY O 44 -39.10 63.30 37.27
CA GLY O 44 -39.89 64.49 37.05
C GLY O 44 -39.28 65.70 37.72
N PRO O 45 -39.78 66.88 37.40
CA PRO O 45 -39.23 68.11 37.99
C PRO O 45 -39.60 68.22 39.46
N VAL O 46 -38.60 68.30 40.32
CA VAL O 46 -38.80 68.36 41.76
C VAL O 46 -38.10 69.59 42.31
N ARG O 47 -38.77 70.29 43.21
CA ARG O 47 -38.18 71.39 43.95
C ARG O 47 -38.44 71.18 45.43
N GLU O 48 -37.58 71.75 46.27
CA GLU O 48 -37.70 71.55 47.70
C GLU O 48 -38.97 72.19 48.23
N GLY O 49 -39.65 71.46 49.10
CA GLY O 49 -40.91 71.92 49.66
C GLY O 49 -42.14 71.40 48.98
N ASP O 50 -42.13 70.17 48.48
CA ASP O 50 -43.31 69.57 47.88
C ASP O 50 -43.48 68.15 48.38
N VAL O 51 -44.72 67.68 48.37
CA VAL O 51 -45.09 66.40 48.96
C VAL O 51 -45.25 65.39 47.86
N LEU O 52 -44.63 64.22 48.02
CA LEU O 52 -44.75 63.11 47.09
C LEU O 52 -45.14 61.86 47.86
N THR O 53 -45.91 61.00 47.22
CA THR O 53 -46.43 59.84 47.89
C THR O 53 -45.47 58.66 47.77
N LEU O 54 -45.59 57.74 48.72
CA LEU O 54 -44.77 56.55 48.79
C LEU O 54 -45.66 55.33 48.92
N LEU O 55 -45.46 54.36 48.03
CA LEU O 55 -46.14 53.08 48.10
C LEU O 55 -45.40 52.07 48.95
N GLU O 56 -44.17 52.38 49.36
CA GLU O 56 -43.38 51.50 50.21
C GLU O 56 -42.54 52.36 51.14
N SER O 57 -42.15 51.79 52.27
CA SER O 57 -41.42 52.56 53.27
C SER O 57 -39.94 52.66 52.93
N GLU O 58 -39.32 51.54 52.56
CA GLU O 58 -37.89 51.51 52.28
C GLU O 58 -37.62 50.94 50.91
N ARG O 59 -36.81 51.64 50.14
CA ARG O 59 -36.32 51.09 48.87
C ARG O 59 -34.82 51.25 48.71
N GLU O 60 -34.24 52.36 49.15
CA GLU O 60 -32.90 52.72 48.73
C GLU O 60 -32.33 53.77 49.67
N ALA O 61 -31.01 53.69 49.87
CA ALA O 61 -30.27 54.70 50.61
C ALA O 61 -28.80 54.60 50.23
N ARG O 62 -28.28 55.58 49.51
CA ARG O 62 -26.87 55.63 49.17
C ARG O 62 -26.47 57.07 48.89
N ARG O 63 -25.16 57.33 48.98
CA ARG O 63 -24.59 58.64 48.70
C ARG O 63 -23.68 58.53 47.50
N LEU O 64 -23.82 59.46 46.55
CA LEU O 64 -22.99 59.47 45.36
C LEU O 64 -21.94 60.58 45.45
N GLY P 1 -22.92 78.79 -41.99
CA GLY P 1 -23.37 78.76 -43.36
C GLY P 1 -23.69 80.13 -43.89
N HIS P 2 -24.54 80.19 -44.92
CA HIS P 2 -24.95 81.45 -45.50
C HIS P 2 -25.99 82.14 -44.63
N GLN P 3 -26.40 83.34 -45.04
CA GLN P 3 -27.20 84.20 -44.18
C GLN P 3 -28.57 83.63 -43.85
N GLN P 4 -29.04 82.64 -44.60
CA GLN P 4 -30.41 82.17 -44.40
C GLN P 4 -30.56 81.32 -43.15
N LEU P 5 -29.52 80.60 -42.73
CA LEU P 5 -29.68 79.64 -41.65
C LEU P 5 -28.58 79.70 -40.59
N TYR P 6 -27.67 80.67 -40.64
CA TYR P 6 -26.60 80.73 -39.65
C TYR P 6 -27.15 81.01 -38.26
N TRP P 7 -27.97 82.04 -38.13
CA TRP P 7 -28.58 82.43 -36.87
C TRP P 7 -30.10 82.37 -36.97
N SER P 8 -30.61 81.46 -37.82
CA SER P 8 -32.02 81.46 -38.16
C SER P 8 -32.90 81.07 -36.98
N HIS P 9 -32.37 80.29 -36.06
CA HIS P 9 -33.17 79.80 -34.95
C HIS P 9 -33.59 80.96 -34.05
N PRO P 10 -34.86 81.08 -33.70
CA PRO P 10 -35.29 82.20 -32.86
C PRO P 10 -34.68 82.13 -31.48
N ARG P 11 -34.20 83.27 -31.00
CA ARG P 11 -33.60 83.42 -29.68
C ARG P 11 -34.27 84.56 -28.94
N LYS P 12 -35.60 84.58 -28.95
CA LYS P 12 -36.36 85.62 -28.27
C LYS P 12 -36.60 85.30 -26.80
N PHE P 13 -36.20 84.13 -26.34
CA PHE P 13 -36.51 83.65 -25.00
C PHE P 13 -35.64 82.43 -24.69
N GLY P 14 -35.83 81.86 -23.52
CA GLY P 14 -35.11 80.69 -23.11
C GLY P 14 -33.71 81.02 -22.61
N GLN P 15 -33.00 79.98 -22.21
CA GLN P 15 -31.64 80.15 -21.71
C GLN P 15 -30.67 80.53 -22.82
N GLY P 16 -30.98 80.22 -24.07
CA GLY P 16 -30.10 80.60 -25.16
C GLY P 16 -30.12 82.08 -25.45
N SER P 17 -31.21 82.76 -25.13
CA SER P 17 -31.30 84.20 -25.34
C SER P 17 -30.53 84.98 -24.30
N ARG P 18 -30.35 84.43 -23.10
CA ARG P 18 -29.77 85.14 -21.97
C ARG P 18 -28.40 84.58 -21.65
N SER P 19 -27.42 85.48 -21.51
CA SER P 19 -26.08 85.11 -21.10
C SER P 19 -25.58 86.15 -20.11
N CYS P 20 -24.58 85.76 -19.32
CA CYS P 20 -24.03 86.67 -18.33
C CYS P 20 -23.35 87.84 -19.02
N ARG P 21 -23.56 89.04 -18.47
CA ARG P 21 -22.97 90.24 -19.03
C ARG P 21 -21.46 90.31 -18.82
N VAL P 22 -20.89 89.42 -18.00
CA VAL P 22 -19.45 89.40 -17.73
C VAL P 22 -18.78 88.20 -18.39
N CYS P 23 -19.16 86.99 -17.97
CA CYS P 23 -18.47 85.78 -18.40
C CYS P 23 -19.14 85.08 -19.56
N SER P 24 -20.24 85.62 -20.08
CA SER P 24 -20.98 85.03 -21.20
C SER P 24 -21.39 83.59 -20.91
N ASN P 25 -21.89 83.38 -19.70
CA ASN P 25 -22.37 82.07 -19.27
C ASN P 25 -23.89 82.05 -19.26
N ARG P 26 -24.45 80.85 -19.44
CA ARG P 26 -25.90 80.69 -19.55
C ARG P 26 -26.52 80.04 -18.32
N HIS P 27 -25.79 79.92 -17.22
CA HIS P 27 -26.28 79.21 -16.05
C HIS P 27 -26.10 80.04 -14.80
N GLY P 28 -27.09 79.96 -13.91
CA GLY P 28 -27.03 80.70 -12.67
C GLY P 28 -27.21 82.19 -12.80
N LEU P 29 -27.88 82.65 -13.86
CA LEU P 29 -28.05 84.08 -14.05
C LEU P 29 -28.97 84.67 -13.00
N ILE P 30 -28.79 85.96 -12.76
CA ILE P 30 -29.61 86.72 -11.82
C ILE P 30 -30.23 87.85 -12.61
N ARG P 31 -31.50 87.70 -12.97
CA ARG P 31 -32.22 88.74 -13.69
C ARG P 31 -32.98 89.68 -12.76
N LYS P 32 -32.86 89.49 -11.45
CA LYS P 32 -33.50 90.40 -10.52
C LYS P 32 -32.85 91.77 -10.59
N TYR P 33 -33.69 92.81 -10.64
CA TYR P 33 -33.24 94.20 -10.77
C TYR P 33 -32.40 94.43 -12.02
N GLY P 34 -32.57 93.60 -13.04
CA GLY P 34 -31.85 93.77 -14.29
C GLY P 34 -30.35 93.60 -14.17
N LEU P 35 -29.88 92.73 -13.28
CA LEU P 35 -28.45 92.49 -13.16
C LEU P 35 -27.90 91.81 -14.41
N ASN P 36 -28.55 90.71 -14.82
CA ASN P 36 -28.12 89.90 -15.95
C ASN P 36 -26.64 89.50 -15.80
N MET P 37 -26.36 88.85 -14.69
CA MET P 37 -24.98 88.51 -14.37
C MET P 37 -24.95 87.16 -13.67
N CYS P 38 -23.83 86.46 -13.82
CA CYS P 38 -23.72 85.08 -13.40
C CYS P 38 -23.78 84.96 -11.88
N ARG P 39 -24.05 83.73 -11.44
CA ARG P 39 -24.11 83.43 -10.01
C ARG P 39 -22.80 83.76 -9.32
N GLN P 40 -21.69 83.32 -9.88
CA GLN P 40 -20.38 83.57 -9.29
C GLN P 40 -19.87 84.96 -9.60
N CYS P 41 -20.23 85.51 -10.76
CA CYS P 41 -19.83 86.88 -11.06
C CYS P 41 -20.47 87.86 -10.10
N PHE P 42 -21.70 87.59 -9.66
CA PHE P 42 -22.30 88.46 -8.66
C PHE P 42 -21.57 88.38 -7.34
N ARG P 43 -21.15 87.18 -6.93
CA ARG P 43 -20.35 87.06 -5.72
C ARG P 43 -19.03 87.82 -5.86
N GLN P 44 -18.50 87.87 -7.08
CA GLN P 44 -17.26 88.59 -7.32
C GLN P 44 -17.45 90.10 -7.25
N TYR P 45 -18.54 90.63 -7.81
CA TYR P 45 -18.72 92.06 -7.95
C TYR P 45 -19.80 92.63 -7.04
N ALA P 46 -20.21 91.91 -6.00
CA ALA P 46 -21.27 92.38 -5.13
C ALA P 46 -20.88 93.66 -4.39
N LYS P 47 -19.69 93.66 -3.77
CA LYS P 47 -19.25 94.85 -3.06
C LYS P 47 -18.98 96.00 -4.02
N ASP P 48 -18.49 95.70 -5.22
CA ASP P 48 -18.28 96.74 -6.21
C ASP P 48 -19.60 97.39 -6.59
N ILE P 49 -20.65 96.59 -6.79
CA ILE P 49 -21.96 97.13 -7.13
C ILE P 49 -22.53 97.94 -5.97
N GLY P 50 -22.44 97.40 -4.76
CA GLY P 50 -23.00 98.06 -3.60
C GLY P 50 -23.84 97.11 -2.76
N PHE P 51 -23.73 95.82 -3.05
CA PHE P 51 -24.42 94.80 -2.27
C PHE P 51 -23.49 94.33 -1.16
N ILE P 52 -23.94 94.45 0.08
CA ILE P 52 -23.16 94.08 1.24
C ILE P 52 -23.91 93.00 2.01
N LYS P 53 -23.21 92.39 2.97
CA LYS P 53 -23.77 91.35 3.82
C LYS P 53 -24.06 91.96 5.19
N LEU P 54 -25.31 92.33 5.42
CA LEU P 54 -25.68 92.85 6.73
C LEU P 54 -25.97 91.73 7.72
N ASP P 55 -26.58 90.64 7.25
CA ASP P 55 -26.95 89.53 8.12
C ASP P 55 -27.11 88.23 7.35
N TYR Q 1 -13.43 57.72 -36.68
CA TYR Q 1 -14.78 58.19 -36.97
C TYR Q 1 -15.52 57.19 -37.83
N THR Q 2 -14.99 56.99 -39.03
CA THR Q 2 -15.56 56.11 -40.04
C THR Q 2 -17.03 56.50 -40.32
N THR Q 3 -17.16 57.70 -40.85
CA THR Q 3 -18.46 58.16 -41.32
C THR Q 3 -18.85 57.38 -42.57
N PRO Q 4 -20.11 56.94 -42.69
CA PRO Q 4 -20.50 56.10 -43.83
C PRO Q 4 -20.32 56.77 -45.18
N LYS Q 5 -20.60 58.07 -45.28
CA LYS Q 5 -20.46 58.77 -46.55
C LYS Q 5 -19.01 59.12 -46.80
N LYS Q 6 -18.64 59.17 -48.08
CA LYS Q 6 -17.30 59.60 -48.44
C LYS Q 6 -17.15 61.10 -48.25
N ASN Q 7 -15.92 61.57 -48.30
CA ASN Q 7 -15.65 62.99 -48.10
C ASN Q 7 -16.36 63.80 -49.18
N LYS Q 8 -17.15 64.78 -48.75
CA LYS Q 8 -17.95 65.55 -49.68
C LYS Q 8 -17.05 66.36 -50.62
N HIS Q 9 -17.38 66.30 -51.91
CA HIS Q 9 -16.65 67.10 -52.89
C HIS Q 9 -16.91 68.58 -52.65
N LYS Q 10 -15.87 69.39 -52.85
CA LYS Q 10 -15.99 70.84 -52.80
C LYS Q 10 -15.92 71.38 -54.22
N ARG Q 11 -16.84 72.29 -54.54
CA ARG Q 11 -16.90 72.84 -55.88
C ARG Q 11 -15.67 73.68 -56.20
N LYS Q 12 -15.10 73.45 -57.37
CA LYS Q 12 -14.08 74.32 -57.94
C LYS Q 12 -14.65 74.97 -59.19
N LYS Q 13 -14.37 76.26 -59.36
CA LYS Q 13 -14.93 77.01 -60.48
C LYS Q 13 -14.33 76.52 -61.80
N VAL Q 14 -15.01 76.89 -62.90
CA VAL Q 14 -14.59 76.44 -64.22
C VAL Q 14 -13.33 77.14 -64.70
N LYS Q 15 -13.01 78.32 -64.15
CA LYS Q 15 -11.86 79.13 -64.55
C LYS Q 15 -11.91 79.45 -66.04
N LEU Q 16 -12.98 80.12 -66.44
CA LEU Q 16 -13.19 80.43 -67.85
C LEU Q 16 -12.24 81.54 -68.30
N ALA Q 17 -11.94 81.54 -69.61
CA ALA Q 17 -11.08 82.55 -70.21
C ALA Q 17 -11.87 83.84 -70.46
N VAL Q 18 -11.32 84.71 -71.32
CA VAL Q 18 -11.89 86.03 -71.55
C VAL Q 18 -13.38 85.93 -71.91
N LEU Q 19 -14.15 86.89 -71.39
CA LEU Q 19 -15.60 86.87 -71.56
C LEU Q 19 -16.00 87.14 -73.01
N LYS Q 20 -15.64 88.31 -73.54
CA LYS Q 20 -15.75 88.70 -74.96
C LYS Q 20 -17.10 88.34 -75.60
N TYR Q 21 -18.15 88.18 -74.81
CA TYR Q 21 -19.44 87.75 -75.34
C TYR Q 21 -20.29 88.88 -75.94
N TYR Q 22 -19.69 89.67 -76.82
CA TYR Q 22 -20.43 90.60 -77.66
C TYR Q 22 -19.56 90.95 -78.87
N LYS Q 23 -20.16 90.88 -80.06
CA LYS Q 23 -19.41 90.93 -81.30
C LYS Q 23 -19.80 92.15 -82.12
N VAL Q 24 -18.84 92.66 -82.88
CA VAL Q 24 -19.05 93.76 -83.81
C VAL Q 24 -18.95 93.23 -85.23
N ASP Q 25 -19.53 93.99 -86.17
CA ASP Q 25 -19.63 93.56 -87.56
C ASP Q 25 -19.14 94.68 -88.47
N GLU Q 26 -18.73 94.27 -89.68
CA GLU Q 26 -18.27 95.12 -90.78
C GLU Q 26 -17.39 96.27 -90.27
N ASN Q 27 -16.26 95.88 -89.67
CA ASN Q 27 -15.29 96.80 -89.08
C ASN Q 27 -15.90 97.64 -87.96
N GLY Q 28 -16.79 97.05 -87.18
CA GLY Q 28 -17.29 97.70 -86.00
C GLY Q 28 -18.75 98.12 -86.07
N LYS Q 29 -19.62 97.31 -85.49
CA LYS Q 29 -21.03 97.66 -85.29
C LYS Q 29 -21.42 97.18 -83.91
N ILE Q 30 -21.78 98.11 -83.03
CA ILE Q 30 -22.06 97.76 -81.65
C ILE Q 30 -23.28 96.84 -81.60
N SER Q 31 -23.09 95.65 -81.06
CA SER Q 31 -24.13 94.63 -81.07
C SER Q 31 -23.86 93.62 -79.98
N ARG Q 32 -24.91 93.21 -79.28
CA ARG Q 32 -24.81 92.25 -78.18
C ARG Q 32 -25.35 90.90 -78.63
N LEU Q 33 -24.58 89.85 -78.40
CA LEU Q 33 -25.04 88.49 -78.60
C LEU Q 33 -25.67 87.90 -77.35
N ARG Q 34 -25.85 88.71 -76.31
CA ARG Q 34 -26.45 88.31 -75.05
C ARG Q 34 -27.64 89.20 -74.73
N ARG Q 35 -28.14 89.07 -73.51
CA ARG Q 35 -29.32 89.78 -73.02
C ARG Q 35 -28.91 90.71 -71.89
N GLU Q 36 -29.64 91.82 -71.76
CA GLU Q 36 -29.37 92.84 -70.76
C GLU Q 36 -30.39 92.74 -69.62
N CYS Q 37 -29.91 92.74 -68.39
CA CYS Q 37 -30.78 92.80 -67.22
C CYS Q 37 -31.42 94.18 -67.13
N PRO Q 38 -32.74 94.29 -67.11
CA PRO Q 38 -33.39 95.60 -67.17
C PRO Q 38 -33.66 96.26 -65.82
N SER Q 39 -33.19 95.68 -64.71
CA SER Q 39 -33.40 96.32 -63.43
C SER Q 39 -32.45 97.52 -63.29
N ASP Q 40 -32.78 98.38 -62.34
CA ASP Q 40 -31.93 99.54 -62.06
C ASP Q 40 -30.72 99.20 -61.20
N GLU Q 41 -30.68 98.02 -60.60
CA GLU Q 41 -29.50 97.58 -59.85
C GLU Q 41 -28.58 96.68 -60.67
N CYS Q 42 -29.13 95.86 -61.57
CA CYS Q 42 -28.30 95.17 -62.55
C CYS Q 42 -27.59 96.18 -63.46
N GLY Q 43 -28.34 97.13 -63.98
CA GLY Q 43 -27.77 98.13 -64.87
C GLY Q 43 -27.52 97.57 -66.27
N ALA Q 44 -26.68 98.29 -67.01
CA ALA Q 44 -26.32 97.91 -68.38
C ALA Q 44 -25.01 97.14 -68.47
N GLY Q 45 -24.14 97.26 -67.48
CA GLY Q 45 -22.87 96.56 -67.53
C GLY Q 45 -23.01 95.06 -67.46
N VAL Q 46 -23.91 94.58 -66.62
CA VAL Q 46 -24.12 93.15 -66.47
C VAL Q 46 -24.90 92.62 -67.69
N PHE Q 47 -24.91 91.30 -67.82
CA PHE Q 47 -25.62 90.64 -68.92
C PHE Q 47 -26.34 89.42 -68.38
N MET Q 48 -27.56 89.19 -68.88
CA MET Q 48 -28.30 88.01 -68.47
C MET Q 48 -27.70 86.76 -69.09
N ALA Q 49 -27.95 85.62 -68.43
CA ALA Q 49 -27.42 84.35 -68.88
C ALA Q 49 -28.16 83.86 -70.12
N SER Q 50 -27.74 82.71 -70.63
CA SER Q 50 -28.30 82.11 -71.83
C SER Q 50 -28.56 80.63 -71.61
N HIS Q 51 -29.25 80.31 -70.52
CA HIS Q 51 -29.62 78.92 -70.27
C HIS Q 51 -30.56 78.42 -71.36
N PHE Q 52 -30.75 77.10 -71.39
CA PHE Q 52 -31.54 76.47 -72.45
C PHE Q 52 -33.01 76.86 -72.40
N ASP Q 53 -33.49 77.36 -71.27
CA ASP Q 53 -34.91 77.70 -71.17
C ASP Q 53 -35.21 79.01 -70.46
N ARG Q 54 -34.20 79.76 -70.02
CA ARG Q 54 -34.47 81.05 -69.38
C ARG Q 54 -33.22 81.91 -69.45
N HIS Q 55 -33.39 83.17 -69.10
CA HIS Q 55 -32.31 84.13 -68.97
C HIS Q 55 -32.28 84.66 -67.55
N TYR Q 56 -31.08 84.72 -66.95
CA TYR Q 56 -30.90 85.00 -65.53
C TYR Q 56 -29.96 86.17 -65.35
N CYS Q 57 -30.38 87.16 -64.55
CA CYS Q 57 -29.57 88.35 -64.32
C CYS Q 57 -28.57 88.06 -63.22
N GLY Q 58 -27.34 88.51 -63.41
CA GLY Q 58 -26.29 88.21 -62.44
C GLY Q 58 -26.52 88.85 -61.10
N LYS Q 59 -26.95 90.12 -61.10
CA LYS Q 59 -27.26 90.83 -59.87
C LYS Q 59 -28.75 90.78 -59.55
N CYS Q 60 -29.59 91.21 -60.49
CA CYS Q 60 -31.03 91.31 -60.24
C CYS Q 60 -31.69 89.96 -60.07
N CYS Q 61 -31.03 88.86 -60.43
CA CYS Q 61 -31.54 87.50 -60.30
C CYS Q 61 -32.84 87.30 -61.07
N LEU Q 62 -33.21 88.23 -61.93
CA LEU Q 62 -34.43 88.11 -62.72
C LEU Q 62 -34.29 86.97 -63.71
N THR Q 63 -35.39 86.24 -63.89
CA THR Q 63 -35.42 85.14 -64.86
C THR Q 63 -36.55 85.35 -65.84
N TYR Q 64 -36.24 85.22 -67.12
CA TYR Q 64 -37.19 85.35 -68.20
C TYR Q 64 -37.18 84.07 -68.99
N CYS Q 65 -38.26 83.30 -68.93
CA CYS Q 65 -38.40 82.09 -69.71
C CYS Q 65 -39.40 82.30 -70.84
N PHE Q 66 -39.43 81.34 -71.76
CA PHE Q 66 -40.34 81.36 -72.89
C PHE Q 66 -41.25 80.14 -72.82
N ASN Q 67 -42.55 80.37 -72.96
CA ASN Q 67 -43.53 79.31 -72.86
C ASN Q 67 -44.58 79.41 -73.97
N THR R 1 -38.05 121.30 74.16
CA THR R 1 -39.08 120.31 73.89
C THR R 1 -39.61 120.44 72.45
N GLU R 2 -38.76 120.96 71.57
CA GLU R 2 -39.09 121.13 70.15
C GLU R 2 -38.07 120.34 69.33
N GLN R 3 -38.45 119.13 68.94
CA GLN R 3 -37.59 118.23 68.19
C GLN R 3 -38.36 117.66 67.00
N MET R 4 -37.62 117.29 65.97
CA MET R 4 -38.24 116.69 64.79
C MET R 4 -38.73 115.29 65.10
N THR R 5 -39.91 114.96 64.59
CA THR R 5 -40.47 113.62 64.74
C THR R 5 -41.04 113.16 63.41
N LEU R 6 -41.09 111.84 63.24
CA LEU R 6 -41.58 111.25 62.01
C LEU R 6 -43.10 111.22 61.99
N ARG R 7 -43.69 111.72 60.91
CA ARG R 7 -45.13 111.66 60.71
C ARG R 7 -45.58 110.56 59.77
N GLY R 8 -44.79 110.24 58.76
CA GLY R 8 -45.16 109.18 57.85
C GLY R 8 -44.31 109.18 56.60
N THR R 9 -44.65 108.24 55.72
CA THR R 9 -43.98 108.03 54.46
C THR R 9 -45.00 108.08 53.32
N LEU R 10 -44.54 108.51 52.16
CA LEU R 10 -45.34 108.60 50.95
C LEU R 10 -44.65 107.82 49.85
N LYS R 11 -45.43 106.97 49.18
CA LYS R 11 -44.94 106.02 48.21
C LYS R 11 -45.70 106.19 46.90
N GLY R 12 -45.10 105.75 45.80
CA GLY R 12 -45.72 105.84 44.49
C GLY R 12 -44.70 106.07 43.40
N HIS R 13 -43.53 106.56 43.78
CA HIS R 13 -42.43 106.73 42.86
C HIS R 13 -41.77 105.38 42.58
N ASN R 14 -41.03 105.33 41.47
CA ASN R 14 -40.23 104.16 41.13
C ASN R 14 -38.76 104.47 40.97
N GLY R 15 -38.37 105.74 40.88
CA GLY R 15 -36.98 106.14 40.86
C GLY R 15 -36.64 106.97 42.09
N TRP R 16 -35.37 107.33 42.20
CA TRP R 16 -34.93 108.14 43.33
C TRP R 16 -35.58 109.51 43.28
N VAL R 17 -36.12 109.95 44.42
CA VAL R 17 -36.83 111.22 44.49
C VAL R 17 -35.80 112.34 44.47
N THR R 18 -35.61 112.95 43.31
CA THR R 18 -34.54 113.92 43.17
C THR R 18 -34.88 115.26 43.80
N GLN R 19 -36.13 115.69 43.74
CA GLN R 19 -36.47 117.04 44.20
C GLN R 19 -37.86 117.08 44.82
N ILE R 20 -38.05 118.03 45.72
CA ILE R 20 -39.35 118.32 46.33
C ILE R 20 -39.61 119.81 46.18
N ALA R 21 -40.85 120.18 45.83
CA ALA R 21 -41.16 121.59 45.62
C ALA R 21 -42.56 121.91 46.11
N THR R 22 -42.67 123.01 46.86
CA THR R 22 -43.93 123.48 47.42
C THR R 22 -44.06 124.98 47.20
N THR R 23 -45.27 125.49 47.40
CA THR R 23 -45.58 126.91 47.23
C THR R 23 -46.34 127.41 48.46
N PRO R 24 -45.98 128.56 49.01
CA PRO R 24 -46.76 129.11 50.13
C PRO R 24 -48.20 129.41 49.78
N GLN R 25 -48.50 129.75 48.52
CA GLN R 25 -49.87 130.03 48.13
C GLN R 25 -50.75 128.80 48.26
N PHE R 26 -50.19 127.62 48.03
CA PHE R 26 -50.91 126.35 48.18
C PHE R 26 -50.11 125.46 49.12
N PRO R 27 -50.20 125.71 50.43
CA PRO R 27 -49.49 124.85 51.39
C PRO R 27 -50.01 123.42 51.40
N ASP R 28 -51.22 123.18 50.90
CA ASP R 28 -51.81 121.86 50.88
C ASP R 28 -51.38 121.07 49.65
N MET R 29 -50.59 121.66 48.77
CA MET R 29 -50.14 121.02 47.54
C MET R 29 -48.63 121.01 47.49
N ILE R 30 -48.06 119.88 47.06
CA ILE R 30 -46.62 119.74 46.89
C ILE R 30 -46.40 118.91 45.63
N LEU R 31 -45.14 118.81 45.19
CA LEU R 31 -44.87 117.86 44.12
C LEU R 31 -43.42 117.41 44.18
N SER R 32 -43.20 116.13 43.88
CA SER R 32 -41.90 115.49 43.97
C SER R 32 -41.48 115.01 42.59
N ALA R 33 -40.27 115.41 42.19
CA ALA R 33 -39.67 114.95 40.94
C ALA R 33 -38.71 113.81 41.27
N SER R 34 -38.85 112.71 40.53
CA SER R 34 -38.16 111.48 40.85
C SER R 34 -37.54 110.89 39.59
N ARG R 35 -36.70 109.88 39.77
CA ARG R 35 -36.02 109.24 38.65
C ARG R 35 -36.92 108.26 37.90
N ASP R 36 -38.20 108.19 38.23
CA ASP R 36 -39.15 107.36 37.50
C ASP R 36 -39.73 108.06 36.28
N LYS R 37 -39.08 109.13 35.82
CA LYS R 37 -39.53 109.93 34.67
C LYS R 37 -40.96 110.42 34.87
N THR R 38 -41.29 110.76 36.12
CA THR R 38 -42.64 111.18 36.46
C THR R 38 -42.56 112.12 37.66
N ILE R 39 -43.26 113.25 37.57
CA ILE R 39 -43.33 114.16 38.71
C ILE R 39 -44.68 113.98 39.38
N ILE R 40 -44.69 113.43 40.59
CA ILE R 40 -45.96 113.18 41.24
C ILE R 40 -46.34 114.41 42.06
N MET R 41 -47.47 115.02 41.71
CA MET R 41 -48.00 116.14 42.45
C MET R 41 -48.97 115.61 43.50
N TRP R 42 -48.65 115.89 44.76
CA TRP R 42 -49.34 115.37 45.94
C TRP R 42 -50.26 116.44 46.51
N LYS R 43 -51.41 116.01 47.00
CA LYS R 43 -52.22 116.85 47.88
C LYS R 43 -52.17 116.26 49.28
N LEU R 44 -52.09 117.15 50.28
CA LEU R 44 -51.76 116.76 51.65
C LEU R 44 -53.06 116.49 52.41
N THR R 45 -53.51 115.24 52.34
CA THR R 45 -54.70 114.81 53.05
C THR R 45 -54.28 114.28 54.42
N ARG R 46 -53.85 115.21 55.26
CA ARG R 46 -53.21 114.89 56.53
C ARG R 46 -54.13 114.12 57.47
N ASP R 47 -53.81 112.86 57.70
CA ASP R 47 -54.54 112.03 58.65
C ASP R 47 -53.57 110.99 59.21
N GLU R 48 -54.12 109.96 59.84
CA GLU R 48 -53.32 108.93 60.50
C GLU R 48 -52.92 107.79 59.57
N THR R 49 -53.35 107.80 58.32
CA THR R 49 -53.07 106.71 57.41
C THR R 49 -52.20 107.13 56.22
N ASN R 50 -52.58 108.18 55.51
CA ASN R 50 -51.83 108.63 54.35
C ASN R 50 -51.73 110.15 54.39
N TYR R 51 -50.54 110.65 54.74
CA TYR R 51 -50.35 112.10 54.86
C TYR R 51 -50.60 112.81 53.55
N GLY R 52 -50.09 112.26 52.45
CA GLY R 52 -50.31 112.83 51.14
C GLY R 52 -50.76 111.77 50.15
N ILE R 53 -51.49 112.21 49.15
CA ILE R 53 -52.04 111.30 48.14
C ILE R 53 -51.78 111.92 46.77
N PRO R 54 -51.44 111.13 45.74
CA PRO R 54 -51.09 111.73 44.45
C PRO R 54 -52.32 112.28 43.74
N GLN R 55 -52.40 113.60 43.68
CA GLN R 55 -53.43 114.25 42.88
C GLN R 55 -53.15 114.13 41.39
N ARG R 56 -51.89 114.32 40.96
CA ARG R 56 -51.56 114.26 39.55
C ARG R 56 -50.24 113.54 39.37
N ALA R 57 -50.02 113.02 38.15
CA ALA R 57 -48.76 112.39 37.76
C ALA R 57 -48.30 113.01 36.44
N LEU R 58 -47.48 114.05 36.54
CA LEU R 58 -46.99 114.78 35.38
C LEU R 58 -45.97 113.92 34.64
N ARG R 59 -46.27 113.57 33.40
CA ARG R 59 -45.43 112.68 32.62
C ARG R 59 -45.17 113.26 31.25
N GLY R 60 -44.00 112.95 30.69
CA GLY R 60 -43.62 113.51 29.41
C GLY R 60 -42.13 113.76 29.27
N HIS R 61 -41.39 113.57 30.34
CA HIS R 61 -39.93 113.66 30.27
C HIS R 61 -39.35 112.36 29.72
N SER R 62 -38.32 112.51 28.87
CA SER R 62 -37.71 111.35 28.24
C SER R 62 -36.84 110.54 29.20
N HIS R 63 -36.28 111.19 30.22
CA HIS R 63 -35.33 110.54 31.11
C HIS R 63 -35.63 111.00 32.53
N PHE R 64 -34.68 110.77 33.44
CA PHE R 64 -34.84 111.17 34.84
C PHE R 64 -35.06 112.67 34.92
N VAL R 65 -36.08 113.07 35.69
CA VAL R 65 -36.30 114.48 35.96
C VAL R 65 -35.58 114.84 37.25
N SER R 66 -34.76 115.89 37.19
CA SER R 66 -33.90 116.28 38.30
C SER R 66 -34.56 117.31 39.21
N ASP R 67 -34.91 118.46 38.67
CA ASP R 67 -35.37 119.56 39.49
C ASP R 67 -36.76 120.02 39.06
N VAL R 68 -37.57 120.41 40.03
CA VAL R 68 -38.86 121.02 39.78
C VAL R 68 -39.02 122.22 40.70
N VAL R 69 -39.46 123.34 40.14
CA VAL R 69 -39.68 124.56 40.92
C VAL R 69 -40.98 125.20 40.48
N ILE R 70 -41.85 125.49 41.45
CA ILE R 70 -43.13 126.13 41.14
C ILE R 70 -42.92 127.63 41.00
N SER R 71 -43.85 128.30 40.34
CA SER R 71 -43.86 129.75 40.24
C SER R 71 -44.31 130.36 41.56
N SER R 72 -44.36 131.69 41.59
CA SER R 72 -44.81 132.38 42.80
C SER R 72 -46.27 132.09 43.10
N ASP R 73 -47.13 132.10 42.07
CA ASP R 73 -48.57 131.96 42.29
C ASP R 73 -49.01 130.52 42.50
N GLY R 74 -48.18 129.55 42.13
CA GLY R 74 -48.56 128.16 42.25
C GLY R 74 -49.36 127.60 41.11
N GLN R 75 -49.28 128.19 39.92
CA GLN R 75 -50.02 127.71 38.77
C GLN R 75 -49.14 127.22 37.62
N PHE R 76 -47.83 127.42 37.69
CA PHE R 76 -46.91 126.94 36.68
C PHE R 76 -45.68 126.36 37.38
N ALA R 77 -44.97 125.47 36.68
CA ALA R 77 -43.84 124.79 37.28
C ALA R 77 -42.79 124.47 36.22
N LEU R 78 -41.55 124.87 36.50
CA LEU R 78 -40.43 124.43 35.70
C LEU R 78 -39.99 123.04 36.14
N SER R 79 -39.62 122.23 35.15
CA SER R 79 -39.05 120.92 35.44
C SER R 79 -37.87 120.71 34.52
N GLY R 80 -36.68 120.54 35.10
CA GLY R 80 -35.49 120.21 34.35
C GLY R 80 -35.13 118.75 34.56
N SER R 81 -34.86 118.05 33.46
CA SER R 81 -34.64 116.62 33.44
C SER R 81 -33.34 116.28 32.73
N TRP R 82 -33.00 114.99 32.75
CA TRP R 82 -31.82 114.51 32.06
C TRP R 82 -31.97 114.52 30.55
N ASP R 83 -33.18 114.69 30.04
CA ASP R 83 -33.42 114.73 28.60
C ASP R 83 -32.82 115.96 27.93
N GLY R 84 -32.35 116.93 28.71
CA GLY R 84 -31.76 118.14 28.15
C GLY R 84 -32.74 119.23 27.82
N THR R 85 -34.01 119.07 28.20
CA THR R 85 -35.03 120.07 27.92
C THR R 85 -35.79 120.39 29.19
N LEU R 86 -36.41 121.56 29.20
CA LEU R 86 -37.19 122.03 30.34
C LEU R 86 -38.66 122.01 29.98
N ARG R 87 -39.50 121.60 30.93
CA ARG R 87 -40.94 121.52 30.70
C ARG R 87 -41.63 122.51 31.63
N LEU R 88 -42.52 123.33 31.06
CA LEU R 88 -43.28 124.31 31.83
C LEU R 88 -44.69 123.76 32.02
N TRP R 89 -44.89 123.04 33.11
CA TRP R 89 -46.18 122.45 33.43
C TRP R 89 -47.13 123.50 34.00
N ASP R 90 -48.42 123.24 33.85
CA ASP R 90 -49.44 123.98 34.56
C ASP R 90 -50.06 123.09 35.63
N LEU R 91 -50.28 123.64 36.81
CA LEU R 91 -50.65 122.83 37.96
C LEU R 91 -52.10 122.34 37.91
N THR R 92 -52.92 122.86 37.00
CA THR R 92 -54.33 122.47 36.98
C THR R 92 -54.59 121.33 35.99
N THR R 93 -54.31 121.56 34.71
CA THR R 93 -54.62 120.57 33.69
C THR R 93 -53.54 119.51 33.53
N GLY R 94 -52.36 119.72 34.10
CA GLY R 94 -51.29 118.77 33.98
C GLY R 94 -50.77 118.61 32.55
N THR R 95 -50.56 119.72 31.86
CA THR R 95 -49.99 119.70 30.52
C THR R 95 -48.78 120.61 30.47
N THR R 96 -47.93 120.37 29.47
CA THR R 96 -46.72 121.16 29.28
C THR R 96 -47.04 122.33 28.36
N THR R 97 -47.00 123.54 28.88
CA THR R 97 -47.29 124.73 28.10
C THR R 97 -46.09 125.27 27.36
N ARG R 98 -44.88 124.77 27.66
CA ARG R 98 -43.70 125.25 26.96
C ARG R 98 -42.58 124.22 27.10
N ARG R 99 -41.85 124.03 26.01
CA ARG R 99 -40.71 123.10 25.96
C ARG R 99 -39.45 123.91 25.67
N PHE R 100 -38.73 124.26 26.73
CA PHE R 100 -37.49 125.02 26.61
C PHE R 100 -36.40 124.09 26.09
N VAL R 101 -35.76 124.48 24.99
CA VAL R 101 -34.72 123.69 24.34
C VAL R 101 -33.49 124.55 24.13
N GLY R 102 -32.35 123.89 23.98
CA GLY R 102 -31.10 124.59 23.75
C GLY R 102 -29.90 123.92 24.39
N HIS R 103 -30.13 123.05 25.37
CA HIS R 103 -29.04 122.33 26.01
C HIS R 103 -28.68 121.11 25.18
N THR R 104 -27.51 120.54 25.49
CA THR R 104 -27.01 119.36 24.79
C THR R 104 -26.86 118.14 25.68
N LYS R 105 -26.69 118.32 26.98
CA LYS R 105 -26.55 117.19 27.90
C LYS R 105 -27.57 117.27 29.03
N ASP R 106 -27.35 116.49 30.08
CA ASP R 106 -28.30 116.41 31.19
C ASP R 106 -28.49 117.78 31.82
N VAL R 107 -29.73 118.18 32.02
CA VAL R 107 -30.04 119.42 32.73
C VAL R 107 -30.16 119.08 34.21
N LEU R 108 -29.29 119.67 35.02
CA LEU R 108 -29.17 119.25 36.41
C LEU R 108 -30.03 120.10 37.33
N SER R 109 -30.01 121.42 37.17
CA SER R 109 -30.75 122.31 38.05
C SER R 109 -31.48 123.37 37.23
N VAL R 110 -32.65 123.77 37.74
CA VAL R 110 -33.43 124.84 37.13
C VAL R 110 -33.92 125.75 38.25
N ALA R 111 -33.83 127.06 38.03
CA ALA R 111 -34.24 128.04 39.01
C ALA R 111 -35.18 129.05 38.38
N PHE R 112 -36.17 129.47 39.17
CA PHE R 112 -37.22 130.37 38.75
C PHE R 112 -37.12 131.64 39.57
N SER R 113 -37.09 132.80 38.89
CA SER R 113 -36.83 134.05 39.59
C SER R 113 -38.01 134.44 40.47
N SER R 114 -37.73 135.26 41.48
CA SER R 114 -38.77 135.72 42.39
C SER R 114 -39.80 136.58 41.68
N ASP R 115 -39.34 137.44 40.76
CA ASP R 115 -40.25 138.25 39.97
C ASP R 115 -40.90 137.47 38.84
N ASN R 116 -40.53 136.19 38.67
CA ASN R 116 -41.09 135.23 37.74
C ASN R 116 -40.76 135.53 36.29
N ARG R 117 -40.08 136.64 36.01
CA ARG R 117 -39.82 137.02 34.62
C ARG R 117 -38.71 136.20 34.00
N GLN R 118 -37.79 135.68 34.81
CA GLN R 118 -36.61 135.00 34.31
C GLN R 118 -36.49 133.60 34.91
N ILE R 119 -35.86 132.72 34.13
CA ILE R 119 -35.53 131.38 34.57
C ILE R 119 -34.07 131.15 34.22
N VAL R 120 -33.46 130.17 34.88
CA VAL R 120 -32.06 129.84 34.60
C VAL R 120 -31.89 128.34 34.72
N SER R 121 -30.96 127.80 33.94
CA SER R 121 -30.75 126.36 33.87
C SER R 121 -29.27 126.04 33.89
N GLY R 122 -28.90 125.09 34.74
CA GLY R 122 -27.55 124.57 34.79
C GLY R 122 -27.51 123.11 34.40
N SER R 123 -26.78 122.81 33.32
CA SER R 123 -26.74 121.50 32.73
C SER R 123 -25.32 120.92 32.78
N ARG R 124 -25.19 119.67 32.34
CA ARG R 124 -23.91 119.00 32.34
C ARG R 124 -23.02 119.44 31.19
N ASP R 125 -23.52 120.28 30.28
CA ASP R 125 -22.73 120.80 29.18
C ASP R 125 -21.80 121.93 29.60
N LYS R 126 -21.61 122.12 30.91
CA LYS R 126 -20.71 123.12 31.47
C LYS R 126 -21.13 124.54 31.10
N THR R 127 -22.42 124.74 30.82
CA THR R 127 -22.95 126.06 30.53
C THR R 127 -24.18 126.31 31.38
N ILE R 128 -24.41 127.59 31.68
CA ILE R 128 -25.59 128.04 32.41
C ILE R 128 -26.34 129.00 31.50
N LYS R 129 -27.64 128.79 31.36
CA LYS R 129 -28.44 129.52 30.39
C LYS R 129 -29.57 130.28 31.09
N LEU R 130 -29.65 131.58 30.83
CA LEU R 130 -30.69 132.45 31.37
C LEU R 130 -31.74 132.65 30.28
N TRP R 131 -32.96 132.19 30.55
CA TRP R 131 -34.04 132.16 29.59
C TRP R 131 -35.25 132.89 30.14
N ASN R 132 -36.20 133.17 29.27
CA ASN R 132 -37.41 133.87 29.67
C ASN R 132 -38.59 132.91 29.67
N THR R 133 -39.78 133.43 29.94
CA THR R 133 -40.98 132.61 30.00
C THR R 133 -41.30 131.99 28.65
N LEU R 134 -41.12 132.75 27.57
CA LEU R 134 -41.52 132.27 26.25
C LEU R 134 -40.59 131.22 25.67
N GLY R 135 -39.60 130.70 26.40
CA GLY R 135 -38.77 129.65 25.87
C GLY R 135 -37.70 130.09 24.89
N VAL R 136 -37.18 131.31 25.05
CA VAL R 136 -36.17 131.85 24.15
C VAL R 136 -34.83 131.87 24.87
N CYS R 137 -33.79 131.43 24.19
CA CYS R 137 -32.43 131.40 24.75
C CYS R 137 -31.88 132.83 24.77
N LYS R 138 -32.27 133.56 25.81
CA LYS R 138 -31.88 134.96 25.89
C LYS R 138 -30.39 135.11 26.16
N TYR R 139 -29.81 134.25 27.01
CA TYR R 139 -28.37 134.29 27.18
C TYR R 139 -27.87 132.94 27.64
N THR R 140 -26.60 132.67 27.36
CA THR R 140 -25.89 131.52 27.90
C THR R 140 -24.45 131.95 28.20
N VAL R 141 -23.83 131.31 29.18
CA VAL R 141 -22.46 131.63 29.56
C VAL R 141 -21.55 130.56 28.94
N GLN R 142 -21.06 130.86 27.75
CA GLN R 142 -20.06 130.04 27.09
C GLN R 142 -18.64 130.46 27.44
N ASP R 143 -18.47 131.56 28.15
CA ASP R 143 -17.18 132.06 28.58
C ASP R 143 -17.23 132.34 30.07
N GLU R 144 -16.09 132.18 30.72
CA GLU R 144 -15.88 132.50 32.14
C GLU R 144 -16.73 131.61 33.05
N SER R 145 -17.34 130.57 32.51
CA SER R 145 -18.24 129.70 33.26
C SER R 145 -17.43 128.60 33.95
N HIS R 146 -18.14 127.62 34.53
CA HIS R 146 -17.47 126.51 35.19
C HIS R 146 -16.76 125.62 34.17
N SER R 147 -15.55 125.19 34.52
CA SER R 147 -14.78 124.28 33.69
C SER R 147 -15.29 122.85 33.74
N GLU R 148 -16.20 122.54 34.66
CA GLU R 148 -16.80 121.22 34.76
C GLU R 148 -18.32 121.34 34.76
N TRP R 149 -19.01 120.25 35.09
CA TRP R 149 -20.46 120.27 35.15
C TRP R 149 -20.95 121.32 36.15
N VAL R 150 -22.18 121.79 35.93
CA VAL R 150 -22.84 122.73 36.82
C VAL R 150 -23.94 121.96 37.55
N SER R 151 -23.84 121.90 38.88
CA SER R 151 -24.74 121.06 39.65
C SER R 151 -26.00 121.80 40.08
N CYS R 152 -25.85 122.93 40.77
CA CYS R 152 -27.01 123.64 41.31
C CYS R 152 -26.90 125.12 41.01
N VAL R 153 -28.03 125.74 40.67
CA VAL R 153 -28.12 127.19 40.48
C VAL R 153 -29.33 127.69 41.24
N ARG R 154 -29.16 128.80 41.96
CA ARG R 154 -30.26 129.38 42.73
C ARG R 154 -30.21 130.90 42.64
N PHE R 155 -31.39 131.50 42.48
CA PHE R 155 -31.50 132.94 42.40
C PHE R 155 -31.42 133.57 43.79
N SER R 156 -31.23 134.88 43.81
CA SER R 156 -31.34 135.62 45.07
C SER R 156 -32.82 135.89 45.36
N PRO R 157 -33.36 135.39 46.48
CA PRO R 157 -34.75 135.72 46.84
C PRO R 157 -34.96 137.21 47.05
N ASN R 158 -33.94 137.92 47.52
CA ASN R 158 -34.04 139.36 47.68
C ASN R 158 -34.11 140.02 46.31
N SER R 159 -35.07 140.93 46.15
CA SER R 159 -35.18 141.68 44.90
C SER R 159 -34.00 142.61 44.70
N SER R 160 -33.44 143.14 45.79
CA SER R 160 -32.20 143.91 45.69
C SER R 160 -31.04 142.98 45.37
N ASN R 161 -29.92 143.59 44.95
CA ASN R 161 -28.67 142.98 44.49
C ASN R 161 -28.89 141.68 43.75
N PRO R 162 -29.54 141.72 42.58
CA PRO R 162 -29.97 140.48 41.91
C PRO R 162 -28.78 139.63 41.48
N ILE R 163 -28.66 138.46 42.10
CA ILE R 163 -27.53 137.58 41.87
C ILE R 163 -28.04 136.18 41.58
N ILE R 164 -27.25 135.43 40.82
CA ILE R 164 -27.46 134.01 40.60
C ILE R 164 -26.22 133.28 41.10
N VAL R 165 -26.43 132.22 41.88
CA VAL R 165 -25.33 131.46 42.44
C VAL R 165 -25.31 130.08 41.80
N SER R 166 -24.10 129.58 41.58
CA SER R 166 -23.92 128.31 40.88
C SER R 166 -22.80 127.52 41.53
N CYS R 167 -23.09 126.27 41.87
CA CYS R 167 -22.09 125.32 42.32
C CYS R 167 -22.03 124.18 41.32
N GLY R 168 -20.81 123.71 41.04
CA GLY R 168 -20.62 122.68 40.04
C GLY R 168 -19.45 121.78 40.39
N TRP R 169 -19.20 120.83 39.50
CA TRP R 169 -18.15 119.84 39.72
C TRP R 169 -16.75 120.38 39.48
N ASP R 170 -16.60 121.67 39.22
CA ASP R 170 -15.29 122.29 39.13
C ASP R 170 -14.76 122.71 40.50
N LYS R 171 -15.37 122.24 41.59
CA LYS R 171 -14.94 122.53 42.94
C LYS R 171 -14.87 124.03 43.21
N LEU R 172 -15.86 124.76 42.70
CA LEU R 172 -15.86 126.21 42.76
C LEU R 172 -17.29 126.70 42.72
N VAL R 173 -17.58 127.77 43.46
CA VAL R 173 -18.87 128.43 43.43
C VAL R 173 -18.69 129.75 42.70
N LYS R 174 -19.60 130.07 41.80
CA LYS R 174 -19.54 131.31 41.05
C LYS R 174 -20.84 132.09 41.22
N VAL R 175 -20.74 133.39 41.43
CA VAL R 175 -21.93 134.24 41.44
C VAL R 175 -21.89 135.13 40.21
N TRP R 176 -23.06 135.39 39.64
CA TRP R 176 -23.19 136.19 38.43
C TRP R 176 -24.28 137.21 38.66
N ASN R 177 -23.99 138.47 38.35
CA ASN R 177 -25.00 139.51 38.53
C ASN R 177 -26.05 139.42 37.45
N LEU R 178 -27.30 139.75 37.78
CA LEU R 178 -28.35 139.72 36.79
C LEU R 178 -28.36 140.97 35.91
N ALA R 179 -27.72 142.05 36.36
CA ALA R 179 -27.73 143.29 35.59
C ALA R 179 -26.98 143.15 34.28
N ASN R 180 -25.83 142.45 34.30
CA ASN R 180 -25.01 142.29 33.11
C ASN R 180 -24.75 140.83 32.76
N CYS R 181 -25.21 139.88 33.56
CA CYS R 181 -24.91 138.45 33.38
C CYS R 181 -23.40 138.21 33.34
N LYS R 182 -22.70 138.80 34.31
CA LYS R 182 -21.25 138.74 34.38
C LYS R 182 -20.82 138.24 35.76
N LEU R 183 -19.64 137.63 35.80
CA LEU R 183 -19.13 137.04 37.02
C LEU R 183 -18.78 138.10 38.05
N LYS R 184 -19.08 137.84 39.31
CA LYS R 184 -18.76 138.75 40.40
C LYS R 184 -17.73 138.17 41.36
N THR R 185 -17.98 137.00 41.95
CA THR R 185 -17.01 136.36 42.82
C THR R 185 -16.90 134.88 42.50
N ASN R 186 -15.69 134.38 42.67
CA ASN R 186 -15.33 132.96 42.55
C ASN R 186 -15.00 132.47 43.95
N HIS R 187 -16.00 131.92 44.63
CA HIS R 187 -15.83 131.42 45.99
C HIS R 187 -15.21 130.04 45.93
N ILE R 188 -14.00 129.92 46.46
CA ILE R 188 -13.23 128.69 46.39
C ILE R 188 -13.10 128.14 47.82
N GLY R 189 -12.66 126.89 47.93
CA GLY R 189 -12.41 126.31 49.23
C GLY R 189 -12.88 124.88 49.38
N HIS R 190 -13.46 124.34 48.31
CA HIS R 190 -13.93 122.97 48.35
C HIS R 190 -12.80 121.99 48.06
N THR R 191 -12.99 120.74 48.50
CA THR R 191 -12.07 119.66 48.20
C THR R 191 -12.69 118.60 47.30
N GLY R 192 -14.00 118.66 47.07
CA GLY R 192 -14.67 117.70 46.21
C GLY R 192 -15.70 118.40 45.34
N TYR R 193 -16.40 117.61 44.53
CA TYR R 193 -17.41 118.17 43.66
C TYR R 193 -18.60 118.64 44.48
N LEU R 194 -19.39 119.52 43.87
CA LEU R 194 -20.47 120.21 44.55
C LEU R 194 -21.81 119.64 44.13
N ASN R 195 -22.75 119.60 45.08
CA ASN R 195 -24.09 119.08 44.81
C ASN R 195 -25.16 120.14 44.91
N THR R 196 -25.27 120.83 46.04
CA THR R 196 -26.33 121.81 46.26
C THR R 196 -25.77 123.09 46.86
N VAL R 197 -26.15 124.21 46.27
CA VAL R 197 -25.91 125.55 46.82
C VAL R 197 -27.26 126.22 47.03
N THR R 198 -27.46 126.77 48.21
CA THR R 198 -28.73 127.39 48.59
C THR R 198 -28.49 128.75 49.22
N VAL R 199 -29.39 129.68 48.93
CA VAL R 199 -29.31 131.05 49.41
C VAL R 199 -30.37 131.25 50.49
N SER R 200 -29.98 131.91 51.58
CA SER R 200 -30.89 132.19 52.67
C SER R 200 -31.98 133.17 52.22
N PRO R 201 -33.14 133.15 52.86
CA PRO R 201 -34.23 134.05 52.45
C PRO R 201 -33.88 135.54 52.52
N ASP R 202 -32.95 135.92 53.41
CA ASP R 202 -32.53 137.31 53.47
C ASP R 202 -31.65 137.72 52.29
N GLY R 203 -31.21 136.78 51.47
CA GLY R 203 -30.33 137.09 50.36
C GLY R 203 -28.96 137.57 50.79
N SER R 204 -28.36 136.94 51.80
CA SER R 204 -27.04 137.33 52.27
C SER R 204 -26.09 136.14 52.30
N LEU R 205 -26.63 134.94 52.52
CA LEU R 205 -25.83 133.74 52.66
C LEU R 205 -26.09 132.82 51.47
N CYS R 206 -25.03 132.22 50.94
CA CYS R 206 -25.11 131.35 49.76
C CYS R 206 -24.42 130.02 50.04
N ALA R 207 -24.85 129.35 51.11
CA ALA R 207 -24.17 128.14 51.58
C ALA R 207 -24.17 127.05 50.53
N SER R 208 -23.21 126.14 50.62
CA SER R 208 -23.16 125.05 49.65
C SER R 208 -22.48 123.84 50.27
N GLY R 209 -22.75 122.68 49.67
CA GLY R 209 -22.15 121.42 50.10
C GLY R 209 -21.69 120.55 48.95
N GLY R 210 -21.38 119.30 49.23
CA GLY R 210 -20.98 118.40 48.15
C GLY R 210 -20.23 117.19 48.67
N LYS R 211 -19.40 116.63 47.78
CA LYS R 211 -18.62 115.44 48.12
C LYS R 211 -17.63 115.71 49.24
N ASP R 212 -17.18 116.96 49.38
CA ASP R 212 -16.14 117.32 50.33
C ASP R 212 -16.54 117.08 51.79
N GLY R 213 -17.80 116.71 52.06
CA GLY R 213 -18.21 116.43 53.42
C GLY R 213 -18.30 117.66 54.29
N GLN R 214 -18.29 118.84 53.69
CA GLN R 214 -18.32 120.08 54.45
C GLN R 214 -19.23 121.08 53.75
N ALA R 215 -20.04 121.77 54.55
CA ALA R 215 -20.86 122.86 54.07
C ALA R 215 -20.12 124.16 54.35
N MET R 216 -20.13 125.07 53.39
CA MET R 216 -19.46 126.34 53.54
C MET R 216 -20.45 127.48 53.33
N LEU R 217 -20.32 128.51 54.18
CA LEU R 217 -21.18 129.67 54.17
C LEU R 217 -20.41 130.84 53.58
N TRP R 218 -20.99 131.49 52.58
CA TRP R 218 -20.42 132.71 52.03
C TRP R 218 -21.42 133.86 52.10
N ASP R 219 -20.90 135.03 52.45
CA ASP R 219 -21.66 136.27 52.33
C ASP R 219 -21.94 136.57 50.86
N LEU R 220 -23.10 137.18 50.62
CA LEU R 220 -23.47 137.62 49.28
C LEU R 220 -23.44 139.13 49.11
N ASN R 221 -23.65 139.88 50.18
CA ASN R 221 -23.66 141.34 50.07
C ASN R 221 -22.28 141.87 49.71
N GLU R 222 -21.23 141.32 50.32
CA GLU R 222 -19.85 141.67 50.02
C GLU R 222 -19.07 140.54 49.38
N GLY R 223 -19.21 139.33 49.89
CA GLY R 223 -18.57 138.18 49.29
C GLY R 223 -17.29 137.76 49.96
N LYS R 224 -17.38 136.75 50.82
CA LYS R 224 -16.24 136.19 51.52
C LYS R 224 -16.70 134.94 52.27
N HIS R 225 -15.76 134.06 52.57
CA HIS R 225 -16.06 132.90 53.39
C HIS R 225 -16.38 133.34 54.81
N LEU R 226 -17.40 132.71 55.40
CA LEU R 226 -17.80 133.03 56.75
C LEU R 226 -17.57 131.87 57.71
N TYR R 227 -18.11 130.69 57.42
CA TYR R 227 -17.97 129.58 58.34
C TYR R 227 -18.01 128.27 57.55
N THR R 228 -17.52 127.21 58.20
CA THR R 228 -17.45 125.89 57.61
C THR R 228 -18.01 124.87 58.58
N LEU R 229 -19.19 124.34 58.29
CA LEU R 229 -19.73 123.22 59.02
C LEU R 229 -19.22 121.92 58.40
N ASP R 230 -19.12 120.88 59.23
CA ASP R 230 -18.62 119.59 58.79
C ASP R 230 -19.69 118.53 58.97
N GLY R 231 -20.04 117.83 57.89
CA GLY R 231 -20.90 116.68 57.96
C GLY R 231 -20.08 115.40 57.85
N GLY R 232 -20.70 114.29 58.26
CA GLY R 232 -19.99 113.02 58.28
C GLY R 232 -19.56 112.55 56.91
N ASP R 233 -20.41 112.72 55.91
CA ASP R 233 -20.14 112.19 54.58
C ASP R 233 -20.78 113.11 53.55
N ILE R 234 -20.98 112.58 52.34
CA ILE R 234 -21.41 113.38 51.20
C ILE R 234 -22.73 114.07 51.49
N ILE R 235 -22.81 115.35 51.17
CA ILE R 235 -24.00 116.16 51.36
C ILE R 235 -24.59 116.44 49.98
N ASN R 236 -25.89 116.21 49.84
CA ASN R 236 -26.54 116.31 48.54
C ASN R 236 -27.84 117.12 48.57
N ALA R 237 -28.13 117.82 49.67
CA ALA R 237 -29.36 118.59 49.76
C ALA R 237 -29.22 119.62 50.86
N LEU R 238 -29.55 120.86 50.55
CA LEU R 238 -29.57 121.96 51.51
C LEU R 238 -30.82 122.79 51.30
N CYS R 239 -31.22 123.51 52.36
CA CYS R 239 -32.24 124.54 52.31
C CYS R 239 -32.30 125.24 53.65
N PHE R 240 -32.62 126.54 53.60
CA PHE R 240 -32.80 127.34 54.81
C PHE R 240 -34.24 127.26 55.27
N SER R 241 -34.44 127.36 56.57
CA SER R 241 -35.79 127.43 57.11
C SER R 241 -36.43 128.76 56.76
N PRO R 242 -37.71 128.77 56.38
CA PRO R 242 -38.36 130.04 56.02
C PRO R 242 -38.71 130.88 57.25
N ASN R 243 -39.13 130.22 58.33
CA ASN R 243 -39.54 130.90 59.55
C ASN R 243 -38.49 130.77 60.66
N ARG R 244 -37.27 130.37 60.31
CA ARG R 244 -36.24 130.13 61.29
C ARG R 244 -34.88 130.31 60.62
N TYR R 245 -33.86 130.55 61.44
CA TYR R 245 -32.49 130.60 60.97
C TYR R 245 -31.84 129.23 60.96
N TRP R 246 -32.64 128.16 61.00
CA TRP R 246 -32.10 126.81 60.95
C TRP R 246 -31.59 126.48 59.55
N LEU R 247 -30.68 125.52 59.49
CA LEU R 247 -30.18 125.00 58.22
C LEU R 247 -30.16 123.48 58.31
N CYS R 248 -30.91 122.83 57.43
CA CYS R 248 -31.00 121.38 57.42
C CYS R 248 -30.39 120.84 56.13
N ALA R 249 -29.67 119.72 56.26
CA ALA R 249 -28.95 119.13 55.14
C ALA R 249 -29.09 117.62 55.18
N ALA R 250 -28.94 116.99 54.01
CA ALA R 250 -28.96 115.54 53.88
C ALA R 250 -27.53 115.02 53.80
N THR R 251 -26.87 114.99 54.95
CA THR R 251 -25.51 114.50 55.04
C THR R 251 -25.55 112.97 54.91
N GLY R 252 -25.34 112.48 53.70
CA GLY R 252 -25.42 111.07 53.41
C GLY R 252 -26.81 110.53 53.66
N PRO R 253 -26.89 109.40 54.36
CA PRO R 253 -28.19 108.79 54.64
C PRO R 253 -28.87 109.38 55.87
N SER R 254 -28.41 110.54 56.32
CA SER R 254 -28.91 111.14 57.55
C SER R 254 -29.33 112.58 57.30
N ILE R 255 -30.27 113.05 58.13
CA ILE R 255 -30.72 114.44 58.13
C ILE R 255 -30.06 115.14 59.31
N LYS R 256 -29.49 116.32 59.07
CA LYS R 256 -28.87 117.10 60.13
C LYS R 256 -29.34 118.54 60.02
N ILE R 257 -30.04 119.03 61.05
CA ILE R 257 -30.48 120.41 61.12
C ILE R 257 -29.74 121.10 62.25
N TRP R 258 -29.19 122.27 61.94
CA TRP R 258 -28.29 123.01 62.82
C TRP R 258 -28.78 124.45 62.95
N ASP R 259 -28.34 125.10 64.02
CA ASP R 259 -28.62 126.52 64.26
C ASP R 259 -27.37 127.33 63.98
N LEU R 260 -27.52 128.44 63.25
CA LEU R 260 -26.35 129.23 62.87
C LEU R 260 -25.91 130.20 63.96
N GLU R 261 -26.85 130.72 64.75
CA GLU R 261 -26.48 131.61 65.85
C GLU R 261 -25.70 130.89 66.94
N GLY R 262 -25.80 129.57 67.02
CA GLY R 262 -25.02 128.82 67.99
C GLY R 262 -23.96 127.95 67.36
N LYS R 263 -24.24 127.46 66.16
CA LYS R 263 -23.38 126.51 65.45
C LYS R 263 -23.20 125.22 66.24
N ILE R 264 -24.31 124.74 66.81
CA ILE R 264 -24.39 123.43 67.44
C ILE R 264 -25.38 122.60 66.63
N ILE R 265 -25.06 121.31 66.44
CA ILE R 265 -26.00 120.40 65.79
C ILE R 265 -27.28 120.35 66.60
N VAL R 266 -28.39 120.81 66.01
CA VAL R 266 -29.65 120.87 66.73
C VAL R 266 -30.31 119.50 66.78
N ASP R 267 -30.57 118.92 65.61
CA ASP R 267 -31.22 117.61 65.58
C ASP R 267 -30.67 116.79 64.43
N GLU R 268 -30.72 115.47 64.59
CA GLU R 268 -30.22 114.53 63.60
C GLU R 268 -31.18 113.35 63.50
N LEU R 269 -31.47 112.94 62.27
CA LEU R 269 -32.39 111.86 61.97
C LEU R 269 -31.67 110.80 61.16
N LYS R 270 -31.79 109.55 61.61
CA LYS R 270 -31.09 108.42 61.00
C LYS R 270 -32.06 107.46 60.30
N GLN R 271 -33.20 107.99 59.84
CA GLN R 271 -34.26 107.27 59.12
C GLN R 271 -34.96 106.23 59.98
N GLU R 272 -34.53 106.02 61.23
CA GLU R 272 -35.14 105.08 62.16
C GLU R 272 -35.24 103.67 61.56
N VAL R 273 -34.15 103.24 60.94
CA VAL R 273 -34.05 101.92 60.34
C VAL R 273 -33.28 101.02 61.30
N ILE R 274 -33.80 99.81 61.53
CA ILE R 274 -33.15 98.84 62.39
C ILE R 274 -33.02 97.52 61.64
N SER R 275 -32.91 97.60 60.31
CA SER R 275 -32.78 96.39 59.51
C SER R 275 -31.51 95.62 59.86
N THR R 276 -30.42 96.34 60.09
CA THR R 276 -29.08 95.82 60.45
C THR R 276 -28.74 94.53 59.69
N SER R 277 -28.99 94.56 58.38
CA SER R 277 -28.66 93.42 57.53
C SER R 277 -27.15 93.22 57.40
N SER R 278 -26.38 94.30 57.56
CA SER R 278 -24.92 94.31 57.43
C SER R 278 -24.46 93.81 56.06
N LYS R 279 -25.32 93.93 55.05
CA LYS R 279 -24.99 93.54 53.69
C LYS R 279 -25.21 94.65 52.67
N ALA R 280 -26.08 95.61 52.95
CA ALA R 280 -26.39 96.68 52.03
C ALA R 280 -26.26 98.02 52.73
N GLU R 281 -25.94 99.04 51.94
CA GLU R 281 -25.83 100.39 52.46
C GLU R 281 -27.20 100.92 52.85
N PRO R 282 -27.26 101.87 53.80
CA PRO R 282 -28.55 102.47 54.13
C PRO R 282 -29.05 103.33 52.98
N PRO R 283 -30.37 103.47 52.82
CA PRO R 283 -30.90 104.39 51.81
C PRO R 283 -30.49 105.82 52.11
N GLN R 284 -30.20 106.57 51.06
CA GLN R 284 -29.60 107.89 51.18
C GLN R 284 -30.62 108.97 50.86
N CYS R 285 -30.68 109.99 51.72
CA CYS R 285 -31.55 111.12 51.46
C CYS R 285 -31.02 111.95 50.30
N THR R 286 -31.94 112.46 49.48
CA THR R 286 -31.55 113.13 48.25
C THR R 286 -32.13 114.53 48.15
N SER R 287 -33.34 114.73 48.66
CA SER R 287 -34.08 115.97 48.42
C SER R 287 -34.70 116.46 49.71
N LEU R 288 -34.56 117.76 49.98
CA LEU R 288 -35.12 118.41 51.16
C LEU R 288 -35.98 119.58 50.75
N ALA R 289 -37.13 119.73 51.42
CA ALA R 289 -37.96 120.90 51.20
C ALA R 289 -38.63 121.30 52.50
N TRP R 290 -38.51 122.57 52.86
CA TRP R 290 -39.21 123.10 54.01
C TRP R 290 -40.66 123.39 53.65
N SER R 291 -41.51 123.44 54.67
CA SER R 291 -42.90 123.76 54.44
C SER R 291 -43.09 125.26 54.30
N ALA R 292 -44.29 125.65 53.89
CA ALA R 292 -44.63 127.07 53.81
C ALA R 292 -44.60 127.71 55.20
N ASP R 293 -45.18 127.04 56.19
CA ASP R 293 -45.15 127.53 57.56
C ASP R 293 -43.88 127.15 58.30
N GLY R 294 -43.04 126.28 57.73
CA GLY R 294 -41.83 125.84 58.37
C GLY R 294 -42.00 124.79 59.44
N GLN R 295 -43.22 124.29 59.63
CA GLN R 295 -43.46 123.30 60.68
C GLN R 295 -43.14 121.87 60.24
N THR R 296 -42.97 121.63 58.94
CA THR R 296 -42.65 120.31 58.45
C THR R 296 -41.55 120.41 57.41
N LEU R 297 -40.82 119.31 57.25
CA LEU R 297 -39.82 119.17 56.20
C LEU R 297 -40.03 117.84 55.50
N PHE R 298 -39.85 117.85 54.19
CA PHE R 298 -40.07 116.69 53.34
C PHE R 298 -38.70 116.24 52.83
N ALA R 299 -38.41 114.95 53.02
CA ALA R 299 -37.12 114.39 52.66
C ALA R 299 -37.32 113.17 51.79
N GLY R 300 -36.85 113.25 50.54
CA GLY R 300 -36.88 112.11 49.65
C GLY R 300 -35.71 111.19 49.86
N TYR R 301 -35.90 109.92 49.49
CA TYR R 301 -34.85 108.93 49.66
C TYR R 301 -34.76 108.08 48.40
N THR R 302 -33.70 107.27 48.35
CA THR R 302 -33.54 106.29 47.29
C THR R 302 -34.47 105.10 47.44
N ASP R 303 -35.31 105.09 48.47
CA ASP R 303 -36.34 104.07 48.66
C ASP R 303 -37.58 104.33 47.84
N ASN R 304 -37.49 105.19 46.82
CA ASN R 304 -38.61 105.56 45.96
C ASN R 304 -39.74 106.16 46.80
N LEU R 305 -39.37 106.94 47.81
CA LEU R 305 -40.30 107.28 48.87
C LEU R 305 -39.84 108.56 49.55
N VAL R 306 -40.82 109.32 50.07
CA VAL R 306 -40.53 110.57 50.76
C VAL R 306 -41.10 110.51 52.18
N ARG R 307 -40.28 110.87 53.15
CA ARG R 307 -40.68 110.91 54.54
C ARG R 307 -40.97 112.35 54.96
N VAL R 308 -41.88 112.50 55.92
CA VAL R 308 -42.24 113.81 56.45
C VAL R 308 -41.82 113.89 57.91
N TRP R 309 -41.14 114.97 58.27
CA TRP R 309 -40.73 115.20 59.65
C TRP R 309 -41.32 116.52 60.13
N GLN R 310 -42.02 116.48 61.26
CA GLN R 310 -42.73 117.64 61.79
C GLN R 310 -42.11 118.10 63.09
N VAL R 311 -41.95 119.41 63.23
CA VAL R 311 -41.52 120.00 64.49
C VAL R 311 -42.61 119.76 65.52
N THR R 312 -42.25 119.12 66.62
CA THR R 312 -43.23 118.93 67.69
C THR R 312 -43.48 120.26 68.40
N ILE R 313 -44.71 120.44 68.86
CA ILE R 313 -45.10 121.69 69.51
C ILE R 313 -44.91 121.58 71.01
N GLY S 1 33.50 93.71 63.98
CA GLY S 1 34.47 94.69 64.44
C GLY S 1 35.19 94.29 65.70
N ALA S 2 36.52 94.30 65.64
CA ALA S 2 37.35 93.95 66.80
C ALA S 2 37.55 95.11 67.76
N LEU S 3 37.14 96.32 67.38
CA LEU S 3 37.34 97.49 68.19
C LEU S 3 36.38 97.52 69.36
N ASP S 4 36.79 98.19 70.44
CA ASP S 4 35.95 98.27 71.64
C ASP S 4 34.71 99.11 71.39
N VAL S 5 34.81 100.14 70.55
CA VAL S 5 33.63 100.94 70.22
C VAL S 5 32.65 100.12 69.39
N LEU S 6 33.16 99.22 68.55
CA LEU S 6 32.30 98.29 67.80
C LEU S 6 32.01 97.04 68.60
N GLN S 7 31.54 97.20 69.83
CA GLN S 7 31.17 96.08 70.68
C GLN S 7 29.71 96.21 71.07
N MET S 8 29.15 95.12 71.59
CA MET S 8 27.76 95.13 72.00
C MET S 8 27.57 96.01 73.22
N LYS S 9 26.30 96.26 73.54
CA LYS S 9 25.93 97.04 74.70
C LYS S 9 24.91 96.26 75.53
N GLU S 10 24.83 96.63 76.81
CA GLU S 10 23.87 95.98 77.69
C GLU S 10 22.45 96.20 77.21
N GLU S 11 22.14 97.42 76.74
CA GLU S 11 20.81 97.69 76.20
C GLU S 11 20.52 96.81 74.98
N ASP S 12 21.51 96.66 74.09
CA ASP S 12 21.33 95.83 72.92
C ASP S 12 21.08 94.37 73.30
N VAL S 13 21.82 93.88 74.29
CA VAL S 13 21.61 92.50 74.75
C VAL S 13 20.22 92.34 75.33
N LEU S 14 19.77 93.33 76.11
CA LEU S 14 18.43 93.26 76.69
C LEU S 14 17.36 93.24 75.62
N LYS S 15 17.51 94.08 74.60
CA LYS S 15 16.53 94.10 73.50
C LYS S 15 16.55 92.79 72.72
N PHE S 16 17.73 92.24 72.45
CA PHE S 16 17.82 90.94 71.80
C PHE S 16 17.07 89.88 72.60
N LEU S 17 17.33 89.80 73.90
CA LEU S 17 16.70 88.77 74.72
C LEU S 17 15.19 88.98 74.81
N ALA S 18 14.75 90.24 74.92
CA ALA S 18 13.32 90.51 75.01
C ALA S 18 12.59 90.14 73.72
N ALA S 19 13.20 90.44 72.58
CA ALA S 19 12.54 90.13 71.30
C ALA S 19 12.72 88.67 70.89
N GLY S 20 13.65 87.95 71.49
CA GLY S 20 13.95 86.61 71.05
C GLY S 20 15.37 86.52 70.52
N THR S 21 15.51 86.31 69.20
CA THR S 21 16.75 86.53 68.47
C THR S 21 17.83 85.52 68.86
N HIS S 22 17.59 84.75 69.91
CA HIS S 22 18.54 83.77 70.38
C HIS S 22 17.93 82.38 70.53
N LEU S 23 16.61 82.25 70.42
CA LEU S 23 15.94 80.95 70.36
C LEU S 23 15.66 80.66 68.89
N GLY S 24 16.35 79.64 68.36
CA GLY S 24 16.15 79.27 66.98
C GLY S 24 15.03 78.25 66.83
N GLY S 25 15.15 77.37 65.84
CA GLY S 25 14.20 76.30 65.64
C GLY S 25 14.64 75.03 66.36
N THR S 26 13.95 73.95 66.03
CA THR S 26 14.34 72.64 66.53
C THR S 26 15.27 71.89 65.59
N ASN S 27 15.46 72.39 64.37
CA ASN S 27 16.36 71.79 63.40
C ASN S 27 17.60 72.64 63.24
N LEU S 28 18.70 72.00 62.86
CA LEU S 28 19.98 72.67 62.68
C LEU S 28 20.56 72.32 61.32
N ASP S 29 21.05 73.33 60.62
CA ASP S 29 21.78 73.12 59.38
C ASP S 29 23.27 73.09 59.68
N PHE S 30 23.97 72.17 59.03
CA PHE S 30 25.39 71.99 59.30
C PHE S 30 26.20 73.24 58.95
N GLN S 31 25.70 74.03 58.00
CA GLN S 31 26.32 75.32 57.73
C GLN S 31 26.15 76.27 58.92
N MET S 32 24.99 76.24 59.56
CA MET S 32 24.67 77.11 60.68
C MET S 32 25.12 76.54 62.02
N GLU S 33 25.78 75.37 62.01
CA GLU S 33 26.18 74.74 63.26
C GLU S 33 27.14 75.61 64.07
N GLN S 34 28.11 76.24 63.40
CA GLN S 34 29.12 76.99 64.13
C GLN S 34 28.62 78.32 64.67
N TYR S 35 27.39 78.71 64.34
CA TYR S 35 26.75 79.88 64.93
C TYR S 35 25.92 79.54 66.16
N ILE S 36 25.89 78.27 66.57
CA ILE S 36 25.04 77.81 67.65
C ILE S 36 25.86 77.66 68.92
N TYR S 37 25.34 78.18 70.03
CA TYR S 37 25.99 78.02 71.33
C TYR S 37 25.74 76.62 71.88
N LYS S 38 24.48 76.28 72.11
CA LYS S 38 24.12 75.00 72.70
C LYS S 38 22.65 74.74 72.40
N ARG S 39 22.27 73.46 72.46
CA ARG S 39 20.88 73.06 72.29
C ARG S 39 20.25 72.87 73.66
N LYS S 40 19.09 73.48 73.86
CA LYS S 40 18.42 73.39 75.14
C LYS S 40 17.77 72.02 75.31
N SER S 41 17.41 71.72 76.56
CA SER S 41 16.63 70.51 76.83
C SER S 41 15.23 70.60 76.24
N ASP S 42 14.73 71.81 75.99
CA ASP S 42 13.45 71.97 75.32
C ASP S 42 13.51 71.45 73.89
N GLY S 43 14.65 71.61 73.22
CA GLY S 43 14.77 71.20 71.84
C GLY S 43 14.88 72.40 70.92
N ILE S 44 15.50 73.47 71.42
CA ILE S 44 15.67 74.72 70.70
C ILE S 44 17.14 75.10 70.76
N TYR S 45 17.72 75.42 69.59
CA TYR S 45 19.12 75.77 69.53
C TYR S 45 19.32 77.23 69.93
N ILE S 46 20.29 77.47 70.81
CA ILE S 46 20.61 78.83 71.22
C ILE S 46 21.56 79.43 70.20
N ILE S 47 21.21 80.61 69.70
CA ILE S 47 22.04 81.34 68.75
C ILE S 47 23.02 82.21 69.53
N ASN S 48 24.31 82.09 69.21
CA ASN S 48 25.33 82.84 69.93
C ASN S 48 25.27 84.31 69.56
N LEU S 49 24.98 85.15 70.54
CA LEU S 49 24.79 86.57 70.27
C LEU S 49 26.08 87.25 69.86
N LYS S 50 27.23 86.80 70.38
CA LYS S 50 28.50 87.37 69.96
C LYS S 50 28.75 87.14 68.48
N ARG S 51 28.55 85.90 68.01
CA ARG S 51 28.71 85.60 66.60
C ARG S 51 27.69 86.36 65.76
N THR S 52 26.45 86.46 66.25
CA THR S 52 25.44 87.22 65.54
C THR S 52 25.83 88.68 65.39
N TRP S 53 26.35 89.28 66.45
CA TRP S 53 26.77 90.68 66.40
C TRP S 53 27.95 90.87 65.46
N GLU S 54 28.90 89.94 65.48
CA GLU S 54 30.04 90.05 64.56
C GLU S 54 29.56 89.96 63.11
N LYS S 55 28.65 89.03 62.83
CA LYS S 55 28.12 88.92 61.47
C LYS S 55 27.32 90.15 61.08
N LEU S 56 26.58 90.74 62.02
CA LEU S 56 25.83 91.95 61.74
C LEU S 56 26.75 93.11 61.43
N LEU S 57 27.84 93.25 62.18
CA LEU S 57 28.82 94.29 61.87
C LEU S 57 29.45 94.06 60.51
N LEU S 58 29.74 92.81 60.17
CA LEU S 58 30.28 92.51 58.84
C LEU S 58 29.29 92.90 57.75
N ALA S 59 28.02 92.58 57.95
CA ALA S 59 27.00 92.94 56.96
C ALA S 59 26.84 94.45 56.83
N ALA S 60 26.92 95.16 57.95
CA ALA S 60 26.83 96.61 57.90
C ALA S 60 28.03 97.21 57.16
N ARG S 61 29.21 96.66 57.38
CA ARG S 61 30.38 97.10 56.63
C ARG S 61 30.20 96.85 55.14
N ALA S 62 29.67 95.69 54.79
CA ALA S 62 29.41 95.38 53.38
C ALA S 62 28.39 96.34 52.79
N ILE S 63 27.38 96.72 53.57
CA ILE S 63 26.37 97.66 53.09
C ILE S 63 26.98 99.03 52.85
N VAL S 64 27.72 99.54 53.83
CA VAL S 64 28.29 100.88 53.70
C VAL S 64 29.43 100.93 52.69
N ALA S 65 29.95 99.78 52.27
CA ALA S 65 30.94 99.77 51.20
C ALA S 65 30.39 100.33 49.90
N ILE S 66 29.08 100.20 49.68
CA ILE S 66 28.46 100.66 48.44
C ILE S 66 28.27 102.17 48.52
N GLU S 67 28.80 102.89 47.52
CA GLU S 67 28.65 104.34 47.51
C GLU S 67 27.21 104.75 47.26
N ASN S 68 26.58 104.17 46.26
CA ASN S 68 25.20 104.51 45.93
C ASN S 68 24.25 103.81 46.90
N PRO S 69 23.55 104.54 47.76
CA PRO S 69 22.64 103.89 48.70
C PRO S 69 21.52 103.12 48.02
N ALA S 70 21.08 103.56 46.84
CA ALA S 70 20.05 102.84 46.11
C ALA S 70 20.59 101.62 45.40
N ASP S 71 21.90 101.42 45.38
CA ASP S 71 22.49 100.27 44.71
C ASP S 71 22.35 98.99 45.52
N VAL S 72 21.95 99.07 46.78
CA VAL S 72 21.64 97.90 47.59
C VAL S 72 20.14 97.74 47.66
N SER S 73 19.67 96.51 47.47
CA SER S 73 18.25 96.21 47.42
C SER S 73 17.88 95.25 48.55
N VAL S 74 16.82 95.57 49.26
CA VAL S 74 16.33 94.75 50.36
C VAL S 74 14.98 94.17 49.97
N ILE S 75 14.70 92.96 50.45
CA ILE S 75 13.52 92.22 50.04
C ILE S 75 12.88 91.54 51.24
N SER S 76 11.60 91.19 51.07
CA SER S 76 10.86 90.37 52.01
C SER S 76 9.59 89.86 51.35
N SER S 77 9.40 88.54 51.34
CA SER S 77 8.23 87.94 50.71
C SER S 77 7.23 87.40 51.71
N ARG S 78 7.47 87.60 53.00
CA ARG S 78 6.56 87.16 54.04
C ARG S 78 5.93 88.39 54.69
N ASN S 79 4.68 88.23 55.13
CA ASN S 79 3.99 89.30 55.84
C ASN S 79 4.79 89.77 57.05
N THR S 80 5.54 88.87 57.65
CA THR S 80 6.50 89.21 58.70
C THR S 80 7.75 89.77 58.03
N GLY S 81 7.74 91.08 57.79
CA GLY S 81 8.94 91.70 57.23
C GLY S 81 8.77 92.87 56.27
N GLN S 82 7.61 93.06 55.66
CA GLN S 82 7.46 94.21 54.75
C GLN S 82 7.65 95.52 55.50
N ARG S 83 7.08 95.66 56.69
CA ARG S 83 7.23 96.90 57.44
C ARG S 83 8.69 97.14 57.78
N ALA S 84 9.41 96.10 58.20
CA ALA S 84 10.81 96.25 58.56
C ALA S 84 11.65 96.64 57.36
N VAL S 85 11.45 95.98 56.22
CA VAL S 85 12.27 96.31 55.06
C VAL S 85 11.92 97.69 54.52
N LEU S 86 10.65 98.09 54.58
CA LEU S 86 10.28 99.42 54.11
C LEU S 86 10.88 100.50 54.99
N LYS S 87 10.82 100.33 56.31
CA LYS S 87 11.42 101.30 57.20
C LYS S 87 12.93 101.33 57.05
N PHE S 88 13.56 100.17 56.86
CA PHE S 88 15.01 100.11 56.65
C PHE S 88 15.41 100.86 55.40
N ALA S 89 14.69 100.63 54.30
CA ALA S 89 15.00 101.32 53.05
C ALA S 89 14.75 102.81 53.17
N ALA S 90 13.69 103.21 53.88
CA ALA S 90 13.45 104.63 54.10
C ALA S 90 14.58 105.27 54.89
N ALA S 91 15.09 104.57 55.90
CA ALA S 91 16.15 105.13 56.73
C ALA S 91 17.48 105.20 55.99
N THR S 92 17.84 104.15 55.25
CA THR S 92 19.17 104.03 54.69
C THR S 92 19.27 104.39 53.22
N GLY S 93 18.16 104.78 52.58
CA GLY S 93 18.21 105.12 51.17
C GLY S 93 18.31 103.94 50.24
N ALA S 94 18.04 102.73 50.70
CA ALA S 94 18.10 101.55 49.86
C ALA S 94 16.82 101.42 49.04
N THR S 95 16.79 100.40 48.18
CA THR S 95 15.63 100.15 47.33
C THR S 95 14.89 98.92 47.84
N PRO S 96 13.66 99.05 48.30
CA PRO S 96 12.94 97.89 48.86
C PRO S 96 12.12 97.13 47.83
N ILE S 97 11.96 95.84 48.09
CA ILE S 97 11.01 95.00 47.36
C ILE S 97 10.13 94.31 48.40
N ALA S 98 8.85 94.63 48.38
CA ALA S 98 7.92 94.15 49.40
C ALA S 98 6.92 93.19 48.76
N GLY S 99 6.55 92.16 49.51
CA GLY S 99 5.57 91.21 49.00
C GLY S 99 6.18 90.30 47.95
N ARG S 100 5.41 90.02 46.91
CA ARG S 100 5.83 89.09 45.88
C ARG S 100 7.02 89.64 45.11
N PHE S 101 8.02 88.79 44.88
CA PHE S 101 9.15 89.10 44.03
C PHE S 101 8.85 88.55 42.65
N THR S 102 8.72 89.44 41.67
CA THR S 102 8.44 89.01 40.31
C THR S 102 9.68 88.34 39.73
N PRO S 103 9.57 87.11 39.23
CA PRO S 103 10.73 86.45 38.64
C PRO S 103 11.23 87.19 37.42
N GLY S 104 12.54 87.14 37.23
CA GLY S 104 13.16 87.86 36.14
C GLY S 104 13.43 89.32 36.43
N THR S 105 13.28 89.76 37.67
CA THR S 105 13.55 91.15 38.01
C THR S 105 15.01 91.49 37.77
N PHE S 106 15.92 90.59 38.17
CA PHE S 106 17.34 90.80 37.94
C PHE S 106 17.80 90.27 36.59
N THR S 107 17.17 89.21 36.10
CA THR S 107 17.70 88.51 34.94
C THR S 107 17.13 89.04 33.62
N ASN S 108 15.82 89.25 33.57
CA ASN S 108 15.18 89.76 32.36
C ASN S 108 15.30 91.27 32.34
N GLN S 109 15.88 91.81 31.28
CA GLN S 109 16.21 93.23 31.20
C GLN S 109 15.18 94.05 30.44
N ILE S 110 14.13 93.42 29.90
CA ILE S 110 13.19 94.13 29.05
C ILE S 110 12.07 94.76 29.87
N GLN S 111 11.46 94.00 30.78
CA GLN S 111 10.30 94.49 31.48
C GLN S 111 10.65 95.64 32.43
N ALA S 112 9.64 96.44 32.75
CA ALA S 112 9.85 97.66 33.51
C ALA S 112 10.33 97.39 34.93
N ALA S 113 10.07 96.20 35.47
CA ALA S 113 10.51 95.88 36.82
C ALA S 113 12.01 95.62 36.90
N PHE S 114 12.71 95.60 35.77
CA PHE S 114 14.10 95.22 35.74
C PHE S 114 14.97 96.20 36.52
N ARG S 115 15.84 95.67 37.37
CA ARG S 115 16.81 96.45 38.10
C ARG S 115 17.98 95.55 38.45
N GLU S 116 19.17 96.13 38.51
CA GLU S 116 20.41 95.38 38.71
C GLU S 116 21.20 96.00 39.86
N PRO S 117 20.89 95.64 41.09
CA PRO S 117 21.60 96.19 42.24
C PRO S 117 22.99 95.58 42.38
N ARG S 118 23.75 96.13 43.31
CA ARG S 118 25.08 95.62 43.62
C ARG S 118 25.16 94.89 44.93
N LEU S 119 24.08 94.87 45.72
CA LEU S 119 24.04 94.09 46.95
C LEU S 119 22.59 93.74 47.23
N LEU S 120 22.36 92.52 47.70
CA LEU S 120 21.02 92.06 48.04
C LEU S 120 20.95 91.71 49.51
N VAL S 121 19.87 92.07 50.17
CA VAL S 121 19.64 91.75 51.58
C VAL S 121 18.31 91.02 51.69
N VAL S 122 18.30 89.91 52.42
CA VAL S 122 17.22 88.95 52.43
C VAL S 122 16.77 88.73 53.86
N THR S 123 15.46 88.68 54.08
CA THR S 123 14.92 88.42 55.41
C THR S 123 14.77 86.94 55.72
N ASP S 124 14.74 86.08 54.70
CA ASP S 124 14.59 84.65 54.91
C ASP S 124 15.11 83.89 53.70
N PRO S 125 16.16 83.10 53.84
CA PRO S 125 16.67 82.35 52.68
C PRO S 125 15.68 81.34 52.14
N ARG S 126 14.76 80.85 52.96
CA ARG S 126 13.80 79.85 52.50
C ARG S 126 12.61 80.51 51.81
N ALA S 127 12.10 81.61 52.37
CA ALA S 127 11.00 82.32 51.74
C ALA S 127 11.46 83.03 50.47
N ASP S 128 12.59 83.74 50.55
CA ASP S 128 13.13 84.46 49.39
C ASP S 128 14.13 83.59 48.63
N HIS S 129 13.73 82.36 48.32
CA HIS S 129 14.64 81.48 47.60
C HIS S 129 14.81 81.91 46.15
N GLN S 130 13.74 82.41 45.53
CA GLN S 130 13.81 82.80 44.13
C GLN S 130 14.78 83.95 43.87
N PRO S 131 14.72 85.08 44.59
CA PRO S 131 15.73 86.14 44.32
C PRO S 131 17.15 85.71 44.63
N LEU S 132 17.34 84.85 45.63
CA LEU S 132 18.66 84.31 45.89
C LEU S 132 19.17 83.52 44.69
N THR S 133 18.29 82.73 44.06
CA THR S 133 18.68 82.03 42.85
C THR S 133 19.00 83.00 41.73
N GLU S 134 18.20 84.07 41.60
CA GLU S 134 18.43 85.00 40.50
C GLU S 134 19.71 85.78 40.65
N ALA S 135 20.17 86.00 41.89
CA ALA S 135 21.42 86.72 42.09
C ALA S 135 22.60 86.01 41.44
N SER S 136 22.56 84.68 41.39
CA SER S 136 23.63 83.90 40.79
C SER S 136 23.69 84.02 39.28
N TYR S 137 22.68 84.60 38.65
CA TYR S 137 22.74 84.88 37.22
C TYR S 137 23.30 86.25 36.90
N VAL S 138 23.49 87.10 37.91
CA VAL S 138 23.82 88.50 37.65
C VAL S 138 24.97 88.94 38.55
N ASN S 139 25.60 87.99 39.23
CA ASN S 139 26.82 88.25 40.03
C ASN S 139 26.50 89.17 41.20
N LEU S 140 25.46 88.84 41.94
CA LEU S 140 24.95 89.72 42.98
C LEU S 140 25.23 89.15 44.36
N PRO S 141 26.15 89.72 45.13
CA PRO S 141 26.36 89.25 46.50
C PRO S 141 25.13 89.45 47.37
N THR S 142 24.89 88.49 48.25
CA THR S 142 23.69 88.46 49.08
C THR S 142 24.03 88.31 50.55
N ILE S 143 23.28 89.02 51.37
CA ILE S 143 23.24 88.87 52.81
C ILE S 143 21.85 88.35 53.17
N ALA S 144 21.76 87.50 54.17
CA ALA S 144 20.45 86.99 54.56
C ALA S 144 20.38 86.77 56.07
N LEU S 145 19.23 87.07 56.64
CA LEU S 145 18.94 86.77 58.04
C LEU S 145 18.57 85.30 58.13
N CYS S 146 19.44 84.49 58.71
CA CYS S 146 19.35 83.04 58.61
C CYS S 146 19.03 82.42 59.97
N ASN S 147 18.10 81.47 59.97
CA ASN S 147 17.77 80.71 61.15
C ASN S 147 18.71 79.52 61.27
N THR S 148 18.52 78.71 62.31
CA THR S 148 19.38 77.55 62.52
C THR S 148 19.17 76.48 61.46
N ASP S 149 18.03 76.49 60.75
CA ASP S 149 17.74 75.48 59.75
C ASP S 149 17.68 76.07 58.34
N SER S 150 18.11 77.31 58.18
CA SER S 150 17.92 77.81 56.82
C SER S 150 19.11 77.42 55.95
N PRO S 151 18.87 77.04 54.69
CA PRO S 151 19.97 76.72 53.79
C PRO S 151 20.74 77.98 53.40
N LEU S 152 22.05 77.84 53.29
CA LEU S 152 22.93 78.94 52.93
C LEU S 152 23.52 78.74 51.54
N ARG S 153 22.71 78.24 50.61
CA ARG S 153 23.24 77.82 49.31
C ARG S 153 23.87 78.99 48.56
N TYR S 154 23.19 80.14 48.55
CA TYR S 154 23.70 81.32 47.86
C TYR S 154 23.96 82.49 48.81
N VAL S 155 23.93 82.26 50.10
CA VAL S 155 24.12 83.32 51.09
C VAL S 155 25.61 83.52 51.34
N ASP S 156 26.01 84.77 51.52
CA ASP S 156 27.41 85.12 51.73
C ASP S 156 27.70 85.70 53.10
N ILE S 157 26.79 86.51 53.65
CA ILE S 157 27.05 87.21 54.90
C ILE S 157 25.95 86.81 55.89
N ALA S 158 25.56 85.54 55.84
CA ALA S 158 24.49 84.99 56.67
C ALA S 158 24.57 85.45 58.12
N ILE S 159 23.52 86.10 58.59
CA ILE S 159 23.46 86.63 59.96
C ILE S 159 22.61 85.65 60.77
N PRO S 160 23.19 84.96 61.75
CA PRO S 160 22.41 83.97 62.52
C PRO S 160 21.41 84.61 63.44
N CYS S 161 20.12 84.39 63.18
CA CYS S 161 19.08 85.00 64.00
C CYS S 161 17.79 84.20 63.89
N ASN S 162 16.89 84.49 64.81
CA ASN S 162 15.52 83.98 64.75
C ASN S 162 14.78 84.82 63.72
N ASN S 163 14.77 84.35 62.48
CA ASN S 163 14.08 85.05 61.41
C ASN S 163 12.60 84.70 61.34
N LYS S 164 12.06 84.08 62.40
CA LYS S 164 10.66 83.68 62.44
C LYS S 164 9.80 84.69 63.20
N GLY S 165 10.24 85.12 64.37
CA GLY S 165 9.44 86.04 65.17
C GLY S 165 9.41 87.43 64.57
N ALA S 166 8.22 88.04 64.64
CA ALA S 166 8.06 89.40 64.13
C ALA S 166 8.92 90.38 64.90
N HIS S 167 8.94 90.26 66.23
CA HIS S 167 9.78 91.13 67.03
C HIS S 167 11.25 90.95 66.69
N SER S 168 11.67 89.70 66.50
CA SER S 168 13.07 89.43 66.18
C SER S 168 13.47 90.02 64.83
N VAL S 169 12.64 89.82 63.80
CA VAL S 169 13.02 90.33 62.49
C VAL S 169 12.99 91.85 62.46
N GLY S 170 12.00 92.46 63.12
CA GLY S 170 11.96 93.90 63.19
C GLY S 170 13.16 94.47 63.92
N LEU S 171 13.53 93.83 65.05
CA LEU S 171 14.67 94.31 65.81
C LEU S 171 15.96 94.15 65.02
N MET S 172 16.09 93.07 64.26
CA MET S 172 17.32 92.88 63.50
C MET S 172 17.43 93.86 62.36
N TRP S 173 16.32 94.15 61.67
CA TRP S 173 16.37 95.17 60.64
C TRP S 173 16.67 96.54 61.25
N TRP S 174 16.10 96.81 62.42
CA TRP S 174 16.39 98.06 63.12
C TRP S 174 17.86 98.15 63.51
N MET S 175 18.43 97.04 63.99
CA MET S 175 19.84 97.02 64.36
C MET S 175 20.73 97.26 63.15
N LEU S 176 20.40 96.63 62.03
CA LEU S 176 21.20 96.83 60.82
C LEU S 176 21.12 98.28 60.35
N ALA S 177 19.92 98.88 60.37
CA ALA S 177 19.78 100.27 59.98
C ALA S 177 20.58 101.18 60.91
N ARG S 178 20.49 100.94 62.21
CA ARG S 178 21.25 101.75 63.16
C ARG S 178 22.74 101.62 62.92
N GLU S 179 23.21 100.40 62.66
CA GLU S 179 24.65 100.20 62.50
C GLU S 179 25.17 100.83 61.21
N VAL S 180 24.41 100.72 60.12
CA VAL S 180 24.88 101.37 58.89
C VAL S 180 24.84 102.88 59.02
N LEU S 181 23.83 103.42 59.72
CA LEU S 181 23.80 104.86 59.91
C LEU S 181 24.87 105.32 60.89
N ARG S 182 25.33 104.43 61.78
CA ARG S 182 26.44 104.76 62.65
C ARG S 182 27.77 104.74 61.92
N MET S 183 27.96 103.74 61.05
CA MET S 183 29.18 103.69 60.24
C MET S 183 29.24 104.85 59.27
N ARG S 184 28.10 105.31 58.78
CA ARG S 184 28.06 106.56 58.05
C ARG S 184 28.05 107.73 59.03
N GLY S 185 28.28 108.93 58.51
CA GLY S 185 28.39 110.09 59.37
C GLY S 185 27.05 110.69 59.73
N THR S 186 26.12 109.86 60.19
CA THR S 186 24.77 110.32 60.54
C THR S 186 24.42 110.15 62.00
N ILE S 187 25.04 109.22 62.71
CA ILE S 187 24.78 108.99 64.12
C ILE S 187 26.07 109.19 64.90
N SER S 188 25.98 109.90 66.02
CA SER S 188 27.16 110.31 66.77
C SER S 188 27.65 109.25 67.75
N ARG S 189 27.02 108.07 67.80
CA ARG S 189 27.42 106.91 68.59
C ARG S 189 27.34 107.12 70.09
N GLU S 190 27.00 108.32 70.56
CA GLU S 190 27.03 108.61 71.98
C GLU S 190 25.66 108.58 72.63
N HIS S 191 24.59 108.73 71.86
CA HIS S 191 23.24 108.74 72.39
C HIS S 191 22.41 107.69 71.67
N PRO S 192 21.36 107.18 72.30
CA PRO S 192 20.51 106.19 71.62
C PRO S 192 19.85 106.77 70.39
N TRP S 193 19.61 105.90 69.40
CA TRP S 193 19.00 106.32 68.15
C TRP S 193 17.58 106.80 68.38
N GLU S 194 17.18 107.83 67.63
CA GLU S 194 15.86 108.41 67.82
C GLU S 194 14.76 107.49 67.31
N VAL S 195 15.05 106.70 66.28
CA VAL S 195 14.03 105.82 65.71
C VAL S 195 13.78 104.67 66.67
N MET S 196 12.53 104.50 67.06
CA MET S 196 12.14 103.46 67.99
C MET S 196 12.15 102.09 67.31
N PRO S 197 12.69 101.07 67.97
CA PRO S 197 12.71 99.73 67.35
C PRO S 197 11.34 99.14 67.11
N ASP S 198 10.32 99.58 67.86
CA ASP S 198 8.98 99.03 67.68
C ASP S 198 8.35 99.49 66.37
N LEU S 199 8.91 100.53 65.74
CA LEU S 199 8.42 100.96 64.44
C LEU S 199 8.60 99.87 63.40
N TYR S 200 9.65 99.06 63.52
CA TYR S 200 9.95 98.02 62.55
C TYR S 200 9.12 96.76 62.76
N PHE S 201 8.33 96.70 63.82
CA PHE S 201 7.56 95.50 64.11
C PHE S 201 6.44 95.32 63.09
N TYR S 202 5.97 94.08 62.99
CA TYR S 202 4.85 93.72 62.13
C TYR S 202 3.62 93.50 62.97
N ARG S 203 2.53 94.18 62.63
CA ARG S 203 1.25 94.05 63.38
C ARG S 203 0.23 93.34 62.49
N ASP S 204 -0.36 92.25 62.99
CA ASP S 204 -1.36 91.50 62.25
C ASP S 204 -2.63 92.32 62.05
N PRO S 205 -3.41 92.01 61.00
CA PRO S 205 -4.58 92.85 60.70
C PRO S 205 -5.60 92.95 61.81
N GLU S 206 -5.84 91.86 62.55
CA GLU S 206 -6.85 91.88 63.59
C GLU S 206 -6.49 92.89 64.68
N GLU S 207 -5.21 92.96 65.07
CA GLU S 207 -4.81 93.96 66.06
C GLU S 207 -4.76 95.35 65.46
N ILE S 208 -4.22 95.47 64.24
CA ILE S 208 -4.06 96.82 63.66
C ILE S 208 -5.43 97.45 63.42
N GLU S 209 -6.50 96.64 63.31
CA GLU S 209 -7.85 97.16 63.08
C GLU S 209 -8.67 97.37 64.34
N LYS S 210 -8.13 97.08 65.52
CA LYS S 210 -8.91 97.31 66.75
C LYS S 210 -8.13 98.07 67.82
N GLU S 211 -6.80 97.89 67.86
CA GLU S 211 -6.01 98.61 68.84
C GLU S 211 -6.04 100.11 68.57
N GLU S 212 -6.09 100.47 67.29
CA GLU S 212 -6.12 101.91 66.93
C GLU S 212 -7.43 102.51 67.45
N GLN S 213 -8.56 101.81 67.29
CA GLN S 213 -9.82 102.37 67.74
C GLN S 213 -9.92 102.37 69.26
N ALA S 214 -9.31 101.39 69.93
CA ALA S 214 -9.23 101.43 71.38
C ALA S 214 -8.42 102.65 71.85
N ALA S 215 -7.30 102.92 71.18
CA ALA S 215 -6.48 104.08 71.54
C ALA S 215 -7.21 105.38 71.23
N ALA S 216 -7.96 105.42 70.12
CA ALA S 216 -8.74 106.61 69.80
C ALA S 216 -9.82 106.86 70.84
N GLU S 217 -10.47 105.78 71.32
CA GLU S 217 -11.44 105.92 72.39
C GLU S 217 -10.81 106.43 73.67
N LYS S 218 -9.63 105.91 74.01
CA LYS S 218 -8.93 106.38 75.21
C LYS S 218 -8.53 107.85 75.06
N ALA S 219 -8.10 108.26 73.87
CA ALA S 219 -7.68 109.63 73.66
C ALA S 219 -8.86 110.60 73.70
N VAL S 220 -9.98 110.24 73.08
CA VAL S 220 -11.15 111.13 73.12
C VAL S 220 -11.75 111.16 74.52
N THR S 221 -11.65 110.06 75.26
CA THR S 221 -12.11 110.03 76.64
C THR S 221 -10.95 110.33 77.58
N VAL T 1 -48.56 18.19 55.69
CA VAL T 1 -49.95 18.31 56.13
C VAL T 1 -50.01 18.97 57.51
N VAL T 2 -49.64 18.23 58.54
CA VAL T 2 -49.65 18.74 59.91
C VAL T 2 -48.29 19.34 60.24
N ASP T 3 -48.30 20.49 60.88
CA ASP T 3 -47.05 21.18 61.19
C ASP T 3 -46.33 20.45 62.33
N PRO T 4 -44.99 20.38 62.27
CA PRO T 4 -44.25 19.68 63.32
C PRO T 4 -44.12 20.46 64.62
N PHE T 5 -44.55 21.71 64.65
CA PHE T 5 -44.52 22.50 65.86
C PHE T 5 -45.74 22.26 66.75
N SER T 6 -46.68 21.44 66.30
CA SER T 6 -47.78 20.99 67.15
C SER T 6 -47.38 19.80 68.01
N LYS T 7 -46.15 19.32 67.88
CA LYS T 7 -45.65 18.21 68.68
C LYS T 7 -44.42 18.60 69.48
N LYS T 8 -44.09 19.88 69.56
CA LYS T 8 -42.95 20.36 70.32
C LYS T 8 -43.37 20.81 71.71
N ASP T 9 -42.42 20.78 72.63
CA ASP T 9 -42.60 21.30 73.97
C ASP T 9 -41.42 22.17 74.34
N TRP T 10 -41.68 23.19 75.14
CA TRP T 10 -40.68 24.19 75.46
C TRP T 10 -40.11 23.96 76.85
N TYR T 11 -38.80 24.16 76.97
CA TYR T 11 -38.05 23.96 78.18
C TYR T 11 -37.28 25.23 78.53
N ASP T 12 -37.08 25.43 79.83
CA ASP T 12 -36.32 26.57 80.34
C ASP T 12 -34.87 26.14 80.57
N VAL T 13 -33.94 26.91 80.02
CA VAL T 13 -32.52 26.62 80.14
C VAL T 13 -31.99 27.31 81.39
N LYS T 14 -31.30 26.54 82.25
CA LYS T 14 -30.83 27.06 83.54
C LYS T 14 -29.32 27.00 83.63
N ALA T 15 -28.72 28.17 83.88
CA ALA T 15 -27.29 28.29 84.12
C ALA T 15 -26.95 27.85 85.55
N PRO T 16 -25.70 27.51 85.80
CA PRO T 16 -25.29 27.15 87.16
C PRO T 16 -25.35 28.35 88.10
N ALA T 17 -25.12 28.07 89.38
CA ALA T 17 -25.19 29.09 90.41
C ALA T 17 -24.05 30.08 90.36
N MET T 18 -23.02 29.83 89.55
CA MET T 18 -21.89 30.75 89.45
C MET T 18 -22.30 32.08 88.82
N PHE T 19 -23.43 32.12 88.13
CA PHE T 19 -23.93 33.33 87.50
C PHE T 19 -25.12 33.86 88.29
N ASN T 20 -25.21 35.18 88.38
CA ASN T 20 -26.31 35.80 89.13
C ASN T 20 -27.60 35.88 88.32
N ILE T 21 -27.59 35.48 87.05
CA ILE T 21 -28.80 35.36 86.24
C ILE T 21 -28.93 33.91 85.84
N ARG T 22 -29.99 33.25 86.30
CA ARG T 22 -30.15 31.82 86.13
C ARG T 22 -31.00 31.44 84.93
N ASN T 23 -31.77 32.38 84.37
CA ASN T 23 -32.66 32.09 83.25
C ASN T 23 -31.92 32.40 81.96
N ILE T 24 -31.35 31.38 81.34
CA ILE T 24 -30.66 31.55 80.06
C ILE T 24 -31.66 31.90 78.97
N GLY T 25 -32.75 31.17 78.90
CA GLY T 25 -33.73 31.36 77.85
C GLY T 25 -34.59 30.12 77.72
N LYS T 26 -35.12 29.93 76.52
CA LYS T 26 -36.01 28.82 76.26
C LYS T 26 -35.54 28.06 75.03
N THR T 27 -35.85 26.77 75.01
CA THR T 27 -35.58 25.92 73.86
C THR T 27 -36.78 25.02 73.65
N LEU T 28 -36.76 24.29 72.54
CA LEU T 28 -37.86 23.38 72.22
C LEU T 28 -37.31 22.04 71.77
N VAL T 29 -38.20 21.04 71.78
CA VAL T 29 -37.85 19.68 71.39
C VAL T 29 -39.14 18.95 71.10
N THR T 30 -39.07 17.93 70.26
CA THR T 30 -40.24 17.11 69.99
C THR T 30 -40.62 16.33 71.24
N ARG T 31 -41.93 16.15 71.44
CA ARG T 31 -42.40 15.37 72.57
C ARG T 31 -42.02 13.90 72.38
N THR T 32 -41.78 13.22 73.51
CA THR T 32 -41.27 11.86 73.49
C THR T 32 -42.25 10.91 72.80
N GLN T 33 -41.73 10.11 71.86
CA GLN T 33 -42.53 9.14 71.12
C GLN T 33 -41.71 7.86 71.01
N GLY T 34 -42.04 6.87 71.84
CA GLY T 34 -41.37 5.60 71.80
C GLY T 34 -39.88 5.67 72.11
N THR T 35 -39.06 5.21 71.17
CA THR T 35 -37.62 5.22 71.38
C THR T 35 -37.07 6.64 71.49
N LYS T 36 -37.57 7.55 70.66
CA LYS T 36 -37.09 8.93 70.69
C LYS T 36 -37.53 9.61 71.98
N ILE T 37 -36.58 10.16 72.71
CA ILE T 37 -36.81 10.77 74.02
C ILE T 37 -36.51 12.25 73.93
N ALA T 38 -37.42 13.07 74.46
CA ALA T 38 -37.15 14.49 74.54
C ALA T 38 -35.97 14.80 75.42
N SER T 39 -35.74 13.98 76.46
CA SER T 39 -34.65 14.24 77.39
C SER T 39 -33.29 14.16 76.69
N ASP T 40 -33.01 13.05 76.02
CA ASP T 40 -31.72 12.94 75.35
C ASP T 40 -31.71 13.66 74.00
N GLY T 41 -32.87 14.08 73.50
CA GLY T 41 -32.88 15.04 72.42
C GLY T 41 -32.39 16.40 72.86
N LEU T 42 -32.77 16.82 74.07
CA LEU T 42 -32.29 18.08 74.62
C LEU T 42 -30.86 18.00 75.11
N LYS T 43 -30.44 16.86 75.62
CA LYS T 43 -29.12 16.73 76.22
C LYS T 43 -28.03 16.92 75.16
N GLY T 44 -26.95 17.59 75.57
CA GLY T 44 -25.85 17.84 74.67
C GLY T 44 -25.90 19.15 73.93
N ARG T 45 -26.97 19.92 74.07
CA ARG T 45 -27.06 21.21 73.40
C ARG T 45 -26.13 22.22 74.06
N VAL T 46 -25.67 23.18 73.26
CA VAL T 46 -24.73 24.21 73.71
C VAL T 46 -25.33 25.58 73.41
N PHE T 47 -25.38 26.43 74.42
CA PHE T 47 -26.00 27.75 74.33
C PHE T 47 -24.91 28.81 74.49
N GLU T 48 -24.41 29.32 73.36
CA GLU T 48 -23.42 30.39 73.42
C GLU T 48 -24.11 31.65 73.92
N VAL T 49 -23.87 31.99 75.19
CA VAL T 49 -24.53 33.09 75.86
C VAL T 49 -23.47 34.10 76.25
N SER T 50 -23.73 35.37 75.96
CA SER T 50 -22.80 36.42 76.34
C SER T 50 -22.76 36.55 77.87
N LEU T 51 -21.81 37.35 78.34
CA LEU T 51 -21.65 37.53 79.77
C LEU T 51 -22.42 38.74 80.29
N ALA T 52 -22.80 39.67 79.42
CA ALA T 52 -23.59 40.82 79.86
C ALA T 52 -24.96 40.39 80.33
N ASP T 53 -25.57 39.42 79.65
CA ASP T 53 -26.84 38.86 80.07
C ASP T 53 -26.67 37.60 80.93
N LEU T 54 -25.53 37.48 81.59
CA LEU T 54 -25.30 36.44 82.59
C LEU T 54 -24.88 37.01 83.93
N GLN T 55 -24.05 38.05 83.94
CA GLN T 55 -23.78 38.84 85.12
C GLN T 55 -24.36 40.22 84.89
N ASN T 56 -25.09 40.74 85.88
CA ASN T 56 -25.88 41.94 85.67
C ASN T 56 -25.03 43.16 85.38
N ASP T 57 -23.75 43.15 85.74
CA ASP T 57 -22.83 44.24 85.43
C ASP T 57 -21.47 43.63 85.08
N GLU T 58 -21.26 43.38 83.79
CA GLU T 58 -20.03 42.75 83.33
C GLU T 58 -19.86 43.08 81.85
N VAL T 59 -18.66 42.80 81.34
CA VAL T 59 -18.36 43.05 79.94
C VAL T 59 -19.22 42.16 79.05
N ALA T 60 -19.46 42.62 77.82
CA ALA T 60 -20.33 41.93 76.89
C ALA T 60 -19.58 41.15 75.82
N PHE T 61 -18.26 41.26 75.76
CA PHE T 61 -17.48 40.59 74.74
C PHE T 61 -16.98 39.21 75.18
N ARG T 62 -17.59 38.64 76.22
CA ARG T 62 -17.25 37.32 76.71
C ARG T 62 -18.44 36.40 76.51
N LYS T 63 -18.23 35.25 75.88
CA LYS T 63 -19.29 34.30 75.63
C LYS T 63 -18.95 32.97 76.28
N PHE T 64 -19.98 32.29 76.78
CA PHE T 64 -19.84 31.02 77.47
C PHE T 64 -20.72 29.98 76.79
N LYS T 65 -20.32 28.72 76.90
CA LYS T 65 -20.94 27.68 76.07
C LYS T 65 -22.15 27.03 76.75
N LEU T 66 -22.00 26.60 78.01
CA LEU T 66 -23.11 26.06 78.80
C LEU T 66 -23.80 24.89 78.10
N ILE T 67 -23.06 23.78 78.00
CA ILE T 67 -23.66 22.54 77.52
C ILE T 67 -24.66 22.03 78.56
N THR T 68 -25.81 21.57 78.08
CA THR T 68 -26.80 20.97 78.97
C THR T 68 -26.36 19.57 79.34
N GLU T 69 -26.48 19.24 80.62
CA GLU T 69 -26.09 17.94 81.13
C GLU T 69 -27.26 17.08 81.56
N ASP T 70 -28.29 17.66 82.17
CA ASP T 70 -29.43 16.90 82.62
C ASP T 70 -30.66 17.79 82.60
N VAL T 71 -31.83 17.14 82.66
CA VAL T 71 -33.10 17.84 82.63
C VAL T 71 -33.99 17.31 83.75
N GLN T 72 -34.64 18.21 84.46
CA GLN T 72 -35.62 17.88 85.50
C GLN T 72 -36.88 18.68 85.26
N GLY T 73 -37.97 17.99 84.97
CA GLY T 73 -39.20 18.70 84.67
C GLY T 73 -39.07 19.47 83.37
N LYS T 74 -39.39 20.74 83.41
CA LYS T 74 -39.26 21.63 82.26
C LYS T 74 -37.95 22.41 82.26
N ASN T 75 -37.04 22.10 83.17
CA ASN T 75 -35.79 22.83 83.32
C ASN T 75 -34.63 21.96 82.85
N CYS T 76 -33.91 22.44 81.85
CA CYS T 76 -32.68 21.81 81.38
C CYS T 76 -31.51 22.49 82.08
N LEU T 77 -30.86 21.77 82.97
CA LEU T 77 -29.70 22.29 83.68
C LEU T 77 -28.48 22.23 82.77
N THR T 78 -27.65 23.27 82.83
CA THR T 78 -26.45 23.31 82.01
C THR T 78 -25.21 23.26 82.88
N ASN T 79 -24.06 23.25 82.21
CA ASN T 79 -22.77 23.23 82.87
C ASN T 79 -21.76 23.93 81.97
N PHE T 80 -20.73 24.50 82.59
CA PHE T 80 -19.71 25.23 81.84
C PHE T 80 -19.05 24.33 80.81
N HIS T 81 -18.86 24.87 79.61
CA HIS T 81 -18.29 24.11 78.50
C HIS T 81 -17.21 24.88 77.77
N GLY T 82 -16.94 26.12 78.14
CA GLY T 82 -15.88 26.91 77.54
C GLY T 82 -16.31 28.36 77.41
N MET T 83 -15.32 29.23 77.23
CA MET T 83 -15.60 30.61 76.89
C MET T 83 -14.77 31.04 75.70
N ASP T 84 -15.22 32.10 75.06
CA ASP T 84 -14.60 32.66 73.87
C ASP T 84 -14.78 34.17 73.87
N LEU T 85 -13.76 34.88 73.41
CA LEU T 85 -13.94 36.29 73.13
C LEU T 85 -14.80 36.47 71.90
N THR T 86 -15.46 37.63 71.79
CA THR T 86 -16.31 37.86 70.64
C THR T 86 -15.49 38.31 69.45
N ARG T 87 -16.07 38.12 68.25
CA ARG T 87 -15.34 38.35 67.02
C ARG T 87 -14.92 39.80 66.87
N ASP T 88 -15.84 40.73 67.15
CA ASP T 88 -15.52 42.15 66.95
C ASP T 88 -14.45 42.61 67.91
N LYS T 89 -14.52 42.19 69.18
CA LYS T 89 -13.49 42.57 70.13
C LYS T 89 -12.14 41.98 69.73
N MET T 90 -12.13 40.71 69.34
CA MET T 90 -10.87 40.07 68.94
C MET T 90 -10.27 40.77 67.73
N CYS T 91 -11.11 41.16 66.78
CA CYS T 91 -10.60 41.82 65.58
C CYS T 91 -10.16 43.26 65.87
N SER T 92 -10.78 43.91 66.87
CA SER T 92 -10.32 45.23 67.29
C SER T 92 -9.03 45.18 68.06
N MET T 93 -8.74 44.06 68.70
CA MET T 93 -7.48 43.92 69.43
C MET T 93 -6.28 44.07 68.50
N VAL T 94 -6.33 43.42 67.33
CA VAL T 94 -5.16 43.24 66.48
C VAL T 94 -4.93 44.53 65.69
N LYS T 95 -3.95 45.31 66.13
CA LYS T 95 -3.54 46.53 65.44
C LYS T 95 -2.08 46.42 65.05
N LYS T 96 -1.70 47.21 64.04
CA LYS T 96 -0.33 47.18 63.56
C LYS T 96 0.58 47.93 64.51
N TRP T 97 1.88 47.88 64.22
CA TRP T 97 2.92 48.58 64.97
C TRP T 97 2.95 48.16 66.43
N GLN T 98 2.63 46.90 66.68
CA GLN T 98 2.70 46.30 68.00
C GLN T 98 2.81 44.81 67.82
N THR T 99 3.23 44.14 68.89
CA THR T 99 3.43 42.69 68.88
C THR T 99 2.34 42.03 69.70
N MET T 100 1.67 41.05 69.10
CA MET T 100 0.78 40.19 69.87
C MET T 100 1.55 38.98 70.35
N ILE T 101 1.13 38.45 71.50
CA ILE T 101 1.81 37.35 72.16
C ILE T 101 0.72 36.38 72.61
N GLU T 102 0.69 35.21 72.01
CA GLU T 102 -0.34 34.21 72.30
C GLU T 102 0.28 33.04 73.06
N ALA T 103 -0.46 32.54 74.04
CA ALA T 103 -0.05 31.37 74.80
C ALA T 103 -1.22 30.41 74.91
N HIS T 104 -0.91 29.12 74.91
CA HIS T 104 -1.91 28.10 75.13
C HIS T 104 -1.35 27.05 76.08
N VAL T 105 -2.21 26.49 76.90
CA VAL T 105 -1.79 25.52 77.91
C VAL T 105 -2.91 24.52 78.14
N ASP T 106 -2.53 23.25 78.27
CA ASP T 106 -3.44 22.18 78.64
C ASP T 106 -3.29 21.93 80.12
N VAL T 107 -4.37 22.06 80.87
CA VAL T 107 -4.30 22.00 82.33
C VAL T 107 -5.56 21.31 82.86
N LYS T 108 -5.38 20.50 83.90
CA LYS T 108 -6.47 19.74 84.50
C LYS T 108 -6.88 20.37 85.82
N THR T 109 -8.19 20.48 86.04
CA THR T 109 -8.70 21.00 87.29
C THR T 109 -8.63 19.94 88.39
N THR T 110 -8.89 20.36 89.63
CA THR T 110 -8.90 19.43 90.74
C THR T 110 -10.05 18.44 90.63
N ASP T 111 -11.19 18.88 90.10
CA ASP T 111 -12.34 18.00 89.94
C ASP T 111 -12.03 16.87 88.96
N GLY T 112 -11.37 17.19 87.86
CA GLY T 112 -11.10 16.19 86.84
C GLY T 112 -11.38 16.70 85.44
N TYR T 113 -11.76 17.97 85.35
CA TYR T 113 -11.98 18.59 84.05
C TYR T 113 -10.64 19.00 83.45
N LEU T 114 -10.50 18.77 82.14
CA LEU T 114 -9.32 19.14 81.40
C LEU T 114 -9.67 20.30 80.47
N LEU T 115 -8.88 21.36 80.54
CA LEU T 115 -9.15 22.57 79.78
C LEU T 115 -7.94 22.95 78.94
N ARG T 116 -8.22 23.50 77.77
CA ARG T 116 -7.21 24.17 76.97
C ARG T 116 -7.47 25.66 77.08
N LEU T 117 -6.45 26.39 77.51
CA LEU T 117 -6.54 27.83 77.75
C LEU T 117 -5.71 28.53 76.68
N PHE T 118 -6.33 29.46 75.97
CA PHE T 118 -5.64 30.37 75.06
C PHE T 118 -5.76 31.78 75.62
N CYS T 119 -4.63 32.43 75.83
CA CYS T 119 -4.58 33.82 76.26
C CYS T 119 -3.76 34.61 75.26
N VAL T 120 -4.06 35.91 75.17
CA VAL T 120 -3.39 36.79 74.22
C VAL T 120 -3.09 38.11 74.90
N GLY T 121 -1.92 38.67 74.60
CA GLY T 121 -1.57 39.99 75.07
C GLY T 121 -0.97 40.79 73.93
N PHE T 122 -0.90 42.09 74.14
CA PHE T 122 -0.38 42.99 73.11
C PHE T 122 0.56 44.00 73.75
N THR T 123 1.63 44.33 73.04
CA THR T 123 2.58 45.31 73.54
C THR T 123 1.91 46.68 73.62
N LYS T 124 2.14 47.37 74.73
CA LYS T 124 1.54 48.66 75.00
C LYS T 124 2.50 49.79 74.64
N LYS T 125 1.98 50.81 73.97
CA LYS T 125 2.78 51.96 73.59
C LYS T 125 2.74 52.99 74.71
N ARG T 126 3.91 53.46 75.13
CA ARG T 126 4.01 54.42 76.21
C ARG T 126 3.39 55.75 75.82
N ASN T 127 2.93 56.50 76.83
CA ASN T 127 2.27 57.77 76.58
C ASN T 127 3.23 58.79 75.97
N ASN T 128 4.47 58.81 76.41
CA ASN T 128 5.46 59.74 75.89
C ASN T 128 6.24 59.17 74.72
N GLN T 129 5.84 58.00 74.23
CA GLN T 129 6.59 57.33 73.17
C GLN T 129 6.53 58.12 71.88
N ILE T 130 7.66 58.21 71.19
CA ILE T 130 7.74 58.83 69.89
C ILE T 130 7.88 57.81 68.76
N ARG T 131 8.55 56.69 69.00
CA ARG T 131 8.64 55.63 68.00
C ARG T 131 7.26 55.10 67.68
N LYS T 132 6.99 54.92 66.38
CA LYS T 132 5.66 54.52 65.95
C LYS T 132 5.37 53.05 66.25
N THR T 133 6.38 52.24 66.53
CA THR T 133 6.20 50.82 66.74
C THR T 133 6.55 50.44 68.16
N SER T 134 5.78 49.52 68.73
CA SER T 134 6.04 48.95 70.04
C SER T 134 6.26 47.45 69.83
N TYR T 135 7.49 47.08 69.49
CA TYR T 135 7.84 45.71 69.20
C TYR T 135 8.66 45.13 70.35
N ALA T 136 8.34 43.90 70.72
CA ALA T 136 9.10 43.18 71.73
C ALA T 136 10.04 42.21 71.05
N GLN T 137 11.27 42.12 71.56
CA GLN T 137 12.21 41.16 71.00
C GLN T 137 11.76 39.74 71.30
N HIS T 138 12.35 38.79 70.58
CA HIS T 138 11.88 37.42 70.64
C HIS T 138 12.06 36.83 72.03
N GLN T 139 13.17 37.15 72.70
CA GLN T 139 13.38 36.64 74.04
C GLN T 139 12.38 37.25 75.02
N GLN T 140 12.05 38.52 74.85
CA GLN T 140 11.03 39.13 75.70
C GLN T 140 9.68 38.49 75.48
N VAL T 141 9.34 38.19 74.23
CA VAL T 141 8.08 37.52 73.93
C VAL T 141 8.07 36.13 74.55
N ARG T 142 9.19 35.41 74.47
CA ARG T 142 9.26 34.08 75.05
C ARG T 142 9.13 34.13 76.57
N GLN T 143 9.78 35.11 77.20
CA GLN T 143 9.65 35.25 78.65
C GLN T 143 8.22 35.56 79.05
N ILE T 144 7.57 36.45 78.30
CA ILE T 144 6.18 36.79 78.58
C ILE T 144 5.30 35.55 78.43
N ARG T 145 5.51 34.79 77.36
CA ARG T 145 4.71 33.60 77.10
C ARG T 145 4.91 32.57 78.20
N LYS T 146 6.16 32.37 78.62
CA LYS T 146 6.43 31.44 79.71
C LYS T 146 5.74 31.89 81.00
N LYS T 147 5.83 33.18 81.31
CA LYS T 147 5.21 33.70 82.51
C LYS T 147 3.71 33.49 82.51
N MET T 148 3.04 33.82 81.40
CA MET T 148 1.60 33.69 81.41
C MET T 148 1.14 32.25 81.30
N MET T 149 1.89 31.38 80.60
CA MET T 149 1.57 29.96 80.64
C MET T 149 1.64 29.41 82.05
N GLU T 150 2.71 29.75 82.79
CA GLU T 150 2.85 29.18 84.12
C GLU T 150 1.86 29.75 85.12
N ILE T 151 1.55 31.05 85.06
CA ILE T 151 0.52 31.55 85.98
C ILE T 151 -0.90 31.23 85.52
N MET T 152 -1.09 30.86 84.26
CA MET T 152 -2.40 30.33 83.86
C MET T 152 -2.60 28.92 84.38
N THR T 153 -1.56 28.07 84.26
CA THR T 153 -1.72 26.71 84.74
C THR T 153 -1.68 26.62 86.26
N ARG T 154 -1.03 27.56 86.94
CA ARG T 154 -0.94 27.52 88.40
C ARG T 154 -2.32 27.61 89.03
N GLU T 155 -3.18 28.50 88.54
CA GLU T 155 -4.49 28.66 89.14
C GLU T 155 -5.38 27.45 88.88
N VAL T 156 -5.40 27.00 87.63
CA VAL T 156 -6.32 25.94 87.23
C VAL T 156 -5.92 24.61 87.87
N GLN T 157 -4.62 24.34 87.99
CA GLN T 157 -4.20 23.08 88.60
C GLN T 157 -4.64 23.00 90.05
N THR T 158 -4.50 24.09 90.80
CA THR T 158 -4.78 24.08 92.22
C THR T 158 -6.21 24.46 92.56
N ASN T 159 -7.03 24.79 91.57
CA ASN T 159 -8.35 25.32 91.86
C ASN T 159 -9.43 24.45 91.22
N ASP T 160 -10.59 24.40 91.87
CA ASP T 160 -11.74 23.66 91.36
C ASP T 160 -12.37 24.38 90.16
N LEU T 161 -13.15 23.63 89.39
CA LEU T 161 -13.73 24.16 88.16
C LEU T 161 -14.68 25.32 88.45
N LYS T 162 -15.49 25.21 89.50
CA LYS T 162 -16.43 26.27 89.83
C LYS T 162 -15.71 27.58 90.11
N GLU T 163 -14.64 27.52 90.91
CA GLU T 163 -13.90 28.73 91.22
C GLU T 163 -13.09 29.22 90.03
N VAL T 164 -12.65 28.31 89.16
CA VAL T 164 -12.00 28.74 87.92
C VAL T 164 -12.97 29.54 87.06
N VAL T 165 -14.21 29.06 86.96
CA VAL T 165 -15.22 29.78 86.18
C VAL T 165 -15.51 31.13 86.80
N ASN T 166 -15.72 31.17 88.12
CA ASN T 166 -16.02 32.47 88.73
C ASN T 166 -14.80 33.36 88.83
N LYS T 167 -13.60 32.84 88.61
CA LYS T 167 -12.40 33.65 88.51
C LYS T 167 -12.23 34.22 87.11
N LEU T 168 -12.65 33.50 86.08
CA LEU T 168 -12.55 34.01 84.73
C LEU T 168 -13.78 34.80 84.29
N ILE T 169 -14.85 34.83 85.10
CA ILE T 169 -15.94 35.78 84.84
C ILE T 169 -15.45 37.22 84.85
N PRO T 170 -14.65 37.67 85.83
CA PRO T 170 -14.00 38.98 85.69
C PRO T 170 -12.62 38.92 85.05
N ASP T 171 -12.16 37.73 84.65
CA ASP T 171 -10.88 37.53 83.99
C ASP T 171 -9.73 38.11 84.80
N SER T 172 -9.66 37.71 86.08
CA SER T 172 -8.54 38.11 86.91
C SER T 172 -7.22 37.51 86.45
N ILE T 173 -7.29 36.40 85.72
CA ILE T 173 -6.08 35.76 85.20
C ILE T 173 -5.33 36.69 84.27
N GLY T 174 -6.06 37.36 83.37
CA GLY T 174 -5.41 38.29 82.46
C GLY T 174 -4.82 39.49 83.16
N LYS T 175 -5.52 39.99 84.19
CA LYS T 175 -4.98 41.10 84.97
C LYS T 175 -3.69 40.69 85.68
N ASP T 176 -3.66 39.48 86.23
CA ASP T 176 -2.44 38.99 86.85
C ASP T 176 -1.33 38.82 85.83
N ILE T 177 -1.67 38.38 84.61
CA ILE T 177 -0.68 38.26 83.56
C ILE T 177 -0.06 39.62 83.25
N GLU T 178 -0.90 40.64 83.10
CA GLU T 178 -0.40 41.98 82.81
C GLU T 178 0.48 42.47 83.95
N LYS T 179 0.04 42.30 85.19
CA LYS T 179 0.80 42.79 86.33
C LYS T 179 2.15 42.09 86.44
N ALA T 180 2.19 40.79 86.15
CA ALA T 180 3.45 40.05 86.20
C ALA T 180 4.38 40.43 85.06
N CYS T 181 3.83 40.64 83.86
CA CYS T 181 4.63 40.90 82.68
C CYS T 181 4.99 42.37 82.51
N GLN T 182 4.53 43.23 83.42
CA GLN T 182 4.90 44.65 83.37
C GLN T 182 6.42 44.85 83.38
N SER T 183 7.17 43.95 84.02
CA SER T 183 8.61 44.12 84.15
C SER T 183 9.38 43.70 82.90
N ILE T 184 8.74 43.02 81.96
CA ILE T 184 9.43 42.59 80.73
C ILE T 184 9.13 43.57 79.62
N TYR T 185 7.85 43.73 79.29
CA TYR T 185 7.39 44.69 78.31
C TYR T 185 5.97 45.02 78.73
N PRO T 186 5.58 46.29 78.71
CA PRO T 186 4.20 46.65 79.05
C PRO T 186 3.21 46.00 78.10
N LEU T 187 2.08 45.56 78.67
CA LEU T 187 0.97 45.00 77.92
C LEU T 187 -0.31 45.70 78.34
N HIS T 188 -1.22 45.91 77.39
CA HIS T 188 -2.44 46.66 77.70
C HIS T 188 -3.70 45.83 77.52
N ASP T 189 -3.83 45.10 76.42
CA ASP T 189 -5.05 44.32 76.15
C ASP T 189 -4.73 42.85 76.41
N VAL T 190 -4.84 42.45 77.67
CA VAL T 190 -4.52 41.09 78.08
C VAL T 190 -5.78 40.42 78.56
N PHE T 191 -6.17 39.33 77.89
CA PHE T 191 -7.37 38.59 78.24
C PHE T 191 -7.12 37.12 77.99
N VAL T 192 -7.95 36.29 78.61
CA VAL T 192 -7.99 34.87 78.27
C VAL T 192 -8.88 34.75 77.03
N ARG T 193 -8.25 34.49 75.89
CA ARG T 193 -8.95 34.51 74.62
C ARG T 193 -10.03 33.44 74.57
N LYS T 194 -9.73 32.26 75.10
CA LYS T 194 -10.62 31.12 74.94
C LYS T 194 -10.26 30.06 75.97
N VAL T 195 -11.26 29.33 76.44
CA VAL T 195 -11.01 28.08 77.14
C VAL T 195 -11.99 27.06 76.59
N LYS T 196 -11.49 25.87 76.29
CA LYS T 196 -12.31 24.81 75.73
C LYS T 196 -12.13 23.53 76.53
N MET T 197 -13.23 22.78 76.64
CA MET T 197 -13.21 21.51 77.36
C MET T 197 -12.53 20.43 76.53
N LEU T 198 -11.84 19.52 77.21
CA LEU T 198 -11.22 18.37 76.55
C LEU T 198 -11.76 17.05 77.08
N LYS T 199 -11.82 16.88 78.40
CA LYS T 199 -12.36 15.66 79.00
C LYS T 199 -13.24 16.03 80.17
N LYS T 200 -14.39 15.36 80.28
CA LYS T 200 -15.36 15.60 81.33
C LYS T 200 -15.46 14.38 82.22
N PRO T 201 -15.44 14.54 83.54
CA PRO T 201 -15.39 13.37 84.43
C PRO T 201 -16.74 12.72 84.73
N LYS T 202 -17.21 11.87 83.81
CA LYS T 202 -18.15 10.79 84.12
C LYS T 202 -19.57 11.29 84.39
N PHE T 203 -19.77 12.61 84.43
CA PHE T 203 -21.08 13.22 84.68
C PHE T 203 -21.64 12.79 86.04
N GLU T 204 -20.98 13.30 87.08
CA GLU T 204 -21.52 13.15 88.42
C GLU T 204 -22.69 14.10 88.63
N LEU T 205 -23.90 13.52 88.78
CA LEU T 205 -25.08 14.32 89.04
C LEU T 205 -24.98 15.05 90.37
N GLY T 206 -24.23 14.50 91.32
CA GLY T 206 -23.99 15.22 92.56
C GLY T 206 -23.25 16.53 92.35
N LYS T 207 -22.17 16.50 91.56
CA LYS T 207 -21.45 17.72 91.25
C LYS T 207 -22.33 18.67 90.45
N LEU T 208 -23.13 18.15 89.52
CA LEU T 208 -24.01 19.01 88.73
C LEU T 208 -24.99 19.75 89.62
N MET T 209 -25.67 19.04 90.51
CA MET T 209 -26.64 19.69 91.38
C MET T 209 -25.97 20.60 92.39
N GLU T 210 -24.74 20.26 92.83
CA GLU T 210 -24.03 21.13 93.75
C GLU T 210 -23.69 22.46 93.09
N LEU T 211 -23.23 22.43 91.84
CA LEU T 211 -22.93 23.68 91.16
C LEU T 211 -24.17 24.41 90.68
N HIS T 212 -25.30 23.73 90.55
CA HIS T 212 -26.57 24.43 90.33
C HIS T 212 -27.22 24.92 91.61
N GLY T 213 -26.72 24.50 92.78
CA GLY T 213 -27.27 24.97 94.03
C GLY T 213 -26.20 25.33 95.05
N GLU T 214 -26.44 24.98 96.31
CA GLU T 214 -25.48 25.25 97.37
C GLU T 214 -24.36 24.22 97.35
N GLU U 1 22.07 105.50 17.26
CA GLU U 1 20.65 105.17 17.22
C GLU U 1 20.31 104.07 18.22
N TRP U 2 21.29 103.67 19.02
CA TRP U 2 21.13 102.60 19.99
C TRP U 2 21.04 103.20 21.39
N MET U 3 19.97 102.87 22.09
CA MET U 3 19.77 103.32 23.46
C MET U 3 19.93 102.12 24.39
N PRO U 4 21.03 102.02 25.13
CA PRO U 4 21.20 100.89 26.05
C PRO U 4 20.20 100.93 27.19
N VAL U 5 19.86 99.73 27.67
CA VAL U 5 18.94 99.58 28.79
C VAL U 5 19.65 99.17 30.08
N THR U 6 20.84 98.59 30.00
CA THR U 6 21.56 98.09 31.16
C THR U 6 22.66 99.07 31.57
N LYS U 7 23.10 98.93 32.83
CA LYS U 7 24.21 99.75 33.31
C LYS U 7 25.48 99.48 32.53
N LEU U 8 25.75 98.20 32.26
CA LEU U 8 26.93 97.84 31.47
C LEU U 8 26.85 98.44 30.08
N GLY U 9 25.68 98.34 29.45
CA GLY U 9 25.52 98.91 28.12
C GLY U 9 25.68 100.42 28.11
N ARG U 10 25.13 101.10 29.12
CA ARG U 10 25.28 102.55 29.20
C ARG U 10 26.73 102.94 29.38
N LEU U 11 27.44 102.24 30.26
CA LEU U 11 28.82 102.58 30.54
C LEU U 11 29.73 102.26 29.35
N VAL U 12 29.39 101.23 28.57
CA VAL U 12 30.13 100.97 27.34
C VAL U 12 29.83 102.04 26.31
N LYS U 13 28.56 102.44 26.20
CA LYS U 13 28.15 103.37 25.15
C LYS U 13 28.76 104.75 25.34
N ASP U 14 28.84 105.22 26.60
CA ASP U 14 29.40 106.55 26.82
C ASP U 14 30.92 106.54 27.00
N MET U 15 31.60 105.52 26.47
CA MET U 15 33.06 105.43 26.44
C MET U 15 33.66 105.51 27.84
N LYS U 16 33.33 104.52 28.66
CA LYS U 16 33.92 104.38 29.98
C LYS U 16 34.68 103.09 30.17
N ILE U 17 34.44 102.08 29.33
CA ILE U 17 35.21 100.84 29.32
C ILE U 17 36.04 100.84 28.05
N LYS U 18 37.36 100.68 28.22
CA LYS U 18 38.29 100.79 27.10
C LYS U 18 38.68 99.44 26.53
N SER U 19 38.13 98.35 27.02
CA SER U 19 38.49 97.02 26.53
C SER U 19 37.47 96.01 27.01
N LEU U 20 37.11 95.08 26.12
CA LEU U 20 36.21 93.99 26.50
C LEU U 20 36.80 93.13 27.61
N GLU U 21 38.13 93.12 27.75
CA GLU U 21 38.74 92.36 28.81
C GLU U 21 38.45 92.96 30.18
N GLU U 22 38.10 94.25 30.24
CA GLU U 22 37.65 94.81 31.50
C GLU U 22 36.35 94.15 31.96
N ILE U 23 35.46 93.85 31.01
CA ILE U 23 34.24 93.13 31.34
C ILE U 23 34.56 91.68 31.68
N TYR U 24 35.43 91.05 30.89
CA TYR U 24 35.75 89.65 31.10
C TYR U 24 36.45 89.42 32.44
N LEU U 25 37.18 90.42 32.93
CA LEU U 25 37.87 90.27 34.21
C LEU U 25 36.88 90.08 35.35
N PHE U 26 35.79 90.83 35.34
CA PHE U 26 34.78 90.74 36.39
C PHE U 26 33.64 89.80 36.03
N SER U 27 33.69 89.18 34.85
CA SER U 27 32.71 88.16 34.44
C SER U 27 31.30 88.70 34.44
N LEU U 28 31.15 89.96 34.07
CA LEU U 28 29.82 90.55 33.97
C LEU U 28 29.07 89.93 32.80
N PRO U 29 27.87 89.44 33.01
CA PRO U 29 27.12 88.86 31.89
C PRO U 29 26.78 89.91 30.85
N ILE U 30 26.89 89.52 29.58
CA ILE U 30 26.54 90.38 28.47
C ILE U 30 25.08 90.14 28.12
N LYS U 31 24.32 91.22 27.99
CA LYS U 31 22.91 91.11 27.68
C LYS U 31 22.49 91.93 26.46
N GLU U 32 23.44 92.59 25.79
CA GLU U 32 23.12 93.39 24.61
C GLU U 32 24.18 93.13 23.55
N SER U 33 23.76 92.87 22.32
CA SER U 33 24.71 92.62 21.25
C SER U 33 25.46 93.88 20.86
N GLU U 34 24.81 95.04 20.99
CA GLU U 34 25.45 96.30 20.66
C GLU U 34 26.59 96.65 21.60
N ILE U 35 26.72 95.95 22.73
CA ILE U 35 27.83 96.21 23.64
C ILE U 35 29.14 95.78 23.00
N ILE U 36 29.18 94.57 22.43
CA ILE U 36 30.47 94.03 22.05
C ILE U 36 30.94 94.63 20.73
N ASP U 37 30.03 94.89 19.78
CA ASP U 37 30.47 95.42 18.50
C ASP U 37 31.03 96.81 18.62
N PHE U 38 30.71 97.52 19.72
CA PHE U 38 31.40 98.76 20.05
C PHE U 38 32.91 98.56 20.10
N PHE U 39 33.35 97.39 20.57
CA PHE U 39 34.77 97.06 20.57
C PHE U 39 35.19 96.31 19.32
N LEU U 40 34.50 95.23 19.01
CA LEU U 40 34.82 94.40 17.85
C LEU U 40 34.03 94.81 16.61
N GLY U 41 34.05 96.11 16.31
CA GLY U 41 33.47 96.58 15.08
C GLY U 41 34.41 96.34 13.91
N ALA U 42 33.84 95.88 12.80
CA ALA U 42 34.57 95.64 11.55
C ALA U 42 35.73 94.66 11.75
N SER U 43 35.57 93.73 12.68
CA SER U 43 36.57 92.69 12.91
C SER U 43 35.98 91.31 13.08
N LEU U 44 34.72 91.18 13.45
CA LEU U 44 34.08 89.87 13.57
C LEU U 44 33.77 89.31 12.20
N LYS U 45 34.09 88.04 12.00
CA LYS U 45 33.72 87.31 10.79
C LYS U 45 32.54 86.41 11.10
N ASP U 46 31.56 86.41 10.21
CA ASP U 46 30.34 85.62 10.37
C ASP U 46 30.46 84.31 9.61
N GLU U 47 30.03 83.22 10.24
CA GLU U 47 30.00 81.93 9.57
C GLU U 47 28.73 81.19 9.92
N VAL U 48 28.11 80.58 8.92
CA VAL U 48 26.92 79.76 9.09
C VAL U 48 27.36 78.31 8.97
N LEU U 49 27.05 77.51 9.97
CA LEU U 49 27.52 76.13 10.05
C LEU U 49 26.50 75.12 9.54
N LYS U 50 25.26 75.24 9.97
CA LYS U 50 24.24 74.27 9.56
C LYS U 50 22.87 74.91 9.69
N ILE U 51 21.94 74.44 8.86
CA ILE U 51 20.54 74.82 8.93
C ILE U 51 19.74 73.52 9.00
N MET U 52 19.47 73.05 10.22
CA MET U 52 18.78 71.79 10.37
C MET U 52 17.29 72.02 10.57
N PRO U 53 16.44 71.44 9.74
CA PRO U 53 15.00 71.65 9.87
C PRO U 53 14.33 70.73 10.88
N VAL U 54 14.28 71.14 12.13
CA VAL U 54 13.55 70.39 13.16
C VAL U 54 12.07 70.70 13.06
N GLN U 55 11.23 69.67 13.08
CA GLN U 55 9.78 69.89 13.01
C GLN U 55 9.06 69.16 14.14
N LYS U 56 7.91 69.72 14.51
CA LYS U 56 7.07 69.24 15.59
C LYS U 56 5.75 68.76 15.02
N GLN U 57 5.32 67.56 15.38
CA GLN U 57 4.07 67.03 14.87
C GLN U 57 2.89 67.76 15.48
N THR U 58 1.90 68.07 14.65
CA THR U 58 0.66 68.70 15.11
C THR U 58 -0.54 67.89 14.65
N ARG U 59 -1.75 68.42 14.89
CA ARG U 59 -2.95 67.78 14.37
C ARG U 59 -2.95 67.76 12.85
N ALA U 60 -2.50 68.84 12.24
CA ALA U 60 -2.49 69.01 10.79
C ALA U 60 -1.05 69.08 10.33
N GLY U 61 -0.49 67.94 9.97
CA GLY U 61 0.89 67.93 9.51
C GLY U 61 1.85 68.25 10.64
N GLN U 62 3.06 68.63 10.25
CA GLN U 62 4.10 69.01 11.20
C GLN U 62 4.64 70.38 10.84
N ARG U 63 4.65 71.29 11.81
CA ARG U 63 5.23 72.61 11.59
C ARG U 63 6.74 72.51 11.65
N THR U 64 7.42 73.11 10.68
CA THR U 64 8.85 72.98 10.52
C THR U 64 9.54 74.29 10.82
N ARG U 65 10.50 74.25 11.74
CA ARG U 65 11.38 75.38 12.03
C ARG U 65 12.80 74.98 11.68
N PHE U 66 13.67 75.99 11.58
CA PHE U 66 15.06 75.78 11.22
C PHE U 66 15.95 76.31 12.34
N LYS U 67 16.97 75.53 12.69
CA LYS U 67 17.98 75.94 13.64
C LYS U 67 19.20 76.42 12.86
N ALA U 68 19.55 77.68 13.03
CA ALA U 68 20.75 78.25 12.44
C ALA U 68 21.86 78.23 13.48
N PHE U 69 23.01 77.68 13.09
CA PHE U 69 24.22 77.68 13.90
C PHE U 69 25.15 78.74 13.31
N VAL U 70 25.50 79.73 14.11
CA VAL U 70 26.37 80.81 13.67
C VAL U 70 27.59 80.88 14.56
N ALA U 71 28.77 80.86 13.96
CA ALA U 71 30.02 81.12 14.64
C ALA U 71 30.49 82.51 14.26
N ILE U 72 30.78 83.32 15.27
CA ILE U 72 31.29 84.67 15.03
C ILE U 72 32.57 84.83 15.84
N GLY U 73 33.41 85.76 15.42
CA GLY U 73 34.63 86.01 16.15
C GLY U 73 35.79 86.48 15.29
N ASP U 74 36.51 87.48 15.78
CA ASP U 74 37.73 87.91 15.12
C ASP U 74 38.82 86.86 15.33
N TYR U 75 39.85 86.93 14.50
CA TYR U 75 40.90 85.91 14.56
C TYR U 75 41.98 86.32 15.55
N ASN U 76 41.58 86.71 16.76
CA ASN U 76 42.54 87.24 17.73
C ASN U 76 42.19 86.84 19.16
N GLY U 77 41.50 85.73 19.35
CA GLY U 77 41.19 85.25 20.68
C GLY U 77 39.82 85.57 21.20
N HIS U 78 38.82 85.65 20.32
CA HIS U 78 37.42 85.82 20.72
C HIS U 78 36.57 85.00 19.77
N VAL U 79 35.71 84.16 20.33
CA VAL U 79 34.84 83.30 19.53
C VAL U 79 33.50 83.17 20.25
N GLY U 80 32.45 83.02 19.45
CA GLY U 80 31.13 82.83 20.00
C GLY U 80 30.31 81.96 19.08
N LEU U 81 29.45 81.15 19.67
CA LEU U 81 28.60 80.23 18.94
C LEU U 81 27.16 80.43 19.38
N GLY U 82 26.26 80.57 18.42
CA GLY U 82 24.86 80.78 18.71
C GLY U 82 23.98 79.87 17.88
N VAL U 83 22.89 79.43 18.49
CA VAL U 83 21.90 78.57 17.85
C VAL U 83 20.54 79.24 17.98
N LYS U 84 19.86 79.43 16.85
CA LYS U 84 18.55 80.06 16.87
C LYS U 84 17.56 79.25 16.04
N CYS U 85 16.44 78.90 16.65
CA CYS U 85 15.37 78.17 15.96
C CYS U 85 14.25 79.14 15.62
N SER U 86 13.86 79.16 14.36
CA SER U 86 12.77 80.05 13.94
C SER U 86 12.10 79.47 12.70
N LYS U 87 10.89 79.97 12.42
CA LYS U 87 10.13 79.48 11.29
C LYS U 87 10.70 79.92 9.95
N GLU U 88 11.56 80.93 9.95
CA GLU U 88 12.18 81.44 8.72
C GLU U 88 13.69 81.38 8.84
N VAL U 89 14.33 80.95 7.76
CA VAL U 89 15.79 80.77 7.76
C VAL U 89 16.49 82.10 7.97
N ALA U 90 16.01 83.17 7.35
CA ALA U 90 16.69 84.45 7.45
C ALA U 90 16.68 85.00 8.88
N THR U 91 15.51 84.99 9.52
CA THR U 91 15.45 85.46 10.90
C THR U 91 16.15 84.50 11.85
N ALA U 92 16.18 83.20 11.55
CA ALA U 92 17.00 82.30 12.34
C ALA U 92 18.48 82.66 12.23
N ILE U 93 18.94 82.99 11.03
CA ILE U 93 20.33 83.41 10.84
C ILE U 93 20.63 84.65 11.65
N ARG U 94 19.75 85.66 11.59
CA ARG U 94 20.03 86.90 12.30
C ARG U 94 19.97 86.71 13.81
N GLY U 95 19.02 85.92 14.31
CA GLY U 95 18.96 85.66 15.73
C GLY U 95 20.15 84.87 16.23
N ALA U 96 20.62 83.91 15.44
CA ALA U 96 21.79 83.15 15.84
C ALA U 96 23.05 84.00 15.78
N ILE U 97 23.11 84.96 14.85
CA ILE U 97 24.20 85.92 14.86
C ILE U 97 24.19 86.72 16.16
N ILE U 98 23.00 87.16 16.58
CA ILE U 98 22.90 87.91 17.83
C ILE U 98 23.34 87.05 19.01
N LEU U 99 22.90 85.79 19.05
CA LEU U 99 23.25 84.92 20.17
C LEU U 99 24.74 84.59 20.19
N ALA U 100 25.33 84.37 19.02
CA ALA U 100 26.77 84.13 18.95
C ALA U 100 27.54 85.36 19.39
N LYS U 101 27.04 86.54 19.08
CA LYS U 101 27.60 87.76 19.64
C LYS U 101 27.51 87.75 21.16
N LEU U 102 26.35 87.37 21.69
CA LEU U 102 26.14 87.43 23.13
C LEU U 102 27.09 86.49 23.87
N SER U 103 27.31 85.30 23.32
CA SER U 103 28.19 84.32 23.94
C SER U 103 29.61 84.39 23.39
N ILE U 104 30.24 85.56 23.37
CA ILE U 104 31.61 85.69 22.92
C ILE U 104 32.52 85.50 24.14
N VAL U 105 33.45 84.54 24.04
CA VAL U 105 34.35 84.23 25.14
C VAL U 105 35.79 84.48 24.69
N PRO U 106 36.70 84.77 25.62
CA PRO U 106 38.11 84.93 25.23
C PRO U 106 38.82 83.58 25.19
N VAL U 107 39.84 83.52 24.34
CA VAL U 107 40.60 82.29 24.11
C VAL U 107 42.04 82.52 24.54
N ARG U 108 42.58 81.58 25.33
CA ARG U 108 43.95 81.66 25.78
C ARG U 108 44.86 80.93 24.80
N ARG U 109 45.88 81.62 24.31
CA ARG U 109 46.86 81.04 23.42
C ARG U 109 48.16 80.84 24.16
N GLY U 110 48.77 79.67 23.96
CA GLY U 110 50.05 79.37 24.56
C GLY U 110 51.05 78.88 23.54
N TYR U 111 52.13 78.26 24.02
CA TYR U 111 53.19 77.76 23.17
C TYR U 111 53.33 76.26 23.37
N TRP U 112 53.56 75.54 22.27
CA TRP U 112 53.80 74.11 22.36
C TRP U 112 55.08 73.84 23.15
N GLY U 113 56.10 74.63 22.91
CA GLY U 113 57.36 74.51 23.61
C GLY U 113 58.35 75.52 23.06
N ASN U 114 59.29 75.97 23.89
CA ASN U 114 60.28 76.97 23.48
C ASN U 114 59.60 78.25 22.99
N LYS U 115 58.91 78.88 23.94
CA LYS U 115 58.22 80.13 23.68
C LYS U 115 59.19 81.18 23.14
N ILE U 116 58.88 81.74 21.98
CA ILE U 116 59.80 82.67 21.33
C ILE U 116 59.10 83.99 21.06
N GLY U 117 58.02 83.95 20.28
CA GLY U 117 57.33 85.18 19.92
C GLY U 117 55.89 85.21 20.39
N LYS U 118 54.99 85.26 19.47
CA LYS U 118 53.60 85.34 19.88
C LYS U 118 53.06 83.94 20.16
N PRO U 119 52.11 83.82 21.09
CA PRO U 119 51.49 82.52 21.33
C PRO U 119 50.70 82.07 20.12
N HIS U 120 50.68 80.77 19.90
CA HIS U 120 50.11 80.19 18.68
C HIS U 120 49.17 79.02 18.91
N THR U 121 49.27 78.32 20.03
CA THR U 121 48.51 77.10 20.26
C THR U 121 47.81 77.20 21.61
N VAL U 122 47.03 76.16 21.93
CA VAL U 122 46.35 76.08 23.22
C VAL U 122 47.40 75.89 24.31
N PRO U 123 47.20 76.47 25.49
CA PRO U 123 48.22 76.34 26.54
C PRO U 123 48.44 74.92 27.02
N CYS U 124 47.38 74.10 27.03
CA CYS U 124 47.49 72.71 27.47
C CYS U 124 46.34 71.94 26.84
N LYS U 125 46.46 70.62 26.85
CA LYS U 125 45.43 69.78 26.25
C LYS U 125 44.17 69.90 27.08
N VAL U 126 43.18 70.59 26.52
CA VAL U 126 41.92 70.81 27.19
C VAL U 126 40.85 69.96 26.51
N THR U 127 39.73 69.77 27.19
CA THR U 127 38.67 68.91 26.68
C THR U 127 37.32 69.62 26.82
N GLY U 128 36.42 69.24 25.94
CA GLY U 128 35.07 69.79 25.96
C GLY U 128 34.07 68.68 25.72
N ARG U 129 32.96 68.75 26.44
CA ARG U 129 31.96 67.70 26.45
C ARG U 129 30.60 68.32 26.15
N CYS U 130 29.86 67.70 25.25
CA CYS U 130 28.46 68.09 25.01
C CYS U 130 27.75 66.88 24.44
N GLY U 131 26.81 66.32 25.19
CA GLY U 131 26.22 65.06 24.78
C GLY U 131 27.28 63.98 24.78
N SER U 132 27.19 63.09 23.80
CA SER U 132 28.21 62.06 23.67
C SER U 132 29.49 62.57 23.04
N VAL U 133 29.48 63.78 22.49
CA VAL U 133 30.65 64.30 21.79
C VAL U 133 31.67 64.80 22.80
N LEU U 134 32.90 64.33 22.68
CA LEU U 134 34.02 64.80 23.46
C LEU U 134 35.12 65.24 22.50
N VAL U 135 35.56 66.49 22.62
CA VAL U 135 36.59 67.05 21.75
C VAL U 135 37.75 67.48 22.62
N ARG U 136 38.94 66.99 22.31
CA ARG U 136 40.15 67.33 23.04
C ARG U 136 41.10 68.08 22.13
N LEU U 137 41.52 69.27 22.58
CA LEU U 137 42.50 70.08 21.88
C LEU U 137 43.85 69.90 22.54
N ILE U 138 44.85 69.48 21.76
CA ILE U 138 46.21 69.22 22.22
C ILE U 138 47.12 70.26 21.60
N PRO U 139 48.06 70.82 22.35
CA PRO U 139 49.01 71.78 21.76
C PRO U 139 49.84 71.15 20.65
N ALA U 140 50.15 71.97 19.66
CA ALA U 140 50.90 71.53 18.50
C ALA U 140 52.01 72.54 18.20
N PRO U 141 53.13 72.08 17.64
CA PRO U 141 54.21 73.01 17.30
C PRO U 141 53.81 73.94 16.16
N ARG U 142 54.66 74.93 15.93
CA ARG U 142 54.36 75.95 14.94
C ARG U 142 54.31 75.37 13.54
N GLY U 143 53.34 75.82 12.76
CA GLY U 143 53.24 75.46 11.36
C GLY U 143 52.49 74.17 11.09
N THR U 144 52.12 73.42 12.12
CA THR U 144 51.35 72.20 11.88
C THR U 144 49.92 72.51 11.47
N GLY U 145 49.43 73.71 11.76
CA GLY U 145 48.07 74.03 11.43
C GLY U 145 47.09 73.36 12.39
N ILE U 146 45.82 73.40 12.00
CA ILE U 146 44.75 72.78 12.77
C ILE U 146 44.45 71.44 12.13
N VAL U 147 44.59 70.37 12.89
CA VAL U 147 44.17 69.05 12.42
C VAL U 147 42.94 68.65 13.21
N SER U 148 41.84 68.51 12.49
CA SER U 148 40.51 68.38 13.07
C SER U 148 39.53 68.13 11.93
N ALA U 149 38.27 67.96 12.30
CA ALA U 149 37.20 67.98 11.33
C ALA U 149 37.00 69.41 10.82
N PRO U 150 36.27 69.58 9.71
CA PRO U 150 36.04 70.95 9.22
C PRO U 150 35.38 71.88 10.21
N VAL U 151 34.42 71.39 11.00
CA VAL U 151 33.70 72.23 11.95
C VAL U 151 34.63 72.76 13.04
N PRO U 152 35.40 71.92 13.75
CA PRO U 152 36.33 72.48 14.73
C PRO U 152 37.46 73.22 14.07
N LYS U 153 37.83 72.86 12.83
CA LYS U 153 38.86 73.61 12.14
C LYS U 153 38.44 75.05 11.94
N LYS U 154 37.24 75.27 11.41
CA LYS U 154 36.78 76.65 11.22
C LYS U 154 36.55 77.35 12.56
N LEU U 155 36.03 76.63 13.56
CA LEU U 155 35.78 77.28 14.85
C LEU U 155 37.08 77.72 15.52
N LEU U 156 38.09 76.85 15.54
CA LEU U 156 39.37 77.22 16.14
C LEU U 156 40.09 78.27 15.31
N MET U 157 40.00 78.16 13.99
CA MET U 157 40.65 79.14 13.12
C MET U 157 40.08 80.52 13.33
N MET U 158 38.79 80.62 13.55
CA MET U 158 38.19 81.93 13.81
C MET U 158 38.21 82.29 15.28
N ALA U 159 38.58 81.37 16.16
CA ALA U 159 38.92 81.69 17.53
C ALA U 159 40.35 82.18 17.70
N GLY U 160 41.20 81.96 16.69
CA GLY U 160 42.54 82.49 16.71
C GLY U 160 43.65 81.48 16.89
N ILE U 161 43.31 80.21 17.15
CA ILE U 161 44.34 79.19 17.27
C ILE U 161 44.92 78.90 15.90
N ASP U 162 46.25 78.86 15.83
CA ASP U 162 46.95 78.57 14.58
C ASP U 162 47.28 77.10 14.42
N ASP U 163 47.79 76.45 15.47
CA ASP U 163 48.23 75.07 15.41
C ASP U 163 47.64 74.30 16.57
N CYS U 164 47.02 73.16 16.26
CA CYS U 164 46.34 72.39 17.29
C CYS U 164 46.01 71.01 16.77
N TYR U 165 46.38 69.98 17.54
CA TYR U 165 45.88 68.65 17.29
C TYR U 165 44.51 68.51 17.94
N THR U 166 43.59 67.79 17.30
CA THR U 166 42.34 67.51 17.97
C THR U 166 42.02 66.02 17.92
N SER U 167 41.36 65.56 18.98
CA SER U 167 40.83 64.20 19.04
C SER U 167 39.34 64.29 19.36
N ALA U 168 38.56 63.37 18.80
CA ALA U 168 37.12 63.41 18.97
C ALA U 168 36.58 62.02 19.26
N ARG U 169 35.56 61.99 20.12
CA ARG U 169 34.85 60.78 20.45
C ARG U 169 33.36 61.06 20.41
N GLY U 170 32.58 60.07 19.99
CA GLY U 170 31.15 60.17 20.02
C GLY U 170 30.57 60.47 18.66
N CYS U 171 29.26 60.71 18.66
CA CYS U 171 28.54 60.97 17.42
C CYS U 171 28.89 62.36 16.92
N THR U 172 30.05 62.44 16.26
CA THR U 172 30.52 63.70 15.70
C THR U 172 29.61 64.20 14.59
N ALA U 173 28.76 63.34 14.04
CA ALA U 173 27.80 63.77 13.03
C ALA U 173 26.81 64.79 13.59
N THR U 174 26.57 64.77 14.89
CA THR U 174 25.71 65.77 15.51
C THR U 174 26.48 67.08 15.53
N LEU U 175 26.23 67.91 14.51
CA LEU U 175 27.01 69.14 14.36
C LEU U 175 26.79 70.09 15.52
N GLY U 176 25.56 70.15 16.05
CA GLY U 176 25.31 71.05 17.16
C GLY U 176 26.10 70.69 18.41
N ASN U 177 26.00 69.44 18.85
CA ASN U 177 26.73 69.02 20.03
C ASN U 177 28.23 69.09 19.81
N PHE U 178 28.65 68.80 18.57
CA PHE U 178 30.07 68.77 18.27
C PHE U 178 30.67 70.17 18.27
N ALA U 179 29.97 71.14 17.68
CA ALA U 179 30.39 72.53 17.78
C ALA U 179 30.35 73.03 19.21
N LYS U 180 29.35 72.62 19.98
CA LYS U 180 29.27 73.03 21.38
C LYS U 180 30.43 72.48 22.19
N ALA U 181 30.81 71.23 21.92
CA ALA U 181 31.94 70.63 22.63
C ALA U 181 33.24 71.35 22.30
N THR U 182 33.45 71.68 21.01
CA THR U 182 34.62 72.46 20.65
C THR U 182 34.61 73.83 21.32
N PHE U 183 33.43 74.46 21.38
CA PHE U 183 33.31 75.76 22.02
C PHE U 183 33.62 75.68 23.51
N ASP U 184 33.15 74.62 24.18
CA ASP U 184 33.43 74.46 25.60
C ASP U 184 34.92 74.25 25.86
N ALA U 185 35.56 73.41 25.03
CA ALA U 185 36.99 73.20 25.17
C ALA U 185 37.76 74.49 24.95
N ILE U 186 37.33 75.29 23.98
CA ILE U 186 37.97 76.58 23.75
C ILE U 186 37.75 77.50 24.95
N SER U 187 36.55 77.50 25.50
CA SER U 187 36.21 78.47 26.54
C SER U 187 36.96 78.19 27.83
N LYS U 188 37.14 76.93 28.19
CA LYS U 188 37.73 76.62 29.50
C LYS U 188 39.25 76.70 29.52
N THR U 189 39.87 77.29 28.50
CA THR U 189 41.31 77.49 28.54
C THR U 189 41.71 78.43 29.67
N TYR U 190 40.98 79.54 29.84
CA TYR U 190 41.16 80.39 31.01
C TYR U 190 40.78 79.66 32.30
N SER U 191 39.71 78.87 32.28
CA SER U 191 39.32 78.15 33.49
C SER U 191 40.41 77.20 33.98
N TYR U 192 41.23 76.69 33.07
CA TYR U 192 42.34 75.82 33.47
C TYR U 192 43.40 76.65 34.20
N LEU U 193 43.90 76.12 35.32
CA LEU U 193 44.88 76.80 36.16
C LEU U 193 46.28 76.31 35.82
N THR U 194 47.21 77.24 35.68
CA THR U 194 48.58 76.95 35.29
C THR U 194 49.55 77.65 36.23
N PRO U 195 50.77 77.10 36.38
CA PRO U 195 51.72 77.70 37.33
C PRO U 195 52.07 79.16 37.06
N ASP U 196 52.06 79.59 35.80
CA ASP U 196 52.34 80.99 35.52
C ASP U 196 51.23 81.91 35.98
N LEU U 197 50.07 81.38 36.34
CA LEU U 197 48.97 82.16 36.91
C LEU U 197 48.89 82.01 38.42
N TRP U 198 49.94 81.49 39.07
CA TRP U 198 49.92 81.26 40.50
C TRP U 198 50.06 82.54 41.31
N LYS U 199 50.44 83.65 40.69
CA LYS U 199 50.66 84.88 41.44
C LYS U 199 49.37 85.34 42.11
N GLU U 200 49.52 85.90 43.31
CA GLU U 200 48.37 86.35 44.08
C GLU U 200 47.66 87.48 43.33
N THR U 201 46.34 87.38 43.25
CA THR U 201 45.57 88.36 42.50
C THR U 201 45.44 89.66 43.27
N VAL U 202 45.74 90.77 42.61
CA VAL U 202 45.39 92.10 43.09
C VAL U 202 44.07 92.48 42.46
N PHE U 203 43.16 93.01 43.27
CA PHE U 203 41.82 93.35 42.81
C PHE U 203 41.74 94.80 42.39
N THR U 204 41.15 95.04 41.23
CA THR U 204 40.82 96.38 40.78
C THR U 204 39.34 96.65 41.04
N LYS U 205 38.98 97.94 40.96
CA LYS U 205 37.60 98.33 41.19
C LYS U 205 36.71 97.81 40.07
N SER U 206 35.53 97.30 40.45
CA SER U 206 34.53 96.93 39.47
C SER U 206 34.09 98.15 38.69
N PRO U 207 33.73 97.99 37.41
CA PRO U 207 33.29 99.16 36.64
C PRO U 207 32.11 99.89 37.26
N TYR U 208 31.16 99.15 37.84
CA TYR U 208 30.03 99.79 38.51
C TYR U 208 30.50 100.63 39.69
N GLN U 209 31.41 100.08 40.50
CA GLN U 209 31.89 100.83 41.67
C GLN U 209 32.72 102.03 41.25
N GLU U 210 33.48 101.89 40.16
CA GLU U 210 34.34 102.98 39.70
C GLU U 210 33.53 104.10 39.06
N PHE U 211 32.41 103.78 38.42
CA PHE U 211 31.58 104.82 37.82
C PHE U 211 30.19 104.84 38.43
N THR U 212 30.09 104.68 39.75
CA THR U 212 28.79 104.69 40.40
C THR U 212 28.11 106.06 40.29
N ASP U 213 28.88 107.15 40.38
CA ASP U 213 28.26 108.47 40.30
C ASP U 213 27.78 108.78 38.90
N HIS U 214 28.55 108.38 37.88
CA HIS U 214 28.15 108.59 36.51
C HIS U 214 26.89 107.81 36.18
N LEU U 215 26.77 106.60 36.73
CA LEU U 215 25.54 105.82 36.53
C LEU U 215 24.34 106.51 37.17
N VAL U 216 24.53 107.09 38.36
CA VAL U 216 23.44 107.84 38.99
C VAL U 216 23.03 109.03 38.13
N LYS U 217 24.01 109.74 37.57
CA LYS U 217 23.70 110.90 36.75
C LYS U 217 22.97 110.51 35.47
N THR U 218 23.45 109.47 34.77
CA THR U 218 22.98 109.17 33.43
C THR U 218 21.92 108.07 33.41
N HIS U 219 22.25 106.88 33.92
CA HIS U 219 21.38 105.71 33.81
C HIS U 219 20.33 105.76 34.92
N THR U 220 19.42 106.72 34.79
CA THR U 220 18.38 106.92 35.79
C THR U 220 17.05 106.29 35.34
N ALA V 1 74.96 24.66 1.17
CA ALA V 1 76.06 24.35 0.28
C ALA V 1 76.66 22.98 0.58
N ARG V 2 77.19 22.32 -0.44
CA ARG V 2 77.83 21.03 -0.28
C ARG V 2 79.32 21.14 -0.06
N GLY V 3 79.88 22.35 -0.08
CA GLY V 3 81.30 22.54 0.09
C GLY V 3 81.64 24.00 0.26
N PRO V 4 82.92 24.33 0.13
CA PRO V 4 83.35 25.72 0.35
C PRO V 4 82.78 26.66 -0.70
N LYS V 5 82.55 27.89 -0.28
CA LYS V 5 82.07 28.94 -1.17
C LYS V 5 83.25 29.66 -1.80
N LYS V 6 83.19 29.86 -3.11
CA LYS V 6 84.26 30.56 -3.82
C LYS V 6 83.70 31.75 -4.61
N HIS V 7 82.61 32.33 -4.14
CA HIS V 7 82.03 33.52 -4.74
C HIS V 7 81.72 34.51 -3.62
N LEU V 8 81.88 35.80 -3.90
CA LEU V 8 81.57 36.84 -2.94
C LEU V 8 80.67 37.87 -3.59
N LYS V 9 79.53 38.14 -2.97
CA LYS V 9 78.61 39.13 -3.51
C LYS V 9 79.16 40.53 -3.27
N ARG V 10 78.85 41.43 -4.22
CA ARG V 10 79.36 42.80 -4.11
C ARG V 10 78.84 43.50 -2.87
N VAL V 11 77.55 43.32 -2.56
CA VAL V 11 76.97 43.95 -1.39
C VAL V 11 77.43 43.24 -0.11
N ALA V 12 77.79 41.97 -0.19
CA ALA V 12 78.25 41.24 0.99
C ALA V 12 79.74 41.47 1.27
N ALA V 13 80.44 42.23 0.44
CA ALA V 13 81.84 42.51 0.67
C ALA V 13 82.01 43.37 1.91
N PRO V 14 83.17 43.32 2.56
CA PRO V 14 83.40 44.17 3.73
C PRO V 14 83.27 45.65 3.40
N LYS V 15 82.72 46.40 4.35
CA LYS V 15 82.40 47.80 4.10
C LYS V 15 83.64 48.66 3.91
N HIS V 16 84.75 48.31 4.56
CA HIS V 16 85.94 49.15 4.47
C HIS V 16 86.60 49.08 3.10
N TRP V 17 86.18 48.17 2.24
CA TRP V 17 86.67 48.19 0.87
C TRP V 17 86.11 49.35 0.07
N MET V 18 84.99 49.91 0.52
CA MET V 18 84.34 51.05 -0.14
C MET V 18 83.96 50.73 -1.58
N LEU V 19 83.62 49.48 -1.84
CA LEU V 19 83.17 49.09 -3.17
C LEU V 19 81.77 49.63 -3.43
N ASP V 20 81.55 50.11 -4.64
CA ASP V 20 80.24 50.58 -5.06
C ASP V 20 79.34 49.39 -5.35
N LYS V 21 78.05 49.66 -5.61
CA LYS V 21 77.07 48.61 -5.76
C LYS V 21 76.44 48.55 -7.15
N LEU V 22 77.02 49.21 -8.14
CA LEU V 22 76.47 49.19 -9.48
C LEU V 22 77.41 48.61 -10.53
N THR V 23 78.72 48.59 -10.28
CA THR V 23 79.66 48.09 -11.30
C THR V 23 79.47 46.61 -11.57
N GLY V 24 79.23 45.82 -10.53
CA GLY V 24 79.11 44.39 -10.72
C GLY V 24 78.22 43.74 -9.68
N VAL V 25 77.91 42.48 -9.95
CA VAL V 25 77.15 41.67 -9.01
C VAL V 25 78.07 41.10 -7.94
N PHE V 26 79.27 40.69 -8.33
CA PHE V 26 80.18 39.97 -7.46
C PHE V 26 81.27 40.87 -6.92
N ALA V 27 81.98 40.35 -5.94
CA ALA V 27 83.08 40.99 -5.25
C ALA V 27 84.36 40.20 -5.52
N PRO V 28 85.53 40.78 -5.28
CA PRO V 28 86.78 40.08 -5.60
C PRO V 28 86.95 38.71 -4.96
N ARG V 29 86.33 38.44 -3.82
CA ARG V 29 86.48 37.15 -3.13
C ARG V 29 87.95 36.84 -2.89
N PRO V 30 88.58 37.48 -1.91
CA PRO V 30 90.02 37.31 -1.72
C PRO V 30 90.38 35.86 -1.44
N SER V 31 91.50 35.44 -2.01
CA SER V 31 92.00 34.09 -1.81
C SER V 31 92.46 33.91 -0.37
N THR V 32 92.53 32.65 0.06
CA THR V 32 92.98 32.36 1.41
C THR V 32 94.43 32.79 1.59
N GLY V 33 94.76 33.22 2.80
CA GLY V 33 96.09 33.71 3.08
C GLY V 33 96.35 33.94 4.55
N PRO V 34 97.37 34.74 4.85
CA PRO V 34 97.70 35.00 6.25
C PRO V 34 96.64 35.78 7.01
N HIS V 35 95.74 36.46 6.31
CA HIS V 35 94.76 37.33 6.95
C HIS V 35 93.34 36.83 6.67
N LYS V 36 92.45 37.07 7.62
CA LYS V 36 91.04 36.80 7.40
C LYS V 36 90.51 37.73 6.31
N LEU V 37 89.55 37.22 5.53
CA LEU V 37 89.06 37.99 4.39
C LEU V 37 88.27 39.21 4.81
N ARG V 38 87.73 39.22 6.02
CA ARG V 38 86.91 40.34 6.47
C ARG V 38 87.74 41.55 6.86
N GLU V 39 89.05 41.41 7.02
CA GLU V 39 89.92 42.54 7.34
C GLU V 39 91.18 42.51 6.49
N CYS V 40 91.03 42.24 5.20
CA CYS V 40 92.14 42.21 4.28
C CYS V 40 91.79 42.99 3.01
N LEU V 41 92.83 43.46 2.33
CA LEU V 41 92.66 44.09 1.03
C LEU V 41 93.12 43.15 -0.07
N PRO V 42 92.25 42.71 -0.96
CA PRO V 42 92.74 42.09 -2.20
C PRO V 42 93.54 43.10 -3.01
N LEU V 43 94.62 42.61 -3.62
CA LEU V 43 95.48 43.47 -4.42
C LEU V 43 94.73 44.09 -5.59
N ILE V 44 93.70 43.43 -6.09
CA ILE V 44 92.94 43.98 -7.21
C ILE V 44 92.32 45.31 -6.83
N ILE V 45 91.61 45.37 -5.70
CA ILE V 45 91.03 46.64 -5.30
C ILE V 45 92.08 47.60 -4.76
N PHE V 46 93.17 47.08 -4.17
CA PHE V 46 94.22 47.99 -3.73
C PHE V 46 94.85 48.73 -4.90
N LEU V 47 94.98 48.08 -6.06
CA LEU V 47 95.57 48.74 -7.22
C LEU V 47 94.55 49.50 -8.03
N ARG V 48 93.31 49.01 -8.12
CA ARG V 48 92.32 49.65 -8.98
C ARG V 48 91.58 50.77 -8.27
N ASN V 49 91.01 50.50 -7.11
CA ASN V 49 90.16 51.47 -6.44
C ASN V 49 90.93 52.45 -5.56
N ARG V 50 92.12 52.09 -5.10
CA ARG V 50 92.87 52.97 -4.22
C ARG V 50 93.86 53.84 -4.99
N LEU V 51 94.79 53.23 -5.71
CA LEU V 51 95.83 53.97 -6.39
C LEU V 51 95.47 54.35 -7.81
N LYS V 52 94.44 53.71 -8.38
CA LYS V 52 93.99 53.96 -9.75
C LYS V 52 95.09 53.78 -10.79
N TYR V 53 96.10 52.98 -10.46
CA TYR V 53 97.12 52.65 -11.46
C TYR V 53 96.51 51.87 -12.60
N ALA V 54 95.65 50.90 -12.29
CA ALA V 54 94.93 50.12 -13.28
C ALA V 54 93.47 50.55 -13.31
N LEU V 55 92.81 50.22 -14.42
CA LEU V 55 91.41 50.56 -14.58
C LEU V 55 90.48 49.39 -14.36
N THR V 56 90.91 48.17 -14.67
CA THR V 56 90.08 46.98 -14.55
C THR V 56 90.88 45.83 -13.96
N GLY V 57 90.16 44.76 -13.62
CA GLY V 57 90.81 43.57 -13.12
C GLY V 57 91.75 42.93 -14.12
N ASP V 58 91.45 43.08 -15.41
CA ASP V 58 92.37 42.59 -16.43
C ASP V 58 93.70 43.33 -16.38
N GLU V 59 93.66 44.64 -16.21
CA GLU V 59 94.89 45.42 -16.10
C GLU V 59 95.64 45.10 -14.80
N VAL V 60 94.90 44.85 -13.72
CA VAL V 60 95.54 44.38 -12.50
C VAL V 60 96.22 43.04 -12.75
N LYS V 61 95.58 42.17 -13.53
CA LYS V 61 96.18 40.90 -13.88
C LYS V 61 97.47 41.09 -14.67
N LYS V 62 97.45 42.04 -15.60
CA LYS V 62 98.66 42.32 -16.39
C LYS V 62 99.79 42.81 -15.51
N ILE V 63 99.52 43.76 -14.62
CA ILE V 63 100.59 44.28 -13.78
C ILE V 63 101.06 43.24 -12.78
N CYS V 64 100.19 42.32 -12.36
CA CYS V 64 100.61 41.29 -11.43
C CYS V 64 101.46 40.23 -12.13
N MET V 65 101.07 39.82 -13.33
CA MET V 65 101.86 38.86 -14.08
C MET V 65 103.12 39.46 -14.67
N GLN V 66 103.23 40.79 -14.66
CA GLN V 66 104.51 41.42 -14.99
C GLN V 66 105.50 41.39 -13.84
N ARG V 67 105.12 40.79 -12.71
CA ARG V 67 106.02 40.54 -11.58
C ARG V 67 106.62 41.83 -11.03
N PHE V 68 105.75 42.82 -10.82
CA PHE V 68 106.16 44.10 -10.27
C PHE V 68 105.58 44.35 -8.89
N ILE V 69 104.83 43.41 -8.33
CA ILE V 69 104.17 43.58 -7.05
C ILE V 69 104.82 42.61 -6.06
N LYS V 70 105.48 43.17 -5.05
CA LYS V 70 106.18 42.37 -4.05
C LYS V 70 105.57 42.68 -2.69
N ILE V 71 105.10 41.64 -2.01
CA ILE V 71 104.49 41.76 -0.69
C ILE V 71 105.40 41.09 0.31
N ASP V 72 105.65 41.78 1.43
CA ASP V 72 106.56 41.35 2.50
C ASP V 72 107.84 40.71 1.99
N GLY V 73 108.42 41.29 0.94
CA GLY V 73 109.68 40.80 0.41
C GLY V 73 109.58 39.63 -0.52
N LYS V 74 108.38 39.22 -0.90
CA LYS V 74 108.19 38.09 -1.82
C LYS V 74 107.19 38.49 -2.89
N VAL V 75 107.51 38.14 -4.14
CA VAL V 75 106.65 38.50 -5.25
C VAL V 75 105.39 37.65 -5.22
N ARG V 76 104.23 38.31 -5.27
CA ARG V 76 102.94 37.63 -5.28
C ARG V 76 102.25 37.93 -6.60
N THR V 77 101.89 36.88 -7.33
CA THR V 77 101.18 37.01 -8.59
C THR V 77 99.67 36.83 -8.42
N ASP V 78 99.20 36.63 -7.20
CA ASP V 78 97.79 36.37 -6.96
C ASP V 78 97.00 37.67 -7.03
N ILE V 79 95.94 37.67 -7.84
CA ILE V 79 95.09 38.86 -7.95
C ILE V 79 94.38 39.13 -6.64
N THR V 80 93.87 38.08 -6.01
CA THR V 80 93.06 38.19 -4.79
C THR V 80 93.87 37.86 -3.55
N TYR V 81 95.14 38.25 -3.52
CA TYR V 81 95.96 37.97 -2.36
C TYR V 81 95.56 38.91 -1.21
N PRO V 82 95.32 38.38 -0.02
CA PRO V 82 94.95 39.25 1.11
C PRO V 82 96.13 40.06 1.62
N ALA V 83 96.14 41.37 1.33
CA ALA V 83 97.26 42.20 1.75
C ALA V 83 97.31 42.34 3.26
N GLY V 84 96.16 42.51 3.90
CA GLY V 84 96.12 42.49 5.35
C GLY V 84 96.71 43.72 6.02
N PHE V 85 96.87 43.59 7.33
CA PHE V 85 97.21 44.73 8.19
C PHE V 85 98.72 44.94 8.27
N MET V 86 99.13 46.19 8.10
CA MET V 86 100.51 46.69 8.25
C MET V 86 101.53 45.92 7.42
N ASP V 87 101.07 45.13 6.44
CA ASP V 87 102.02 44.60 5.48
C ASP V 87 102.51 45.71 4.56
N VAL V 88 103.64 45.43 3.91
CA VAL V 88 104.31 46.38 3.05
C VAL V 88 104.12 45.95 1.60
N ILE V 89 103.51 46.83 0.82
CA ILE V 89 103.39 46.66 -0.62
C ILE V 89 104.52 47.47 -1.25
N SER V 90 105.40 46.80 -1.98
CA SER V 90 106.57 47.43 -2.56
C SER V 90 106.50 47.32 -4.08
N ILE V 91 106.58 48.46 -4.75
CA ILE V 91 106.73 48.51 -6.20
C ILE V 91 108.09 49.12 -6.45
N ASP V 92 109.08 48.28 -6.73
CA ASP V 92 110.44 48.75 -6.95
C ASP V 92 110.59 49.48 -8.28
N LYS V 93 109.69 49.23 -9.24
CA LYS V 93 109.74 49.95 -10.49
C LYS V 93 109.50 51.44 -10.28
N THR V 94 108.52 51.79 -9.46
CA THR V 94 108.32 53.16 -9.03
C THR V 94 109.09 53.51 -7.76
N GLY V 95 109.71 52.52 -7.12
CA GLY V 95 110.39 52.76 -5.86
C GLY V 95 109.49 53.15 -4.72
N GLU V 96 108.21 52.79 -4.78
CA GLU V 96 107.23 53.25 -3.81
C GLU V 96 106.82 52.11 -2.88
N ASN V 97 106.72 52.43 -1.59
CA ASN V 97 106.39 51.47 -0.57
C ASN V 97 105.21 51.97 0.24
N PHE V 98 104.33 51.03 0.62
CA PHE V 98 103.13 51.36 1.38
C PHE V 98 103.01 50.38 2.53
N ARG V 99 102.48 50.86 3.65
CA ARG V 99 102.16 50.02 4.80
C ARG V 99 100.68 50.13 5.08
N LEU V 100 99.99 48.99 5.15
CA LEU V 100 98.52 49.00 5.26
C LEU V 100 98.11 49.19 6.71
N ILE V 101 97.87 50.44 7.08
CA ILE V 101 97.42 50.82 8.41
C ILE V 101 96.05 51.46 8.29
N TYR V 102 95.13 51.09 9.17
CA TYR V 102 93.80 51.68 9.17
C TYR V 102 93.88 53.18 9.49
N ASP V 103 92.94 53.94 8.95
CA ASP V 103 92.82 55.36 9.27
C ASP V 103 91.88 55.55 10.46
N THR V 104 91.57 56.80 10.78
CA THR V 104 90.66 57.09 11.88
C THR V 104 89.24 56.62 11.60
N LYS V 105 88.88 56.39 10.34
CA LYS V 105 87.58 55.86 9.97
C LYS V 105 87.57 54.35 9.87
N GLY V 106 88.66 53.69 10.26
CA GLY V 106 88.73 52.25 10.21
C GLY V 106 88.76 51.66 8.82
N ARG V 107 89.52 52.25 7.91
CA ARG V 107 89.71 51.73 6.57
C ARG V 107 91.19 51.76 6.22
N PHE V 108 91.61 50.80 5.39
CA PHE V 108 92.98 50.76 4.91
C PHE V 108 93.20 51.90 3.92
N ALA V 109 93.82 52.98 4.40
CA ALA V 109 94.20 54.07 3.52
C ALA V 109 95.64 53.89 3.08
N VAL V 110 95.98 54.52 1.96
CA VAL V 110 97.35 54.48 1.46
C VAL V 110 98.24 55.29 2.40
N HIS V 111 99.36 54.69 2.82
CA HIS V 111 100.29 55.31 3.75
C HIS V 111 101.70 55.04 3.24
N ARG V 112 102.22 55.97 2.45
CA ARG V 112 103.53 55.78 1.84
C ARG V 112 104.63 55.84 2.90
N ILE V 113 105.61 54.95 2.77
CA ILE V 113 106.67 54.80 3.75
C ILE V 113 108.01 54.84 3.03
N THR V 114 109.05 55.16 3.78
CA THR V 114 110.39 55.24 3.21
C THR V 114 110.96 53.85 2.98
N PRO V 115 111.85 53.70 1.99
CA PRO V 115 112.48 52.38 1.77
C PRO V 115 113.26 51.87 2.97
N GLU V 116 113.92 52.76 3.72
CA GLU V 116 114.62 52.33 4.93
C GLU V 116 113.66 51.94 6.04
N GLU V 117 112.38 52.29 5.92
CA GLU V 117 111.36 51.83 6.86
C GLU V 117 110.68 50.55 6.40
N ALA V 118 110.56 50.35 5.09
CA ALA V 118 109.83 49.21 4.54
C ALA V 118 110.52 47.88 4.80
N LYS V 119 111.80 47.91 5.18
CA LYS V 119 112.54 46.66 5.38
C LYS V 119 112.10 45.89 6.62
N TYR V 120 111.32 46.51 7.50
CA TYR V 120 110.90 45.86 8.73
C TYR V 120 109.41 46.09 8.95
N LYS V 121 108.80 45.20 9.72
CA LYS V 121 107.35 45.22 9.93
C LYS V 121 107.04 44.56 11.26
N LEU V 122 106.24 45.22 12.08
CA LEU V 122 105.86 44.67 13.38
C LEU V 122 104.81 43.58 13.22
N CYS V 123 104.68 42.76 14.25
CA CYS V 123 103.77 41.63 14.21
C CYS V 123 103.26 41.31 15.60
N LYS V 124 102.03 40.79 15.67
CA LYS V 124 101.39 40.44 16.93
C LYS V 124 101.52 38.95 17.19
N VAL V 125 102.05 38.60 18.35
CA VAL V 125 102.25 37.20 18.72
C VAL V 125 100.87 36.62 19.07
N ARG V 126 100.30 35.84 18.16
CA ARG V 126 99.00 35.24 18.43
C ARG V 126 99.12 34.10 19.43
N LYS V 127 100.13 33.25 19.29
CA LYS V 127 100.28 32.16 20.23
C LYS V 127 101.74 31.73 20.32
N ILE V 128 102.07 31.08 21.43
CA ILE V 128 103.40 30.53 21.67
C ILE V 128 103.24 29.10 22.14
N PHE V 129 104.11 28.22 21.66
CA PHE V 129 104.08 26.83 22.09
C PHE V 129 105.45 26.22 21.84
N VAL V 130 105.56 24.93 22.07
CA VAL V 130 106.80 24.19 21.84
C VAL V 130 106.48 22.96 21.00
N GLY V 131 107.28 22.73 19.96
CA GLY V 131 107.14 21.57 19.12
C GLY V 131 108.09 20.46 19.52
N THR V 132 108.35 19.57 18.58
CA THR V 132 109.20 18.41 18.83
C THR V 132 110.61 18.86 19.17
N LYS V 133 111.26 18.10 20.06
CA LYS V 133 112.62 18.35 20.53
C LYS V 133 112.69 19.64 21.35
N GLY V 134 111.56 20.04 21.93
CA GLY V 134 111.54 21.20 22.80
C GLY V 134 111.80 22.52 22.10
N ILE V 135 111.61 22.58 20.79
CA ILE V 135 111.90 23.79 20.02
C ILE V 135 110.72 24.76 20.16
N PRO V 136 110.93 25.95 20.70
CA PRO V 136 109.80 26.88 20.84
C PRO V 136 109.39 27.47 19.49
N HIS V 137 108.09 27.53 19.27
CA HIS V 137 107.49 28.08 18.06
C HIS V 137 106.53 29.21 18.44
N LEU V 138 106.56 30.28 17.64
CA LEU V 138 105.75 31.47 17.85
C LEU V 138 104.92 31.71 16.60
N VAL V 139 103.59 31.74 16.76
CA VAL V 139 102.68 32.01 15.65
C VAL V 139 102.19 33.44 15.78
N THR V 140 102.35 34.22 14.72
CA THR V 140 102.07 35.64 14.78
C THR V 140 100.63 35.92 14.35
N HIS V 141 100.29 37.22 14.20
CA HIS V 141 98.97 37.59 13.73
C HIS V 141 98.78 37.22 12.26
N ASP V 142 99.86 37.26 11.48
CA ASP V 142 99.85 36.61 10.18
C ASP V 142 99.94 35.10 10.37
N ALA V 143 100.02 34.38 9.27
CA ALA V 143 100.18 32.93 9.32
C ALA V 143 101.64 32.53 9.46
N ARG V 144 102.48 33.42 9.97
CA ARG V 144 103.91 33.19 10.03
C ARG V 144 104.30 32.65 11.40
N THR V 145 105.09 31.58 11.40
CA THR V 145 105.63 30.99 12.61
C THR V 145 107.15 31.13 12.60
N ILE V 146 107.71 31.40 13.78
CA ILE V 146 109.14 31.61 13.95
C ILE V 146 109.63 30.72 15.08
N ARG V 147 110.74 30.04 14.86
CA ARG V 147 111.31 29.19 15.89
C ARG V 147 112.32 29.97 16.73
N TYR V 148 112.55 29.47 17.94
CA TYR V 148 113.52 29.99 18.89
C TYR V 148 113.34 31.48 19.18
N PRO V 149 112.27 31.89 19.87
CA PRO V 149 112.19 33.27 20.35
C PRO V 149 112.69 33.39 21.77
N ASP V 150 113.02 34.63 22.14
CA ASP V 150 113.44 34.90 23.50
C ASP V 150 112.28 34.61 24.46
N PRO V 151 112.55 33.98 25.61
CA PRO V 151 111.45 33.59 26.52
C PRO V 151 110.70 34.77 27.12
N LEU V 152 111.15 35.99 26.86
CA LEU V 152 110.48 37.19 27.35
C LEU V 152 109.34 37.63 26.45
N ILE V 153 109.11 36.96 25.34
CA ILE V 153 108.01 37.25 24.44
C ILE V 153 106.92 36.21 24.65
N LYS V 154 105.75 36.66 25.08
CA LYS V 154 104.60 35.80 25.39
C LYS V 154 103.46 36.15 24.45
N VAL V 155 102.29 35.56 24.73
CA VAL V 155 101.11 35.78 23.90
C VAL V 155 100.72 37.25 23.93
N ASN V 156 100.13 37.73 22.84
CA ASN V 156 99.63 39.11 22.66
C ASN V 156 100.70 40.16 22.97
N ASP V 157 101.97 39.78 22.82
CA ASP V 157 103.06 40.74 22.78
C ASP V 157 103.19 41.28 21.36
N THR V 158 104.29 41.97 21.07
CA THR V 158 104.54 42.42 19.71
C THR V 158 105.98 42.09 19.36
N ILE V 159 106.24 41.80 18.09
CA ILE V 159 107.59 41.51 17.63
C ILE V 159 107.91 42.35 16.40
N GLN V 160 109.04 43.03 16.43
CA GLN V 160 109.59 43.73 15.28
C GLN V 160 110.43 42.74 14.50
N ILE V 161 109.97 42.39 13.30
CA ILE V 161 110.67 41.48 12.42
C ILE V 161 111.07 42.24 11.17
N ASP V 162 112.01 41.67 10.42
CA ASP V 162 112.48 42.25 9.18
C ASP V 162 112.08 41.39 8.00
N LEU V 163 112.25 41.95 6.82
CA LEU V 163 111.92 41.27 5.58
C LEU V 163 113.15 40.55 5.03
N GLU V 164 112.88 39.59 4.14
CA GLU V 164 113.88 38.81 3.41
C GLU V 164 114.61 37.82 4.29
N THR V 165 114.39 37.88 5.60
CA THR V 165 114.96 36.87 6.49
C THR V 165 113.91 36.23 7.38
N GLY V 166 112.93 37.00 7.87
CA GLY V 166 111.95 36.47 8.78
C GLY V 166 112.45 36.22 10.18
N LYS V 167 113.56 36.86 10.57
CA LYS V 167 114.09 36.69 11.92
C LYS V 167 113.44 37.70 12.86
N ILE V 168 113.86 37.66 14.12
CA ILE V 168 113.33 38.55 15.15
C ILE V 168 114.35 39.66 15.39
N THR V 169 113.92 40.91 15.21
CA THR V 169 114.77 42.06 15.45
C THR V 169 114.56 42.62 16.85
N ASP V 170 113.32 42.96 17.21
CA ASP V 170 113.04 43.48 18.54
C ASP V 170 111.65 43.02 18.96
N PHE V 171 111.15 43.56 20.06
CA PHE V 171 109.83 43.18 20.55
C PHE V 171 109.32 44.24 21.52
N ILE V 172 108.03 44.15 21.80
CA ILE V 172 107.34 44.97 22.79
C ILE V 172 106.59 44.04 23.73
N LYS V 173 106.89 44.17 25.03
CA LYS V 173 106.13 43.47 26.06
C LYS V 173 104.79 44.15 26.26
N PHE V 174 103.78 43.34 26.60
CA PHE V 174 102.45 43.87 26.89
C PHE V 174 102.45 44.45 28.29
N ASP V 175 102.34 45.78 28.39
CA ASP V 175 102.39 46.44 29.68
C ASP V 175 101.52 47.70 29.64
N THR V 176 101.13 48.15 30.82
CA THR V 176 100.40 49.40 30.93
C THR V 176 101.28 50.56 30.47
N GLY V 177 100.69 51.47 29.69
CA GLY V 177 101.39 52.62 29.18
C GLY V 177 101.93 52.47 27.78
N ASN V 178 101.98 51.24 27.26
CA ASN V 178 102.46 51.04 25.90
C ASN V 178 101.45 51.55 24.89
N LEU V 179 101.95 52.25 23.87
CA LEU V 179 101.09 52.74 22.80
C LEU V 179 100.56 51.56 21.98
N CYS V 180 99.27 51.59 21.66
CA CYS V 180 98.65 50.48 20.95
C CYS V 180 97.65 51.02 19.93
N MET V 181 97.29 50.13 18.99
CA MET V 181 96.33 50.44 17.94
C MET V 181 95.22 49.40 17.94
N VAL V 182 93.98 49.85 17.80
CA VAL V 182 92.82 48.96 17.77
C VAL V 182 92.62 48.49 16.35
N THR V 183 92.51 47.17 16.17
CA THR V 183 92.44 46.54 14.86
C THR V 183 91.15 45.76 14.68
N GLY V 184 90.02 46.32 15.11
CA GLY V 184 88.76 45.65 14.89
C GLY V 184 87.62 46.19 15.73
N GLY V 185 86.44 46.33 15.12
CA GLY V 185 85.28 46.81 15.83
C GLY V 185 84.97 48.27 15.59
N ALA V 186 84.28 48.91 16.54
CA ALA V 186 83.91 50.30 16.38
C ALA V 186 85.12 51.21 16.50
N ASN V 187 86.01 50.93 17.44
CA ASN V 187 87.20 51.74 17.66
C ASN V 187 88.33 51.40 16.71
N LEU V 188 88.04 50.69 15.62
CA LEU V 188 89.06 50.27 14.68
C LEU V 188 89.77 51.46 14.07
N GLY V 189 91.09 51.37 14.00
CA GLY V 189 91.88 52.45 13.43
C GLY V 189 92.06 53.64 14.34
N ARG V 190 92.10 53.44 15.65
CA ARG V 190 92.33 54.51 16.60
C ARG V 190 93.64 54.23 17.34
N ILE V 191 94.50 55.23 17.43
CA ILE V 191 95.78 55.11 18.11
C ILE V 191 95.63 55.61 19.53
N GLY V 192 96.11 54.84 20.49
CA GLY V 192 96.06 55.25 21.88
C GLY V 192 97.14 54.61 22.73
N VAL V 193 97.00 54.72 24.04
CA VAL V 193 97.95 54.18 25.00
C VAL V 193 97.19 53.27 25.95
N ILE V 194 97.71 52.05 26.14
CA ILE V 194 97.08 51.11 27.05
C ILE V 194 97.10 51.68 28.47
N THR V 195 95.91 51.89 29.03
CA THR V 195 95.79 52.43 30.38
C THR V 195 95.39 51.38 31.41
N ASN V 196 94.50 50.46 31.06
CA ASN V 196 94.16 49.41 32.02
C ASN V 196 93.72 48.17 31.26
N ARG V 197 93.72 47.05 31.97
CA ARG V 197 93.28 45.78 31.38
C ARG V 197 92.66 44.93 32.48
N GLU V 198 91.37 44.61 32.32
CA GLU V 198 90.67 43.74 33.25
C GLU V 198 90.49 42.37 32.62
N ARG V 199 90.79 41.33 33.39
CA ARG V 199 90.75 39.95 32.94
C ARG V 199 89.44 39.31 33.36
N HIS V 200 88.73 38.73 32.40
CA HIS V 200 87.51 37.99 32.69
C HIS V 200 87.76 36.52 32.37
N PRO V 201 88.02 35.68 33.37
CA PRO V 201 88.30 34.27 33.10
C PRO V 201 87.13 33.58 32.40
N GLY V 202 87.46 32.73 31.45
CA GLY V 202 86.47 32.06 30.65
C GLY V 202 85.82 32.91 29.58
N SER V 203 86.24 34.15 29.42
CA SER V 203 85.61 35.07 28.49
C SER V 203 86.66 36.06 28.00
N PHE V 204 86.20 37.13 27.35
CA PHE V 204 87.11 38.08 26.73
C PHE V 204 87.58 39.12 27.75
N ASP V 205 88.88 39.34 27.81
CA ASP V 205 89.41 40.43 28.61
C ASP V 205 89.20 41.76 27.91
N VAL V 206 89.04 42.82 28.71
CA VAL V 206 88.70 44.14 28.20
C VAL V 206 89.79 45.10 28.62
N VAL V 207 90.32 45.87 27.66
CA VAL V 207 91.31 46.88 27.96
C VAL V 207 90.70 48.25 27.75
N HIS V 208 91.22 49.21 28.51
CA HIS V 208 90.81 50.60 28.42
C HIS V 208 92.01 51.43 27.98
N VAL V 209 91.81 52.18 26.90
CA VAL V 209 92.87 52.88 26.18
C VAL V 209 92.49 54.35 26.10
N LYS V 210 93.42 55.22 26.50
CA LYS V 210 93.24 56.66 26.41
C LYS V 210 94.21 57.22 25.37
N ASP V 211 93.68 58.05 24.46
CA ASP V 211 94.47 58.59 23.39
C ASP V 211 95.09 59.93 23.81
N ALA V 212 95.63 60.67 22.85
CA ALA V 212 96.28 61.94 23.12
C ALA V 212 95.28 63.09 23.33
N ASN V 213 94.03 62.92 22.95
CA ASN V 213 93.01 63.94 23.16
C ASN V 213 92.19 63.70 24.42
N GLY V 214 92.60 62.76 25.26
CA GLY V 214 91.87 62.46 26.47
C GLY V 214 90.73 61.49 26.31
N ASN V 215 90.43 61.07 25.08
CA ASN V 215 89.33 60.15 24.84
C ASN V 215 89.76 58.77 25.32
N SER V 216 89.01 58.21 26.26
CA SER V 216 89.27 56.89 26.79
C SER V 216 88.14 55.96 26.34
N PHE V 217 88.51 54.88 25.66
CA PHE V 217 87.57 53.90 25.17
C PHE V 217 87.98 52.52 25.66
N ALA V 218 87.19 51.52 25.30
CA ALA V 218 87.47 50.14 25.69
C ALA V 218 87.45 49.26 24.44
N THR V 219 88.15 48.14 24.53
CA THR V 219 88.24 47.22 23.40
C THR V 219 88.61 45.84 23.94
N ARG V 220 88.14 44.81 23.25
CA ARG V 220 88.56 43.46 23.58
C ARG V 220 90.06 43.29 23.32
N LEU V 221 90.67 42.37 24.07
CA LEU V 221 92.10 42.12 23.93
C LEU V 221 92.46 41.62 22.53
N SER V 222 91.53 40.90 21.89
CA SER V 222 91.79 40.34 20.58
C SER V 222 91.98 41.41 19.51
N ASN V 223 91.46 42.61 19.73
CA ASN V 223 91.53 43.68 18.74
C ASN V 223 92.61 44.70 19.05
N ILE V 224 93.47 44.42 20.01
CA ILE V 224 94.48 45.37 20.47
C ILE V 224 95.84 44.96 19.94
N PHE V 225 96.49 45.87 19.24
CA PHE V 225 97.81 45.61 18.69
C PHE V 225 98.71 46.81 18.97
N VAL V 226 99.96 46.52 19.33
CA VAL V 226 100.90 47.53 19.82
C VAL V 226 101.85 47.92 18.70
N ILE V 227 102.05 49.22 18.52
CA ILE V 227 102.96 49.71 17.48
C ILE V 227 103.98 50.70 18.05
N GLY V 228 104.30 50.58 19.33
CA GLY V 228 105.27 51.48 19.91
C GLY V 228 105.55 51.15 21.36
N LYS V 229 106.51 51.88 21.92
CA LYS V 229 106.92 51.74 23.31
C LYS V 229 106.54 53.02 24.04
N GLY V 230 105.44 52.96 24.78
CA GLY V 230 105.04 54.06 25.64
C GLY V 230 104.38 55.20 24.89
N ASN V 231 105.18 56.03 24.24
CA ASN V 231 104.66 57.19 23.52
C ASN V 231 105.23 57.21 22.12
N LYS V 232 106.46 56.75 21.96
CA LYS V 232 107.11 56.75 20.66
C LYS V 232 106.67 55.53 19.86
N PRO V 233 106.03 55.70 18.72
CA PRO V 233 105.68 54.55 17.89
C PRO V 233 106.90 54.05 17.11
N TRP V 234 106.94 52.73 16.94
CA TRP V 234 107.99 52.11 16.15
C TRP V 234 107.65 52.07 14.67
N ILE V 235 106.49 52.61 14.28
CA ILE V 235 106.04 52.65 12.90
C ILE V 235 105.57 54.05 12.59
N SER V 236 105.91 54.55 11.41
CA SER V 236 105.43 55.85 10.96
C SER V 236 103.91 55.85 10.91
N LEU V 237 103.29 56.65 11.77
CA LEU V 237 101.84 56.70 11.84
C LEU V 237 101.26 57.34 10.57
N PRO V 238 100.08 56.89 10.13
CA PRO V 238 99.48 57.47 8.93
C PRO V 238 98.96 58.87 9.19
N ARG V 239 98.37 59.48 8.17
CA ARG V 239 97.86 60.84 8.33
C ARG V 239 96.65 60.84 9.26
N GLY V 240 96.63 61.81 10.17
CA GLY V 240 95.61 61.90 11.19
C GLY V 240 96.06 61.41 12.55
N LYS V 241 97.18 60.68 12.62
CA LYS V 241 97.76 60.17 13.86
C LYS V 241 96.81 59.25 14.62
N GLY V 242 95.75 58.78 13.97
CA GLY V 242 94.86 57.82 14.58
C GLY V 242 93.92 58.36 15.63
N ILE V 243 93.77 59.67 15.75
CA ILE V 243 92.81 60.25 16.68
C ILE V 243 91.47 60.38 15.98
N ARG V 244 90.43 59.83 16.59
CA ARG V 244 89.08 59.90 16.04
C ARG V 244 88.42 61.15 16.58
N LEU V 245 87.93 61.99 15.67
CA LEU V 245 87.40 63.30 16.00
C LEU V 245 85.89 63.33 15.79
N THR V 246 85.22 64.19 16.56
CA THR V 246 83.76 64.25 16.55
C THR V 246 83.26 64.81 15.22
N ILE V 247 81.95 64.66 14.99
CA ILE V 247 81.37 64.93 13.69
C ILE V 247 81.46 66.41 13.34
N ALA V 248 81.37 67.28 14.35
CA ALA V 248 81.53 68.70 14.07
C ALA V 248 82.96 69.05 13.69
N GLU V 249 83.92 68.23 14.08
CA GLU V 249 85.32 68.60 13.88
C GLU V 249 85.72 68.47 12.41
N GLU V 250 85.26 67.43 11.71
CA GLU V 250 85.59 67.38 10.28
C GLU V 250 84.78 68.41 9.50
N ARG V 251 83.61 68.80 10.00
CA ARG V 251 82.90 69.92 9.38
C ARG V 251 83.71 71.19 9.48
N ASP V 252 84.26 71.47 10.67
CA ASP V 252 85.11 72.64 10.83
C ASP V 252 86.36 72.56 9.97
N LYS V 253 86.96 71.37 9.89
CA LYS V 253 88.14 71.18 9.05
C LYS V 253 87.81 71.42 7.58
N ARG V 254 86.67 70.90 7.11
CA ARG V 254 86.27 71.10 5.72
C ARG V 254 86.00 72.56 5.43
N LEU V 255 85.30 73.26 6.34
CA LEU V 255 85.04 74.68 6.13
C LEU V 255 86.32 75.49 6.13
N ALA V 256 87.26 75.19 7.04
CA ALA V 256 88.52 75.91 7.06
C ALA V 256 89.31 75.66 5.78
N ALA V 257 89.35 74.41 5.32
CA ALA V 257 90.07 74.09 4.09
C ALA V 257 89.45 74.78 2.88
N LYS V 258 88.12 74.78 2.79
CA LYS V 258 87.47 75.38 1.63
C LYS V 258 87.55 76.91 1.68
N GLN V 259 87.57 77.49 2.87
CA GLN V 259 87.77 78.93 2.98
C GLN V 259 89.18 79.30 2.57
N SER V 260 90.18 78.54 3.01
CA SER V 260 91.57 78.83 2.65
C SER V 260 91.82 78.62 1.17
N SER V 261 91.19 77.60 0.58
CA SER V 261 91.43 77.24 -0.81
C SER V 261 90.47 77.91 -1.78
N GLY V 262 89.47 78.64 -1.31
CA GLY V 262 88.55 79.33 -2.18
C GLY V 262 89.02 80.72 -2.54
N MET W 1 78.63 -15.99 -39.69
CA MET W 1 79.63 -15.73 -38.66
C MET W 1 80.95 -15.29 -39.26
N LYS W 2 81.62 -14.38 -38.57
CA LYS W 2 82.92 -13.89 -39.01
C LYS W 2 83.97 -14.22 -37.95
N LEU W 3 85.23 -14.24 -38.37
CA LEU W 3 86.33 -14.57 -37.49
C LEU W 3 87.41 -13.52 -37.68
N ASN W 4 87.73 -12.79 -36.62
CA ASN W 4 88.81 -11.82 -36.63
C ASN W 4 90.08 -12.56 -36.24
N ILE W 5 90.85 -13.01 -37.24
CA ILE W 5 92.01 -13.86 -37.04
C ILE W 5 93.24 -12.97 -36.97
N SER W 6 94.01 -13.09 -35.89
CA SER W 6 95.20 -12.26 -35.72
C SER W 6 96.39 -13.14 -35.35
N PHE W 7 97.52 -12.88 -36.00
CA PHE W 7 98.77 -13.58 -35.68
C PHE W 7 99.73 -12.56 -35.09
N PRO W 8 99.86 -12.51 -33.76
CA PRO W 8 100.67 -11.45 -33.13
C PRO W 8 102.13 -11.46 -33.53
N ALA W 9 102.70 -12.63 -33.82
CA ALA W 9 104.11 -12.70 -34.19
C ALA W 9 104.40 -11.94 -35.47
N THR W 10 103.40 -11.74 -36.34
CA THR W 10 103.56 -10.96 -37.54
C THR W 10 102.53 -9.84 -37.67
N GLY W 11 101.59 -9.73 -36.74
CA GLY W 11 100.49 -8.80 -36.93
C GLY W 11 99.57 -9.30 -38.02
N CYS W 12 99.19 -8.39 -38.92
CA CYS W 12 98.45 -8.72 -40.14
C CYS W 12 97.15 -9.47 -39.84
N GLN W 13 96.36 -8.92 -38.92
CA GLN W 13 95.05 -9.49 -38.64
C GLN W 13 94.12 -9.29 -39.82
N LYS W 14 93.23 -10.26 -40.03
CA LYS W 14 92.32 -10.24 -41.17
C LYS W 14 91.04 -10.99 -40.79
N LEU W 15 89.98 -10.71 -41.54
CA LEU W 15 88.66 -11.26 -41.24
C LEU W 15 88.35 -12.39 -42.21
N ILE W 16 87.88 -13.51 -41.67
CA ILE W 16 87.49 -14.68 -42.45
C ILE W 16 86.03 -14.97 -42.17
N GLU W 17 85.21 -14.99 -43.21
CA GLU W 17 83.78 -15.27 -43.05
C GLU W 17 83.56 -16.77 -43.20
N VAL W 18 82.97 -17.40 -42.18
CA VAL W 18 82.73 -18.83 -42.17
C VAL W 18 81.24 -19.06 -42.03
N ASP W 19 80.68 -19.85 -42.93
CA ASP W 19 79.25 -20.16 -42.94
C ASP W 19 78.92 -21.57 -42.49
N ASP W 20 79.70 -22.56 -42.91
CA ASP W 20 79.39 -23.95 -42.60
C ASP W 20 79.52 -24.19 -41.10
N GLU W 21 78.44 -24.66 -40.48
CA GLU W 21 78.44 -24.90 -39.05
C GLU W 21 79.36 -26.03 -38.63
N ARG W 22 79.75 -26.89 -39.57
CA ARG W 22 80.70 -27.95 -39.24
C ARG W 22 82.07 -27.37 -38.91
N LYS W 23 82.42 -26.23 -39.49
CA LYS W 23 83.69 -25.58 -39.16
C LYS W 23 83.64 -24.97 -37.77
N LEU W 24 82.50 -24.41 -37.38
CA LEU W 24 82.36 -23.72 -36.11
C LEU W 24 81.99 -24.64 -34.96
N ARG W 25 81.55 -25.88 -35.25
CA ARG W 25 81.18 -26.79 -34.17
C ARG W 25 82.37 -27.17 -33.29
N THR W 26 83.58 -27.10 -33.82
CA THR W 26 84.75 -27.32 -32.97
C THR W 26 85.00 -26.13 -32.06
N PHE W 27 84.55 -24.94 -32.47
CA PHE W 27 84.66 -23.77 -31.61
C PHE W 27 83.56 -23.74 -30.56
N TYR W 28 82.39 -24.26 -30.88
CA TYR W 28 81.23 -24.17 -29.99
C TYR W 28 81.52 -24.83 -28.65
N GLU W 29 80.76 -24.41 -27.64
CA GLU W 29 80.82 -24.96 -26.28
C GLU W 29 82.22 -24.82 -25.70
N LYS W 30 82.85 -23.68 -25.95
CA LYS W 30 84.15 -23.36 -25.39
C LYS W 30 84.06 -22.02 -24.68
N ARG W 31 85.17 -21.61 -24.08
CA ARG W 31 85.23 -20.34 -23.36
C ARG W 31 86.34 -19.48 -23.94
N MET W 32 86.42 -18.25 -23.44
CA MET W 32 87.49 -17.36 -23.84
C MET W 32 88.82 -17.84 -23.28
N ALA W 33 89.91 -17.40 -23.94
CA ALA W 33 91.28 -17.74 -23.54
C ALA W 33 91.48 -19.25 -23.47
N THR W 34 90.88 -19.96 -24.43
CA THR W 34 91.04 -21.40 -24.57
C THR W 34 91.62 -21.70 -25.94
N GLU W 35 92.55 -22.65 -25.99
CA GLU W 35 93.24 -23.01 -27.22
C GLU W 35 92.58 -24.23 -27.85
N VAL W 36 92.20 -24.10 -29.12
CA VAL W 36 91.55 -25.16 -29.86
C VAL W 36 92.24 -25.33 -31.20
N ALA W 37 92.22 -26.55 -31.72
CA ALA W 37 92.83 -26.83 -33.02
C ALA W 37 91.90 -26.41 -34.14
N ALA W 38 92.42 -25.64 -35.08
CA ALA W 38 91.65 -25.13 -36.21
C ALA W 38 91.63 -26.08 -37.39
N ASP W 39 91.90 -27.37 -37.16
CA ASP W 39 91.98 -28.34 -38.25
C ASP W 39 90.64 -28.54 -38.94
N ALA W 40 89.53 -28.24 -38.26
CA ALA W 40 88.22 -28.34 -38.89
C ALA W 40 87.99 -27.26 -39.95
N LEU W 41 88.86 -26.27 -40.03
CA LEU W 41 88.75 -25.23 -41.05
C LEU W 41 89.48 -25.62 -42.33
N GLY W 42 89.18 -26.81 -42.85
CA GLY W 42 89.81 -27.26 -44.07
C GLY W 42 91.26 -27.67 -43.84
N GLU W 43 91.91 -28.01 -44.95
CA GLU W 43 93.30 -28.43 -44.91
C GLU W 43 94.25 -27.26 -44.67
N GLU W 44 93.85 -26.06 -45.09
CA GLU W 44 94.73 -24.90 -45.02
C GLU W 44 95.10 -24.55 -43.60
N TRP W 45 94.25 -24.90 -42.63
CA TRP W 45 94.47 -24.57 -41.23
C TRP W 45 95.00 -25.75 -40.42
N LYS W 46 95.43 -26.82 -41.09
CA LYS W 46 95.99 -27.96 -40.38
C LYS W 46 97.34 -27.57 -39.77
N GLY W 47 97.61 -28.08 -38.57
CA GLY W 47 98.79 -27.69 -37.85
C GLY W 47 98.68 -26.38 -37.10
N TYR W 48 97.47 -25.82 -37.03
CA TYR W 48 97.24 -24.53 -36.38
C TYR W 48 96.42 -24.73 -35.12
N VAL W 49 96.88 -24.14 -34.02
CA VAL W 49 96.13 -24.06 -32.78
C VAL W 49 95.90 -22.58 -32.47
N VAL W 50 94.67 -22.22 -32.15
CA VAL W 50 94.24 -20.83 -32.04
C VAL W 50 93.54 -20.65 -30.71
N ARG W 51 93.79 -19.53 -30.05
CA ARG W 51 93.15 -19.21 -28.78
C ARG W 51 91.99 -18.26 -29.00
N ILE W 52 90.85 -18.57 -28.38
CA ILE W 52 89.65 -17.76 -28.47
C ILE W 52 89.84 -16.54 -27.57
N SER W 53 90.15 -15.40 -28.17
CA SER W 53 90.42 -14.20 -27.38
C SER W 53 89.16 -13.44 -27.02
N GLY W 54 88.18 -13.38 -27.91
CA GLY W 54 86.97 -12.64 -27.62
C GLY W 54 85.99 -12.70 -28.77
N GLY W 55 85.08 -11.76 -28.78
CA GLY W 55 84.08 -11.68 -29.84
C GLY W 55 83.02 -10.67 -29.49
N ASN W 56 82.00 -10.60 -30.36
CA ASN W 56 80.87 -9.69 -30.17
C ASN W 56 79.59 -10.42 -30.48
N ASP W 57 78.57 -10.17 -29.67
CA ASP W 57 77.28 -10.83 -29.81
C ASP W 57 76.60 -10.42 -31.12
N LYS W 58 75.48 -11.07 -31.41
CA LYS W 58 74.71 -10.76 -32.61
C LYS W 58 74.24 -9.31 -32.61
N GLN W 59 74.04 -8.72 -31.44
CA GLN W 59 73.61 -7.34 -31.31
C GLN W 59 74.77 -6.38 -31.10
N GLY W 60 76.01 -6.87 -31.12
CA GLY W 60 77.17 -6.03 -30.98
C GLY W 60 77.74 -5.93 -29.58
N PHE W 61 77.16 -6.62 -28.61
CA PHE W 61 77.65 -6.57 -27.25
C PHE W 61 78.93 -7.39 -27.12
N PRO W 62 80.03 -6.81 -26.64
CA PRO W 62 81.25 -7.58 -26.46
C PRO W 62 81.10 -8.62 -25.37
N MET W 63 81.86 -9.70 -25.50
CA MET W 63 81.84 -10.75 -24.50
C MET W 63 82.91 -10.50 -23.45
N LYS W 64 82.59 -10.85 -22.20
CA LYS W 64 83.44 -10.55 -21.06
C LYS W 64 83.96 -11.86 -20.46
N GLN W 65 85.24 -11.86 -20.11
CA GLN W 65 85.87 -13.03 -19.51
C GLN W 65 85.30 -13.29 -18.12
N GLY W 66 85.05 -14.56 -17.81
CA GLY W 66 84.66 -14.95 -16.48
C GLY W 66 83.18 -14.92 -16.18
N VAL W 67 82.34 -14.56 -17.15
CA VAL W 67 80.91 -14.54 -16.91
C VAL W 67 80.38 -15.97 -16.74
N LEU W 68 80.94 -16.91 -17.49
CA LEU W 68 80.66 -18.34 -17.35
C LEU W 68 79.22 -18.68 -17.70
N THR W 69 78.70 -18.06 -18.75
CA THR W 69 77.41 -18.42 -19.30
C THR W 69 77.36 -18.01 -20.76
N HIS W 70 76.36 -18.54 -21.46
CA HIS W 70 76.05 -18.07 -22.80
C HIS W 70 74.77 -17.25 -22.72
N GLY W 71 74.82 -16.04 -23.26
CA GLY W 71 73.74 -15.08 -23.16
C GLY W 71 74.28 -13.75 -22.69
N ARG W 72 73.36 -12.85 -22.39
CA ARG W 72 73.70 -11.48 -22.01
C ARG W 72 73.24 -11.23 -20.59
N VAL W 73 74.12 -10.63 -19.77
CA VAL W 73 73.81 -10.34 -18.38
C VAL W 73 74.14 -8.88 -18.11
N ARG W 74 73.36 -8.27 -17.22
CA ARG W 74 73.59 -6.90 -16.80
C ARG W 74 74.55 -6.90 -15.62
N LEU W 75 75.66 -6.18 -15.77
CA LEU W 75 76.68 -6.11 -14.74
C LEU W 75 77.01 -4.65 -14.46
N LEU W 76 77.28 -4.37 -13.20
CA LEU W 76 77.76 -3.04 -12.80
C LEU W 76 79.26 -3.00 -13.01
N LEU W 77 79.70 -2.30 -14.05
CA LEU W 77 81.11 -2.24 -14.42
C LEU W 77 81.73 -0.97 -13.88
N SER W 78 82.78 -1.12 -13.10
CA SER W 78 83.53 -0.01 -12.54
C SER W 78 84.73 0.29 -13.41
N LYS W 79 85.63 1.13 -12.91
CA LYS W 79 86.82 1.49 -13.67
C LYS W 79 87.74 0.29 -13.85
N GLY W 80 88.16 0.07 -15.10
CA GLY W 80 89.17 -0.93 -15.35
C GLY W 80 88.72 -2.37 -15.25
N HIS W 81 87.42 -2.65 -15.39
CA HIS W 81 87.00 -4.05 -15.42
C HIS W 81 87.17 -4.62 -16.82
N SER W 82 86.34 -4.17 -17.76
CA SER W 82 86.33 -4.54 -19.17
C SER W 82 85.15 -3.83 -19.79
N CYS W 83 85.18 -3.69 -21.12
CA CYS W 83 84.02 -3.36 -21.94
C CYS W 83 83.34 -2.05 -21.53
N TYR W 84 84.05 -1.16 -20.83
CA TYR W 84 83.45 0.06 -20.33
C TYR W 84 84.55 1.03 -19.94
N ARG W 85 84.45 2.26 -20.41
CA ARG W 85 85.35 3.30 -19.96
C ARG W 85 84.57 4.38 -19.21
N PRO W 86 84.99 4.74 -18.01
CA PRO W 86 84.23 5.73 -17.23
C PRO W 86 84.33 7.10 -17.85
N ARG W 87 83.21 7.83 -17.85
CA ARG W 87 83.20 9.20 -18.29
C ARG W 87 83.69 10.17 -17.24
N ARG W 88 83.80 9.73 -15.98
CA ARG W 88 84.35 10.55 -14.91
C ARG W 88 84.86 9.63 -13.82
N THR W 89 85.66 10.19 -12.93
CA THR W 89 86.27 9.41 -11.86
C THR W 89 85.22 8.83 -10.94
N GLY W 90 85.37 7.55 -10.60
CA GLY W 90 84.47 6.89 -9.69
C GLY W 90 83.13 6.51 -10.29
N GLU W 91 82.91 6.78 -11.57
CA GLU W 91 81.64 6.46 -12.19
C GLU W 91 81.51 4.95 -12.42
N ARG W 92 80.31 4.43 -12.21
CA ARG W 92 79.98 3.06 -12.50
C ARG W 92 78.70 3.04 -13.33
N LYS W 93 78.55 2.03 -14.16
CA LYS W 93 77.39 1.93 -15.03
C LYS W 93 77.03 0.47 -15.24
N ARG W 94 75.72 0.19 -15.21
CA ARG W 94 75.21 -1.15 -15.44
C ARG W 94 75.03 -1.36 -16.93
N LYS W 95 75.83 -2.25 -17.50
CA LYS W 95 75.81 -2.52 -18.93
C LYS W 95 75.57 -4.00 -19.19
N SER W 96 75.04 -4.30 -20.37
CA SER W 96 74.84 -5.67 -20.80
C SER W 96 76.13 -6.20 -21.44
N VAL W 97 76.55 -7.37 -21.00
CA VAL W 97 77.73 -8.02 -21.56
C VAL W 97 77.37 -9.45 -21.94
N ARG W 98 77.92 -9.90 -23.06
CA ARG W 98 77.81 -11.29 -23.46
C ARG W 98 78.75 -12.15 -22.64
N GLY W 99 78.31 -13.38 -22.35
CA GLY W 99 79.11 -14.27 -21.55
C GLY W 99 80.36 -14.76 -22.28
N CYS W 100 81.27 -15.34 -21.49
CA CYS W 100 82.54 -15.82 -22.03
C CYS W 100 82.40 -17.12 -22.81
N ILE W 101 81.25 -17.79 -22.73
CA ILE W 101 81.04 -19.05 -23.44
C ILE W 101 80.59 -18.76 -24.85
N VAL W 102 81.25 -19.39 -25.81
CA VAL W 102 80.95 -19.24 -27.23
C VAL W 102 79.86 -20.23 -27.63
N ASP W 103 78.96 -19.79 -28.51
CA ASP W 103 77.91 -20.64 -29.04
C ASP W 103 77.63 -20.19 -30.47
N ALA W 104 76.48 -20.61 -31.00
CA ALA W 104 76.14 -20.29 -32.38
C ALA W 104 75.93 -18.80 -32.59
N ASN W 105 75.25 -18.15 -31.65
CA ASN W 105 74.82 -16.75 -31.84
C ASN W 105 75.97 -15.82 -31.50
N LEU W 106 76.78 -15.51 -32.51
CA LEU W 106 77.85 -14.53 -32.37
C LEU W 106 78.13 -13.93 -33.74
N SER W 107 78.15 -12.60 -33.82
CA SER W 107 78.51 -11.96 -35.08
C SER W 107 79.95 -12.27 -35.47
N VAL W 108 80.88 -12.04 -34.56
CA VAL W 108 82.29 -12.29 -34.80
C VAL W 108 82.86 -13.10 -33.65
N LEU W 109 83.93 -13.82 -33.95
CA LEU W 109 84.73 -14.50 -32.95
C LEU W 109 86.17 -14.05 -33.14
N ASN W 110 86.79 -13.56 -32.08
CA ASN W 110 88.16 -13.08 -32.16
C ASN W 110 89.11 -14.23 -31.84
N LEU W 111 90.04 -14.50 -32.74
CA LEU W 111 90.92 -15.65 -32.62
C LEU W 111 92.35 -15.20 -32.80
N VAL W 112 93.25 -15.80 -32.01
CA VAL W 112 94.66 -15.42 -32.00
C VAL W 112 95.48 -16.67 -32.24
N ILE W 113 96.25 -16.69 -33.32
CA ILE W 113 97.12 -17.83 -33.57
C ILE W 113 98.27 -17.81 -32.59
N VAL W 114 98.52 -18.94 -31.95
CA VAL W 114 99.63 -19.07 -31.03
C VAL W 114 100.77 -19.89 -31.59
N LYS W 115 100.49 -20.93 -32.39
CA LYS W 115 101.51 -21.76 -32.98
C LYS W 115 101.32 -21.83 -34.48
N LYS W 116 102.40 -21.58 -35.22
CA LYS W 116 102.36 -21.53 -36.67
C LYS W 116 102.13 -22.92 -37.26
N GLY W 117 101.36 -22.98 -38.35
CA GLY W 117 101.11 -24.21 -39.05
C GLY W 117 102.24 -24.58 -39.98
N GLU W 118 101.99 -25.62 -40.78
CA GLU W 118 103.02 -26.11 -41.69
C GLU W 118 103.18 -25.21 -42.91
N LYS W 119 102.11 -24.55 -43.35
CA LYS W 119 102.19 -23.67 -44.49
C LYS W 119 101.61 -22.31 -44.13
N ASP W 120 102.02 -21.30 -44.90
CA ASP W 120 101.68 -19.92 -44.58
C ASP W 120 100.28 -19.57 -45.09
N ILE W 121 99.47 -19.01 -44.20
CA ILE W 121 98.15 -18.52 -44.59
C ILE W 121 98.32 -17.24 -45.42
N PRO W 122 97.65 -17.11 -46.56
CA PRO W 122 97.88 -15.94 -47.44
C PRO W 122 97.50 -14.64 -46.76
N GLY W 123 98.50 -13.78 -46.56
CA GLY W 123 98.29 -12.46 -46.01
C GLY W 123 98.09 -12.40 -44.51
N LEU W 124 98.19 -13.53 -43.81
CA LEU W 124 97.98 -13.58 -42.37
C LEU W 124 99.26 -13.92 -41.62
N THR W 125 99.88 -15.04 -41.94
CA THR W 125 101.06 -15.52 -41.22
C THR W 125 102.37 -15.08 -41.87
N ASP W 126 102.31 -14.32 -42.95
CA ASP W 126 103.49 -13.82 -43.63
C ASP W 126 103.43 -12.30 -43.72
N THR W 127 104.44 -11.73 -44.39
CA THR W 127 104.56 -10.29 -44.61
C THR W 127 104.50 -9.52 -43.28
N THR W 128 105.51 -9.77 -42.45
CA THR W 128 105.56 -9.17 -41.12
C THR W 128 105.57 -7.66 -41.19
N VAL W 129 104.67 -7.03 -40.43
CA VAL W 129 104.57 -5.57 -40.39
C VAL W 129 105.39 -5.06 -39.21
N PRO W 130 106.00 -3.88 -39.31
CA PRO W 130 106.81 -3.36 -38.21
C PRO W 130 106.01 -2.55 -37.20
N ARG W 131 106.50 -2.56 -35.97
CA ARG W 131 105.93 -1.70 -34.94
C ARG W 131 106.15 -0.24 -35.30
N ARG W 132 105.17 0.60 -34.95
CA ARG W 132 105.19 1.99 -35.37
C ARG W 132 106.33 2.79 -34.75
N LEU W 133 106.90 2.30 -33.64
CA LEU W 133 107.85 3.08 -32.87
C LEU W 133 108.53 2.17 -31.87
N GLY W 134 109.82 2.43 -31.65
CA GLY W 134 110.63 1.60 -30.79
C GLY W 134 110.67 2.09 -29.36
N PRO W 135 111.62 1.58 -28.58
CA PRO W 135 111.69 1.94 -27.16
C PRO W 135 111.98 3.41 -26.95
N LYS W 136 111.45 3.95 -25.85
CA LYS W 136 111.63 5.34 -25.47
C LYS W 136 112.41 5.50 -24.17
N ARG W 137 112.23 4.59 -23.22
CA ARG W 137 113.01 4.62 -21.99
C ARG W 137 114.38 4.03 -22.23
N ALA W 138 115.41 4.76 -21.79
CA ALA W 138 116.80 4.36 -22.05
C ALA W 138 117.07 2.94 -21.55
N SER W 139 116.43 2.54 -20.46
CA SER W 139 116.50 1.15 -20.03
C SER W 139 115.96 0.21 -21.09
N ARG W 140 114.87 0.59 -21.77
CA ARG W 140 114.31 -0.28 -22.80
C ARG W 140 115.18 -0.31 -24.05
N ILE W 141 115.79 0.82 -24.42
CA ILE W 141 116.74 0.78 -25.54
C ILE W 141 117.92 -0.13 -25.22
N ARG W 142 118.47 0.00 -24.00
CA ARG W 142 119.58 -0.87 -23.63
C ARG W 142 119.15 -2.33 -23.59
N LYS W 143 117.93 -2.60 -23.12
CA LYS W 143 117.43 -3.97 -23.10
C LYS W 143 117.28 -4.53 -24.50
N LEU W 144 116.79 -3.72 -25.44
CA LEU W 144 116.62 -4.19 -26.81
C LEU W 144 117.96 -4.44 -27.48
N PHE W 145 118.90 -3.51 -27.36
CA PHE W 145 120.15 -3.58 -28.11
C PHE W 145 121.28 -4.21 -27.32
N ASN W 146 120.99 -4.80 -26.15
CA ASN W 146 121.98 -5.52 -25.34
C ASN W 146 123.14 -4.61 -24.94
N LEU W 147 122.83 -3.35 -24.64
CA LEU W 147 123.81 -2.44 -24.08
C LEU W 147 123.99 -2.70 -22.60
N SER W 148 125.24 -2.75 -22.15
CA SER W 148 125.52 -2.97 -20.74
C SER W 148 125.42 -1.66 -19.96
N LYS W 149 126.33 -0.71 -20.24
CA LYS W 149 126.32 0.57 -19.56
C LYS W 149 127.18 1.61 -20.24
N GLU W 150 126.59 2.76 -20.56
CA GLU W 150 127.29 3.96 -21.02
C GLU W 150 128.10 3.68 -22.29
N ASP W 151 127.38 3.34 -23.36
CA ASP W 151 128.00 3.17 -24.68
C ASP W 151 127.07 3.77 -25.73
N ASP W 152 127.25 5.06 -26.02
CA ASP W 152 126.64 5.73 -27.19
C ASP W 152 125.12 5.53 -27.21
N VAL W 153 124.51 5.70 -26.04
CA VAL W 153 123.10 5.38 -25.88
C VAL W 153 122.22 6.32 -26.70
N ARG W 154 122.54 7.62 -26.70
CA ARG W 154 121.69 8.57 -27.40
C ARG W 154 121.76 8.39 -28.91
N GLN W 155 122.84 7.79 -29.41
CA GLN W 155 122.94 7.56 -30.84
C GLN W 155 122.58 6.12 -31.24
N TYR W 156 122.38 5.24 -30.27
CA TYR W 156 121.81 3.92 -30.57
C TYR W 156 120.30 3.92 -30.61
N VAL W 157 119.64 5.06 -30.36
CA VAL W 157 118.18 5.08 -30.45
C VAL W 157 117.76 4.96 -31.92
N VAL W 158 116.59 4.38 -32.12
CA VAL W 158 116.03 4.18 -33.46
C VAL W 158 115.44 5.49 -33.95
N ARG W 159 115.83 5.89 -35.17
CA ARG W 159 115.32 7.11 -35.79
C ARG W 159 114.33 6.73 -36.88
N LYS W 160 113.11 7.26 -36.78
CA LYS W 160 112.05 6.91 -37.73
C LYS W 160 112.12 7.85 -38.93
N PRO W 161 112.24 7.32 -40.15
CA PRO W 161 112.36 8.20 -41.32
C PRO W 161 111.02 8.59 -41.91
N LEU W 162 110.77 9.89 -42.02
CA LEU W 162 109.61 10.42 -42.74
C LEU W 162 110.05 10.85 -44.13
N ASN W 163 109.36 10.35 -45.15
CA ASN W 163 109.78 10.50 -46.53
C ASN W 163 108.57 10.79 -47.43
N LYS W 164 107.69 11.68 -46.98
CA LYS W 164 106.52 12.02 -47.77
C LYS W 164 106.93 12.75 -49.05
N GLU W 165 106.15 12.51 -50.10
CA GLU W 165 106.53 13.00 -51.43
C GLU W 165 106.44 14.52 -51.52
N GLY W 166 105.43 15.11 -50.88
CA GLY W 166 105.26 16.54 -50.98
C GLY W 166 106.19 17.39 -50.14
N LYS W 167 107.04 16.76 -49.32
CA LYS W 167 107.92 17.48 -48.41
C LYS W 167 109.32 16.87 -48.47
N LYS W 168 110.30 17.64 -48.01
CA LYS W 168 111.65 17.13 -47.98
C LYS W 168 111.76 15.99 -46.97
N PRO W 169 112.51 14.94 -47.30
CA PRO W 169 112.66 13.82 -46.37
C PRO W 169 113.54 14.18 -45.19
N ARG W 170 113.20 13.63 -44.02
CA ARG W 170 114.07 13.76 -42.86
C ARG W 170 113.82 12.57 -41.96
N THR W 171 114.61 12.46 -40.90
CA THR W 171 114.43 11.42 -39.91
C THR W 171 114.20 12.04 -38.54
N LYS W 172 113.25 11.49 -37.80
CA LYS W 172 112.82 12.03 -36.51
C LYS W 172 113.25 11.08 -35.41
N ALA W 173 113.87 11.63 -34.37
CA ALA W 173 114.30 10.83 -33.25
C ALA W 173 113.45 11.12 -32.03
N PRO W 174 113.09 10.11 -31.24
CA PRO W 174 112.25 10.34 -30.07
C PRO W 174 113.04 10.89 -28.90
N LYS W 175 112.35 11.67 -28.06
CA LYS W 175 112.97 12.18 -26.85
C LYS W 175 113.09 11.07 -25.83
N ILE W 176 114.33 10.69 -25.52
CA ILE W 176 114.55 9.59 -24.59
C ILE W 176 114.21 10.03 -23.17
N GLN W 177 113.76 9.08 -22.35
CA GLN W 177 113.40 9.35 -20.97
C GLN W 177 114.23 8.49 -20.03
N ARG W 178 114.37 9.00 -18.80
CA ARG W 178 115.16 8.36 -17.75
C ARG W 178 116.62 8.17 -18.16
N LEU W 179 117.10 9.06 -19.02
CA LEU W 179 118.51 9.11 -19.37
C LEU W 179 119.24 10.06 -18.43
N VAL W 180 120.34 9.61 -17.85
CA VAL W 180 121.08 10.44 -16.91
C VAL W 180 121.73 11.59 -17.67
N THR W 181 121.45 12.80 -17.24
CA THR W 181 121.84 14.02 -17.95
C THR W 181 122.45 15.00 -16.97
N PRO W 182 123.25 15.96 -17.46
CA PRO W 182 123.77 17.00 -16.55
C PRO W 182 122.69 17.78 -15.85
N ARG W 183 121.51 17.93 -16.45
CA ARG W 183 120.38 18.53 -15.75
C ARG W 183 119.97 17.69 -14.55
N VAL W 184 119.94 16.36 -14.71
CA VAL W 184 119.61 15.48 -13.60
C VAL W 184 120.66 15.61 -12.50
N LEU W 185 121.94 15.63 -12.88
CA LEU W 185 123.01 15.76 -11.90
C LEU W 185 122.90 17.10 -11.16
N GLN W 186 122.61 18.18 -11.90
CA GLN W 186 122.47 19.48 -11.28
C GLN W 186 121.30 19.50 -10.30
N HIS W 187 120.18 18.88 -10.67
CA HIS W 187 119.03 18.83 -9.76
C HIS W 187 119.38 18.04 -8.50
N LYS W 188 120.07 16.91 -8.65
CA LYS W 188 120.42 16.10 -7.50
C LYS W 188 121.35 16.85 -6.56
N ARG W 189 122.39 17.49 -7.12
CA ARG W 189 123.32 18.22 -6.26
C ARG W 189 122.67 19.46 -5.67
N ARG W 190 121.70 20.04 -6.37
CA ARG W 190 120.95 21.17 -5.81
C ARG W 190 120.16 20.74 -4.59
N ARG W 191 119.51 19.57 -4.67
CA ARG W 191 118.78 19.05 -3.51
C ARG W 191 119.75 18.74 -2.37
N ILE W 192 120.92 18.20 -2.69
CA ILE W 192 121.92 17.92 -1.66
C ILE W 192 122.37 19.20 -0.97
N ALA W 193 122.62 20.25 -1.76
CA ALA W 193 123.01 21.53 -1.19
C ALA W 193 121.91 22.12 -0.33
N LEU W 194 120.66 21.95 -0.75
CA LEU W 194 119.54 22.39 0.08
C LEU W 194 119.53 21.67 1.42
N LYS W 195 119.77 20.35 1.40
CA LYS W 195 119.82 19.60 2.65
C LYS W 195 120.95 20.11 3.55
N LYS W 196 122.12 20.34 2.96
CA LYS W 196 123.27 20.81 3.74
C LYS W 196 123.01 22.18 4.35
N GLN W 197 122.45 23.10 3.57
CA GLN W 197 122.18 24.43 4.11
C GLN W 197 121.06 24.39 5.14
N ARG W 198 120.08 23.49 5.00
CA ARG W 198 119.03 23.40 6.00
C ARG W 198 119.58 22.90 7.33
N THR W 199 120.41 21.85 7.30
CA THR W 199 120.97 21.40 8.57
C THR W 199 121.95 22.42 9.15
N LYS W 200 122.65 23.17 8.30
CA LYS W 200 123.53 24.23 8.80
C LYS W 200 122.73 25.31 9.53
N LYS W 201 121.68 25.82 8.89
CA LYS W 201 120.89 26.88 9.53
C LYS W 201 120.20 26.36 10.78
N ASN W 202 119.78 25.09 10.79
CA ASN W 202 119.22 24.51 12.00
C ASN W 202 120.25 24.52 13.14
N LYS W 203 121.50 24.14 12.83
CA LYS W 203 122.53 24.16 13.85
C LYS W 203 122.78 25.58 14.37
N GLU W 204 122.82 26.55 13.46
CA GLU W 204 123.07 27.94 13.88
C GLU W 204 121.95 28.46 14.77
N GLU W 205 120.69 28.18 14.40
CA GLU W 205 119.57 28.62 15.20
C GLU W 205 119.57 27.95 16.57
N ALA W 206 119.88 26.66 16.62
CA ALA W 206 119.95 25.96 17.90
C ALA W 206 121.02 26.56 18.80
N ALA W 207 122.18 26.87 18.23
CA ALA W 207 123.25 27.48 19.02
C ALA W 207 122.87 28.85 19.54
N GLU W 208 122.25 29.68 18.68
CA GLU W 208 121.85 31.01 19.12
C GLU W 208 120.81 30.94 20.23
N TYR W 209 119.83 30.05 20.09
CA TYR W 209 118.82 29.92 21.13
C TYR W 209 119.41 29.39 22.42
N ALA W 210 120.35 28.45 22.34
CA ALA W 210 121.00 27.96 23.56
C ALA W 210 121.73 29.08 24.27
N LYS W 211 122.43 29.93 23.51
CA LYS W 211 123.12 31.06 24.11
C LYS W 211 122.14 32.01 24.80
N LEU W 212 121.05 32.36 24.11
CA LEU W 212 120.09 33.30 24.69
C LEU W 212 119.41 32.72 25.92
N LEU W 213 119.04 31.44 25.89
CA LEU W 213 118.41 30.81 27.04
C LEU W 213 119.37 30.73 28.22
N ALA W 214 120.63 30.44 27.95
CA ALA W 214 121.63 30.43 29.03
C ALA W 214 121.77 31.80 29.65
N LYS W 215 121.76 32.85 28.82
CA LYS W 215 121.85 34.22 29.34
C LYS W 215 120.62 34.56 30.19
N ARG W 216 119.44 34.16 29.74
CA ARG W 216 118.22 34.44 30.50
C ARG W 216 118.23 33.72 31.84
N MET W 217 118.65 32.45 31.85
CA MET W 217 118.72 31.72 33.11
C MET W 217 119.77 32.29 34.03
N LYS W 218 120.89 32.77 33.48
CA LYS W 218 121.89 33.44 34.28
C LYS W 218 121.32 34.71 34.91
N GLU W 219 120.54 35.48 34.15
CA GLU W 219 119.90 36.67 34.69
C GLU W 219 118.92 36.32 35.80
N ALA W 220 118.16 35.24 35.62
CA ALA W 220 117.22 34.80 36.66
C ALA W 220 117.96 34.39 37.93
N LYS W 221 119.07 33.66 37.78
CA LYS W 221 119.88 33.29 38.94
C LYS W 221 120.46 34.52 39.62
N GLU W 222 120.90 35.51 38.84
CA GLU W 222 121.42 36.74 39.42
C GLU W 222 120.35 37.48 40.19
N LYS W 223 119.14 37.53 39.66
CA LYS W 223 118.02 38.16 40.37
C LYS W 223 117.73 37.44 41.67
N ARG W 224 117.67 36.10 41.62
CA ARG W 224 117.36 35.33 42.82
C ARG W 224 118.44 35.48 43.88
N GLN W 225 119.71 35.47 43.47
CA GLN W 225 120.79 35.71 44.40
C GLN W 225 120.80 37.14 44.93
N GLU W 226 120.31 38.10 44.14
CA GLU W 226 120.13 39.46 44.64
C GLU W 226 119.12 39.50 45.77
N GLN W 227 117.99 38.80 45.61
CA GLN W 227 117.03 38.72 46.71
C GLN W 227 117.60 37.95 47.91
N ILE W 228 118.40 36.91 47.65
CA ILE W 228 119.08 36.20 48.73
C ILE W 228 119.96 37.15 49.53
N ALA W 229 120.77 37.95 48.83
CA ALA W 229 121.65 38.90 49.50
C ALA W 229 120.86 39.96 50.25
N LYS W 230 119.74 40.42 49.68
CA LYS W 230 118.90 41.40 50.37
C LYS W 230 118.36 40.83 51.68
N ARG W 231 117.81 39.62 51.63
CA ARG W 231 117.22 39.04 52.84
C ARG W 231 118.29 38.64 53.86
N ARG W 232 119.51 38.35 53.41
CA ARG W 232 120.58 38.04 54.36
C ARG W 232 121.13 39.30 55.00
N ARG W 233 121.22 40.39 54.24
CA ARG W 233 121.66 41.66 54.82
C ARG W 233 120.63 42.20 55.80
N LEU W 234 119.34 42.13 55.45
CA LEU W 234 118.29 42.70 56.29
C LEU W 234 117.61 41.55 57.05
N SER W 235 118.23 41.16 58.16
CA SER W 235 117.71 40.09 59.00
C SER W 235 117.63 40.44 60.48
N SER W 236 118.39 41.43 60.95
CA SER W 236 118.38 41.82 62.35
C SER W 236 117.99 43.27 62.57
N LEU W 237 117.72 44.02 61.50
CA LEU W 237 117.41 45.43 61.62
C LEU W 237 115.95 45.72 61.26
N SER X 1 94.42 62.14 90.44
CA SER X 1 93.08 61.97 89.92
C SER X 1 92.64 60.51 90.02
N ALA X 2 91.36 60.30 90.31
CA ALA X 2 90.80 58.97 90.46
C ALA X 2 89.81 58.71 89.32
N LYS X 3 90.03 57.61 88.58
CA LYS X 3 89.15 57.18 87.50
C LYS X 3 88.80 55.73 87.79
N ILE X 4 87.78 55.52 88.62
CA ILE X 4 87.40 54.18 89.06
C ILE X 4 86.08 53.72 88.47
N VAL X 5 85.30 54.62 87.86
CA VAL X 5 84.05 54.24 87.21
C VAL X 5 84.14 54.75 85.78
N LYS X 6 84.69 53.91 84.90
CA LYS X 6 84.68 54.09 83.45
C LYS X 6 85.06 52.78 82.77
N PRO X 7 84.19 51.78 82.76
CA PRO X 7 84.49 50.55 82.00
C PRO X 7 84.14 50.74 80.53
N ASN X 8 85.16 50.85 79.69
CA ASN X 8 84.98 51.09 78.26
C ASN X 8 86.30 50.80 77.56
N GLY X 9 86.29 50.94 76.23
CA GLY X 9 87.48 50.71 75.45
C GLY X 9 88.45 51.86 75.42
N GLU X 10 88.15 52.97 76.09
CA GLU X 10 88.99 54.16 76.11
C GLU X 10 89.65 54.26 77.49
N LYS X 11 90.97 54.26 77.51
CA LYS X 11 91.69 54.37 78.77
C LYS X 11 91.78 55.82 79.26
N PRO X 12 92.15 56.80 78.44
CA PRO X 12 92.17 58.19 78.92
C PRO X 12 90.78 58.79 78.92
N ASP X 13 90.69 59.96 79.56
CA ASP X 13 89.45 60.73 79.58
C ASP X 13 89.78 62.17 79.93
N GLU X 14 88.85 63.07 79.62
CA GLU X 14 88.99 64.49 79.94
C GLU X 14 87.69 64.94 80.62
N PHE X 15 87.79 65.27 81.91
CA PHE X 15 86.70 65.76 82.75
C PHE X 15 85.71 64.65 83.08
N GLU X 16 85.82 63.52 82.38
CA GLU X 16 85.19 62.30 82.85
C GLU X 16 85.84 61.84 84.16
N SER X 17 87.13 62.11 84.32
CA SER X 17 87.78 61.88 85.61
C SER X 17 87.12 62.72 86.70
N GLY X 18 86.81 63.97 86.40
CA GLY X 18 86.14 64.81 87.39
C GLY X 18 84.74 64.33 87.70
N ILE X 19 84.01 63.87 86.68
CA ILE X 19 82.66 63.35 86.90
C ILE X 19 82.70 62.08 87.75
N SER X 20 83.66 61.19 87.46
CA SER X 20 83.81 59.99 88.27
C SER X 20 84.22 60.35 89.70
N GLN X 21 85.08 61.35 89.85
CA GLN X 21 85.47 61.82 91.18
C GLN X 21 84.26 62.34 91.95
N ALA X 22 83.39 63.08 91.27
CA ALA X 22 82.18 63.58 91.92
C ALA X 22 81.26 62.44 92.34
N LEU X 23 81.04 61.47 91.45
CA LEU X 23 80.14 60.39 91.81
C LEU X 23 80.75 59.41 92.82
N LEU X 24 82.06 59.42 93.00
CA LEU X 24 82.64 58.60 94.06
C LEU X 24 82.73 59.33 95.39
N GLU X 25 82.96 60.65 95.37
CA GLU X 25 82.82 61.43 96.59
C GLU X 25 81.36 61.61 96.99
N LEU X 26 80.43 61.22 96.11
CA LEU X 26 79.04 61.05 96.51
C LEU X 26 78.86 60.00 97.60
N GLU X 27 79.92 59.28 97.97
CA GLU X 27 79.90 58.41 99.13
C GLU X 27 79.47 59.16 100.37
N MET X 28 78.73 58.47 101.25
CA MET X 28 78.15 59.03 102.47
C MET X 28 77.22 60.19 102.12
N ASN X 29 76.14 59.83 101.43
CA ASN X 29 75.10 60.75 101.00
C ASN X 29 73.78 60.39 101.68
N SER X 30 72.71 61.05 101.25
CA SER X 30 71.38 60.83 101.81
C SER X 30 70.79 59.52 101.26
N ASP X 31 71.44 58.41 101.65
CA ASP X 31 70.95 57.06 101.41
C ASP X 31 70.75 56.78 99.92
N LEU X 32 71.84 56.92 99.17
CA LEU X 32 71.79 56.67 97.73
C LEU X 32 72.92 55.76 97.30
N LYS X 33 74.02 55.75 98.07
CA LYS X 33 75.18 54.96 97.71
C LYS X 33 74.98 53.47 97.89
N ALA X 34 73.89 53.05 98.53
CA ALA X 34 73.66 51.63 98.79
C ALA X 34 73.53 50.85 97.49
N GLN X 35 72.83 51.41 96.51
CA GLN X 35 72.59 50.73 95.24
C GLN X 35 73.25 51.48 94.08
N LEU X 36 74.39 52.12 94.32
CA LEU X 36 75.05 52.94 93.32
C LEU X 36 76.39 52.38 92.87
N ARG X 37 77.09 51.61 93.71
CA ARG X 37 78.40 51.09 93.32
C ARG X 37 78.29 50.16 92.11
N GLU X 38 77.29 49.30 92.10
CA GLU X 38 77.16 48.34 91.02
C GLU X 38 76.66 48.95 89.73
N LEU X 39 76.43 50.27 89.69
CA LEU X 39 76.04 50.97 88.47
C LEU X 39 77.25 51.75 87.98
N ASN X 40 77.64 51.52 86.72
CA ASN X 40 78.84 52.12 86.16
C ASN X 40 78.50 53.09 85.06
N ILE X 41 79.39 54.07 84.86
CA ILE X 41 79.24 55.09 83.83
C ILE X 41 80.06 54.69 82.61
N THR X 42 79.40 54.57 81.47
CA THR X 42 80.11 54.24 80.24
C THR X 42 80.91 55.44 79.74
N ALA X 43 80.31 56.63 79.74
CA ALA X 43 80.99 57.82 79.23
C ALA X 43 80.22 59.06 79.68
N ALA X 44 80.73 60.23 79.27
CA ALA X 44 80.03 61.48 79.48
C ALA X 44 80.58 62.54 78.54
N LYS X 45 79.78 63.57 78.31
CA LYS X 45 80.14 64.68 77.44
C LYS X 45 79.56 65.98 77.98
N GLU X 46 80.19 67.07 77.60
CA GLU X 46 79.78 68.43 77.96
C GLU X 46 79.49 69.22 76.71
N ILE X 47 78.31 69.83 76.63
CA ILE X 47 77.90 70.57 75.44
C ILE X 47 77.36 71.94 75.84
N GLU X 48 77.29 72.83 74.86
CA GLU X 48 76.75 74.17 75.05
C GLU X 48 75.32 74.20 74.51
N VAL X 49 74.40 74.73 75.32
CA VAL X 49 72.98 74.76 74.97
C VAL X 49 72.46 76.18 75.20
N GLY X 50 71.72 76.70 74.22
CA GLY X 50 71.07 77.98 74.39
C GLY X 50 72.04 79.15 74.34
N GLY X 51 71.73 80.18 75.11
CA GLY X 51 72.53 81.39 75.12
C GLY X 51 73.84 81.22 75.87
N GLY X 52 73.75 80.95 77.17
CA GLY X 52 74.94 80.77 77.99
C GLY X 52 74.83 79.61 78.95
N ARG X 53 74.04 78.60 78.59
CA ARG X 53 73.83 77.43 79.42
C ARG X 53 74.68 76.27 78.92
N LYS X 54 75.03 75.38 79.86
CA LYS X 54 75.85 74.21 79.55
C LYS X 54 75.14 72.96 80.05
N ALA X 55 75.29 71.87 79.30
CA ALA X 55 74.59 70.63 79.57
C ALA X 55 75.56 69.47 79.65
N ILE X 56 75.19 68.46 80.45
CA ILE X 56 76.03 67.30 80.70
C ILE X 56 75.25 66.05 80.31
N ILE X 57 75.88 65.19 79.53
CA ILE X 57 75.29 63.93 79.09
C ILE X 57 76.09 62.79 79.70
N ILE X 58 75.40 61.85 80.33
CA ILE X 58 76.03 60.69 80.96
C ILE X 58 75.54 59.45 80.23
N PHE X 59 76.47 58.73 79.61
CA PHE X 59 76.16 57.51 78.87
C PHE X 59 76.39 56.31 79.78
N VAL X 60 75.38 55.44 79.82
CA VAL X 60 75.33 54.31 80.75
C VAL X 60 75.11 53.05 79.93
N PRO X 61 75.47 51.89 80.47
CA PRO X 61 75.18 50.63 79.77
C PRO X 61 73.69 50.41 79.58
N VAL X 62 73.34 49.84 78.42
CA VAL X 62 71.94 49.56 78.12
C VAL X 62 71.30 48.62 79.12
N PRO X 63 71.92 47.49 79.51
CA PRO X 63 71.29 46.65 80.54
C PRO X 63 71.10 47.36 81.87
N GLN X 64 71.97 48.31 82.20
CA GLN X 64 71.89 49.04 83.46
C GLN X 64 71.06 50.30 83.36
N LEU X 65 70.52 50.62 82.18
CA LEU X 65 69.70 51.83 82.04
C LEU X 65 68.48 51.80 82.95
N LYS X 66 67.82 50.63 83.07
CA LYS X 66 66.65 50.56 83.93
C LYS X 66 67.01 50.82 85.39
N SER X 67 68.13 50.27 85.86
CA SER X 67 68.55 50.52 87.23
C SER X 67 68.95 51.98 87.43
N PHE X 68 69.62 52.58 86.44
CA PHE X 68 69.90 54.01 86.52
C PHE X 68 68.63 54.84 86.58
N GLN X 69 67.63 54.48 85.77
CA GLN X 69 66.40 55.24 85.73
C GLN X 69 65.60 55.09 87.01
N LYS X 70 65.72 53.95 87.68
CA LYS X 70 65.03 53.74 88.95
C LYS X 70 65.43 54.80 89.97
N ILE X 71 66.67 55.29 89.90
CA ILE X 71 67.16 56.31 90.82
C ILE X 71 67.38 57.65 90.15
N GLN X 72 67.12 57.76 88.83
CA GLN X 72 67.55 58.92 88.08
C GLN X 72 66.87 60.19 88.57
N VAL X 73 65.57 60.10 88.90
CA VAL X 73 64.84 61.23 89.44
C VAL X 73 65.45 61.72 90.74
N ARG X 74 66.20 60.86 91.44
CA ARG X 74 66.77 61.24 92.72
C ARG X 74 68.08 62.01 92.55
N LEU X 75 69.06 61.41 91.87
CA LEU X 75 70.39 62.02 91.89
C LEU X 75 70.55 63.20 90.94
N VAL X 76 69.51 63.55 90.17
CA VAL X 76 69.61 64.74 89.34
C VAL X 76 69.75 65.99 90.19
N ARG X 77 69.03 66.07 91.31
CA ARG X 77 69.19 67.22 92.20
C ARG X 77 70.55 67.22 92.86
N GLU X 78 71.10 66.04 93.17
CA GLU X 78 72.46 65.97 93.69
C GLU X 78 73.46 66.51 92.67
N LEU X 79 73.31 66.12 91.41
CA LEU X 79 74.18 66.62 90.37
C LEU X 79 74.01 68.12 90.15
N GLU X 80 72.78 68.63 90.29
CA GLU X 80 72.56 70.07 90.22
C GLU X 80 73.28 70.78 91.36
N LYS X 81 73.23 70.22 92.57
CA LYS X 81 73.95 70.82 93.68
C LYS X 81 75.46 70.79 93.47
N LYS X 82 75.97 69.68 92.91
CA LYS X 82 77.40 69.59 92.64
C LYS X 82 77.83 70.59 91.58
N PHE X 83 77.05 70.73 90.51
CA PHE X 83 77.33 71.67 89.43
C PHE X 83 76.06 72.48 89.18
N SER X 84 75.88 73.55 89.95
CA SER X 84 74.73 74.42 89.78
C SER X 84 74.71 75.03 88.38
N GLY X 85 73.51 75.14 87.82
CA GLY X 85 73.34 75.67 86.49
C GLY X 85 73.54 74.67 85.37
N LYS X 86 73.90 73.44 85.69
CA LYS X 86 74.13 72.40 84.70
C LYS X 86 73.01 71.39 84.74
N HIS X 87 72.43 71.09 83.58
CA HIS X 87 71.39 70.08 83.46
C HIS X 87 72.03 68.77 83.00
N VAL X 88 71.74 67.69 83.71
CA VAL X 88 72.34 66.39 83.48
C VAL X 88 71.29 65.45 82.90
N VAL X 89 71.67 64.72 81.85
CA VAL X 89 70.78 63.75 81.22
C VAL X 89 71.49 62.41 81.16
N PHE X 90 70.69 61.34 81.04
CA PHE X 90 71.20 59.98 81.04
C PHE X 90 70.78 59.29 79.75
N ILE X 91 71.76 58.88 78.96
CA ILE X 91 71.54 58.24 77.66
C ILE X 91 72.29 56.91 77.68
N ALA X 92 71.81 55.96 76.89
CA ALA X 92 72.47 54.67 76.73
C ALA X 92 73.10 54.58 75.34
N GLN X 93 74.34 54.10 75.30
CA GLN X 93 75.03 53.88 74.02
C GLN X 93 74.42 52.67 73.35
N ARG X 94 73.60 52.89 72.34
CA ARG X 94 72.80 51.83 71.74
C ARG X 94 73.46 51.14 70.56
N ARG X 95 74.69 51.52 70.20
CA ARG X 95 75.51 50.78 69.24
C ARG X 95 74.79 50.67 67.89
N ILE X 96 74.70 51.82 67.22
CA ILE X 96 74.04 51.87 65.91
C ILE X 96 74.89 51.11 64.90
N LEU X 97 74.40 49.97 64.43
CA LEU X 97 75.07 49.25 63.38
C LEU X 97 74.72 49.83 62.01
N PRO X 98 75.66 49.79 61.06
CA PRO X 98 75.37 50.31 59.73
C PRO X 98 74.38 49.43 58.98
N LYS X 99 73.67 50.06 58.06
CA LYS X 99 72.73 49.32 57.22
C LYS X 99 73.49 48.44 56.24
N PRO X 100 73.20 47.15 56.17
CA PRO X 100 73.94 46.27 55.25
C PRO X 100 73.64 46.62 53.81
N THR X 101 74.71 46.71 53.00
CA THR X 101 74.60 47.06 51.60
C THR X 101 75.08 45.88 50.75
N ARG X 102 75.10 46.09 49.44
CA ARG X 102 75.58 45.07 48.52
C ARG X 102 77.09 44.94 48.53
N LYS X 103 77.80 45.86 49.18
CA LYS X 103 79.25 45.85 49.17
C LYS X 103 79.80 45.23 50.46
N LYS X 107 84.87 36.47 55.93
CA LYS X 107 83.85 37.51 55.80
C LYS X 107 82.50 37.00 56.27
N ASN X 108 82.45 36.48 57.49
CA ASN X 108 81.23 35.90 58.05
C ASN X 108 80.62 36.88 59.05
N LYS X 109 79.40 37.32 58.77
CA LYS X 109 78.69 38.27 59.60
C LYS X 109 77.38 37.66 60.08
N GLN X 110 76.61 38.44 60.84
CA GLN X 110 75.37 38.01 61.44
C GLN X 110 74.28 39.03 61.15
N LYS X 111 73.04 38.57 61.22
CA LYS X 111 71.90 39.43 60.94
C LYS X 111 71.83 40.59 61.92
N ARG X 112 71.61 41.79 61.39
CA ARG X 112 71.50 42.97 62.24
C ARG X 112 70.12 43.00 62.88
N PRO X 113 70.03 42.99 64.20
CA PRO X 113 68.72 43.07 64.85
C PRO X 113 68.12 44.46 64.70
N ARG X 114 66.79 44.52 64.76
CA ARG X 114 66.09 45.78 64.55
C ARG X 114 66.37 46.78 65.67
N SER X 115 66.76 46.31 66.85
CA SER X 115 67.08 47.21 67.94
C SER X 115 68.33 48.03 67.67
N ARG X 116 69.22 47.56 66.80
CA ARG X 116 70.43 48.29 66.47
C ARG X 116 70.23 49.27 65.32
N THR X 117 69.10 49.21 64.61
CA THR X 117 68.87 50.09 63.48
C THR X 117 68.76 51.53 63.93
N LEU X 118 69.10 52.44 63.01
CA LEU X 118 69.20 53.85 63.36
C LEU X 118 67.87 54.42 63.81
N THR X 119 66.80 54.10 63.07
CA THR X 119 65.49 54.63 63.42
C THR X 119 65.02 54.13 64.78
N ALA X 120 65.45 52.94 65.17
CA ALA X 120 65.07 52.39 66.46
C ALA X 120 65.92 52.91 67.61
N VAL X 121 66.99 53.64 67.32
CA VAL X 121 67.87 54.16 68.36
C VAL X 121 67.51 55.60 68.72
N HIS X 122 67.16 56.42 67.73
CA HIS X 122 66.91 57.83 68.00
C HIS X 122 65.67 58.02 68.87
N ASP X 123 64.60 57.28 68.60
CA ASP X 123 63.43 57.38 69.46
C ASP X 123 63.71 56.86 70.86
N ALA X 124 64.47 55.78 70.98
CA ALA X 124 64.80 55.22 72.28
C ALA X 124 65.63 56.20 73.12
N ILE X 125 66.63 56.82 72.50
CA ILE X 125 67.44 57.78 73.23
C ILE X 125 66.64 59.03 73.55
N LEU X 126 65.67 59.40 72.70
CA LEU X 126 64.76 60.48 73.05
C LEU X 126 63.95 60.14 74.29
N GLU X 127 63.45 58.90 74.37
CA GLU X 127 62.69 58.46 75.53
C GLU X 127 63.53 58.54 76.80
N ASP X 128 64.71 57.93 76.77
CA ASP X 128 65.53 57.96 77.98
C ASP X 128 66.12 59.33 78.24
N LEU X 129 66.07 60.24 77.25
CA LEU X 129 66.44 61.62 77.48
C LEU X 129 65.36 62.35 78.27
N VAL X 130 64.10 62.11 77.93
CA VAL X 130 63.00 62.81 78.59
C VAL X 130 62.39 61.90 79.66
N PHE X 131 63.19 60.94 80.13
CA PHE X 131 62.72 59.91 81.06
C PHE X 131 61.81 60.37 82.20
N PRO X 132 62.02 61.53 82.85
CA PRO X 132 61.06 61.93 83.90
C PRO X 132 59.63 62.03 83.40
N SER X 133 59.43 62.30 82.12
CA SER X 133 58.15 62.19 81.46
C SER X 133 58.18 61.01 80.49
N GLU X 134 57.12 60.86 79.72
CA GLU X 134 57.11 59.87 78.66
C GLU X 134 56.44 60.48 77.43
N ILE X 135 56.83 59.99 76.26
CA ILE X 135 56.34 60.53 75.00
C ILE X 135 54.93 60.00 74.78
N VAL X 136 53.97 60.91 74.69
CA VAL X 136 52.58 60.55 74.42
C VAL X 136 52.18 60.83 72.97
N GLY X 137 53.09 61.37 72.17
CA GLY X 137 52.78 61.69 70.79
C GLY X 137 53.92 62.34 70.06
N LYS X 138 54.07 62.01 68.78
CA LYS X 138 55.14 62.54 67.94
C LYS X 138 54.54 63.04 66.64
N ARG X 139 54.89 64.26 66.25
CA ARG X 139 54.42 64.84 65.00
C ARG X 139 55.59 65.40 64.22
N ILE X 140 55.79 64.91 63.00
CA ILE X 140 56.90 65.35 62.16
C ILE X 140 56.34 66.27 61.08
N ARG X 141 56.83 67.51 61.06
CA ARG X 141 56.39 68.51 60.10
C ARG X 141 57.54 68.87 59.17
N VAL X 142 57.30 68.86 57.87
CA VAL X 142 58.32 69.20 56.89
C VAL X 142 58.14 70.67 56.52
N LYS X 143 59.18 71.48 56.75
CA LYS X 143 59.04 72.93 56.73
C LYS X 143 59.23 73.53 55.34
N LEU X 144 58.49 73.00 54.36
CA LEU X 144 58.32 73.63 53.05
C LEU X 144 59.62 73.64 52.23
N ASP X 145 60.73 73.20 52.82
CA ASP X 145 62.00 73.17 52.10
C ASP X 145 62.74 71.86 52.32
N GLY X 146 62.04 70.83 52.77
CA GLY X 146 62.62 69.52 52.99
C GLY X 146 63.15 69.28 54.38
N SER X 147 63.39 70.35 55.14
CA SER X 147 63.82 70.18 56.52
C SER X 147 62.66 69.68 57.37
N ARG X 148 62.99 68.88 58.38
CA ARG X 148 62.00 68.28 59.27
C ARG X 148 62.12 68.87 60.66
N LEU X 149 60.97 69.01 61.31
CA LEU X 149 60.90 69.40 62.72
C LEU X 149 60.04 68.38 63.44
N ILE X 150 60.56 67.82 64.51
CA ILE X 150 59.83 66.85 65.33
C ILE X 150 59.22 67.60 66.51
N LYS X 151 57.94 67.36 66.75
CA LYS X 151 57.22 67.91 67.89
C LYS X 151 56.85 66.75 68.80
N VAL X 152 57.30 66.80 70.04
CA VAL X 152 57.12 65.72 71.00
C VAL X 152 56.20 66.20 72.10
N HIS X 153 55.13 65.44 72.34
CA HIS X 153 54.17 65.75 73.38
C HIS X 153 54.53 65.00 74.65
N LEU X 154 54.66 65.72 75.76
CA LEU X 154 55.10 65.14 77.00
C LEU X 154 53.91 64.78 77.88
N ASP X 155 54.18 64.44 79.14
CA ASP X 155 53.17 63.84 80.01
C ASP X 155 52.02 64.80 80.28
N LYS X 156 52.34 66.06 80.59
CA LYS X 156 51.42 67.10 81.07
C LYS X 156 51.01 66.78 82.51
N ALA X 157 51.36 65.60 82.99
CA ALA X 157 51.07 65.24 84.37
C ALA X 157 52.02 65.96 85.33
N GLN X 158 53.30 66.04 84.98
CA GLN X 158 54.29 66.72 85.80
C GLN X 158 54.95 67.82 84.98
N GLN X 159 55.10 68.99 85.60
CA GLN X 159 55.75 70.13 84.97
C GLN X 159 56.85 70.73 85.82
N ASN X 160 57.04 70.26 87.06
CA ASN X 160 57.99 70.89 87.97
C ASN X 160 59.43 70.62 87.59
N ASN X 161 59.69 69.70 86.66
CA ASN X 161 61.06 69.30 86.34
C ASN X 161 61.35 69.26 84.84
N VAL X 162 60.43 69.74 84.00
CA VAL X 162 60.65 69.69 82.55
C VAL X 162 60.48 71.03 81.87
N GLU X 163 59.79 72.00 82.48
CA GLU X 163 59.62 73.30 81.85
C GLU X 163 60.97 73.98 81.67
N HIS X 164 61.86 73.84 82.64
CA HIS X 164 63.18 74.44 82.58
C HIS X 164 64.19 73.59 81.83
N LYS X 165 63.80 72.43 81.32
CA LYS X 165 64.73 71.52 80.65
C LYS X 165 64.30 71.15 79.23
N VAL X 166 63.16 71.64 78.76
CA VAL X 166 62.79 71.38 77.37
C VAL X 166 63.84 71.92 76.40
N GLU X 167 64.36 73.12 76.65
CA GLU X 167 65.36 73.68 75.76
C GLU X 167 66.65 72.87 75.78
N THR X 168 67.07 72.41 76.95
CA THR X 168 68.25 71.56 77.03
C THR X 168 68.02 70.23 76.32
N PHE X 169 66.81 69.68 76.43
CA PHE X 169 66.49 68.45 75.72
C PHE X 169 66.61 68.65 74.22
N SER X 170 66.07 69.75 73.70
CA SER X 170 66.15 70.01 72.28
C SER X 170 67.61 70.20 71.85
N GLY X 171 68.39 70.93 72.64
CA GLY X 171 69.79 71.12 72.31
C GLY X 171 70.58 69.84 72.27
N VAL X 172 70.42 68.98 73.28
CA VAL X 172 71.19 67.74 73.32
C VAL X 172 70.73 66.79 72.23
N TYR X 173 69.43 66.77 71.92
CA TYR X 173 68.95 65.92 70.84
C TYR X 173 69.50 66.39 69.50
N LYS X 174 69.54 67.70 69.27
CA LYS X 174 70.17 68.22 68.06
C LYS X 174 71.65 67.89 68.03
N LYS X 175 72.31 67.90 69.19
CA LYS X 175 73.74 67.61 69.23
C LYS X 175 74.01 66.16 68.85
N LEU X 176 73.46 65.21 69.59
CA LEU X 176 73.81 63.81 69.41
C LEU X 176 72.95 63.09 68.38
N THR X 177 71.98 63.76 67.78
CA THR X 177 71.15 63.15 66.75
C THR X 177 71.22 63.88 65.42
N GLY X 178 71.08 65.21 65.43
CA GLY X 178 71.21 66.01 64.24
C GLY X 178 69.92 66.56 63.68
N LYS X 179 68.77 66.17 64.21
CA LYS X 179 67.49 66.61 63.68
C LYS X 179 66.78 67.52 64.67
N ASP X 180 66.11 68.54 64.15
CA ASP X 180 65.47 69.55 64.98
C ASP X 180 64.25 68.99 65.69
N VAL X 181 64.16 69.25 66.99
CA VAL X 181 63.06 68.78 67.81
C VAL X 181 62.64 69.90 68.76
N ASN X 182 61.37 69.85 69.16
CA ASN X 182 60.86 70.72 70.21
C ASN X 182 59.72 70.01 70.91
N PHE X 183 59.45 70.43 72.14
CA PHE X 183 58.58 69.70 73.04
C PHE X 183 57.41 70.59 73.47
N GLU X 184 56.27 69.96 73.69
CA GLU X 184 55.08 70.68 74.12
C GLU X 184 54.21 69.74 74.96
N PHE X 185 53.30 70.35 75.71
CA PHE X 185 52.45 69.64 76.64
C PHE X 185 50.99 69.82 76.23
N PRO X 186 50.33 68.80 75.71
CA PRO X 186 48.97 68.96 75.22
C PRO X 186 47.98 69.02 76.36
N GLU X 187 46.72 69.22 76.01
CA GLU X 187 45.65 69.25 76.99
C GLU X 187 45.30 67.81 77.40
N PHE X 188 44.22 67.66 78.16
CA PHE X 188 43.79 66.34 78.61
C PHE X 188 43.47 65.44 77.43
N GLN X 189 43.82 64.17 77.56
CA GLN X 189 43.67 63.21 76.47
C GLN X 189 42.70 62.11 76.83
N GLY Y 1 72.31 4.88 4.37
CA GLY Y 1 72.85 3.79 5.15
C GLY Y 1 72.55 3.91 6.62
N ILE Y 2 73.40 3.29 7.44
CA ILE Y 2 73.28 3.46 8.88
C ILE Y 2 73.58 4.90 9.22
N SER Y 3 72.72 5.52 10.03
CA SER Y 3 72.83 6.92 10.33
C SER Y 3 73.06 7.14 11.82
N ARG Y 4 73.76 8.22 12.13
CA ARG Y 4 74.00 8.65 13.50
C ARG Y 4 73.29 9.96 13.81
N ASP Y 5 72.29 10.32 13.01
CA ASP Y 5 71.62 11.59 13.18
C ASP Y 5 70.81 11.62 14.47
N ASN Y 6 70.70 12.81 15.05
CA ASN Y 6 69.95 12.96 16.29
C ASN Y 6 68.46 13.15 16.07
N TRP Y 7 68.05 13.49 14.85
CA TRP Y 7 66.67 13.90 14.59
C TRP Y 7 65.75 12.72 14.32
N HIS Y 8 66.25 11.50 14.31
CA HIS Y 8 65.37 10.34 14.28
C HIS Y 8 64.86 9.96 15.66
N LYS Y 9 65.39 10.56 16.71
CA LYS Y 9 64.96 10.29 18.07
C LYS Y 9 63.84 11.24 18.48
N ARG Y 10 63.02 10.79 19.42
CA ARG Y 10 62.05 11.67 20.02
C ARG Y 10 62.75 12.76 20.82
N ARG Y 11 62.12 13.92 20.88
CA ARG Y 11 62.67 15.02 21.66
C ARG Y 11 62.50 14.74 23.15
N LYS Y 12 62.96 15.70 23.97
CA LYS Y 12 62.96 15.52 25.41
C LYS Y 12 61.54 15.36 25.96
N THR Y 13 60.58 16.06 25.38
CA THR Y 13 59.20 15.99 25.84
C THR Y 13 58.51 14.71 25.43
N GLY Y 14 59.12 13.90 24.58
CA GLY Y 14 58.48 12.72 24.04
C GLY Y 14 57.80 12.90 22.72
N GLY Y 15 57.66 14.13 22.24
CA GLY Y 15 57.01 14.36 20.97
C GLY Y 15 57.87 13.92 19.80
N LYS Y 16 57.20 13.55 18.72
CA LYS Y 16 57.89 13.09 17.51
C LYS Y 16 58.47 14.28 16.75
N ARG Y 17 59.66 14.09 16.21
CA ARG Y 17 60.35 15.11 15.44
C ARG Y 17 60.28 14.77 13.96
N LYS Y 18 59.91 15.73 13.15
CA LYS Y 18 59.87 15.55 11.70
C LYS Y 18 61.20 15.97 11.09
N PRO Y 19 61.86 15.10 10.32
CA PRO Y 19 63.12 15.49 9.69
C PRO Y 19 62.91 16.60 8.67
N TYR Y 20 63.91 17.48 8.57
CA TYR Y 20 63.87 18.58 7.63
C TYR Y 20 64.86 18.41 6.48
N HIS Y 21 65.64 17.33 6.48
CA HIS Y 21 66.48 16.98 5.34
C HIS Y 21 66.65 15.47 5.32
N LYS Y 22 67.05 14.96 4.15
CA LYS Y 22 67.36 13.54 4.07
C LYS Y 22 68.73 13.27 4.67
N LYS Y 23 69.06 11.99 4.81
CA LYS Y 23 70.29 11.58 5.49
C LYS Y 23 71.52 12.16 4.82
N ARG Y 24 72.20 13.07 5.50
CA ARG Y 24 73.44 13.62 4.98
C ARG Y 24 74.56 12.59 5.11
N LYS Y 25 75.65 12.84 4.38
CA LYS Y 25 76.73 11.87 4.37
C LYS Y 25 77.50 11.87 5.68
N TYR Y 26 77.77 13.05 6.24
CA TYR Y 26 78.66 13.14 7.39
C TYR Y 26 78.13 12.39 8.59
N GLU Y 27 76.82 12.22 8.69
CA GLU Y 27 76.21 11.45 9.77
C GLU Y 27 75.93 10.01 9.36
N LEU Y 28 76.94 9.32 8.83
CA LEU Y 28 76.79 7.94 8.43
C LEU Y 28 77.36 7.01 9.49
N GLY Y 29 76.87 5.78 9.50
CA GLY Y 29 77.43 4.72 10.31
C GLY Y 29 77.84 3.56 9.44
N ARG Y 30 78.70 2.70 9.95
CA ARG Y 30 79.22 1.57 9.19
C ARG Y 30 79.06 0.29 9.99
N PRO Y 31 79.07 -0.87 9.33
CA PRO Y 31 78.90 -2.14 10.05
C PRO Y 31 79.99 -2.36 11.08
N ALA Y 32 79.63 -3.08 12.14
CA ALA Y 32 80.54 -3.32 13.24
C ALA Y 32 81.74 -4.15 12.80
N ALA Y 33 82.85 -3.96 13.50
CA ALA Y 33 84.07 -4.71 13.20
C ALA Y 33 83.88 -6.19 13.47
N ASN Y 34 83.40 -6.54 14.67
CA ASN Y 34 83.26 -7.92 15.11
C ASN Y 34 84.57 -8.68 14.96
N THR Y 35 85.63 -8.10 15.50
CA THR Y 35 86.96 -8.69 15.43
C THR Y 35 86.99 -10.03 16.15
N LYS Y 36 87.53 -11.04 15.48
CA LYS Y 36 87.62 -12.39 16.02
C LYS Y 36 89.07 -12.74 16.32
N ILE Y 37 89.27 -13.99 16.74
CA ILE Y 37 90.60 -14.52 17.03
C ILE Y 37 91.01 -15.44 15.88
N GLY Y 38 92.14 -15.14 15.27
CA GLY Y 38 92.64 -15.94 14.16
C GLY Y 38 93.79 -15.26 13.45
N PRO Y 39 94.12 -15.75 12.26
CA PRO Y 39 95.19 -15.12 11.47
C PRO Y 39 94.87 -13.68 11.15
N ARG Y 40 95.92 -12.86 11.10
CA ARG Y 40 95.75 -11.42 10.96
C ARG Y 40 95.02 -11.06 9.68
N ARG Y 41 94.03 -10.17 9.80
CA ARG Y 41 93.27 -9.70 8.65
C ARG Y 41 92.76 -8.31 8.97
N ILE Y 42 93.16 -7.33 8.16
CA ILE Y 42 92.85 -5.92 8.40
C ILE Y 42 92.42 -5.29 7.10
N HIS Y 43 91.27 -4.64 7.10
CA HIS Y 43 90.75 -3.95 5.93
C HIS Y 43 90.82 -2.44 6.16
N THR Y 44 91.40 -1.74 5.19
CA THR Y 44 91.45 -0.29 5.24
C THR Y 44 90.13 0.31 4.79
N VAL Y 45 89.64 1.29 5.55
CA VAL Y 45 88.47 2.06 5.17
C VAL Y 45 88.83 3.53 5.11
N ARG Y 46 88.42 4.18 4.04
CA ARG Y 46 88.57 5.63 3.91
C ARG Y 46 87.53 6.32 4.77
N VAL Y 47 87.95 7.35 5.49
CA VAL Y 47 87.04 8.05 6.39
C VAL Y 47 86.99 9.52 6.00
N ARG Y 48 86.25 10.31 6.77
CA ARG Y 48 86.10 11.73 6.51
C ARG Y 48 87.46 12.42 6.49
N GLY Y 49 87.65 13.30 5.50
CA GLY Y 49 88.90 14.00 5.33
C GLY Y 49 89.96 13.26 4.57
N GLY Y 50 89.65 12.10 4.01
CA GLY Y 50 90.63 11.30 3.31
C GLY Y 50 91.52 10.45 4.19
N ASN Y 51 91.28 10.44 5.50
CA ASN Y 51 92.12 9.67 6.41
C ASN Y 51 91.77 8.19 6.33
N LYS Y 52 92.52 7.39 7.07
CA LYS Y 52 92.49 5.93 6.95
C LYS Y 52 92.21 5.31 8.30
N LYS Y 53 91.24 4.39 8.34
CA LYS Y 53 90.94 3.61 9.53
C LYS Y 53 91.16 2.13 9.22
N TYR Y 54 91.57 1.38 10.23
CA TYR Y 54 91.91 -0.03 10.07
C TYR Y 54 90.85 -0.87 10.75
N ARG Y 55 89.87 -1.35 9.98
CA ARG Y 55 88.89 -2.28 10.49
C ARG Y 55 89.56 -3.64 10.55
N ALA Y 56 89.96 -4.04 11.77
CA ALA Y 56 90.64 -5.31 11.96
C ALA Y 56 89.60 -6.39 12.24
N LEU Y 57 89.59 -7.43 11.42
CA LEU Y 57 88.56 -8.45 11.51
C LEU Y 57 89.01 -9.68 12.28
N ARG Y 58 90.31 -10.00 12.25
CA ARG Y 58 90.84 -11.13 13.00
C ARG Y 58 92.20 -10.74 13.54
N LEU Y 59 92.44 -11.05 14.81
CA LEU Y 59 93.73 -10.83 15.44
C LEU Y 59 94.21 -12.10 16.11
N ASP Y 60 95.53 -12.21 16.25
CA ASP Y 60 96.16 -13.25 17.06
C ASP Y 60 97.26 -12.74 17.94
N VAL Y 61 97.83 -11.57 17.66
CA VAL Y 61 98.97 -11.03 18.38
C VAL Y 61 98.61 -9.65 18.91
N GLY Y 62 98.95 -9.39 20.17
CA GLY Y 62 98.69 -8.11 20.78
C GLY Y 62 99.85 -7.68 21.65
N ASN Y 63 100.04 -6.36 21.71
CA ASN Y 63 101.10 -5.77 22.51
C ASN Y 63 100.51 -5.46 23.88
N PHE Y 64 100.97 -6.15 24.90
CA PHE Y 64 100.43 -6.00 26.24
C PHE Y 64 101.50 -5.49 27.20
N SER Y 65 101.02 -4.86 28.28
CA SER Y 65 101.86 -4.16 29.23
C SER Y 65 101.73 -4.79 30.60
N TRP Y 66 102.87 -5.15 31.22
CA TRP Y 66 102.83 -5.63 32.59
C TRP Y 66 102.42 -4.52 33.55
N GLY Y 67 102.91 -3.31 33.33
CA GLY Y 67 102.57 -2.19 34.17
C GLY Y 67 103.44 -2.11 35.42
N SER Y 68 103.28 -3.10 36.31
CA SER Y 68 104.07 -3.12 37.53
C SER Y 68 105.56 -3.29 37.21
N GLU Y 69 105.88 -4.14 36.25
CA GLU Y 69 107.26 -4.37 35.87
C GLU Y 69 107.73 -3.44 34.75
N CYS Y 70 106.83 -2.64 34.18
CA CYS Y 70 107.15 -1.72 33.09
C CYS Y 70 107.77 -2.45 31.89
N CYS Y 71 107.25 -3.64 31.60
CA CYS Y 71 107.69 -4.44 30.47
C CYS Y 71 106.51 -4.67 29.54
N THR Y 72 106.68 -4.34 28.27
CA THR Y 72 105.62 -4.47 27.28
C THR Y 72 106.09 -5.40 26.17
N ARG Y 73 105.30 -6.44 25.90
CA ARG Y 73 105.69 -7.48 24.98
C ARG Y 73 104.59 -7.76 23.97
N LYS Y 74 105.01 -8.21 22.80
CA LYS Y 74 104.09 -8.50 21.69
C LYS Y 74 103.71 -9.97 21.72
N THR Y 75 102.81 -10.29 22.66
CA THR Y 75 102.43 -11.67 22.91
C THR Y 75 101.28 -12.08 22.01
N ARG Y 76 100.78 -13.30 22.20
CA ARG Y 76 99.63 -13.77 21.44
C ARG Y 76 98.40 -13.82 22.32
N ILE Y 77 97.23 -13.78 21.68
CA ILE Y 77 95.95 -13.76 22.36
C ILE Y 77 95.33 -15.14 22.26
N ILE Y 78 94.86 -15.68 23.39
CA ILE Y 78 94.32 -17.04 23.41
C ILE Y 78 92.84 -17.01 23.06
N ASP Y 79 92.04 -16.30 23.86
CA ASP Y 79 90.59 -16.25 23.67
C ASP Y 79 90.03 -15.10 24.50
N VAL Y 80 88.71 -14.98 24.50
CA VAL Y 80 87.98 -13.98 25.26
C VAL Y 80 87.29 -14.68 26.43
N VAL Y 81 87.49 -14.16 27.63
CA VAL Y 81 86.94 -14.79 28.83
C VAL Y 81 85.89 -13.94 29.54
N TYR Y 82 85.90 -12.62 29.37
CA TYR Y 82 84.91 -11.79 30.04
C TYR Y 82 84.68 -10.52 29.24
N ASN Y 83 83.44 -10.04 29.27
CA ASN Y 83 83.08 -8.77 28.64
C ASN Y 83 81.99 -8.12 29.47
N ALA Y 84 82.18 -6.84 29.80
CA ALA Y 84 81.19 -6.13 30.60
C ALA Y 84 79.94 -5.82 29.79
N SER Y 85 80.07 -5.74 28.46
CA SER Y 85 78.94 -5.33 27.64
C SER Y 85 77.90 -6.43 27.53
N ASN Y 86 78.30 -7.58 26.99
CA ASN Y 86 77.35 -8.67 26.76
C ASN Y 86 78.10 -9.99 26.80
N ASN Y 87 77.41 -11.02 27.31
CA ASN Y 87 78.03 -12.33 27.44
C ASN Y 87 78.15 -13.05 26.10
N GLU Y 88 77.27 -12.72 25.15
CA GLU Y 88 77.36 -13.31 23.83
C GLU Y 88 78.66 -12.94 23.12
N LEU Y 89 79.25 -11.80 23.45
CA LEU Y 89 80.55 -11.45 22.88
C LEU Y 89 81.60 -12.46 23.31
N VAL Y 90 81.59 -12.85 24.59
CA VAL Y 90 82.50 -13.89 25.06
C VAL Y 90 82.15 -15.23 24.40
N ARG Y 91 80.85 -15.50 24.23
CA ARG Y 91 80.44 -16.75 23.60
C ARG Y 91 80.98 -16.88 22.18
N THR Y 92 80.96 -15.78 21.43
CA THR Y 92 81.45 -15.78 20.05
C THR Y 92 82.90 -15.37 19.92
N LYS Y 93 83.59 -15.09 21.02
CA LYS Y 93 85.02 -14.81 21.04
C LYS Y 93 85.37 -13.60 20.18
N THR Y 94 84.86 -12.44 20.57
CA THR Y 94 85.02 -11.20 19.84
C THR Y 94 85.81 -10.20 20.68
N LEU Y 95 86.83 -9.59 20.07
CA LEU Y 95 87.64 -8.58 20.74
C LEU Y 95 86.99 -7.21 20.63
N VAL Y 96 86.91 -6.51 21.75
CA VAL Y 96 86.43 -5.15 21.82
C VAL Y 96 87.38 -4.35 22.71
N LYS Y 97 87.03 -3.08 22.94
CA LYS Y 97 87.95 -2.16 23.60
C LYS Y 97 88.20 -2.52 25.07
N ASN Y 98 87.26 -3.19 25.73
CA ASN Y 98 87.41 -3.46 27.17
C ASN Y 98 87.34 -4.93 27.50
N CYS Y 99 87.40 -5.82 26.51
CA CYS Y 99 87.23 -7.23 26.82
C CYS Y 99 88.45 -7.80 27.53
N ILE Y 100 88.20 -8.84 28.31
CA ILE Y 100 89.22 -9.53 29.09
C ILE Y 100 89.63 -10.76 28.30
N VAL Y 101 90.92 -10.87 27.99
CA VAL Y 101 91.44 -11.91 27.13
C VAL Y 101 92.58 -12.63 27.82
N LEU Y 102 92.79 -13.88 27.43
CA LEU Y 102 93.95 -14.63 27.87
C LEU Y 102 95.10 -14.45 26.88
N ILE Y 103 96.31 -14.41 27.41
CA ILE Y 103 97.52 -14.28 26.61
C ILE Y 103 98.54 -15.29 27.09
N ASP Y 104 99.52 -15.56 26.24
CA ASP Y 104 100.63 -16.42 26.62
C ASP Y 104 101.54 -15.68 27.59
N SER Y 105 102.04 -16.40 28.59
CA SER Y 105 102.91 -15.83 29.61
C SER Y 105 104.38 -15.94 29.26
N THR Y 106 104.70 -16.53 28.10
CA THR Y 106 106.10 -16.77 27.76
C THR Y 106 106.97 -15.51 27.67
N PRO Y 107 106.55 -14.40 27.03
CA PRO Y 107 107.50 -13.27 26.92
C PRO Y 107 107.77 -12.59 28.24
N TYR Y 108 106.75 -12.45 29.10
CA TYR Y 108 106.98 -11.87 30.42
C TYR Y 108 107.74 -12.83 31.32
N ARG Y 109 107.52 -14.13 31.18
CA ARG Y 109 108.33 -15.10 31.91
C ARG Y 109 109.79 -14.97 31.50
N GLN Y 110 110.05 -14.84 30.19
CA GLN Y 110 111.41 -14.67 29.71
C GLN Y 110 112.02 -13.38 30.23
N TRP Y 111 111.24 -12.29 30.24
CA TRP Y 111 111.71 -11.03 30.80
C TRP Y 111 112.11 -11.18 32.25
N TYR Y 112 111.26 -11.82 33.05
CA TYR Y 112 111.56 -12.02 34.46
C TYR Y 112 112.82 -12.86 34.64
N GLU Y 113 112.93 -13.95 33.90
CA GLU Y 113 114.10 -14.82 34.04
C GLU Y 113 115.37 -14.11 33.64
N SER Y 114 115.33 -13.32 32.57
CA SER Y 114 116.52 -12.65 32.07
C SER Y 114 116.86 -11.37 32.82
N HIS Y 115 115.92 -10.82 33.59
CA HIS Y 115 116.17 -9.59 34.32
C HIS Y 115 116.44 -9.83 35.80
N TYR Y 116 115.53 -10.49 36.50
CA TYR Y 116 115.70 -10.72 37.92
C TYR Y 116 116.46 -12.00 38.23
N ALA Y 117 116.55 -12.91 37.28
CA ALA Y 117 117.22 -14.21 37.46
C ALA Y 117 116.62 -15.00 38.62
N LEU Y 118 115.30 -14.92 38.76
CA LEU Y 118 114.58 -15.81 39.65
C LEU Y 118 113.76 -16.78 38.83
N PRO Y 119 113.97 -18.09 38.99
CA PRO Y 119 113.12 -19.06 38.27
C PRO Y 119 111.67 -18.92 38.67
N LEU Y 120 110.83 -18.49 37.72
CA LEU Y 120 109.43 -18.23 37.98
C LEU Y 120 108.57 -18.95 36.94
N GLY Y 121 107.47 -19.53 37.39
CA GLY Y 121 106.65 -20.34 36.52
C GLY Y 121 107.12 -21.77 36.38
N ARG Y 122 108.20 -22.15 37.06
CA ARG Y 122 108.74 -23.49 37.01
C ARG Y 122 108.55 -24.15 38.38
N LYS Y 123 107.98 -25.36 38.38
CA LYS Y 123 107.68 -26.03 39.64
C LYS Y 123 108.93 -26.62 40.26
N LYS Y 124 109.60 -27.51 39.54
CA LYS Y 124 110.78 -28.22 40.05
C LYS Y 124 112.06 -27.81 39.34
N GLY Y 125 112.08 -27.87 38.01
CA GLY Y 125 113.25 -27.47 37.25
C GLY Y 125 114.05 -28.65 36.76
N ALA Y 126 115.25 -28.33 36.27
CA ALA Y 126 116.18 -29.30 35.68
C ALA Y 126 115.51 -30.06 34.53
N LYS Y 127 114.75 -29.35 33.72
CA LYS Y 127 114.04 -29.94 32.60
C LYS Y 127 114.42 -29.24 31.30
N LEU Y 128 114.84 -27.98 31.42
CA LEU Y 128 115.26 -27.19 30.27
C LEU Y 128 116.71 -26.79 30.44
N THR Y 129 117.55 -27.75 30.83
CA THR Y 129 118.91 -27.50 31.26
C THR Y 129 119.77 -26.66 30.32
N PRO Y 130 119.77 -26.86 28.99
CA PRO Y 130 120.67 -26.08 28.14
C PRO Y 130 120.43 -24.57 28.16
N GLU Y 131 119.23 -24.11 28.53
CA GLU Y 131 118.90 -22.70 28.42
C GLU Y 131 118.68 -22.02 29.77
N GLU Y 132 117.76 -22.53 30.59
CA GLU Y 132 117.39 -21.84 31.82
C GLU Y 132 118.48 -21.96 32.89
N GLU Y 133 119.26 -23.05 32.87
CA GLU Y 133 120.36 -23.16 33.81
C GLU Y 133 121.41 -22.09 33.54
N GLU Y 134 121.67 -21.80 32.28
CA GLU Y 134 122.63 -20.77 31.92
C GLU Y 134 122.21 -19.41 32.47
N ILE Y 135 120.92 -19.08 32.39
CA ILE Y 135 120.48 -17.77 32.84
C ILE Y 135 120.26 -17.70 34.34
N LEU Y 136 120.06 -18.84 35.02
CA LEU Y 136 120.03 -18.78 36.48
C LEU Y 136 121.44 -18.70 37.06
N ASN Y 137 122.44 -19.31 36.41
CA ASN Y 137 123.79 -19.27 36.95
C ASN Y 137 124.59 -18.08 36.43
N LYS Y 138 124.82 -18.02 35.12
CA LYS Y 138 125.43 -16.92 34.41
C LYS Y 138 126.92 -16.73 34.73
N LYS Y 139 127.42 -17.46 35.73
CA LYS Y 139 128.82 -17.43 36.18
C LYS Y 139 129.44 -16.04 36.11
N ARG Y 140 128.70 -15.05 36.61
CA ARG Y 140 129.10 -13.67 36.41
C ARG Y 140 130.03 -13.19 37.54
N SER Y 141 130.50 -11.96 37.39
CA SER Y 141 131.49 -11.39 38.31
C SER Y 141 130.80 -10.94 39.59
N LYS Y 142 131.51 -10.18 40.42
CA LYS Y 142 131.02 -9.85 41.75
C LYS Y 142 130.24 -8.54 41.79
N LYS Y 143 130.62 -7.55 41.00
CA LYS Y 143 129.92 -6.26 41.05
C LYS Y 143 128.52 -6.37 40.46
N ILE Y 144 128.37 -7.04 39.33
CA ILE Y 144 127.04 -7.23 38.78
C ILE Y 144 126.22 -8.19 39.63
N GLN Y 145 126.87 -9.13 40.31
CA GLN Y 145 126.14 -9.97 41.28
C GLN Y 145 125.65 -9.14 42.46
N LYS Y 146 126.44 -8.16 42.89
CA LYS Y 146 125.98 -7.20 43.88
C LYS Y 146 124.81 -6.38 43.36
N LYS Y 147 124.82 -6.09 42.05
CA LYS Y 147 123.66 -5.42 41.47
C LYS Y 147 122.44 -6.34 41.41
N TYR Y 148 122.66 -7.64 41.29
CA TYR Y 148 121.54 -8.57 41.13
C TYR Y 148 120.89 -8.91 42.47
N ASP Y 149 121.70 -9.14 43.51
CA ASP Y 149 121.15 -9.68 44.75
C ASP Y 149 120.22 -8.69 45.44
N GLU Y 150 120.38 -7.39 45.17
CA GLU Y 150 119.43 -6.41 45.66
C GLU Y 150 118.14 -6.43 44.86
N ARG Y 151 118.22 -6.65 43.54
CA ARG Y 151 117.03 -6.87 42.74
C ARG Y 151 116.28 -8.11 43.18
N LYS Y 152 117.00 -9.08 43.74
CA LYS Y 152 116.34 -10.27 44.29
C LYS Y 152 115.37 -9.90 45.41
N LYS Y 153 115.63 -8.81 46.13
CA LYS Y 153 114.75 -8.39 47.22
C LYS Y 153 113.42 -7.88 46.68
N ASN Y 154 113.46 -6.99 45.69
CA ASN Y 154 112.23 -6.43 45.16
C ASN Y 154 111.58 -7.30 44.10
N ALA Y 155 112.23 -8.38 43.68
CA ALA Y 155 111.64 -9.30 42.70
C ALA Y 155 110.65 -10.24 43.39
N LYS Y 156 109.61 -9.64 43.96
CA LYS Y 156 108.53 -10.36 44.60
C LYS Y 156 107.25 -10.13 43.82
N ILE Y 157 106.55 -11.21 43.49
CA ILE Y 157 105.35 -11.16 42.67
C ILE Y 157 104.20 -11.75 43.47
N SER Y 158 103.01 -11.17 43.31
CA SER Y 158 101.84 -11.63 44.04
C SER Y 158 101.48 -13.06 43.65
N SER Y 159 100.87 -13.78 44.60
CA SER Y 159 100.54 -15.18 44.38
C SER Y 159 99.55 -15.35 43.24
N LEU Y 160 98.70 -14.37 43.00
CA LEU Y 160 97.76 -14.47 41.88
C LEU Y 160 98.49 -14.51 40.54
N LEU Y 161 99.47 -13.62 40.36
CA LEU Y 161 100.27 -13.66 39.15
C LEU Y 161 101.17 -14.90 39.12
N GLU Y 162 101.60 -15.39 40.28
CA GLU Y 162 102.32 -16.65 40.34
C GLU Y 162 101.47 -17.79 39.78
N GLU Y 163 100.21 -17.85 40.21
CA GLU Y 163 99.31 -18.89 39.73
C GLU Y 163 99.02 -18.73 38.24
N GLN Y 164 98.87 -17.48 37.78
CA GLN Y 164 98.68 -17.25 36.36
C GLN Y 164 99.88 -17.74 35.55
N PHE Y 165 101.09 -17.46 36.02
CA PHE Y 165 102.29 -17.91 35.32
C PHE Y 165 102.42 -19.42 35.35
N GLN Y 166 102.06 -20.05 36.46
CA GLN Y 166 102.07 -21.50 36.54
C GLN Y 166 101.09 -22.09 35.54
N GLN Y 167 99.91 -21.49 35.42
CA GLN Y 167 98.93 -21.96 34.47
C GLN Y 167 99.35 -21.69 33.03
N GLY Y 168 100.21 -20.70 32.80
CA GLY Y 168 100.67 -20.36 31.47
C GLY Y 168 99.79 -19.38 30.72
N LYS Y 169 98.63 -19.04 31.27
CA LYS Y 169 97.70 -18.09 30.66
C LYS Y 169 97.55 -16.89 31.58
N LEU Y 170 97.80 -15.70 31.06
CA LEU Y 170 97.61 -14.47 31.79
C LEU Y 170 96.34 -13.79 31.33
N LEU Y 171 95.44 -13.50 32.25
CA LEU Y 171 94.22 -12.77 31.90
C LEU Y 171 94.50 -11.27 32.00
N ALA Y 172 94.01 -10.53 31.01
CA ALA Y 172 94.38 -9.14 30.83
C ALA Y 172 93.24 -8.40 30.16
N CYS Y 173 93.40 -7.09 30.01
CA CYS Y 173 92.35 -6.21 29.51
C CYS Y 173 92.82 -5.53 28.24
N ILE Y 174 91.95 -5.49 27.23
CA ILE Y 174 92.24 -4.69 26.04
C ILE Y 174 92.12 -3.21 26.39
N ALA Y 175 92.92 -2.37 25.75
CA ALA Y 175 92.83 -0.93 25.93
C ALA Y 175 92.66 -0.16 24.64
N SER Y 176 93.13 -0.70 23.51
CA SER Y 176 92.96 -0.05 22.23
C SER Y 176 91.61 -0.44 21.62
N ARG Y 177 91.34 0.06 20.41
CA ARG Y 177 90.06 -0.17 19.76
C ARG Y 177 90.27 -1.04 18.52
N PRO Y 178 90.06 -2.34 18.60
CA PRO Y 178 90.13 -3.17 17.39
C PRO Y 178 88.93 -2.89 16.50
N GLY Y 179 89.17 -2.18 15.41
CA GLY Y 179 88.07 -1.72 14.56
C GLY Y 179 88.26 -0.26 14.20
N GLN Y 180 89.06 0.44 14.99
CA GLN Y 180 89.44 1.82 14.69
C GLN Y 180 90.93 1.96 14.42
N CYS Y 181 91.78 1.46 15.31
CA CYS Y 181 93.22 1.51 15.12
C CYS Y 181 93.79 0.23 14.53
N GLY Y 182 92.99 -0.83 14.43
CA GLY Y 182 93.46 -2.05 13.81
C GLY Y 182 94.43 -2.86 14.64
N ARG Y 183 94.50 -2.63 15.95
CA ARG Y 183 95.37 -3.40 16.81
C ARG Y 183 94.63 -3.71 18.10
N ALA Y 184 95.25 -4.55 18.93
CA ALA Y 184 94.63 -5.06 20.14
C ALA Y 184 95.57 -4.90 21.33
N ASP Y 185 96.11 -3.70 21.50
CA ASP Y 185 97.00 -3.43 22.63
C ASP Y 185 96.24 -3.55 23.94
N GLY Y 186 96.96 -3.86 25.00
CA GLY Y 186 96.33 -4.05 26.29
C GLY Y 186 97.30 -4.08 27.43
N TYR Y 187 96.76 -4.38 28.62
CA TYR Y 187 97.59 -4.44 29.81
C TYR Y 187 97.11 -5.58 30.71
N VAL Y 188 98.05 -6.16 31.43
CA VAL Y 188 97.79 -7.30 32.30
C VAL Y 188 97.04 -6.83 33.54
N LEU Y 189 95.99 -7.54 33.90
CA LEU Y 189 95.22 -7.20 35.09
C LEU Y 189 96.03 -7.56 36.34
N GLU Y 190 95.96 -6.67 37.33
CA GLU Y 190 96.72 -6.84 38.56
C GLU Y 190 95.91 -6.30 39.72
N GLY Y 191 96.24 -6.78 40.92
CA GLY Y 191 95.70 -6.21 42.14
C GLY Y 191 94.20 -6.42 42.30
N LYS Y 192 93.56 -5.39 42.86
CA LYS Y 192 92.13 -5.48 43.14
C LYS Y 192 91.32 -5.58 41.87
N GLU Y 193 91.80 -4.98 40.77
CA GLU Y 193 91.15 -5.16 39.48
C GLU Y 193 91.18 -6.63 39.06
N LEU Y 194 92.33 -7.28 39.23
CA LEU Y 194 92.44 -8.70 38.92
C LEU Y 194 91.52 -9.53 39.82
N GLU Y 195 91.45 -9.19 41.10
CA GLU Y 195 90.57 -9.92 42.00
C GLU Y 195 89.11 -9.76 41.61
N PHE Y 196 88.70 -8.54 41.27
CA PHE Y 196 87.32 -8.29 40.86
C PHE Y 196 86.98 -9.04 39.58
N TYR Y 197 87.88 -9.02 38.61
CA TYR Y 197 87.59 -9.74 37.36
C TYR Y 197 87.60 -11.25 37.58
N LEU Y 198 88.45 -11.75 38.48
CA LEU Y 198 88.45 -13.16 38.80
C LEU Y 198 87.14 -13.57 39.45
N ARG Y 199 86.64 -12.76 40.38
CA ARG Y 199 85.36 -13.10 41.00
C ARG Y 199 84.22 -12.96 40.01
N LYS Y 200 84.34 -12.07 39.02
CA LYS Y 200 83.32 -11.98 37.99
C LYS Y 200 83.31 -13.22 37.11
N ILE Y 201 84.49 -13.74 36.75
CA ILE Y 201 84.56 -14.97 35.97
C ILE Y 201 84.02 -16.15 36.77
N LYS Y 202 84.33 -16.21 38.06
CA LYS Y 202 83.76 -17.26 38.90
C LYS Y 202 82.25 -17.09 39.06
N ALA Y 203 81.76 -15.85 39.06
CA ALA Y 203 80.32 -15.64 39.11
C ALA Y 203 79.64 -16.14 37.84
N ARG Y 204 80.27 -15.92 36.69
CA ARG Y 204 79.75 -16.47 35.45
C ARG Y 204 79.77 -18.00 35.48
N LYS Y 205 80.86 -18.59 35.98
CA LYS Y 205 80.95 -20.04 36.09
C LYS Y 205 81.88 -20.39 37.24
N GLY Y 206 81.31 -20.80 38.36
CA GLY Y 206 82.09 -21.26 39.50
C GLY Y 206 81.49 -22.47 40.19
N PRO Z 1 72.14 37.56 -8.72
CA PRO Z 1 71.29 38.16 -9.75
C PRO Z 1 71.61 39.62 -10.03
N VAL Z 2 70.70 40.31 -10.72
CA VAL Z 2 71.05 41.54 -11.45
C VAL Z 2 71.66 42.60 -10.54
N ALA Z 3 72.46 43.48 -11.16
CA ALA Z 3 73.17 44.54 -10.47
C ALA Z 3 72.44 45.87 -10.53
N ARG Z 4 71.11 45.84 -10.54
CA ARG Z 4 70.32 47.06 -10.58
C ARG Z 4 70.23 47.64 -9.16
N SER Z 5 69.46 48.70 -9.00
CA SER Z 5 69.26 49.33 -7.70
C SER Z 5 67.81 49.35 -7.26
N TRP Z 6 66.89 49.69 -8.17
CA TRP Z 6 65.46 49.86 -7.91
C TRP Z 6 65.16 50.57 -6.60
N VAL Z 7 65.91 51.62 -6.29
CA VAL Z 7 65.68 52.45 -5.12
C VAL Z 7 64.96 53.70 -5.59
N CYS Z 8 63.71 53.88 -5.16
CA CYS Z 8 62.92 55.01 -5.62
C CYS Z 8 61.86 55.32 -4.56
N ARG Z 9 61.56 56.61 -4.43
CA ARG Z 9 60.52 57.04 -3.50
C ARG Z 9 59.64 58.07 -4.18
N LYS Z 10 58.38 58.12 -3.76
CA LYS Z 10 57.47 59.14 -4.26
C LYS Z 10 57.79 60.49 -3.65
N THR Z 11 57.65 61.55 -4.44
CA THR Z 11 57.98 62.89 -4.00
C THR Z 11 56.76 63.69 -3.59
N TYR Z 12 55.58 63.07 -3.53
CA TYR Z 12 54.35 63.81 -3.24
C TYR Z 12 53.36 62.89 -2.55
N VAL Z 13 52.40 63.51 -1.87
CA VAL Z 13 51.30 62.80 -1.23
C VAL Z 13 49.99 63.48 -1.61
N THR Z 14 48.99 62.67 -1.96
CA THR Z 14 47.70 63.22 -2.31
C THR Z 14 46.95 63.66 -1.06
N PRO Z 15 46.11 64.69 -1.17
CA PRO Z 15 45.36 65.15 0.00
C PRO Z 15 44.39 64.09 0.50
N ARG Z 16 44.15 64.12 1.81
CA ARG Z 16 43.28 63.14 2.43
C ARG Z 16 41.84 63.30 1.94
N ARG Z 17 41.34 64.53 1.91
CA ARG Z 17 39.96 64.78 1.56
C ARG Z 17 39.89 65.40 0.17
N PRO Z 18 39.44 64.69 -0.85
CA PRO Z 18 39.23 65.32 -2.15
C PRO Z 18 37.98 66.18 -2.14
N PHE Z 19 37.95 67.14 -3.06
CA PHE Z 19 36.82 68.05 -3.25
C PHE Z 19 36.55 68.87 -2.00
N GLU Z 20 37.56 69.65 -1.61
CA GLU Z 20 37.42 70.71 -0.62
C GLU Z 20 37.45 72.05 -1.35
N LYS Z 21 36.44 72.88 -1.13
CA LYS Z 21 36.41 74.17 -1.79
C LYS Z 21 37.61 75.02 -1.41
N SER Z 22 37.94 75.07 -0.12
CA SER Z 22 39.07 75.88 0.33
C SER Z 22 40.39 75.37 -0.24
N ARG Z 23 40.61 74.06 -0.18
CA ARG Z 23 41.87 73.51 -0.68
C ARG Z 23 42.00 73.69 -2.18
N LEU Z 24 40.92 73.46 -2.92
CA LEU Z 24 40.97 73.63 -4.37
C LEU Z 24 41.20 75.08 -4.74
N ASP Z 25 40.56 76.02 -4.04
CA ASP Z 25 40.80 77.44 -4.31
C ASP Z 25 42.24 77.83 -4.00
N GLN Z 26 42.77 77.36 -2.86
CA GLN Z 26 44.14 77.69 -2.50
C GLN Z 26 45.14 77.14 -3.51
N GLU Z 27 44.94 75.89 -3.92
CA GLU Z 27 45.88 75.28 -4.85
C GLU Z 27 45.75 75.88 -6.25
N LEU Z 28 44.53 76.24 -6.67
CA LEU Z 28 44.36 76.89 -7.96
C LEU Z 28 45.00 78.27 -7.95
N LYS Z 29 44.87 79.01 -6.84
CA LYS Z 29 45.56 80.28 -6.74
C LYS Z 29 47.07 80.10 -6.80
N LEU Z 30 47.60 79.07 -6.14
CA LEU Z 30 49.03 78.82 -6.17
C LEU Z 30 49.51 78.50 -7.59
N ILE Z 31 48.80 77.62 -8.29
CA ILE Z 31 49.26 77.23 -9.62
C ILE Z 31 49.07 78.37 -10.61
N GLY Z 32 48.04 79.21 -10.43
CA GLY Z 32 47.91 80.37 -11.28
C GLY Z 32 49.00 81.40 -11.02
N GLU Z 33 49.38 81.57 -9.77
CA GLU Z 33 50.39 82.56 -9.42
C GLU Z 33 51.79 82.13 -9.83
N TYR Z 34 52.09 80.83 -9.77
CA TYR Z 34 53.43 80.36 -10.05
C TYR Z 34 53.57 79.52 -11.31
N GLY Z 35 52.53 79.43 -12.13
CA GLY Z 35 52.64 78.78 -13.43
C GLY Z 35 53.01 77.31 -13.39
N LEU Z 36 52.40 76.55 -12.50
CA LEU Z 36 52.70 75.13 -12.42
C LEU Z 36 51.86 74.35 -13.42
N ARG Z 37 52.34 73.15 -13.76
CA ARG Z 37 51.64 72.34 -14.75
C ARG Z 37 50.36 71.74 -14.17
N ASN Z 38 50.43 71.20 -12.96
CA ASN Z 38 49.30 70.50 -12.38
C ASN Z 38 49.47 70.49 -10.86
N LYS Z 39 48.52 69.84 -10.19
CA LYS Z 39 48.54 69.79 -8.73
C LYS Z 39 49.67 68.95 -8.19
N ARG Z 40 50.26 68.08 -9.00
CA ARG Z 40 51.33 67.23 -8.48
C ARG Z 40 52.55 68.04 -8.10
N GLU Z 41 52.81 69.16 -8.78
CA GLU Z 41 53.96 69.99 -8.44
C GLU Z 41 53.79 70.65 -7.07
N VAL Z 42 52.61 71.23 -6.82
CA VAL Z 42 52.39 71.83 -5.51
C VAL Z 42 52.31 70.75 -4.44
N TRP Z 43 51.84 69.56 -4.78
CA TRP Z 43 51.88 68.47 -3.81
C TRP Z 43 53.31 68.05 -3.50
N ARG Z 44 54.19 68.06 -4.51
CA ARG Z 44 55.57 67.68 -4.25
C ARG Z 44 56.29 68.71 -3.40
N VAL Z 45 56.00 69.99 -3.61
CA VAL Z 45 56.63 70.99 -2.76
C VAL Z 45 56.03 70.95 -1.36
N LYS Z 46 54.74 70.63 -1.23
CA LYS Z 46 54.15 70.42 0.08
C LYS Z 46 54.81 69.25 0.81
N PHE Z 47 55.10 68.17 0.08
CA PHE Z 47 55.79 67.03 0.66
C PHE Z 47 57.20 67.39 1.10
N THR Z 48 57.89 68.21 0.31
CA THR Z 48 59.21 68.68 0.72
C THR Z 48 59.13 69.50 2.00
N LEU Z 49 58.15 70.39 2.09
CA LEU Z 49 57.95 71.16 3.31
C LEU Z 49 57.62 70.26 4.49
N ALA Z 50 56.81 69.23 4.26
CA ALA Z 50 56.47 68.30 5.32
C ALA Z 50 57.70 67.57 5.83
N LYS Z 51 58.57 67.14 4.91
CA LYS Z 51 59.80 66.48 5.33
C LYS Z 51 60.69 67.41 6.14
N ILE Z 52 60.86 68.64 5.67
CA ILE Z 52 61.71 69.60 6.37
C ILE Z 52 61.16 69.89 7.75
N ARG Z 53 59.85 70.13 7.82
CA ARG Z 53 59.21 70.45 9.09
C ARG Z 53 59.27 69.27 10.05
N LYS Z 54 59.11 68.05 9.55
CA LYS Z 54 59.22 66.88 10.40
C LYS Z 54 60.63 66.72 10.96
N ALA Z 55 61.64 66.96 10.14
CA ALA Z 55 63.01 66.89 10.62
C ALA Z 55 63.27 67.93 11.70
N ALA Z 56 62.81 69.16 11.47
CA ALA Z 56 62.99 70.22 12.47
C ALA Z 56 62.25 69.89 13.76
N ARG Z 57 61.04 69.35 13.64
CA ARG Z 57 60.27 68.99 14.83
C ARG Z 57 60.96 67.90 15.63
N GLU Z 58 61.50 66.88 14.93
CA GLU Z 58 62.23 65.82 15.64
C GLU Z 58 63.45 66.38 16.36
N LEU Z 59 64.20 67.25 15.69
CA LEU Z 59 65.37 67.85 16.33
C LEU Z 59 64.98 68.67 17.54
N LEU Z 60 63.88 69.42 17.44
CA LEU Z 60 63.46 70.26 18.56
C LEU Z 60 62.97 69.42 19.74
N THR Z 61 62.26 68.33 19.46
CA THR Z 61 61.86 67.44 20.54
C THR Z 61 63.06 66.77 21.19
N LEU Z 62 64.10 66.48 20.40
CA LEU Z 62 65.30 65.89 20.96
C LEU Z 62 65.98 66.90 21.88
N ASP Z 63 66.65 66.39 22.91
CA ASP Z 63 67.12 67.21 24.01
C ASP Z 63 68.20 68.20 23.58
N GLU Z 64 68.31 69.29 24.33
CA GLU Z 64 69.28 70.33 24.05
C GLU Z 64 70.70 69.84 24.29
N LYS Z 65 71.65 70.47 23.61
CA LYS Z 65 73.10 70.27 23.75
C LYS Z 65 73.56 68.90 23.26
N ASP Z 66 72.71 68.16 22.58
CA ASP Z 66 73.14 66.90 21.99
C ASP Z 66 73.97 67.15 20.74
N PRO Z 67 75.15 66.54 20.62
CA PRO Z 67 75.94 66.71 19.39
C PRO Z 67 75.17 66.36 18.13
N ARG Z 68 74.33 65.32 18.18
CA ARG Z 68 73.50 64.98 17.05
C ARG Z 68 72.54 66.11 16.70
N ARG Z 69 71.90 66.68 17.71
CA ARG Z 69 70.96 67.78 17.46
C ARG Z 69 71.67 68.98 16.86
N LEU Z 70 72.82 69.37 17.44
CA LEU Z 70 73.54 70.53 16.92
C LEU Z 70 74.01 70.29 15.49
N PHE Z 71 74.58 69.11 15.22
CA PHE Z 71 75.10 68.85 13.88
C PHE Z 71 73.99 68.85 12.84
N GLU Z 72 72.89 68.14 13.12
CA GLU Z 72 71.78 68.09 12.17
C GLU Z 72 71.12 69.46 12.02
N GLY Z 73 71.00 70.22 13.11
CA GLY Z 73 70.40 71.53 13.02
C GLY Z 73 71.23 72.47 12.18
N ASN Z 74 72.55 72.49 12.40
CA ASN Z 74 73.41 73.33 11.58
C ASN Z 74 73.40 72.90 10.13
N ALA Z 75 73.37 71.59 9.86
CA ALA Z 75 73.31 71.14 8.47
C ALA Z 75 72.03 71.58 7.80
N LEU Z 76 70.89 71.40 8.47
CA LEU Z 76 69.61 71.81 7.90
C LEU Z 76 69.54 73.32 7.69
N LEU Z 77 70.00 74.09 8.67
CA LEU Z 77 69.98 75.54 8.55
C LEU Z 77 70.90 76.01 7.44
N ARG Z 78 72.07 75.39 7.31
CA ARG Z 78 72.97 75.72 6.22
C ARG Z 78 72.32 75.46 4.88
N ARG Z 79 71.67 74.30 4.73
CA ARG Z 79 71.03 73.98 3.46
C ARG Z 79 69.89 74.95 3.15
N LEU Z 80 69.10 75.31 4.16
CA LEU Z 80 67.99 76.24 3.95
C LEU Z 80 68.50 77.63 3.56
N VAL Z 81 69.52 78.13 4.25
CA VAL Z 81 70.07 79.43 3.90
C VAL Z 81 70.70 79.39 2.52
N ARG Z 82 71.39 78.30 2.19
CA ARG Z 82 72.05 78.21 0.89
C ARG Z 82 71.03 78.19 -0.24
N ILE Z 83 69.93 77.45 -0.07
CA ILE Z 83 68.87 77.50 -1.09
C ILE Z 83 68.10 78.81 -1.04
N GLY Z 84 68.24 79.58 0.04
CA GLY Z 84 67.79 80.96 0.05
C GLY Z 84 66.43 81.21 0.65
N VAL Z 85 65.68 80.15 0.98
CA VAL Z 85 64.35 80.34 1.56
C VAL Z 85 64.41 80.91 2.96
N LEU Z 86 65.55 80.83 3.63
CA LEU Z 86 65.69 81.23 5.02
C LEU Z 86 66.74 82.32 5.14
N ASP Z 87 66.48 83.29 6.03
CA ASP Z 87 67.42 84.37 6.27
C ASP Z 87 68.70 83.84 6.90
N GLU Z 88 69.81 84.54 6.63
CA GLU Z 88 71.09 84.16 7.21
C GLU Z 88 71.07 84.28 8.73
N GLY Z 89 70.44 85.34 9.26
CA GLY Z 89 70.35 85.51 10.69
C GLY Z 89 69.21 84.76 11.34
N LYS Z 90 68.30 84.19 10.55
CA LYS Z 90 67.15 83.45 11.09
C LYS Z 90 67.46 81.97 11.23
N MET Z 91 68.58 81.64 11.87
CA MET Z 91 69.05 80.26 11.97
C MET Z 91 68.64 79.68 13.32
N LYS Z 92 67.36 79.33 13.44
CA LYS Z 92 66.85 78.63 14.60
C LYS Z 92 65.90 77.53 14.14
N LEU Z 93 65.93 76.41 14.86
CA LEU Z 93 65.03 75.30 14.55
C LEU Z 93 63.58 75.70 14.73
N ASP Z 94 63.29 76.55 15.71
CA ASP Z 94 61.93 77.10 15.83
C ASP Z 94 61.59 77.96 14.62
N TYR Z 95 62.54 78.75 14.14
CA TYR Z 95 62.32 79.58 12.96
C TYR Z 95 62.12 78.75 11.71
N ILE Z 96 62.62 77.51 11.68
CA ILE Z 96 62.36 76.64 10.54
C ILE Z 96 60.88 76.35 10.41
N LEU Z 97 60.20 76.12 11.54
CA LEU Z 97 58.81 75.68 11.52
C LEU Z 97 57.86 76.73 10.97
N GLY Z 98 58.29 77.98 10.82
CA GLY Z 98 57.46 79.02 10.28
C GLY Z 98 57.52 79.22 8.78
N LEU Z 99 58.27 78.40 8.06
CA LEU Z 99 58.38 78.57 6.62
C LEU Z 99 57.06 78.25 5.93
N LYS Z 100 56.72 79.08 4.94
CA LYS Z 100 55.51 78.89 4.16
C LYS Z 100 55.85 78.11 2.89
N ILE Z 101 54.91 78.03 1.97
CA ILE Z 101 55.13 77.33 0.72
C ILE Z 101 55.50 78.29 -0.41
N GLU Z 102 55.08 79.55 -0.30
CA GLU Z 102 55.37 80.52 -1.35
C GLU Z 102 56.86 80.83 -1.43
N ASP Z 103 57.55 80.83 -0.29
CA ASP Z 103 58.98 81.12 -0.32
C ASP Z 103 59.78 80.01 -0.95
N PHE Z 104 59.27 78.77 -0.95
CA PHE Z 104 59.87 77.70 -1.73
C PHE Z 104 59.46 77.76 -3.19
N LEU Z 105 58.23 78.16 -3.48
CA LEU Z 105 57.81 78.31 -4.87
C LEU Z 105 58.64 79.38 -5.59
N GLU Z 106 58.91 80.49 -4.91
CA GLU Z 106 59.59 81.61 -5.56
C GLU Z 106 61.07 81.33 -5.81
N ARG Z 107 61.61 80.24 -5.27
CA ARG Z 107 63.00 79.88 -5.52
C ARG Z 107 63.17 78.99 -6.74
N ARG Z 108 62.08 78.65 -7.44
CA ARG Z 108 62.20 77.87 -8.65
C ARG Z 108 62.80 78.71 -9.77
N LEU Z 109 63.34 78.02 -10.78
CA LEU Z 109 63.94 78.70 -11.91
C LEU Z 109 62.91 79.52 -12.69
N GLN Z 110 61.68 79.03 -12.79
CA GLN Z 110 60.64 79.76 -13.51
C GLN Z 110 60.35 81.10 -12.86
N THR Z 111 60.06 81.08 -11.56
CA THR Z 111 59.83 82.32 -10.83
C THR Z 111 61.07 83.18 -10.79
N GLN Z 112 62.25 82.56 -10.75
CA GLN Z 112 63.49 83.33 -10.70
C GLN Z 112 63.69 84.13 -11.99
N VAL Z 113 63.52 83.49 -13.14
CA VAL Z 113 63.73 84.22 -14.39
C VAL Z 113 62.62 85.22 -14.62
N PHE Z 114 61.40 84.92 -14.15
CA PHE Z 114 60.34 85.93 -14.21
C PHE Z 114 60.68 87.14 -13.36
N LYS Z 115 61.27 86.92 -12.17
CA LYS Z 115 61.65 88.02 -11.30
C LYS Z 115 62.79 88.83 -11.90
N LEU Z 116 63.80 88.17 -12.46
CA LEU Z 116 64.88 88.86 -13.16
C LEU Z 116 64.43 89.46 -14.48
N GLY Z 117 63.21 89.18 -14.94
CA GLY Z 117 62.65 89.87 -16.08
C GLY Z 117 63.05 89.33 -17.42
N LEU Z 118 63.78 88.21 -17.46
CA LEU Z 118 64.11 87.59 -18.75
C LEU Z 118 62.87 87.14 -19.49
N ALA Z 119 61.75 86.97 -18.79
CA ALA Z 119 60.48 86.65 -19.39
C ALA Z 119 59.43 87.63 -18.88
N LYS Z 120 58.47 87.96 -19.73
CA LYS Z 120 57.42 88.89 -19.38
C LYS Z 120 56.19 88.20 -18.79
N SER Z 121 56.23 86.89 -18.63
CA SER Z 121 55.15 86.14 -17.98
C SER Z 121 55.76 84.93 -17.31
N ILE Z 122 55.03 84.36 -16.35
CA ILE Z 122 55.46 83.11 -15.75
C ILE Z 122 55.31 81.96 -16.73
N HIS Z 123 54.24 81.96 -17.53
CA HIS Z 123 54.09 80.97 -18.58
C HIS Z 123 55.18 81.15 -19.64
N HIS Z 124 55.49 82.40 -19.97
CA HIS Z 124 56.60 82.68 -20.88
C HIS Z 124 57.91 82.17 -20.30
N ALA Z 125 58.08 82.31 -18.99
CA ALA Z 125 59.28 81.79 -18.34
C ALA Z 125 59.35 80.27 -18.45
N ARG Z 126 58.21 79.61 -18.24
CA ARG Z 126 58.17 78.16 -18.36
C ARG Z 126 58.56 77.71 -19.76
N VAL Z 127 57.99 78.36 -20.79
CA VAL Z 127 58.31 77.95 -22.14
C VAL Z 127 59.75 78.31 -22.50
N LEU Z 128 60.27 79.43 -21.97
CA LEU Z 128 61.65 79.78 -22.24
C LEU Z 128 62.61 78.76 -21.65
N ILE Z 129 62.32 78.29 -20.43
CA ILE Z 129 63.15 77.27 -19.83
C ILE Z 129 63.04 75.96 -20.61
N ARG Z 130 61.81 75.60 -21.01
CA ARG Z 130 61.61 74.32 -21.68
C ARG Z 130 62.27 74.28 -23.05
N GLN Z 131 62.27 75.40 -23.78
CA GLN Z 131 62.86 75.42 -25.11
C GLN Z 131 64.35 75.71 -25.09
N ARG Z 132 65.00 75.52 -23.95
CA ARG Z 132 66.45 75.58 -23.83
C ARG Z 132 67.00 76.95 -24.27
N HIS Z 133 66.55 77.98 -23.56
CA HIS Z 133 66.97 79.34 -23.84
C HIS Z 133 67.83 79.95 -22.73
N ILE Z 134 67.75 79.41 -21.52
CA ILE Z 134 68.37 80.01 -20.35
C ILE Z 134 69.42 79.06 -19.80
N ARG Z 135 70.56 79.61 -19.40
CA ARG Z 135 71.63 78.86 -18.77
C ARG Z 135 71.76 79.30 -17.31
N VAL Z 136 72.21 78.37 -16.47
CA VAL Z 136 72.49 78.65 -15.07
C VAL Z 136 73.98 78.43 -14.86
N ARG Z 137 74.67 79.46 -14.38
CA ARG Z 137 76.14 79.49 -14.31
C ARG Z 137 76.63 79.22 -15.73
N LYS Z 138 77.31 78.12 -15.99
CA LYS Z 138 77.71 77.77 -17.35
C LYS Z 138 76.74 76.78 -17.98
N GLN Z 139 76.20 75.85 -17.18
CA GLN Z 139 75.32 74.82 -17.69
C GLN Z 139 73.99 75.40 -18.13
N VAL Z 140 73.45 74.88 -19.22
CA VAL Z 140 72.09 75.21 -19.65
C VAL Z 140 71.13 74.24 -18.99
N VAL Z 141 70.00 74.77 -18.52
CA VAL Z 141 69.02 74.01 -17.76
C VAL Z 141 67.67 74.13 -18.45
N ASN Z 142 66.99 72.99 -18.62
CA ASN Z 142 65.64 72.97 -19.18
C ASN Z 142 64.62 72.46 -18.18
N ILE Z 143 64.91 72.54 -16.88
CA ILE Z 143 64.00 72.09 -15.84
C ILE Z 143 63.37 73.32 -15.20
N PRO Z 144 62.07 73.55 -15.37
CA PRO Z 144 61.44 74.71 -14.73
C PRO Z 144 61.50 74.67 -13.22
N SER Z 145 61.57 73.47 -12.63
CA SER Z 145 61.61 73.32 -11.18
C SER Z 145 63.02 73.31 -10.62
N PHE Z 146 63.98 73.88 -11.34
CA PHE Z 146 65.35 73.95 -10.84
C PHE Z 146 65.42 74.97 -9.71
N ILE Z 147 65.67 74.51 -8.49
CA ILE Z 147 65.81 75.42 -7.37
C ILE Z 147 67.23 75.98 -7.37
N VAL Z 148 67.33 77.30 -7.35
CA VAL Z 148 68.62 77.98 -7.40
C VAL Z 148 69.07 78.27 -5.97
N ARG Z 149 70.37 78.48 -5.81
CA ARG Z 149 70.96 78.84 -4.54
C ARG Z 149 71.34 80.32 -4.54
N LEU Z 150 71.84 80.79 -3.39
CA LEU Z 150 72.20 82.19 -3.27
C LEU Z 150 73.36 82.56 -4.20
N ASP Z 151 74.38 81.71 -4.26
CA ASP Z 151 75.52 82.01 -5.12
C ASP Z 151 75.14 81.90 -6.60
N SER Z 152 74.30 80.92 -6.93
CA SER Z 152 73.85 80.74 -8.31
C SER Z 152 72.78 81.72 -8.73
N GLN Z 153 72.26 82.51 -7.78
CA GLN Z 153 71.20 83.48 -8.10
C GLN Z 153 71.71 84.55 -9.05
N LYS Z 154 72.96 84.99 -8.87
CA LYS Z 154 73.50 86.12 -9.61
C LYS Z 154 73.94 85.77 -11.02
N HIS Z 155 73.91 84.50 -11.41
CA HIS Z 155 74.46 84.11 -12.70
C HIS Z 155 73.43 83.44 -13.60
N ILE Z 156 72.24 84.03 -13.69
CA ILE Z 156 71.19 83.53 -14.56
C ILE Z 156 71.17 84.39 -15.81
N ASP Z 157 71.37 83.77 -16.97
CA ASP Z 157 71.47 84.51 -18.22
C ASP Z 157 71.00 83.62 -19.36
N PHE Z 158 70.75 84.24 -20.50
CA PHE Z 158 70.36 83.49 -21.70
C PHE Z 158 71.51 82.63 -22.17
N SER Z 159 71.19 81.44 -22.67
CA SER Z 159 72.21 80.56 -23.20
C SER Z 159 72.80 81.13 -24.49
N LEU Z 160 74.07 80.83 -24.73
CA LEU Z 160 74.75 81.35 -25.92
C LEU Z 160 74.15 80.77 -27.20
N ARG Z 161 73.71 79.51 -27.15
CA ARG Z 161 73.10 78.88 -28.31
C ARG Z 161 71.78 79.55 -28.69
N SER Z 162 71.10 80.14 -27.71
CA SER Z 162 69.77 80.68 -27.95
C SER Z 162 69.81 81.86 -28.90
N PRO Z 163 68.75 82.05 -29.70
CA PRO Z 163 68.68 83.25 -30.55
C PRO Z 163 68.73 84.54 -29.77
N TYR Z 164 68.13 84.56 -28.57
CA TYR Z 164 68.21 85.75 -27.74
C TYR Z 164 69.60 85.93 -27.16
N GLY Z 165 70.24 84.83 -26.77
CA GLY Z 165 71.55 84.94 -26.14
C GLY Z 165 72.63 85.43 -27.07
N GLY Z 166 72.57 85.04 -28.35
CA GLY Z 166 73.57 85.45 -29.30
C GLY Z 166 73.18 85.22 -30.75
N GLY Z 167 74.13 84.76 -31.55
CA GLY Z 167 73.88 84.50 -32.95
C GLY Z 167 73.10 83.22 -33.16
N ARG Z 168 73.06 82.79 -34.43
CA ARG Z 168 72.31 81.61 -34.87
C ARG Z 168 70.84 81.77 -34.50
N PRO Z 169 70.10 82.64 -35.19
CA PRO Z 169 68.69 82.86 -34.83
C PRO Z 169 67.82 81.65 -35.09
N GLY Z 170 66.54 81.76 -34.74
CA GLY Z 170 65.66 80.61 -34.80
C GLY Z 170 65.32 80.19 -36.23
N ARG Z 171 64.75 78.99 -36.33
CA ARG Z 171 64.36 78.47 -37.63
C ARG Z 171 63.25 79.30 -38.26
N VAL Z 172 62.35 79.85 -37.45
CA VAL Z 172 61.35 80.78 -37.97
C VAL Z 172 62.02 82.04 -38.50
N LYS Z 173 63.03 82.54 -37.77
CA LYS Z 173 63.73 83.74 -38.20
C LYS Z 173 64.44 83.51 -39.54
N ARG Z 174 65.12 82.37 -39.68
CA ARG Z 174 65.82 82.12 -40.93
C ARG Z 174 64.86 81.79 -42.07
N LYS Z 175 63.70 81.18 -41.76
CA LYS Z 175 62.69 80.98 -42.78
C LYS Z 175 62.13 82.31 -43.29
N ASN Z 176 61.88 83.24 -42.37
CA ASN Z 176 61.40 84.56 -42.78
C ASN Z 176 62.49 85.31 -43.56
N ALA Z 177 63.75 85.16 -43.16
CA ALA Z 177 64.84 85.80 -43.90
C ALA Z 177 64.97 85.24 -45.31
N LYS Z 178 64.85 83.91 -45.46
CA LYS Z 178 64.94 83.32 -46.78
C LYS Z 178 63.72 83.67 -47.64
N LYS Z 179 62.54 83.80 -47.03
CA LYS Z 179 61.40 84.30 -47.78
C LYS Z 179 61.61 85.75 -48.22
N GLY Z 180 62.21 86.57 -47.37
CA GLY Z 180 62.48 87.95 -47.74
C GLY Z 180 63.48 88.07 -48.88
N GLN Z 181 64.53 87.25 -48.84
CA GLN Z 181 65.52 87.29 -49.91
C GLN Z 181 65.06 86.53 -51.16
N GLY Z 182 64.02 85.73 -51.07
CA GLY Z 182 63.46 85.10 -52.25
C GLY Z 182 62.37 85.93 -52.90
N GLY Z 183 61.73 86.81 -52.13
CA GLY Z 183 60.69 87.65 -52.69
C GLY Z 183 61.19 88.77 -53.57
N ALA Z 184 62.45 89.18 -53.40
CA ALA Z 184 63.02 90.27 -54.19
C ALA Z 184 64.44 89.92 -54.58
N GLY Z 185 64.90 90.50 -55.69
CA GLY Z 185 66.25 90.26 -56.17
C GLY Z 185 67.15 91.47 -56.02
N ALA AA 1 75.92 -1.25 47.29
CA ALA AA 1 76.91 -2.02 48.06
C ALA AA 1 78.25 -1.29 48.09
N ASP AA 2 79.28 -1.95 47.58
CA ASP AA 2 80.61 -1.36 47.49
C ASP AA 2 80.65 -0.37 46.33
N ILE AA 3 81.84 0.14 46.01
CA ILE AA 3 81.98 1.02 44.87
C ILE AA 3 81.76 0.25 43.57
N GLN AA 4 82.38 -0.93 43.45
CA GLN AA 4 82.30 -1.72 42.23
C GLN AA 4 80.97 -2.45 42.18
N THR AA 5 79.95 -1.70 41.75
CA THR AA 5 78.62 -2.26 41.55
C THR AA 5 78.29 -2.52 40.08
N GLU AA 6 79.21 -2.22 39.18
CA GLU AA 6 78.97 -2.37 37.76
C GLU AA 6 79.59 -3.66 37.25
N ARG AA 7 79.49 -3.87 35.93
CA ARG AA 7 80.06 -5.05 35.31
C ARG AA 7 81.55 -4.91 35.05
N ALA AA 8 82.10 -3.70 35.13
CA ALA AA 8 83.51 -3.44 34.87
C ALA AA 8 84.12 -2.76 36.08
N TYR AA 9 85.45 -2.75 36.13
CA TYR AA 9 86.17 -2.18 37.26
C TYR AA 9 86.15 -0.66 37.14
N GLN AA 10 85.50 0.00 38.09
CA GLN AA 10 85.43 1.46 38.10
C GLN AA 10 86.70 2.02 38.75
N LYS AA 11 87.44 2.83 38.00
CA LYS AA 11 88.67 3.41 38.50
C LYS AA 11 88.99 4.65 37.69
N GLN AA 12 89.84 5.49 38.25
CA GLN AA 12 90.25 6.72 37.56
C GLN AA 12 91.40 6.41 36.62
N PRO AA 13 91.27 6.69 35.33
CA PRO AA 13 92.36 6.36 34.39
C PRO AA 13 93.67 7.04 34.68
N THR AA 14 93.65 8.27 35.19
CA THR AA 14 94.90 8.97 35.48
C THR AA 14 95.63 8.33 36.65
N ILE AA 15 94.90 7.69 37.56
CA ILE AA 15 95.50 7.09 38.75
C ILE AA 15 95.92 5.66 38.44
N PHE AA 16 97.18 5.35 38.72
CA PHE AA 16 97.71 4.01 38.58
C PHE AA 16 97.67 3.31 39.92
N GLN AA 17 97.05 2.13 39.96
CA GLN AA 17 96.75 1.49 41.23
C GLN AA 17 97.89 0.63 41.76
N ASN AA 18 98.57 -0.12 40.89
CA ASN AA 18 99.54 -1.13 41.34
C ASN AA 18 100.96 -0.59 41.18
N LYS AA 19 101.39 0.20 42.17
CA LYS AA 19 102.72 0.80 42.14
C LYS AA 19 103.73 -0.08 42.89
N LYS AA 20 103.84 -1.31 42.42
CA LYS AA 20 104.77 -2.35 42.91
C LYS AA 20 104.87 -2.36 44.43
N ARG AA 21 103.72 -2.59 45.07
CA ARG AA 21 103.64 -2.68 46.52
C ARG AA 21 104.34 -3.95 46.96
N VAL AA 22 105.57 -3.81 47.45
CA VAL AA 22 106.43 -4.93 47.81
C VAL AA 22 106.90 -4.74 49.25
N LEU AA 23 107.77 -5.64 49.69
CA LEU AA 23 108.10 -5.77 51.10
C LEU AA 23 108.91 -4.60 51.66
N LEU AA 24 109.43 -3.71 50.79
CA LEU AA 24 110.10 -2.52 51.31
C LEU AA 24 109.16 -1.60 52.04
N GLY AA 25 107.85 -1.71 51.80
CA GLY AA 25 106.87 -0.95 52.54
C GLY AA 25 105.83 -1.87 53.14
N GLU AA 26 105.18 -1.38 54.19
CA GLU AA 26 104.16 -2.17 54.88
C GLU AA 26 102.88 -2.22 54.03
N THR AA 27 102.23 -3.38 54.05
CA THR AA 27 101.00 -3.60 53.31
C THR AA 27 99.96 -4.17 54.27
N GLY AA 28 99.09 -3.31 54.79
CA GLY AA 28 99.05 -1.89 54.49
C GLY AA 28 98.83 -1.03 55.70
N LYS AA 29 97.89 -0.08 55.60
CA LYS AA 29 97.08 0.13 54.41
C LYS AA 29 97.56 1.34 53.62
N GLU AA 30 97.86 1.13 52.34
CA GLU AA 30 98.30 2.20 51.45
C GLU AA 30 97.07 2.70 50.69
N LYS AA 31 96.50 3.80 51.16
CA LYS AA 31 95.30 4.35 50.55
C LYS AA 31 95.62 4.87 49.14
N LEU AA 32 94.72 4.57 48.21
CA LEU AA 32 94.95 4.92 46.82
C LEU AA 32 94.95 6.43 46.64
N PRO AA 33 95.95 7.00 45.95
CA PRO AA 33 95.91 8.43 45.68
C PRO AA 33 94.71 8.81 44.83
N ARG AA 34 94.13 9.97 45.11
CA ARG AA 34 92.93 10.42 44.45
C ARG AA 34 93.26 11.48 43.42
N TYR AA 35 92.69 11.35 42.23
CA TYR AA 35 92.86 12.36 41.19
C TYR AA 35 91.76 13.39 41.31
N TYR AA 36 92.13 14.65 41.28
CA TYR AA 36 91.17 15.75 41.29
C TYR AA 36 91.81 16.97 40.65
N LYS AA 37 90.97 17.94 40.32
CA LYS AA 37 91.43 19.16 39.68
C LYS AA 37 90.53 20.30 40.12
N ASN AA 38 91.06 21.52 40.01
CA ASN AA 38 90.24 22.71 40.17
C ASN AA 38 89.64 23.07 38.81
N ILE AA 39 88.34 23.32 38.79
CA ILE AA 39 87.65 23.60 37.53
C ILE AA 39 87.79 25.05 37.11
N GLY AA 40 88.51 25.87 37.86
CA GLY AA 40 88.70 27.25 37.48
C GLY AA 40 87.49 28.09 37.82
N LEU AA 41 87.56 29.35 37.39
CA LEU AA 41 86.49 30.33 37.56
C LEU AA 41 86.14 30.54 39.03
N GLY AA 42 87.11 30.34 39.92
CA GLY AA 42 86.93 30.61 41.32
C GLY AA 42 86.20 29.54 42.11
N PHE AA 43 85.73 28.49 41.46
CA PHE AA 43 85.00 27.44 42.16
C PHE AA 43 85.99 26.50 42.84
N LYS AA 44 85.79 26.28 44.14
CA LYS AA 44 86.69 25.45 44.94
C LYS AA 44 86.11 24.05 45.07
N THR AA 45 86.93 23.04 44.79
CA THR AA 45 86.46 21.67 44.81
C THR AA 45 86.11 21.23 46.23
N PRO AA 46 85.02 20.51 46.41
CA PRO AA 46 84.62 20.07 47.76
C PRO AA 46 85.55 18.99 48.30
N LYS AA 47 85.60 18.94 49.64
CA LYS AA 47 86.40 17.94 50.31
C LYS AA 47 85.88 16.53 50.07
N GLU AA 48 84.60 16.38 49.77
CA GLU AA 48 84.10 15.07 49.35
C GLU AA 48 84.73 14.64 48.04
N ALA AA 49 84.88 15.57 47.10
CA ALA AA 49 85.63 15.29 45.89
C ALA AA 49 87.13 15.15 46.15
N ILE AA 50 87.62 15.65 47.27
CA ILE AA 50 89.04 15.50 47.61
C ILE AA 50 89.33 14.11 48.15
N GLU AA 51 88.55 13.65 49.13
CA GLU AA 51 88.84 12.42 49.85
C GLU AA 51 87.79 11.33 49.67
N GLY AA 52 86.94 11.43 48.64
CA GLY AA 52 85.92 10.43 48.44
C GLY AA 52 86.47 9.16 47.80
N THR AA 53 85.58 8.19 47.65
CA THR AA 53 85.92 6.92 47.02
C THR AA 53 85.11 6.63 45.77
N TYR AA 54 84.16 7.50 45.43
CA TYR AA 54 83.33 7.29 44.25
C TYR AA 54 84.15 7.50 42.98
N ILE AA 55 83.66 6.93 41.88
CA ILE AA 55 84.22 7.18 40.57
C ILE AA 55 83.09 7.64 39.65
N ASP AA 56 83.27 8.81 39.05
CA ASP AA 56 82.29 9.38 38.14
C ASP AA 56 83.06 10.08 37.01
N LYS AA 57 83.08 9.46 35.83
CA LYS AA 57 83.78 10.04 34.70
C LYS AA 57 83.15 11.34 34.22
N LYS AA 58 81.95 11.66 34.66
CA LYS AA 58 81.29 12.91 34.36
C LYS AA 58 81.33 13.90 35.51
N CYS AA 59 82.04 13.57 36.60
CA CYS AA 59 82.19 14.52 37.69
C CYS AA 59 83.08 15.69 37.24
N PRO AA 60 82.72 16.92 37.60
CA PRO AA 60 83.56 18.06 37.21
C PRO AA 60 84.95 18.02 37.78
N PHE AA 61 85.14 17.40 38.94
CA PHE AA 61 86.43 17.39 39.61
C PHE AA 61 87.20 16.10 39.41
N THR AA 62 86.55 14.95 39.57
CA THR AA 62 87.21 13.66 39.50
C THR AA 62 86.86 12.91 38.22
N GLY AA 63 86.50 13.64 37.16
CA GLY AA 63 86.10 13.04 35.91
C GLY AA 63 86.75 13.74 34.73
N ASN AA 64 86.44 13.24 33.54
CA ASN AA 64 87.03 13.75 32.31
C ASN AA 64 86.07 14.73 31.61
N VAL AA 65 85.78 15.83 32.28
CA VAL AA 65 84.99 16.92 31.72
C VAL AA 65 85.68 18.23 32.02
N SER AA 66 85.43 19.22 31.16
CA SER AA 66 85.94 20.57 31.35
C SER AA 66 84.77 21.54 31.24
N ILE AA 67 84.68 22.47 32.19
CA ILE AA 67 83.60 23.43 32.23
C ILE AA 67 83.99 24.65 31.43
N ARG AA 68 83.24 24.91 30.36
CA ARG AA 68 83.47 26.02 29.47
C ARG AA 68 82.14 26.40 28.83
N GLY AA 69 81.95 27.69 28.59
CA GLY AA 69 80.69 28.16 28.03
C GLY AA 69 79.93 29.08 28.94
N ARG AA 70 78.78 28.63 29.46
CA ARG AA 70 77.92 29.46 30.28
C ARG AA 70 77.75 28.85 31.66
N ILE AA 71 77.63 29.73 32.65
CA ILE AA 71 77.36 29.33 34.03
C ILE AA 71 75.99 29.88 34.40
N LEU AA 72 75.09 28.99 34.81
CA LEU AA 72 73.72 29.34 35.12
C LEU AA 72 73.38 28.89 36.52
N SER AA 73 72.20 29.28 37.00
CA SER AA 73 71.72 28.88 38.30
C SER AA 73 70.28 28.40 38.19
N GLY AA 74 69.90 27.53 39.11
CA GLY AA 74 68.57 26.98 39.09
C GLY AA 74 68.17 26.42 40.44
N VAL AA 75 66.95 25.89 40.50
CA VAL AA 75 66.38 25.34 41.72
C VAL AA 75 66.07 23.87 41.47
N VAL AA 76 66.51 23.01 42.39
CA VAL AA 76 66.37 21.57 42.22
C VAL AA 76 64.90 21.19 42.27
N THR AA 77 64.43 20.50 41.24
CA THR AA 77 63.04 20.08 41.13
C THR AA 77 62.84 18.61 41.53
N LYS AA 78 63.53 17.70 40.84
CA LYS AA 78 63.46 16.29 41.16
C LYS AA 78 64.86 15.71 41.26
N MET AA 79 64.98 14.63 42.03
CA MET AA 79 66.24 13.92 42.24
C MET AA 79 66.03 12.42 42.08
N LYS AA 80 65.29 12.02 41.05
CA LYS AA 80 64.91 10.62 40.87
C LYS AA 80 65.67 9.94 39.74
N MET AA 81 66.82 10.49 39.35
CA MET AA 81 67.64 9.91 38.30
C MET AA 81 69.01 9.60 38.85
N GLN AA 82 69.68 8.63 38.22
CA GLN AA 82 71.00 8.19 38.67
C GLN AA 82 72.03 9.27 38.35
N ARG AA 83 72.56 9.90 39.39
CA ARG AA 83 73.63 10.89 39.32
C ARG AA 83 73.27 12.12 38.51
N THR AA 84 72.01 12.28 38.12
CA THR AA 84 71.54 13.49 37.45
C THR AA 84 70.26 13.96 38.10
N ILE AA 85 70.06 15.27 38.12
CA ILE AA 85 68.86 15.90 38.65
C ILE AA 85 68.35 16.89 37.63
N VAL AA 86 67.08 17.26 37.77
CA VAL AA 86 66.45 18.27 36.93
C VAL AA 86 66.23 19.52 37.76
N ILE AA 87 66.63 20.66 37.20
CA ILE AA 87 66.46 21.95 37.86
C ILE AA 87 65.51 22.79 37.04
N ARG AA 88 64.86 23.73 37.70
CA ARG AA 88 63.91 24.63 37.06
C ARG AA 88 64.44 26.05 37.14
N ARG AA 89 64.52 26.71 35.99
CA ARG AA 89 64.98 28.09 35.91
C ARG AA 89 63.81 28.96 35.51
N ASP AA 90 63.38 29.82 36.42
CA ASP AA 90 62.23 30.70 36.20
C ASP AA 90 62.73 32.08 35.81
N TYR AA 91 62.12 32.65 34.76
CA TYR AA 91 62.55 33.93 34.24
C TYR AA 91 61.32 34.66 33.70
N LEU AA 92 61.52 35.91 33.32
CA LEU AA 92 60.46 36.76 32.80
C LEU AA 92 60.70 37.06 31.34
N HIS AA 93 59.67 36.93 30.52
CA HIS AA 93 59.76 37.21 29.10
C HIS AA 93 58.99 38.51 28.80
N TYR AA 94 59.70 39.48 28.25
CA TYR AA 94 59.10 40.78 27.97
C TYR AA 94 58.23 40.72 26.72
N ILE AA 95 57.03 41.27 26.84
CA ILE AA 95 56.12 41.43 25.70
C ILE AA 95 56.04 42.92 25.42
N ARG AA 96 56.54 43.34 24.26
CA ARG AA 96 56.65 44.76 23.95
C ARG AA 96 55.29 45.42 23.90
N LYS AA 97 54.34 44.81 23.18
CA LYS AA 97 53.05 45.44 22.93
C LYS AA 97 52.34 45.79 24.23
N TYR AA 98 52.33 44.87 25.18
CA TYR AA 98 51.67 45.10 26.46
C TYR AA 98 52.58 45.72 27.50
N ASN AA 99 53.87 45.90 27.18
CA ASN AA 99 54.84 46.48 28.11
C ASN AA 99 54.89 45.71 29.43
N ARG AA 100 54.61 44.41 29.38
CA ARG AA 100 54.51 43.59 30.57
C ARG AA 100 55.30 42.30 30.36
N PHE AA 101 55.46 41.55 31.43
CA PHE AA 101 56.30 40.38 31.44
C PHE AA 101 55.47 39.11 31.46
N GLU AA 102 56.16 37.99 31.30
CA GLU AA 102 55.52 36.68 31.16
C GLU AA 102 56.38 35.68 31.92
N LYS AA 103 55.84 35.13 33.00
CA LYS AA 103 56.59 34.16 33.79
C LYS AA 103 56.74 32.87 33.01
N ARG AA 104 57.97 32.52 32.69
CA ARG AA 104 58.28 31.30 31.97
C ARG AA 104 59.26 30.47 32.77
N HIS AA 105 59.48 29.23 32.32
CA HIS AA 105 60.44 28.34 32.95
C HIS AA 105 60.94 27.35 31.91
N LYS AA 106 62.08 26.75 32.20
CA LYS AA 106 62.65 25.71 31.34
C LYS AA 106 63.32 24.68 32.24
N ASN AA 107 62.77 23.47 32.29
CA ASN AA 107 63.40 22.39 33.01
C ASN AA 107 64.72 22.02 32.36
N MET AA 108 65.69 21.65 33.19
CA MET AA 108 67.05 21.39 32.72
C MET AA 108 67.62 20.21 33.48
N SER AA 109 67.92 19.12 32.77
CA SER AA 109 68.56 17.97 33.38
C SER AA 109 70.05 18.23 33.50
N VAL AA 110 70.57 18.15 34.72
CA VAL AA 110 71.98 18.41 34.97
C VAL AA 110 72.57 17.25 35.75
N HIS AA 111 73.85 16.97 35.49
CA HIS AA 111 74.56 15.91 36.20
C HIS AA 111 74.98 16.40 37.58
N LEU AA 112 74.72 15.59 38.59
CA LEU AA 112 75.12 15.90 39.97
C LEU AA 112 76.11 14.85 40.43
N SER AA 113 77.37 15.25 40.55
CA SER AA 113 78.41 14.35 41.00
C SER AA 113 78.17 13.96 42.46
N PRO AA 114 78.57 12.76 42.86
CA PRO AA 114 78.34 12.33 44.25
C PRO AA 114 79.08 13.13 45.29
N CYS AA 115 79.95 14.07 44.90
CA CYS AA 115 80.62 14.91 45.87
C CYS AA 115 79.65 15.83 46.61
N PHE AA 116 78.47 16.09 46.05
CA PHE AA 116 77.45 16.88 46.70
C PHE AA 116 76.42 15.93 47.31
N ARG AA 117 76.44 15.83 48.64
CA ARG AA 117 75.56 14.90 49.34
C ARG AA 117 74.32 15.57 49.88
N ASP AA 118 74.47 16.72 50.55
CA ASP AA 118 73.35 17.43 51.14
C ASP AA 118 72.67 18.28 50.07
N VAL AA 119 72.07 17.59 49.11
CA VAL AA 119 71.31 18.21 48.04
C VAL AA 119 69.86 17.75 48.18
N GLN AA 120 68.95 18.70 48.32
CA GLN AA 120 67.54 18.41 48.50
C GLN AA 120 66.73 19.24 47.52
N ILE AA 121 65.45 18.91 47.41
CA ILE AA 121 64.55 19.66 46.53
C ILE AA 121 64.39 21.07 47.07
N GLY AA 122 64.57 22.05 46.20
CA GLY AA 122 64.47 23.44 46.57
C GLY AA 122 65.79 24.15 46.73
N ASP AA 123 66.90 23.42 46.81
CA ASP AA 123 68.20 24.04 46.94
C ASP AA 123 68.59 24.75 45.63
N ILE AA 124 69.33 25.83 45.77
CA ILE AA 124 69.78 26.61 44.61
C ILE AA 124 71.14 26.09 44.19
N VAL AA 125 71.23 25.58 42.98
CA VAL AA 125 72.48 25.06 42.44
C VAL AA 125 72.96 26.00 41.35
N THR AA 126 74.27 25.99 41.12
CA THR AA 126 74.84 26.59 39.94
C THR AA 126 75.44 25.49 39.08
N VAL AA 127 75.29 25.64 37.77
CA VAL AA 127 75.75 24.65 36.82
C VAL AA 127 76.63 25.33 35.78
N GLY AA 128 77.56 24.56 35.24
CA GLY AA 128 78.45 25.05 34.20
C GLY AA 128 78.29 24.19 32.96
N GLU AA 129 78.46 24.81 31.80
CA GLU AA 129 78.31 24.11 30.54
C GLU AA 129 79.52 23.22 30.29
N CYS AA 130 79.25 22.00 29.83
CA CYS AA 130 80.31 21.06 29.52
C CYS AA 130 80.04 20.37 28.18
N ARG AA 131 80.84 19.37 27.83
CA ARG AA 131 80.54 18.59 26.66
C ARG AA 131 79.28 17.76 26.92
N PRO AA 132 78.52 17.42 25.87
CA PRO AA 132 77.29 16.64 26.08
C PRO AA 132 77.51 15.34 26.83
N LEU AA 133 76.94 15.25 28.03
CA LEU AA 133 77.10 14.06 28.86
C LEU AA 133 76.07 12.99 28.53
N SER AA 134 74.89 13.39 28.09
CA SER AA 134 73.87 12.45 27.66
C SER AA 134 73.07 13.09 26.54
N LYS AA 135 71.91 12.52 26.24
CA LYS AA 135 71.07 13.06 25.17
C LYS AA 135 70.58 14.46 25.51
N THR AA 136 70.13 14.68 26.75
CA THR AA 136 69.59 15.96 27.16
C THR AA 136 70.37 16.60 28.30
N VAL AA 137 71.61 16.18 28.53
CA VAL AA 137 72.42 16.68 29.63
C VAL AA 137 73.61 17.42 29.04
N ARG AA 138 73.74 18.70 29.34
CA ARG AA 138 74.89 19.47 28.90
C ARG AA 138 75.44 20.37 30.00
N PHE AA 139 74.95 20.25 31.23
CA PHE AA 139 75.38 21.10 32.33
C PHE AA 139 75.73 20.23 33.53
N ASN AA 140 76.71 20.69 34.30
CA ASN AA 140 77.20 19.95 35.44
C ASN AA 140 77.15 20.84 36.68
N VAL AA 141 76.70 20.27 37.80
CA VAL AA 141 76.57 21.03 39.04
C VAL AA 141 77.95 21.36 39.59
N LEU AA 142 78.15 22.62 39.96
CA LEU AA 142 79.43 23.08 40.50
C LEU AA 142 79.35 23.49 41.96
N LYS AA 143 78.24 24.10 42.38
CA LYS AA 143 78.10 24.57 43.76
C LYS AA 143 76.64 24.50 44.15
N VAL AA 144 76.39 24.10 45.39
CA VAL AA 144 75.05 23.90 45.92
C VAL AA 144 74.89 24.79 47.15
N THR AA 145 73.79 25.53 47.20
CA THR AA 145 73.42 26.32 48.37
C THR AA 145 72.05 25.88 48.85
N LYS AA 146 71.87 25.80 50.16
CA LYS AA 146 70.60 25.42 50.72
C LYS AA 146 69.63 26.59 50.72
N ALA AA 147 68.34 26.27 50.85
CA ALA AA 147 67.26 27.26 50.80
C ALA AA 147 66.46 27.16 52.10
N ALA AA 148 66.81 28.02 53.07
CA ALA AA 148 66.13 28.07 54.37
C ALA AA 148 66.12 26.73 55.08
N GLY AA 149 67.12 25.90 54.79
CA GLY AA 149 67.24 24.57 55.37
C GLY AA 149 68.26 24.56 56.50
N THR AA 150 69.00 23.46 56.59
CA THR AA 150 70.06 23.21 57.57
C THR AA 150 69.57 23.31 59.01
N LYS AA 151 68.26 23.30 59.24
CA LYS AA 151 67.69 23.33 60.59
C LYS AA 151 66.55 22.31 60.59
N LYS AA 152 66.88 21.07 60.91
CA LYS AA 152 65.95 19.96 60.81
C LYS AA 152 65.38 19.67 62.19
N GLN AA 153 64.05 19.81 62.32
CA GLN AA 153 63.36 19.59 63.57
C GLN AA 153 62.99 18.13 63.74
N GLY BA 1 36.89 42.86 55.05
CA GLY BA 1 35.74 41.99 55.10
C GLY BA 1 36.10 40.61 55.60
N ARG BA 2 35.11 39.89 56.10
CA ARG BA 2 35.36 38.54 56.61
C ARG BA 2 35.73 37.61 55.46
N MET BA 3 36.59 36.64 55.78
CA MET BA 3 37.07 35.72 54.76
C MET BA 3 35.91 34.90 54.19
N HIS BA 4 35.02 34.42 55.05
CA HIS BA 4 33.97 33.50 54.62
C HIS BA 4 32.58 33.98 55.03
N ALA BA 5 32.42 35.28 55.20
CA ALA BA 5 31.12 35.86 55.48
C ALA BA 5 31.03 37.21 54.79
N PRO BA 6 29.83 37.65 54.41
CA PRO BA 6 29.71 38.96 53.78
C PRO BA 6 29.61 40.07 54.80
N GLY BA 7 30.44 40.02 55.84
CA GLY BA 7 30.41 40.99 56.91
C GLY BA 7 31.65 41.86 56.86
N LYS BA 8 31.50 43.10 57.31
CA LYS BA 8 32.58 44.07 57.30
C LYS BA 8 32.64 44.79 58.64
N GLY BA 9 32.63 44.01 59.72
CA GLY BA 9 32.69 44.59 61.04
C GLY BA 9 34.05 45.18 61.35
N LEU BA 10 34.06 46.11 62.31
CA LEU BA 10 35.25 46.85 62.69
C LEU BA 10 35.62 46.64 64.16
N SER BA 11 35.04 45.63 64.80
CA SER BA 11 35.32 45.39 66.21
C SER BA 11 36.75 44.91 66.37
N GLN BA 12 37.61 45.78 66.92
CA GLN BA 12 39.01 45.46 67.13
C GLN BA 12 39.46 46.02 68.48
N SER BA 13 40.67 45.64 68.87
CA SER BA 13 41.30 46.17 70.07
C SER BA 13 42.26 47.27 69.68
N ALA BA 14 42.09 48.45 70.27
CA ALA BA 14 42.93 49.60 69.97
C ALA BA 14 43.97 49.73 71.08
N LEU BA 15 45.19 49.27 70.80
CA LEU BA 15 46.24 49.34 71.80
C LEU BA 15 46.63 50.79 72.05
N PRO BA 16 46.90 51.17 73.30
CA PRO BA 16 47.24 52.56 73.60
C PRO BA 16 48.62 52.91 73.06
N TYR BA 17 48.83 54.21 72.86
CA TYR BA 17 50.10 54.69 72.33
C TYR BA 17 51.24 54.43 73.31
N ARG BA 18 51.02 54.70 74.59
CA ARG BA 18 52.09 54.58 75.58
C ARG BA 18 52.42 53.12 75.80
N ARG BA 19 53.61 52.71 75.37
CA ARG BA 19 54.03 51.32 75.53
C ARG BA 19 54.45 51.01 76.96
N SER BA 20 54.90 52.01 77.71
CA SER BA 20 55.42 51.79 79.05
C SER BA 20 54.31 51.33 80.00
N VAL BA 21 54.69 50.48 80.95
CA VAL BA 21 53.77 49.96 81.95
C VAL BA 21 53.38 51.09 82.90
N PRO BA 22 52.14 51.11 83.39
CA PRO BA 22 51.75 52.13 84.36
C PRO BA 22 52.46 51.92 85.68
N THR BA 23 52.64 53.03 86.42
CA THR BA 23 53.42 52.98 87.64
C THR BA 23 52.73 52.24 88.76
N TRP BA 24 51.42 52.02 88.67
CA TRP BA 24 50.73 51.32 89.74
C TRP BA 24 50.83 49.80 89.62
N LEU BA 25 51.42 49.30 88.55
CA LEU BA 25 51.61 47.86 88.37
C LEU BA 25 52.91 47.46 89.06
N LYS BA 26 52.80 46.79 90.19
CA LYS BA 26 53.96 46.36 90.95
C LYS BA 26 54.52 45.02 90.47
N LEU BA 27 53.78 44.30 89.63
CA LEU BA 27 54.25 43.00 89.15
C LEU BA 27 55.45 43.18 88.24
N THR BA 28 56.46 42.35 88.43
CA THR BA 28 57.66 42.39 87.60
C THR BA 28 57.60 41.28 86.55
N SER BA 29 58.63 41.26 85.70
CA SER BA 29 58.66 40.32 84.58
C SER BA 29 58.67 38.88 85.06
N ASP BA 30 59.50 38.57 86.05
CA ASP BA 30 59.52 37.21 86.59
C ASP BA 30 58.20 36.85 87.26
N ASP BA 31 57.55 37.83 87.91
CA ASP BA 31 56.27 37.56 88.57
C ASP BA 31 55.19 37.20 87.56
N VAL BA 32 55.05 38.02 86.52
CA VAL BA 32 54.03 37.74 85.51
C VAL BA 32 54.39 36.47 84.73
N LYS BA 33 55.67 36.20 84.54
CA LYS BA 33 56.07 34.95 83.90
C LYS BA 33 55.69 33.74 84.74
N GLU BA 34 55.87 33.83 86.06
CA GLU BA 34 55.47 32.74 86.94
C GLU BA 34 53.96 32.54 86.90
N GLN BA 35 53.21 33.63 86.87
CA GLN BA 35 51.76 33.53 86.72
C GLN BA 35 51.38 32.83 85.41
N ILE BA 36 52.08 33.19 84.33
CA ILE BA 36 51.82 32.59 83.03
C ILE BA 36 52.13 31.09 83.07
N TYR BA 37 53.25 30.71 83.68
CA TYR BA 37 53.60 29.30 83.80
C TYR BA 37 52.55 28.54 84.60
N LYS BA 38 52.07 29.14 85.68
CA LYS BA 38 51.02 28.52 86.47
C LYS BA 38 49.77 28.29 85.64
N LEU BA 39 49.33 29.30 84.90
CA LEU BA 39 48.13 29.14 84.08
C LEU BA 39 48.32 28.12 82.97
N ALA BA 40 49.48 28.13 82.32
CA ALA BA 40 49.73 27.21 81.22
C ALA BA 40 49.76 25.77 81.71
N LYS BA 41 50.40 25.52 82.86
CA LYS BA 41 50.37 24.18 83.40
C LYS BA 41 48.99 23.81 83.92
N LYS BA 42 48.20 24.80 84.35
CA LYS BA 42 46.81 24.54 84.67
C LYS BA 42 46.03 24.08 83.44
N GLY BA 43 46.42 24.55 82.25
CA GLY BA 43 45.82 24.06 81.04
C GLY BA 43 45.03 25.11 80.28
N LEU BA 44 45.49 26.35 80.35
CA LEU BA 44 44.82 27.46 79.69
C LEU BA 44 45.54 27.81 78.40
N THR BA 45 44.76 28.14 77.38
CA THR BA 45 45.31 28.60 76.12
C THR BA 45 45.96 29.97 76.32
N PRO BA 46 46.93 30.33 75.46
CA PRO BA 46 47.60 31.64 75.63
C PRO BA 46 46.65 32.82 75.57
N SER BA 47 45.63 32.78 74.71
CA SER BA 47 44.66 33.87 74.67
C SER BA 47 43.88 33.95 75.98
N GLN BA 48 43.50 32.80 76.53
CA GLN BA 48 42.82 32.79 77.82
C GLN BA 48 43.73 33.30 78.92
N ILE BA 49 45.02 32.97 78.85
CA ILE BA 49 45.97 33.47 79.84
C ILE BA 49 46.05 34.99 79.78
N GLY BA 50 46.13 35.54 78.57
CA GLY BA 50 46.15 36.98 78.42
C GLY BA 50 44.87 37.62 78.95
N VAL BA 51 43.73 37.00 78.67
CA VAL BA 51 42.45 37.52 79.15
C VAL BA 51 42.42 37.53 80.68
N ILE BA 52 42.86 36.43 81.30
CA ILE BA 52 42.84 36.34 82.75
C ILE BA 52 43.78 37.38 83.36
N LEU BA 53 45.00 37.50 82.80
CA LEU BA 53 45.97 38.44 83.35
C LEU BA 53 45.50 39.87 83.19
N ARG BA 54 44.79 40.17 82.11
CA ARG BA 54 44.25 41.51 81.93
C ARG BA 54 43.11 41.78 82.89
N ASP BA 55 42.19 40.82 83.02
CA ASP BA 55 40.97 41.06 83.78
C ASP BA 55 41.24 41.13 85.28
N SER BA 56 42.13 40.28 85.79
CA SER BA 56 42.29 40.11 87.23
C SER BA 56 43.52 40.80 87.80
N HIS BA 57 44.67 40.67 87.15
CA HIS BA 57 45.94 41.09 87.74
C HIS BA 57 46.44 42.41 87.18
N GLY BA 58 45.65 43.10 86.38
CA GLY BA 58 46.04 44.42 85.91
C GLY BA 58 47.12 44.43 84.84
N VAL BA 59 47.47 43.27 84.30
CA VAL BA 59 48.50 43.20 83.26
C VAL BA 59 47.84 43.61 81.95
N ALA BA 60 48.04 44.87 81.55
CA ALA BA 60 47.43 45.38 80.34
C ALA BA 60 47.98 44.68 79.11
N GLN BA 61 49.30 44.51 79.03
CA GLN BA 61 49.91 43.83 77.89
C GLN BA 61 51.12 43.06 78.39
N VAL BA 62 51.07 41.73 78.26
CA VAL BA 62 52.17 40.89 78.68
C VAL BA 62 53.44 41.24 77.91
N ARG BA 63 53.28 41.60 76.63
CA ARG BA 63 54.44 42.01 75.85
C ARG BA 63 55.08 43.25 76.42
N PHE BA 64 54.28 44.22 76.87
CA PHE BA 64 54.86 45.42 77.45
C PHE BA 64 55.50 45.15 78.79
N VAL BA 65 54.90 44.25 79.59
CA VAL BA 65 55.45 43.99 80.92
C VAL BA 65 56.75 43.20 80.82
N THR BA 66 56.82 42.23 79.93
CA THR BA 66 57.95 41.29 79.91
C THR BA 66 58.97 41.56 78.82
N GLY BA 67 58.61 42.28 77.77
CA GLY BA 67 59.43 42.34 76.58
C GLY BA 67 59.29 41.13 75.70
N ASN BA 68 58.25 40.32 75.90
CA ASN BA 68 58.12 39.06 75.19
C ASN BA 68 56.66 38.64 75.17
N LYS BA 69 56.29 37.86 74.15
CA LYS BA 69 54.92 37.43 73.95
C LYS BA 69 54.63 36.13 74.70
N ILE BA 70 53.34 35.82 74.85
CA ILE BA 70 52.94 34.67 75.66
C ILE BA 70 53.34 33.36 75.00
N LEU BA 71 53.10 33.23 73.71
CA LEU BA 71 53.46 31.98 73.03
C LEU BA 71 54.97 31.78 73.04
N ARG BA 72 55.74 32.86 72.85
CA ARG BA 72 57.19 32.75 72.96
C ARG BA 72 57.62 32.35 74.36
N ILE BA 73 56.94 32.87 75.38
CA ILE BA 73 57.24 32.50 76.76
C ILE BA 73 56.99 31.00 76.97
N LEU BA 74 55.86 30.51 76.49
CA LEU BA 74 55.53 29.09 76.64
C LEU BA 74 56.50 28.21 75.88
N LYS BA 75 56.90 28.61 74.68
CA LYS BA 75 57.86 27.81 73.92
C LYS BA 75 59.23 27.83 74.58
N SER BA 76 59.64 28.98 75.13
CA SER BA 76 60.93 29.05 75.81
C SER BA 76 60.94 28.18 77.04
N LYS BA 77 59.83 28.13 77.78
CA LYS BA 77 59.74 27.22 78.91
C LYS BA 77 59.40 25.81 78.50
N GLY BA 78 59.15 25.57 77.22
CA GLY BA 78 58.90 24.23 76.73
C GLY BA 78 57.61 23.59 77.21
N LEU BA 79 56.51 24.34 77.20
CA LEU BA 79 55.22 23.75 77.55
C LEU BA 79 54.10 24.23 76.64
N ALA BA 80 54.43 24.85 75.51
CA ALA BA 80 53.43 25.19 74.52
C ALA BA 80 52.97 23.96 73.76
N PRO BA 81 51.70 23.90 73.35
CA PRO BA 81 51.23 22.74 72.60
C PRO BA 81 51.87 22.65 71.23
N ASP BA 82 51.98 21.42 70.74
CA ASP BA 82 52.53 21.22 69.40
C ASP BA 82 51.58 21.74 68.33
N LEU BA 83 50.28 21.68 68.58
CA LEU BA 83 49.31 22.21 67.64
C LEU BA 83 49.04 23.67 67.94
N PRO BA 84 49.01 24.55 66.93
CA PRO BA 84 48.72 25.96 67.18
C PRO BA 84 47.30 26.17 67.68
N GLU BA 85 47.11 27.33 68.32
CA GLU BA 85 45.86 27.63 69.01
C GLU BA 85 44.68 27.68 68.06
N ASP BA 86 44.73 28.58 67.08
CA ASP BA 86 43.61 28.77 66.18
C ASP BA 86 43.37 27.53 65.32
N LEU BA 87 44.43 26.84 64.91
CA LEU BA 87 44.24 25.59 64.18
C LEU BA 87 43.53 24.55 65.04
N TYR BA 88 43.92 24.45 66.31
CA TYR BA 88 43.26 23.52 67.22
C TYR BA 88 41.78 23.85 67.36
N HIS BA 89 41.45 25.12 67.53
CA HIS BA 89 40.05 25.51 67.70
C HIS BA 89 39.26 25.28 66.43
N LEU BA 90 39.85 25.54 65.27
CA LEU BA 90 39.17 25.30 64.01
C LEU BA 90 38.90 23.82 63.80
N ILE BA 91 39.87 22.96 64.13
CA ILE BA 91 39.64 21.54 64.00
C ILE BA 91 38.57 21.07 64.97
N LYS BA 92 38.55 21.64 66.17
CA LYS BA 92 37.51 21.32 67.14
C LYS BA 92 36.13 21.68 66.59
N LYS BA 93 36.01 22.88 65.99
CA LYS BA 93 34.75 23.29 65.40
C LYS BA 93 34.32 22.37 64.26
N ALA BA 94 35.27 22.01 63.40
CA ALA BA 94 34.95 21.13 62.27
C ALA BA 94 34.52 19.75 62.76
N VAL BA 95 35.15 19.24 63.82
CA VAL BA 95 34.75 17.97 64.38
C VAL BA 95 33.34 18.05 64.95
N ALA BA 96 33.02 19.16 65.62
CA ALA BA 96 31.66 19.34 66.13
C ALA BA 96 30.64 19.35 65.00
N VAL BA 97 30.96 20.05 63.91
CA VAL BA 97 30.03 20.12 62.78
C VAL BA 97 29.86 18.75 62.14
N ARG BA 98 30.96 17.99 62.01
CA ARG BA 98 30.84 16.65 61.45
C ARG BA 98 29.99 15.74 62.34
N LYS BA 99 30.16 15.85 63.65
CA LYS BA 99 29.34 15.05 64.56
C LYS BA 99 27.87 15.40 64.41
N HIS BA 100 27.56 16.69 64.29
CA HIS BA 100 26.16 17.08 64.07
C HIS BA 100 25.66 16.58 62.72
N LEU BA 101 26.52 16.63 61.71
CA LEU BA 101 26.10 16.30 60.34
C LEU BA 101 25.84 14.81 60.18
N GLU BA 102 26.67 13.96 60.77
CA GLU BA 102 26.44 12.53 60.66
C GLU BA 102 25.20 12.07 61.40
N ARG BA 103 24.64 12.91 62.26
CA ARG BA 103 23.33 12.66 62.84
C ARG BA 103 22.20 13.27 62.03
N ASN BA 104 22.45 14.40 61.37
CA ASN BA 104 21.43 15.08 60.57
C ASN BA 104 21.92 15.19 59.13
N ARG BA 105 21.48 14.27 58.27
CA ARG BA 105 21.92 14.29 56.88
C ARG BA 105 21.38 15.48 56.12
N LYS BA 106 20.16 15.91 56.42
CA LYS BA 106 19.50 16.93 55.63
C LYS BA 106 19.93 18.35 55.99
N ASP BA 107 20.85 18.52 56.93
CA ASP BA 107 21.29 19.85 57.34
C ASP BA 107 22.31 20.37 56.32
N LYS BA 108 21.80 20.78 55.16
CA LYS BA 108 22.65 21.29 54.10
C LYS BA 108 23.32 22.60 54.46
N ASP BA 109 22.70 23.41 55.31
CA ASP BA 109 23.37 24.59 55.83
C ASP BA 109 24.60 24.20 56.64
N ALA BA 110 24.48 23.19 57.49
CA ALA BA 110 25.63 22.70 58.23
C ALA BA 110 26.68 22.12 57.29
N LYS BA 111 26.25 21.47 56.21
CA LYS BA 111 27.19 20.99 55.21
C LYS BA 111 28.00 22.14 54.62
N PHE BA 112 27.30 23.19 54.18
CA PHE BA 112 27.96 24.35 53.59
C PHE BA 112 28.93 24.98 54.57
N ARG BA 113 28.52 25.12 55.84
CA ARG BA 113 29.43 25.63 56.85
C ARG BA 113 30.63 24.71 57.03
N LEU BA 114 30.44 23.40 56.86
CA LEU BA 114 31.56 22.48 57.00
C LEU BA 114 32.59 22.70 55.89
N ILE BA 115 32.14 22.89 54.65
CA ILE BA 115 33.10 23.26 53.60
C ILE BA 115 33.82 24.56 53.96
N LEU BA 116 33.10 25.54 54.50
CA LEU BA 116 33.75 26.80 54.88
C LEU BA 116 34.84 26.57 55.93
N ILE BA 117 34.52 25.81 56.98
CA ILE BA 117 35.47 25.59 58.07
C ILE BA 117 36.67 24.80 57.58
N GLU BA 118 36.45 23.77 56.76
CA GLU BA 118 37.58 23.01 56.25
C GLU BA 118 38.46 23.84 55.33
N SER BA 119 37.86 24.74 54.55
CA SER BA 119 38.66 25.64 53.74
C SER BA 119 39.57 26.49 54.61
N ARG BA 120 39.01 27.04 55.71
CA ARG BA 120 39.83 27.82 56.63
C ARG BA 120 40.93 26.98 57.24
N ILE BA 121 40.62 25.74 57.61
CA ILE BA 121 41.61 24.85 58.21
C ILE BA 121 42.75 24.60 57.24
N HIS BA 122 42.42 24.33 55.98
CA HIS BA 122 43.44 24.02 54.99
C HIS BA 122 44.31 25.22 54.70
N ARG BA 123 43.72 26.43 54.63
CA ARG BA 123 44.53 27.61 54.39
C ARG BA 123 45.46 27.90 55.57
N LEU BA 124 44.96 27.76 56.79
CA LEU BA 124 45.80 27.96 57.96
C LEU BA 124 46.90 26.92 58.03
N ALA BA 125 46.60 25.68 57.67
CA ALA BA 125 47.61 24.63 57.67
C ALA BA 125 48.65 24.88 56.59
N ARG BA 126 48.26 25.41 55.44
CA ARG BA 126 49.25 25.81 54.44
C ARG BA 126 50.19 26.86 55.01
N TYR BA 127 49.63 27.85 55.71
CA TYR BA 127 50.48 28.88 56.32
C TYR BA 127 51.45 28.28 57.33
N TYR BA 128 50.95 27.40 58.19
CA TYR BA 128 51.83 26.84 59.22
C TYR BA 128 52.87 25.91 58.63
N LYS BA 129 52.53 25.17 57.59
CA LYS BA 129 53.52 24.32 56.93
C LYS BA 129 54.59 25.15 56.25
N THR BA 130 54.22 26.25 55.60
CA THR BA 130 55.25 27.07 54.98
C THR BA 130 56.06 27.86 55.99
N LYS BA 131 55.54 28.05 57.20
CA LYS BA 131 56.33 28.63 58.27
C LYS BA 131 57.01 27.58 59.14
N ARG BA 132 56.87 26.30 58.78
CA ARG BA 132 57.56 25.18 59.40
C ARG BA 132 57.13 24.93 60.84
N VAL BA 133 55.98 25.48 61.25
CA VAL BA 133 55.42 25.11 62.54
C VAL BA 133 54.90 23.68 62.50
N LEU BA 134 54.22 23.32 61.43
CA LEU BA 134 53.74 21.96 61.22
C LEU BA 134 54.75 21.15 60.44
N PRO BA 135 54.71 19.82 60.56
CA PRO BA 135 55.60 18.99 59.76
C PRO BA 135 55.27 19.14 58.29
N PRO BA 136 56.26 18.96 57.41
CA PRO BA 136 56.00 19.09 55.96
C PRO BA 136 54.98 18.11 55.44
N ASN BA 137 54.80 16.97 56.09
CA ASN BA 137 53.82 15.97 55.68
C ASN BA 137 52.53 16.05 56.48
N TRP BA 138 52.37 17.08 57.30
CA TRP BA 138 51.15 17.23 58.07
C TRP BA 138 49.96 17.46 57.15
N LYS BA 139 48.83 16.86 57.50
CA LYS BA 139 47.65 16.95 56.66
C LYS BA 139 46.43 16.66 57.52
N TYR BA 140 45.38 17.44 57.34
CA TYR BA 140 44.15 17.30 58.09
C TYR BA 140 43.23 16.34 57.35
N GLU BA 141 42.81 15.28 58.02
CA GLU BA 141 41.90 14.30 57.45
C GLU BA 141 40.65 14.21 58.30
N SER BA 142 39.53 13.96 57.62
CA SER BA 142 38.26 13.83 58.33
C SER BA 142 38.27 12.66 59.29
N SER BA 143 38.84 11.54 58.88
CA SER BA 143 38.81 10.34 59.70
C SER BA 143 39.64 10.49 60.97
N THR BA 144 40.79 11.15 60.87
CA THR BA 144 41.70 11.29 61.99
C THR BA 144 41.48 12.55 62.81
N ALA BA 145 40.55 13.43 62.40
CA ALA BA 145 40.40 14.71 63.07
C ALA BA 145 39.89 14.55 64.49
N SER BA 146 38.96 13.61 64.70
CA SER BA 146 38.37 13.44 66.02
C SER BA 146 39.42 13.02 67.05
N ALA BA 147 40.33 12.13 66.67
CA ALA BA 147 41.43 11.79 67.56
C ALA BA 147 42.48 12.89 67.61
N LEU BA 148 42.62 13.64 66.53
CA LEU BA 148 43.62 14.70 66.48
C LEU BA 148 43.32 15.80 67.48
N VAL BA 149 42.05 16.21 67.58
CA VAL BA 149 41.64 17.29 68.47
C VAL BA 149 40.99 16.67 69.70
N ALA BA 150 41.38 17.17 70.88
CA ALA BA 150 40.82 16.72 72.17
C ALA BA 150 40.93 15.21 72.36
N ILE CA 4 -52.67 27.14 73.39
CA ILE CA 4 -52.31 26.77 72.03
C ILE CA 4 -51.06 27.59 71.63
N SER CA 5 -51.08 28.26 70.47
CA SER CA 5 -50.03 29.15 69.98
C SER CA 5 -48.74 28.39 69.63
N LEU CA 6 -48.73 27.08 69.90
CA LEU CA 6 -47.63 26.19 69.53
C LEU CA 6 -46.29 26.67 70.11
N GLY CA 7 -46.33 27.36 71.24
CA GLY CA 7 -45.14 27.96 71.79
C GLY CA 7 -45.13 27.95 73.31
N PRO CA 8 -44.22 28.73 73.88
CA PRO CA 8 -44.07 28.74 75.34
C PRO CA 8 -45.00 29.73 76.01
N GLN CA 9 -44.95 29.77 77.35
CA GLN CA 9 -45.69 30.74 78.13
C GLN CA 9 -44.72 31.77 78.69
N VAL CA 10 -45.00 33.05 78.44
CA VAL CA 10 -44.15 34.13 78.88
C VAL CA 10 -45.00 35.20 79.57
N ALA CA 11 -44.32 36.07 80.31
CA ALA CA 11 -44.97 37.20 80.96
C ALA CA 11 -45.17 38.32 79.95
N GLU CA 12 -45.53 39.50 80.44
CA GLU CA 12 -45.78 40.64 79.56
C GLU CA 12 -44.54 41.49 79.34
N GLY CA 13 -43.78 41.78 80.39
CA GLY CA 13 -42.63 42.65 80.30
C GLY CA 13 -41.37 42.01 79.76
N GLU CA 14 -41.39 40.72 79.45
CA GLU CA 14 -40.22 40.02 78.96
C GLU CA 14 -40.57 39.26 77.70
N ASN CA 15 -39.55 39.03 76.87
CA ASN CA 15 -39.73 38.45 75.55
C ASN CA 15 -38.84 37.22 75.38
N VAL CA 16 -39.26 36.34 74.48
CA VAL CA 16 -38.56 35.08 74.23
C VAL CA 16 -37.58 35.28 73.08
N PHE CA 17 -36.37 34.74 73.25
CA PHE CA 17 -35.25 34.98 72.35
C PHE CA 17 -34.96 33.76 71.49
N GLY CA 18 -34.82 34.00 70.18
CA GLY CA 18 -34.26 33.03 69.26
C GLY CA 18 -32.99 33.57 68.65
N VAL CA 19 -32.48 32.84 67.66
CA VAL CA 19 -31.26 33.23 66.96
C VAL CA 19 -31.57 33.27 65.47
N CYS CA 20 -31.10 34.31 64.80
CA CYS CA 20 -31.24 34.44 63.35
C CYS CA 20 -29.86 34.40 62.71
N HIS CA 21 -29.58 33.32 61.99
CA HIS CA 21 -28.37 33.20 61.20
C HIS CA 21 -28.67 33.73 59.80
N ILE CA 22 -28.04 34.84 59.45
CA ILE CA 22 -28.21 35.45 58.14
C ILE CA 22 -26.93 35.19 57.36
N PHE CA 23 -26.99 34.18 56.50
CA PHE CA 23 -25.88 33.83 55.61
C PHE CA 23 -26.10 34.59 54.31
N ALA CA 24 -25.53 35.79 54.22
CA ALA CA 24 -25.77 36.66 53.08
C ALA CA 24 -24.57 36.57 52.15
N SER CA 25 -24.59 35.59 51.27
CA SER CA 25 -23.49 35.46 50.33
C SER CA 25 -23.84 36.28 49.09
N PHE CA 26 -23.03 36.13 48.06
CA PHE CA 26 -23.49 36.51 46.73
C PHE CA 26 -24.20 35.30 46.14
N ASN CA 27 -25.10 35.58 45.20
CA ASN CA 27 -26.00 34.62 44.55
C ASN CA 27 -27.12 34.14 45.47
N ASP CA 28 -27.07 34.47 46.77
CA ASP CA 28 -28.14 34.05 47.68
C ASP CA 28 -27.98 34.68 49.05
N THR CA 29 -29.07 34.62 49.81
CA THR CA 29 -29.09 34.99 51.22
C THR CA 29 -30.00 34.03 51.97
N PHE CA 30 -29.55 33.64 53.16
CA PHE CA 30 -30.27 32.72 54.04
C PHE CA 30 -30.67 33.48 55.30
N VAL CA 31 -31.93 33.35 55.69
CA VAL CA 31 -32.48 34.13 56.79
C VAL CA 31 -32.90 33.15 57.87
N HIS CA 32 -32.07 32.12 58.08
CA HIS CA 32 -32.39 31.02 58.98
C HIS CA 32 -32.68 31.53 60.39
N VAL CA 33 -33.66 30.91 61.05
CA VAL CA 33 -33.97 31.20 62.45
C VAL CA 33 -34.02 29.90 63.22
N THR CA 34 -33.22 29.81 64.27
CA THR CA 34 -33.16 28.66 65.16
C THR CA 34 -33.45 29.10 66.59
N ASP CA 35 -33.48 28.14 67.50
CA ASP CA 35 -33.67 28.45 68.90
C ASP CA 35 -32.35 28.94 69.50
N LEU CA 36 -32.31 29.07 70.83
CA LEU CA 36 -31.12 29.60 71.47
C LEU CA 36 -29.94 28.64 71.34
N SER CA 37 -30.20 27.33 71.34
CA SER CA 37 -29.13 26.37 71.14
C SER CA 37 -28.66 26.35 69.69
N GLY CA 38 -29.58 26.49 68.75
CA GLY CA 38 -29.30 26.37 67.35
C GLY CA 38 -29.56 25.01 66.77
N LYS CA 39 -29.68 23.98 67.61
CA LYS CA 39 -30.01 22.64 67.12
C LYS CA 39 -31.40 22.60 66.51
N GLU CA 40 -32.36 23.21 67.18
CA GLU CA 40 -33.73 23.23 66.69
C GLU CA 40 -33.96 24.50 65.87
N THR CA 41 -34.52 24.35 64.69
CA THR CA 41 -34.79 25.46 63.80
C THR CA 41 -36.29 25.66 63.63
N ILE CA 42 -36.67 26.92 63.44
CA ILE CA 42 -38.07 27.31 63.35
C ILE CA 42 -38.45 27.56 61.90
N CYS CA 43 -37.73 28.45 61.23
CA CYS CA 43 -38.07 28.77 59.85
C CYS CA 43 -36.81 29.22 59.13
N ARG CA 44 -36.68 28.76 57.89
CA ARG CA 44 -35.61 29.19 57.00
C ARG CA 44 -36.23 29.60 55.68
N VAL CA 45 -36.03 30.86 55.29
CA VAL CA 45 -36.47 31.36 54.00
C VAL CA 45 -35.26 31.91 53.27
N THR CA 46 -35.10 31.53 52.01
CA THR CA 46 -34.00 31.99 51.18
C THR CA 46 -34.51 32.94 50.12
N GLY CA 47 -33.58 33.68 49.52
CA GLY CA 47 -33.95 34.62 48.47
C GLY CA 47 -34.53 33.93 47.26
N GLY CA 48 -34.01 32.75 46.93
CA GLY CA 48 -34.55 31.97 45.83
C GLY CA 48 -35.91 31.39 46.10
N MET CA 49 -36.34 31.36 47.37
CA MET CA 49 -37.72 30.99 47.65
C MET CA 49 -38.66 32.14 47.28
N LYS CA 50 -38.27 33.37 47.60
CA LYS CA 50 -39.13 34.51 47.33
C LYS CA 50 -39.16 34.85 45.85
N VAL CA 51 -38.00 34.89 45.20
CA VAL CA 51 -37.92 35.28 43.80
C VAL CA 51 -37.60 34.07 42.96
N LYS CA 52 -38.02 34.10 41.70
CA LYS CA 52 -37.77 33.01 40.76
C LYS CA 52 -37.04 33.49 39.51
N ALA CA 53 -36.45 34.68 39.55
CA ALA CA 53 -35.76 35.24 38.41
C ALA CA 53 -34.31 34.78 38.29
N ASP CA 54 -33.76 34.18 39.35
CA ASP CA 54 -32.44 33.55 39.36
C ASP CA 54 -31.31 34.57 39.30
N ARG CA 55 -31.65 35.84 39.06
CA ARG CA 55 -30.70 36.94 39.12
C ARG CA 55 -30.73 37.61 40.47
N ASP CA 56 -31.91 37.70 41.07
CA ASP CA 56 -32.15 38.52 42.24
C ASP CA 56 -32.21 37.70 43.52
N GLU CA 57 -31.70 36.47 43.50
CA GLU CA 57 -31.69 35.67 44.72
C GLU CA 57 -30.84 36.34 45.80
N SER CA 58 -29.81 37.07 45.40
CA SER CA 58 -28.99 37.83 46.32
C SER CA 58 -29.44 39.28 46.45
N SER CA 59 -30.55 39.65 45.85
CA SER CA 59 -30.97 41.05 45.85
C SER CA 59 -31.47 41.46 47.23
N PRO CA 60 -31.25 42.73 47.60
CA PRO CA 60 -31.79 43.22 48.88
C PRO CA 60 -33.31 43.14 48.97
N TYR CA 61 -34.02 43.30 47.85
CA TYR CA 61 -35.47 43.15 47.88
C TYR CA 61 -35.87 41.73 48.22
N ALA CA 62 -35.19 40.74 47.63
CA ALA CA 62 -35.46 39.35 47.96
C ALA CA 62 -35.15 39.06 49.42
N ALA CA 63 -34.04 39.61 49.92
CA ALA CA 63 -33.72 39.43 51.33
C ALA CA 63 -34.78 40.05 52.22
N MET CA 64 -35.30 41.22 51.85
CA MET CA 64 -36.36 41.85 52.62
C MET CA 64 -37.62 41.00 52.65
N LEU CA 65 -37.98 40.43 51.50
CA LEU CA 65 -39.16 39.57 51.46
C LEU CA 65 -38.97 38.33 52.32
N ALA CA 66 -37.79 37.71 52.25
CA ALA CA 66 -37.52 36.53 53.07
C ALA CA 66 -37.55 36.87 54.55
N ALA CA 67 -37.00 38.02 54.93
CA ALA CA 67 -37.02 38.45 56.32
C ALA CA 67 -38.44 38.69 56.80
N GLN CA 68 -39.27 39.32 55.97
CA GLN CA 68 -40.66 39.55 56.37
C GLN CA 68 -41.40 38.24 56.57
N ASP CA 69 -41.20 37.28 55.65
CA ASP CA 69 -41.87 35.99 55.79
C ASP CA 69 -41.42 35.26 57.06
N VAL CA 70 -40.11 35.23 57.31
CA VAL CA 70 -39.65 34.50 58.49
C VAL CA 70 -40.06 35.23 59.76
N ALA CA 71 -40.17 36.55 59.72
CA ALA CA 71 -40.63 37.29 60.88
C ALA CA 71 -42.08 36.98 61.19
N GLN CA 72 -42.92 36.89 60.15
CA GLN CA 72 -44.30 36.51 60.38
C GLN CA 72 -44.40 35.09 60.94
N ARG CA 73 -43.61 34.17 60.40
CA ARG CA 73 -43.63 32.80 60.91
C ARG CA 73 -43.19 32.76 62.38
N CYS CA 74 -42.15 33.50 62.73
CA CYS CA 74 -41.68 33.52 64.11
C CYS CA 74 -42.71 34.15 65.04
N LYS CA 75 -43.39 35.20 64.57
CA LYS CA 75 -44.43 35.82 65.36
C LYS CA 75 -45.56 34.85 65.65
N GLU CA 76 -46.03 34.15 64.61
CA GLU CA 76 -47.14 33.23 64.83
C GLU CA 76 -46.71 31.98 65.59
N LEU CA 77 -45.42 31.66 65.59
CA LEU CA 77 -44.94 30.54 66.40
C LEU CA 77 -44.48 30.96 67.79
N GLY CA 78 -44.49 32.25 68.09
CA GLY CA 78 -44.23 32.71 69.44
C GLY CA 78 -42.78 32.99 69.76
N ILE CA 79 -42.10 33.71 68.88
CA ILE CA 79 -40.75 34.19 69.12
C ILE CA 79 -40.74 35.69 68.85
N THR CA 80 -40.23 36.46 69.81
CA THR CA 80 -40.34 37.90 69.76
C THR CA 80 -39.02 38.64 69.61
N ALA CA 81 -37.90 38.09 70.09
CA ALA CA 81 -36.62 38.76 69.96
C ALA CA 81 -35.62 37.81 69.31
N LEU CA 82 -34.62 38.37 68.66
CA LEU CA 82 -33.67 37.58 67.89
C LEU CA 82 -32.25 38.10 68.10
N HIS CA 83 -31.32 37.18 68.32
CA HIS CA 83 -29.89 37.47 68.30
C HIS CA 83 -29.38 37.23 66.89
N ILE CA 84 -28.73 38.24 66.31
CA ILE CA 84 -28.35 38.23 64.91
C ILE CA 84 -26.94 37.65 64.78
N LYS CA 85 -26.75 36.74 63.82
CA LYS CA 85 -25.45 36.17 63.48
C LYS CA 85 -25.27 36.33 61.97
N LEU CA 86 -24.56 37.39 61.56
CA LEU CA 86 -24.27 37.57 60.14
C LEU CA 86 -23.14 36.67 59.70
N ARG CA 87 -23.18 36.29 58.43
CA ARG CA 87 -22.18 35.36 57.91
C ARG CA 87 -22.01 35.60 56.42
N ALA CA 88 -20.80 35.92 55.99
CA ALA CA 88 -20.46 35.94 54.57
C ALA CA 88 -20.08 34.53 54.14
N THR CA 89 -19.58 34.37 52.92
CA THR CA 89 -19.23 33.03 52.44
C THR CA 89 -18.10 32.44 53.28
N GLY CA 90 -17.09 33.23 53.60
CA GLY CA 90 -16.05 32.74 54.47
C GLY CA 90 -15.14 31.71 53.82
N GLY CA 91 -14.43 30.98 54.67
CA GLY CA 91 -13.43 30.05 54.17
C GLY CA 91 -12.30 30.80 53.50
N ASN CA 92 -11.76 30.22 52.43
CA ASN CA 92 -10.79 30.93 51.62
C ASN CA 92 -11.43 31.86 50.60
N ARG CA 93 -12.71 32.17 50.76
CA ARG CA 93 -13.43 33.07 49.87
C ARG CA 93 -13.71 34.38 50.59
N THR CA 94 -14.49 35.25 49.96
CA THR CA 94 -14.65 36.61 50.43
C THR CA 94 -15.32 36.67 51.80
N LYS CA 95 -14.83 37.55 52.65
CA LYS CA 95 -15.38 37.75 53.99
C LYS CA 95 -16.39 38.87 54.06
N THR CA 96 -16.58 39.62 52.99
CA THR CA 96 -17.59 40.67 53.07
C THR CA 96 -18.99 40.09 52.83
N PRO CA 97 -19.98 40.49 53.62
CA PRO CA 97 -21.34 40.00 53.42
C PRO CA 97 -21.94 40.52 52.12
N GLY CA 98 -22.93 39.77 51.63
CA GLY CA 98 -23.56 40.10 50.38
C GLY CA 98 -24.47 41.30 50.48
N PRO CA 99 -25.11 41.62 49.36
CA PRO CA 99 -26.02 42.78 49.35
C PRO CA 99 -27.21 42.65 50.29
N GLY CA 100 -27.68 41.43 50.53
CA GLY CA 100 -28.91 41.23 51.26
C GLY CA 100 -28.84 41.30 52.77
N ALA CA 101 -27.65 41.37 53.35
CA ALA CA 101 -27.52 41.33 54.80
C ALA CA 101 -28.20 42.53 55.45
N GLN CA 102 -27.87 43.74 54.99
CA GLN CA 102 -28.44 44.95 55.57
C GLN CA 102 -29.96 44.97 55.40
N SER CA 103 -30.43 44.63 54.21
CA SER CA 103 -31.87 44.69 53.95
C SER CA 103 -32.62 43.67 54.79
N ALA CA 104 -32.10 42.45 54.90
CA ALA CA 104 -32.77 41.44 55.70
C ALA CA 104 -32.79 41.82 57.18
N LEU CA 105 -31.67 42.32 57.69
CA LEU CA 105 -31.64 42.71 59.10
C LEU CA 105 -32.59 43.87 59.38
N ARG CA 106 -32.60 44.86 58.49
CA ARG CA 106 -33.48 46.01 58.69
C ARG CA 106 -34.93 45.61 58.57
N ALA CA 107 -35.25 44.71 57.64
CA ALA CA 107 -36.62 44.24 57.51
C ALA CA 107 -37.06 43.48 58.76
N LEU CA 108 -36.17 42.67 59.31
CA LEU CA 108 -36.48 41.98 60.57
C LEU CA 108 -36.74 42.97 61.69
N ALA CA 109 -35.91 44.01 61.79
CA ALA CA 109 -36.09 45.00 62.85
C ALA CA 109 -37.39 45.76 62.69
N ARG CA 110 -37.71 46.18 61.47
CA ARG CA 110 -38.85 47.05 61.22
C ARG CA 110 -40.14 46.29 60.95
N SER CA 111 -40.10 44.96 60.93
CA SER CA 111 -41.31 44.17 60.81
C SER CA 111 -41.99 43.92 62.14
N GLY CA 112 -41.33 44.22 63.25
CA GLY CA 112 -41.93 44.00 64.56
C GLY CA 112 -41.26 42.91 65.35
N MET CA 113 -39.96 42.72 65.14
CA MET CA 113 -39.18 41.76 65.88
C MET CA 113 -38.07 42.49 66.62
N LYS CA 114 -37.89 42.17 67.90
CA LYS CA 114 -36.88 42.82 68.70
C LYS CA 114 -35.49 42.27 68.38
N ILE CA 115 -34.48 43.12 68.52
CA ILE CA 115 -33.11 42.80 68.13
C ILE CA 115 -32.24 42.77 69.38
N GLY CA 116 -31.49 41.70 69.55
CA GLY CA 116 -30.52 41.57 70.62
C GLY CA 116 -29.11 41.82 70.13
N ARG CA 117 -28.19 40.97 70.57
CA ARG CA 117 -26.79 41.11 70.21
C ARG CA 117 -26.55 40.70 68.77
N ILE CA 118 -25.69 41.45 68.09
CA ILE CA 118 -25.34 41.19 66.70
C ILE CA 118 -23.91 40.67 66.65
N GLU CA 119 -23.70 39.59 65.91
CA GLU CA 119 -22.41 38.93 65.87
C GLU CA 119 -22.06 38.59 64.43
N ASP CA 120 -20.77 38.66 64.12
CA ASP CA 120 -20.24 38.18 62.85
C ASP CA 120 -19.59 36.83 63.07
N VAL CA 121 -20.12 35.80 62.44
CA VAL CA 121 -19.64 34.43 62.66
C VAL CA 121 -19.07 33.87 61.37
N THR CA 122 -18.54 34.75 60.52
CA THR CA 122 -18.01 34.32 59.24
C THR CA 122 -16.81 33.41 59.43
N PRO CA 123 -16.76 32.26 58.78
CA PRO CA 123 -15.61 31.34 58.96
C PRO CA 123 -14.35 31.94 58.37
N ILE CA 124 -13.41 32.29 59.24
CA ILE CA 124 -12.12 32.82 58.84
C ILE CA 124 -11.07 31.78 59.16
N PRO CA 125 -10.20 31.43 58.22
CA PRO CA 125 -9.20 30.39 58.50
C PRO CA 125 -7.95 30.96 59.11
N SER CA 126 -7.27 30.11 59.87
CA SER CA 126 -5.89 30.39 60.29
C SER CA 126 -4.92 29.82 59.27
N ASP CA 127 -5.09 30.28 58.02
CA ASP CA 127 -4.44 29.82 56.79
C ASP CA 127 -5.12 28.56 56.28
N SER CA 128 -5.61 28.61 55.05
CA SER CA 128 -6.55 27.64 54.53
C SER CA 128 -5.94 26.83 53.40
N THR CA 129 -6.77 25.97 52.81
CA THR CA 129 -6.42 25.27 51.60
C THR CA 129 -6.38 26.24 50.42
N ARG CA 130 -5.84 25.77 49.31
CA ARG CA 130 -5.64 26.62 48.15
C ARG CA 130 -6.99 27.06 47.58
N ARG CA 131 -7.10 28.34 47.26
CA ARG CA 131 -8.36 28.89 46.77
C ARG CA 131 -8.50 28.67 45.28
N LYS CA 132 -9.73 28.44 44.85
CA LYS CA 132 -10.02 28.17 43.45
C LYS CA 132 -9.71 29.37 42.58
N GLY CA 133 -9.16 29.13 41.39
CA GLY CA 133 -8.97 30.20 40.43
C GLY CA 133 -7.64 30.18 39.70
N GLY CA 134 -6.69 29.40 40.17
CA GLY CA 134 -5.36 29.41 39.59
C GLY CA 134 -4.55 30.58 40.11
N ARG CA 135 -3.26 30.59 39.74
CA ARG CA 135 -2.39 31.66 40.19
C ARG CA 135 -2.55 32.93 39.36
N ARG CA 136 -3.20 32.85 38.21
CA ARG CA 136 -3.53 34.03 37.43
C ARG CA 136 -4.93 34.52 37.69
N GLY CA 137 -5.67 33.86 38.57
CA GLY CA 137 -6.96 34.34 38.99
C GLY CA 137 -8.04 34.13 37.95
N ARG CA 138 -9.16 34.79 38.20
CA ARG CA 138 -10.33 34.72 37.31
C ARG CA 138 -10.17 35.81 36.27
N ARG CA 139 -9.63 35.44 35.10
CA ARG CA 139 -9.44 36.41 34.03
C ARG CA 139 -10.79 36.86 33.49
N LEU CA 140 -10.98 38.17 33.37
CA LEU CA 140 -12.23 38.70 32.85
C LEU CA 140 -11.98 39.89 31.93
N MET DA 1 51.83 82.53 29.16
CA MET DA 1 52.11 83.95 29.05
C MET DA 1 53.57 84.27 29.40
N GLN DA 2 53.97 85.51 29.15
CA GLN DA 2 55.31 86.02 29.45
C GLN DA 2 56.38 85.18 28.74
N ASN DA 3 56.37 85.31 27.42
CA ASN DA 3 57.36 84.64 26.58
C ASN DA 3 58.78 85.08 26.97
N ASP DA 4 59.76 84.31 26.52
CA ASP DA 4 61.14 84.50 26.95
C ASP DA 4 61.70 85.86 26.55
N ALA DA 5 61.06 86.55 25.60
CA ALA DA 5 61.46 87.91 25.30
C ALA DA 5 61.27 88.83 26.50
N GLY DA 6 60.19 88.62 27.25
CA GLY DA 6 59.97 89.36 28.48
C GLY DA 6 58.78 90.30 28.44
N GLU DA 7 57.75 89.93 27.68
CA GLU DA 7 56.53 90.72 27.60
C GLU DA 7 55.34 89.84 27.95
N PHE DA 8 54.36 90.43 28.63
CA PHE DA 8 53.20 89.71 29.12
C PHE DA 8 52.24 89.46 27.96
N VAL DA 9 52.42 88.32 27.30
CA VAL DA 9 51.57 87.98 26.14
C VAL DA 9 50.35 87.26 26.71
N ASP DA 10 49.40 88.06 27.18
CA ASP DA 10 48.13 87.55 27.70
C ASP DA 10 47.16 88.70 27.74
N LEU DA 11 46.02 88.55 27.06
CA LEU DA 11 45.11 89.68 26.88
C LEU DA 11 44.48 90.11 28.21
N TYR DA 12 44.29 89.19 29.16
CA TYR DA 12 44.07 89.60 30.54
C TYR DA 12 44.38 88.41 31.43
N VAL DA 13 44.56 88.69 32.71
CA VAL DA 13 44.76 87.65 33.73
C VAL DA 13 43.51 87.60 34.60
N PRO DA 14 42.86 86.45 34.71
CA PRO DA 14 41.62 86.38 35.49
C PRO DA 14 41.86 86.40 36.99
N ARG DA 15 40.80 86.75 37.71
CA ARG DA 15 40.85 86.73 39.16
C ARG DA 15 40.74 85.31 39.68
N LYS DA 16 41.28 85.08 40.87
CA LYS DA 16 41.22 83.81 41.54
C LYS DA 16 40.39 83.94 42.81
N CYS DA 17 39.54 82.95 43.05
CA CYS DA 17 38.72 82.92 44.25
C CYS DA 17 39.61 82.96 45.48
N SER DA 18 39.28 83.84 46.41
CA SER DA 18 40.10 84.01 47.60
C SER DA 18 39.80 82.95 48.66
N ALA DA 19 39.09 81.89 48.30
CA ALA DA 19 38.80 80.79 49.20
C ALA DA 19 39.33 79.45 48.71
N SER DA 20 39.22 79.18 47.42
CA SER DA 20 39.67 77.91 46.86
C SER DA 20 40.73 78.09 45.78
N ASN DA 21 41.16 79.32 45.53
CA ASN DA 21 42.25 79.62 44.60
C ASN DA 21 41.94 79.14 43.18
N ARG DA 22 40.66 79.01 42.84
CA ARG DA 22 40.25 78.61 41.50
C ARG DA 22 40.09 79.83 40.62
N ILE DA 23 40.35 79.65 39.32
CA ILE DA 23 40.17 80.73 38.37
C ILE DA 23 38.69 81.03 38.20
N ILE DA 24 38.32 82.29 38.34
CA ILE DA 24 36.94 82.70 38.04
C ILE DA 24 36.83 82.93 36.54
N GLY DA 25 36.00 82.12 35.88
CA GLY DA 25 35.87 82.21 34.45
C GLY DA 25 35.16 83.47 34.01
N ALA DA 26 35.29 83.77 32.72
CA ALA DA 26 34.63 84.94 32.16
C ALA DA 26 33.12 84.78 32.13
N LYS DA 27 32.63 83.56 31.95
CA LYS DA 27 31.20 83.32 31.88
C LYS DA 27 30.64 82.81 33.20
N ASP DA 28 31.43 82.80 34.26
CA ASP DA 28 30.97 82.37 35.58
C ASP DA 28 30.21 83.52 36.22
N HIS DA 29 28.90 83.57 35.95
CA HIS DA 29 28.08 84.64 36.46
C HIS DA 29 27.61 84.40 37.89
N ALA DA 30 27.88 83.23 38.46
CA ALA DA 30 27.56 83.01 39.87
C ALA DA 30 28.60 83.61 40.80
N SER DA 31 29.81 83.86 40.30
CA SER DA 31 30.88 84.38 41.14
C SER DA 31 30.56 85.80 41.62
N ILE DA 32 31.08 86.15 42.78
CA ILE DA 32 30.91 87.48 43.34
C ILE DA 32 32.25 88.04 43.74
N GLN DA 33 32.32 89.36 43.81
CA GLN DA 33 33.52 90.07 44.26
C GLN DA 33 33.04 91.28 45.06
N MET DA 34 33.12 91.17 46.38
CA MET DA 34 32.50 92.13 47.28
C MET DA 34 33.55 92.87 48.11
N ASN DA 35 33.18 94.07 48.54
CA ASN DA 35 34.04 94.92 49.35
C ASN DA 35 33.49 95.03 50.76
N VAL DA 36 34.39 95.09 51.73
CA VAL DA 36 34.04 95.28 53.13
C VAL DA 36 34.75 96.54 53.61
N ALA DA 37 33.98 97.46 54.19
CA ALA DA 37 34.48 98.78 54.55
C ALA DA 37 35.07 98.73 55.97
N GLU DA 38 36.38 98.91 56.07
CA GLU DA 38 37.00 99.05 57.38
C GLU DA 38 36.77 100.45 57.92
N VAL DA 39 36.83 100.56 59.24
CA VAL DA 39 36.54 101.80 59.94
C VAL DA 39 37.81 102.30 60.62
N ASP DA 40 37.72 103.50 61.19
CA ASP DA 40 38.87 104.06 61.87
C ASP DA 40 38.96 103.53 63.31
N LYS DA 41 40.03 103.91 64.00
CA LYS DA 41 40.29 103.34 65.32
C LYS DA 41 39.35 103.90 66.38
N VAL DA 42 39.07 105.20 66.34
CA VAL DA 42 38.42 105.86 67.47
C VAL DA 42 36.90 105.75 67.36
N THR DA 43 36.33 106.35 66.32
CA THR DA 43 34.88 106.48 66.24
C THR DA 43 34.22 105.37 65.44
N GLY DA 44 34.99 104.50 64.79
CA GLY DA 44 34.38 103.44 64.00
C GLY DA 44 33.59 103.94 62.81
N ARG DA 45 34.13 104.92 62.10
CA ARG DA 45 33.47 105.50 60.94
C ARG DA 45 34.19 105.08 59.67
N PHE DA 46 33.44 105.04 58.58
CA PHE DA 46 34.01 104.68 57.28
C PHE DA 46 35.07 105.68 56.87
N ASN DA 47 36.28 105.20 56.64
CA ASN DA 47 37.42 106.03 56.28
C ASN DA 47 37.67 106.07 54.78
N GLY DA 48 36.81 105.43 53.98
CA GLY DA 48 36.89 105.50 52.54
C GLY DA 48 37.62 104.34 51.89
N GLN DA 49 38.30 103.51 52.65
CA GLN DA 49 39.02 102.38 52.11
C GLN DA 49 38.34 101.08 52.53
N PHE DA 50 38.62 100.03 51.76
CA PHE DA 50 37.92 98.76 51.92
C PHE DA 50 38.84 97.62 51.57
N LYS DA 51 38.53 96.45 52.12
CA LYS DA 51 39.19 95.21 51.78
C LYS DA 51 38.24 94.35 50.96
N THR DA 52 38.73 93.82 49.84
CA THR DA 52 37.88 93.15 48.88
C THR DA 52 38.19 91.66 48.81
N TYR DA 53 37.15 90.87 48.58
CA TYR DA 53 37.25 89.43 48.47
C TYR DA 53 36.47 88.97 47.24
N ALA DA 54 36.85 87.80 46.73
CA ALA DA 54 36.18 87.20 45.60
C ALA DA 54 35.85 85.75 45.90
N ILE DA 55 34.64 85.33 45.58
CA ILE DA 55 34.20 83.96 45.78
C ILE DA 55 33.72 83.42 44.44
N CYS DA 56 34.19 82.24 44.08
CA CYS DA 56 33.80 81.64 42.81
C CYS DA 56 32.41 81.00 42.93
N GLY DA 57 31.77 80.83 41.78
CA GLY DA 57 30.41 80.33 41.77
C GLY DA 57 30.30 78.91 42.28
N ALA DA 58 31.30 78.07 41.98
CA ALA DA 58 31.26 76.69 42.46
C ALA DA 58 31.29 76.64 43.98
N ILE DA 59 32.11 77.47 44.60
CA ILE DA 59 32.15 77.52 46.07
C ILE DA 59 30.84 78.08 46.61
N ARG DA 60 30.36 79.18 46.04
CA ARG DA 60 29.23 79.87 46.63
C ARG DA 60 27.89 79.35 46.15
N ARG DA 61 27.86 78.25 45.39
CA ARG DA 61 26.61 77.55 45.15
C ARG DA 61 26.44 76.34 46.03
N MET DA 62 27.49 75.90 46.72
CA MET DA 62 27.42 74.76 47.61
C MET DA 62 27.36 75.15 49.08
N GLY DA 63 27.26 76.44 49.36
CA GLY DA 63 26.96 76.90 50.70
C GLY DA 63 28.14 77.29 51.56
N GLU DA 64 29.35 77.34 51.02
CA GLU DA 64 30.53 77.63 51.81
C GLU DA 64 30.97 79.08 51.70
N SER DA 65 30.21 79.91 50.99
CA SER DA 65 30.57 81.33 50.85
C SER DA 65 30.56 82.04 52.19
N ASP DA 66 29.58 81.74 53.05
CA ASP DA 66 29.52 82.32 54.37
C ASP DA 66 30.80 82.04 55.16
N ASP DA 67 31.18 80.77 55.25
CA ASP DA 67 32.35 80.42 56.03
C ASP DA 67 33.63 80.96 55.40
N SER DA 68 33.69 80.99 54.07
CA SER DA 68 34.87 81.52 53.40
C SER DA 68 35.04 83.01 53.71
N ILE DA 69 33.97 83.79 53.58
CA ILE DA 69 34.05 85.21 53.88
C ILE DA 69 34.34 85.43 55.35
N LEU DA 70 33.77 84.61 56.23
CA LEU DA 70 34.04 84.74 57.64
C LEU DA 70 35.51 84.49 57.95
N ARG DA 71 36.09 83.46 57.34
CA ARG DA 71 37.51 83.17 57.54
C ARG DA 71 38.38 84.31 57.03
N LEU DA 72 38.04 84.84 55.85
CA LEU DA 72 38.84 85.93 55.28
C LEU DA 72 38.75 87.18 56.15
N ALA DA 73 37.56 87.48 56.67
CA ALA DA 73 37.40 88.63 57.56
C ALA DA 73 38.17 88.44 58.86
N LYS DA 74 38.13 87.22 59.41
CA LYS DA 74 38.91 86.93 60.62
C LYS DA 74 40.40 87.09 60.36
N ALA DA 75 40.88 86.61 59.22
CA ALA DA 75 42.30 86.72 58.89
C ALA DA 75 42.71 88.17 58.72
N ASP DA 76 41.89 88.97 58.01
CA ASP DA 76 42.24 90.36 57.79
C ASP DA 76 41.98 91.25 59.00
N GLY DA 77 41.30 90.74 60.02
CA GLY DA 77 41.04 91.52 61.22
C GLY DA 77 39.71 92.23 61.24
N ILE DA 78 38.85 91.99 60.25
CA ILE DA 78 37.50 92.54 60.30
C ILE DA 78 36.72 91.96 61.47
N VAL DA 79 36.84 90.65 61.68
CA VAL DA 79 36.16 89.95 62.75
C VAL DA 79 37.16 89.70 63.87
N SER DA 80 36.76 89.96 65.11
CA SER DA 80 37.65 89.81 66.25
C SER DA 80 38.03 88.36 66.45
N LYS DA 81 39.21 88.15 67.04
CA LYS DA 81 39.70 86.81 67.31
C LYS DA 81 38.85 86.09 68.35
N ASN DA 82 38.15 86.83 69.20
CA ASN DA 82 37.26 86.26 70.20
C ASN DA 82 35.88 85.93 69.63
N PHE DA 83 35.77 85.79 68.32
CA PHE DA 83 34.54 85.42 67.65
C PHE DA 83 34.01 84.10 68.18
N VAL EA 1 41.41 44.14 49.28
CA VAL EA 1 42.17 44.77 50.36
C VAL EA 1 42.99 45.91 49.81
N ARG EA 2 43.58 46.71 50.71
CA ARG EA 2 44.46 47.77 50.28
C ARG EA 2 45.75 47.18 49.75
N MET EA 3 46.16 47.62 48.56
CA MET EA 3 47.35 47.07 47.94
C MET EA 3 48.32 48.15 47.50
N ASN EA 4 47.82 49.33 47.16
CA ASN EA 4 48.65 50.44 46.71
C ASN EA 4 48.38 51.65 47.59
N VAL EA 5 49.20 51.80 48.63
CA VAL EA 5 49.01 52.88 49.58
C VAL EA 5 49.29 54.24 48.94
N LEU EA 6 50.27 54.31 48.03
CA LEU EA 6 50.53 55.56 47.33
C LEU EA 6 49.36 55.94 46.44
N ALA EA 7 48.76 54.96 45.76
CA ALA EA 7 47.59 55.24 44.95
C ALA EA 7 46.43 55.74 45.80
N ASP EA 8 46.22 55.10 46.96
CA ASP EA 8 45.15 55.55 47.84
C ASP EA 8 45.37 56.97 48.32
N ALA EA 9 46.61 57.31 48.70
CA ALA EA 9 46.89 58.66 49.18
C ALA EA 9 46.71 59.70 48.08
N LEU EA 10 47.18 59.37 46.87
CA LEU EA 10 47.04 60.31 45.76
C LEU EA 10 45.57 60.53 45.41
N LYS EA 11 44.78 59.46 45.39
CA LYS EA 11 43.36 59.61 45.11
C LYS EA 11 42.66 60.41 46.20
N SER EA 12 43.03 60.19 47.46
CA SER EA 12 42.40 60.93 48.55
C SER EA 12 42.69 62.41 48.45
N ILE EA 13 43.95 62.79 48.23
CA ILE EA 13 44.25 64.21 48.12
C ILE EA 13 43.64 64.81 46.85
N ASN EA 14 43.51 64.01 45.79
CA ASN EA 14 42.84 64.50 44.59
C ASN EA 14 41.37 64.81 44.85
N ASN EA 15 40.66 63.90 45.51
CA ASN EA 15 39.25 64.15 45.81
C ASN EA 15 39.06 65.27 46.81
N ALA EA 16 40.02 65.47 47.72
CA ALA EA 16 39.94 66.64 48.59
C ALA EA 16 40.15 67.94 47.82
N GLU EA 17 41.11 67.94 46.89
CA GLU EA 17 41.38 69.15 46.11
C GLU EA 17 40.21 69.49 45.20
N LYS EA 18 39.56 68.48 44.63
CA LYS EA 18 38.40 68.75 43.77
C LYS EA 18 37.26 69.40 44.56
N ARG EA 19 37.02 68.96 45.79
CA ARG EA 19 36.00 69.54 46.62
C ARG EA 19 36.46 70.84 47.29
N GLY EA 20 37.75 71.17 47.16
CA GLY EA 20 38.21 72.46 47.64
C GLY EA 20 38.54 72.52 49.10
N LYS EA 21 38.83 71.39 49.73
CA LYS EA 21 39.22 71.39 51.12
C LYS EA 21 40.59 72.03 51.29
N ARG EA 22 40.88 72.44 52.53
CA ARG EA 22 42.16 73.07 52.84
C ARG EA 22 43.15 72.11 53.47
N GLN EA 23 42.68 71.13 54.24
CA GLN EA 23 43.54 70.12 54.83
C GLN EA 23 42.97 68.75 54.51
N VAL EA 24 43.84 67.80 54.23
CA VAL EA 24 43.44 66.44 53.91
C VAL EA 24 44.24 65.47 54.78
N LEU EA 25 43.56 64.43 55.27
CA LEU EA 25 44.18 63.40 56.08
C LEU EA 25 44.24 62.10 55.30
N ILE EA 26 45.44 61.58 55.11
CA ILE EA 26 45.65 60.28 54.49
C ILE EA 26 46.12 59.30 55.57
N ARG EA 27 45.43 58.16 55.69
CA ARG EA 27 45.61 57.33 56.88
C ARG EA 27 46.91 56.54 56.86
N PRO EA 28 47.20 55.69 55.86
CA PRO EA 28 48.47 54.97 55.91
C PRO EA 28 49.58 55.74 55.22
N CYS EA 29 50.67 56.03 55.93
CA CYS EA 29 51.80 56.72 55.35
C CYS EA 29 52.91 55.73 55.05
N SER EA 30 53.75 56.09 54.08
CA SER EA 30 54.91 55.30 53.74
C SER EA 30 56.04 56.22 53.36
N LYS EA 31 57.25 55.67 53.30
CA LYS EA 31 58.40 56.44 52.85
C LYS EA 31 58.17 56.95 51.43
N VAL EA 32 57.59 56.12 50.57
CA VAL EA 32 57.32 56.52 49.19
C VAL EA 32 56.38 57.71 49.17
N ILE EA 33 55.31 57.66 49.98
CA ILE EA 33 54.37 58.76 50.04
C ILE EA 33 55.05 60.02 50.55
N VAL EA 34 55.92 59.88 51.53
CA VAL EA 34 56.59 61.06 52.08
C VAL EA 34 57.47 61.71 51.02
N ARG EA 35 58.23 60.92 50.27
CA ARG EA 35 59.07 61.50 49.22
C ARG EA 35 58.23 62.11 48.11
N PHE EA 36 57.11 61.48 47.77
CA PHE EA 36 56.23 62.03 46.74
C PHE EA 36 55.67 63.38 47.16
N LEU EA 37 55.15 63.47 48.38
CA LEU EA 37 54.67 64.74 48.89
C LEU EA 37 55.80 65.75 49.00
N THR EA 38 57.01 65.29 49.29
CA THR EA 38 58.14 66.21 49.40
C THR EA 38 58.47 66.83 48.06
N VAL EA 39 58.50 66.03 46.99
CA VAL EA 39 58.80 66.63 45.69
C VAL EA 39 57.64 67.51 45.23
N MET EA 40 56.40 67.15 45.56
CA MET EA 40 55.27 68.02 45.27
C MET EA 40 55.42 69.37 45.94
N MET EA 41 55.81 69.36 47.21
CA MET EA 41 55.97 70.60 47.96
C MET EA 41 57.18 71.40 47.48
N LYS EA 42 58.25 70.73 47.09
CA LYS EA 42 59.40 71.44 46.54
C LYS EA 42 59.05 72.13 45.23
N HIS EA 43 58.19 71.52 44.42
CA HIS EA 43 57.69 72.19 43.23
C HIS EA 43 56.52 73.11 43.52
N GLY EA 44 56.04 73.15 44.76
CA GLY EA 44 55.08 74.14 45.17
C GLY EA 44 53.63 73.81 44.91
N TYR EA 45 53.32 72.53 44.67
CA TYR EA 45 51.94 72.17 44.38
C TYR EA 45 51.11 71.96 45.64
N ILE EA 46 51.75 71.64 46.75
CA ILE EA 46 51.05 71.48 48.01
C ILE EA 46 51.80 72.25 49.10
N GLY EA 47 51.08 72.58 50.16
CA GLY EA 47 51.66 73.25 51.29
C GLY EA 47 52.36 72.29 52.23
N GLU EA 48 52.56 72.74 53.46
CA GLU EA 48 53.23 71.91 54.45
C GLU EA 48 52.34 70.74 54.86
N PHE EA 49 52.99 69.65 55.25
CA PHE EA 49 52.28 68.47 55.74
C PHE EA 49 52.99 67.94 56.98
N GLU EA 50 52.19 67.49 57.94
CA GLU EA 50 52.68 66.95 59.20
C GLU EA 50 52.32 65.47 59.31
N ILE EA 51 53.29 64.67 59.72
CA ILE EA 51 53.09 63.23 59.87
C ILE EA 51 52.72 62.94 61.31
N ILE EA 52 51.45 62.67 61.55
CA ILE EA 52 50.99 62.21 62.86
C ILE EA 52 51.49 60.79 63.04
N ASP EA 53 52.39 60.60 64.00
CA ASP EA 53 53.13 59.35 64.14
C ASP EA 53 52.55 58.54 65.29
N ASP EA 54 51.53 57.75 64.99
CA ASP EA 54 51.13 56.71 65.92
C ASP EA 54 52.13 55.56 65.81
N HIS EA 55 52.05 54.63 66.76
CA HIS EA 55 52.98 53.51 66.74
C HIS EA 55 52.67 52.51 65.63
N ARG EA 56 51.54 52.67 64.95
CA ARG EA 56 51.24 51.95 63.73
C ARG EA 56 51.76 52.76 62.54
N ALA EA 57 51.34 52.39 61.34
CA ALA EA 57 51.62 53.21 60.16
C ALA EA 57 50.98 54.58 60.32
N GLY EA 58 51.81 55.61 60.37
CA GLY EA 58 51.32 56.93 60.72
C GLY EA 58 50.41 57.52 59.66
N LYS EA 59 49.75 58.61 60.05
CA LYS EA 59 48.88 59.36 59.16
C LYS EA 59 49.58 60.65 58.74
N ILE EA 60 49.09 61.26 57.68
CA ILE EA 60 49.65 62.52 57.21
C ILE EA 60 48.52 63.52 57.02
N VAL EA 61 48.70 64.74 57.51
CA VAL EA 61 47.79 65.85 57.24
C VAL EA 61 48.52 66.82 56.32
N VAL EA 62 47.92 67.09 55.17
CA VAL EA 62 48.53 67.89 54.12
C VAL EA 62 47.72 69.17 53.97
N ASN EA 63 48.41 70.29 53.86
CA ASN EA 63 47.78 71.56 53.52
C ASN EA 63 47.75 71.71 52.00
N LEU EA 64 46.57 72.01 51.47
CA LEU EA 64 46.39 72.16 50.04
C LEU EA 64 46.38 73.65 49.68
N THR EA 65 47.21 74.02 48.72
CA THR EA 65 47.32 75.39 48.27
C THR EA 65 46.25 75.76 47.25
N GLY EA 66 45.42 74.82 46.85
CA GLY EA 66 44.37 75.10 45.89
C GLY EA 66 44.82 75.24 44.47
N ARG EA 67 46.09 74.95 44.17
CA ARG EA 67 46.63 75.14 42.83
C ARG EA 67 46.99 73.83 42.14
N LEU EA 68 46.53 72.70 42.67
CA LEU EA 68 46.78 71.40 42.06
C LEU EA 68 45.59 70.99 41.23
N ASN EA 69 45.85 70.49 40.02
CA ASN EA 69 44.77 70.04 39.15
C ASN EA 69 44.51 68.55 39.32
N LYS EA 70 45.51 67.72 39.02
CA LYS EA 70 45.39 66.28 39.11
C LYS EA 70 46.70 65.71 39.61
N CYS EA 71 46.61 64.70 40.46
CA CYS EA 71 47.77 64.05 41.08
C CYS EA 71 47.64 62.54 40.99
N GLY EA 72 47.38 62.04 39.80
CA GLY EA 72 47.16 60.63 39.60
C GLY EA 72 48.40 59.78 39.78
N VAL EA 73 48.20 58.48 39.67
CA VAL EA 73 49.25 57.49 39.91
C VAL EA 73 49.23 56.47 38.77
N ILE EA 74 50.41 55.92 38.48
CA ILE EA 74 50.53 54.81 37.54
C ILE EA 74 50.82 53.57 38.37
N SER EA 75 49.88 52.62 38.37
CA SER EA 75 49.97 51.54 39.34
C SER EA 75 50.99 50.48 38.95
N PRO EA 76 50.94 49.88 37.73
CA PRO EA 76 52.03 48.97 37.39
C PRO EA 76 53.30 49.76 37.13
N ARG EA 77 54.25 49.68 38.06
CA ARG EA 77 55.43 50.53 38.02
C ARG EA 77 56.32 50.05 36.88
N PHE EA 78 56.00 50.54 35.68
CA PHE EA 78 56.76 50.17 34.49
C PHE EA 78 58.19 50.69 34.60
N ASP EA 79 59.10 49.99 33.94
CA ASP EA 79 60.51 50.35 33.93
C ASP EA 79 60.71 51.44 32.88
N VAL EA 80 60.75 52.69 33.32
CA VAL EA 80 60.90 53.81 32.41
C VAL EA 80 62.38 54.04 32.17
N GLN EA 81 62.82 53.85 30.93
CA GLN EA 81 64.17 54.19 30.55
C GLN EA 81 64.24 55.64 30.11
N LEU EA 82 65.46 56.16 30.01
CA LEU EA 82 65.62 57.54 29.57
C LEU EA 82 65.28 57.70 28.10
N LYS EA 83 65.52 56.68 27.29
CA LYS EA 83 65.30 56.78 25.86
C LYS EA 83 63.83 56.87 25.50
N ASP EA 84 62.92 56.61 26.43
CA ASP EA 84 61.49 56.68 26.15
C ASP EA 84 60.71 57.48 27.19
N LEU EA 85 61.39 58.25 28.04
CA LEU EA 85 60.70 59.03 29.06
C LEU EA 85 59.83 60.11 28.43
N GLU EA 86 60.23 60.64 27.27
CA GLU EA 86 59.44 61.67 26.61
C GLU EA 86 58.09 61.15 26.14
N LYS EA 87 57.98 59.84 25.86
CA LYS EA 87 56.68 59.29 25.51
C LYS EA 87 55.72 59.32 26.68
N TRP EA 88 56.19 58.97 27.88
CA TRP EA 88 55.38 59.18 29.07
C TRP EA 88 55.10 60.66 29.29
N GLN EA 89 56.07 61.51 29.00
CA GLN EA 89 55.92 62.95 29.18
C GLN EA 89 54.74 63.49 28.38
N ASN EA 90 54.72 63.21 27.08
CA ASN EA 90 53.65 63.73 26.25
C ASN EA 90 52.42 62.84 26.23
N ASN EA 91 52.45 61.69 26.90
CA ASN EA 91 51.25 60.92 27.13
C ASN EA 91 50.52 61.31 28.41
N LEU EA 92 51.22 61.89 29.38
CA LEU EA 92 50.60 62.21 30.66
C LEU EA 92 50.51 63.70 30.93
N LEU EA 93 51.61 64.43 30.82
CA LEU EA 93 51.61 65.84 31.19
C LEU EA 93 50.77 66.65 30.22
N PRO EA 94 50.02 67.64 30.70
CA PRO EA 94 49.20 68.45 29.80
C PRO EA 94 49.99 69.24 28.78
N SER EA 95 51.18 69.71 29.12
CA SER EA 95 51.99 70.47 28.19
C SER EA 95 53.45 70.38 28.60
N ARG EA 96 54.31 70.83 27.70
CA ARG EA 96 55.74 70.87 27.97
C ARG EA 96 56.13 72.06 28.84
N GLN EA 97 55.20 72.98 29.11
CA GLN EA 97 55.54 74.16 29.91
C GLN EA 97 55.49 73.87 31.40
N PHE EA 98 54.64 72.95 31.84
CA PHE EA 98 54.51 72.65 33.25
C PHE EA 98 54.12 71.18 33.41
N GLY EA 99 53.79 70.80 34.63
CA GLY EA 99 53.45 69.42 34.92
C GLY EA 99 54.67 68.57 35.16
N PHE EA 100 54.60 67.66 36.11
CA PHE EA 100 55.75 66.85 36.48
C PHE EA 100 55.36 65.38 36.59
N ILE EA 101 56.31 64.52 36.24
CA ILE EA 101 56.18 63.08 36.37
C ILE EA 101 57.19 62.61 37.38
N VAL EA 102 56.72 61.94 38.43
CA VAL EA 102 57.57 61.42 39.49
C VAL EA 102 57.86 59.96 39.21
N LEU EA 103 59.12 59.60 39.16
CA LEU EA 103 59.53 58.22 38.98
C LEU EA 103 60.65 57.91 39.94
N THR EA 104 60.59 56.75 40.58
CA THR EA 104 61.63 56.35 41.52
C THR EA 104 62.82 55.81 40.75
N THR EA 105 64.00 56.33 41.09
CA THR EA 105 65.25 55.91 40.48
C THR EA 105 66.22 55.50 41.58
N SER EA 106 67.34 54.91 41.16
CA SER EA 106 68.34 54.48 42.12
C SER EA 106 68.98 55.65 42.85
N ALA EA 107 68.91 56.87 42.30
CA ALA EA 107 69.36 58.07 42.97
C ALA EA 107 68.27 58.70 43.83
N GLY EA 108 67.27 57.93 44.23
CA GLY EA 108 66.17 58.43 45.02
C GLY EA 108 64.93 58.69 44.17
N ILE EA 109 63.90 59.18 44.85
CA ILE EA 109 62.66 59.54 44.20
C ILE EA 109 62.77 60.99 43.74
N MET EA 110 62.52 61.23 42.46
CA MET EA 110 62.61 62.57 41.92
C MET EA 110 61.77 62.66 40.65
N ASP EA 111 61.58 63.88 40.18
CA ASP EA 111 60.77 64.13 39.00
C ASP EA 111 61.59 63.91 37.74
N HIS EA 112 60.89 63.91 36.60
CA HIS EA 112 61.52 63.58 35.32
C HIS EA 112 62.55 64.61 34.92
N GLU EA 113 62.36 65.88 35.28
CA GLU EA 113 63.31 66.91 34.87
C GLU EA 113 64.69 66.66 35.47
N GLU EA 114 64.77 66.50 36.79
CA GLU EA 114 66.06 66.22 37.37
C GLU EA 114 66.54 64.80 37.12
N ALA EA 115 65.63 63.86 36.86
CA ALA EA 115 66.07 62.53 36.43
C ALA EA 115 66.83 62.63 35.11
N ARG EA 116 66.31 63.41 34.17
CA ARG EA 116 67.02 63.64 32.92
C ARG EA 116 68.32 64.42 33.17
N ARG EA 117 68.28 65.38 34.10
CA ARG EA 117 69.47 66.18 34.39
C ARG EA 117 70.61 65.30 34.89
N LYS EA 118 70.33 64.39 35.82
CA LYS EA 118 71.34 63.53 36.37
C LYS EA 118 71.48 62.20 35.63
N HIS EA 119 70.77 62.06 34.50
CA HIS EA 119 71.00 60.96 33.56
C HIS EA 119 70.75 59.60 34.22
N THR EA 120 69.50 59.39 34.64
CA THR EA 120 69.11 58.11 35.21
C THR EA 120 67.67 57.80 34.82
N GLY EA 121 67.38 56.51 34.74
CA GLY EA 121 66.03 56.03 34.57
C GLY EA 121 65.54 55.35 35.83
N GLY EA 122 64.32 54.85 35.76
CA GLY EA 122 63.74 54.19 36.92
C GLY EA 122 62.34 53.74 36.66
N LYS EA 123 61.65 53.42 37.75
CA LYS EA 123 60.28 52.92 37.68
C LYS EA 123 59.30 54.06 37.89
N ILE EA 124 58.24 54.06 37.08
CA ILE EA 124 57.24 55.11 37.13
C ILE EA 124 56.49 55.05 38.45
N LEU EA 125 56.24 56.21 39.04
CA LEU EA 125 55.48 56.29 40.29
C LEU EA 125 54.15 57.01 40.09
N GLY EA 126 54.18 58.23 39.57
CA GLY EA 126 52.96 58.99 39.39
C GLY EA 126 53.25 60.30 38.70
N PHE EA 127 52.23 61.14 38.66
CA PHE EA 127 52.35 62.43 38.01
C PHE EA 127 51.47 63.43 38.74
N PHE EA 128 51.78 64.71 38.55
CA PHE EA 128 50.96 65.78 39.10
C PHE EA 128 51.14 67.01 38.24
N PHE EA 129 50.06 67.76 38.07
CA PHE EA 129 50.11 69.00 37.32
C PHE EA 129 49.00 69.95 37.76
N GLY FA 1 37.15 44.97 36.33
CA GLY FA 1 37.78 45.69 35.24
C GLY FA 1 38.72 44.82 34.43
N LYS FA 2 39.93 45.32 34.18
CA LYS FA 2 40.95 44.57 33.45
C LYS FA 2 42.19 44.46 34.31
N CYS FA 3 42.86 43.32 34.24
CA CYS FA 3 44.08 43.11 35.00
C CYS FA 3 45.19 44.01 34.47
N ARG FA 4 45.95 44.60 35.39
CA ARG FA 4 47.00 45.54 35.03
C ARG FA 4 48.35 45.14 35.61
N GLY FA 5 48.51 43.90 36.05
CA GLY FA 5 49.73 43.51 36.70
C GLY FA 5 50.91 43.49 35.75
N LEU FA 6 52.11 43.61 36.35
CA LEU FA 6 53.32 43.69 35.57
C LEU FA 6 53.68 42.38 34.89
N ARG FA 7 53.12 41.27 35.35
CA ARG FA 7 53.41 39.96 34.79
C ARG FA 7 52.15 39.31 34.23
N THR FA 8 51.21 40.11 33.75
CA THR FA 8 49.96 39.64 33.20
C THR FA 8 49.93 39.63 31.69
N ALA FA 9 51.09 39.77 31.04
CA ALA FA 9 51.12 39.88 29.58
C ALA FA 9 50.61 38.61 28.92
N ARG FA 10 50.86 37.45 29.51
CA ARG FA 10 50.35 36.21 28.94
C ARG FA 10 48.83 36.20 28.91
N LYS FA 11 48.20 36.55 30.03
CA LYS FA 11 46.74 36.61 30.04
C LYS FA 11 46.21 37.69 29.12
N LEU FA 12 46.89 38.83 29.06
CA LEU FA 12 46.44 39.90 28.18
C LEU FA 12 46.44 39.46 26.72
N ARG FA 13 47.55 38.87 26.26
CA ARG FA 13 47.60 38.45 24.87
C ARG FA 13 46.69 37.26 24.59
N SER FA 14 46.55 36.33 25.54
CA SER FA 14 45.66 35.20 25.33
C SER FA 14 44.21 35.65 25.25
N HIS FA 15 43.78 36.53 26.15
CA HIS FA 15 42.44 37.08 26.07
C HIS FA 15 42.24 37.88 24.81
N ARG FA 16 43.28 38.59 24.36
CA ARG FA 16 43.14 39.41 23.17
C ARG FA 16 42.92 38.54 21.95
N ARG FA 17 43.71 37.48 21.80
CA ARG FA 17 43.55 36.61 20.66
C ARG FA 17 42.31 35.74 20.77
N ASP FA 18 41.77 35.55 21.98
CA ASP FA 18 40.49 34.88 22.10
C ASP FA 18 39.35 35.78 21.66
N GLN FA 19 39.37 37.04 22.09
CA GLN FA 19 38.32 38.00 21.75
C GLN FA 19 38.42 38.52 20.34
N LYS FA 20 39.56 38.36 19.68
CA LYS FA 20 39.65 38.71 18.27
C LYS FA 20 38.84 37.78 17.39
N TRP FA 21 38.40 36.64 17.91
CA TRP FA 21 37.59 35.72 17.15
C TRP FA 21 36.12 36.11 17.12
N HIS FA 22 35.74 37.19 17.81
CA HIS FA 22 34.34 37.56 17.94
C HIS FA 22 33.93 38.71 17.05
N ASP FA 23 34.80 39.17 16.15
CA ASP FA 23 34.40 40.13 15.14
C ASP FA 23 34.42 39.48 13.77
N LYS FA 24 33.48 39.91 12.93
CA LYS FA 24 33.21 39.21 11.68
C LYS FA 24 34.41 39.26 10.74
N GLN FA 25 35.11 40.39 10.69
CA GLN FA 25 36.19 40.56 9.72
C GLN FA 25 37.32 39.57 9.98
N TYR FA 26 37.83 39.53 11.21
CA TYR FA 26 38.92 38.61 11.54
C TYR FA 26 38.48 37.16 11.41
N LYS FA 27 37.26 36.85 11.87
CA LYS FA 27 36.75 35.49 11.81
C LYS FA 27 36.70 35.01 10.36
N LYS FA 28 36.10 35.82 9.48
CA LYS FA 28 35.98 35.43 8.08
C LYS FA 28 37.33 35.41 7.39
N ALA FA 29 38.24 36.30 7.76
CA ALA FA 29 39.55 36.30 7.13
C ALA FA 29 40.43 35.14 7.56
N HIS FA 30 40.19 34.56 8.74
CA HIS FA 30 41.14 33.60 9.27
C HIS FA 30 40.63 32.18 9.47
N LEU FA 31 39.32 31.95 9.58
CA LEU FA 31 38.86 30.56 9.63
C LEU FA 31 39.14 29.84 8.32
N GLY FA 32 38.91 30.51 7.20
CA GLY FA 32 39.04 29.90 5.90
C GLY FA 32 37.77 29.27 5.38
N THR FA 33 36.73 29.15 6.19
CA THR FA 33 35.45 28.66 5.70
C THR FA 33 34.88 29.60 4.64
N ALA FA 34 34.99 30.91 4.88
CA ALA FA 34 34.56 31.88 3.87
C ALA FA 34 35.40 31.76 2.61
N LEU FA 35 36.70 31.49 2.76
CA LEU FA 35 37.56 31.30 1.60
C LEU FA 35 37.15 30.07 0.80
N LYS FA 36 36.81 28.98 1.48
CA LYS FA 36 36.34 27.78 0.78
C LYS FA 36 35.00 28.04 0.09
N ALA FA 37 34.10 28.76 0.76
CA ALA FA 37 32.78 29.02 0.18
C ALA FA 37 32.81 30.07 -0.91
N ASN FA 38 33.87 30.84 -1.01
CA ASN FA 38 33.97 31.86 -2.04
C ASN FA 38 34.16 31.20 -3.40
N PRO FA 39 33.27 31.42 -4.36
CA PRO FA 39 33.44 30.82 -5.69
C PRO FA 39 34.70 31.29 -6.41
N PHE FA 40 35.22 32.46 -6.07
CA PHE FA 40 36.44 32.95 -6.69
C PHE FA 40 37.69 32.32 -6.11
N GLY FA 41 37.59 31.66 -4.95
CA GLY FA 41 38.76 31.07 -4.33
C GLY FA 41 39.79 32.10 -3.93
N GLY FA 42 39.36 33.25 -3.43
CA GLY FA 42 40.27 34.30 -3.05
C GLY FA 42 40.77 35.15 -4.20
N ALA FA 43 40.18 35.02 -5.38
CA ALA FA 43 40.58 35.80 -6.53
C ALA FA 43 39.69 37.02 -6.70
N SER FA 44 40.10 37.90 -7.61
CA SER FA 44 39.34 39.11 -7.91
C SER FA 44 38.45 38.96 -9.13
N HIS FA 45 38.86 38.16 -10.11
CA HIS FA 45 38.10 37.93 -11.32
C HIS FA 45 38.08 36.43 -11.61
N ALA FA 46 37.15 36.02 -12.47
CA ALA FA 46 37.04 34.60 -12.80
C ALA FA 46 36.38 34.45 -14.17
N LYS FA 47 36.92 33.57 -14.99
CA LYS FA 47 36.30 33.27 -16.27
C LYS FA 47 35.16 32.28 -16.10
N GLY FA 48 34.26 32.28 -17.08
CA GLY FA 48 33.15 31.34 -17.06
C GLY FA 48 32.51 31.21 -18.43
N ILE FA 49 31.69 30.18 -18.56
CA ILE FA 49 30.92 29.92 -19.77
C ILE FA 49 29.45 30.10 -19.45
N VAL FA 50 28.77 30.93 -20.24
CA VAL FA 50 27.41 31.32 -19.91
C VAL FA 50 26.45 30.16 -20.13
N LEU FA 51 25.63 29.88 -19.12
CA LEU FA 51 24.63 28.82 -19.21
C LEU FA 51 23.23 29.35 -19.45
N GLU FA 52 22.88 30.52 -18.92
CA GLU FA 52 21.52 30.99 -19.03
C GLU FA 52 21.50 32.51 -18.94
N LYS FA 53 20.38 33.09 -19.34
CA LYS FA 53 20.15 34.54 -19.24
C LYS FA 53 18.79 34.76 -18.61
N VAL FA 54 18.75 35.18 -17.36
CA VAL FA 54 17.50 35.32 -16.64
C VAL FA 54 17.34 36.74 -16.13
N GLY FA 55 16.20 37.02 -15.50
CA GLY FA 55 15.94 38.32 -14.93
C GLY FA 55 15.48 38.20 -13.50
N VAL FA 56 15.85 39.19 -12.70
CA VAL FA 56 15.59 39.20 -11.27
C VAL FA 56 14.70 40.40 -10.95
N GLU FA 57 13.67 40.16 -10.13
CA GLU FA 57 12.82 41.25 -9.69
C GLU FA 57 13.59 42.23 -8.82
N ALA FA 58 13.29 43.51 -8.94
CA ALA FA 58 13.86 44.49 -8.04
C ALA FA 58 13.25 44.33 -6.64
N LYS FA 59 13.78 45.08 -5.69
CA LYS FA 59 13.32 44.96 -4.31
C LYS FA 59 11.99 45.68 -4.15
N GLN FA 60 11.49 45.75 -2.92
CA GLN FA 60 10.14 46.26 -2.68
C GLN FA 60 9.95 47.71 -3.09
N PRO FA 61 10.76 48.69 -2.67
CA PRO FA 61 10.50 50.08 -3.07
C PRO FA 61 10.89 50.40 -4.50
N ASN FA 62 11.33 49.41 -5.27
CA ASN FA 62 11.65 49.58 -6.68
C ASN FA 62 10.82 48.61 -7.50
N SER FA 63 10.96 48.71 -8.82
CA SER FA 63 10.28 47.79 -9.73
C SER FA 63 11.04 47.79 -11.04
N ALA FA 64 11.74 46.70 -11.33
CA ALA FA 64 12.45 46.53 -12.59
C ALA FA 64 12.86 45.07 -12.69
N ILE FA 65 13.30 44.70 -13.89
CA ILE FA 65 13.86 43.38 -14.17
C ILE FA 65 15.35 43.57 -14.43
N ARG FA 66 16.18 43.04 -13.53
CA ARG FA 66 17.63 43.13 -13.67
C ARG FA 66 18.11 41.91 -14.45
N LYS FA 67 18.85 42.16 -15.54
CA LYS FA 67 19.19 41.12 -16.49
C LYS FA 67 20.52 40.49 -16.09
N CYS FA 68 20.46 39.29 -15.53
CA CYS FA 68 21.63 38.60 -15.01
C CYS FA 68 21.87 37.33 -15.80
N VAL FA 69 23.12 37.08 -16.15
CA VAL FA 69 23.48 35.84 -16.82
C VAL FA 69 23.96 34.84 -15.78
N ARG FA 70 23.51 33.61 -15.90
CA ARG FA 70 23.91 32.52 -15.01
C ARG FA 70 25.02 31.72 -15.69
N VAL FA 71 26.16 31.60 -15.02
CA VAL FA 71 27.41 31.17 -15.62
C VAL FA 71 28.09 30.14 -14.72
N GLN FA 72 28.73 29.16 -15.35
CA GLN FA 72 29.56 28.18 -14.65
C GLN FA 72 31.02 28.55 -14.81
N LEU FA 73 31.73 28.62 -13.68
CA LEU FA 73 33.12 29.05 -13.69
C LEU FA 73 34.03 27.96 -14.26
N ILE FA 74 35.11 28.40 -14.91
CA ILE FA 74 36.04 27.46 -15.52
C ILE FA 74 36.75 26.63 -14.46
N LYS FA 75 37.30 27.27 -13.45
CA LYS FA 75 37.86 26.56 -12.32
C LYS FA 75 36.76 26.18 -11.35
N ASN FA 76 36.98 25.06 -10.66
CA ASN FA 76 36.17 24.56 -9.53
C ASN FA 76 34.70 24.29 -9.88
N GLY FA 77 34.29 24.59 -11.11
CA GLY FA 77 32.99 24.16 -11.61
C GLY FA 77 31.79 24.57 -10.77
N LYS FA 78 31.75 25.84 -10.36
CA LYS FA 78 30.60 26.36 -9.62
C LYS FA 78 29.79 27.30 -10.50
N LYS FA 79 28.51 27.44 -10.18
CA LYS FA 79 27.58 28.24 -10.96
C LYS FA 79 27.12 29.44 -10.15
N ILE FA 80 27.19 30.62 -10.76
CA ILE FA 80 26.85 31.88 -10.12
C ILE FA 80 25.99 32.69 -11.08
N THR FA 81 25.51 33.83 -10.58
CA THR FA 81 24.72 34.78 -11.36
C THR FA 81 25.45 36.12 -11.38
N ALA FA 82 25.76 36.60 -12.57
CA ALA FA 82 26.45 37.87 -12.75
C ALA FA 82 25.52 38.85 -13.45
N PHE FA 83 25.33 40.02 -12.84
CA PHE FA 83 24.46 41.04 -13.40
C PHE FA 83 25.22 41.84 -14.45
N VAL FA 84 24.62 41.97 -15.64
CA VAL FA 84 25.24 42.72 -16.73
C VAL FA 84 25.01 44.20 -16.49
N PRO FA 85 26.08 44.99 -16.36
CA PRO FA 85 25.97 46.38 -15.89
C PRO FA 85 25.83 47.44 -16.97
N ASN FA 86 24.87 47.24 -17.89
CA ASN FA 86 24.58 48.25 -18.90
C ASN FA 86 23.15 48.05 -19.40
N ASP FA 87 22.73 48.93 -20.30
CA ASP FA 87 21.36 48.91 -20.80
C ASP FA 87 21.13 47.73 -21.75
N GLY FA 88 21.84 47.71 -22.87
CA GLY FA 88 21.58 46.70 -23.88
C GLY FA 88 22.76 45.82 -24.21
N CYS FA 89 23.56 45.45 -23.20
CA CYS FA 89 24.66 44.52 -23.41
C CYS FA 89 24.22 43.07 -23.33
N LEU FA 90 23.01 42.78 -22.87
CA LEU FA 90 22.51 41.41 -22.97
C LEU FA 90 22.36 41.00 -24.44
N ASN FA 91 22.04 41.96 -25.31
CA ASN FA 91 22.04 41.68 -26.74
C ASN FA 91 23.44 41.36 -27.24
N PHE FA 92 24.45 42.04 -26.70
CA PHE FA 92 25.83 41.69 -26.99
C PHE FA 92 26.19 40.30 -26.49
N ILE FA 93 25.58 39.86 -25.40
CA ILE FA 93 25.82 38.53 -24.85
C ILE FA 93 25.22 37.50 -25.80
N GLU FA 94 26.06 36.63 -26.35
CA GLU FA 94 25.59 35.41 -26.99
C GLU FA 94 26.02 34.22 -26.15
N GLU FA 95 25.31 33.11 -26.34
CA GLU FA 95 25.45 31.96 -25.45
C GLU FA 95 26.82 31.31 -25.59
N ASN FA 96 27.32 30.77 -24.46
CA ASN FA 96 28.56 30.02 -24.38
C ASN FA 96 29.76 30.88 -24.77
N ASP FA 97 29.94 31.96 -24.03
CA ASP FA 97 31.10 32.82 -24.18
C ASP FA 97 31.93 32.80 -22.90
N GLU FA 98 33.19 33.24 -23.05
CA GLU FA 98 34.09 33.38 -21.91
C GLU FA 98 33.82 34.74 -21.29
N VAL FA 99 32.97 34.77 -20.27
CA VAL FA 99 32.71 36.01 -19.55
C VAL FA 99 33.66 36.10 -18.36
N LEU FA 100 34.24 37.27 -18.18
CA LEU FA 100 35.11 37.55 -17.03
C LEU FA 100 34.25 38.21 -15.96
N VAL FA 101 33.79 37.43 -15.01
CA VAL FA 101 33.01 37.98 -13.92
C VAL FA 101 33.97 38.54 -12.87
N ALA FA 102 33.49 39.55 -12.16
CA ALA FA 102 34.23 40.20 -11.09
C ALA FA 102 33.27 40.48 -9.96
N GLY FA 103 33.83 40.93 -8.83
CA GLY FA 103 33.00 41.28 -7.69
C GLY FA 103 32.09 42.45 -8.01
N PHE FA 104 31.07 42.61 -7.18
CA PHE FA 104 30.00 43.55 -7.49
C PHE FA 104 29.99 44.73 -6.52
N GLY FA 105 31.05 44.91 -5.75
CA GLY FA 105 31.24 46.18 -5.05
C GLY FA 105 31.53 46.13 -3.57
N ARG FA 106 30.87 45.25 -2.82
CA ARG FA 106 31.01 45.25 -1.37
C ARG FA 106 31.31 43.85 -0.85
N LYS FA 107 32.25 43.17 -1.51
CA LYS FA 107 32.93 42.01 -0.96
C LYS FA 107 31.95 40.87 -0.67
N GLY FA 108 31.33 40.37 -1.73
CA GLY FA 108 30.39 39.28 -1.59
C GLY FA 108 29.10 39.63 -0.90
N HIS FA 109 28.49 40.74 -1.28
CA HIS FA 109 27.17 41.11 -0.77
C HIS FA 109 26.37 41.75 -1.90
N ALA FA 110 25.05 41.59 -1.84
CA ALA FA 110 24.18 42.17 -2.85
C ALA FA 110 24.18 43.69 -2.74
N VAL FA 111 23.94 44.36 -3.86
CA VAL FA 111 23.99 45.81 -3.96
C VAL FA 111 22.66 46.33 -4.45
N GLY FA 112 22.04 47.21 -3.67
CA GLY FA 112 20.87 47.94 -4.12
C GLY FA 112 19.65 47.06 -4.29
N ASP FA 113 18.86 47.36 -5.32
CA ASP FA 113 17.59 46.68 -5.55
C ASP FA 113 17.76 45.24 -6.01
N ILE FA 114 18.97 44.80 -6.33
CA ILE FA 114 19.21 43.45 -6.82
C ILE FA 114 19.39 42.54 -5.62
N PRO FA 115 18.52 41.55 -5.42
CA PRO FA 115 18.69 40.66 -4.28
C PRO FA 115 19.50 39.42 -4.60
N GLY FA 116 20.44 39.08 -3.72
CA GLY FA 116 21.17 37.82 -3.82
C GLY FA 116 22.02 37.67 -5.06
N VAL FA 117 22.63 38.76 -5.54
CA VAL FA 117 23.57 38.72 -6.64
C VAL FA 117 24.85 39.41 -6.19
N ARG FA 118 25.97 38.72 -6.35
CA ARG FA 118 27.24 39.17 -5.77
C ARG FA 118 28.32 39.39 -6.82
N PHE FA 119 28.00 39.27 -8.10
CA PHE FA 119 29.01 39.39 -9.15
C PHE FA 119 28.44 40.15 -10.33
N LYS FA 120 29.34 40.72 -11.12
CA LYS FA 120 29.00 41.35 -12.39
C LYS FA 120 29.94 40.83 -13.46
N VAL FA 121 29.70 41.23 -14.69
CA VAL FA 121 30.48 40.79 -15.85
C VAL FA 121 31.23 41.98 -16.43
N VAL FA 122 32.50 41.76 -16.78
CA VAL FA 122 33.37 42.82 -17.28
C VAL FA 122 33.74 42.59 -18.73
N LYS FA 123 34.35 41.45 -19.04
CA LYS FA 123 34.75 41.11 -20.40
C LYS FA 123 33.95 39.92 -20.89
N VAL FA 124 33.63 39.93 -22.18
CA VAL FA 124 32.96 38.83 -22.84
C VAL FA 124 33.73 38.51 -24.11
N ALA FA 125 34.11 37.25 -24.27
CA ALA FA 125 34.91 36.80 -25.42
C ALA FA 125 36.16 37.67 -25.58
N ASN FA 126 36.89 37.81 -24.47
CA ASN FA 126 38.14 38.57 -24.37
C ASN FA 126 38.07 39.97 -24.97
N VAL FA 127 36.88 40.58 -24.96
CA VAL FA 127 36.72 41.98 -25.32
C VAL FA 127 35.73 42.61 -24.35
N SER FA 128 36.04 43.84 -23.93
CA SER FA 128 35.34 44.48 -22.83
C SER FA 128 33.92 44.91 -23.22
N LEU FA 129 32.98 44.68 -22.30
CA LEU FA 129 31.62 45.18 -22.50
C LEU FA 129 31.58 46.69 -22.54
N LEU FA 130 32.49 47.37 -21.85
CA LEU FA 130 32.58 48.83 -21.98
C LEU FA 130 32.94 49.22 -23.40
N ALA FA 131 33.90 48.52 -24.01
CA ALA FA 131 34.27 48.79 -25.39
C ALA FA 131 33.12 48.49 -26.34
N LEU FA 132 32.40 47.39 -26.11
CA LEU FA 132 31.24 47.10 -26.94
C LEU FA 132 30.15 48.15 -26.80
N TYR FA 133 29.89 48.60 -25.56
CA TYR FA 133 28.86 49.59 -25.31
C TYR FA 133 29.21 50.92 -25.96
N LYS FA 134 30.47 51.34 -25.87
CA LYS FA 134 30.88 52.59 -26.47
C LYS FA 134 31.23 52.45 -27.95
N GLY FA 135 31.18 51.23 -28.49
CA GLY FA 135 31.52 51.05 -29.89
C GLY FA 135 32.99 51.18 -30.19
N LYS FA 136 33.85 51.06 -29.18
CA LYS FA 136 35.29 51.22 -29.40
C LYS FA 136 35.83 50.14 -30.32
N LYS FA 137 35.40 48.89 -30.11
CA LYS FA 137 35.82 47.81 -30.99
C LYS FA 137 34.70 46.78 -31.09
N GLU FA 138 34.70 46.05 -32.19
CA GLU FA 138 33.65 45.12 -32.55
C GLU FA 138 34.01 43.71 -32.09
N ARG FA 139 32.99 42.86 -31.97
CA ARG FA 139 33.21 41.47 -31.65
C ARG FA 139 34.00 40.78 -32.77
N PRO FA 140 34.84 39.80 -32.44
CA PRO FA 140 35.65 39.15 -33.49
C PRO FA 140 34.83 38.24 -34.37
N ARG FA 141 34.13 38.83 -35.34
CA ARG FA 141 33.30 38.06 -36.26
C ARG FA 141 34.14 37.39 -37.33
N ASN GA 1 87.58 73.16 -36.26
CA ASN GA 1 88.88 73.14 -35.61
C ASN GA 1 89.24 74.54 -35.09
N ASP GA 2 88.50 75.54 -35.57
CA ASP GA 2 88.76 76.91 -35.15
C ASP GA 2 88.54 77.08 -33.65
N THR GA 3 87.47 76.49 -33.11
CA THR GA 3 87.18 76.54 -31.69
C THR GA 3 86.99 75.11 -31.21
N VAL GA 4 88.10 74.43 -30.93
CA VAL GA 4 88.10 73.09 -30.35
C VAL GA 4 89.24 73.04 -29.36
N THR GA 5 88.93 72.84 -28.09
CA THR GA 5 89.92 72.94 -27.03
C THR GA 5 90.06 71.61 -26.30
N ILE GA 6 91.30 71.20 -26.06
CA ILE GA 6 91.62 69.98 -25.32
C ILE GA 6 92.22 70.38 -23.98
N ARG GA 7 91.70 69.80 -22.89
CA ARG GA 7 92.31 69.99 -21.59
C ARG GA 7 92.44 68.64 -20.89
N THR GA 8 93.54 68.45 -20.18
CA THR GA 8 93.83 67.20 -19.50
C THR GA 8 93.84 67.43 -17.99
N ARG GA 9 93.27 66.50 -17.25
CA ARG GA 9 93.27 66.56 -15.80
C ARG GA 9 93.35 65.16 -15.23
N LYS GA 10 93.53 65.09 -13.91
CA LYS GA 10 93.75 63.84 -13.19
C LYS GA 10 94.87 63.03 -13.84
N PHE GA 11 95.91 63.73 -14.27
CA PHE GA 11 96.99 63.09 -15.00
C PHE GA 11 97.86 62.26 -14.07
N MET GA 12 98.28 61.10 -14.56
CA MET GA 12 99.19 60.24 -13.82
C MET GA 12 100.03 59.45 -14.80
N THR GA 13 101.25 59.12 -14.38
CA THR GA 13 102.18 58.35 -15.20
C THR GA 13 102.49 57.06 -14.45
N ASN GA 14 101.97 55.94 -14.93
CA ASN GA 14 102.22 54.66 -14.30
C ASN GA 14 103.16 53.85 -15.17
N ARG GA 15 104.34 53.55 -14.65
CA ARG GA 15 105.27 52.68 -15.35
C ARG GA 15 104.94 51.21 -15.13
N LEU GA 16 103.93 50.91 -14.31
CA LEU GA 16 103.42 49.55 -14.20
C LEU GA 16 102.88 49.08 -15.54
N LEU GA 17 102.07 49.92 -16.18
CA LEU GA 17 101.61 49.68 -17.54
C LEU GA 17 102.37 50.54 -18.53
N GLN GA 18 103.49 51.13 -18.11
CA GLN GA 18 104.37 52.00 -18.92
C GLN GA 18 103.57 52.94 -19.82
N ARG GA 19 102.66 53.67 -19.20
CA ARG GA 19 101.79 54.57 -19.93
C ARG GA 19 101.40 55.73 -19.02
N LYS GA 20 100.57 56.62 -19.56
CA LYS GA 20 100.08 57.79 -18.83
C LYS GA 20 98.57 57.86 -19.00
N GLN GA 21 97.86 57.95 -17.88
CA GLN GA 21 96.41 58.14 -17.86
C GLN GA 21 96.07 59.60 -17.63
N MET GA 22 94.96 60.03 -18.20
CA MET GA 22 94.35 61.31 -17.84
C MET GA 22 92.91 61.28 -18.31
N VAL GA 23 92.11 62.21 -17.78
CA VAL GA 23 90.79 62.46 -18.30
C VAL GA 23 90.84 63.76 -19.09
N ILE GA 24 90.44 63.70 -20.35
CA ILE GA 24 90.51 64.84 -21.25
C ILE GA 24 89.10 65.34 -21.54
N ASP GA 25 88.91 66.63 -21.39
CA ASP GA 25 87.66 67.26 -21.76
C ASP GA 25 87.91 68.19 -22.95
N VAL GA 26 87.03 68.07 -23.94
CA VAL GA 26 87.11 68.83 -25.17
C VAL GA 26 85.94 69.80 -25.24
N LEU GA 27 86.23 71.04 -25.59
CA LEU GA 27 85.25 72.11 -25.70
C LEU GA 27 85.02 72.39 -27.18
N HIS GA 28 83.78 72.21 -27.63
CA HIS GA 28 83.37 72.48 -29.00
C HIS GA 28 82.06 73.27 -28.93
N PRO GA 29 82.16 74.59 -28.70
CA PRO GA 29 80.97 75.36 -28.27
C PRO GA 29 79.80 75.34 -29.25
N GLY GA 30 80.05 75.25 -30.55
CA GLY GA 30 78.93 75.31 -31.49
C GLY GA 30 78.89 74.20 -32.51
N LYS GA 31 79.57 73.10 -32.24
CA LYS GA 31 79.68 71.99 -33.18
C LYS GA 31 79.16 70.72 -32.53
N ALA GA 32 79.19 69.63 -33.29
CA ALA GA 32 78.84 68.32 -32.77
C ALA GA 32 79.98 67.80 -31.92
N THR GA 33 79.90 66.53 -31.51
CA THR GA 33 80.97 65.93 -30.74
C THR GA 33 82.22 65.79 -31.60
N VAL GA 34 83.36 66.15 -31.05
CA VAL GA 34 84.61 66.09 -31.80
C VAL GA 34 85.00 64.64 -32.02
N PRO GA 35 85.28 64.22 -33.25
CA PRO GA 35 85.61 62.81 -33.50
C PRO GA 35 86.96 62.42 -32.90
N LYS GA 36 87.08 61.11 -32.68
CA LYS GA 36 88.23 60.57 -31.97
C LYS GA 36 89.52 60.78 -32.72
N THR GA 37 89.48 60.82 -34.06
CA THR GA 37 90.70 61.10 -34.82
C THR GA 37 91.20 62.51 -34.55
N GLU GA 38 90.29 63.49 -34.52
CA GLU GA 38 90.68 64.85 -34.20
C GLU GA 38 91.20 64.97 -32.77
N ILE GA 39 90.54 64.30 -31.83
CA ILE GA 39 91.03 64.30 -30.46
C ILE GA 39 92.42 63.68 -30.40
N ARG GA 40 92.63 62.60 -31.15
CA ARG GA 40 93.91 61.90 -31.16
C ARG GA 40 95.03 62.79 -31.67
N GLU GA 41 94.79 63.45 -32.81
CA GLU GA 41 95.85 64.30 -33.37
C GLU GA 41 96.11 65.52 -32.51
N LYS GA 42 95.06 66.10 -31.90
CA LYS GA 42 95.27 67.24 -31.02
C LYS GA 42 96.06 66.84 -29.78
N LEU GA 43 95.76 65.68 -29.19
CA LEU GA 43 96.51 65.22 -28.04
C LEU GA 43 97.95 64.86 -28.41
N ALA GA 44 98.15 64.32 -29.61
CA ALA GA 44 99.50 64.04 -30.07
C ALA GA 44 100.30 65.33 -30.21
N LYS GA 45 99.69 66.37 -30.76
CA LYS GA 45 100.36 67.67 -30.84
C LYS GA 45 100.65 68.22 -29.45
N MET GA 46 99.69 68.08 -28.53
CA MET GA 46 99.86 68.62 -27.18
C MET GA 46 100.99 67.93 -26.42
N TYR GA 47 101.10 66.62 -26.55
CA TYR GA 47 102.06 65.85 -25.78
C TYR GA 47 103.29 65.44 -26.59
N LYS GA 48 103.46 65.96 -27.80
CA LYS GA 48 104.65 65.74 -28.62
C LYS GA 48 104.87 64.24 -28.87
N THR GA 49 103.85 63.59 -29.40
CA THR GA 49 103.91 62.16 -29.68
C THR GA 49 103.29 61.88 -31.04
N THR GA 50 103.56 60.69 -31.56
CA THR GA 50 103.06 60.29 -32.86
C THR GA 50 101.60 59.82 -32.74
N PRO GA 51 100.68 60.38 -33.53
CA PRO GA 51 99.25 60.08 -33.40
C PRO GA 51 98.85 58.69 -33.92
N ASP GA 52 99.54 57.65 -33.45
CA ASP GA 52 99.14 56.29 -33.73
C ASP GA 52 99.15 55.40 -32.50
N VAL GA 53 99.49 55.93 -31.33
CA VAL GA 53 99.51 55.16 -30.10
C VAL GA 53 98.59 55.75 -29.04
N ILE GA 54 97.99 56.91 -29.31
CA ILE GA 54 97.13 57.57 -28.33
C ILE GA 54 95.75 56.92 -28.37
N PHE GA 55 95.23 56.58 -27.20
CA PHE GA 55 93.95 55.90 -27.08
C PHE GA 55 92.93 56.80 -26.39
N VAL GA 56 91.78 56.99 -27.04
CA VAL GA 56 90.72 57.83 -26.51
C VAL GA 56 89.40 57.07 -26.61
N PHE GA 57 88.60 57.16 -25.56
CA PHE GA 57 87.32 56.47 -25.48
C PHE GA 57 86.50 57.06 -24.34
N GLY GA 58 85.25 56.63 -24.27
CA GLY GA 58 84.38 57.01 -23.17
C GLY GA 58 84.03 58.48 -23.10
N PHE GA 59 83.71 59.08 -24.25
CA PHE GA 59 83.43 60.51 -24.32
C PHE GA 59 81.93 60.75 -24.17
N ARG GA 60 81.56 61.41 -23.08
CA ARG GA 60 80.19 61.83 -22.84
C ARG GA 60 80.10 63.33 -23.06
N THR GA 61 79.17 63.75 -23.91
CA THR GA 61 78.94 65.16 -24.17
C THR GA 61 77.95 65.71 -23.15
N HIS GA 62 78.28 66.86 -22.57
CA HIS GA 62 77.43 67.44 -21.54
C HIS GA 62 76.11 67.92 -22.14
N PHE GA 63 75.16 68.21 -21.26
CA PHE GA 63 73.83 68.64 -21.68
C PHE GA 63 73.91 69.99 -22.38
N GLY GA 64 73.20 70.11 -23.49
CA GLY GA 64 73.17 71.36 -24.22
C GLY GA 64 74.44 71.70 -24.97
N GLY GA 65 75.25 70.70 -25.30
CA GLY GA 65 76.48 70.95 -26.03
C GLY GA 65 77.57 71.53 -25.15
N GLY GA 66 78.66 71.91 -25.80
CA GLY GA 66 79.77 72.50 -25.08
C GLY GA 66 80.92 71.54 -24.83
N LYS GA 67 80.98 71.00 -23.63
CA LYS GA 67 82.08 70.13 -23.24
C LYS GA 67 81.75 68.66 -23.51
N THR GA 68 82.80 67.86 -23.60
CA THR GA 68 82.68 66.42 -23.74
C THR GA 68 83.87 65.80 -23.02
N THR GA 69 83.62 64.97 -22.02
CA THR GA 69 84.67 64.43 -21.17
C THR GA 69 84.88 62.95 -21.50
N GLY GA 70 86.15 62.55 -21.64
CA GLY GA 70 86.48 61.17 -21.94
C GLY GA 70 87.80 60.78 -21.29
N PHE GA 71 88.15 59.52 -21.48
CA PHE GA 71 89.36 58.94 -20.87
C PHE GA 71 90.43 58.84 -21.94
N GLY GA 72 91.64 59.26 -21.61
CA GLY GA 72 92.75 59.17 -22.54
C GLY GA 72 93.96 58.55 -21.88
N MET GA 73 94.73 57.83 -22.69
CA MET GA 73 95.97 57.23 -22.23
C MET GA 73 96.97 57.23 -23.37
N ILE GA 74 98.21 57.58 -23.04
CA ILE GA 74 99.29 57.58 -24.03
C ILE GA 74 100.33 56.56 -23.60
N TYR GA 75 101.05 56.03 -24.59
CA TYR GA 75 102.02 54.98 -24.36
C TYR GA 75 103.40 55.44 -24.82
N ASP GA 76 104.42 54.84 -24.21
CA ASP GA 76 105.79 55.12 -24.61
C ASP GA 76 106.17 54.42 -25.92
N SER GA 77 105.52 53.31 -26.25
CA SER GA 77 105.84 52.59 -27.47
C SER GA 77 104.62 51.80 -27.94
N LEU GA 78 104.47 51.73 -29.27
CA LEU GA 78 103.37 50.97 -29.83
C LEU GA 78 103.50 49.49 -29.52
N ASP GA 79 104.71 48.98 -29.35
CA ASP GA 79 104.88 47.60 -28.93
C ASP GA 79 104.30 47.38 -27.53
N TYR GA 80 104.58 48.29 -26.61
CA TYR GA 80 104.01 48.17 -25.26
C TYR GA 80 102.49 48.30 -25.31
N ALA GA 81 101.98 49.22 -26.14
CA ALA GA 81 100.53 49.36 -26.27
C ALA GA 81 99.91 48.08 -26.81
N LYS GA 82 100.52 47.47 -27.82
CA LYS GA 82 100.05 46.19 -28.34
C LYS GA 82 100.13 45.11 -27.29
N LYS GA 83 101.11 45.19 -26.39
CA LYS GA 83 101.20 44.20 -25.31
C LYS GA 83 100.02 44.33 -24.35
N ASN GA 84 99.74 45.55 -23.88
CA ASN GA 84 98.66 45.72 -22.89
C ASN GA 84 97.64 46.78 -23.35
N GLU GA 85 96.62 46.30 -24.07
CA GLU GA 85 95.49 47.13 -24.51
C GLU GA 85 94.37 46.19 -24.88
N PRO GA 86 93.11 46.52 -24.59
CA PRO GA 86 92.01 45.62 -24.93
C PRO GA 86 91.88 45.40 -26.43
N LYS GA 87 91.45 44.17 -26.76
CA LYS GA 87 91.39 43.77 -28.16
C LYS GA 87 90.38 44.60 -28.93
N HIS GA 88 89.31 45.05 -28.27
CA HIS GA 88 88.32 45.85 -28.97
C HIS GA 88 88.87 47.21 -29.35
N ARG GA 89 89.64 47.84 -28.45
CA ARG GA 89 90.27 49.10 -28.80
C ARG GA 89 91.33 48.91 -29.87
N LEU GA 90 92.08 47.82 -29.80
CA LEU GA 90 93.07 47.53 -30.84
C LEU GA 90 92.40 47.32 -32.20
N ALA GA 91 91.25 46.64 -32.22
CA ALA GA 91 90.52 46.47 -33.46
C ALA GA 91 89.90 47.77 -33.93
N ARG GA 92 89.51 48.65 -33.00
CA ARG GA 92 89.02 49.97 -33.37
C ARG GA 92 90.11 50.75 -34.10
N HIS GA 93 91.34 50.68 -33.59
CA HIS GA 93 92.46 51.37 -34.24
C HIS GA 93 93.05 50.57 -35.40
N GLY GA 94 92.59 49.34 -35.61
CA GLY GA 94 92.97 48.54 -36.76
C GLY GA 94 94.01 47.47 -36.47
N LEU GA 95 94.71 47.54 -35.35
CA LEU GA 95 95.79 46.60 -35.04
C LEU GA 95 95.31 45.22 -34.66
N TYR GA 96 94.02 44.91 -34.78
CA TYR GA 96 93.48 43.62 -34.39
C TYR GA 96 92.27 43.33 -35.25
N GLU GA 97 92.02 42.06 -35.52
CA GLU GA 97 90.88 41.61 -36.31
C GLU GA 97 90.11 40.59 -35.51
N LYS GA 98 88.91 40.96 -35.08
CA LYS GA 98 88.04 40.08 -34.31
C LYS GA 98 86.95 39.44 -35.17
N LYS GA 99 87.10 39.49 -36.49
CA LYS GA 99 86.12 38.92 -37.38
C LYS GA 99 86.18 37.40 -37.33
N LYS GA 100 85.32 36.79 -36.50
CA LYS GA 100 85.30 35.34 -36.35
C LYS GA 100 83.89 34.81 -36.56
N THR GA 101 83.68 33.53 -36.26
CA THR GA 101 82.35 32.96 -36.26
C THR GA 101 81.63 33.33 -34.96
N SER GA 102 80.36 32.95 -34.89
CA SER GA 102 79.53 33.39 -33.78
C SER GA 102 79.64 32.42 -32.59
N ARG GA 103 79.17 32.92 -31.44
CA ARG GA 103 79.26 32.17 -30.20
C ARG GA 103 78.45 30.88 -30.25
N LYS GA 104 77.26 30.93 -30.85
CA LYS GA 104 76.45 29.74 -30.97
C LYS GA 104 77.16 28.68 -31.79
N GLN GA 105 77.77 29.07 -32.91
CA GLN GA 105 78.51 28.13 -33.74
C GLN GA 105 79.69 27.53 -32.99
N ARG GA 106 80.40 28.36 -32.21
CA ARG GA 106 81.50 27.85 -31.41
C ARG GA 106 81.03 26.83 -30.39
N LYS GA 107 79.88 27.10 -29.75
CA LYS GA 107 79.34 26.13 -28.79
C LYS GA 107 78.94 24.82 -29.45
N GLU GA 108 78.32 24.90 -30.64
CA GLU GA 108 77.97 23.67 -31.35
C GLU GA 108 79.21 22.89 -31.73
N ARG GA 109 80.25 23.59 -32.18
CA ARG GA 109 81.51 22.92 -32.52
C ARG GA 109 82.09 22.23 -31.29
N LYS GA 110 82.05 22.89 -30.14
CA LYS GA 110 82.56 22.27 -28.92
C LYS GA 110 81.76 21.04 -28.54
N ASN GA 111 80.44 21.09 -28.68
CA ASN GA 111 79.61 19.93 -28.34
C ASN GA 111 79.87 18.76 -29.28
N ARG GA 112 80.01 19.03 -30.58
CA ARG GA 112 80.29 17.93 -31.51
C ARG GA 112 81.67 17.34 -31.27
N MET GA 113 82.65 18.19 -30.96
CA MET GA 113 83.97 17.67 -30.60
C MET GA 113 83.92 16.88 -29.31
N LYS GA 114 83.01 17.22 -28.42
CA LYS GA 114 82.81 16.41 -27.21
C LYS GA 114 82.23 15.06 -27.55
N LYS GA 115 81.29 15.00 -28.50
CA LYS GA 115 80.73 13.72 -28.93
C LYS GA 115 81.80 12.83 -29.55
N VAL GA 116 82.64 13.40 -30.42
CA VAL GA 116 83.71 12.62 -31.04
C VAL GA 116 84.81 12.36 -30.02
N ARG GA 117 85.43 11.19 -30.09
CA ARG GA 117 86.44 10.78 -29.13
C ARG GA 117 87.76 10.50 -29.81
N GLY GA 118 88.83 11.12 -29.32
CA GLY GA 118 90.18 10.67 -29.59
C GLY GA 118 90.70 10.94 -30.99
N THR GA 119 90.11 10.27 -31.98
CA THR GA 119 90.62 10.28 -33.35
C THR GA 119 90.80 11.70 -33.88
N ALA GA 120 92.05 12.06 -34.18
CA ALA GA 120 92.31 13.41 -34.67
C ALA GA 120 91.63 13.66 -36.00
N LYS GA 121 91.69 12.68 -36.91
CA LYS GA 121 91.09 12.86 -38.23
C LYS GA 121 89.59 13.05 -38.15
N ALA GA 122 88.89 12.21 -37.40
CA ALA GA 122 87.44 12.37 -37.24
C ALA GA 122 87.09 13.61 -36.43
N ASN GA 123 87.91 13.95 -35.45
CA ASN GA 123 87.64 15.13 -34.63
C ASN GA 123 87.72 16.40 -35.48
N VAL GA 124 88.73 16.49 -36.36
CA VAL GA 124 88.81 17.66 -37.22
C VAL GA 124 87.82 17.57 -38.37
N GLY GA 125 87.38 16.36 -38.73
CA GLY GA 125 86.31 16.25 -39.70
C GLY GA 125 84.94 16.58 -39.18
N ALA GA 126 84.78 16.57 -37.86
CA ALA GA 126 83.52 16.93 -37.22
C ALA GA 126 83.18 18.41 -37.37
N GLY GA 127 84.10 19.23 -37.85
CA GLY GA 127 83.83 20.63 -38.07
C GLY GA 127 83.76 21.03 -39.53
N LYS GA 128 84.37 20.23 -40.41
CA LYS GA 128 84.36 20.54 -41.83
C LYS GA 128 82.97 20.39 -42.43
N LYS GA 129 82.29 19.29 -42.10
CA LYS GA 129 80.94 19.06 -42.61
C LYS GA 129 79.94 20.10 -42.14
N PRO GA 130 79.84 20.45 -40.83
CA PRO GA 130 78.92 21.55 -40.48
C PRO GA 130 79.51 22.94 -40.67
N LYS GA 131 79.43 23.42 -41.91
CA LYS GA 131 79.91 24.76 -42.25
C LYS GA 131 78.73 25.69 -42.55
N THR HA 1 13.30 50.92 30.59
CA THR HA 1 12.84 52.09 31.34
C THR HA 1 12.24 51.70 32.67
N LYS HA 2 13.03 51.82 33.73
CA LYS HA 2 12.59 51.46 35.07
C LYS HA 2 11.56 52.48 35.55
N LYS HA 3 10.30 52.05 35.66
CA LYS HA 3 9.23 52.97 36.02
C LYS HA 3 9.35 53.42 37.48
N ARG HA 4 9.58 52.49 38.39
CA ARG HA 4 9.65 52.80 39.80
C ARG HA 4 10.97 52.29 40.36
N ARG HA 5 11.62 53.12 41.16
CA ARG HA 5 12.74 52.65 41.95
C ARG HA 5 12.30 51.58 42.93
N ASN HA 6 11.04 51.63 43.36
CA ASN HA 6 10.47 50.63 44.24
C ASN HA 6 10.24 49.31 43.54
N ASN HA 7 10.17 49.31 42.21
CA ASN HA 7 9.72 48.19 41.39
C ASN HA 7 8.27 47.80 41.69
N GLY HA 8 7.53 48.69 42.36
CA GLY HA 8 6.13 48.44 42.64
C GLY HA 8 5.87 47.57 43.85
N ARG HA 9 6.89 47.23 44.63
CA ARG HA 9 6.73 46.33 45.77
C ARG HA 9 7.53 46.90 46.93
N ALA HA 10 7.77 46.07 47.96
CA ALA HA 10 8.54 46.51 49.11
C ALA HA 10 9.71 45.59 49.43
N LYS HA 11 10.04 44.66 48.54
CA LYS HA 11 11.13 43.71 48.76
C LYS HA 11 12.45 44.45 48.70
N LYS HA 12 13.06 44.70 49.86
CA LYS HA 12 14.33 45.42 49.94
C LYS HA 12 15.46 44.54 50.43
N GLY HA 13 15.35 43.97 51.62
CA GLY HA 13 16.34 43.05 52.14
C GLY HA 13 15.99 41.60 51.98
N ARG HA 14 14.80 41.31 51.50
CA ARG HA 14 14.31 39.96 51.31
C ARG HA 14 14.94 39.35 50.06
N GLY HA 15 14.67 38.07 49.84
CA GLY HA 15 14.93 37.48 48.56
C GLY HA 15 13.63 37.00 47.94
N HIS HA 16 12.70 36.57 48.79
CA HIS HA 16 11.43 36.04 48.33
C HIS HA 16 10.36 36.39 49.35
N VAL HA 17 9.18 36.75 48.85
CA VAL HA 17 8.05 37.13 49.68
C VAL HA 17 6.92 36.17 49.38
N GLN HA 18 6.29 35.65 50.42
CA GLN HA 18 5.19 34.71 50.25
C GLN HA 18 4.01 35.42 49.59
N PRO HA 19 3.37 34.79 48.61
CA PRO HA 19 2.25 35.43 47.93
C PRO HA 19 0.95 35.29 48.71
N ILE HA 20 -0.04 36.06 48.27
CA ILE HA 20 -1.39 35.98 48.76
C ILE HA 20 -2.33 35.90 47.56
N ARG HA 21 -3.61 35.74 47.84
CA ARG HA 21 -4.63 35.69 46.80
C ARG HA 21 -5.41 36.99 46.80
N CYS HA 22 -5.64 37.55 45.62
CA CYS HA 22 -6.46 38.74 45.51
C CYS HA 22 -7.88 38.46 46.01
N THR HA 23 -8.41 39.37 46.80
CA THR HA 23 -9.75 39.16 47.33
C THR HA 23 -10.83 39.32 46.26
N ASN HA 24 -10.48 39.86 45.10
CA ASN HA 24 -11.46 40.13 44.05
C ASN HA 24 -11.39 39.14 42.90
N CYS HA 25 -10.20 38.63 42.57
CA CYS HA 25 -10.09 37.69 41.46
C CYS HA 25 -9.24 36.47 41.81
N ALA HA 26 -8.78 36.35 43.05
CA ALA HA 26 -8.02 35.19 43.53
C ALA HA 26 -6.73 34.99 42.74
N ARG HA 27 -5.97 36.05 42.58
CA ARG HA 27 -4.71 36.01 41.85
C ARG HA 27 -3.54 35.96 42.81
N CYS HA 28 -2.55 35.14 42.49
CA CYS HA 28 -1.35 35.04 43.31
C CYS HA 28 -0.54 36.31 43.19
N VAL HA 29 -0.48 37.10 44.26
CA VAL HA 29 0.25 38.36 44.27
C VAL HA 29 1.20 38.33 45.46
N PRO HA 30 2.46 38.76 45.31
CA PRO HA 30 3.33 38.88 46.47
C PRO HA 30 2.75 39.85 47.48
N LYS HA 31 2.97 39.54 48.76
CA LYS HA 31 2.29 40.28 49.83
C LYS HA 31 2.73 41.73 49.86
N ASP HA 32 4.00 42.00 49.61
CA ASP HA 32 4.47 43.38 49.55
C ASP HA 32 3.93 44.10 48.32
N LYS HA 33 3.75 43.39 47.21
CA LYS HA 33 3.26 44.01 45.98
C LYS HA 33 1.78 44.35 46.06
N ALA HA 34 1.01 43.57 46.82
CA ALA HA 34 -0.44 43.75 46.84
C ALA HA 34 -0.84 45.05 47.52
N ILE HA 35 -1.95 45.61 47.06
CA ILE HA 35 -2.56 46.78 47.70
C ILE HA 35 -3.51 46.30 48.77
N LYS HA 36 -3.31 46.77 50.00
CA LYS HA 36 -4.09 46.32 51.15
C LYS HA 36 -4.96 47.46 51.65
N LYS HA 37 -6.26 47.22 51.67
CA LYS HA 37 -7.19 48.06 52.40
C LYS HA 37 -7.55 47.41 53.72
N PHE HA 38 -8.04 48.21 54.66
CA PHE HA 38 -8.51 47.69 55.94
C PHE HA 38 -9.85 48.36 56.23
N VAL HA 39 -10.93 47.73 55.77
CA VAL HA 39 -12.24 48.36 55.89
C VAL HA 39 -12.75 48.18 57.31
N ILE HA 40 -13.23 49.26 57.89
CA ILE HA 40 -13.73 49.30 59.25
C ILE HA 40 -15.16 49.81 59.16
N ARG HA 41 -16.11 48.90 59.01
CA ARG HA 41 -17.47 49.31 58.67
C ARG HA 41 -18.42 48.90 59.76
N ASN HA 42 -19.33 49.81 60.12
CA ASN HA 42 -20.39 49.43 61.05
C ASN HA 42 -21.21 48.30 60.46
N ILE HA 43 -21.60 47.35 61.33
CA ILE HA 43 -22.25 46.15 60.86
C ILE HA 43 -23.64 46.44 60.30
N VAL HA 44 -24.21 47.60 60.61
CA VAL HA 44 -25.46 48.06 60.03
C VAL HA 44 -25.19 49.38 59.31
N GLU HA 45 -25.93 49.60 58.22
CA GLU HA 45 -25.72 50.80 57.43
C GLU HA 45 -26.25 52.03 58.16
N ALA HA 46 -25.66 53.19 57.82
CA ALA HA 46 -25.85 54.42 58.58
C ALA HA 46 -27.27 54.95 58.53
N ALA HA 47 -28.09 54.50 57.58
CA ALA HA 47 -29.50 54.88 57.56
C ALA HA 47 -30.41 53.81 58.12
N ALA HA 48 -29.85 52.71 58.62
CA ALA HA 48 -30.63 51.70 59.31
C ALA HA 48 -30.21 51.55 60.77
N VAL HA 49 -29.16 52.25 61.19
CA VAL HA 49 -28.75 52.19 62.59
C VAL HA 49 -29.85 52.70 63.50
N ARG HA 50 -30.59 53.72 63.07
CA ARG HA 50 -31.69 54.24 63.88
C ARG HA 50 -32.77 53.18 64.10
N ASP HA 51 -33.17 52.50 63.03
CA ASP HA 51 -34.19 51.46 63.15
C ASP HA 51 -33.71 50.32 64.02
N ILE HA 52 -32.44 49.92 63.87
CA ILE HA 52 -31.88 48.87 64.71
C ILE HA 52 -31.91 49.28 66.18
N SER HA 53 -31.48 50.52 66.46
CA SER HA 53 -31.45 50.98 67.85
C SER HA 53 -32.84 51.03 68.45
N GLU HA 54 -33.83 51.47 67.66
CA GLU HA 54 -35.18 51.57 68.20
C GLU HA 54 -35.83 50.20 68.38
N ALA HA 55 -35.43 49.21 67.58
CA ALA HA 55 -35.94 47.86 67.73
C ALA HA 55 -35.12 47.01 68.70
N SER HA 56 -34.01 47.53 69.20
CA SER HA 56 -33.19 46.78 70.13
C SER HA 56 -33.89 46.60 71.48
N VAL HA 57 -33.47 45.56 72.21
CA VAL HA 57 -33.96 45.34 73.57
C VAL HA 57 -33.10 46.02 74.61
N PHE HA 58 -31.99 46.62 74.22
CA PHE HA 58 -31.09 47.29 75.14
C PHE HA 58 -31.23 48.79 74.98
N ASP HA 59 -31.24 49.49 76.12
CA ASP HA 59 -31.34 50.95 76.09
C ASP HA 59 -30.08 51.58 75.51
N ALA HA 60 -28.92 50.96 75.72
CA ALA HA 60 -27.65 51.47 75.20
C ALA HA 60 -26.85 50.28 74.68
N TYR HA 61 -26.91 50.05 73.38
CA TYR HA 61 -26.17 48.97 72.73
C TYR HA 61 -25.27 49.57 71.67
N VAL HA 62 -23.96 49.44 71.86
CA VAL HA 62 -22.99 49.90 70.87
C VAL HA 62 -22.94 48.91 69.72
N LEU HA 63 -23.06 49.42 68.51
CA LEU HA 63 -23.11 48.57 67.33
C LEU HA 63 -21.75 47.93 67.09
N PRO HA 64 -21.68 46.62 66.84
CA PRO HA 64 -20.39 46.01 66.50
C PRO HA 64 -19.93 46.45 65.13
N LYS HA 65 -18.61 46.37 64.94
CA LYS HA 65 -18.01 46.75 63.67
C LYS HA 65 -17.42 45.53 62.98
N LEU HA 66 -17.52 45.52 61.67
CA LEU HA 66 -16.94 44.49 60.82
C LEU HA 66 -15.57 44.95 60.33
N TYR HA 67 -14.59 44.06 60.47
CA TYR HA 67 -13.18 44.35 60.22
C TYR HA 67 -12.69 43.36 59.17
N VAL HA 68 -12.47 43.84 57.96
CA VAL HA 68 -12.02 43.00 56.86
C VAL HA 68 -10.78 43.61 56.24
N LYS HA 69 -9.75 42.79 56.05
CA LYS HA 69 -8.53 43.22 55.38
C LYS HA 69 -8.59 42.75 53.93
N LEU HA 70 -8.50 43.69 53.00
CA LEU HA 70 -8.63 43.41 51.58
C LEU HA 70 -7.26 43.43 50.93
N HIS HA 71 -6.95 42.37 50.20
CA HIS HA 71 -5.72 42.27 49.41
C HIS HA 71 -6.09 42.31 47.94
N TYR HA 72 -5.42 43.18 47.19
CA TYR HA 72 -5.78 43.46 45.81
C TYR HA 72 -4.57 43.29 44.91
N CYS HA 73 -4.75 42.56 43.81
CA CYS HA 73 -3.83 42.69 42.70
C CYS HA 73 -4.01 44.06 42.08
N VAL HA 74 -2.97 44.54 41.39
CA VAL HA 74 -3.07 45.90 40.88
C VAL HA 74 -4.08 45.99 39.75
N SER HA 75 -4.34 44.90 39.04
CA SER HA 75 -5.38 44.91 38.01
C SER HA 75 -6.75 45.18 38.61
N CYS HA 76 -7.12 44.41 39.64
CA CYS HA 76 -8.39 44.67 40.30
C CYS HA 76 -8.40 46.01 41.04
N ALA HA 77 -7.25 46.44 41.57
CA ALA HA 77 -7.19 47.73 42.23
C ALA HA 77 -7.50 48.86 41.25
N ILE HA 78 -6.90 48.81 40.08
CA ILE HA 78 -7.12 49.84 39.07
C ILE HA 78 -8.54 49.75 38.52
N HIS HA 79 -9.05 48.53 38.35
CA HIS HA 79 -10.41 48.38 37.85
C HIS HA 79 -11.44 48.91 38.85
N SER HA 80 -11.24 48.63 40.13
CA SER HA 80 -12.15 49.09 41.17
C SER HA 80 -11.87 50.52 41.61
N LYS HA 81 -10.84 51.14 41.04
CA LYS HA 81 -10.55 52.57 41.24
C LYS HA 81 -10.19 52.88 42.68
N VAL HA 82 -9.63 51.91 43.40
CA VAL HA 82 -9.06 52.23 44.70
C VAL HA 82 -7.70 52.92 44.54
N VAL HA 83 -6.97 52.60 43.48
CA VAL HA 83 -5.77 53.33 43.10
C VAL HA 83 -5.97 53.86 41.69
N ARG HA 84 -5.23 54.91 41.36
CA ARG HA 84 -5.33 55.55 40.05
C ARG HA 84 -3.94 55.82 39.51
N ASN HA 85 -3.83 55.89 38.20
CA ASN HA 85 -2.57 56.30 37.59
C ASN HA 85 -2.29 57.75 37.94
N ARG HA 86 -1.01 58.04 38.18
CA ARG HA 86 -0.58 59.38 38.58
C ARG HA 86 0.51 59.85 37.63
N SER HA 87 0.74 61.16 37.64
CA SER HA 87 1.81 61.72 36.84
C SER HA 87 3.15 61.21 37.33
N ARG HA 88 4.19 61.40 36.50
CA ARG HA 88 5.49 60.85 36.84
C ARG HA 88 6.05 61.47 38.12
N GLU HA 89 5.86 62.78 38.31
CA GLU HA 89 6.31 63.43 39.52
C GLU HA 89 5.37 63.16 40.70
N ALA HA 90 4.09 62.95 40.45
CA ALA HA 90 3.14 62.67 41.52
C ALA HA 90 3.13 61.21 41.93
N ARG HA 91 3.86 60.35 41.22
CA ARG HA 91 3.99 58.97 41.64
C ARG HA 91 4.90 58.83 42.84
N LYS HA 92 5.75 59.83 43.11
CA LYS HA 92 6.81 59.67 44.09
C LYS HA 92 6.30 59.72 45.52
N ASP HA 93 5.29 60.54 45.80
CA ASP HA 93 4.83 60.69 47.17
C ASP HA 93 4.08 59.44 47.64
N ARG HA 94 4.23 59.14 48.92
CA ARG HA 94 3.62 57.95 49.52
C ARG HA 94 2.61 58.29 50.59
N THR HA 95 2.20 59.55 50.69
CA THR HA 95 1.24 59.94 51.70
C THR HA 95 -0.14 59.42 51.32
N PRO HA 96 -0.84 58.72 52.21
CA PRO HA 96 -2.18 58.26 51.89
C PRO HA 96 -3.11 59.44 51.70
N PRO HA 97 -4.14 59.29 50.86
CA PRO HA 97 -5.09 60.38 50.68
C PRO HA 97 -5.84 60.66 51.97
N PRO HA 98 -6.21 61.91 52.21
CA PRO HA 98 -6.90 62.26 53.46
C PRO HA 98 -8.27 61.59 53.55
N ARG HA 99 -8.70 61.35 54.79
CA ARG HA 99 -9.92 60.60 55.07
C ARG HA 99 -11.19 61.40 54.83
N PHE HA 100 -11.07 62.70 54.53
CA PHE HA 100 -12.22 63.58 54.28
C PHE HA 100 -13.15 63.64 55.49
N ARG HA 101 -12.57 63.67 56.69
CA ARG HA 101 -13.35 63.76 57.92
C ARG HA 101 -14.03 65.12 58.12
N PRO HA 102 -13.50 66.25 57.60
CA PRO HA 102 -14.35 67.43 57.89
C PRO HA 102 -15.54 67.55 56.95
N PRO IA 1 32.26 71.87 55.98
CA PRO IA 1 33.21 72.99 56.10
C PRO IA 1 34.55 72.67 55.46
N LEU IA 2 35.07 73.62 54.68
CA LEU IA 2 36.30 73.37 53.93
C LEU IA 2 37.53 73.39 54.84
N ALA IA 3 37.56 74.28 55.83
CA ALA IA 3 38.76 74.55 56.60
C ALA IA 3 38.74 73.92 57.98
N LYS IA 4 38.19 72.73 58.12
CA LYS IA 4 38.33 71.99 59.37
C LYS IA 4 39.79 71.70 59.62
N ASP IA 5 40.25 71.98 60.84
CA ASP IA 5 41.66 71.75 61.20
C ASP IA 5 41.79 70.32 61.70
N LEU IA 6 42.31 69.44 60.83
CA LEU IA 6 42.46 68.04 61.20
C LEU IA 6 43.60 67.81 62.17
N LEU IA 7 44.59 68.71 62.20
CA LEU IA 7 45.75 68.52 63.06
C LEU IA 7 45.43 68.82 64.52
N HIS IA 8 44.50 69.73 64.79
CA HIS IA 8 44.16 70.12 66.15
C HIS IA 8 42.66 69.98 66.37
N PRO IA 9 42.15 68.75 66.49
CA PRO IA 9 40.74 68.57 66.79
C PRO IA 9 40.49 68.67 68.30
N SER IA 10 39.33 69.19 68.64
CA SER IA 10 39.01 69.43 70.04
C SER IA 10 38.67 68.13 70.75
N PRO IA 11 38.88 68.06 72.06
CA PRO IA 11 38.67 66.79 72.78
C PRO IA 11 37.24 66.27 72.72
N GLU IA 12 36.24 67.14 72.57
CA GLU IA 12 34.88 66.62 72.46
C GLU IA 12 34.67 65.81 71.18
N GLU IA 13 35.14 66.30 70.04
CA GLU IA 13 35.10 65.49 68.83
C GLU IA 13 36.01 64.27 68.94
N GLU IA 14 37.16 64.42 69.60
CA GLU IA 14 38.05 63.28 69.76
C GLU IA 14 37.39 62.16 70.54
N LYS IA 15 36.74 62.49 71.66
CA LYS IA 15 36.03 61.48 72.43
C LYS IA 15 34.81 60.95 71.69
N ARG IA 16 34.16 61.80 70.89
CA ARG IA 16 33.01 61.36 70.11
C ARG IA 16 33.41 60.31 69.08
N LYS IA 17 34.57 60.49 68.44
CA LYS IA 17 34.94 59.63 67.34
C LYS IA 17 35.21 58.20 67.80
N HIS IA 18 35.17 57.28 66.84
CA HIS IA 18 35.40 55.87 67.11
C HIS IA 18 36.82 55.64 67.58
N LYS IA 19 37.02 54.55 68.34
CA LYS IA 19 38.32 54.29 68.96
C LYS IA 19 39.44 54.17 67.92
N LYS IA 20 39.11 53.79 66.69
CA LYS IA 20 40.10 53.67 65.63
C LYS IA 20 40.10 54.84 64.68
N LYS IA 21 38.96 55.49 64.48
CA LYS IA 21 38.87 56.62 63.57
C LYS IA 21 39.33 57.92 64.21
N ARG IA 22 39.91 57.87 65.40
CA ARG IA 22 40.49 59.05 66.02
C ARG IA 22 41.78 59.42 65.31
N LEU IA 23 42.39 60.54 65.75
CA LEU IA 23 43.67 60.93 65.19
C LEU IA 23 44.74 59.90 65.52
N VAL IA 24 44.82 59.49 66.77
CA VAL IA 24 45.64 58.38 67.21
C VAL IA 24 44.75 57.44 67.99
N GLN IA 25 44.89 56.13 67.75
CA GLN IA 25 44.06 55.15 68.41
C GLN IA 25 44.22 55.23 69.92
N SER IA 26 43.10 55.26 70.63
CA SER IA 26 43.08 55.34 72.07
C SER IA 26 41.98 54.42 72.56
N PRO IA 27 42.28 53.48 73.45
CA PRO IA 27 41.23 52.59 73.97
C PRO IA 27 40.23 53.37 74.80
N ASN IA 28 39.00 52.87 74.80
CA ASN IA 28 37.93 53.44 75.61
C ASN IA 28 37.84 52.86 77.00
N SER IA 29 38.69 51.88 77.31
CA SER IA 29 38.61 51.15 78.57
C SER IA 29 39.70 51.62 79.53
N TYR IA 30 39.68 51.05 80.72
CA TYR IA 30 40.59 51.46 81.79
C TYR IA 30 40.68 50.34 82.80
N PHE IA 31 41.60 50.50 83.76
CA PHE IA 31 41.77 49.58 84.87
C PHE IA 31 41.39 50.32 86.15
N MET IA 32 40.53 49.72 86.95
CA MET IA 32 39.97 50.38 88.11
C MET IA 32 40.26 49.60 89.38
N ASP IA 33 40.58 50.33 90.44
CA ASP IA 33 40.60 49.76 91.78
C ASP IA 33 39.19 49.40 92.21
N VAL IA 34 39.06 48.24 92.84
CA VAL IA 34 37.78 47.75 93.35
C VAL IA 34 37.98 47.39 94.80
N LYS IA 35 37.15 47.97 95.67
CA LYS IA 35 37.18 47.71 97.11
C LYS IA 35 35.83 47.11 97.49
N CYS IA 36 35.84 45.86 97.89
CA CYS IA 36 34.62 45.23 98.33
C CYS IA 36 34.41 45.42 99.83
N PRO IA 37 33.17 45.53 100.28
CA PRO IA 37 32.92 45.70 101.72
C PRO IA 37 33.30 44.46 102.50
N GLY IA 38 33.71 44.67 103.75
CA GLY IA 38 34.08 43.59 104.63
C GLY IA 38 35.49 43.07 104.45
N CYS IA 39 36.24 43.60 103.50
CA CYS IA 39 37.62 43.20 103.28
C CYS IA 39 38.50 44.46 103.31
N TYR IA 40 39.77 44.27 102.97
CA TYR IA 40 40.72 45.38 102.92
C TYR IA 40 41.52 45.42 101.63
N LYS IA 41 41.66 44.32 100.90
CA LYS IA 41 42.43 44.32 99.67
C LYS IA 41 41.70 45.08 98.56
N ILE IA 42 42.49 45.59 97.63
CA ILE IA 42 41.98 46.35 96.49
C ILE IA 42 42.39 45.60 95.23
N THR IA 43 41.43 45.37 94.34
CA THR IA 43 41.66 44.55 93.15
C THR IA 43 41.68 45.43 91.90
N THR IA 44 42.64 45.19 91.02
CA THR IA 44 42.73 45.89 89.75
C THR IA 44 41.88 45.13 88.73
N VAL IA 45 40.80 45.74 88.27
CA VAL IA 45 39.84 45.08 87.38
C VAL IA 45 39.77 45.85 86.08
N PHE IA 46 39.89 45.13 84.97
CA PHE IA 46 39.65 45.72 83.66
C PHE IA 46 38.18 46.11 83.51
N SER IA 47 37.94 47.30 82.95
CA SER IA 47 36.58 47.83 82.88
C SER IA 47 35.69 47.00 81.97
N HIS IA 48 36.28 46.31 81.00
CA HIS IA 48 35.55 45.45 80.08
C HIS IA 48 35.91 43.99 80.31
N ALA IA 49 35.98 43.58 81.57
CA ALA IA 49 36.43 42.24 81.92
C ALA IA 49 35.48 41.20 81.36
N GLN IA 50 36.06 40.11 80.85
CA GLN IA 50 35.30 39.03 80.24
C GLN IA 50 35.05 37.88 81.21
N THR IA 51 35.80 37.80 82.29
CA THR IA 51 35.71 36.72 83.24
C THR IA 51 35.06 37.19 84.54
N VAL IA 52 34.43 36.25 85.24
CA VAL IA 52 33.87 36.53 86.56
C VAL IA 52 35.03 36.58 87.54
N VAL IA 53 35.45 37.79 87.91
CA VAL IA 53 36.56 37.92 88.84
C VAL IA 53 36.12 37.53 90.24
N LEU IA 54 37.10 37.12 91.04
CA LEU IA 54 36.84 36.65 92.40
C LEU IA 54 37.86 37.26 93.34
N CYS IA 55 37.43 37.44 94.60
CA CYS IA 55 38.36 37.87 95.63
C CYS IA 55 39.30 36.73 95.99
N VAL IA 56 40.59 37.03 96.10
CA VAL IA 56 41.58 36.00 96.38
C VAL IA 56 41.54 35.51 97.81
N GLY IA 57 40.84 36.21 98.70
CA GLY IA 57 40.73 35.79 100.08
C GLY IA 57 39.30 35.75 100.58
N CYS IA 58 38.36 36.13 99.73
CA CYS IA 58 36.95 36.15 100.08
C CYS IA 58 36.14 35.45 98.99
N SER IA 59 35.04 34.84 99.40
CA SER IA 59 34.16 34.13 98.47
C SER IA 59 33.02 35.03 98.02
N THR IA 60 33.40 36.13 97.35
CA THR IA 60 32.43 37.08 96.80
C THR IA 60 32.87 37.47 95.41
N VAL IA 61 31.92 37.51 94.48
CA VAL IA 61 32.20 37.98 93.13
C VAL IA 61 32.23 39.51 93.14
N LEU IA 62 33.17 40.07 92.38
CA LEU IA 62 33.26 41.52 92.26
C LEU IA 62 32.52 42.06 91.06
N CYS IA 63 32.61 41.38 89.92
CA CYS IA 63 31.94 41.86 88.71
C CYS IA 63 31.53 40.66 87.87
N GLN IA 64 30.63 40.92 86.94
CA GLN IA 64 30.17 39.92 85.99
C GLN IA 64 30.31 40.46 84.58
N PRO IA 65 30.54 39.59 83.59
CA PRO IA 65 30.69 40.06 82.22
C PRO IA 65 29.34 40.34 81.57
N THR IA 66 29.29 41.44 80.84
CA THR IA 66 28.14 41.83 80.02
C THR IA 66 28.62 42.02 78.59
N GLY IA 67 27.78 42.64 77.78
CA GLY IA 67 28.15 42.96 76.41
C GLY IA 67 29.40 43.80 76.32
N GLY IA 68 29.32 45.05 76.79
CA GLY IA 68 30.46 45.93 76.69
C GLY IA 68 31.32 46.05 77.94
N LYS IA 69 30.70 46.39 79.07
CA LYS IA 69 31.43 46.72 80.28
C LYS IA 69 31.10 45.73 81.38
N ALA IA 70 32.07 45.53 82.28
CA ALA IA 70 31.85 44.69 83.43
C ALA IA 70 30.82 45.34 84.35
N ARG IA 71 29.91 44.52 84.86
CA ARG IA 71 28.87 44.99 85.78
C ARG IA 71 29.30 44.61 87.19
N LEU IA 72 29.66 45.60 87.98
CA LEU IA 72 30.13 45.34 89.33
C LEU IA 72 28.94 45.03 90.24
N THR IA 73 29.21 44.26 91.29
CA THR IA 73 28.18 43.97 92.27
C THR IA 73 27.85 45.21 93.09
N GLU IA 74 26.61 45.28 93.58
CA GLU IA 74 26.20 46.42 94.38
C GLU IA 74 26.94 46.44 95.72
N GLY IA 75 27.38 47.62 96.12
CA GLY IA 75 27.96 47.81 97.43
C GLY IA 75 29.47 47.84 97.49
N CYS IA 76 30.16 47.69 96.36
CA CYS IA 76 31.61 47.76 96.33
C CYS IA 76 32.04 49.02 95.59
N SER IA 77 33.02 49.72 96.14
CA SER IA 77 33.46 50.96 95.54
C SER IA 77 34.52 50.70 94.47
N PHE IA 78 34.68 51.68 93.57
CA PHE IA 78 35.67 51.59 92.53
C PHE IA 78 36.29 52.96 92.30
N ARG IA 79 37.52 52.94 91.78
CA ARG IA 79 38.32 54.13 91.57
C ARG IA 79 39.08 53.99 90.26
N ARG IA 80 39.26 55.10 89.55
CA ARG IA 80 40.02 55.06 88.31
C ARG IA 80 41.51 54.96 88.59
N LYS IA 81 42.29 54.75 87.54
CA LYS IA 81 43.74 54.72 87.63
C LYS IA 81 44.33 55.54 86.49
N GLN IA 82 45.08 56.58 86.84
CA GLN IA 82 45.78 57.48 85.90
C GLN IA 82 44.89 57.91 84.73
N HIS IA 83 43.59 58.02 85.00
CA HIS IA 83 42.57 58.40 84.01
C HIS IA 83 42.56 57.49 82.78
P A2M JA 27 49.72 41.77 -12.32
OP1 A2M JA 27 50.73 41.12 -13.22
O5' A2M JA 27 48.00 41.62 -12.84
C5' A2M JA 27 47.53 40.36 -12.92
C4' A2M JA 27 46.02 40.37 -12.98
O4' A2M JA 27 45.50 40.91 -11.79
C3' A2M JA 27 45.50 41.21 -14.13
O3' A2M JA 27 45.67 40.45 -15.27
C2' A2M JA 27 44.11 41.54 -13.66
O2' A2M JA 27 43.23 40.45 -13.80
C1' A2M JA 27 44.44 41.75 -12.18
CM' A2M JA 27 42.08 40.66 -13.05
N9 A2M JA 27 44.75 43.10 -11.78
C8 A2M JA 27 45.94 43.73 -11.44
N7 A2M JA 27 45.78 45.02 -11.13
C5 A2M JA 27 44.42 45.22 -11.29
C6 A2M JA 27 43.59 46.30 -11.13
N6 A2M JA 27 44.08 47.53 -10.73
N1 A2M JA 27 42.26 46.24 -11.33
C2 A2M JA 27 41.79 45.04 -11.72
N3 A2M JA 27 42.44 43.89 -11.92
C4 A2M JA 27 43.76 44.04 -11.69
OP2 A2M JA 27 49.65 43.27 -12.29
N1 PSU JA 93 78.62 24.82 -8.72
C2 PSU JA 93 78.47 25.44 -9.94
N3 PSU JA 93 79.07 26.65 -10.18
C4 PSU JA 93 79.84 27.23 -9.20
C5 PSU JA 93 80.01 26.59 -7.97
C6 PSU JA 93 79.38 25.37 -7.76
O2 PSU JA 93 77.78 24.92 -10.82
O4 PSU JA 93 80.37 28.32 -9.43
C1' PSU JA 93 80.83 27.21 -6.87
C2' PSU JA 93 80.09 28.44 -6.35
O2' PSU JA 93 81.03 29.36 -5.84
C3' PSU JA 93 79.27 27.82 -5.22
C4' PSU JA 93 80.26 26.83 -4.62
O3' PSU JA 93 78.79 28.76 -4.29
O4' PSU JA 93 80.95 26.31 -5.80
C5' PSU JA 93 79.65 25.70 -3.85
O5' PSU JA 93 78.79 24.93 -4.65
P PSU JA 93 77.98 23.72 -4.02
OP1 PSU JA 93 77.51 24.16 -2.70
OP2 PSU JA 93 76.96 23.21 -4.97
P A2M JA 99 55.65 26.36 -1.37
OP1 A2M JA 99 54.81 27.42 -2.01
O5' A2M JA 99 55.75 24.81 -2.26
C5' A2M JA 99 54.73 23.96 -2.10
C4' A2M JA 99 55.26 22.55 -1.96
O4' A2M JA 99 56.45 22.44 -2.71
C3' A2M JA 99 55.62 22.21 -0.53
O3' A2M JA 99 54.44 22.00 0.16
C2' A2M JA 99 56.60 21.06 -0.74
O2' A2M JA 99 55.99 19.87 -1.20
C1' A2M JA 99 57.35 21.72 -1.90
CM' A2M JA 99 56.95 18.92 -1.50
N9 A2M JA 99 58.42 22.58 -1.51
C8 A2M JA 99 58.59 23.96 -1.54
N7 A2M JA 99 59.78 24.36 -1.05
C5 A2M JA 99 60.39 23.17 -0.69
C6 A2M JA 99 61.61 22.86 -0.14
N6 A2M JA 99 62.52 23.84 0.18
N1 A2M JA 99 61.98 21.59 0.12
C2 A2M JA 99 61.07 20.65 -0.19
N3 A2M JA 99 59.86 20.76 -0.74
C4 A2M JA 99 59.56 22.06 -0.97
OP2 A2M JA 99 55.16 25.72 -0.11
N1 PSU JA 105 64.07 26.87 13.76
C2 PSU JA 105 63.48 28.12 13.69
N3 PSU JA 105 63.35 28.74 12.47
C4 PSU JA 105 63.80 28.13 11.33
C5 PSU JA 105 64.41 26.88 11.41
C6 PSU JA 105 64.52 26.26 12.64
O2 PSU JA 105 63.08 28.67 14.71
O4 PSU JA 105 63.67 28.70 10.25
C1' PSU JA 105 64.89 26.17 10.18
C2' PSU JA 105 66.11 26.84 9.57
O2' PSU JA 105 66.07 26.66 8.17
C3' PSU JA 105 67.24 26.01 10.18
C4' PSU JA 105 66.65 24.62 10.22
O3' PSU JA 105 68.45 26.08 9.45
O4' PSU JA 105 65.25 24.84 10.52
C5' PSU JA 105 67.23 23.68 11.25
O5' PSU JA 105 67.30 24.32 12.51
P PSU JA 105 67.27 23.47 13.85
OP1 PSU JA 105 68.57 22.76 13.98
OP2 PSU JA 105 66.83 24.40 14.92
N1 PSU JA 109 74.66 33.56 18.51
C2 PSU JA 109 74.46 32.21 18.74
N3 PSU JA 109 74.48 31.72 20.02
C4 PSU JA 109 74.72 32.56 21.07
C5 PSU JA 109 74.94 33.91 20.83
C6 PSU JA 109 74.89 34.39 19.53
O2 PSU JA 109 74.23 31.46 17.81
O4 PSU JA 109 74.75 32.13 22.22
C1' PSU JA 109 75.18 34.85 21.97
C2' PSU JA 109 76.63 34.87 22.46
O2' PSU JA 109 76.62 35.07 23.86
C3' PSU JA 109 77.17 36.10 21.74
C4' PSU JA 109 75.98 37.04 21.71
O3' PSU JA 109 78.29 36.67 22.39
O4' PSU JA 109 74.85 36.15 21.56
C5' PSU JA 109 75.98 38.06 20.61
O5' PSU JA 109 76.11 37.45 19.35
P PSU JA 109 76.23 38.33 18.02
OP1 PSU JA 109 77.11 39.47 18.33
OP2 PSU JA 109 76.56 37.43 16.90
N1 OMU JA 116 87.92 18.85 11.10
C2 OMU JA 116 87.52 20.18 10.52
N3 OMU JA 116 87.83 21.44 11.29
C4 OMU JA 116 88.50 21.36 12.57
C5 OMU JA 116 88.89 20.04 13.13
C6 OMU JA 116 88.57 18.80 12.37
O2 OMU JA 116 86.95 20.25 9.45
O4 OMU JA 116 88.73 22.31 13.15
C1' OMU JA 116 87.61 17.60 10.38
C2' OMU JA 116 88.54 17.38 9.18
O2' OMU JA 116 87.82 16.66 8.19
CM2 OMU JA 116 86.75 17.35 7.63
C3' OMU JA 116 89.62 16.52 9.79
C4' OMU JA 116 88.84 15.63 10.74
O3' OMU JA 116 90.36 15.78 8.83
O4' OMU JA 116 87.80 16.51 11.26
C5' OMU JA 116 89.61 15.04 11.90
O5' OMU JA 116 90.04 16.04 12.81
P OMU JA 116 90.43 15.67 14.30
OP1 OMU JA 116 91.22 14.40 14.26
OP2 OMU JA 116 91.01 16.90 14.95
N1 OMU JA 121 100.43 30.03 3.61
C2 OMU JA 121 100.38 29.38 4.97
N3 OMU JA 121 100.17 27.90 5.08
C4 OMU JA 121 100.00 27.11 3.88
C5 OMU JA 121 100.05 27.76 2.54
C6 OMU JA 121 100.27 29.22 2.43
O2 OMU JA 121 100.53 30.05 5.97
O4 OMU JA 121 99.84 25.99 3.96
C1' OMU JA 121 100.65 31.49 3.50
C2' OMU JA 121 102.10 31.87 3.78
O2' OMU JA 121 102.12 33.19 4.29
CM2 OMU JA 121 102.09 33.26 5.68
C3' OMU JA 121 102.67 31.85 2.38
C4' OMU JA 121 101.54 32.46 1.56
O3' OMU JA 121 103.89 32.55 2.23
O4' OMU JA 121 100.35 31.89 2.18
C5' OMU JA 121 101.55 32.15 0.10
O5' OMU JA 121 101.80 30.78 -0.15
P OMU JA 121 101.42 30.12 -1.54
OP1 OMU JA 121 102.25 30.79 -2.60
OP2 OMU JA 121 101.48 28.62 -1.38
P A2M JA 159 74.50 1.35 -36.22
OP1 A2M JA 159 75.31 2.48 -36.81
O5' A2M JA 159 73.81 2.41 -34.91
C5' A2M JA 159 73.13 3.51 -35.29
C4' A2M JA 159 72.20 3.96 -34.17
O4' A2M JA 159 71.24 2.96 -33.90
C3' A2M JA 159 72.99 4.21 -32.90
O3' A2M JA 159 73.45 5.51 -33.03
C2' A2M JA 159 72.00 3.87 -31.79
O2' A2M JA 159 71.14 4.94 -31.47
C1' A2M JA 159 71.23 2.74 -32.52
CM' A2M JA 159 70.01 4.47 -30.76
N9 A2M JA 159 71.67 1.41 -32.26
C8 A2M JA 159 72.56 0.56 -32.92
N7 A2M JA 159 72.69 -0.63 -32.33
C5 A2M JA 159 71.82 -0.56 -31.25
C6 A2M JA 159 71.47 -1.43 -30.25
N6 A2M JA 159 72.01 -2.71 -30.19
N1 A2M JA 159 70.58 -1.13 -29.29
C2 A2M JA 159 70.05 0.12 -29.36
N3 A2M JA 159 70.27 1.10 -30.26
C4 A2M JA 159 71.17 0.69 -31.18
OP2 A2M JA 159 75.20 0.11 -35.76
P A2M JA 166 94.39 -9.41 -27.31
OP1 A2M JA 166 95.30 -10.52 -26.86
O5' A2M JA 166 95.42 -9.04 -28.76
C5' A2M JA 166 95.55 -10.03 -29.65
C4' A2M JA 166 96.07 -9.47 -30.95
O4' A2M JA 166 95.07 -8.70 -31.57
C3' A2M JA 166 97.24 -8.56 -30.71
O3' A2M JA 166 98.30 -9.36 -30.31
C2' A2M JA 166 97.29 -7.81 -32.03
O2' A2M JA 166 97.77 -8.59 -33.09
C1' A2M JA 166 95.76 -7.63 -32.18
CM' A2M JA 166 98.13 -7.79 -34.18
N9 A2M JA 166 95.21 -6.39 -31.70
C8 A2M JA 166 94.31 -6.08 -30.68
N7 A2M JA 166 94.10 -4.76 -30.56
C5 A2M JA 166 94.91 -4.21 -31.55
C6 A2M JA 166 95.17 -2.92 -31.97
N6 A2M JA 166 94.57 -1.82 -31.39
N1 A2M JA 166 96.03 -2.65 -32.98
C2 A2M JA 166 96.61 -3.72 -33.56
N3 A2M JA 166 96.48 -5.02 -33.28
C4 A2M JA 166 95.61 -5.20 -32.26
OP2 A2M JA 166 94.15 -8.26 -26.40
N1 OMU JA 172 105.49 15.44 -11.84
C2 OMU JA 172 104.37 16.47 -11.87
N3 OMU JA 172 104.68 17.89 -12.20
C4 OMU JA 172 106.06 18.28 -12.50
C5 OMU JA 172 107.14 17.25 -12.47
C6 OMU JA 172 106.84 15.84 -12.13
O2 OMU JA 172 103.24 16.13 -11.62
O4 OMU JA 172 106.29 19.36 -12.76
C1' OMU JA 172 105.18 14.05 -11.52
C2' OMU JA 172 104.68 13.23 -12.70
O2' OMU JA 172 103.33 13.48 -12.99
CM2 OMU JA 172 102.98 13.13 -14.29
C3' OMU JA 172 104.99 11.82 -12.22
C4' OMU JA 172 106.30 12.00 -11.47
O3' OMU JA 172 103.97 11.43 -11.29
O4' OMU JA 172 106.35 13.41 -11.08
C5' OMU JA 172 107.54 11.65 -12.27
O5' OMU JA 172 107.79 12.59 -13.31
P OMU JA 172 108.29 12.12 -14.74
OP1 OMU JA 172 108.48 13.33 -15.61
OP2 OMU JA 172 109.43 11.17 -14.53
N1 OMC JA 174 102.46 3.16 -11.66
C2 OMC JA 174 103.58 2.37 -11.97
N3 OMC JA 174 104.74 2.99 -12.25
C4 OMC JA 174 104.83 4.30 -12.25
C5 OMC JA 174 103.71 5.13 -11.94
C6 OMC JA 174 102.56 4.50 -11.67
O2 OMC JA 174 103.51 1.15 -11.97
N4 OMC JA 174 106.00 4.86 -12.53
C1' OMC JA 174 101.12 2.60 -11.36
C2' OMC JA 174 101.04 1.88 -10.00
O2' OMC JA 174 100.27 0.71 -10.16
CM2 OMC JA 174 100.97 -0.37 -10.74
C3' OMC JA 174 100.28 2.91 -9.15
C4' OMC JA 174 99.39 3.59 -10.16
O4' OMC JA 174 100.19 3.66 -11.35
O3' OMC JA 174 99.55 2.32 -8.09
C5' OMC JA 174 98.93 4.98 -9.78
O5' OMC JA 174 100.05 5.82 -9.54
P OMC JA 174 99.84 7.35 -9.14
OP1 OMC JA 174 98.76 7.40 -8.07
OP2 OMC JA 174 101.20 7.96 -8.84
N1 OMU JA 293 67.28 32.11 23.67
C2 OMU JA 293 67.44 32.53 22.24
N3 OMU JA 293 67.80 31.53 21.20
C4 OMU JA 293 67.99 30.14 21.58
C5 OMU JA 293 67.83 29.73 23.01
C6 OMU JA 293 67.47 30.73 24.03
O2 OMU JA 293 67.27 33.70 21.93
O4 OMU JA 293 68.27 29.37 20.79
C1' OMU JA 293 66.91 33.13 24.66
C2' OMU JA 293 65.40 33.36 24.67
O2' OMU JA 293 65.15 34.71 25.00
CM2 OMU JA 293 65.55 35.61 23.99
C3' OMU JA 293 64.97 32.46 25.81
C4' OMU JA 293 66.10 32.65 26.80
O3' OMU JA 293 63.69 32.76 26.34
O4' OMU JA 293 67.28 32.68 25.96
C5' OMU JA 293 66.25 31.61 27.87
O5' OMU JA 293 66.42 30.31 27.31
P OMU JA 293 66.96 29.11 28.19
OP1 OMU JA 293 66.20 29.08 29.48
OP2 OMU JA 293 67.02 27.88 27.32
N1 PSU JA 345 50.59 23.49 9.30
C2 PSU JA 345 51.70 23.92 9.98
N3 PSU JA 345 51.95 25.26 10.12
C4 PSU JA 345 51.08 26.17 9.57
C5 PSU JA 345 49.95 25.73 8.90
C6 PSU JA 345 49.72 24.37 8.77
O2 PSU JA 345 52.48 23.10 10.45
O4 PSU JA 345 51.29 27.37 9.69
C1' PSU JA 345 49.00 26.73 8.31
C2' PSU JA 345 49.52 27.24 6.97
O2' PSU JA 345 49.09 28.58 6.82
C3' PSU JA 345 48.79 26.33 6.01
C4' PSU JA 345 47.44 26.19 6.67
O3' PSU JA 345 48.71 26.83 4.69
O4' PSU JA 345 47.74 26.15 8.09
C5' PSU JA 345 46.64 24.98 6.29
O5' PSU JA 345 47.43 23.80 6.35
P PSU JA 345 46.75 22.37 6.28
OP1 PSU JA 345 45.93 22.33 5.05
OP2 PSU JA 345 47.76 21.32 6.53
N1 OMU JA 367 66.87 40.39 -6.71
C2 OMU JA 367 66.67 40.65 -8.18
N3 OMU JA 367 65.51 41.48 -8.64
C4 OMU JA 367 64.58 42.01 -7.66
C5 OMU JA 367 64.79 41.74 -6.21
C6 OMU JA 367 65.95 40.92 -5.76
O2 OMU JA 367 67.46 40.19 -8.99
O4 OMU JA 367 63.70 42.63 -8.00
C1' OMU JA 367 68.02 39.59 -6.26
C2' OMU JA 367 68.48 39.90 -4.86
O2' OMU JA 367 69.30 41.04 -4.82
CM2 OMU JA 367 68.89 42.00 -3.90
C3' OMU JA 367 69.18 38.60 -4.47
C4' OMU JA 367 68.38 37.53 -5.22
O3' OMU JA 367 70.52 38.63 -4.98
O4' OMU JA 367 67.61 38.23 -6.23
C5' OMU JA 367 67.45 36.71 -4.37
O5' OMU JA 367 66.88 37.48 -3.32
P OMU JA 367 65.47 37.07 -2.68
OP1 OMU JA 367 65.55 35.64 -2.26
OP2 OMU JA 367 65.09 38.14 -1.69
P OMG JA 375 64.16 16.00 -11.00
OP1 OMG JA 375 64.88 14.67 -10.75
OP2 OMG JA 375 64.46 16.79 -12.26
O5' OMG JA 375 62.62 15.68 -10.97
C5' OMG JA 375 61.66 16.66 -10.61
C4' OMG JA 375 60.35 16.03 -10.24
O4' OMG JA 375 59.93 15.13 -11.31
C3' OMG JA 375 60.38 15.14 -9.02
O3' OMG JA 375 60.29 15.86 -7.81
C2' OMG JA 375 59.21 14.21 -9.26
O2' OMG JA 375 57.99 14.89 -9.06
CM2 OMG JA 375 56.88 14.05 -8.84
C1' OMG JA 375 59.37 13.97 -10.76
N9 OMG JA 375 60.30 12.84 -11.02
C8 OMG JA 375 61.54 12.92 -11.60
N7 OMG JA 375 62.11 11.76 -11.69
C5 OMG JA 375 61.21 10.88 -11.14
C6 OMG JA 375 61.30 9.48 -10.97
O6 OMG JA 375 62.21 8.72 -11.28
N1 OMG JA 375 60.14 8.98 -10.37
C2 OMG JA 375 59.07 9.72 -9.99
N2 OMG JA 375 58.05 9.05 -9.43
N3 OMG JA 375 58.99 11.01 -10.14
C4 OMG JA 375 60.08 11.53 -10.73
N1 OMC JA 401 63.30 4.90 -29.31
C2 OMC JA 401 63.92 3.70 -28.93
N3 OMC JA 401 63.38 2.98 -27.94
C4 OMC JA 401 62.29 3.38 -27.31
C5 OMC JA 401 61.63 4.58 -27.67
C6 OMC JA 401 62.18 5.30 -28.67
O2 OMC JA 401 64.93 3.32 -29.51
N4 OMC JA 401 61.80 2.62 -26.34
C1' OMC JA 401 63.82 5.76 -30.38
C2' OMC JA 401 63.65 5.13 -31.78
O2' OMC JA 401 64.75 5.52 -32.58
CM2 OMC JA 401 66.00 5.09 -32.10
C3' OMC JA 401 62.37 5.81 -32.26
C4' OMC JA 401 62.52 7.20 -31.71
O4' OMC JA 401 63.09 6.98 -30.38
O3' OMC JA 401 62.22 5.77 -33.66
C5' OMC JA 401 61.26 8.02 -31.60
O5' OMC JA 401 60.30 7.39 -30.76
P OMC JA 401 59.11 8.24 -30.13
OP1 OMC JA 401 58.42 8.99 -31.26
OP2 OMC JA 401 58.29 7.31 -29.24
P A2M JA 407 70.41 -2.83 -23.01
OP1 A2M JA 407 71.84 -2.74 -22.57
O5' A2M JA 407 70.42 -1.11 -23.59
C5' A2M JA 407 71.49 -0.73 -24.28
C4' A2M JA 407 71.15 0.47 -25.15
O4' A2M JA 407 69.97 0.19 -25.86
C3' A2M JA 407 70.89 1.70 -24.32
O3' A2M JA 407 72.11 2.19 -23.90
C2' A2M JA 407 70.06 2.53 -25.28
O2' A2M JA 407 70.79 3.07 -26.33
C1' A2M JA 407 69.21 1.37 -25.81
CM' A2M JA 407 70.00 3.97 -27.05
N9 A2M JA 407 68.01 1.10 -25.07
C8 A2M JA 407 67.59 0.05 -24.28
N7 A2M JA 407 66.36 0.22 -23.78
C5 A2M JA 407 65.98 1.45 -24.30
C6 A2M JA 407 64.84 2.22 -24.20
N6 A2M JA 407 63.77 1.82 -23.44
N1 A2M JA 407 64.72 3.43 -24.80
C2 A2M JA 407 65.79 3.82 -25.53
N3 A2M JA 407 66.95 3.21 -25.75
C4 A2M JA 407 67.00 2.02 -25.10
OP2 A2M JA 407 69.35 -3.17 -22.02
P A2M JA 423 44.34 34.73 -17.10
OP1 A2M JA 423 44.72 35.11 -18.50
O5' A2M JA 423 45.88 35.37 -16.41
C5' A2M JA 423 46.15 36.66 -16.69
C4' A2M JA 423 47.16 37.18 -15.68
O4' A2M JA 423 46.58 37.16 -14.40
C3' A2M JA 423 48.40 36.32 -15.66
O3' A2M JA 423 49.22 36.80 -16.69
C2' A2M JA 423 48.88 36.43 -14.21
O2' A2M JA 423 49.62 37.60 -13.99
C1' A2M JA 423 47.50 36.56 -13.53
CM' A2M JA 423 50.21 37.58 -12.72
N9 A2M JA 423 46.92 35.36 -12.99
C8 A2M JA 423 45.99 34.45 -13.47
N7 A2M JA 423 45.72 33.45 -12.63
C5 A2M JA 423 46.52 33.73 -11.55
C6 A2M JA 423 46.74 33.11 -10.33
N6 A2M JA 423 46.08 31.94 -9.99
N1 A2M JA 423 47.60 33.59 -9.40
C2 A2M JA 423 48.24 34.72 -9.75
N3 A2M JA 423 48.16 35.46 -10.87
C4 A2M JA 423 47.28 34.90 -11.73
OP2 A2M JA 423 44.03 33.30 -16.80
P OMG JA 448 72.69 35.58 -13.19
OP1 OMG JA 448 71.78 35.89 -12.02
OP2 OMG JA 448 72.06 34.99 -14.45
O5' OMG JA 448 73.45 36.91 -13.59
C5' OMG JA 448 74.19 37.66 -12.63
C4' OMG JA 448 75.36 38.36 -13.28
O4' OMG JA 448 76.15 37.38 -14.00
C3' OMG JA 448 75.01 39.40 -14.32
O3' OMG JA 448 74.69 40.66 -13.75
C2' OMG JA 448 76.24 39.43 -15.19
O2' OMG JA 448 77.30 40.14 -14.55
CM2 OMG JA 448 78.43 40.30 -15.35
C1' OMG JA 448 76.61 37.95 -15.21
N9 OMG JA 448 75.95 37.24 -16.33
C8 OMG JA 448 74.83 36.45 -16.27
N7 OMG JA 448 74.51 35.97 -17.43
C5 OMG JA 448 75.45 36.47 -18.29
C6 OMG JA 448 75.60 36.29 -19.69
O6 OMG JA 448 74.92 35.63 -20.45
N1 OMG JA 448 76.71 37.00 -20.16
C2 OMG JA 448 77.55 37.76 -19.40
N2 OMG JA 448 78.57 38.36 -20.03
N3 OMG JA 448 77.41 37.92 -18.11
C4 OMG JA 448 76.35 37.26 -17.62
N1 OMC JA 456 55.62 46.99 -12.30
C2 OMC JA 456 56.58 47.20 -11.29
N3 OMC JA 456 57.78 47.67 -11.65
C4 OMC JA 456 58.08 47.93 -12.90
C5 OMC JA 456 57.13 47.74 -13.95
C6 OMC JA 456 55.93 47.26 -13.58
O2 OMC JA 456 56.31 46.96 -10.12
N4 OMC JA 456 59.29 48.39 -13.18
C1' OMC JA 456 54.26 46.48 -12.00
C2' OMC JA 456 53.37 47.52 -11.33
O2' OMC JA 456 52.49 46.84 -10.44
CM2 OMC JA 456 52.81 47.01 -9.08
C3' OMC JA 456 52.60 48.06 -12.52
C4' OMC JA 456 52.41 46.83 -13.38
O4' OMC JA 456 53.65 46.11 -13.22
O3' OMC JA 456 51.38 48.69 -12.16
C5' OMC JA 456 52.14 47.07 -14.84
O5' OMC JA 456 52.96 48.12 -15.33
P OMC JA 456 53.23 48.28 -16.89
OP1 OMC JA 456 54.66 48.72 -17.08
OP2 OMC JA 456 52.72 47.01 -17.56
P A2M JA 515 79.77 49.66 -34.04
OP1 A2M JA 515 78.69 49.67 -35.09
O5' A2M JA 515 78.56 49.53 -32.69
C5' A2M JA 515 77.45 50.25 -32.82
C4' A2M JA 515 76.30 49.33 -33.22
O4' A2M JA 515 76.46 48.06 -32.62
C3' A2M JA 515 74.96 49.92 -32.78
O3' A2M JA 515 74.57 50.79 -33.80
C2' A2M JA 515 74.14 48.68 -32.44
O2' A2M JA 515 73.59 48.02 -33.55
C1' A2M JA 515 75.30 47.84 -31.86
CM' A2M JA 515 72.81 46.94 -33.13
N9 A2M JA 515 75.61 48.10 -30.48
C8 A2M JA 515 76.77 48.50 -29.84
N7 A2M JA 515 76.63 48.66 -28.51
C5 A2M JA 515 75.29 48.35 -28.31
C6 A2M JA 515 74.49 48.31 -27.20
N6 A2M JA 515 74.96 48.62 -25.94
N1 A2M JA 515 73.17 47.98 -27.26
C2 A2M JA 515 72.70 47.67 -28.50
N3 A2M JA 515 73.34 47.66 -29.67
C4 A2M JA 515 74.64 48.01 -29.52
OP2 A2M JA 515 80.72 50.82 -33.96
P OMG JA 540 24.77 67.63 -5.16
OP1 OMG JA 540 25.36 69.01 -4.97
OP2 OMG JA 540 25.49 66.60 -6.04
O5' OMG JA 540 24.54 66.98 -3.73
C5' OMG JA 540 23.87 67.69 -2.71
C4' OMG JA 540 23.74 66.85 -1.48
O4' OMG JA 540 22.94 65.68 -1.77
C3' OMG JA 540 25.04 66.28 -0.94
O3' OMG JA 540 25.71 67.20 -0.08
C2' OMG JA 540 24.60 65.02 -0.21
O2' OMG JA 540 24.12 65.34 1.09
CM2 OMG JA 540 23.50 64.26 1.76
C1' OMG JA 540 23.42 64.57 -1.07
N9 OMG JA 540 23.76 63.51 -2.04
C8 OMG JA 540 23.83 63.64 -3.40
N7 OMG JA 540 24.11 62.52 -3.99
C5 OMG JA 540 24.23 61.61 -2.98
C6 OMG JA 540 24.53 60.22 -3.03
O6 OMG JA 540 24.76 59.52 -3.99
N1 OMG JA 540 24.54 59.68 -1.74
C2 OMG JA 540 24.31 60.37 -0.58
N2 OMG JA 540 24.37 59.65 0.55
N3 OMG JA 540 24.03 61.63 -0.55
C4 OMG JA 540 24.00 62.20 -1.76
N1 OMU JA 566 3.24 60.12 -19.45
C2 OMU JA 566 3.69 60.15 -20.89
N3 OMU JA 566 3.51 58.92 -21.73
C4 OMU JA 566 2.93 57.72 -21.15
C5 OMU JA 566 2.49 57.71 -19.72
C6 OMU JA 566 2.66 58.93 -18.89
O2 OMU JA 566 4.18 61.15 -21.37
O4 OMU JA 566 2.80 56.79 -21.79
C1' OMU JA 566 3.40 61.31 -18.61
C2' OMU JA 566 2.34 61.41 -17.50
O2' OMU JA 566 1.19 62.11 -17.94
CM2 OMU JA 566 0.05 61.31 -18.02
C3' OMU JA 566 3.12 62.12 -16.40
C4' OMU JA 566 4.50 61.49 -16.54
O3' OMU JA 566 3.20 63.51 -16.72
O4' OMU JA 566 4.65 61.22 -17.96
C5' OMU JA 566 4.69 60.21 -15.79
O5' OMU JA 566 3.90 60.17 -14.60
P OMU JA 566 2.97 58.92 -14.29
OP1 OMU JA 566 2.73 58.87 -12.80
OP2 OMU JA 566 1.78 58.97 -15.21
P OMG JA 583 51.66 59.80 -15.79
OP1 OMG JA 583 51.99 61.18 -15.24
OP2 OMG JA 583 52.76 58.74 -15.88
O5' OMG JA 583 50.48 59.20 -14.89
C5' OMG JA 583 49.55 60.06 -14.24
C4' OMG JA 583 48.26 60.16 -15.01
O4' OMG JA 583 48.36 59.43 -16.25
C3' OMG JA 583 47.03 59.56 -14.35
O3' OMG JA 583 46.49 60.39 -13.34
C2' OMG JA 583 46.10 59.32 -15.52
O2' OMG JA 583 45.42 60.53 -15.85
CM2 OMG JA 583 44.53 60.41 -16.93
C1' OMG JA 583 47.07 59.00 -16.65
N9 OMG JA 583 47.13 57.57 -16.97
C8 OMG JA 583 48.17 56.70 -16.72
N7 OMG JA 583 47.92 55.51 -17.15
C5 OMG JA 583 46.69 55.57 -17.72
C6 OMG JA 583 45.90 54.58 -18.36
O6 OMG JA 583 46.16 53.41 -18.55
N1 OMG JA 583 44.68 55.11 -18.80
C2 OMG JA 583 44.28 56.39 -18.65
N2 OMG JA 583 43.07 56.71 -19.14
N3 OMG JA 583 45.00 57.31 -18.06
C4 OMG JA 583 46.18 56.86 -17.62
N1 PSU JA 588 39.55 45.70 -4.83
C2 PSU JA 588 40.85 46.12 -4.83
N3 PSU JA 588 41.88 45.21 -4.87
C4 PSU JA 588 41.58 43.86 -4.90
C5 PSU JA 588 40.26 43.45 -4.91
C6 PSU JA 588 39.25 44.39 -4.87
O2 PSU JA 588 41.11 47.32 -4.80
O4 PSU JA 588 42.49 43.05 -4.94
C1' PSU JA 588 39.95 41.98 -4.95
C2' PSU JA 588 40.05 41.42 -3.53
O2' PSU JA 588 40.48 40.07 -3.61
C3' PSU JA 588 38.60 41.50 -3.09
C4' PSU JA 588 37.86 41.11 -4.36
O3' PSU JA 588 38.30 40.68 -1.98
O4' PSU JA 588 38.64 41.74 -5.40
C5' PSU JA 588 36.43 41.57 -4.44
O5' PSU JA 588 36.32 42.97 -4.28
P PSU JA 588 34.98 43.73 -4.68
OP1 PSU JA 588 33.86 42.98 -4.07
OP2 PSU JA 588 35.08 45.18 -4.46
N1 PSU JA 590 41.87 45.49 1.71
C2 PSU JA 590 41.96 46.80 1.31
N3 PSU JA 590 43.15 47.47 1.44
C4 PSU JA 590 44.24 46.84 1.96
C5 PSU JA 590 44.14 45.51 2.37
C6 PSU JA 590 42.94 44.85 2.23
O2 PSU JA 590 40.97 47.36 0.84
O4 PSU JA 590 45.30 47.45 2.06
C1' PSU JA 590 45.33 44.81 2.94
C2' PSU JA 590 45.61 45.24 4.38
O2' PSU JA 590 47.01 45.21 4.59
C3' PSU JA 590 44.93 44.14 5.17
C4' PSU JA 590 45.20 42.92 4.32
O3' PSU JA 590 45.41 44.02 6.50
O4' PSU JA 590 45.10 43.40 2.96
C5' PSU JA 590 44.26 41.76 4.52
O5' PSU JA 590 42.92 42.12 4.19
P PSU JA 590 41.82 41.00 3.95
OP1 PSU JA 590 41.82 40.09 5.11
OP2 PSU JA 590 40.59 41.74 3.56
P A2M JA 607 17.79 46.21 27.05
OP1 A2M JA 607 16.90 45.03 26.80
O5' A2M JA 607 18.41 47.02 25.57
C5' A2M JA 607 19.42 47.87 25.74
C4' A2M JA 607 19.86 48.40 24.40
O4' A2M JA 607 20.50 49.60 24.59
C3' A2M JA 607 20.82 47.44 23.75
O3' A2M JA 607 20.04 46.42 23.22
C2' A2M JA 607 21.61 48.35 22.81
O2' A2M JA 607 21.08 48.42 21.52
C1' A2M JA 607 21.39 49.72 23.53
CM' A2M JA 607 22.02 48.92 20.62
N9 A2M JA 607 22.54 50.41 24.00
C8 A2M JA 607 23.74 50.02 24.60
N7 A2M JA 607 24.54 51.05 24.89
C5 A2M JA 607 23.80 52.15 24.48
C6 A2M JA 607 24.01 53.52 24.50
N6 A2M JA 607 25.17 54.07 25.00
N1 A2M JA 607 23.12 54.40 24.02
C2 A2M JA 607 21.98 53.86 23.53
N3 A2M JA 607 21.60 52.59 23.44
C4 A2M JA 607 22.55 51.77 23.94
OP2 A2M JA 607 19.17 45.96 27.58
N1 PSU JA 620 48.15 34.68 41.28
C2 PSU JA 620 47.46 35.05 42.40
N3 PSU JA 620 46.73 36.22 42.40
C4 PSU JA 620 46.72 37.01 41.27
C5 PSU JA 620 47.43 36.62 40.15
C6 PSU JA 620 48.14 35.44 40.18
O2 PSU JA 620 47.46 34.35 43.39
O4 PSU JA 620 46.07 38.05 41.28
C1' PSU JA 620 47.43 37.47 38.91
C2' PSU JA 620 48.26 38.73 39.11
O2' PSU JA 620 47.68 39.76 38.31
C3' PSU JA 620 49.59 38.31 38.53
C4' PSU JA 620 49.17 37.47 37.34
O3' PSU JA 620 50.43 39.38 38.16
O4' PSU JA 620 48.00 36.76 37.84
C5' PSU JA 620 50.18 36.49 36.83
O5' PSU JA 620 50.77 35.76 37.89
P PSU JA 620 51.59 34.43 37.58
OP1 PSU JA 620 52.63 34.79 36.60
OP2 PSU JA 620 51.94 33.72 38.82
P OMG JA 622 51.88 43.97 43.39
OP1 OMG JA 622 52.54 45.24 42.87
OP2 OMG JA 622 52.66 42.67 43.47
O5' OMG JA 622 51.30 44.29 44.83
C5' OMG JA 622 51.59 43.41 45.91
C4' OMG JA 622 50.54 43.49 46.99
O4' OMG JA 622 49.58 42.43 46.81
C3' OMG JA 622 51.07 43.33 48.41
O3' OMG JA 622 51.41 44.58 48.98
C2' OMG JA 622 49.95 42.61 49.12
O2' OMG JA 622 48.93 43.51 49.51
CM2 OMG JA 622 48.32 43.19 50.73
C1' OMG JA 622 49.42 41.71 48.01
N9 OMG JA 622 50.16 40.45 47.90
C8 OMG JA 622 50.92 40.03 46.84
N7 OMG JA 622 51.45 38.86 47.05
C5 OMG JA 622 51.02 38.50 48.29
C6 OMG JA 622 51.28 37.33 49.05
O6 OMG JA 622 51.95 36.36 48.75
N1 OMG JA 622 50.63 37.38 50.28
C2 OMG JA 622 49.85 38.40 50.72
N2 OMG JA 622 49.31 38.28 51.95
N3 OMG JA 622 49.62 39.47 50.03
C4 OMG JA 622 50.22 39.47 48.84
N1 PSU JA 625 58.14 47.26 55.77
C2 PSU JA 625 58.51 45.98 56.11
N3 PSU JA 625 59.00 45.72 57.36
C4 PSU JA 625 59.12 46.73 58.28
C5 PSU JA 625 58.75 48.02 57.92
C6 PSU JA 625 58.25 48.26 56.66
O2 PSU JA 625 58.39 45.08 55.28
O4 PSU JA 625 59.56 46.50 59.40
C1' PSU JA 625 58.87 49.13 58.91
C2' PSU JA 625 60.30 49.67 58.95
O2' PSU JA 625 60.60 50.05 60.29
C3' PSU JA 625 60.20 50.89 58.06
C4' PSU JA 625 58.80 51.40 58.36
O3' PSU JA 625 61.19 51.87 58.32
O4' PSU JA 625 58.02 50.19 58.55
C5' PSU JA 625 58.17 52.25 57.29
O5' PSU JA 625 58.14 51.57 56.04
P PSU JA 625 57.21 52.07 54.86
OP1 PSU JA 625 57.62 53.43 54.50
OP2 PSU JA 625 57.18 51.01 53.84
N1 OMU JA 670 72.07 38.30 50.20
C2 OMU JA 670 70.68 37.88 49.75
N3 OMU JA 670 69.57 38.88 49.74
C4 OMU JA 670 69.84 40.25 50.16
C5 OMU JA 670 71.21 40.64 50.61
C6 OMU JA 670 72.31 39.65 50.62
O2 OMU JA 670 70.44 36.73 49.39
O4 OMU JA 670 69.00 41.02 50.16
C1' OMU JA 670 73.20 37.33 50.23
C2' OMU JA 670 73.58 36.81 48.85
O2' OMU JA 670 73.99 35.47 48.98
CM2 OMU JA 670 72.93 34.57 49.13
C3' OMU JA 670 74.77 37.71 48.50
C4' OMU JA 670 75.43 37.92 49.85
O3' OMU JA 670 75.64 37.17 47.54
O4' OMU JA 670 74.31 38.01 50.77
C5' OMU JA 670 76.29 39.13 49.96
O5' OMU JA 670 75.89 39.99 51.01
P OMU JA 670 76.12 41.56 50.91
OP1 OMU JA 670 77.40 41.79 50.17
OP2 OMU JA 670 74.84 42.18 50.39
N1 PSU JA 672 69.20 41.58 43.64
C2 PSU JA 672 68.07 42.36 43.80
N3 PSU JA 672 66.86 41.93 43.29
C4 PSU JA 672 66.78 40.72 42.63
C5 PSU JA 672 67.92 39.94 42.49
C6 PSU JA 672 69.12 40.39 43.02
O2 PSU JA 672 68.15 43.43 44.38
O4 PSU JA 672 65.69 40.36 42.20
C1' PSU JA 672 67.89 38.61 41.78
C2' PSU JA 672 67.60 38.77 40.30
O2' PSU JA 672 67.01 37.58 39.82
C3' PSU JA 672 69.00 38.93 39.73
C4' PSU JA 672 69.79 37.96 40.58
O3' PSU JA 672 69.09 38.66 38.35
O4' PSU JA 672 69.18 38.04 41.89
C5' PSU JA 672 71.27 38.25 40.70
O5' PSU JA 672 72.06 37.11 40.38
P PSU JA 672 73.32 36.72 41.28
OP1 PSU JA 672 74.23 35.90 40.46
OP2 PSU JA 672 73.79 37.97 41.90
N1 PSU JA 685 70.43 49.74 4.81
C2 PSU JA 685 70.01 49.54 6.11
N3 PSU JA 685 68.70 49.22 6.37
C4 PSU JA 685 67.81 49.07 5.32
C5 PSU JA 685 68.23 49.28 4.02
C6 PSU JA 685 69.56 49.60 3.78
O2 PSU JA 685 70.80 49.67 7.03
O4 PSU JA 685 66.65 48.78 5.57
C1' PSU JA 685 67.29 49.11 2.86
C2' PSU JA 685 66.27 50.24 2.81
O2' PSU JA 685 65.07 49.72 2.25
C3' PSU JA 685 66.93 51.21 1.86
C4' PSU JA 685 67.58 50.29 0.85
O3' PSU JA 685 66.03 52.13 1.26
O4' PSU JA 685 68.02 49.17 1.65
C5' PSU JA 685 68.75 50.88 0.11
O5' PSU JA 685 69.75 51.35 1.00
P PSU JA 685 71.24 51.58 0.51
OP1 PSU JA 685 71.19 52.52 -0.62
OP2 PSU JA 685 72.14 51.86 1.65
N1 PSU JA 734 64.69 49.73 45.48
C2 PSU JA 734 65.04 48.74 44.59
N3 PSU JA 734 64.19 48.41 43.55
C4 PSU JA 734 62.99 49.07 43.43
C5 PSU JA 734 62.63 50.06 44.33
C6 PSU JA 734 63.52 50.37 45.36
O2 PSU JA 734 66.12 48.15 44.71
O4 PSU JA 734 62.22 48.77 42.51
C1' PSU JA 734 61.33 50.80 44.20
C2' PSU JA 734 60.15 49.95 44.68
O2' PSU JA 734 59.01 50.34 43.95
C3' PSU JA 734 60.04 50.39 46.12
C4' PSU JA 734 60.37 51.87 46.04
O3' PSU JA 734 58.79 50.13 46.70
O4' PSU JA 734 61.37 51.95 45.01
C5' PSU JA 734 60.89 52.48 47.31
O5' PSU JA 734 61.99 51.73 47.80
P PSU JA 734 62.83 52.24 49.05
OP1 PSU JA 734 61.88 52.58 50.12
OP2 PSU JA 734 63.91 51.25 49.29
N1 PSU JA 737 63.98 40.11 49.14
C2 PSU JA 737 65.27 40.49 49.44
N3 PSU JA 737 66.27 39.54 49.54
C4 PSU JA 737 65.97 38.22 49.33
C5 PSU JA 737 64.67 37.85 49.03
C6 PSU JA 737 63.68 38.82 48.93
O2 PSU JA 737 65.53 41.67 49.62
O4 PSU JA 737 66.85 37.37 49.41
C1' PSU JA 737 64.32 36.42 48.78
C2' PSU JA 737 64.30 35.51 50.01
O2' PSU JA 737 64.89 34.27 49.66
C3' PSU JA 737 62.80 35.34 50.27
C4' PSU JA 737 62.20 35.44 48.88
O3' PSU JA 737 62.49 34.13 50.90
O4' PSU JA 737 63.04 36.37 48.17
C5' PSU JA 737 60.77 35.92 48.84
O5' PSU JA 737 60.62 37.15 49.53
P PSU JA 737 59.26 37.95 49.48
OP1 PSU JA 737 58.18 37.05 49.92
OP2 PSU JA 737 59.46 39.24 50.17
P OMG JA 738 61.87 34.11 52.38
OP1 OMG JA 738 60.90 32.93 52.48
OP2 OMG JA 738 61.39 35.52 52.71
O5' OMG JA 738 63.11 33.79 53.32
C5' OMG JA 738 64.09 34.77 53.58
C4' OMG JA 738 65.48 34.17 53.65
O4' OMG JA 738 66.28 34.72 52.57
C3' OMG JA 738 66.25 34.47 54.94
O3' OMG JA 738 66.12 33.43 55.88
C2' OMG JA 738 67.68 34.68 54.48
O2' OMG JA 738 68.35 33.44 54.34
CM2 OMG JA 738 69.66 33.55 53.84
C1' OMG JA 738 67.48 35.24 53.08
N9 OMG JA 738 67.39 36.72 53.04
C8 OMG JA 738 66.29 37.47 52.74
N7 OMG JA 738 66.55 38.75 52.73
C5 OMG JA 738 67.88 38.84 53.00
C6 OMG JA 738 68.73 39.98 53.13
O6 OMG JA 738 68.44 41.15 53.00
N1 OMG JA 738 70.03 39.59 53.42
C2 OMG JA 738 70.47 38.31 53.59
N2 OMG JA 738 71.77 38.16 53.87
N3 OMG JA 738 69.69 37.27 53.47
C4 OMG JA 738 68.43 37.58 53.19
N1 PSU JA 837 -27.51 21.03 37.30
C2 PSU JA 837 -27.80 21.94 38.29
N3 PSU JA 837 -26.94 22.11 39.35
C4 PSU JA 837 -25.78 21.37 39.41
C5 PSU JA 837 -25.49 20.46 38.42
C6 PSU JA 837 -26.37 20.31 37.35
O2 PSU JA 837 -28.83 22.60 38.23
O4 PSU JA 837 -25.00 21.52 40.35
C1' PSU JA 837 -24.23 19.66 38.46
C2' PSU JA 837 -24.36 18.47 39.41
O2' PSU JA 837 -23.09 18.23 40.01
C3' PSU JA 837 -24.71 17.34 38.46
C4' PSU JA 837 -23.91 17.70 37.21
O3' PSU JA 837 -24.40 16.06 38.96
O4' PSU JA 837 -23.94 19.14 37.18
C5' PSU JA 837 -24.44 17.14 35.92
O5' PSU JA 837 -25.74 17.63 35.63
P PSU JA 837 -26.48 17.25 34.28
OP1 PSU JA 837 -26.23 15.81 34.10
OP2 PSU JA 837 -27.86 17.77 34.35
N1 PSU JA 875 8.75 25.22 69.83
C2 PSU JA 875 9.03 24.03 69.19
N3 PSU JA 875 9.05 22.85 69.91
C4 PSU JA 875 8.78 22.87 71.26
C5 PSU JA 875 8.50 24.07 71.89
C6 PSU JA 875 8.48 25.24 71.14
O2 PSU JA 875 9.28 24.00 68.00
O4 PSU JA 875 8.78 21.83 71.91
C1' PSU JA 875 8.19 24.09 73.35
C2' PSU JA 875 9.49 24.09 74.16
O2' PSU JA 875 9.23 23.40 75.38
C3' PSU JA 875 9.68 25.57 74.43
C4' PSU JA 875 8.26 26.06 74.63
O3' PSU JA 875 10.52 25.84 75.54
O4' PSU JA 875 7.49 25.28 73.68
C5' PSU JA 875 8.03 27.53 74.38
O5' PSU JA 875 8.36 27.87 73.05
P PSU JA 875 7.90 29.26 72.44
OP1 PSU JA 875 8.17 30.27 73.48
OP2 PSU JA 875 8.47 29.39 71.08
P A2M JA 902 29.64 18.09 44.29
OP1 A2M JA 902 29.15 16.68 44.37
O5' A2M JA 902 29.01 19.19 45.56
C5' A2M JA 902 29.35 18.90 46.82
C4' A2M JA 902 28.88 19.99 47.74
O4' A2M JA 902 29.68 21.12 47.55
C3' A2M JA 902 27.45 20.37 47.45
O3' A2M JA 902 26.66 19.38 48.01
C2' A2M JA 902 27.41 21.78 48.01
O2' A2M JA 902 27.38 21.82 49.41
C1' A2M JA 902 28.78 22.22 47.50
CM' A2M JA 902 27.62 23.12 49.86
N9 A2M JA 902 28.83 22.79 46.19
C8 A2M JA 902 29.33 22.35 44.97
N7 A2M JA 902 29.16 23.23 43.99
C5 A2M JA 902 28.51 24.28 44.61
C6 A2M JA 902 28.06 25.50 44.17
N6 A2M JA 902 28.18 25.89 42.85
N1 A2M JA 902 27.45 26.39 44.99
C2 A2M JA 902 27.33 26.00 46.26
N3 A2M JA 902 27.71 24.87 46.86
C4 A2M JA 902 28.31 24.04 45.97
OP2 A2M JA 902 29.16 18.98 43.19
N1 PSU JA 916 -4.95 16.29 49.97
C2 PSU JA 916 -4.22 17.45 49.84
N3 PSU JA 916 -4.70 18.62 50.38
C4 PSU JA 916 -5.90 18.62 51.03
C5 PSU JA 916 -6.64 17.45 51.14
C6 PSU JA 916 -6.12 16.28 50.61
O2 PSU JA 916 -3.15 17.44 49.26
O4 PSU JA 916 -6.33 19.68 51.50
C1' PSU JA 916 -7.95 17.41 51.86
C2' PSU JA 916 -9.06 18.08 51.05
O2' PSU JA 916 -9.98 18.68 51.96
C3' PSU JA 916 -9.69 16.90 50.38
C4' PSU JA 916 -9.62 15.84 51.46
O3' PSU JA 916 -11.02 17.14 49.93
O4' PSU JA 916 -8.34 16.08 52.09
C5' PSU JA 916 -9.71 14.41 50.99
O5' PSU JA 916 -9.37 14.28 49.62
P PSU JA 916 -8.63 12.98 49.09
OP1 PSU JA 916 -8.84 11.91 50.09
OP2 PSU JA 916 -8.96 12.75 47.67
N1 PSU JA 917 -6.74 18.25 47.41
C2 PSU JA 917 -5.54 18.60 46.88
N3 PSU JA 917 -5.12 19.91 46.91
C4 PSU JA 917 -5.91 20.87 47.48
C5 PSU JA 917 -7.15 20.52 48.00
C6 PSU JA 917 -7.53 19.20 47.97
O2 PSU JA 917 -4.82 17.75 46.37
O4 PSU JA 917 -5.55 22.04 47.51
C1' PSU JA 917 -8.04 21.54 48.66
C2' PSU JA 917 -8.72 22.49 47.68
O2' PSU JA 917 -8.85 23.75 48.31
C3' PSU JA 917 -10.07 21.85 47.51
C4' PSU JA 917 -10.35 21.27 48.88
O3' PSU JA 917 -11.07 22.76 47.08
O4' PSU JA 917 -9.05 20.87 49.37
C5' PSU JA 917 -11.28 20.08 48.91
O5' PSU JA 917 -10.70 18.97 48.23
P PSU JA 917 -11.29 17.51 48.40
OP1 PSU JA 917 -12.74 17.77 48.20
OP2 PSU JA 917 -10.56 16.57 47.54
N1 PSU JA 927 -20.65 28.82 23.84
C2 PSU JA 927 -19.48 28.48 23.20
N3 PSU JA 927 -18.47 29.41 23.07
C4 PSU JA 927 -18.64 30.67 23.59
C5 PSU JA 927 -19.83 30.99 24.23
C6 PSU JA 927 -20.82 30.04 24.36
O2 PSU JA 927 -19.33 27.36 22.73
O4 PSU JA 927 -17.75 31.50 23.48
C1' PSU JA 927 -20.02 32.36 24.83
C2' PSU JA 927 -20.38 33.45 23.82
O2' PSU JA 927 -19.76 34.65 24.24
C3' PSU JA 927 -21.88 33.54 23.99
C4' PSU JA 927 -22.08 33.26 25.47
O3' PSU JA 927 -22.43 34.78 23.60
O4' PSU JA 927 -21.05 32.29 25.78
C5' PSU JA 927 -23.42 32.70 25.85
O5' PSU JA 927 -23.82 31.67 24.95
P PSU JA 927 -25.03 30.71 25.32
OP1 PSU JA 927 -26.20 31.58 25.53
OP2 PSU JA 927 -25.14 29.55 24.41
N1 PSU JA 952 18.38 25.37 38.15
C2 PSU JA 952 17.25 25.71 38.87
N3 PSU JA 952 16.08 25.95 38.22
C4 PSU JA 952 16.01 25.86 36.86
C5 PSU JA 952 17.15 25.54 36.13
C6 PSU JA 952 18.33 25.29 36.81
O2 PSU JA 952 17.30 25.79 40.10
O4 PSU JA 952 14.95 26.08 36.30
C1' PSU JA 952 17.12 25.41 34.63
C2' PSU JA 952 16.78 26.71 33.89
O2' PSU JA 952 15.83 26.40 32.89
C3' PSU JA 952 18.12 27.07 33.25
C4' PSU JA 952 18.75 25.72 32.98
O3' PSU JA 952 17.98 27.85 32.07
O4' PSU JA 952 18.34 24.92 34.11
C5' PSU JA 952 20.24 25.71 32.83
O5' PSU JA 952 20.89 26.20 33.99
P PSU JA 952 21.85 25.27 34.82
OP1 PSU JA 952 22.81 24.68 33.86
OP2 PSU JA 952 22.39 25.95 36.01
N1 PSU JA 1045 25.90 19.88 16.88
C2 PSU JA 1045 26.75 20.58 17.70
N3 PSU JA 1045 28.07 20.70 17.36
C4 PSU JA 1045 28.55 20.14 16.22
C5 PSU JA 1045 27.69 19.44 15.39
C6 PSU JA 1045 26.36 19.33 15.74
O2 PSU JA 1045 26.33 21.08 18.73
O4 PSU JA 1045 29.72 20.25 15.92
C1' PSU JA 1045 28.20 18.81 14.12
C2' PSU JA 1045 28.83 17.46 14.45
O2' PSU JA 1045 29.90 17.23 13.55
C3' PSU JA 1045 27.67 16.53 14.15
C4' PSU JA 1045 27.04 17.17 12.93
O3' PSU JA 1045 28.06 15.18 13.92
O4' PSU JA 1045 27.16 18.59 13.21
C5' PSU JA 1045 25.60 16.82 12.68
O5' PSU JA 1045 24.81 17.02 13.84
P PSU JA 1045 23.23 17.15 13.74
OP1 PSU JA 1045 22.68 15.98 13.03
OP2 PSU JA 1045 22.71 17.50 15.08
N1 PSU JA 1048 28.16 14.01 24.77
C2 PSU JA 1048 27.03 14.78 24.86
N3 PSU JA 1048 26.90 15.71 25.88
C4 PSU JA 1048 27.91 15.85 26.79
C5 PSU JA 1048 29.06 15.08 26.69
C6 PSU JA 1048 29.17 14.16 25.66
O2 PSU JA 1048 26.13 14.63 24.05
O4 PSU JA 1048 27.81 16.67 27.69
C1' PSU JA 1048 30.17 15.24 27.69
C2' PSU JA 1048 29.86 14.43 28.94
O2' PSU JA 1048 30.41 15.11 30.06
C3' PSU JA 1048 30.64 13.15 28.65
C4' PSU JA 1048 31.89 13.68 27.98
O3' PSU JA 1048 30.91 12.39 29.81
O4' PSU JA 1048 31.39 14.78 27.16
C5' PSU JA 1048 32.63 12.69 27.11
O5' PSU JA 1048 31.76 12.08 26.17
P PSU JA 1048 32.34 11.25 24.95
OP1 PSU JA 1048 33.26 10.23 25.51
OP2 PSU JA 1048 31.20 10.82 24.10
N1 PSU JA 1103 -39.50 61.34 -8.53
C2 PSU JA 1103 -38.88 60.61 -7.56
N3 PSU JA 1103 -37.94 61.19 -6.74
C4 PSU JA 1103 -37.62 62.51 -6.91
C5 PSU JA 1103 -38.24 63.25 -7.90
C6 PSU JA 1103 -39.18 62.65 -8.72
O2 PSU JA 1103 -39.17 59.42 -7.40
O4 PSU JA 1103 -36.78 63.03 -6.18
C1' PSU JA 1103 -37.88 64.69 -8.10
C2' PSU JA 1103 -36.57 64.80 -8.86
O2' PSU JA 1103 -35.90 65.96 -8.41
C3' PSU JA 1103 -37.06 64.97 -10.28
C4' PSU JA 1103 -38.28 65.85 -10.10
O3' PSU JA 1103 -36.09 65.55 -11.15
O4' PSU JA 1103 -38.88 65.34 -8.87
C5' PSU JA 1103 -39.29 65.80 -11.22
O5' PSU JA 1103 -39.74 64.47 -11.46
P PSU JA 1103 -41.04 64.19 -12.32
OP1 PSU JA 1103 -41.01 64.95 -13.59
OP2 PSU JA 1103 -41.23 62.73 -12.34
N1 PSU JA 1115 -24.75 63.56 -16.40
C2 PSU JA 1115 -25.20 64.53 -15.53
N3 PSU JA 1115 -24.38 65.57 -15.17
C4 PSU JA 1115 -23.10 65.63 -15.65
C5 PSU JA 1115 -22.65 64.64 -16.51
C6 PSU JA 1115 -23.50 63.61 -16.87
O2 PSU JA 1115 -26.35 64.48 -15.10
O4 PSU JA 1115 -22.36 66.55 -15.32
C1' PSU JA 1115 -21.25 64.69 -17.05
C2' PSU JA 1115 -20.24 64.24 -15.99
O2' PSU JA 1115 -19.04 64.98 -16.19
C3' PSU JA 1115 -20.04 62.77 -16.38
C4' PSU JA 1115 -20.11 62.82 -17.89
O3' PSU JA 1115 -18.82 62.24 -15.91
O4' PSU JA 1115 -21.13 63.81 -18.16
C5' PSU JA 1115 -20.46 61.52 -18.57
O5' PSU JA 1115 -21.80 61.14 -18.32
P PSU JA 1115 -22.49 59.98 -19.16
OP1 PSU JA 1115 -21.47 58.92 -19.27
OP2 PSU JA 1115 -23.81 59.69 -18.58
O5' B8N JA 1119 -19.25 59.17 1.75
C5' B8N JA 1119 -20.64 58.91 1.68
C4' B8N JA 1119 -21.29 59.09 3.03
O4' B8N JA 1119 -20.59 58.28 3.99
C3' B8N JA 1119 -21.25 60.49 3.59
O3' B8N JA 1119 -22.33 61.28 3.14
C2' B8N JA 1119 -21.26 60.27 5.10
O2' B8N JA 1119 -22.60 60.15 5.57
C1' B8N JA 1119 -20.58 58.92 5.24
C5 B8N JA 1119 -19.08 58.92 5.75
C6 B8N JA 1119 -18.06 58.80 4.76
N1 B8N JA 1119 -16.62 58.78 5.33
C2 B8N JA 1119 -16.40 58.87 6.87
N3 B8N JA 1119 -17.48 58.97 7.76
C4 B8N JA 1119 -18.66 58.99 7.31
C34 B8N JA 1119 -15.07 58.42 11.03
CN1 B8N JA 1119 -15.47 58.68 4.43
N34 B8N JA 1119 -16.44 56.59 11.89
O2 B8N JA 1119 -15.29 58.85 7.30
O4 B8N JA 1119 -19.51 59.08 8.14
OP1 B8N JA 1119 -17.08 59.35 0.50
OP2 B8N JA 1119 -17.94 57.06 1.40
P B8N JA 1119 -18.22 58.41 0.80
C31 B8N JA 1119 -17.24 59.05 9.21
C32 B8N JA 1119 -17.09 57.68 9.84
C33 B8N JA 1119 -16.48 57.87 11.21
O36 B8N JA 1119 -14.18 57.71 10.49
O35 B8N JA 1119 -14.80 59.59 11.42
N1 OMC JA 1143 -19.28 76.24 -42.11
C2 OMC JA 1143 -18.68 76.18 -40.84
N3 OMC JA 1143 -18.21 75.00 -40.41
C4 OMC JA 1143 -18.30 73.91 -41.15
C5 OMC JA 1143 -18.91 73.93 -42.44
C6 OMC JA 1143 -19.37 75.11 -42.85
O2 OMC JA 1143 -18.58 77.17 -40.14
N4 OMC JA 1143 -17.81 72.78 -40.66
C1' OMC JA 1143 -19.85 77.48 -42.69
C2' OMC JA 1143 -18.78 78.54 -42.98
O2' OMC JA 1143 -19.32 79.82 -42.66
CM2 OMC JA 1143 -19.34 80.10 -41.28
C3' OMC JA 1143 -18.60 78.40 -44.48
C4' OMC JA 1143 -20.00 78.06 -44.95
O4' OMC JA 1143 -20.48 77.16 -43.92
O3' OMC JA 1143 -18.10 79.57 -45.11
C5' OMC JA 1143 -20.08 77.41 -46.30
O5' OMC JA 1143 -20.89 76.25 -46.27
P OMC JA 1143 -20.34 74.85 -46.80
OP1 OMC JA 1143 -20.02 75.02 -48.27
OP2 OMC JA 1143 -19.25 74.38 -45.86
N1 OMU JA 1159 -12.36 84.69 -57.35
C2 OMU JA 1159 -13.48 85.65 -57.67
N3 OMU JA 1159 -14.02 85.72 -59.06
C4 OMU JA 1159 -13.47 84.88 -60.11
C5 OMU JA 1159 -12.34 83.95 -59.78
C6 OMU JA 1159 -11.81 83.86 -58.40
O2 OMU JA 1159 -13.96 86.36 -56.81
O4 OMU JA 1159 -13.86 84.93 -61.16
C1' OMU JA 1159 -11.78 84.59 -56.00
C2' OMU JA 1159 -12.76 84.01 -54.98
O2' OMU JA 1159 -12.58 84.69 -53.75
CM2 OMU JA 1159 -12.98 86.03 -53.75
C3' OMU JA 1159 -12.29 82.57 -54.87
C4' OMU JA 1159 -10.79 82.69 -55.05
O3' OMU JA 1159 -12.63 81.96 -53.62
O4' OMU JA 1159 -10.67 83.72 -56.06
C5' OMU JA 1159 -10.07 81.45 -55.51
O5' OMU JA 1159 -9.68 81.53 -56.87
P OMU JA 1159 -8.34 80.82 -57.38
OP1 OMU JA 1159 -8.07 79.64 -56.50
OP2 OMU JA 1159 -8.45 80.65 -58.88
N1 OMU JA 1197 -19.63 73.89 -20.40
C2 OMU JA 1197 -20.89 73.48 -19.67
N3 OMU JA 1197 -21.62 74.50 -18.85
C4 OMU JA 1197 -21.11 75.86 -18.77
C5 OMU JA 1197 -19.87 76.23 -19.50
C6 OMU JA 1197 -19.14 75.23 -20.31
O2 OMU JA 1197 -21.30 72.34 -19.75
O4 OMU JA 1197 -21.66 76.63 -18.15
C1' OMU JA 1197 -18.92 72.89 -21.20
C2' OMU JA 1197 -18.91 73.17 -22.69
O2' OMU JA 1197 -20.10 72.74 -23.31
CM2 OMU JA 1197 -20.14 73.06 -24.67
C3' OMU JA 1197 -17.66 72.41 -23.12
C4' OMU JA 1197 -16.71 72.62 -21.94
O3' OMU JA 1197 -17.98 71.02 -23.22
O4' OMU JA 1197 -17.57 72.91 -20.80
C5' OMU JA 1197 -15.70 73.72 -22.12
O5' OMU JA 1197 -16.30 74.96 -22.47
P OMU JA 1197 -15.62 75.91 -23.56
OP1 OMU JA 1197 -16.63 76.96 -23.93
OP2 OMU JA 1197 -14.28 76.32 -23.02
P OMG JA 1199 -13.55 66.88 -20.31
OP1 OMG JA 1199 -14.47 65.83 -19.72
OP2 OMG JA 1199 -13.52 68.28 -19.73
O5' OMG JA 1199 -12.07 66.30 -20.28
C5' OMG JA 1199 -11.78 64.99 -20.75
C4' OMG JA 1199 -10.40 64.54 -20.33
O4' OMG JA 1199 -9.42 65.17 -21.19
C3' OMG JA 1199 -9.99 64.91 -18.93
O3' OMG JA 1199 -10.44 63.99 -17.96
C2' OMG JA 1199 -8.48 64.97 -19.03
O2' OMG JA 1199 -7.93 63.66 -19.02
CM2 OMG JA 1199 -6.53 63.61 -19.16
C1' OMG JA 1199 -8.29 65.55 -20.42
N9 OMG JA 1199 -8.20 67.02 -20.42
C8 OMG JA 1199 -9.22 67.91 -20.66
N7 OMG JA 1199 -8.80 69.14 -20.63
C5 OMG JA 1199 -7.46 69.05 -20.37
C6 OMG JA 1199 -6.49 70.08 -20.22
O6 OMG JA 1199 -6.62 71.28 -20.29
N1 OMG JA 1199 -5.23 69.53 -19.96
C2 OMG JA 1199 -4.96 68.20 -19.86
N2 OMG JA 1199 -3.68 67.87 -19.61
N3 OMG JA 1199 -5.85 67.26 -20.00
C4 OMG JA 1199 -7.07 67.75 -20.24
P 4AC JA 1208 -15.67 82.29 -0.05
OP1 4AC JA 1208 -16.69 83.20 0.59
OP2 4AC JA 1208 -14.26 82.25 0.51
O5' 4AC JA 1208 -16.25 80.81 -0.05
C5' 4AC JA 1208 -17.53 80.52 -0.58
C4' 4AC JA 1208 -17.72 79.03 -0.77
O4' 4AC JA 1208 -16.71 78.52 -1.69
C3' 4AC JA 1208 -17.53 78.19 0.48
O3' 4AC JA 1208 -18.68 78.16 1.31
C2' 4AC JA 1208 -17.16 76.84 -0.09
O2' 4AC JA 1208 -18.30 76.18 -0.61
C1' 4AC JA 1208 -16.28 77.25 -1.27
N1 4AC JA 1208 -14.84 77.37 -0.88
C2 4AC JA 1208 -14.08 76.22 -0.74
O2 4AC JA 1208 -14.61 75.10 -0.92
N3 4AC JA 1208 -12.77 76.34 -0.39
C4 4AC JA 1208 -12.24 77.54 -0.19
N4 4AC JA 1208 -10.88 77.62 0.18
C5 4AC JA 1208 -13.00 78.71 -0.33
C6 4AC JA 1208 -14.28 78.59 -0.69
C7 4AC JA 1208 -9.99 76.64 0.44
O7 4AC JA 1208 -10.26 75.45 0.38
CM7 4AC JA 1208 -8.63 77.12 0.83
N1 PSU JA 1238 -13.81 77.68 37.03
C2 PSU JA 1238 -13.22 78.02 35.83
N3 PSU JA 1238 -13.47 79.26 35.27
C4 PSU JA 1238 -14.31 80.13 35.91
C5 PSU JA 1238 -14.91 79.77 37.11
C6 PSU JA 1238 -14.65 78.53 37.65
O2 PSU JA 1238 -12.46 77.24 35.27
O4 PSU JA 1238 -14.53 81.23 35.40
C1' PSU JA 1238 -15.84 80.72 37.82
C2' PSU JA 1238 -17.18 80.84 37.10
O2' PSU JA 1238 -17.67 82.15 37.30
C3' PSU JA 1238 -18.01 79.83 37.87
C4' PSU JA 1238 -17.51 80.03 39.29
O3' PSU JA 1238 -19.41 80.02 37.75
O4' PSU JA 1238 -16.09 80.25 39.12
C5' PSU JA 1238 -17.74 78.87 40.23
O5' PSU JA 1238 -17.16 77.67 39.73
P PSU JA 1238 -17.07 76.37 40.66
OP1 PSU JA 1238 -18.40 76.10 41.22
OP2 PSU JA 1238 -16.37 75.33 39.88
P A2M JA 1254 -2.09 93.57 22.91
OP1 A2M JA 1254 -2.72 94.89 22.68
O5' A2M JA 1254 -2.04 92.46 21.48
C5' A2M JA 1254 -1.22 92.82 20.49
C4' A2M JA 1254 -1.19 91.77 19.40
O4' A2M JA 1254 -0.20 90.79 19.69
C3' A2M JA 1254 -2.51 91.03 19.27
O3' A2M JA 1254 -3.45 91.90 18.75
C2' A2M JA 1254 -2.04 89.83 18.47
O2' A2M JA 1254 -1.59 90.19 17.18
C1' A2M JA 1254 -0.83 89.56 19.37
CM' A2M JA 1254 -0.70 89.23 16.67
N9 A2M JA 1254 -1.16 88.90 20.60
C8 A2M JA 1254 -1.21 89.33 21.93
N7 A2M JA 1254 -1.58 88.35 22.78
C5 A2M JA 1254 -1.77 87.26 21.95
C6 A2M JA 1254 -2.15 85.96 22.17
N6 A2M JA 1254 -2.43 85.49 23.44
N1 A2M JA 1254 -2.26 85.06 21.17
C2 A2M JA 1254 -1.98 85.52 19.93
N3 A2M JA 1254 -1.60 86.75 19.54
C4 A2M JA 1254 -1.51 87.58 20.60
OP2 A2M JA 1254 -2.80 92.55 23.75
N1 OMC JA 1262 -27.34 94.18 12.37
C2 OMC JA 1262 -27.81 92.95 12.85
N3 OMC JA 1262 -27.53 92.65 14.14
C4 OMC JA 1262 -26.87 93.46 14.92
C5 OMC JA 1262 -26.39 94.71 14.45
C6 OMC JA 1262 -26.66 95.02 13.18
O2 OMC JA 1262 -28.43 92.21 12.13
N4 OMC JA 1262 -26.65 93.09 16.17
C1' OMC JA 1262 -27.59 94.60 10.96
C2' OMC JA 1262 -29.02 95.10 10.75
O2' OMC JA 1262 -29.42 94.77 9.44
CM2 OMC JA 1262 -29.76 93.41 9.28
C3' OMC JA 1262 -28.84 96.61 10.87
C4' OMC JA 1262 -27.48 96.82 10.21
O4' OMC JA 1262 -26.71 95.66 10.65
O3' OMC JA 1262 -29.87 97.35 10.27
C5' OMC JA 1262 -26.76 98.08 10.59
O5' OMC JA 1262 -26.58 98.16 12.00
P OMC JA 1262 -25.59 99.24 12.63
OP1 OMC JA 1262 -25.93 100.59 12.02
OP2 OMC JA 1262 -25.60 99.06 14.14
N1 OMU JA 1313 -51.52 109.34 18.20
C2 OMU JA 1313 -52.73 108.94 17.39
N3 OMU JA 1313 -53.22 109.83 16.30
C4 OMU JA 1313 -52.54 111.09 16.02
C5 OMU JA 1313 -51.35 111.48 16.84
C6 OMU JA 1313 -50.86 110.59 17.93
O2 OMU JA 1313 -53.30 107.88 17.61
O4 OMU JA 1313 -52.91 111.78 15.20
C1' OMU JA 1313 -51.04 108.48 19.29
C2' OMU JA 1313 -50.36 107.20 18.79
O2' OMU JA 1313 -50.60 106.17 19.73
CM2 OMU JA 1313 -51.92 105.75 19.77
C3' OMU JA 1313 -48.89 107.61 18.79
C4' OMU JA 1313 -48.80 108.55 19.99
O3' OMU JA 1313 -48.01 106.51 18.90
O4' OMU JA 1313 -50.09 109.21 20.04
C5' OMU JA 1313 -47.72 109.58 19.90
O5' OMU JA 1313 -46.85 109.31 18.81
P OMU JA 1313 -46.03 110.48 18.11
OP1 OMU JA 1313 -45.42 111.32 19.20
OP2 OMU JA 1313 -45.17 109.85 17.04
P OMG JA 1361 -8.47 66.38 -2.30
OP1 OMG JA 1361 -8.85 65.25 -3.24
OP2 OMG JA 1361 -8.77 67.84 -2.68
O5' OMG JA 1361 -9.17 66.11 -0.90
C5' OMG JA 1361 -10.03 64.98 -0.73
C4' OMG JA 1361 -11.46 65.40 -0.55
O4' OMG JA 1361 -11.55 66.38 0.52
C3' OMG JA 1361 -12.09 66.10 -1.75
O3' OMG JA 1361 -12.62 65.18 -2.69
C2' OMG JA 1361 -13.16 66.98 -1.11
O2' OMG JA 1361 -14.30 66.21 -0.79
CM2 OMG JA 1361 -15.43 66.99 -0.44
C1' OMG JA 1361 -12.48 67.39 0.19
N9 OMG JA 1361 -11.73 68.65 0.04
C8 OMG JA 1361 -10.37 68.79 0.12
N7 OMG JA 1361 -10.00 70.02 -0.03
C5 OMG JA 1361 -11.16 70.71 -0.21
C6 OMG JA 1361 -11.35 72.09 -0.42
O6 OMG JA 1361 -10.51 72.96 -0.49
N1 OMG JA 1361 -12.70 72.39 -0.56
C2 OMG JA 1361 -13.72 71.49 -0.50
N2 OMG JA 1361 -14.96 71.97 -0.64
N3 OMG JA 1361 -13.54 70.22 -0.29
C4 OMG JA 1361 -12.25 69.88 -0.16
P G7M JA 1510 -43.66 50.67 12.81
OP1 G7M JA 1510 -44.70 50.60 13.90
OP2 G7M JA 1510 -42.85 51.93 12.63
O5' G7M JA 1510 -42.65 49.47 13.04
C5' G7M JA 1510 -43.11 48.15 13.24
C4' G7M JA 1510 -42.03 47.15 12.96
O4' G7M JA 1510 -41.98 46.88 11.55
C3' G7M JA 1510 -40.62 47.61 13.27
O3' G7M JA 1510 -40.28 47.46 14.64
C2' G7M JA 1510 -39.74 46.78 12.33
O2' G7M JA 1510 -39.36 45.56 12.95
C1' G7M JA 1510 -40.70 46.45 11.18
N9 G7M JA 1510 -40.32 47.07 9.90
C8 G7M JA 1510 -41.08 48.17 9.88
N7 G7M JA 1510 -40.82 48.80 8.72
CN7 G7M JA 1510 -41.49 50.05 8.39
C5 G7M JA 1510 -39.91 48.10 8.04
C6 G7M JA 1510 -39.24 48.31 6.69
O6 G7M JA 1510 -39.50 49.26 6.03
N1 G7M JA 1510 -38.29 47.36 6.20
C2 G7M JA 1510 -37.97 46.21 6.99
N2 G7M JA 1510 -37.00 45.24 6.51
N3 G7M JA 1510 -38.61 46.01 8.29
C4 G7M JA 1510 -39.60 47.00 8.78
N1 OMC JA 1574 -0.50 47.74 12.97
C2 OMC JA 1574 -0.87 46.72 13.85
N3 OMC JA 1574 -1.99 46.02 13.59
C4 OMC JA 1574 -2.71 46.27 12.53
C5 OMC JA 1574 -2.37 47.31 11.62
C6 OMC JA 1574 -1.25 48.00 11.89
O2 OMC JA 1574 -0.19 46.48 14.83
N4 OMC JA 1574 -3.81 45.55 12.33
C1' OMC JA 1574 0.72 48.57 13.18
C2' OMC JA 1574 2.00 47.77 13.00
O2' OMC JA 1574 2.97 48.25 13.92
CM2 OMC JA 1574 2.81 47.72 15.21
C3' OMC JA 1574 2.40 48.13 11.58
C4' OMC JA 1574 1.96 49.57 11.47
O4' OMC JA 1574 0.73 49.60 12.23
O3' OMC JA 1574 3.78 47.96 11.32
C5' OMC JA 1574 1.71 50.08 10.08
O5' OMC JA 1574 0.46 49.63 9.59
P OMC JA 1574 -0.33 50.45 8.46
OP1 OMC JA 1574 0.66 50.80 7.38
OP2 OMC JA 1574 -1.58 49.67 8.12
C2 6MZ JA 1703 1.02 44.25 17.11
C4 6MZ JA 1703 0.38 42.50 18.49
C5 6MZ JA 1703 -0.79 42.43 17.87
O1P 6MZ JA 1703 -3.07 39.40 23.98
O2P 6MZ JA 1703 -3.69 39.88 21.60
N9 6MZ JA 1703 0.39 41.57 19.45
N3 6MZ JA 1703 1.29 43.41 18.11
N1 6MZ JA 1703 -0.17 44.18 16.47
C6 6MZ JA 1703 -1.06 43.30 16.82
N6 6MZ JA 1703 -2.31 43.34 16.02
C9 6MZ JA 1703 -3.34 42.31 16.05
N7 6MZ JA 1703 -1.48 41.45 18.45
C8 6MZ JA 1703 -0.75 40.92 19.43
O5' 6MZ JA 1703 -1.19 40.14 22.34
C5' 6MZ JA 1703 0.03 39.58 22.91
C4' 6MZ JA 1703 1.10 40.31 22.43
O4' 6MZ JA 1703 1.29 40.10 20.91
C1' 6MZ JA 1703 1.47 41.28 20.39
C2' 6MZ JA 1703 1.50 42.34 21.61
O2' 6MZ JA 1703 2.84 42.43 22.09
C3' 6MZ JA 1703 0.75 41.80 22.54
O3' 6MZ JA 1703 1.12 42.31 23.89
P 6MZ JA 1703 -2.63 39.31 22.55
P 4AC JA 1713 9.13 35.16 27.19
OP1 4AC JA 1713 10.13 34.95 26.08
OP2 4AC JA 1713 7.84 34.40 27.19
O5' 4AC JA 1713 9.87 34.85 28.56
C5' 4AC JA 1713 11.16 35.36 28.82
C4' 4AC JA 1713 11.74 34.73 30.06
O4' 4AC JA 1713 10.99 35.15 31.22
C3' 4AC JA 1713 11.68 33.22 30.11
O3' 4AC JA 1713 12.75 32.62 29.42
C2' 4AC JA 1713 11.70 32.93 31.61
O2' 4AC JA 1713 13.02 33.04 32.12
C1' 4AC JA 1713 10.89 34.10 32.15
N1 4AC JA 1713 9.46 33.76 32.31
C2 4AC JA 1713 9.06 32.95 33.39
O2 4AC JA 1713 9.94 32.52 34.15
N3 4AC JA 1713 7.76 32.66 33.54
C4 4AC JA 1713 6.86 33.13 32.70
N4 4AC JA 1713 5.55 32.75 33.00
C5 4AC JA 1713 7.22 33.97 31.62
C6 4AC JA 1713 8.51 34.26 31.46
C7 4AC JA 1713 4.40 32.95 32.31
O7 4AC JA 1713 4.36 33.51 31.22
CM7 4AC JA 1713 3.16 32.42 32.97
C2 MA6 JA 1721 -5.27 31.32 13.74
C4 MA6 JA 1721 -4.13 29.30 13.97
C5 MA6 JA 1721 -5.12 28.83 14.74
P MA6 JA 1721 -1.74 23.95 15.53
OP1 MA6 JA 1721 -0.54 23.11 15.94
OP2 MA6 JA 1721 -2.64 24.18 16.70
O5' MA6 JA 1721 -1.23 25.40 14.94
C5' MA6 JA 1721 -0.36 25.43 13.81
C4' MA6 JA 1721 -0.34 26.73 13.34
O4' MA6 JA 1721 -1.69 27.11 12.72
C1' MA6 JA 1721 -1.97 28.34 13.15
N9 MA6 JA 1721 -3.21 28.33 13.87
N3 MA6 JA 1721 -4.20 30.55 13.47
N1 MA6 JA 1721 -6.28 30.84 14.53
C6 MA6 JA 1721 -6.22 29.62 15.02
N6 MA6 JA 1721 -7.46 29.50 15.76
C9 MA6 JA 1721 -8.38 30.64 15.91
C10 MA6 JA 1721 -7.82 28.20 16.37
N7 MA6 JA 1721 -4.81 27.56 15.10
C8 MA6 JA 1721 -3.63 27.25 14.57
C2' MA6 JA 1721 -0.76 28.80 14.08
O2' MA6 JA 1721 0.17 29.55 13.27
C3' MA6 JA 1721 -0.19 27.71 14.52
O3' MA6 JA 1721 1.27 27.96 14.80
C2 MA6 JA 1722 -4.56 34.20 16.54
C4 MA6 JA 1722 -2.91 32.56 16.52
C5 MA6 JA 1722 -3.70 31.75 17.27
P MA6 JA 1722 1.79 27.98 16.32
OP1 MA6 JA 1722 2.90 26.96 16.44
OP2 MA6 JA 1722 0.58 27.91 17.22
O5' MA6 JA 1722 2.44 29.43 16.48
C5' MA6 JA 1722 1.81 30.41 17.27
C4' MA6 JA 1722 1.45 31.63 16.45
O4' MA6 JA 1722 0.35 31.30 15.57
C1' MA6 JA 1722 -0.60 32.34 15.56
N9 MA6 JA 1722 -1.79 31.89 16.31
N3 MA6 JA 1722 -3.34 33.78 16.16
N1 MA6 JA 1722 -5.36 33.39 17.29
C6 MA6 JA 1722 -4.94 32.20 17.65
N6 MA6 JA 1722 -6.07 31.70 18.41
C9 MA6 JA 1722 -6.09 30.32 18.85
C10 MA6 JA 1722 -7.21 32.60 18.78
N7 MA6 JA 1722 -3.03 30.60 17.50
C8 MA6 JA 1722 -1.83 30.68 16.90
C2' MA6 JA 1722 0.07 33.53 16.23
O2' MA6 JA 1722 0.85 34.21 15.27
C3' MA6 JA 1722 0.96 32.83 17.24
O3' MA6 JA 1722 2.01 33.63 17.73
N SER KA 1 37.84 -84.18 30.52
CA SER KA 1 36.77 -83.81 29.62
C SER KA 1 36.56 -82.31 29.61
N MET KA 2 35.63 -81.84 30.45
CA MET KA 2 35.29 -80.44 30.55
C MET KA 2 35.50 -79.98 31.98
N LEU KA 3 36.29 -78.92 32.16
CA LEU KA 3 36.71 -78.47 33.48
C LEU KA 3 36.14 -77.08 33.80
N ARG KA 4 34.90 -76.84 33.38
CA ARG KA 4 34.27 -75.57 33.70
C ARG KA 4 34.01 -75.43 35.19
N LEU KA 5 33.57 -76.51 35.84
CA LEU KA 5 33.30 -76.47 37.27
C LEU KA 5 34.58 -76.32 38.08
N GLN KA 6 35.65 -77.01 37.66
CA GLN KA 6 36.89 -76.99 38.42
C GLN KA 6 37.53 -75.61 38.39
N LYS KA 7 37.48 -74.92 37.26
CA LYS KA 7 38.04 -73.58 37.20
C LYS KA 7 37.25 -72.60 38.06
N ARG KA 8 35.93 -72.77 38.09
CA ARG KA 8 35.10 -71.93 38.95
C ARG KA 8 35.44 -72.16 40.42
N LEU KA 9 35.60 -73.42 40.82
CA LEU KA 9 35.92 -73.72 42.21
C LEU KA 9 37.31 -73.24 42.57
N ALA KA 10 38.27 -73.43 41.68
CA ALA KA 10 39.64 -73.01 41.97
C ALA KA 10 39.73 -71.50 42.12
N SER KA 11 38.91 -70.75 41.38
CA SER KA 11 38.90 -69.31 41.52
C SER KA 11 38.40 -68.89 42.89
N SER KA 12 37.39 -69.58 43.42
CA SER KA 12 36.89 -69.24 44.75
C SER KA 12 37.88 -69.65 45.84
N VAL KA 13 38.51 -70.81 45.69
CA VAL KA 13 39.48 -71.26 46.69
C VAL KA 13 40.71 -70.38 46.68
N LEU KA 14 41.24 -70.08 45.50
CA LEU KA 14 42.42 -69.23 45.39
C LEU KA 14 42.11 -67.77 45.63
N ARG KA 15 40.83 -67.40 45.71
CA ARG KA 15 40.40 -66.02 45.93
C ARG KA 15 40.97 -65.07 44.88
N CYS KA 16 41.04 -65.57 43.65
CA CYS KA 16 41.45 -64.76 42.50
C CYS KA 16 40.42 -64.90 41.40
N GLY KA 17 40.70 -64.35 40.23
CA GLY KA 17 39.80 -64.49 39.11
C GLY KA 17 40.06 -65.75 38.32
N LYS KA 18 39.12 -66.06 37.42
CA LYS KA 18 39.33 -67.18 36.51
C LYS KA 18 40.42 -66.90 35.50
N LYS KA 19 40.83 -65.66 35.34
CA LYS KA 19 41.98 -65.33 34.50
C LYS KA 19 43.25 -65.98 35.03
N LYS KA 20 43.40 -66.00 36.36
CA LYS KA 20 44.64 -66.42 36.99
C LYS KA 20 44.68 -67.90 37.33
N VAL KA 21 43.58 -68.63 37.17
CA VAL KA 21 43.57 -70.05 37.47
C VAL KA 21 44.28 -70.80 36.35
N TRP KA 22 45.29 -71.57 36.69
CA TRP KA 22 46.01 -72.39 35.73
C TRP KA 22 45.74 -73.85 36.05
N LEU KA 23 45.02 -74.53 35.17
CA LEU KA 23 44.79 -75.96 35.29
C LEU KA 23 45.77 -76.69 34.40
N ASP KA 24 46.45 -77.69 34.94
CA ASP KA 24 47.46 -78.43 34.21
C ASP KA 24 46.87 -79.08 32.97
N PRO KA 25 47.27 -78.66 31.78
CA PRO KA 25 46.68 -79.23 30.56
C PRO KA 25 46.99 -80.70 30.37
N ASN KA 26 48.03 -81.22 31.01
CA ASN KA 26 48.37 -82.62 30.87
C ASN KA 26 47.60 -83.50 31.84
N GLU KA 27 47.41 -83.04 33.07
CA GLU KA 27 46.65 -83.80 34.06
C GLU KA 27 45.18 -83.41 34.05
N THR KA 28 44.58 -83.42 32.87
CA THR KA 28 43.16 -83.10 32.74
C THR KA 28 42.29 -84.14 33.44
N ASN KA 29 42.64 -85.42 33.31
CA ASN KA 29 41.81 -86.47 33.86
C ASN KA 29 41.81 -86.45 35.39
N GLU KA 30 42.92 -86.03 36.00
CA GLU KA 30 42.98 -85.99 37.46
C GLU KA 30 42.19 -84.82 38.03
N ILE KA 31 42.25 -83.66 37.36
CA ILE KA 31 41.51 -82.49 37.81
C ILE KA 31 40.01 -82.72 37.66
N ALA KA 32 39.60 -83.44 36.61
CA ALA KA 32 38.18 -83.67 36.37
C ALA KA 32 37.52 -84.46 37.50
N ASN KA 33 38.29 -85.22 38.27
CA ASN KA 33 37.74 -85.94 39.41
C ASN KA 33 37.49 -85.05 40.62
N ALA KA 34 38.00 -83.83 40.61
CA ALA KA 34 37.89 -82.92 41.75
C ALA KA 34 36.56 -82.19 41.66
N ASN KA 35 35.53 -82.75 42.29
CA ASN KA 35 34.20 -82.18 42.27
C ASN KA 35 33.87 -81.39 43.52
N SER KA 36 34.83 -81.21 44.42
CA SER KA 36 34.59 -80.53 45.69
C SER KA 36 35.73 -79.56 45.95
N ARG KA 37 35.43 -78.53 46.75
CA ARG KA 37 36.44 -77.54 47.07
C ARG KA 37 37.56 -78.12 47.91
N GLN KA 38 37.28 -79.18 48.67
CA GLN KA 38 38.35 -79.86 49.40
C GLN KA 38 39.30 -80.55 48.44
N GLN KA 39 38.78 -81.15 47.37
CA GLN KA 39 39.64 -81.75 46.36
C GLN KA 39 40.45 -80.70 45.63
N ILE KA 40 39.88 -79.52 45.41
CA ILE KA 40 40.61 -78.44 44.75
C ILE KA 40 41.80 -78.02 45.60
N ARG KA 41 41.60 -77.89 46.91
CA ARG KA 41 42.69 -77.50 47.80
C ARG KA 41 43.82 -78.51 47.75
N LYS KA 42 43.49 -79.79 47.65
CA LYS KA 42 44.52 -80.82 47.53
C LYS KA 42 45.29 -80.68 46.23
N LEU KA 43 44.59 -80.39 45.12
CA LEU KA 43 45.27 -80.21 43.85
C LEU KA 43 46.13 -78.95 43.86
N ILE KA 44 45.66 -77.90 44.52
CA ILE KA 44 46.44 -76.67 44.65
C ILE KA 44 47.72 -76.95 45.42
N LYS KA 45 47.63 -77.74 46.48
CA LYS KA 45 48.81 -78.11 47.25
C LYS KA 45 49.78 -78.95 46.42
N ASP KA 46 49.25 -79.80 45.55
CA ASP KA 46 50.08 -80.72 44.77
C ASP KA 46 50.54 -80.14 43.44
N GLY KA 47 50.24 -78.87 43.18
CA GLY KA 47 50.80 -78.20 42.02
C GLY KA 47 50.05 -78.40 40.73
N LEU KA 48 48.91 -79.08 40.74
CA LEU KA 48 48.14 -79.22 39.51
C LEU KA 48 47.30 -77.98 39.21
N ILE KA 49 46.99 -77.17 40.22
CA ILE KA 49 46.29 -75.91 40.03
C ILE KA 49 47.18 -74.80 40.57
N ILE KA 50 47.40 -73.77 39.76
CA ILE KA 50 48.37 -72.73 40.05
C ILE KA 50 47.70 -71.38 39.83
N ARG KA 51 48.00 -70.42 40.72
CA ARG KA 51 47.58 -69.04 40.53
C ARG KA 51 48.64 -68.32 39.71
N LYS KA 52 48.30 -67.94 38.48
CA LYS KA 52 49.24 -67.23 37.64
C LYS KA 52 49.47 -65.82 38.19
N PRO KA 53 50.69 -65.28 38.04
CA PRO KA 53 50.99 -63.98 38.61
C PRO KA 53 50.26 -62.86 37.88
N VAL KA 54 50.16 -61.72 38.56
CA VAL KA 54 49.51 -60.54 37.99
C VAL KA 54 50.30 -60.06 36.78
N THR KA 55 49.58 -59.70 35.72
CA THR KA 55 50.19 -59.14 34.54
C THR KA 55 50.99 -57.88 34.89
N VAL KA 56 52.20 -57.79 34.37
CA VAL KA 56 53.08 -56.68 34.74
C VAL KA 56 52.55 -55.39 34.13
N HIS KA 57 52.26 -54.42 34.99
CA HIS KA 57 52.00 -53.04 34.59
C HIS KA 57 53.02 -52.19 35.34
N SER KA 58 54.16 -51.98 34.71
CA SER KA 58 55.24 -51.24 35.34
C SER KA 58 54.92 -49.75 35.40
N ARG KA 59 55.45 -49.10 36.43
CA ARG KA 59 55.38 -47.65 36.55
C ARG KA 59 56.72 -46.99 36.30
N ALA KA 60 57.71 -47.75 35.81
CA ALA KA 60 59.04 -47.20 35.63
C ALA KA 60 59.05 -46.08 34.60
N ARG KA 61 58.25 -46.22 33.55
CA ARG KA 61 58.16 -45.18 32.54
C ARG KA 61 57.59 -43.89 33.10
N CYS KA 62 56.55 -43.98 33.91
CA CYS KA 62 55.98 -42.80 34.55
C CYS KA 62 56.97 -42.18 35.52
N ARG KA 63 57.69 -43.00 36.28
CA ARG KA 63 58.67 -42.49 37.22
C ARG KA 63 59.80 -41.76 36.50
N LYS KA 64 60.21 -42.28 35.35
CA LYS KA 64 61.24 -41.61 34.57
C LYS KA 64 60.74 -40.26 34.07
N ASN KA 65 59.49 -40.21 33.58
CA ASN KA 65 58.95 -38.95 33.08
C ASN KA 65 58.63 -37.98 34.20
N THR KA 66 58.27 -38.49 35.38
CA THR KA 66 58.07 -37.61 36.52
C THR KA 66 59.37 -36.95 36.94
N LEU KA 67 60.47 -37.71 36.90
CA LEU KA 67 61.77 -37.14 37.25
C LEU KA 67 62.18 -36.06 36.28
N ALA KA 68 61.89 -36.25 34.99
CA ALA KA 68 62.16 -35.20 34.01
C ALA KA 68 61.28 -33.98 34.24
N ARG KA 69 60.01 -34.20 34.58
CA ARG KA 69 59.10 -33.09 34.75
C ARG KA 69 59.44 -32.25 35.98
N ARG KA 70 59.96 -32.88 37.03
CA ARG KA 70 60.39 -32.12 38.19
C ARG KA 70 61.57 -31.22 37.85
N LYS KA 71 62.40 -31.63 36.91
CA LYS KA 71 63.45 -30.76 36.39
C LYS KA 71 62.92 -29.72 35.42
N GLY KA 72 61.67 -29.86 34.97
CA GLY KA 72 61.04 -28.88 34.12
C GLY KA 72 60.76 -29.32 32.71
N ARG KA 73 61.15 -30.54 32.33
CA ARG KA 73 60.92 -30.99 30.97
C ARG KA 73 59.44 -31.27 30.75
N HIS KA 74 59.05 -31.28 29.48
CA HIS KA 74 57.70 -31.58 29.04
C HIS KA 74 56.65 -30.67 29.66
N MET KA 75 57.05 -29.49 30.13
CA MET KA 75 56.10 -28.51 30.65
C MET KA 75 55.78 -27.45 29.59
N GLY KA 76 56.79 -26.71 29.14
CA GLY KA 76 56.72 -25.86 27.97
C GLY KA 76 55.48 -25.00 27.81
N ILE KA 77 55.17 -24.67 26.56
CA ILE KA 77 53.93 -23.99 26.21
C ILE KA 77 53.01 -24.92 25.42
N GLY KA 78 53.59 -25.74 24.56
CA GLY KA 78 52.86 -26.72 23.78
C GLY KA 78 52.55 -27.99 24.52
N LYS KA 79 52.81 -28.05 25.82
CA LYS KA 79 52.39 -29.17 26.64
C LYS KA 79 51.30 -28.78 27.63
N ARG KA 80 50.81 -27.56 27.54
CA ARG KA 80 49.77 -27.07 28.44
C ARG KA 80 48.44 -27.08 27.71
N LYS KA 81 47.46 -27.76 28.29
CA LYS KA 81 46.11 -27.77 27.74
C LYS KA 81 45.11 -27.04 28.61
N GLY KA 82 45.30 -27.04 29.91
CA GLY KA 82 44.42 -26.31 30.78
C GLY KA 82 44.83 -24.87 30.94
N THR KA 83 43.87 -24.06 31.35
CA THR KA 83 44.13 -22.66 31.63
C THR KA 83 45.11 -22.55 32.79
N ALA KA 84 45.85 -21.43 32.83
CA ALA KA 84 46.77 -21.21 33.93
C ALA KA 84 46.08 -21.31 35.28
N ASN KA 85 44.84 -20.83 35.38
CA ASN KA 85 44.09 -21.00 36.61
C ASN KA 85 43.65 -22.44 36.81
N ALA KA 86 43.47 -23.21 35.74
CA ALA KA 86 43.12 -24.61 35.89
C ALA KA 86 44.31 -25.42 36.36
N ARG KA 87 45.50 -25.08 35.89
CA ARG KA 87 46.69 -25.81 36.31
C ARG KA 87 47.14 -25.43 37.71
N MET KA 88 46.98 -24.18 38.09
CA MET KA 88 47.39 -23.70 39.40
C MET KA 88 46.44 -22.59 39.79
N PRO KA 89 45.42 -22.88 40.58
CA PRO KA 89 44.38 -21.88 40.87
C PRO KA 89 44.94 -20.65 41.57
N GLU KA 90 44.40 -19.49 41.21
CA GLU KA 90 44.83 -18.25 41.85
C GLU KA 90 44.41 -18.23 43.32
N LYS KA 91 43.24 -18.78 43.63
CA LYS KA 91 42.77 -18.79 45.01
C LYS KA 91 43.67 -19.65 45.89
N VAL KA 92 44.10 -20.80 45.37
CA VAL KA 92 45.02 -21.64 46.13
C VAL KA 92 46.37 -20.95 46.30
N THR KA 93 46.82 -20.25 45.26
CA THR KA 93 48.05 -19.47 45.37
C THR KA 93 47.89 -18.36 46.40
N TRP KA 94 46.74 -17.69 46.40
CA TRP KA 94 46.49 -16.64 47.39
C TRP KA 94 46.34 -17.22 48.79
N MET KA 95 45.65 -18.36 48.90
CA MET KA 95 45.45 -18.99 50.20
C MET KA 95 46.76 -19.40 50.82
N ARG KA 96 47.66 -19.99 50.03
CA ARG KA 96 48.99 -20.33 50.54
C ARG KA 96 49.76 -19.08 50.92
N ARG KA 97 49.62 -18.03 50.12
CA ARG KA 97 50.36 -16.79 50.38
C ARG KA 97 49.91 -16.15 51.68
N MET KA 98 48.61 -16.09 51.93
CA MET KA 98 48.12 -15.48 53.16
C MET KA 98 48.54 -16.28 54.38
N ARG KA 99 48.48 -17.60 54.31
CA ARG KA 99 48.86 -18.42 55.44
C ARG KA 99 50.34 -18.31 55.73
N ILE KA 100 51.17 -18.26 54.70
CA ILE KA 100 52.61 -18.13 54.90
C ILE KA 100 52.95 -16.78 55.54
N LEU KA 101 52.33 -15.71 55.06
CA LEU KA 101 52.73 -14.38 55.55
C LEU KA 101 52.08 -14.08 56.90
N ARG KA 102 50.86 -14.56 57.15
CA ARG KA 102 50.28 -14.37 58.46
C ARG KA 102 51.03 -15.16 59.51
N ARG KA 103 51.54 -16.34 59.16
CA ARG KA 103 52.35 -17.11 60.09
C ARG KA 103 53.63 -16.36 60.43
N LEU KA 104 54.25 -15.73 59.43
CA LEU KA 104 55.46 -14.96 59.68
C LEU KA 104 55.18 -13.77 60.59
N LEU KA 105 54.10 -13.04 60.33
CA LEU KA 105 53.78 -11.87 61.16
C LEU KA 105 53.44 -12.29 62.58
N ARG KA 106 52.75 -13.40 62.75
CA ARG KA 106 52.45 -13.89 64.10
C ARG KA 106 53.74 -14.22 64.83
N ARG KA 107 54.59 -15.05 64.22
CA ARG KA 107 55.82 -15.46 64.90
C ARG KA 107 56.71 -14.27 65.23
N TYR KA 108 56.63 -13.20 64.44
CA TYR KA 108 57.38 -11.99 64.78
C TYR KA 108 56.77 -11.27 65.97
N ARG KA 109 55.47 -11.43 66.19
CA ARG KA 109 54.83 -10.70 67.28
C ARG KA 109 55.14 -11.30 68.64
N GLU KA 110 55.13 -12.63 68.74
CA GLU KA 110 55.51 -13.27 70.00
C GLU KA 110 57.00 -13.54 70.12
N SER KA 111 57.81 -13.13 69.15
CA SER KA 111 59.25 -13.05 69.35
C SER KA 111 59.69 -11.64 69.63
N LYS KA 112 58.76 -10.72 69.83
CA LYS KA 112 59.00 -9.32 70.18
C LYS KA 112 59.75 -8.55 69.10
N LYS KA 113 59.76 -9.06 67.86
CA LYS KA 113 60.38 -8.29 66.79
C LYS KA 113 59.51 -7.13 66.36
N ILE KA 114 58.18 -7.29 66.43
CA ILE KA 114 57.24 -6.20 66.18
C ILE KA 114 56.22 -6.19 67.31
N ASP KA 115 55.61 -5.03 67.51
CA ASP KA 115 54.61 -4.87 68.56
C ASP KA 115 53.22 -5.15 67.99
N ARG KA 116 52.18 -4.87 68.77
CA ARG KA 116 50.82 -5.02 68.29
C ARG KA 116 50.55 -4.09 67.11
N HIS KA 117 51.02 -2.86 67.19
CA HIS KA 117 50.63 -1.84 66.24
C HIS KA 117 51.35 -2.01 64.91
N MET KA 118 52.61 -2.40 64.93
CA MET KA 118 53.28 -2.72 63.68
C MET KA 118 52.71 -3.99 63.07
N TYR KA 119 52.36 -4.97 63.90
CA TYR KA 119 51.76 -6.19 63.40
C TYR KA 119 50.42 -5.91 62.74
N HIS KA 120 49.57 -5.12 63.40
CA HIS KA 120 48.22 -4.92 62.89
C HIS KA 120 48.22 -4.12 61.59
N SER KA 121 49.09 -3.10 61.49
CA SER KA 121 49.19 -2.36 60.25
C SER KA 121 49.72 -3.25 59.13
N LEU KA 122 50.72 -4.08 59.44
CA LEU KA 122 51.26 -4.98 58.44
C LEU KA 122 50.28 -6.09 58.09
N TYR KA 123 49.46 -6.51 59.05
CA TYR KA 123 48.45 -7.52 58.76
C TYR KA 123 47.47 -7.01 57.72
N LEU KA 124 47.04 -5.75 57.84
CA LEU KA 124 46.16 -5.18 56.84
C LEU KA 124 46.88 -4.94 55.52
N LYS KA 125 48.21 -4.83 55.55
CA LYS KA 125 48.93 -4.60 54.30
C LYS KA 125 49.13 -5.90 53.53
N VAL KA 126 49.41 -7.01 54.21
CA VAL KA 126 49.54 -8.28 53.50
C VAL KA 126 48.19 -8.69 52.91
N LYS KA 127 47.11 -8.39 53.61
CA LYS KA 127 45.77 -8.60 53.06
C LYS KA 127 45.55 -7.73 51.84
N GLY KA 128 46.21 -6.57 51.78
CA GLY KA 128 46.11 -5.65 50.67
C GLY KA 128 46.99 -5.96 49.50
N ASN KA 129 47.72 -7.08 49.55
CA ASN KA 129 48.56 -7.55 48.45
C ASN KA 129 49.65 -6.53 48.11
N VAL KA 130 50.52 -6.28 49.09
CA VAL KA 130 51.67 -5.42 48.88
C VAL KA 130 53.00 -6.15 49.04
N PHE KA 131 52.93 -7.35 49.62
CA PHE KA 131 54.14 -8.19 49.81
C PHE KA 131 53.87 -9.51 49.09
N LYS KA 132 54.77 -9.97 48.24
CA LYS KA 132 54.46 -11.18 47.44
C LYS KA 132 55.19 -12.40 48.00
N ASN KA 133 56.19 -12.20 48.86
CA ASN KA 133 56.98 -13.35 49.36
C ASN KA 133 57.28 -13.12 50.83
N LYS KA 134 57.90 -14.09 51.49
CA LYS KA 134 58.42 -13.87 52.86
C LYS KA 134 59.56 -12.86 52.79
N ARG KA 135 60.45 -13.01 51.81
CA ARG KA 135 61.63 -12.13 51.73
C ARG KA 135 61.15 -10.69 51.64
N ILE KA 136 60.19 -10.42 50.76
CA ILE KA 136 59.77 -9.01 50.54
C ILE KA 136 59.32 -8.43 51.88
N LEU KA 137 58.45 -9.14 52.60
CA LEU KA 137 57.93 -8.62 53.88
C LEU KA 137 59.07 -8.55 54.88
N MET KA 138 59.82 -9.63 55.02
CA MET KA 138 60.87 -9.67 56.02
C MET KA 138 61.80 -8.48 55.91
N GLU KA 139 62.25 -8.17 54.69
CA GLU KA 139 63.13 -7.03 54.50
C GLU KA 139 62.40 -5.71 54.62
N HIS KA 140 61.09 -5.68 54.36
CA HIS KA 140 60.32 -4.47 54.68
C HIS KA 140 60.29 -4.22 56.18
N ILE KA 141 60.12 -5.30 56.97
CA ILE KA 141 60.17 -5.17 58.42
C ILE KA 141 61.54 -4.69 58.86
N HIS KA 142 62.60 -5.23 58.26
CA HIS KA 142 63.95 -4.79 58.59
C HIS KA 142 64.13 -3.31 58.27
N LYS KA 143 63.62 -2.87 57.13
CA LYS KA 143 63.76 -1.46 56.76
C LYS KA 143 62.99 -0.56 57.72
N LEU KA 144 61.78 -0.97 58.12
CA LEU KA 144 61.03 -0.18 59.08
C LEU KA 144 61.76 -0.09 60.41
N LYS KA 145 62.31 -1.21 60.88
CA LYS KA 145 63.03 -1.19 62.16
C LYS KA 145 64.28 -0.33 62.08
N ALA KA 146 65.00 -0.39 60.96
CA ALA KA 146 66.20 0.43 60.80
C ALA KA 146 65.85 1.91 60.75
N ASP KA 147 64.77 2.27 60.04
CA ASP KA 147 64.35 3.66 60.01
C ASP KA 147 63.93 4.15 61.38
N LYS KA 148 63.21 3.31 62.13
CA LYS KA 148 62.85 3.66 63.50
C LYS KA 148 64.08 3.88 64.35
N ALA KA 149 65.08 3.00 64.21
CA ALA KA 149 66.30 3.14 65.00
C ALA KA 149 67.06 4.41 64.66
N ARG KA 150 67.16 4.75 63.38
CA ARG KA 150 67.88 5.97 63.01
C ARG KA 150 67.13 7.21 63.46
N LYS KA 151 65.80 7.21 63.38
CA LYS KA 151 65.03 8.33 63.89
C LYS KA 151 65.22 8.47 65.39
N LYS KA 152 65.22 7.35 66.12
CA LYS KA 152 65.41 7.40 67.56
C LYS KA 152 66.79 7.93 67.93
N LEU KA 153 67.84 7.49 67.23
CA LEU KA 153 69.18 7.96 67.57
C LEU KA 153 69.33 9.45 67.24
N LEU KA 154 68.75 9.90 66.11
CA LEU KA 154 68.81 11.31 65.78
C LEU KA 154 68.10 12.15 66.84
N ALA KA 155 66.90 11.71 67.26
CA ALA KA 155 66.17 12.45 68.28
C ALA KA 155 66.93 12.46 69.59
N ASP KA 156 67.52 11.32 69.97
CA ASP KA 156 68.24 11.25 71.24
C ASP KA 156 69.46 12.17 71.24
N GLN KA 157 70.22 12.19 70.14
CA GLN KA 157 71.41 13.04 70.13
C GLN KA 157 71.05 14.51 70.00
N ALA KA 158 69.94 14.85 69.33
CA ALA KA 158 69.48 16.22 69.32
C ALA KA 158 69.06 16.66 70.73
N GLU KA 159 68.35 15.79 71.44
CA GLU KA 159 68.01 16.09 72.83
C GLU KA 159 69.25 16.19 73.70
N ALA KA 160 70.29 15.40 73.40
CA ALA KA 160 71.53 15.50 74.14
C ALA KA 160 72.20 16.85 73.93
N ARG KA 161 72.23 17.34 72.69
CA ARG KA 161 72.79 18.67 72.44
C ARG KA 161 71.98 19.74 73.14
N ARG KA 162 70.65 19.63 73.10
CA ARG KA 162 69.80 20.60 73.78
C ARG KA 162 70.05 20.60 75.28
N SER KA 163 70.20 19.41 75.88
CA SER KA 163 70.49 19.31 77.30
C SER KA 163 71.87 19.85 77.64
N LYS KA 164 72.85 19.67 76.74
CA LYS KA 164 74.17 20.23 76.98
C LYS KA 164 74.11 21.75 76.99
N THR KA 165 73.37 22.35 76.05
CA THR KA 165 73.22 23.80 76.04
C THR KA 165 72.49 24.29 77.30
N LYS KA 166 71.48 23.54 77.74
CA LYS KA 166 70.76 23.91 78.97
C LYS KA 166 71.67 23.82 80.18
N GLU KA 167 72.56 22.83 80.22
CA GLU KA 167 73.55 22.75 81.29
C GLU KA 167 74.50 23.94 81.28
N ALA KA 168 74.93 24.35 80.08
CA ALA KA 168 75.76 25.55 79.99
C ALA KA 168 75.02 26.76 80.54
N ARG KA 169 73.73 26.88 80.21
CA ARG KA 169 72.93 27.99 80.72
C ARG KA 169 72.79 27.93 82.25
N LYS KA 170 72.58 26.75 82.82
CA LYS KA 170 72.44 26.68 84.28
C LYS KA 170 73.75 26.99 84.99
N ARG KA 171 74.88 26.56 84.41
CA ARG KA 171 76.17 26.93 84.99
C ARG KA 171 76.38 28.44 84.93
N ARG KA 172 76.01 29.05 83.80
CA ARG KA 172 76.14 30.49 83.65
C ARG KA 172 75.28 31.24 84.66
N GLU KA 173 74.03 30.80 84.86
CA GLU KA 173 73.17 31.49 85.81
C GLU KA 173 73.63 31.24 87.25
N GLU KA 174 74.22 30.08 87.53
CA GLU KA 174 74.82 29.86 88.84
C GLU KA 174 75.95 30.84 89.10
N ARG KA 175 76.82 31.03 88.10
CA ARG KA 175 77.89 32.01 88.23
C ARG KA 175 77.32 33.41 88.45
N LEU KA 176 76.27 33.76 87.71
CA LEU KA 176 75.67 35.08 87.84
C LEU KA 176 75.09 35.30 89.22
N GLN KA 177 74.36 34.31 89.76
CA GLN KA 177 73.77 34.50 91.08
C GLN KA 177 74.83 34.53 92.17
N ALA KA 178 75.92 33.76 92.01
CA ALA KA 178 77.02 33.86 92.96
C ALA KA 178 77.64 35.25 92.93
N LYS KA 179 77.82 35.80 91.72
CA LYS KA 179 78.37 37.16 91.61
C LYS KA 179 77.45 38.18 92.24
N LYS KA 180 76.13 38.03 92.05
CA LYS KA 180 75.18 38.96 92.67
C LYS KA 180 75.23 38.86 94.19
N GLU KA 181 75.31 37.65 94.74
CA GLU KA 181 75.41 37.48 96.18
C GLU KA 181 76.69 38.14 96.72
N GLU KA 182 77.81 37.94 96.02
CA GLU KA 182 79.06 38.56 96.44
C GLU KA 182 78.98 40.08 96.39
N ILE KA 183 78.36 40.64 95.35
CA ILE KA 183 78.23 42.09 95.24
C ILE KA 183 77.36 42.64 96.37
N ILE KA 184 76.23 41.98 96.65
CA ILE KA 184 75.33 42.51 97.68
C ILE KA 184 75.91 42.35 99.07
N LYS KA 185 76.74 41.32 99.32
CA LYS KA 185 77.40 41.24 100.61
C LYS KA 185 78.54 42.24 100.71
N THR KA 186 79.19 42.56 99.58
CA THR KA 186 80.21 43.60 99.57
C THR KA 186 79.61 44.97 99.88
N LEU KA 187 78.44 45.25 99.33
CA LEU KA 187 77.78 46.54 99.51
C LEU KA 187 77.46 46.85 100.96
N MET LA 1 68.62 -35.82 -26.64
CA MET LA 1 69.85 -35.16 -27.07
C MET LA 1 69.67 -33.65 -27.12
N LYS LA 2 68.95 -33.12 -26.13
CA LYS LA 2 68.75 -31.70 -25.98
C LYS LA 2 69.78 -31.14 -25.01
N VAL LA 3 69.58 -29.89 -24.59
CA VAL LA 3 70.36 -29.35 -23.49
C VAL LA 3 70.11 -30.19 -22.25
N GLU LA 4 71.16 -30.44 -21.49
CA GLU LA 4 71.10 -31.29 -20.32
C GLU LA 4 71.04 -30.45 -19.05
N LEU LA 5 70.03 -30.69 -18.23
CA LEU LA 5 69.70 -29.82 -17.12
C LEU LA 5 70.09 -30.46 -15.80
N CYS LA 6 70.07 -29.64 -14.74
CA CYS LA 6 70.41 -30.07 -13.39
C CYS LA 6 69.34 -29.58 -12.42
N SER LA 7 69.24 -30.23 -11.27
CA SER LA 7 68.07 -30.15 -10.41
C SER LA 7 68.36 -29.43 -9.09
N PHE LA 8 67.35 -29.44 -8.21
CA PHE LA 8 67.55 -29.22 -6.78
C PHE LA 8 68.58 -30.16 -6.19
N SER LA 9 68.52 -31.43 -6.54
CA SER LA 9 69.46 -32.42 -6.06
C SER LA 9 70.75 -32.45 -6.87
N GLY LA 10 70.87 -31.61 -7.88
CA GLY LA 10 72.04 -31.61 -8.74
C GLY LA 10 72.11 -32.79 -9.67
N TYR LA 11 71.11 -33.65 -9.69
CA TYR LA 11 71.09 -34.79 -10.58
C TYR LA 11 70.84 -34.34 -12.01
N LYS LA 12 71.16 -35.20 -12.94
CA LYS LA 12 71.00 -34.92 -14.36
C LYS LA 12 69.57 -35.26 -14.78
N ILE LA 13 68.89 -34.30 -15.40
CA ILE LA 13 67.51 -34.49 -15.86
C ILE LA 13 67.54 -34.66 -17.36
N TYR LA 14 67.21 -35.84 -17.83
CA TYR LA 14 67.16 -36.14 -19.24
C TYR LA 14 65.87 -35.60 -19.85
N PRO LA 15 65.83 -35.38 -21.16
CA PRO LA 15 64.61 -34.85 -21.78
C PRO LA 15 63.42 -35.76 -21.56
N GLY LA 16 62.27 -35.12 -21.34
CA GLY LA 16 61.06 -35.85 -21.06
C GLY LA 16 60.83 -36.21 -19.61
N HIS LA 17 61.68 -35.75 -18.70
CA HIS LA 17 61.57 -36.06 -17.29
C HIS LA 17 61.41 -34.79 -16.47
N GLY LA 18 60.73 -34.91 -15.34
CA GLY LA 18 60.66 -33.83 -14.38
C GLY LA 18 59.74 -32.70 -14.81
N ARG LA 19 59.79 -31.64 -14.00
CA ARG LA 19 58.98 -30.45 -14.22
C ARG LA 19 59.85 -29.21 -14.08
N ARG LA 20 59.50 -28.17 -14.83
CA ARG LA 20 60.20 -26.90 -14.79
C ARG LA 20 59.34 -25.89 -14.04
N TYR LA 21 59.95 -25.18 -13.11
CA TYR LA 21 59.25 -24.23 -12.25
C TYR LA 21 59.74 -22.83 -12.57
N ALA LA 22 58.83 -21.95 -12.97
CA ALA LA 22 59.15 -20.57 -13.30
C ALA LA 22 58.56 -19.68 -12.22
N ARG LA 23 59.41 -19.11 -11.38
CA ARG LA 23 58.94 -18.28 -10.30
C ARG LA 23 58.59 -16.89 -10.81
N THR LA 24 57.82 -16.16 -10.00
CA THR LA 24 57.34 -14.84 -10.40
C THR LA 24 58.48 -13.82 -10.46
N ASP LA 25 59.50 -13.98 -9.64
CA ASP LA 25 60.64 -13.07 -9.67
C ASP LA 25 61.60 -13.37 -10.81
N GLY LA 26 61.24 -14.25 -11.73
CA GLY LA 26 62.02 -14.51 -12.92
C GLY LA 26 62.91 -15.72 -12.85
N LYS LA 27 63.16 -16.25 -11.67
CA LYS LA 27 64.01 -17.42 -11.53
C LYS LA 27 63.29 -18.67 -12.05
N VAL LA 28 64.02 -19.49 -12.80
CA VAL LA 28 63.47 -20.71 -13.38
C VAL LA 28 64.22 -21.89 -12.80
N PHE LA 29 63.49 -22.82 -12.20
CA PHE LA 29 64.05 -24.02 -11.62
C PHE LA 29 63.46 -25.25 -12.29
N GLN LA 30 64.25 -26.31 -12.35
CA GLN LA 30 63.81 -27.58 -12.89
C GLN LA 30 64.18 -28.69 -11.92
N PHE LA 31 63.30 -29.66 -11.78
CA PHE LA 31 63.43 -30.72 -10.80
C PHE LA 31 63.32 -32.07 -11.48
N LEU LA 32 63.99 -33.07 -10.90
CA LEU LA 32 63.95 -34.38 -11.51
C LEU LA 32 62.63 -35.09 -11.24
N ASN LA 33 62.10 -34.96 -10.03
CA ASN LA 33 60.86 -35.63 -9.67
C ASN LA 33 60.14 -34.83 -8.61
N ALA LA 34 58.99 -35.35 -8.18
CA ALA LA 34 58.20 -34.67 -7.16
C ALA LA 34 58.85 -34.72 -5.78
N LYS LA 35 59.73 -35.69 -5.53
CA LYS LA 35 60.48 -35.69 -4.29
C LYS LA 35 61.40 -34.49 -4.19
N CYS LA 36 62.08 -34.15 -5.29
CA CYS LA 36 62.96 -32.99 -5.30
C CYS LA 36 62.15 -31.70 -5.29
N GLU LA 37 61.02 -31.66 -6.00
CA GLU LA 37 60.27 -30.42 -6.06
C GLU LA 37 59.53 -30.15 -4.77
N SER LA 38 59.21 -31.19 -4.01
CA SER LA 38 58.57 -30.97 -2.71
C SER LA 38 59.56 -30.43 -1.71
N ALA LA 39 60.79 -30.93 -1.75
CA ALA LA 39 61.83 -30.42 -0.85
C ALA LA 39 62.16 -28.97 -1.17
N PHE LA 40 62.24 -28.63 -2.46
CA PHE LA 40 62.50 -27.25 -2.83
C PHE LA 40 61.35 -26.34 -2.42
N LEU LA 41 60.12 -26.75 -2.68
CA LEU LA 41 58.98 -25.90 -2.39
C LEU LA 41 58.74 -25.75 -0.90
N SER LA 42 59.22 -26.68 -0.09
CA SER LA 42 59.13 -26.58 1.36
C SER LA 42 60.32 -25.87 1.96
N LYS LA 43 61.12 -25.18 1.14
CA LYS LA 43 62.25 -24.38 1.59
C LYS LA 43 63.25 -25.20 2.38
N ARG LA 44 63.47 -26.44 1.95
CA ARG LA 44 64.44 -27.30 2.60
C ARG LA 44 65.81 -27.06 1.98
N ASN LA 45 66.84 -27.08 2.81
CA ASN LA 45 68.19 -26.81 2.35
C ASN LA 45 68.77 -28.07 1.72
N PRO LA 46 69.18 -28.04 0.45
CA PRO LA 46 69.73 -29.25 -0.17
C PRO LA 46 71.04 -29.71 0.45
N ARG LA 47 71.79 -28.84 1.11
CA ARG LA 47 73.04 -29.24 1.73
C ARG LA 47 72.83 -30.06 3.00
N GLN LA 48 71.60 -30.17 3.49
CA GLN LA 48 71.30 -30.96 4.67
C GLN LA 48 70.59 -32.26 4.34
N ILE LA 49 70.54 -32.63 3.05
CA ILE LA 49 69.85 -33.83 2.59
C ILE LA 49 70.89 -34.76 2.00
N ASN LA 50 71.03 -35.95 2.58
CA ASN LA 50 72.25 -36.72 2.39
C ASN LA 50 72.42 -37.23 0.97
N TRP LA 51 71.34 -37.45 0.24
CA TRP LA 51 71.47 -37.97 -1.12
C TRP LA 51 71.69 -36.88 -2.16
N THR LA 52 71.53 -35.62 -1.79
CA THR LA 52 71.78 -34.52 -2.70
C THR LA 52 73.28 -34.41 -2.98
N VAL LA 53 73.63 -34.05 -4.21
CA VAL LA 53 75.04 -33.91 -4.56
C VAL LA 53 75.66 -32.73 -3.84
N LEU LA 54 74.87 -31.75 -3.41
CA LEU LA 54 75.40 -30.63 -2.65
C LEU LA 54 75.87 -31.09 -1.27
N TYR LA 55 75.15 -32.03 -0.67
CA TYR LA 55 75.60 -32.59 0.60
C TYR LA 55 76.86 -33.42 0.42
N ARG LA 56 76.87 -34.28 -0.60
CA ARG LA 56 78.03 -35.14 -0.83
C ARG LA 56 79.26 -34.35 -1.23
N ARG LA 57 79.09 -33.12 -1.69
CA ARG LA 57 80.22 -32.25 -1.98
C ARG LA 57 80.63 -31.44 -0.77
N LYS LA 58 79.67 -30.98 0.03
CA LYS LA 58 79.99 -30.24 1.24
C LYS LA 58 80.68 -31.15 2.26
N HIS LA 59 80.22 -32.38 2.39
CA HIS LA 59 80.84 -33.35 3.28
C HIS LA 59 81.95 -34.14 2.62
N LYS LA 60 82.25 -33.85 1.35
CA LYS LA 60 83.34 -34.48 0.62
C LYS LA 60 83.20 -36.00 0.59
N LYS LA 61 82.02 -36.46 0.25
CA LYS LA 61 81.71 -37.88 0.24
C LYS LA 61 82.04 -38.44 -1.14
N GLY LA 62 82.91 -39.45 -1.17
CA GLY LA 62 83.22 -40.18 -2.37
C GLY LA 62 84.37 -39.62 -3.18
N GLN LA 63 84.78 -38.39 -2.95
CA GLN LA 63 85.89 -37.79 -3.68
C GLN LA 63 86.78 -36.97 -2.76
N THR LA 72 98.80 -23.22 -18.67
CA THR LA 72 100.13 -23.44 -18.13
C THR LA 72 100.89 -22.12 -18.00
N ARG LA 73 102.16 -22.21 -17.62
CA ARG LA 73 103.01 -21.05 -17.41
C ARG LA 73 104.10 -20.99 -18.48
N ARG LA 74 104.25 -19.81 -19.08
CA ARG LA 74 105.27 -19.60 -20.10
C ARG LA 74 105.49 -18.10 -20.26
N ALA LA 75 106.60 -17.74 -20.90
CA ALA LA 75 106.90 -16.34 -21.18
C ALA LA 75 107.71 -16.31 -22.48
N VAL LA 76 107.02 -16.07 -23.59
CA VAL LA 76 107.61 -16.11 -24.92
C VAL LA 76 107.70 -14.69 -25.45
N LYS LA 77 108.91 -14.26 -25.78
CA LYS LA 77 109.15 -12.95 -26.39
C LYS LA 77 109.49 -13.16 -27.85
N PHE LA 78 108.67 -12.59 -28.74
CA PHE LA 78 108.88 -12.71 -30.18
C PHE LA 78 109.47 -11.40 -30.69
N GLN LA 79 110.62 -11.49 -31.35
CA GLN LA 79 111.26 -10.30 -31.89
C GLN LA 79 110.54 -9.84 -33.14
N ARG LA 80 110.47 -8.51 -33.32
CA ARG LA 80 109.78 -7.93 -34.46
C ARG LA 80 110.56 -6.74 -34.98
N ALA LA 81 110.39 -6.48 -36.27
CA ALA LA 81 110.97 -5.29 -36.88
C ALA LA 81 110.19 -4.06 -36.43
N ILE LA 82 110.86 -2.91 -36.49
CA ILE LA 82 110.23 -1.64 -36.16
C ILE LA 82 110.53 -0.65 -37.28
N THR LA 83 109.75 0.43 -37.31
CA THR LA 83 109.96 1.48 -38.29
C THR LA 83 111.33 2.13 -38.08
N GLY LA 84 112.09 2.26 -39.17
CA GLY LA 84 113.41 2.84 -39.13
C GLY LA 84 114.53 1.85 -38.93
N ALA LA 85 114.29 0.80 -38.17
CA ALA LA 85 115.31 -0.21 -37.88
C ALA LA 85 114.70 -1.59 -38.11
N SER LA 86 115.10 -2.24 -39.19
CA SER LA 86 114.59 -3.57 -39.50
C SER LA 86 115.13 -4.60 -38.50
N LEU LA 87 114.69 -5.84 -38.67
CA LEU LA 87 115.19 -6.91 -37.82
C LEU LA 87 116.68 -7.10 -38.00
N ALA LA 88 117.15 -7.07 -39.25
CA ALA LA 88 118.59 -7.12 -39.50
C ALA LA 88 119.30 -5.90 -38.93
N ASP LA 89 118.66 -4.74 -38.96
CA ASP LA 89 119.26 -3.54 -38.38
C ASP LA 89 119.48 -3.71 -36.88
N ILE LA 90 118.45 -4.15 -36.16
CA ILE LA 90 118.61 -4.31 -34.72
C ILE LA 90 119.56 -5.44 -34.41
N MET LA 91 119.62 -6.47 -35.27
CA MET LA 91 120.60 -7.54 -35.07
C MET LA 91 122.03 -7.01 -35.20
N ALA LA 92 122.28 -6.20 -36.23
CA ALA LA 92 123.60 -5.62 -36.41
C ALA LA 92 123.95 -4.68 -35.27
N LYS LA 93 122.95 -3.97 -34.72
CA LYS LA 93 123.22 -3.09 -33.60
C LYS LA 93 123.53 -3.87 -32.32
N ARG LA 94 122.80 -4.95 -32.06
CA ARG LA 94 122.99 -5.70 -30.83
C ARG LA 94 124.16 -6.68 -30.91
N ASN LA 95 124.69 -6.92 -32.11
CA ASN LA 95 125.86 -7.78 -32.27
C ASN LA 95 127.16 -7.00 -32.36
N GLN LA 96 127.20 -5.79 -31.80
CA GLN LA 96 128.41 -4.98 -31.75
C GLN LA 96 129.30 -5.35 -30.56
N LYS LA 97 129.09 -6.52 -29.98
CA LYS LA 97 129.91 -6.97 -28.86
C LYS LA 97 131.40 -7.06 -29.16
N PRO LA 98 131.87 -7.62 -30.32
CA PRO LA 98 133.32 -7.79 -30.47
C PRO LA 98 134.06 -6.48 -30.66
N GLU LA 99 134.29 -5.78 -29.55
CA GLU LA 99 135.19 -4.62 -29.46
C GLU LA 99 134.67 -3.39 -30.17
N VAL LA 100 133.55 -3.53 -30.90
CA VAL LA 100 132.94 -2.36 -31.51
C VAL LA 100 132.31 -1.48 -30.46
N ARG LA 101 131.67 -2.09 -29.46
CA ARG LA 101 131.12 -1.34 -28.34
C ARG LA 101 132.22 -0.63 -27.56
N LYS LA 102 133.36 -1.30 -27.37
CA LYS LA 102 134.50 -0.67 -26.71
C LYS LA 102 135.06 0.48 -27.55
N ALA LA 103 135.09 0.31 -28.87
CA ALA LA 103 135.54 1.39 -29.76
C ALA LA 103 134.62 2.60 -29.65
N GLN LA 104 133.31 2.36 -29.62
CA GLN LA 104 132.37 3.46 -29.44
C GLN LA 104 132.56 4.12 -28.07
N ARG LA 105 132.81 3.32 -27.03
CA ARG LA 105 133.03 3.88 -25.71
C ARG LA 105 134.28 4.75 -25.67
N GLU LA 106 135.38 4.29 -26.29
CA GLU LA 106 136.60 5.08 -26.26
C GLU LA 106 136.51 6.33 -27.16
N GLN LA 107 135.77 6.24 -28.27
CA GLN LA 107 135.60 7.44 -29.07
C GLN LA 107 134.70 8.45 -28.35
N ALA LA 108 133.71 7.97 -27.59
CA ALA LA 108 132.95 8.87 -26.73
C ALA LA 108 133.84 9.49 -25.66
N ILE LA 109 134.77 8.70 -25.11
CA ILE LA 109 135.69 9.22 -24.09
C ILE LA 109 136.55 10.34 -24.67
N ARG LA 110 137.13 10.12 -25.86
CA ARG LA 110 137.97 11.15 -26.46
C ARG LA 110 137.15 12.34 -26.93
N ALA LA 111 135.90 12.12 -27.35
CA ALA LA 111 135.03 13.26 -27.68
C ALA LA 111 134.75 14.11 -26.45
N ALA LA 112 134.48 13.47 -25.32
CA ALA LA 112 134.29 14.23 -24.08
C ALA LA 112 135.56 14.96 -23.69
N LYS LA 113 136.71 14.31 -23.86
CA LYS LA 113 137.98 14.94 -23.51
C LYS LA 113 138.25 16.16 -24.37
N GLU LA 114 138.04 16.04 -25.68
CA GLU LA 114 138.27 17.18 -26.56
C GLU LA 114 137.26 18.29 -26.31
N ALA LA 115 136.01 17.94 -25.98
CA ALA LA 115 135.02 18.95 -25.63
C ALA LA 115 135.42 19.70 -24.37
N LYS LA 116 135.92 18.98 -23.36
CA LYS LA 116 136.31 19.62 -22.12
C LYS LA 116 137.54 20.49 -22.32
N LYS LA 117 138.51 20.03 -23.13
CA LYS LA 117 139.67 20.87 -23.41
C LYS LA 117 139.28 22.12 -24.20
N ALA LA 118 138.36 21.98 -25.15
CA ALA LA 118 137.87 23.14 -25.88
C ALA LA 118 137.15 24.11 -24.97
N LYS LA 119 136.36 23.58 -24.02
CA LYS LA 119 135.67 24.44 -23.06
C LYS LA 119 136.66 25.19 -22.17
N GLN LA 120 137.70 24.49 -21.71
CA GLN LA 120 138.72 25.16 -20.90
C GLN LA 120 139.44 26.24 -21.69
N ALA LA 121 139.77 25.95 -22.96
CA ALA LA 121 140.44 26.95 -23.80
C ALA LA 121 139.55 28.16 -24.04
N SER LA 122 138.26 27.93 -24.30
CA SER LA 122 137.35 29.04 -24.57
C SER LA 122 137.12 29.87 -23.32
N LYS LA 123 136.97 29.22 -22.15
CA LYS LA 123 136.80 29.96 -20.91
C LYS LA 123 138.04 30.76 -20.56
N LYS LA 124 139.21 30.17 -20.76
CA LYS LA 124 140.47 30.86 -20.46
C LYS LA 124 141.06 31.48 -21.72
N ILE MA 1 68.50 -88.68 42.86
CA ILE MA 1 69.45 -87.61 42.59
C ILE MA 1 69.34 -87.18 41.13
N MET MA 2 69.75 -85.95 40.83
CA MET MA 2 69.63 -85.41 39.49
C MET MA 2 70.67 -86.03 38.56
N ASN MA 3 70.38 -85.98 37.27
CA ASN MA 3 71.28 -86.45 36.24
C ASN MA 3 71.03 -85.64 34.97
N GLN MA 4 71.76 -85.97 33.91
CA GLN MA 4 71.67 -85.20 32.67
C GLN MA 4 70.29 -85.34 32.02
N GLU MA 5 69.80 -86.57 31.88
CA GLU MA 5 68.48 -86.78 31.30
C GLU MA 5 67.39 -86.22 32.21
N LYS MA 6 67.56 -86.34 33.53
CA LYS MA 6 66.60 -85.80 34.46
C LYS MA 6 66.48 -84.29 34.31
N LEU MA 7 67.61 -83.59 34.20
CA LEU MA 7 67.56 -82.14 33.97
C LEU MA 7 67.04 -81.80 32.57
N ALA MA 8 67.37 -82.62 31.57
CA ALA MA 8 66.90 -82.36 30.22
C ALA MA 8 65.39 -82.41 30.13
N LYS MA 9 64.77 -83.38 30.80
CA LYS MA 9 63.32 -83.39 30.85
C LYS MA 9 62.76 -82.38 31.83
N LEU MA 10 63.52 -82.02 32.88
CA LEU MA 10 63.07 -81.01 33.83
C LEU MA 10 62.92 -79.65 33.16
N GLN MA 11 63.81 -79.34 32.23
CA GLN MA 11 63.72 -78.05 31.53
C GLN MA 11 62.40 -77.93 30.80
N ALA MA 12 61.98 -79.00 30.12
CA ALA MA 12 60.69 -78.97 29.43
C ALA MA 12 59.54 -78.99 30.43
N GLN MA 13 59.69 -79.71 31.54
CA GLN MA 13 58.61 -79.84 32.50
C GLN MA 13 58.36 -78.56 33.29
N VAL MA 14 59.37 -77.70 33.43
CA VAL MA 14 59.25 -76.51 34.25
C VAL MA 14 58.55 -75.38 33.50
N ARG MA 15 58.94 -75.10 32.26
CA ARG MA 15 58.33 -74.01 31.51
C ARG MA 15 56.87 -74.34 31.18
N ILE MA 16 55.98 -73.42 31.50
CA ILE MA 16 54.56 -73.59 31.19
C ILE MA 16 54.09 -72.38 30.41
N GLY MA 17 55.03 -71.75 29.69
CA GLY MA 17 54.72 -70.56 28.93
C GLY MA 17 55.99 -69.99 28.34
N GLY MA 18 55.83 -68.84 27.70
CA GLY MA 18 56.92 -68.16 27.04
C GLY MA 18 57.64 -67.20 27.97
N LYS MA 19 58.33 -66.24 27.36
CA LYS MA 19 59.09 -65.26 28.13
C LYS MA 19 58.15 -64.37 28.92
N GLY MA 20 58.47 -64.18 30.20
CA GLY MA 20 57.66 -63.36 31.07
C GLY MA 20 56.64 -64.12 31.89
N THR MA 21 56.63 -65.45 31.85
CA THR MA 21 55.70 -66.26 32.62
C THR MA 21 56.44 -66.96 33.74
N ALA MA 22 55.73 -67.16 34.85
CA ALA MA 22 56.33 -67.78 36.02
C ALA MA 22 56.57 -69.27 35.77
N ARG MA 23 57.78 -69.73 36.12
CA ARG MA 23 58.11 -71.14 36.00
C ARG MA 23 57.30 -71.97 36.99
N ARG MA 24 56.99 -73.19 36.59
CA ARG MA 24 56.31 -74.12 37.48
C ARG MA 24 57.21 -74.50 38.63
N LYS MA 25 56.64 -74.53 39.83
CA LYS MA 25 57.44 -74.77 41.03
C LYS MA 25 57.48 -76.25 41.41
N LYS MA 26 56.33 -76.91 41.44
CA LYS MA 26 56.27 -78.27 41.94
C LYS MA 26 55.14 -79.02 41.25
N LYS MA 27 55.24 -80.35 41.27
CA LYS MA 27 54.17 -81.21 40.77
C LYS MA 27 54.29 -82.54 41.49
N VAL MA 28 53.24 -82.91 42.23
CA VAL MA 28 53.24 -84.10 43.07
C VAL MA 28 52.04 -84.95 42.69
N VAL MA 29 52.19 -86.27 42.85
CA VAL MA 29 51.08 -87.21 42.76
C VAL MA 29 51.03 -87.99 44.08
N HIS MA 30 49.99 -87.74 44.87
CA HIS MA 30 49.90 -88.23 46.24
C HIS MA 30 48.51 -88.78 46.51
N ARG MA 31 48.44 -89.75 47.42
CA ARG MA 31 47.18 -90.38 47.79
C ARG MA 31 46.76 -90.01 49.20
P A2M NA 398 13.11 -93.96 14.38
OP1 A2M NA 398 11.64 -93.70 14.50
O5' A2M NA 398 13.71 -94.42 12.73
C5' A2M NA 398 13.54 -93.50 11.76
C4' A2M NA 398 14.63 -93.70 10.72
O4' A2M NA 398 15.86 -93.88 11.38
C3' A2M NA 398 14.40 -94.95 9.94
O3' A2M NA 398 13.31 -94.73 9.12
C2' A2M NA 398 15.80 -95.19 9.37
O2' A2M NA 398 16.20 -94.26 8.43
C1' A2M NA 398 16.52 -94.93 10.69
CM' A2M NA 398 17.56 -94.43 8.12
N9 A2M NA 398 16.68 -96.06 11.56
C8 A2M NA 398 15.99 -96.49 12.70
N7 A2M NA 398 16.50 -97.62 13.22
C5 A2M NA 398 17.56 -97.91 12.38
C6 A2M NA 398 18.49 -98.93 12.34
N6 A2M NA 398 18.51 -99.94 13.27
N1 A2M NA 398 19.45 -98.99 11.39
C2 A2M NA 398 19.44 -98.00 10.48
N3 A2M NA 398 18.62 -96.95 10.37
C4 A2M NA 398 17.69 -96.96 11.35
OP2 A2M NA 398 13.70 -95.18 15.00
P A2M NA 400 13.25 -101.72 5.11
OP1 A2M NA 400 12.33 -101.55 3.96
O5' A2M NA 400 14.40 -103.06 4.99
C5' A2M NA 400 15.32 -102.96 4.03
C4' A2M NA 400 16.21 -104.16 4.10
O4' A2M NA 400 17.08 -104.01 5.19
C3' A2M NA 400 15.39 -105.40 4.33
O3' A2M NA 400 14.88 -105.75 3.10
C2' A2M NA 400 16.38 -106.31 5.01
O2' A2M NA 400 17.29 -106.87 4.12
C1' A2M NA 400 17.07 -105.24 5.86
CM' A2M NA 400 18.35 -107.47 4.81
N9 A2M NA 400 16.53 -105.02 7.17
C8 A2M NA 400 15.68 -104.06 7.68
N7 A2M NA 400 15.43 -104.22 8.99
C5 A2M NA 400 16.19 -105.34 9.31
C6 A2M NA 400 16.40 -106.04 10.47
N6 A2M NA 400 15.79 -105.68 11.65
N1 A2M NA 400 17.20 -107.13 10.54
C2 A2M NA 400 17.78 -107.47 9.38
N3 A2M NA 400 17.69 -106.92 8.18
C4 A2M NA 400 16.87 -105.85 8.20
OP2 A2M NA 400 12.70 -102.21 6.42
P OMG NA 902 -18.84 -65.95 -17.96
OP1 OMG NA 902 -20.04 -66.87 -18.03
OP2 OMG NA 902 -18.64 -64.82 -18.96
O5' OMG NA 902 -18.81 -65.30 -16.52
C5' OMG NA 902 -19.41 -65.97 -15.43
C4' OMG NA 902 -19.25 -65.19 -14.15
O4' OMG NA 902 -17.86 -64.88 -13.94
C3' OMG NA 902 -19.92 -63.84 -14.09
O3' OMG NA 902 -21.31 -63.91 -13.91
C2' OMG NA 902 -19.17 -63.19 -12.94
O2' OMG NA 902 -19.58 -63.78 -11.71
CM2 OMG NA 902 -19.00 -63.17 -10.59
C1' OMG NA 902 -17.76 -63.66 -13.23
N9 OMG NA 902 -17.02 -62.70 -14.06
C8 OMG NA 902 -16.72 -62.82 -15.39
N7 OMG NA 902 -16.04 -61.81 -15.81
C5 OMG NA 902 -15.89 -60.99 -14.73
C6 OMG NA 902 -15.23 -59.76 -14.60
O6 OMG NA 902 -14.64 -59.13 -15.45
N1 OMG NA 902 -15.33 -59.28 -13.30
C2 OMG NA 902 -15.97 -59.89 -12.28
N2 OMG NA 902 -15.95 -59.27 -11.10
N3 OMG NA 902 -16.56 -61.04 -12.40
C4 OMG NA 902 -16.50 -61.54 -13.63
P 1MA NA 908 -20.05 -55.48 -23.72
OP1 1MA NA 908 -20.30 -56.83 -24.37
OP2 1MA NA 908 -20.83 -55.07 -22.50
O5' 1MA NA 908 -18.51 -55.38 -23.37
C5' 1MA NA 908 -17.52 -55.72 -24.33
C4' 1MA NA 908 -16.28 -56.28 -23.68
O4' 1MA NA 908 -15.73 -55.29 -22.79
C3' 1MA NA 908 -16.49 -57.54 -22.85
O3' 1MA NA 908 -15.41 -58.44 -23.08
C2' 1MA NA 908 -16.43 -57.03 -21.42
O2' 1MA NA 908 -16.00 -57.99 -20.47
C1' 1MA NA 908 -15.43 -55.89 -21.55
N9 1MA NA 908 -15.58 -54.86 -20.53
C8 1MA NA 908 -16.52 -54.80 -19.55
N7 1MA NA 908 -16.38 -53.75 -18.80
C5 1MA NA 908 -15.31 -53.10 -19.32
C6 1MA NA 908 -14.70 -51.88 -18.89
N6 1MA NA 908 -15.09 -51.19 -17.91
N1 1MA NA 908 -13.60 -51.56 -19.71
CM1 1MA NA 908 -12.89 -50.35 -19.38
C2 1MA NA 908 -13.20 -52.32 -20.75
N3 1MA NA 908 -13.74 -53.42 -21.13
C4 1MA NA 908 -14.80 -53.77 -20.38
P A2M NA 909 -15.53 -59.55 -24.23
OP1 A2M NA 909 -16.08 -59.01 -25.50
O5' A2M NA 909 -13.89 -60.27 -24.32
C5' A2M NA 909 -13.48 -60.96 -23.26
C4' A2M NA 909 -11.99 -60.77 -23.09
O4' A2M NA 909 -11.43 -60.59 -24.34
C3' A2M NA 909 -11.70 -59.54 -22.26
O3' A2M NA 909 -11.86 -59.92 -20.94
C2' A2M NA 909 -10.34 -59.12 -22.77
O2' A2M NA 909 -9.31 -59.87 -22.22
C1' A2M NA 909 -10.52 -59.52 -24.23
CM' A2M NA 909 -8.20 -59.07 -21.97
N9 A2M NA 909 -10.87 -58.52 -25.20
C8 A2M NA 909 -11.92 -58.43 -26.11
N7 A2M NA 909 -11.87 -57.34 -26.87
C5 A2M NA 909 -10.72 -56.72 -26.45
C6 A2M NA 909 -10.09 -55.57 -26.81
N6 A2M NA 909 -10.58 -54.75 -27.81
N1 A2M NA 909 -8.95 -55.14 -26.24
C2 A2M NA 909 -8.47 -55.94 -25.27
N3 A2M NA 909 -8.95 -57.09 -24.79
C4 A2M NA 909 -10.08 -57.43 -25.42
OP2 A2M NA 909 -16.11 -60.81 -23.66
P A2M NA 912 -9.11 -49.93 -18.41
OP1 A2M NA 912 -9.76 -50.74 -19.47
O5' A2M NA 912 -9.46 -51.16 -17.14
C5' A2M NA 912 -9.07 -50.88 -15.90
C4' A2M NA 912 -10.30 -50.82 -15.00
O4' A2M NA 912 -11.43 -50.88 -15.82
C3' A2M NA 912 -10.36 -51.98 -14.02
O3' A2M NA 912 -9.55 -51.61 -12.98
C2' A2M NA 912 -11.86 -52.09 -13.79
O2' A2M NA 912 -12.34 -51.14 -12.89
C1' A2M NA 912 -12.33 -51.74 -15.20
CM' A2M NA 912 -13.72 -51.11 -12.86
N9 A2M NA 912 -12.57 -52.83 -16.09
C8 A2M NA 912 -11.91 -53.29 -17.22
N7 A2M NA 912 -12.50 -54.36 -17.76
C5 A2M NA 912 -13.57 -54.59 -16.93
C6 A2M NA 912 -14.57 -55.53 -16.90
N6 A2M NA 912 -14.65 -56.51 -17.85
N1 A2M NA 912 -15.53 -55.54 -15.96
C2 A2M NA 912 -15.44 -54.58 -15.04
N3 A2M NA 912 -14.56 -53.60 -14.91
C4 A2M NA 912 -13.63 -53.66 -15.89
OP2 A2M NA 912 -9.60 -48.55 -18.14
N1 OMC NA 926 -40.15 -68.69 7.78
C2 OMC NA 926 -40.26 -67.38 8.24
N3 OMC NA 926 -40.32 -66.39 7.35
C4 OMC NA 926 -40.25 -66.62 6.06
C5 OMC NA 926 -40.13 -67.94 5.55
C6 OMC NA 926 -40.09 -68.91 6.46
O2 OMC NA 926 -40.32 -67.17 9.44
N4 OMC NA 926 -40.32 -65.60 5.23
C1' OMC NA 926 -40.04 -69.86 8.69
C2' OMC NA 926 -41.39 -70.29 9.27
O2' OMC NA 926 -41.16 -70.85 10.55
CM2 OMC NA 926 -40.62 -69.94 11.48
C3' OMC NA 926 -41.77 -71.39 8.28
C4' OMC NA 926 -40.44 -72.05 8.03
O4' OMC NA 926 -39.51 -70.95 7.99
O3' OMC NA 926 -42.78 -72.26 8.75
C5' OMC NA 926 -40.33 -72.85 6.75
O5' OMC NA 926 -40.72 -72.05 5.64
P OMC NA 926 -40.14 -72.35 4.19
OP1 OMC NA 926 -40.41 -73.80 3.87
OP2 OMC NA 926 -40.64 -71.26 3.26
P OMG NA 1108 -22.71 -58.67 8.37
OP1 OMG NA 1108 -22.21 -58.74 9.79
OP2 OMG NA 1108 -24.21 -58.66 8.08
O5' OMG NA 1108 -22.10 -57.40 7.68
C5' OMG NA 1108 -20.70 -57.24 7.56
C4' OMG NA 1108 -20.34 -56.06 6.70
O4' OMG NA 1108 -20.84 -56.26 5.35
C3' OMG NA 1108 -20.97 -54.75 7.10
O3' OMG NA 1108 -20.34 -54.16 8.22
C2' OMG NA 1108 -20.87 -53.94 5.82
O2' OMG NA 1108 -19.56 -53.44 5.65
CM2 OMG NA 1108 -19.53 -52.25 4.92
C1' OMG NA 1108 -21.13 -55.02 4.77
N9 OMG NA 1108 -22.55 -55.01 4.38
C8 OMG NA 1108 -23.57 -55.76 4.90
N7 OMG NA 1108 -24.70 -55.47 4.35
C5 OMG NA 1108 -24.43 -54.49 3.46
C6 OMG NA 1108 -25.27 -53.78 2.58
O6 OMG NA 1108 -26.47 -53.90 2.42
N1 OMG NA 1108 -24.56 -52.85 1.84
C2 OMG NA 1108 -23.22 -52.62 1.93
N2 OMG NA 1108 -22.72 -51.67 1.13
N3 OMG NA 1108 -22.45 -53.27 2.74
C4 OMG NA 1108 -23.09 -54.18 3.47
P A2M NA 1110 -18.44 -48.74 11.86
OP1 A2M NA 1110 -17.36 -49.54 12.50
O5' A2M NA 1110 -18.13 -47.00 11.75
C5' A2M NA 1110 -17.45 -46.61 10.67
C4' A2M NA 1110 -17.89 -45.22 10.32
O4' A2M NA 1110 -18.98 -45.26 9.48
C3' A2M NA 1110 -18.35 -44.50 11.56
O3' A2M NA 1110 -17.23 -44.24 12.29
C2' A2M NA 1110 -19.15 -43.35 10.97
O2' A2M NA 1110 -18.41 -42.20 10.73
C1' A2M NA 1110 -19.55 -43.99 9.61
CM' A2M NA 1110 -18.91 -41.14 11.48
N9 A2M NA 1110 -20.96 -44.01 9.36
C8 A2M NA 1110 -21.77 -43.25 8.54
N7 A2M NA 1110 -23.06 -43.58 8.61
C5 A2M NA 1110 -23.06 -44.60 9.52
C6 A2M NA 1110 -24.06 -45.40 10.06
N6 A2M NA 1110 -25.38 -45.25 9.69
N1 A2M NA 1110 -23.81 -46.34 10.95
C2 A2M NA 1110 -22.52 -46.49 11.30
N3 A2M NA 1110 -21.44 -45.82 10.90
C4 A2M NA 1110 -21.78 -44.88 10.01
OP2 A2M NA 1110 -19.75 -48.56 12.57
P A2M NA 1120 -0.12 -45.69 36.90
OP1 A2M NA 1120 -0.80 -46.56 37.91
O5' A2M NA 1120 -0.11 -46.98 35.61
C5' A2M NA 1120 0.36 -48.20 35.97
C4' A2M NA 1120 1.78 -48.45 35.44
O4' A2M NA 1120 2.12 -49.76 35.71
C3' A2M NA 1120 1.90 -48.25 33.95
O3' A2M NA 1120 3.23 -48.01 33.72
C2' A2M NA 1120 1.37 -49.57 33.41
O2' A2M NA 1120 1.92 -49.93 32.19
C1' A2M NA 1120 1.96 -50.48 34.51
CM' A2M NA 1120 1.43 -49.12 31.18
N9 A2M NA 1120 1.24 -51.67 34.82
C8 A2M NA 1120 -0.06 -51.89 35.24
N7 A2M NA 1120 -0.33 -53.17 35.45
C5 A2M NA 1120 0.85 -53.80 35.14
C6 A2M NA 1120 1.25 -55.12 35.15
N6 A2M NA 1120 0.39 -56.13 35.51
N1 A2M NA 1120 2.48 -55.50 34.82
C2 A2M NA 1120 3.32 -54.51 34.46
N3 A2M NA 1120 3.11 -53.19 34.41
C4 A2M NA 1120 1.84 -52.90 34.76
OP2 A2M NA 1120 1.21 -45.09 37.23
N1 PSU NA 1122 1.36 -42.25 32.49
C2 PSU NA 1122 0.06 -42.02 32.85
N3 PSU NA 1122 -0.78 -41.35 32.01
C4 PSU NA 1122 -0.33 -40.92 30.79
C5 PSU NA 1122 0.99 -41.15 30.42
C6 PSU NA 1122 1.82 -41.83 31.30
O2 PSU NA 1122 -0.34 -42.41 33.93
O4 PSU NA 1122 -1.09 -40.32 30.04
C1' PSU NA 1122 1.54 -40.71 29.11
C2' PSU NA 1122 1.71 -39.20 29.05
O2' PSU NA 1122 1.54 -38.77 27.71
C3' PSU NA 1122 3.16 -39.05 29.47
C4' PSU NA 1122 3.81 -40.23 28.81
O3' PSU NA 1122 3.76 -37.83 29.09
O4' PSU NA 1122 2.82 -41.28 28.95
C5' PSU NA 1122 5.12 -40.65 29.43
O5' PSU NA 1122 5.31 -42.05 29.36
P PSU NA 1122 5.83 -42.84 30.61
OP1 PSU NA 1122 7.29 -42.65 30.70
OP2 PSU NA 1122 4.99 -42.48 31.76
N1 PSU NA 1168 28.20 -32.01 31.19
C2 PSU NA 1168 27.77 -32.44 32.41
N3 PSU NA 1168 28.29 -33.60 32.94
C4 PSU NA 1168 29.21 -34.32 32.23
C5 PSU NA 1168 29.63 -33.88 30.99
C6 PSU NA 1168 29.10 -32.70 30.49
O2 PSU NA 1168 26.94 -31.80 33.05
O4 PSU NA 1168 29.65 -35.35 32.75
C1' PSU NA 1168 30.65 -34.58 30.14
C2' PSU NA 1168 30.35 -36.05 29.88
O2' PSU NA 1168 31.57 -36.71 29.62
C3' PSU NA 1168 29.53 -35.96 28.60
C4' PSU NA 1168 30.20 -34.83 27.86
O3' PSU NA 1168 29.50 -37.15 27.85
O4' PSU NA 1168 30.63 -33.92 28.91
C5' PSU NA 1168 29.34 -34.10 26.88
O5' PSU NA 1168 30.07 -33.08 26.23
P PSU NA 1168 29.37 -32.15 25.15
OP1 PSU NA 1168 29.27 -32.94 23.91
OP2 PSU NA 1168 28.17 -31.56 25.76
P OMG NA 1211 -19.22 -40.45 28.37
OP1 OMG NA 1211 -19.87 -40.85 29.68
OP2 OMG NA 1211 -19.51 -41.22 27.11
O5' OMG NA 1211 -19.56 -38.92 28.09
C5' OMG NA 1211 -19.77 -38.01 29.17
C4' OMG NA 1211 -19.03 -36.72 28.95
O4' OMG NA 1211 -18.19 -36.84 27.78
C3' OMG NA 1211 -19.92 -35.50 28.71
O3' OMG NA 1211 -19.25 -34.35 29.22
C2' OMG NA 1211 -19.97 -35.42 27.19
O2' OMG NA 1211 -20.22 -34.12 26.69
CM2 OMG NA 1211 -21.52 -33.66 26.92
C1' OMG NA 1211 -18.58 -35.89 26.81
N9 OMG NA 1211 -18.52 -36.56 25.51
C8 OMG NA 1211 -18.23 -37.89 25.29
N7 OMG NA 1211 -18.25 -38.20 24.04
C5 OMG NA 1211 -18.58 -37.05 23.39
C6 OMG NA 1211 -18.75 -36.79 22.02
O6 OMG NA 1211 -18.64 -37.57 21.10
N1 OMG NA 1211 -19.09 -35.46 21.79
C2 OMG NA 1211 -19.23 -34.52 22.75
N2 OMG NA 1211 -19.55 -33.28 22.34
N3 OMG NA 1211 -19.07 -34.76 24.02
C4 OMG NA 1211 -18.75 -36.02 24.29
N1 PSU NA 1263 -38.74 -33.61 -6.34
C2 PSU NA 1263 -39.35 -33.11 -7.47
N3 PSU NA 1263 -39.63 -33.94 -8.53
C4 PSU NA 1263 -39.29 -35.25 -8.44
C5 PSU NA 1263 -38.67 -35.75 -7.31
C6 PSU NA 1263 -38.41 -34.91 -6.24
O2 PSU NA 1263 -39.65 -31.92 -7.52
O4 PSU NA 1263 -39.52 -36.01 -9.38
C1' PSU NA 1263 -38.33 -37.20 -7.25
C2' PSU NA 1263 -36.83 -37.54 -7.29
O2' PSU NA 1263 -36.60 -38.37 -8.41
C3' PSU NA 1263 -36.64 -38.35 -5.99
C4' PSU NA 1263 -38.03 -38.84 -5.65
O3' PSU NA 1263 -35.73 -39.42 -6.13
O4' PSU NA 1263 -38.89 -37.80 -6.12
C5' PSU NA 1263 -38.29 -39.10 -4.19
O5' PSU NA 1263 -37.87 -38.01 -3.40
P PSU NA 1263 -37.64 -38.19 -1.84
OP1 PSU NA 1263 -38.94 -38.40 -1.19
OP2 PSU NA 1263 -36.58 -39.19 -1.70
N1 PSU NA 1269 -45.28 -47.67 -11.80
C2 PSU NA 1269 -44.61 -47.18 -12.88
N3 PSU NA 1269 -45.16 -46.19 -13.66
C4 PSU NA 1269 -46.41 -45.72 -13.34
C5 PSU NA 1269 -47.08 -46.22 -12.25
C6 PSU NA 1269 -46.50 -47.21 -11.49
O2 PSU NA 1269 -43.50 -47.63 -13.16
O4 PSU NA 1269 -46.90 -44.83 -14.02
C1' PSU NA 1269 -48.43 -45.68 -11.90
C2' PSU NA 1269 -49.50 -46.32 -12.80
O2' PSU NA 1269 -50.54 -45.38 -12.98
C3' PSU NA 1269 -49.97 -47.46 -11.91
C4' PSU NA 1269 -49.95 -46.82 -10.53
O3' PSU NA 1269 -51.24 -47.97 -12.26
O4' PSU NA 1269 -48.76 -45.99 -10.56
C5' PSU NA 1269 -49.89 -47.76 -9.37
O5' PSU NA 1269 -48.79 -48.65 -9.50
P PSU NA 1269 -48.40 -49.62 -8.30
OP1 PSU NA 1269 -49.65 -50.27 -7.88
OP2 PSU NA 1269 -47.24 -50.41 -8.72
N1 PSU NA 1321 -46.39 -7.36 -45.67
C2 PSU NA 1321 -45.39 -8.31 -45.65
N3 PSU NA 1321 -45.02 -8.89 -44.47
C4 PSU NA 1321 -45.65 -8.54 -43.30
C5 PSU NA 1321 -46.65 -7.60 -43.32
C6 PSU NA 1321 -47.02 -7.02 -44.53
O2 PSU NA 1321 -44.81 -8.60 -46.69
O4 PSU NA 1321 -45.32 -9.06 -42.25
C1' PSU NA 1321 -47.38 -7.22 -42.07
C2' PSU NA 1321 -46.64 -6.18 -41.23
O2' PSU NA 1321 -46.89 -6.44 -39.86
C3' PSU NA 1321 -47.33 -4.89 -41.66
C4' PSU NA 1321 -48.76 -5.32 -41.90
O3' PSU NA 1321 -47.25 -3.85 -40.70
O4' PSU NA 1321 -48.63 -6.67 -42.44
C5' PSU NA 1321 -49.52 -4.47 -42.86
O5' PSU NA 1321 -48.80 -4.31 -44.07
P PSU NA 1321 -49.26 -3.29 -45.19
OP1 PSU NA 1321 -49.66 -2.07 -44.46
OP2 PSU NA 1321 -48.22 -3.24 -46.23
N1 PSU NA 1358 -41.97 0.73 -58.63
C2 PSU NA 1358 -40.69 0.99 -58.24
N3 PSU NA 1358 -39.68 0.97 -59.17
C4 PSU NA 1358 -39.96 0.70 -60.48
C5 PSU NA 1358 -41.27 0.43 -60.87
C6 PSU NA 1358 -42.27 0.46 -59.91
O2 PSU NA 1358 -40.43 1.24 -57.07
O4 PSU NA 1358 -39.04 0.69 -61.29
C1' PSU NA 1358 -41.64 0.12 -62.29
C2' PSU NA 1358 -40.99 -1.19 -62.71
O2' PSU NA 1358 -40.80 -1.17 -64.11
C3' PSU NA 1358 -42.06 -2.18 -62.34
C4' PSU NA 1358 -43.32 -1.44 -62.74
O3' PSU NA 1358 -41.92 -3.44 -62.98
O4' PSU NA 1358 -43.03 -0.07 -62.37
C5' PSU NA 1358 -44.59 -1.89 -62.06
O5' PSU NA 1358 -45.74 -1.44 -62.77
P PSU NA 1358 -47.14 -1.31 -62.04
OP1 PSU NA 1358 -48.09 -2.32 -62.57
OP2 PSU NA 1358 -46.88 -1.25 -60.59
N1 PSU NA 1359 -39.99 -2.37 -57.93
C2 PSU NA 1359 -39.47 -2.06 -56.70
N3 PSU NA 1359 -38.11 -1.90 -56.55
C4 PSU NA 1359 -37.28 -2.05 -57.63
C5 PSU NA 1359 -37.82 -2.36 -58.87
C6 PSU NA 1359 -39.19 -2.51 -59.00
O2 PSU NA 1359 -40.21 -1.94 -55.73
O4 PSU NA 1359 -36.08 -1.90 -57.49
C1' PSU NA 1359 -36.93 -2.52 -60.07
C2' PSU NA 1359 -36.21 -3.85 -60.03
O2' PSU NA 1359 -34.96 -3.70 -60.68
C3' PSU NA 1359 -37.14 -4.72 -60.87
C4' PSU NA 1359 -37.58 -3.75 -61.94
O3' PSU NA 1359 -36.53 -5.88 -61.38
O4' PSU NA 1359 -37.72 -2.49 -61.24
C5' PSU NA 1359 -38.87 -4.10 -62.63
O5' PSU NA 1359 -39.93 -4.24 -61.70
P PSU NA 1359 -41.37 -4.69 -62.14
OP1 PSU NA 1359 -41.33 -5.85 -63.06
OP2 PSU NA 1359 -42.17 -4.77 -60.91
N1 PSU NA 1369 -50.67 -19.17 -49.80
C2 PSU NA 1369 -49.44 -19.77 -49.89
N3 PSU NA 1369 -49.00 -20.25 -51.09
C4 PSU NA 1369 -49.78 -20.12 -52.20
C5 PSU NA 1369 -51.03 -19.53 -52.12
C6 PSU NA 1369 -51.45 -19.05 -50.89
O2 PSU NA 1369 -48.74 -19.87 -48.90
O4 PSU NA 1369 -49.37 -20.56 -53.27
C1' PSU NA 1369 -51.91 -19.37 -53.31
C2' PSU NA 1369 -52.48 -20.71 -53.78
O2' PSU NA 1369 -52.62 -20.64 -55.19
C3' PSU NA 1369 -53.84 -20.70 -53.11
C4' PSU NA 1369 -54.25 -19.25 -53.21
O3' PSU NA 1369 -54.77 -21.57 -53.74
O4' PSU NA 1369 -53.00 -18.53 -53.01
C5' PSU NA 1369 -55.28 -18.78 -52.22
O5' PSU NA 1369 -54.75 -18.73 -50.91
P PSU NA 1369 -55.62 -18.24 -49.69
OP1 PSU NA 1369 -57.03 -18.60 -49.92
OP2 PSU NA 1369 -54.94 -18.68 -48.46
N1 PSU NA 1437 -31.33 -39.33 -40.66
C2 PSU NA 1437 -32.16 -39.33 -39.57
N3 PSU NA 1437 -33.53 -39.29 -39.73
C4 PSU NA 1437 -34.05 -39.26 -40.99
C5 PSU NA 1437 -33.21 -39.27 -42.10
C6 PSU NA 1437 -31.85 -39.32 -41.90
O2 PSU NA 1437 -31.68 -39.35 -38.45
O4 PSU NA 1437 -35.27 -39.23 -41.15
C1' PSU NA 1437 -33.80 -39.24 -43.49
C2' PSU NA 1437 -34.09 -37.80 -43.88
O2' PSU NA 1437 -35.20 -37.82 -44.78
C3' PSU NA 1437 -32.81 -37.44 -44.63
C4' PSU NA 1437 -32.50 -38.72 -45.36
O3' PSU NA 1437 -32.93 -36.32 -45.47
O4' PSU NA 1437 -32.88 -39.76 -44.42
C5' PSU NA 1437 -31.06 -38.91 -45.76
O5' PSU NA 1437 -30.20 -38.79 -44.64
P PSU NA 1437 -28.68 -39.24 -44.72
OP1 PSU NA 1437 -28.14 -38.69 -45.99
OP2 PSU NA 1437 -27.97 -38.96 -43.46
N1 PSU NA 1439 -31.34 -32.91 -39.15
C2 PSU NA 1439 -30.53 -33.37 -38.14
N3 PSU NA 1439 -30.90 -33.22 -36.83
C4 PSU NA 1439 -32.08 -32.61 -36.53
C5 PSU NA 1439 -32.89 -32.14 -37.55
C6 PSU NA 1439 -32.50 -32.30 -38.86
O2 PSU NA 1439 -29.47 -33.93 -38.42
O4 PSU NA 1439 -32.40 -32.47 -35.35
C1' PSU NA 1439 -34.19 -31.46 -37.23
C2' PSU NA 1439 -33.88 -30.05 -36.72
O2' PSU NA 1439 -34.88 -29.70 -35.78
C3' PSU NA 1439 -34.04 -29.24 -37.99
C4' PSU NA 1439 -35.23 -29.92 -38.66
O3' PSU NA 1439 -34.24 -27.87 -37.77
O4' PSU NA 1439 -34.99 -31.32 -38.38
C5' PSU NA 1439 -35.36 -29.69 -40.14
O5' PSU NA 1439 -34.30 -30.29 -40.85
P PSU NA 1439 -34.33 -30.36 -42.44
OP1 PSU NA 1439 -34.78 -29.05 -42.95
OP2 PSU NA 1439 -33.02 -30.93 -42.85
P A2M NA 1448 -23.00 -36.69 -26.07
OP1 A2M NA 1448 -22.90 -37.71 -24.99
O5' A2M NA 1448 -24.23 -35.41 -25.81
C5' A2M NA 1448 -24.08 -34.67 -24.73
C4' A2M NA 1448 -25.01 -33.46 -24.79
O4' A2M NA 1448 -24.54 -32.59 -25.77
C3' A2M NA 1448 -26.41 -33.84 -25.20
O3' A2M NA 1448 -26.98 -34.53 -24.16
C2' A2M NA 1448 -26.94 -32.48 -25.57
O2' A2M NA 1448 -27.10 -31.63 -24.50
C1' A2M NA 1448 -25.71 -32.07 -26.37
CM' A2M NA 1448 -27.97 -30.59 -24.82
N9 A2M NA 1448 -25.73 -32.48 -27.73
C8 A2M NA 1448 -25.03 -33.41 -28.47
N7 A2M NA 1448 -25.38 -33.44 -29.75
C5 A2M NA 1448 -26.36 -32.47 -29.82
C6 A2M NA 1448 -27.14 -31.98 -30.83
N6 A2M NA 1448 -27.05 -32.46 -32.13
N1 A2M NA 1448 -28.05 -31.02 -30.65
C2 A2M NA 1448 -28.15 -30.54 -29.40
N3 A2M NA 1448 -27.47 -30.88 -28.31
C4 A2M NA 1448 -26.59 -31.86 -28.59
OP2 A2M NA 1448 -23.59 -37.06 -27.39
N1 OMC NA 1792 -16.21 -66.61 0.25
C2 OMC NA 1792 -16.83 -67.79 0.72
N3 OMC NA 1792 -16.62 -68.92 0.04
C4 OMC NA 1792 -15.86 -68.97 -1.02
C5 OMC NA 1792 -15.23 -67.81 -1.53
C6 OMC NA 1792 -15.44 -66.68 -0.86
O2 OMC NA 1792 -17.52 -67.77 1.71
N4 OMC NA 1792 -15.69 -70.12 -1.63
C1' OMC NA 1792 -16.35 -65.28 0.88
C2' OMC NA 1792 -15.81 -65.24 2.31
O2' OMC NA 1792 -16.52 -64.25 3.03
CM2 OMC NA 1792 -17.91 -64.41 3.07
C3' OMC NA 1792 -14.38 -64.77 2.08
C4' OMC NA 1792 -14.52 -63.83 0.89
O4' OMC NA 1792 -15.62 -64.36 0.11
O3' OMC NA 1792 -13.82 -64.12 3.21
C5' OMC NA 1792 -13.30 -63.71 0.03
O5' OMC NA 1792 -12.24 -63.10 0.73
P OMC NA 1792 -10.78 -63.06 0.12
OP1 OMC NA 1792 -9.89 -62.40 1.16
OP2 OMC NA 1792 -10.47 -64.45 -0.39
P A2M NA 1804 19.77 -64.64 -3.29
OP1 A2M NA 1804 20.81 -63.89 -4.06
O5' A2M NA 1804 18.71 -63.62 -2.28
C5' A2M NA 1804 18.25 -62.50 -2.84
C4' A2M NA 1804 17.23 -61.86 -1.94
O4' A2M NA 1804 16.26 -62.82 -1.68
C3' A2M NA 1804 17.82 -61.47 -0.61
O3' A2M NA 1804 18.49 -60.28 -0.81
C2' A2M NA 1804 16.61 -61.48 0.29
O2' A2M NA 1804 15.79 -60.36 0.13
C1' A2M NA 1804 15.93 -62.69 -0.31
CM' A2M NA 1804 15.78 -59.58 1.29
N9 A2M NA 1804 16.10 -63.97 0.32
C8 A2M NA 1804 16.68 -65.16 -0.10
N7 A2M NA 1804 16.61 -66.12 0.81
C5 A2M NA 1804 15.96 -65.53 1.85
C6 A2M NA 1804 15.56 -65.96 3.09
N6 A2M NA 1804 15.80 -67.25 3.52
N1 A2M NA 1804 14.92 -65.17 3.97
C2 A2M NA 1804 14.68 -63.92 3.56
N3 A2M NA 1804 14.99 -63.33 2.40
C4 A2M NA 1804 15.63 -64.19 1.58
OP2 A2M NA 1804 20.18 -65.51 -2.14
P OMG NA 1805 20.04 -60.14 -0.40
OP1 OMG NA 1805 20.33 -58.65 -0.24
OP2 OMG NA 1805 20.87 -60.98 -1.33
O5' OMG NA 1805 20.12 -60.80 1.04
C5' OMG NA 1805 19.64 -60.12 2.18
C4' OMG NA 1805 19.08 -61.09 3.19
O4' OMG NA 1805 18.59 -62.25 2.52
C3' OMG NA 1805 20.06 -61.65 4.19
O3' OMG NA 1805 20.30 -60.75 5.27
C2' OMG NA 1805 19.39 -62.94 4.64
O2' OMG NA 1805 18.44 -62.66 5.65
CM2 OMG NA 1805 17.62 -63.74 6.01
C1' OMG NA 1805 18.65 -63.37 3.38
N9 OMG NA 1805 19.30 -64.46 2.65
C8 OMG NA 1805 19.85 -64.39 1.40
N7 OMG NA 1805 20.33 -65.52 1.00
C5 OMG NA 1805 20.09 -66.38 2.03
C6 OMG NA 1805 20.41 -67.75 2.17
O6 OMG NA 1805 20.97 -68.46 1.36
N1 OMG NA 1805 19.98 -68.24 3.38
C2 OMG NA 1805 19.34 -67.54 4.35
N2 OMG NA 1805 19.00 -68.21 5.45
N3 OMG NA 1805 19.05 -66.28 4.23
C4 OMG NA 1805 19.45 -65.75 3.07
N1 OMC NA 1806 22.24 -65.93 6.91
C2 OMC NA 1806 22.52 -67.28 6.66
N3 OMC NA 1806 22.89 -67.63 5.43
C4 OMC NA 1806 22.99 -66.76 4.46
C5 OMC NA 1806 22.71 -65.39 4.66
C6 OMC NA 1806 22.33 -65.04 5.90
O2 OMC NA 1806 22.43 -68.08 7.57
N4 OMC NA 1806 23.37 -67.19 3.26
C1' OMC NA 1806 21.81 -65.48 8.25
C2' OMC NA 1806 22.99 -65.06 9.14
O2' OMC NA 1806 22.66 -65.35 10.49
CM2 OMC NA 1806 22.88 -66.69 10.84
C3' OMC NA 1806 23.01 -63.56 8.92
C4' OMC NA 1806 21.53 -63.22 8.82
O4' OMC NA 1806 20.97 -64.36 8.11
O3' OMC NA 1806 23.67 -62.85 9.94
C5' OMC NA 1806 21.19 -61.96 8.08
O5' OMC NA 1806 21.87 -61.90 6.83
P OMC NA 1806 21.75 -60.63 5.92
OP1 OMC NA 1806 21.74 -59.42 6.82
OP2 OMC NA 1806 22.78 -60.74 4.81
P A2M NA 1842 29.33 -60.93 42.41
OP1 A2M NA 1842 29.41 -62.12 43.31
O5' A2M NA 1842 28.63 -59.90 43.69
C5' A2M NA 1842 27.33 -59.69 43.64
C4' A2M NA 1842 26.97 -58.53 44.52
O4' A2M NA 1842 27.48 -57.36 43.94
C3' A2M NA 1842 25.49 -58.37 44.63
O3' A2M NA 1842 25.04 -59.39 45.46
C2' A2M NA 1842 25.36 -56.92 45.03
O2' A2M NA 1842 25.71 -56.66 46.34
C1' A2M NA 1842 26.47 -56.39 44.09
CM' A2M NA 1842 24.71 -55.91 46.97
N9 A2M NA 1842 26.03 -55.98 42.80
C8 A2M NA 1842 26.23 -56.48 41.53
N7 A2M NA 1842 25.61 -55.77 40.59
C5 A2M NA 1842 24.99 -54.76 41.30
C6 A2M NA 1842 24.19 -53.71 40.95
N6 A2M NA 1842 23.85 -53.46 39.64
N1 A2M NA 1842 23.68 -52.86 41.85
C2 A2M NA 1842 24.01 -53.10 43.13
N3 A2M NA 1842 24.77 -54.07 43.64
C4 A2M NA 1842 25.23 -54.89 42.67
OP2 A2M NA 1842 28.53 -61.00 41.15
N1 OMC NA 1863 25.58 -72.11 12.31
C2 OMC NA 1863 26.82 -72.36 12.91
N3 OMC NA 1863 27.13 -71.70 14.03
C4 OMC NA 1863 26.31 -70.82 14.55
C5 OMC NA 1863 25.05 -70.53 13.98
C6 OMC NA 1863 24.75 -71.20 12.86
O2 OMC NA 1863 27.58 -73.17 12.43
N4 OMC NA 1863 26.70 -70.20 15.67
C1' OMC NA 1863 25.14 -72.77 11.06
C2' OMC NA 1863 24.81 -74.24 11.25
O2' OMC NA 1863 25.25 -74.94 10.09
CM2 OMC NA 1863 26.64 -74.96 9.90
C3' OMC NA 1863 23.29 -74.21 11.30
C4' OMC NA 1863 22.97 -73.11 10.32
O4' OMC NA 1863 23.98 -72.12 10.59
O3' OMC NA 1863 22.71 -75.45 10.94
C5' OMC NA 1863 21.60 -72.49 10.44
O5' OMC NA 1863 21.13 -72.50 11.77
P OMC NA 1863 19.60 -72.78 12.10
OP1 OMC NA 1863 19.02 -73.59 10.96
OP2 OMC NA 1863 19.55 -73.34 13.51
P OMG NA 1865 25.04 -80.75 15.38
OP1 OMG NA 1865 25.25 -82.21 15.00
OP2 OMG NA 1865 23.64 -80.22 15.59
O5' OMG NA 1865 25.87 -80.46 16.70
C5' OMG NA 1865 27.22 -80.86 16.82
C4' OMG NA 1865 27.84 -80.29 18.07
O4' OMG NA 1865 27.83 -78.85 17.97
C3' OMG NA 1865 27.09 -80.59 19.36
O3' OMG NA 1865 27.49 -81.81 19.94
C2' OMG NA 1865 27.41 -79.39 20.23
O2' OMG NA 1865 28.68 -79.52 20.82
CM2 OMG NA 1865 29.07 -78.42 21.60
C1' OMG NA 1865 27.48 -78.27 19.20
N9 OMG NA 1865 26.19 -77.58 19.02
C8 OMG NA 1865 25.14 -77.92 18.22
N7 OMG NA 1865 24.17 -77.07 18.27
C5 OMG NA 1865 24.60 -76.12 19.15
C6 OMG NA 1865 23.97 -74.94 19.59
O6 OMG NA 1865 22.87 -74.52 19.29
N1 OMG NA 1865 24.78 -74.24 20.48
C2 OMG NA 1865 26.02 -74.63 20.88
N2 OMG NA 1865 26.65 -73.83 21.75
N3 OMG NA 1865 26.60 -75.71 20.46
C4 OMG NA 1865 25.85 -76.41 19.60
N1 PSU NA 2073 66.26 -55.71 41.92
C2 PSU NA 2073 65.74 -56.88 41.45
N3 PSU NA 2073 65.37 -57.01 40.13
C4 PSU NA 2073 65.51 -55.95 39.28
C5 PSU NA 2073 66.02 -54.76 39.77
C6 PSU NA 2073 66.40 -54.66 41.10
O2 PSU NA 2073 65.62 -57.84 42.21
O4 PSU NA 2073 65.18 -56.06 38.11
C1' PSU NA 2073 66.20 -53.57 38.87
C2' PSU NA 2073 64.87 -52.89 38.53
O2' PSU NA 2073 64.95 -52.41 37.19
C3' PSU NA 2073 64.86 -51.73 39.52
C4' PSU NA 2073 66.32 -51.36 39.62
O3' PSU NA 2073 64.06 -50.64 39.09
O4' PSU NA 2073 67.01 -52.62 39.53
C5' PSU NA 2073 66.72 -50.64 40.88
O5' PSU NA 2073 66.04 -51.15 42.02
P PSU NA 2073 66.76 -51.24 43.43
OP1 PSU NA 2073 67.55 -50.01 43.63
OP2 PSU NA 2073 65.70 -51.62 44.38
P A2M NA 2228 22.87 -55.48 35.55
OP1 A2M NA 2228 23.70 -56.54 36.21
O5' A2M NA 2228 23.11 -56.17 33.93
C5' A2M NA 2228 22.30 -55.71 32.99
C4' A2M NA 2228 22.11 -56.73 31.90
O4' A2M NA 2228 21.06 -57.59 32.24
C3' A2M NA 2228 21.78 -56.03 30.59
O3' A2M NA 2228 22.96 -55.85 29.93
C2' A2M NA 2228 20.63 -56.85 29.97
O2' A2M NA 2228 20.99 -57.83 28.98
C1' A2M NA 2228 20.07 -57.50 31.23
CM' A2M NA 2228 21.68 -58.95 29.46
N9 A2M NA 2228 18.95 -56.84 31.79
C8 A2M NA 2228 18.40 -55.58 31.59
N7 A2M NA 2228 17.32 -55.35 32.32
C5 A2M NA 2228 17.18 -56.51 33.05
C6 A2M NA 2228 16.29 -56.93 33.99
N6 A2M NA 2228 15.25 -56.13 34.41
N1 A2M NA 2228 16.35 -58.14 34.57
C2 A2M NA 2228 17.36 -58.92 34.15
N3 A2M NA 2228 18.31 -58.68 33.26
C4 A2M NA 2228 18.17 -57.45 32.74
OP2 A2M NA 2228 23.24 -54.05 35.68
N1 OMC NA 2245 25.82 -49.04 43.64
C2 OMC NA 2245 26.39 -50.28 43.34
N3 OMC NA 2245 26.36 -50.70 42.06
C4 OMC NA 2245 25.79 -49.99 41.12
C5 OMC NA 2245 25.20 -48.74 41.39
C6 OMC NA 2245 25.23 -48.32 42.66
O2 OMC NA 2245 26.91 -50.94 44.22
N4 OMC NA 2245 25.80 -50.47 39.89
C1' OMC NA 2245 25.80 -48.51 45.01
C2' OMC NA 2245 27.15 -47.95 45.45
O2' OMC NA 2245 27.32 -48.20 46.83
CM2 OMC NA 2245 28.05 -49.37 47.10
C3' OMC NA 2245 26.96 -46.46 45.20
C4' OMC NA 2245 25.49 -46.25 45.54
O4' OMC NA 2245 24.86 -47.47 45.07
O3' OMC NA 2245 27.81 -45.65 45.98
C5' OMC NA 2245 24.84 -45.07 44.90
O5' OMC NA 2245 25.07 -45.05 43.51
P OMC NA 2245 24.25 -44.07 42.57
OP1 OMC NA 2245 24.48 -42.66 43.08
OP2 OMC NA 2245 24.54 -44.41 41.13
P A2M NA 2256 36.61 -39.14 32.20
OP1 A2M NA 2256 36.22 -40.15 31.18
O5' A2M NA 2256 35.98 -37.78 31.22
C5' A2M NA 2256 34.90 -38.04 30.47
C4' A2M NA 2256 35.03 -37.32 29.13
O4' A2M NA 2256 35.79 -36.17 29.32
C3' A2M NA 2256 35.71 -38.18 28.10
O3' A2M NA 2256 34.73 -39.01 27.59
C2' A2M NA 2256 36.35 -37.15 27.19
O2' A2M NA 2256 35.44 -36.58 26.30
C1' A2M NA 2256 36.71 -36.11 28.27
CM' A2M NA 2256 36.12 -35.95 25.28
N9 A2M NA 2256 38.05 -36.13 28.81
C8 A2M NA 2256 38.52 -36.28 30.11
N7 A2M NA 2256 39.85 -36.22 30.18
C5 A2M NA 2256 40.24 -36.01 28.88
C6 A2M NA 2256 41.46 -35.85 28.26
N6 A2M NA 2256 42.65 -35.89 28.97
N1 A2M NA 2256 41.59 -35.67 26.93
C2 A2M NA 2256 40.44 -35.63 26.24
N3 A2M NA 2256 39.18 -35.76 26.67
C4 A2M NA 2256 39.15 -35.95 28.00
OP2 A2M NA 2256 38.05 -39.03 32.60
N1 OMC NA 2265 36.10 -61.94 27.49
C2 OMC NA 2265 37.06 -61.46 26.59
N3 OMC NA 2265 38.36 -61.69 26.86
C4 OMC NA 2265 38.73 -62.32 27.93
C5 OMC NA 2265 37.80 -62.81 28.89
C6 OMC NA 2265 36.50 -62.58 28.61
O2 OMC NA 2265 36.70 -60.88 25.59
N4 OMC NA 2265 40.03 -62.51 28.15
C1' OMC NA 2265 34.65 -61.71 27.31
C2' OMC NA 2265 34.00 -62.66 26.32
O2' OMC NA 2265 33.02 -61.91 25.59
CM2 OMC NA 2265 33.53 -60.84 24.83
C3' OMC NA 2265 33.31 -63.65 27.25
C4' OMC NA 2265 32.92 -62.78 28.42
O4' OMC NA 2265 34.02 -61.86 28.56
O3' OMC NA 2265 32.20 -64.29 26.67
C5' OMC NA 2265 32.72 -63.51 29.72
O5' OMC NA 2265 33.93 -64.08 30.18
P OMC NA 2265 34.06 -64.64 31.66
OP1 OMC NA 2265 32.94 -65.65 31.86
OP2 OMC NA 2265 35.51 -65.04 31.87
N1 OMU NA 2278 26.82 -51.56 -6.78
C2 OMU NA 2278 26.40 -52.30 -5.55
N3 OMU NA 2278 27.39 -52.99 -4.70
C4 OMU NA 2278 28.80 -52.95 -5.07
C5 OMU NA 2278 29.22 -52.21 -6.29
C6 OMU NA 2278 28.22 -51.53 -7.13
O2 OMU NA 2278 25.21 -52.32 -5.24
O4 OMU NA 2278 29.57 -53.48 -4.43
C1' OMU NA 2278 25.81 -50.86 -7.59
C2' OMU NA 2278 25.44 -49.52 -6.97
O2' OMU NA 2278 24.11 -49.20 -7.37
CM2 OMU NA 2278 23.16 -49.42 -6.38
C3' OMU NA 2278 26.43 -48.61 -7.67
C4' OMU NA 2278 26.40 -49.15 -9.08
O3' OMU NA 2278 26.14 -47.24 -7.55
O4' OMU NA 2278 26.34 -50.59 -8.87
C5' OMU NA 2278 27.57 -48.82 -9.95
O5' OMU NA 2278 28.80 -49.10 -9.29
P OMU NA 2278 30.18 -48.95 -10.05
OP1 OMU NA 2278 30.15 -47.70 -10.85
OP2 OMU NA 2278 31.28 -49.20 -9.05
N1 PSU NA 2280 28.82 -47.77 0.13
C2 PSU NA 2280 29.99 -48.39 0.52
N3 PSU NA 2280 30.06 -49.03 1.73
C4 PSU NA 2280 28.96 -49.05 2.56
C5 PSU NA 2280 27.80 -48.43 2.15
C6 PSU NA 2280 27.75 -47.80 0.93
O2 PSU NA 2280 30.96 -48.36 -0.23
O4 PSU NA 2280 29.02 -49.61 3.64
C1' PSU NA 2280 26.60 -48.45 3.04
C2' PSU NA 2280 26.65 -47.39 4.13
O2' PSU NA 2280 26.00 -47.87 5.28
C3' PSU NA 2280 25.85 -46.26 3.49
C4' PSU NA 2280 24.78 -47.00 2.72
O3' PSU NA 2280 25.33 -45.35 4.42
O4' PSU NA 2280 25.45 -48.20 2.25
C5' PSU NA 2280 24.21 -46.26 1.55
O5' PSU NA 2280 25.23 -45.64 0.80
P PSU NA 2280 24.99 -45.18 -0.70
OP1 PSU NA 2280 23.90 -44.20 -0.69
OP2 PSU NA 2280 26.25 -44.86 -1.38
N1 OMC NA 2302 38.20 -24.25 12.56
C2 OMC NA 2302 37.18 -24.57 13.46
N3 OMC NA 2302 36.61 -25.79 13.39
C4 OMC NA 2302 36.98 -26.66 12.50
C5 OMC NA 2302 38.00 -26.38 11.55
C6 OMC NA 2302 38.55 -25.16 11.63
O2 OMC NA 2302 36.83 -23.76 14.30
N4 OMC NA 2302 36.39 -27.84 12.49
C1' OMC NA 2302 38.86 -22.93 12.50
C2' OMC NA 2302 39.79 -22.63 13.67
O2' OMC NA 2302 39.62 -21.27 14.02
CM2 OMC NA 2302 38.38 -20.96 14.60
C3' OMC NA 2302 41.17 -22.85 13.06
C4' OMC NA 2302 40.97 -22.45 11.61
O4' OMC NA 2302 39.63 -22.87 11.31
O3' OMC NA 2302 42.17 -22.09 13.70
C5' OMC NA 2302 41.91 -23.10 10.63
O5' OMC NA 2302 41.77 -24.50 10.64
P OMC NA 2302 42.46 -25.41 9.54
OP1 OMC NA 2302 43.92 -25.00 9.46
OP2 OMC NA 2302 42.09 -26.84 9.83
P OMG NA 2317 28.19 -1.09 34.16
OP1 OMG NA 2317 27.36 -0.39 35.22
OP2 OMG NA 2317 29.67 -0.82 34.06
O5' OMG NA 2317 28.02 -2.66 34.33
C5' OMG NA 2317 28.50 -3.58 33.37
C4' OMG NA 2317 27.63 -4.80 33.32
O4' OMG NA 2317 26.30 -4.42 32.96
C3' OMG NA 2317 27.99 -5.85 32.27
O3' OMG NA 2317 29.03 -6.72 32.71
C2' OMG NA 2317 26.68 -6.57 32.02
O2' OMG NA 2317 26.50 -7.64 32.93
CM2 OMG NA 2317 26.65 -8.91 32.34
C1' OMG NA 2317 25.63 -5.50 32.35
N9 OMG NA 2317 24.92 -5.00 31.16
C8 OMG NA 2317 23.59 -5.15 30.89
N7 OMG NA 2317 23.26 -4.60 29.78
C5 OMG NA 2317 24.41 -4.04 29.29
C6 OMG NA 2317 24.65 -3.31 28.10
O6 OMG NA 2317 23.86 -3.00 27.23
N1 OMG NA 2317 25.98 -2.94 27.99
C2 OMG NA 2317 26.96 -3.24 28.90
N2 OMG NA 2317 28.19 -2.79 28.64
N3 OMG NA 2317 26.72 -3.90 29.99
C4 OMG NA 2317 25.45 -4.29 30.13
P OMG NA 2395 32.20 -18.98 14.25
OP1 OMG NA 2395 32.09 -18.72 15.75
OP2 OMG NA 2395 30.95 -19.36 13.49
O5' OMG NA 2395 32.79 -17.68 13.58
C5' OMG NA 2395 33.91 -17.01 14.14
C4' OMG NA 2395 34.47 -15.97 13.19
O4' OMG NA 2395 34.66 -16.55 11.87
C3' OMG NA 2395 33.58 -14.78 12.91
O3' OMG NA 2395 33.56 -13.83 13.95
C2' OMG NA 2395 34.14 -14.26 11.61
O2' OMG NA 2395 35.38 -13.60 11.82
CM2 OMG NA 2395 35.91 -13.00 10.66
C1' OMG NA 2395 34.43 -15.57 10.88
N9 OMG NA 2395 33.29 -15.98 10.06
C8 OMG NA 2395 32.42 -17.01 10.28
N7 OMG NA 2395 31.50 -17.10 9.37
C5 OMG NA 2395 31.78 -16.07 8.52
C6 OMG NA 2395 31.12 -15.66 7.34
O6 OMG NA 2395 30.14 -16.15 6.80
N1 OMG NA 2395 31.75 -14.56 6.77
C2 OMG NA 2395 32.85 -13.93 7.26
N2 OMG NA 2395 33.31 -12.88 6.57
N3 OMG NA 2395 33.45 -14.31 8.35
C4 OMG NA 2395 32.88 -15.37 8.93
N1 PSU NA 2405 12.78 -17.69 28.65
C2 PSU NA 2405 11.89 -18.11 29.61
N3 PSU NA 2405 12.32 -18.76 30.72
C4 PSU NA 2405 13.66 -18.98 30.89
C5 PSU NA 2405 14.56 -18.56 29.93
C6 PSU NA 2405 14.10 -17.91 28.80
O2 PSU NA 2405 10.69 -17.91 29.47
O4 PSU NA 2405 14.02 -19.56 31.90
C1' PSU NA 2405 16.01 -18.84 30.11
C2' PSU NA 2405 16.15 -20.33 29.84
O2' PSU NA 2405 17.17 -20.87 30.65
C3' PSU NA 2405 16.56 -20.34 28.38
C4' PSU NA 2405 17.47 -19.13 28.31
O3' PSU NA 2405 17.20 -21.54 27.98
O4' PSU NA 2405 16.82 -18.16 29.17
C5' PSU NA 2405 17.70 -18.55 26.94
O5' PSU NA 2405 16.50 -18.48 26.19
P PSU NA 2405 16.47 -17.80 24.76
OP1 PSU NA 2405 17.54 -18.39 23.96
OP2 PSU NA 2405 15.08 -17.83 24.30
N1 PSU NA 2407 10.50 -24.07 24.80
C2 PSU NA 2407 9.85 -23.65 23.67
N3 PSU NA 2407 8.50 -23.82 23.54
C4 PSU NA 2407 7.80 -24.40 24.55
C5 PSU NA 2407 8.46 -24.83 25.69
C6 PSU NA 2407 9.81 -24.65 25.80
O2 PSU NA 2407 10.49 -23.11 22.78
O4 PSU NA 2407 6.59 -24.55 24.43
C1' PSU NA 2407 7.69 -25.46 26.81
C2' PSU NA 2407 7.18 -26.86 26.52
O2' PSU NA 2407 5.93 -27.01 27.18
C3' PSU NA 2407 8.22 -27.72 27.19
C4' PSU NA 2407 8.60 -26.91 28.41
O3' PSU NA 2407 7.77 -29.01 27.52
O4' PSU NA 2407 8.53 -25.53 27.94
C5' PSU NA 2407 9.97 -27.16 28.96
O5' PSU NA 2407 10.96 -26.90 27.97
P PSU NA 2407 12.50 -26.96 28.32
OP1 PSU NA 2407 12.76 -28.27 28.90
OP2 PSU NA 2407 13.20 -26.50 27.10
N1 PSU NA 2463 7.83 2.46 25.95
C2 PSU NA 2463 7.07 1.68 25.12
N3 PSU NA 2463 6.76 2.11 23.86
C4 PSU NA 2463 7.20 3.33 23.43
C5 PSU NA 2463 7.96 4.12 24.28
C6 PSU NA 2463 8.27 3.66 25.54
O2 PSU NA 2463 6.66 0.59 25.51
O4 PSU NA 2463 6.91 3.72 22.31
C1' PSU NA 2463 8.48 5.45 23.82
C2' PSU NA 2463 7.51 6.61 24.00
O2' PSU NA 2463 7.67 7.50 22.91
C3' PSU NA 2463 8.03 7.25 25.28
C4' PSU NA 2463 9.52 7.05 25.18
O3' PSU NA 2463 7.68 8.62 25.42
O4' PSU NA 2463 9.65 5.75 24.54
C5' PSU NA 2463 10.23 7.03 26.50
O5' PSU NA 2463 9.46 6.33 27.46
P PSU NA 2463 10.07 5.91 28.86
OP1 PSU NA 2463 10.40 7.15 29.58
OP2 PSU NA 2463 9.18 4.91 29.47
N1 OMC NA 2469 -19.76 4.08 23.56
C2 OMC NA 2469 -18.69 4.65 24.30
N3 OMC NA 2469 -17.77 3.82 24.81
C4 OMC NA 2469 -17.83 2.53 24.66
C5 OMC NA 2469 -18.87 1.92 23.93
C6 OMC NA 2469 -19.78 2.74 23.40
O2 OMC NA 2469 -18.55 5.84 24.49
N4 OMC NA 2469 -16.88 1.78 25.20
C1' OMC NA 2469 -20.91 4.71 22.87
C2' OMC NA 2469 -21.24 6.15 23.26
O2' OMC NA 2469 -21.96 6.22 24.46
CM2 OMC NA 2469 -21.48 7.21 25.32
C3' OMC NA 2469 -21.99 6.62 22.02
C4' OMC NA 2469 -21.24 5.92 20.90
O4' OMC NA 2469 -20.62 4.74 21.49
O3' OMC NA 2469 -23.32 6.15 22.06
C5' OMC NA 2469 -20.16 6.76 20.26
O5' OMC NA 2469 -20.20 8.08 20.76
P OMC NA 2469 -18.90 8.99 20.77
OP1 OMC NA 2469 -19.34 10.43 21.03
OP2 OMC NA 2469 -17.88 8.34 21.67
P A2M NA 2486 -51.81 -16.28 32.94
OP1 A2M NA 2486 -52.74 -17.37 32.51
O5' A2M NA 2486 -51.39 -17.14 34.47
C5' A2M NA 2486 -51.12 -18.44 34.39
C4' A2M NA 2486 -50.45 -18.89 35.67
O4' A2M NA 2486 -49.24 -18.20 35.81
C3' A2M NA 2486 -51.27 -18.60 36.89
O3' A2M NA 2486 -52.30 -19.52 36.91
C2' A2M NA 2486 -50.22 -18.62 37.96
O2' A2M NA 2486 -49.71 -19.92 38.18
C1' A2M NA 2486 -49.19 -17.82 37.17
CM' A2M NA 2486 -48.94 -19.96 39.35
N9 A2M NA 2486 -49.26 -16.38 37.24
C8 A2M NA 2486 -49.70 -15.41 36.35
N7 A2M NA 2486 -49.58 -14.16 36.81
C5 A2M NA 2486 -49.02 -14.35 38.07
C6 A2M NA 2486 -48.65 -13.49 39.07
N6 A2M NA 2486 -48.80 -12.13 38.95
N1 A2M NA 2486 -48.13 -13.92 40.22
C2 A2M NA 2486 -47.99 -15.26 40.33
N3 A2M NA 2486 -48.30 -16.23 39.48
C4 A2M NA 2486 -48.82 -15.71 38.35
OP2 A2M NA 2486 -52.32 -14.89 33.11
P OMG NA 2512 -23.67 9.43 28.90
OP1 OMG NA 2512 -23.08 10.82 28.69
OP2 OMG NA 2512 -24.30 8.69 27.74
O5' OMG NA 2512 -22.55 8.51 29.55
C5' OMG NA 2512 -22.15 8.71 30.89
C4' OMG NA 2512 -21.60 7.45 31.49
O4' OMG NA 2512 -22.66 6.49 31.68
C3' OMG NA 2512 -20.58 6.71 30.65
O3' OMG NA 2512 -19.30 7.29 30.70
C2' OMG NA 2512 -20.64 5.31 31.25
O2' OMG NA 2512 -19.95 5.28 32.49
CM2 OMG NA 2512 -19.74 3.99 33.00
C1' OMG NA 2512 -22.13 5.18 31.54
N9 OMG NA 2512 -22.86 4.49 30.47
C8 OMG NA 2512 -23.72 5.04 29.55
N7 OMG NA 2512 -24.21 4.16 28.75
C5 OMG NA 2512 -23.65 2.98 29.13
C6 OMG NA 2512 -23.79 1.67 28.61
O6 OMG NA 2512 -24.48 1.29 27.69
N1 OMG NA 2512 -23.01 0.77 29.32
C2 OMG NA 2512 -22.20 1.07 30.37
N2 OMG NA 2512 -21.53 0.05 30.92
N3 OMG NA 2512 -22.07 2.27 30.85
C4 OMG NA 2512 -22.80 3.17 30.20
P 5MC NA 2550 9.54 1.95 7.41
OP1 5MC NA 2550 10.93 1.34 7.43
OP2 5MC NA 2550 9.37 3.44 7.17
O5' 5MC NA 2550 8.70 1.18 6.31
C5' 5MC NA 2550 8.66 -0.23 6.29
C4' 5MC NA 2550 7.50 -0.72 5.45
O4' 5MC NA 2550 6.34 0.07 5.73
C3' 5MC NA 2550 7.67 -0.58 3.95
O3' 5MC NA 2550 8.48 -1.62 3.40
C2' 5MC NA 2550 6.23 -0.60 3.45
O2' 5MC NA 2550 5.77 -1.93 3.29
C1' 5MC NA 2550 5.48 0.04 4.61
N1 5MC NA 2550 5.07 1.43 4.31
C2 5MC NA 2550 4.04 1.72 3.41
O2 5MC NA 2550 3.46 0.82 2.83
N3 5MC NA 2550 3.74 3.00 3.21
C4 5MC NA 2550 4.37 3.96 3.84
N4 5MC NA 2550 4.00 5.21 3.57
C5 5MC NA 2550 5.41 3.72 4.78
C6 5MC NA 2550 5.70 2.42 4.96
CM5 5MC NA 2550 6.12 4.81 5.49
P A2M NA 2553 9.19 -9.38 3.37
OP1 A2M NA 2553 10.42 -10.15 3.71
O5' A2M NA 2553 8.12 -10.71 3.90
C5' A2M NA 2553 8.19 -11.06 5.18
C4' A2M NA 2553 6.98 -11.90 5.50
O4' A2M NA 2553 7.21 -12.55 6.72
C3' A2M NA 2553 5.73 -11.02 5.61
O3' A2M NA 2553 4.84 -11.40 4.61
C2' A2M NA 2553 5.32 -11.18 7.05
O2' A2M NA 2553 3.93 -11.28 7.24
C1' A2M NA 2553 5.96 -12.53 7.29
CM' A2M NA 2553 3.49 -10.31 8.14
N9 A2M NA 2553 5.99 -12.88 8.66
C8 A2M NA 2553 6.22 -12.14 9.81
N7 A2M NA 2553 6.11 -12.85 10.93
C5 A2M NA 2553 5.78 -14.11 10.46
C6 A2M NA 2553 5.52 -15.30 11.08
N6 A2M NA 2553 5.56 -15.40 12.45
N1 A2M NA 2553 5.22 -16.43 10.42
C2 A2M NA 2553 5.18 -16.29 9.08
N3 A2M NA 2553 5.40 -15.23 8.31
C4 A2M NA 2553 5.70 -14.16 9.06
OP2 A2M NA 2553 8.98 -8.94 1.96
P OMG NA 2560 8.72 -5.18 -8.96
OP1 OMG NA 2560 9.86 -4.16 -8.97
OP2 OMG NA 2560 8.44 -5.93 -7.67
O5' OMG NA 2560 7.38 -4.45 -9.40
C5' OMG NA 2560 7.30 -3.77 -10.65
C4' OMG NA 2560 6.65 -2.43 -10.50
O4' OMG NA 2560 5.99 -2.37 -9.22
C3' OMG NA 2560 7.60 -1.25 -10.49
O3' OMG NA 2560 7.92 -0.84 -11.80
C2' OMG NA 2560 6.84 -0.21 -9.70
O2' OMG NA 2560 5.90 0.46 -10.53
CM2 OMG NA 2560 5.31 1.56 -9.90
C1' OMG NA 2560 6.07 -1.07 -8.70
N9 OMG NA 2560 6.70 -1.14 -7.38
C8 OMG NA 2560 6.98 -2.30 -6.71
N7 OMG NA 2560 7.51 -2.08 -5.55
C5 OMG NA 2560 7.58 -0.72 -5.44
C6 OMG NA 2560 8.07 0.08 -4.39
O6 OMG NA 2560 8.56 -0.26 -3.33
N1 OMG NA 2560 7.95 1.43 -4.70
C2 OMG NA 2560 7.43 1.93 -5.85
N2 OMG NA 2560 7.41 3.27 -5.95
N3 OMG NA 2560 6.97 1.20 -6.81
C4 OMG NA 2560 7.07 -0.12 -6.56
N1 OMC NA 2576 9.09 5.50 -1.82
C2 OMC NA 2576 8.32 4.64 -2.62
N3 OMC NA 2576 8.36 3.32 -2.36
C4 OMC NA 2576 9.08 2.84 -1.39
C5 OMC NA 2576 9.88 3.67 -0.57
C6 OMC NA 2576 9.85 4.99 -0.84
O2 OMC NA 2576 7.63 5.07 -3.52
N4 OMC NA 2576 9.06 1.53 -1.19
C1' OMC NA 2576 9.18 6.97 -2.03
C2' OMC NA 2576 7.93 7.75 -1.63
O2' OMC NA 2576 7.65 8.68 -2.66
CM2 OMC NA 2576 7.34 8.15 -3.93
C3' OMC NA 2576 8.39 8.49 -0.38
C4' OMC NA 2576 9.87 8.67 -0.61
O4' OMC NA 2576 10.26 7.45 -1.25
O3' OMC NA 2576 7.73 9.73 -0.20
C5' OMC NA 2576 10.69 8.88 0.62
O5' OMC NA 2576 10.51 7.81 1.53
P OMC NA 2576 11.35 7.71 2.86
OP1 OMC NA 2576 11.21 9.02 3.62
OP2 OMC NA 2576 11.00 6.40 3.55
C1' UY1 NA 2586 -7.29 -6.82 17.88
C2 UY1 NA 2586 -7.94 -4.02 14.39
C2' UY1 NA 2586 -6.04 -7.68 17.72
C3' UY1 NA 2586 -5.10 -7.11 18.79
C4 UY1 NA 2586 -8.44 -6.24 15.57
C4' UY1 NA 2586 -6.06 -6.57 19.83
C5 UY1 NA 2586 -7.52 -5.85 16.67
C5' UY1 NA 2586 -5.52 -5.49 20.71
C6 UY1 NA 2586 -6.81 -4.55 16.63
CM2 UY1 NA 2586 -6.91 -9.69 16.94
N1 UY1 NA 2586 -7.00 -3.64 15.51
N3 UY1 NA 2586 -8.66 -5.34 14.43
O2 UY1 NA 2586 -8.10 -3.30 13.49
O2' UY1 NA 2586 -6.38 -9.02 18.03
O3' UY1 NA 2586 -4.19 -8.06 19.34
O4 UY1 NA 2586 -9.00 -7.26 15.61
O4' UY1 NA 2586 -7.16 -6.06 19.06
O5' UY1 NA 2586 -6.43 -5.18 21.75
OP1 UY1 NA 2586 -7.34 -5.31 24.06
OP2 UY1 NA 2586 -6.01 -7.26 23.03
P UY1 NA 2586 -6.22 -5.80 23.19
N1 PSU NA 2590 10.25 -2.18 18.93
C2 PSU NA 2590 10.45 -2.49 20.25
N3 PSU NA 2590 11.19 -1.67 21.05
C4 PSU NA 2590 11.76 -0.53 20.52
C5 PSU NA 2590 11.58 -0.25 19.17
C6 PSU NA 2590 10.80 -1.09 18.40
O2 PSU NA 2590 9.92 -3.49 20.73
O4 PSU NA 2590 12.43 0.19 21.23
C1' PSU NA 2590 12.13 0.99 18.53
C2' PSU NA 2590 13.66 1.15 18.49
O2' PSU NA 2590 13.97 2.48 18.83
C3' PSU NA 2590 13.97 0.88 17.02
C4' PSU NA 2590 12.73 1.35 16.30
O3' PSU NA 2590 15.13 1.56 16.57
O4' PSU NA 2590 11.65 1.06 17.21
C5' PSU NA 2590 12.47 0.67 14.98
O5' PSU NA 2590 11.43 1.30 14.26
P PSU NA 2590 10.44 0.44 13.36
OP1 PSU NA 2590 10.89 0.45 11.96
OP2 PSU NA 2590 10.20 -0.83 14.06
P A2M NA 2593 24.17 -7.13 20.78
OP1 A2M NA 2593 25.58 -7.24 20.33
O5' A2M NA 2593 23.69 -8.32 22.02
C5' A2M NA 2593 24.42 -8.34 23.13
C4' A2M NA 2593 23.77 -9.28 24.12
O4' A2M NA 2593 22.60 -8.68 24.57
C3' A2M NA 2593 23.40 -10.58 23.45
O3' A2M NA 2593 24.55 -11.35 23.34
C2' A2M NA 2593 22.27 -11.04 24.34
O2' A2M NA 2593 22.71 -11.51 25.58
C1' A2M NA 2593 21.62 -9.68 24.52
CM' A2M NA 2593 21.63 -12.00 26.32
N9 A2M NA 2593 20.63 -9.30 23.55
C8 A2M NA 2593 20.63 -8.40 22.51
N7 A2M NA 2593 19.47 -8.37 21.86
C5 A2M NA 2593 18.70 -9.30 22.52
C6 A2M NA 2593 17.43 -9.76 22.38
N6 A2M NA 2593 16.59 -9.28 21.40
N1 A2M NA 2593 16.90 -10.69 23.18
C2 A2M NA 2593 17.71 -11.16 24.14
N3 A2M NA 2593 18.96 -10.83 24.43
C4 A2M NA 2593 19.40 -9.89 23.58
OP2 A2M NA 2593 23.06 -7.53 19.86
P A2M NA 2598 15.55 -21.68 9.53
OP1 A2M NA 2598 15.66 -22.99 8.82
O5' A2M NA 2598 14.90 -20.32 8.57
C5' A2M NA 2598 13.64 -20.44 8.14
C4' A2M NA 2598 13.19 -19.19 7.38
O4' A2M NA 2598 12.81 -18.22 8.30
C3' A2M NA 2598 14.29 -18.58 6.53
O3' A2M NA 2598 14.46 -19.38 5.41
C2' A2M NA 2598 13.76 -17.19 6.37
O2' A2M NA 2598 12.61 -17.12 5.58
C1' A2M NA 2598 13.39 -17.03 7.84
CM' A2M NA 2598 12.08 -15.83 5.58
N9 A2M NA 2598 14.47 -16.71 8.70
C8 A2M NA 2598 15.19 -17.45 9.63
N7 A2M NA 2598 16.15 -16.75 10.24
C5 A2M NA 2598 16.03 -15.50 9.67
C6 A2M NA 2598 16.69 -14.31 9.83
N6 A2M NA 2598 17.72 -14.18 10.73
N1 A2M NA 2598 16.37 -13.20 9.15
C2 A2M NA 2598 15.36 -13.33 8.27
N3 A2M NA 2598 14.61 -14.39 7.99
C4 A2M NA 2598 14.99 -15.45 8.72
OP2 A2M NA 2598 16.80 -20.94 9.89
N1 OMC NA 2609 32.10 -28.78 -8.74
C2 OMC NA 2609 33.27 -28.05 -8.93
N3 OMC NA 2609 34.34 -28.37 -8.19
C4 OMC NA 2609 34.30 -29.31 -7.30
C5 OMC NA 2609 33.13 -30.07 -7.05
C6 OMC NA 2609 32.07 -29.75 -7.80
O2 OMC NA 2609 33.29 -27.18 -9.77
N4 OMC NA 2609 35.40 -29.57 -6.59
C1' OMC NA 2609 30.86 -28.49 -9.49
C2' OMC NA 2609 30.90 -28.98 -10.92
O2' OMC NA 2609 30.13 -28.07 -11.70
CM2 OMC NA 2609 30.77 -26.85 -11.95
C3' OMC NA 2609 30.19 -30.32 -10.82
C4' OMC NA 2609 29.14 -30.06 -9.76
O4' OMC NA 2609 29.78 -29.15 -8.84
O3' OMC NA 2609 29.64 -30.78 -12.04
C5' OMC NA 2609 28.66 -31.27 -9.01
O5' OMC NA 2609 29.70 -31.76 -8.16
P OMC NA 2609 29.43 -32.96 -7.16
OP1 OMC NA 2609 28.50 -33.92 -7.87
OP2 OMC NA 2609 30.79 -33.45 -6.67
N1 PSU NA 2612 34.12 -36.83 -9.43
C2 PSU NA 2612 35.12 -36.74 -8.51
N3 PSU NA 2612 36.43 -36.90 -8.88
C4 PSU NA 2612 36.73 -37.15 -10.20
C5 PSU NA 2612 35.71 -37.25 -11.13
C6 PSU NA 2612 34.40 -37.08 -10.71
O2 PSU NA 2612 34.86 -36.51 -7.32
O4 PSU NA 2612 37.90 -37.30 -10.52
C1' PSU NA 2612 36.01 -37.53 -12.58
C2' PSU NA 2612 36.43 -38.99 -12.72
O2' PSU NA 2612 37.29 -39.09 -13.84
C3' PSU NA 2612 35.09 -39.64 -13.01
C4' PSU NA 2612 34.42 -38.61 -13.92
O3' PSU NA 2612 35.19 -40.93 -13.58
O4' PSU NA 2612 34.86 -37.35 -13.35
C5' PSU NA 2612 32.92 -38.66 -13.97
O5' PSU NA 2612 32.41 -37.71 -14.88
P PSU NA 2612 31.61 -36.43 -14.37
OP1 PSU NA 2612 30.96 -35.83 -15.54
OP2 PSU NA 2612 30.81 -36.80 -13.20
N1 PSU NA 2619 31.47 -56.09 -0.03
C2 PSU NA 2619 31.18 -55.38 -1.16
N3 PSU NA 2619 29.91 -54.96 -1.41
C4 PSU NA 2619 28.91 -55.24 -0.51
C5 PSU NA 2619 29.20 -55.96 0.62
C6 PSU NA 2619 30.50 -56.36 0.87
O2 PSU NA 2619 32.08 -55.15 -1.97
O4 PSU NA 2619 27.77 -54.85 -0.76
C1' PSU NA 2619 28.15 -56.27 1.66
C2' PSU NA 2619 27.04 -57.21 1.20
O2' PSU NA 2619 25.82 -56.77 1.78
C3' PSU NA 2619 27.48 -58.53 1.83
C4' PSU NA 2619 28.11 -58.08 3.13
O3' PSU NA 2619 26.41 -59.43 2.05
O4' PSU NA 2619 28.77 -56.84 2.78
C5' PSU NA 2619 29.11 -59.04 3.72
O5' PSU NA 2619 29.30 -58.77 5.10
P PSU NA 2619 30.68 -59.10 5.79
OP1 PSU NA 2619 30.50 -60.20 6.76
OP2 PSU NA 2619 31.70 -59.21 4.74
N1 PSU NA 2621 29.19 -61.86 -2.02
C2 PSU NA 2621 30.26 -62.59 -1.60
N3 PSU NA 2621 31.04 -63.26 -2.49
C4 PSU NA 2621 30.74 -63.20 -3.83
C5 PSU NA 2621 29.65 -62.47 -4.26
C6 PSU NA 2621 28.89 -61.80 -3.33
O2 PSU NA 2621 30.52 -62.64 -0.40
O4 PSU NA 2621 31.45 -63.81 -4.61
C1' PSU NA 2621 29.27 -62.33 -5.70
C2' PSU NA 2621 28.93 -63.65 -6.39
O2' PSU NA 2621 29.35 -63.56 -7.73
C3' PSU NA 2621 27.42 -63.68 -6.31
C4' PSU NA 2621 27.06 -62.22 -6.47
O3' PSU NA 2621 26.81 -64.49 -7.29
O4' PSU NA 2621 28.11 -61.52 -5.79
C5' PSU NA 2621 25.73 -61.82 -5.90
O5' PSU NA 2621 25.63 -62.27 -4.56
P PSU NA 2621 24.30 -62.07 -3.72
OP1 PSU NA 2621 23.16 -62.46 -4.57
OP2 PSU NA 2621 24.55 -62.72 -2.43
P A2M NA 2635 -0.23 -70.47 -16.56
OP1 A2M NA 2635 0.14 -71.88 -16.22
O5' A2M NA 2635 0.54 -69.82 -18.04
C5' A2M NA 2635 1.44 -68.84 -17.88
C4' A2M NA 2635 1.28 -67.87 -19.02
O4' A2M NA 2635 0.27 -66.99 -18.70
C3' A2M NA 2635 2.55 -67.09 -19.28
O3' A2M NA 2635 3.31 -67.90 -20.08
C2' A2M NA 2635 2.00 -65.84 -19.88
O2' A2M NA 2635 1.68 -66.05 -21.22
C1' A2M NA 2635 0.72 -65.73 -19.07
CM' A2M NA 2635 0.95 -65.01 -21.74
N9 A2M NA 2635 0.72 -64.90 -17.90
C8 A2M NA 2635 0.63 -65.18 -16.55
N7 A2M NA 2635 0.63 -64.09 -15.78
C5 A2M NA 2635 0.72 -63.07 -16.70
C6 A2M NA 2635 0.76 -61.70 -16.60
N6 A2M NA 2635 0.73 -61.06 -15.38
N1 A2M NA 2635 0.84 -60.89 -17.68
C2 A2M NA 2635 0.87 -61.53 -18.87
N3 A2M NA 2635 0.84 -62.82 -19.15
C4 A2M NA 2635 0.76 -63.55 -18.02
OP2 A2M NA 2635 0.25 -69.35 -15.70
N1 OMC NA 2637 7.83 -61.02 -29.10
C2 OMC NA 2637 7.77 -60.79 -30.48
N3 OMC NA 2637 6.71 -61.26 -31.16
C4 OMC NA 2637 5.76 -61.93 -30.57
C5 OMC NA 2637 5.77 -62.19 -29.17
C6 OMC NA 2637 6.82 -61.71 -28.50
O2 OMC NA 2637 8.67 -60.17 -31.02
N4 OMC NA 2637 4.74 -62.35 -31.29
C1' OMC NA 2637 8.95 -60.53 -28.27
C2' OMC NA 2637 8.79 -59.06 -27.88
O2' OMC NA 2637 10.08 -58.50 -27.73
CM2 OMC NA 2637 10.31 -57.43 -28.60
C3' OMC NA 2637 8.12 -59.20 -26.52
C4' OMC NA 2637 8.81 -60.40 -25.94
O4' OMC NA 2637 8.99 -61.29 -27.07
O3' OMC NA 2637 8.21 -58.04 -25.71
C5' OMC NA 2637 8.05 -61.13 -24.87
O5' OMC NA 2637 6.77 -61.50 -25.32
P OMC NA 2637 6.17 -62.93 -24.99
OP1 OMC NA 2637 4.93 -63.13 -25.85
OP2 OMC NA 2637 7.30 -63.92 -25.05
N1 PSU NA 2652 -2.04 -59.65 -37.54
C2 PSU NA 2652 -1.13 -58.82 -36.96
N3 PSU NA 2652 -0.68 -57.71 -37.63
C4 PSU NA 2652 -1.14 -57.45 -38.88
C5 PSU NA 2652 -2.05 -58.28 -39.47
C6 PSU NA 2652 -2.50 -59.40 -38.79
O2 PSU NA 2652 -0.73 -59.06 -35.83
O4 PSU NA 2652 -0.74 -56.46 -39.48
C1' PSU NA 2652 -2.54 -57.97 -40.85
C2' PSU NA 2652 -1.53 -58.50 -41.88
O2' PSU NA 2652 -1.56 -57.63 -43.00
C3' PSU NA 2652 -2.14 -59.84 -42.23
C4' PSU NA 2652 -3.63 -59.53 -42.22
O3' PSU NA 2652 -1.68 -60.36 -43.45
O4' PSU NA 2652 -3.78 -58.60 -41.12
C5' PSU NA 2652 -4.54 -60.70 -42.01
O5' PSU NA 2652 -4.17 -61.43 -40.85
P PSU NA 2652 -5.12 -62.53 -40.22
OP1 PSU NA 2652 -5.58 -63.42 -41.29
OP2 PSU NA 2652 -4.34 -63.02 -39.08
N1 OMC NA 2655 8.86 -64.50 -37.53
C2 OMC NA 2655 7.94 -65.38 -36.93
N3 OMC NA 2655 7.65 -66.53 -37.54
C4 OMC NA 2655 8.22 -66.87 -38.67
C5 OMC NA 2655 9.16 -66.02 -39.31
C6 OMC NA 2655 9.43 -64.86 -38.69
O2 OMC NA 2655 7.42 -65.06 -35.88
N4 OMC NA 2655 7.90 -68.03 -39.22
C1' OMC NA 2655 9.21 -63.22 -36.89
C2' OMC NA 2655 10.17 -63.42 -35.73
O2' OMC NA 2655 9.97 -62.38 -34.80
CM2 OMC NA 2655 9.31 -62.80 -33.64
C3' OMC NA 2655 11.51 -63.26 -36.42
C4' OMC NA 2655 11.23 -62.14 -37.40
O4' OMC NA 2655 9.87 -62.40 -37.84
O3' OMC NA 2655 12.60 -63.01 -35.56
C5' OMC NA 2655 12.14 -62.07 -38.59
O5' OMC NA 2655 11.99 -60.86 -39.30
P OMC NA 2655 11.34 -60.85 -40.75
OP1 OMC NA 2655 12.42 -60.74 -41.79
OP2 OMC NA 2655 10.34 -61.99 -40.81
P OMG NA 2667 8.05 -47.03 -17.85
OP1 OMG NA 2667 7.30 -45.77 -17.50
OP2 OMG NA 2667 8.33 -48.05 -16.75
O5' OMG NA 2667 7.26 -47.77 -19.00
C5' OMG NA 2667 6.07 -48.47 -18.73
C4' OMG NA 2667 6.00 -49.77 -19.47
O4' OMG NA 2667 7.30 -50.40 -19.53
C3' OMG NA 2667 5.15 -50.83 -18.80
O3' OMG NA 2667 3.78 -50.60 -18.99
C2' OMG NA 2667 5.66 -52.09 -19.44
O2' OMG NA 2667 5.20 -52.20 -20.78
CM2 OMG NA 2667 4.60 -53.42 -21.09
C1' OMG NA 2667 7.16 -51.79 -19.48
N9 OMG NA 2667 7.86 -52.30 -18.28
C8 OMG NA 2667 8.55 -51.55 -17.37
N7 OMG NA 2667 9.07 -52.28 -16.44
C5 OMG NA 2667 8.71 -53.57 -16.75
C6 OMG NA 2667 8.98 -54.79 -16.08
O6 OMG NA 2667 9.62 -54.98 -15.07
N1 OMG NA 2667 8.41 -55.86 -16.76
C2 OMG NA 2667 7.67 -55.77 -17.89
N2 OMG NA 2667 7.20 -56.92 -18.39
N3 OMG NA 2667 7.42 -54.66 -18.49
C4 OMG NA 2667 7.96 -53.59 -17.89
N1 PSU NA 2688 -21.79 -25.68 16.28
C2 PSU NA 2688 -22.87 -25.56 15.45
N3 PSU NA 2688 -23.03 -24.46 14.65
C4 PSU NA 2688 -22.09 -23.46 14.69
C5 PSU NA 2688 -21.00 -23.57 15.54
C6 PSU NA 2688 -20.87 -24.70 16.32
O2 PSU NA 2688 -23.70 -26.46 15.41
O4 PSU NA 2688 -22.23 -22.48 13.98
C1' PSU NA 2688 -19.95 -22.52 15.59
C2' PSU NA 2688 -20.40 -21.24 16.30
O2' PSU NA 2688 -19.84 -20.14 15.61
C3' PSU NA 2688 -19.76 -21.40 17.67
C4' PSU NA 2688 -18.46 -22.13 17.35
O3' PSU NA 2688 -19.54 -20.17 18.32
O4' PSU NA 2688 -18.80 -23.00 16.25
C5' PSU NA 2688 -17.87 -22.92 18.47
O5' PSU NA 2688 -18.73 -23.98 18.86
P PSU NA 2688 -18.28 -25.05 19.95
OP1 PSU NA 2688 -17.95 -24.39 21.23
OP2 PSU NA 2688 -19.46 -25.91 19.80
N1 OMU NA 2693 -35.69 -26.83 19.21
C2 OMU NA 2693 -34.55 -27.57 19.85
N3 OMU NA 2693 -33.23 -26.92 20.03
C4 OMU NA 2693 -33.07 -25.54 19.60
C5 OMU NA 2693 -34.20 -24.81 18.98
C6 OMU NA 2693 -35.50 -25.48 18.79
O2 OMU NA 2693 -34.71 -28.72 20.21
O4 OMU NA 2693 -32.07 -25.03 19.73
C1' OMU NA 2693 -36.98 -27.51 19.03
C2' OMU NA 2693 -37.88 -27.40 20.27
O2' OMU NA 2693 -38.64 -28.59 20.37
CM2 OMU NA 2693 -37.88 -29.73 20.56
C3' OMU NA 2693 -38.77 -26.23 19.89
C4' OMU NA 2693 -38.98 -26.47 18.41
O3' OMU NA 2693 -39.96 -26.15 20.62
O4' OMU NA 2693 -37.68 -26.92 17.96
C5' OMU NA 2693 -39.42 -25.27 17.61
O5' OMU NA 2693 -38.58 -24.16 17.87
P OMU NA 2693 -38.71 -22.83 17.02
OP1 OMU NA 2693 -40.15 -22.43 17.00
OP2 OMU NA 2693 -37.65 -21.87 17.51
P OMG NA 2863 -20.58 -29.76 -16.58
OP1 OMG NA 2863 -20.43 -28.27 -16.38
OP2 OMG NA 2863 -19.37 -30.61 -16.93
O5' OMG NA 2863 -21.23 -30.35 -15.26
C5' OMG NA 2863 -21.45 -31.74 -15.10
C4' OMG NA 2863 -20.90 -32.24 -13.79
O4' OMG NA 2863 -19.46 -32.18 -13.82
C3' OMG NA 2863 -21.27 -31.41 -12.57
O3' OMG NA 2863 -22.55 -31.72 -12.07
C2' OMG NA 2863 -20.15 -31.75 -11.59
O2' OMG NA 2863 -20.41 -33.01 -10.98
CM2 OMG NA 2863 -19.31 -33.58 -10.32
C1' OMG NA 2863 -18.96 -31.91 -12.53
N9 OMG NA 2863 -18.13 -30.69 -12.61
C8 OMG NA 2863 -17.92 -29.93 -13.74
N7 OMG NA 2863 -17.13 -28.93 -13.50
C5 OMG NA 2863 -16.80 -29.04 -12.19
C6 OMG NA 2863 -15.98 -28.22 -11.38
O6 OMG NA 2863 -15.36 -27.23 -11.70
N1 OMG NA 2863 -15.92 -28.70 -10.07
C2 OMG NA 2863 -16.56 -29.80 -9.61
N2 OMG NA 2863 -16.38 -30.10 -8.32
N3 OMG NA 2863 -17.32 -30.55 -10.36
C4 OMG NA 2863 -17.41 -30.13 -11.62
C2 6MZ NA 2887 -32.18 -27.25 -28.55
C4 6MZ NA 2887 -33.18 -27.89 -26.55
C5 6MZ NA 2887 -34.36 -27.54 -27.02
O1P 6MZ NA 2887 -37.58 -28.92 -22.76
O2P 6MZ NA 2887 -37.20 -30.08 -20.42
N9 6MZ NA 2887 -33.36 -28.35 -25.32
N3 6MZ NA 2887 -32.08 -27.76 -27.31
N1 6MZ NA 2887 -33.39 -26.88 -29.02
C6 6MZ NA 2887 -34.46 -27.02 -28.28
N6 6MZ NA 2887 -35.73 -26.60 -28.88
C9 6MZ NA 2887 -35.70 -26.11 -30.24
N7 6MZ NA 2887 -35.27 -27.77 -26.08
C8 6MZ NA 2887 -34.64 -28.29 -25.02
O5' 6MZ NA 2887 -35.29 -29.39 -21.97
C5' 6MZ NA 2887 -34.22 -30.30 -21.82
C4' 6MZ NA 2887 -32.93 -29.72 -22.34
O4' 6MZ NA 2887 -32.84 -29.99 -23.75
C1' 6MZ NA 2887 -32.32 -28.87 -24.43
C2' 6MZ NA 2887 -31.90 -27.86 -23.39
O2' 6MZ NA 2887 -30.55 -28.12 -23.03
C3' 6MZ NA 2887 -32.83 -28.21 -22.23
O3' 6MZ NA 2887 -32.34 -27.79 -20.97
P 6MZ NA 2887 -36.81 -29.84 -21.90
N1 OMU NA 2894 -46.68 -15.14 -14.78
C2 OMU NA 2894 -46.49 -16.50 -14.18
N3 OMU NA 2894 -45.13 -17.08 -14.07
C4 OMU NA 2894 -43.99 -16.31 -14.53
C5 OMU NA 2894 -44.19 -14.96 -15.12
C6 OMU NA 2894 -45.55 -14.40 -15.24
O2 OMU NA 2894 -47.45 -17.13 -13.80
O4 OMU NA 2894 -42.95 -16.73 -14.45
C1' OMU NA 2894 -48.03 -14.56 -14.91
C2' OMU NA 2894 -48.55 -14.02 -13.58
O2' OMU NA 2894 -49.94 -14.27 -13.51
CM2 OMU NA 2894 -50.27 -15.60 -13.24
C3' OMU NA 2894 -48.29 -12.53 -13.74
C4' OMU NA 2894 -48.56 -12.33 -15.21
O3' OMU NA 2894 -49.11 -11.72 -12.93
O4' OMU NA 2894 -47.99 -13.50 -15.82
C5' OMU NA 2894 -47.97 -11.08 -15.83
O5' OMU NA 2894 -46.55 -11.07 -15.73
P OMU NA 2894 -45.72 -9.87 -16.33
OP1 OMU NA 2894 -46.31 -8.59 -15.82
OP2 OMU NA 2894 -44.26 -10.17 -16.11
P OMG NA 2895 -48.50 -10.96 -11.66
OP1 OMG NA 2895 -48.76 -9.47 -11.87
OP2 OMG NA 2895 -47.07 -11.45 -11.45
O5' OMG NA 2895 -49.41 -11.46 -10.46
C5' OMG NA 2895 -50.38 -12.47 -10.66
C4' OMG NA 2895 -50.59 -13.31 -9.44
O4' OMG NA 2895 -49.92 -14.59 -9.61
C3' OMG NA 2895 -50.05 -12.73 -8.14
O3' OMG NA 2895 -50.81 -13.22 -7.04
C2' OMG NA 2895 -48.66 -13.36 -8.06
O2' OMG NA 2895 -48.10 -13.39 -6.78
CM2 OMG NA 2895 -47.69 -12.11 -6.35
C1' OMG NA 2895 -48.97 -14.76 -8.58
N9 OMG NA 2895 -47.81 -15.48 -9.11
C8 OMG NA 2895 -46.74 -14.98 -9.81
N7 OMG NA 2895 -45.90 -15.91 -10.12
C5 OMG NA 2895 -46.43 -17.06 -9.61
C6 OMG NA 2895 -45.97 -18.40 -9.63
O6 OMG NA 2895 -44.96 -18.84 -10.12
N1 OMG NA 2895 -46.85 -19.25 -8.97
C2 OMG NA 2895 -48.01 -18.88 -8.38
N2 OMG NA 2895 -48.74 -19.84 -7.80
N3 OMG NA 2895 -48.45 -17.66 -8.36
C4 OMG NA 2895 -47.62 -16.80 -8.97
N1 PSU NA 2960 -76.55 -17.50 -10.43
C2 PSU NA 2960 -77.84 -17.89 -10.67
N3 PSU NA 2960 -78.83 -17.58 -9.78
C4 PSU NA 2960 -78.52 -16.88 -8.65
C5 PSU NA 2960 -77.23 -16.49 -8.41
C6 PSU NA 2960 -76.24 -16.81 -9.32
O2 PSU NA 2960 -78.11 -18.52 -11.68
O4 PSU NA 2960 -79.41 -16.60 -7.85
C1' PSU NA 2960 -76.90 -15.72 -7.17
C2' PSU NA 2960 -76.72 -16.67 -5.98
O2' PSU NA 2960 -77.17 -16.00 -4.81
C3' PSU NA 2960 -75.21 -16.83 -5.96
C4' PSU NA 2960 -74.73 -15.44 -6.34
O3' PSU NA 2960 -74.71 -17.26 -4.70
O4' PSU NA 2960 -75.69 -15.02 -7.34
C5' PSU NA 2960 -73.34 -15.38 -6.92
O5' PSU NA 2960 -73.29 -15.97 -8.21
P PSU NA 2960 -71.92 -16.45 -8.84
OP1 PSU NA 2960 -71.15 -17.09 -7.75
OP2 PSU NA 2960 -72.14 -17.18 -10.09
N1 PSU NA 2963 -76.36 -29.05 -10.41
C2 PSU NA 2963 -76.61 -29.22 -11.75
N3 PSU NA 2963 -77.26 -30.33 -12.19
C4 PSU NA 2963 -77.67 -31.29 -11.29
C5 PSU NA 2963 -77.41 -31.11 -9.94
C6 PSU NA 2963 -76.77 -29.97 -9.52
O2 PSU NA 2963 -76.24 -28.37 -12.54
O4 PSU NA 2963 -78.25 -32.29 -11.68
C1' PSU NA 2963 -77.87 -32.15 -8.96
C2' PSU NA 2963 -76.86 -33.27 -8.80
O2' PSU NA 2963 -77.57 -34.47 -8.50
C3' PSU NA 2963 -76.09 -32.81 -7.59
C4' PSU NA 2963 -77.16 -32.22 -6.73
O3' PSU NA 2963 -75.36 -33.82 -6.94
O4' PSU NA 2963 -78.04 -31.56 -7.68
C5' PSU NA 2963 -76.69 -31.23 -5.70
O5' PSU NA 2963 -75.50 -30.61 -6.14
P PSU NA 2963 -74.96 -29.32 -5.39
OP1 PSU NA 2963 -74.26 -29.87 -4.22
OP2 PSU NA 2963 -74.27 -28.47 -6.37
N1 PSU NA 2966 -68.24 -33.36 -16.66
C2 PSU NA 2966 -67.65 -32.13 -16.59
N3 PSU NA 2966 -67.36 -31.43 -17.73
C4 PSU NA 2966 -67.66 -31.97 -18.95
C5 PSU NA 2966 -68.25 -33.23 -19.03
C6 PSU NA 2966 -68.53 -33.91 -17.85
O2 PSU NA 2966 -67.38 -31.64 -15.50
O4 PSU NA 2966 -67.40 -31.34 -19.96
C1' PSU NA 2966 -68.60 -33.86 -20.33
C2' PSU NA 2966 -67.38 -34.19 -21.19
O2' PSU NA 2966 -67.74 -33.99 -22.54
C3' PSU NA 2966 -67.21 -35.67 -20.89
C4' PSU NA 2966 -68.64 -36.15 -20.80
O3' PSU NA 2966 -66.48 -36.37 -21.88
O4' PSU NA 2966 -69.32 -35.06 -20.13
C5' PSU NA 2966 -68.86 -37.43 -20.04
O5' PSU NA 2966 -68.41 -37.31 -18.70
P PSU NA 2966 -68.96 -38.29 -17.58
OP1 PSU NA 2966 -68.58 -39.67 -17.93
OP2 PSU NA 2966 -68.53 -37.69 -16.31
N1 OMU NA 2973 -55.75 -38.91 -11.56
C2 OMU NA 2973 -54.92 -37.94 -10.76
N3 OMU NA 2973 -53.96 -37.02 -11.44
C4 OMU NA 2973 -53.84 -37.07 -12.87
C5 OMU NA 2973 -54.65 -38.04 -13.66
C6 OMU NA 2973 -55.61 -38.94 -12.98
O2 OMU NA 2973 -55.03 -37.90 -9.55
O4 OMU NA 2973 -53.11 -36.38 -13.40
C1' OMU NA 2973 -56.70 -39.82 -10.88
C2' OMU NA 2973 -57.90 -39.07 -10.34
O2' OMU NA 2973 -58.42 -39.80 -9.24
CM2 OMU NA 2973 -57.70 -39.64 -8.07
C3' OMU NA 2973 -58.85 -39.15 -11.52
C4' OMU NA 2973 -58.62 -40.57 -11.99
O3' OMU NA 2973 -60.20 -38.88 -11.21
O4' OMU NA 2973 -57.18 -40.75 -11.83
C5' OMU NA 2973 -59.01 -40.87 -13.41
O5' OMU NA 2973 -58.82 -42.25 -13.69
P OMU NA 2973 -59.51 -42.93 -14.94
OP1 OMU NA 2973 -59.11 -44.37 -14.96
OP2 OMU NA 2973 -60.96 -42.55 -14.98
N1 PSU NA 2979 -68.67 -26.12 -18.84
C2 PSU NA 2979 -69.24 -27.31 -18.45
N3 PSU NA 2979 -69.51 -28.28 -19.38
C4 PSU NA 2979 -69.22 -28.06 -20.69
C5 PSU NA 2979 -68.64 -26.87 -21.08
C6 PSU NA 2979 -68.37 -25.90 -20.14
O2 PSU NA 2979 -69.50 -27.50 -17.27
O4 PSU NA 2979 -69.45 -28.93 -21.52
C1' PSU NA 2979 -68.31 -26.64 -22.53
C2' PSU NA 2979 -69.56 -26.22 -23.30
O2' PSU NA 2979 -69.45 -26.70 -24.62
C3' PSU NA 2979 -69.42 -24.70 -23.27
C4' PSU NA 2979 -67.92 -24.51 -23.43
O3' PSU NA 2979 -70.16 -24.04 -24.27
O4' PSU NA 2979 -67.36 -25.60 -22.66
C5' PSU NA 2979 -67.38 -23.21 -22.93
O5' PSU NA 2979 -67.88 -22.93 -21.63
P PSU NA 2979 -67.33 -21.71 -20.79
OP1 PSU NA 2979 -67.62 -20.48 -21.53
OP2 PSU NA 2979 -67.84 -21.92 -19.44
N1 PSU NA 3020 -76.75 -34.50 22.36
C2 PSU NA 3020 -76.55 -33.15 22.51
N3 PSU NA 3020 -75.36 -32.68 23.00
C4 PSU NA 3020 -74.37 -33.56 23.33
C5 PSU NA 3020 -74.58 -34.91 23.17
C6 PSU NA 3020 -75.79 -35.37 22.69
O2 PSU NA 3020 -77.45 -32.37 22.21
O4 PSU NA 3020 -73.29 -33.15 23.76
C1' PSU NA 3020 -73.49 -35.87 23.54
C2' PSU NA 3020 -73.48 -36.14 25.04
O2' PSU NA 3020 -72.14 -36.26 25.47
C3' PSU NA 3020 -74.20 -37.47 25.13
C4' PSU NA 3020 -73.79 -38.18 23.85
O3' PSU NA 3020 -73.88 -38.22 26.29
O4' PSU NA 3020 -73.68 -37.10 22.88
C5' PSU NA 3020 -74.74 -39.22 23.34
O5' PSU NA 3020 -76.02 -38.67 23.13
P PSU NA 3020 -77.19 -39.54 22.49
OP1 PSU NA 3020 -77.26 -40.84 23.16
OP2 PSU NA 3020 -78.39 -38.67 22.42
N1 PSU NA 3028 -74.22 -27.73 24.15
C2 PSU NA 3028 -74.09 -29.08 23.96
N3 PSU NA 3028 -72.97 -29.72 24.41
C4 PSU NA 3028 -71.98 -29.01 25.03
C5 PSU NA 3028 -72.11 -27.65 25.22
C6 PSU NA 3028 -73.26 -27.03 24.77
O2 PSU NA 3028 -74.97 -29.72 23.39
O4 PSU NA 3028 -70.99 -29.62 25.43
C1' PSU NA 3028 -71.06 -26.84 25.92
C2' PSU NA 3028 -69.80 -26.77 25.07
O2' PSU NA 3028 -68.69 -26.69 25.95
C3' PSU NA 3028 -70.00 -25.44 24.37
C4' PSU NA 3028 -70.62 -24.60 25.47
O3' PSU NA 3028 -68.81 -24.89 23.84
O4' PSU NA 3028 -71.50 -25.53 26.15
C5' PSU NA 3028 -71.39 -23.39 25.02
O5' PSU NA 3028 -72.47 -23.75 24.17
P PSU NA 3028 -73.70 -22.76 23.97
OP1 PSU NA 3028 -73.26 -21.49 23.37
OP2 PSU NA 3028 -74.76 -23.53 23.31
P OMG NA 3037 -58.34 -18.04 1.75
OP1 OMG NA 3037 -57.59 -16.97 1.00
OP2 OMG NA 3037 -58.44 -19.45 1.20
O5' OMG NA 3037 -57.74 -18.11 3.21
C5' OMG NA 3037 -57.53 -16.95 3.97
C4' OMG NA 3037 -56.91 -17.30 5.31
O4' OMG NA 3037 -57.89 -18.03 6.08
C3' OMG NA 3037 -55.72 -18.23 5.24
O3' OMG NA 3037 -54.51 -17.54 5.00
C2' OMG NA 3037 -55.77 -18.93 6.59
O2' OMG NA 3037 -55.16 -18.13 7.60
CM2 OMG NA 3037 -53.93 -18.65 8.03
C1' OMG NA 3037 -57.27 -19.01 6.86
N9 OMG NA 3037 -57.81 -20.32 6.48
C8 OMG NA 3037 -58.50 -20.66 5.35
N7 OMG NA 3037 -58.83 -21.91 5.34
C5 OMG NA 3037 -58.32 -22.42 6.50
C6 OMG NA 3037 -58.36 -23.71 7.06
O6 OMG NA 3037 -58.86 -24.71 6.59
N1 OMG NA 3037 -57.71 -23.77 8.28
C2 OMG NA 3037 -57.11 -22.73 8.90
N2 OMG NA 3037 -56.53 -22.96 10.08
N3 OMG NA 3037 -57.08 -21.53 8.40
C4 OMG NA 3037 -57.69 -21.43 7.23
P OMG NA 3059 -18.97 -48.26 -6.98
OP1 OMG NA 3059 -19.40 -49.39 -7.90
OP2 OMG NA 3059 -17.53 -48.15 -6.52
O5' OMG NA 3059 -19.36 -46.90 -7.70
C5' OMG NA 3059 -20.66 -46.69 -8.21
C4' OMG NA 3059 -20.78 -45.29 -8.74
O4' OMG NA 3059 -20.51 -44.36 -7.68
C3' OMG NA 3059 -19.79 -44.94 -9.83
O3' OMG NA 3059 -20.22 -45.32 -11.12
C2' OMG NA 3059 -19.63 -43.44 -9.66
O2' OMG NA 3059 -20.68 -42.74 -10.32
CM2 OMG NA 3059 -20.27 -41.47 -10.76
C1' OMG NA 3059 -19.79 -43.25 -8.16
N9 OMG NA 3059 -18.49 -43.20 -7.47
C8 OMG NA 3059 -17.83 -44.23 -6.86
N7 OMG NA 3059 -16.71 -43.86 -6.34
C5 OMG NA 3059 -16.62 -42.53 -6.61
C6 OMG NA 3059 -15.62 -41.59 -6.30
O6 OMG NA 3059 -14.59 -41.77 -5.69
N1 OMG NA 3059 -15.94 -40.33 -6.78
C2 OMG NA 3059 -17.07 -40.01 -7.46
N2 OMG NA 3059 -17.20 -38.74 -7.85
N3 OMG NA 3059 -17.99 -40.88 -7.76
C4 OMG NA 3059 -17.72 -42.11 -7.32
N1 PSU NA 3070 -10.20 -32.80 -30.72
C2 PSU NA 3070 -9.94 -31.85 -29.75
N3 PSU NA 3070 -10.67 -30.69 -29.70
C4 PSU NA 3070 -11.67 -30.48 -30.63
C5 PSU NA 3070 -11.91 -31.43 -31.61
C6 PSU NA 3070 -11.17 -32.60 -31.62
O2 PSU NA 3070 -9.06 -32.05 -28.94
O4 PSU NA 3070 -12.31 -29.45 -30.58
C1' PSU NA 3070 -13.02 -31.24 -32.58
C2' PSU NA 3070 -12.85 -30.24 -33.72
O2' PSU NA 3070 -14.04 -29.48 -33.79
C3' PSU NA 3070 -12.74 -31.15 -34.93
C4' PSU NA 3070 -13.60 -32.34 -34.55
O3' PSU NA 3070 -13.19 -30.54 -36.12
O4' PSU NA 3070 -13.39 -32.49 -33.14
C5' PSU NA 3070 -13.26 -33.63 -35.25
O5' PSU NA 3070 -11.94 -34.03 -34.95
P PSU NA 3070 -11.35 -35.39 -35.51
OP1 PSU NA 3070 -11.73 -35.49 -36.93
OP2 PSU NA 3070 -9.94 -35.48 -35.10
N1 PSU NA 3098 -9.65 -14.93 -46.36
C2 PSU NA 3098 -8.35 -15.38 -46.36
N3 PSU NA 3098 -7.91 -16.22 -47.34
C4 PSU NA 3098 -8.76 -16.61 -48.33
C5 PSU NA 3098 -10.07 -16.16 -48.33
C6 PSU NA 3098 -10.49 -15.32 -47.33
O2 PSU NA 3098 -7.59 -15.03 -45.46
O4 PSU NA 3098 -8.36 -17.35 -49.21
C1' PSU NA 3098 -11.02 -16.58 -49.42
C2' PSU NA 3098 -11.44 -18.03 -49.17
O2' PSU NA 3098 -11.73 -18.62 -50.42
C3' PSU NA 3098 -12.72 -17.81 -48.38
C4' PSU NA 3098 -13.33 -16.62 -49.10
O3' PSU NA 3098 -13.57 -18.94 -48.35
O4' PSU NA 3098 -12.18 -15.80 -49.40
C5' PSU NA 3098 -14.35 -15.83 -48.31
O5' PSU NA 3098 -13.81 -15.38 -47.09
P PSU NA 3098 -14.35 -14.05 -46.41
OP1 PSU NA 3098 -15.81 -14.19 -46.17
OP2 PSU NA 3098 -13.46 -13.71 -45.30
N1 PSU NA 3109 -14.22 -30.84 -22.52
C2 PSU NA 3109 -13.22 -31.78 -22.43
N3 PSU NA 3109 -13.37 -33.02 -22.99
C4 PSU NA 3109 -14.53 -33.31 -23.67
C5 PSU NA 3109 -15.53 -32.35 -23.76
C6 PSU NA 3109 -15.35 -31.11 -23.19
O2 PSU NA 3109 -12.20 -31.51 -21.81
O4 PSU NA 3109 -14.66 -34.41 -24.19
C1' PSU NA 3109 -16.79 -32.62 -24.52
C2' PSU NA 3109 -17.78 -33.58 -23.88
O2' PSU NA 3109 -18.33 -34.40 -24.89
C3' PSU NA 3109 -18.85 -32.63 -23.33
C4' PSU NA 3109 -18.81 -31.47 -24.33
O3' PSU NA 3109 -20.11 -33.23 -23.24
O4' PSU NA 3109 -17.44 -31.39 -24.75
C5' PSU NA 3109 -19.24 -30.14 -23.78
O5' PSU NA 3109 -18.39 -29.73 -22.73
P PSU NA 3109 -18.36 -28.21 -22.23
OP1 PSU NA 3109 -19.72 -27.85 -21.83
OP2 PSU NA 3109 -17.25 -27.97 -21.30
P 5MC NA 3114 -11.91 -47.43 -11.71
OP1 5MC NA 3114 -11.57 -48.70 -10.96
OP2 5MC NA 3114 -13.15 -47.37 -12.57
O5' 5MC NA 3114 -12.00 -46.26 -10.66
C5' 5MC NA 3114 -10.90 -45.96 -9.80
C4' 5MC NA 3114 -11.31 -45.02 -8.70
O4' 5MC NA 3114 -11.66 -43.74 -9.26
C3' 5MC NA 3114 -12.53 -45.43 -7.89
O3' 5MC NA 3114 -12.19 -46.10 -6.68
C2' 5MC NA 3114 -13.33 -44.13 -7.66
O2' 5MC NA 3114 -13.39 -43.82 -6.27
C1' 5MC NA 3114 -12.45 -43.08 -8.32
N1 5MC NA 3114 -13.23 -42.02 -8.99
C2 5MC NA 3114 -12.68 -40.75 -9.09
O2 5MC NA 3114 -11.58 -40.55 -8.62
N3 5MC NA 3114 -13.38 -39.78 -9.67
C4 5MC NA 3114 -14.58 -40.01 -10.16
N4 5MC NA 3114 -15.23 -39.02 -10.74
C5 5MC NA 3114 -15.19 -41.28 -10.09
C6 5MC NA 3114 -14.46 -42.25 -9.50
CM5 5MC NA 3114 -16.54 -41.49 -10.66
N1 OMC NA 3123 17.39 -33.70 -13.57
C2 OMC NA 3123 17.08 -35.05 -13.45
N3 OMC NA 3123 15.94 -35.49 -14.01
C4 OMC NA 3123 15.13 -34.69 -14.64
C5 OMC NA 3123 15.42 -33.30 -14.78
C6 OMC NA 3123 16.55 -32.88 -14.23
O2 OMC NA 3123 17.83 -35.81 -12.86
N4 OMC NA 3123 14.03 -35.21 -15.16
C1' OMC NA 3123 18.61 -33.10 -12.99
C2' OMC NA 3123 19.87 -33.57 -13.71
O2' OMC NA 3123 20.91 -33.70 -12.74
CM2 OMC NA 3123 20.84 -34.94 -12.10
C3' OMC NA 3123 20.16 -32.40 -14.64
C4' OMC NA 3123 19.72 -31.22 -13.81
O4' OMC NA 3123 18.54 -31.70 -13.13
O3' OMC NA 3123 21.51 -32.31 -15.04
C5' OMC NA 3123 19.34 -30.00 -14.61
O5' OMC NA 3123 18.33 -30.32 -15.56
P OMC NA 3123 17.64 -29.19 -16.43
OP1 OMC NA 3123 18.75 -28.38 -17.05
OP2 OMC NA 3123 16.59 -29.86 -17.28
N1 PSU NA 3124 17.58 -34.97 -17.18
C2 PSU NA 3124 16.52 -35.74 -17.55
N3 PSU NA 3124 16.57 -37.10 -17.43
C4 PSU NA 3124 17.71 -37.68 -16.94
C5 PSU NA 3124 18.79 -36.90 -16.59
C6 PSU NA 3124 18.71 -35.54 -16.69
O2 PSU NA 3124 15.49 -35.21 -17.97
O4 PSU NA 3124 17.76 -38.90 -16.84
C1' PSU NA 3124 20.03 -37.52 -16.02
C2' PSU NA 3124 21.00 -38.14 -17.02
O2' PSU NA 3124 21.54 -39.32 -16.43
C3' PSU NA 3124 22.08 -37.08 -17.14
C4' PSU NA 3124 22.11 -36.47 -15.75
O3' PSU NA 3124 23.33 -37.58 -17.53
O4' PSU NA 3124 20.74 -36.53 -15.30
C5' PSU NA 3124 22.59 -35.05 -15.68
O5' PSU NA 3124 21.87 -34.24 -16.60
P PSU NA 3124 21.94 -32.66 -16.54
OP1 PSU NA 3124 23.37 -32.37 -16.71
OP2 PSU NA 3124 20.94 -32.12 -17.48
N1 PSU NA 3138 23.46 -23.35 -52.08
C2 PSU NA 3138 22.28 -22.94 -51.53
N3 PSU NA 3138 21.08 -23.35 -52.06
C4 PSU NA 3138 21.09 -24.18 -53.15
C5 PSU NA 3138 22.29 -24.58 -53.71
C6 PSU NA 3138 23.48 -24.15 -53.15
O2 PSU NA 3138 22.27 -22.19 -50.55
O4 PSU NA 3138 20.02 -24.55 -53.62
C1' PSU NA 3138 22.33 -25.49 -54.89
C2' PSU NA 3138 21.83 -24.78 -56.15
O2' PSU NA 3138 21.23 -25.75 -56.99
C3' PSU NA 3138 23.13 -24.29 -56.76
C4' PSU NA 3138 24.09 -25.41 -56.43
O3' PSU NA 3138 23.06 -24.02 -58.14
O4' PSU NA 3138 23.67 -25.87 -55.13
C5' PSU NA 3138 25.55 -25.03 -56.39
O5' PSU NA 3138 26.37 -26.20 -56.37
P PSU NA 3138 27.80 -26.17 -55.70
OP1 PSU NA 3138 28.79 -26.21 -56.79
OP2 PSU NA 3138 27.83 -25.10 -54.70
N1 PSU NA 3160 23.75 -21.48 -25.68
C2 PSU NA 3160 24.27 -20.24 -25.42
N3 PSU NA 3160 25.58 -20.12 -25.02
C4 PSU NA 3160 26.36 -21.24 -24.92
C5 PSU NA 3160 25.82 -22.49 -25.18
C6 PSU NA 3160 24.50 -22.58 -25.57
O2 PSU NA 3160 23.57 -19.24 -25.53
O4 PSU NA 3160 27.52 -21.12 -24.56
C1' PSU NA 3160 26.66 -23.73 -25.05
C2' PSU NA 3160 26.84 -24.04 -23.56
O2' PSU NA 3160 28.11 -24.64 -23.39
C3' PSU NA 3160 25.73 -25.04 -23.33
C4' PSU NA 3160 25.74 -25.83 -24.62
O3' PSU NA 3160 25.92 -25.85 -22.19
O4' PSU NA 3160 26.01 -24.84 -25.63
C5' PSU NA 3160 24.46 -26.57 -24.97
O5' PSU NA 3160 23.36 -25.68 -25.03
P PSU NA 3160 22.32 -25.76 -26.24
OP1 PSU NA 3160 21.92 -27.16 -26.39
OP2 PSU NA 3160 21.29 -24.72 -26.04
P OMG NA 3161 25.38 -25.36 -20.76
OP1 OMG NA 3161 25.48 -26.51 -19.78
OP2 OMG NA 3161 24.06 -24.64 -20.96
O5' OMG NA 3161 26.45 -24.27 -20.30
C5' OMG NA 3161 27.82 -24.62 -20.15
C4' OMG NA 3161 28.59 -23.49 -19.54
O4' OMG NA 3161 28.72 -22.42 -20.51
C3' OMG NA 3161 27.91 -22.82 -18.36
O3' OMG NA 3161 28.14 -23.52 -17.15
C2' OMG NA 3161 28.50 -21.42 -18.38
O2' OMG NA 3161 29.83 -21.43 -17.88
CM2 OMG NA 3161 30.02 -20.58 -16.78
C1' OMG NA 3161 28.57 -21.16 -19.88
N9 OMG NA 3161 27.33 -20.54 -20.38
C8 OMG NA 3161 26.31 -21.17 -21.04
N7 OMG NA 3161 25.36 -20.36 -21.36
C5 OMG NA 3161 25.77 -19.14 -20.90
C6 OMG NA 3161 25.14 -17.88 -20.96
O6 OMG NA 3161 24.07 -17.59 -21.45
N1 OMG NA 3161 25.92 -16.90 -20.35
C2 OMG NA 3161 27.12 -17.11 -19.77
N2 OMG NA 3161 27.72 -16.04 -19.25
N3 OMG NA 3161 27.71 -18.27 -19.72
C4 OMG NA 3161 27.00 -19.24 -20.29
N1 OMU NA 3165 14.27 -17.31 -10.86
C2 OMU NA 3165 14.07 -17.83 -12.25
N3 OMU NA 3165 15.14 -18.59 -12.94
C4 OMU NA 3165 16.39 -18.82 -12.24
C5 OMU NA 3165 16.59 -18.30 -10.86
C6 OMU NA 3165 15.52 -17.54 -10.19
O2 OMU NA 3165 13.02 -17.63 -12.82
O4 OMU NA 3165 17.22 -19.41 -12.75
C1' OMU NA 3165 13.18 -16.56 -10.21
C2' OMU NA 3165 12.28 -17.48 -9.39
O2' OMU NA 3165 10.96 -16.97 -9.46
CM2 OMU NA 3165 10.00 -17.98 -9.51
C3' OMU NA 3165 12.85 -17.28 -7.98
C4' OMU NA 3165 13.23 -15.82 -7.99
O3' OMU NA 3165 11.92 -17.60 -6.95
O4' OMU NA 3165 13.75 -15.61 -9.32
C5' OMU NA 3165 14.26 -15.41 -6.99
O5' OMU NA 3165 15.36 -16.31 -6.99
P OMU NA 3165 16.81 -15.82 -6.61
OP1 OMU NA 3165 16.82 -15.55 -5.15
OP2 OMU NA 3165 17.79 -16.79 -7.20
P OMG NA 3166 12.28 -18.76 -5.91
OP1 OMG NA 3166 11.14 -18.83 -4.90
OP2 OMG NA 3166 13.71 -18.55 -5.42
O5' OMG NA 3166 12.24 -20.09 -6.78
C5' OMG NA 3166 12.95 -21.25 -6.38
C4' OMG NA 3166 12.43 -22.48 -7.06
O4' OMG NA 3166 11.07 -22.74 -6.62
C3' OMG NA 3166 12.31 -22.43 -8.57
O3' OMG NA 3166 13.54 -22.68 -9.23
C2' OMG NA 3166 11.24 -23.46 -8.87
O2' OMG NA 3166 11.78 -24.77 -8.79
CM2 OMG NA 3166 11.39 -25.60 -9.85
C1' OMG NA 3166 10.31 -23.26 -7.68
N9 OMG NA 3166 9.22 -22.33 -7.98
C8 OMG NA 3166 9.24 -20.96 -7.84
N7 OMG NA 3166 8.13 -20.41 -8.17
C5 OMG NA 3166 7.32 -21.44 -8.54
C6 OMG NA 3166 5.99 -21.44 -9.00
O6 OMG NA 3166 5.25 -20.49 -9.17
N1 OMG NA 3166 5.55 -22.73 -9.28
C2 OMG NA 3166 6.29 -23.87 -9.13
N2 OMG NA 3166 5.70 -25.02 -9.44
N3 OMG NA 3166 7.52 -23.86 -8.70
C4 OMG NA 3166 7.99 -22.64 -8.43
N1 PSU NA 3167 8.04 -18.49 -12.62
C2 PSU NA 3167 6.69 -18.67 -12.73
N3 PSU NA 3167 6.15 -19.94 -12.63
C4 PSU NA 3167 6.97 -21.01 -12.41
C5 PSU NA 3167 8.33 -20.82 -12.32
C6 PSU NA 3167 8.86 -19.55 -12.41
O2 PSU NA 3167 5.96 -17.71 -12.93
O4 PSU NA 3167 6.51 -22.14 -12.32
C1' PSU NA 3167 9.24 -21.98 -12.07
C2' PSU NA 3167 9.70 -22.71 -13.33
O2' PSU NA 3167 9.74 -24.10 -13.04
C3' PSU NA 3167 11.10 -22.17 -13.52
C4' PSU NA 3167 11.57 -21.95 -12.10
O3' PSU NA 3167 11.95 -23.05 -14.23
O4' PSU NA 3167 10.40 -21.51 -11.40
C5' PSU NA 3167 12.68 -20.94 -11.91
O5' PSU NA 3167 13.87 -21.57 -11.47
P PSU NA 3167 14.34 -21.50 -9.96
OP1 PSU NA 3167 15.77 -21.82 -9.94
OP2 PSU NA 3167 13.89 -20.24 -9.35
N1 PSU NA 3188 10.48 -36.23 -18.11
C2 PSU NA 3188 11.71 -35.61 -18.18
N3 PSU NA 3188 12.86 -36.35 -18.12
C4 PSU NA 3188 12.79 -37.71 -17.98
C5 PSU NA 3188 11.55 -38.33 -17.90
C6 PSU NA 3188 10.40 -37.56 -17.97
O2 PSU NA 3188 11.77 -34.40 -18.30
O4 PSU NA 3188 13.80 -38.37 -17.92
C1' PSU NA 3188 11.47 -39.81 -17.76
C2' PSU NA 3188 11.53 -40.24 -16.29
O2' PSU NA 3188 12.30 -41.44 -16.20
C3' PSU NA 3188 10.08 -40.52 -15.98
C4' PSU NA 3188 9.56 -41.07 -17.31
O3' PSU NA 3188 9.92 -41.44 -14.93
O4' PSU NA 3188 10.28 -40.31 -18.30
C5' PSU NA 3188 8.08 -40.92 -17.54
O5' PSU NA 3188 7.68 -39.55 -17.51
P PSU NA 3188 6.30 -39.09 -18.10
OP1 PSU NA 3188 5.35 -40.05 -17.54
OP2 PSU NA 3188 6.12 -37.65 -17.89
P A2M NA 3190 9.43 -44.69 -10.35
OP1 A2M NA 3190 9.45 -44.84 -11.84
O5' A2M NA 3190 10.22 -46.02 -9.43
C5' A2M NA 3190 10.66 -45.70 -8.21
C4' A2M NA 3190 10.99 -46.94 -7.39
O4' A2M NA 3190 9.85 -47.70 -7.18
C3' A2M NA 3190 11.97 -47.86 -8.07
O3' A2M NA 3190 13.19 -47.24 -8.09
C2' A2M NA 3190 11.80 -49.09 -7.21
O2' A2M NA 3190 12.28 -48.91 -5.92
C1' A2M NA 3190 10.26 -49.04 -7.21
CM' A2M NA 3190 12.06 -50.05 -5.16
N9 A2M NA 3190 9.65 -49.69 -8.32
C8 A2M NA 3190 9.24 -49.23 -9.57
N7 A2M NA 3190 8.70 -50.19 -10.31
C5 A2M NA 3190 8.78 -51.31 -9.50
C6 A2M NA 3190 8.42 -52.63 -9.66
N6 A2M NA 3190 7.82 -53.08 -10.82
N1 A2M NA 3190 8.61 -53.55 -8.70
C2 A2M NA 3190 9.18 -53.10 -7.57
N3 A2M NA 3190 9.59 -51.88 -7.26
C4 A2M NA 3190 9.36 -51.02 -8.26
OP2 A2M NA 3190 8.14 -44.86 -9.61
P UR3 NA 3197 3.53 -23.09 -2.52
OP1 UR3 NA 3197 3.09 -21.75 -2.07
OP2 UR3 NA 3197 4.17 -24.03 -1.54
O5' UR3 NA 3197 2.29 -23.83 -3.16
C5' UR3 NA 3197 1.73 -23.38 -4.38
C4' UR3 NA 3197 0.98 -24.49 -5.08
O4' UR3 NA 3197 1.93 -25.47 -5.56
C1' UR3 NA 3197 1.35 -26.75 -5.51
N1 UR3 NA 3197 2.19 -27.59 -4.64
C6 UR3 NA 3197 3.09 -27.00 -3.69
C2 UR3 NA 3197 2.11 -29.05 -4.75
O2 UR3 NA 3197 1.38 -29.52 -5.52
N3 UR3 NA 3197 2.95 -29.92 -3.88
C3U UR3 NA 3197 2.84 -31.41 -4.00
C4 UR3 NA 3197 3.84 -29.33 -2.93
O4 UR3 NA 3197 4.52 -30.03 -2.23
C5 UR3 NA 3197 3.93 -27.85 -2.82
C2' UR3 NA 3197 -0.06 -26.60 -4.97
O2' UR3 NA 3197 -0.95 -26.46 -6.07
C3' UR3 NA 3197 0.04 -25.29 -4.20
O3' UR3 NA 3197 -1.20 -24.65 -4.01
N1 PSU NA 3199 0.62 -32.69 4.81
C2 PSU NA 3199 0.83 -33.51 5.89
N3 PSU NA 3199 -0.24 -33.96 6.63
C4 PSU NA 3199 -1.50 -33.61 6.28
C5 PSU NA 3199 -1.72 -32.78 5.19
C6 PSU NA 3199 -0.62 -32.34 4.45
O2 PSU NA 3199 1.98 -33.82 6.20
O4 PSU NA 3199 -2.45 -34.02 6.94
C1' PSU NA 3199 -3.11 -32.39 4.79
C2' PSU NA 3199 -3.63 -31.33 5.75
O2' PSU NA 3199 -5.03 -31.44 5.80
C3' PSU NA 3199 -3.24 -30.06 5.03
C4' PSU NA 3199 -3.50 -30.43 3.58
O3' PSU NA 3199 -3.97 -28.92 5.44
O4' PSU NA 3199 -3.09 -31.82 3.50
C5' PSU NA 3199 -2.75 -29.62 2.56
O5' PSU NA 3199 -1.38 -29.58 2.87
P PSU NA 3199 -0.39 -28.67 2.01
OP1 PSU NA 3199 -0.94 -27.32 2.17
OP2 PSU NA 3199 0.98 -29.00 2.45
N1 OMC NA 3203 1.07 -16.27 10.54
C2 OMC NA 3203 1.18 -16.02 9.16
N3 OMC NA 3203 0.44 -16.76 8.32
C4 OMC NA 3203 -0.37 -17.69 8.76
C5 OMC NA 3203 -0.50 -17.97 10.15
C6 OMC NA 3203 0.25 -17.23 10.97
O2 OMC NA 3203 1.93 -15.16 8.75
N4 OMC NA 3203 -1.07 -18.39 7.89
C1' OMC NA 3203 1.85 -15.49 11.53
C2' OMC NA 3203 1.24 -14.12 11.79
O2' OMC NA 3203 2.28 -13.22 12.11
CM2 OMC NA 3203 2.83 -12.60 10.98
C3' OMC NA 3203 0.40 -14.40 13.02
C4' OMC NA 3203 1.29 -15.36 13.79
O4' OMC NA 3203 1.85 -16.20 12.75
O3' OMC NA 3203 0.05 -13.26 13.76
C5' OMC NA 3203 0.60 -16.22 14.81
O5' OMC NA 3203 -0.54 -16.87 14.26
P OMC NA 3203 -1.28 -18.02 15.06
OP1 OMC NA 3203 -1.76 -17.43 16.36
OP2 OMC NA 3203 -2.26 -18.69 14.11
N1 PSU NA 3219 5.01 -20.98 4.89
C2 PSU NA 3219 4.13 -21.80 5.53
N3 PSU NA 3219 4.29 -22.11 6.85
C4 PSU NA 3219 5.35 -21.58 7.53
C5 PSU NA 3219 6.25 -20.75 6.89
C6 PSU NA 3219 6.05 -20.46 5.55
O2 PSU NA 3219 3.17 -22.27 4.91
O4 PSU NA 3219 5.49 -21.86 8.72
C1' PSU NA 3219 7.42 -20.19 7.64
C2' PSU NA 3219 8.51 -21.25 7.72
O2' PSU NA 3219 9.23 -21.05 8.92
C3' PSU NA 3219 9.36 -20.88 6.52
C4' PSU NA 3219 9.33 -19.36 6.56
O3' PSU NA 3219 10.67 -21.40 6.56
O4' PSU NA 3219 7.96 -19.08 6.96
C5' PSU NA 3219 9.64 -18.65 5.27
O5' PSU NA 3219 8.79 -19.08 4.22
P PSU NA 3219 8.82 -18.35 2.82
OP1 PSU NA 3219 10.27 -18.18 2.61
OP2 PSU NA 3219 7.99 -19.10 1.87
P A2M NA 3238 26.83 -76.90 -25.34
OP1 A2M NA 3238 27.56 -78.19 -25.20
O5' A2M NA 3238 25.14 -77.00 -25.94
C5' A2M NA 3238 24.23 -77.41 -25.06
C4' A2M NA 3238 22.86 -77.09 -25.61
O4' A2M NA 3238 22.64 -75.74 -25.47
C3' A2M NA 3238 22.79 -77.41 -27.08
O3' A2M NA 3238 22.60 -78.77 -27.16
C2' A2M NA 3238 21.70 -76.48 -27.54
O2' A2M NA 3238 20.43 -76.91 -27.17
C1' A2M NA 3238 22.11 -75.30 -26.69
CM' A2M NA 3238 19.46 -76.26 -27.93
N9 A2M NA 3238 23.03 -74.37 -27.26
C8 A2M NA 3238 24.41 -74.20 -27.13
N7 A2M NA 3238 24.88 -73.19 -27.85
C5 A2M NA 3238 23.76 -72.69 -28.47
C6 A2M NA 3238 23.52 -71.65 -29.34
N6 A2M NA 3238 24.55 -70.85 -29.78
N1 A2M NA 3238 22.29 -71.35 -29.81
C2 A2M NA 3238 21.29 -72.14 -29.37
N3 A2M NA 3238 21.33 -73.19 -28.53
C4 A2M NA 3238 22.60 -73.41 -28.10
OP2 A2M NA 3238 27.23 -75.93 -26.41
N1 PSU NA 3243 34.44 -86.27 -35.23
C2 PSU NA 3243 35.80 -86.20 -35.42
N3 PSU NA 3243 36.67 -86.44 -34.39
C4 PSU NA 3243 36.16 -86.77 -33.15
C5 PSU NA 3243 34.79 -86.84 -32.95
C6 PSU NA 3243 33.95 -86.60 -34.02
O2 PSU NA 3243 36.24 -85.91 -36.53
O4 PSU NA 3243 36.93 -86.99 -32.23
C1' PSU NA 3243 34.20 -87.23 -31.63
C2' PSU NA 3243 34.33 -86.16 -30.55
O2' PSU NA 3243 34.46 -86.82 -29.30
C3' PSU NA 3243 32.98 -85.46 -30.65
C4' PSU NA 3243 32.04 -86.60 -30.97
O3' PSU NA 3243 32.62 -84.76 -29.48
O4' PSU NA 3243 32.83 -87.48 -31.82
C5' PSU NA 3243 30.78 -86.22 -31.68
O5' PSU NA 3243 31.08 -85.52 -32.88
P PSU NA 3243 29.92 -85.01 -33.84
OP1 PSU NA 3243 29.00 -84.28 -32.93
OP2 PSU NA 3243 30.53 -84.33 -34.99
N1 PSU NA 3246 39.66 -76.03 -35.77
C2 PSU NA 3246 39.50 -76.11 -37.12
N3 PSU NA 3246 40.57 -75.98 -37.96
C4 PSU NA 3246 41.82 -75.77 -37.44
C5 PSU NA 3246 41.98 -75.69 -36.07
C6 PSU NA 3246 40.89 -75.82 -35.25
O2 PSU NA 3246 38.38 -76.30 -37.60
O4 PSU NA 3246 42.78 -75.66 -38.20
C1' PSU NA 3246 43.35 -75.48 -35.49
C2' PSU NA 3246 43.79 -74.03 -35.68
O2' PSU NA 3246 45.20 -74.01 -35.88
C3' PSU NA 3246 43.44 -73.44 -34.33
C4' PSU NA 3246 43.79 -74.57 -33.38
O3' PSU NA 3246 44.16 -72.25 -34.04
O4' PSU NA 3246 43.37 -75.76 -34.11
C5' PSU NA 3246 43.13 -74.54 -32.04
O5' PSU NA 3246 41.73 -74.37 -32.17
P PSU NA 3246 40.75 -74.74 -30.98
OP1 PSU NA 3246 41.03 -73.81 -29.87
OP2 PSU NA 3246 39.39 -74.85 -31.52
P A2M NA 3257 32.95 -42.33 -40.91
OP1 A2M NA 3257 31.91 -42.99 -41.76
O5' A2M NA 3257 33.20 -40.57 -41.22
C5' A2M NA 3257 33.90 -39.89 -40.30
C4' A2M NA 3257 32.93 -39.36 -39.26
O4' A2M NA 3257 33.38 -39.75 -37.99
C3' A2M NA 3257 32.86 -37.85 -39.26
O3' A2M NA 3257 32.10 -37.48 -40.36
C2' A2M NA 3257 32.33 -37.61 -37.89
O2' A2M NA 3257 31.00 -38.02 -37.74
C1' A2M NA 3257 33.24 -38.62 -37.19
CM' A2M NA 3257 30.45 -37.50 -36.56
N9 A2M NA 3257 34.55 -38.15 -36.85
C8 A2M NA 3257 35.83 -38.47 -37.31
N7 A2M NA 3257 36.79 -37.76 -36.71
C5 A2M NA 3257 36.08 -36.96 -35.82
C6 A2M NA 3257 36.44 -36.01 -34.90
N6 A2M NA 3257 37.76 -35.66 -34.69
N1 A2M NA 3257 35.55 -35.36 -34.15
C2 A2M NA 3257 34.26 -35.69 -34.34
N3 A2M NA 3257 33.73 -36.58 -35.18
C4 A2M NA 3257 34.69 -37.19 -35.90
OP2 A2M NA 3257 34.39 -42.66 -41.13
P OMG NA 3285 46.89 -29.01 -31.69
OP1 OMG NA 3285 47.91 -29.63 -30.76
OP2 OMG NA 3285 46.09 -29.89 -32.64
O5' OMG NA 3285 45.84 -28.20 -30.82
C5' OMG NA 3285 44.46 -28.45 -30.93
C4' OMG NA 3285 43.65 -27.19 -30.86
O4' OMG NA 3285 43.66 -26.52 -32.15
C3' OMG NA 3285 42.18 -27.41 -30.53
O3' OMG NA 3285 41.91 -27.30 -29.15
C2' OMG NA 3285 41.45 -26.38 -31.39
O2' OMG NA 3285 41.44 -25.11 -30.75
CM2 OMG NA 3285 40.23 -24.42 -30.93
C1' OMG NA 3285 42.35 -26.31 -32.60
N9 OMG NA 3285 42.04 -27.34 -33.60
C8 OMG NA 3285 42.92 -28.25 -34.10
N7 OMG NA 3285 42.38 -29.05 -34.97
C5 OMG NA 3285 41.08 -28.65 -35.04
C6 OMG NA 3285 40.01 -29.15 -35.83
O6 OMG NA 3285 40.02 -30.06 -36.62
N1 OMG NA 3285 38.85 -28.43 -35.59
C2 OMG NA 3285 38.71 -27.40 -34.73
N2 OMG NA 3285 37.49 -26.84 -34.63
N3 OMG NA 3285 39.69 -26.93 -34.01
C4 OMG NA 3285 40.84 -27.58 -34.20
N1 OMU NA 3287 34.18 -31.88 -30.48
C2 OMU NA 3287 34.20 -32.88 -31.59
N3 OMU NA 3287 35.49 -33.40 -32.09
C4 OMU NA 3287 36.74 -32.94 -31.52
C5 OMU NA 3287 36.71 -31.95 -30.43
C6 OMU NA 3287 35.43 -31.44 -29.92
O2 OMU NA 3287 33.15 -33.27 -32.06
O4 OMU NA 3287 37.71 -33.34 -31.93
C1' OMU NA 3287 32.88 -31.38 -29.98
C2' OMU NA 3287 32.23 -32.37 -29.03
O2' OMU NA 3287 30.83 -32.16 -29.06
CM2 OMU NA 3287 30.24 -32.44 -30.30
C3' OMU NA 3287 32.81 -31.92 -27.71
C4' OMU NA 3287 32.75 -30.41 -27.85
O3' OMU NA 3287 32.14 -32.42 -26.58
O4' OMU NA 3287 33.10 -30.18 -29.25
C5' OMU NA 3287 33.70 -29.63 -26.98
O5' OMU NA 3287 34.98 -30.22 -26.98
P OMU NA 3287 36.24 -29.44 -26.41
OP1 OMU NA 3287 35.99 -29.12 -24.98
OP2 OMU NA 3287 37.45 -30.25 -26.81
P OMG NA 3290 33.81 -44.81 -27.20
OP1 OMG NA 3290 32.63 -45.65 -26.77
OP2 OMG NA 3290 34.34 -43.71 -26.30
O5' OMG NA 3290 35.02 -45.76 -27.57
C5' OMG NA 3290 35.05 -46.42 -28.82
C4' OMG NA 3290 36.46 -46.73 -29.26
O4' OMG NA 3290 37.08 -45.56 -29.83
C3' OMG NA 3290 37.42 -47.12 -28.16
O3' OMG NA 3290 37.24 -48.43 -27.69
C2' OMG NA 3290 38.76 -46.87 -28.82
O2' OMG NA 3290 39.06 -47.89 -29.75
CM2 OMG NA 3290 40.43 -48.03 -29.98
C1' OMG NA 3290 38.46 -45.59 -29.60
N9 OMG NA 3290 38.85 -44.40 -28.83
C8 OMG NA 3290 38.05 -43.64 -28.02
N7 OMG NA 3290 38.70 -42.65 -27.50
C5 OMG NA 3290 39.97 -42.77 -27.98
C6 OMG NA 3290 41.12 -41.98 -27.76
O6 OMG NA 3290 41.23 -40.98 -27.06
N1 OMG NA 3290 42.22 -42.48 -28.46
C2 OMG NA 3290 42.20 -43.57 -29.26
N2 OMG NA 3290 43.35 -43.90 -29.85
N3 OMG NA 3290 41.15 -44.29 -29.47
C4 OMG NA 3290 40.08 -43.85 -28.81
N1 PSU NA 3295 53.65 -41.41 -18.68
C2 PSU NA 3295 52.46 -40.88 -19.12
N3 PSU NA 3295 52.43 -39.63 -19.70
C4 PSU NA 3295 53.59 -38.91 -19.83
C5 PSU NA 3295 54.79 -39.46 -19.37
C6 PSU NA 3295 54.78 -40.71 -18.81
O2 PSU NA 3295 51.44 -41.52 -19.00
O4 PSU NA 3295 53.56 -37.81 -20.34
C1' PSU NA 3295 56.08 -38.72 -19.52
C2' PSU NA 3295 56.31 -37.71 -18.39
O2' PSU NA 3295 57.05 -36.62 -18.93
C3' PSU NA 3295 57.19 -38.51 -17.44
C4' PSU NA 3295 58.02 -39.37 -18.39
O3' PSU NA 3295 57.99 -37.72 -16.60
O4' PSU NA 3295 57.12 -39.66 -19.48
C5' PSU NA 3295 58.53 -40.66 -17.80
O5' PSU NA 3295 57.46 -41.50 -17.38
P PSU NA 3295 57.70 -43.03 -17.04
OP1 PSU NA 3295 58.87 -43.09 -16.15
OP2 PSU NA 3295 56.41 -43.61 -16.64
N1 PSU NA 3303 50.58 -52.48 9.30
C2 PSU NA 3303 50.12 -51.41 10.03
N3 PSU NA 3303 49.87 -50.20 9.44
C4 PSU NA 3303 50.06 -50.08 8.09
C5 PSU NA 3303 50.51 -51.15 7.35
C6 PSU NA 3303 50.77 -52.36 7.97
O2 PSU NA 3303 49.94 -51.52 11.24
O4 PSU NA 3303 49.84 -49.01 7.54
C1' PSU NA 3303 50.72 -50.97 5.87
C2' PSU NA 3303 52.17 -51.26 5.48
O2' PSU NA 3303 52.63 -50.22 4.63
C3' PSU NA 3303 52.05 -52.56 4.69
C4' PSU NA 3303 50.66 -52.47 4.11
O3' PSU NA 3303 53.04 -52.71 3.70
O4' PSU NA 3303 49.89 -51.80 5.11
C5' PSU NA 3303 50.00 -53.79 3.76
O5' PSU NA 3303 50.82 -54.55 2.89
P PSU NA 3303 50.27 -55.11 1.51
OP1 PSU NA 3303 50.47 -56.56 1.67
OP2 PSU NA 3303 48.94 -54.54 1.25
P OMG NA 3304 54.45 -53.39 4.05
OP1 OMG NA 3304 54.28 -54.88 3.86
OP2 OMG NA 3304 54.97 -52.85 5.37
O5' OMG NA 3304 55.42 -52.86 2.92
C5' OMG NA 3304 56.79 -53.20 2.93
C4' OMG NA 3304 57.65 -52.11 2.32
O4' OMG NA 3304 56.84 -51.20 1.55
C3' OMG NA 3304 58.34 -51.19 3.30
O3' OMG NA 3304 59.48 -51.79 3.88
C2' OMG NA 3304 58.66 -49.99 2.44
O2' OMG NA 3304 59.82 -50.24 1.65
CM2 OMG NA 3304 60.17 -49.18 0.81
C1' OMG NA 3304 57.46 -49.94 1.51
N9 OMG NA 3304 56.47 -48.92 1.89
C8 OMG NA 3304 55.22 -49.15 2.41
N7 OMG NA 3304 54.57 -48.07 2.65
C5 OMG NA 3304 55.42 -47.06 2.26
C6 OMG NA 3304 55.24 -45.67 2.28
O6 OMG NA 3304 54.28 -45.02 2.65
N1 OMG NA 3304 56.37 -45.01 1.79
C2 OMG NA 3304 57.49 -45.61 1.34
N2 OMG NA 3304 58.48 -44.81 0.91
N3 OMG NA 3304 57.65 -46.90 1.32
C4 OMG NA 3304 56.60 -47.58 1.79
N1 PSU NA 3340 46.59 -37.79 -23.61
C2 PSU NA 3340 45.80 -38.91 -23.76
N3 PSU NA 3340 46.34 -40.09 -24.18
C4 PSU NA 3340 47.68 -40.16 -24.46
C5 PSU NA 3340 48.48 -39.04 -24.30
C6 PSU NA 3340 47.90 -37.86 -23.87
O2 PSU NA 3340 44.60 -38.83 -23.51
O4 PSU NA 3340 48.17 -41.21 -24.83
C1' PSU NA 3340 49.94 -39.10 -24.59
C2' PSU NA 3340 50.19 -39.04 -26.10
O2' PSU NA 3340 51.36 -39.77 -26.39
C3' PSU NA 3340 50.42 -37.54 -26.29
C4' PSU NA 3340 51.19 -37.18 -25.03
O3' PSU NA 3340 51.13 -37.22 -27.47
O4' PSU NA 3340 50.59 -38.00 -24.01
C5' PSU NA 3340 51.12 -35.73 -24.63
O5' PSU NA 3340 49.79 -35.31 -24.45
P PSU NA 3340 49.45 -33.92 -23.75
OP1 PSU NA 3340 50.20 -32.87 -24.46
OP2 PSU NA 3340 47.98 -33.87 -23.65
N1 PSU NA 3356 20.05 -31.70 -75.83
C2 PSU NA 3356 18.97 -32.40 -75.37
N3 PSU NA 3356 18.70 -33.66 -75.85
C4 PSU NA 3356 19.53 -34.21 -76.79
C5 PSU NA 3356 20.62 -33.51 -77.25
C6 PSU NA 3356 20.86 -32.25 -76.75
O2 PSU NA 3356 18.24 -31.90 -74.54
O4 PSU NA 3356 19.30 -35.33 -77.22
C1' PSU NA 3356 21.54 -34.11 -78.26
C2' PSU NA 3356 20.95 -34.01 -79.66
O2' PSU NA 3356 21.41 -35.12 -80.42
C3' PSU NA 3356 21.61 -32.75 -80.17
C4' PSU NA 3356 23.00 -32.84 -79.58
O3' PSU NA 3356 21.61 -32.63 -81.58
O4' PSU NA 3356 22.77 -33.43 -78.27
C5' PSU NA 3356 23.74 -31.53 -79.42
O5' PSU NA 3356 22.97 -30.61 -78.65
P PSU NA 3356 23.66 -29.37 -77.95
OP1 PSU NA 3356 24.46 -28.69 -78.99
OP2 PSU NA 3356 22.62 -28.63 -77.20
N1 PSU NA 3558 43.69 -77.71 -13.00
C2 PSU NA 3558 44.33 -77.38 -14.17
N3 PSU NA 3558 45.69 -77.46 -14.25
C4 PSU NA 3558 46.42 -77.89 -13.17
C5 PSU NA 3558 45.77 -78.22 -12.00
C6 PSU NA 3558 44.39 -78.13 -11.94
O2 PSU NA 3558 43.68 -77.00 -15.13
O4 PSU NA 3558 47.64 -77.96 -13.26
C1' PSU NA 3558 46.53 -78.70 -10.80
C2' PSU NA 3558 47.31 -77.58 -10.11
O2' PSU NA 3558 48.49 -78.13 -9.57
C3' PSU NA 3558 46.34 -77.17 -9.01
C4' PSU NA 3558 45.75 -78.50 -8.61
O3' PSU NA 3558 46.97 -76.50 -7.93
O4' PSU NA 3558 45.62 -79.22 -9.86
C5' PSU NA 3558 44.40 -78.43 -7.92
O5' PSU NA 3558 43.47 -77.69 -8.68
P PSU NA 3558 41.93 -77.64 -8.25
OP1 PSU NA 3558 41.94 -77.27 -6.83
OP2 PSU NA 3558 41.19 -76.83 -9.23
N1 PSU NA 3559 45.20 -74.20 -12.60
C2 PSU NA 3559 44.90 -73.82 -13.89
N3 PSU NA 3559 45.90 -73.53 -14.77
C4 PSU NA 3559 47.21 -73.64 -14.38
C5 PSU NA 3559 47.50 -74.01 -13.09
C6 PSU NA 3559 46.48 -74.30 -12.20
O2 PSU NA 3559 43.73 -73.73 -14.24
O4 PSU NA 3559 48.10 -73.38 -15.18
C1' PSU NA 3559 48.93 -74.13 -12.65
C2' PSU NA 3559 49.57 -72.78 -12.36
O2' PSU NA 3559 50.93 -72.84 -12.76
C3' PSU NA 3559 49.46 -72.71 -10.84
C4' PSU NA 3559 49.68 -74.15 -10.43
O3' PSU NA 3559 50.40 -71.83 -10.24
O4' PSU NA 3559 49.02 -74.91 -11.47
C5' PSU NA 3559 49.12 -74.55 -9.08
O5' PSU NA 3559 47.72 -74.37 -9.05
P PSU NA 3559 46.86 -74.90 -7.81
OP1 PSU NA 3559 47.56 -74.50 -6.58
OP2 PSU NA 3559 45.48 -74.48 -8.06
N1 PSU NA 3587 67.96 -53.32 -7.69
C2 PSU NA 3587 66.91 -53.52 -6.83
N3 PSU NA 3587 65.63 -53.31 -7.24
C4 PSU NA 3587 65.38 -52.89 -8.52
C5 PSU NA 3587 66.44 -52.68 -9.39
C6 PSU NA 3587 67.73 -52.92 -8.95
O2 PSU NA 3587 67.14 -53.90 -5.68
O4 PSU NA 3587 64.23 -52.70 -8.87
C1' PSU NA 3587 66.21 -52.24 -10.81
C2' PSU NA 3587 65.75 -50.79 -10.92
O2' PSU NA 3587 64.90 -50.69 -12.05
C3' PSU NA 3587 67.07 -50.08 -11.18
C4' PSU NA 3587 67.82 -51.07 -12.06
O3' PSU NA 3587 66.93 -48.81 -11.80
O4' PSU NA 3587 67.43 -52.35 -11.53
C5' PSU NA 3587 69.30 -50.95 -12.05
O5' PSU NA 3587 69.82 -51.11 -10.73
P PSU NA 3587 71.36 -51.36 -10.49
OP1 PSU NA 3587 72.17 -50.29 -11.10
OP2 PSU NA 3587 71.53 -51.68 -9.06
N1 PSU NA 3596 78.05 -46.69 18.58
C2 PSU NA 3596 78.32 -45.81 17.57
N3 PSU NA 3596 79.50 -45.89 16.86
C4 PSU NA 3596 80.41 -46.86 17.17
C5 PSU NA 3596 80.15 -47.76 18.20
C6 PSU NA 3596 78.95 -47.64 18.89
O2 PSU NA 3596 77.49 -44.94 17.29
O4 PSU NA 3596 81.46 -46.93 16.54
C1' PSU NA 3596 81.14 -48.83 18.55
C2' PSU NA 3596 82.28 -48.27 19.39
O2' PSU NA 3596 83.44 -49.01 19.12
C3' PSU NA 3596 81.77 -48.56 20.79
C4' PSU NA 3596 81.09 -49.89 20.63
O3' PSU NA 3596 82.80 -48.58 21.77
O4' PSU NA 3596 80.49 -49.83 19.32
C5' PSU NA 3596 80.03 -50.21 21.65
O5' PSU NA 3596 79.02 -49.22 21.68
P PSU NA 3596 77.62 -49.48 22.39
OP1 PSU NA 3596 77.91 -49.95 23.75
OP2 PSU NA 3596 76.77 -48.29 22.18
N1 PSU PA 55 -9.62 -84.22 39.97
C2 PSU PA 55 -9.03 -84.91 41.00
N3 PSU PA 55 -9.52 -86.14 41.37
C4 PSU PA 55 -10.59 -86.67 40.71
C5 PSU PA 55 -11.20 -85.97 39.68
C6 PSU PA 55 -10.68 -84.74 39.32
O2 PSU PA 55 -8.06 -84.44 41.58
O4 PSU PA 55 -11.03 -87.77 41.07
C1' PSU PA 55 -12.38 -86.52 38.93
C2' PSU PA 55 -13.63 -86.54 39.80
O2' PSU PA 55 -14.42 -87.65 39.40
C3' PSU PA 55 -14.29 -85.24 39.39
C4' PSU PA 55 -13.98 -85.18 37.91
O3' PSU PA 55 -15.67 -85.21 39.66
O4' PSU PA 55 -12.65 -85.71 37.81
C5' PSU PA 55 -14.04 -83.81 37.28
O5' PSU PA 55 -13.07 -82.94 37.86
P PSU PA 55 -12.74 -81.54 37.19
OP1 PSU PA 55 -14.06 -80.94 36.92
OP2 PSU PA 55 -11.75 -80.83 38.03
N1 PSU PA 69 -23.72 -106.18 51.51
C2 PSU PA 69 -22.37 -105.95 51.48
N3 PSU PA 69 -21.69 -105.91 50.28
C4 PSU PA 69 -22.38 -106.09 49.11
C5 PSU PA 69 -23.74 -106.34 49.15
C6 PSU PA 69 -24.40 -106.36 50.36
O2 PSU PA 69 -21.75 -105.79 52.52
O4 PSU PA 69 -21.80 -106.06 48.04
C1' PSU PA 69 -24.53 -106.50 47.89
C2' PSU PA 69 -24.36 -107.76 47.06
O2' PSU PA 69 -24.29 -107.38 45.69
C3' PSU PA 69 -25.66 -108.51 47.34
C4' PSU PA 69 -26.66 -107.40 47.54
O3' PSU PA 69 -26.03 -109.37 46.28
O4' PSU PA 69 -25.91 -106.36 48.18
C5' PSU PA 69 -27.84 -107.76 48.40
O5' PSU PA 69 -27.43 -108.07 49.73
P PSU PA 69 -28.46 -108.10 50.92
OP1 PSU PA 69 -29.53 -109.05 50.61
OP2 PSU PA 69 -27.68 -108.23 52.17
P OMG PA 75 -5.69 -101.14 34.54
OP1 OMG PA 75 -5.51 -99.77 33.92
OP2 OMG PA 75 -6.83 -102.04 34.09
O5' OMG PA 75 -4.33 -101.96 34.39
C5' OMG PA 75 -3.54 -101.82 33.22
C4' OMG PA 75 -2.12 -101.45 33.57
O4' OMG PA 75 -2.07 -100.05 33.94
C3' OMG PA 75 -1.52 -102.16 34.76
O3' OMG PA 75 -1.09 -103.47 34.46
C2' OMG PA 75 -0.40 -101.21 35.17
O2' OMG PA 75 0.71 -101.35 34.30
CM2 OMG PA 75 1.70 -100.37 34.48
C1' OMG PA 75 -1.05 -99.86 34.90
N9 OMG PA 75 -1.64 -99.27 36.11
C8 OMG PA 75 -2.96 -99.13 36.42
N7 OMG PA 75 -3.13 -98.55 37.57
C5 OMG PA 75 -1.87 -98.32 38.03
C6 OMG PA 75 -1.44 -97.73 39.24
O6 OMG PA 75 -2.11 -97.28 40.16
N1 OMG PA 75 -0.04 -97.69 39.31
C2 OMG PA 75 0.80 -98.16 38.35
N2 OMG PA 75 2.12 -98.03 38.59
N3 OMG PA 75 0.39 -98.70 37.24
C4 OMG PA 75 -0.93 -98.76 37.14
N GLY QA 1 -17.22 -28.22 23.44
CA GLY QA 1 -17.87 -29.43 23.92
C GLY QA 1 -17.11 -30.05 25.07
N ARG QA 2 -16.07 -29.38 25.52
CA ARG QA 2 -15.22 -29.87 26.60
C ARG QA 2 -15.33 -28.91 27.79
N VAL QA 3 -15.32 -29.49 29.00
CA VAL QA 3 -15.35 -28.69 30.21
C VAL QA 3 -14.07 -27.87 30.29
N ILE QA 4 -14.23 -26.57 30.53
CA ILE QA 4 -13.10 -25.65 30.45
C ILE QA 4 -12.37 -25.58 31.78
N ARG QA 5 -11.15 -25.06 31.73
CA ARG QA 5 -10.44 -24.69 32.94
C ARG QA 5 -11.18 -23.56 33.63
N GLY QA 6 -11.17 -23.58 34.94
CA GLY QA 6 -12.06 -22.70 35.68
C GLY QA 6 -13.30 -23.46 36.07
N GLN QA 7 -13.95 -24.09 35.11
CA GLN QA 7 -14.95 -25.08 35.44
C GLN QA 7 -14.31 -26.27 36.15
N ARG QA 8 -13.14 -26.69 35.68
CA ARG QA 8 -12.47 -27.83 36.31
C ARG QA 8 -11.91 -27.51 37.69
N LYS QA 9 -11.78 -26.23 38.04
CA LYS QA 9 -11.16 -25.86 39.30
C LYS QA 9 -12.05 -26.15 40.51
N GLY QA 10 -13.35 -26.33 40.31
CA GLY QA 10 -14.23 -26.55 41.44
C GLY QA 10 -14.22 -27.99 41.94
N ALA QA 11 -13.90 -28.94 41.07
CA ALA QA 11 -13.82 -30.33 41.50
C ALA QA 11 -12.70 -30.52 42.52
N GLY QA 12 -11.60 -29.78 42.36
CA GLY QA 12 -10.60 -29.67 43.36
C GLY QA 12 -9.42 -30.60 43.21
N SER QA 13 -9.53 -31.61 42.35
CA SER QA 13 -8.55 -32.69 42.28
C SER QA 13 -7.11 -32.20 42.25
N VAL QA 14 -6.75 -31.48 41.21
CA VAL QA 14 -5.40 -30.95 41.07
C VAL QA 14 -5.33 -29.51 41.60
N PHE QA 15 -6.46 -28.84 41.73
CA PHE QA 15 -6.51 -27.44 42.10
C PHE QA 15 -6.74 -27.21 43.58
N ARG QA 16 -6.53 -28.22 44.41
CA ARG QA 16 -6.56 -28.01 45.85
C ARG QA 16 -5.32 -27.24 46.31
N ALA QA 17 -5.43 -26.64 47.49
CA ALA QA 17 -4.34 -25.86 48.03
C ALA QA 17 -3.20 -26.76 48.52
N HIS QA 18 -1.98 -26.24 48.43
CA HIS QA 18 -0.80 -26.95 48.89
C HIS QA 18 -0.58 -26.60 50.35
N VAL QA 19 -1.19 -27.37 51.23
CA VAL QA 19 -1.23 -27.05 52.66
C VAL QA 19 -0.33 -27.98 53.47
N LYS QA 20 0.66 -28.59 52.84
CA LYS QA 20 1.47 -29.58 53.55
C LYS QA 20 2.33 -28.93 54.62
N HIS QA 21 3.03 -27.86 54.28
CA HIS QA 21 3.97 -27.23 55.20
C HIS QA 21 3.45 -25.96 55.82
N ARG QA 22 2.16 -25.66 55.64
CA ARG QA 22 1.57 -24.53 56.32
C ARG QA 22 1.49 -24.82 57.81
N LYS QA 23 1.66 -23.76 58.60
CA LYS QA 23 1.89 -23.87 60.03
C LYS QA 23 0.60 -23.91 60.84
N GLY QA 24 -0.56 -23.87 60.20
CA GLY QA 24 -1.83 -23.87 60.89
C GLY QA 24 -2.66 -22.66 60.54
N ALA QA 25 -3.92 -22.72 60.95
CA ALA QA 25 -4.83 -21.61 60.73
C ALA QA 25 -4.50 -20.48 61.69
N ALA QA 26 -4.26 -19.30 61.15
CA ALA QA 26 -3.90 -18.13 61.95
C ALA QA 26 -5.17 -17.46 62.43
N ARG QA 27 -5.38 -17.47 63.75
CA ARG QA 27 -6.62 -17.01 64.35
C ARG QA 27 -6.30 -16.26 65.63
N LEU QA 28 -7.24 -15.40 66.04
CA LEU QA 28 -7.25 -14.94 67.41
C LEU QA 28 -7.66 -16.08 68.32
N ARG QA 29 -7.46 -15.90 69.62
CA ARG QA 29 -7.97 -16.91 70.54
C ARG QA 29 -9.47 -16.75 70.72
N ALA QA 30 -10.13 -17.86 71.05
CA ALA QA 30 -11.57 -17.86 71.19
C ALA QA 30 -11.99 -16.96 72.35
N VAL QA 31 -13.07 -16.21 72.15
CA VAL QA 31 -13.54 -15.28 73.17
C VAL QA 31 -14.02 -16.06 74.39
N ASP QA 32 -13.60 -15.62 75.57
CA ASP QA 32 -13.94 -16.26 76.82
C ASP QA 32 -14.19 -15.17 77.85
N PHE QA 33 -14.26 -15.58 79.11
CA PHE QA 33 -14.57 -14.62 80.18
C PHE QA 33 -13.50 -13.56 80.30
N ALA QA 34 -12.22 -13.96 80.23
CA ALA QA 34 -11.13 -13.01 80.42
C ALA QA 34 -11.13 -11.95 79.33
N GLU QA 35 -11.27 -12.36 78.07
CA GLU QA 35 -11.31 -11.39 76.99
C GLU QA 35 -12.61 -10.59 77.00
N ARG QA 36 -13.68 -11.16 77.54
CA ARG QA 36 -14.96 -10.48 77.52
C ARG QA 36 -15.04 -9.41 78.60
N HIS QA 37 -14.40 -9.60 79.74
CA HIS QA 37 -14.52 -8.69 80.86
C HIS QA 37 -13.24 -7.96 81.25
N GLY QA 38 -12.09 -8.61 81.21
CA GLY QA 38 -10.86 -7.94 81.54
C GLY QA 38 -9.83 -8.06 80.44
N TYR QA 39 -8.64 -8.59 80.77
CA TYR QA 39 -7.65 -8.88 79.75
C TYR QA 39 -6.81 -10.06 80.20
N ILE QA 40 -6.14 -10.68 79.25
CA ILE QA 40 -5.24 -11.79 79.50
C ILE QA 40 -3.93 -11.49 78.78
N LYS QA 41 -2.82 -11.81 79.45
CA LYS QA 41 -1.49 -11.55 78.95
C LYS QA 41 -0.90 -12.80 78.33
N GLY QA 42 -0.35 -12.66 77.13
CA GLY QA 42 0.40 -13.72 76.52
C GLY QA 42 1.77 -13.20 76.12
N ILE QA 43 2.67 -14.13 75.83
CA ILE QA 43 4.04 -13.82 75.47
C ILE QA 43 4.31 -14.30 74.05
N VAL QA 44 4.99 -13.47 73.27
CA VAL QA 44 5.35 -13.84 71.91
C VAL QA 44 6.58 -14.73 71.95
N LYS QA 45 6.43 -15.97 71.50
CA LYS QA 45 7.50 -16.96 71.56
C LYS QA 45 8.30 -17.04 70.27
N ASP QA 46 7.65 -16.88 69.12
CA ASP QA 46 8.38 -16.95 67.86
C ASP QA 46 7.58 -16.24 66.78
N ILE QA 47 8.30 -15.77 65.77
CA ILE QA 47 7.71 -15.20 64.57
C ILE QA 47 8.21 -16.02 63.39
N ILE QA 48 7.29 -16.62 62.64
CA ILE QA 48 7.62 -17.66 61.69
C ILE QA 48 6.99 -17.35 60.34
N HIS QA 49 7.50 -18.02 59.31
CA HIS QA 49 7.05 -17.84 57.94
C HIS QA 49 6.06 -18.95 57.61
N ASP QA 50 4.85 -18.56 57.24
CA ASP QA 50 3.85 -19.51 56.80
C ASP QA 50 3.96 -19.67 55.28
N PRO QA 51 4.25 -20.86 54.77
CA PRO QA 51 4.38 -21.04 53.33
C PRO QA 51 3.08 -20.71 52.61
N GLY QA 52 3.22 -20.04 51.46
CA GLY QA 52 2.07 -19.58 50.72
C GLY QA 52 1.45 -18.31 51.25
N ARG QA 53 2.00 -17.72 52.31
CA ARG QA 53 1.47 -16.51 52.91
C ARG QA 53 2.57 -15.48 53.01
N GLY QA 54 2.27 -14.25 52.61
CA GLY QA 54 3.26 -13.19 52.71
C GLY QA 54 3.41 -12.60 54.09
N ALA QA 55 2.43 -12.80 54.95
CA ALA QA 55 2.47 -12.22 56.28
C ALA QA 55 3.10 -13.20 57.27
N PRO QA 56 4.01 -12.74 58.13
CA PRO QA 56 4.52 -13.61 59.17
C PRO QA 56 3.46 -13.94 60.19
N LEU QA 57 3.63 -15.07 60.86
CA LEU QA 57 2.73 -15.52 61.92
C LEU QA 57 3.47 -15.48 63.24
N ALA QA 58 2.74 -15.16 64.31
CA ALA QA 58 3.32 -15.07 65.63
C ALA QA 58 2.75 -16.16 66.52
N LYS QA 59 3.62 -16.97 67.11
CA LYS QA 59 3.22 -17.87 68.17
C LYS QA 59 3.13 -17.09 69.46
N VAL QA 60 1.96 -17.08 70.09
CA VAL QA 60 1.74 -16.40 71.35
C VAL QA 60 1.26 -17.44 72.35
N VAL QA 61 1.88 -17.48 73.52
CA VAL QA 61 1.56 -18.45 74.55
C VAL QA 61 0.83 -17.74 75.68
N PHE QA 62 -0.34 -18.25 76.01
CA PHE QA 62 -1.18 -17.74 77.09
C PHE QA 62 -1.26 -18.77 78.22
N ARG QA 63 -1.81 -18.33 79.33
CA ARG QA 63 -2.14 -19.22 80.43
C ARG QA 63 -3.60 -19.62 80.32
N ASP QA 64 -3.87 -20.89 80.49
CA ASP QA 64 -5.26 -21.33 80.57
C ASP QA 64 -5.85 -20.85 81.89
N PRO QA 65 -6.96 -20.12 81.88
CA PRO QA 65 -7.52 -19.60 83.14
C PRO QA 65 -8.25 -20.63 83.98
N TYR QA 66 -8.54 -21.81 83.46
CA TYR QA 66 -9.34 -22.78 84.18
C TYR QA 66 -8.60 -24.06 84.53
N ARG QA 67 -7.45 -24.32 83.92
CA ARG QA 67 -6.66 -25.47 84.30
C ARG QA 67 -5.19 -25.14 84.10
N PHE QA 68 -4.34 -25.88 84.80
CA PHE QA 68 -2.91 -25.67 84.73
C PHE QA 68 -2.41 -26.15 83.38
N LYS QA 69 -2.26 -25.23 82.44
CA LYS QA 69 -1.83 -25.57 81.09
C LYS QA 69 -1.41 -24.29 80.39
N LYS QA 70 -0.68 -24.43 79.30
CA LYS QA 70 -0.30 -23.31 78.45
C LYS QA 70 -0.99 -23.46 77.10
N ARG QA 71 -1.59 -22.37 76.63
CA ARG QA 71 -2.29 -22.36 75.35
C ARG QA 71 -1.45 -21.58 74.35
N THR QA 72 -1.13 -22.21 73.23
CA THR QA 72 -0.35 -21.57 72.18
C THR QA 72 -1.30 -21.16 71.06
N GLU QA 73 -1.25 -19.88 70.69
CA GLU QA 73 -2.04 -19.36 69.59
C GLU QA 73 -1.12 -19.06 68.41
N LEU QA 74 -1.75 -18.76 67.28
CA LEU QA 74 -1.05 -18.55 66.03
C LEU QA 74 -1.47 -17.22 65.40
N PHE QA 75 -1.33 -16.15 66.17
CA PHE QA 75 -1.76 -14.83 65.72
C PHE QA 75 -1.05 -14.43 64.44
N ILE QA 76 -1.75 -13.66 63.61
CA ILE QA 76 -1.09 -12.97 62.51
C ILE QA 76 -0.26 -11.84 63.08
N ALA QA 77 1.00 -11.75 62.65
CA ALA QA 77 1.95 -10.81 63.24
C ALA QA 77 1.62 -9.40 62.78
N ALA QA 78 1.20 -8.55 63.71
CA ALA QA 78 1.17 -7.12 63.45
C ALA QA 78 2.60 -6.60 63.33
N GLU QA 79 2.79 -5.60 62.48
CA GLU QA 79 4.14 -5.14 62.21
C GLU QA 79 4.70 -4.41 63.42
N GLY QA 80 5.93 -4.76 63.79
CA GLY QA 80 6.60 -4.14 64.91
C GLY QA 80 6.69 -5.00 66.14
N ILE QA 81 5.92 -6.08 66.23
CA ILE QA 81 6.00 -6.95 67.39
C ILE QA 81 7.27 -7.78 67.32
N HIS QA 82 7.76 -8.19 68.47
CA HIS QA 82 9.02 -8.91 68.58
C HIS QA 82 8.87 -10.03 69.59
N THR QA 83 9.77 -11.01 69.50
CA THR QA 83 9.73 -12.12 70.45
C THR QA 83 10.10 -11.64 71.84
N GLY QA 84 9.49 -12.26 72.84
CA GLY QA 84 9.68 -11.84 74.21
C GLY QA 84 8.81 -10.69 74.63
N GLN QA 85 7.92 -10.23 73.76
CA GLN QA 85 7.03 -9.13 74.07
C GLN QA 85 5.71 -9.66 74.60
N PHE QA 86 5.16 -8.97 75.58
CA PHE QA 86 3.85 -9.32 76.13
C PHE QA 86 2.77 -8.63 75.33
N VAL QA 87 1.80 -9.40 74.86
CA VAL QA 87 0.61 -8.87 74.23
C VAL QA 87 -0.56 -9.11 75.16
N TYR QA 88 -1.59 -8.29 75.03
CA TYR QA 88 -2.74 -8.34 75.93
C TYR QA 88 -4.01 -8.38 75.10
N CYS QA 89 -4.92 -9.28 75.46
CA CYS QA 89 -6.17 -9.44 74.74
C CYS QA 89 -7.32 -9.31 75.72
N GLY QA 90 -8.28 -8.47 75.39
CA GLY QA 90 -9.48 -8.36 76.20
C GLY QA 90 -10.10 -6.99 76.09
N LYS QA 91 -11.14 -6.78 76.88
CA LYS QA 91 -11.83 -5.50 76.88
C LYS QA 91 -10.99 -4.41 77.53
N LYS QA 92 -10.22 -4.75 78.55
CA LYS QA 92 -9.40 -3.78 79.27
C LYS QA 92 -7.97 -3.72 78.75
N ALA QA 93 -7.70 -4.31 77.60
CA ALA QA 93 -6.37 -4.18 76.99
C ALA QA 93 -6.12 -2.74 76.59
N GLN QA 94 -4.86 -2.34 76.68
CA GLN QA 94 -4.48 -0.97 76.33
C GLN QA 94 -4.12 -0.88 74.86
N LEU QA 95 -4.16 0.34 74.35
CA LEU QA 95 -3.85 0.58 72.95
C LEU QA 95 -2.36 0.44 72.68
N ASN QA 96 -1.93 -0.75 72.29
CA ASN QA 96 -0.56 -0.97 71.86
C ASN QA 96 -0.58 -1.87 70.64
N ILE QA 97 0.48 -1.78 69.84
CA ILE QA 97 0.57 -2.61 68.65
C ILE QA 97 0.69 -4.06 69.07
N GLY QA 98 -0.21 -4.90 68.56
CA GLY QA 98 -0.26 -6.29 68.90
C GLY QA 98 -1.32 -6.65 69.92
N ASN QA 99 -1.81 -5.67 70.67
CA ASN QA 99 -2.90 -5.93 71.59
C ASN QA 99 -4.19 -6.20 70.83
N VAL QA 100 -5.04 -7.05 71.43
CA VAL QA 100 -6.31 -7.42 70.86
C VAL QA 100 -7.39 -6.89 71.78
N LEU QA 101 -8.31 -6.10 71.23
CA LEU QA 101 -9.38 -5.54 72.05
C LEU QA 101 -10.55 -5.19 71.14
N PRO QA 102 -11.78 -5.19 71.67
CA PRO QA 102 -12.95 -5.00 70.81
C PRO QA 102 -12.98 -3.62 70.17
N VAL QA 103 -13.53 -3.57 68.96
CA VAL QA 103 -13.56 -2.31 68.24
C VAL QA 103 -14.44 -1.28 68.94
N GLY QA 104 -15.41 -1.72 69.73
CA GLY QA 104 -16.26 -0.77 70.42
C GLY QA 104 -15.52 0.10 71.41
N THR QA 105 -14.48 -0.43 72.05
CA THR QA 105 -13.71 0.32 73.02
C THR QA 105 -12.60 1.15 72.41
N MET QA 106 -12.29 0.95 71.14
CA MET QA 106 -11.22 1.67 70.48
C MET QA 106 -11.65 3.09 70.14
N PRO QA 107 -10.69 4.01 70.00
CA PRO QA 107 -11.04 5.38 69.61
C PRO QA 107 -11.57 5.48 68.20
N GLU QA 108 -11.91 6.71 67.79
CA GLU QA 108 -12.61 6.91 66.52
C GLU QA 108 -11.68 6.92 65.31
N GLY QA 109 -10.38 6.77 65.49
CA GLY QA 109 -9.49 6.86 64.34
C GLY QA 109 -8.45 5.76 64.27
N THR QA 110 -8.48 4.84 65.22
CA THR QA 110 -7.48 3.78 65.29
C THR QA 110 -7.56 2.88 64.07
N ILE QA 111 -6.51 2.11 63.85
CA ILE QA 111 -6.56 1.12 62.79
C ILE QA 111 -6.23 -0.23 63.39
N VAL QA 112 -6.71 -1.28 62.72
CA VAL QA 112 -6.72 -2.62 63.26
C VAL QA 112 -6.22 -3.58 62.19
N CYS QA 113 -5.85 -4.79 62.64
CA CYS QA 113 -5.14 -5.75 61.82
C CYS QA 113 -5.98 -6.97 61.47
N CYS QA 114 -6.44 -7.73 62.45
CA CYS QA 114 -7.12 -9.00 62.18
C CYS QA 114 -8.53 -8.88 62.71
N LEU QA 115 -9.40 -8.29 61.91
CA LEU QA 115 -10.71 -7.86 62.37
C LEU QA 115 -11.73 -8.96 62.17
N GLU QA 116 -12.59 -9.15 63.18
CA GLU QA 116 -13.64 -10.15 63.11
C GLU QA 116 -14.78 -9.66 62.24
N GLU QA 117 -15.21 -10.49 61.29
CA GLU QA 117 -16.36 -10.13 60.46
C GLU QA 117 -17.65 -10.18 61.27
N LYS QA 118 -17.77 -11.16 62.16
CA LYS QA 118 -18.89 -11.30 63.07
C LYS QA 118 -18.36 -11.46 64.48
N PRO QA 119 -19.10 -11.04 65.50
CA PRO QA 119 -18.60 -11.17 66.87
C PRO QA 119 -18.51 -12.63 67.27
N GLY QA 120 -17.35 -13.01 67.80
CA GLY QA 120 -17.22 -14.36 68.32
C GLY QA 120 -16.23 -15.20 67.56
N ASP QA 121 -16.19 -15.07 66.23
CA ASP QA 121 -15.27 -15.87 65.44
C ASP QA 121 -13.86 -15.30 65.63
N ARG QA 122 -12.93 -15.77 64.83
CA ARG QA 122 -11.60 -15.20 64.91
C ARG QA 122 -11.47 -14.14 63.82
N GLY QA 123 -10.27 -13.64 63.59
CA GLY QA 123 -10.09 -12.58 62.61
C GLY QA 123 -10.43 -13.05 61.21
N LYS QA 124 -11.06 -12.17 60.44
CA LYS QA 124 -11.45 -12.50 59.09
C LYS QA 124 -10.96 -11.46 58.10
N LEU QA 125 -10.87 -10.20 58.54
CA LEU QA 125 -10.64 -9.09 57.64
C LEU QA 125 -9.25 -8.51 57.84
N ALA QA 126 -8.70 -7.95 56.77
CA ALA QA 126 -7.40 -7.26 56.76
C ALA QA 126 -6.27 -8.18 57.19
N ARG QA 127 -6.32 -9.43 56.76
CA ARG QA 127 -5.31 -10.41 57.17
C ARG QA 127 -4.10 -10.47 56.24
N ALA QA 128 -4.25 -10.09 54.97
CA ALA QA 128 -3.14 -10.17 54.04
C ALA QA 128 -2.08 -9.13 54.37
N SER QA 129 -0.83 -9.43 54.01
CA SER QA 129 0.31 -8.67 54.49
C SER QA 129 0.26 -7.23 54.04
N GLY QA 130 0.60 -6.32 54.95
CA GLY QA 130 0.61 -4.90 54.70
C GLY QA 130 -0.73 -4.20 54.83
N ASN QA 131 -1.81 -4.94 55.06
CA ASN QA 131 -3.14 -4.39 55.03
C ASN QA 131 -3.62 -4.03 56.44
N TYR QA 132 -4.69 -3.25 56.50
CA TYR QA 132 -5.25 -2.80 57.76
C TYR QA 132 -6.65 -2.30 57.50
N ALA QA 133 -7.45 -2.28 58.56
CA ALA QA 133 -8.78 -1.68 58.53
C ALA QA 133 -8.75 -0.47 59.44
N THR QA 134 -9.68 0.45 59.23
CA THR QA 134 -9.75 1.68 60.02
C THR QA 134 -11.07 1.74 60.75
N VAL QA 135 -11.04 2.08 62.04
CA VAL QA 135 -12.28 2.30 62.78
C VAL QA 135 -12.77 3.70 62.49
N ILE QA 136 -13.90 3.82 61.80
CA ILE QA 136 -14.47 5.11 61.45
C ILE QA 136 -15.30 5.64 62.60
N SER QA 137 -16.34 4.91 63.02
CA SER QA 137 -17.26 5.51 63.97
C SER QA 137 -17.96 4.45 64.81
N HIS QA 138 -18.58 4.91 65.89
CA HIS QA 138 -19.40 4.06 66.75
C HIS QA 138 -20.79 4.66 66.92
N ASN QA 139 -21.71 3.81 67.33
CA ASN QA 139 -22.89 4.26 68.07
C ASN QA 139 -23.18 3.22 69.15
N PRO QA 140 -23.06 3.62 70.42
CA PRO QA 140 -23.33 2.68 71.51
C PRO QA 140 -24.74 2.15 71.53
N GLU QA 141 -25.73 2.96 71.16
CA GLU QA 141 -27.03 2.41 70.85
C GLU QA 141 -26.93 1.56 69.60
N THR QA 142 -27.55 0.38 69.65
CA THR QA 142 -27.43 -0.71 68.67
C THR QA 142 -26.04 -1.34 68.68
N LYS QA 143 -25.13 -0.76 69.46
CA LYS QA 143 -23.78 -1.30 69.67
C LYS QA 143 -23.08 -1.60 68.35
N LYS QA 144 -23.01 -0.60 67.49
CA LYS QA 144 -22.49 -0.81 66.14
C LYS QA 144 -21.27 0.06 65.88
N THR QA 145 -20.43 -0.38 64.96
CA THR QA 145 -19.21 0.31 64.61
C THR QA 145 -19.01 0.24 63.11
N ARG QA 146 -18.78 1.39 62.49
CA ARG QA 146 -18.43 1.45 61.07
C ARG QA 146 -16.91 1.44 60.95
N VAL QA 147 -16.41 0.61 60.04
CA VAL QA 147 -14.99 0.49 59.74
C VAL QA 147 -14.79 0.56 58.24
N LYS QA 148 -13.58 0.90 57.84
CA LYS QA 148 -13.18 0.95 56.43
C LYS QA 148 -12.24 -0.20 56.16
N LEU QA 149 -12.55 -0.99 55.15
CA LEU QA 149 -11.81 -2.19 54.78
C LEU QA 149 -10.70 -1.85 53.80
N PRO QA 150 -9.71 -2.74 53.63
CA PRO QA 150 -8.63 -2.48 52.68
C PRO QA 150 -9.10 -2.20 51.26
N SER QA 151 -10.26 -2.73 50.85
CA SER QA 151 -10.83 -2.43 49.55
C SER QA 151 -11.39 -1.03 49.45
N GLY QA 152 -11.40 -0.27 50.55
CA GLY QA 152 -11.97 1.05 50.56
C GLY QA 152 -13.45 1.09 50.86
N SER QA 153 -14.07 -0.06 51.05
CA SER QA 153 -15.50 -0.12 51.32
C SER QA 153 -15.77 0.00 52.81
N LYS QA 154 -16.86 0.69 53.15
CA LYS QA 154 -17.26 0.83 54.53
C LYS QA 154 -18.15 -0.34 54.93
N LYS QA 155 -18.09 -0.70 56.21
CA LYS QA 155 -18.82 -1.85 56.71
C LYS QA 155 -19.23 -1.61 58.14
N VAL QA 156 -20.47 -1.98 58.47
CA VAL QA 156 -21.00 -1.86 59.82
C VAL QA 156 -20.93 -3.23 60.48
N ILE QA 157 -20.31 -3.29 61.65
CA ILE QA 157 -20.11 -4.52 62.39
C ILE QA 157 -20.51 -4.29 63.84
N SER QA 158 -20.56 -5.37 64.60
CA SER QA 158 -20.84 -5.27 66.02
C SER QA 158 -19.66 -4.64 66.74
N SER QA 159 -19.97 -3.89 67.80
CA SER QA 159 -18.90 -3.26 68.57
C SER QA 159 -18.08 -4.27 69.35
N ALA QA 160 -18.52 -5.51 69.45
CA ALA QA 160 -17.82 -6.53 70.20
C ALA QA 160 -16.77 -7.26 69.39
N ASN QA 161 -16.64 -6.96 68.10
CA ASN QA 161 -15.65 -7.64 67.28
C ASN QA 161 -14.25 -7.25 67.72
N ARG QA 162 -13.42 -8.25 67.96
CA ARG QA 162 -12.04 -8.01 68.36
C ARG QA 162 -11.16 -7.82 67.13
N ALA QA 163 -10.02 -7.17 67.34
CA ALA QA 163 -9.08 -6.95 66.26
C ALA QA 163 -7.73 -6.59 66.86
N VAL QA 164 -6.67 -6.95 66.15
CA VAL QA 164 -5.32 -6.61 66.57
C VAL QA 164 -5.02 -5.17 66.20
N VAL QA 165 -4.44 -4.41 67.12
CA VAL QA 165 -4.07 -3.04 66.85
C VAL QA 165 -2.79 -3.01 66.01
N GLY QA 166 -2.81 -2.27 64.92
CA GLY QA 166 -1.65 -2.07 64.08
C GLY QA 166 -1.86 -2.63 62.68
N VAL QA 167 -0.85 -2.44 61.86
CA VAL QA 167 -0.82 -3.01 60.52
C VAL QA 167 -0.18 -4.38 60.60
N VAL QA 168 -0.59 -5.26 59.70
CA VAL QA 168 0.00 -6.58 59.59
C VAL QA 168 1.37 -6.47 58.93
N ALA QA 169 2.33 -7.26 59.43
CA ALA QA 169 3.68 -7.25 58.90
C ALA QA 169 3.70 -7.82 57.49
N GLY QA 170 4.87 -7.79 56.88
CA GLY QA 170 5.02 -8.24 55.52
C GLY QA 170 5.11 -7.14 54.49
N GLY QA 171 4.91 -5.89 54.91
CA GLY QA 171 5.20 -4.65 54.22
C GLY QA 171 4.78 -4.66 52.76
N GLY QA 172 5.55 -3.94 51.95
CA GLY QA 172 5.23 -3.79 50.55
C GLY QA 172 5.72 -4.93 49.69
N ARG QA 173 5.20 -6.14 49.96
CA ARG QA 173 5.67 -7.34 49.28
C ARG QA 173 5.47 -7.25 47.78
N ILE QA 174 4.44 -6.53 47.32
CA ILE QA 174 4.17 -6.44 45.90
C ILE QA 174 5.02 -5.39 45.20
N ASP QA 175 5.86 -4.66 45.93
CA ASP QA 175 6.72 -3.67 45.30
C ASP QA 175 7.73 -4.31 44.35
N LYS QA 176 8.34 -5.41 44.79
CA LYS QA 176 9.44 -6.00 44.04
C LYS QA 176 8.92 -6.72 42.81
N PRO QA 177 9.41 -6.39 41.62
CA PRO QA 177 9.06 -7.19 40.44
C PRO QA 177 9.56 -8.61 40.60
N ILE QA 178 8.76 -9.56 40.12
CA ILE QA 178 9.14 -10.96 40.22
C ILE QA 178 10.31 -11.27 39.30
N LEU QA 179 10.32 -10.67 38.12
CA LEU QA 179 11.43 -10.65 37.17
C LEU QA 179 11.68 -11.98 36.49
N LYS QA 180 11.08 -13.05 36.96
CA LYS QA 180 11.46 -14.36 36.46
C LYS QA 180 10.27 -15.29 36.50
N ALA QA 181 10.04 -15.98 35.39
CA ALA QA 181 9.07 -17.06 35.36
C ALA QA 181 9.39 -18.11 36.41
N GLY QA 182 10.68 -18.31 36.69
CA GLY QA 182 11.04 -19.24 37.75
C GLY QA 182 10.59 -18.78 39.12
N ARG QA 183 10.73 -17.49 39.41
CA ARG QA 183 10.30 -16.99 40.71
C ARG QA 183 8.79 -17.02 40.83
N ALA QA 184 8.07 -16.76 39.74
CA ALA QA 184 6.62 -16.94 39.75
C ALA QA 184 6.25 -18.40 40.00
N TYR QA 185 7.00 -19.32 39.40
CA TYR QA 185 6.76 -20.74 39.61
C TYR QA 185 6.96 -21.11 41.07
N HIS QA 186 8.04 -20.63 41.67
CA HIS QA 186 8.29 -20.94 43.08
C HIS QA 186 7.27 -20.29 43.98
N LYS QA 187 6.74 -19.13 43.59
CA LYS QA 187 5.72 -18.48 44.39
C LYS QA 187 4.44 -19.29 44.40
N TYR QA 188 3.97 -19.70 43.23
CA TYR QA 188 2.69 -20.39 43.16
C TYR QA 188 2.77 -21.87 43.48
N LYS QA 189 3.97 -22.46 43.47
CA LYS QA 189 4.12 -23.85 43.88
C LYS QA 189 3.78 -24.04 45.34
N ALA QA 190 4.04 -23.04 46.17
CA ALA QA 190 3.69 -23.10 47.57
C ALA QA 190 2.24 -22.70 47.83
N LYS QA 191 1.49 -22.32 46.80
CA LYS QA 191 0.12 -21.87 46.96
C LYS QA 191 -0.89 -22.86 46.39
N ARG QA 192 -0.85 -23.09 45.08
CA ARG QA 192 -1.84 -23.94 44.41
C ARG QA 192 -1.49 -24.00 42.93
N ASN QA 193 -2.14 -24.91 42.22
CA ASN QA 193 -1.87 -25.09 40.80
C ASN QA 193 -2.71 -24.09 40.02
N CYS QA 194 -2.17 -22.90 39.82
CA CYS QA 194 -2.87 -21.88 39.05
C CYS QA 194 -1.98 -21.10 38.10
N TRP QA 195 -0.66 -21.25 38.15
CA TRP QA 195 0.14 -20.16 37.62
C TRP QA 195 0.30 -20.12 36.11
N PRO QA 196 0.85 -21.14 35.43
CA PRO QA 196 1.08 -20.97 34.00
C PRO QA 196 -0.26 -20.84 33.30
N ARG QA 197 -0.55 -19.62 32.88
CA ARG QA 197 -1.90 -19.20 32.50
C ARG QA 197 -1.98 -19.12 30.98
N VAL QA 198 -2.63 -20.10 30.38
CA VAL QA 198 -2.83 -20.11 28.94
C VAL QA 198 -4.00 -19.19 28.60
N ARG QA 199 -3.80 -18.29 27.66
CA ARG QA 199 -4.86 -17.41 27.23
C ARG QA 199 -5.95 -18.20 26.51
N GLY QA 200 -7.20 -17.76 26.70
CA GLY QA 200 -8.31 -18.43 26.06
C GLY QA 200 -8.29 -18.34 24.56
N VAL QA 201 -7.83 -17.20 24.03
CA VAL QA 201 -7.77 -17.02 22.58
C VAL QA 201 -6.76 -17.96 21.95
N ALA QA 202 -5.83 -18.49 22.73
CA ALA QA 202 -4.83 -19.43 22.23
C ALA QA 202 -5.30 -20.87 22.28
N MET QA 203 -6.54 -21.11 22.67
CA MET QA 203 -7.09 -22.45 22.75
C MET QA 203 -7.96 -22.73 21.53
N ASN QA 204 -8.51 -23.93 21.49
CA ASN QA 204 -9.44 -24.37 20.46
C ASN QA 204 -10.86 -24.06 20.89
N PRO QA 205 -11.82 -24.02 19.96
CA PRO QA 205 -13.20 -23.71 20.36
C PRO QA 205 -13.81 -24.74 21.29
N VAL QA 206 -13.27 -25.95 21.32
CA VAL QA 206 -13.86 -27.00 22.14
C VAL QA 206 -13.71 -26.72 23.63
N GLU QA 207 -12.75 -25.89 24.01
CA GLU QA 207 -12.33 -25.79 25.39
C GLU QA 207 -12.33 -24.36 25.93
N HIS QA 208 -12.84 -23.40 25.16
CA HIS QA 208 -12.99 -22.04 25.65
C HIS QA 208 -13.97 -21.31 24.75
N PRO QA 209 -14.79 -20.41 25.29
CA PRO QA 209 -15.61 -19.56 24.42
C PRO QA 209 -14.78 -18.69 23.50
N PHE QA 210 -13.56 -18.35 23.88
CA PHE QA 210 -12.72 -17.47 23.09
C PHE QA 210 -11.83 -18.22 22.11
N GLY QA 211 -11.83 -19.54 22.14
CA GLY QA 211 -10.90 -20.29 21.33
C GLY QA 211 -11.30 -20.34 19.87
N GLY QA 212 -10.31 -20.59 19.03
CA GLY QA 212 -10.53 -20.82 17.61
C GLY QA 212 -10.36 -19.57 16.79
N GLY QA 213 -10.50 -19.76 15.48
CA GLY QA 213 -10.35 -18.69 14.52
C GLY QA 213 -8.96 -18.70 13.89
N ASN QA 214 -8.89 -18.14 12.70
CA ASN QA 214 -7.62 -18.09 11.99
C ASN QA 214 -6.70 -17.01 12.55
N HIS QA 215 -7.25 -15.95 13.12
CA HIS QA 215 -6.48 -14.99 13.90
C HIS QA 215 -6.88 -15.14 15.36
N GLN QA 216 -5.95 -14.79 16.25
CA GLN QA 216 -6.21 -14.87 17.69
C GLN QA 216 -7.01 -13.64 18.10
N HIS QA 217 -8.31 -13.70 17.85
CA HIS QA 217 -9.22 -12.64 18.21
C HIS QA 217 -10.34 -13.24 19.06
N ILE QA 218 -10.91 -12.41 19.93
CA ILE QA 218 -11.97 -12.90 20.81
C ILE QA 218 -13.22 -13.22 20.03
N GLY QA 219 -13.60 -12.36 19.09
CA GLY QA 219 -14.73 -12.62 18.22
C GLY QA 219 -16.08 -12.37 18.84
N LYS QA 220 -16.13 -11.92 20.08
CA LYS QA 220 -17.37 -11.65 20.78
C LYS QA 220 -17.06 -10.66 21.88
N PRO QA 221 -18.05 -9.91 22.35
CA PRO QA 221 -17.78 -8.97 23.45
C PRO QA 221 -17.27 -9.71 24.67
N SER QA 222 -16.09 -9.33 25.14
CA SER QA 222 -15.46 -10.05 26.24
C SER QA 222 -16.21 -9.84 27.55
N THR QA 223 -16.90 -8.71 27.69
CA THR QA 223 -17.74 -8.51 28.85
C THR QA 223 -18.92 -9.46 28.80
N ILE QA 224 -19.15 -10.19 29.89
CA ILE QA 224 -20.14 -11.24 29.93
C ILE QA 224 -21.09 -10.97 31.09
N ARG QA 225 -22.36 -11.29 30.89
CA ARG QA 225 -23.39 -10.98 31.87
C ARG QA 225 -23.17 -11.77 33.15
N ARG QA 226 -23.80 -11.30 34.23
CA ARG QA 226 -23.58 -11.93 35.53
C ARG QA 226 -24.19 -13.33 35.58
N ASP QA 227 -25.36 -13.51 35.00
CA ASP QA 227 -26.09 -14.77 35.08
C ASP QA 227 -25.72 -15.74 33.97
N ALA QA 228 -24.58 -15.54 33.32
CA ALA QA 228 -24.16 -16.46 32.28
C ALA QA 228 -23.89 -17.84 32.89
N PRO QA 229 -24.19 -18.91 32.18
CA PRO QA 229 -23.91 -20.24 32.72
C PRO QA 229 -22.43 -20.49 32.87
N ALA QA 230 -22.09 -21.37 33.81
CA ALA QA 230 -20.70 -21.78 33.95
C ALA QA 230 -20.24 -22.50 32.68
N GLY QA 231 -18.97 -22.31 32.36
CA GLY QA 231 -18.46 -22.71 31.07
C GLY QA 231 -18.62 -21.64 30.01
N ARG QA 232 -19.31 -20.57 30.32
CA ARG QA 232 -19.48 -19.45 29.41
C ARG QA 232 -19.01 -18.13 30.00
N LYS QA 233 -19.21 -17.89 31.28
CA LYS QA 233 -18.80 -16.60 31.83
C LYS QA 233 -17.28 -16.61 31.99
N VAL QA 234 -16.60 -16.09 30.98
CA VAL QA 234 -15.17 -15.86 30.98
C VAL QA 234 -14.95 -14.44 30.50
N GLY QA 235 -13.78 -13.91 30.83
CA GLY QA 235 -13.49 -12.54 30.46
C GLY QA 235 -13.88 -11.59 31.56
N LEU QA 236 -14.48 -10.46 31.21
CA LEU QA 236 -14.83 -9.44 32.18
C LEU QA 236 -16.25 -9.70 32.64
N ILE QA 237 -16.38 -10.24 33.85
CA ILE QA 237 -17.65 -10.73 34.35
C ILE QA 237 -18.41 -9.57 34.98
N ALA QA 238 -19.60 -9.29 34.43
CA ALA QA 238 -20.51 -8.27 34.98
C ALA QA 238 -19.81 -6.92 35.10
N ALA QA 239 -19.00 -6.59 34.09
CA ALA QA 239 -18.17 -5.41 34.15
C ALA QA 239 -19.02 -4.16 34.02
N ARG QA 240 -18.96 -3.29 35.04
CA ARG QA 240 -19.69 -2.04 34.98
C ARG QA 240 -19.12 -1.11 33.93
N ARG QA 241 -17.83 -1.20 33.66
CA ARG QA 241 -17.16 -0.37 32.67
C ARG QA 241 -15.88 -1.07 32.25
N THR QA 242 -15.30 -0.61 31.16
CA THR QA 242 -14.02 -1.09 30.69
C THR QA 242 -13.17 0.10 30.31
N GLY QA 243 -11.91 -0.16 29.98
CA GLY QA 243 -11.06 0.92 29.53
C GLY QA 243 -9.81 1.11 30.35
N ARG QA 244 -9.59 2.32 30.82
CA ARG QA 244 -8.31 2.68 31.40
C ARG QA 244 -8.40 3.26 32.81
N LEU QA 245 -9.61 3.55 33.30
CA LEU QA 245 -9.82 4.22 34.59
C LEU QA 245 -9.09 5.56 34.63
N ARG QA 246 -9.43 6.41 33.66
CA ARG QA 246 -8.93 7.78 33.64
C ARG QA 246 -9.92 8.63 34.41
N GLY QA 247 -9.68 8.78 35.70
CA GLY QA 247 -10.60 9.51 36.56
C GLY QA 247 -10.69 8.96 37.98
N THR QA 248 -10.07 7.82 38.23
CA THR QA 248 -10.05 7.25 39.58
C THR QA 248 -8.89 6.28 39.74
N SER RA 1 8.33 -34.74 -24.23
CA SER RA 1 8.84 -33.45 -24.68
C SER RA 1 10.33 -33.52 -24.94
N HIS RA 2 10.83 -32.57 -25.71
CA HIS RA 2 12.25 -32.58 -26.06
C HIS RA 2 13.10 -32.37 -24.83
N ARG RA 3 14.32 -32.92 -24.87
CA ARG RA 3 15.23 -32.70 -23.77
C ARG RA 3 15.65 -31.23 -23.74
N LYS RA 4 15.92 -30.75 -22.52
CA LYS RA 4 16.02 -29.31 -22.27
C LYS RA 4 17.16 -28.68 -23.08
N PHE RA 5 18.34 -29.30 -23.03
CA PHE RA 5 19.49 -28.79 -23.76
C PHE RA 5 20.11 -29.93 -24.55
N SER RA 6 20.62 -29.59 -25.73
CA SER RA 6 21.26 -30.59 -26.58
C SER RA 6 22.60 -31.02 -26.00
N ALA RA 7 22.87 -32.31 -26.08
CA ALA RA 7 24.15 -32.82 -25.67
C ALA RA 7 24.45 -34.01 -26.56
N PRO RA 8 25.67 -34.15 -27.04
CA PRO RA 8 26.00 -35.31 -27.87
C PRO RA 8 25.91 -36.61 -27.09
N ARG RA 9 25.71 -37.69 -27.83
CA ARG RA 9 25.52 -39.01 -27.25
C ARG RA 9 26.79 -39.49 -26.56
N HIS RA 10 26.64 -40.18 -25.43
CA HIS RA 10 27.77 -40.78 -24.74
C HIS RA 10 28.15 -42.10 -25.41
N GLY RA 11 29.38 -42.19 -25.89
CA GLY RA 11 29.86 -43.42 -26.47
C GLY RA 11 29.41 -43.59 -27.91
N SER RA 12 29.99 -44.58 -28.57
CA SER RA 12 29.73 -44.86 -29.96
C SER RA 12 28.98 -46.16 -30.12
N LEU RA 13 28.04 -46.19 -31.06
CA LEU RA 13 27.31 -47.41 -31.40
C LEU RA 13 28.03 -48.22 -32.46
N GLY RA 14 29.18 -47.75 -32.95
CA GLY RA 14 29.93 -48.52 -33.93
C GLY RA 14 30.68 -49.70 -33.37
N PHE RA 15 30.98 -49.68 -32.07
CA PHE RA 15 31.63 -50.78 -31.37
C PHE RA 15 30.66 -51.43 -30.41
N LEU RA 16 29.40 -51.52 -30.80
CA LEU RA 16 28.32 -51.64 -29.83
C LEU RA 16 28.32 -52.92 -29.01
N PRO RA 17 28.48 -54.13 -29.57
CA PRO RA 17 28.45 -55.30 -28.69
C PRO RA 17 29.65 -55.34 -27.79
N ARG RA 18 29.63 -54.53 -26.73
CA ARG RA 18 30.78 -54.40 -25.85
C ARG RA 18 30.94 -55.66 -25.02
N LYS RA 19 31.33 -56.73 -25.68
CA LYS RA 19 31.52 -58.03 -25.08
C LYS RA 19 33.00 -58.39 -25.11
N ARG RA 20 33.37 -59.38 -24.31
CA ARG RA 20 34.70 -59.94 -24.40
C ARG RA 20 34.90 -60.51 -25.79
N SER RA 21 36.06 -60.23 -26.37
CA SER RA 21 36.36 -60.73 -27.71
C SER RA 21 36.33 -62.25 -27.74
N SER RA 22 35.77 -62.79 -28.82
CA SER RA 22 35.76 -64.23 -29.00
C SER RA 22 37.13 -64.79 -29.34
N ARG RA 23 38.10 -63.92 -29.59
CA ARG RA 23 39.46 -64.33 -29.92
C ARG RA 23 40.44 -63.57 -29.04
N HIS RA 24 41.63 -64.14 -28.90
CA HIS RA 24 42.69 -63.50 -28.16
C HIS RA 24 43.75 -62.87 -29.05
N ARG RA 25 43.97 -63.45 -30.24
CA ARG RA 25 45.04 -62.99 -31.12
C ARG RA 25 44.69 -61.65 -31.76
N GLY RA 26 43.47 -61.51 -32.26
CA GLY RA 26 43.11 -60.32 -33.01
C GLY RA 26 43.27 -60.55 -34.49
N LYS RA 27 42.14 -60.73 -35.19
CA LYS RA 27 42.17 -61.16 -36.58
C LYS RA 27 42.10 -59.95 -37.51
N VAL RA 28 42.63 -60.13 -38.71
CA VAL RA 28 42.86 -59.01 -39.61
C VAL RA 28 41.55 -58.43 -40.12
N LYS RA 29 40.66 -59.28 -40.61
CA LYS RA 29 39.30 -58.94 -41.07
C LYS RA 29 39.30 -58.17 -42.37
N SER RA 30 40.45 -57.70 -42.82
CA SER RA 30 40.57 -57.00 -44.09
C SER RA 30 42.02 -56.90 -44.52
N PHE RA 31 42.37 -57.55 -45.59
CA PHE RA 31 43.72 -57.39 -46.09
C PHE RA 31 43.77 -56.30 -47.16
N PRO RA 32 44.94 -55.71 -47.40
CA PRO RA 32 45.04 -54.69 -48.44
C PRO RA 32 44.64 -55.25 -49.79
N LYS RA 33 43.97 -54.41 -50.58
CA LYS RA 33 43.52 -54.80 -51.91
C LYS RA 33 44.71 -55.19 -52.77
N ASP RA 34 44.62 -56.36 -53.39
CA ASP RA 34 45.73 -56.93 -54.12
C ASP RA 34 45.73 -56.41 -55.56
N ASP RA 35 46.87 -55.89 -56.00
CA ASP RA 35 47.05 -55.56 -57.40
C ASP RA 35 48.25 -56.33 -57.95
N PRO RA 36 48.09 -57.02 -59.07
CA PRO RA 36 49.19 -57.85 -59.60
C PRO RA 36 50.43 -57.09 -60.03
N SER RA 37 50.35 -55.77 -60.21
CA SER RA 37 51.50 -55.03 -60.68
C SER RA 37 52.61 -54.98 -59.63
N LYS RA 38 52.25 -55.04 -58.35
CA LYS RA 38 53.24 -54.94 -57.29
C LYS RA 38 54.05 -56.24 -57.20
N PRO RA 39 55.24 -56.18 -56.61
CA PRO RA 39 55.99 -57.41 -56.34
C PRO RA 39 55.32 -58.22 -55.25
N VAL RA 40 55.67 -59.51 -55.21
CA VAL RA 40 55.08 -60.42 -54.25
C VAL RA 40 55.58 -60.09 -52.85
N HIS RA 41 54.64 -59.93 -51.92
CA HIS RA 41 54.99 -59.47 -50.58
C HIS RA 41 53.93 -59.95 -49.60
N LEU RA 42 54.27 -59.87 -48.31
CA LEU RA 42 53.35 -60.19 -47.23
C LEU RA 42 52.72 -58.92 -46.70
N THR RA 43 51.54 -59.07 -46.11
CA THR RA 43 50.74 -57.93 -45.71
C THR RA 43 50.52 -57.82 -44.20
N ALA RA 44 51.07 -58.73 -43.40
CA ALA RA 44 50.82 -58.72 -41.97
C ALA RA 44 51.97 -59.38 -41.23
N PHE RA 45 51.97 -59.21 -39.92
CA PHE RA 45 52.98 -59.78 -39.05
C PHE RA 45 52.40 -59.88 -37.65
N LEU RA 46 53.03 -60.71 -36.82
CA LEU RA 46 52.62 -60.88 -35.44
C LEU RA 46 53.75 -60.44 -34.53
N GLY RA 47 53.46 -59.51 -33.62
CA GLY RA 47 54.43 -59.07 -32.65
C GLY RA 47 53.86 -59.19 -31.24
N TYR RA 48 54.68 -58.82 -30.27
CA TYR RA 48 54.28 -58.86 -28.87
C TYR RA 48 54.62 -57.54 -28.22
N LYS RA 49 53.63 -56.93 -27.57
CA LYS RA 49 53.83 -55.61 -26.97
C LYS RA 49 54.74 -55.73 -25.76
N ALA RA 50 55.92 -55.13 -25.84
CA ALA RA 50 56.88 -55.21 -24.75
C ALA RA 50 56.70 -54.07 -23.75
N GLY RA 51 56.60 -52.85 -24.24
CA GLY RA 51 56.43 -51.72 -23.36
C GLY RA 51 56.65 -50.42 -24.10
N MET RA 52 56.44 -49.33 -23.37
CA MET RA 52 56.54 -47.99 -23.92
C MET RA 52 57.79 -47.31 -23.42
N THR RA 53 58.31 -46.40 -24.23
CA THR RA 53 59.37 -45.50 -23.83
C THR RA 53 59.14 -44.19 -24.57
N HIS RA 54 60.11 -43.29 -24.54
CA HIS RA 54 59.99 -42.05 -25.28
C HIS RA 54 61.32 -41.72 -25.93
N ILE RA 55 61.25 -40.95 -27.01
CA ILE RA 55 62.41 -40.66 -27.83
C ILE RA 55 62.65 -39.16 -27.88
N VAL RA 56 63.66 -38.75 -28.64
CA VAL RA 56 63.89 -37.36 -28.99
C VAL RA 56 64.21 -37.32 -30.48
N ARG RA 57 63.55 -36.43 -31.21
CA ARG RA 57 63.83 -36.30 -32.63
C ARG RA 57 63.61 -34.87 -33.08
N GLU RA 58 64.28 -34.49 -34.16
CA GLU RA 58 64.09 -33.20 -34.79
C GLU RA 58 63.03 -33.34 -35.87
N VAL RA 59 62.09 -32.41 -35.89
CA VAL RA 59 60.94 -32.48 -36.78
C VAL RA 59 61.27 -31.80 -38.09
N ASP RA 60 60.79 -32.37 -39.19
CA ASP RA 60 60.99 -31.82 -40.53
C ASP RA 60 59.66 -31.45 -41.16
N ARG RA 61 58.83 -30.72 -40.43
CA ARG RA 61 57.51 -30.33 -40.89
C ARG RA 61 57.47 -28.83 -41.11
N PRO RA 62 57.62 -28.34 -42.35
CA PRO RA 62 57.66 -26.90 -42.58
C PRO RA 62 56.30 -26.26 -42.33
N GLY RA 63 56.34 -25.02 -41.85
CA GLY RA 63 55.15 -24.28 -41.52
C GLY RA 63 54.61 -24.54 -40.13
N SER RA 64 55.22 -25.45 -39.38
CA SER RA 64 54.78 -25.77 -38.03
C SER RA 64 55.65 -25.03 -37.01
N LYS RA 65 55.14 -24.95 -35.79
CA LYS RA 65 55.91 -24.35 -34.71
C LYS RA 65 57.10 -25.23 -34.31
N VAL RA 66 57.07 -26.51 -34.65
CA VAL RA 66 58.12 -27.43 -34.26
C VAL RA 66 59.05 -27.75 -35.43
N ASN RA 67 59.00 -26.94 -36.49
CA ASN RA 67 59.88 -27.16 -37.63
C ASN RA 67 61.34 -26.92 -37.21
N LYS RA 68 62.19 -27.91 -37.47
CA LYS RA 68 63.59 -27.87 -37.04
C LYS RA 68 63.70 -27.65 -35.54
N LYS RA 69 62.86 -28.34 -34.79
CA LYS RA 69 62.90 -28.32 -33.33
C LYS RA 69 62.91 -29.75 -32.82
N GLU RA 70 63.48 -29.93 -31.64
CA GLU RA 70 63.57 -31.23 -31.02
C GLU RA 70 62.34 -31.46 -30.13
N VAL RA 71 61.65 -32.57 -30.37
CA VAL RA 71 60.48 -32.95 -29.60
C VAL RA 71 60.70 -34.34 -29.02
N VAL RA 72 59.98 -34.63 -27.95
CA VAL RA 72 59.94 -35.98 -27.40
C VAL RA 72 58.61 -36.59 -27.79
N GLU RA 73 58.62 -37.88 -28.09
CA GLU RA 73 57.41 -38.58 -28.48
C GLU RA 73 57.40 -39.94 -27.82
N ALA RA 74 56.23 -40.34 -27.32
CA ALA RA 74 56.07 -41.66 -26.75
C ALA RA 74 56.01 -42.70 -27.86
N VAL RA 75 56.76 -43.78 -27.70
CA VAL RA 75 56.78 -44.87 -28.65
C VAL RA 75 56.55 -46.18 -27.93
N THR RA 76 56.05 -47.16 -28.67
CA THR RA 76 55.75 -48.48 -28.16
C THR RA 76 56.68 -49.49 -28.82
N ILE RA 77 57.28 -50.35 -28.00
CA ILE RA 77 58.18 -51.39 -28.51
C ILE RA 77 57.36 -52.66 -28.71
N VAL RA 78 57.46 -53.24 -29.91
CA VAL RA 78 56.76 -54.46 -30.25
C VAL RA 78 57.81 -55.47 -30.69
N GLU RA 79 58.13 -56.42 -29.81
CA GLU RA 79 59.11 -57.44 -30.15
C GLU RA 79 58.56 -58.34 -31.25
N THR RA 80 59.35 -58.51 -32.31
CA THR RA 80 58.94 -59.27 -33.50
C THR RA 80 60.05 -60.22 -33.92
N PRO RA 81 60.16 -61.38 -33.27
CA PRO RA 81 61.02 -62.43 -33.81
C PRO RA 81 60.47 -62.92 -35.14
N PRO RA 82 61.32 -63.42 -36.03
CA PRO RA 82 60.87 -63.79 -37.37
C PRO RA 82 59.80 -64.88 -37.34
N MET RA 83 58.81 -64.75 -38.22
CA MET RA 83 57.79 -65.78 -38.33
C MET RA 83 58.35 -66.96 -39.10
N VAL RA 84 57.67 -68.10 -38.97
CA VAL RA 84 58.02 -69.31 -39.72
C VAL RA 84 56.80 -69.71 -40.54
N VAL RA 85 57.00 -69.90 -41.84
CA VAL RA 85 55.90 -70.25 -42.74
C VAL RA 85 55.74 -71.76 -42.76
N VAL RA 86 54.55 -72.24 -42.42
CA VAL RA 86 54.29 -73.67 -42.35
C VAL RA 86 53.20 -74.13 -43.31
N GLY RA 87 52.37 -73.24 -43.84
CA GLY RA 87 51.30 -73.71 -44.71
C GLY RA 87 50.93 -72.68 -45.76
N ILE RA 88 50.15 -73.15 -46.73
CA ILE RA 88 49.57 -72.31 -47.77
C ILE RA 88 48.09 -72.66 -47.91
N VAL RA 89 47.24 -71.65 -47.91
CA VAL RA 89 45.81 -71.80 -48.10
C VAL RA 89 45.43 -71.06 -49.37
N GLY RA 90 44.55 -71.66 -50.17
CA GLY RA 90 43.95 -70.98 -51.31
C GLY RA 90 42.49 -70.70 -51.02
N TYR RA 91 41.99 -69.60 -51.56
CA TYR RA 91 40.58 -69.26 -51.47
C TYR RA 91 40.04 -69.05 -52.88
N VAL RA 92 38.76 -69.36 -53.06
CA VAL RA 92 38.08 -69.14 -54.33
C VAL RA 92 36.87 -68.25 -54.08
N GLU RA 93 36.67 -67.29 -54.98
CA GLU RA 93 35.51 -66.41 -54.89
C GLU RA 93 34.28 -67.12 -55.42
N THR RA 94 33.21 -67.08 -54.66
CA THR RA 94 31.92 -67.65 -54.99
C THR RA 94 30.87 -66.56 -54.82
N PRO RA 95 29.71 -66.70 -55.44
CA PRO RA 95 28.62 -65.74 -55.16
C PRO RA 95 28.14 -65.74 -53.73
N ARG RA 96 28.72 -66.55 -52.85
CA ARG RA 96 28.43 -66.50 -51.42
C ARG RA 96 29.62 -66.00 -50.61
N GLY RA 97 30.71 -65.62 -51.24
CA GLY RA 97 31.89 -65.12 -50.56
C GLY RA 97 33.13 -65.91 -50.94
N LEU RA 98 34.23 -65.57 -50.28
CA LEU RA 98 35.43 -66.37 -50.40
C LEU RA 98 35.28 -67.64 -49.60
N ARG RA 99 35.62 -68.77 -50.20
CA ARG RA 99 35.68 -70.01 -49.43
C ARG RA 99 37.03 -70.67 -49.58
N THR RA 100 37.41 -71.38 -48.53
CA THR RA 100 38.68 -72.09 -48.51
C THR RA 100 38.62 -73.24 -49.50
N PHE RA 101 39.59 -73.27 -50.40
CA PHE RA 101 39.62 -74.28 -51.45
C PHE RA 101 40.54 -75.44 -51.08
N LYS RA 102 41.80 -75.14 -50.76
CA LYS RA 102 42.74 -76.20 -50.44
C LYS RA 102 43.79 -75.65 -49.49
N THR RA 103 44.25 -76.51 -48.58
CA THR RA 103 45.31 -76.18 -47.64
C THR RA 103 46.42 -77.21 -47.77
N VAL RA 104 47.65 -76.74 -47.88
CA VAL RA 104 48.82 -77.60 -47.97
C VAL RA 104 49.78 -77.19 -46.87
N PHE RA 105 50.14 -78.13 -46.02
CA PHE RA 105 51.08 -77.86 -44.94
C PHE RA 105 52.45 -78.41 -45.26
N ALA RA 106 53.47 -77.72 -44.80
CA ALA RA 106 54.84 -78.15 -45.04
C ALA RA 106 55.15 -79.40 -44.23
N GLU RA 107 56.18 -80.11 -44.65
CA GLU RA 107 56.80 -81.09 -43.79
C GLU RA 107 57.52 -80.37 -42.65
N HIS RA 108 57.85 -81.12 -41.60
CA HIS RA 108 58.65 -80.61 -40.49
C HIS RA 108 58.01 -79.37 -39.86
N ILE RA 109 56.84 -79.58 -39.26
CA ILE RA 109 56.21 -78.53 -38.48
C ILE RA 109 56.84 -78.52 -37.09
N SER RA 110 57.22 -77.33 -36.63
CA SER RA 110 57.91 -77.20 -35.36
C SER RA 110 57.00 -77.57 -34.19
N ASP RA 111 57.61 -77.96 -33.08
CA ASP RA 111 56.85 -78.39 -31.92
C ASP RA 111 56.04 -77.25 -31.32
N GLU RA 112 56.60 -76.04 -31.29
CA GLU RA 112 55.87 -74.90 -30.74
C GLU RA 112 54.65 -74.59 -31.60
N CYS RA 113 54.78 -74.72 -32.93
CA CYS RA 113 53.61 -74.60 -33.78
C CYS RA 113 52.61 -75.70 -33.51
N LYS RA 114 53.11 -76.93 -33.32
CA LYS RA 114 52.23 -78.07 -33.11
C LYS RA 114 51.47 -77.97 -31.79
N ARG RA 115 52.00 -77.25 -30.82
CA ARG RA 115 51.28 -77.07 -29.56
C ARG RA 115 49.96 -76.35 -29.75
N ARG RA 116 49.81 -75.58 -30.82
CA ARG RA 116 48.57 -74.85 -31.05
C ARG RA 116 47.40 -75.79 -31.26
N PHE RA 117 47.66 -77.00 -31.75
CA PHE RA 117 46.61 -77.95 -32.06
C PHE RA 117 46.15 -78.76 -30.85
N TYR RA 118 46.77 -78.55 -29.69
CA TYR RA 118 46.48 -79.36 -28.51
C TYR RA 118 46.10 -78.45 -27.36
N LYS RA 119 45.00 -78.77 -26.70
CA LYS RA 119 44.68 -78.08 -25.46
C LYS RA 119 45.59 -78.53 -24.33
N ASN RA 120 45.86 -79.83 -24.26
CA ASN RA 120 46.73 -80.40 -23.24
C ASN RA 120 47.90 -81.07 -23.95
N TRP RA 121 48.96 -80.28 -24.20
CA TRP RA 121 50.17 -80.80 -24.80
C TRP RA 121 50.91 -81.75 -23.87
N HIS RA 122 50.71 -81.62 -22.56
CA HIS RA 122 51.38 -82.48 -21.59
C HIS RA 122 50.94 -83.93 -21.74
N LYS RA 123 49.63 -84.15 -21.85
CA LYS RA 123 49.07 -85.50 -21.86
C LYS RA 123 48.96 -86.09 -23.25
N SER RA 124 49.21 -85.32 -24.29
CA SER RA 124 49.01 -85.79 -25.65
C SER RA 124 50.19 -86.67 -26.08
N LYS RA 125 49.97 -87.40 -27.17
CA LYS RA 125 51.02 -88.19 -27.80
C LYS RA 125 51.73 -87.43 -28.91
N LYS RA 126 51.37 -86.17 -29.14
CA LYS RA 126 51.99 -85.33 -30.15
C LYS RA 126 51.87 -85.94 -31.55
N LYS RA 127 50.70 -86.48 -31.84
CA LYS RA 127 50.48 -87.23 -33.07
C LYS RA 127 50.10 -86.35 -34.25
N ALA RA 128 49.94 -85.05 -34.06
CA ALA RA 128 49.42 -84.18 -35.11
C ALA RA 128 50.38 -84.11 -36.29
N PHE RA 129 49.83 -84.22 -37.50
CA PHE RA 129 50.53 -84.09 -38.76
C PHE RA 129 51.54 -85.20 -38.99
N THR RA 130 51.55 -86.23 -38.15
CA THR RA 130 52.53 -87.30 -38.30
C THR RA 130 52.20 -88.23 -39.46
N LYS RA 131 50.92 -88.34 -39.84
CA LYS RA 131 50.57 -89.05 -41.04
C LYS RA 131 50.53 -88.15 -42.26
N TYR RA 132 50.39 -86.83 -42.06
CA TYR RA 132 50.43 -85.90 -43.17
C TYR RA 132 51.85 -85.72 -43.67
N CYS RA 133 52.83 -85.73 -42.78
CA CYS RA 133 54.21 -85.51 -43.21
C CYS RA 133 54.75 -86.65 -44.05
N LYS RA 134 54.06 -87.81 -44.07
CA LYS RA 134 54.55 -88.93 -44.86
C LYS RA 134 54.29 -88.74 -46.33
N LYS RA 135 53.24 -88.01 -46.69
CA LYS RA 135 52.94 -87.81 -48.10
C LYS RA 135 53.89 -86.81 -48.75
N TRP RA 136 54.67 -86.07 -47.98
CA TRP RA 136 55.76 -85.31 -48.57
C TRP RA 136 56.88 -86.21 -49.03
N GLN RA 137 56.93 -87.44 -48.51
CA GLN RA 137 58.03 -88.36 -48.78
C GLN RA 137 57.68 -89.49 -49.72
N ASP RA 138 56.48 -90.04 -49.66
CA ASP RA 138 56.19 -91.10 -50.61
C ASP RA 138 55.83 -90.51 -51.97
N GLU RA 139 55.88 -91.36 -53.00
CA GLU RA 139 55.72 -90.88 -54.37
C GLU RA 139 54.29 -90.46 -54.66
N ASP RA 140 53.32 -91.29 -54.25
CA ASP RA 140 51.92 -90.98 -54.49
C ASP RA 140 51.52 -89.70 -53.77
N GLY RA 141 52.02 -89.50 -52.55
CA GLY RA 141 51.73 -88.27 -51.84
C GLY RA 141 52.32 -87.05 -52.51
N LYS RA 142 53.53 -87.18 -53.07
CA LYS RA 142 54.13 -86.06 -53.78
C LYS RA 142 53.32 -85.71 -55.02
N LYS RA 143 52.85 -86.71 -55.76
CA LYS RA 143 51.98 -86.44 -56.89
C LYS RA 143 50.68 -85.77 -56.46
N GLN RA 144 50.13 -86.21 -55.32
CA GLN RA 144 48.92 -85.58 -54.79
C GLN RA 144 49.16 -84.12 -54.43
N LEU RA 145 50.32 -83.82 -53.83
CA LEU RA 145 50.64 -82.45 -53.48
C LEU RA 145 50.83 -81.59 -54.73
N GLU RA 146 51.45 -82.15 -55.77
CA GLU RA 146 51.58 -81.41 -57.02
C GLU RA 146 50.22 -81.13 -57.63
N LYS RA 147 49.29 -82.10 -57.55
CA LYS RA 147 47.93 -81.87 -58.01
C LYS RA 147 47.27 -80.75 -57.22
N ASP RA 148 47.48 -80.75 -55.90
CA ASP RA 148 46.88 -79.70 -55.06
C ASP RA 148 47.41 -78.33 -55.43
N PHE RA 149 48.71 -78.21 -55.67
CA PHE RA 149 49.27 -76.93 -56.08
C PHE RA 149 48.77 -76.51 -57.46
N SER RA 150 48.63 -77.45 -58.39
CA SER RA 150 48.08 -77.12 -59.70
C SER RA 150 46.64 -76.63 -59.59
N SER RA 151 45.84 -77.27 -58.73
CA SER RA 151 44.46 -76.86 -58.55
C SER RA 151 44.38 -75.47 -57.92
N MET RA 152 45.22 -75.19 -56.92
CA MET RA 152 45.27 -73.83 -56.39
C MET RA 152 45.66 -72.83 -57.46
N LYS RA 153 46.62 -73.19 -58.30
CA LYS RA 153 47.09 -72.29 -59.34
C LYS RA 153 45.99 -71.97 -60.34
N LYS RA 154 45.18 -72.95 -60.70
CA LYS RA 154 44.18 -72.74 -61.74
C LYS RA 154 42.80 -72.42 -61.21
N TYR RA 155 42.58 -72.38 -59.90
CA TYR RA 155 41.24 -72.11 -59.40
C TYR RA 155 41.18 -71.00 -58.36
N CYS RA 156 42.22 -70.85 -57.54
CA CYS RA 156 42.18 -69.90 -56.43
C CYS RA 156 42.47 -68.49 -56.92
N GLN RA 157 41.77 -67.52 -56.35
CA GLN RA 157 41.96 -66.12 -56.68
C GLN RA 157 42.86 -65.39 -55.69
N VAL RA 158 42.90 -65.86 -54.45
CA VAL RA 158 43.78 -65.28 -53.44
C VAL RA 158 44.38 -66.42 -52.64
N ILE RA 159 45.65 -66.29 -52.26
CA ILE RA 159 46.25 -67.29 -51.39
C ILE RA 159 46.87 -66.59 -50.20
N ARG RA 160 46.97 -67.33 -49.11
CA ARG RA 160 47.55 -66.85 -47.88
C ARG RA 160 48.56 -67.88 -47.40
N VAL RA 161 49.52 -67.44 -46.62
CA VAL RA 161 50.47 -68.33 -45.98
C VAL RA 161 50.12 -68.42 -44.50
N ILE RA 162 50.02 -69.64 -44.02
CA ILE RA 162 49.90 -69.88 -42.58
C ILE RA 162 51.30 -69.81 -42.01
N ALA RA 163 51.50 -68.85 -41.10
CA ALA RA 163 52.78 -68.62 -40.46
C ALA RA 163 52.58 -68.57 -38.95
N HIS RA 164 53.59 -69.00 -38.22
CA HIS RA 164 53.52 -69.04 -36.76
C HIS RA 164 54.71 -68.31 -36.15
N THR RA 165 54.49 -67.78 -34.96
CA THR RA 165 55.54 -67.11 -34.22
C THR RA 165 56.44 -68.13 -33.52
N GLN RA 166 57.55 -67.64 -32.98
CA GLN RA 166 58.56 -68.46 -32.32
C GLN RA 166 58.60 -68.06 -30.86
N MET RA 167 57.82 -68.77 -30.04
CA MET RA 167 57.73 -68.42 -28.62
C MET RA 167 58.98 -68.79 -27.84
N ARG RA 168 59.82 -69.68 -28.38
CA ARG RA 168 61.04 -70.04 -27.68
C ARG RA 168 62.03 -68.88 -27.60
N LEU RA 169 61.91 -67.91 -28.49
CA LEU RA 169 62.78 -66.74 -28.49
C LEU RA 169 62.27 -65.62 -27.59
N LEU RA 170 61.12 -65.79 -26.97
CA LEU RA 170 60.50 -64.77 -26.15
C LEU RA 170 60.59 -65.14 -24.67
N PRO RA 171 60.64 -64.16 -23.78
CA PRO RA 171 60.80 -64.47 -22.34
C PRO RA 171 59.53 -64.81 -21.61
N LEU RA 172 58.44 -65.12 -22.31
CA LEU RA 172 57.16 -65.29 -21.66
C LEU RA 172 56.99 -66.72 -21.17
N ARG RA 173 55.98 -66.91 -20.32
CA ARG RA 173 55.61 -68.24 -19.86
C ARG RA 173 55.13 -69.11 -21.01
N GLN RA 174 54.40 -68.53 -21.94
CA GLN RA 174 53.74 -69.31 -22.99
C GLN RA 174 54.77 -69.93 -23.94
N LYS RA 175 54.58 -71.21 -24.22
CA LYS RA 175 55.36 -71.92 -25.22
C LYS RA 175 54.57 -72.22 -26.47
N LYS RA 176 53.25 -72.13 -26.40
CA LYS RA 176 52.38 -72.43 -27.53
C LYS RA 176 52.42 -71.29 -28.53
N ALA RA 177 52.75 -71.59 -29.78
CA ALA RA 177 52.95 -70.55 -30.78
C ALA RA 177 51.61 -69.99 -31.25
N HIS RA 178 51.70 -68.86 -31.94
CA HIS RA 178 50.54 -68.22 -32.54
C HIS RA 178 50.59 -68.44 -34.05
N LEU RA 179 49.48 -68.92 -34.60
CA LEU RA 179 49.33 -69.14 -36.03
C LEU RA 179 48.42 -68.08 -36.62
N MET RA 180 48.72 -67.66 -37.83
CA MET RA 180 47.80 -66.77 -38.54
C MET RA 180 48.02 -66.90 -40.04
N GLU RA 181 46.98 -66.55 -40.78
CA GLU RA 181 47.04 -66.50 -42.23
C GLU RA 181 47.40 -65.08 -42.65
N ILE RA 182 48.50 -64.95 -43.38
CA ILE RA 182 48.95 -63.67 -43.91
C ILE RA 182 48.74 -63.72 -45.42
N GLN RA 183 47.92 -62.82 -45.93
CA GLN RA 183 47.63 -62.81 -47.35
C GLN RA 183 48.85 -62.41 -48.15
N VAL RA 184 49.10 -63.14 -49.23
CA VAL RA 184 50.19 -62.80 -50.14
C VAL RA 184 49.61 -61.93 -51.23
N ASN RA 185 50.10 -60.70 -51.33
CA ASN RA 185 49.59 -59.73 -52.28
C ASN RA 185 50.62 -59.48 -53.38
N GLY RA 186 50.19 -58.79 -54.41
CA GLY RA 186 51.12 -58.29 -55.42
C GLY RA 186 51.67 -59.31 -56.40
N GLY RA 187 50.83 -59.83 -57.28
CA GLY RA 187 51.33 -60.69 -58.33
C GLY RA 187 50.21 -61.55 -58.87
N THR RA 188 50.59 -62.42 -59.80
CA THR RA 188 49.64 -63.42 -60.24
C THR RA 188 49.61 -64.58 -59.25
N VAL RA 189 48.55 -65.39 -59.36
CA VAL RA 189 48.37 -66.50 -58.43
C VAL RA 189 49.51 -67.49 -58.55
N ALA RA 190 49.96 -67.77 -59.77
CA ALA RA 190 51.09 -68.67 -59.95
C ALA RA 190 52.35 -68.12 -59.30
N GLU RA 191 52.61 -66.82 -59.47
CA GLU RA 191 53.82 -66.22 -58.91
C GLU RA 191 53.79 -66.26 -57.39
N LYS RA 192 52.67 -65.88 -56.79
CA LYS RA 192 52.59 -65.92 -55.33
C LYS RA 192 52.60 -67.34 -54.79
N LEU RA 193 52.08 -68.31 -55.54
CA LEU RA 193 52.19 -69.70 -55.12
C LEU RA 193 53.63 -70.18 -55.14
N ASP RA 194 54.38 -69.83 -56.19
CA ASP RA 194 55.79 -70.20 -56.23
C ASP RA 194 56.57 -69.55 -55.10
N TRP RA 195 56.28 -68.28 -54.83
CA TRP RA 195 56.90 -67.57 -53.73
C TRP RA 195 56.62 -68.25 -52.40
N ALA RA 196 55.35 -68.61 -52.15
CA ALA RA 196 55.00 -69.27 -50.90
C ALA RA 196 55.65 -70.64 -50.80
N ARG RA 197 55.69 -71.38 -51.91
CA ARG RA 197 56.30 -72.71 -51.88
C ARG RA 197 57.78 -72.62 -51.54
N GLU RA 198 58.48 -71.64 -52.12
CA GLU RA 198 59.89 -71.49 -51.76
C GLU RA 198 60.06 -70.93 -50.35
N ARG RA 199 59.05 -70.27 -49.80
CA ARG RA 199 59.12 -69.82 -48.42
C ARG RA 199 58.62 -70.84 -47.40
N LEU RA 200 58.15 -72.01 -47.86
CA LEU RA 200 57.72 -73.04 -46.92
C LEU RA 200 58.87 -73.47 -46.03
N GLU RA 201 58.57 -73.65 -44.74
CA GLU RA 201 59.49 -73.96 -43.65
C GLU RA 201 60.47 -72.82 -43.35
N GLN RA 202 60.39 -71.70 -44.04
CA GLN RA 202 61.41 -70.67 -43.92
C GLN RA 202 61.00 -69.59 -42.92
N GLN RA 203 61.98 -68.78 -42.55
CA GLN RA 203 61.81 -67.67 -41.63
C GLN RA 203 61.65 -66.38 -42.40
N VAL RA 204 60.63 -65.61 -42.03
CA VAL RA 204 60.38 -64.29 -42.57
C VAL RA 204 60.61 -63.27 -41.45
N PRO RA 205 61.68 -62.49 -41.54
CA PRO RA 205 61.88 -61.40 -40.58
C PRO RA 205 60.93 -60.26 -40.85
N VAL RA 206 60.78 -59.40 -39.83
CA VAL RA 206 59.92 -58.24 -39.95
C VAL RA 206 60.47 -57.22 -40.94
N ASN RA 207 61.77 -57.31 -41.25
CA ASN RA 207 62.36 -56.46 -42.27
C ASN RA 207 61.70 -56.70 -43.62
N GLN RA 208 61.45 -57.97 -43.95
CA GLN RA 208 60.90 -58.29 -45.26
C GLN RA 208 59.45 -57.90 -45.40
N VAL RA 209 58.74 -57.68 -44.30
CA VAL RA 209 57.34 -57.30 -44.37
C VAL RA 209 57.21 -55.79 -44.27
N PHE RA 210 57.70 -55.22 -43.18
CA PHE RA 210 57.53 -53.80 -42.94
C PHE RA 210 58.86 -53.07 -43.12
N GLY RA 211 58.76 -51.76 -43.39
CA GLY RA 211 59.92 -50.93 -43.56
C GLY RA 211 59.91 -49.75 -42.62
N GLN RA 212 60.99 -48.97 -42.69
CA GLN RA 212 61.12 -47.80 -41.85
C GLN RA 212 60.05 -46.78 -42.22
N ASP RA 213 59.70 -45.94 -41.23
CA ASP RA 213 58.81 -44.78 -41.30
C ASP RA 213 57.64 -44.94 -42.26
N GLU RA 214 56.88 -46.01 -42.08
CA GLU RA 214 55.66 -46.23 -42.83
C GLU RA 214 54.51 -46.39 -41.86
N MET RA 215 53.31 -46.05 -42.33
CA MET RA 215 52.12 -46.13 -41.50
C MET RA 215 51.51 -47.51 -41.62
N ILE RA 216 51.30 -48.18 -40.50
CA ILE RA 216 50.70 -49.51 -40.47
C ILE RA 216 49.48 -49.49 -39.57
N ASP RA 217 48.77 -50.60 -39.57
CA ASP RA 217 47.60 -50.79 -38.72
C ASP RA 217 47.93 -51.82 -37.66
N VAL RA 218 47.48 -51.57 -36.44
CA VAL RA 218 47.70 -52.47 -35.32
C VAL RA 218 46.36 -53.05 -34.90
N ILE RA 219 46.26 -54.37 -34.90
CA ILE RA 219 45.04 -55.07 -34.55
C ILE RA 219 45.30 -55.86 -33.28
N GLY RA 220 44.44 -55.69 -32.30
CA GLY RA 220 44.67 -56.37 -31.05
C GLY RA 220 43.43 -56.40 -30.18
N VAL RA 221 43.62 -56.83 -28.95
CA VAL RA 221 42.56 -56.89 -27.95
C VAL RA 221 42.95 -55.98 -26.79
N THR RA 222 42.08 -55.06 -26.42
CA THR RA 222 42.40 -54.08 -25.39
C THR RA 222 42.52 -54.76 -24.03
N LYS RA 223 42.99 -54.00 -23.06
CA LYS RA 223 43.13 -54.50 -21.70
C LYS RA 223 41.75 -54.77 -21.11
N GLY RA 224 41.59 -55.93 -20.49
CA GLY RA 224 40.34 -56.24 -19.83
C GLY RA 224 40.19 -55.47 -18.54
N LYS RA 225 38.97 -55.04 -18.25
CA LYS RA 225 38.69 -54.28 -17.05
C LYS RA 225 37.58 -54.89 -16.21
N GLY RA 226 37.02 -56.02 -16.61
CA GLY RA 226 36.00 -56.66 -15.83
C GLY RA 226 34.63 -56.03 -16.01
N TYR RA 227 33.74 -56.38 -15.09
CA TYR RA 227 32.37 -55.87 -15.10
C TYR RA 227 32.41 -54.43 -14.61
N LYS RA 228 31.91 -53.51 -15.40
CA LYS RA 228 31.99 -52.10 -15.06
C LYS RA 228 30.61 -51.45 -15.18
N GLY RA 229 30.41 -50.39 -14.41
CA GLY RA 229 29.17 -49.66 -14.43
C GLY RA 229 29.09 -48.68 -15.58
N VAL RA 230 27.99 -47.94 -15.63
CA VAL RA 230 27.79 -47.03 -16.76
C VAL RA 230 28.74 -45.83 -16.68
N THR RA 231 29.12 -45.40 -15.48
CA THR RA 231 29.97 -44.23 -15.37
C THR RA 231 31.37 -44.51 -15.90
N SER RA 232 31.90 -45.69 -15.63
CA SER RA 232 33.21 -46.03 -16.17
C SER RA 232 33.11 -46.55 -17.61
N ARG RA 233 32.06 -47.30 -17.90
CA ARG RA 233 31.96 -47.95 -19.19
C ARG RA 233 31.59 -46.99 -20.31
N TRP RA 234 30.64 -46.09 -20.06
CA TRP RA 234 30.13 -45.19 -21.07
C TRP RA 234 30.42 -43.73 -20.76
N HIS RA 235 31.06 -43.44 -19.63
CA HIS RA 235 31.47 -42.09 -19.27
C HIS RA 235 30.28 -41.14 -19.22
N THR RA 236 29.18 -41.60 -18.62
CA THR RA 236 28.03 -40.76 -18.39
C THR RA 236 28.25 -39.87 -17.18
N LYS RA 237 27.40 -38.85 -17.06
CA LYS RA 237 27.53 -37.90 -15.97
C LYS RA 237 27.15 -38.54 -14.64
N LYS RA 238 28.00 -38.36 -13.63
CA LYS RA 238 27.68 -38.84 -12.30
C LYS RA 238 26.53 -38.04 -11.70
N LEU RA 239 25.62 -38.75 -11.06
CA LEU RA 239 24.47 -38.12 -10.44
C LEU RA 239 24.89 -37.37 -9.20
N PRO RA 240 24.07 -36.41 -8.74
CA PRO RA 240 24.46 -35.59 -7.59
C PRO RA 240 24.63 -36.41 -6.31
N ARG RA 241 25.28 -35.80 -5.34
CA ARG RA 241 25.58 -36.46 -4.07
C ARG RA 241 24.32 -36.85 -3.32
N LYS RA 242 23.22 -36.13 -3.54
CA LYS RA 242 21.99 -36.36 -2.81
C LYS RA 242 21.17 -37.52 -3.34
N THR RA 243 21.63 -38.19 -4.39
CA THR RA 243 20.85 -39.25 -5.00
C THR RA 243 20.72 -40.44 -4.06
N HIS RA 244 19.51 -41.01 -3.98
CA HIS RA 244 19.21 -41.97 -2.94
C HIS RA 244 19.81 -43.34 -3.24
N ARG RA 245 19.39 -43.97 -4.33
CA ARG RA 245 19.73 -45.36 -4.58
C ARG RA 245 21.03 -45.52 -5.34
N GLY RA 246 21.87 -44.48 -5.38
CA GLY RA 246 23.12 -44.58 -6.07
C GLY RA 246 23.31 -43.52 -7.13
N LEU RA 247 24.54 -43.03 -7.26
CA LEU RA 247 24.81 -41.93 -8.17
C LEU RA 247 25.65 -42.32 -9.38
N ARG RA 248 26.26 -43.50 -9.39
CA ARG RA 248 27.00 -43.95 -10.55
C ARG RA 248 26.11 -44.71 -11.51
N LYS RA 249 25.00 -44.09 -11.91
CA LYS RA 249 23.98 -44.73 -12.71
C LYS RA 249 23.50 -43.76 -13.78
N VAL RA 250 22.72 -44.28 -14.71
CA VAL RA 250 21.97 -43.46 -15.66
C VAL RA 250 20.56 -43.28 -15.10
N ALA RA 251 20.12 -42.04 -15.01
CA ALA RA 251 18.87 -41.76 -14.33
C ALA RA 251 17.67 -42.32 -15.11
N CYS RA 252 17.58 -42.03 -16.39
CA CYS RA 252 16.46 -42.49 -17.21
C CYS RA 252 17.00 -43.41 -18.29
N ILE RA 253 16.50 -44.63 -18.35
CA ILE RA 253 16.90 -45.58 -19.36
C ILE RA 253 15.85 -45.70 -20.46
N GLY RA 254 15.01 -44.70 -20.62
CA GLY RA 254 14.06 -44.67 -21.71
C GLY RA 254 12.75 -44.04 -21.30
N ALA RA 255 12.01 -43.59 -22.30
CA ALA RA 255 10.69 -43.01 -22.06
C ALA RA 255 9.69 -44.12 -21.77
N TRP RA 256 8.44 -43.72 -21.49
CA TRP RA 256 7.38 -44.69 -21.30
C TRP RA 256 7.16 -45.50 -22.56
N HIS RA 257 7.16 -44.85 -23.72
CA HIS RA 257 7.11 -45.54 -24.97
C HIS RA 257 8.36 -45.23 -25.78
N PRO RA 258 8.95 -46.19 -26.50
CA PRO RA 258 8.45 -47.52 -26.92
C PRO RA 258 8.32 -48.66 -25.92
N ALA RA 259 8.19 -48.47 -24.60
CA ALA RA 259 7.85 -49.53 -23.64
C ALA RA 259 8.86 -50.64 -23.61
N ARG RA 260 10.09 -50.36 -24.02
CA ARG RA 260 11.20 -51.28 -23.92
C ARG RA 260 12.45 -50.46 -23.66
N VAL RA 261 13.53 -51.12 -23.28
CA VAL RA 261 14.82 -50.46 -23.18
C VAL RA 261 15.51 -50.59 -24.52
N ALA RA 262 15.90 -49.45 -25.10
CA ALA RA 262 16.54 -49.46 -26.40
C ALA RA 262 17.96 -50.02 -26.29
N PHE RA 263 18.47 -50.48 -27.42
CA PHE RA 263 19.84 -50.97 -27.50
C PHE RA 263 20.87 -49.86 -27.35
N SER RA 264 20.45 -48.60 -27.47
CA SER RA 264 21.36 -47.47 -27.49
C SER RA 264 21.50 -46.82 -26.12
N VAL RA 265 20.92 -47.41 -25.08
CA VAL RA 265 20.98 -46.86 -23.73
C VAL RA 265 22.18 -47.46 -23.03
N ALA RA 266 22.96 -46.60 -22.36
CA ALA RA 266 24.16 -47.04 -21.67
C ALA RA 266 23.83 -47.92 -20.47
N ARG RA 267 24.41 -49.12 -20.43
CA ARG RA 267 24.13 -50.05 -19.35
C ARG RA 267 25.39 -50.78 -18.96
N ALA RA 268 25.42 -51.19 -17.68
CA ALA RA 268 26.61 -51.78 -17.09
C ALA RA 268 26.90 -53.16 -17.68
N GLY RA 269 28.17 -53.54 -17.65
CA GLY RA 269 28.57 -54.81 -18.19
C GLY RA 269 30.08 -54.87 -18.33
N GLN RA 270 30.53 -55.77 -19.19
CA GLN RA 270 31.95 -55.97 -19.41
C GLN RA 270 32.57 -54.73 -20.04
N LYS RA 271 33.70 -54.30 -19.51
CA LYS RA 271 34.49 -53.23 -20.10
C LYS RA 271 35.90 -53.74 -20.38
N GLY RA 272 36.43 -53.38 -21.53
CA GLY RA 272 37.74 -53.84 -21.92
C GLY RA 272 37.70 -55.23 -22.53
N TYR RA 273 38.88 -55.67 -22.96
CA TYR RA 273 39.04 -56.93 -23.69
C TYR RA 273 38.16 -56.95 -24.94
N HIS RA 274 38.26 -55.89 -25.73
CA HIS RA 274 37.54 -55.76 -26.97
C HIS RA 274 38.52 -55.81 -28.13
N HIS RA 275 38.07 -56.38 -29.24
CA HIS RA 275 38.88 -56.40 -30.45
C HIS RA 275 38.88 -55.02 -31.08
N ARG RA 276 40.05 -54.44 -31.32
CA ARG RA 276 40.16 -53.12 -31.90
C ARG RA 276 41.25 -53.08 -32.94
N THR RA 277 41.02 -52.31 -34.00
CA THR RA 277 42.02 -52.02 -35.01
C THR RA 277 42.28 -50.52 -35.00
N GLU RA 278 43.54 -50.15 -34.85
CA GLU RA 278 43.95 -48.75 -34.90
C GLU RA 278 44.80 -48.53 -36.13
N ILE RA 279 44.45 -47.53 -36.93
CA ILE RA 279 45.14 -47.28 -38.18
C ILE RA 279 46.14 -46.16 -37.97
N ASN RA 280 47.09 -46.06 -38.90
CA ASN RA 280 48.05 -44.98 -38.98
C ASN RA 280 48.95 -44.91 -37.74
N LYS RA 281 49.72 -45.97 -37.53
CA LYS RA 281 50.81 -45.95 -36.57
C LYS RA 281 52.10 -45.94 -37.35
N LYS RA 282 52.93 -44.93 -37.12
CA LYS RA 282 54.16 -44.78 -37.87
C LYS RA 282 55.27 -45.62 -37.25
N ILE RA 283 55.95 -46.40 -38.10
CA ILE RA 283 57.06 -47.22 -37.65
C ILE RA 283 58.26 -46.30 -37.44
N TYR RA 284 58.56 -45.98 -36.18
CA TYR RA 284 59.69 -45.11 -35.91
C TYR RA 284 61.01 -45.83 -36.05
N LYS RA 285 61.06 -47.12 -35.74
CA LYS RA 285 62.33 -47.82 -35.86
C LYS RA 285 62.05 -49.29 -36.08
N ILE RA 286 63.02 -49.99 -36.66
CA ILE RA 286 63.02 -51.45 -36.73
C ILE RA 286 64.37 -51.90 -36.21
N GLY RA 287 64.38 -52.46 -35.00
CA GLY RA 287 65.63 -52.86 -34.39
C GLY RA 287 66.15 -54.17 -34.94
N GLN RA 288 67.44 -54.39 -34.71
CA GLN RA 288 68.16 -55.48 -35.35
C GLN RA 288 68.20 -56.75 -34.50
N GLY RA 289 67.94 -56.65 -33.21
CA GLY RA 289 68.00 -57.82 -32.35
C GLY RA 289 69.43 -58.20 -32.01
N TYR RA 290 69.57 -58.97 -30.94
CA TYR RA 290 70.89 -59.29 -30.42
C TYR RA 290 71.62 -60.22 -31.37
N LEU RA 291 72.88 -59.89 -31.64
CA LEU RA 291 73.71 -60.66 -32.55
C LEU RA 291 75.00 -61.05 -31.85
N ILE RA 292 75.61 -62.13 -32.31
CA ILE RA 292 76.91 -62.57 -31.82
C ILE RA 292 77.74 -62.89 -33.05
N LYS RA 293 78.73 -62.03 -33.34
CA LYS RA 293 79.69 -62.30 -34.39
C LYS RA 293 81.02 -62.81 -33.81
N ASP RA 294 81.64 -62.01 -32.93
CA ASP RA 294 82.67 -62.52 -32.02
C ASP RA 294 82.25 -62.29 -30.57
N GLY RA 295 81.97 -61.05 -30.20
CA GLY RA 295 81.24 -60.75 -28.99
C GLY RA 295 79.75 -60.65 -29.27
N LYS RA 296 79.02 -60.15 -28.30
CA LYS RA 296 77.57 -60.03 -28.39
C LYS RA 296 77.19 -58.58 -28.61
N LEU RA 297 76.35 -58.31 -29.59
CA LEU RA 297 76.07 -56.96 -30.07
C LEU RA 297 74.67 -56.54 -29.64
N ILE RA 298 74.60 -55.57 -28.73
CA ILE RA 298 73.35 -54.97 -28.30
C ILE RA 298 73.27 -53.50 -28.66
N LYS RA 299 74.35 -52.92 -29.17
CA LYS RA 299 74.43 -51.48 -29.38
C LYS RA 299 73.35 -51.00 -30.34
N ASN RA 300 73.19 -51.71 -31.46
CA ASN RA 300 72.34 -51.25 -32.55
C ASN RA 300 70.87 -51.21 -32.18
N ASN RA 301 70.48 -51.82 -31.05
CA ASN RA 301 69.07 -51.78 -30.67
C ASN RA 301 68.62 -50.36 -30.34
N ALA RA 302 69.44 -49.60 -29.61
CA ALA RA 302 69.01 -48.27 -29.22
C ALA RA 302 70.11 -47.22 -29.38
N SER RA 303 71.14 -47.50 -30.18
CA SER RA 303 72.18 -46.53 -30.43
C SER RA 303 71.82 -45.73 -31.68
N THR RA 304 71.51 -44.46 -31.50
CA THR RA 304 71.33 -43.56 -32.62
C THR RA 304 72.69 -42.95 -32.98
N ASP RA 305 72.76 -42.37 -34.18
CA ASP RA 305 74.01 -41.74 -34.60
C ASP RA 305 74.32 -40.49 -33.80
N TYR RA 306 73.33 -39.89 -33.15
CA TYR RA 306 73.56 -38.80 -32.22
C TYR RA 306 73.84 -39.28 -30.80
N ASP RA 307 73.72 -40.58 -30.53
CA ASP RA 307 73.94 -41.13 -29.20
C ASP RA 307 75.26 -41.87 -29.10
N LEU RA 308 75.48 -42.87 -29.96
CA LEU RA 308 76.71 -43.66 -29.99
C LEU RA 308 77.01 -44.29 -28.63
N SER RA 309 75.98 -44.84 -28.00
CA SER RA 309 76.11 -45.53 -26.73
C SER RA 309 75.84 -47.02 -26.94
N ASP RA 310 76.64 -47.85 -26.29
CA ASP RA 310 76.52 -49.30 -26.42
C ASP RA 310 75.39 -49.79 -25.52
N LYS RA 311 74.17 -49.44 -25.89
CA LYS RA 311 73.00 -49.78 -25.11
C LYS RA 311 71.91 -50.31 -26.01
N SER RA 312 71.08 -51.20 -25.46
CA SER RA 312 69.97 -51.79 -26.18
C SER RA 312 68.67 -51.10 -25.80
N ILE RA 313 67.58 -51.53 -26.43
CA ILE RA 313 66.29 -50.91 -26.18
C ILE RA 313 65.77 -51.24 -24.79
N ASN RA 314 66.36 -52.22 -24.12
CA ASN RA 314 65.89 -52.62 -22.81
C ASN RA 314 66.18 -51.53 -21.80
N PRO RA 315 65.20 -51.10 -21.02
CA PRO RA 315 65.45 -50.09 -20.00
C PRO RA 315 66.32 -50.67 -18.89
N LEU RA 316 66.85 -49.77 -18.07
CA LEU RA 316 67.64 -50.19 -16.94
C LEU RA 316 66.76 -51.00 -15.99
N GLY RA 317 67.03 -52.30 -15.88
CA GLY RA 317 66.19 -53.18 -15.10
C GLY RA 317 65.16 -53.96 -15.88
N GLY RA 318 65.19 -53.87 -17.21
CA GLY RA 318 64.28 -54.64 -18.03
C GLY RA 318 62.92 -54.00 -18.17
N PHE RA 319 62.17 -54.47 -19.16
CA PHE RA 319 60.80 -54.01 -19.34
C PHE RA 319 59.94 -54.53 -18.19
N VAL RA 320 59.17 -53.64 -17.57
CA VAL RA 320 58.35 -54.05 -16.44
C VAL RA 320 57.21 -54.93 -16.93
N HIS RA 321 57.03 -56.07 -16.27
CA HIS RA 321 55.98 -57.05 -16.53
C HIS RA 321 56.08 -57.71 -17.88
N TYR RA 322 57.19 -57.55 -18.60
CA TYR RA 322 57.40 -58.26 -19.86
C TYR RA 322 58.62 -59.18 -19.82
N GLY RA 323 59.80 -58.63 -19.55
CA GLY RA 323 61.02 -59.38 -19.69
C GLY RA 323 62.03 -58.57 -20.47
N GLU RA 324 62.95 -59.27 -21.11
CA GLU RA 324 64.03 -58.64 -21.85
C GLU RA 324 63.84 -58.89 -23.34
N VAL RA 325 63.85 -57.81 -24.11
CA VAL RA 325 63.68 -57.89 -25.56
C VAL RA 325 65.03 -58.19 -26.19
N THR RA 326 65.10 -59.29 -26.91
CA THR RA 326 66.33 -59.78 -27.52
C THR RA 326 66.24 -59.89 -29.03
N ASN RA 327 65.07 -60.19 -29.57
CA ASN RA 327 64.91 -60.37 -31.01
C ASN RA 327 64.70 -59.02 -31.68
N ASP RA 328 64.27 -59.05 -32.94
CA ASP RA 328 63.90 -57.84 -33.65
C ASP RA 328 62.72 -57.17 -32.95
N PHE RA 329 62.63 -55.86 -33.08
CA PHE RA 329 61.51 -55.13 -32.54
C PHE RA 329 61.09 -54.04 -33.50
N VAL RA 330 59.86 -53.60 -33.37
CA VAL RA 330 59.32 -52.49 -34.15
C VAL RA 330 58.92 -51.40 -33.16
N MET RA 331 59.50 -50.22 -33.31
CA MET RA 331 59.20 -49.08 -32.47
C MET RA 331 58.19 -48.20 -33.20
N LEU RA 332 56.97 -48.18 -32.69
CA LEU RA 332 55.84 -47.46 -33.28
C LEU RA 332 55.55 -46.20 -32.49
N LYS RA 333 55.14 -45.15 -33.19
CA LYS RA 333 54.77 -43.92 -32.52
C LYS RA 333 53.48 -44.10 -31.73
N GLY RA 334 53.48 -43.62 -30.49
CA GLY RA 334 52.25 -43.58 -29.71
C GLY RA 334 51.95 -44.88 -28.99
N CYS RA 335 50.69 -45.00 -28.60
CA CYS RA 335 50.22 -46.10 -27.79
C CYS RA 335 49.54 -47.17 -28.64
N VAL RA 336 49.47 -48.38 -28.08
CA VAL RA 336 48.98 -49.56 -28.76
C VAL RA 336 48.07 -50.32 -27.80
N VAL RA 337 46.95 -50.85 -28.32
CA VAL RA 337 46.02 -51.60 -27.49
C VAL RA 337 46.71 -52.81 -26.87
N GLY RA 338 46.15 -53.27 -25.76
CA GLY RA 338 46.57 -54.51 -25.14
C GLY RA 338 47.47 -54.27 -23.94
N THR RA 339 47.57 -55.29 -23.10
CA THR RA 339 48.49 -55.25 -21.98
C THR RA 339 49.92 -55.43 -22.48
N LYS RA 340 50.85 -55.48 -21.55
CA LYS RA 340 52.19 -55.94 -21.91
C LYS RA 340 52.10 -57.41 -22.27
N LYS RA 341 53.10 -57.88 -23.03
CA LYS RA 341 53.19 -59.22 -23.60
C LYS RA 341 51.85 -59.70 -24.18
N ARG RA 342 51.13 -58.79 -24.82
CA ARG RA 342 49.92 -59.09 -25.57
C ARG RA 342 50.30 -59.21 -27.04
N VAL RA 343 49.76 -60.22 -27.70
CA VAL RA 343 50.07 -60.44 -29.11
C VAL RA 343 49.30 -59.43 -29.96
N LEU RA 344 49.99 -58.78 -30.87
CA LEU RA 344 49.42 -57.78 -31.75
C LEU RA 344 49.62 -58.20 -33.19
N THR RA 345 48.65 -57.86 -34.02
CA THR RA 345 48.74 -58.09 -35.45
C THR RA 345 49.02 -56.76 -36.13
N LEU RA 346 50.13 -56.69 -36.85
CA LEU RA 346 50.49 -55.52 -37.61
C LEU RA 346 50.12 -55.75 -39.06
N ARG RA 347 49.50 -54.75 -39.68
CA ARG RA 347 48.93 -54.90 -41.01
C ARG RA 347 49.34 -53.71 -41.86
N LYS RA 348 49.58 -53.96 -43.15
CA LYS RA 348 49.79 -52.87 -44.09
C LYS RA 348 48.56 -51.98 -44.17
N SER RA 349 48.80 -50.69 -44.42
CA SER RA 349 47.70 -49.74 -44.51
C SER RA 349 46.81 -50.05 -45.71
N LEU RA 350 45.49 -50.00 -45.48
CA LEU RA 350 44.55 -50.15 -46.57
C LEU RA 350 44.44 -48.89 -47.41
N LEU RA 351 44.91 -47.76 -46.89
CA LEU RA 351 44.80 -46.47 -47.57
C LEU RA 351 46.07 -46.18 -48.36
N VAL RA 352 46.08 -45.02 -49.01
CA VAL RA 352 47.26 -44.51 -49.70
C VAL RA 352 47.79 -43.36 -48.87
N GLN RA 353 49.03 -43.48 -48.42
CA GLN RA 353 49.64 -42.48 -47.55
C GLN RA 353 50.14 -41.32 -48.42
N THR RA 354 49.40 -40.22 -48.43
CA THR RA 354 49.75 -39.05 -49.21
C THR RA 354 49.93 -37.79 -48.38
N LYS RA 355 49.51 -37.79 -47.12
CA LYS RA 355 49.65 -36.60 -46.29
C LYS RA 355 51.10 -36.39 -45.88
N ARG RA 356 51.39 -35.20 -45.37
CA ARG RA 356 52.74 -34.88 -44.94
C ARG RA 356 53.10 -35.55 -43.63
N ARG RA 357 52.11 -35.91 -42.80
CA ARG RA 357 52.38 -36.69 -41.61
C ARG RA 357 52.99 -38.04 -41.97
N ALA RA 358 52.41 -38.70 -42.97
CA ALA RA 358 53.03 -39.87 -43.55
C ALA RA 358 54.20 -39.45 -44.42
N LEU RA 359 54.87 -40.44 -45.02
CA LEU RA 359 55.98 -40.23 -45.97
C LEU RA 359 57.02 -39.25 -45.45
N GLU RA 360 57.14 -39.15 -44.13
CA GLU RA 360 58.10 -38.28 -43.46
C GLU RA 360 59.21 -39.13 -42.87
N LYS RA 361 60.46 -38.68 -43.07
CA LYS RA 361 61.61 -39.41 -42.57
C LYS RA 361 61.77 -39.18 -41.07
N ILE RA 362 61.64 -40.24 -40.28
CA ILE RA 362 61.82 -40.17 -38.83
C ILE RA 362 63.27 -40.52 -38.52
N ASP RA 363 64.01 -39.54 -38.01
CA ASP RA 363 65.40 -39.75 -37.63
C ASP RA 363 65.52 -39.48 -36.13
N LEU RA 364 65.79 -40.53 -35.37
CA LEU RA 364 65.83 -40.42 -33.92
C LEU RA 364 67.15 -39.85 -33.46
N LYS RA 365 67.08 -38.92 -32.51
CA LYS RA 365 68.29 -38.38 -31.89
C LYS RA 365 68.64 -39.06 -30.59
N PHE RA 366 67.67 -39.67 -29.92
CA PHE RA 366 67.88 -40.21 -28.58
C PHE RA 366 66.71 -41.13 -28.23
N ILE RA 367 67.02 -42.27 -27.65
CA ILE RA 367 66.01 -43.20 -27.17
C ILE RA 367 66.21 -43.36 -25.67
N ASP RA 368 65.16 -43.10 -24.91
CA ASP RA 368 65.26 -43.16 -23.45
C ASP RA 368 65.29 -44.60 -22.98
N THR RA 369 66.22 -44.92 -22.09
CA THR RA 369 66.31 -46.25 -21.50
C THR RA 369 66.46 -46.17 -19.98
N THR RA 370 65.91 -45.13 -19.37
CA THR RA 370 65.87 -45.10 -17.92
C THR RA 370 64.94 -46.19 -17.40
N SER RA 371 65.09 -46.52 -16.13
CA SER RA 371 64.26 -47.54 -15.53
C SER RA 371 62.80 -47.12 -15.55
N LYS RA 372 61.94 -48.03 -15.99
CA LYS RA 372 60.51 -47.81 -15.95
C LYS RA 372 59.88 -48.36 -14.69
N PHE RA 373 60.67 -49.00 -13.84
CA PHE RA 373 60.20 -49.56 -12.57
C PHE RA 373 60.36 -48.54 -11.45
N GLY RA 374 59.86 -47.34 -11.67
CA GLY RA 374 60.02 -46.23 -10.76
C GLY RA 374 60.50 -45.03 -11.53
N HIS RA 375 61.06 -44.06 -10.80
CA HIS RA 375 61.60 -42.85 -11.42
C HIS RA 375 63.07 -43.08 -11.70
N GLY RA 376 63.34 -43.80 -12.78
CA GLY RA 376 64.70 -44.00 -13.21
C GLY RA 376 65.35 -42.71 -13.65
N ARG RA 377 66.65 -42.59 -13.37
CA ARG RA 377 67.39 -41.37 -13.67
C ARG RA 377 68.72 -41.64 -14.34
N PHE RA 378 69.00 -42.87 -14.73
CA PHE RA 378 70.22 -43.22 -15.41
C PHE RA 378 69.90 -44.01 -16.67
N GLN RA 379 70.73 -43.85 -17.69
CA GLN RA 379 70.46 -44.52 -18.96
C GLN RA 379 71.13 -45.88 -19.06
N THR RA 380 72.33 -46.04 -18.48
CA THR RA 380 73.05 -47.29 -18.56
C THR RA 380 73.64 -47.65 -17.19
N MET RA 381 73.96 -48.93 -17.05
CA MET RA 381 74.66 -49.42 -15.87
C MET RA 381 75.96 -48.67 -15.66
N GLU RA 382 76.73 -48.49 -16.74
CA GLU RA 382 78.02 -47.84 -16.61
C GLU RA 382 77.87 -46.36 -16.26
N GLU RA 383 76.85 -45.70 -16.80
CA GLU RA 383 76.59 -44.31 -16.41
C GLU RA 383 76.25 -44.23 -14.93
N LYS RA 384 75.41 -45.14 -14.45
CA LYS RA 384 75.07 -45.15 -13.04
C LYS RA 384 76.28 -45.38 -12.16
N LYS RA 385 77.12 -46.35 -12.54
CA LYS RA 385 78.32 -46.63 -11.74
C LYS RA 385 79.29 -45.46 -11.77
N ALA RA 386 79.46 -44.84 -12.93
CA ALA RA 386 80.38 -43.71 -13.04
C ALA RA 386 79.91 -42.52 -12.22
N PHE RA 387 78.59 -42.26 -12.22
CA PHE RA 387 78.08 -41.14 -11.43
C PHE RA 387 78.18 -41.44 -9.94
N MET RA 388 77.77 -42.64 -9.54
CA MET RA 388 77.56 -42.92 -8.12
C MET RA 388 78.81 -43.41 -7.41
N GLY RA 389 79.84 -43.82 -8.16
CA GLY RA 389 81.06 -44.27 -7.55
C GLY RA 389 80.92 -45.64 -6.91
N PRO RA 390 81.97 -46.11 -6.25
CA PRO RA 390 81.88 -47.39 -5.55
C PRO RA 390 80.93 -47.33 -4.38
N LEU RA 391 80.28 -48.45 -4.11
CA LEU RA 391 79.35 -48.59 -3.00
C LEU RA 391 79.90 -49.58 -1.98
N LYS RA 392 79.12 -49.84 -0.94
CA LYS RA 392 79.54 -50.81 0.08
C LYS RA 392 79.61 -52.22 -0.49
N LYS RA 393 78.64 -52.59 -1.34
CA LYS RA 393 78.65 -53.90 -1.95
C LYS RA 393 79.88 -54.10 -2.82
N ASP RA 394 80.21 -53.10 -3.64
CA ASP RA 394 81.39 -53.20 -4.48
C ASP RA 394 82.66 -53.17 -3.65
N ARG RA 395 82.65 -52.43 -2.54
CA ARG RA 395 83.82 -52.38 -1.67
C ARG RA 395 84.11 -53.74 -1.05
N ILE RA 396 83.08 -54.41 -0.53
CA ILE RA 396 83.30 -55.73 0.04
C ILE RA 396 83.58 -56.76 -1.05
N ALA RA 397 83.02 -56.58 -2.24
CA ALA RA 397 83.35 -57.48 -3.35
C ALA RA 397 84.81 -57.37 -3.74
N LYS RA 398 85.33 -56.14 -3.80
CA LYS RA 398 86.74 -55.95 -4.08
C LYS RA 398 87.61 -56.43 -2.93
N GLU RA 399 87.11 -56.33 -1.69
CA GLU RA 399 87.82 -56.91 -0.56
C GLU RA 399 87.96 -58.42 -0.70
N GLU RA 400 86.89 -59.08 -1.14
CA GLU RA 400 86.94 -60.53 -1.33
C GLU RA 400 87.81 -60.90 -2.53
N GLY RA 401 87.75 -60.10 -3.60
CA GLY RA 401 88.57 -60.40 -4.76
C GLY RA 401 90.05 -60.22 -4.50
N ALA RA 402 90.43 -59.14 -3.81
CA ALA RA 402 91.82 -58.82 -3.49
C ALA RA 402 92.71 -58.80 -4.72
N MET SA 1 -74.69 -103.03 -8.80
CA MET SA 1 -73.60 -103.50 -7.95
C MET SA 1 -73.57 -102.72 -6.64
N ALA SA 2 -73.72 -101.40 -6.73
CA ALA SA 2 -73.67 -100.57 -5.53
C ALA SA 2 -74.78 -100.91 -4.57
N CYS SA 3 -76.00 -101.14 -5.09
CA CYS SA 3 -77.12 -101.53 -4.26
C CYS SA 3 -77.08 -103.02 -3.88
N ALA SA 4 -76.17 -103.79 -4.47
CA ALA SA 4 -76.10 -105.22 -4.21
C ALA SA 4 -75.14 -105.48 -3.05
N ARG SA 5 -75.66 -106.01 -1.95
CA ARG SA 5 -74.88 -106.31 -0.77
C ARG SA 5 -74.93 -107.81 -0.49
N PRO SA 6 -73.86 -108.54 -0.77
CA PRO SA 6 -73.89 -110.00 -0.61
C PRO SA 6 -73.79 -110.39 0.85
N LEU SA 7 -73.78 -111.69 1.10
CA LEU SA 7 -73.62 -112.25 2.43
C LEU SA 7 -72.23 -112.82 2.56
N ILE SA 8 -71.58 -112.52 3.68
CA ILE SA 8 -70.23 -112.98 3.97
C ILE SA 8 -70.30 -113.94 5.15
N SER SA 9 -69.74 -115.13 4.97
CA SER SA 9 -69.75 -116.12 6.03
C SER SA 9 -68.79 -115.71 7.13
N VAL SA 10 -69.15 -116.06 8.36
CA VAL SA 10 -68.30 -115.87 9.52
C VAL SA 10 -67.59 -117.19 9.78
N TYR SA 11 -66.27 -117.17 9.70
CA TYR SA 11 -65.47 -118.38 9.84
C TYR SA 11 -65.17 -118.65 11.30
N SER SA 12 -65.24 -119.92 11.68
CA SER SA 12 -64.89 -120.31 13.03
C SER SA 12 -63.39 -120.20 13.24
N GLU SA 13 -62.96 -120.43 14.47
CA GLU SA 13 -61.53 -120.33 14.79
C GLU SA 13 -60.73 -121.43 14.12
N LYS SA 14 -61.38 -122.46 13.59
CA LYS SA 14 -60.70 -123.51 12.84
C LYS SA 14 -60.60 -123.20 11.35
N GLY SA 15 -60.96 -122.00 10.95
CA GLY SA 15 -60.83 -121.60 9.56
C GLY SA 15 -61.91 -122.11 8.64
N GLU SA 16 -63.06 -122.51 9.18
CA GLU SA 16 -64.15 -123.06 8.39
C GLU SA 16 -65.41 -122.27 8.66
N SER SA 17 -66.30 -122.25 7.67
CA SER SA 17 -67.53 -121.48 7.78
C SER SA 17 -68.42 -122.06 8.87
N SER SA 18 -68.85 -121.20 9.78
CA SER SA 18 -69.67 -121.62 10.90
C SER SA 18 -71.16 -121.67 10.56
N GLY SA 19 -71.53 -121.32 9.33
CA GLY SA 19 -72.91 -121.28 8.93
C GLY SA 19 -73.60 -119.97 9.19
N LYS SA 20 -72.97 -119.06 9.90
CA LYS SA 20 -73.53 -117.74 10.14
C LYS SA 20 -73.07 -116.79 9.04
N ASN SA 21 -73.99 -115.95 8.56
CA ASN SA 21 -73.69 -114.98 7.53
C ASN SA 21 -74.03 -113.59 8.03
N VAL SA 22 -73.26 -112.61 7.56
CA VAL SA 22 -73.56 -111.20 7.79
C VAL SA 22 -73.67 -110.54 6.43
N THR SA 23 -74.74 -109.78 6.22
CA THR SA 23 -74.82 -109.00 4.99
C THR SA 23 -73.71 -107.96 4.97
N LEU SA 24 -73.17 -107.70 3.79
CA LEU SA 24 -72.04 -106.80 3.67
C LEU SA 24 -72.43 -105.42 4.16
N PRO SA 25 -71.68 -104.82 5.07
CA PRO SA 25 -71.96 -103.43 5.45
C PRO SA 25 -71.83 -102.51 4.26
N ALA SA 26 -72.69 -101.49 4.23
CA ALA SA 26 -72.75 -100.60 3.08
C ALA SA 26 -71.48 -99.78 2.93
N VAL SA 27 -70.66 -99.69 3.98
CA VAL SA 27 -69.43 -98.92 3.89
C VAL SA 27 -68.43 -99.57 2.93
N PHE SA 28 -68.58 -100.85 2.64
CA PHE SA 28 -67.68 -101.50 1.70
C PHE SA 28 -68.06 -101.22 0.25
N LYS SA 29 -69.17 -100.53 0.00
CA LYS SA 29 -69.53 -100.07 -1.32
C LYS SA 29 -69.35 -98.57 -1.46
N ALA SA 30 -68.70 -97.92 -0.50
CA ALA SA 30 -68.42 -96.50 -0.57
C ALA SA 30 -67.42 -96.22 -1.69
N PRO SA 31 -67.37 -94.97 -2.18
CA PRO SA 31 -66.37 -94.63 -3.19
C PRO SA 31 -64.95 -94.85 -2.68
N ILE SA 32 -64.10 -95.35 -3.55
CA ILE SA 32 -62.68 -95.52 -3.25
C ILE SA 32 -61.96 -94.35 -3.89
N ARG SA 33 -61.39 -93.48 -3.06
CA ARG SA 33 -60.76 -92.25 -3.52
C ARG SA 33 -59.32 -92.22 -3.02
N PRO SA 34 -58.39 -92.81 -3.75
CA PRO SA 34 -56.99 -92.81 -3.31
C PRO SA 34 -56.41 -91.41 -3.17
N ASP SA 35 -56.87 -90.45 -3.96
CA ASP SA 35 -56.35 -89.09 -3.79
C ASP SA 35 -56.78 -88.49 -2.46
N ILE SA 36 -58.02 -88.71 -2.03
CA ILE SA 36 -58.47 -88.20 -0.75
C ILE SA 36 -57.80 -88.95 0.39
N VAL SA 37 -57.62 -90.26 0.24
CA VAL SA 37 -56.91 -91.03 1.25
C VAL SA 37 -55.48 -90.53 1.38
N ASN SA 38 -54.82 -90.26 0.26
CA ASN SA 38 -53.47 -89.74 0.29
C ASN SA 38 -53.44 -88.36 0.95
N PHE SA 39 -54.40 -87.50 0.65
CA PHE SA 39 -54.44 -86.18 1.26
C PHE SA 39 -54.59 -86.26 2.77
N VAL SA 40 -55.56 -87.04 3.24
CA VAL SA 40 -55.81 -87.14 4.66
C VAL SA 40 -54.64 -87.80 5.36
N HIS SA 41 -54.07 -88.85 4.78
CA HIS SA 41 -52.91 -89.50 5.37
C HIS SA 41 -51.71 -88.56 5.44
N THR SA 42 -51.48 -87.80 4.37
CA THR SA 42 -50.38 -86.85 4.34
C THR SA 42 -50.52 -85.80 5.42
N ASN SA 43 -51.73 -85.28 5.60
CA ASN SA 43 -51.92 -84.23 6.58
C ASN SA 43 -52.09 -84.75 7.99
N LEU SA 44 -52.36 -86.04 8.18
CA LEU SA 44 -52.50 -86.56 9.52
C LEU SA 44 -51.22 -87.17 10.07
N ARG SA 45 -50.29 -87.62 9.22
CA ARG SA 45 -48.99 -88.00 9.76
C ARG SA 45 -48.21 -86.83 10.32
N LYS SA 46 -48.53 -85.61 9.92
CA LYS SA 46 -47.82 -84.46 10.47
C LYS SA 46 -48.20 -84.17 11.91
N ASN SA 47 -49.27 -84.78 12.41
CA ASN SA 47 -49.80 -84.41 13.72
C ASN SA 47 -49.11 -85.12 14.87
N ASN SA 48 -48.29 -86.14 14.62
CA ASN SA 48 -47.55 -86.80 15.68
C ASN SA 48 -46.08 -86.45 15.66
N ARG SA 49 -45.73 -85.30 15.10
CA ARG SA 49 -44.34 -84.91 14.98
C ARG SA 49 -43.93 -84.07 16.17
N GLN SA 50 -42.80 -84.43 16.76
CA GLN SA 50 -42.21 -83.58 17.77
C GLN SA 50 -41.42 -82.45 17.11
N PRO SA 51 -41.43 -81.27 17.68
CA PRO SA 51 -40.68 -80.16 17.08
C PRO SA 51 -39.18 -80.36 17.18
N TYR SA 52 -38.47 -79.79 16.20
CA TYR SA 52 -37.03 -79.67 16.25
C TYR SA 52 -36.65 -78.25 15.87
N ALA SA 53 -35.56 -77.77 16.47
CA ALA SA 53 -35.01 -76.47 16.15
C ALA SA 53 -33.56 -76.45 16.60
N VAL SA 54 -32.81 -75.51 16.07
CA VAL SA 54 -31.45 -75.28 16.55
C VAL SA 54 -31.55 -74.35 17.74
N SER SA 55 -30.48 -74.24 18.52
CA SER SA 55 -30.46 -73.30 19.62
C SER SA 55 -30.51 -71.88 19.08
N GLU SA 56 -31.32 -71.04 19.73
CA GLU SA 56 -31.42 -69.66 19.29
C GLU SA 56 -30.15 -68.88 19.58
N LEU SA 57 -29.28 -69.40 20.43
CA LEU SA 57 -28.02 -68.77 20.75
C LEU SA 57 -26.88 -69.24 19.85
N ALA SA 58 -27.14 -70.20 18.97
CA ALA SA 58 -26.06 -70.85 18.23
C ALA SA 58 -25.44 -69.88 17.24
N GLY SA 59 -24.12 -69.75 17.31
CA GLY SA 59 -23.39 -68.89 16.41
C GLY SA 59 -23.38 -67.43 16.79
N HIS SA 60 -24.02 -67.05 17.89
CA HIS SA 60 -24.15 -65.66 18.30
C HIS SA 60 -23.71 -65.49 19.74
N GLN SA 61 -22.55 -66.04 20.07
CA GLN SA 61 -21.97 -65.96 21.40
C GLN SA 61 -20.53 -65.50 21.31
N THR SA 62 -20.29 -64.45 20.53
CA THR SA 62 -18.94 -64.20 20.03
C THR SA 62 -18.46 -62.78 20.24
N SER SA 63 -19.37 -61.80 20.24
CA SER SA 63 -19.04 -60.38 20.31
C SER SA 63 -18.16 -59.92 19.16
N ALA SA 64 -18.17 -60.65 18.06
CA ALA SA 64 -17.32 -60.32 16.93
C ALA SA 64 -17.80 -59.05 16.23
N GLU SA 65 -16.88 -58.38 15.55
CA GLU SA 65 -17.22 -57.21 14.77
C GLU SA 65 -16.37 -57.17 13.53
N SER SA 66 -16.85 -56.43 12.53
CA SER SA 66 -16.13 -56.33 11.26
C SER SA 66 -14.85 -55.53 11.45
N TRP SA 67 -13.80 -55.96 10.74
CA TRP SA 67 -12.51 -55.27 10.83
C TRP SA 67 -12.50 -53.95 10.09
N GLY SA 68 -13.49 -53.68 9.27
CA GLY SA 68 -13.48 -52.49 8.45
C GLY SA 68 -13.22 -52.84 7.01
N THR SA 69 -12.51 -51.98 6.29
CA THR SA 69 -12.28 -52.21 4.89
C THR SA 69 -10.88 -51.91 4.40
N GLY SA 70 -9.98 -51.41 5.25
CA GLY SA 70 -8.67 -51.06 4.76
C GLY SA 70 -7.60 -52.08 5.09
N ARG SA 71 -8.01 -53.31 5.38
CA ARG SA 71 -7.10 -54.31 5.90
C ARG SA 71 -6.96 -55.51 4.98
N ALA SA 72 -7.40 -55.40 3.73
CA ALA SA 72 -7.24 -56.42 2.69
C ALA SA 72 -7.88 -57.75 3.06
N VAL SA 73 -8.94 -57.71 3.87
CA VAL SA 73 -9.68 -58.89 4.25
C VAL SA 73 -11.16 -58.61 4.03
N ALA SA 74 -11.93 -59.69 3.90
CA ALA SA 74 -13.37 -59.55 3.69
C ALA SA 74 -14.02 -58.90 4.89
N ARG SA 75 -15.13 -58.20 4.64
CA ARG SA 75 -15.77 -57.37 5.64
C ARG SA 75 -16.66 -58.15 6.59
N ILE SA 76 -16.54 -59.48 6.63
CA ILE SA 76 -17.28 -60.33 7.55
C ILE SA 76 -16.84 -60.00 8.97
N PRO SA 77 -17.70 -60.11 9.98
CA PRO SA 77 -17.25 -59.92 11.36
C PRO SA 77 -16.18 -60.94 11.75
N ARG SA 78 -15.24 -60.48 12.56
CA ARG SA 78 -14.10 -61.29 12.98
C ARG SA 78 -14.09 -61.37 14.50
N VAL SA 79 -13.75 -62.54 15.03
CA VAL SA 79 -13.68 -62.72 16.47
C VAL SA 79 -12.57 -61.86 17.04
N ARG SA 80 -12.87 -61.18 18.14
CA ARG SA 80 -11.97 -60.21 18.72
C ARG SA 80 -10.94 -60.89 19.62
N GLY SA 81 -9.86 -60.18 19.88
CA GLY SA 81 -8.85 -60.64 20.79
C GLY SA 81 -7.62 -61.19 20.10
N GLY SA 82 -6.88 -62.02 20.85
CA GLY SA 82 -5.68 -62.65 20.35
C GLY SA 82 -5.34 -63.85 21.18
N GLY SA 83 -4.23 -64.49 20.83
CA GLY SA 83 -3.70 -65.59 21.59
C GLY SA 83 -4.40 -66.91 21.40
N THR SA 84 -5.24 -67.04 20.38
CA THR SA 84 -5.93 -68.29 20.12
C THR SA 84 -6.23 -68.37 18.63
N HIS SA 85 -6.51 -69.60 18.17
CA HIS SA 85 -6.86 -69.78 16.77
C HIS SA 85 -8.13 -69.04 16.40
N ARG SA 86 -9.04 -68.90 17.36
CA ARG SA 86 -10.33 -68.28 17.10
C ARG SA 86 -10.20 -66.80 16.73
N SER SA 87 -9.13 -66.14 17.15
CA SER SA 87 -9.02 -64.70 16.96
C SER SA 87 -8.87 -64.36 15.49
N GLY SA 88 -9.63 -63.36 15.05
CA GLY SA 88 -9.57 -62.91 13.66
C GLY SA 88 -10.23 -63.84 12.68
N GLN SA 89 -11.10 -64.73 13.15
CA GLN SA 89 -11.81 -65.65 12.29
C GLN SA 89 -13.23 -65.16 12.07
N GLY SA 90 -13.80 -65.52 10.92
CA GLY SA 90 -15.13 -65.03 10.58
C GLY SA 90 -16.18 -65.56 11.54
N ALA SA 91 -17.24 -64.77 11.70
CA ALA SA 91 -18.28 -65.10 12.65
C ALA SA 91 -19.64 -64.65 12.13
N PHE SA 92 -20.69 -65.19 12.74
CA PHE SA 92 -22.08 -64.75 12.60
C PHE SA 92 -22.72 -65.08 11.27
N GLY SA 93 -21.95 -65.54 10.30
CA GLY SA 93 -22.45 -65.71 8.96
C GLY SA 93 -22.81 -67.16 8.66
N ASN SA 94 -23.80 -67.34 7.78
CA ASN SA 94 -24.13 -68.69 7.37
C ASN SA 94 -23.00 -69.34 6.58
N MET SA 95 -22.11 -68.54 6.01
CA MET SA 95 -20.95 -69.05 5.29
C MET SA 95 -19.73 -69.24 6.17
N CYS SA 96 -19.77 -68.79 7.41
CA CYS SA 96 -18.63 -68.89 8.30
C CYS SA 96 -18.69 -70.18 9.10
N ARG SA 97 -17.53 -70.77 9.32
CA ARG SA 97 -17.46 -71.95 10.16
C ARG SA 97 -17.65 -71.55 11.61
N GLY SA 98 -18.57 -72.23 12.29
CA GLY SA 98 -18.92 -71.85 13.64
C GLY SA 98 -19.93 -70.75 13.73
N GLY SA 99 -20.45 -70.27 12.60
CA GLY SA 99 -21.41 -69.19 12.58
C GLY SA 99 -22.84 -69.70 12.65
N ARG SA 100 -23.76 -68.75 12.54
CA ARG SA 100 -25.18 -69.05 12.61
C ARG SA 100 -25.70 -69.50 11.25
N MET SA 101 -26.55 -70.52 11.24
CA MET SA 101 -27.09 -71.01 10.00
C MET SA 101 -28.07 -70.01 9.40
N PHE SA 102 -28.28 -70.12 8.09
CA PHE SA 102 -29.25 -69.24 7.45
C PHE SA 102 -30.65 -69.62 7.89
N ALA SA 103 -31.39 -68.63 8.37
CA ALA SA 103 -32.77 -68.81 8.81
C ALA SA 103 -32.86 -69.97 9.79
N PRO SA 104 -32.39 -69.80 11.02
CA PRO SA 104 -32.39 -70.91 11.97
C PRO SA 104 -33.78 -71.47 12.17
N THR SA 105 -33.85 -72.79 12.23
CA THR SA 105 -35.13 -73.47 12.37
C THR SA 105 -35.73 -73.13 13.73
N LYS SA 106 -37.05 -72.99 13.77
CA LYS SA 106 -37.74 -72.53 14.95
C LYS SA 106 -38.86 -73.48 15.30
N THR SA 107 -39.18 -73.54 16.59
CA THR SA 107 -40.16 -74.50 17.06
C THR SA 107 -41.56 -74.18 16.61
N TRP SA 108 -41.86 -72.93 16.25
CA TRP SA 108 -43.20 -72.57 15.81
C TRP SA 108 -43.32 -72.68 14.29
N ARG SA 109 -43.10 -73.89 13.79
CA ARG SA 109 -43.06 -74.16 12.37
C ARG SA 109 -44.39 -74.63 11.81
N ARG SA 110 -45.46 -74.68 12.61
CA ARG SA 110 -46.74 -75.22 12.18
C ARG SA 110 -46.59 -76.67 11.74
N TRP SA 111 -46.27 -77.51 12.72
CA TRP SA 111 -46.06 -78.93 12.45
C TRP SA 111 -47.37 -79.66 12.21
N HIS SA 112 -48.46 -79.17 12.77
CA HIS SA 112 -49.72 -79.87 12.76
C HIS SA 112 -50.65 -79.29 11.70
N ARG SA 113 -51.44 -80.17 11.11
CA ARG SA 113 -52.46 -79.79 10.14
C ARG SA 113 -53.80 -80.33 10.61
N ARG SA 114 -54.84 -79.53 10.43
CA ARG SA 114 -56.18 -79.98 10.74
C ARG SA 114 -56.90 -80.35 9.45
N VAL SA 115 -57.59 -81.49 9.49
CA VAL SA 115 -58.35 -82.01 8.36
C VAL SA 115 -59.82 -81.98 8.75
N ASN SA 116 -60.68 -81.68 7.79
CA ASN SA 116 -62.12 -81.67 8.07
C ASN SA 116 -62.57 -83.06 8.50
N THR SA 117 -63.50 -83.08 9.45
CA THR SA 117 -64.00 -84.35 9.97
C THR SA 117 -64.66 -85.17 8.88
N THR SA 118 -65.39 -84.51 7.99
CA THR SA 118 -66.03 -85.22 6.90
C THR SA 118 -65.01 -85.78 5.94
N GLN SA 119 -63.92 -85.04 5.67
CA GLN SA 119 -62.81 -85.57 4.89
C GLN SA 119 -62.23 -86.83 5.53
N LYS SA 120 -61.98 -86.78 6.84
CA LYS SA 120 -61.38 -87.92 7.51
C LYS SA 120 -62.29 -89.14 7.49
N ARG SA 121 -63.57 -88.93 7.76
CA ARG SA 121 -64.53 -90.02 7.63
C ARG SA 121 -64.60 -90.55 6.21
N TYR SA 122 -64.48 -89.66 5.23
CA TYR SA 122 -64.58 -90.05 3.84
C TYR SA 122 -63.43 -90.98 3.50
N ALA SA 123 -62.23 -90.62 3.97
CA ALA SA 123 -61.03 -91.43 3.73
C ALA SA 123 -61.11 -92.76 4.46
N ILE SA 124 -61.69 -92.79 5.66
CA ILE SA 124 -61.89 -94.06 6.34
C ILE SA 124 -62.82 -94.95 5.52
N CYS SA 125 -63.89 -94.38 4.98
CA CYS SA 125 -64.80 -95.16 4.15
C CYS SA 125 -64.09 -95.70 2.91
N SER SA 126 -63.26 -94.87 2.27
CA SER SA 126 -62.53 -95.32 1.09
C SER SA 126 -61.56 -96.45 1.41
N ALA SA 127 -60.84 -96.33 2.53
CA ALA SA 127 -59.92 -97.39 2.92
C ALA SA 127 -60.67 -98.68 3.22
N LEU SA 128 -61.80 -98.59 3.91
CA LEU SA 128 -62.57 -99.79 4.21
C LEU SA 128 -63.10 -100.43 2.94
N ALA SA 129 -63.61 -99.63 2.02
CA ALA SA 129 -64.12 -100.18 0.77
C ALA SA 129 -63.02 -100.82 -0.06
N ALA SA 130 -61.82 -100.24 -0.05
CA ALA SA 130 -60.72 -100.82 -0.80
C ALA SA 130 -60.21 -102.09 -0.15
N SER SA 131 -60.37 -102.23 1.16
CA SER SA 131 -59.91 -103.44 1.83
C SER SA 131 -60.73 -104.67 1.48
N ALA SA 132 -61.85 -104.53 0.78
CA ALA SA 132 -62.69 -105.65 0.41
C ALA SA 132 -62.51 -106.09 -1.03
N LEU SA 133 -61.56 -105.51 -1.77
CA LEU SA 133 -61.31 -105.89 -3.15
C LEU SA 133 -60.00 -106.65 -3.22
N PRO SA 134 -60.00 -107.92 -3.64
CA PRO SA 134 -58.76 -108.70 -3.62
C PRO SA 134 -57.65 -108.13 -4.48
N ALA SA 135 -57.96 -107.43 -5.55
CA ALA SA 135 -56.90 -106.87 -6.38
C ALA SA 135 -56.12 -105.79 -5.64
N LEU SA 136 -56.81 -104.96 -4.85
CA LEU SA 136 -56.12 -103.89 -4.14
C LEU SA 136 -55.32 -104.42 -2.97
N VAL SA 137 -55.87 -105.38 -2.24
CA VAL SA 137 -55.13 -105.95 -1.12
C VAL SA 137 -53.95 -106.76 -1.63
N MET SA 138 -54.11 -107.45 -2.75
CA MET SA 138 -52.96 -108.13 -3.37
C MET SA 138 -51.93 -107.13 -3.84
N SER SA 139 -52.38 -106.00 -4.41
CA SER SA 139 -51.45 -104.97 -4.88
C SER SA 139 -50.75 -104.25 -3.75
N LYS SA 140 -51.26 -104.34 -2.53
CA LYS SA 140 -50.48 -103.96 -1.35
C LYS SA 140 -49.50 -105.06 -0.94
N GLY SA 141 -49.45 -106.16 -1.67
CA GLY SA 141 -48.54 -107.25 -1.36
C GLY SA 141 -48.85 -108.00 -0.08
N HIS SA 142 -50.13 -108.28 0.18
CA HIS SA 142 -50.55 -108.81 1.46
C HIS SA 142 -50.76 -110.31 1.47
N ARG SA 143 -50.41 -111.01 0.38
CA ARG SA 143 -50.39 -112.47 0.35
C ARG SA 143 -51.74 -113.08 0.72
N ILE SA 144 -52.81 -112.51 0.17
CA ILE SA 144 -54.15 -113.10 0.32
C ILE SA 144 -54.31 -114.09 -0.84
N GLU SA 145 -53.71 -115.25 -0.67
CA GLU SA 145 -53.72 -116.26 -1.71
C GLU SA 145 -54.68 -117.39 -1.38
N GLU SA 146 -54.59 -117.92 -0.17
CA GLU SA 146 -55.45 -118.99 0.30
C GLU SA 146 -56.47 -118.50 1.31
N VAL SA 147 -56.68 -117.19 1.39
CA VAL SA 147 -57.69 -116.64 2.29
C VAL SA 147 -59.07 -117.05 1.79
N PRO SA 148 -59.93 -117.62 2.63
CA PRO SA 148 -61.22 -118.13 2.14
C PRO SA 148 -62.14 -117.05 1.59
N GLU SA 149 -62.09 -115.84 2.14
CA GLU SA 149 -62.96 -114.75 1.69
C GLU SA 149 -62.33 -113.45 2.16
N LEU SA 150 -62.18 -112.48 1.25
CA LEU SA 150 -61.38 -111.31 1.58
C LEU SA 150 -61.98 -110.47 2.69
N PRO SA 151 -63.26 -110.07 2.68
CA PRO SA 151 -63.80 -109.46 3.90
C PRO SA 151 -63.89 -110.53 4.97
N LEU SA 152 -62.73 -110.84 5.56
CA LEU SA 152 -62.56 -112.02 6.40
C LEU SA 152 -63.09 -111.75 7.80
N VAL SA 153 -64.13 -112.47 8.19
CA VAL SA 153 -64.83 -112.27 9.45
C VAL SA 153 -64.75 -113.55 10.25
N VAL SA 154 -64.36 -113.44 11.52
CA VAL SA 154 -64.27 -114.59 12.40
C VAL SA 154 -65.18 -114.39 13.61
N GLU SA 155 -65.46 -115.49 14.29
CA GLU SA 155 -66.38 -115.48 15.41
C GLU SA 155 -65.81 -114.67 16.58
N ASP SA 156 -66.70 -114.27 17.48
CA ASP SA 156 -66.32 -113.42 18.60
C ASP SA 156 -65.42 -114.13 19.61
N LYS SA 157 -65.27 -115.45 19.51
CA LYS SA 157 -64.42 -116.18 20.44
C LYS SA 157 -62.98 -115.69 20.38
N VAL SA 158 -62.56 -115.18 19.23
CA VAL SA 158 -61.20 -114.67 19.07
C VAL SA 158 -60.94 -113.50 20.01
N GLU SA 159 -61.96 -112.71 20.32
CA GLU SA 159 -61.79 -111.55 21.19
C GLU SA 159 -61.36 -111.94 22.61
N GLY SA 160 -61.55 -113.19 23.01
CA GLY SA 160 -61.18 -113.67 24.31
C GLY SA 160 -59.92 -114.51 24.37
N TYR SA 161 -59.11 -114.51 23.31
CA TYR SA 161 -57.86 -115.25 23.35
C TYR SA 161 -56.90 -114.63 24.35
N LYS SA 162 -56.10 -115.48 24.99
CA LYS SA 162 -55.14 -115.01 25.98
C LYS SA 162 -53.70 -115.31 25.62
N LYS SA 163 -53.43 -116.47 25.04
CA LYS SA 163 -52.07 -116.84 24.70
C LYS SA 163 -51.74 -116.44 23.26
N THR SA 164 -50.45 -116.32 22.99
CA THR SA 164 -50.00 -116.02 21.64
C THR SA 164 -50.05 -117.24 20.73
N LYS SA 165 -49.90 -118.44 21.30
CA LYS SA 165 -49.92 -119.65 20.51
C LYS SA 165 -51.26 -119.83 19.80
N GLU SA 166 -52.36 -119.55 20.50
CA GLU SA 166 -53.66 -119.71 19.88
C GLU SA 166 -53.93 -118.64 18.83
N ALA SA 167 -53.40 -117.43 19.01
CA ALA SA 167 -53.48 -116.43 17.95
C ALA SA 167 -52.72 -116.88 16.70
N VAL SA 168 -51.53 -117.45 16.90
CA VAL SA 168 -50.75 -117.97 15.77
C VAL SA 168 -51.52 -119.09 15.09
N LEU SA 169 -52.12 -119.99 15.86
CA LEU SA 169 -52.88 -121.09 15.28
C LEU SA 169 -54.09 -120.57 14.50
N LEU SA 170 -54.75 -119.54 15.01
CA LEU SA 170 -55.87 -118.96 14.30
C LEU SA 170 -55.42 -118.36 12.97
N LEU SA 171 -54.29 -117.65 12.96
CA LEU SA 171 -53.79 -117.10 11.71
C LEU SA 171 -53.41 -118.21 10.72
N LYS SA 172 -52.79 -119.27 11.22
CA LYS SA 172 -52.42 -120.39 10.36
C LYS SA 172 -53.66 -121.03 9.73
N LYS SA 173 -54.71 -121.23 10.52
CA LYS SA 173 -55.92 -121.85 10.01
C LYS SA 173 -56.75 -120.92 9.14
N LEU SA 174 -56.61 -119.61 9.33
CA LEU SA 174 -57.23 -118.64 8.44
C LEU SA 174 -56.38 -118.35 7.22
N LYS SA 175 -55.21 -118.97 7.11
CA LYS SA 175 -54.32 -118.85 5.95
C LYS SA 175 -53.74 -117.45 5.84
N ALA SA 176 -53.73 -116.72 6.94
CA ALA SA 176 -53.09 -115.42 7.01
C ALA SA 176 -51.68 -115.50 7.55
N TRP SA 177 -51.17 -116.72 7.79
CA TRP SA 177 -49.84 -116.85 8.35
C TRP SA 177 -48.76 -116.52 7.32
N ASN SA 178 -49.08 -116.61 6.04
CA ASN SA 178 -48.09 -116.28 5.02
C ASN SA 178 -47.75 -114.80 5.04
N ASP SA 179 -48.71 -113.95 5.37
CA ASP SA 179 -48.41 -112.52 5.50
C ASP SA 179 -47.47 -112.26 6.67
N ILE SA 180 -47.65 -112.98 7.78
CA ILE SA 180 -46.72 -112.86 8.90
C ILE SA 180 -45.34 -113.36 8.50
N LYS SA 181 -45.28 -114.46 7.76
CA LYS SA 181 -44.00 -114.93 7.26
C LYS SA 181 -43.33 -113.91 6.35
N LYS SA 182 -44.12 -113.20 5.54
CA LYS SA 182 -43.57 -112.14 4.71
C LYS SA 182 -43.02 -111.00 5.56
N VAL SA 183 -43.70 -110.65 6.66
CA VAL SA 183 -43.17 -109.64 7.56
C VAL SA 183 -41.85 -110.09 8.15
N TYR SA 184 -41.78 -111.35 8.57
CA TYR SA 184 -40.52 -111.91 9.08
C TYR SA 184 -39.41 -111.82 8.07
N ALA SA 185 -39.69 -112.18 6.82
CA ALA SA 185 -38.69 -112.06 5.76
C ALA SA 185 -38.33 -110.62 5.48
N SER SA 186 -39.24 -109.69 5.73
CA SER SA 186 -39.02 -108.28 5.47
C SER SA 186 -38.33 -107.55 6.60
N GLN SA 187 -38.12 -108.19 7.74
CA GLN SA 187 -37.36 -107.55 8.81
C GLN SA 187 -35.90 -107.39 8.39
N ARG SA 188 -35.40 -106.16 8.39
CA ARG SA 188 -34.00 -105.90 8.12
C ARG SA 188 -33.64 -104.55 8.74
N MET SA 189 -32.36 -104.20 8.63
CA MET SA 189 -31.87 -102.95 9.17
C MET SA 189 -32.21 -101.78 8.25
N ARG SA 190 -32.48 -100.63 8.87
CA ARG SA 190 -32.76 -99.42 8.12
C ARG SA 190 -31.47 -98.87 7.51
N ALA SA 191 -31.62 -97.97 6.55
CA ALA SA 191 -30.48 -97.32 5.90
C ALA SA 191 -30.48 -95.85 6.30
N GLY SA 192 -29.37 -95.39 6.85
CA GLY SA 192 -29.18 -93.99 7.13
C GLY SA 192 -29.10 -93.67 8.60
N LYS SA 193 -29.43 -92.42 8.92
CA LYS SA 193 -29.26 -91.90 10.28
C LYS SA 193 -30.39 -92.32 11.22
N GLY SA 194 -31.45 -92.96 10.72
CA GLY SA 194 -32.46 -93.47 11.61
C GLY SA 194 -31.91 -94.49 12.58
N LYS SA 195 -30.86 -95.21 12.15
CA LYS SA 195 -30.21 -96.18 13.02
C LYS SA 195 -29.63 -95.49 14.25
N MET SA 196 -28.99 -94.34 14.06
CA MET SA 196 -28.56 -93.54 15.20
C MET SA 196 -29.74 -92.94 15.96
N ARG SA 197 -30.83 -92.65 15.26
CA ARG SA 197 -31.96 -91.94 15.84
C ARG SA 197 -33.10 -92.86 16.26
N ASN SA 198 -32.76 -94.09 16.61
CA ASN SA 198 -33.60 -95.07 17.31
C ASN SA 198 -34.59 -95.79 16.41
N ARG SA 199 -34.59 -95.52 15.11
CA ARG SA 199 -35.38 -96.29 14.17
C ARG SA 199 -34.50 -97.34 13.50
N ARG SA 200 -33.90 -98.17 14.34
CA ARG SA 200 -32.87 -99.10 13.91
C ARG SA 200 -33.42 -100.16 12.96
N ARG SA 201 -34.58 -100.73 13.27
CA ARG SA 201 -35.12 -101.84 12.51
C ARG SA 201 -36.40 -101.43 11.79
N ILE SA 202 -36.60 -102.02 10.61
CA ILE SA 202 -37.79 -101.80 9.81
C ILE SA 202 -38.35 -103.15 9.39
N GLN SA 203 -39.66 -103.17 9.14
CA GLN SA 203 -40.33 -104.36 8.64
C GLN SA 203 -41.62 -103.92 7.97
N ARG SA 204 -42.16 -104.79 7.13
CA ARG SA 204 -43.38 -104.45 6.43
C ARG SA 204 -44.58 -104.64 7.35
N ARG SA 205 -45.72 -104.10 6.92
CA ARG SA 205 -46.94 -104.16 7.71
C ARG SA 205 -47.66 -105.49 7.49
N GLY SA 206 -48.20 -106.04 8.57
CA GLY SA 206 -48.98 -107.24 8.50
C GLY SA 206 -50.46 -106.94 8.47
N PRO SA 207 -51.30 -107.91 8.81
CA PRO SA 207 -52.74 -107.66 8.80
C PRO SA 207 -53.20 -106.87 10.01
N CYS SA 208 -54.41 -106.34 9.86
CA CYS SA 208 -55.06 -105.51 10.87
C CYS SA 208 -56.25 -106.27 11.42
N ILE SA 209 -56.18 -106.64 12.70
CA ILE SA 209 -57.26 -107.31 13.40
C ILE SA 209 -58.17 -106.23 13.95
N ILE SA 210 -59.39 -106.14 13.45
CA ILE SA 210 -60.34 -105.14 13.91
C ILE SA 210 -61.33 -105.85 14.81
N TYR SA 211 -61.32 -105.50 16.09
CA TYR SA 211 -62.15 -106.12 17.11
C TYR SA 211 -63.19 -105.13 17.60
N ASN SA 212 -64.10 -105.62 18.41
CA ASN SA 212 -65.09 -104.78 19.08
C ASN SA 212 -64.81 -104.64 20.57
N GLU SA 213 -64.53 -105.74 21.25
CA GLU SA 213 -64.21 -105.72 22.67
C GLU SA 213 -62.89 -106.44 22.89
N ASP SA 214 -62.05 -105.87 23.73
CA ASP SA 214 -60.74 -106.44 24.04
C ASP SA 214 -60.86 -107.22 25.33
N ASN SA 215 -61.17 -108.52 25.21
CA ASN SA 215 -61.18 -109.43 26.35
C ASN SA 215 -59.90 -110.24 26.42
N GLY SA 216 -58.78 -109.65 26.03
CA GLY SA 216 -57.50 -110.32 26.01
C GLY SA 216 -56.90 -110.46 24.64
N ILE SA 217 -57.62 -110.09 23.59
CA ILE SA 217 -57.14 -110.28 22.23
C ILE SA 217 -55.89 -109.45 21.96
N ILE SA 218 -55.81 -108.25 22.54
CA ILE SA 218 -54.64 -107.42 22.34
C ILE SA 218 -53.39 -108.10 22.91
N LYS SA 219 -53.51 -108.67 24.10
CA LYS SA 219 -52.38 -109.38 24.68
C LYS SA 219 -52.07 -110.65 23.92
N ALA SA 220 -53.09 -111.35 23.43
CA ALA SA 220 -52.87 -112.58 22.67
C ALA SA 220 -52.08 -112.31 21.41
N PHE SA 221 -52.48 -111.29 20.67
CA PHE SA 221 -51.70 -110.77 19.56
C PHE SA 221 -50.68 -109.80 20.14
N ARG SA 222 -50.12 -108.92 19.32
CA ARG SA 222 -49.19 -107.84 19.65
C ARG SA 222 -47.76 -108.34 19.86
N ASN SA 223 -47.52 -109.64 19.97
CA ASN SA 223 -46.17 -110.16 19.84
C ASN SA 223 -45.92 -110.74 18.47
N ILE SA 224 -46.93 -110.80 17.62
CA ILE SA 224 -46.78 -111.19 16.24
C ILE SA 224 -46.29 -109.97 15.48
N PRO SA 225 -45.13 -110.02 14.84
CA PRO SA 225 -44.68 -108.88 14.04
C PRO SA 225 -45.64 -108.60 12.89
N GLY SA 226 -45.82 -107.32 12.60
CA GLY SA 226 -46.69 -106.88 11.54
C GLY SA 226 -48.15 -106.76 11.91
N ILE SA 227 -48.64 -107.63 12.80
CA ILE SA 227 -50.02 -107.57 13.26
C ILE SA 227 -50.28 -106.23 13.94
N THR SA 228 -51.35 -105.55 13.55
CA THR SA 228 -51.80 -104.40 14.31
C THR SA 228 -53.27 -104.61 14.66
N LEU SA 229 -53.71 -104.03 15.77
CA LEU SA 229 -55.08 -104.21 16.22
C LEU SA 229 -55.78 -102.87 16.27
N LEU SA 230 -57.04 -102.86 15.83
CA LEU SA 230 -57.86 -101.67 15.80
C LEU SA 230 -59.19 -101.95 16.45
N ASN SA 231 -59.60 -101.05 17.34
CA ASN SA 231 -60.98 -101.04 17.81
C ASN SA 231 -61.88 -100.51 16.70
N VAL SA 232 -63.04 -101.14 16.53
CA VAL SA 232 -63.89 -100.77 15.41
C VAL SA 232 -64.44 -99.35 15.59
N SER SA 233 -64.56 -98.88 16.83
CA SER SA 233 -65.09 -97.56 17.09
C SER SA 233 -64.04 -96.46 16.96
N LYS SA 234 -62.77 -96.81 16.86
CA LYS SA 234 -61.68 -95.85 16.78
C LYS SA 234 -60.79 -96.15 15.58
N LEU SA 235 -61.41 -96.34 14.42
CA LEU SA 235 -60.66 -96.69 13.22
C LEU SA 235 -59.71 -95.57 12.83
N ASN SA 236 -58.47 -95.94 12.51
CA ASN SA 236 -57.41 -95.00 12.22
C ASN SA 236 -57.01 -95.13 10.75
N ILE SA 237 -57.04 -94.00 10.04
CA ILE SA 237 -56.59 -94.02 8.65
C ILE SA 237 -55.11 -94.32 8.55
N LEU SA 238 -54.32 -93.94 9.56
CA LEU SA 238 -52.88 -94.22 9.54
C LEU SA 238 -52.60 -95.71 9.68
N LYS SA 239 -53.53 -96.47 10.25
CA LYS SA 239 -53.37 -97.91 10.36
C LYS SA 239 -54.12 -98.67 9.27
N LEU SA 240 -55.09 -98.05 8.63
CA LEU SA 240 -55.83 -98.71 7.56
C LEU SA 240 -55.21 -98.48 6.19
N ALA SA 241 -54.51 -97.37 5.99
CA ALA SA 241 -53.77 -97.09 4.76
C ALA SA 241 -52.36 -96.73 5.17
N PRO SA 242 -51.53 -97.73 5.47
CA PRO SA 242 -50.26 -97.46 6.17
C PRO SA 242 -49.34 -96.49 5.45
N GLY SA 243 -49.23 -96.56 4.13
CA GLY SA 243 -48.40 -95.62 3.41
C GLY SA 243 -49.16 -94.54 2.69
N GLY SA 244 -50.44 -94.36 2.98
CA GLY SA 244 -51.30 -93.59 2.13
C GLY SA 244 -51.89 -94.39 1.00
N HIS SA 245 -51.52 -95.66 0.88
CA HIS SA 245 -52.05 -96.54 -0.15
C HIS SA 245 -53.15 -97.40 0.45
N VAL SA 246 -54.29 -97.43 -0.21
CA VAL SA 246 -55.42 -98.21 0.27
C VAL SA 246 -55.19 -99.69 -0.02
N GLY SA 247 -55.81 -100.54 0.78
CA GLY SA 247 -55.78 -101.96 0.49
C GLY SA 247 -55.06 -102.80 1.52
N ARG SA 248 -55.10 -102.42 2.79
CA ARG SA 248 -54.48 -103.24 3.82
C ARG SA 248 -55.37 -104.44 4.13
N PHE SA 249 -54.72 -105.59 4.32
CA PHE SA 249 -55.42 -106.79 4.73
C PHE SA 249 -55.97 -106.63 6.14
N CYS SA 250 -57.26 -106.87 6.30
CA CYS SA 250 -57.93 -106.71 7.57
C CYS SA 250 -58.75 -107.95 7.89
N ILE SA 251 -58.60 -108.45 9.12
CA ILE SA 251 -59.40 -109.54 9.65
C ILE SA 251 -60.38 -108.97 10.65
N TRP SA 252 -61.66 -109.24 10.46
CA TRP SA 252 -62.72 -108.66 11.26
C TRP SA 252 -63.25 -109.67 12.26
N THR SA 253 -63.59 -109.19 13.45
CA THR SA 253 -64.42 -109.94 14.37
C THR SA 253 -65.88 -109.73 13.99
N GLU SA 254 -66.72 -110.71 14.30
CA GLU SA 254 -68.12 -110.65 13.88
C GLU SA 254 -68.84 -109.47 14.52
N SER SA 255 -68.59 -109.21 15.80
CA SER SA 255 -69.26 -108.09 16.47
C SER SA 255 -68.84 -106.77 15.86
N ALA SA 256 -67.56 -106.62 15.53
CA ALA SA 256 -67.10 -105.41 14.84
C ALA SA 256 -67.76 -105.27 13.47
N PHE SA 257 -67.85 -106.38 12.75
CA PHE SA 257 -68.48 -106.36 11.42
C PHE SA 257 -69.93 -105.90 11.52
N ARG SA 258 -70.65 -106.40 12.51
CA ARG SA 258 -72.04 -106.01 12.68
C ARG SA 258 -72.15 -104.54 13.11
N LYS SA 259 -71.27 -104.10 14.00
CA LYS SA 259 -71.30 -102.72 14.47
C LYS SA 259 -70.93 -101.72 13.39
N LEU SA 260 -70.28 -102.18 12.33
CA LEU SA 260 -69.77 -101.25 11.32
C LEU SA 260 -70.89 -100.50 10.60
N ASP SA 261 -72.03 -101.16 10.34
CA ASP SA 261 -73.18 -100.47 9.77
C ASP SA 261 -73.69 -99.36 10.69
N GLU SA 262 -73.78 -99.63 11.99
CA GLU SA 262 -74.20 -98.58 12.91
C GLU SA 262 -73.18 -97.46 12.97
N LEU SA 263 -71.90 -97.78 12.82
CA LEU SA 263 -70.87 -96.76 12.91
C LEU SA 263 -70.93 -95.81 11.71
N TYR SA 264 -71.10 -96.32 10.50
CA TYR SA 264 -71.07 -95.45 9.33
C TYR SA 264 -72.39 -95.34 8.58
N GLY SA 265 -73.39 -96.13 8.93
CA GLY SA 265 -74.68 -95.99 8.28
C GLY SA 265 -74.74 -96.70 6.94
N THR SA 266 -75.97 -96.94 6.51
CA THR SA 266 -76.25 -97.42 5.17
C THR SA 266 -76.42 -96.18 4.29
N TRP SA 267 -76.87 -96.33 3.06
CA TRP SA 267 -77.31 -95.15 2.32
C TRP SA 267 -78.76 -94.80 2.58
N ARG SA 268 -79.56 -95.77 3.01
CA ARG SA 268 -80.94 -95.53 3.37
C ARG SA 268 -81.11 -95.17 4.85
N LYS SA 269 -80.01 -95.15 5.59
CA LYS SA 269 -80.08 -95.02 7.04
C LYS SA 269 -78.79 -94.37 7.51
N ALA SA 270 -78.90 -93.18 8.10
CA ALA SA 270 -77.73 -92.48 8.57
C ALA SA 270 -77.12 -93.19 9.78
N ALA SA 271 -75.85 -92.88 10.04
CA ALA SA 271 -75.14 -93.52 11.14
C ALA SA 271 -75.77 -93.16 12.48
N SER SA 272 -75.98 -94.17 13.31
CA SER SA 272 -76.56 -93.97 14.63
C SER SA 272 -75.51 -93.72 15.69
N LEU SA 273 -74.23 -93.76 15.34
CA LEU SA 273 -73.14 -93.54 16.29
C LEU SA 273 -72.31 -92.32 15.93
N LYS SA 274 -72.77 -91.48 15.01
CA LYS SA 274 -72.06 -90.26 14.65
C LYS SA 274 -72.97 -89.05 14.53
N SER SA 275 -74.29 -89.22 14.64
CA SER SA 275 -75.26 -88.17 14.91
C SER SA 275 -75.47 -87.21 13.75
N ASN SA 276 -74.59 -87.23 12.76
CA ASN SA 276 -74.82 -86.43 11.58
C ASN SA 276 -74.28 -87.05 10.29
N TYR SA 277 -73.71 -88.24 10.34
CA TYR SA 277 -72.93 -88.74 9.22
C TYR SA 277 -73.73 -89.76 8.42
N ASN SA 278 -73.73 -89.59 7.12
CA ASN SA 278 -74.25 -90.57 6.19
C ASN SA 278 -73.17 -90.88 5.17
N LEU SA 279 -73.26 -92.05 4.56
CA LEU SA 279 -72.24 -92.46 3.61
C LEU SA 279 -72.21 -91.51 2.43
N PRO SA 280 -71.03 -91.24 1.88
CA PRO SA 280 -70.95 -90.35 0.72
C PRO SA 280 -71.54 -90.99 -0.54
N MET SA 281 -71.96 -90.13 -1.46
CA MET SA 281 -72.60 -90.54 -2.69
C MET SA 281 -71.59 -90.72 -3.81
N HIS SA 282 -71.84 -91.72 -4.65
CA HIS SA 282 -71.07 -91.89 -5.87
C HIS SA 282 -71.48 -90.86 -6.90
N LYS SA 283 -70.50 -90.28 -7.58
CA LYS SA 283 -70.79 -89.47 -8.75
C LYS SA 283 -70.86 -90.29 -10.02
N MET SA 284 -70.55 -91.59 -9.93
CA MET SA 284 -70.62 -92.50 -11.06
C MET SA 284 -71.11 -93.83 -10.51
N ILE SA 285 -72.33 -94.22 -10.88
CA ILE SA 285 -72.90 -95.45 -10.34
C ILE SA 285 -72.25 -96.67 -10.97
N ASN SA 286 -72.38 -96.82 -12.28
CA ASN SA 286 -71.79 -97.94 -13.00
C ASN SA 286 -70.41 -97.53 -13.48
N THR SA 287 -69.37 -98.12 -12.89
CA THR SA 287 -68.00 -97.86 -13.30
C THR SA 287 -67.50 -98.85 -14.34
N ASP SA 288 -68.35 -99.79 -14.76
CA ASP SA 288 -67.94 -100.80 -15.74
C ASP SA 288 -67.92 -100.16 -17.10
N LEU SA 289 -66.80 -99.50 -17.41
CA LEU SA 289 -66.67 -98.77 -18.66
C LEU SA 289 -66.78 -99.68 -19.86
N SER SA 290 -66.28 -100.91 -19.77
CA SER SA 290 -66.40 -101.85 -20.88
C SER SA 290 -67.86 -102.16 -21.17
N ARG SA 291 -68.64 -102.45 -20.14
CA ARG SA 291 -70.06 -102.73 -20.34
C ARG SA 291 -70.80 -101.52 -20.89
N ILE SA 292 -70.49 -100.33 -20.37
CA ILE SA 292 -71.15 -99.12 -20.85
C ILE SA 292 -70.84 -98.88 -22.32
N LEU SA 293 -69.57 -99.00 -22.69
CA LEU SA 293 -69.17 -98.72 -24.07
C LEU SA 293 -69.70 -99.78 -25.03
N LYS SA 294 -69.81 -101.02 -24.58
CA LYS SA 294 -70.32 -102.08 -25.44
C LYS SA 294 -71.83 -102.26 -25.35
N SER SA 295 -72.50 -101.42 -24.56
CA SER SA 295 -73.95 -101.49 -24.49
C SER SA 295 -74.57 -101.11 -25.83
N PRO SA 296 -75.66 -101.76 -26.23
CA PRO SA 296 -76.27 -101.45 -27.54
C PRO SA 296 -76.74 -100.02 -27.67
N GLU SA 297 -77.16 -99.38 -26.57
CA GLU SA 297 -77.63 -98.00 -26.66
C GLU SA 297 -76.50 -97.06 -27.07
N ILE SA 298 -75.31 -97.25 -26.50
CA ILE SA 298 -74.16 -96.44 -26.88
C ILE SA 298 -73.74 -96.76 -28.30
N GLN SA 299 -73.64 -98.05 -28.62
CA GLN SA 299 -73.13 -98.47 -29.93
C GLN SA 299 -74.07 -98.05 -31.06
N ARG SA 300 -75.36 -97.89 -30.75
CA ARG SA 300 -76.32 -97.54 -31.79
C ARG SA 300 -76.09 -96.12 -32.31
N ALA SA 301 -75.54 -95.24 -31.48
CA ALA SA 301 -75.40 -93.83 -31.82
C ALA SA 301 -74.03 -93.49 -32.41
N LEU SA 302 -73.10 -94.44 -32.44
CA LEU SA 302 -71.75 -94.12 -32.89
C LEU SA 302 -71.65 -94.15 -34.41
N ARG SA 303 -70.79 -93.30 -34.93
CA ARG SA 303 -70.36 -93.45 -36.32
C ARG SA 303 -69.29 -94.53 -36.41
N ALA SA 304 -69.07 -95.01 -37.63
CA ALA SA 304 -68.16 -96.12 -37.84
C ALA SA 304 -66.72 -95.70 -37.58
N PRO SA 305 -65.89 -96.60 -37.06
CA PRO SA 305 -64.49 -96.25 -36.83
C PRO SA 305 -63.73 -96.02 -38.13
N ARG SA 306 -62.75 -95.13 -38.06
CA ARG SA 306 -61.86 -94.84 -39.18
C ARG SA 306 -60.53 -95.47 -38.85
N LYS SA 307 -60.37 -96.75 -39.23
CA LYS SA 307 -59.22 -97.54 -38.83
C LYS SA 307 -58.19 -97.72 -39.93
N LYS SA 308 -58.27 -96.92 -41.00
CA LYS SA 308 -57.24 -96.93 -42.04
C LYS SA 308 -56.27 -95.79 -41.77
N ILE SA 309 -54.99 -96.12 -41.65
CA ILE SA 309 -53.96 -95.12 -41.41
C ILE SA 309 -53.53 -94.52 -42.74
N HIS SA 310 -53.59 -93.20 -42.85
CA HIS SA 310 -53.20 -92.49 -44.06
C HIS SA 310 -51.85 -91.84 -43.81
N ARG SA 311 -50.80 -92.46 -44.32
CA ARG SA 311 -49.45 -91.96 -44.10
C ARG SA 311 -49.10 -90.89 -45.12
N ARG SA 312 -47.90 -90.35 -44.99
CA ARG SA 312 -47.46 -89.28 -45.87
C ARG SA 312 -47.28 -89.83 -47.29
N VAL SA 313 -47.74 -89.06 -48.26
CA VAL SA 313 -47.59 -89.41 -49.66
C VAL SA 313 -46.36 -88.69 -50.20
N LEU SA 314 -45.41 -89.45 -50.70
CA LEU SA 314 -44.25 -88.85 -51.35
C LEU SA 314 -44.69 -88.18 -52.64
N LYS SA 315 -44.45 -86.88 -52.75
CA LYS SA 315 -44.88 -86.12 -53.92
C LYS SA 315 -43.91 -86.41 -55.05
N LYS SA 316 -44.24 -87.40 -55.86
CA LYS SA 316 -43.52 -87.60 -57.10
C LYS SA 316 -43.85 -86.46 -58.05
N ASN SA 317 -42.87 -86.06 -58.84
CA ASN SA 317 -43.03 -84.92 -59.72
C ASN SA 317 -43.79 -85.34 -60.97
N PRO SA 318 -44.94 -84.76 -61.26
CA PRO SA 318 -45.42 -84.76 -62.64
C PRO SA 318 -44.47 -83.91 -63.47
N LEU SA 319 -44.64 -83.98 -64.80
CA LEU SA 319 -43.76 -83.33 -65.76
C LEU SA 319 -42.43 -84.09 -65.84
N LYS SA 320 -42.25 -85.05 -64.96
CA LYS SA 320 -41.16 -86.02 -64.97
C LYS SA 320 -41.68 -87.45 -64.86
N ASN SA 321 -42.76 -87.67 -64.12
CA ASN SA 321 -43.35 -88.98 -63.94
C ASN SA 321 -44.63 -89.04 -64.77
N LEU SA 322 -44.61 -89.84 -65.84
CA LEU SA 322 -45.71 -89.86 -66.78
C LEU SA 322 -47.01 -90.35 -66.14
N ARG SA 323 -46.93 -91.42 -65.34
CA ARG SA 323 -48.15 -91.97 -64.76
C ARG SA 323 -48.73 -91.03 -63.71
N ILE SA 324 -47.88 -90.32 -62.97
CA ILE SA 324 -48.40 -89.32 -62.04
C ILE SA 324 -49.09 -88.20 -62.79
N MET SA 325 -48.50 -87.76 -63.89
CA MET SA 325 -49.15 -86.74 -64.71
C MET SA 325 -50.47 -87.22 -65.26
N LEU SA 326 -50.56 -88.50 -65.61
CA LEU SA 326 -51.83 -89.03 -66.11
C LEU SA 326 -52.84 -89.19 -64.99
N LYS SA 327 -52.38 -89.50 -63.79
CA LYS SA 327 -53.26 -89.58 -62.63
C LYS SA 327 -53.89 -88.24 -62.34
N LEU SA 328 -53.15 -87.16 -62.53
CA LEU SA 328 -53.68 -85.82 -62.33
C LEU SA 328 -54.43 -85.27 -63.54
N ASN SA 329 -54.10 -85.72 -64.74
CA ASN SA 329 -54.59 -85.12 -65.98
C ASN SA 329 -54.55 -86.16 -67.09
N PRO SA 330 -55.64 -86.90 -67.28
CA PRO SA 330 -55.63 -87.98 -68.29
C PRO SA 330 -55.45 -87.50 -69.72
N TYR SA 331 -55.75 -86.23 -70.02
CA TYR SA 331 -55.60 -85.75 -71.38
C TYR SA 331 -54.14 -85.59 -71.78
N ALA SA 332 -53.23 -85.56 -70.81
CA ALA SA 332 -51.82 -85.39 -71.11
C ALA SA 332 -51.26 -86.52 -71.95
N LYS SA 333 -51.78 -87.74 -71.80
CA LYS SA 333 -51.30 -88.84 -72.63
C LYS SA 333 -51.60 -88.60 -74.09
N THR SA 334 -52.83 -88.17 -74.40
CA THR SA 334 -53.18 -87.90 -75.78
C THR SA 334 -52.41 -86.70 -76.32
N MET SA 335 -52.23 -85.67 -75.50
CA MET SA 335 -51.46 -84.52 -75.95
C MET SA 335 -50.02 -84.89 -76.25
N ARG SA 336 -49.42 -85.71 -75.39
CA ARG SA 336 -48.04 -86.16 -75.61
C ARG SA 336 -47.95 -87.06 -76.84
N ARG SA 337 -48.90 -87.98 -77.02
CA ARG SA 337 -48.87 -88.84 -78.19
C ARG SA 337 -49.00 -88.03 -79.46
N ASN SA 338 -49.89 -87.03 -79.45
CA ASN SA 338 -50.06 -86.17 -80.61
C ASN SA 338 -48.78 -85.41 -80.91
N THR SA 339 -48.12 -84.88 -79.88
CA THR SA 339 -46.90 -84.11 -80.17
C THR SA 339 -45.77 -85.01 -80.65
N ILE SA 340 -45.69 -86.25 -80.15
CA ILE SA 340 -44.65 -87.15 -80.64
C ILE SA 340 -44.90 -87.51 -82.09
N LEU SA 341 -46.14 -87.86 -82.44
CA LEU SA 341 -46.44 -88.18 -83.83
C LEU SA 341 -46.21 -86.99 -84.74
N ARG SA 342 -46.61 -85.80 -84.30
CA ARG SA 342 -46.42 -84.61 -85.12
C ARG SA 342 -44.95 -84.30 -85.33
N GLN SA 343 -44.14 -84.40 -84.27
CA GLN SA 343 -42.72 -84.13 -84.41
C GLN SA 343 -42.05 -85.14 -85.32
N ALA SA 344 -42.46 -86.42 -85.24
CA ALA SA 344 -41.90 -87.41 -86.14
C ALA SA 344 -42.26 -87.11 -87.59
N ARG SA 345 -43.51 -86.73 -87.85
CA ARG SA 345 -43.92 -86.41 -89.22
C ARG SA 345 -43.17 -85.20 -89.75
N ASN SA 346 -43.03 -84.16 -88.92
CA ASN SA 346 -42.32 -82.96 -89.35
C ASN SA 346 -40.86 -83.26 -89.62
N HIS SA 347 -40.24 -84.08 -88.75
CA HIS SA 347 -38.85 -84.47 -88.96
C HIS SA 347 -38.68 -85.24 -90.25
N LYS SA 348 -39.61 -86.16 -90.54
CA LYS SA 348 -39.53 -86.92 -91.79
C LYS SA 348 -39.67 -86.00 -92.99
N LEU SA 349 -40.60 -85.05 -92.93
CA LEU SA 349 -40.78 -84.12 -94.04
C LEU SA 349 -39.52 -83.28 -94.27
N ARG SA 350 -38.94 -82.75 -93.20
CA ARG SA 350 -37.73 -81.96 -93.37
C ARG SA 350 -36.57 -82.78 -93.89
N VAL SA 351 -36.40 -84.02 -93.39
CA VAL SA 351 -35.31 -84.85 -93.85
C VAL SA 351 -35.45 -85.19 -95.33
N ASP SA 352 -36.63 -85.65 -95.76
CA ASP SA 352 -36.73 -86.05 -97.15
C ASP SA 352 -36.77 -84.85 -98.08
N LYS SA 353 -37.28 -83.70 -97.60
CA LYS SA 353 -37.22 -82.48 -98.39
C LYS SA 353 -35.78 -82.03 -98.60
N ALA SA 354 -34.95 -82.08 -97.55
CA ALA SA 354 -33.55 -81.71 -97.70
C ALA SA 354 -32.83 -82.69 -98.61
N ALA SA 355 -33.13 -83.99 -98.49
CA ALA SA 355 -32.51 -84.96 -99.38
C ALA SA 355 -32.91 -84.72 -100.84
N ALA SA 356 -34.19 -84.42 -101.08
CA ALA SA 356 -34.63 -84.13 -102.44
C ALA SA 356 -33.98 -82.87 -102.98
N ALA SA 357 -33.85 -81.83 -102.16
CA ALA SA 357 -33.22 -80.60 -102.61
C ALA SA 357 -31.75 -80.82 -102.95
N ALA SA 358 -31.04 -81.58 -102.11
CA ALA SA 358 -29.65 -81.90 -102.41
C ALA SA 358 -29.54 -82.72 -103.69
N ALA SA 359 -30.44 -83.68 -103.88
CA ALA SA 359 -30.43 -84.50 -105.08
C ALA SA 359 -30.68 -83.65 -106.32
N ALA SA 360 -31.64 -82.74 -106.25
CA ALA SA 360 -31.93 -81.86 -107.39
C ALA SA 360 -30.76 -80.95 -107.68
N LEU SA 361 -30.11 -80.42 -106.63
CA LEU SA 361 -28.94 -79.57 -106.84
C LEU SA 361 -27.83 -80.33 -107.54
N GLN SA 362 -27.53 -81.54 -107.05
CA GLN SA 362 -26.46 -82.32 -107.66
C GLN SA 362 -26.79 -82.70 -109.10
N ALA SA 363 -28.04 -83.11 -109.35
CA ALA SA 363 -28.42 -83.49 -110.71
C ALA SA 363 -28.36 -82.31 -111.66
N LYS SA 364 -28.83 -81.13 -111.24
CA LYS SA 364 -28.78 -79.96 -112.12
C LYS SA 364 -27.34 -79.48 -112.32
N SER SA 365 -26.49 -79.58 -111.30
CA SER SA 365 -25.11 -79.15 -111.44
C SER SA 365 -24.32 -80.10 -112.32
N ASP SA 366 -24.64 -81.38 -112.30
CA ASP SA 366 -23.98 -82.33 -113.20
C ASP SA 366 -24.53 -82.23 -114.61
N GLU SA 367 -25.82 -81.87 -114.75
CA GLU SA 367 -26.41 -81.67 -116.07
C GLU SA 367 -25.84 -80.43 -116.74
N LYS SA 368 -25.58 -79.38 -115.96
CA LYS SA 368 -25.06 -78.10 -116.46
C LYS SA 368 -25.96 -77.49 -117.52
N GLY TA 1 -50.21 14.11 -56.85
CA GLY TA 1 -50.61 13.59 -55.54
C GLY TA 1 -49.46 13.62 -54.55
N PHE TA 2 -49.79 13.69 -53.26
CA PHE TA 2 -48.78 13.77 -52.24
C PHE TA 2 -49.08 12.88 -51.03
N VAL TA 3 -50.19 12.16 -51.04
CA VAL TA 3 -50.52 11.22 -49.98
C VAL TA 3 -50.92 9.91 -50.64
N LYS TA 4 -50.71 8.81 -49.91
CA LYS TA 4 -51.02 7.49 -50.44
C LYS TA 4 -52.48 7.40 -50.84
N VAL TA 5 -52.72 6.88 -52.04
CA VAL TA 5 -54.08 6.57 -52.46
C VAL TA 5 -54.55 5.38 -51.64
N VAL TA 6 -55.56 5.59 -50.79
CA VAL TA 6 -56.00 4.54 -49.89
C VAL TA 6 -56.65 3.41 -50.68
N LYS TA 7 -57.57 3.75 -51.57
CA LYS TA 7 -58.31 2.73 -52.32
C LYS TA 7 -57.48 2.31 -53.54
N ASN TA 8 -56.40 1.59 -53.27
CA ASN TA 8 -55.51 1.13 -54.31
C ASN TA 8 -55.74 -0.35 -54.58
N LYS TA 9 -54.87 -0.92 -55.42
CA LYS TA 9 -55.03 -2.30 -55.86
C LYS TA 9 -54.97 -3.27 -54.69
N ALA TA 10 -54.05 -3.05 -53.76
CA ALA TA 10 -53.97 -3.91 -52.58
C ALA TA 10 -55.21 -3.79 -51.71
N TYR TA 11 -55.75 -2.57 -51.58
CA TYR TA 11 -56.99 -2.39 -50.84
C TYR TA 11 -58.09 -3.23 -51.44
N PHE TA 12 -58.23 -3.20 -52.75
CA PHE TA 12 -59.30 -3.99 -53.37
C PHE TA 12 -59.00 -5.48 -53.34
N LYS TA 13 -57.72 -5.86 -53.35
CA LYS TA 13 -57.38 -7.28 -53.26
C LYS TA 13 -57.72 -7.85 -51.89
N ARG TA 14 -57.52 -7.08 -50.83
CA ARG TA 14 -57.83 -7.58 -49.50
C ARG TA 14 -59.26 -7.28 -49.05
N TYR TA 15 -59.98 -6.44 -49.77
CA TYR TA 15 -61.30 -6.04 -49.33
C TYR TA 15 -62.27 -7.21 -49.33
N GLN TA 16 -62.98 -7.40 -48.23
CA GLN TA 16 -64.01 -8.42 -48.11
C GLN TA 16 -65.36 -7.71 -47.99
N VAL TA 17 -66.22 -7.92 -48.98
CA VAL TA 17 -67.52 -7.26 -48.96
C VAL TA 17 -68.37 -7.84 -47.84
N LYS TA 18 -69.35 -7.06 -47.39
CA LYS TA 18 -70.32 -7.55 -46.44
C LYS TA 18 -71.40 -8.33 -47.18
N PHE TA 19 -72.34 -8.88 -46.42
CA PHE TA 19 -73.45 -9.59 -47.02
C PHE TA 19 -74.26 -8.64 -47.87
N ARG TA 20 -74.93 -9.17 -48.89
CA ARG TA 20 -75.57 -8.31 -49.87
C ARG TA 20 -76.64 -7.43 -49.24
N ARG TA 21 -77.46 -7.98 -48.37
CA ARG TA 21 -78.48 -7.17 -47.73
C ARG TA 21 -77.92 -6.26 -46.66
N ARG TA 22 -76.79 -6.61 -46.07
CA ARG TA 22 -76.09 -5.66 -45.21
C ARG TA 22 -75.58 -4.46 -46.01
N ARG TA 23 -75.02 -4.70 -47.19
CA ARG TA 23 -74.57 -3.61 -48.05
C ARG TA 23 -75.73 -2.76 -48.52
N GLU TA 24 -76.86 -3.41 -48.86
CA GLU TA 24 -78.05 -2.66 -49.20
C GLU TA 24 -78.66 -1.96 -48.01
N GLY TA 25 -78.29 -2.33 -46.80
CA GLY TA 25 -78.83 -1.67 -45.61
C GLY TA 25 -80.23 -2.10 -45.28
N LYS TA 26 -80.59 -3.35 -45.55
CA LYS TA 26 -81.94 -3.83 -45.35
C LYS TA 26 -82.08 -4.83 -44.21
N THR TA 27 -81.03 -5.58 -43.90
CA THR TA 27 -81.08 -6.65 -42.91
C THR TA 27 -80.06 -6.41 -41.82
N ASP TA 28 -80.51 -6.50 -40.57
CA ASP TA 28 -79.63 -6.52 -39.40
C ASP TA 28 -79.44 -7.98 -39.03
N TYR TA 29 -78.31 -8.54 -39.42
CA TYR TA 29 -78.07 -9.97 -39.20
C TYR TA 29 -77.86 -10.31 -37.73
N TYR TA 30 -77.37 -9.36 -36.93
CA TYR TA 30 -77.23 -9.61 -35.50
C TYR TA 30 -78.59 -9.91 -34.86
N ALA TA 31 -79.61 -9.14 -35.21
CA ALA TA 31 -80.95 -9.43 -34.73
C ALA TA 31 -81.59 -10.58 -35.47
N ARG TA 32 -81.27 -10.74 -36.75
CA ARG TA 32 -81.89 -11.79 -37.54
C ARG TA 32 -81.51 -13.17 -37.00
N LYS TA 33 -80.26 -13.34 -36.59
CA LYS TA 33 -79.84 -14.62 -36.04
C LYS TA 33 -80.65 -14.99 -34.79
N ARG TA 34 -80.92 -14.01 -33.94
CA ARG TA 34 -81.71 -14.29 -32.75
C ARG TA 34 -83.19 -14.42 -33.04
N LEU TA 35 -83.69 -13.84 -34.13
CA LEU TA 35 -85.10 -14.00 -34.49
C LEU TA 35 -85.43 -15.31 -35.18
N VAL TA 36 -84.66 -15.70 -36.19
CA VAL TA 36 -85.13 -16.76 -37.09
C VAL TA 36 -84.58 -18.13 -36.76
N ILE TA 37 -83.63 -18.25 -35.84
CA ILE TA 37 -82.94 -19.51 -35.60
C ILE TA 37 -83.66 -20.28 -34.51
N GLN TA 38 -84.08 -21.49 -34.84
CA GLN TA 38 -84.80 -22.36 -33.94
C GLN TA 38 -83.82 -23.21 -33.15
N ASP TA 39 -84.22 -23.58 -31.93
CA ASP TA 39 -83.40 -24.48 -31.12
C ASP TA 39 -83.18 -25.79 -31.84
N LYS TA 40 -82.01 -26.39 -31.63
CA LYS TA 40 -81.69 -27.62 -32.35
C LYS TA 40 -82.51 -28.79 -31.85
N ASN TA 41 -82.88 -28.82 -30.58
CA ASN TA 41 -83.70 -29.92 -30.11
C ASN TA 41 -85.18 -29.74 -30.44
N LYS TA 42 -85.53 -28.70 -31.19
CA LYS TA 42 -86.87 -28.57 -31.73
C LYS TA 42 -86.94 -28.95 -33.21
N TYR TA 43 -85.79 -29.16 -33.85
CA TYR TA 43 -85.66 -29.79 -35.18
C TYR TA 43 -86.40 -28.93 -36.20
N ASN TA 44 -87.29 -29.51 -37.00
CA ASN TA 44 -87.93 -28.80 -38.11
C ASN TA 44 -89.18 -28.06 -37.69
N THR TA 45 -89.31 -27.72 -36.43
CA THR TA 45 -90.42 -26.90 -35.98
C THR TA 45 -90.24 -25.49 -36.51
N PRO TA 46 -91.18 -24.95 -37.28
CA PRO TA 46 -91.03 -23.59 -37.80
C PRO TA 46 -91.07 -22.57 -36.68
N LYS TA 47 -90.33 -21.48 -36.88
CA LYS TA 47 -90.27 -20.37 -35.93
C LYS TA 47 -90.81 -19.15 -36.64
N TYR TA 48 -92.05 -18.78 -36.33
CA TYR TA 48 -92.76 -17.76 -37.08
C TYR TA 48 -92.48 -16.36 -36.55
N ARG TA 49 -92.17 -15.46 -37.45
CA ARG TA 49 -92.01 -14.06 -37.10
C ARG TA 49 -92.89 -13.21 -38.01
N MET TA 50 -93.45 -12.17 -37.42
CA MET TA 50 -94.29 -11.20 -38.11
C MET TA 50 -93.41 -10.02 -38.48
N ILE TA 51 -93.01 -9.97 -39.75
CA ILE TA 51 -92.23 -8.87 -40.29
C ILE TA 51 -93.15 -7.69 -40.51
N VAL TA 52 -92.82 -6.53 -39.92
CA VAL TA 52 -93.55 -5.30 -40.18
C VAL TA 52 -92.58 -4.29 -40.77
N ARG TA 53 -92.90 -3.77 -41.94
CA ARG TA 53 -92.04 -2.82 -42.63
C ARG TA 53 -92.88 -1.63 -43.07
N VAL TA 54 -92.51 -0.44 -42.60
CA VAL TA 54 -93.24 0.78 -42.91
C VAL TA 54 -92.49 1.52 -44.01
N THR TA 55 -93.21 1.88 -45.06
CA THR TA 55 -92.69 2.54 -46.24
C THR TA 55 -93.23 3.97 -46.27
N ASN TA 56 -92.69 4.79 -47.18
CA ASN TA 56 -93.17 6.17 -47.29
C ASN TA 56 -94.63 6.23 -47.69
N ARG TA 57 -95.15 5.20 -48.34
CA ARG TA 57 -96.53 5.21 -48.81
C ARG TA 57 -97.31 3.95 -48.49
N ASP TA 58 -96.70 2.94 -47.88
CA ASP TA 58 -97.36 1.66 -47.67
C ASP TA 58 -96.88 1.06 -46.36
N ILE TA 59 -97.57 0.02 -45.93
CA ILE TA 59 -97.18 -0.78 -44.78
C ILE TA 59 -97.28 -2.24 -45.20
N ILE TA 60 -96.21 -3.00 -44.96
CA ILE TA 60 -96.15 -4.41 -45.34
C ILE TA 60 -96.08 -5.23 -44.06
N CYS TA 61 -97.06 -6.11 -43.89
CA CYS TA 61 -97.08 -7.07 -42.79
C CYS TA 61 -97.01 -8.46 -43.38
N GLN TA 62 -96.08 -9.27 -42.88
CA GLN TA 62 -95.92 -10.62 -43.38
C GLN TA 62 -95.65 -11.54 -42.21
N ILE TA 63 -95.93 -12.82 -42.38
CA ILE TA 63 -95.55 -13.85 -41.42
C ILE TA 63 -94.68 -14.86 -42.14
N ALA TA 64 -93.50 -15.11 -41.59
CA ALA TA 64 -92.52 -15.93 -42.28
C ALA TA 64 -91.77 -16.80 -41.31
N TYR TA 65 -91.24 -17.91 -41.81
CA TYR TA 65 -90.30 -18.75 -41.09
C TYR TA 65 -89.12 -19.04 -42.00
N ALA TA 66 -87.95 -19.22 -41.39
CA ALA TA 66 -86.71 -19.25 -42.15
C ALA TA 66 -86.35 -20.67 -42.55
N ARG TA 67 -86.00 -20.84 -43.83
CA ARG TA 67 -85.47 -22.07 -44.36
C ARG TA 67 -84.11 -21.80 -44.99
N ILE TA 68 -83.40 -22.87 -45.33
CA ILE TA 68 -82.07 -22.72 -45.89
C ILE TA 68 -82.14 -22.06 -47.28
N GLU TA 69 -83.16 -22.40 -48.05
CA GLU TA 69 -83.31 -21.82 -49.38
C GLU TA 69 -83.90 -20.41 -49.35
N GLY TA 70 -84.36 -19.95 -48.21
CA GLY TA 70 -84.93 -18.63 -48.09
C GLY TA 70 -86.18 -18.67 -47.23
N ASP TA 71 -86.56 -17.51 -46.71
CA ASP TA 71 -87.73 -17.42 -45.85
C ASP TA 71 -88.99 -17.76 -46.60
N MET TA 72 -89.86 -18.54 -45.96
CA MET TA 72 -91.16 -18.91 -46.53
C MET TA 72 -92.22 -18.03 -45.89
N ILE TA 73 -92.98 -17.32 -46.71
CA ILE TA 73 -93.99 -16.39 -46.24
C ILE TA 73 -95.35 -17.07 -46.33
N VAL TA 74 -96.01 -17.21 -45.18
CA VAL TA 74 -97.28 -17.91 -45.13
C VAL TA 74 -98.48 -16.98 -45.22
N CYS TA 75 -98.30 -15.69 -44.98
CA CYS TA 75 -99.39 -14.73 -45.07
C CYS TA 75 -98.79 -13.35 -45.28
N ALA TA 76 -99.53 -12.49 -45.96
CA ALA TA 76 -99.04 -11.15 -46.24
C ALA TA 76 -100.21 -10.19 -46.36
N ALA TA 77 -100.11 -9.07 -45.67
CA ALA TA 77 -101.11 -8.02 -45.73
C ALA TA 77 -100.42 -6.69 -46.00
N TYR TA 78 -101.02 -5.89 -46.88
CA TYR TA 78 -100.47 -4.60 -47.26
C TYR TA 78 -101.47 -3.51 -46.92
N ALA TA 79 -100.97 -2.30 -46.69
CA ALA TA 79 -101.87 -1.19 -46.42
C ALA TA 79 -102.59 -0.71 -47.66
N HIS TA 80 -102.05 -1.01 -48.86
CA HIS TA 80 -102.65 -0.49 -50.08
C HIS TA 80 -103.93 -1.22 -50.45
N GLU TA 81 -104.23 -2.36 -49.85
CA GLU TA 81 -105.48 -3.05 -50.11
C GLU TA 81 -106.57 -2.65 -49.12
N LEU TA 82 -106.29 -1.72 -48.21
CA LEU TA 82 -107.33 -1.21 -47.33
C LEU TA 82 -108.47 -0.48 -48.05
N PRO TA 83 -108.29 0.16 -49.20
CA PRO TA 83 -109.45 0.72 -49.91
C PRO TA 83 -110.55 -0.29 -50.20
N LYS TA 84 -110.22 -1.57 -50.30
CA LYS TA 84 -111.27 -2.58 -50.40
C LYS TA 84 -112.14 -2.59 -49.15
N TYR TA 85 -111.51 -2.51 -47.98
CA TYR TA 85 -112.24 -2.51 -46.70
C TYR TA 85 -112.37 -1.07 -46.21
N GLY TA 86 -113.32 -0.35 -46.78
CA GLY TA 86 -113.59 0.97 -46.26
C GLY TA 86 -112.51 1.99 -46.57
N VAL TA 87 -111.70 2.31 -45.55
CA VAL TA 87 -110.69 3.37 -45.56
C VAL TA 87 -109.85 3.37 -46.83
N LYS TA 88 -109.80 4.52 -47.50
CA LYS TA 88 -109.14 4.64 -48.79
C LYS TA 88 -108.14 5.79 -48.84
N VAL TA 89 -107.82 6.40 -47.70
CA VAL TA 89 -106.88 7.51 -47.65
C VAL TA 89 -106.26 7.51 -46.27
N GLY TA 90 -105.14 8.23 -46.13
CA GLY TA 90 -104.45 8.26 -44.86
C GLY TA 90 -103.85 6.94 -44.48
N LEU TA 91 -103.22 6.25 -45.43
CA LEU TA 91 -102.50 5.03 -45.12
C LEU TA 91 -101.20 5.41 -44.40
N THR TA 92 -100.33 4.42 -44.20
CA THR TA 92 -99.03 4.51 -43.53
C THR TA 92 -99.08 5.33 -42.24
N ASN TA 93 -100.23 5.38 -41.58
CA ASN TA 93 -100.35 5.99 -40.26
C ASN TA 93 -100.67 4.90 -39.25
N TYR TA 94 -100.82 5.30 -37.98
CA TYR TA 94 -100.96 4.31 -36.92
C TYR TA 94 -102.26 3.53 -37.06
N ALA TA 95 -103.35 4.21 -37.44
CA ALA TA 95 -104.61 3.53 -37.62
C ALA TA 95 -104.55 2.52 -38.76
N ALA TA 96 -103.91 2.90 -39.86
CA ALA TA 96 -103.75 1.95 -40.97
C ALA TA 96 -102.84 0.80 -40.57
N ALA TA 97 -101.83 1.05 -39.74
CA ALA TA 97 -100.99 -0.03 -39.25
C ALA TA 97 -101.80 -1.01 -38.42
N TYR TA 98 -102.68 -0.50 -37.57
CA TYR TA 98 -103.54 -1.38 -36.80
C TYR TA 98 -104.47 -2.17 -37.71
N CYS TA 99 -105.04 -1.52 -38.71
CA CYS TA 99 -105.95 -2.20 -39.62
C CYS TA 99 -105.25 -3.30 -40.39
N THR TA 100 -104.03 -3.04 -40.88
CA THR TA 100 -103.35 -4.06 -41.66
C THR TA 100 -102.82 -5.18 -40.78
N GLY TA 101 -102.45 -4.89 -39.53
CA GLY TA 101 -102.11 -5.97 -38.62
C GLY TA 101 -103.30 -6.86 -38.31
N LEU TA 102 -104.46 -6.25 -38.09
CA LEU TA 102 -105.68 -7.03 -37.89
C LEU TA 102 -106.02 -7.85 -39.12
N LEU TA 103 -105.85 -7.27 -40.30
CA LEU TA 103 -106.11 -8.00 -41.54
C LEU TA 103 -105.18 -9.19 -41.69
N LEU TA 104 -103.90 -9.00 -41.39
CA LEU TA 104 -102.95 -10.11 -41.45
C LEU TA 104 -103.34 -11.21 -40.48
N ALA TA 105 -103.69 -10.84 -39.25
CA ALA TA 105 -104.07 -11.85 -38.27
C ALA TA 105 -105.30 -12.63 -38.72
N ARG TA 106 -106.33 -11.92 -39.18
CA ARG TA 106 -107.55 -12.59 -39.61
C ARG TA 106 -107.31 -13.46 -40.82
N ARG TA 107 -106.50 -12.99 -41.78
CA ARG TA 107 -106.23 -13.77 -42.97
C ARG TA 107 -105.48 -15.05 -42.61
N LEU TA 108 -104.49 -14.96 -41.73
CA LEU TA 108 -103.74 -16.15 -41.34
C LEU TA 108 -104.62 -17.14 -40.59
N LEU TA 109 -105.46 -16.64 -39.68
CA LEU TA 109 -106.35 -17.54 -38.95
C LEU TA 109 -107.35 -18.21 -39.88
N ASN TA 110 -107.87 -17.47 -40.87
CA ASN TA 110 -108.78 -18.06 -41.83
C ASN TA 110 -108.09 -19.12 -42.67
N ARG TA 111 -106.85 -18.85 -43.10
CA ARG TA 111 -106.11 -19.84 -43.88
C ARG TA 111 -105.86 -21.10 -43.06
N PHE TA 112 -105.48 -20.95 -41.81
CA PHE TA 112 -105.15 -22.10 -40.98
C PHE TA 112 -106.37 -22.81 -40.42
N GLY TA 113 -107.54 -22.20 -40.49
CA GLY TA 113 -108.76 -22.87 -40.15
C GLY TA 113 -109.30 -22.56 -38.77
N MET TA 114 -108.49 -22.01 -37.88
CA MET TA 114 -109.01 -21.59 -36.59
C MET TA 114 -109.48 -20.14 -36.63
N ASP TA 115 -110.30 -19.85 -37.63
CA ASP TA 115 -110.87 -18.51 -37.76
C ASP TA 115 -111.90 -18.25 -36.67
N LYS TA 116 -112.81 -19.20 -36.46
CA LYS TA 116 -113.88 -19.01 -35.49
C LYS TA 116 -113.37 -19.14 -34.06
N ILE TA 117 -112.45 -20.06 -33.82
CA ILE TA 117 -111.72 -20.07 -32.56
C ILE TA 117 -110.82 -18.84 -32.57
N TYR TA 118 -110.55 -18.29 -31.39
CA TYR TA 118 -109.66 -17.13 -31.25
C TYR TA 118 -110.17 -15.95 -32.05
N GLU TA 119 -111.34 -15.45 -31.67
CA GLU TA 119 -111.87 -14.25 -32.29
C GLU TA 119 -111.07 -13.01 -31.94
N GLY TA 120 -110.18 -13.08 -30.95
CA GLY TA 120 -109.43 -11.92 -30.53
C GLY TA 120 -110.31 -10.96 -29.75
N GLN TA 121 -109.93 -9.69 -29.77
CA GLN TA 121 -110.67 -8.64 -29.09
C GLN TA 121 -111.43 -7.85 -30.14
N VAL TA 122 -112.72 -8.18 -30.31
CA VAL TA 122 -113.54 -7.49 -31.30
C VAL TA 122 -113.77 -6.04 -30.89
N GLU TA 123 -114.11 -5.82 -29.62
CA GLU TA 123 -114.30 -4.47 -29.11
C GLU TA 123 -112.93 -3.87 -28.80
N VAL TA 124 -112.53 -2.86 -29.57
CA VAL TA 124 -111.16 -2.36 -29.51
C VAL TA 124 -111.01 -1.47 -28.29
N THR TA 125 -110.21 -1.91 -27.34
CA THR TA 125 -109.74 -1.09 -26.24
C THR TA 125 -108.23 -0.96 -26.36
N GLY TA 126 -107.70 0.17 -25.94
CA GLY TA 126 -106.27 0.35 -26.04
C GLY TA 126 -105.45 -0.47 -25.06
N ASP TA 127 -106.09 -1.20 -24.16
CA ASP TA 127 -105.41 -1.87 -23.08
C ASP TA 127 -104.77 -3.18 -23.56
N GLU TA 128 -104.14 -3.88 -22.63
CA GLU TA 128 -103.40 -5.09 -22.95
C GLU TA 128 -104.35 -6.27 -23.09
N TYR TA 129 -104.12 -7.06 -24.14
CA TYR TA 129 -104.88 -8.28 -24.38
C TYR TA 129 -103.96 -9.31 -25.00
N ASN TA 130 -103.80 -10.45 -24.34
CA ASN TA 130 -103.00 -11.55 -24.85
C ASN TA 130 -103.88 -12.78 -24.96
N VAL TA 131 -104.01 -13.31 -26.17
CA VAL TA 131 -104.88 -14.46 -26.39
C VAL TA 131 -104.26 -15.69 -25.75
N GLU TA 132 -105.11 -16.51 -25.13
CA GLU TA 132 -104.69 -17.75 -24.50
C GLU TA 132 -105.26 -18.92 -25.27
N SER TA 133 -104.48 -19.99 -25.38
CA SER TA 133 -104.93 -21.18 -26.08
C SER TA 133 -106.10 -21.81 -25.35
N ILE TA 134 -106.97 -22.47 -26.11
CA ILE TA 134 -108.16 -23.12 -25.58
C ILE TA 134 -107.93 -24.62 -25.58
N ASP TA 135 -108.09 -25.25 -24.43
CA ASP TA 135 -107.87 -26.68 -24.31
C ASP TA 135 -108.90 -27.45 -25.15
N GLY TA 136 -108.45 -28.52 -25.79
CA GLY TA 136 -109.29 -29.26 -26.70
C GLY TA 136 -109.40 -28.63 -28.07
N GLN TA 137 -108.73 -27.51 -28.30
CA GLN TA 137 -108.71 -26.80 -29.57
C GLN TA 137 -107.27 -26.63 -29.98
N PRO TA 138 -107.01 -26.44 -31.28
CA PRO TA 138 -105.63 -26.17 -31.71
C PRO TA 138 -105.10 -24.92 -31.04
N GLY TA 139 -103.81 -24.97 -30.68
CA GLY TA 139 -103.22 -23.88 -29.94
C GLY TA 139 -103.17 -22.61 -30.75
N ALA TA 140 -103.14 -21.49 -30.04
CA ALA TA 140 -103.10 -20.19 -30.69
C ALA TA 140 -101.79 -20.04 -31.46
N PHE TA 141 -101.88 -19.38 -32.61
CA PHE TA 141 -100.69 -19.14 -33.41
C PHE TA 141 -99.73 -18.23 -32.67
N THR TA 142 -98.47 -18.62 -32.61
CA THR TA 142 -97.44 -17.88 -31.90
C THR TA 142 -96.41 -17.37 -32.90
N CYS TA 143 -96.18 -16.06 -32.88
CA CYS TA 143 -95.19 -15.46 -33.74
C CYS TA 143 -94.53 -14.30 -33.02
N TYR TA 144 -93.32 -13.98 -33.44
CA TYR TA 144 -92.52 -12.94 -32.80
C TYR TA 144 -92.35 -11.75 -33.73
N LEU TA 145 -92.46 -10.55 -33.18
CA LEU TA 145 -92.39 -9.37 -34.02
C LEU TA 145 -90.99 -9.15 -34.56
N ASP TA 146 -90.91 -8.78 -35.84
CA ASP TA 146 -89.67 -8.40 -36.51
C ASP TA 146 -89.84 -6.95 -36.96
N ALA TA 147 -89.19 -6.04 -36.24
CA ALA TA 147 -89.24 -4.62 -36.51
C ALA TA 147 -88.13 -4.14 -37.44
N GLY TA 148 -87.20 -5.02 -37.79
CA GLY TA 148 -86.16 -4.63 -38.72
C GLY TA 148 -85.22 -3.60 -38.10
N LEU TA 149 -85.01 -2.51 -38.83
CA LEU TA 149 -84.13 -1.45 -38.38
C LEU TA 149 -84.89 -0.27 -37.80
N ALA TA 150 -86.19 -0.41 -37.58
CA ALA TA 150 -86.98 0.68 -37.02
C ALA TA 150 -86.57 0.93 -35.57
N ARG TA 151 -86.46 2.22 -35.22
CA ARG TA 151 -86.13 2.60 -33.85
C ARG TA 151 -87.37 2.38 -32.99
N THR TA 152 -87.33 1.35 -32.16
CA THR TA 152 -88.50 0.93 -31.39
C THR TA 152 -88.63 1.79 -30.16
N THR TA 153 -89.29 2.93 -30.32
CA THR TA 153 -89.68 3.78 -29.21
C THR TA 153 -91.20 3.76 -29.09
N THR TA 154 -91.71 4.50 -28.13
CA THR TA 154 -93.16 4.54 -27.89
C THR TA 154 -93.86 5.23 -29.05
N GLY TA 155 -94.86 4.57 -29.60
CA GLY TA 155 -95.62 5.12 -30.70
C GLY TA 155 -95.19 4.67 -32.07
N ASN TA 156 -94.21 3.78 -32.17
CA ASN TA 156 -93.79 3.26 -33.47
C ASN TA 156 -94.92 2.45 -34.10
N LYS TA 157 -95.15 2.66 -35.39
CA LYS TA 157 -96.27 2.02 -36.06
C LYS TA 157 -96.11 0.51 -36.17
N VAL TA 158 -94.90 -0.01 -36.02
CA VAL TA 158 -94.76 -1.46 -35.96
C VAL TA 158 -95.48 -2.00 -34.73
N PHE TA 159 -95.54 -1.23 -33.66
CA PHE TA 159 -96.30 -1.64 -32.50
C PHE TA 159 -97.80 -1.50 -32.71
N GLY TA 160 -98.22 -0.57 -33.56
CA GLY TA 160 -99.62 -0.56 -33.96
C GLY TA 160 -99.99 -1.79 -34.76
N ALA TA 161 -99.08 -2.23 -35.64
CA ALA TA 161 -99.30 -3.49 -36.36
C ALA TA 161 -99.36 -4.67 -35.41
N LEU TA 162 -98.47 -4.69 -34.41
CA LEU TA 162 -98.50 -5.74 -33.41
C LEU TA 162 -99.80 -5.72 -32.61
N LYS TA 163 -100.28 -4.53 -32.26
CA LYS TA 163 -101.55 -4.42 -31.54
C LYS TA 163 -102.69 -4.95 -32.39
N GLY TA 164 -102.70 -4.61 -33.67
CA GLY TA 164 -103.70 -5.14 -34.57
C GLY TA 164 -103.65 -6.65 -34.66
N ALA TA 165 -102.44 -7.22 -34.69
CA ALA TA 165 -102.31 -8.67 -34.78
C ALA TA 165 -102.81 -9.36 -33.52
N VAL TA 166 -102.42 -8.85 -32.35
CA VAL TA 166 -102.85 -9.49 -31.11
C VAL TA 166 -104.34 -9.28 -30.88
N ASP TA 167 -104.91 -8.23 -31.45
CA ASP TA 167 -106.37 -8.10 -31.42
C ASP TA 167 -107.03 -9.02 -32.41
N GLY TA 168 -106.38 -9.30 -33.53
CA GLY TA 168 -106.91 -10.27 -34.47
C GLY TA 168 -106.85 -11.69 -33.97
N GLY TA 169 -105.96 -11.98 -33.03
CA GLY TA 169 -105.99 -13.26 -32.37
C GLY TA 169 -104.71 -14.05 -32.41
N LEU TA 170 -103.60 -13.39 -32.71
CA LEU TA 170 -102.30 -14.03 -32.74
C LEU TA 170 -101.57 -13.81 -31.43
N SER TA 171 -100.96 -14.88 -30.91
CA SER TA 171 -100.23 -14.82 -29.66
C SER TA 171 -98.84 -14.28 -29.93
N ILE TA 172 -98.61 -13.03 -29.59
CA ILE TA 172 -97.32 -12.39 -29.78
C ILE TA 172 -96.85 -11.86 -28.42
N PRO TA 173 -95.69 -12.26 -27.94
CA PRO TA 173 -95.19 -11.71 -26.67
C PRO TA 173 -94.86 -10.24 -26.81
N HIS TA 174 -95.37 -9.44 -25.88
CA HIS TA 174 -95.14 -8.00 -25.92
C HIS TA 174 -95.53 -7.40 -24.57
N SER TA 175 -95.08 -6.16 -24.37
CA SER TA 175 -95.51 -5.38 -23.23
C SER TA 175 -96.04 -4.05 -23.73
N THR TA 176 -96.82 -3.39 -22.88
CA THR TA 176 -97.47 -2.14 -23.27
C THR TA 176 -96.55 -0.94 -23.16
N LYS TA 177 -95.25 -1.14 -22.98
CA LYS TA 177 -94.33 -0.03 -22.77
C LYS TA 177 -94.13 0.79 -24.04
N ARG TA 178 -94.43 0.25 -25.20
CA ARG TA 178 -94.16 0.94 -26.45
C ARG TA 178 -95.42 1.43 -27.16
N PHE TA 179 -96.59 1.12 -26.63
CA PHE TA 179 -97.82 1.63 -27.22
C PHE TA 179 -97.95 3.12 -26.93
N PRO TA 180 -98.66 3.85 -27.79
CA PRO TA 180 -98.71 5.32 -27.65
C PRO TA 180 -99.28 5.81 -26.33
N GLY TA 181 -100.10 5.01 -25.65
CA GLY TA 181 -100.65 5.45 -24.39
C GLY TA 181 -99.68 5.44 -23.23
N TYR TA 182 -98.52 4.82 -23.40
CA TYR TA 182 -97.58 4.70 -22.30
C TYR TA 182 -96.99 6.06 -21.94
N ASP TA 183 -96.78 6.28 -20.65
CA ASP TA 183 -96.19 7.51 -20.14
C ASP TA 183 -94.87 7.16 -19.47
N SER TA 184 -93.80 7.85 -19.88
CA SER TA 184 -92.48 7.50 -19.37
C SER TA 184 -92.26 7.96 -17.93
N GLU TA 185 -92.72 9.18 -17.60
CA GLU TA 185 -92.48 9.72 -16.26
C GLU TA 185 -93.27 8.96 -15.20
N SER TA 186 -94.56 8.75 -15.44
CA SER TA 186 -95.37 8.03 -14.47
C SER TA 186 -95.19 6.52 -14.57
N LYS TA 187 -94.55 6.03 -15.63
CA LYS TA 187 -94.32 4.60 -15.84
C LYS TA 187 -95.62 3.82 -15.79
N GLU TA 188 -96.68 4.39 -16.35
CA GLU TA 188 -97.98 3.74 -16.42
C GLU TA 188 -98.56 3.90 -17.81
N PHE TA 189 -99.49 3.03 -18.15
CA PHE TA 189 -100.09 2.96 -19.48
C PHE TA 189 -101.49 3.54 -19.43
N ASN TA 190 -101.74 4.57 -20.23
CA ASN TA 190 -103.05 5.21 -20.23
C ASN TA 190 -104.11 4.30 -20.82
N ALA TA 191 -103.78 3.59 -21.90
CA ALA TA 191 -104.65 2.61 -22.54
C ALA TA 191 -105.92 3.21 -23.11
N GLU TA 192 -106.01 4.54 -23.15
CA GLU TA 192 -107.14 5.18 -23.80
C GLU TA 192 -106.71 6.13 -24.90
N VAL TA 193 -105.64 6.90 -24.68
CA VAL TA 193 -105.04 7.61 -25.79
C VAL TA 193 -104.46 6.64 -26.80
N HIS TA 194 -104.10 5.43 -26.37
CA HIS TA 194 -103.75 4.39 -27.32
C HIS TA 194 -104.92 4.04 -28.21
N ARG TA 195 -106.11 3.92 -27.63
CA ARG TA 195 -107.29 3.67 -28.45
C ARG TA 195 -107.59 4.84 -29.37
N LYS TA 196 -107.33 6.06 -28.90
CA LYS TA 196 -107.48 7.23 -29.76
C LYS TA 196 -106.55 7.15 -30.96
N HIS TA 197 -105.29 6.77 -30.72
CA HIS TA 197 -104.36 6.60 -31.83
C HIS TA 197 -104.81 5.48 -32.77
N ILE TA 198 -105.34 4.40 -32.21
CA ILE TA 198 -105.82 3.29 -33.02
C ILE TA 198 -106.96 3.74 -33.92
N MET TA 199 -107.87 4.54 -33.38
CA MET TA 199 -108.99 5.06 -34.14
C MET TA 199 -108.61 6.28 -34.96
N GLY TA 200 -107.36 6.72 -34.90
CA GLY TA 200 -106.94 7.84 -35.70
C GLY TA 200 -107.43 9.17 -35.20
N GLN TA 201 -107.67 9.29 -33.89
CA GLN TA 201 -108.20 10.53 -33.35
C GLN TA 201 -107.14 11.64 -33.33
N ASN TA 202 -105.86 11.28 -33.27
CA ASN TA 202 -104.84 12.30 -33.33
C ASN TA 202 -104.78 12.96 -34.71
N VAL TA 203 -104.98 12.18 -35.77
CA VAL TA 203 -105.04 12.76 -37.11
C VAL TA 203 -106.25 13.65 -37.26
N ALA TA 204 -107.41 13.22 -36.76
CA ALA TA 204 -108.61 14.05 -36.82
C ALA TA 204 -108.43 15.33 -36.00
N ASP TA 205 -107.78 15.20 -34.85
CA ASP TA 205 -107.52 16.38 -34.02
C ASP TA 205 -106.62 17.36 -34.75
N TYR TA 206 -105.60 16.86 -35.45
CA TYR TA 206 -104.76 17.74 -36.26
C TYR TA 206 -105.56 18.40 -37.37
N MET TA 207 -106.46 17.63 -37.99
CA MET TA 207 -107.27 18.19 -39.07
C MET TA 207 -108.12 19.34 -38.58
N ARG TA 208 -108.84 19.14 -37.49
CA ARG TA 208 -109.71 20.20 -36.96
C ARG TA 208 -108.92 21.29 -36.23
N TYR TA 209 -107.66 21.05 -35.89
CA TYR TA 209 -106.82 22.13 -35.39
C TYR TA 209 -106.36 23.02 -36.53
N LEU TA 210 -105.99 22.43 -37.67
CA LEU TA 210 -105.59 23.24 -38.82
C LEU TA 210 -106.77 23.95 -39.44
N MET TA 211 -107.96 23.33 -39.42
CA MET TA 211 -109.12 23.96 -40.04
C MET TA 211 -109.47 25.28 -39.38
N GLU TA 212 -109.31 25.36 -38.05
CA GLU TA 212 -109.71 26.54 -37.31
C GLU TA 212 -108.64 27.64 -37.30
N GLU TA 213 -107.44 27.36 -37.77
CA GLU TA 213 -106.38 28.36 -37.74
C GLU TA 213 -105.84 28.75 -39.12
N ASP TA 214 -105.84 27.84 -40.09
CA ASP TA 214 -105.32 28.16 -41.42
C ASP TA 214 -105.94 27.19 -42.41
N GLU TA 215 -106.85 27.71 -43.25
CA GLU TA 215 -107.54 26.84 -44.20
C GLU TA 215 -106.58 26.36 -45.28
N ASP TA 216 -105.74 27.25 -45.80
CA ASP TA 216 -104.84 26.86 -46.89
C ASP TA 216 -103.79 25.86 -46.41
N ALA TA 217 -103.28 26.04 -45.19
CA ALA TA 217 -102.34 25.07 -44.64
C ALA TA 217 -103.03 23.73 -44.40
N TYR TA 218 -104.29 23.77 -43.96
CA TYR TA 218 -105.05 22.54 -43.80
C TYR TA 218 -105.22 21.82 -45.13
N LYS TA 219 -105.52 22.57 -46.19
CA LYS TA 219 -105.65 21.96 -47.51
C LYS TA 219 -104.34 21.39 -48.00
N LYS TA 220 -103.23 22.10 -47.75
CA LYS TA 220 -101.92 21.59 -48.15
C LYS TA 220 -101.58 20.30 -47.42
N GLN TA 221 -101.90 20.22 -46.13
CA GLN TA 221 -101.56 19.01 -45.38
C GLN TA 221 -102.50 17.86 -45.70
N PHE TA 222 -103.78 18.12 -45.91
CA PHE TA 222 -104.75 17.05 -46.10
C PHE TA 222 -105.47 17.16 -47.43
N SER TA 223 -104.71 17.42 -48.51
CA SER TA 223 -105.32 17.61 -49.83
C SER TA 223 -106.11 16.39 -50.27
N GLN TA 224 -105.50 15.20 -50.17
CA GLN TA 224 -106.21 13.99 -50.57
C GLN TA 224 -107.26 13.56 -49.57
N TYR TA 225 -107.26 14.13 -48.37
CA TYR TA 225 -108.38 13.93 -47.45
C TYR TA 225 -109.60 14.71 -47.91
N ILE TA 226 -109.40 15.85 -48.58
CA ILE TA 226 -110.53 16.60 -49.11
C ILE TA 226 -111.23 15.80 -50.20
N LYS TA 227 -110.44 15.20 -51.10
CA LYS TA 227 -110.99 14.17 -51.96
C LYS TA 227 -111.42 12.98 -51.10
N ASN TA 228 -112.43 12.27 -51.58
CA ASN TA 228 -113.12 11.20 -50.87
C ASN TA 228 -113.91 11.72 -49.67
N SER TA 229 -113.87 13.03 -49.41
CA SER TA 229 -114.70 13.69 -48.39
C SER TA 229 -114.53 13.02 -47.01
N VAL TA 230 -113.29 12.93 -46.57
CA VAL TA 230 -112.97 12.34 -45.28
C VAL TA 230 -112.76 13.49 -44.31
N THR TA 231 -113.83 13.91 -43.66
CA THR TA 231 -113.78 14.92 -42.63
C THR TA 231 -113.32 14.28 -41.32
N PRO TA 232 -112.89 15.07 -40.35
CA PRO TA 232 -112.48 14.48 -39.06
C PRO TA 232 -113.59 13.75 -38.33
N ASP TA 233 -114.85 14.01 -38.67
CA ASP TA 233 -115.95 13.50 -37.87
C ASP TA 233 -116.10 11.99 -38.00
N MET TA 234 -116.08 11.45 -39.22
CA MET TA 234 -116.36 10.04 -39.40
C MET TA 234 -115.12 9.17 -39.43
N MET TA 235 -113.97 9.69 -39.03
CA MET TA 235 -112.75 8.88 -39.06
C MET TA 235 -112.84 7.70 -38.10
N GLU TA 236 -113.33 7.95 -36.89
CA GLU TA 236 -113.48 6.87 -35.91
C GLU TA 236 -114.43 5.80 -36.42
N GLU TA 237 -115.57 6.22 -36.98
CA GLU TA 237 -116.56 5.28 -37.48
C GLU TA 237 -116.05 4.52 -38.69
N MET TA 238 -115.28 5.16 -39.56
CA MET TA 238 -114.79 4.45 -40.74
C MET TA 238 -113.69 3.46 -40.36
N TYR TA 239 -112.90 3.76 -39.34
CA TYR TA 239 -111.94 2.76 -38.88
C TYR TA 239 -112.65 1.59 -38.19
N LYS TA 240 -113.71 1.87 -37.45
CA LYS TA 240 -114.51 0.78 -36.89
C LYS TA 240 -115.13 -0.07 -38.01
N LYS TA 241 -115.63 0.57 -39.05
CA LYS TA 241 -116.23 -0.15 -40.17
C LYS TA 241 -115.18 -0.97 -40.90
N ALA TA 242 -113.97 -0.43 -41.05
CA ALA TA 242 -112.89 -1.18 -41.68
C ALA TA 242 -112.52 -2.41 -40.86
N HIS TA 243 -112.48 -2.26 -39.54
CA HIS TA 243 -112.23 -3.42 -38.68
C HIS TA 243 -113.31 -4.46 -38.86
N ALA TA 244 -114.57 -4.03 -38.86
CA ALA TA 244 -115.68 -4.97 -39.01
C ALA TA 244 -115.62 -5.68 -40.35
N ALA TA 245 -115.33 -4.95 -41.43
CA ALA TA 245 -115.25 -5.56 -42.75
C ALA TA 245 -114.09 -6.52 -42.85
N ILE TA 246 -112.96 -6.20 -42.21
CA ILE TA 246 -111.82 -7.10 -42.18
C ILE TA 246 -112.20 -8.40 -41.49
N ARG TA 247 -112.89 -8.30 -40.36
CA ARG TA 247 -113.38 -9.51 -39.69
C ARG TA 247 -114.32 -10.30 -40.57
N GLU TA 248 -115.23 -9.61 -41.26
CA GLU TA 248 -116.22 -10.30 -42.09
C GLU TA 248 -115.56 -11.05 -43.24
N ASN TA 249 -114.61 -10.42 -43.93
CA ASN TA 249 -114.00 -11.03 -45.11
C ASN TA 249 -112.51 -10.70 -45.14
N PRO TA 250 -111.68 -11.61 -44.63
CA PRO TA 250 -110.22 -11.39 -44.65
C PRO TA 250 -109.46 -12.05 -45.80
N VAL TA 251 -110.11 -12.84 -46.65
CA VAL TA 251 -109.37 -13.61 -47.65
C VAL TA 251 -108.86 -12.68 -48.76
N TYR TA 252 -107.87 -13.17 -49.48
CA TYR TA 252 -107.22 -12.42 -50.54
C TYR TA 252 -107.34 -13.14 -51.86
N GLU TA 253 -107.39 -12.35 -52.94
CA GLU TA 253 -107.40 -12.88 -54.29
C GLU TA 253 -106.46 -12.05 -55.15
N LYS TA 254 -105.90 -12.69 -56.17
CA LYS TA 254 -104.98 -12.03 -57.10
C LYS TA 254 -105.70 -11.79 -58.41
N LYS TA 255 -105.65 -10.55 -58.89
CA LYS TA 255 -106.33 -10.18 -60.12
C LYS TA 255 -105.67 -10.85 -61.32
N PRO TA 256 -106.44 -11.35 -62.28
CA PRO TA 256 -105.86 -12.00 -63.46
C PRO TA 256 -105.51 -11.00 -64.56
N LYS TA 257 -104.33 -11.20 -65.15
CA LYS TA 257 -103.87 -10.38 -66.25
C LYS TA 257 -102.91 -11.19 -67.10
N LYS TA 258 -103.25 -11.38 -68.38
CA LYS TA 258 -102.42 -12.12 -69.30
C LYS TA 258 -102.24 -11.43 -70.64
N GLU TA 259 -102.78 -10.22 -70.80
CA GLU TA 259 -102.72 -9.49 -72.06
C GLU TA 259 -101.33 -9.00 -72.41
N VAL TA 260 -100.37 -9.10 -71.50
CA VAL TA 260 -99.08 -8.45 -71.68
C VAL TA 260 -98.33 -9.11 -72.83
N LYS TA 261 -97.72 -8.30 -73.68
CA LYS TA 261 -96.82 -8.77 -74.71
C LYS TA 261 -95.38 -8.57 -74.27
N LYS TA 262 -94.49 -9.43 -74.76
CA LYS TA 262 -93.10 -9.42 -74.32
C LYS TA 262 -92.42 -8.13 -74.79
N LYS TA 263 -92.11 -7.25 -73.84
CA LYS TA 263 -91.42 -6.01 -74.11
C LYS TA 263 -90.19 -5.94 -73.22
N ARG TA 264 -89.05 -5.58 -73.81
CA ARG TA 264 -87.79 -5.46 -73.09
C ARG TA 264 -87.45 -3.98 -72.98
N TRP TA 265 -87.26 -3.50 -71.75
CA TRP TA 265 -86.91 -2.11 -71.51
C TRP TA 265 -85.45 -1.91 -71.18
N ASN TA 266 -84.83 -2.88 -70.53
CA ASN TA 266 -83.41 -2.77 -70.21
C ASN TA 266 -82.57 -2.98 -71.46
N ARG TA 267 -81.31 -2.70 -71.33
CA ARG TA 267 -80.36 -2.99 -72.38
C ARG TA 267 -79.77 -4.37 -72.18
N PRO TA 268 -79.66 -5.19 -73.22
CA PRO TA 268 -78.94 -6.45 -73.09
C PRO TA 268 -77.44 -6.18 -72.98
N LYS TA 269 -76.72 -7.18 -72.45
CA LYS TA 269 -75.28 -7.08 -72.38
C LYS TA 269 -74.67 -7.12 -73.78
N MET TA 270 -73.67 -6.26 -74.01
CA MET TA 270 -72.96 -6.27 -75.27
C MET TA 270 -72.15 -7.55 -75.41
N SER TA 271 -72.11 -8.07 -76.64
CA SER TA 271 -71.34 -9.28 -76.90
C SER TA 271 -69.84 -8.99 -76.84
N LEU TA 272 -69.06 -10.04 -76.64
CA LEU TA 272 -67.61 -9.91 -76.62
C LEU TA 272 -67.10 -9.45 -77.98
N ALA TA 273 -67.68 -9.97 -79.06
CA ALA TA 273 -67.33 -9.52 -80.39
C ALA TA 273 -67.68 -8.05 -80.57
N GLN TA 274 -68.81 -7.62 -80.00
CA GLN TA 274 -69.19 -6.21 -80.08
C GLN TA 274 -68.21 -5.33 -79.35
N LYS TA 275 -67.76 -5.74 -78.16
CA LYS TA 275 -66.78 -4.95 -77.43
C LYS TA 275 -65.45 -4.86 -78.19
N LYS TA 276 -65.00 -5.99 -78.74
CA LYS TA 276 -63.76 -5.99 -79.51
C LYS TA 276 -63.87 -5.11 -80.74
N ASP TA 277 -65.00 -5.19 -81.44
CA ASP TA 277 -65.19 -4.35 -82.62
C ASP TA 277 -65.24 -2.88 -82.23
N ARG TA 278 -65.88 -2.57 -81.10
CA ARG TA 278 -65.97 -1.19 -80.64
C ARG TA 278 -64.59 -0.63 -80.34
N VAL TA 279 -63.75 -1.40 -79.64
CA VAL TA 279 -62.42 -0.87 -79.32
C VAL TA 279 -61.57 -0.76 -80.59
N ALA TA 280 -61.74 -1.70 -81.54
CA ALA TA 280 -61.02 -1.58 -82.80
C ALA TA 280 -61.43 -0.32 -83.56
N GLN TA 281 -62.73 -0.01 -83.58
CA GLN TA 281 -63.20 1.19 -84.25
C GLN TA 281 -62.69 2.44 -83.55
N LYS TA 282 -62.64 2.43 -82.22
CA LYS TA 282 -62.13 3.58 -81.49
C LYS TA 282 -60.65 3.81 -81.82
N LYS TA 283 -59.87 2.74 -81.89
CA LYS TA 283 -58.46 2.88 -82.27
C LYS TA 283 -58.32 3.43 -83.68
N ALA TA 284 -59.12 2.91 -84.62
CA ALA TA 284 -59.05 3.38 -86.00
C ALA TA 284 -59.42 4.86 -86.10
N SER TA 285 -60.44 5.27 -85.36
CA SER TA 285 -60.83 6.69 -85.37
C SER TA 285 -59.74 7.56 -84.77
N PHE TA 286 -59.08 7.09 -83.71
CA PHE TA 286 -57.97 7.87 -83.17
C PHE TA 286 -56.85 8.02 -84.18
N LEU TA 287 -56.51 6.93 -84.88
CA LEU TA 287 -55.44 7.01 -85.86
C LEU TA 287 -55.82 7.94 -87.01
N ARG TA 288 -57.07 7.89 -87.44
CA ARG TA 288 -57.52 8.78 -88.51
C ARG TA 288 -57.47 10.24 -88.08
N ALA TA 289 -57.90 10.53 -86.86
CA ALA TA 289 -57.81 11.89 -86.36
C ALA TA 289 -56.36 12.34 -86.23
N GLN TA 290 -55.46 11.45 -85.84
CA GLN TA 290 -54.05 11.81 -85.73
C GLN TA 290 -53.46 12.11 -87.10
N GLU TA 291 -53.77 11.31 -88.12
CA GLU TA 291 -53.23 11.58 -89.44
C GLU TA 291 -53.85 12.84 -90.04
N ARG TA 292 -55.09 13.16 -89.65
CA ARG TA 292 -55.62 14.47 -90.00
C ARG TA 292 -54.84 15.59 -89.32
N ALA TA 293 -54.44 15.37 -88.06
CA ALA TA 293 -53.59 16.28 -87.29
C ALA TA 293 -54.19 17.68 -87.17
N LYS UA 1 -60.63 -120.89 -75.40
CA LYS UA 1 -59.25 -120.40 -75.42
C LYS UA 1 -58.83 -120.00 -76.82
N GLY UA 2 -58.15 -118.86 -76.93
CA GLY UA 2 -57.67 -118.39 -78.22
C GLY UA 2 -56.17 -118.20 -78.24
N LYS UA 3 -55.57 -118.26 -79.41
CA LYS UA 3 -54.13 -118.07 -79.52
C LYS UA 3 -53.80 -116.62 -79.18
N PRO UA 4 -52.84 -116.39 -78.28
CA PRO UA 4 -52.51 -115.00 -77.92
C PRO UA 4 -51.99 -114.22 -79.12
N HIS UA 5 -52.39 -112.96 -79.19
CA HIS UA 5 -52.00 -112.09 -80.29
C HIS UA 5 -50.87 -111.17 -79.84
N CYS UA 6 -50.24 -110.52 -80.82
CA CYS UA 6 -49.26 -109.49 -80.51
C CYS UA 6 -49.98 -108.28 -79.90
N SER UA 7 -49.17 -107.33 -79.42
CA SER UA 7 -49.72 -106.24 -78.61
C SER UA 7 -50.69 -105.37 -79.37
N ARG UA 8 -50.57 -105.30 -80.70
CA ARG UA 8 -51.54 -104.65 -81.57
C ARG UA 8 -51.59 -103.14 -81.34
N ASN UA 9 -50.85 -102.65 -80.34
CA ASN UA 9 -50.66 -101.23 -80.08
C ASN UA 9 -49.16 -101.00 -80.09
N PRO UA 10 -48.58 -100.61 -81.22
CA PRO UA 10 -47.13 -100.41 -81.29
C PRO UA 10 -46.70 -99.32 -80.32
N VAL UA 11 -45.56 -99.54 -79.69
CA VAL UA 11 -45.00 -98.57 -78.76
C VAL UA 11 -44.13 -97.59 -79.54
N LEU UA 12 -44.32 -96.30 -79.27
CA LEU UA 12 -43.47 -95.28 -79.86
C LEU UA 12 -42.62 -94.56 -78.83
N VAL UA 13 -43.12 -94.41 -77.61
CA VAL UA 13 -42.35 -93.95 -76.46
C VAL UA 13 -42.79 -94.82 -75.29
N ARG UA 14 -41.83 -95.18 -74.42
CA ARG UA 14 -42.12 -96.02 -73.28
C ARG UA 14 -43.29 -95.46 -72.46
N GLY UA 15 -44.33 -96.28 -72.29
CA GLY UA 15 -45.51 -95.88 -71.57
C GLY UA 15 -46.59 -95.22 -72.40
N ILE UA 16 -46.33 -94.96 -73.68
CA ILE UA 16 -47.32 -94.36 -74.56
C ILE UA 16 -47.42 -95.22 -75.80
N GLY UA 17 -48.61 -95.70 -76.10
CA GLY UA 17 -48.85 -96.43 -77.32
C GLY UA 17 -49.16 -95.52 -78.47
N ARG UA 18 -49.06 -96.05 -79.69
CA ARG UA 18 -49.27 -95.21 -80.86
C ARG UA 18 -50.74 -94.91 -81.09
N TYR UA 19 -51.64 -95.78 -80.65
CA TYR UA 19 -53.06 -95.66 -80.96
C TYR UA 19 -53.86 -95.29 -79.72
N SER UA 20 -54.89 -94.49 -79.92
CA SER UA 20 -55.70 -93.98 -78.81
C SER UA 20 -56.69 -95.04 -78.35
N ARG UA 21 -57.59 -94.65 -77.44
CA ARG UA 21 -58.55 -95.59 -76.89
C ARG UA 21 -59.53 -96.07 -77.95
N SER UA 22 -60.11 -95.14 -78.70
CA SER UA 22 -61.07 -95.54 -79.75
C SER UA 22 -60.37 -96.27 -80.89
N ALA UA 23 -59.16 -95.85 -81.24
CA ALA UA 23 -58.42 -96.56 -82.27
C ALA UA 23 -58.14 -98.00 -81.86
N MET UA 24 -57.74 -98.21 -80.61
CA MET UA 24 -57.50 -99.56 -80.15
C MET UA 24 -58.79 -100.36 -80.02
N TYR UA 25 -59.89 -99.71 -79.66
CA TYR UA 25 -61.19 -100.36 -79.65
C TYR UA 25 -61.54 -100.89 -81.03
N SER UA 26 -61.34 -100.06 -82.06
CA SER UA 26 -61.58 -100.49 -83.43
C SER UA 26 -60.65 -101.60 -83.85
N ARG UA 27 -59.37 -101.52 -83.49
CA ARG UA 27 -58.41 -102.54 -83.91
C ARG UA 27 -58.71 -103.88 -83.25
N LYS UA 28 -59.11 -103.88 -81.98
CA LYS UA 28 -59.42 -105.11 -81.28
C LYS UA 28 -60.83 -105.61 -81.54
N ALA UA 29 -61.67 -104.81 -82.21
CA ALA UA 29 -63.06 -105.18 -82.50
C ALA UA 29 -63.82 -105.51 -81.23
N MET UA 30 -63.65 -104.68 -80.21
CA MET UA 30 -64.40 -104.85 -78.98
C MET UA 30 -65.89 -104.57 -79.17
N TYR UA 31 -66.29 -104.01 -80.32
CA TYR UA 31 -67.70 -103.72 -80.55
C TYR UA 31 -68.52 -105.00 -80.68
N LYS UA 32 -67.88 -106.11 -81.07
CA LYS UA 32 -68.58 -107.38 -81.16
C LYS UA 32 -68.15 -108.39 -80.11
N ARG UA 33 -67.00 -108.19 -79.46
CA ARG UA 33 -66.55 -109.05 -78.38
C ARG UA 33 -67.09 -108.51 -77.05
N LYS UA 34 -68.40 -108.66 -76.88
CA LYS UA 34 -69.11 -108.20 -75.70
C LYS UA 34 -69.59 -109.38 -74.88
N TYR UA 35 -69.31 -109.36 -73.58
CA TYR UA 35 -69.66 -110.45 -72.68
C TYR UA 35 -70.48 -109.91 -71.53
N SER UA 36 -71.60 -110.58 -71.23
CA SER UA 36 -72.54 -110.09 -70.23
C SER UA 36 -72.28 -110.70 -68.85
N ALA UA 37 -72.37 -112.02 -68.75
CA ALA UA 37 -72.23 -112.71 -67.47
C ALA UA 37 -71.59 -114.06 -67.72
N ALA UA 38 -71.69 -114.96 -66.73
CA ALA UA 38 -71.10 -116.28 -66.84
C ALA UA 38 -71.85 -117.14 -67.87
N LYS UA 49 -60.28 -126.48 -53.99
CA LYS UA 49 -59.13 -126.46 -54.89
C LYS UA 49 -57.97 -127.23 -54.27
N VAL UA 50 -57.25 -126.58 -53.35
CA VAL UA 50 -56.11 -127.21 -52.69
C VAL UA 50 -56.60 -128.03 -51.52
N LEU UA 51 -56.23 -129.31 -51.50
CA LEU UA 51 -56.67 -130.23 -50.45
C LEU UA 51 -55.64 -130.23 -49.33
N ALA UA 52 -56.02 -129.64 -48.19
CA ALA UA 52 -55.12 -129.59 -47.05
C ALA UA 52 -55.05 -130.91 -46.30
N THR UA 53 -56.14 -131.66 -46.26
CA THR UA 53 -56.18 -132.93 -45.54
C THR UA 53 -56.41 -134.07 -46.51
N VAL UA 54 -55.93 -135.25 -46.13
CA VAL UA 54 -56.16 -136.48 -46.87
C VAL UA 54 -56.51 -137.58 -45.88
N THR UA 55 -57.42 -138.46 -46.27
CA THR UA 55 -57.86 -139.57 -45.44
C THR UA 55 -57.12 -140.83 -45.86
N LYS UA 56 -56.41 -141.45 -44.93
CA LYS UA 56 -55.51 -142.55 -45.26
C LYS UA 56 -55.85 -143.78 -44.42
N PRO UA 57 -55.65 -144.98 -44.97
CA PRO UA 57 -55.91 -146.20 -44.20
C PRO UA 57 -54.88 -146.34 -43.10
N VAL UA 58 -55.35 -146.31 -41.84
CA VAL UA 58 -54.44 -146.33 -40.71
C VAL UA 58 -53.79 -147.69 -40.55
N GLY UA 59 -54.54 -148.76 -40.80
CA GLY UA 59 -54.05 -150.10 -40.56
C GLY UA 59 -54.23 -150.54 -39.12
N GLY UA 60 -54.21 -151.85 -38.93
CA GLY UA 60 -54.44 -152.41 -37.61
C GLY UA 60 -55.90 -152.66 -37.32
N ASP UA 61 -56.20 -153.82 -36.76
CA ASP UA 61 -57.58 -154.16 -36.41
C ASP UA 61 -58.07 -153.31 -35.25
N LYS UA 62 -59.38 -153.05 -35.24
CA LYS UA 62 -60.09 -152.23 -34.25
C LYS UA 62 -59.37 -150.91 -33.94
N ASN UA 63 -58.61 -150.40 -34.92
CA ASN UA 63 -57.94 -149.11 -34.80
C ASN UA 63 -58.69 -148.03 -35.57
N GLY UA 64 -60.01 -148.11 -35.59
CA GLY UA 64 -60.81 -147.21 -36.40
C GLY UA 64 -60.72 -147.54 -37.87
N GLY UA 65 -61.53 -146.85 -38.66
CA GLY UA 65 -61.48 -147.04 -40.08
C GLY UA 65 -60.21 -146.47 -40.69
N THR UA 66 -60.11 -145.15 -40.71
CA THR UA 66 -59.01 -144.45 -41.34
C THR UA 66 -58.60 -143.28 -40.47
N ARG UA 67 -57.54 -142.58 -40.90
CA ARG UA 67 -57.07 -141.38 -40.22
C ARG UA 67 -57.19 -140.20 -41.16
N VAL UA 68 -57.84 -139.14 -40.70
CA VAL UA 68 -57.96 -137.90 -41.49
C VAL UA 68 -56.74 -137.07 -41.15
N VAL UA 69 -55.64 -137.35 -41.84
CA VAL UA 69 -54.39 -136.64 -41.56
C VAL UA 69 -54.40 -135.34 -42.33
N LYS UA 70 -53.76 -134.32 -41.77
CA LYS UA 70 -53.66 -133.02 -42.42
C LYS UA 70 -52.19 -132.68 -42.61
N LEU UA 71 -51.86 -132.22 -43.81
CA LEU UA 71 -50.54 -131.69 -44.07
C LEU UA 71 -50.48 -130.26 -43.57
N ARG UA 72 -49.25 -129.75 -43.42
CA ARG UA 72 -49.00 -128.40 -42.93
C ARG UA 72 -49.62 -128.20 -41.54
N LYS UA 73 -49.06 -128.95 -40.59
CA LYS UA 73 -49.55 -128.92 -39.22
C LYS UA 73 -49.30 -127.55 -38.58
N MET UA 74 -49.98 -127.33 -37.46
CA MET UA 74 -49.80 -126.10 -36.71
C MET UA 74 -48.38 -126.05 -36.12
N PRO UA 75 -47.80 -124.86 -36.01
CA PRO UA 75 -46.44 -124.76 -35.48
C PRO UA 75 -46.36 -125.28 -34.05
N ARG UA 76 -45.24 -125.94 -33.74
CA ARG UA 76 -45.04 -126.49 -32.42
C ARG UA 76 -44.33 -125.52 -31.48
N TYR UA 77 -43.93 -124.35 -31.96
CA TYR UA 77 -43.26 -123.37 -31.13
C TYR UA 77 -43.51 -122.00 -31.73
N TYR UA 78 -43.66 -121.01 -30.87
CA TYR UA 78 -43.86 -119.64 -31.29
C TYR UA 78 -42.80 -118.75 -30.63
N PRO UA 79 -42.18 -117.85 -31.38
CA PRO UA 79 -41.27 -116.89 -30.77
C PRO UA 79 -42.02 -115.96 -29.83
N THR UA 80 -41.29 -115.42 -28.86
CA THR UA 80 -41.92 -114.54 -27.88
C THR UA 80 -42.45 -113.27 -28.53
N GLU UA 81 -41.87 -112.85 -29.65
CA GLU UA 81 -42.39 -111.72 -30.40
C GLU UA 81 -41.89 -111.82 -31.83
N ASP UA 82 -42.60 -111.14 -32.72
CA ASP UA 82 -42.40 -111.27 -34.16
C ASP UA 82 -42.21 -109.89 -34.78
N VAL UA 83 -42.07 -109.87 -36.10
CA VAL UA 83 -41.82 -108.65 -36.87
C VAL UA 83 -43.00 -108.45 -37.81
N PRO UA 84 -43.57 -107.25 -37.87
CA PRO UA 84 -44.67 -107.01 -38.82
C PRO UA 84 -44.23 -107.12 -40.26
N ARG UA 85 -45.16 -107.49 -41.12
CA ARG UA 85 -44.86 -107.64 -42.53
C ARG UA 85 -44.69 -106.27 -43.19
N LYS UA 86 -44.02 -106.26 -44.33
CA LYS UA 86 -43.70 -105.02 -45.02
C LYS UA 86 -44.89 -104.53 -45.84
N LEU UA 87 -44.83 -103.26 -46.22
CA LEU UA 87 -45.75 -102.72 -47.20
C LEU UA 87 -45.33 -103.19 -48.59
N LEU UA 88 -46.20 -102.94 -49.57
CA LEU UA 88 -46.00 -103.41 -50.93
C LEU UA 88 -45.45 -102.30 -51.81
N SER UA 89 -44.52 -102.63 -52.69
CA SER UA 89 -43.62 -101.65 -53.29
C SER UA 89 -43.81 -101.44 -54.79
N HIS UA 90 -44.57 -102.29 -55.47
CA HIS UA 90 -44.95 -102.18 -56.89
C HIS UA 90 -43.76 -102.00 -57.84
N GLY UA 91 -42.58 -102.40 -57.44
CA GLY UA 91 -41.42 -102.34 -58.32
C GLY UA 91 -40.40 -103.32 -57.83
N LYS UA 92 -39.12 -102.96 -57.98
CA LYS UA 92 -38.04 -103.66 -57.30
C LYS UA 92 -37.99 -105.14 -57.72
N LYS UA 93 -37.81 -105.35 -59.02
CA LYS UA 93 -37.69 -106.68 -59.58
C LYS UA 93 -36.38 -107.32 -59.12
N PRO UA 94 -36.31 -108.64 -59.11
CA PRO UA 94 -35.05 -109.30 -58.80
C PRO UA 94 -34.01 -109.12 -59.90
N PHE UA 95 -32.76 -109.38 -59.52
CA PHE UA 95 -31.64 -109.17 -60.41
C PHE UA 95 -31.73 -110.03 -61.66
N SER UA 96 -32.34 -111.21 -61.55
CA SER UA 96 -32.54 -112.05 -62.71
C SER UA 96 -33.49 -111.42 -63.71
N GLN UA 97 -34.37 -110.54 -63.26
CA GLN UA 97 -35.33 -109.88 -64.14
C GLN UA 97 -34.96 -108.44 -64.48
N HIS UA 98 -33.86 -107.93 -63.92
CA HIS UA 98 -33.39 -106.62 -64.34
C HIS UA 98 -33.01 -106.63 -65.82
N VAL UA 99 -33.23 -105.48 -66.48
CA VAL UA 99 -32.82 -105.33 -67.87
C VAL UA 99 -31.32 -105.13 -67.94
N ARG UA 100 -30.70 -105.67 -68.98
CA ARG UA 100 -29.25 -105.66 -69.14
C ARG UA 100 -28.88 -104.58 -70.15
N LYS UA 101 -28.26 -103.52 -69.68
CA LYS UA 101 -27.80 -102.45 -70.57
C LYS UA 101 -26.35 -102.68 -70.92
N LEU UA 102 -26.00 -102.44 -72.17
CA LEU UA 102 -24.65 -102.57 -72.66
C LEU UA 102 -24.26 -101.30 -73.40
N ARG UA 103 -23.04 -100.82 -73.16
CA ARG UA 103 -22.60 -99.57 -73.76
C ARG UA 103 -22.51 -99.71 -75.27
N ALA UA 104 -22.82 -98.61 -75.97
CA ALA UA 104 -22.87 -98.64 -77.42
C ALA UA 104 -21.51 -98.87 -78.06
N SER UA 105 -20.43 -98.56 -77.36
CA SER UA 105 -19.09 -98.74 -77.90
C SER UA 105 -18.59 -100.17 -77.77
N ILE UA 106 -19.34 -101.06 -77.13
CA ILE UA 106 -18.97 -102.46 -76.99
C ILE UA 106 -19.87 -103.27 -77.91
N THR UA 107 -19.27 -103.86 -78.93
CA THR UA 107 -19.93 -104.75 -79.88
C THR UA 107 -19.06 -105.98 -80.04
N PRO UA 108 -19.65 -107.13 -80.42
CA PRO UA 108 -18.86 -108.37 -80.54
C PRO UA 108 -17.64 -108.24 -81.44
N GLY UA 109 -16.47 -108.53 -80.89
CA GLY UA 109 -15.21 -108.37 -81.60
C GLY UA 109 -14.43 -107.14 -81.18
N THR UA 110 -14.99 -106.28 -80.34
CA THR UA 110 -14.29 -105.09 -79.90
C THR UA 110 -13.12 -105.46 -79.00
N ILE UA 111 -12.02 -104.74 -79.13
CA ILE UA 111 -10.86 -104.95 -78.27
C ILE UA 111 -11.06 -104.10 -77.02
N LEU UA 112 -11.27 -104.76 -75.88
CA LEU UA 112 -11.44 -104.09 -74.60
C LEU UA 112 -10.14 -104.13 -73.81
N ILE UA 113 -10.06 -103.25 -72.82
CA ILE UA 113 -8.91 -103.19 -71.93
C ILE UA 113 -9.39 -103.47 -70.52
N ILE UA 114 -8.84 -104.51 -69.90
CA ILE UA 114 -9.25 -104.89 -68.55
C ILE UA 114 -8.58 -103.94 -67.56
N LEU UA 115 -9.36 -103.46 -66.60
CA LEU UA 115 -8.87 -102.49 -65.64
C LEU UA 115 -8.66 -103.03 -64.24
N THR UA 116 -9.25 -104.19 -63.91
CA THR UA 116 -9.15 -104.74 -62.58
C THR UA 116 -8.88 -106.24 -62.67
N GLY UA 117 -8.37 -106.79 -61.58
CA GLY UA 117 -8.08 -108.21 -61.51
C GLY UA 117 -6.62 -108.49 -61.80
N ARG UA 118 -6.32 -109.79 -61.84
CA ARG UA 118 -4.95 -110.20 -62.16
C ARG UA 118 -4.61 -109.98 -63.61
N HIS UA 119 -5.61 -109.79 -64.47
CA HIS UA 119 -5.40 -109.49 -65.89
C HIS UA 119 -5.52 -108.00 -66.14
N ARG UA 120 -5.04 -107.22 -65.18
CA ARG UA 120 -5.12 -105.78 -65.22
C ARG UA 120 -4.30 -105.22 -66.38
N GLY UA 121 -4.93 -104.39 -67.19
CA GLY UA 121 -4.25 -103.74 -68.29
C GLY UA 121 -4.13 -104.56 -69.55
N LYS UA 122 -4.59 -105.80 -69.56
CA LYS UA 122 -4.50 -106.63 -70.74
C LYS UA 122 -5.60 -106.26 -71.73
N ARG UA 123 -5.30 -106.46 -73.01
CA ARG UA 123 -6.24 -106.18 -74.10
C ARG UA 123 -6.86 -107.49 -74.56
N VAL UA 124 -8.18 -107.57 -74.48
CA VAL UA 124 -8.90 -108.81 -74.75
C VAL UA 124 -9.94 -108.56 -75.83
N VAL UA 125 -10.54 -109.64 -76.32
CA VAL UA 125 -11.54 -109.59 -77.37
C VAL UA 125 -12.90 -109.84 -76.75
N PHE UA 126 -13.86 -108.97 -77.06
CA PHE UA 126 -15.23 -109.14 -76.59
C PHE UA 126 -15.97 -110.13 -77.48
N LEU UA 127 -16.77 -110.99 -76.85
CA LEU UA 127 -17.53 -111.99 -77.58
C LEU UA 127 -19.04 -111.74 -77.52
N LYS UA 128 -19.59 -111.67 -76.31
CA LYS UA 128 -21.03 -111.52 -76.14
C LYS UA 128 -21.28 -111.05 -74.71
N GLN UA 129 -22.50 -110.56 -74.48
CA GLN UA 129 -22.94 -110.23 -73.14
C GLN UA 129 -23.80 -111.37 -72.62
N LEU UA 130 -23.48 -111.83 -71.41
CA LEU UA 130 -24.20 -112.94 -70.84
C LEU UA 130 -25.52 -112.48 -70.24
N ALA UA 131 -26.32 -113.45 -69.78
CA ALA UA 131 -27.64 -113.14 -69.26
C ALA UA 131 -27.58 -112.31 -67.98
N SER UA 132 -26.48 -112.37 -67.25
CA SER UA 132 -26.29 -111.55 -66.07
C SER UA 132 -25.76 -110.17 -66.39
N GLY UA 133 -25.57 -109.86 -67.68
CA GLY UA 133 -25.01 -108.60 -68.09
C GLY UA 133 -23.51 -108.56 -68.15
N LEU UA 134 -22.83 -109.55 -67.55
CA LEU UA 134 -21.39 -109.60 -67.59
C LEU UA 134 -20.92 -109.99 -68.99
N LEU UA 135 -19.89 -109.30 -69.45
CA LEU UA 135 -19.29 -109.58 -70.73
C LEU UA 135 -18.50 -110.88 -70.69
N LEU UA 136 -18.53 -111.62 -71.79
CA LEU UA 136 -17.66 -112.77 -71.97
C LEU UA 136 -16.53 -112.37 -72.90
N VAL UA 137 -15.29 -112.48 -72.41
CA VAL UA 137 -14.14 -112.04 -73.17
C VAL UA 137 -13.14 -113.16 -73.25
N THR UA 138 -12.35 -113.16 -74.32
CA THR UA 138 -11.16 -114.01 -74.40
C THR UA 138 -10.12 -113.31 -75.28
N GLY UA 139 -9.24 -112.57 -74.65
CA GLY UA 139 -8.00 -112.23 -75.31
C GLY UA 139 -7.25 -113.53 -75.39
N PRO UA 140 -7.10 -114.07 -76.59
CA PRO UA 140 -6.84 -115.51 -76.75
C PRO UA 140 -5.67 -115.98 -75.91
N LEU UA 141 -5.86 -117.13 -75.25
CA LEU UA 141 -4.94 -117.56 -74.22
C LEU UA 141 -3.52 -117.70 -74.74
N VAL UA 142 -3.36 -118.01 -76.03
CA VAL UA 142 -2.04 -118.06 -76.62
C VAL UA 142 -1.43 -116.68 -76.82
N LEU UA 143 -2.23 -115.62 -76.69
CA LEU UA 143 -1.74 -114.27 -76.90
C LEU UA 143 -1.36 -113.59 -75.58
N ASN UA 144 -2.29 -113.51 -74.65
CA ASN UA 144 -2.01 -112.80 -73.40
C ASN UA 144 -2.52 -113.54 -72.17
N ARG UA 145 -2.67 -114.87 -72.24
CA ARG UA 145 -2.97 -115.71 -71.09
C ARG UA 145 -4.29 -115.35 -70.41
N VAL UA 146 -5.27 -114.88 -71.18
CA VAL UA 146 -6.60 -114.60 -70.65
C VAL UA 146 -7.56 -115.64 -71.22
N PRO UA 147 -8.11 -116.52 -70.42
CA PRO UA 147 -9.02 -117.53 -70.96
C PRO UA 147 -10.41 -116.97 -71.24
N LEU UA 148 -11.34 -117.82 -71.62
CA LEU UA 148 -12.74 -117.41 -71.67
C LEU UA 148 -13.16 -117.01 -70.26
N ARG UA 149 -13.38 -115.72 -70.05
CA ARG UA 149 -13.60 -115.22 -68.71
C ARG UA 149 -14.70 -114.18 -68.73
N ARG UA 150 -15.48 -114.12 -67.66
CA ARG UA 150 -16.42 -113.04 -67.49
C ARG UA 150 -15.70 -111.78 -67.03
N THR UA 151 -16.31 -110.63 -67.33
CA THR UA 151 -15.80 -109.35 -66.86
C THR UA 151 -16.96 -108.37 -66.84
N HIS UA 152 -16.77 -107.28 -66.14
CA HIS UA 152 -17.82 -106.29 -65.96
C HIS UA 152 -17.60 -105.11 -66.91
N GLN UA 153 -18.66 -104.70 -67.60
CA GLN UA 153 -18.53 -103.62 -68.57
C GLN UA 153 -18.18 -102.29 -67.94
N LYS UA 154 -18.44 -102.14 -66.65
CA LYS UA 154 -18.08 -100.91 -65.96
C LYS UA 154 -16.59 -100.81 -65.68
N PHE UA 155 -15.84 -101.90 -65.86
CA PHE UA 155 -14.41 -101.94 -65.60
C PHE UA 155 -13.61 -102.31 -66.84
N VAL UA 156 -14.09 -101.91 -68.01
CA VAL UA 156 -13.36 -102.10 -69.25
C VAL UA 156 -13.35 -100.79 -70.01
N ILE UA 157 -12.39 -100.66 -70.93
CA ILE UA 157 -12.33 -99.54 -71.85
C ILE UA 157 -12.54 -100.10 -73.24
N ALA UA 158 -13.63 -99.72 -73.88
CA ALA UA 158 -13.94 -100.19 -75.23
C ALA UA 158 -13.14 -99.36 -76.21
N THR UA 159 -12.07 -99.93 -76.74
CA THR UA 159 -11.27 -99.23 -77.72
C THR UA 159 -11.99 -99.23 -79.07
N SER UA 160 -11.57 -98.32 -79.94
CA SER UA 160 -12.19 -98.15 -81.24
C SER UA 160 -11.86 -99.26 -82.21
N THR UA 161 -10.84 -100.07 -81.95
CA THR UA 161 -10.47 -101.14 -82.87
C THR UA 161 -11.33 -102.37 -82.62
N LYS UA 162 -11.91 -102.90 -83.71
CA LYS UA 162 -12.80 -104.04 -83.64
C LYS UA 162 -12.45 -105.00 -84.77
N ILE UA 163 -12.74 -106.27 -84.55
CA ILE UA 163 -12.58 -107.27 -85.60
C ILE UA 163 -13.91 -107.95 -85.82
N ASP UA 164 -14.17 -108.31 -87.07
CA ASP UA 164 -15.42 -108.96 -87.44
C ASP UA 164 -15.40 -110.40 -86.94
N ILE UA 165 -15.98 -110.63 -85.78
CA ILE UA 165 -16.12 -111.98 -85.25
C ILE UA 165 -17.52 -112.54 -85.49
N SER UA 166 -18.24 -112.02 -86.48
CA SER UA 166 -19.44 -112.70 -86.90
C SER UA 166 -19.06 -114.05 -87.52
N ASN UA 167 -20.08 -114.86 -87.80
CA ASN UA 167 -19.93 -116.21 -88.35
C ASN UA 167 -18.91 -117.06 -87.58
N VAL UA 168 -18.77 -116.79 -86.29
CA VAL UA 168 -18.10 -117.73 -85.39
C VAL UA 168 -19.17 -118.30 -84.47
N LYS UA 169 -18.94 -119.50 -83.99
CA LYS UA 169 -19.93 -120.21 -83.18
C LYS UA 169 -19.41 -120.31 -81.75
N ILE UA 170 -19.87 -119.40 -80.91
CA ILE UA 170 -19.63 -119.53 -79.47
C ILE UA 170 -20.54 -120.64 -78.93
N PRO UA 171 -19.99 -121.64 -78.26
CA PRO UA 171 -20.81 -122.77 -77.81
C PRO UA 171 -21.92 -122.30 -76.86
N LYS UA 172 -23.07 -122.94 -76.98
CA LYS UA 172 -24.27 -122.48 -76.28
C LYS UA 172 -24.26 -122.79 -74.79
N HIS UA 173 -23.35 -123.63 -74.32
CA HIS UA 173 -23.29 -123.92 -72.89
C HIS UA 173 -22.46 -122.92 -72.11
N LEU UA 174 -21.81 -121.98 -72.78
CA LEU UA 174 -21.03 -120.94 -72.11
C LEU UA 174 -22.01 -119.90 -71.58
N THR UA 175 -22.39 -120.07 -70.32
CA THR UA 175 -23.35 -119.20 -69.67
C THR UA 175 -22.84 -118.83 -68.29
N ASP UA 176 -23.63 -118.02 -67.58
CA ASP UA 176 -23.24 -117.57 -66.25
C ASP UA 176 -23.14 -118.74 -65.28
N ALA UA 177 -24.04 -119.72 -65.41
CA ALA UA 177 -23.93 -120.91 -64.58
C ALA UA 177 -22.66 -121.68 -64.89
N TYR UA 178 -22.22 -121.66 -66.14
CA TYR UA 178 -20.99 -122.33 -66.52
C TYR UA 178 -19.77 -121.63 -65.93
N PHE UA 179 -19.77 -120.30 -65.92
CA PHE UA 179 -18.62 -119.56 -65.43
C PHE UA 179 -18.68 -119.26 -63.94
N LYS UA 180 -19.76 -119.61 -63.26
CA LYS UA 180 -19.90 -119.29 -61.85
C LYS UA 180 -18.90 -120.07 -61.01
N LYS UA 181 -18.37 -119.42 -59.98
CA LYS UA 181 -17.37 -120.03 -59.12
C LYS UA 181 -17.96 -121.19 -58.34
N LYS UA 182 -17.07 -122.00 -57.78
CA LYS UA 182 -17.43 -123.18 -57.02
C LYS UA 182 -16.59 -123.24 -55.75
N LYS UA 183 -17.02 -124.07 -54.81
CA LYS UA 183 -16.31 -124.26 -53.56
C LYS UA 183 -16.74 -125.59 -52.95
N LEU UA 184 -16.06 -125.97 -51.86
CA LEU UA 184 -16.40 -127.22 -51.19
C LEU UA 184 -16.64 -127.03 -49.69
N ARG UA 185 -15.91 -126.11 -49.07
CA ARG UA 185 -16.02 -125.89 -47.63
C ARG UA 185 -17.42 -125.42 -47.26
N LYS UA 186 -17.90 -125.84 -46.10
CA LYS UA 186 -17.19 -126.67 -45.13
C LYS UA 186 -18.06 -127.79 -44.54
N PRO UA 187 -17.94 -128.98 -45.10
CA PRO UA 187 -18.64 -130.14 -44.55
C PRO UA 187 -17.78 -130.87 -43.52
N ARG UA 188 -18.41 -131.83 -42.85
CA ARG UA 188 -17.81 -132.75 -41.88
C ARG UA 188 -16.81 -132.07 -40.94
N HIS UA 189 -17.11 -130.84 -40.53
CA HIS UA 189 -16.15 -130.05 -39.76
C HIS UA 189 -16.90 -128.96 -39.02
N GLN UA 190 -16.81 -128.97 -37.69
CA GLN UA 190 -17.47 -127.94 -36.88
C GLN UA 190 -16.50 -127.37 -35.86
N GLU UA 191 -15.48 -128.16 -35.49
CA GLU UA 191 -14.41 -127.73 -34.60
C GLU UA 191 -13.14 -127.59 -35.40
N GLY UA 192 -12.46 -126.46 -35.26
CA GLY UA 192 -11.30 -126.20 -36.08
C GLY UA 192 -10.01 -126.76 -35.53
N GLU UA 193 -9.65 -127.96 -35.99
CA GLU UA 193 -8.42 -128.61 -35.58
C GLU UA 193 -7.68 -129.15 -36.80
N ILE UA 194 -8.42 -129.45 -37.87
CA ILE UA 194 -7.87 -129.95 -39.12
C ILE UA 194 -8.05 -128.89 -40.19
N PHE UA 195 -6.96 -128.60 -40.91
CA PHE UA 195 -6.97 -127.53 -41.90
C PHE UA 195 -7.64 -127.99 -43.18
N ASP UA 196 -8.40 -127.08 -43.80
CA ASP UA 196 -9.12 -127.36 -45.03
C ASP UA 196 -8.52 -126.63 -46.22
N THR UA 197 -7.22 -126.39 -46.19
CA THR UA 197 -6.50 -125.71 -47.27
C THR UA 197 -6.30 -126.57 -48.50
N GLU UA 198 -6.88 -127.77 -48.54
CA GLU UA 198 -6.81 -128.60 -49.72
C GLU UA 198 -7.67 -128.00 -50.85
N LYS UA 199 -7.45 -128.51 -52.06
CA LYS UA 199 -8.12 -128.17 -53.31
C LYS UA 199 -8.18 -126.67 -53.58
N GLU UA 200 -7.40 -125.88 -52.85
CA GLU UA 200 -7.36 -124.45 -53.13
C GLU UA 200 -6.69 -124.19 -54.47
N LYS UA 201 -5.87 -125.11 -54.95
CA LYS UA 201 -5.34 -125.03 -56.29
C LYS UA 201 -6.45 -125.38 -57.25
N TYR UA 202 -7.20 -124.36 -57.68
CA TYR UA 202 -8.31 -124.56 -58.62
C TYR UA 202 -7.80 -125.23 -59.89
N GLU UA 203 -8.51 -126.27 -60.31
CA GLU UA 203 -8.06 -127.10 -61.43
C GLU UA 203 -8.84 -126.72 -62.68
N ILE UA 204 -8.12 -126.60 -63.80
CA ILE UA 204 -8.76 -126.28 -65.06
C ILE UA 204 -9.49 -127.52 -65.57
N THR UA 205 -10.78 -127.38 -65.81
CA THR UA 205 -11.56 -128.49 -66.33
C THR UA 205 -11.18 -128.78 -67.77
N GLU UA 206 -11.12 -130.07 -68.11
CA GLU UA 206 -10.88 -130.47 -69.49
C GLU UA 206 -11.92 -129.89 -70.43
N GLN UA 207 -13.17 -129.77 -69.97
CA GLN UA 207 -14.19 -129.12 -70.79
C GLN UA 207 -13.85 -127.66 -71.04
N ARG UA 208 -13.32 -126.98 -70.02
CA ARG UA 208 -12.89 -125.60 -70.19
C ARG UA 208 -11.79 -125.49 -71.23
N LYS UA 209 -10.82 -126.42 -71.18
CA LYS UA 209 -9.75 -126.41 -72.17
C LYS UA 209 -10.29 -126.66 -73.57
N ILE UA 210 -11.24 -127.58 -73.70
CA ILE UA 210 -11.83 -127.87 -75.00
C ILE UA 210 -12.57 -126.66 -75.54
N ASP UA 211 -13.35 -126.00 -74.69
CA ASP UA 211 -14.07 -124.80 -75.13
C ASP UA 211 -13.12 -123.69 -75.52
N GLN UA 212 -12.04 -123.52 -74.75
CA GLN UA 212 -11.05 -122.49 -75.10
C GLN UA 212 -10.43 -122.76 -76.45
N LYS UA 213 -10.08 -124.02 -76.72
CA LYS UA 213 -9.53 -124.35 -78.03
C LYS UA 213 -10.55 -124.12 -79.13
N ALA UA 214 -11.82 -124.48 -78.88
CA ALA UA 214 -12.85 -124.33 -79.90
C ALA UA 214 -13.07 -122.86 -80.27
N VAL UA 215 -13.07 -121.98 -79.25
CA VAL UA 215 -13.26 -120.56 -79.53
C VAL UA 215 -12.03 -119.96 -80.18
N ASP UA 216 -10.83 -120.30 -79.67
CA ASP UA 216 -9.61 -119.71 -80.17
C ASP UA 216 -9.32 -120.14 -81.60
N SER UA 217 -9.67 -121.38 -81.96
CA SER UA 217 -9.38 -121.89 -83.29
C SER UA 217 -10.10 -121.10 -84.38
N GLN UA 218 -11.20 -120.44 -84.05
CA GLN UA 218 -11.90 -119.62 -85.03
C GLN UA 218 -11.70 -118.14 -84.81
N ILE UA 219 -11.25 -117.70 -83.64
CA ILE UA 219 -10.94 -116.29 -83.48
C ILE UA 219 -9.53 -115.95 -83.99
N LEU UA 220 -8.54 -116.80 -83.67
CA LEU UA 220 -7.15 -116.48 -83.99
C LEU UA 220 -6.89 -116.19 -85.47
N PRO UA 221 -7.40 -116.95 -86.45
CA PRO UA 221 -7.13 -116.60 -87.85
C PRO UA 221 -7.61 -115.22 -88.22
N LYS UA 222 -8.66 -114.71 -87.58
CA LYS UA 222 -9.12 -113.36 -87.86
C LYS UA 222 -8.25 -112.31 -87.19
N ILE UA 223 -7.60 -112.65 -86.07
CA ILE UA 223 -6.62 -111.76 -85.48
C ILE UA 223 -5.38 -111.68 -86.36
N LYS UA 224 -4.92 -112.82 -86.85
CA LYS UA 224 -3.77 -112.84 -87.74
C LYS UA 224 -4.04 -112.17 -89.08
N ALA UA 225 -5.31 -111.89 -89.40
CA ALA UA 225 -5.64 -111.30 -90.68
C ALA UA 225 -5.07 -109.89 -90.82
N ILE UA 226 -5.31 -109.04 -89.84
CA ILE UA 226 -4.87 -107.65 -89.94
C ILE UA 226 -3.48 -107.52 -89.35
N PRO UA 227 -2.61 -106.66 -89.90
CA PRO UA 227 -1.23 -106.62 -89.46
C PRO UA 227 -1.07 -106.18 -88.01
N GLN UA 228 -0.07 -106.77 -87.36
CA GLN UA 228 0.37 -106.53 -85.98
C GLN UA 228 -0.77 -106.29 -84.99
N LEU UA 229 -1.85 -107.04 -85.12
CA LEU UA 229 -2.87 -107.01 -84.08
C LEU UA 229 -2.53 -107.97 -82.95
N GLN UA 230 -1.84 -109.07 -83.29
CA GLN UA 230 -1.44 -110.01 -82.25
C GLN UA 230 -0.44 -109.40 -81.29
N GLY UA 231 0.50 -108.57 -81.79
CA GLY UA 231 1.39 -107.87 -80.89
C GLY UA 231 0.65 -106.86 -80.03
N TYR UA 232 -0.36 -106.20 -80.60
CA TYR UA 232 -1.17 -105.26 -79.85
C TYR UA 232 -1.91 -105.96 -78.71
N LEU UA 233 -2.51 -107.12 -79.00
CA LEU UA 233 -3.18 -107.89 -77.96
C LEU UA 233 -2.20 -108.49 -76.97
N ARG UA 234 -0.97 -108.74 -77.40
CA ARG UA 234 0.06 -109.25 -76.51
C ARG UA 234 0.53 -108.19 -75.51
N SER UA 235 0.59 -106.94 -75.94
CA SER UA 235 1.03 -105.86 -75.05
C SER UA 235 -0.02 -105.58 -73.98
N VAL UA 236 0.33 -104.69 -73.04
CA VAL UA 236 -0.56 -104.30 -71.96
C VAL UA 236 -0.67 -102.78 -71.93
N PHE UA 237 -1.85 -102.28 -71.62
CA PHE UA 237 -2.08 -100.84 -71.58
C PHE UA 237 -1.45 -100.23 -70.33
N ALA UA 238 -0.85 -99.06 -70.50
CA ALA UA 238 -0.18 -98.37 -69.40
C ALA UA 238 -0.27 -96.88 -69.63
N LEU UA 239 -0.14 -96.12 -68.55
CA LEU UA 239 -0.19 -94.67 -68.60
C LEU UA 239 1.22 -94.12 -68.53
N THR UA 240 1.70 -93.57 -69.64
CA THR UA 240 2.94 -92.82 -69.67
C THR UA 240 2.73 -91.51 -68.91
N ASN UA 241 3.82 -90.96 -68.37
CA ASN UA 241 3.71 -89.74 -67.57
C ASN UA 241 3.22 -88.56 -68.40
N GLY UA 242 3.48 -88.56 -69.70
CA GLY UA 242 3.08 -87.43 -70.51
C GLY UA 242 1.63 -87.49 -70.96
N ILE UA 243 1.03 -88.66 -70.94
CA ILE UA 243 -0.28 -88.88 -71.56
C ILE UA 243 -1.37 -88.85 -70.51
N TYR UA 244 -2.55 -88.39 -70.92
CA TYR UA 244 -3.67 -88.21 -70.03
C TYR UA 244 -4.91 -88.89 -70.61
N PRO UA 245 -5.62 -89.69 -69.81
CA PRO UA 245 -6.76 -90.45 -70.35
C PRO UA 245 -7.90 -89.60 -70.87
N HIS UA 246 -8.07 -88.37 -70.37
CA HIS UA 246 -9.14 -87.55 -70.90
C HIS UA 246 -8.81 -87.03 -72.29
N LYS UA 247 -7.53 -86.88 -72.61
CA LYS UA 247 -7.12 -86.51 -73.95
C LYS UA 247 -6.97 -87.69 -74.88
N LEU UA 248 -6.73 -88.88 -74.34
CA LEU UA 248 -6.55 -90.06 -75.19
C LEU UA 248 -7.84 -90.40 -75.90
N VAL UA 249 -7.72 -90.77 -77.17
CA VAL UA 249 -8.81 -91.36 -77.94
C VAL UA 249 -8.59 -92.86 -77.95
N PHE UA 250 -9.59 -93.61 -77.48
CA PHE UA 250 -9.46 -95.05 -77.41
C PHE UA 250 -10.15 -95.70 -78.60
N ASN VA 1 -78.61 -115.41 -46.44
CA ASN VA 1 -78.54 -113.96 -46.59
C ASN VA 1 -77.17 -113.52 -47.11
N PHE VA 2 -76.21 -114.44 -47.04
CA PHE VA 2 -74.85 -114.13 -47.46
C PHE VA 2 -74.80 -113.78 -48.93
N ALA VA 3 -75.52 -114.55 -49.77
CA ALA VA 3 -75.54 -114.26 -51.20
C ALA VA 3 -76.14 -112.90 -51.48
N GLU VA 4 -77.24 -112.55 -50.80
CA GLU VA 4 -77.89 -111.27 -51.05
C GLU VA 4 -77.01 -110.10 -50.61
N LEU VA 5 -76.37 -110.20 -49.44
CA LEU VA 5 -75.49 -109.11 -49.04
C LEU VA 5 -74.26 -109.01 -49.94
N LYS VA 6 -73.75 -110.15 -50.42
CA LYS VA 6 -72.64 -110.10 -51.36
C LYS VA 6 -73.03 -109.42 -52.67
N ILE VA 7 -74.23 -109.73 -53.17
CA ILE VA 7 -74.71 -109.05 -54.38
C ILE VA 7 -74.88 -107.57 -54.11
N LYS VA 8 -75.35 -107.20 -52.92
CA LYS VA 8 -75.49 -105.78 -52.60
C LYS VA 8 -74.13 -105.07 -52.61
N ARG VA 9 -73.11 -105.69 -52.01
CA ARG VA 9 -71.77 -105.13 -52.06
C ARG VA 9 -71.27 -105.01 -53.49
N LEU VA 10 -71.51 -106.03 -54.31
CA LEU VA 10 -71.07 -105.99 -55.70
C LEU VA 10 -71.73 -104.84 -56.45
N ARG VA 11 -73.03 -104.65 -56.25
CA ARG VA 11 -73.72 -103.56 -56.92
C ARG VA 11 -73.20 -102.20 -56.50
N LYS VA 12 -72.96 -102.02 -55.19
CA LYS VA 12 -72.45 -100.73 -54.73
C LYS VA 12 -71.04 -100.46 -55.27
N LYS VA 13 -70.18 -101.48 -55.25
CA LYS VA 13 -68.83 -101.31 -55.77
C LYS VA 13 -68.84 -101.00 -57.26
N PHE VA 14 -69.73 -101.67 -58.02
CA PHE VA 14 -69.85 -101.39 -59.45
C PHE VA 14 -70.34 -99.97 -59.69
N ALA VA 15 -71.29 -99.50 -58.88
CA ALA VA 15 -71.77 -98.13 -59.03
C ALA VA 15 -70.65 -97.14 -58.75
N GLN VA 16 -69.82 -97.41 -57.74
CA GLN VA 16 -68.69 -96.54 -57.45
C GLN VA 16 -67.72 -96.51 -58.62
N LYS VA 17 -67.46 -97.67 -59.23
CA LYS VA 17 -66.57 -97.72 -60.39
C LYS VA 17 -67.14 -96.91 -61.55
N MET VA 18 -68.45 -97.03 -61.79
CA MET VA 18 -69.07 -96.26 -62.86
C MET VA 18 -68.97 -94.77 -62.60
N LEU VA 19 -69.17 -94.35 -61.36
CA LEU VA 19 -69.04 -92.95 -61.00
C LEU VA 19 -67.61 -92.46 -61.24
N ARG VA 20 -66.63 -93.28 -60.85
CA ARG VA 20 -65.23 -92.91 -61.06
C ARG VA 20 -64.93 -92.76 -62.55
N LYS VA 21 -65.45 -93.67 -63.36
CA LYS VA 21 -65.24 -93.58 -64.80
C LYS VA 21 -65.86 -92.32 -65.37
N ALA VA 22 -67.07 -91.98 -64.94
CA ALA VA 22 -67.72 -90.78 -65.44
C ALA VA 22 -66.93 -89.53 -65.07
N ARG VA 23 -66.45 -89.46 -63.83
CA ARG VA 23 -65.66 -88.32 -63.42
C ARG VA 23 -64.37 -88.22 -64.21
N ARG VA 24 -63.70 -89.35 -64.45
CA ARG VA 24 -62.46 -89.33 -65.22
C ARG VA 24 -62.69 -88.85 -66.64
N LYS VA 25 -63.77 -89.32 -67.27
CA LYS VA 25 -64.07 -88.87 -68.62
C LYS VA 25 -64.36 -87.38 -68.64
N LEU VA 26 -65.09 -86.88 -67.63
CA LEU VA 26 -65.36 -85.46 -67.56
C LEU VA 26 -64.07 -84.65 -67.43
N ILE VA 27 -63.14 -85.11 -66.59
CA ILE VA 27 -61.86 -84.42 -66.44
C ILE VA 27 -61.10 -84.40 -67.75
N TYR VA 28 -61.05 -85.54 -68.44
CA TYR VA 28 -60.36 -85.62 -69.71
C TYR VA 28 -60.93 -84.62 -70.72
N GLU VA 29 -62.25 -84.58 -70.83
CA GLU VA 29 -62.85 -83.69 -71.82
C GLU VA 29 -62.73 -82.23 -71.44
N LYS VA 30 -62.77 -81.91 -70.14
CA LYS VA 30 -62.55 -80.53 -69.72
C LYS VA 30 -61.14 -80.08 -70.06
N ALA VA 31 -60.16 -80.97 -69.88
CA ALA VA 31 -58.79 -80.62 -70.24
C ALA VA 31 -58.66 -80.40 -71.75
N LYS VA 32 -59.32 -81.24 -72.55
CA LYS VA 32 -59.31 -81.02 -73.99
C LYS VA 32 -59.90 -79.67 -74.37
N HIS VA 33 -61.04 -79.33 -73.75
CA HIS VA 33 -61.68 -78.05 -74.02
C HIS VA 33 -60.78 -76.88 -73.62
N TYR VA 34 -60.08 -77.00 -72.50
CA TYR VA 34 -59.18 -75.94 -72.06
C TYR VA 34 -58.02 -75.78 -73.02
N HIS VA 35 -57.50 -76.89 -73.55
CA HIS VA 35 -56.45 -76.80 -74.56
C HIS VA 35 -56.94 -76.03 -75.77
N LYS VA 36 -58.16 -76.31 -76.22
CA LYS VA 36 -58.74 -75.58 -77.34
C LYS VA 36 -58.86 -74.09 -77.03
N GLU VA 37 -59.34 -73.76 -75.83
CA GLU VA 37 -59.50 -72.35 -75.45
C GLU VA 37 -58.16 -71.63 -75.39
N TYR VA 38 -57.14 -72.28 -74.84
CA TYR VA 38 -55.82 -71.68 -74.75
C TYR VA 38 -55.26 -71.37 -76.13
N ARG VA 39 -55.31 -72.34 -77.04
CA ARG VA 39 -54.77 -72.07 -78.37
C ARG VA 39 -55.60 -71.01 -79.09
N GLN VA 40 -56.90 -70.96 -78.82
CA GLN VA 40 -57.71 -69.89 -79.40
C GLN VA 40 -57.27 -68.52 -78.93
N MET VA 41 -57.01 -68.36 -77.62
CA MET VA 41 -56.54 -67.07 -77.13
C MET VA 41 -55.19 -66.70 -77.72
N TYR VA 42 -54.27 -67.66 -77.74
CA TYR VA 42 -52.92 -67.40 -78.24
C TYR VA 42 -52.95 -67.00 -79.71
N ARG VA 43 -53.79 -67.64 -80.52
CA ARG VA 43 -53.87 -67.25 -81.92
C ARG VA 43 -54.64 -65.95 -82.10
N THR VA 44 -55.60 -65.68 -81.21
CA THR VA 44 -56.40 -64.46 -81.34
C THR VA 44 -55.55 -63.22 -81.14
N GLU VA 45 -54.62 -63.26 -80.18
CA GLU VA 45 -53.74 -62.11 -80.00
C GLU VA 45 -52.91 -61.83 -81.25
N ILE VA 46 -52.34 -62.89 -81.84
CA ILE VA 46 -51.55 -62.74 -83.05
C ILE VA 46 -52.41 -62.18 -84.18
N ARG VA 47 -53.62 -62.70 -84.33
CA ARG VA 47 -54.50 -62.27 -85.41
C ARG VA 47 -54.89 -60.81 -85.26
N MET VA 48 -55.19 -60.38 -84.04
CA MET VA 48 -55.53 -58.97 -83.82
C MET VA 48 -54.36 -58.06 -84.15
N ALA VA 49 -53.16 -58.42 -83.71
CA ALA VA 49 -51.99 -57.62 -84.05
C ALA VA 49 -51.77 -57.58 -85.56
N ARG VA 50 -51.96 -58.71 -86.23
CA ARG VA 50 -51.75 -58.77 -87.67
C ARG VA 50 -52.73 -57.89 -88.42
N MET VA 51 -54.01 -57.92 -88.05
CA MET VA 51 -54.97 -57.09 -88.75
C MET VA 51 -54.74 -55.61 -88.46
N ALA VA 52 -54.31 -55.25 -87.26
CA ALA VA 52 -53.97 -53.85 -87.00
C ALA VA 52 -52.79 -53.41 -87.86
N ARG VA 53 -51.75 -54.25 -87.95
CA ARG VA 53 -50.59 -53.88 -88.76
C ARG VA 53 -50.96 -53.78 -90.24
N LYS VA 54 -51.82 -54.69 -90.71
CA LYS VA 54 -52.27 -54.62 -92.09
C LYS VA 54 -53.03 -53.33 -92.36
N ALA VA 55 -53.87 -52.91 -91.42
CA ALA VA 55 -54.57 -51.65 -91.56
C ALA VA 55 -53.67 -50.44 -91.36
N GLY VA 56 -52.47 -50.63 -90.81
CA GLY VA 56 -51.58 -49.53 -90.54
C GLY VA 56 -51.73 -48.91 -89.18
N ASN VA 57 -52.62 -49.42 -88.35
CA ASN VA 57 -52.86 -48.91 -87.01
C ASN VA 57 -52.07 -49.72 -86.00
N PHE VA 58 -52.37 -49.53 -84.72
CA PHE VA 58 -51.73 -50.24 -83.64
C PHE VA 58 -52.77 -50.99 -82.83
N TYR VA 59 -52.46 -52.21 -82.45
CA TYR VA 59 -53.30 -53.01 -81.57
C TYR VA 59 -52.62 -53.04 -80.20
N VAL VA 60 -53.24 -52.38 -79.22
CA VAL VA 60 -52.75 -52.40 -77.85
C VAL VA 60 -53.40 -53.60 -77.15
N PRO VA 61 -52.62 -54.57 -76.69
CA PRO VA 61 -53.20 -55.74 -76.04
C PRO VA 61 -53.84 -55.36 -74.72
N ALA VA 62 -54.75 -56.22 -74.27
CA ALA VA 62 -55.37 -56.02 -72.97
C ALA VA 62 -54.31 -56.01 -71.89
N GLU VA 63 -54.45 -55.10 -70.95
CA GLU VA 63 -53.48 -54.98 -69.87
C GLU VA 63 -53.50 -56.27 -69.06
N PRO VA 64 -52.34 -56.83 -68.71
CA PRO VA 64 -52.32 -58.14 -68.06
C PRO VA 64 -53.06 -58.14 -66.74
N LYS VA 65 -53.82 -59.21 -66.49
CA LYS VA 65 -54.67 -59.27 -65.32
C LYS VA 65 -54.19 -60.27 -64.28
N LEU VA 66 -53.15 -61.03 -64.56
CA LEU VA 66 -52.57 -61.96 -63.60
C LEU VA 66 -51.10 -61.64 -63.44
N ALA VA 67 -50.63 -61.60 -62.19
CA ALA VA 67 -49.22 -61.38 -61.92
C ALA VA 67 -48.71 -62.50 -61.03
N PHE VA 68 -47.43 -62.79 -61.15
CA PHE VA 68 -46.73 -63.65 -60.20
C PHE VA 68 -45.75 -62.77 -59.44
N VAL VA 69 -45.80 -62.85 -58.11
CA VAL VA 69 -45.00 -62.02 -57.23
C VAL VA 69 -44.10 -62.92 -56.39
N ILE VA 70 -42.81 -62.62 -56.37
CA ILE VA 70 -41.81 -63.36 -55.62
C ILE VA 70 -41.15 -62.40 -54.64
N ARG VA 71 -41.09 -62.79 -53.37
CA ARG VA 71 -40.35 -62.02 -52.40
C ARG VA 71 -38.86 -62.31 -52.56
N ILE VA 72 -38.06 -61.25 -52.71
CA ILE VA 72 -36.63 -61.43 -52.97
C ILE VA 72 -35.74 -60.94 -51.83
N ARG VA 73 -36.26 -60.18 -50.87
CA ARG VA 73 -35.48 -59.80 -49.71
C ARG VA 73 -35.95 -60.55 -48.48
N GLY VA 74 -35.07 -60.62 -47.49
CA GLY VA 74 -35.34 -61.35 -46.27
C GLY VA 74 -36.20 -60.56 -45.30
N ILE VA 75 -36.24 -61.05 -44.07
CA ILE VA 75 -37.20 -60.59 -43.08
C ILE VA 75 -36.54 -59.70 -42.02
N ASN VA 76 -35.38 -59.13 -42.29
CA ASN VA 76 -34.68 -58.29 -41.34
C ASN VA 76 -34.84 -56.83 -41.70
N GLY VA 77 -35.21 -56.01 -40.72
CA GLY VA 77 -35.28 -54.58 -40.90
C GLY VA 77 -36.30 -54.12 -41.91
N VAL VA 78 -37.53 -54.62 -41.78
CA VAL VA 78 -38.61 -54.28 -42.70
C VAL VA 78 -39.52 -53.27 -42.02
N SER VA 79 -39.85 -52.20 -42.74
CA SER VA 79 -40.74 -51.18 -42.20
C SER VA 79 -42.14 -51.77 -42.00
N PRO VA 80 -42.93 -51.21 -41.07
CA PRO VA 80 -44.23 -51.83 -40.75
C PRO VA 80 -45.20 -51.90 -41.91
N LYS VA 81 -45.26 -50.88 -42.76
CA LYS VA 81 -46.20 -50.92 -43.88
C LYS VA 81 -45.82 -51.99 -44.89
N VAL VA 82 -44.53 -52.07 -45.23
CA VAL VA 82 -44.06 -53.10 -46.14
C VAL VA 82 -44.29 -54.48 -45.55
N ARG VA 83 -44.04 -54.63 -44.25
CA ARG VA 83 -44.28 -55.90 -43.59
C ARG VA 83 -45.75 -56.30 -43.66
N LYS VA 84 -46.65 -55.35 -43.40
CA LYS VA 84 -48.07 -55.63 -43.45
C LYS VA 84 -48.51 -56.03 -44.85
N VAL VA 85 -48.02 -55.33 -45.88
CA VAL VA 85 -48.44 -55.65 -47.24
C VAL VA 85 -47.89 -57.01 -47.66
N LEU VA 86 -46.67 -57.33 -47.25
CA LEU VA 86 -46.13 -58.66 -47.55
C LEU VA 86 -46.94 -59.75 -46.87
N GLN VA 87 -47.36 -59.52 -45.63
CA GLN VA 87 -48.21 -60.50 -44.96
C GLN VA 87 -49.54 -60.65 -45.68
N LEU VA 88 -50.13 -59.53 -46.14
CA LEU VA 88 -51.38 -59.61 -46.88
C LEU VA 88 -51.21 -60.26 -48.25
N LEU VA 89 -50.01 -60.23 -48.79
CA LEU VA 89 -49.69 -60.96 -50.02
C LEU VA 89 -49.26 -62.39 -49.75
N ARG VA 90 -49.15 -62.78 -48.48
CA ARG VA 90 -48.77 -64.13 -48.06
C ARG VA 90 -47.32 -64.43 -48.42
N LEU VA 91 -46.46 -63.41 -48.44
CA LEU VA 91 -45.05 -63.58 -48.69
C LEU VA 91 -44.31 -63.25 -47.40
N ARG VA 92 -44.20 -64.25 -46.53
CA ARG VA 92 -43.52 -64.09 -45.25
C ARG VA 92 -42.14 -64.70 -45.25
N GLN VA 93 -41.68 -65.18 -46.38
CA GLN VA 93 -40.38 -65.81 -46.49
C GLN VA 93 -39.75 -65.40 -47.82
N ILE VA 94 -38.43 -65.35 -47.85
CA ILE VA 94 -37.75 -65.04 -49.09
C ILE VA 94 -37.96 -66.17 -50.09
N PHE VA 95 -38.01 -65.82 -51.37
CA PHE VA 95 -38.26 -66.77 -52.46
C PHE VA 95 -39.57 -67.51 -52.23
N ASN VA 96 -40.59 -66.76 -51.86
CA ASN VA 96 -41.96 -67.22 -51.81
C ASN VA 96 -42.72 -66.51 -52.93
N GLY VA 97 -43.52 -67.28 -53.66
CA GLY VA 97 -44.25 -66.76 -54.80
C GLY VA 97 -45.75 -66.88 -54.58
N THR VA 98 -46.49 -66.00 -55.24
CA THR VA 98 -47.94 -65.99 -55.10
C THR VA 98 -48.53 -65.33 -56.34
N PHE VA 99 -49.62 -65.90 -56.85
CA PHE VA 99 -50.36 -65.26 -57.92
C PHE VA 99 -51.23 -64.15 -57.36
N VAL VA 100 -51.23 -63.01 -58.05
CA VAL VA 100 -51.98 -61.83 -57.63
C VAL VA 100 -52.88 -61.40 -58.78
N LYS VA 101 -54.16 -61.23 -58.48
CA LYS VA 101 -55.10 -60.68 -59.43
C LYS VA 101 -54.86 -59.18 -59.57
N LEU VA 102 -54.58 -58.72 -60.78
CA LEU VA 102 -54.13 -57.35 -60.99
C LEU VA 102 -55.32 -56.43 -61.15
N ASN VA 103 -55.38 -55.41 -60.31
CA ASN VA 103 -56.29 -54.30 -60.45
C ASN VA 103 -55.65 -53.10 -59.77
N LYS VA 104 -56.40 -52.01 -59.63
CA LYS VA 104 -55.85 -50.80 -59.03
C LYS VA 104 -55.43 -51.04 -57.60
N ALA VA 105 -56.27 -51.73 -56.82
CA ALA VA 105 -56.01 -51.93 -55.41
C ALA VA 105 -54.75 -52.76 -55.20
N SER VA 106 -54.57 -53.83 -55.96
CA SER VA 106 -53.42 -54.70 -55.77
C SER VA 106 -52.15 -54.10 -56.36
N ILE VA 107 -52.28 -53.34 -57.44
CA ILE VA 107 -51.11 -52.69 -58.03
C ILE VA 107 -50.57 -51.64 -57.08
N ASN VA 108 -51.46 -50.92 -56.40
CA ASN VA 108 -50.98 -49.91 -55.47
C ASN VA 108 -50.35 -50.52 -54.22
N MET VA 109 -50.51 -51.83 -53.99
CA MET VA 109 -49.81 -52.50 -52.91
C MET VA 109 -48.47 -53.05 -53.39
N LEU VA 110 -48.45 -53.61 -54.60
CA LEU VA 110 -47.18 -54.01 -55.20
C LEU VA 110 -46.24 -52.83 -55.33
N ARG VA 111 -46.77 -51.64 -55.58
CA ARG VA 111 -45.95 -50.44 -55.59
C ARG VA 111 -45.32 -50.17 -54.23
N ILE VA 112 -46.05 -50.46 -53.15
CA ILE VA 112 -45.49 -50.25 -51.82
C ILE VA 112 -44.37 -51.24 -51.55
N VAL VA 113 -44.58 -52.51 -51.88
CA VAL VA 113 -43.57 -53.52 -51.54
C VAL VA 113 -42.61 -53.72 -52.69
N GLU VA 114 -42.56 -52.75 -53.59
CA GLU VA 114 -41.68 -52.81 -54.75
C GLU VA 114 -40.22 -53.15 -54.45
N PRO VA 115 -39.54 -52.55 -53.47
CA PRO VA 115 -38.15 -52.94 -53.22
C PRO VA 115 -37.98 -54.37 -52.73
N TYR VA 116 -39.02 -54.99 -52.19
CA TYR VA 116 -38.89 -56.31 -51.58
C TYR VA 116 -39.34 -57.44 -52.49
N ILE VA 117 -39.91 -57.15 -53.65
CA ILE VA 117 -40.49 -58.15 -54.51
C ILE VA 117 -39.98 -57.99 -55.93
N ALA VA 118 -40.04 -59.08 -56.67
CA ALA VA 118 -39.92 -59.08 -58.11
C ALA VA 118 -41.16 -59.75 -58.66
N TRP VA 119 -41.85 -59.09 -59.59
CA TRP VA 119 -43.09 -59.62 -60.07
C TRP VA 119 -43.19 -59.41 -61.58
N GLY VA 120 -44.17 -60.09 -62.16
CA GLY VA 120 -44.38 -59.97 -63.58
C GLY VA 120 -45.61 -60.69 -64.03
N TYR VA 121 -45.71 -60.91 -65.34
CA TYR VA 121 -46.88 -61.52 -65.95
C TYR VA 121 -46.56 -62.93 -66.38
N PRO VA 122 -46.99 -63.95 -65.63
CA PRO VA 122 -46.64 -65.32 -65.99
C PRO VA 122 -47.41 -65.79 -67.21
N ASN VA 123 -46.86 -66.79 -67.87
CA ASN VA 123 -47.51 -67.38 -69.02
C ASN VA 123 -47.98 -68.79 -68.68
N LEU VA 124 -48.55 -69.45 -69.68
CA LEU VA 124 -49.20 -70.73 -69.44
C LEU VA 124 -48.23 -71.77 -68.93
N LYS VA 125 -47.03 -71.82 -69.52
CA LYS VA 125 -46.04 -72.79 -69.07
C LYS VA 125 -45.61 -72.51 -67.64
N SER VA 126 -45.46 -71.23 -67.28
CA SER VA 126 -45.09 -70.89 -65.92
C SER VA 126 -46.15 -71.34 -64.93
N VAL VA 127 -47.42 -71.07 -65.24
CA VAL VA 127 -48.51 -71.49 -64.36
C VAL VA 127 -48.55 -73.01 -64.25
N ASN VA 128 -48.42 -73.70 -65.38
CA ASN VA 128 -48.46 -75.15 -65.37
C ASN VA 128 -47.35 -75.73 -64.50
N GLU VA 129 -46.12 -75.25 -64.70
CA GLU VA 129 -45.00 -75.80 -63.95
C GLU VA 129 -45.09 -75.44 -62.47
N LEU VA 130 -45.56 -74.24 -62.14
CA LEU VA 130 -45.69 -73.88 -60.73
C LEU VA 130 -46.75 -74.74 -60.04
N ILE VA 131 -47.88 -74.97 -60.69
CA ILE VA 131 -48.92 -75.77 -60.06
C ILE VA 131 -48.50 -77.23 -59.97
N TYR VA 132 -47.80 -77.74 -60.98
CA TYR VA 132 -47.52 -79.16 -61.00
C TYR VA 132 -46.32 -79.53 -60.14
N LYS VA 133 -45.27 -78.72 -60.14
CA LYS VA 133 -44.09 -79.10 -59.39
C LYS VA 133 -44.15 -78.65 -57.94
N ARG VA 134 -44.72 -77.49 -57.67
CA ARG VA 134 -44.72 -76.92 -56.32
C ARG VA 134 -46.12 -76.62 -55.82
N GLY VA 135 -47.15 -77.19 -56.43
CA GLY VA 135 -48.51 -76.93 -56.00
C GLY VA 135 -48.89 -77.68 -54.76
N TYR VA 136 -49.14 -76.94 -53.67
CA TYR VA 136 -49.60 -77.49 -52.42
C TYR VA 136 -50.89 -76.79 -52.04
N GLY VA 137 -51.82 -77.54 -51.46
CA GLY VA 137 -53.11 -76.99 -51.08
C GLY VA 137 -53.20 -76.71 -49.59
N LYS VA 138 -53.94 -75.67 -49.24
CA LYS VA 138 -54.27 -75.39 -47.86
C LYS VA 138 -55.56 -76.13 -47.53
N ILE VA 139 -55.42 -77.34 -47.03
CA ILE VA 139 -56.54 -78.20 -46.71
C ILE VA 139 -56.53 -78.43 -45.20
N ASN VA 140 -57.61 -78.01 -44.53
CA ASN VA 140 -57.72 -78.09 -43.09
C ASN VA 140 -56.53 -77.41 -42.41
N LYS VA 141 -56.18 -76.23 -42.92
CA LYS VA 141 -55.08 -75.40 -42.46
C LYS VA 141 -53.72 -76.08 -42.63
N LYS VA 142 -53.65 -77.17 -43.37
CA LYS VA 142 -52.42 -77.92 -43.55
C LYS VA 142 -51.90 -77.78 -44.97
N ARG VA 143 -50.59 -77.87 -45.12
CA ARG VA 143 -49.94 -77.81 -46.42
C ARG VA 143 -49.87 -79.23 -46.97
N ILE VA 144 -50.81 -79.57 -47.85
CA ILE VA 144 -50.92 -80.91 -48.41
C ILE VA 144 -50.52 -80.87 -49.87
N ALA VA 145 -49.65 -81.79 -50.27
CA ALA VA 145 -49.24 -81.87 -51.66
C ALA VA 145 -50.42 -82.29 -52.54
N LEU VA 146 -50.54 -81.64 -53.69
CA LEU VA 146 -51.64 -81.91 -54.61
C LEU VA 146 -51.30 -83.13 -55.46
N THR VA 147 -51.35 -84.29 -54.82
CA THR VA 147 -51.00 -85.54 -55.47
C THR VA 147 -52.18 -86.21 -56.14
N ASP VA 148 -53.41 -85.88 -55.76
CA ASP VA 148 -54.59 -86.47 -56.35
C ASP VA 148 -55.64 -85.40 -56.58
N ASN VA 149 -56.47 -85.61 -57.60
CA ASN VA 149 -57.54 -84.67 -57.92
C ASN VA 149 -58.60 -84.60 -56.83
N ALA VA 150 -58.72 -85.63 -56.00
CA ALA VA 150 -59.73 -85.61 -54.95
C ALA VA 150 -59.47 -84.52 -53.93
N LEU VA 151 -58.21 -84.20 -53.67
CA LEU VA 151 -57.90 -83.11 -52.76
C LEU VA 151 -58.42 -81.78 -53.28
N ILE VA 152 -58.27 -81.53 -54.57
CA ILE VA 152 -58.78 -80.29 -55.16
C ILE VA 152 -60.30 -80.32 -55.21
N ALA VA 153 -60.88 -81.45 -55.59
CA ALA VA 153 -62.32 -81.51 -55.78
C ALA VA 153 -63.08 -81.47 -54.47
N ARG VA 154 -62.48 -81.95 -53.39
CA ARG VA 154 -63.20 -82.00 -52.12
C ARG VA 154 -63.32 -80.62 -51.50
N SER VA 155 -62.38 -79.72 -51.77
CA SER VA 155 -62.39 -78.40 -51.18
C SER VA 155 -62.81 -77.29 -52.13
N LEU VA 156 -62.69 -77.49 -53.45
CA LEU VA 156 -63.09 -76.49 -54.42
C LEU VA 156 -64.14 -77.02 -55.39
N GLY VA 157 -64.78 -78.14 -55.05
CA GLY VA 157 -65.78 -78.68 -55.94
C GLY VA 157 -67.00 -77.81 -56.09
N LYS VA 158 -67.38 -77.10 -55.03
CA LYS VA 158 -68.55 -76.23 -55.08
C LYS VA 158 -68.37 -75.07 -56.05
N TYR VA 159 -67.14 -74.77 -56.43
CA TYR VA 159 -66.84 -73.75 -57.41
C TYR VA 159 -66.63 -74.31 -58.80
N GLY VA 160 -66.83 -75.61 -58.98
CA GLY VA 160 -66.62 -76.25 -60.26
C GLY VA 160 -65.19 -76.69 -60.52
N ILE VA 161 -64.26 -76.40 -59.61
CA ILE VA 161 -62.86 -76.73 -59.79
C ILE VA 161 -62.65 -78.11 -59.18
N ILE VA 162 -62.46 -79.12 -60.03
CA ILE VA 162 -62.42 -80.50 -59.57
C ILE VA 162 -61.18 -81.22 -60.07
N CYS VA 163 -60.23 -80.49 -60.66
CA CYS VA 163 -59.02 -81.13 -61.15
C CYS VA 163 -57.91 -80.10 -61.25
N MET VA 164 -56.69 -80.61 -61.48
CA MET VA 164 -55.54 -79.77 -61.72
C MET VA 164 -55.78 -78.84 -62.90
N GLU VA 165 -56.42 -79.34 -63.95
CA GLU VA 165 -56.67 -78.51 -65.11
C GLU VA 165 -57.66 -77.40 -64.79
N ASP VA 166 -58.69 -77.68 -64.00
CA ASP VA 166 -59.60 -76.63 -63.57
C ASP VA 166 -58.89 -75.59 -62.74
N LEU VA 167 -58.03 -76.02 -61.82
CA LEU VA 167 -57.28 -75.07 -61.01
C LEU VA 167 -56.37 -74.19 -61.87
N ILE VA 168 -55.68 -74.81 -62.83
CA ILE VA 168 -54.78 -74.06 -63.70
C ILE VA 168 -55.56 -73.10 -64.59
N HIS VA 169 -56.72 -73.54 -65.10
CA HIS VA 169 -57.55 -72.65 -65.90
C HIS VA 169 -58.03 -71.46 -65.08
N GLU VA 170 -58.48 -71.72 -63.85
CA GLU VA 170 -58.97 -70.65 -63.00
C GLU VA 170 -57.87 -69.66 -62.66
N ILE VA 171 -56.65 -70.15 -62.42
CA ILE VA 171 -55.55 -69.24 -62.14
C ILE VA 171 -55.16 -68.45 -63.37
N TYR VA 172 -55.01 -69.12 -64.51
CA TYR VA 172 -54.49 -68.47 -65.71
C TYR VA 172 -55.49 -67.46 -66.26
N THR VA 173 -56.68 -67.93 -66.63
CA THR VA 173 -57.76 -67.01 -66.99
C THR VA 173 -58.45 -66.66 -65.69
N VAL VA 174 -58.32 -65.42 -65.25
CA VAL VA 174 -58.70 -65.06 -63.90
C VAL VA 174 -60.22 -65.11 -63.80
N GLY VA 175 -60.73 -66.23 -63.31
CA GLY VA 175 -62.15 -66.50 -63.33
C GLY VA 175 -62.86 -65.92 -62.14
N LYS VA 176 -64.15 -66.27 -62.03
CA LYS VA 176 -64.97 -65.71 -60.97
C LYS VA 176 -64.59 -66.24 -59.60
N ARG VA 177 -63.90 -67.35 -59.54
CA ARG VA 177 -63.52 -67.98 -58.27
C ARG VA 177 -62.00 -68.00 -58.12
N PHE VA 178 -61.34 -67.01 -58.72
CA PHE VA 178 -59.90 -66.91 -58.60
C PHE VA 178 -59.48 -66.71 -57.15
N LYS VA 179 -60.24 -65.92 -56.40
CA LYS VA 179 -59.88 -65.68 -55.01
C LYS VA 179 -59.85 -66.98 -54.23
N GLU VA 180 -60.87 -67.81 -54.40
CA GLU VA 180 -60.93 -69.06 -53.68
C GLU VA 180 -59.85 -70.03 -54.13
N ALA VA 181 -59.62 -70.15 -55.44
CA ALA VA 181 -58.59 -71.07 -55.93
C ALA VA 181 -57.19 -70.62 -55.49
N ASN VA 182 -56.91 -69.33 -55.60
CA ASN VA 182 -55.59 -68.81 -55.24
C ASN VA 182 -55.36 -68.89 -53.74
N ASN VA 183 -56.41 -68.68 -52.94
CA ASN VA 183 -56.22 -68.83 -51.50
C ASN VA 183 -56.09 -70.29 -51.12
N PHE VA 184 -56.75 -71.19 -51.84
CA PHE VA 184 -56.56 -72.61 -51.62
C PHE VA 184 -55.12 -73.00 -51.87
N LEU VA 185 -54.50 -72.44 -52.90
CA LEU VA 185 -53.08 -72.67 -53.15
C LEU VA 185 -52.24 -72.15 -51.98
N TRP VA 186 -51.44 -73.01 -51.39
CA TRP VA 186 -50.43 -72.56 -50.45
C TRP VA 186 -49.37 -71.76 -51.19
N PRO VA 187 -48.83 -70.71 -50.59
CA PRO VA 187 -47.81 -69.91 -51.28
C PRO VA 187 -46.61 -70.74 -51.70
N PHE VA 188 -46.13 -70.49 -52.91
CA PHE VA 188 -45.13 -71.36 -53.51
C PHE VA 188 -43.77 -71.12 -52.86
N LYS VA 189 -43.12 -72.20 -52.47
CA LYS VA 189 -41.83 -72.12 -51.78
C LYS VA 189 -40.76 -72.43 -52.82
N LEU VA 190 -40.29 -71.39 -53.50
CA LEU VA 190 -39.35 -71.60 -54.59
C LEU VA 190 -37.92 -71.71 -54.06
N SER VA 191 -37.06 -72.30 -54.86
CA SER VA 191 -35.66 -72.43 -54.52
C SER VA 191 -34.93 -71.11 -54.82
N SER VA 192 -33.65 -71.07 -54.47
CA SER VA 192 -32.83 -69.94 -54.88
C SER VA 192 -32.70 -69.94 -56.40
N PRO VA 193 -32.59 -68.77 -57.02
CA PRO VA 193 -32.44 -68.70 -58.48
C PRO VA 193 -31.12 -69.31 -58.92
N ARG VA 194 -31.21 -70.40 -59.67
CA ARG VA 194 -30.02 -71.01 -60.24
C ARG VA 194 -29.43 -70.07 -61.29
N GLY VA 195 -28.12 -69.88 -61.24
CA GLY VA 195 -27.49 -68.88 -62.06
C GLY VA 195 -27.35 -67.52 -61.43
N GLY VA 196 -27.83 -67.36 -60.20
CA GLY VA 196 -27.62 -66.12 -59.48
C GLY VA 196 -28.60 -65.04 -59.85
N MET VA 197 -28.40 -63.89 -59.22
CA MET VA 197 -29.21 -62.70 -59.45
C MET VA 197 -28.30 -61.59 -59.96
N LYS VA 198 -28.92 -60.64 -60.68
CA LYS VA 198 -28.16 -59.49 -61.17
C LYS VA 198 -27.81 -58.57 -60.01
N LYS VA 199 -28.81 -58.01 -59.35
CA LYS VA 199 -28.60 -57.19 -58.17
C LYS VA 199 -29.89 -57.16 -57.39
N LYS VA 200 -29.84 -57.61 -56.14
CA LYS VA 200 -31.06 -57.76 -55.36
C LYS VA 200 -31.61 -56.43 -54.87
N THR VA 201 -30.76 -55.43 -54.72
CA THR VA 201 -31.12 -54.23 -53.98
C THR VA 201 -31.63 -53.08 -54.86
N THR VA 202 -31.69 -53.26 -56.17
CA THR VA 202 -32.12 -52.19 -57.06
C THR VA 202 -33.30 -52.66 -57.90
N HIS VA 203 -33.84 -51.75 -58.70
CA HIS VA 203 -34.97 -52.06 -59.55
C HIS VA 203 -34.49 -52.76 -60.82
N PHE VA 204 -35.39 -53.50 -61.45
CA PHE VA 204 -35.05 -54.27 -62.64
C PHE VA 204 -34.61 -53.36 -63.77
N VAL VA 205 -35.22 -52.19 -63.89
CA VAL VA 205 -34.97 -51.32 -65.04
C VAL VA 205 -33.64 -50.59 -64.88
N GLU VA 206 -33.02 -50.73 -63.72
CA GLU VA 206 -31.71 -50.13 -63.48
C GLU VA 206 -30.66 -51.19 -63.18
N GLY VA 207 -30.81 -52.37 -63.78
CA GLY VA 207 -29.84 -53.43 -63.64
C GLY VA 207 -30.04 -54.36 -62.48
N GLY VA 208 -31.12 -54.21 -61.72
CA GLY VA 208 -31.33 -55.02 -60.55
C GLY VA 208 -32.38 -56.10 -60.70
N ASP VA 209 -33.13 -56.37 -59.63
CA ASP VA 209 -34.08 -57.46 -59.61
C ASP VA 209 -35.45 -57.05 -59.12
N ALA VA 210 -35.51 -56.04 -58.25
CA ALA VA 210 -36.77 -55.66 -57.66
C ALA VA 210 -37.67 -55.00 -58.68
N GLY VA 211 -38.95 -54.95 -58.35
CA GLY VA 211 -39.92 -54.27 -59.17
C GLY VA 211 -40.51 -55.15 -60.25
N ASN VA 212 -41.20 -54.47 -61.17
CA ASN VA 212 -41.96 -55.14 -62.22
C ASN VA 212 -41.10 -55.34 -63.46
N ARG VA 213 -40.68 -56.57 -63.69
CA ARG VA 213 -40.23 -57.02 -65.00
C ARG VA 213 -41.44 -57.64 -65.68
N GLU VA 214 -41.75 -57.18 -66.88
CA GLU VA 214 -43.03 -57.50 -67.48
C GLU VA 214 -43.20 -59.01 -67.67
N ASP VA 215 -42.44 -59.60 -68.59
CA ASP VA 215 -42.57 -61.01 -68.89
C ASP VA 215 -41.28 -61.79 -68.66
N GLN VA 216 -40.22 -61.16 -68.18
CA GLN VA 216 -39.02 -61.86 -67.78
C GLN VA 216 -39.18 -62.57 -66.45
N ILE VA 217 -40.32 -62.36 -65.79
CA ILE VA 217 -40.66 -63.18 -64.64
C ILE VA 217 -40.71 -64.65 -65.04
N ASN VA 218 -40.93 -64.94 -66.32
CA ASN VA 218 -40.94 -66.33 -66.77
C ASN VA 218 -39.54 -66.93 -66.76
N ARG VA 219 -38.54 -66.17 -67.21
CA ARG VA 219 -37.16 -66.62 -67.06
C ARG VA 219 -36.81 -66.83 -65.60
N LEU VA 220 -37.22 -65.90 -64.76
CA LEU VA 220 -36.96 -66.04 -63.32
C LEU VA 220 -37.63 -67.29 -62.77
N ILE VA 221 -38.84 -67.59 -63.21
CA ILE VA 221 -39.55 -68.77 -62.73
C ILE VA 221 -38.88 -70.05 -63.21
N ARG VA 222 -38.39 -70.06 -64.44
CA ARG VA 222 -37.64 -71.22 -64.93
C ARG VA 222 -36.43 -71.47 -64.06
N ARG VA 223 -35.72 -70.41 -63.68
CA ARG VA 223 -34.51 -70.60 -62.88
C ARG VA 223 -34.81 -70.93 -61.42
N MET VA 224 -35.88 -70.39 -60.85
CA MET VA 224 -36.20 -70.60 -59.44
C MET VA 224 -37.10 -71.80 -59.19
N ASN VA 225 -37.62 -72.42 -60.24
CA ASN VA 225 -38.51 -73.56 -60.07
C ASN VA 225 -37.80 -74.86 -60.40
N LYS WA 1 -3.33 -19.32 121.33
CA LYS WA 1 -2.67 -19.57 122.61
C LYS WA 1 -1.71 -20.75 122.50
N VAL WA 2 -2.03 -21.69 121.60
CA VAL WA 2 -1.22 -22.87 121.37
C VAL WA 2 -0.99 -23.12 119.89
N VAL WA 3 -1.60 -22.32 119.02
CA VAL WA 3 -1.54 -22.57 117.58
C VAL WA 3 -0.10 -22.42 117.08
N ASN WA 4 0.29 -23.30 116.17
CA ASN WA 4 1.65 -23.28 115.63
C ASN WA 4 1.91 -21.99 114.87
N PRO WA 5 3.07 -21.37 115.04
CA PRO WA 5 3.40 -20.19 114.23
C PRO WA 5 3.52 -20.50 112.74
N LEU WA 6 3.67 -21.76 112.36
CA LEU WA 6 3.86 -22.14 110.98
C LEU WA 6 2.55 -22.27 110.21
N PHE WA 7 1.41 -22.05 110.84
CA PHE WA 7 0.13 -22.10 110.16
C PHE WA 7 -0.27 -20.68 109.77
N GLU WA 8 -0.64 -20.49 108.50
CA GLU WA 8 -1.04 -19.18 108.04
C GLU WA 8 -2.10 -19.33 106.96
N LYS WA 9 -2.90 -18.27 106.79
CA LYS WA 9 -3.80 -18.21 105.65
C LYS WA 9 -3.01 -18.05 104.37
N ARG WA 10 -3.40 -18.80 103.35
CA ARG WA 10 -2.81 -18.69 102.02
C ARG WA 10 -3.94 -18.49 101.03
N PRO WA 11 -4.60 -17.33 101.06
CA PRO WA 11 -5.73 -17.12 100.15
C PRO WA 11 -5.26 -17.02 98.72
N LYS WA 12 -6.09 -17.54 97.82
CA LYS WA 12 -5.91 -17.33 96.40
C LYS WA 12 -7.08 -16.53 95.89
N ASN WA 13 -6.79 -15.48 95.12
CA ASN WA 13 -7.83 -14.65 94.54
C ASN WA 13 -8.01 -15.02 93.08
N PHE WA 14 -9.26 -15.18 92.67
CA PHE WA 14 -9.60 -15.69 91.35
C PHE WA 14 -9.95 -14.58 90.38
N GLY WA 15 -9.29 -13.43 90.51
CA GLY WA 15 -9.46 -12.38 89.53
C GLY WA 15 -8.96 -12.81 88.16
N ILE WA 16 -9.32 -12.02 87.16
CA ILE WA 16 -8.95 -12.33 85.80
C ILE WA 16 -7.43 -12.31 85.68
N GLY WA 17 -6.87 -13.37 85.10
CA GLY WA 17 -5.44 -13.45 84.92
C GLY WA 17 -4.66 -13.87 86.16
N GLN WA 18 -5.31 -13.99 87.29
CA GLN WA 18 -4.70 -14.40 88.54
C GLN WA 18 -4.84 -15.91 88.69
N ASP WA 19 -4.67 -16.44 89.90
CA ASP WA 19 -4.78 -17.87 90.19
C ASP WA 19 -5.97 -18.50 89.48
N ILE WA 20 -5.78 -19.74 88.98
CA ILE WA 20 -6.74 -20.32 88.06
C ILE WA 20 -8.07 -20.55 88.77
N GLN WA 21 -9.14 -20.55 87.98
CA GLN WA 21 -10.49 -20.55 88.52
C GLN WA 21 -10.78 -21.85 89.27
N PRO WA 22 -11.56 -21.79 90.34
CA PRO WA 22 -11.90 -23.00 91.08
C PRO WA 22 -12.88 -23.86 90.29
N LYS WA 23 -12.93 -25.13 90.66
CA LYS WA 23 -13.82 -26.08 90.02
C LYS WA 23 -15.22 -25.86 90.58
N ARG WA 24 -15.96 -24.95 89.96
CA ARG WA 24 -17.29 -24.60 90.40
C ARG WA 24 -18.34 -25.31 89.56
N ASP WA 25 -19.61 -25.05 89.88
CA ASP WA 25 -20.71 -25.69 89.18
C ASP WA 25 -20.90 -25.08 87.80
N LEU WA 26 -20.99 -25.94 86.78
CA LEU WA 26 -21.20 -25.50 85.41
C LEU WA 26 -22.48 -26.07 84.82
N THR WA 27 -23.44 -26.46 85.66
CA THR WA 27 -24.64 -27.13 85.16
C THR WA 27 -25.40 -26.28 84.16
N ARG WA 28 -25.35 -24.97 84.28
CA ARG WA 28 -26.07 -24.12 83.36
C ARG WA 28 -25.41 -24.10 81.98
N PHE WA 29 -24.12 -24.40 81.90
CA PHE WA 29 -23.38 -24.33 80.65
C PHE WA 29 -22.89 -25.69 80.19
N VAL WA 30 -23.49 -26.78 80.69
CA VAL WA 30 -23.10 -28.10 80.23
C VAL WA 30 -23.62 -28.33 78.83
N LYS WA 31 -22.79 -28.91 77.97
CA LYS WA 31 -23.24 -29.37 76.66
C LYS WA 31 -24.00 -30.66 76.89
N TRP WA 32 -25.32 -30.59 76.84
CA TRP WA 32 -26.19 -31.69 77.20
C TRP WA 32 -26.42 -32.61 76.02
N PRO WA 33 -26.81 -33.86 76.28
CA PRO WA 33 -27.20 -34.75 75.19
C PRO WA 33 -28.44 -34.25 74.45
N ARG WA 34 -28.60 -34.76 73.23
CA ARG WA 34 -29.65 -34.26 72.34
C ARG WA 34 -31.03 -34.50 72.92
N TYR WA 35 -31.27 -35.65 73.56
CA TYR WA 35 -32.59 -35.90 74.11
C TYR WA 35 -32.91 -34.98 75.28
N ILE WA 36 -31.91 -34.67 76.12
CA ILE WA 36 -32.13 -33.74 77.20
C ILE WA 36 -32.45 -32.35 76.67
N ARG WA 37 -31.68 -31.90 75.67
CA ARG WA 37 -31.96 -30.61 75.06
C ARG WA 37 -33.34 -30.59 74.42
N LEU WA 38 -33.73 -31.68 73.77
CA LEU WA 38 -35.03 -31.73 73.11
C LEU WA 38 -36.18 -31.65 74.10
N GLN WA 39 -36.11 -32.41 75.19
CA GLN WA 39 -37.21 -32.36 76.14
C GLN WA 39 -37.27 -31.02 76.88
N ARG WA 40 -36.11 -30.42 77.20
CA ARG WA 40 -36.12 -29.10 77.81
C ARG WA 40 -36.65 -28.04 76.86
N GLN WA 41 -36.29 -28.12 75.58
CA GLN WA 41 -36.80 -27.15 74.63
C GLN WA 41 -38.29 -27.34 74.37
N ARG WA 42 -38.78 -28.57 74.45
CA ARG WA 42 -40.23 -28.78 74.38
C ARG WA 42 -40.92 -28.13 75.56
N ALA WA 43 -40.34 -28.26 76.75
CA ALA WA 43 -40.90 -27.58 77.92
C ALA WA 43 -40.93 -26.08 77.70
N ILE WA 44 -39.90 -25.52 77.08
CA ILE WA 44 -39.85 -24.07 76.85
C ILE WA 44 -40.86 -23.65 75.79
N LEU WA 45 -41.03 -24.45 74.73
CA LEU WA 45 -42.02 -24.09 73.72
C LEU WA 45 -43.44 -24.13 74.27
N TYR WA 46 -43.71 -25.02 75.22
CA TYR WA 46 -45.05 -24.99 75.79
C TYR WA 46 -45.29 -23.75 76.64
N LYS WA 47 -44.26 -22.96 76.92
CA LYS WA 47 -44.42 -21.64 77.52
C LYS WA 47 -44.40 -20.52 76.49
N ARG WA 48 -43.65 -20.69 75.42
CA ARG WA 48 -43.60 -19.66 74.37
C ARG WA 48 -44.91 -19.60 73.59
N LEU WA 49 -45.33 -20.73 73.03
CA LEU WA 49 -46.42 -20.73 72.09
C LEU WA 49 -47.74 -20.49 72.79
N LYS WA 50 -48.72 -19.98 72.03
CA LYS WA 50 -50.07 -19.81 72.53
C LYS WA 50 -50.74 -21.17 72.56
N VAL WA 51 -50.94 -21.71 73.76
CA VAL WA 51 -51.57 -23.02 73.90
C VAL WA 51 -53.09 -22.86 73.83
N PRO WA 52 -53.77 -23.58 72.94
CA PRO WA 52 -55.22 -23.48 72.90
C PRO WA 52 -55.82 -23.96 74.21
N PRO WA 53 -56.99 -23.44 74.57
CA PRO WA 53 -57.57 -23.79 75.88
C PRO WA 53 -57.85 -25.26 76.07
N ALA WA 54 -58.12 -26.00 75.00
CA ALA WA 54 -58.39 -27.42 75.13
C ALA WA 54 -57.18 -28.18 75.65
N ILE WA 55 -55.98 -27.75 75.28
CA ILE WA 55 -54.77 -28.33 75.86
C ILE WA 55 -54.39 -27.63 77.15
N ASN WA 56 -54.67 -26.34 77.28
CA ASN WA 56 -54.26 -25.58 78.45
C ASN WA 56 -55.03 -25.95 79.70
N GLN WA 57 -56.24 -26.49 79.55
CA GLN WA 57 -57.06 -26.81 80.72
C GLN WA 57 -56.40 -27.87 81.60
N PHE WA 58 -55.53 -28.70 81.03
CA PHE WA 58 -54.86 -29.73 81.82
C PHE WA 58 -53.71 -29.19 82.67
N THR WA 59 -53.27 -27.95 82.41
CA THR WA 59 -52.29 -27.34 83.31
C THR WA 59 -52.92 -27.01 84.66
N GLN WA 60 -54.16 -26.55 84.65
CA GLN WA 60 -54.91 -26.33 85.89
C GLN WA 60 -55.33 -27.69 86.43
N ALA WA 61 -54.78 -28.08 87.57
CA ALA WA 61 -55.09 -29.36 88.16
C ALA WA 61 -55.36 -29.20 89.65
N LEU WA 62 -55.75 -30.31 90.27
CA LEU WA 62 -56.12 -30.28 91.68
C LEU WA 62 -54.92 -29.92 92.54
N ASP WA 63 -55.17 -29.15 93.59
CA ASP WA 63 -54.12 -28.85 94.55
C ASP WA 63 -53.83 -30.07 95.42
N ARG WA 64 -52.80 -29.95 96.24
CA ARG WA 64 -52.29 -31.10 96.98
C ARG WA 64 -53.31 -31.66 97.96
N GLN WA 65 -54.02 -30.79 98.67
CA GLN WA 65 -54.97 -31.25 99.67
C GLN WA 65 -56.11 -32.03 99.04
N THR WA 66 -56.74 -31.47 98.01
CA THR WA 66 -57.85 -32.14 97.36
C THR WA 66 -57.39 -33.40 96.62
N ALA WA 67 -56.20 -33.36 96.02
CA ALA WA 67 -55.67 -34.54 95.37
C ALA WA 67 -55.42 -35.66 96.37
N THR WA 68 -54.88 -35.32 97.53
CA THR WA 68 -54.65 -36.33 98.57
C THR WA 68 -55.97 -36.90 99.08
N GLN WA 69 -56.96 -36.05 99.29
CA GLN WA 69 -58.26 -36.54 99.73
C GLN WA 69 -58.90 -37.46 98.69
N LEU WA 70 -58.82 -37.08 97.41
CA LEU WA 70 -59.40 -37.88 96.36
C LEU WA 70 -58.70 -39.22 96.21
N LEU WA 71 -57.37 -39.22 96.26
CA LEU WA 71 -56.64 -40.48 96.16
C LEU WA 71 -56.86 -41.35 97.39
N LYS WA 72 -57.02 -40.73 98.57
CA LYS WA 72 -57.36 -41.50 99.76
C LYS WA 72 -58.71 -42.16 99.62
N LEU WA 73 -59.68 -41.46 99.04
CA LEU WA 73 -60.97 -42.09 98.77
C LEU WA 73 -60.84 -43.21 97.75
N ALA WA 74 -60.07 -42.98 96.68
CA ALA WA 74 -59.96 -43.95 95.61
C ALA WA 74 -59.18 -45.19 96.03
N HIS WA 75 -58.35 -45.07 97.06
CA HIS WA 75 -57.62 -46.23 97.56
C HIS WA 75 -58.55 -47.30 98.11
N LYS WA 76 -59.77 -46.94 98.49
CA LYS WA 76 -60.72 -47.91 99.03
C LYS WA 76 -61.46 -48.68 97.94
N TYR WA 77 -61.22 -48.38 96.67
CA TYR WA 77 -61.93 -49.04 95.58
C TYR WA 77 -60.97 -49.46 94.48
N ARG WA 78 -59.74 -49.81 94.84
CA ARG WA 78 -58.78 -50.23 93.84
C ARG WA 78 -59.18 -51.59 93.28
N PRO WA 79 -58.94 -51.83 92.00
CA PRO WA 79 -59.24 -53.14 91.42
C PRO WA 79 -58.40 -54.22 92.07
N GLU WA 80 -59.00 -55.41 92.19
CA GLU WA 80 -58.27 -56.54 92.76
C GLU WA 80 -57.16 -56.98 91.82
N THR WA 81 -56.05 -57.41 92.42
CA THR WA 81 -54.89 -57.83 91.63
C THR WA 81 -55.08 -59.28 91.19
N LYS WA 82 -54.05 -59.85 90.57
CA LYS WA 82 -54.12 -61.24 90.14
C LYS WA 82 -54.27 -62.17 91.33
N GLN WA 83 -53.50 -61.93 92.41
CA GLN WA 83 -53.60 -62.77 93.59
C GLN WA 83 -54.97 -62.64 94.24
N GLU WA 84 -55.50 -61.42 94.33
CA GLU WA 84 -56.82 -61.23 94.92
C GLU WA 84 -57.90 -61.91 94.10
N LYS WA 85 -57.81 -61.80 92.77
CA LYS WA 85 -58.79 -62.46 91.92
C LYS WA 85 -58.70 -63.98 92.06
N LYS WA 86 -57.48 -64.51 92.13
CA LYS WA 86 -57.31 -65.95 92.32
C LYS WA 86 -57.91 -66.40 93.65
N GLN WA 87 -57.69 -65.62 94.71
CA GLN WA 87 -58.24 -65.97 96.02
C GLN WA 87 -59.76 -65.93 96.01
N ARG WA 88 -60.34 -64.89 95.40
CA ARG WA 88 -61.79 -64.79 95.30
C ARG WA 88 -62.37 -65.94 94.49
N LEU WA 89 -61.73 -66.29 93.39
CA LEU WA 89 -62.22 -67.38 92.55
C LEU WA 89 -62.13 -68.72 93.28
N LEU WA 90 -61.03 -68.95 94.00
CA LEU WA 90 -60.90 -70.19 94.75
C LEU WA 90 -61.96 -70.29 95.84
N ALA WA 91 -62.20 -69.19 96.57
CA ALA WA 91 -63.23 -69.21 97.59
C ALA WA 91 -64.60 -69.45 96.98
N ARG WA 92 -64.89 -68.83 95.84
CA ARG WA 92 -66.16 -69.03 95.17
C ARG WA 92 -66.34 -70.47 94.71
N ALA WA 93 -65.27 -71.08 94.18
CA ALA WA 93 -65.34 -72.47 93.75
C ALA WA 93 -65.57 -73.40 94.92
N GLU WA 94 -64.88 -73.16 96.05
CA GLU WA 94 -65.10 -73.97 97.24
C GLU WA 94 -66.52 -73.81 97.75
N LYS WA 95 -67.05 -72.59 97.75
CA LYS WA 95 -68.40 -72.35 98.23
C LYS WA 95 -69.43 -73.04 97.35
N LYS WA 96 -69.23 -72.99 96.03
CA LYS WA 96 -70.13 -73.68 95.11
C LYS WA 96 -70.07 -75.19 95.28
N ALA WA 97 -68.85 -75.74 95.44
CA ALA WA 97 -68.72 -77.18 95.66
C ALA WA 97 -69.40 -77.60 96.95
N ALA WA 98 -69.24 -76.80 98.01
CA ALA WA 98 -69.89 -77.09 99.29
C ALA WA 98 -70.08 -75.75 100.01
N GLY WA 99 -71.33 -75.29 100.09
CA GLY WA 99 -72.50 -75.93 99.51
C GLY WA 99 -73.59 -74.96 99.09
N LYS WA 100 -73.27 -73.66 99.15
CA LYS WA 100 -74.31 -72.65 99.00
C LYS WA 100 -74.81 -72.57 97.56
N GLY WA 101 -73.89 -72.58 96.59
CA GLY WA 101 -74.24 -72.55 95.18
C GLY WA 101 -73.58 -71.38 94.47
N ASP WA 102 -74.36 -70.71 93.61
CA ASP WA 102 -73.84 -69.59 92.83
C ASP WA 102 -73.40 -68.45 93.75
N VAL WA 103 -74.34 -67.86 94.48
CA VAL WA 103 -74.08 -66.85 95.50
C VAL WA 103 -73.27 -65.68 94.93
N PRO WA 104 -73.88 -64.78 94.15
CA PRO WA 104 -73.13 -63.62 93.65
C PRO WA 104 -72.52 -62.77 94.75
N THR WA 105 -73.20 -62.66 95.89
CA THR WA 105 -72.67 -62.02 97.11
C THR WA 105 -72.20 -60.58 96.87
N LYS WA 106 -72.99 -59.81 96.12
CA LYS WA 106 -72.86 -58.35 96.06
C LYS WA 106 -71.47 -57.95 95.55
N ARG WA 107 -71.25 -58.20 94.25
CA ARG WA 107 -70.07 -57.74 93.52
C ARG WA 107 -69.77 -56.29 93.89
N PRO WA 108 -68.63 -56.04 94.54
CA PRO WA 108 -68.42 -54.76 95.20
C PRO WA 108 -68.16 -53.65 94.22
N PRO WA 109 -68.43 -52.40 94.60
CA PRO WA 109 -68.04 -51.27 93.76
C PRO WA 109 -66.54 -51.21 93.61
N VAL WA 110 -66.11 -50.81 92.41
CA VAL WA 110 -64.69 -50.79 92.07
C VAL WA 110 -64.43 -49.59 91.18
N LEU WA 111 -63.19 -49.12 91.20
CA LEU WA 111 -62.79 -48.00 90.37
C LEU WA 111 -62.70 -48.45 88.91
N ARG WA 112 -63.32 -47.69 88.02
CA ARG WA 112 -63.33 -48.05 86.60
C ARG WA 112 -62.27 -47.25 85.87
N ALA WA 113 -61.35 -47.95 85.21
CA ALA WA 113 -60.16 -47.35 84.63
C ALA WA 113 -60.15 -47.57 83.12
N GLY WA 114 -59.37 -46.74 82.45
CA GLY WA 114 -59.25 -46.83 81.01
C GLY WA 114 -60.09 -45.74 80.36
N VAL WA 115 -59.53 -45.09 79.35
CA VAL WA 115 -60.21 -43.95 78.74
C VAL WA 115 -61.47 -44.41 78.02
N ASN WA 116 -61.44 -45.57 77.36
CA ASN WA 116 -62.61 -46.04 76.64
C ASN WA 116 -63.74 -46.41 77.61
N THR WA 117 -63.40 -47.13 78.68
CA THR WA 117 -64.39 -47.48 79.69
C THR WA 117 -64.98 -46.21 80.32
N VAL WA 118 -64.13 -45.26 80.66
CA VAL WA 118 -64.60 -44.05 81.33
C VAL WA 118 -65.49 -43.24 80.41
N THR WA 119 -65.13 -43.09 79.14
CA THR WA 119 -65.96 -42.30 78.25
C THR WA 119 -67.28 -42.99 77.93
N THR WA 120 -67.30 -44.33 77.86
CA THR WA 120 -68.58 -45.00 77.74
C THR WA 120 -69.46 -44.78 78.96
N LEU WA 121 -68.87 -44.81 80.16
CA LEU WA 121 -69.65 -44.53 81.36
C LEU WA 121 -70.17 -43.10 81.36
N VAL WA 122 -69.35 -42.15 80.92
CA VAL WA 122 -69.78 -40.75 80.90
C VAL WA 122 -70.94 -40.57 79.93
N GLU WA 123 -70.86 -41.19 78.76
CA GLU WA 123 -71.98 -41.13 77.83
C GLU WA 123 -73.23 -41.78 78.40
N ASN WA 124 -73.07 -42.89 79.12
CA ASN WA 124 -74.22 -43.52 79.76
C ASN WA 124 -74.71 -42.75 80.97
N LYS WA 125 -73.98 -41.73 81.42
CA LYS WA 125 -74.26 -40.99 82.65
C LYS WA 125 -74.22 -41.90 83.87
N LYS WA 126 -73.34 -42.90 83.84
CA LYS WA 126 -73.21 -43.86 84.92
C LYS WA 126 -71.98 -43.58 85.79
N ALA WA 127 -71.31 -42.46 85.60
CA ALA WA 127 -70.12 -42.11 86.36
C ALA WA 127 -70.46 -40.99 87.33
N GLN WA 128 -69.99 -41.13 88.57
CA GLN WA 128 -70.24 -40.11 89.58
C GLN WA 128 -69.10 -39.10 89.72
N LEU WA 129 -67.90 -39.46 89.30
CA LEU WA 129 -66.75 -38.55 89.35
C LEU WA 129 -65.68 -39.09 88.43
N VAL WA 130 -65.17 -38.26 87.53
CA VAL WA 130 -64.16 -38.65 86.57
C VAL WA 130 -62.87 -37.95 86.92
N VAL WA 131 -61.77 -38.69 86.98
CA VAL WA 131 -60.45 -38.16 87.28
C VAL WA 131 -59.57 -38.39 86.07
N ILE WA 132 -58.94 -37.31 85.59
CA ILE WA 132 -58.13 -37.33 84.38
C ILE WA 132 -56.71 -36.95 84.74
N ALA WA 133 -55.75 -37.74 84.26
CA ALA WA 133 -54.35 -37.39 84.42
C ALA WA 133 -54.03 -36.15 83.60
N HIS WA 134 -53.14 -35.31 84.13
CA HIS WA 134 -52.80 -34.07 83.46
C HIS WA 134 -51.68 -34.20 82.43
N ASP WA 135 -51.02 -35.35 82.32
CA ASP WA 135 -49.82 -35.45 81.52
C ASP WA 135 -49.89 -36.60 80.53
N VAL WA 136 -51.03 -36.77 79.88
CA VAL WA 136 -51.18 -37.80 78.84
C VAL WA 136 -50.36 -37.36 77.64
N ASP WA 137 -49.26 -38.08 77.36
CA ASP WA 137 -48.26 -37.59 76.41
C ASP WA 137 -48.79 -37.47 74.99
N PRO WA 138 -49.49 -38.45 74.41
CA PRO WA 138 -50.28 -38.14 73.20
C PRO WA 138 -51.57 -37.45 73.60
N ILE WA 139 -51.55 -36.13 73.73
CA ILE WA 139 -52.70 -35.46 74.31
C ILE WA 139 -53.73 -35.26 73.20
N GLU WA 140 -54.42 -36.35 72.89
CA GLU WA 140 -55.67 -36.36 72.17
C GLU WA 140 -56.63 -37.35 72.79
N LEU WA 141 -56.13 -38.25 73.64
CA LEU WA 141 -56.96 -39.26 74.27
C LEU WA 141 -57.95 -38.64 75.24
N VAL WA 142 -57.69 -37.43 75.74
CA VAL WA 142 -58.51 -36.84 76.79
C VAL WA 142 -58.87 -35.39 76.51
N VAL WA 143 -58.52 -34.82 75.35
CA VAL WA 143 -58.85 -33.41 75.12
C VAL WA 143 -60.35 -33.19 75.02
N PHE WA 144 -61.14 -34.26 74.85
CA PHE WA 144 -62.58 -34.15 74.81
C PHE WA 144 -63.24 -34.45 76.14
N LEU WA 145 -62.57 -35.15 77.04
CA LEU WA 145 -63.20 -35.56 78.30
C LEU WA 145 -63.70 -34.41 79.17
N PRO WA 146 -62.99 -33.29 79.34
CA PRO WA 146 -63.62 -32.17 80.05
C PRO WA 146 -64.92 -31.71 79.43
N ALA WA 147 -64.95 -31.46 78.12
CA ALA WA 147 -66.16 -30.98 77.48
C ALA WA 147 -67.26 -32.03 77.51
N LEU WA 148 -66.90 -33.29 77.27
CA LEU WA 148 -67.89 -34.37 77.28
C LEU WA 148 -68.46 -34.56 78.67
N CYS WA 149 -67.63 -34.51 79.70
CA CYS WA 149 -68.13 -34.64 81.07
C CYS WA 149 -69.00 -33.45 81.45
N ARG WA 150 -68.65 -32.25 81.00
CA ARG WA 150 -69.49 -31.10 81.28
C ARG WA 150 -70.85 -31.24 80.60
N LYS WA 151 -70.87 -31.73 79.36
CA LYS WA 151 -72.14 -31.86 78.66
C LYS WA 151 -73.00 -32.95 79.27
N MET WA 152 -72.41 -34.08 79.63
CA MET WA 152 -73.18 -35.13 80.27
C MET WA 152 -73.49 -34.84 81.72
N GLY WA 153 -72.88 -33.81 82.30
CA GLY WA 153 -73.21 -33.40 83.66
C GLY WA 153 -72.40 -34.06 84.75
N VAL WA 154 -71.54 -35.02 84.42
CA VAL WA 154 -70.77 -35.73 85.44
C VAL WA 154 -69.61 -34.86 85.88
N PRO WA 155 -69.37 -34.71 87.18
CA PRO WA 155 -68.22 -33.93 87.64
C PRO WA 155 -66.90 -34.57 87.24
N TYR WA 156 -65.96 -33.73 86.86
CA TYR WA 156 -64.65 -34.17 86.41
C TYR WA 156 -63.58 -33.31 87.04
N CYS WA 157 -62.39 -33.89 87.21
CA CYS WA 157 -61.25 -33.18 87.75
C CYS WA 157 -59.99 -33.66 87.03
N ILE WA 158 -58.96 -32.84 87.09
CA ILE WA 158 -57.65 -33.16 86.53
C ILE WA 158 -56.65 -33.24 87.66
N ILE WA 159 -55.93 -34.34 87.72
CA ILE WA 159 -54.98 -34.62 88.79
C ILE WA 159 -53.57 -34.71 88.22
N LYS WA 160 -52.59 -34.35 89.04
CA LYS WA 160 -51.20 -34.35 88.63
C LYS WA 160 -50.68 -35.78 88.68
N GLY WA 161 -50.38 -36.34 87.52
CA GLY WA 161 -49.70 -37.62 87.46
C GLY WA 161 -50.55 -38.77 86.96
N LYS WA 162 -50.21 -39.29 85.78
CA LYS WA 162 -50.76 -40.56 85.35
C LYS WA 162 -50.13 -41.73 86.07
N ALA WA 163 -48.93 -41.55 86.60
CA ALA WA 163 -48.29 -42.62 87.37
C ALA WA 163 -49.06 -42.91 88.65
N ARG WA 164 -49.64 -41.89 89.27
CA ARG WA 164 -50.43 -42.09 90.47
C ARG WA 164 -51.68 -42.91 90.19
N LEU WA 165 -52.37 -42.60 89.09
CA LEU WA 165 -53.51 -43.41 88.69
C LEU WA 165 -53.08 -44.83 88.32
N GLY WA 166 -51.90 -44.97 87.71
CA GLY WA 166 -51.40 -46.29 87.43
C GLY WA 166 -51.19 -47.11 88.69
N ARG WA 167 -50.58 -46.51 89.71
CA ARG WA 167 -50.41 -47.23 90.98
C ARG WA 167 -51.75 -47.49 91.63
N LEU WA 168 -52.73 -46.63 91.39
CA LEU WA 168 -54.07 -46.89 91.88
C LEU WA 168 -54.65 -48.16 91.26
N VAL WA 169 -54.43 -48.36 89.97
CA VAL WA 169 -55.00 -49.50 89.27
C VAL WA 169 -53.99 -50.63 89.09
N HIS WA 170 -52.89 -50.59 89.83
CA HIS WA 170 -51.84 -51.62 89.79
C HIS WA 170 -51.24 -51.76 88.39
N ARG WA 171 -50.97 -50.63 87.75
CA ARG WA 171 -50.30 -50.61 86.46
C ARG WA 171 -49.26 -49.50 86.46
N LYS WA 172 -48.57 -49.35 85.34
CA LYS WA 172 -47.57 -48.29 85.25
C LYS WA 172 -48.23 -46.93 85.10
N THR WA 173 -49.26 -46.85 84.28
CA THR WA 173 -49.88 -45.59 83.91
C THR WA 173 -51.36 -45.82 83.65
N CYS WA 174 -52.21 -44.96 84.20
CA CYS WA 174 -53.62 -44.94 83.86
C CYS WA 174 -54.01 -43.54 83.42
N THR WA 175 -54.65 -43.45 82.27
CA THR WA 175 -55.05 -42.14 81.74
C THR WA 175 -56.15 -41.52 82.57
N THR WA 176 -57.22 -42.28 82.84
CA THR WA 176 -58.38 -41.78 83.56
C THR WA 176 -58.95 -42.87 84.45
N VAL WA 177 -59.63 -42.45 85.52
CA VAL WA 177 -60.40 -43.36 86.34
C VAL WA 177 -61.76 -42.73 86.59
N ALA WA 178 -62.71 -43.56 86.99
CA ALA WA 178 -64.07 -43.09 87.22
C ALA WA 178 -64.64 -43.75 88.45
N PHE WA 179 -65.59 -43.08 89.08
CA PHE WA 179 -66.30 -43.57 90.24
C PHE WA 179 -67.72 -43.91 89.81
N THR WA 180 -68.05 -45.19 89.79
CA THR WA 180 -69.42 -45.65 89.68
C THR WA 180 -70.07 -45.55 91.06
N GLN WA 181 -71.18 -46.26 91.28
CA GLN WA 181 -71.79 -46.31 92.60
C GLN WA 181 -70.75 -46.67 93.66
N VAL WA 182 -70.93 -46.11 94.85
CA VAL WA 182 -69.93 -46.12 95.90
C VAL WA 182 -70.60 -46.61 97.18
N ASN WA 183 -69.78 -47.02 98.15
CA ASN WA 183 -70.30 -47.53 99.40
C ASN WA 183 -70.94 -46.40 100.23
N SER WA 184 -71.90 -46.80 101.07
CA SER WA 184 -72.70 -45.84 101.82
C SER WA 184 -71.84 -45.04 102.79
N GLU WA 185 -70.86 -45.69 103.42
CA GLU WA 185 -70.01 -44.98 104.38
C GLU WA 185 -69.17 -43.92 103.67
N ASP WA 186 -68.79 -44.14 102.42
CA ASP WA 186 -67.99 -43.19 101.67
C ASP WA 186 -68.85 -42.24 100.82
N LYS WA 187 -70.17 -42.38 100.86
CA LYS WA 187 -71.03 -41.48 100.09
C LYS WA 187 -70.85 -40.04 100.54
N GLY WA 188 -70.73 -39.79 101.84
CA GLY WA 188 -70.54 -38.43 102.31
C GLY WA 188 -69.23 -37.82 101.86
N ALA WA 189 -68.14 -38.60 101.95
CA ALA WA 189 -66.85 -38.10 101.47
C ALA WA 189 -66.88 -37.85 99.98
N LEU WA 190 -67.54 -38.73 99.22
CA LEU WA 190 -67.63 -38.54 97.78
C LEU WA 190 -68.40 -37.27 97.46
N ALA WA 191 -69.52 -37.02 98.16
CA ALA WA 191 -70.27 -35.79 97.91
C ALA WA 191 -69.46 -34.56 98.28
N LYS WA 192 -68.73 -34.62 99.40
CA LYS WA 192 -67.90 -33.49 99.81
C LYS WA 192 -66.83 -33.19 98.77
N LEU WA 193 -66.23 -34.23 98.19
CA LEU WA 193 -65.28 -34.01 97.10
C LEU WA 193 -65.98 -33.45 95.88
N VAL WA 194 -67.12 -34.03 95.51
CA VAL WA 194 -67.77 -33.72 94.24
C VAL WA 194 -68.23 -32.27 94.21
N GLU WA 195 -68.72 -31.74 95.33
CA GLU WA 195 -69.16 -30.35 95.31
C GLU WA 195 -68.01 -29.39 95.01
N ALA WA 196 -66.85 -29.61 95.63
CA ALA WA 196 -65.68 -28.79 95.33
C ALA WA 196 -65.19 -29.00 93.90
N ILE WA 197 -65.21 -30.24 93.43
CA ILE WA 197 -64.75 -30.55 92.08
C ILE WA 197 -65.63 -29.85 91.04
N ARG WA 198 -66.95 -29.90 91.24
CA ARG WA 198 -67.87 -29.24 90.34
C ARG WA 198 -67.71 -27.72 90.41
N THR WA 199 -67.45 -27.19 91.60
CA THR WA 199 -67.20 -25.76 91.72
C THR WA 199 -65.97 -25.35 90.91
N ASN WA 200 -64.91 -26.15 90.97
CA ASN WA 200 -63.67 -25.76 90.32
C ASN WA 200 -63.66 -26.05 88.82
N TYR WA 201 -64.39 -27.06 88.36
CA TYR WA 201 -64.26 -27.47 86.96
C TYR WA 201 -65.54 -27.31 86.16
N ASN WA 202 -66.64 -27.94 86.54
CA ASN WA 202 -67.83 -27.91 85.70
C ASN WA 202 -68.50 -26.56 85.71
N ASP WA 203 -68.43 -25.85 86.83
CA ASP WA 203 -69.17 -24.61 86.98
C ASP WA 203 -68.55 -23.48 86.16
N ARG WA 204 -67.23 -23.47 86.02
CA ARG WA 204 -66.54 -22.42 85.29
C ARG WA 204 -66.00 -22.90 83.94
N TYR WA 205 -66.71 -23.85 83.34
CA TYR WA 205 -66.33 -24.37 82.04
C TYR WA 205 -66.36 -23.29 80.97
N ASP WA 206 -67.19 -22.27 81.13
CA ASP WA 206 -67.26 -21.20 80.14
C ASP WA 206 -65.92 -20.45 80.02
N GLU WA 207 -65.30 -20.12 81.15
CA GLU WA 207 -64.02 -19.44 81.10
C GLU WA 207 -62.86 -20.40 80.93
N ILE WA 208 -63.01 -21.67 81.33
CA ILE WA 208 -62.00 -22.65 80.96
C ILE WA 208 -61.93 -22.79 79.45
N ARG WA 209 -63.08 -22.69 78.77
CA ARG WA 209 -63.10 -22.78 77.31
C ARG WA 209 -62.32 -21.66 76.65
N ARG WA 210 -62.27 -20.49 77.28
CA ARG WA 210 -61.63 -19.33 76.67
C ARG WA 210 -60.24 -19.05 77.22
N HIS WA 211 -59.81 -19.76 78.25
CA HIS WA 211 -58.53 -19.50 78.89
C HIS WA 211 -57.41 -20.09 78.04
N TRP WA 212 -56.81 -19.24 77.20
CA TRP WA 212 -55.63 -19.65 76.47
C TRP WA 212 -54.44 -19.72 77.40
N GLY WA 213 -53.38 -20.41 76.95
CA GLY WA 213 -52.20 -20.62 77.74
C GLY WA 213 -50.93 -20.21 77.01
N GLY WA 214 -49.83 -20.31 77.74
CA GLY WA 214 -48.53 -19.97 77.18
C GLY WA 214 -48.39 -18.48 76.92
N ASN WA 215 -47.67 -18.16 75.85
CA ASN WA 215 -47.44 -16.78 75.41
C ASN WA 215 -46.77 -15.94 76.48
N VAL WA 216 -45.71 -16.50 77.08
CA VAL WA 216 -44.85 -15.77 78.00
C VAL WA 216 -43.43 -15.84 77.47
N LEU WA 217 -42.72 -14.71 77.53
CA LEU WA 217 -41.38 -14.66 77.00
C LEU WA 217 -40.38 -15.20 78.01
N GLY WA 218 -39.13 -15.29 77.59
CA GLY WA 218 -38.07 -15.73 78.45
C GLY WA 218 -37.72 -14.69 79.47
N PRO WA 219 -37.05 -15.11 80.54
CA PRO WA 219 -36.65 -14.14 81.57
C PRO WA 219 -35.75 -13.03 81.05
N LYS WA 220 -34.86 -13.33 80.10
CA LYS WA 220 -33.98 -12.29 79.58
C LYS WA 220 -34.76 -11.25 78.78
N SER WA 221 -35.66 -11.71 77.91
CA SER WA 221 -36.48 -10.78 77.13
C SER WA 221 -37.38 -9.96 78.03
N VAL WA 222 -37.97 -10.61 79.04
CA VAL WA 222 -38.79 -9.88 80.01
C VAL WA 222 -37.96 -8.86 80.75
N ALA WA 223 -36.72 -9.21 81.10
CA ALA WA 223 -35.87 -8.29 81.84
C ALA WA 223 -35.51 -7.09 81.00
N ARG WA 224 -35.18 -7.28 79.72
CA ARG WA 224 -34.85 -6.13 78.91
C ARG WA 224 -36.07 -5.27 78.58
N ILE WA 225 -37.24 -5.88 78.41
CA ILE WA 225 -38.47 -5.11 78.24
C ILE WA 225 -38.75 -4.29 79.50
N ALA WA 226 -38.57 -4.91 80.67
CA ALA WA 226 -38.81 -4.21 81.93
C ALA WA 226 -37.80 -3.09 82.14
N LYS WA 227 -36.56 -3.29 81.69
CA LYS WA 227 -35.58 -2.22 81.75
C LYS WA 227 -35.99 -1.04 80.89
N LEU WA 228 -36.47 -1.31 79.67
CA LEU WA 228 -36.96 -0.23 78.82
C LEU WA 228 -38.14 0.49 79.45
N GLU WA 229 -39.09 -0.28 80.01
CA GLU WA 229 -40.26 0.33 80.62
C GLU WA 229 -39.89 1.13 81.85
N LYS WA 230 -38.91 0.66 82.63
CA LYS WA 230 -38.44 1.40 83.79
C LYS WA 230 -37.78 2.71 83.38
N ALA WA 231 -36.97 2.67 82.30
CA ALA WA 231 -36.38 3.91 81.81
C ALA WA 231 -37.44 4.89 81.35
N LYS WA 232 -38.46 4.40 80.66
CA LYS WA 232 -39.55 5.27 80.20
C LYS WA 232 -40.31 5.87 81.38
N ALA WA 233 -40.61 5.05 82.39
CA ALA WA 233 -41.33 5.54 83.56
C ALA WA 233 -40.50 6.55 84.34
N LYS WA 234 -39.20 6.31 84.45
CA LYS WA 234 -38.31 7.27 85.10
C LYS WA 234 -38.29 8.59 84.34
N GLU WA 235 -38.25 8.52 83.01
CA GLU WA 235 -38.30 9.74 82.20
C GLU WA 235 -39.59 10.50 82.42
N LEU WA 236 -40.72 9.80 82.46
CA LEU WA 236 -42.00 10.45 82.71
C LEU WA 236 -42.04 11.07 84.10
N ALA WA 237 -41.54 10.36 85.10
CA ALA WA 237 -41.55 10.88 86.47
C ALA WA 237 -40.67 12.12 86.60
N THR WA 238 -39.50 12.12 85.96
CA THR WA 238 -38.66 13.31 85.97
C THR WA 238 -39.31 14.45 85.20
N LYS WA 239 -40.03 14.15 84.12
CA LYS WA 239 -40.71 15.19 83.37
C LYS WA 239 -41.80 15.84 84.21
N LEU WA 240 -42.56 15.05 84.96
CA LEU WA 240 -43.63 15.60 85.79
C LEU WA 240 -43.17 15.98 87.19
N GLY WA 241 -41.89 15.83 87.50
CA GLY WA 241 -41.38 16.17 88.82
C GLY WA 241 -40.81 17.57 88.90
N MET XA 1 -5.88 -41.15 -79.10
CA MET XA 1 -5.91 -41.48 -80.52
C MET XA 1 -4.66 -42.25 -80.93
N LYS XA 2 -4.85 -43.28 -81.75
CA LYS XA 2 -3.74 -44.05 -82.28
C LYS XA 2 -3.67 -43.85 -83.79
N THR XA 3 -2.68 -43.10 -84.24
CA THR XA 3 -2.48 -42.89 -85.66
C THR XA 3 -2.01 -44.18 -86.30
N ILE XA 4 -2.59 -44.55 -87.45
CA ILE XA 4 -2.27 -45.82 -88.09
C ILE XA 4 -0.80 -45.87 -88.47
N LEU XA 5 -0.30 -44.81 -89.09
CA LEU XA 5 1.05 -44.81 -89.60
C LEU XA 5 1.64 -43.41 -89.50
N SER XA 6 2.87 -43.32 -89.02
CA SER XA 6 3.65 -42.09 -89.02
C SER XA 6 5.02 -42.44 -89.57
N ASN XA 7 5.36 -41.91 -90.73
CA ASN XA 7 6.60 -42.29 -91.40
C ASN XA 7 7.38 -41.05 -91.82
N GLN XA 8 8.70 -41.20 -91.85
CA GLN XA 8 9.57 -40.13 -92.30
C GLN XA 8 10.80 -40.73 -92.95
N THR XA 9 11.23 -40.11 -94.05
CA THR XA 9 12.33 -40.63 -94.85
C THR XA 9 13.49 -39.65 -94.83
N VAL XA 10 14.70 -40.16 -94.71
CA VAL XA 10 15.92 -39.39 -94.83
C VAL XA 10 16.68 -39.87 -96.06
N ASP XA 11 17.38 -38.94 -96.71
CA ASP XA 11 18.15 -39.24 -97.90
C ASP XA 11 19.62 -39.38 -97.53
N ILE XA 12 20.30 -40.35 -98.14
CA ILE XA 12 21.69 -40.64 -97.85
C ILE XA 12 22.52 -40.26 -99.06
N PRO XA 13 23.56 -39.44 -98.90
CA PRO XA 13 24.42 -39.10 -100.05
C PRO XA 13 25.16 -40.30 -100.63
N GLU XA 14 25.85 -40.09 -101.75
CA GLU XA 14 26.54 -41.19 -102.40
C GLU XA 14 27.80 -41.61 -101.65
N ASN XA 15 28.53 -40.64 -101.10
CA ASN XA 15 29.81 -40.92 -100.45
C ASN XA 15 29.67 -41.67 -99.13
N VAL XA 16 28.46 -41.81 -98.61
CA VAL XA 16 28.21 -42.46 -97.34
C VAL XA 16 27.16 -43.56 -97.54
N ASP XA 17 27.33 -44.68 -96.86
CA ASP XA 17 26.35 -45.75 -96.92
C ASP XA 17 25.95 -46.19 -95.52
N ILE XA 18 24.71 -46.62 -95.40
CA ILE XA 18 24.10 -46.94 -94.12
C ILE XA 18 23.68 -48.40 -94.12
N THR XA 19 24.06 -49.12 -93.07
CA THR XA 19 23.71 -50.52 -92.88
C THR XA 19 22.84 -50.63 -91.64
N LEU XA 20 21.84 -51.51 -91.71
CA LEU XA 20 20.93 -51.74 -90.59
C LEU XA 20 21.13 -53.15 -90.05
N LYS XA 21 21.30 -53.25 -88.73
CA LYS XA 21 21.27 -54.52 -88.02
C LYS XA 21 20.14 -54.40 -87.02
N GLY XA 22 18.93 -54.72 -87.45
CA GLY XA 22 17.75 -54.50 -86.65
C GLY XA 22 17.48 -53.01 -86.50
N ARG XA 23 17.66 -52.49 -85.28
CA ARG XA 23 17.51 -51.07 -85.01
C ARG XA 23 18.85 -50.41 -84.76
N THR XA 24 19.96 -51.09 -85.03
CA THR XA 24 21.28 -50.53 -84.90
C THR XA 24 21.72 -50.00 -86.27
N VAL XA 25 21.94 -48.70 -86.36
CA VAL XA 25 22.33 -48.04 -87.60
C VAL XA 25 23.85 -47.90 -87.60
N ILE XA 26 24.49 -48.38 -88.66
CA ILE XA 26 25.91 -48.19 -88.90
C ILE XA 26 26.04 -47.26 -90.09
N VAL XA 27 26.66 -46.10 -89.89
CA VAL XA 27 26.79 -45.10 -90.92
C VAL XA 27 28.27 -45.01 -91.27
N LYS XA 28 28.62 -45.40 -92.49
CA LYS XA 28 30.01 -45.47 -92.92
C LYS XA 28 30.24 -44.41 -93.98
N GLY XA 29 31.09 -43.44 -93.67
CA GLY XA 29 31.41 -42.38 -94.59
C GLY XA 29 32.90 -42.22 -94.77
N PRO XA 30 33.31 -41.15 -95.45
CA PRO XA 30 34.75 -40.91 -95.61
C PRO XA 30 35.49 -40.67 -94.31
N ARG XA 31 34.85 -40.02 -93.34
CA ARG XA 31 35.53 -39.61 -92.12
C ARG XA 31 35.54 -40.68 -91.05
N GLY XA 32 35.03 -41.87 -91.33
CA GLY XA 32 35.05 -42.96 -90.39
C GLY XA 32 33.71 -43.65 -90.35
N THR XA 33 33.43 -44.29 -89.21
CA THR XA 33 32.21 -45.04 -89.01
C THR XA 33 31.55 -44.57 -87.72
N LEU XA 34 30.23 -44.42 -87.76
CA LEU XA 34 29.43 -44.17 -86.57
C LEU XA 34 28.43 -45.30 -86.41
N ARG XA 35 27.99 -45.52 -85.18
CA ARG XA 35 27.13 -46.66 -84.89
C ARG XA 35 26.24 -46.33 -83.71
N ARG XA 36 24.94 -46.52 -83.85
CA ARG XA 36 24.01 -46.18 -82.79
C ARG XA 36 22.80 -47.08 -82.85
N ASP XA 37 22.41 -47.64 -81.71
CA ASP XA 37 21.27 -48.54 -81.64
C ASP XA 37 20.08 -47.84 -81.02
N PHE XA 38 18.92 -47.99 -81.66
CA PHE XA 38 17.68 -47.38 -81.22
C PHE XA 38 16.70 -48.43 -80.70
N ASN XA 39 17.21 -49.42 -79.96
CA ASN XA 39 16.36 -50.48 -79.44
C ASN XA 39 15.36 -49.97 -78.42
N HIS XA 40 15.58 -48.76 -77.86
CA HIS XA 40 14.62 -48.21 -76.93
C HIS XA 40 13.39 -47.64 -77.62
N ILE XA 41 13.38 -47.59 -78.95
CA ILE XA 41 12.25 -47.07 -79.71
C ILE XA 41 11.73 -48.18 -80.61
N ASN XA 42 10.44 -48.45 -80.53
CA ASN XA 42 9.81 -49.50 -81.32
C ASN XA 42 9.41 -48.91 -82.67
N VAL XA 43 10.32 -48.97 -83.63
CA VAL XA 43 10.07 -48.46 -84.98
C VAL XA 43 10.53 -49.50 -85.99
N GLU XA 44 10.12 -49.28 -87.22
CA GLU XA 44 10.52 -50.10 -88.35
C GLU XA 44 11.46 -49.27 -89.21
N LEU XA 45 12.69 -49.74 -89.38
CA LEU XA 45 13.69 -49.06 -90.17
C LEU XA 45 13.88 -49.81 -91.48
N SER XA 46 13.82 -49.09 -92.59
CA SER XA 46 13.93 -49.71 -93.90
C SER XA 46 14.86 -48.93 -94.79
N LEU XA 47 15.59 -49.63 -95.65
CA LEU XA 47 16.38 -49.01 -96.71
C LEU XA 47 15.71 -49.30 -98.04
N LEU XA 48 15.55 -48.27 -98.87
CA LEU XA 48 14.67 -48.35 -100.02
C LEU XA 48 15.41 -48.40 -101.35
N GLY XA 49 16.23 -47.41 -101.64
CA GLY XA 49 16.82 -47.28 -102.97
C GLY XA 49 18.19 -47.91 -103.09
N LYS XA 50 18.47 -48.41 -104.29
CA LYS XA 50 19.81 -48.87 -104.67
C LYS XA 50 20.54 -47.84 -105.50
N LYS XA 51 19.99 -46.65 -105.62
CA LYS XA 51 20.46 -45.53 -106.40
C LYS XA 51 20.60 -44.26 -105.57
N LYS XA 52 19.68 -44.02 -104.64
CA LYS XA 52 19.64 -42.80 -103.86
C LYS XA 52 19.66 -43.03 -102.35
N LYS XA 53 19.49 -44.27 -101.90
CA LYS XA 53 19.69 -44.66 -100.51
C LYS XA 53 18.79 -43.85 -99.57
N ARG XA 54 17.50 -44.14 -99.66
CA ARG XA 54 16.56 -43.60 -98.70
C ARG XA 54 16.43 -44.53 -97.50
N LEU XA 55 16.43 -43.95 -96.31
CA LEU XA 55 16.15 -44.70 -95.08
C LEU XA 55 14.84 -44.19 -94.51
N ARG XA 56 13.87 -45.08 -94.37
CA ARG XA 56 12.53 -44.72 -93.92
C ARG XA 56 12.29 -45.27 -92.51
N VAL XA 57 11.74 -44.43 -91.66
CA VAL XA 57 11.38 -44.78 -90.30
C VAL XA 57 9.86 -44.80 -90.22
N ASP XA 58 9.31 -45.93 -89.80
CA ASP XA 58 7.87 -46.13 -89.69
C ASP XA 58 7.50 -46.39 -88.25
N LYS XA 59 6.40 -45.81 -87.81
CA LYS XA 59 5.79 -46.13 -86.54
C LYS XA 59 4.32 -46.44 -86.79
N TRP XA 60 3.86 -47.58 -86.32
CA TRP XA 60 2.50 -48.02 -86.52
C TRP XA 60 1.74 -47.99 -85.20
N TRP XA 61 0.52 -47.47 -85.25
CA TRP XA 61 -0.37 -47.43 -84.09
C TRP XA 61 0.29 -46.72 -82.90
N GLY XA 62 0.89 -45.59 -83.17
CA GLY XA 62 1.50 -44.80 -82.12
C GLY XA 62 0.54 -43.80 -81.52
N ASN XA 63 0.84 -43.38 -80.30
CA ASN XA 63 0.11 -42.30 -79.67
C ASN XA 63 0.98 -41.05 -79.64
N ARG XA 64 0.44 -39.99 -79.04
CA ARG XA 64 1.07 -38.66 -79.09
C ARG XA 64 2.52 -38.69 -78.64
N LYS XA 65 2.84 -39.53 -77.65
CA LYS XA 65 4.19 -39.55 -77.12
C LYS XA 65 5.16 -40.24 -78.06
N GLU XA 66 4.75 -41.32 -78.71
CA GLU XA 66 5.67 -42.10 -79.53
C GLU XA 66 5.61 -41.74 -81.01
N LEU XA 67 4.71 -40.85 -81.43
CA LEU XA 67 4.92 -40.19 -82.70
C LEU XA 67 6.05 -39.17 -82.65
N ALA XA 68 6.45 -38.75 -81.46
CA ALA XA 68 7.52 -37.77 -81.34
C ALA XA 68 8.89 -38.38 -81.60
N THR XA 69 9.00 -39.70 -81.61
CA THR XA 69 10.28 -40.37 -81.76
C THR XA 69 10.71 -40.57 -83.20
N VAL XA 70 9.79 -40.47 -84.16
CA VAL XA 70 10.14 -40.69 -85.55
C VAL XA 70 11.08 -39.59 -86.05
N ARG XA 71 10.71 -38.33 -85.81
CA ARG XA 71 11.57 -37.22 -86.19
C ARG XA 71 12.86 -37.23 -85.39
N THR XA 72 12.81 -37.69 -84.13
CA THR XA 72 14.03 -37.78 -83.33
C THR XA 72 15.00 -38.77 -83.94
N ILE XA 73 14.53 -39.95 -84.36
CA ILE XA 73 15.41 -40.92 -85.01
C ILE XA 73 15.95 -40.37 -86.31
N CYS XA 74 15.09 -39.72 -87.09
CA CYS XA 74 15.55 -39.16 -88.36
C CYS XA 74 16.63 -38.10 -88.13
N SER XA 75 16.45 -37.26 -87.11
CA SER XA 75 17.44 -36.23 -86.81
C SER XA 75 18.74 -36.84 -86.33
N HIS XA 76 18.67 -37.89 -85.51
CA HIS XA 76 19.89 -38.56 -85.07
C HIS XA 76 20.64 -39.18 -86.26
N VAL XA 77 19.91 -39.80 -87.18
CA VAL XA 77 20.57 -40.41 -88.34
C VAL XA 77 21.17 -39.34 -89.23
N GLN XA 78 20.47 -38.22 -89.42
CA GLN XA 78 21.02 -37.13 -90.21
C GLN XA 78 22.26 -36.55 -89.56
N ASN XA 79 22.27 -36.44 -88.23
CA ASN XA 79 23.46 -35.97 -87.53
C ASN XA 79 24.61 -36.97 -87.68
N MET XA 80 24.31 -38.27 -87.67
CA MET XA 80 25.36 -39.26 -87.93
C MET XA 80 25.93 -39.10 -89.34
N ILE XA 81 25.08 -38.89 -90.32
CA ILE XA 81 25.55 -38.69 -91.70
C ILE XA 81 26.41 -37.44 -91.79
N LYS XA 82 25.96 -36.37 -91.16
CA LYS XA 82 26.73 -35.13 -91.14
C LYS XA 82 28.06 -35.32 -90.43
N GLY XA 83 28.10 -36.14 -89.38
CA GLY XA 83 29.35 -36.39 -88.69
C GLY XA 83 30.35 -37.18 -89.52
N VAL XA 84 29.87 -38.19 -90.25
CA VAL XA 84 30.80 -38.98 -91.05
C VAL XA 84 31.14 -38.35 -92.39
N THR XA 85 30.37 -37.35 -92.83
CA THR XA 85 30.73 -36.65 -94.06
C THR XA 85 31.52 -35.38 -93.80
N LEU XA 86 31.03 -34.49 -92.94
CA LEU XA 86 31.69 -33.22 -92.66
C LEU XA 86 32.29 -33.13 -91.28
N GLY XA 87 31.82 -33.91 -90.31
CA GLY XA 87 32.34 -33.82 -88.96
C GLY XA 87 31.77 -32.65 -88.21
N PHE XA 88 31.90 -32.65 -86.88
CA PHE XA 88 31.37 -31.59 -86.04
C PHE XA 88 32.54 -30.87 -85.39
N ARG XA 89 32.49 -29.54 -85.41
CA ARG XA 89 33.54 -28.71 -84.85
C ARG XA 89 32.88 -27.61 -84.02
N TYR XA 90 33.14 -27.65 -82.73
CA TYR XA 90 32.63 -26.65 -81.79
C TYR XA 90 33.76 -25.71 -81.42
N LYS XA 91 33.56 -24.43 -81.66
CA LYS XA 91 34.53 -23.41 -81.30
C LYS XA 91 34.08 -22.72 -80.02
N MET XA 92 34.96 -22.72 -79.03
CA MET XA 92 34.67 -22.23 -77.69
C MET XA 92 35.60 -21.07 -77.39
N ARG XA 93 35.04 -19.87 -77.25
CA ARG XA 93 35.83 -18.72 -76.83
C ARG XA 93 35.92 -18.72 -75.31
N SER XA 94 37.08 -18.36 -74.79
CA SER XA 94 37.23 -18.21 -73.35
C SER XA 94 37.24 -16.72 -73.02
N VAL XA 95 36.33 -16.30 -72.17
CA VAL XA 95 36.17 -14.88 -71.83
C VAL XA 95 36.67 -14.69 -70.41
N TYR XA 96 37.22 -13.50 -70.16
CA TYR XA 96 37.68 -13.17 -68.83
C TYR XA 96 37.83 -11.66 -68.72
N ALA XA 97 37.68 -11.15 -67.51
CA ALA XA 97 37.86 -9.73 -67.27
C ALA XA 97 39.29 -9.40 -66.87
N HIS XA 98 39.82 -10.12 -65.87
CA HIS XA 98 41.15 -9.83 -65.35
C HIS XA 98 42.11 -10.99 -65.57
N PHE XA 99 41.79 -12.18 -65.06
CA PHE XA 99 42.73 -13.30 -65.11
C PHE XA 99 42.61 -14.03 -66.43
N PRO XA 100 43.64 -14.05 -67.26
CA PRO XA 100 43.58 -14.88 -68.47
C PRO XA 100 43.47 -16.34 -68.10
N ILE XA 101 42.69 -17.08 -68.88
CA ILE XA 101 42.46 -18.49 -68.64
C ILE XA 101 43.45 -19.26 -69.49
N ASN XA 102 44.39 -19.94 -68.83
CA ASN XA 102 45.41 -20.70 -69.53
C ASN XA 102 44.92 -22.12 -69.74
N VAL XA 103 44.81 -22.52 -71.00
CA VAL XA 103 44.34 -23.84 -71.38
C VAL XA 103 45.50 -24.59 -72.03
N VAL XA 104 45.84 -25.74 -71.47
CA VAL XA 104 46.92 -26.58 -71.95
C VAL XA 104 46.30 -27.88 -72.45
N ILE XA 105 46.62 -28.25 -73.69
CA ILE XA 105 46.09 -29.46 -74.29
C ILE XA 105 47.07 -30.60 -74.06
N GLN XA 106 46.61 -31.64 -73.39
CA GLN XA 106 47.42 -32.81 -73.10
C GLN XA 106 47.24 -33.83 -74.22
N GLU XA 107 47.58 -35.09 -73.95
CA GLU XA 107 47.80 -36.13 -74.95
C GLU XA 107 46.72 -36.17 -76.03
N ASN XA 108 47.14 -35.88 -77.26
CA ASN XA 108 46.32 -36.03 -78.46
C ASN XA 108 44.97 -35.32 -78.34
N GLY XA 109 44.94 -34.20 -77.63
CA GLY XA 109 43.70 -33.49 -77.44
C GLY XA 109 42.65 -34.22 -76.66
N SER XA 110 43.05 -35.03 -75.68
CA SER XA 110 42.11 -35.78 -74.86
C SER XA 110 41.96 -35.22 -73.46
N LEU XA 111 42.89 -34.41 -72.99
CA LEU XA 111 42.78 -33.79 -71.68
C LEU XA 111 43.00 -32.29 -71.82
N VAL XA 112 42.20 -31.52 -71.08
CA VAL XA 112 42.26 -30.07 -71.10
C VAL XA 112 42.58 -29.60 -69.69
N GLU XA 113 43.62 -28.78 -69.56
CA GLU XA 113 44.02 -28.24 -68.26
C GLU XA 113 43.74 -26.74 -68.25
N ILE XA 114 42.80 -26.34 -67.40
CA ILE XA 114 42.50 -24.93 -67.16
C ILE XA 114 43.24 -24.53 -65.90
N ARG XA 115 44.08 -23.50 -66.00
CA ARG XA 115 45.04 -23.19 -64.95
C ARG XA 115 44.64 -22.00 -64.09
N ASN XA 116 44.24 -20.90 -64.71
CA ASN XA 116 44.10 -19.64 -63.99
C ASN XA 116 42.70 -19.09 -64.11
N PHE XA 117 41.69 -19.94 -63.98
CA PHE XA 117 40.32 -19.47 -64.09
C PHE XA 117 39.97 -18.65 -62.87
N LEU XA 118 39.75 -17.35 -63.06
CA LEU XA 118 39.51 -16.38 -61.98
C LEU XA 118 40.67 -16.32 -61.00
N GLY XA 119 41.85 -16.77 -61.41
CA GLY XA 119 43.04 -16.62 -60.60
C GLY XA 119 43.16 -17.57 -59.44
N GLU XA 120 42.43 -18.68 -59.42
CA GLU XA 120 42.55 -19.62 -58.33
C GLU XA 120 43.59 -20.68 -58.63
N LYS XA 121 44.21 -21.19 -57.56
CA LYS XA 121 45.31 -22.13 -57.71
C LYS XA 121 44.87 -23.51 -58.13
N TYR XA 122 43.58 -23.81 -58.01
CA TYR XA 122 43.09 -25.12 -58.42
C TYR XA 122 43.20 -25.29 -59.92
N ILE XA 123 43.62 -26.48 -60.35
CA ILE XA 123 43.79 -26.80 -61.76
C ILE XA 123 42.63 -27.72 -62.16
N ARG XA 124 41.96 -27.37 -63.26
CA ARG XA 124 40.84 -28.16 -63.75
C ARG XA 124 41.33 -29.07 -64.87
N ARG XA 125 41.11 -30.36 -64.70
CA ARG XA 125 41.46 -31.35 -65.73
C ARG XA 125 40.17 -31.94 -66.27
N VAL XA 126 39.87 -31.65 -67.52
CA VAL XA 126 38.66 -32.11 -68.18
C VAL XA 126 39.06 -33.18 -69.18
N ARG XA 127 38.43 -34.36 -69.06
CA ARG XA 127 38.70 -35.46 -69.96
C ARG XA 127 37.66 -35.46 -71.08
N MET XA 128 38.12 -35.32 -72.31
CA MET XA 128 37.22 -35.36 -73.45
C MET XA 128 36.69 -36.78 -73.65
N ARG XA 129 35.49 -36.87 -74.20
CA ARG XA 129 34.94 -38.17 -74.54
C ARG XA 129 35.77 -38.80 -75.66
N PRO XA 130 35.84 -40.13 -75.70
CA PRO XA 130 36.62 -40.79 -76.76
C PRO XA 130 36.10 -40.45 -78.13
N GLY XA 131 37.02 -40.29 -79.08
CA GLY XA 131 36.68 -39.87 -80.41
C GLY XA 131 36.59 -38.38 -80.61
N VAL XA 132 36.89 -37.59 -79.58
CA VAL XA 132 36.80 -36.14 -79.64
C VAL XA 132 38.20 -35.57 -79.39
N ALA XA 133 38.63 -34.66 -80.25
CA ALA XA 133 39.94 -34.04 -80.12
C ALA XA 133 39.79 -32.56 -79.84
N CYS XA 134 40.55 -32.06 -78.88
CA CYS XA 134 40.54 -30.65 -78.53
C CYS XA 134 41.88 -30.02 -78.91
N SER XA 135 41.82 -28.74 -79.29
CA SER XA 135 43.04 -28.04 -79.68
C SER XA 135 42.82 -26.56 -79.44
N VAL XA 136 43.93 -25.82 -79.43
CA VAL XA 136 43.90 -24.37 -79.31
C VAL XA 136 44.03 -23.78 -80.71
N SER XA 137 43.11 -22.91 -81.09
CA SER XA 137 43.10 -22.39 -82.45
C SER XA 137 44.32 -21.50 -82.67
N GLN XA 138 44.88 -21.58 -83.87
CA GLN XA 138 45.98 -20.71 -84.27
C GLN XA 138 45.48 -19.40 -84.87
N ALA XA 139 44.17 -19.22 -85.02
CA ALA XA 139 43.64 -18.00 -85.62
C ALA XA 139 43.38 -16.93 -84.58
N GLN XA 140 42.48 -17.21 -83.64
CA GLN XA 140 42.12 -16.23 -82.62
C GLN XA 140 42.92 -16.45 -81.35
N LYS XA 141 42.72 -15.55 -80.39
CA LYS XA 141 43.58 -15.52 -79.21
C LYS XA 141 43.17 -16.60 -78.22
N ASP XA 142 41.95 -16.53 -77.70
CA ASP XA 142 41.49 -17.43 -76.64
C ASP XA 142 40.34 -18.27 -77.16
N GLU XA 143 40.69 -19.34 -77.88
CA GLU XA 143 39.69 -20.15 -78.56
C GLU XA 143 40.12 -21.60 -78.62
N LEU XA 144 39.19 -22.48 -78.26
CA LEU XA 144 39.34 -23.91 -78.32
C LEU XA 144 38.54 -24.45 -79.49
N ILE XA 145 39.08 -25.47 -80.15
CA ILE XA 145 38.40 -26.16 -81.24
C ILE XA 145 38.22 -27.60 -80.81
N LEU XA 146 36.97 -28.07 -80.81
CA LEU XA 146 36.65 -29.45 -80.48
C LEU XA 146 36.12 -30.11 -81.75
N GLU XA 147 36.86 -31.08 -82.26
CA GLU XA 147 36.50 -31.75 -83.51
C GLU XA 147 36.19 -33.21 -83.24
N GLY XA 148 35.15 -33.71 -83.89
CA GLY XA 148 34.78 -35.10 -83.72
C GLY XA 148 33.78 -35.50 -84.77
N ASN XA 149 33.28 -36.72 -84.62
CA ASN XA 149 32.28 -37.27 -85.53
C ASN XA 149 30.90 -37.34 -84.89
N ASP XA 150 30.82 -37.70 -83.61
CA ASP XA 150 29.56 -37.82 -82.91
C ASP XA 150 29.21 -36.48 -82.28
N ILE XA 151 28.08 -35.90 -82.71
CA ILE XA 151 27.65 -34.62 -82.16
C ILE XA 151 27.37 -34.76 -80.67
N GLU XA 152 26.83 -35.90 -80.25
CA GLU XA 152 26.62 -36.17 -78.83
C GLU XA 152 27.91 -35.98 -78.05
N LEU XA 153 28.97 -36.65 -78.49
CA LEU XA 153 30.23 -36.64 -77.74
C LEU XA 153 30.92 -35.29 -77.82
N VAL XA 154 30.90 -34.65 -78.98
CA VAL XA 154 31.55 -33.34 -79.12
C VAL XA 154 30.85 -32.30 -78.25
N SER XA 155 29.53 -32.23 -78.32
CA SER XA 155 28.80 -31.26 -77.54
C SER XA 155 28.88 -31.56 -76.05
N ASN XA 156 28.92 -32.84 -75.68
CA ASN XA 156 29.09 -33.19 -74.28
C ASN XA 156 30.46 -32.78 -73.76
N SER XA 157 31.51 -32.93 -74.57
CA SER XA 157 32.83 -32.48 -74.16
C SER XA 157 32.87 -30.96 -74.00
N ALA XA 158 32.26 -30.24 -74.95
CA ALA XA 158 32.19 -28.79 -74.82
C ALA XA 158 31.44 -28.38 -73.57
N ALA XA 159 30.34 -29.07 -73.26
CA ALA XA 159 29.60 -28.79 -72.04
C ALA XA 159 30.42 -29.11 -70.80
N LEU XA 160 31.24 -30.17 -70.85
CA LEU XA 160 32.12 -30.47 -69.73
C LEU XA 160 33.06 -29.32 -69.45
N ILE XA 161 33.69 -28.78 -70.49
CA ILE XA 161 34.57 -27.62 -70.30
C ILE XA 161 33.80 -26.42 -69.77
N GLN XA 162 32.62 -26.16 -70.36
CA GLN XA 162 31.85 -24.99 -69.99
C GLN XA 162 31.40 -25.04 -68.54
N GLN XA 163 30.95 -26.20 -68.08
CA GLN XA 163 30.54 -26.36 -66.69
C GLN XA 163 31.72 -26.48 -65.74
N ALA XA 164 32.89 -26.90 -66.23
CA ALA XA 164 34.07 -26.85 -65.40
C ALA XA 164 34.45 -25.43 -65.05
N THR XA 165 34.38 -24.52 -66.03
CA THR XA 165 34.69 -23.12 -65.77
C THR XA 165 33.42 -22.40 -65.31
N THR XA 166 33.14 -22.49 -64.01
CA THR XA 166 31.90 -21.97 -63.45
C THR XA 166 32.21 -21.12 -62.21
N VAL XA 167 31.69 -19.90 -62.20
CA VAL XA 167 31.89 -19.01 -61.07
C VAL XA 167 30.92 -19.37 -59.95
N LYS XA 168 31.40 -19.33 -58.71
CA LYS XA 168 30.58 -19.69 -57.56
C LYS XA 168 30.63 -18.58 -56.52
N ASN XA 169 29.52 -18.45 -55.79
CA ASN XA 169 29.38 -17.50 -54.68
C ASN XA 169 29.56 -16.06 -55.14
N LYS XA 170 29.28 -15.79 -56.41
CA LYS XA 170 29.42 -14.46 -56.97
C LYS XA 170 28.23 -14.16 -57.86
N ASP XA 171 28.00 -12.88 -58.10
CA ASP XA 171 26.97 -12.44 -59.03
C ASP XA 171 27.43 -12.80 -60.44
N ILE XA 172 26.91 -13.90 -60.98
CA ILE XA 172 27.33 -14.34 -62.30
C ILE XA 172 26.88 -13.42 -63.41
N ARG XA 173 25.99 -12.47 -63.13
CA ARG XA 173 25.73 -11.42 -64.10
C ARG XA 173 26.91 -10.48 -64.24
N LYS XA 174 27.66 -10.26 -63.15
CA LYS XA 174 28.85 -9.43 -63.18
C LYS XA 174 30.08 -10.22 -63.56
N PHE XA 175 30.34 -11.32 -62.87
CA PHE XA 175 31.48 -12.18 -63.14
C PHE XA 175 31.12 -13.10 -64.30
N LEU XA 176 31.45 -12.66 -65.51
CA LEU XA 176 31.11 -13.40 -66.71
C LEU XA 176 32.20 -14.36 -67.16
N ASP XA 177 33.26 -14.50 -66.38
CA ASP XA 177 34.41 -15.28 -66.80
C ASP XA 177 34.05 -16.74 -67.01
N GLY XA 178 34.70 -17.35 -67.99
CA GLY XA 178 34.47 -18.75 -68.28
C GLY XA 178 34.80 -19.04 -69.73
N ILE XA 179 34.56 -20.29 -70.10
CA ILE XA 179 34.69 -20.75 -71.49
C ILE XA 179 33.31 -21.11 -71.98
N TYR XA 180 32.91 -20.54 -73.12
CA TYR XA 180 31.58 -20.71 -73.64
C TYR XA 180 31.65 -21.16 -75.09
N VAL XA 181 30.69 -21.98 -75.48
CA VAL XA 181 30.62 -22.45 -76.86
C VAL XA 181 30.26 -21.28 -77.76
N SER XA 182 31.22 -20.82 -78.56
CA SER XA 182 30.97 -19.68 -79.42
C SER XA 182 30.15 -20.06 -80.63
N GLU XA 183 30.55 -21.10 -81.35
CA GLU XA 183 29.79 -21.52 -82.51
C GLU XA 183 29.91 -23.01 -82.73
N LYS XA 184 28.94 -23.56 -83.46
CA LYS XA 184 28.89 -24.97 -83.79
C LYS XA 184 28.81 -25.09 -85.31
N GLY XA 185 29.76 -25.82 -85.90
CA GLY XA 185 29.78 -25.96 -87.33
C GLY XA 185 30.38 -27.28 -87.76
N THR XA 186 30.86 -27.35 -88.99
CA THR XA 186 31.40 -28.58 -89.53
C THR XA 186 32.88 -28.41 -89.84
N VAL XA 187 33.46 -29.43 -90.44
CA VAL XA 187 34.79 -29.37 -91.02
C VAL XA 187 34.64 -29.51 -92.53
N GLN XA 188 35.49 -28.81 -93.27
CA GLN XA 188 35.56 -28.79 -94.73
C GLN XA 188 34.42 -28.00 -95.35
N GLN XA 189 33.42 -27.63 -94.54
CA GLN XA 189 32.40 -26.64 -94.89
C GLN XA 189 31.74 -26.92 -96.24
N ALA XA 190 31.46 -28.19 -96.49
CA ALA XA 190 30.84 -28.57 -97.76
C ALA XA 190 29.32 -28.61 -97.64
N GLY YA 1 -11.17 -9.46 -35.45
CA GLY YA 1 -11.76 -10.45 -34.57
C GLY YA 1 -12.93 -11.17 -35.19
N ARG YA 2 -12.78 -11.58 -36.44
CA ARG YA 2 -13.80 -12.34 -37.16
C ARG YA 2 -13.30 -13.75 -37.40
N ARG YA 3 -14.21 -14.72 -37.26
CA ARG YA 3 -13.86 -16.11 -37.49
C ARG YA 3 -13.59 -16.36 -38.98
N PRO YA 4 -12.88 -17.42 -39.30
CA PRO YA 4 -12.76 -17.81 -40.72
C PRO YA 4 -14.12 -18.16 -41.30
N ALA YA 5 -14.29 -17.85 -42.58
CA ALA YA 5 -15.57 -18.09 -43.23
C ALA YA 5 -15.88 -19.58 -43.42
N ARG YA 6 -14.89 -20.45 -43.23
CA ARG YA 6 -15.15 -21.88 -43.28
C ARG YA 6 -16.08 -22.31 -42.17
N CYS YA 7 -16.21 -21.52 -41.11
CA CYS YA 7 -17.12 -21.83 -40.02
C CYS YA 7 -18.58 -21.61 -40.40
N TYR YA 8 -18.83 -20.63 -41.26
CA TYR YA 8 -20.19 -20.22 -41.62
C TYR YA 8 -20.45 -20.41 -43.11
N ARG YA 9 -19.68 -21.27 -43.76
CA ARG YA 9 -19.84 -21.48 -45.19
C ARG YA 9 -21.21 -22.07 -45.57
N TYR YA 10 -21.73 -23.01 -44.79
CA TYR YA 10 -22.88 -23.80 -45.20
C TYR YA 10 -24.16 -23.29 -44.54
N CYS YA 11 -25.27 -23.41 -45.26
CA CYS YA 11 -26.59 -23.00 -44.75
C CYS YA 11 -27.10 -24.10 -43.83
N LYS YA 12 -26.64 -24.06 -42.58
CA LYS YA 12 -27.03 -25.08 -41.62
C LYS YA 12 -28.27 -24.70 -40.84
N ASN YA 13 -28.47 -23.42 -40.56
CA ASN YA 13 -29.61 -22.97 -39.76
C ASN YA 13 -30.73 -22.46 -40.64
N LYS YA 14 -31.91 -22.34 -40.03
CA LYS YA 14 -33.02 -21.67 -40.66
C LYS YA 14 -32.68 -20.19 -40.82
N PRO YA 15 -33.30 -19.51 -41.77
CA PRO YA 15 -33.00 -18.08 -41.97
C PRO YA 15 -33.26 -17.28 -40.71
N TYR YA 16 -32.33 -16.37 -40.41
CA TYR YA 16 -32.30 -15.65 -39.16
C TYR YA 16 -32.21 -14.16 -39.46
N PRO YA 17 -33.30 -13.56 -39.94
CA PRO YA 17 -33.24 -12.15 -40.33
C PRO YA 17 -33.13 -11.24 -39.13
N LYS YA 18 -32.67 -10.03 -39.39
CA LYS YA 18 -32.69 -8.98 -38.37
C LYS YA 18 -34.11 -8.49 -38.22
N SER YA 19 -34.72 -8.76 -37.07
CA SER YA 19 -36.13 -8.46 -36.86
C SER YA 19 -36.32 -7.99 -35.42
N ARG YA 20 -37.57 -7.95 -34.98
CA ARG YA 20 -37.89 -7.55 -33.62
C ARG YA 20 -37.58 -8.63 -32.61
N PHE YA 21 -37.16 -9.81 -33.06
CA PHE YA 21 -36.65 -10.85 -32.17
C PHE YA 21 -35.14 -10.91 -32.13
N CYS YA 22 -34.48 -10.53 -33.22
CA CYS YA 22 -33.02 -10.51 -33.30
C CYS YA 22 -32.58 -9.04 -33.26
N ARG YA 23 -32.30 -8.55 -32.07
CA ARG YA 23 -31.81 -7.20 -31.86
C ARG YA 23 -30.32 -7.22 -31.57
N GLY YA 24 -29.67 -6.09 -31.85
CA GLY YA 24 -28.25 -5.97 -31.61
C GLY YA 24 -27.41 -6.58 -32.71
N VAL YA 25 -27.78 -6.31 -33.95
CA VAL YA 25 -27.12 -6.87 -35.12
C VAL YA 25 -26.15 -5.83 -35.68
N PRO YA 26 -24.86 -6.12 -35.77
CA PRO YA 26 -23.94 -5.19 -36.44
C PRO YA 26 -24.30 -5.00 -37.90
N ASP YA 27 -24.11 -3.78 -38.39
CA ASP YA 27 -24.44 -3.47 -39.77
C ASP YA 27 -23.52 -4.21 -40.73
N ALA YA 28 -24.08 -4.60 -41.87
CA ALA YA 28 -23.33 -5.37 -42.84
C ALA YA 28 -22.20 -4.55 -43.44
N LYS YA 29 -21.15 -5.24 -43.87
CA LYS YA 29 -20.00 -4.57 -44.45
C LYS YA 29 -20.37 -3.88 -45.75
N ILE YA 30 -21.25 -4.47 -46.54
CA ILE YA 30 -21.62 -3.93 -47.85
C ILE YA 30 -22.86 -3.06 -47.68
N ARG YA 31 -22.73 -1.78 -48.05
CA ARG YA 31 -23.84 -0.86 -48.03
C ARG YA 31 -24.23 -0.34 -49.40
N ILE YA 32 -23.35 -0.48 -50.40
CA ILE YA 32 -23.60 -0.03 -51.76
C ILE YA 32 -23.75 -1.27 -52.63
N PHE YA 33 -24.82 -1.32 -53.41
CA PHE YA 33 -25.07 -2.45 -54.28
C PHE YA 33 -25.05 -2.11 -55.75
N ASP YA 34 -25.13 -0.84 -56.12
CA ASP YA 34 -25.08 -0.44 -57.52
C ASP YA 34 -23.93 0.54 -57.73
N LEU YA 35 -23.18 0.34 -58.80
CA LEU YA 35 -22.00 1.15 -59.11
C LEU YA 35 -21.98 1.43 -60.60
N GLY YA 36 -21.05 2.30 -61.00
CA GLY YA 36 -20.96 2.67 -62.39
C GLY YA 36 -21.97 3.75 -62.71
N ARG YA 37 -22.34 3.80 -63.99
CA ARG YA 37 -23.36 4.75 -64.43
C ARG YA 37 -24.72 4.11 -64.20
N LYS YA 38 -25.22 4.22 -62.97
CA LYS YA 38 -26.56 3.70 -62.67
C LYS YA 38 -27.63 4.44 -63.44
N LYS YA 39 -27.38 5.68 -63.83
CA LYS YA 39 -28.35 6.52 -64.50
C LYS YA 39 -28.41 6.28 -66.01
N ALA YA 40 -27.61 5.36 -66.52
CA ALA YA 40 -27.60 5.09 -67.96
C ALA YA 40 -28.93 4.49 -68.40
N LYS YA 41 -29.36 4.84 -69.60
CA LYS YA 41 -30.63 4.35 -70.12
C LYS YA 41 -30.50 2.88 -70.50
N VAL YA 42 -31.64 2.28 -70.82
CA VAL YA 42 -31.68 0.84 -71.08
C VAL YA 42 -30.97 0.50 -72.37
N ASP YA 43 -30.97 1.40 -73.35
CA ASP YA 43 -30.35 1.11 -74.64
C ASP YA 43 -28.85 1.35 -74.66
N GLU YA 44 -28.29 2.04 -73.65
CA GLU YA 44 -26.85 2.30 -73.65
C GLU YA 44 -26.05 1.02 -73.45
N PHE YA 45 -26.51 0.14 -72.57
CA PHE YA 45 -25.76 -1.04 -72.15
C PHE YA 45 -26.58 -2.28 -72.48
N PRO YA 46 -26.45 -2.82 -73.69
CA PRO YA 46 -27.25 -3.99 -74.07
C PRO YA 46 -26.69 -5.32 -73.60
N LEU YA 47 -25.45 -5.37 -73.11
CA LEU YA 47 -24.80 -6.63 -72.78
C LEU YA 47 -24.80 -6.84 -71.27
N GLY YA 48 -25.25 -8.00 -70.83
CA GLY YA 48 -25.25 -8.33 -69.42
C GLY YA 48 -24.46 -9.58 -69.10
N GLY YA 49 -23.56 -9.48 -68.13
CA GLY YA 49 -22.77 -10.61 -67.66
C GLY YA 49 -23.12 -10.90 -66.21
N HIS YA 50 -23.19 -12.18 -65.89
CA HIS YA 50 -23.63 -12.66 -64.59
C HIS YA 50 -22.58 -13.55 -63.96
N MET YA 51 -22.49 -13.49 -62.64
CA MET YA 51 -21.76 -14.47 -61.86
C MET YA 51 -22.78 -15.35 -61.14
N VAL YA 52 -22.72 -16.65 -61.41
CA VAL YA 52 -23.74 -17.60 -60.99
C VAL YA 52 -23.09 -18.60 -60.05
N SER YA 53 -23.76 -18.90 -58.95
CA SER YA 53 -23.21 -19.86 -57.99
C SER YA 53 -23.61 -21.27 -58.34
N ASP YA 54 -22.65 -22.20 -58.24
CA ASP YA 54 -22.91 -23.62 -58.33
C ASP YA 54 -23.02 -24.26 -56.95
N GLU YA 55 -23.00 -23.46 -55.89
CA GLU YA 55 -22.96 -23.94 -54.53
C GLU YA 55 -24.17 -23.42 -53.79
N TYR YA 56 -24.79 -24.26 -52.98
CA TYR YA 56 -25.79 -23.80 -52.02
C TYR YA 56 -25.04 -23.51 -50.72
N GLU YA 57 -24.71 -22.24 -50.51
CA GLU YA 57 -23.84 -21.88 -49.40
C GLU YA 57 -24.20 -20.47 -48.93
N GLN YA 58 -23.36 -19.93 -48.06
CA GLN YA 58 -23.53 -18.58 -47.53
C GLN YA 58 -22.33 -17.75 -47.92
N LEU YA 59 -22.58 -16.57 -48.47
CA LEU YA 59 -21.54 -15.62 -48.81
C LEU YA 59 -21.58 -14.48 -47.81
N SER YA 60 -20.45 -14.21 -47.17
CA SER YA 60 -20.40 -13.17 -46.16
C SER YA 60 -20.52 -11.79 -46.81
N SER YA 61 -21.04 -10.84 -46.02
CA SER YA 61 -21.13 -9.46 -46.48
C SER YA 61 -19.75 -8.88 -46.77
N GLU YA 62 -18.74 -9.29 -45.99
CA GLU YA 62 -17.38 -8.85 -46.27
C GLU YA 62 -16.89 -9.35 -47.61
N ALA YA 63 -17.20 -10.62 -47.94
CA ALA YA 63 -16.81 -11.15 -49.23
C ALA YA 63 -17.55 -10.43 -50.36
N LEU YA 64 -18.83 -10.11 -50.16
CA LEU YA 64 -19.56 -9.37 -51.16
C LEU YA 64 -18.96 -7.99 -51.39
N GLU YA 65 -18.60 -7.31 -50.30
CA GLU YA 65 -17.96 -6.00 -50.43
C GLU YA 65 -16.62 -6.10 -51.16
N ALA YA 66 -15.82 -7.10 -50.82
CA ALA YA 66 -14.52 -7.27 -51.48
C ALA YA 66 -14.68 -7.55 -52.96
N ALA YA 67 -15.61 -8.44 -53.32
CA ALA YA 67 -15.82 -8.75 -54.73
C ALA YA 67 -16.34 -7.55 -55.49
N ARG YA 68 -17.25 -6.80 -54.87
CA ARG YA 68 -17.76 -5.58 -55.49
C ARG YA 68 -16.66 -4.58 -55.75
N ILE YA 69 -15.77 -4.37 -54.77
CA ILE YA 69 -14.67 -3.43 -54.93
C ILE YA 69 -13.73 -3.89 -56.03
N CYS YA 70 -13.38 -5.18 -56.04
CA CYS YA 70 -12.45 -5.70 -57.05
C CYS YA 70 -13.00 -5.55 -58.45
N ALA YA 71 -14.24 -6.00 -58.66
CA ALA YA 71 -14.85 -5.88 -59.98
C ALA YA 71 -15.02 -4.43 -60.40
N ASN YA 72 -15.38 -3.55 -59.47
CA ASN YA 72 -15.53 -2.13 -59.80
C ASN YA 72 -14.20 -1.52 -60.24
N LYS YA 73 -13.12 -1.83 -59.52
CA LYS YA 73 -11.82 -1.28 -59.89
C LYS YA 73 -11.38 -1.77 -61.26
N TYR YA 74 -11.56 -3.07 -61.53
CA TYR YA 74 -11.15 -3.56 -62.85
C TYR YA 74 -12.01 -2.97 -63.96
N MET YA 75 -13.32 -2.84 -63.72
CA MET YA 75 -14.19 -2.27 -64.75
C MET YA 75 -13.85 -0.82 -65.02
N VAL YA 76 -13.53 -0.07 -63.97
CA VAL YA 76 -13.10 1.32 -64.16
C VAL YA 76 -11.81 1.37 -64.96
N LYS YA 77 -10.87 0.49 -64.65
CA LYS YA 77 -9.59 0.50 -65.35
C LYS YA 77 -9.75 0.18 -66.82
N SER YA 78 -10.56 -0.82 -67.16
CA SER YA 78 -10.62 -1.33 -68.51
C SER YA 78 -11.72 -0.72 -69.36
N CYS YA 79 -12.68 -0.03 -68.77
CA CYS YA 79 -13.81 0.52 -69.51
C CYS YA 79 -14.13 1.95 -69.15
N GLY YA 80 -13.35 2.60 -68.30
CA GLY YA 80 -13.66 3.94 -67.86
C GLY YA 80 -14.69 3.96 -66.75
N ARG YA 81 -14.77 5.10 -66.08
CA ARG YA 81 -15.65 5.21 -64.93
C ARG YA 81 -17.13 5.27 -65.30
N ASP YA 82 -17.46 5.45 -66.58
CA ASP YA 82 -18.85 5.56 -67.00
C ASP YA 82 -19.16 4.63 -68.16
N GLY YA 83 -18.45 3.52 -68.26
CA GLY YA 83 -18.69 2.56 -69.31
C GLY YA 83 -19.44 1.32 -68.89
N PHE YA 84 -19.96 1.28 -67.67
CA PHE YA 84 -20.52 0.06 -67.14
C PHE YA 84 -21.49 0.39 -66.02
N HIS YA 85 -22.31 -0.60 -65.66
CA HIS YA 85 -23.17 -0.51 -64.49
C HIS YA 85 -23.14 -1.86 -63.79
N MET YA 86 -22.80 -1.85 -62.50
CA MET YA 86 -22.69 -3.07 -61.73
C MET YA 86 -23.79 -3.13 -60.68
N ARG YA 87 -24.35 -4.32 -60.50
CA ARG YA 87 -25.40 -4.54 -59.51
C ARG YA 87 -25.11 -5.83 -58.77
N VAL YA 88 -24.99 -5.75 -57.45
CA VAL YA 88 -24.84 -6.92 -56.61
C VAL YA 88 -26.23 -7.43 -56.26
N ARG YA 89 -26.58 -8.62 -56.74
CA ARG YA 89 -27.91 -9.16 -56.61
C ARG YA 89 -28.08 -10.00 -55.36
N LEU YA 90 -27.28 -9.78 -54.33
CA LEU YA 90 -27.37 -10.55 -53.11
C LEU YA 90 -27.31 -9.61 -51.92
N HIS YA 91 -28.24 -9.79 -50.99
CA HIS YA 91 -28.27 -8.96 -49.82
C HIS YA 91 -28.08 -9.80 -48.57
N PRO YA 92 -27.25 -9.37 -47.66
CA PRO YA 92 -26.92 -10.19 -46.48
C PRO YA 92 -27.98 -10.09 -45.38
N PHE YA 93 -29.06 -10.84 -45.58
CA PHE YA 93 -30.19 -10.79 -44.66
C PHE YA 93 -30.14 -11.84 -43.56
N HIS YA 94 -29.19 -12.76 -43.62
CA HIS YA 94 -29.13 -13.84 -42.64
C HIS YA 94 -28.04 -13.53 -41.63
N VAL YA 95 -28.41 -13.52 -40.35
CA VAL YA 95 -27.49 -13.20 -39.26
C VAL YA 95 -26.87 -14.49 -38.75
N ILE YA 96 -25.55 -14.51 -38.62
CA ILE YA 96 -24.86 -15.63 -38.02
C ILE YA 96 -24.46 -15.25 -36.60
N ARG YA 97 -24.36 -16.25 -35.73
CA ARG YA 97 -24.14 -16.04 -34.32
C ARG YA 97 -22.79 -16.61 -33.89
N ILE YA 98 -22.30 -16.13 -32.76
CA ILE YA 98 -21.07 -16.65 -32.17
C ILE YA 98 -21.29 -16.88 -30.69
N ASN YA 99 -20.90 -18.06 -30.21
CA ASN YA 99 -20.88 -18.35 -28.78
C ASN YA 99 -19.49 -18.01 -28.29
N LYS YA 100 -19.35 -16.82 -27.70
CA LYS YA 100 -18.04 -16.30 -27.36
C LYS YA 100 -17.48 -17.01 -26.14
N MET YA 101 -16.25 -17.50 -26.25
CA MET YA 101 -15.56 -18.18 -25.17
C MET YA 101 -14.35 -17.34 -24.75
N LEU YA 102 -14.07 -17.34 -23.45
CA LEU YA 102 -12.97 -16.55 -22.92
C LEU YA 102 -11.65 -17.19 -23.33
N SER YA 103 -10.88 -16.49 -24.16
CA SER YA 103 -9.66 -17.05 -24.76
C SER YA 103 -8.44 -16.83 -23.86
N CYS YA 104 -8.57 -17.26 -22.60
CA CYS YA 104 -7.49 -17.18 -21.64
C CYS YA 104 -7.37 -18.51 -20.90
N ALA YA 105 -6.26 -18.67 -20.19
CA ALA YA 105 -6.04 -19.88 -19.42
C ALA YA 105 -6.92 -19.89 -18.18
N GLY YA 106 -8.15 -20.39 -18.31
CA GLY YA 106 -9.09 -20.44 -17.22
C GLY YA 106 -10.45 -20.97 -17.61
N ALA YA 107 -11.04 -21.81 -16.77
CA ALA YA 107 -12.33 -22.42 -17.08
C ALA YA 107 -13.35 -22.22 -15.97
N ASP YA 108 -12.95 -22.29 -14.70
CA ASP YA 108 -13.90 -22.05 -13.62
C ASP YA 108 -14.33 -20.58 -13.55
N ARG YA 109 -13.54 -19.68 -14.11
CA ARG YA 109 -13.85 -18.24 -14.06
C ARG YA 109 -14.94 -17.90 -15.08
N LEU YA 110 -16.09 -18.52 -14.88
CA LEU YA 110 -17.31 -18.28 -15.66
C LEU YA 110 -17.07 -18.45 -17.16
N GLN YA 111 -16.49 -19.59 -17.53
CA GLN YA 111 -16.53 -19.99 -18.94
C GLN YA 111 -17.83 -20.69 -19.27
N THR YA 112 -18.37 -21.48 -18.33
CA THR YA 112 -19.68 -22.11 -18.36
C THR YA 112 -19.83 -23.19 -19.43
N GLY YA 113 -18.82 -23.38 -20.29
CA GLY YA 113 -18.91 -24.43 -21.29
C GLY YA 113 -20.04 -24.20 -22.27
N MET YA 114 -20.89 -25.21 -22.42
CA MET YA 114 -21.99 -25.19 -23.37
C MET YA 114 -23.32 -24.85 -22.72
N ARG YA 115 -23.32 -24.44 -21.46
CA ARG YA 115 -24.56 -24.02 -20.82
C ARG YA 115 -24.96 -22.64 -21.34
N GLY YA 116 -26.22 -22.50 -21.74
CA GLY YA 116 -26.68 -21.26 -22.33
C GLY YA 116 -25.95 -20.93 -23.62
N ALA YA 117 -25.86 -21.90 -24.51
CA ALA YA 117 -24.95 -21.82 -25.65
C ALA YA 117 -25.41 -20.90 -26.75
N PHE YA 118 -26.66 -20.43 -26.73
CA PHE YA 118 -27.15 -19.57 -27.81
C PHE YA 118 -26.30 -18.31 -27.92
N GLY YA 119 -25.90 -17.99 -29.15
CA GLY YA 119 -24.90 -16.97 -29.38
C GLY YA 119 -25.49 -15.61 -29.69
N LYS YA 120 -24.62 -14.61 -29.57
CA LYS YA 120 -24.92 -13.25 -29.95
C LYS YA 120 -24.70 -13.07 -31.44
N PRO YA 121 -25.39 -12.11 -32.07
CA PRO YA 121 -25.15 -11.86 -33.48
C PRO YA 121 -23.71 -11.43 -33.74
N GLN YA 122 -23.14 -11.95 -34.83
CA GLN YA 122 -21.77 -11.67 -35.20
C GLN YA 122 -21.67 -10.91 -36.50
N GLY YA 123 -22.32 -11.38 -37.55
CA GLY YA 123 -22.31 -10.73 -38.83
C GLY YA 123 -23.48 -11.20 -39.65
N THR YA 124 -23.50 -10.78 -40.90
CA THR YA 124 -24.56 -11.16 -41.82
C THR YA 124 -23.96 -11.82 -43.06
N VAL YA 125 -24.68 -12.81 -43.58
CA VAL YA 125 -24.29 -13.51 -44.78
C VAL YA 125 -25.47 -13.49 -45.73
N ALA YA 126 -25.19 -13.81 -47.00
CA ALA YA 126 -26.23 -13.93 -48.01
C ALA YA 126 -26.34 -15.40 -48.37
N ARG YA 127 -27.50 -15.99 -48.08
CA ARG YA 127 -27.75 -17.38 -48.43
C ARG YA 127 -28.01 -17.49 -49.93
N VAL YA 128 -27.15 -18.21 -50.64
CA VAL YA 128 -27.21 -18.29 -52.10
C VAL YA 128 -27.51 -19.72 -52.50
N HIS YA 129 -28.20 -19.87 -53.62
CA HIS YA 129 -28.61 -21.18 -54.14
C HIS YA 129 -27.84 -21.51 -55.40
N ILE YA 130 -27.98 -22.77 -55.82
CA ILE YA 130 -27.38 -23.19 -57.08
C ILE YA 130 -28.11 -22.53 -58.23
N GLY YA 131 -27.37 -21.92 -59.13
CA GLY YA 131 -27.97 -21.23 -60.24
C GLY YA 131 -28.42 -19.82 -59.94
N GLN YA 132 -28.09 -19.29 -58.77
CA GLN YA 132 -28.49 -17.94 -58.42
C GLN YA 132 -27.41 -16.94 -58.86
N VAL YA 133 -27.85 -15.77 -59.27
CA VAL YA 133 -26.96 -14.73 -59.75
C VAL YA 133 -26.42 -13.96 -58.56
N ILE YA 134 -25.09 -13.87 -58.46
CA ILE YA 134 -24.46 -13.11 -57.39
C ILE YA 134 -24.26 -11.66 -57.79
N MET YA 135 -23.69 -11.43 -58.96
CA MET YA 135 -23.37 -10.09 -59.41
C MET YA 135 -23.64 -9.99 -60.90
N SER YA 136 -24.04 -8.80 -61.34
CA SER YA 136 -24.34 -8.53 -62.73
C SER YA 136 -23.63 -7.27 -63.18
N ILE YA 137 -23.14 -7.28 -64.40
CA ILE YA 137 -22.52 -6.11 -65.02
C ILE YA 137 -23.14 -5.91 -66.38
N ARG YA 138 -23.68 -4.73 -66.64
CA ARG YA 138 -24.20 -4.39 -67.95
C ARG YA 138 -23.32 -3.31 -68.57
N THR YA 139 -23.10 -3.43 -69.87
CA THR YA 139 -22.18 -2.57 -70.59
C THR YA 139 -22.43 -2.73 -72.09
N LYS YA 140 -21.58 -2.10 -72.89
CA LYS YA 140 -21.65 -2.19 -74.34
C LYS YA 140 -21.13 -3.54 -74.82
N LEU YA 141 -21.44 -3.86 -76.08
CA LEU YA 141 -21.10 -5.17 -76.62
C LEU YA 141 -19.60 -5.35 -76.83
N GLN YA 142 -18.84 -4.27 -76.92
CA GLN YA 142 -17.40 -4.39 -77.12
C GLN YA 142 -16.62 -4.64 -75.84
N ASN YA 143 -17.28 -4.59 -74.69
CA ASN YA 143 -16.63 -4.77 -73.40
C ASN YA 143 -16.89 -6.15 -72.81
N GLU YA 144 -17.28 -7.11 -73.63
CA GLU YA 144 -17.64 -8.43 -73.13
C GLU YA 144 -16.46 -9.13 -72.47
N GLU YA 145 -15.28 -9.06 -73.10
CA GLU YA 145 -14.12 -9.69 -72.52
C GLU YA 145 -13.71 -9.01 -71.22
N HIS YA 146 -13.90 -7.70 -71.12
CA HIS YA 146 -13.60 -7.01 -69.89
C HIS YA 146 -14.56 -7.38 -68.77
N VAL YA 147 -15.84 -7.56 -69.10
CA VAL YA 147 -16.80 -8.02 -68.11
C VAL YA 147 -16.45 -9.42 -67.62
N ILE YA 148 -16.09 -10.30 -68.56
CA ILE YA 148 -15.70 -11.66 -68.18
C ILE YA 148 -14.49 -11.63 -67.28
N GLU YA 149 -13.50 -10.81 -67.61
CA GLU YA 149 -12.29 -10.75 -66.77
C GLU YA 149 -12.60 -10.16 -65.39
N ALA YA 150 -13.46 -9.14 -65.33
CA ALA YA 150 -13.82 -8.56 -64.04
C ALA YA 150 -14.50 -9.58 -63.15
N LEU YA 151 -15.45 -10.34 -63.72
CA LEU YA 151 -16.10 -11.38 -62.94
C LEU YA 151 -15.14 -12.49 -62.57
N ARG YA 152 -14.18 -12.80 -63.44
CA ARG YA 152 -13.17 -13.80 -63.12
C ARG YA 152 -12.34 -13.37 -61.92
N ARG YA 153 -11.93 -12.10 -61.88
CA ARG YA 153 -11.21 -11.61 -60.72
C ARG YA 153 -12.08 -11.62 -59.47
N ALA YA 154 -13.35 -11.23 -59.61
CA ALA YA 154 -14.24 -11.21 -58.45
C ALA YA 154 -14.52 -12.60 -57.91
N LYS YA 155 -14.38 -13.64 -58.75
CA LYS YA 155 -14.62 -15.01 -58.31
C LYS YA 155 -13.67 -15.45 -57.21
N PHE YA 156 -12.52 -14.80 -57.06
CA PHE YA 156 -11.54 -15.23 -56.08
C PHE YA 156 -11.84 -14.72 -54.67
N LYS YA 157 -12.92 -13.99 -54.50
CA LYS YA 157 -13.33 -13.51 -53.19
C LYS YA 157 -14.41 -14.37 -52.57
N PHE YA 158 -14.75 -15.50 -53.20
CA PHE YA 158 -15.89 -16.31 -52.79
C PHE YA 158 -15.45 -17.74 -52.53
N PRO YA 159 -16.12 -18.43 -51.61
CA PRO YA 159 -15.69 -19.78 -51.22
C PRO YA 159 -15.86 -20.84 -52.30
N GLY YA 160 -17.05 -20.95 -52.83
CA GLY YA 160 -17.41 -22.06 -53.69
C GLY YA 160 -17.01 -21.87 -55.13
N ARG YA 161 -17.69 -22.59 -56.01
CA ARG YA 161 -17.47 -22.51 -57.44
C ARG YA 161 -18.50 -21.57 -58.06
N GLN YA 162 -18.05 -20.75 -59.00
CA GLN YA 162 -18.92 -19.82 -59.69
C GLN YA 162 -18.68 -19.89 -61.19
N LYS YA 163 -19.76 -19.68 -61.94
CA LYS YA 163 -19.73 -19.64 -63.39
C LYS YA 163 -19.89 -18.20 -63.85
N ILE YA 164 -19.24 -17.88 -64.96
CA ILE YA 164 -19.39 -16.59 -65.61
C ILE YA 164 -20.28 -16.82 -66.82
N HIS YA 165 -21.40 -16.10 -66.89
CA HIS YA 165 -22.39 -16.30 -67.93
C HIS YA 165 -22.61 -14.98 -68.65
N ILE YA 166 -22.92 -15.06 -69.93
CA ILE YA 166 -23.32 -13.90 -70.72
C ILE YA 166 -24.79 -14.05 -71.02
N SER YA 167 -25.63 -13.28 -70.34
CA SER YA 167 -27.06 -13.46 -70.45
C SER YA 167 -27.56 -13.05 -71.83
N LYS YA 168 -28.58 -13.77 -72.31
CA LYS YA 168 -29.25 -13.42 -73.55
C LYS YA 168 -30.29 -12.33 -73.36
N LYS YA 169 -30.56 -11.91 -72.13
CA LYS YA 169 -31.43 -10.77 -71.90
C LYS YA 169 -30.70 -9.48 -72.25
N TRP YA 170 -31.48 -8.46 -72.58
CA TRP YA 170 -30.94 -7.15 -72.90
C TRP YA 170 -30.66 -6.40 -71.61
N GLY YA 171 -29.38 -6.22 -71.29
CA GLY YA 171 -29.02 -5.42 -70.12
C GLY YA 171 -29.53 -6.03 -68.85
N PHE YA 172 -30.23 -5.23 -68.06
CA PHE YA 172 -30.79 -5.66 -66.77
C PHE YA 172 -32.27 -5.99 -66.86
N THR YA 173 -32.81 -6.10 -68.06
CA THR YA 173 -34.23 -6.40 -68.22
C THR YA 173 -34.45 -7.90 -68.29
N LYS YA 174 -35.73 -8.28 -68.28
CA LYS YA 174 -36.13 -9.68 -68.35
C LYS YA 174 -36.54 -10.08 -69.77
N PHE YA 175 -36.26 -9.24 -70.76
CA PHE YA 175 -36.63 -9.50 -72.14
C PHE YA 175 -35.39 -9.79 -72.95
N ASN YA 176 -35.52 -10.69 -73.92
CA ASN YA 176 -34.38 -11.12 -74.72
C ASN YA 176 -33.90 -10.00 -75.61
N ALA YA 177 -32.57 -9.94 -75.78
CA ALA YA 177 -31.97 -8.94 -76.66
C ALA YA 177 -32.33 -9.18 -78.11
N ASP YA 178 -32.75 -10.39 -78.47
CA ASP YA 178 -33.19 -10.66 -79.84
C ASP YA 178 -34.46 -9.87 -80.18
N GLU YA 179 -35.39 -9.78 -79.24
CA GLU YA 179 -36.69 -9.20 -79.49
C GLU YA 179 -36.86 -7.82 -78.86
N PHE YA 180 -35.87 -7.37 -78.09
CA PHE YA 180 -36.02 -6.14 -77.32
C PHE YA 180 -36.22 -4.93 -78.21
N GLU YA 181 -35.37 -4.77 -79.23
CA GLU YA 181 -35.42 -3.54 -80.03
C GLU YA 181 -36.71 -3.44 -80.83
N ASP YA 182 -37.17 -4.56 -81.39
CA ASP YA 182 -38.42 -4.51 -82.13
C ASP YA 182 -39.61 -4.35 -81.20
N MET YA 183 -39.53 -4.87 -79.97
CA MET YA 183 -40.59 -4.61 -79.00
C MET YA 183 -40.66 -3.12 -78.68
N VAL YA 184 -39.51 -2.48 -78.48
CA VAL YA 184 -39.49 -1.05 -78.24
C VAL YA 184 -40.04 -0.30 -79.43
N ALA YA 185 -39.71 -0.75 -80.64
CA ALA YA 185 -40.22 -0.12 -81.85
C ALA YA 185 -41.74 -0.20 -81.93
N LYS YA 186 -42.30 -1.35 -81.61
CA LYS YA 186 -43.75 -1.53 -81.63
C LYS YA 186 -44.41 -1.11 -80.33
N LYS YA 187 -43.66 -0.46 -79.44
CA LYS YA 187 -44.19 0.19 -78.23
C LYS YA 187 -44.72 -0.81 -77.22
N CYS YA 188 -44.26 -2.06 -77.28
CA CYS YA 188 -44.55 -3.02 -76.25
C CYS YA 188 -43.73 -2.79 -74.99
N LEU YA 189 -42.59 -2.10 -75.12
CA LEU YA 189 -41.75 -1.71 -74.00
C LEU YA 189 -41.49 -0.22 -74.07
N ILE YA 190 -41.54 0.43 -72.92
CA ILE YA 190 -41.28 1.87 -72.80
C ILE YA 190 -40.03 2.05 -71.96
N PRO YA 191 -38.98 2.67 -72.48
CA PRO YA 191 -37.77 2.86 -71.67
C PRO YA 191 -37.96 3.85 -70.54
N ASP YA 192 -37.94 3.37 -69.29
CA ASP YA 192 -37.97 4.25 -68.14
C ASP YA 192 -36.83 3.89 -67.20
N GLY YA 193 -36.08 4.89 -66.78
CA GLY YA 193 -34.96 4.65 -65.88
C GLY YA 193 -33.90 3.78 -66.53
N CYS YA 194 -33.30 2.91 -65.72
CA CYS YA 194 -32.32 1.96 -66.21
C CYS YA 194 -32.96 0.70 -66.76
N GLY YA 195 -34.29 0.58 -66.71
CA GLY YA 195 -34.96 -0.59 -67.23
C GLY YA 195 -36.04 -0.23 -68.24
N VAL YA 196 -37.02 -1.10 -68.41
CA VAL YA 196 -38.16 -0.85 -69.29
C VAL YA 196 -39.44 -1.18 -68.55
N LYS YA 197 -40.52 -0.57 -69.03
CA LYS YA 197 -41.87 -0.85 -68.55
C LYS YA 197 -42.60 -1.62 -69.63
N TYR YA 198 -43.12 -2.79 -69.27
CA TYR YA 198 -43.89 -3.60 -70.22
C TYR YA 198 -45.30 -3.05 -70.30
N VAL YA 199 -45.77 -2.82 -71.53
CA VAL YA 199 -47.11 -2.27 -71.73
C VAL YA 199 -47.99 -3.36 -72.31
N PRO YA 200 -48.87 -3.95 -71.53
CA PRO YA 200 -49.81 -4.95 -72.07
C PRO YA 200 -50.92 -4.29 -72.86
N SER YA 201 -51.57 -5.10 -73.68
CA SER YA 201 -52.70 -4.63 -74.48
C SER YA 201 -54.01 -4.75 -73.70
N HIS YA 202 -54.03 -4.20 -72.49
CA HIS YA 202 -55.23 -4.14 -71.70
C HIS YA 202 -55.13 -2.96 -70.75
N GLY YA 203 -56.29 -2.49 -70.30
CA GLY YA 203 -56.37 -1.27 -69.54
C GLY YA 203 -57.21 -0.24 -70.29
N PRO YA 204 -57.28 0.98 -69.78
CA PRO YA 204 -58.04 2.01 -70.48
C PRO YA 204 -57.39 2.38 -71.80
N LEU YA 205 -58.23 2.77 -72.76
CA LEU YA 205 -57.71 3.25 -74.04
C LEU YA 205 -57.05 4.60 -73.92
N ASP YA 206 -57.24 5.32 -72.82
CA ASP YA 206 -56.56 6.58 -72.63
C ASP YA 206 -55.06 6.37 -72.53
N LYS YA 207 -54.64 5.31 -71.85
CA LYS YA 207 -53.22 4.98 -71.78
C LYS YA 207 -52.69 4.48 -73.11
N TRP YA 208 -53.54 3.95 -73.98
CA TRP YA 208 -53.10 3.58 -75.31
C TRP YA 208 -52.97 4.80 -76.21
N ARG YA 209 -53.85 5.77 -76.05
CA ARG YA 209 -53.85 6.95 -76.90
C ARG YA 209 -52.89 8.03 -76.43
N VAL YA 210 -52.41 7.96 -75.19
CA VAL YA 210 -51.25 8.78 -74.85
C VAL YA 210 -50.01 8.23 -75.53
N LEU YA 211 -49.96 6.91 -75.73
CA LEU YA 211 -49.06 6.34 -76.71
C LEU YA 211 -49.63 6.57 -78.10
N HIS YA 212 -48.82 6.27 -79.11
CA HIS YA 212 -49.21 6.44 -80.51
C HIS YA 212 -49.58 7.87 -80.83
N SER YA 213 -49.11 8.82 -80.04
CA SER YA 213 -49.44 10.23 -80.21
C SER YA 213 -48.25 11.11 -79.89
N LYS ZA 6 -84.63 24.77 -67.32
CA LYS ZA 6 -83.60 23.92 -67.92
C LYS ZA 6 -82.99 22.98 -66.89
N GLU ZA 7 -82.74 23.50 -65.70
CA GLU ZA 7 -82.15 22.73 -64.63
C GLU ZA 7 -83.22 22.01 -63.82
N ASN ZA 8 -82.86 20.86 -63.28
CA ASN ZA 8 -83.77 20.10 -62.43
C ASN ZA 8 -84.01 20.85 -61.13
N PRO ZA 9 -85.26 21.02 -60.70
CA PRO ZA 9 -85.52 21.70 -59.42
C PRO ZA 9 -84.92 20.99 -58.23
N MET ZA 10 -84.61 19.71 -58.33
CA MET ZA 10 -84.04 18.98 -57.20
C MET ZA 10 -82.53 19.14 -57.09
N ARG ZA 11 -81.91 19.89 -57.99
CA ARG ZA 11 -80.48 20.14 -57.94
C ARG ZA 11 -80.14 21.49 -57.32
N GLU ZA 12 -81.13 22.20 -56.79
CA GLU ZA 12 -80.89 23.54 -56.28
C GLU ZA 12 -80.08 23.50 -54.99
N LEU ZA 13 -79.03 24.30 -54.92
CA LEU ZA 13 -78.20 24.36 -53.73
C LEU ZA 13 -78.93 25.04 -52.59
N ARG ZA 14 -78.63 24.61 -51.37
CA ARG ZA 14 -79.20 25.22 -50.18
C ARG ZA 14 -78.24 25.00 -49.02
N ILE ZA 15 -78.56 25.63 -47.90
CA ILE ZA 15 -77.72 25.59 -46.71
C ILE ZA 15 -78.21 24.48 -45.81
N ARG ZA 16 -77.31 23.56 -45.45
CA ARG ZA 16 -77.67 22.50 -44.52
C ARG ZA 16 -77.57 22.97 -43.08
N LYS ZA 17 -76.42 23.52 -42.70
CA LYS ZA 17 -76.22 23.98 -41.33
C LYS ZA 17 -75.12 25.04 -41.33
N LEU ZA 18 -75.03 25.78 -40.23
CA LEU ZA 18 -74.05 26.86 -40.17
C LEU ZA 18 -72.89 26.60 -39.22
N CYS ZA 19 -73.09 25.83 -38.15
CA CYS ZA 19 -71.99 25.25 -37.37
C CYS ZA 19 -71.08 26.33 -36.77
N LEU ZA 20 -71.63 27.04 -35.80
CA LEU ZA 20 -70.85 28.04 -35.06
C LEU ZA 20 -69.96 27.36 -34.03
N ASN ZA 21 -68.77 27.91 -33.83
CA ASN ZA 21 -67.79 27.31 -32.95
C ASN ZA 21 -66.93 28.39 -32.29
N ILE ZA 22 -66.74 28.28 -30.97
CA ILE ZA 22 -65.80 29.09 -30.22
C ILE ZA 22 -64.93 28.15 -29.40
N CYS ZA 23 -63.63 28.11 -29.71
CA CYS ZA 23 -62.71 27.22 -29.01
C CYS ZA 23 -61.87 28.05 -28.05
N VAL ZA 24 -62.29 28.08 -26.79
CA VAL ZA 24 -61.53 28.82 -25.79
C VAL ZA 24 -60.39 27.95 -25.29
N GLY ZA 25 -59.33 28.59 -24.80
CA GLY ZA 25 -58.18 27.83 -24.33
C GLY ZA 25 -58.51 26.89 -23.19
N GLU ZA 26 -59.26 27.37 -22.20
CA GLU ZA 26 -59.48 26.60 -20.98
C GLU ZA 26 -60.96 26.49 -20.64
N SER ZA 27 -61.26 26.00 -19.43
CA SER ZA 27 -62.62 25.82 -18.95
C SER ZA 27 -62.93 26.86 -17.88
N GLY ZA 28 -64.22 27.08 -17.66
CA GLY ZA 28 -64.68 27.95 -16.59
C GLY ZA 28 -64.50 29.42 -16.90
N ASP ZA 29 -65.44 30.25 -16.42
CA ASP ZA 29 -65.41 31.69 -16.64
C ASP ZA 29 -65.42 32.00 -18.13
N ARG ZA 30 -64.26 31.83 -18.77
CA ARG ZA 30 -64.15 32.08 -20.20
C ARG ZA 30 -65.14 31.23 -20.98
N LEU ZA 31 -65.19 29.94 -20.68
CA LEU ZA 31 -66.05 29.04 -21.45
C LEU ZA 31 -67.52 29.28 -21.16
N THR ZA 32 -67.87 29.56 -19.91
CA THR ZA 32 -69.26 29.87 -19.60
C THR ZA 32 -69.73 31.14 -20.29
N ARG ZA 33 -68.87 32.16 -20.33
CA ARG ZA 33 -69.26 33.38 -21.03
C ARG ZA 33 -69.32 33.18 -22.53
N ALA ZA 34 -68.45 32.33 -23.08
CA ALA ZA 34 -68.57 31.98 -24.50
C ALA ZA 34 -69.89 31.28 -24.79
N ALA ZA 35 -70.30 30.37 -23.90
CA ALA ZA 35 -71.59 29.72 -24.05
C ALA ZA 35 -72.72 30.72 -23.97
N LYS ZA 36 -72.62 31.71 -23.08
CA LYS ZA 36 -73.62 32.78 -23.06
C LYS ZA 36 -73.66 33.54 -24.38
N VAL ZA 37 -72.49 33.80 -24.96
CA VAL ZA 37 -72.43 34.50 -26.25
C VAL ZA 37 -73.17 33.72 -27.33
N LEU ZA 38 -72.87 32.42 -27.45
CA LEU ZA 38 -73.57 31.62 -28.45
C LEU ZA 38 -75.06 31.52 -28.16
N GLU ZA 39 -75.43 31.39 -26.88
CA GLU ZA 39 -76.84 31.28 -26.52
C GLU ZA 39 -77.60 32.52 -26.95
N GLN ZA 40 -77.06 33.71 -26.68
CA GLN ZA 40 -77.75 34.92 -27.05
C GLN ZA 40 -77.63 35.25 -28.53
N LEU ZA 41 -76.65 34.70 -29.23
CA LEU ZA 41 -76.56 34.89 -30.67
C LEU ZA 41 -77.53 34.01 -31.44
N THR ZA 42 -77.74 32.76 -30.98
CA THR ZA 42 -78.53 31.81 -31.74
C THR ZA 42 -79.91 31.55 -31.16
N GLY ZA 43 -80.20 32.01 -29.96
CA GLY ZA 43 -81.46 31.64 -29.33
C GLY ZA 43 -81.57 30.14 -29.15
N GLN ZA 44 -80.49 29.50 -28.74
CA GLN ZA 44 -80.40 28.05 -28.82
C GLN ZA 44 -79.25 27.58 -27.93
N THR ZA 45 -79.46 26.46 -27.25
CA THR ZA 45 -78.49 25.98 -26.28
C THR ZA 45 -77.21 25.54 -26.99
N PRO ZA 46 -76.03 25.93 -26.50
CA PRO ZA 46 -74.79 25.41 -27.05
C PRO ZA 46 -74.41 24.09 -26.41
N VAL ZA 47 -73.48 23.39 -27.06
CA VAL ZA 47 -72.98 22.12 -26.56
C VAL ZA 47 -71.47 22.20 -26.42
N PHE ZA 48 -70.96 21.67 -25.32
CA PHE ZA 48 -69.54 21.80 -24.98
C PHE ZA 48 -68.72 20.70 -25.64
N SER ZA 49 -67.47 21.03 -25.94
CA SER ZA 49 -66.55 20.11 -26.59
C SER ZA 49 -65.30 19.98 -25.72
N LYS ZA 50 -64.94 18.74 -25.41
CA LYS ZA 50 -63.87 18.43 -24.49
C LYS ZA 50 -62.60 18.04 -25.25
N ALA ZA 51 -61.47 18.19 -24.59
CA ALA ZA 51 -60.19 17.88 -25.22
C ALA ZA 51 -60.03 16.39 -25.42
N ARG ZA 52 -59.58 16.00 -26.62
CA ARG ZA 52 -59.35 14.59 -26.89
C ARG ZA 52 -58.07 14.08 -26.24
N TYR ZA 53 -57.03 14.91 -26.19
CA TYR ZA 53 -55.76 14.51 -25.61
C TYR ZA 53 -55.23 15.65 -24.76
N THR ZA 54 -54.18 15.36 -24.01
CA THR ZA 54 -53.56 16.34 -23.12
C THR ZA 54 -52.34 16.94 -23.82
N VAL ZA 55 -52.34 18.25 -23.97
CA VAL ZA 55 -51.23 18.97 -24.58
C VAL ZA 55 -50.65 19.90 -23.52
N ARG ZA 56 -49.38 19.69 -23.18
CA ARG ZA 56 -48.75 20.50 -22.16
C ARG ZA 56 -48.56 21.93 -22.64
N SER ZA 57 -48.17 22.11 -23.90
CA SER ZA 57 -47.93 23.45 -24.42
C SER ZA 57 -49.21 24.28 -24.46
N PHE ZA 58 -50.32 23.68 -24.85
CA PHE ZA 58 -51.58 24.39 -24.86
C PHE ZA 58 -52.20 24.50 -23.48
N GLY ZA 59 -51.69 23.75 -22.50
CA GLY ZA 59 -52.28 23.76 -21.17
C GLY ZA 59 -53.67 23.18 -21.12
N ILE ZA 60 -53.91 22.08 -21.81
CA ILE ZA 60 -55.21 21.43 -21.83
C ILE ZA 60 -55.03 19.99 -21.38
N ARG ZA 61 -55.95 19.53 -20.53
CA ARG ZA 61 -55.98 18.16 -20.06
C ARG ZA 61 -57.10 17.40 -20.75
N ARG ZA 62 -56.97 16.08 -20.76
CA ARG ZA 62 -57.98 15.24 -21.39
C ARG ZA 62 -59.32 15.38 -20.68
N ASN ZA 63 -60.39 15.27 -21.47
CA ASN ZA 63 -61.77 15.39 -21.01
C ASN ZA 63 -62.09 16.74 -20.38
N GLU ZA 64 -61.24 17.73 -20.58
CA GLU ZA 64 -61.50 19.08 -20.09
C GLU ZA 64 -62.23 19.86 -21.17
N LYS ZA 65 -63.30 20.55 -20.79
CA LYS ZA 65 -64.11 21.28 -21.75
C LYS ZA 65 -63.33 22.45 -22.32
N ILE ZA 66 -63.23 22.51 -23.65
CA ILE ZA 66 -62.39 23.46 -24.35
C ILE ZA 66 -63.22 24.41 -25.21
N ALA ZA 67 -64.26 23.90 -25.84
CA ALA ZA 67 -64.98 24.71 -26.81
C ALA ZA 67 -66.47 24.65 -26.55
N VAL ZA 68 -67.18 25.55 -27.22
CA VAL ZA 68 -68.63 25.51 -27.29
C VAL ZA 68 -69.01 25.63 -28.75
N HIS ZA 69 -70.05 24.89 -29.16
CA HIS ZA 69 -70.46 24.99 -30.54
C HIS ZA 69 -71.96 24.77 -30.64
N CYS ZA 70 -72.50 25.27 -31.76
CA CYS ZA 70 -73.91 25.18 -32.09
C CYS ZA 70 -74.05 24.77 -33.55
N THR ZA 71 -75.17 24.14 -33.86
CA THR ZA 71 -75.51 23.82 -35.25
C THR ZA 71 -76.90 24.39 -35.50
N VAL ZA 72 -76.97 25.45 -36.31
CA VAL ZA 72 -78.24 26.10 -36.63
C VAL ZA 72 -78.58 25.80 -38.09
N ARG ZA 73 -79.85 25.52 -38.34
CA ARG ZA 73 -80.34 25.13 -39.65
C ARG ZA 73 -81.58 25.93 -40.01
N GLY ZA 74 -81.67 26.30 -41.28
CA GLY ZA 74 -82.88 26.91 -41.80
C GLY ZA 74 -82.88 28.41 -41.88
N ALA ZA 75 -84.03 29.00 -41.58
CA ALA ZA 75 -84.17 30.46 -41.65
C ALA ZA 75 -83.24 31.15 -40.67
N LYS ZA 76 -83.11 30.61 -39.46
CA LYS ZA 76 -82.15 31.14 -38.51
C LYS ZA 76 -80.74 31.03 -39.05
N ALA ZA 77 -80.43 29.92 -39.72
CA ALA ZA 77 -79.09 29.73 -40.27
C ALA ZA 77 -78.78 30.78 -41.32
N GLU ZA 78 -79.68 30.99 -42.28
CA GLU ZA 78 -79.41 32.01 -43.28
C GLU ZA 78 -79.40 33.42 -42.69
N GLU ZA 79 -80.18 33.66 -41.64
CA GLU ZA 79 -80.14 34.95 -40.96
C GLU ZA 79 -78.78 35.21 -40.33
N ILE ZA 80 -78.26 34.23 -39.60
CA ILE ZA 80 -76.94 34.39 -38.98
C ILE ZA 80 -75.85 34.48 -40.04
N LEU ZA 81 -76.00 33.76 -41.14
CA LEU ZA 81 -75.02 33.84 -42.21
C LEU ZA 81 -74.97 35.22 -42.83
N GLU ZA 82 -76.14 35.83 -43.06
CA GLU ZA 82 -76.16 37.20 -43.54
C GLU ZA 82 -75.53 38.14 -42.54
N LYS ZA 83 -75.81 37.92 -41.25
CA LYS ZA 83 -75.23 38.77 -40.21
C LYS ZA 83 -73.72 38.71 -40.22
N GLY ZA 84 -73.15 37.51 -40.35
CA GLY ZA 84 -71.70 37.39 -40.37
C GLY ZA 84 -71.07 37.89 -41.65
N LEU ZA 85 -71.73 37.64 -42.78
CA LEU ZA 85 -71.20 38.11 -44.05
C LEU ZA 85 -71.23 39.63 -44.14
N LYS ZA 86 -72.14 40.27 -43.40
CA LYS ZA 86 -72.10 41.72 -43.32
C LYS ZA 86 -70.79 42.21 -42.71
N VAL ZA 87 -70.34 41.56 -41.64
CA VAL ZA 87 -69.06 41.89 -41.04
C VAL ZA 87 -67.92 41.59 -42.01
N ARG ZA 88 -68.00 40.46 -42.69
CA ARG ZA 88 -66.96 40.10 -43.65
C ARG ZA 88 -67.04 40.91 -44.94
N GLU ZA 89 -68.03 41.78 -45.09
CA GLU ZA 89 -68.25 42.62 -46.26
C GLU ZA 89 -68.49 41.81 -47.52
N TYR ZA 90 -68.95 40.57 -47.39
CA TYR ZA 90 -69.21 39.68 -48.52
C TYR ZA 90 -67.97 39.57 -49.41
N GLU ZA 91 -66.81 39.42 -48.78
CA GLU ZA 91 -65.52 39.60 -49.42
C GLU ZA 91 -64.64 38.38 -49.14
N LEU ZA 92 -65.16 37.20 -49.45
CA LEU ZA 92 -64.50 35.97 -49.06
C LEU ZA 92 -63.28 35.68 -49.93
N ARG ZA 93 -62.37 34.90 -49.36
CA ARG ZA 93 -61.16 34.49 -50.05
C ARG ZA 93 -61.41 33.18 -50.79
N LYS ZA 94 -60.67 32.98 -51.88
CA LYS ZA 94 -60.80 31.74 -52.63
C LYS ZA 94 -60.32 30.54 -51.83
N ASN ZA 95 -59.42 30.77 -50.88
CA ASN ZA 95 -58.95 29.70 -50.01
C ASN ZA 95 -59.96 29.32 -48.94
N ASN ZA 96 -61.05 30.05 -48.82
CA ASN ZA 96 -62.07 29.77 -47.82
C ASN ZA 96 -63.02 28.66 -48.23
N PHE ZA 97 -62.91 28.15 -49.45
CA PHE ZA 97 -63.85 27.18 -49.97
C PHE ZA 97 -63.24 25.79 -49.97
N SER ZA 98 -63.91 24.85 -49.31
CA SER ZA 98 -63.44 23.48 -49.26
C SER ZA 98 -63.78 22.76 -50.55
N ASP ZA 99 -63.00 21.74 -50.85
CA ASP ZA 99 -63.20 20.96 -52.06
C ASP ZA 99 -64.40 20.03 -51.99
N THR ZA 100 -65.24 20.12 -50.96
CA THR ZA 100 -66.46 19.33 -50.88
C THR ZA 100 -67.71 20.17 -51.04
N GLY ZA 101 -67.57 21.45 -51.36
CA GLY ZA 101 -68.72 22.29 -51.63
C GLY ZA 101 -69.24 23.10 -50.46
N ASN ZA 102 -68.50 23.19 -49.37
CA ASN ZA 102 -68.90 23.95 -48.21
C ASN ZA 102 -67.76 24.87 -47.80
N PHE ZA 103 -68.08 25.94 -47.06
CA PHE ZA 103 -67.06 26.94 -46.80
C PHE ZA 103 -67.23 27.51 -45.40
N GLY ZA 104 -66.34 28.43 -45.04
CA GLY ZA 104 -66.39 29.01 -43.71
C GLY ZA 104 -65.45 30.18 -43.60
N PHE ZA 105 -65.61 30.92 -42.52
CA PHE ZA 105 -64.79 32.08 -42.24
C PHE ZA 105 -64.80 32.35 -40.75
N GLY ZA 106 -63.82 33.11 -40.29
CA GLY ZA 106 -63.76 33.48 -38.89
C GLY ZA 106 -64.20 34.90 -38.63
N ILE ZA 107 -64.64 35.17 -37.41
CA ILE ZA 107 -64.97 36.51 -36.97
C ILE ZA 107 -64.06 36.87 -35.81
N GLN ZA 108 -63.35 37.99 -35.93
CA GLN ZA 108 -62.35 38.35 -34.93
C GLN ZA 108 -63.00 38.76 -33.61
N GLU ZA 109 -64.08 39.53 -33.67
CA GLU ZA 109 -64.78 39.98 -32.47
C GLU ZA 109 -66.25 39.65 -32.56
N HIS ZA 110 -66.81 39.14 -31.46
CA HIS ZA 110 -68.24 38.83 -31.42
C HIS ZA 110 -69.12 40.05 -31.26
N ILE ZA 111 -68.55 41.20 -30.93
CA ILE ZA 111 -69.35 42.39 -30.66
C ILE ZA 111 -69.79 43.09 -31.93
N ASP ZA 112 -69.10 42.88 -33.06
CA ASP ZA 112 -69.51 43.53 -34.29
C ASP ZA 112 -70.68 42.83 -34.97
N LEU ZA 113 -71.05 41.63 -34.52
CA LEU ZA 113 -72.23 40.96 -35.06
C LEU ZA 113 -73.52 41.64 -34.65
N GLY ZA 114 -73.48 42.58 -33.70
CA GLY ZA 114 -74.66 43.32 -33.34
C GLY ZA 114 -74.89 43.36 -31.84
N ILE ZA 115 -74.57 42.27 -31.16
CA ILE ZA 115 -74.85 42.17 -29.73
C ILE ZA 115 -73.89 43.05 -28.95
N LYS ZA 116 -74.40 43.66 -27.88
CA LYS ZA 116 -73.68 44.69 -27.15
C LYS ZA 116 -72.47 44.11 -26.43
N TYR ZA 117 -71.49 44.98 -26.19
CA TYR ZA 117 -70.32 44.60 -25.42
C TYR ZA 117 -70.63 44.65 -23.93
N ASP ZA 118 -70.12 43.67 -23.20
CA ASP ZA 118 -70.19 43.65 -21.75
C ASP ZA 118 -68.78 43.54 -21.19
N PRO ZA 119 -68.45 44.31 -20.16
CA PRO ZA 119 -67.08 44.26 -19.62
C PRO ZA 119 -66.69 42.92 -19.04
N SER ZA 120 -67.63 42.20 -18.43
CA SER ZA 120 -67.30 40.89 -17.86
C SER ZA 120 -67.06 39.87 -18.97
N ILE ZA 121 -67.90 39.88 -19.99
CA ILE ZA 121 -67.70 38.99 -21.13
C ILE ZA 121 -66.53 39.48 -21.96
N GLY ZA 122 -65.76 38.55 -22.51
CA GLY ZA 122 -64.59 38.93 -23.28
C GLY ZA 122 -64.91 39.37 -24.69
N ILE ZA 123 -64.14 38.88 -25.66
CA ILE ZA 123 -64.33 39.20 -27.06
C ILE ZA 123 -64.85 37.99 -27.84
N TYR ZA 124 -64.20 36.84 -27.71
CA TYR ZA 124 -64.73 35.56 -28.16
C TYR ZA 124 -65.00 35.56 -29.67
N GLY ZA 125 -63.93 35.56 -30.44
CA GLY ZA 125 -64.06 35.36 -31.87
C GLY ZA 125 -64.76 34.05 -32.21
N LEU ZA 126 -65.39 34.03 -33.38
CA LEU ZA 126 -66.21 32.90 -33.81
C LEU ZA 126 -65.61 32.23 -35.04
N ASP ZA 127 -66.14 31.05 -35.35
CA ASP ZA 127 -65.58 30.14 -36.33
C ASP ZA 127 -66.64 29.64 -37.32
N PHE ZA 128 -67.34 30.56 -37.99
CA PHE ZA 128 -68.44 30.20 -38.89
C PHE ZA 128 -68.00 29.17 -39.93
N TYR ZA 129 -68.83 28.16 -40.15
CA TYR ZA 129 -68.55 27.19 -41.22
C TYR ZA 129 -69.86 26.63 -41.76
N VAL ZA 130 -70.32 27.18 -42.86
CA VAL ZA 130 -71.59 26.82 -43.47
C VAL ZA 130 -71.41 25.65 -44.43
N VAL ZA 131 -72.37 24.72 -44.38
CA VAL ZA 131 -72.35 23.49 -45.14
C VAL ZA 131 -73.47 23.55 -46.17
N LEU ZA 132 -73.12 23.37 -47.44
CA LEU ZA 132 -74.09 23.40 -48.51
C LEU ZA 132 -74.58 22.00 -48.85
N GLY ZA 133 -75.76 21.93 -49.44
CA GLY ZA 133 -76.35 20.64 -49.77
C GLY ZA 133 -77.37 20.77 -50.88
N ARG ZA 134 -77.88 19.63 -51.30
CA ARG ZA 134 -78.91 19.52 -52.31
C ARG ZA 134 -80.05 18.68 -51.76
N PRO ZA 135 -81.24 18.79 -52.34
CA PRO ZA 135 -82.31 17.84 -51.99
C PRO ZA 135 -81.89 16.42 -52.27
N GLY ZA 136 -81.78 15.62 -51.20
CA GLY ZA 136 -81.36 14.25 -51.33
C GLY ZA 136 -80.06 13.91 -50.64
N PHE ZA 137 -79.42 14.87 -49.97
CA PHE ZA 137 -78.17 14.60 -49.29
C PHE ZA 137 -78.37 13.76 -48.03
N SER ZA 138 -79.61 13.67 -47.53
CA SER ZA 138 -79.87 12.99 -46.26
C SER ZA 138 -79.88 11.48 -46.39
N ILE ZA 139 -79.74 10.94 -47.60
CA ILE ZA 139 -79.66 9.49 -47.73
C ILE ZA 139 -78.34 8.97 -47.18
N ALA ZA 140 -77.34 9.83 -47.03
CA ALA ZA 140 -76.11 9.42 -46.39
C ALA ZA 140 -76.23 9.37 -44.87
N ASP ZA 141 -77.27 9.96 -44.30
CA ASP ZA 141 -77.48 9.98 -42.87
C ASP ZA 141 -78.61 9.10 -42.39
N LYS ZA 142 -79.54 8.74 -43.28
CA LYS ZA 142 -80.65 7.88 -42.88
C LYS ZA 142 -80.16 6.51 -42.42
N LYS ZA 143 -80.89 5.93 -41.48
CA LYS ZA 143 -80.46 4.66 -40.88
C LYS ZA 143 -80.70 3.47 -41.81
N ARG ZA 144 -81.85 3.42 -42.47
CA ARG ZA 144 -82.25 2.25 -43.25
C ARG ZA 144 -81.99 2.51 -44.73
N ARG ZA 145 -81.26 1.60 -45.38
CA ARG ZA 145 -80.92 1.69 -46.79
C ARG ZA 145 -80.15 2.98 -47.10
N THR ZA 146 -79.14 3.26 -46.29
CA THR ZA 146 -78.30 4.42 -46.52
C THR ZA 146 -77.42 4.21 -47.76
N GLY ZA 147 -76.89 5.30 -48.28
CA GLY ZA 147 -76.03 5.20 -49.44
C GLY ZA 147 -75.34 6.52 -49.72
N CYS ZA 148 -74.47 6.49 -50.73
CA CYS ZA 148 -73.77 7.69 -51.18
C CYS ZA 148 -74.69 8.47 -52.12
N ILE ZA 149 -74.20 9.59 -52.64
CA ILE ZA 149 -75.05 10.53 -53.37
C ILE ZA 149 -74.71 10.63 -54.85
N GLY ZA 150 -73.54 10.19 -55.28
CA GLY ZA 150 -73.35 10.31 -56.73
C GLY ZA 150 -72.56 11.54 -57.12
N ALA ZA 151 -71.66 11.34 -58.07
CA ALA ZA 151 -70.70 12.38 -58.44
C ALA ZA 151 -71.40 13.60 -59.03
N LYS ZA 152 -72.42 13.38 -59.86
CA LYS ZA 152 -73.14 14.50 -60.44
C LYS ZA 152 -73.85 15.31 -59.37
N HIS ZA 153 -74.41 14.65 -58.37
CA HIS ZA 153 -75.14 15.33 -57.32
C HIS ZA 153 -74.22 16.00 -56.31
N ARG ZA 154 -72.96 15.59 -56.24
CA ARG ZA 154 -72.02 16.23 -55.33
C ARG ZA 154 -71.84 17.70 -55.69
N ILE ZA 155 -71.33 18.47 -54.73
CA ILE ZA 155 -71.11 19.90 -54.88
C ILE ZA 155 -69.62 20.15 -54.99
N SER ZA 156 -69.21 20.87 -56.02
CA SER ZA 156 -67.81 21.19 -56.20
C SER ZA 156 -67.50 22.56 -55.61
N LYS ZA 157 -66.20 22.83 -55.45
CA LYS ZA 157 -65.78 24.12 -54.93
C LYS ZA 157 -66.19 25.25 -55.86
N GLU ZA 158 -66.09 25.04 -57.17
CA GLU ZA 158 -66.53 26.04 -58.13
C GLU ZA 158 -68.03 26.27 -58.02
N GLU ZA 159 -68.81 25.22 -57.84
CA GLU ZA 159 -70.25 25.37 -57.68
C GLU ZA 159 -70.59 26.16 -56.42
N ALA ZA 160 -69.89 25.88 -55.32
CA ALA ZA 160 -70.13 26.62 -54.08
C ALA ZA 160 -69.77 28.09 -54.24
N MET ZA 161 -68.63 28.37 -54.88
CA MET ZA 161 -68.23 29.74 -55.12
C MET ZA 161 -69.26 30.47 -55.97
N ARG ZA 162 -69.72 29.82 -57.04
CA ARG ZA 162 -70.71 30.44 -57.91
C ARG ZA 162 -72.01 30.72 -57.14
N TRP ZA 163 -72.47 29.75 -56.35
CA TRP ZA 163 -73.70 29.93 -55.59
C TRP ZA 163 -73.58 31.09 -54.63
N PHE ZA 164 -72.43 31.21 -53.96
CA PHE ZA 164 -72.20 32.37 -53.10
C PHE ZA 164 -72.26 33.66 -53.91
N GLN ZA 165 -71.65 33.67 -55.09
CA GLN ZA 165 -71.62 34.88 -55.91
C GLN ZA 165 -73.02 35.31 -56.36
N GLN ZA 166 -73.88 34.38 -56.78
CA GLN ZA 166 -75.23 34.83 -57.13
C GLN ZA 166 -76.06 35.17 -55.90
N LYS ZA 167 -75.99 34.33 -54.85
CA LYS ZA 167 -76.93 34.52 -53.75
C LYS ZA 167 -76.61 35.78 -52.95
N TYR ZA 168 -75.36 35.97 -52.56
CA TYR ZA 168 -75.01 37.07 -51.69
C TYR ZA 168 -74.34 38.23 -52.42
N ASP ZA 169 -74.28 38.16 -53.76
CA ASP ZA 169 -73.54 39.13 -54.57
C ASP ZA 169 -72.10 39.25 -54.08
N GLY ZA 170 -71.53 38.12 -53.68
CA GLY ZA 170 -70.26 38.12 -53.01
C GLY ZA 170 -69.12 38.39 -53.95
N ILE ZA 171 -67.95 38.65 -53.35
CA ILE ZA 171 -66.72 38.88 -54.06
C ILE ZA 171 -65.68 37.92 -53.52
N ILE ZA 172 -65.01 37.21 -54.41
CA ILE ZA 172 -64.03 36.19 -54.04
C ILE ZA 172 -62.66 36.68 -54.48
N LEU ZA 173 -61.74 36.72 -53.54
CA LEU ZA 173 -60.42 37.28 -53.75
C LEU ZA 173 -59.40 36.19 -54.07
N PRO ZA 174 -58.49 36.44 -55.01
CA PRO ZA 174 -57.55 35.39 -55.41
C PRO ZA 174 -56.45 35.15 -54.38
N GLY ZA 175 -56.77 34.37 -53.35
CA GLY ZA 175 -55.78 33.99 -52.35
C GLY ZA 175 -55.35 32.55 -52.50
N ALA AB 1 -43.69 -51.70 -0.14
CA ALA AB 1 -44.33 -50.95 -1.20
C ALA AB 1 -45.59 -51.65 -1.66
N PRO AB 2 -46.66 -50.87 -1.89
CA PRO AB 2 -47.88 -51.45 -2.45
C PRO AB 2 -47.65 -51.93 -3.87
N SER AB 3 -48.44 -52.92 -4.28
CA SER AB 3 -48.34 -53.46 -5.63
C SER AB 3 -49.74 -53.75 -6.12
N ARG AB 4 -50.24 -52.91 -7.01
CA ARG AB 4 -51.53 -53.08 -7.67
C ARG AB 4 -52.63 -53.12 -6.60
N ASN AB 5 -53.74 -53.76 -6.88
CA ASN AB 5 -54.83 -53.86 -5.91
C ASN AB 5 -54.43 -54.75 -4.75
N GLY AB 6 -54.95 -54.42 -3.59
CA GLY AB 6 -54.67 -55.19 -2.40
C GLY AB 6 -55.27 -54.52 -1.19
N MET AB 7 -55.20 -55.23 -0.08
CA MET AB 7 -55.69 -54.74 1.19
C MET AB 7 -54.56 -54.02 1.92
N VAL AB 8 -54.86 -52.83 2.44
CA VAL AB 8 -53.89 -52.13 3.27
C VAL AB 8 -53.77 -52.91 4.59
N LEU AB 9 -52.65 -53.56 4.78
CA LEU AB 9 -52.44 -54.43 5.93
C LEU AB 9 -51.61 -53.73 6.99
N LYS AB 10 -51.94 -53.98 8.25
CA LYS AB 10 -51.22 -53.42 9.39
C LYS AB 10 -50.85 -54.56 10.32
N PRO AB 11 -49.78 -55.29 10.01
CA PRO AB 11 -49.33 -56.35 10.92
C PRO AB 11 -48.72 -55.76 12.18
N HIS AB 12 -49.05 -56.34 13.32
CA HIS AB 12 -48.55 -55.85 14.60
C HIS AB 12 -47.30 -56.60 15.00
N PHE AB 13 -46.27 -56.48 14.18
CA PHE AB 13 -45.00 -57.16 14.39
C PHE AB 13 -43.85 -56.17 14.34
N HIS AB 14 -44.00 -55.07 15.08
CA HIS AB 14 -42.94 -54.08 15.19
C HIS AB 14 -42.34 -54.03 16.58
N LYS AB 15 -42.59 -55.03 17.41
CA LYS AB 15 -42.39 -54.90 18.85
C LYS AB 15 -41.70 -56.11 19.44
N ASP AB 16 -40.75 -56.69 18.70
CA ASP AB 16 -39.95 -57.82 19.18
C ASP AB 16 -40.82 -58.98 19.64
N TRP AB 17 -41.72 -59.40 18.76
CA TRP AB 17 -42.70 -60.42 19.10
C TRP AB 17 -42.08 -61.79 19.34
N GLN AB 18 -40.90 -62.05 18.79
CA GLN AB 18 -40.33 -63.38 18.88
C GLN AB 18 -39.83 -63.73 20.27
N ARG AB 19 -39.59 -62.72 21.11
CA ARG AB 19 -39.19 -63.00 22.48
C ARG AB 19 -40.35 -63.50 23.32
N ARG AB 20 -41.59 -63.23 22.91
CA ARG AB 20 -42.78 -63.66 23.61
C ARG AB 20 -43.69 -64.39 22.63
N VAL AB 21 -43.41 -65.67 22.44
CA VAL AB 21 -44.24 -66.55 21.63
C VAL AB 21 -44.63 -67.74 22.49
N ALA AB 22 -45.93 -68.00 22.58
CA ALA AB 22 -46.45 -69.10 23.39
C ALA AB 22 -46.83 -70.24 22.47
N THR AB 23 -45.99 -71.24 22.39
CA THR AB 23 -46.32 -72.46 21.67
C THR AB 23 -47.19 -73.36 22.55
N TRP AB 24 -47.83 -74.33 21.91
CA TRP AB 24 -48.83 -75.16 22.57
C TRP AB 24 -48.48 -76.64 22.50
N PHE AB 25 -47.19 -76.97 22.52
CA PHE AB 25 -46.81 -78.38 22.47
C PHE AB 25 -47.13 -79.12 23.75
N ASN AB 26 -47.43 -78.40 24.82
CA ASN AB 26 -47.86 -79.00 26.07
C ASN AB 26 -49.37 -78.99 26.21
N GLN AB 27 -50.11 -78.71 25.15
CA GLN AB 27 -51.57 -78.77 25.22
C GLN AB 27 -52.09 -80.18 25.48
N PRO AB 28 -51.65 -81.22 24.76
CA PRO AB 28 -52.13 -82.57 25.12
C PRO AB 28 -51.74 -82.99 26.51
N ALA AB 29 -50.55 -82.62 26.96
CA ALA AB 29 -50.14 -82.94 28.32
C ALA AB 29 -50.99 -82.20 29.34
N ARG AB 30 -51.33 -80.95 29.05
CA ARG AB 30 -52.21 -80.19 29.95
C ARG AB 30 -53.59 -80.81 30.02
N LYS AB 31 -54.11 -81.28 28.89
CA LYS AB 31 -55.40 -81.95 28.89
C LYS AB 31 -55.34 -83.23 29.72
N ILE AB 32 -54.27 -84.01 29.57
CA ILE AB 32 -54.11 -85.22 30.36
C ILE AB 32 -54.03 -84.90 31.84
N ARG AB 33 -53.27 -83.88 32.21
CA ARG AB 33 -53.12 -83.53 33.61
C ARG AB 33 -54.44 -83.06 34.20
N ARG AB 34 -55.20 -82.27 33.44
CA ARG AB 34 -56.50 -81.84 33.92
C ARG AB 34 -57.46 -83.01 34.10
N ARG AB 35 -57.44 -83.96 33.16
CA ARG AB 35 -58.30 -85.13 33.30
C ARG AB 35 -57.93 -85.94 34.54
N LYS AB 36 -56.64 -86.11 34.78
CA LYS AB 36 -56.19 -86.86 35.95
C LYS AB 36 -56.58 -86.16 37.24
N ALA AB 37 -56.44 -84.83 37.28
CA ALA AB 37 -56.85 -84.07 38.45
C ALA AB 37 -58.35 -84.19 38.68
N ARG AB 38 -59.14 -84.13 37.61
CA ARG AB 38 -60.58 -84.30 37.73
C ARG AB 38 -60.93 -85.67 38.31
N GLN AB 39 -60.30 -86.72 37.79
CA GLN AB 39 -60.59 -88.07 38.27
C GLN AB 39 -60.18 -88.22 39.73
N ALA AB 40 -59.04 -87.66 40.12
CA ALA AB 40 -58.61 -87.73 41.51
C ALA AB 40 -59.58 -86.98 42.42
N LYS AB 41 -60.06 -85.81 41.99
CA LYS AB 41 -61.02 -85.07 42.81
C LYS AB 41 -62.33 -85.83 42.95
N ALA AB 42 -62.78 -86.46 41.87
CA ALA AB 42 -64.00 -87.25 41.93
C ALA AB 42 -63.83 -88.43 42.88
N ARG AB 43 -62.66 -89.07 42.86
CA ARG AB 43 -62.40 -90.13 43.83
C ARG AB 43 -62.38 -89.60 45.26
N ARG AB 44 -61.81 -88.41 45.44
CA ARG AB 44 -61.70 -87.85 46.78
C ARG AB 44 -63.07 -87.57 47.39
N ILE AB 45 -63.95 -86.90 46.64
CA ILE AB 45 -65.33 -86.71 47.08
C ILE AB 45 -66.14 -87.84 46.44
N ALA AB 46 -66.21 -88.98 47.15
CA ALA AB 46 -66.64 -90.21 46.50
C ALA AB 46 -68.11 -90.19 46.11
N PRO AB 47 -69.07 -90.00 47.02
CA PRO AB 47 -70.47 -90.00 46.58
C PRO AB 47 -71.00 -88.63 46.18
N ARG AB 48 -70.30 -87.56 46.52
CA ARG AB 48 -70.74 -86.24 46.14
C ARG AB 48 -70.61 -86.05 44.63
N PRO AB 49 -71.45 -85.21 44.03
CA PRO AB 49 -71.39 -85.01 42.58
C PRO AB 49 -70.03 -84.51 42.13
N ALA AB 50 -69.56 -85.04 41.01
CA ALA AB 50 -68.19 -84.77 40.58
C ALA AB 50 -68.04 -83.33 40.10
N SER AB 51 -69.03 -82.80 39.39
CA SER AB 51 -68.92 -81.45 38.86
C SER AB 51 -68.86 -80.42 39.98
N GLY AB 52 -69.68 -80.58 41.00
CA GLY AB 52 -69.64 -79.69 42.13
C GLY AB 52 -71.00 -79.28 42.62
N PRO AB 53 -71.07 -78.14 43.29
CA PRO AB 53 -72.36 -77.68 43.83
C PRO AB 53 -73.35 -77.33 42.75
N ILE AB 54 -74.63 -77.44 43.09
CA ILE AB 54 -75.69 -77.05 42.18
C ILE AB 54 -75.70 -75.53 42.05
N ARG AB 55 -75.85 -75.05 40.83
CA ARG AB 55 -75.85 -73.64 40.53
C ARG AB 55 -77.26 -73.16 40.19
N PRO AB 56 -77.56 -71.88 40.40
CA PRO AB 56 -78.92 -71.39 40.15
C PRO AB 56 -79.19 -71.20 38.66
N ILE AB 57 -80.46 -70.95 38.36
CA ILE AB 57 -80.89 -70.59 37.02
C ILE AB 57 -80.77 -69.08 36.88
N VAL AB 58 -80.07 -68.65 35.85
CA VAL AB 58 -79.64 -67.26 35.69
C VAL AB 58 -79.84 -66.82 34.25
N ARG AB 59 -80.47 -65.67 34.06
CA ARG AB 59 -80.63 -65.07 32.75
C ARG AB 59 -79.42 -64.22 32.40
N CYS AB 60 -78.95 -64.36 31.17
CA CYS AB 60 -77.79 -63.60 30.74
C CYS AB 60 -78.13 -62.12 30.64
N PRO AB 61 -77.18 -61.24 30.95
CA PRO AB 61 -77.52 -59.82 31.11
C PRO AB 61 -78.01 -59.10 29.87
N THR AB 62 -77.21 -59.04 28.81
CA THR AB 62 -77.41 -57.97 27.84
C THR AB 62 -78.54 -58.34 26.88
N VAL AB 63 -79.03 -57.33 26.14
CA VAL AB 63 -80.11 -57.52 25.18
C VAL AB 63 -79.77 -58.56 24.12
N ARG AB 64 -78.48 -58.82 23.90
CA ARG AB 64 -78.09 -59.87 22.96
C ARG AB 64 -78.44 -61.25 23.50
N TYR AB 65 -78.41 -61.43 24.81
CA TYR AB 65 -78.52 -62.75 25.40
C TYR AB 65 -79.62 -62.90 26.44
N HIS AB 66 -80.49 -61.91 26.64
CA HIS AB 66 -81.49 -62.11 27.68
C HIS AB 66 -82.54 -63.15 27.30
N THR AB 67 -82.56 -63.62 26.07
CA THR AB 67 -83.39 -64.76 25.70
C THR AB 67 -82.78 -66.07 26.14
N LYS AB 68 -81.54 -66.06 26.65
CA LYS AB 68 -80.80 -67.25 27.02
C LYS AB 68 -80.70 -67.34 28.53
N VAL AB 69 -80.63 -68.57 29.03
CA VAL AB 69 -80.55 -68.84 30.45
C VAL AB 69 -79.36 -69.76 30.69
N ARG AB 70 -78.52 -69.41 31.66
CA ARG AB 70 -77.35 -70.21 31.99
C ARG AB 70 -77.27 -70.46 33.48
N ALA AB 71 -76.15 -71.02 33.94
CA ALA AB 71 -75.93 -71.27 35.36
C ALA AB 71 -75.16 -70.10 35.97
N GLY AB 72 -75.56 -69.73 37.18
CA GLY AB 72 -74.93 -68.63 37.88
C GLY AB 72 -73.90 -69.10 38.90
N ARG AB 73 -73.39 -68.15 39.67
CA ARG AB 73 -72.37 -68.46 40.65
C ARG AB 73 -72.96 -69.19 41.84
N GLY AB 74 -74.08 -68.71 42.36
CA GLY AB 74 -74.68 -69.34 43.52
C GLY AB 74 -76.07 -68.80 43.77
N PHE AB 75 -76.80 -69.51 44.62
CA PHE AB 75 -78.16 -69.11 44.94
C PHE AB 75 -78.14 -67.87 45.84
N SER AB 76 -79.12 -67.00 45.63
CA SER AB 76 -79.19 -65.78 46.41
C SER AB 76 -79.70 -66.07 47.82
N LEU AB 77 -79.40 -65.13 48.72
CA LEU AB 77 -79.80 -65.28 50.11
C LEU AB 77 -81.31 -65.28 50.25
N GLU AB 78 -82.00 -64.47 49.45
CA GLU AB 78 -83.47 -64.47 49.48
C GLU AB 78 -84.03 -65.80 48.98
N GLU AB 79 -83.40 -66.38 47.95
CA GLU AB 79 -83.81 -67.70 47.48
C GLU AB 79 -83.65 -68.74 48.57
N LEU AB 80 -82.51 -68.71 49.26
CA LEU AB 80 -82.30 -69.66 50.36
C LEU AB 80 -83.29 -69.42 51.49
N ARG AB 81 -83.59 -68.16 51.78
CA ARG AB 81 -84.54 -67.83 52.83
C ARG AB 81 -85.93 -68.35 52.51
N VAL AB 82 -86.36 -68.19 51.26
CA VAL AB 82 -87.67 -68.69 50.86
C VAL AB 82 -87.69 -70.22 50.87
N ALA AB 83 -86.60 -70.84 50.42
CA ALA AB 83 -86.55 -72.30 50.43
C ALA AB 83 -86.39 -72.88 51.82
N GLY AB 84 -86.00 -72.08 52.81
CA GLY AB 84 -85.84 -72.58 54.16
C GLY AB 84 -84.52 -73.26 54.43
N ILE AB 85 -83.45 -72.78 53.83
CA ILE AB 85 -82.11 -73.33 54.03
C ILE AB 85 -81.23 -72.23 54.60
N HIS AB 86 -80.52 -72.55 55.68
CA HIS AB 86 -79.57 -71.61 56.26
C HIS AB 86 -78.44 -71.33 55.28
N LYS AB 87 -78.02 -70.07 55.22
CA LYS AB 87 -76.98 -69.69 54.26
C LYS AB 87 -75.63 -70.28 54.63
N LYS AB 88 -75.44 -70.70 55.88
CA LYS AB 88 -74.21 -71.35 56.27
C LYS AB 88 -74.31 -72.87 56.23
N VAL AB 89 -75.52 -73.42 56.23
CA VAL AB 89 -75.69 -74.85 56.10
C VAL AB 89 -75.74 -75.26 54.63
N ALA AB 90 -76.13 -74.34 53.76
CA ALA AB 90 -76.31 -74.68 52.34
C ALA AB 90 -75.00 -75.13 51.71
N ARG AB 91 -73.90 -74.49 52.06
CA ARG AB 91 -72.62 -74.84 51.46
C ARG AB 91 -72.10 -76.19 51.90
N THR AB 92 -72.65 -76.76 52.98
CA THR AB 92 -72.22 -78.07 53.44
C THR AB 92 -73.00 -79.21 52.81
N ILE AB 93 -74.05 -78.91 52.05
CA ILE AB 93 -74.81 -79.96 51.37
C ILE AB 93 -74.78 -79.71 49.87
N GLY AB 94 -73.73 -79.04 49.40
CA GLY AB 94 -73.53 -78.90 47.97
C GLY AB 94 -74.39 -77.87 47.29
N ILE AB 95 -74.82 -76.84 48.01
CA ILE AB 95 -75.59 -75.75 47.43
C ILE AB 95 -74.69 -74.52 47.42
N SER AB 96 -74.35 -74.04 46.23
CA SER AB 96 -73.57 -72.83 46.12
C SER AB 96 -74.44 -71.63 46.47
N VAL AB 97 -73.84 -70.65 47.13
CA VAL AB 97 -74.54 -69.44 47.56
C VAL AB 97 -73.76 -68.22 47.08
N ASP AB 98 -74.50 -67.23 46.57
CA ASP AB 98 -73.94 -65.97 46.11
C ASP AB 98 -74.56 -64.86 46.94
N PRO AB 99 -73.87 -64.36 47.98
CA PRO AB 99 -74.49 -63.35 48.83
C PRO AB 99 -74.66 -62.01 48.15
N ARG AB 100 -73.96 -61.74 47.06
CA ARG AB 100 -73.98 -60.42 46.45
C ARG AB 100 -74.98 -60.31 45.32
N ARG AB 101 -75.75 -61.35 45.04
CA ARG AB 101 -76.78 -61.32 44.01
C ARG AB 101 -78.14 -61.07 44.64
N ARG AB 102 -78.86 -60.09 44.12
CA ARG AB 102 -80.22 -59.79 44.55
C ARG AB 102 -81.21 -60.17 43.46
N ASN AB 103 -82.46 -60.39 43.88
CA ASN AB 103 -83.52 -60.88 43.03
C ASN AB 103 -84.44 -59.73 42.66
N LYS AB 104 -84.43 -59.36 41.38
CA LYS AB 104 -85.26 -58.27 40.89
C LYS AB 104 -86.61 -58.72 40.37
N SER AB 105 -86.88 -60.02 40.34
CA SER AB 105 -88.15 -60.51 39.80
C SER AB 105 -88.57 -61.79 40.52
N THR AB 106 -89.86 -61.84 40.84
CA THR AB 106 -90.42 -63.02 41.49
C THR AB 106 -90.37 -64.24 40.61
N GLU AB 107 -90.38 -64.08 39.29
CA GLU AB 107 -90.30 -65.23 38.39
C GLU AB 107 -88.98 -65.97 38.59
N SER AB 108 -87.86 -65.26 38.52
CA SER AB 108 -86.57 -65.88 38.75
C SER AB 108 -86.43 -66.37 40.18
N LEU AB 109 -86.96 -65.60 41.14
CA LEU AB 109 -86.95 -66.05 42.53
C LEU AB 109 -87.64 -67.41 42.68
N GLN AB 110 -88.85 -67.54 42.13
CA GLN AB 110 -89.61 -68.76 42.29
C GLN AB 110 -89.00 -69.90 41.50
N ALA AB 111 -88.46 -69.64 40.32
CA ALA AB 111 -87.78 -70.67 39.57
C ALA AB 111 -86.60 -71.24 40.35
N ASN AB 112 -85.81 -70.37 40.96
CA ASN AB 112 -84.66 -70.87 41.70
C ASN AB 112 -85.04 -71.53 43.01
N VAL AB 113 -86.12 -71.09 43.67
CA VAL AB 113 -86.52 -71.82 44.87
C VAL AB 113 -87.11 -73.19 44.51
N GLN AB 114 -87.77 -73.30 43.35
CA GLN AB 114 -88.21 -74.62 42.92
C GLN AB 114 -87.02 -75.51 42.60
N ARG AB 115 -85.97 -74.94 42.01
CA ARG AB 115 -84.72 -75.67 41.82
C ARG AB 115 -84.16 -76.17 43.15
N LEU AB 116 -84.16 -75.30 44.17
CA LEU AB 116 -83.65 -75.68 45.48
C LEU AB 116 -84.48 -76.77 46.13
N LYS AB 117 -85.81 -76.68 46.02
CA LYS AB 117 -86.66 -77.71 46.61
C LYS AB 117 -86.48 -79.04 45.90
N GLU AB 118 -86.34 -79.02 44.57
CA GLU AB 118 -86.08 -80.25 43.84
C GLU AB 118 -84.75 -80.87 44.25
N TYR AB 119 -83.72 -80.04 44.41
CA TYR AB 119 -82.42 -80.56 44.86
C TYR AB 119 -82.52 -81.13 46.27
N ARG AB 120 -83.24 -80.46 47.16
CA ARG AB 120 -83.40 -80.97 48.52
C ARG AB 120 -84.15 -82.29 48.53
N SER AB 121 -85.13 -82.46 47.66
CA SER AB 121 -85.81 -83.74 47.53
C SER AB 121 -84.90 -84.82 46.98
N LYS AB 122 -84.03 -84.48 46.02
CA LYS AB 122 -83.14 -85.47 45.42
C LYS AB 122 -81.94 -85.80 46.29
N LEU AB 123 -81.63 -84.99 47.30
CA LEU AB 123 -80.40 -85.16 48.07
C LEU AB 123 -80.49 -86.37 48.99
N ILE AB 124 -79.44 -87.17 48.98
CA ILE AB 124 -79.25 -88.26 49.94
C ILE AB 124 -78.21 -87.79 50.96
N LEU AB 125 -78.59 -87.72 52.22
CA LEU AB 125 -77.72 -87.22 53.27
C LEU AB 125 -77.21 -88.38 54.10
N PHE AB 126 -75.90 -88.60 54.07
CA PHE AB 126 -75.30 -89.63 54.91
C PHE AB 126 -75.29 -89.17 56.37
N PRO AB 127 -75.47 -90.08 57.31
CA PRO AB 127 -75.32 -89.72 58.72
C PRO AB 127 -73.88 -89.34 59.00
N ARG AB 128 -73.71 -88.40 59.94
CA ARG AB 128 -72.37 -87.97 60.31
C ARG AB 128 -71.57 -89.14 60.88
N LYS AB 129 -72.17 -89.90 61.77
CA LYS AB 129 -71.60 -91.15 62.26
C LYS AB 129 -72.43 -92.29 61.71
N PRO AB 130 -71.85 -93.18 60.90
CA PRO AB 130 -72.67 -94.20 60.22
C PRO AB 130 -73.42 -95.12 61.17
N SER AB 131 -72.83 -95.45 62.32
CA SER AB 131 -73.51 -96.32 63.28
C SER AB 131 -74.64 -95.60 64.00
N ALA AB 132 -74.64 -94.27 64.01
CA ALA AB 132 -75.64 -93.48 64.72
C ALA AB 132 -76.26 -92.49 63.75
N PRO AB 133 -77.33 -92.90 63.05
CA PRO AB 133 -78.02 -91.98 62.14
C PRO AB 133 -79.01 -91.10 62.89
N LYS AB 134 -78.73 -89.80 62.92
CA LYS AB 134 -79.60 -88.89 63.67
C LYS AB 134 -80.80 -88.46 62.84
N LYS AB 135 -80.56 -87.71 61.77
CA LYS AB 135 -81.64 -87.20 60.92
C LYS AB 135 -81.28 -87.24 59.44
N GLY AB 136 -80.27 -88.02 59.05
CA GLY AB 136 -79.81 -88.00 57.69
C GLY AB 136 -80.74 -88.64 56.68
N ASP AB 137 -80.81 -89.97 56.66
CA ASP AB 137 -81.50 -90.68 55.59
C ASP AB 137 -81.58 -92.15 55.94
N SER AB 138 -82.56 -92.83 55.35
CA SER AB 138 -82.76 -94.25 55.59
C SER AB 138 -81.61 -95.06 55.00
N SER AB 139 -81.34 -96.21 55.62
CA SER AB 139 -80.22 -97.03 55.18
C SER AB 139 -80.46 -97.66 53.82
N ALA AB 140 -81.73 -97.98 53.50
CA ALA AB 140 -82.03 -98.57 52.21
C ALA AB 140 -81.70 -97.61 51.08
N GLU AB 141 -82.05 -96.33 51.24
CA GLU AB 141 -81.66 -95.33 50.25
C GLU AB 141 -80.17 -95.02 50.34
N GLU AB 142 -79.60 -95.09 51.54
CA GLU AB 142 -78.20 -94.75 51.74
C GLU AB 142 -77.28 -95.69 50.99
N LEU AB 143 -77.55 -96.99 51.06
CA LEU AB 143 -76.58 -97.95 50.53
C LEU AB 143 -76.65 -98.05 49.01
N LYS AB 144 -77.77 -98.52 48.49
CA LYS AB 144 -77.81 -98.90 47.08
C LYS AB 144 -77.98 -97.70 46.16
N LEU AB 145 -78.68 -96.66 46.60
CA LEU AB 145 -79.06 -95.58 45.71
C LEU AB 145 -78.02 -94.47 45.63
N ALA AB 146 -76.97 -94.52 46.44
CA ALA AB 146 -75.96 -93.47 46.46
C ALA AB 146 -74.90 -93.79 45.41
N THR AB 147 -74.92 -93.03 44.32
CA THR AB 147 -73.89 -93.09 43.29
C THR AB 147 -73.39 -91.69 43.03
N GLN AB 148 -72.16 -91.59 42.54
CA GLN AB 148 -71.61 -90.29 42.19
C GLN AB 148 -72.26 -89.79 40.91
N LEU AB 149 -72.75 -88.55 40.95
CA LEU AB 149 -73.40 -87.96 39.79
C LEU AB 149 -72.35 -87.35 38.86
N THR AB 150 -72.48 -87.64 37.57
CA THR AB 150 -71.55 -87.16 36.56
C THR AB 150 -72.21 -86.06 35.75
N GLY AB 151 -71.48 -84.97 35.52
CA GLY AB 151 -72.01 -83.82 34.84
C GLY AB 151 -72.56 -82.82 35.83
N PRO AB 152 -73.01 -81.66 35.33
CA PRO AB 152 -73.59 -80.66 36.22
C PRO AB 152 -74.86 -81.18 36.89
N VAL AB 153 -75.08 -80.72 38.11
CA VAL AB 153 -76.23 -81.17 38.90
C VAL AB 153 -77.46 -80.45 38.41
N MET AB 154 -78.43 -81.21 37.91
CA MET AB 154 -79.67 -80.70 37.32
C MET AB 154 -79.33 -79.64 36.26
N PRO AB 155 -78.82 -80.05 35.10
CA PRO AB 155 -78.30 -79.08 34.14
C PRO AB 155 -79.34 -78.06 33.71
N VAL AB 156 -78.88 -76.83 33.50
CA VAL AB 156 -79.76 -75.73 33.14
C VAL AB 156 -80.03 -75.78 31.65
N ARG AB 157 -81.30 -75.94 31.29
CA ARG AB 157 -81.72 -76.03 29.90
C ARG AB 157 -82.63 -74.85 29.58
N ASN AB 158 -82.61 -74.43 28.33
CA ASN AB 158 -83.51 -73.38 27.85
C ASN AB 158 -84.80 -74.03 27.37
N VAL AB 159 -85.91 -73.64 27.96
CA VAL AB 159 -87.20 -74.20 27.62
C VAL AB 159 -87.98 -73.19 26.79
N TYR AB 160 -88.78 -73.69 25.86
CA TYR AB 160 -89.57 -72.86 24.98
C TYR AB 160 -91.04 -73.23 25.11
N LYS AB 161 -91.88 -72.23 25.37
CA LYS AB 161 -93.32 -72.44 25.46
C LYS AB 161 -93.87 -72.49 24.05
N LYS AB 162 -94.17 -73.69 23.58
CA LYS AB 162 -94.71 -73.86 22.23
C LYS AB 162 -96.10 -73.27 22.14
N GLU AB 163 -96.35 -72.52 21.07
CA GLU AB 163 -97.63 -71.87 20.85
C GLU AB 163 -98.44 -72.68 19.85
N LYS AB 164 -99.65 -73.06 20.23
CA LYS AB 164 -100.54 -73.78 19.34
C LYS AB 164 -101.14 -72.83 18.31
N ALA AB 165 -101.24 -73.29 17.07
CA ALA AB 165 -101.82 -72.48 16.01
C ALA AB 165 -103.26 -72.11 16.33
N ARG AB 166 -103.59 -70.85 16.10
CA ARG AB 166 -104.91 -70.34 16.45
C ARG AB 166 -105.43 -69.45 15.32
N VAL AB 167 -106.75 -69.26 15.31
CA VAL AB 167 -107.37 -68.41 14.31
C VAL AB 167 -107.04 -66.96 14.61
N ILE AB 168 -106.64 -66.22 13.58
CA ILE AB 168 -106.22 -64.84 13.73
C ILE AB 168 -107.45 -63.95 13.88
N THR AB 169 -107.47 -63.16 14.94
CA THR AB 169 -108.58 -62.25 15.20
C THR AB 169 -108.43 -60.97 14.39
N GLU AB 170 -109.51 -60.20 14.36
CA GLU AB 170 -109.52 -58.95 13.60
C GLU AB 170 -108.65 -57.89 14.26
N GLU AB 171 -108.57 -57.86 15.59
CA GLU AB 171 -107.66 -56.94 16.25
C GLU AB 171 -106.21 -57.24 15.88
N GLU AB 172 -105.85 -58.51 15.87
CA GLU AB 172 -104.51 -58.91 15.44
C GLU AB 172 -104.26 -58.53 13.98
N LYS AB 173 -105.27 -58.75 13.12
CA LYS AB 173 -105.09 -58.40 11.72
C LYS AB 173 -105.01 -56.89 11.50
N ASN AB 174 -105.60 -56.09 12.39
CA ASN AB 174 -105.62 -54.65 12.22
C ASN AB 174 -104.51 -53.92 12.97
N PHE AB 175 -103.79 -54.60 13.86
CA PHE AB 175 -102.69 -53.96 14.57
C PHE AB 175 -101.60 -53.54 13.59
N LYS AB 176 -101.11 -52.31 13.74
CA LYS AB 176 -100.10 -51.75 12.83
C LYS AB 176 -98.74 -51.80 13.52
N ALA AB 177 -97.96 -52.83 13.22
CA ALA AB 177 -96.72 -53.06 13.95
C ALA AB 177 -95.69 -51.99 13.64
N PHE AB 178 -95.47 -51.69 12.36
CA PHE AB 178 -94.45 -50.71 11.99
C PHE AB 178 -94.83 -49.33 12.48
N ALA AB 179 -96.10 -48.94 12.32
CA ALA AB 179 -96.55 -47.64 12.80
C ALA AB 179 -96.42 -47.55 14.31
N SER AB 180 -96.74 -48.62 15.02
CA SER AB 180 -96.61 -48.62 16.47
C SER AB 180 -95.16 -48.44 16.89
N LEU AB 181 -94.22 -49.13 16.21
CA LEU AB 181 -92.81 -48.97 16.56
C LEU AB 181 -92.34 -47.54 16.29
N ARG AB 182 -92.71 -46.98 15.14
CA ARG AB 182 -92.30 -45.62 14.82
C ARG AB 182 -92.87 -44.61 15.80
N MET AB 183 -94.14 -44.76 16.16
CA MET AB 183 -94.76 -43.83 17.09
C MET AB 183 -94.18 -43.97 18.49
N ALA AB 184 -93.86 -45.20 18.91
CA ALA AB 184 -93.24 -45.38 20.21
C ALA AB 184 -91.87 -44.75 20.26
N ARG AB 185 -91.08 -44.90 19.18
CA ARG AB 185 -89.78 -44.24 19.13
C ARG AB 185 -89.94 -42.72 19.20
N ALA AB 186 -90.91 -42.18 18.48
CA ALA AB 186 -91.12 -40.73 18.51
C ALA AB 186 -91.55 -40.25 19.89
N ASN AB 187 -92.44 -41.00 20.54
CA ASN AB 187 -92.92 -40.60 21.86
C ASN AB 187 -91.79 -40.63 22.88
N ALA AB 188 -90.95 -41.68 22.84
CA ALA AB 188 -89.81 -41.72 23.74
C ALA AB 188 -88.83 -40.59 23.44
N ARG AB 189 -88.65 -40.27 22.16
CA ARG AB 189 -87.70 -39.23 21.80
C ARG AB 189 -88.18 -37.85 22.24
N LEU AB 190 -89.47 -37.59 22.14
CA LEU AB 190 -90.01 -36.26 22.41
C LEU AB 190 -90.74 -36.16 23.74
N PHE AB 191 -90.58 -37.14 24.63
CA PHE AB 191 -91.30 -37.08 25.90
C PHE AB 191 -90.87 -35.87 26.72
N GLY AB 192 -89.56 -35.66 26.88
CA GLY AB 192 -89.09 -34.61 27.77
C GLY AB 192 -89.41 -33.23 27.27
N ILE AB 193 -89.18 -32.96 25.99
CA ILE AB 193 -89.44 -31.64 25.46
C ILE AB 193 -90.93 -31.33 25.40
N ARG AB 194 -91.78 -32.34 25.21
CA ARG AB 194 -93.21 -32.11 25.29
C ARG AB 194 -93.62 -31.72 26.70
N ALA AB 195 -93.03 -32.35 27.70
CA ALA AB 195 -93.31 -31.98 29.08
C ALA AB 195 -92.85 -30.55 29.36
N LYS AB 196 -91.68 -30.18 28.85
CA LYS AB 196 -91.20 -28.82 29.04
C LYS AB 196 -92.13 -27.81 28.39
N ARG AB 197 -92.56 -28.08 27.16
CA ARG AB 197 -93.43 -27.15 26.46
C ARG AB 197 -94.78 -27.05 27.13
N ALA AB 198 -95.29 -28.17 27.64
CA ALA AB 198 -96.55 -28.13 28.39
C ALA AB 198 -96.41 -27.32 29.67
N LYS AB 199 -95.26 -27.45 30.35
CA LYS AB 199 -95.03 -26.67 31.56
C LYS AB 199 -94.97 -25.18 31.26
N GLU AB 200 -94.27 -24.81 30.19
CA GLU AB 200 -94.19 -23.40 29.81
C GLU AB 200 -95.56 -22.88 29.38
N ALA AB 201 -96.35 -23.69 28.69
CA ALA AB 201 -97.70 -23.29 28.31
C ALA AB 201 -98.58 -23.10 29.54
N ALA AB 202 -98.43 -23.96 30.54
CA ALA AB 202 -99.19 -23.79 31.79
C ALA AB 202 -98.75 -22.54 32.53
N GLU AB 203 -97.45 -22.24 32.51
CA GLU AB 203 -96.97 -21.00 33.10
C GLU AB 203 -97.55 -19.79 32.39
N GLN AB 204 -97.67 -19.85 31.06
CA GLN AB 204 -98.30 -18.76 30.33
C GLN AB 204 -99.80 -18.70 30.61
N ASP AB 205 -100.43 -19.84 30.84
CA ASP AB 205 -101.88 -19.87 31.09
C ASP AB 205 -102.23 -19.35 32.47
N VAL AB 206 -101.40 -19.61 33.48
CA VAL AB 206 -101.69 -19.12 34.84
C VAL AB 206 -101.48 -17.63 34.99
N GLU AB 207 -101.03 -16.93 33.95
CA GLU AB 207 -100.90 -15.48 34.01
C GLU AB 207 -101.36 -14.79 32.73
N LYS AB 208 -101.99 -15.53 31.80
CA LYS AB 208 -102.38 -14.96 30.51
C LYS AB 208 -103.45 -13.90 30.65
N LYS AB 209 -104.22 -13.90 31.74
CA LYS AB 209 -105.25 -12.88 31.96
C LYS AB 209 -104.62 -11.67 32.65
N LYS AB 210 -103.76 -10.99 31.90
CA LYS AB 210 -102.99 -9.88 32.42
C LYS AB 210 -103.13 -8.66 31.54
N VAL BB 1 10.32 -54.34 -91.67
CA VAL BB 1 10.51 -55.65 -91.08
C VAL BB 1 9.24 -56.48 -91.27
N PHE BB 2 8.10 -55.81 -91.28
CA PHE BB 2 6.83 -56.49 -91.45
C PHE BB 2 6.64 -56.93 -92.89
N ARG BB 3 6.05 -58.11 -93.06
CA ARG BB 3 5.78 -58.67 -94.37
C ARG BB 3 4.30 -58.95 -94.63
N ARG BB 4 3.52 -59.20 -93.59
CA ARG BB 4 2.10 -59.47 -93.71
C ARG BB 4 1.32 -58.31 -93.13
N PHE BB 5 0.36 -57.79 -93.90
CA PHE BB 5 -0.38 -56.61 -93.50
C PHE BB 5 -1.87 -56.89 -93.53
N VAL BB 6 -2.59 -56.21 -92.65
CA VAL BB 6 -4.04 -56.17 -92.72
C VAL BB 6 -4.42 -55.23 -93.85
N GLU BB 7 -5.17 -55.74 -94.83
CA GLU BB 7 -5.54 -54.95 -95.99
C GLU BB 7 -6.76 -55.61 -96.61
N VAL BB 8 -7.21 -55.03 -97.73
CA VAL BB 8 -8.38 -55.57 -98.43
C VAL BB 8 -7.92 -56.71 -99.32
N GLY BB 9 -8.44 -57.90 -99.06
CA GLY BB 9 -8.05 -59.08 -99.79
C GLY BB 9 -7.11 -59.98 -99.05
N ARG BB 10 -6.57 -59.55 -97.92
CA ARG BB 10 -5.70 -60.39 -97.12
C ARG BB 10 -6.47 -61.58 -96.58
N VAL BB 11 -5.92 -62.77 -96.75
CA VAL BB 11 -6.53 -63.98 -96.26
C VAL BB 11 -5.97 -64.27 -94.87
N ALA BB 12 -6.86 -64.41 -93.90
CA ALA BB 12 -6.47 -64.67 -92.53
C ALA BB 12 -6.99 -66.03 -92.09
N TYR BB 13 -6.21 -66.69 -91.23
CA TYR BB 13 -6.62 -67.94 -90.60
C TYR BB 13 -7.21 -67.61 -89.24
N VAL BB 14 -8.35 -68.20 -88.92
CA VAL BB 14 -9.04 -67.94 -87.67
C VAL BB 14 -8.54 -68.91 -86.62
N SER BB 15 -7.92 -68.38 -85.56
CA SER BB 15 -7.29 -69.24 -84.56
C SER BB 15 -8.30 -69.76 -83.55
N PHE BB 16 -9.09 -68.87 -82.95
CA PHE BB 16 -10.10 -69.28 -82.00
C PHE BB 16 -11.40 -68.54 -82.32
N GLY BB 17 -12.43 -68.82 -81.53
CA GLY BB 17 -13.73 -68.23 -81.75
C GLY BB 17 -14.69 -69.23 -82.37
N PRO BB 18 -15.86 -68.75 -82.76
CA PRO BB 18 -16.85 -69.67 -83.37
C PRO BB 18 -16.40 -70.25 -84.70
N HIS BB 19 -15.53 -69.57 -85.42
CA HIS BB 19 -15.09 -69.99 -86.74
C HIS BB 19 -13.64 -70.44 -86.71
N ALA BB 20 -13.23 -71.05 -85.61
CA ALA BB 20 -11.84 -71.44 -85.45
C ALA BB 20 -11.43 -72.49 -86.47
N GLY BB 21 -10.24 -72.35 -87.02
CA GLY BB 21 -9.70 -73.30 -87.97
C GLY BB 21 -10.08 -73.05 -89.41
N LYS BB 22 -10.73 -71.94 -89.72
CA LYS BB 22 -11.16 -71.66 -91.08
C LYS BB 22 -10.37 -70.51 -91.67
N LEU BB 23 -10.51 -70.35 -92.98
CA LEU BB 23 -9.91 -69.26 -93.71
C LEU BB 23 -10.96 -68.21 -94.04
N VAL BB 24 -10.57 -66.94 -93.94
CA VAL BB 24 -11.45 -65.83 -94.26
C VAL BB 24 -10.66 -64.81 -95.06
N ALA BB 25 -11.39 -63.93 -95.72
CA ALA BB 25 -10.79 -62.82 -96.45
C ALA BB 25 -11.23 -61.52 -95.80
N ILE BB 26 -10.29 -60.61 -95.58
CA ILE BB 26 -10.61 -59.32 -94.99
C ILE BB 26 -11.20 -58.43 -96.06
N VAL BB 27 -12.46 -58.03 -95.87
CA VAL BB 27 -13.16 -57.19 -96.82
C VAL BB 27 -13.02 -55.71 -96.48
N ASP BB 28 -13.10 -55.38 -95.19
CA ASP BB 28 -12.97 -53.98 -94.79
C ASP BB 28 -12.45 -53.92 -93.37
N VAL BB 29 -12.17 -52.70 -92.91
CA VAL BB 29 -11.64 -52.48 -91.57
C VAL BB 29 -12.58 -51.57 -90.80
N ILE BB 30 -12.84 -51.91 -89.54
CA ILE BB 30 -13.60 -51.06 -88.63
C ILE BB 30 -12.71 -50.77 -87.42
N ASP BB 31 -12.57 -49.49 -87.10
CA ASP BB 31 -12.07 -48.96 -85.83
C ASP BB 31 -10.92 -49.70 -85.17
N GLN BB 32 -9.93 -50.14 -85.96
CA GLN BB 32 -8.62 -50.56 -85.46
C GLN BB 32 -8.66 -51.89 -84.73
N ASN BB 33 -9.85 -52.37 -84.39
CA ASN BB 33 -9.99 -53.61 -83.68
C ASN BB 33 -10.78 -54.66 -84.43
N ARG BB 34 -11.59 -54.26 -85.41
CA ARG BB 34 -12.44 -55.23 -86.09
C ARG BB 34 -12.26 -55.10 -87.59
N ALA BB 35 -12.73 -56.12 -88.29
CA ALA BB 35 -12.66 -56.12 -89.74
C ALA BB 35 -13.92 -56.78 -90.29
N LEU BB 36 -14.47 -56.21 -91.34
CA LEU BB 36 -15.45 -56.91 -92.14
C LEU BB 36 -14.78 -58.05 -92.86
N VAL BB 37 -15.29 -59.25 -92.63
CA VAL BB 37 -14.63 -60.51 -92.91
C VAL BB 37 -15.62 -61.42 -93.61
N ASP BB 38 -15.18 -62.06 -94.70
CA ASP BB 38 -16.05 -62.90 -95.52
C ASP BB 38 -15.27 -64.11 -96.00
N GLY BB 39 -15.67 -65.30 -95.57
CA GLY BB 39 -15.24 -66.50 -96.23
C GLY BB 39 -16.38 -67.12 -97.00
N PRO BB 40 -16.44 -66.88 -98.29
CA PRO BB 40 -17.57 -67.37 -99.08
C PRO BB 40 -17.39 -68.80 -99.53
N CYS BB 41 -16.15 -69.24 -99.67
CA CYS BB 41 -15.86 -70.61 -100.02
C CYS BB 41 -15.43 -71.46 -98.84
N THR BB 42 -15.31 -70.87 -97.65
CA THR BB 42 -14.98 -71.61 -96.44
C THR BB 42 -16.11 -71.57 -95.43
N GLN BB 43 -17.32 -71.23 -95.87
CA GLN BB 43 -18.53 -71.27 -95.04
C GLN BB 43 -18.42 -70.34 -93.83
N VAL BB 44 -18.06 -69.09 -94.10
CA VAL BB 44 -18.03 -68.03 -93.08
C VAL BB 44 -18.71 -66.83 -93.72
N ARG BB 45 -19.97 -66.58 -93.37
CA ARG BB 45 -20.68 -65.47 -93.94
C ARG BB 45 -20.11 -64.15 -93.45
N ARG BB 46 -20.41 -63.09 -94.21
CA ARG BB 46 -19.83 -61.79 -93.92
C ARG BB 46 -20.23 -61.31 -92.54
N GLN BB 47 -19.24 -60.86 -91.78
CA GLN BB 47 -19.48 -60.43 -90.40
C GLN BB 47 -18.28 -59.66 -89.90
N ALA BB 48 -18.49 -58.93 -88.81
CA ALA BB 48 -17.38 -58.27 -88.14
C ALA BB 48 -16.56 -59.28 -87.36
N MET BB 49 -15.28 -59.02 -87.26
CA MET BB 49 -14.41 -59.99 -86.60
C MET BB 49 -13.20 -59.31 -85.99
N PRO BB 50 -12.85 -59.60 -84.74
CA PRO BB 50 -11.69 -58.95 -84.13
C PRO BB 50 -10.38 -59.41 -84.75
N PHE BB 51 -9.39 -58.52 -84.71
CA PHE BB 51 -8.06 -58.85 -85.22
C PHE BB 51 -7.30 -59.78 -84.30
N LYS BB 52 -7.74 -59.97 -83.07
CA LYS BB 52 -7.02 -60.83 -82.14
C LYS BB 52 -7.12 -62.29 -82.53
N CYS BB 53 -8.25 -62.71 -83.10
CA CYS BB 53 -8.44 -64.10 -83.48
C CYS BB 53 -7.96 -64.39 -84.89
N MET BB 54 -7.40 -63.41 -85.59
CA MET BB 54 -6.92 -63.59 -86.95
C MET BB 54 -5.42 -63.83 -86.95
N GLN BB 55 -4.97 -64.70 -87.85
CA GLN BB 55 -3.55 -64.88 -88.13
C GLN BB 55 -3.38 -64.76 -89.65
N LEU BB 56 -2.75 -63.68 -90.08
CA LEU BB 56 -2.65 -63.40 -91.51
C LEU BB 56 -1.80 -64.43 -92.22
N THR BB 57 -2.27 -64.88 -93.37
CA THR BB 57 -1.50 -65.74 -94.24
C THR BB 57 -0.81 -64.90 -95.30
N ASP BB 58 -0.20 -65.56 -96.28
CA ASP BB 58 0.54 -64.88 -97.32
C ASP BB 58 -0.28 -64.64 -98.57
N PHE BB 59 -1.56 -64.96 -98.55
CA PHE BB 59 -2.44 -64.83 -99.71
C PHE BB 59 -3.20 -63.52 -99.64
N ILE BB 60 -3.18 -62.77 -100.74
CA ILE BB 60 -3.95 -61.54 -100.87
C ILE BB 60 -4.80 -61.63 -102.13
N LEU BB 61 -6.09 -61.37 -101.99
CA LEU BB 61 -7.00 -61.37 -103.13
C LEU BB 61 -7.21 -59.95 -103.63
N LYS BB 62 -7.66 -59.85 -104.87
CA LYS BB 62 -7.82 -58.57 -105.56
C LYS BB 62 -9.31 -58.29 -105.74
N PHE BB 63 -9.89 -57.55 -104.81
CA PHE BB 63 -11.23 -57.00 -104.95
C PHE BB 63 -11.27 -55.66 -104.24
N PRO BB 64 -12.14 -54.75 -104.67
CA PRO BB 64 -12.27 -53.47 -103.95
C PRO BB 64 -12.93 -53.65 -102.60
N HIS BB 65 -12.71 -52.68 -101.73
CA HIS BB 65 -13.22 -52.77 -100.37
C HIS BB 65 -14.74 -52.72 -100.35
N SER BB 66 -15.33 -53.51 -99.46
CA SER BB 66 -16.77 -53.60 -99.28
C SER BB 66 -17.49 -54.03 -100.54
N ALA BB 67 -16.82 -54.82 -101.38
CA ALA BB 67 -17.49 -55.42 -102.52
C ALA BB 67 -18.39 -56.56 -102.05
N HIS BB 68 -19.25 -57.03 -102.94
CA HIS BB 68 -20.21 -58.04 -102.54
C HIS BB 68 -19.57 -59.42 -102.46
N GLN BB 69 -20.29 -60.31 -101.78
CA GLN BB 69 -19.85 -61.68 -101.60
C GLN BB 69 -19.67 -62.38 -102.94
N LYS BB 70 -20.43 -61.98 -103.95
CA LYS BB 70 -20.26 -62.55 -105.28
C LYS BB 70 -18.85 -62.32 -105.80
N TYR BB 71 -18.38 -61.08 -105.73
CA TYR BB 71 -17.04 -60.75 -106.21
C TYR BB 71 -15.96 -61.34 -105.32
N VAL BB 72 -16.17 -61.37 -104.01
CA VAL BB 72 -15.19 -62.01 -103.14
C VAL BB 72 -15.07 -63.49 -103.47
N ARG BB 73 -16.20 -64.16 -103.70
CA ARG BB 73 -16.18 -65.59 -104.03
C ARG BB 73 -15.53 -65.83 -105.38
N GLN BB 74 -15.78 -64.95 -106.35
CA GLN BB 74 -15.10 -65.09 -107.64
C GLN BB 74 -13.60 -64.95 -107.49
N ALA BB 75 -13.15 -63.95 -106.74
CA ALA BB 75 -11.72 -63.75 -106.54
C ALA BB 75 -11.10 -64.89 -105.74
N TRP BB 76 -11.87 -65.50 -104.85
CA TRP BB 76 -11.37 -66.65 -104.10
C TRP BB 76 -11.26 -67.88 -104.98
N GLN BB 77 -12.27 -68.11 -105.82
CA GLN BB 77 -12.28 -69.30 -106.67
C GLN BB 77 -11.20 -69.20 -107.74
N LYS BB 78 -11.06 -68.05 -108.38
CA LYS BB 78 -9.91 -67.83 -109.25
C LYS BB 78 -8.65 -67.75 -108.41
N ALA BB 79 -7.59 -68.40 -108.87
CA ALA BB 79 -6.38 -68.60 -108.07
C ALA BB 79 -6.74 -69.20 -106.71
N ASP BB 80 -7.28 -70.42 -106.79
CA ASP BB 80 -7.94 -71.10 -105.69
C ASP BB 80 -7.19 -71.10 -104.38
N ILE BB 81 -7.75 -70.41 -103.39
CA ILE BB 81 -7.09 -70.27 -102.10
C ILE BB 81 -7.13 -71.58 -101.34
N ASN BB 82 -8.16 -72.38 -101.57
CA ASN BB 82 -8.27 -73.64 -100.82
C ASN BB 82 -7.11 -74.57 -101.13
N THR BB 83 -6.80 -74.76 -102.41
CA THR BB 83 -5.73 -75.66 -102.79
C THR BB 83 -4.36 -75.10 -102.40
N LYS BB 84 -4.12 -73.82 -102.69
CA LYS BB 84 -2.85 -73.20 -102.34
C LYS BB 84 -2.64 -73.21 -100.84
N TRP BB 85 -3.70 -73.02 -100.07
CA TRP BB 85 -3.59 -73.11 -98.61
C TRP BB 85 -3.24 -74.52 -98.19
N ALA BB 86 -4.00 -75.51 -98.67
CA ALA BB 86 -3.75 -76.89 -98.28
C ALA BB 86 -2.37 -77.38 -98.67
N ALA BB 87 -1.74 -76.73 -99.66
CA ALA BB 87 -0.38 -77.08 -100.06
C ALA BB 87 0.70 -76.42 -99.23
N THR BB 88 0.35 -75.58 -98.25
CA THR BB 88 1.35 -74.91 -97.44
C THR BB 88 1.78 -75.77 -96.26
N ARG BB 89 2.96 -75.46 -95.74
CA ARG BB 89 3.44 -76.16 -94.55
C ARG BB 89 2.58 -75.85 -93.33
N TRP BB 90 1.99 -74.66 -93.30
CA TRP BB 90 1.07 -74.31 -92.22
C TRP BB 90 -0.13 -75.24 -92.18
N ALA BB 91 -0.78 -75.45 -93.34
CA ALA BB 91 -1.97 -76.27 -93.37
C ALA BB 91 -1.67 -77.71 -93.05
N LYS BB 92 -0.56 -78.25 -93.56
CA LYS BB 92 -0.26 -79.63 -93.24
C LYS BB 92 0.28 -79.80 -91.83
N LYS BB 93 0.84 -78.76 -91.23
CA LYS BB 93 1.10 -78.82 -89.80
C LYS BB 93 -0.20 -78.93 -89.01
N ILE BB 94 -1.20 -78.14 -89.39
CA ILE BB 94 -2.51 -78.24 -88.75
C ILE BB 94 -3.08 -79.64 -88.93
N GLU BB 95 -3.00 -80.17 -90.14
CA GLU BB 95 -3.54 -81.49 -90.43
C GLU BB 95 -2.80 -82.57 -89.65
N ALA BB 96 -1.49 -82.46 -89.56
CA ALA BB 96 -0.71 -83.45 -88.83
C ALA BB 96 -1.05 -83.45 -87.35
N ARG BB 97 -1.19 -82.27 -86.75
CA ARG BB 97 -1.58 -82.28 -85.34
C ARG BB 97 -3.01 -82.75 -85.16
N GLU BB 98 -3.89 -82.51 -86.13
CA GLU BB 98 -5.25 -83.03 -86.05
C GLU BB 98 -5.26 -84.56 -86.04
N ARG BB 99 -4.53 -85.18 -86.96
CA ARG BB 99 -4.53 -86.63 -87.01
C ARG BB 99 -3.77 -87.23 -85.83
N LYS BB 100 -2.74 -86.54 -85.32
CA LYS BB 100 -2.08 -87.00 -84.11
C LYS BB 100 -3.04 -86.98 -82.92
N ALA BB 101 -3.88 -85.95 -82.84
CA ALA BB 101 -4.87 -85.91 -81.77
C ALA BB 101 -5.91 -87.01 -81.93
N LYS BB 102 -6.34 -87.28 -83.16
CA LYS BB 102 -7.36 -88.31 -83.39
C LYS BB 102 -6.79 -89.72 -83.39
N MET BB 103 -5.49 -89.89 -83.27
CA MET BB 103 -4.85 -91.20 -83.22
C MET BB 103 -5.39 -92.03 -82.06
N THR BB 104 -5.65 -93.32 -82.34
CA THR BB 104 -6.22 -94.23 -81.36
C THR BB 104 -5.14 -95.04 -80.65
N ASP BB 105 -5.58 -96.01 -79.85
CA ASP BB 105 -4.64 -96.82 -79.06
C ASP BB 105 -3.86 -97.79 -79.93
N PHE BB 106 -4.54 -98.48 -80.84
CA PHE BB 106 -3.85 -99.36 -81.77
C PHE BB 106 -2.89 -98.56 -82.65
N ASP BB 107 -3.32 -97.38 -83.08
CA ASP BB 107 -2.46 -96.53 -83.88
C ASP BB 107 -1.24 -96.09 -83.09
N ARG BB 108 -1.41 -95.79 -81.80
CA ARG BB 108 -0.27 -95.42 -80.97
C ARG BB 108 0.69 -96.58 -80.79
N PHE BB 109 0.16 -97.81 -80.67
CA PHE BB 109 1.04 -98.98 -80.59
C PHE BB 109 1.85 -99.13 -81.87
N LYS BB 110 1.18 -99.03 -83.03
CA LYS BB 110 1.89 -99.16 -84.30
C LYS BB 110 2.91 -98.06 -84.50
N VAL BB 111 2.58 -96.84 -84.10
CA VAL BB 111 3.51 -95.73 -84.20
C VAL BB 111 4.70 -95.96 -83.28
N MET BB 112 4.46 -96.51 -82.08
CA MET BB 112 5.58 -96.83 -81.19
C MET BB 112 6.51 -97.85 -81.82
N LYS BB 113 5.96 -98.88 -82.45
CA LYS BB 113 6.80 -99.89 -83.08
C LYS BB 113 7.60 -99.30 -84.24
N ALA BB 114 6.93 -98.54 -85.11
CA ALA BB 114 7.62 -97.94 -86.25
C ALA BB 114 8.70 -96.97 -85.80
N LYS BB 115 8.40 -96.15 -84.79
CA LYS BB 115 9.36 -95.21 -84.26
C LYS BB 115 10.54 -95.92 -83.63
N LYS BB 116 10.28 -97.02 -82.93
CA LYS BB 116 11.35 -97.84 -82.37
C LYS BB 116 12.32 -98.28 -83.46
N MET BB 117 11.80 -98.89 -84.52
CA MET BB 117 12.67 -99.38 -85.58
C MET BB 117 13.40 -98.25 -86.27
N ARG BB 118 12.68 -97.16 -86.58
CA ARG BB 118 13.28 -96.04 -87.27
C ARG BB 118 14.40 -95.41 -86.46
N ASN BB 119 14.17 -95.21 -85.16
CA ASN BB 119 15.18 -94.61 -84.30
C ASN BB 119 16.40 -95.51 -84.18
N ARG BB 120 16.20 -96.82 -84.07
CA ARG BB 120 17.35 -97.71 -83.99
C ARG BB 120 18.19 -97.64 -85.25
N ILE BB 121 17.55 -97.65 -86.43
CA ILE BB 121 18.33 -97.59 -87.67
C ILE BB 121 19.06 -96.26 -87.78
N ILE BB 122 18.38 -95.16 -87.45
CA ILE BB 122 18.98 -93.84 -87.58
C ILE BB 122 20.18 -93.71 -86.66
N LYS BB 123 20.05 -94.16 -85.41
CA LYS BB 123 21.17 -94.01 -84.49
C LYS BB 123 22.31 -94.98 -84.79
N ASN BB 124 22.02 -96.15 -85.37
CA ASN BB 124 23.11 -96.98 -85.85
C ASN BB 124 23.89 -96.28 -86.96
N GLU BB 125 23.19 -95.64 -87.89
CA GLU BB 125 23.88 -94.91 -88.94
C GLU BB 125 24.64 -93.71 -88.38
N VAL BB 126 24.10 -93.06 -87.34
CA VAL BB 126 24.81 -91.95 -86.71
C VAL BB 126 26.11 -92.42 -86.09
N LYS BB 127 26.08 -93.56 -85.38
CA LYS BB 127 27.29 -94.12 -84.82
C LYS BB 127 28.28 -94.49 -85.92
N LYS BB 128 27.77 -95.03 -87.03
CA LYS BB 128 28.65 -95.34 -88.16
C LYS BB 128 29.32 -94.10 -88.71
N LEU BB 129 28.57 -93.02 -88.87
CA LEU BB 129 29.15 -91.78 -89.39
C LEU BB 129 30.18 -91.21 -88.43
N GLN BB 130 29.92 -91.30 -87.13
CA GLN BB 130 30.89 -90.85 -86.14
C GLN BB 130 32.18 -91.66 -86.23
N LYS BB 131 32.05 -92.98 -86.34
CA LYS BB 131 33.23 -93.84 -86.42
C LYS BB 131 34.00 -93.58 -87.70
N ALA BB 132 33.29 -93.31 -88.80
CA ALA BB 132 33.97 -92.96 -90.05
C ALA BB 132 34.71 -91.63 -89.93
N ALA BB 133 34.07 -90.62 -89.33
CA ALA BB 133 34.70 -89.33 -89.18
C ALA BB 133 35.85 -89.36 -88.19
N LEU BB 134 35.89 -90.36 -87.31
CA LEU BB 134 36.99 -90.49 -86.37
C LEU BB 134 38.31 -90.84 -87.06
N LEU BB 135 38.29 -91.21 -88.33
CA LEU BB 135 39.51 -91.52 -89.07
C LEU BB 135 40.06 -90.25 -89.68
N LYS BB 136 40.74 -89.46 -88.84
CA LYS BB 136 41.39 -88.23 -89.25
C LYS BB 136 42.90 -88.38 -89.13
N ALA BB 137 43.63 -88.02 -90.19
CA ALA BB 137 45.08 -88.04 -90.17
C ALA BB 137 45.57 -86.97 -91.15
N SER BB 138 45.90 -85.80 -90.63
CA SER BB 138 46.35 -84.68 -91.46
C SER BB 138 47.03 -83.65 -90.57
N PRO BB 139 48.03 -82.93 -91.07
CA PRO BB 139 48.68 -81.86 -90.30
C PRO BB 139 47.73 -80.69 -90.04
N GLY CB 1 -65.58 -45.82 74.15
CA GLY CB 1 -65.89 -45.22 72.87
C GLY CB 1 -65.02 -44.02 72.54
N ALA CB 2 -63.84 -43.97 73.14
CA ALA CB 2 -62.96 -42.81 72.98
C ALA CB 2 -62.29 -42.77 71.61
N TYR CB 3 -62.13 -43.93 70.97
CA TYR CB 3 -61.48 -43.95 69.67
C TYR CB 3 -62.29 -43.21 68.62
N LYS CB 4 -63.62 -43.24 68.73
CA LYS CB 4 -64.45 -42.48 67.82
C LYS CB 4 -64.19 -40.99 67.95
N TYR CB 5 -64.07 -40.51 69.19
CA TYR CB 5 -63.75 -39.10 69.43
C TYR CB 5 -62.38 -38.74 68.89
N ILE CB 6 -61.38 -39.61 69.12
CA ILE CB 6 -60.04 -39.31 68.64
C ILE CB 6 -60.02 -39.28 67.10
N GLN CB 7 -60.80 -40.15 66.47
CA GLN CB 7 -60.89 -40.14 65.02
C GLN CB 7 -61.50 -38.84 64.51
N GLU CB 8 -62.65 -38.46 65.07
CA GLU CB 8 -63.29 -37.21 64.63
C GLU CB 8 -62.41 -36.01 64.92
N LEU CB 9 -61.61 -36.07 65.98
CA LEU CB 9 -60.69 -34.99 66.29
C LEU CB 9 -59.57 -34.91 65.27
N TRP CB 10 -58.99 -36.05 64.91
CA TRP CB 10 -57.92 -36.06 63.93
C TRP CB 10 -58.40 -35.74 62.52
N ARG CB 11 -59.71 -35.79 62.28
CA ARG CB 11 -60.23 -35.28 61.03
C ARG CB 11 -60.40 -33.76 61.03
N LYS CB 12 -59.84 -33.06 62.03
CA LYS CB 12 -59.98 -31.62 62.15
C LYS CB 12 -58.61 -30.98 62.19
N LYS CB 13 -57.75 -31.32 61.23
CA LYS CB 13 -56.34 -30.93 61.27
C LYS CB 13 -56.12 -29.43 61.21
N GLN CB 14 -57.11 -28.63 60.81
CA GLN CB 14 -56.97 -27.19 60.77
C GLN CB 14 -57.62 -26.48 61.94
N SER CB 15 -58.07 -27.22 62.96
CA SER CB 15 -58.51 -26.58 64.17
C SER CB 15 -57.31 -25.99 64.91
N ASP CB 16 -57.58 -25.13 65.89
CA ASP CB 16 -56.50 -24.55 66.66
C ASP CB 16 -55.74 -25.62 67.43
N VAL CB 17 -56.45 -26.53 68.08
CA VAL CB 17 -55.81 -27.55 68.89
C VAL CB 17 -54.97 -28.50 68.03
N MET CB 18 -55.51 -28.93 66.88
CA MET CB 18 -54.76 -29.84 66.04
C MET CB 18 -53.61 -29.15 65.33
N ARG CB 19 -53.78 -27.87 64.95
CA ARG CB 19 -52.67 -27.13 64.38
C ARG CB 19 -51.54 -27.00 65.38
N PHE CB 20 -51.86 -26.70 66.64
CA PHE CB 20 -50.84 -26.60 67.67
C PHE CB 20 -50.12 -27.93 67.84
N LEU CB 21 -50.88 -29.02 67.99
CA LEU CB 21 -50.26 -30.32 68.22
C LEU CB 21 -49.38 -30.74 67.05
N LEU CB 22 -49.86 -30.55 65.82
CA LEU CB 22 -49.06 -30.92 64.66
C LEU CB 22 -47.80 -30.08 64.55
N ARG CB 23 -47.89 -28.79 64.84
CA ARG CB 23 -46.70 -27.94 64.77
C ARG CB 23 -45.65 -28.36 65.78
N VAL CB 24 -46.06 -28.57 67.03
CA VAL CB 24 -45.13 -28.94 68.08
C VAL CB 24 -44.50 -30.30 67.78
N ARG CB 25 -45.32 -31.27 67.36
CA ARG CB 25 -44.80 -32.60 67.10
C ARG CB 25 -43.90 -32.60 65.87
N CYS CB 26 -44.21 -31.79 64.87
CA CYS CB 26 -43.33 -31.68 63.72
C CYS CB 26 -41.98 -31.11 64.10
N TRP CB 27 -41.97 -30.10 64.98
CA TRP CB 27 -40.69 -29.59 65.47
C TRP CB 27 -39.91 -30.66 66.21
N GLN CB 28 -40.59 -31.41 67.08
CA GLN CB 28 -39.90 -32.43 67.85
C GLN CB 28 -39.33 -33.53 66.95
N TYR CB 29 -40.12 -33.97 65.96
CA TYR CB 29 -39.63 -34.99 65.04
C TYR CB 29 -38.49 -34.47 64.18
N ARG CB 30 -38.52 -33.17 63.84
CA ARG CB 30 -37.43 -32.56 63.11
C ARG CB 30 -36.14 -32.61 63.90
N GLN CB 31 -36.21 -32.41 65.22
CA GLN CB 31 -35.00 -32.47 66.03
C GLN CB 31 -34.41 -33.86 66.16
N LEU CB 32 -35.11 -34.91 65.71
CA LEU CB 32 -34.68 -36.28 65.90
C LEU CB 32 -34.06 -36.84 64.63
N SER CB 33 -33.71 -38.12 64.66
CA SER CB 33 -33.06 -38.79 63.55
C SER CB 33 -34.07 -39.18 62.48
N ALA CB 34 -33.55 -39.42 61.28
CA ALA CB 34 -34.41 -39.71 60.14
C ALA CB 34 -35.16 -41.03 60.33
N LEU CB 35 -34.49 -42.03 60.88
CA LEU CB 35 -35.12 -43.30 61.23
C LEU CB 35 -35.00 -43.47 62.73
N HIS CB 36 -36.15 -43.46 63.41
CA HIS CB 36 -36.18 -43.48 64.86
C HIS CB 36 -37.20 -44.53 65.27
N ARG CB 37 -37.07 -45.06 66.47
CA ARG CB 37 -38.07 -45.98 66.98
C ARG CB 37 -38.96 -45.25 67.98
N ALA CB 38 -40.26 -45.26 67.72
CA ALA CB 38 -41.19 -44.66 68.66
C ALA CB 38 -41.51 -45.65 69.76
N PRO CB 39 -41.52 -45.20 71.02
CA PRO CB 39 -41.88 -46.11 72.12
C PRO CB 39 -43.30 -46.62 72.03
N ARG CB 40 -44.19 -45.87 71.42
CA ARG CB 40 -45.61 -46.22 71.29
C ARG CB 40 -46.14 -45.49 70.08
N PRO CB 41 -47.23 -45.98 69.49
CA PRO CB 41 -47.84 -45.24 68.37
C PRO CB 41 -48.34 -43.87 68.81
N THR CB 42 -48.02 -42.86 68.00
CA THR CB 42 -48.54 -41.51 68.25
C THR CB 42 -50.05 -41.48 68.13
N ARG CB 43 -50.58 -42.18 67.13
CA ARG CB 43 -52.02 -42.27 66.90
C ARG CB 43 -52.45 -43.70 67.16
N PRO CB 44 -52.77 -44.06 68.40
CA PRO CB 44 -53.17 -45.45 68.68
C PRO CB 44 -54.42 -45.88 67.95
N ASP CB 45 -55.39 -44.98 67.76
CA ASP CB 45 -56.61 -45.34 67.04
C ASP CB 45 -56.31 -45.67 65.58
N LYS CB 46 -55.52 -44.84 64.91
CA LYS CB 46 -55.16 -45.10 63.52
C LYS CB 46 -54.29 -46.34 63.41
N ALA CB 47 -53.40 -46.55 64.36
CA ALA CB 47 -52.53 -47.72 64.33
C ALA CB 47 -53.34 -49.00 64.43
N ARG CB 48 -54.27 -49.06 65.38
CA ARG CB 48 -55.08 -50.26 65.51
C ARG CB 48 -56.07 -50.39 64.37
N ARG CB 49 -56.49 -49.28 63.76
CA ARG CB 49 -57.29 -49.35 62.55
C ARG CB 49 -56.50 -50.01 61.43
N LEU CB 50 -55.21 -49.73 61.34
CA LEU CB 50 -54.35 -50.29 60.30
C LEU CB 50 -53.80 -51.65 60.68
N GLY CB 51 -54.06 -52.13 61.89
CA GLY CB 51 -53.76 -53.51 62.24
C GLY CB 51 -52.87 -53.69 63.45
N TYR CB 52 -52.41 -52.62 64.07
CA TYR CB 52 -51.55 -52.71 65.23
C TYR CB 52 -52.33 -53.22 66.44
N LYS CB 53 -51.66 -54.00 67.28
CA LYS CB 53 -52.21 -54.47 68.54
C LYS CB 53 -51.20 -54.23 69.64
N ALA CB 54 -51.67 -53.77 70.79
CA ALA CB 54 -50.77 -53.50 71.92
C ALA CB 54 -50.36 -54.84 72.55
N LYS CB 55 -49.38 -55.47 71.92
CA LYS CB 55 -48.81 -56.70 72.45
C LYS CB 55 -47.37 -56.81 71.97
N GLN CB 56 -46.63 -57.70 72.62
CA GLN CB 56 -45.22 -57.88 72.27
C GLN CB 56 -45.08 -58.41 70.86
N GLY CB 57 -44.08 -57.91 70.15
CA GLY CB 57 -43.87 -58.22 68.76
C GLY CB 57 -44.29 -57.14 67.79
N TYR CB 58 -45.09 -56.18 68.24
CA TYR CB 58 -45.46 -55.03 67.44
C TYR CB 58 -44.59 -53.86 67.83
N VAL CB 59 -43.88 -53.28 66.87
CA VAL CB 59 -43.05 -52.12 67.14
C VAL CB 59 -43.42 -51.02 66.15
N ILE CB 60 -43.05 -49.79 66.50
CA ILE CB 60 -43.38 -48.62 65.70
C ILE CB 60 -42.10 -47.87 65.39
N TYR CB 61 -41.90 -47.54 64.12
CA TYR CB 61 -40.73 -46.79 63.68
C TYR CB 61 -41.17 -45.51 62.99
N ARG CB 62 -40.65 -44.38 63.45
CA ARG CB 62 -40.92 -43.10 62.82
C ARG CB 62 -39.88 -42.85 61.74
N ILE CB 63 -40.36 -42.51 60.55
CA ILE CB 63 -39.52 -42.28 59.38
C ILE CB 63 -39.77 -40.85 58.88
N ARG CB 64 -38.68 -40.18 58.52
CA ARG CB 64 -38.72 -38.85 57.95
C ARG CB 64 -38.22 -38.91 56.52
N VAL CB 65 -39.03 -38.43 55.58
CA VAL CB 65 -38.64 -38.45 54.18
C VAL CB 65 -38.66 -37.02 53.65
N ARG CB 66 -37.92 -36.79 52.57
CA ARG CB 66 -37.84 -35.48 51.96
C ARG CB 66 -38.93 -35.31 50.92
N ARG CB 67 -39.58 -34.15 50.95
CA ARG CB 67 -40.72 -33.88 50.10
C ARG CB 67 -40.28 -33.49 48.70
N GLY CB 68 -41.25 -33.42 47.80
CA GLY CB 68 -41.01 -32.96 46.46
C GLY CB 68 -40.93 -34.09 45.46
N GLY CB 69 -40.62 -33.71 44.22
CA GLY CB 69 -40.55 -34.64 43.13
C GLY CB 69 -39.21 -35.33 43.05
N ARG CB 70 -38.99 -36.00 41.93
CA ARG CB 70 -37.79 -36.79 41.70
C ARG CB 70 -37.00 -36.16 40.57
N LYS CB 71 -35.93 -35.46 40.92
CA LYS CB 71 -35.04 -34.92 39.90
C LYS CB 71 -34.29 -36.05 39.21
N ARG CB 72 -34.20 -35.98 37.90
CA ARG CB 72 -33.49 -37.02 37.17
C ARG CB 72 -32.00 -36.97 37.50
N PRO CB 73 -31.42 -38.06 37.96
CA PRO CB 73 -30.01 -38.04 38.40
C PRO CB 73 -29.03 -38.18 37.24
N VAL CB 74 -28.90 -37.10 36.47
CA VAL CB 74 -27.99 -37.09 35.32
C VAL CB 74 -27.00 -35.95 35.50
N PRO CB 75 -25.77 -36.09 35.05
CA PRO CB 75 -24.79 -35.01 35.23
C PRO CB 75 -25.15 -33.80 34.38
N LYS CB 76 -25.24 -32.64 35.03
CA LYS CB 76 -25.48 -31.35 34.39
C LYS CB 76 -26.79 -31.33 33.62
N GLY CB 77 -27.74 -32.16 34.03
CA GLY CB 77 -29.04 -32.19 33.38
C GLY CB 77 -29.02 -32.70 31.96
N ALA CB 78 -27.94 -33.34 31.53
CA ALA CB 78 -27.82 -33.82 30.16
C ALA CB 78 -28.39 -35.23 30.08
N THR CB 79 -29.57 -35.36 29.49
CA THR CB 79 -30.20 -36.65 29.23
C THR CB 79 -30.10 -36.84 27.71
N TYR CB 80 -28.97 -37.37 27.26
CA TYR CB 80 -28.64 -37.42 25.84
C TYR CB 80 -29.66 -38.26 25.08
N GLY CB 81 -30.45 -37.62 24.23
CA GLY CB 81 -31.47 -38.34 23.49
C GLY CB 81 -32.43 -37.37 22.85
N LYS CB 82 -33.59 -37.90 22.48
CA LYS CB 82 -34.59 -37.10 21.82
C LYS CB 82 -35.18 -36.09 22.79
N PRO CB 83 -35.71 -34.96 22.29
CA PRO CB 83 -36.19 -33.91 23.19
C PRO CB 83 -37.31 -34.33 24.11
N VAL CB 84 -38.05 -35.40 23.79
CA VAL CB 84 -39.13 -35.85 24.66
C VAL CB 84 -38.58 -36.35 25.99
N HIS CB 85 -37.29 -36.71 26.05
CA HIS CB 85 -36.68 -37.22 27.26
C HIS CB 85 -35.73 -36.22 27.89
N HIS CB 86 -35.77 -34.96 27.49
CA HIS CB 86 -34.88 -33.96 28.06
C HIS CB 86 -35.30 -33.49 29.44
N GLY CB 87 -36.47 -33.92 29.91
CA GLY CB 87 -36.95 -33.50 31.21
C GLY CB 87 -36.05 -33.90 32.35
N VAL CB 88 -35.70 -32.94 33.20
CA VAL CB 88 -34.92 -33.18 34.40
C VAL CB 88 -35.70 -32.80 35.65
N ASN CB 89 -36.28 -31.62 35.65
CA ASN CB 89 -37.14 -31.17 36.73
C ASN CB 89 -38.60 -31.43 36.37
N GLN CB 90 -39.48 -31.19 37.34
CA GLN CB 90 -40.91 -31.47 37.24
C GLN CB 90 -41.20 -32.93 36.95
N LEU CB 91 -40.27 -33.82 37.25
CA LEU CB 91 -40.48 -35.25 37.12
C LEU CB 91 -40.90 -35.83 38.45
N LYS CB 92 -41.77 -36.85 38.41
CA LYS CB 92 -42.40 -37.37 39.60
C LYS CB 92 -42.15 -38.88 39.73
N PHE CB 93 -41.77 -39.29 40.93
CA PHE CB 93 -41.57 -40.70 41.24
C PHE CB 93 -42.91 -41.44 41.21
N ALA CB 94 -42.87 -42.69 40.77
CA ALA CB 94 -44.11 -43.45 40.60
C ALA CB 94 -44.70 -43.92 41.92
N ARG CB 95 -43.94 -43.92 43.00
CA ARG CB 95 -44.41 -44.38 44.29
C ARG CB 95 -44.46 -43.23 45.27
N SER CB 96 -45.34 -43.35 46.26
CA SER CB 96 -45.57 -42.26 47.18
C SER CB 96 -44.48 -42.18 48.24
N LEU CB 97 -44.41 -41.01 48.88
CA LEU CB 97 -43.46 -40.82 49.98
C LEU CB 97 -43.77 -41.76 51.14
N GLN CB 98 -45.04 -42.12 51.33
CA GLN CB 98 -45.38 -43.12 52.34
C GLN CB 98 -44.77 -44.47 52.01
N SER CB 99 -44.82 -44.86 50.74
CA SER CB 99 -44.18 -46.09 50.31
C SER CB 99 -42.68 -46.03 50.54
N VAL CB 100 -42.07 -44.87 50.26
CA VAL CB 100 -40.64 -44.73 50.49
C VAL CB 100 -40.31 -44.88 51.97
N ALA CB 101 -41.13 -44.29 52.84
CA ALA CB 101 -40.89 -44.41 54.27
C ALA CB 101 -41.01 -45.85 54.74
N GLU CB 102 -42.02 -46.57 54.25
CA GLU CB 102 -42.16 -47.98 54.60
C GLU CB 102 -40.98 -48.79 54.11
N GLU CB 103 -40.51 -48.49 52.90
CA GLU CB 103 -39.36 -49.19 52.34
C GLU CB 103 -38.10 -48.96 53.17
N ARG CB 104 -37.88 -47.73 53.61
CA ARG CB 104 -36.70 -47.46 54.43
C ARG CB 104 -36.79 -48.12 55.79
N ALA CB 105 -37.97 -48.12 56.41
CA ALA CB 105 -38.15 -48.83 57.67
C ALA CB 105 -37.86 -50.32 57.51
N GLY CB 106 -38.37 -50.93 56.45
CA GLY CB 106 -38.12 -52.35 56.24
C GLY CB 106 -36.67 -52.66 55.94
N ARG CB 107 -36.03 -51.82 55.14
CA ARG CB 107 -34.62 -52.04 54.82
C ARG CB 107 -33.75 -51.93 56.06
N HIS CB 108 -34.05 -51.00 56.96
CA HIS CB 108 -33.32 -50.98 58.22
C HIS CB 108 -33.63 -52.22 59.06
N CYS CB 109 -34.90 -52.49 59.30
CA CYS CB 109 -35.30 -53.63 60.12
C CYS CB 109 -35.69 -54.80 59.22
N GLY CB 110 -34.69 -55.27 58.47
CA GLY CB 110 -34.85 -56.41 57.59
C GLY CB 110 -35.29 -57.69 58.28
N ALA CB 111 -35.13 -57.78 59.60
CA ALA CB 111 -35.61 -58.94 60.32
C ALA CB 111 -37.10 -58.85 60.65
N LEU CB 112 -37.72 -57.69 60.47
CA LEU CB 112 -39.12 -57.49 60.81
C LEU CB 112 -39.98 -57.46 59.55
N ARG CB 113 -41.30 -57.40 59.75
CA ARG CB 113 -42.25 -57.36 58.66
C ARG CB 113 -43.05 -56.08 58.75
N VAL CB 114 -43.01 -55.27 57.68
CA VAL CB 114 -43.82 -54.07 57.62
C VAL CB 114 -45.28 -54.46 57.45
N LEU CB 115 -46.15 -53.91 58.30
CA LEU CB 115 -47.57 -54.16 58.21
C LEU CB 115 -48.30 -53.02 57.53
N ASN CB 116 -48.18 -51.81 58.07
CA ASN CB 116 -48.80 -50.63 57.49
C ASN CB 116 -48.07 -49.41 58.03
N SER CB 117 -48.60 -48.24 57.73
CA SER CB 117 -48.01 -46.99 58.20
C SER CB 117 -49.05 -45.89 58.08
N TYR CB 118 -48.77 -44.77 58.74
CA TYR CB 118 -49.70 -43.65 58.71
C TYR CB 118 -48.95 -42.33 58.84
N TRP CB 119 -49.61 -41.27 58.38
CA TRP CB 119 -49.09 -39.91 58.40
C TRP CB 119 -49.16 -39.34 59.81
N VAL CB 120 -48.07 -38.73 60.27
CA VAL CB 120 -48.05 -38.12 61.60
C VAL CB 120 -47.65 -36.66 61.58
N GLY CB 121 -47.42 -36.08 60.43
CA GLY CB 121 -47.05 -34.68 60.37
C GLY CB 121 -46.17 -34.41 59.17
N GLU CB 122 -46.18 -33.16 58.72
CA GLU CB 122 -45.36 -32.78 57.59
C GLU CB 122 -44.82 -31.38 57.76
N ASP CB 123 -43.69 -31.14 57.12
CA ASP CB 123 -43.01 -29.86 57.04
C ASP CB 123 -43.10 -29.37 55.60
N SER CB 124 -42.41 -28.26 55.31
CA SER CB 124 -42.24 -27.88 53.92
C SER CB 124 -41.20 -28.75 53.24
N THR CB 125 -40.27 -29.30 54.02
CA THR CB 125 -39.19 -30.12 53.47
C THR CB 125 -39.19 -31.55 53.99
N TYR CB 126 -40.09 -31.90 54.91
CA TYR CB 126 -40.12 -33.26 55.42
C TYR CB 126 -41.56 -33.74 55.56
N LYS CB 127 -41.74 -35.03 55.39
CA LYS CB 127 -42.97 -35.74 55.73
C LYS CB 127 -42.63 -36.82 56.73
N PHE CB 128 -43.47 -36.96 57.75
CA PHE CB 128 -43.22 -37.89 58.84
C PHE CB 128 -44.28 -38.97 58.86
N PHE CB 129 -43.84 -40.21 58.86
CA PHE CB 129 -44.74 -41.36 58.89
C PHE CB 129 -44.35 -42.26 60.04
N GLU CB 130 -45.29 -43.05 60.51
CA GLU CB 130 -45.03 -44.04 61.53
C GLU CB 130 -45.43 -45.40 60.96
N VAL CB 131 -44.49 -46.34 61.00
CA VAL CB 131 -44.64 -47.63 60.35
C VAL CB 131 -44.78 -48.70 61.43
N ILE CB 132 -45.76 -49.56 61.27
CA ILE CB 132 -45.98 -50.70 62.16
C ILE CB 132 -45.15 -51.86 61.63
N LEU CB 133 -44.32 -52.43 62.50
CA LEU CB 133 -43.50 -53.58 62.18
C LEU CB 133 -43.89 -54.71 63.12
N ILE CB 134 -43.73 -55.93 62.64
CA ILE CB 134 -44.03 -57.13 63.42
C ILE CB 134 -42.78 -58.00 63.45
N ASP CB 135 -42.44 -58.49 64.64
CA ASP CB 135 -41.41 -59.51 64.73
C ASP CB 135 -42.05 -60.85 64.44
N PRO CB 136 -41.70 -61.50 63.32
CA PRO CB 136 -42.37 -62.73 62.94
C PRO CB 136 -41.92 -63.94 63.73
N PHE CB 137 -40.93 -63.80 64.61
CA PHE CB 137 -40.41 -64.91 65.38
C PHE CB 137 -40.71 -64.80 66.86
N HIS CB 138 -41.38 -63.74 67.29
CA HIS CB 138 -41.86 -63.66 68.66
C HIS CB 138 -43.00 -64.64 68.84
N LYS CB 139 -43.09 -65.23 70.04
CA LYS CB 139 -44.09 -66.26 70.26
C LYS CB 139 -45.49 -65.69 70.32
N ALA CB 140 -45.66 -64.43 70.72
CA ALA CB 140 -46.98 -63.82 70.72
C ALA CB 140 -47.53 -63.73 69.30
N ILE CB 141 -46.68 -63.38 68.33
CA ILE CB 141 -47.08 -63.40 66.94
C ILE CB 141 -47.24 -64.82 66.43
N ARG CB 142 -46.33 -65.69 66.85
CA ARG CB 142 -46.19 -67.00 66.24
C ARG CB 142 -47.27 -67.98 66.67
N ARG CB 143 -47.74 -67.88 67.92
CA ARG CB 143 -48.77 -68.77 68.45
C ARG CB 143 -50.18 -68.23 68.24
N ASN CB 144 -50.32 -67.08 67.60
CA ASN CB 144 -51.63 -66.50 67.40
C ASN CB 144 -52.09 -66.75 65.97
N PRO CB 145 -53.15 -67.52 65.76
CA PRO CB 145 -53.78 -67.52 64.44
C PRO CB 145 -54.43 -66.17 64.19
N ASP CB 146 -54.70 -65.89 62.92
CA ASP CB 146 -55.08 -64.59 62.39
C ASP CB 146 -53.94 -63.59 62.48
N THR CB 147 -52.77 -64.04 62.91
CA THR CB 147 -51.52 -63.30 62.84
C THR CB 147 -50.41 -64.12 62.22
N GLN CB 148 -50.56 -65.43 62.13
CA GLN CB 148 -49.52 -66.30 61.59
C GLN CB 148 -49.24 -66.06 60.12
N TRP CB 149 -50.15 -65.37 59.41
CA TRP CB 149 -49.96 -65.16 57.98
C TRP CB 149 -48.72 -64.33 57.68
N ILE CB 150 -48.43 -63.34 58.53
CA ILE CB 150 -47.27 -62.49 58.31
C ILE CB 150 -45.97 -63.25 58.54
N THR CB 151 -46.03 -64.39 59.22
CA THR CB 151 -44.84 -65.19 59.47
C THR CB 151 -44.47 -66.10 58.32
N LYS CB 152 -45.34 -66.26 57.32
CA LYS CB 152 -45.03 -67.09 56.17
C LYS CB 152 -43.89 -66.47 55.37
N PRO CB 153 -43.04 -67.29 54.76
CA PRO CB 153 -41.90 -66.75 53.99
C PRO CB 153 -42.33 -65.92 52.80
N VAL CB 154 -43.55 -66.11 52.30
CA VAL CB 154 -44.01 -65.34 51.15
C VAL CB 154 -44.28 -63.89 51.51
N HIS CB 155 -44.29 -63.54 52.80
CA HIS CB 155 -44.65 -62.21 53.24
C HIS CB 155 -43.46 -61.39 53.71
N LYS CB 156 -42.25 -61.79 53.36
CA LYS CB 156 -41.10 -60.99 53.76
C LYS CB 156 -40.88 -59.87 52.76
N HIS CB 157 -40.62 -58.67 53.29
CA HIS CB 157 -40.39 -57.47 52.49
C HIS CB 157 -41.58 -57.17 51.57
N ARG CB 158 -42.76 -57.09 52.17
CA ARG CB 158 -43.94 -56.67 51.42
C ARG CB 158 -43.78 -55.26 50.89
N GLU CB 159 -43.15 -54.39 51.68
CA GLU CB 159 -42.97 -53.00 51.28
C GLU CB 159 -42.05 -52.85 50.07
N MET CB 160 -41.21 -53.84 49.80
CA MET CB 160 -40.33 -53.76 48.64
C MET CB 160 -40.92 -54.43 47.41
N ARG CB 161 -42.03 -55.14 47.56
CA ARG CB 161 -42.78 -55.69 46.45
C ARG CB 161 -44.12 -55.01 46.28
N GLY CB 162 -44.39 -53.96 47.04
CA GLY CB 162 -45.61 -53.20 46.89
C GLY CB 162 -46.85 -53.93 47.35
N LEU CB 163 -46.76 -54.65 48.46
CA LEU CB 163 -47.89 -55.42 48.96
C LEU CB 163 -48.59 -54.76 50.13
N THR CB 164 -47.96 -53.78 50.77
CA THR CB 164 -48.66 -52.99 51.78
C THR CB 164 -49.64 -52.05 51.10
N SER CB 165 -50.45 -51.36 51.90
CA SER CB 165 -51.46 -50.47 51.33
C SER CB 165 -50.83 -49.30 50.58
N ALA CB 166 -49.81 -48.68 51.19
CA ALA CB 166 -49.17 -47.53 50.57
C ALA CB 166 -48.48 -47.92 49.28
N GLY CB 167 -47.72 -49.03 49.29
CA GLY CB 167 -47.07 -49.48 48.07
C GLY CB 167 -48.01 -50.02 47.03
N ARG CB 168 -49.17 -50.52 47.46
CA ARG CB 168 -50.14 -51.07 46.53
C ARG CB 168 -50.91 -49.97 45.82
N LYS CB 169 -51.09 -48.82 46.48
CA LYS CB 169 -51.84 -47.73 45.87
C LYS CB 169 -51.23 -47.23 44.56
N SER CB 170 -49.95 -47.48 44.32
CA SER CB 170 -49.28 -46.97 43.13
C SER CB 170 -49.25 -47.95 41.97
N ARG CB 171 -49.79 -49.16 42.14
CA ARG CB 171 -49.71 -50.17 41.10
C ARG CB 171 -50.90 -50.18 40.17
N GLY CB 172 -51.89 -49.33 40.40
CA GLY CB 172 -53.03 -49.28 39.50
C GLY CB 172 -53.96 -50.47 39.59
N LEU CB 173 -53.92 -51.21 40.69
CA LEU CB 173 -54.87 -52.30 40.87
C LEU CB 173 -56.25 -51.75 41.20
N GLY CB 174 -57.25 -52.57 40.97
CA GLY CB 174 -58.61 -52.19 41.25
C GLY CB 174 -59.56 -52.96 40.35
N LYS CB 175 -60.84 -52.73 40.57
CA LYS CB 175 -61.89 -53.40 39.83
C LYS CB 175 -62.61 -52.40 38.94
N GLY CB 176 -62.81 -52.76 37.69
CA GLY CB 176 -63.70 -52.03 36.84
C GLY CB 176 -62.99 -51.33 35.70
N HIS CB 177 -63.73 -50.42 35.07
CA HIS CB 177 -63.30 -49.83 33.81
C HIS CB 177 -62.15 -48.86 33.98
N LYS CB 178 -61.88 -48.40 35.19
CA LYS CB 178 -60.79 -47.46 35.38
C LYS CB 178 -59.44 -48.14 35.49
N PHE CB 179 -59.41 -49.45 35.70
CA PHE CB 179 -58.20 -50.18 36.03
C PHE CB 179 -57.99 -51.34 35.08
N HIS CB 180 -58.19 -51.09 33.79
CA HIS CB 180 -57.94 -52.13 32.80
C HIS CB 180 -56.46 -52.36 32.56
N HIS CB 181 -55.59 -51.49 33.08
CA HIS CB 181 -54.15 -51.62 32.86
C HIS CB 181 -53.58 -52.85 33.52
N THR CB 182 -54.26 -53.37 34.55
CA THR CB 182 -53.69 -54.35 35.45
C THR CB 182 -54.53 -55.63 35.52
N ILE CB 183 -55.22 -55.98 34.44
CA ILE CB 183 -55.96 -57.23 34.42
C ILE CB 183 -54.96 -58.37 34.24
N GLY CB 184 -54.88 -59.23 35.23
CA GLY CB 184 -53.86 -60.27 35.28
C GLY CB 184 -53.01 -60.21 36.52
N GLY CB 185 -53.14 -59.17 37.34
CA GLY CB 185 -52.41 -59.05 38.59
C GLY CB 185 -51.52 -57.82 38.65
N SER CB 186 -51.03 -57.35 37.51
CA SER CB 186 -50.13 -56.21 37.48
C SER CB 186 -50.04 -55.71 36.06
N ARG CB 187 -49.39 -54.55 35.91
CA ARG CB 187 -49.17 -53.99 34.58
C ARG CB 187 -48.29 -54.90 33.73
N ARG CB 188 -47.24 -55.47 34.32
CA ARG CB 188 -46.38 -56.38 33.58
C ARG CB 188 -47.15 -57.63 33.18
N ALA CB 189 -48.00 -58.15 34.07
CA ALA CB 189 -48.79 -59.32 33.73
C ALA CB 189 -49.73 -59.03 32.58
N ALA CB 190 -50.44 -57.90 32.64
CA ALA CB 190 -51.35 -57.54 31.56
C ALA CB 190 -50.61 -57.31 30.26
N TRP CB 191 -49.47 -56.64 30.32
CA TRP CB 191 -48.69 -56.37 29.12
C TRP CB 191 -48.19 -57.66 28.49
N ARG CB 192 -47.68 -58.59 29.30
CA ARG CB 192 -47.23 -59.86 28.77
C ARG CB 192 -48.36 -60.64 28.13
N ARG CB 193 -49.52 -60.67 28.79
CA ARG CB 193 -50.65 -61.39 28.21
C ARG CB 193 -51.10 -60.75 26.90
N ARG CB 194 -51.13 -59.42 26.84
CA ARG CB 194 -51.62 -58.73 25.67
C ARG CB 194 -50.62 -58.68 24.54
N ASN CB 195 -49.33 -58.89 24.83
CA ASN CB 195 -48.31 -58.82 23.81
C ASN CB 195 -47.66 -60.16 23.52
N THR CB 196 -48.12 -61.23 24.14
CA THR CB 196 -47.66 -62.57 23.81
C THR CB 196 -48.46 -63.10 22.62
N LEU CB 197 -47.75 -63.62 21.62
CA LEU CB 197 -48.37 -64.20 20.44
C LEU CB 197 -48.68 -65.67 20.72
N GLN CB 198 -49.96 -66.02 20.77
CA GLN CB 198 -50.35 -67.40 21.00
C GLN CB 198 -50.34 -68.15 19.67
N LEU CB 199 -49.39 -69.05 19.53
CA LEU CB 199 -49.26 -69.87 18.33
C LEU CB 199 -49.66 -71.28 18.70
N HIS CB 200 -50.90 -71.64 18.41
CA HIS CB 200 -51.44 -72.93 18.81
C HIS CB 200 -50.78 -74.05 18.00
N ARG CB 201 -51.18 -75.29 18.27
CA ARG CB 201 -50.67 -76.38 17.46
C ARG CB 201 -51.37 -76.40 16.10
N TYR CB 202 -52.64 -76.09 16.06
CA TYR CB 202 -53.43 -76.05 14.84
C TYR CB 202 -53.85 -74.60 14.60
N ARG CB 203 -53.28 -73.99 13.56
CA ARG CB 203 -53.61 -72.60 13.24
C ARG CB 203 -54.52 -72.55 12.02
N GLU DB 1 3.93 -82.09 -60.56
CA GLU DB 1 4.47 -83.35 -61.01
C GLU DB 1 5.48 -83.90 -60.00
N VAL DB 2 6.33 -84.82 -60.44
CA VAL DB 2 7.28 -85.51 -59.56
C VAL DB 2 8.66 -84.88 -59.64
N GLN DB 3 9.10 -84.49 -60.82
CA GLN DB 3 10.43 -83.93 -61.00
C GLN DB 3 10.51 -82.53 -60.37
N VAL DB 4 11.75 -82.05 -60.25
CA VAL DB 4 11.99 -80.71 -59.72
C VAL DB 4 11.86 -79.70 -60.85
N LEU DB 5 10.96 -78.74 -60.67
CA LEU DB 5 10.69 -77.73 -61.69
C LEU DB 5 11.74 -76.63 -61.58
N VAL DB 6 12.61 -76.54 -62.57
CA VAL DB 6 13.68 -75.57 -62.58
C VAL DB 6 13.30 -74.43 -63.51
N LEU DB 7 13.15 -73.23 -62.95
CA LEU DB 7 12.77 -72.04 -63.70
C LEU DB 7 13.95 -71.09 -63.80
N ASP DB 8 14.02 -70.41 -64.93
CA ASP DB 8 15.03 -69.38 -65.16
C ASP DB 8 14.43 -68.04 -64.82
N GLY DB 9 15.07 -67.32 -63.90
CA GLY DB 9 14.53 -66.05 -63.47
C GLY DB 9 14.69 -64.91 -64.43
N ARG DB 10 15.51 -65.06 -65.48
CA ARG DB 10 15.75 -63.97 -66.41
C ARG DB 10 14.50 -63.64 -67.20
N GLY DB 11 14.18 -62.36 -67.29
CA GLY DB 11 13.06 -61.90 -68.06
C GLY DB 11 11.72 -62.02 -67.39
N HIS DB 12 11.67 -62.48 -66.15
CA HIS DB 12 10.43 -62.70 -65.43
C HIS DB 12 10.14 -61.52 -64.51
N LEU DB 13 8.86 -61.25 -64.31
CA LEU DB 13 8.43 -60.22 -63.38
C LEU DB 13 8.31 -60.81 -61.98
N LEU DB 14 8.75 -60.03 -60.99
CA LEU DB 14 9.01 -60.57 -59.67
C LEU DB 14 7.74 -61.11 -59.02
N GLY DB 15 6.68 -60.28 -58.95
CA GLY DB 15 5.47 -60.70 -58.29
C GLY DB 15 4.71 -61.79 -59.02
N ARG DB 16 4.65 -61.71 -60.34
CA ARG DB 16 3.98 -62.75 -61.11
C ARG DB 16 4.67 -64.09 -60.93
N LEU DB 17 5.99 -64.10 -61.06
CA LEU DB 17 6.76 -65.33 -60.86
C LEU DB 17 6.60 -65.84 -59.44
N ALA DB 18 6.60 -64.95 -58.46
CA ALA DB 18 6.46 -65.37 -57.07
C ALA DB 18 5.09 -65.97 -56.80
N ALA DB 19 4.03 -65.42 -57.38
CA ALA DB 19 2.71 -66.00 -57.19
C ALA DB 19 2.63 -67.39 -57.79
N ILE DB 20 3.15 -67.56 -59.01
CA ILE DB 20 3.14 -68.89 -59.62
C ILE DB 20 3.92 -69.88 -58.78
N VAL DB 21 5.12 -69.48 -58.32
CA VAL DB 21 5.97 -70.37 -57.55
C VAL DB 21 5.33 -70.71 -56.21
N ALA DB 22 4.68 -69.74 -55.56
CA ALA DB 22 4.03 -70.00 -54.30
C ALA DB 22 2.93 -71.02 -54.44
N LYS DB 23 2.10 -70.88 -55.47
CA LYS DB 23 1.07 -71.90 -55.69
C LYS DB 23 1.68 -73.26 -55.97
N GLN DB 24 2.76 -73.31 -56.77
CA GLN DB 24 3.38 -74.59 -57.09
C GLN DB 24 3.91 -75.28 -55.84
N VAL DB 25 4.64 -74.56 -55.00
CA VAL DB 25 5.21 -75.19 -53.82
C VAL DB 25 4.13 -75.51 -52.79
N LEU DB 26 3.00 -74.79 -52.79
CA LEU DB 26 1.90 -75.20 -51.92
C LEU DB 26 1.21 -76.45 -52.43
N LEU DB 27 1.27 -76.70 -53.74
CA LEU DB 27 0.71 -77.93 -54.30
C LEU DB 27 1.68 -79.10 -54.19
N GLY DB 28 2.66 -79.03 -53.29
CA GLY DB 28 3.54 -80.13 -53.03
C GLY DB 28 4.69 -80.29 -53.99
N ARG DB 29 4.84 -79.38 -54.95
CA ARG DB 29 5.88 -79.49 -55.96
C ARG DB 29 7.16 -78.82 -55.48
N LYS DB 30 8.29 -79.31 -55.98
CA LYS DB 30 9.59 -78.78 -55.64
C LYS DB 30 10.09 -77.88 -56.77
N VAL DB 31 10.43 -76.64 -56.44
CA VAL DB 31 10.75 -75.62 -57.42
C VAL DB 31 12.13 -75.06 -57.12
N VAL DB 32 12.93 -74.88 -58.16
CA VAL DB 32 14.24 -74.25 -58.07
C VAL DB 32 14.27 -73.10 -59.06
N VAL DB 33 14.52 -71.89 -58.55
CA VAL DB 33 14.60 -70.70 -59.39
C VAL DB 33 16.05 -70.29 -59.48
N VAL DB 34 16.55 -70.13 -60.71
CA VAL DB 34 17.93 -69.72 -60.91
C VAL DB 34 17.96 -68.37 -61.61
N ARG DB 35 19.12 -67.72 -61.55
CA ARG DB 35 19.34 -66.39 -62.10
C ARG DB 35 18.33 -65.39 -61.55
N CYS DB 36 18.30 -65.29 -60.22
CA CYS DB 36 17.43 -64.31 -59.59
C CYS DB 36 17.92 -62.89 -59.81
N GLU DB 37 19.13 -62.69 -60.31
CA GLU DB 37 19.58 -61.36 -60.68
C GLU DB 37 19.02 -60.90 -62.02
N GLY DB 38 18.48 -61.82 -62.82
CA GLY DB 38 17.86 -61.47 -64.08
C GLY DB 38 16.38 -61.13 -63.99
N ILE DB 39 15.81 -61.19 -62.79
CA ILE DB 39 14.40 -60.91 -62.61
C ILE DB 39 14.15 -59.42 -62.79
N ASN DB 40 13.06 -59.08 -63.46
CA ASN DB 40 12.68 -57.70 -63.68
C ASN DB 40 11.53 -57.30 -62.77
N ILE DB 41 11.46 -56.02 -62.46
CA ILE DB 41 10.34 -55.43 -61.73
C ILE DB 41 9.83 -54.26 -62.54
N SER DB 42 8.51 -54.20 -62.74
CA SER DB 42 7.93 -53.11 -63.50
C SER DB 42 8.07 -51.79 -62.74
N GLY DB 43 8.10 -50.71 -63.48
CA GLY DB 43 8.39 -49.42 -62.88
C GLY DB 43 9.86 -49.09 -62.97
N ASN DB 44 10.16 -47.81 -63.00
CA ASN DB 44 11.54 -47.41 -63.28
C ASN DB 44 12.44 -47.73 -62.09
N PHE DB 45 13.75 -47.71 -62.37
CA PHE DB 45 14.70 -48.18 -61.39
C PHE DB 45 14.69 -47.33 -60.14
N TYR DB 46 14.56 -46.01 -60.31
CA TYR DB 46 14.53 -45.14 -59.14
C TYR DB 46 13.31 -45.41 -58.29
N ARG DB 47 12.16 -45.65 -58.93
CA ARG DB 47 10.95 -46.00 -58.22
C ARG DB 47 11.16 -47.24 -57.35
N ASN DB 48 11.69 -48.30 -57.96
CA ASN DB 48 11.88 -49.54 -57.23
C ASN DB 48 12.97 -49.44 -56.18
N LYS DB 49 14.00 -48.64 -56.43
CA LYS DB 49 15.04 -48.43 -55.44
C LYS DB 49 14.49 -47.69 -54.23
N LEU DB 50 13.62 -46.70 -54.45
CA LEU DB 50 12.98 -46.05 -53.32
C LEU DB 50 12.12 -47.02 -52.54
N LYS DB 51 11.44 -47.93 -53.23
CA LYS DB 51 10.66 -48.93 -52.52
C LYS DB 51 11.54 -49.78 -51.60
N TYR DB 52 12.69 -50.23 -52.13
CA TYR DB 52 13.53 -51.07 -51.28
C TYR DB 52 14.18 -50.26 -50.17
N LEU DB 53 14.49 -49.00 -50.40
CA LEU DB 53 15.07 -48.19 -49.33
C LEU DB 53 14.05 -47.91 -48.24
N ALA DB 54 12.79 -47.73 -48.62
CA ALA DB 54 11.74 -47.61 -47.63
C ALA DB 54 11.61 -48.89 -46.83
N PHE DB 55 11.79 -50.04 -47.48
CA PHE DB 55 11.86 -51.30 -46.72
C PHE DB 55 13.03 -51.29 -45.76
N LEU DB 56 14.19 -50.82 -46.22
CA LEU DB 56 15.38 -50.76 -45.38
C LEU DB 56 15.18 -49.89 -44.15
N ARG DB 57 14.36 -48.85 -44.28
CA ARG DB 57 14.12 -47.96 -43.15
C ARG DB 57 13.28 -48.62 -42.05
N LYS DB 58 12.56 -49.70 -42.35
CA LYS DB 58 11.72 -50.36 -41.36
C LYS DB 58 12.58 -51.29 -40.53
N ARG DB 59 13.04 -50.79 -39.39
CA ARG DB 59 13.76 -51.61 -38.44
C ARG DB 59 13.20 -51.38 -37.05
N MET DB 60 13.36 -52.35 -36.17
CA MET DB 60 12.85 -52.24 -34.82
C MET DB 60 13.64 -51.18 -34.07
N ASN DB 61 12.95 -50.18 -33.54
CA ASN DB 61 13.61 -49.06 -32.90
C ASN DB 61 14.36 -49.50 -31.66
N THR DB 62 13.80 -50.45 -30.91
CA THR DB 62 14.43 -50.93 -29.69
C THR DB 62 15.63 -51.82 -29.98
N ASN DB 63 15.51 -52.73 -30.93
CA ASN DB 63 16.60 -53.66 -31.24
C ASN DB 63 16.51 -54.04 -32.72
N PRO DB 64 17.31 -53.39 -33.56
CA PRO DB 64 17.33 -53.76 -34.98
C PRO DB 64 17.78 -55.18 -35.22
N SER DB 65 18.57 -55.76 -34.32
CA SER DB 65 18.92 -57.16 -34.45
C SER DB 65 17.70 -58.07 -34.35
N ARG DB 66 16.72 -57.69 -33.54
CA ARG DB 66 15.45 -58.40 -33.53
C ARG DB 66 14.59 -58.04 -34.73
N GLY DB 67 14.72 -56.81 -35.23
CA GLY DB 67 13.82 -56.29 -36.23
C GLY DB 67 13.84 -57.01 -37.55
N PRO DB 68 13.17 -56.45 -38.55
CA PRO DB 68 13.08 -57.12 -39.85
C PRO DB 68 14.45 -57.29 -40.47
N TYR DB 69 14.64 -58.44 -41.12
CA TYR DB 69 15.91 -58.78 -41.75
C TYR DB 69 15.80 -58.43 -43.22
N HIS DB 70 16.58 -57.45 -43.64
CA HIS DB 70 16.58 -57.00 -45.03
C HIS DB 70 17.65 -57.77 -45.76
N PHE DB 71 17.25 -58.74 -46.57
CA PHE DB 71 18.19 -59.55 -47.31
C PHE DB 71 18.53 -58.84 -48.61
N ARG DB 72 19.81 -58.91 -48.99
CA ARG DB 72 20.31 -58.10 -50.08
C ARG DB 72 20.55 -58.87 -51.37
N ALA DB 73 20.79 -60.17 -51.31
CA ALA DB 73 20.99 -60.93 -52.54
C ALA DB 73 19.69 -61.02 -53.31
N PRO DB 74 19.73 -61.02 -54.64
CA PRO DB 74 18.50 -61.15 -55.42
C PRO DB 74 17.75 -62.45 -55.15
N SER DB 75 18.48 -63.55 -54.94
CA SER DB 75 17.82 -64.80 -54.60
C SER DB 75 17.05 -64.69 -53.30
N ARG DB 76 17.65 -64.05 -52.30
CA ARG DB 76 16.96 -63.89 -51.03
C ARG DB 76 15.80 -62.90 -51.13
N ILE DB 77 15.92 -61.88 -51.98
CA ILE DB 77 14.81 -60.96 -52.19
C ILE DB 77 13.62 -61.69 -52.80
N PHE DB 78 13.88 -62.49 -53.83
CA PHE DB 78 12.80 -63.26 -54.44
C PHE DB 78 12.22 -64.27 -53.45
N TRP DB 79 13.08 -64.88 -52.64
CA TRP DB 79 12.62 -65.83 -51.64
C TRP DB 79 11.70 -65.16 -50.63
N ARG DB 80 12.03 -63.94 -50.21
CA ARG DB 80 11.16 -63.23 -49.29
C ARG DB 80 9.86 -62.82 -49.95
N THR DB 81 9.91 -62.48 -51.24
CA THR DB 81 8.68 -62.19 -51.97
C THR DB 81 7.76 -63.40 -52.01
N VAL DB 82 8.32 -64.59 -52.21
CA VAL DB 82 7.52 -65.81 -52.20
C VAL DB 82 7.00 -66.09 -50.80
N ARG DB 83 7.83 -65.87 -49.78
CA ARG DB 83 7.40 -66.07 -48.41
C ARG DB 83 6.24 -65.15 -48.06
N GLY DB 84 6.20 -63.96 -48.65
CA GLY DB 84 5.06 -63.09 -48.47
C GLY DB 84 3.77 -63.60 -49.07
N MET DB 85 3.85 -64.54 -50.01
CA MET DB 85 2.68 -65.13 -50.64
C MET DB 85 2.37 -66.52 -50.10
N LEU DB 86 3.25 -67.05 -49.26
CA LEU DB 86 2.97 -68.31 -48.57
C LEU DB 86 2.45 -68.04 -47.16
N PRO DB 87 1.70 -68.97 -46.56
CA PRO DB 87 1.38 -68.88 -45.12
C PRO DB 87 2.50 -69.43 -44.25
N HIS DB 88 3.59 -68.67 -44.16
CA HIS DB 88 4.84 -69.18 -43.62
C HIS DB 88 4.83 -69.40 -42.12
N LYS DB 89 3.79 -68.98 -41.41
CA LYS DB 89 3.74 -69.18 -39.97
C LYS DB 89 2.99 -70.44 -39.57
N THR DB 90 2.58 -71.24 -40.54
CA THR DB 90 2.01 -72.55 -40.28
C THR DB 90 2.95 -73.63 -40.81
N LYS DB 91 2.72 -74.86 -40.37
CA LYS DB 91 3.57 -75.97 -40.79
C LYS DB 91 3.46 -76.22 -42.29
N ARG DB 92 2.25 -76.10 -42.83
CA ARG DB 92 2.06 -76.30 -44.26
C ARG DB 92 2.83 -75.26 -45.07
N GLY DB 93 2.75 -73.99 -44.66
CA GLY DB 93 3.50 -72.96 -45.36
C GLY DB 93 5.00 -73.12 -45.19
N GLN DB 94 5.45 -73.58 -44.03
CA GLN DB 94 6.87 -73.78 -43.82
C GLN DB 94 7.39 -74.93 -44.69
N ALA DB 95 6.62 -76.01 -44.82
CA ALA DB 95 7.03 -77.08 -45.72
C ALA DB 95 7.05 -76.61 -47.17
N ALA DB 96 6.05 -75.81 -47.56
CA ALA DB 96 6.04 -75.26 -48.91
C ALA DB 96 7.26 -74.40 -49.16
N LEU DB 97 7.62 -73.55 -48.19
CA LEU DB 97 8.81 -72.72 -48.32
C LEU DB 97 10.08 -73.55 -48.34
N ASP DB 98 10.11 -74.68 -47.63
CA ASP DB 98 11.24 -75.59 -47.72
C ASP DB 98 11.38 -76.22 -49.10
N ARG DB 99 10.27 -76.42 -49.80
CA ARG DB 99 10.34 -77.01 -51.14
C ARG DB 99 10.96 -76.07 -52.17
N LEU DB 100 11.19 -74.81 -51.85
CA LEU DB 100 11.66 -73.82 -52.81
C LEU DB 100 13.15 -73.54 -52.61
N LYS DB 101 13.91 -73.55 -53.69
CA LYS DB 101 15.31 -73.19 -53.67
C LYS DB 101 15.54 -72.05 -54.65
N VAL DB 102 16.30 -71.04 -54.24
CA VAL DB 102 16.55 -69.86 -55.04
C VAL DB 102 18.05 -69.62 -55.09
N PHE DB 103 18.56 -69.29 -56.28
CA PHE DB 103 19.98 -69.11 -56.49
C PHE DB 103 20.24 -67.86 -57.31
N ASP DB 104 21.37 -67.22 -57.04
CA ASP DB 104 21.92 -66.18 -57.90
C ASP DB 104 22.86 -66.85 -58.88
N GLY DB 105 22.70 -66.52 -60.16
CA GLY DB 105 23.48 -67.30 -61.11
C GLY DB 105 22.89 -68.69 -61.21
N ILE DB 106 23.71 -69.62 -61.71
CA ILE DB 106 23.27 -71.01 -61.86
C ILE DB 106 24.33 -71.97 -61.34
N PRO DB 107 24.12 -72.59 -60.20
CA PRO DB 107 25.10 -73.50 -59.64
C PRO DB 107 25.21 -74.80 -60.43
N PRO DB 108 26.25 -75.59 -60.19
CA PRO DB 108 26.54 -76.76 -61.02
C PRO DB 108 25.45 -77.82 -61.04
N PRO DB 109 24.63 -78.00 -60.00
CA PRO DB 109 23.54 -78.98 -60.16
C PRO DB 109 22.60 -78.66 -61.30
N TYR DB 110 22.32 -77.38 -61.53
CA TYR DB 110 21.31 -76.99 -62.51
C TYR DB 110 21.90 -76.31 -63.74
N ASP DB 111 23.21 -76.06 -63.78
CA ASP DB 111 23.77 -75.44 -64.97
C ASP DB 111 23.78 -76.39 -66.16
N LYS DB 112 23.62 -77.69 -65.91
CA LYS DB 112 23.55 -78.69 -66.96
C LYS DB 112 22.19 -79.37 -67.00
N LYS DB 113 21.13 -78.57 -66.86
CA LYS DB 113 19.77 -79.05 -66.98
C LYS DB 113 18.96 -78.02 -67.76
N LYS DB 114 17.81 -78.46 -68.27
CA LYS DB 114 16.93 -77.57 -69.01
C LYS DB 114 16.15 -76.70 -68.04
N ARG DB 115 15.96 -75.44 -68.42
CA ARG DB 115 15.26 -74.46 -67.59
C ARG DB 115 13.91 -74.14 -68.21
N MET DB 116 12.86 -74.24 -67.41
CA MET DB 116 11.54 -73.86 -67.87
C MET DB 116 11.39 -72.33 -67.82
N VAL DB 117 10.34 -71.85 -68.47
CA VAL DB 117 9.98 -70.44 -68.48
C VAL DB 117 8.49 -70.34 -68.21
N VAL DB 118 8.09 -69.34 -67.42
CA VAL DB 118 6.69 -69.12 -67.12
C VAL DB 118 6.20 -67.93 -67.95
N PRO DB 119 5.46 -68.18 -69.04
CA PRO DB 119 5.02 -67.05 -69.89
C PRO DB 119 4.15 -66.04 -69.16
N ALA DB 120 3.31 -66.48 -68.23
CA ALA DB 120 2.43 -65.56 -67.54
C ALA DB 120 3.18 -64.59 -66.63
N ALA DB 121 4.49 -64.81 -66.43
CA ALA DB 121 5.31 -63.92 -65.63
C ALA DB 121 6.37 -63.22 -66.45
N LEU DB 122 6.39 -63.42 -67.76
CA LEU DB 122 7.43 -62.85 -68.61
C LEU DB 122 7.17 -61.39 -68.88
N LYS DB 123 8.23 -60.58 -68.81
CA LYS DB 123 8.09 -59.15 -69.04
C LYS DB 123 7.65 -58.86 -70.47
N VAL DB 124 8.12 -59.66 -71.44
CA VAL DB 124 7.83 -59.40 -72.85
C VAL DB 124 6.34 -59.46 -73.14
N VAL DB 125 5.58 -60.29 -72.41
CA VAL DB 125 4.15 -60.36 -72.63
C VAL DB 125 3.35 -59.62 -71.57
N ARG DB 126 3.90 -59.40 -70.39
CA ARG DB 126 3.13 -58.80 -69.32
C ARG DB 126 3.30 -57.29 -69.22
N LEU DB 127 4.35 -56.72 -69.83
CA LEU DB 127 4.55 -55.29 -69.80
C LEU DB 127 4.44 -54.72 -71.20
N LYS DB 128 3.88 -53.51 -71.29
CA LYS DB 128 3.90 -52.79 -72.55
C LYS DB 128 5.34 -52.47 -72.92
N PRO DB 129 5.69 -52.48 -74.20
CA PRO DB 129 7.09 -52.27 -74.58
C PRO DB 129 7.65 -50.93 -74.17
N THR DB 130 6.80 -49.91 -74.04
CA THR DB 130 7.25 -48.56 -73.73
C THR DB 130 7.40 -48.29 -72.25
N ARG DB 131 7.00 -49.22 -71.39
CA ARG DB 131 7.10 -49.01 -69.95
C ARG DB 131 8.53 -49.26 -69.48
N LYS DB 132 8.92 -48.52 -68.45
CA LYS DB 132 10.21 -48.75 -67.81
C LYS DB 132 10.14 -49.92 -66.85
N PHE DB 133 11.29 -50.52 -66.60
CA PHE DB 133 11.39 -51.60 -65.64
C PHE DB 133 12.75 -51.52 -64.97
N ALA DB 134 12.97 -52.40 -64.00
CA ALA DB 134 14.20 -52.42 -63.22
C ALA DB 134 14.73 -53.84 -63.16
N TYR DB 135 16.04 -53.97 -63.03
CA TYR DB 135 16.68 -55.27 -62.90
C TYR DB 135 16.95 -55.57 -61.43
N LEU DB 136 16.60 -56.79 -61.01
CA LEU DB 136 16.79 -57.18 -59.62
C LEU DB 136 18.27 -57.20 -59.25
N GLY DB 137 19.13 -57.62 -60.19
CA GLY DB 137 20.55 -57.65 -59.89
C GLY DB 137 21.12 -56.28 -59.61
N ARG DB 138 20.79 -55.31 -60.46
CA ARG DB 138 21.25 -53.94 -60.23
C ARG DB 138 20.66 -53.36 -58.96
N LEU DB 139 19.37 -53.61 -58.72
CA LEU DB 139 18.74 -53.12 -57.50
C LEU DB 139 19.41 -53.67 -56.26
N ALA DB 140 19.69 -54.97 -56.26
CA ALA DB 140 20.38 -55.60 -55.14
C ALA DB 140 21.77 -55.03 -54.97
N HIS DB 141 22.50 -54.85 -56.07
CA HIS DB 141 23.85 -54.31 -55.99
C HIS DB 141 23.84 -52.91 -55.39
N GLU DB 142 22.85 -52.10 -55.72
CA GLU DB 142 22.81 -50.74 -55.20
C GLU DB 142 22.16 -50.64 -53.83
N VAL DB 143 21.50 -51.68 -53.33
CA VAL DB 143 21.04 -51.67 -51.95
C VAL DB 143 21.92 -52.50 -51.03
N GLY DB 144 22.99 -53.12 -51.53
CA GLY DB 144 23.95 -53.70 -50.62
C GLY DB 144 24.53 -55.04 -50.98
N TRP DB 145 24.09 -55.63 -52.09
CA TRP DB 145 24.65 -56.90 -52.53
C TRP DB 145 26.11 -56.75 -52.89
N LYS DB 146 26.92 -57.74 -52.55
CA LYS DB 146 28.36 -57.65 -52.68
C LYS DB 146 28.93 -58.55 -53.77
N TYR DB 147 28.11 -59.36 -54.42
CA TYR DB 147 28.62 -60.38 -55.32
C TYR DB 147 28.03 -60.24 -56.72
N GLN DB 148 27.87 -59.00 -57.19
CA GLN DB 148 27.42 -58.81 -58.55
C GLN DB 148 28.51 -59.11 -59.55
N ALA DB 149 29.74 -58.71 -59.25
CA ALA DB 149 30.83 -58.87 -60.20
C ALA DB 149 31.25 -60.32 -60.35
N VAL DB 150 31.41 -61.04 -59.24
CA VAL DB 150 31.83 -62.43 -59.30
C VAL DB 150 30.76 -63.29 -59.95
N THR DB 151 29.49 -62.99 -59.67
CA THR DB 151 28.41 -63.70 -60.35
C THR DB 151 28.43 -63.43 -61.84
N ALA DB 152 28.76 -62.21 -62.24
CA ALA DB 152 28.88 -61.90 -63.66
C ALA DB 152 29.99 -62.70 -64.32
N THR DB 153 31.16 -62.77 -63.67
CA THR DB 153 32.26 -63.53 -64.26
C THR DB 153 31.93 -65.01 -64.35
N LEU DB 154 31.33 -65.56 -63.30
CA LEU DB 154 30.97 -66.98 -63.33
C LEU DB 154 29.88 -67.26 -64.34
N GLU DB 155 28.95 -66.33 -64.53
CA GLU DB 155 27.93 -66.47 -65.56
C GLU DB 155 28.55 -66.46 -66.94
N GLU DB 156 29.55 -65.60 -67.16
CA GLU DB 156 30.20 -65.59 -68.46
C GLU DB 156 30.94 -66.90 -68.73
N LYS DB 157 31.61 -67.45 -67.71
CA LYS DB 157 32.25 -68.75 -67.85
C LYS DB 157 31.23 -69.83 -68.20
N ARG DB 158 30.11 -69.85 -67.47
CA ARG DB 158 29.07 -70.84 -67.73
C ARG DB 158 28.50 -70.69 -69.13
N LYS DB 159 28.34 -69.45 -69.59
CA LYS DB 159 27.84 -69.22 -70.93
C LYS DB 159 28.81 -69.73 -71.99
N GLU DB 160 30.11 -69.56 -71.78
CA GLU DB 160 31.08 -70.11 -72.73
C GLU DB 160 31.00 -71.63 -72.80
N LYS DB 161 30.91 -72.28 -71.63
CA LYS DB 161 30.79 -73.74 -71.63
C LYS DB 161 29.49 -74.19 -72.30
N ALA DB 162 28.40 -73.48 -72.05
CA ALA DB 162 27.14 -73.82 -72.69
C ALA DB 162 27.20 -73.62 -74.20
N LYS DB 163 27.92 -72.60 -74.67
CA LYS DB 163 28.10 -72.42 -76.10
C LYS DB 163 28.84 -73.59 -76.71
N ILE DB 164 29.88 -74.09 -76.03
CA ILE DB 164 30.58 -75.26 -76.55
C ILE DB 164 29.65 -76.46 -76.62
N HIS DB 165 28.86 -76.68 -75.57
CA HIS DB 165 27.91 -77.79 -75.56
C HIS DB 165 26.89 -77.66 -76.69
N TYR DB 166 26.40 -76.44 -76.93
CA TYR DB 166 25.42 -76.23 -77.98
C TYR DB 166 26.01 -76.46 -79.36
N ARG DB 167 27.26 -76.09 -79.56
CA ARG DB 167 27.90 -76.36 -80.84
C ARG DB 167 28.06 -77.86 -81.07
N LYS DB 168 28.41 -78.60 -80.03
CA LYS DB 168 28.42 -80.06 -80.17
C LYS DB 168 27.03 -80.61 -80.49
N LYS DB 169 26.00 -80.07 -79.82
CA LYS DB 169 24.64 -80.53 -80.06
C LYS DB 169 24.20 -80.25 -81.50
N LYS DB 170 24.54 -79.08 -82.02
CA LYS DB 170 24.22 -78.75 -83.40
C LYS DB 170 24.97 -79.64 -84.37
N GLN DB 171 26.22 -79.96 -84.07
CA GLN DB 171 26.95 -80.90 -84.92
C GLN DB 171 26.28 -82.27 -84.94
N LEU DB 172 25.83 -82.74 -83.78
CA LEU DB 172 25.13 -84.03 -83.73
C LEU DB 172 23.81 -83.97 -84.49
N MET DB 173 23.10 -82.84 -84.42
CA MET DB 173 21.84 -82.73 -85.16
C MET DB 173 22.09 -82.73 -86.67
N ARG DB 174 23.14 -82.03 -87.11
CA ARG DB 174 23.49 -82.07 -88.53
C ARG DB 174 23.84 -83.48 -88.96
N LEU DB 175 24.60 -84.20 -88.13
CA LEU DB 175 24.98 -85.56 -88.47
C LEU DB 175 23.77 -86.49 -88.50
N ARG DB 176 22.80 -86.26 -87.61
CA ARG DB 176 21.58 -87.08 -87.62
C ARG DB 176 20.73 -86.79 -88.85
N LYS DB 177 20.65 -85.52 -89.25
CA LYS DB 177 19.95 -85.21 -90.49
C LYS DB 177 20.61 -85.88 -91.69
N GLN DB 178 21.95 -85.87 -91.70
CA GLN DB 178 22.66 -86.55 -92.77
C GLN DB 178 22.39 -88.06 -92.75
N ALA DB 179 22.33 -88.65 -91.55
CA ALA DB 179 22.03 -90.07 -91.46
C ALA DB 179 20.63 -90.38 -91.98
N GLU DB 180 19.65 -89.55 -91.63
CA GLU DB 180 18.30 -89.76 -92.14
C GLU DB 180 18.25 -89.64 -93.64
N LYS DB 181 19.02 -88.71 -94.21
CA LYS DB 181 19.11 -88.63 -95.67
C LYS DB 181 19.77 -89.88 -96.24
N ASN DB 182 20.78 -90.42 -95.55
CA ASN DB 182 21.52 -91.57 -96.07
C ASN DB 182 20.64 -92.81 -96.12
N VAL DB 183 19.97 -93.13 -95.02
CA VAL DB 183 19.07 -94.28 -94.99
C VAL DB 183 17.67 -93.74 -95.28
N GLU DB 184 17.26 -93.87 -96.53
CA GLU DB 184 15.95 -93.40 -96.96
C GLU DB 184 15.07 -94.56 -97.42
N LYS DB 185 15.59 -95.42 -98.30
CA LYS DB 185 14.85 -96.59 -98.72
C LYS DB 185 14.67 -97.58 -97.57
N LYS DB 186 15.54 -97.52 -96.58
CA LYS DB 186 15.48 -98.40 -95.43
C LYS DB 186 14.67 -97.83 -94.28
N ILE DB 187 14.16 -96.61 -94.42
CA ILE DB 187 13.42 -95.92 -93.36
C ILE DB 187 12.01 -95.58 -93.82
N ASP DB 188 11.82 -95.39 -95.12
CA ASP DB 188 10.57 -94.84 -95.62
C ASP DB 188 9.36 -95.72 -95.30
N LYS DB 189 9.59 -97.00 -94.99
CA LYS DB 189 8.48 -97.86 -94.60
C LYS DB 189 7.86 -97.39 -93.28
N TYR DB 190 8.70 -96.94 -92.35
CA TYR DB 190 8.22 -96.42 -91.07
C TYR DB 190 7.97 -94.93 -91.09
N THR DB 191 8.66 -94.20 -91.96
CA THR DB 191 8.40 -92.76 -92.08
C THR DB 191 6.98 -92.51 -92.55
N GLU DB 192 6.47 -93.32 -93.49
CA GLU DB 192 5.10 -93.15 -93.91
C GLU DB 192 4.12 -93.52 -92.81
N VAL DB 193 4.48 -94.49 -91.97
CA VAL DB 193 3.64 -94.82 -90.81
C VAL DB 193 3.52 -93.62 -89.89
N LEU DB 194 4.65 -92.97 -89.60
CA LEU DB 194 4.61 -91.77 -88.76
C LEU DB 194 3.82 -90.65 -89.44
N LYS DB 195 4.00 -90.50 -90.75
CA LYS DB 195 3.35 -89.42 -91.48
C LYS DB 195 1.84 -89.58 -91.47
N THR DB 196 1.34 -90.79 -91.67
CA THR DB 196 -0.11 -91.01 -91.70
C THR DB 196 -0.76 -90.72 -90.36
N HIS DB 197 0.00 -90.77 -89.27
CA HIS DB 197 -0.54 -90.52 -87.94
C HIS DB 197 -0.08 -89.18 -87.38
N GLY DB 198 0.61 -88.38 -88.16
CA GLY DB 198 0.80 -86.98 -87.85
C GLY DB 198 2.11 -86.61 -87.22
N LEU DB 199 2.75 -87.57 -86.54
CA LEU DB 199 4.11 -87.37 -86.13
C LEU DB 199 4.97 -87.22 -87.38
N LEU DB 200 5.92 -86.29 -87.34
CA LEU DB 200 6.90 -86.13 -88.41
C LEU DB 200 6.21 -85.84 -89.76
N VAL DB 201 5.65 -84.63 -89.82
CA VAL DB 201 5.08 -84.07 -91.05
C VAL DB 201 5.88 -84.46 -92.29
N VAL EB 1 8.22 -103.37 3.38
CA VAL EB 1 7.34 -102.21 3.29
C VAL EB 1 7.16 -101.88 1.81
N ARG EB 2 6.15 -101.07 1.50
CA ARG EB 2 5.78 -100.77 0.11
C ARG EB 2 6.81 -99.84 -0.50
N TYR EB 3 7.69 -100.38 -1.32
CA TYR EB 3 8.52 -99.56 -2.19
C TYR EB 3 7.79 -99.31 -3.50
N SER EB 4 8.07 -98.18 -4.12
CA SER EB 4 7.70 -98.03 -5.51
C SER EB 4 8.74 -98.72 -6.37
N LEU EB 5 8.30 -99.28 -7.49
CA LEU EB 5 9.18 -100.02 -8.39
C LEU EB 5 9.85 -101.20 -7.67
N ASP EB 6 9.03 -102.18 -7.34
CA ASP EB 6 9.58 -103.41 -6.79
C ASP EB 6 10.55 -104.06 -7.80
N PRO EB 7 11.63 -104.67 -7.34
CA PRO EB 7 12.61 -105.24 -8.26
C PRO EB 7 12.04 -106.38 -9.07
N GLU EB 8 12.58 -106.55 -10.28
CA GLU EB 8 12.12 -107.59 -11.18
C GLU EB 8 12.41 -108.99 -10.63
N ASN EB 9 13.46 -109.12 -9.83
CA ASN EB 9 13.83 -110.39 -9.21
C ASN EB 9 14.41 -110.16 -7.82
N PRO EB 10 13.60 -110.27 -6.78
CA PRO EB 10 14.02 -109.93 -5.42
C PRO EB 10 14.87 -111.02 -4.75
N THR EB 11 15.85 -111.52 -5.48
CA THR EB 11 16.81 -112.47 -4.94
C THR EB 11 18.20 -111.94 -5.23
N LYS EB 12 18.32 -111.17 -6.31
CA LYS EB 12 19.53 -110.44 -6.64
C LYS EB 12 19.39 -108.96 -6.34
N SER EB 13 18.59 -108.62 -5.33
CA SER EB 13 18.30 -107.22 -5.01
C SER EB 13 18.44 -106.99 -3.51
N CYS EB 14 18.76 -105.77 -3.15
CA CYS EB 14 18.77 -105.34 -1.76
C CYS EB 14 18.15 -103.95 -1.71
N LYS EB 15 17.57 -103.61 -0.56
CA LYS EB 15 16.82 -102.38 -0.41
C LYS EB 15 17.31 -101.59 0.78
N SER EB 16 17.18 -100.27 0.68
CA SER EB 16 17.47 -99.38 1.79
C SER EB 16 16.44 -98.27 1.80
N ARG EB 17 16.16 -97.77 3.00
CA ARG EB 17 15.07 -96.82 3.20
C ARG EB 17 15.41 -95.90 4.37
N GLY EB 18 14.95 -94.67 4.28
CA GLY EB 18 15.04 -93.74 5.39
C GLY EB 18 13.88 -92.78 5.32
N SER EB 19 13.40 -92.38 6.50
CA SER EB 19 12.22 -91.54 6.61
C SER EB 19 12.52 -90.31 7.46
N ASN EB 20 11.92 -89.19 7.07
CA ASN EB 20 11.99 -87.94 7.83
C ASN EB 20 13.44 -87.51 8.08
N LEU EB 21 14.27 -87.65 7.06
CA LEU EB 21 15.68 -87.31 7.17
C LEU EB 21 15.86 -85.81 7.01
N ARG EB 22 16.65 -85.21 7.92
CA ARG EB 22 16.82 -83.77 7.95
C ARG EB 22 17.88 -83.29 6.95
N VAL EB 23 17.58 -83.51 5.67
CA VAL EB 23 18.34 -82.92 4.57
C VAL EB 23 17.37 -82.26 3.63
N HIS EB 24 17.89 -81.32 2.84
CA HIS EB 24 17.05 -80.58 1.93
C HIS EB 24 16.61 -81.45 0.77
N PHE EB 25 15.30 -81.40 0.50
CA PHE EB 25 14.72 -82.29 -0.50
C PHE EB 25 15.28 -82.02 -1.88
N LYS EB 26 15.43 -80.74 -2.24
CA LYS EB 26 15.89 -80.41 -3.59
C LYS EB 26 17.33 -80.86 -3.81
N ASN EB 27 18.21 -80.58 -2.86
CA ASN EB 27 19.60 -81.01 -2.98
C ASN EB 27 19.68 -82.53 -3.03
N THR EB 28 18.91 -83.20 -2.19
CA THR EB 28 18.94 -84.66 -2.17
C THR EB 28 18.39 -85.25 -3.46
N ARG EB 29 17.35 -84.64 -4.03
CA ARG EB 29 16.81 -85.12 -5.30
C ARG EB 29 17.85 -84.99 -6.40
N GLU EB 30 18.57 -83.87 -6.44
CA GLU EB 30 19.61 -83.72 -7.46
C GLU EB 30 20.72 -84.74 -7.26
N THR EB 31 21.13 -84.97 -6.00
CA THR EB 31 22.19 -85.93 -5.75
C THR EB 31 21.77 -87.35 -6.11
N ALA EB 32 20.51 -87.69 -5.83
CA ALA EB 32 20.00 -89.00 -6.18
C ALA EB 32 19.95 -89.19 -7.69
N GLN EB 33 19.50 -88.18 -8.42
CA GLN EB 33 19.49 -88.29 -9.87
C GLN EB 33 20.90 -88.40 -10.42
N ALA EB 34 21.87 -87.78 -9.77
CA ALA EB 34 23.26 -87.91 -10.22
C ALA EB 34 23.78 -89.33 -10.01
N ILE EB 35 23.55 -89.91 -8.83
CA ILE EB 35 24.10 -91.24 -8.57
C ILE EB 35 23.22 -92.37 -9.08
N LYS EB 36 22.07 -92.06 -9.68
CA LYS EB 36 21.19 -93.11 -10.18
C LYS EB 36 21.83 -93.86 -11.33
N GLY EB 37 21.76 -95.19 -11.28
CA GLY EB 37 22.32 -96.03 -12.32
C GLY EB 37 23.79 -96.34 -12.16
N MET EB 38 24.46 -95.76 -11.17
CA MET EB 38 25.87 -95.98 -10.98
C MET EB 38 26.13 -97.35 -10.35
N HIS EB 39 27.33 -97.85 -10.57
CA HIS EB 39 27.83 -98.94 -9.73
C HIS EB 39 27.96 -98.45 -8.30
N ILE EB 40 27.94 -99.39 -7.35
CA ILE EB 40 27.98 -98.98 -5.95
C ILE EB 40 29.35 -98.39 -5.59
N ARG EB 41 30.42 -98.97 -6.12
CA ARG EB 41 31.75 -98.43 -5.88
C ARG EB 41 31.90 -97.06 -6.51
N LYS EB 42 31.42 -96.91 -7.75
CA LYS EB 42 31.46 -95.62 -8.42
C LYS EB 42 30.66 -94.58 -7.65
N ALA EB 43 29.48 -94.97 -7.16
CA ALA EB 43 28.65 -94.04 -6.40
C ALA EB 43 29.32 -93.63 -5.10
N THR EB 44 29.96 -94.56 -4.41
CA THR EB 44 30.67 -94.22 -3.18
C THR EB 44 31.80 -93.25 -3.47
N LYS EB 45 32.60 -93.52 -4.50
CA LYS EB 45 33.69 -92.62 -4.86
C LYS EB 45 33.16 -91.25 -5.25
N TYR EB 46 32.06 -91.21 -6.00
CA TYR EB 46 31.53 -89.95 -6.47
C TYR EB 46 30.95 -89.13 -5.32
N LEU EB 47 30.27 -89.78 -4.38
CA LEU EB 47 29.75 -89.04 -3.23
C LEU EB 47 30.88 -88.52 -2.35
N LYS EB 48 31.94 -89.30 -2.16
CA LYS EB 48 33.09 -88.78 -1.44
C LYS EB 48 33.74 -87.61 -2.17
N ASP EB 49 33.81 -87.67 -3.50
CA ASP EB 49 34.34 -86.56 -4.27
C ASP EB 49 33.46 -85.33 -4.16
N VAL EB 50 32.15 -85.52 -4.12
CA VAL EB 50 31.24 -84.39 -3.93
C VAL EB 50 31.46 -83.76 -2.56
N THR EB 51 31.68 -84.59 -1.55
CA THR EB 51 32.02 -84.07 -0.23
C THR EB 51 33.33 -83.28 -0.26
N LEU EB 52 34.32 -83.77 -1.00
CA LEU EB 52 35.61 -83.11 -1.08
C LEU EB 52 35.65 -82.00 -2.14
N GLN EB 53 34.54 -81.75 -2.82
CA GLN EB 53 34.43 -80.72 -3.86
C GLN EB 53 35.37 -81.00 -5.03
N LYS EB 54 35.51 -82.27 -5.39
CA LYS EB 54 36.25 -82.66 -6.58
C LYS EB 54 35.36 -83.05 -7.74
N GLN EB 55 34.13 -83.47 -7.47
CA GLN EB 55 33.10 -83.68 -8.47
C GLN EB 55 31.83 -83.01 -7.95
N CYS EB 56 30.97 -82.57 -8.87
CA CYS EB 56 29.78 -81.85 -8.47
C CYS EB 56 28.54 -82.66 -8.82
N VAL EB 57 27.41 -82.28 -8.22
CA VAL EB 57 26.14 -82.79 -8.71
C VAL EB 57 25.55 -81.68 -9.57
N PRO EB 58 24.99 -82.01 -10.74
CA PRO EB 58 24.36 -80.97 -11.56
C PRO EB 58 22.94 -80.71 -11.07
N PHE EB 59 22.63 -79.45 -10.87
CA PHE EB 59 21.28 -79.05 -10.45
C PHE EB 59 20.47 -78.80 -11.71
N ARG EB 60 19.58 -79.73 -12.03
CA ARG EB 60 18.86 -79.68 -13.30
C ARG EB 60 17.45 -79.13 -13.17
N ARG EB 61 16.68 -79.56 -12.17
CA ARG EB 61 15.32 -79.07 -12.01
C ARG EB 61 15.22 -77.95 -10.99
N TYR EB 62 15.83 -78.12 -9.83
CA TYR EB 62 15.79 -77.11 -8.79
C TYR EB 62 17.08 -76.29 -8.85
N ASN EB 63 17.17 -75.47 -9.89
CA ASN EB 63 18.39 -74.72 -10.18
C ASN EB 63 18.19 -73.21 -10.18
N GLY EB 64 17.12 -72.73 -9.55
CA GLY EB 64 16.90 -71.30 -9.52
C GLY EB 64 17.90 -70.57 -8.65
N GLY EB 65 18.80 -69.83 -9.27
CA GLY EB 65 19.85 -69.13 -8.55
C GLY EB 65 21.10 -69.92 -8.30
N VAL EB 66 21.12 -71.20 -8.65
CA VAL EB 66 22.32 -72.02 -8.47
C VAL EB 66 23.40 -71.54 -9.41
N GLY EB 67 24.61 -71.34 -8.89
CA GLY EB 67 25.70 -70.82 -9.68
C GLY EB 67 26.30 -71.85 -10.59
N ARG EB 68 27.21 -71.38 -11.42
CA ARG EB 68 27.90 -72.22 -12.40
C ARG EB 68 29.19 -72.76 -11.82
N CYS EB 69 29.70 -73.82 -12.45
CA CYS EB 69 30.96 -74.39 -12.03
C CYS EB 69 31.59 -75.10 -13.21
N ALA EB 70 32.90 -75.33 -13.11
CA ALA EB 70 33.62 -76.00 -14.18
C ALA EB 70 33.35 -77.50 -14.18
N GLN EB 71 33.13 -78.08 -13.00
CA GLN EB 71 32.89 -79.51 -12.90
C GLN EB 71 31.54 -79.93 -13.46
N ALA EB 72 30.65 -78.98 -13.74
CA ALA EB 72 29.35 -79.32 -14.30
C ALA EB 72 29.43 -79.74 -15.76
N LYS EB 73 30.59 -79.59 -16.40
CA LYS EB 73 30.73 -79.91 -17.81
C LYS EB 73 30.86 -81.41 -18.06
N GLN EB 74 31.30 -82.19 -17.07
CA GLN EB 74 31.29 -83.64 -17.24
C GLN EB 74 29.87 -84.14 -17.40
N TRP EB 75 28.96 -83.61 -16.61
CA TRP EB 75 27.55 -83.74 -16.88
C TRP EB 75 27.23 -82.83 -18.06
N GLY EB 76 26.17 -83.14 -18.78
CA GLY EB 76 25.93 -82.31 -19.94
C GLY EB 76 25.25 -81.00 -19.59
N TRP EB 77 25.85 -80.21 -18.69
CA TRP EB 77 25.06 -79.21 -18.00
C TRP EB 77 25.98 -78.08 -17.57
N THR EB 78 25.43 -77.07 -16.90
CA THR EB 78 26.18 -75.87 -16.59
C THR EB 78 26.21 -75.55 -15.10
N GLN EB 79 25.12 -75.84 -14.39
CA GLN EB 79 24.97 -75.47 -12.99
C GLN EB 79 25.19 -76.68 -12.08
N GLY EB 80 26.13 -76.55 -11.15
CA GLY EB 80 26.39 -77.64 -10.24
C GLY EB 80 26.73 -77.14 -8.85
N ARG EB 81 26.60 -78.04 -7.89
CA ARG EB 81 26.92 -77.72 -6.50
C ARG EB 81 27.46 -78.95 -5.82
N TRP EB 82 27.71 -78.83 -4.51
CA TRP EB 82 28.35 -79.87 -3.73
C TRP EB 82 27.60 -80.08 -2.42
N PRO EB 83 26.40 -80.63 -2.47
CA PRO EB 83 25.62 -80.77 -1.24
C PRO EB 83 26.22 -81.78 -0.30
N LYS EB 84 26.92 -81.28 0.72
CA LYS EB 84 27.67 -82.16 1.60
C LYS EB 84 26.74 -83.01 2.45
N LYS EB 85 25.67 -82.42 2.98
CA LYS EB 85 24.75 -83.18 3.83
C LYS EB 85 24.02 -84.25 3.03
N SER EB 86 23.59 -83.92 1.82
CA SER EB 86 22.93 -84.91 0.97
C SER EB 86 23.89 -86.03 0.61
N ALA EB 87 25.14 -85.68 0.30
CA ALA EB 87 26.12 -86.72 -0.01
C ALA EB 87 26.36 -87.63 1.19
N GLU EB 88 26.45 -87.06 2.39
CA GLU EB 88 26.66 -87.88 3.58
C GLU EB 88 25.48 -88.80 3.86
N PHE EB 89 24.26 -88.28 3.72
CA PHE EB 89 23.08 -89.11 3.96
C PHE EB 89 22.99 -90.23 2.93
N LEU EB 90 23.28 -89.94 1.67
CA LEU EB 90 23.25 -90.99 0.66
C LEU EB 90 24.37 -91.99 0.86
N LEU EB 91 25.54 -91.56 1.36
CA LEU EB 91 26.59 -92.51 1.69
C LEU EB 91 26.16 -93.44 2.80
N HIS EB 92 25.50 -92.91 3.83
CA HIS EB 92 25.04 -93.76 4.92
C HIS EB 92 23.99 -94.75 4.43
N MET EB 93 23.07 -94.30 3.59
CA MET EB 93 22.08 -95.22 3.04
C MET EB 93 22.71 -96.26 2.13
N LEU EB 94 23.76 -95.89 1.39
CA LEU EB 94 24.48 -96.87 0.59
C LEU EB 94 25.17 -97.91 1.44
N LYS EB 95 25.78 -97.49 2.56
CA LYS EB 95 26.37 -98.46 3.46
C LYS EB 95 25.33 -99.40 4.05
N ASN EB 96 24.15 -98.86 4.40
CA ASN EB 96 23.08 -99.72 4.88
C ASN EB 96 22.64 -100.72 3.82
N ALA EB 97 22.52 -100.27 2.57
CA ALA EB 97 22.13 -101.18 1.50
C ALA EB 97 23.18 -102.25 1.27
N GLU EB 98 24.45 -101.88 1.35
CA GLU EB 98 25.52 -102.86 1.19
C GLU EB 98 25.50 -103.89 2.30
N SER EB 99 25.24 -103.45 3.54
CA SER EB 99 25.10 -104.40 4.64
C SER EB 99 23.92 -105.34 4.44
N ASN EB 100 22.80 -104.81 3.94
CA ASN EB 100 21.66 -105.67 3.64
C ASN EB 100 21.99 -106.69 2.56
N ALA EB 101 22.75 -106.26 1.54
CA ALA EB 101 23.17 -107.19 0.50
C ALA EB 101 24.06 -108.28 1.06
N GLU EB 102 24.97 -107.92 1.94
CA GLU EB 102 25.83 -108.93 2.57
C GLU EB 102 25.00 -109.91 3.39
N LEU EB 103 23.99 -109.40 4.11
CA LEU EB 103 23.13 -110.28 4.89
C LEU EB 103 22.37 -111.24 3.97
N LYS EB 104 21.87 -110.73 2.84
CA LYS EB 104 21.17 -111.59 1.88
C LYS EB 104 22.11 -112.56 1.19
N GLY EB 105 23.40 -112.28 1.17
CA GLY EB 105 24.37 -113.23 0.64
C GLY EB 105 24.78 -113.02 -0.80
N LEU EB 106 24.41 -111.89 -1.40
CA LEU EB 106 24.80 -111.57 -2.76
C LEU EB 106 25.98 -110.59 -2.74
N ASP EB 107 26.97 -110.84 -3.60
CA ASP EB 107 28.22 -110.10 -3.51
C ASP EB 107 28.03 -108.65 -3.92
N VAL EB 108 28.74 -107.76 -3.21
CA VAL EB 108 28.51 -106.33 -3.34
C VAL EB 108 29.32 -105.69 -4.44
N ASP EB 109 30.27 -106.40 -5.03
CA ASP EB 109 31.11 -105.83 -6.07
C ASP EB 109 30.40 -105.73 -7.41
N SER EB 110 29.17 -106.20 -7.50
CA SER EB 110 28.39 -106.13 -8.74
C SER EB 110 27.10 -105.34 -8.57
N LEU EB 111 26.91 -104.70 -7.42
CA LEU EB 111 25.68 -103.98 -7.16
C LEU EB 111 25.62 -102.68 -7.95
N VAL EB 112 24.46 -102.39 -8.51
CA VAL EB 112 24.20 -101.18 -9.28
C VAL EB 112 22.92 -100.56 -8.77
N ILE EB 113 22.92 -99.24 -8.62
CA ILE EB 113 21.74 -98.54 -8.10
C ILE EB 113 20.69 -98.49 -9.20
N GLU EB 114 19.75 -99.43 -9.19
CA GLU EB 114 18.74 -99.39 -10.24
C GLU EB 114 17.59 -98.47 -9.88
N HIS EB 115 17.27 -98.33 -8.60
CA HIS EB 115 16.15 -97.48 -8.20
C HIS EB 115 16.61 -96.56 -7.08
N ILE EB 116 16.29 -95.29 -7.20
CA ILE EB 116 16.49 -94.34 -6.11
C ILE EB 116 15.38 -93.31 -6.20
N GLN EB 117 14.82 -92.94 -5.06
CA GLN EB 117 13.69 -92.04 -5.05
C GLN EB 117 13.69 -91.22 -3.77
N VAL EB 118 13.47 -89.92 -3.94
CA VAL EB 118 13.42 -88.96 -2.84
C VAL EB 118 12.04 -88.34 -2.82
N ASN EB 119 11.31 -88.55 -1.73
CA ASN EB 119 9.97 -88.03 -1.52
C ASN EB 119 10.01 -86.93 -0.47
N LYS EB 120 9.07 -86.00 -0.56
CA LYS EB 120 8.97 -84.97 0.47
C LYS EB 120 8.38 -85.55 1.74
N ALA EB 121 8.92 -85.13 2.88
CA ALA EB 121 8.44 -85.54 4.19
C ALA EB 121 7.61 -84.42 4.80
N PRO EB 122 6.85 -84.70 5.87
CA PRO EB 122 6.11 -83.61 6.53
C PRO EB 122 7.06 -82.53 7.02
N LYS EB 123 6.65 -81.29 6.86
CA LYS EB 123 7.52 -80.16 7.15
C LYS EB 123 7.52 -79.84 8.63
N MET EB 124 8.72 -79.59 9.16
CA MET EB 124 8.87 -79.19 10.54
C MET EB 124 8.79 -77.67 10.65
N ARG EB 125 8.05 -77.19 11.63
CA ARG EB 125 7.72 -75.77 11.72
C ARG EB 125 8.66 -75.07 12.69
N ARG EB 126 9.25 -73.97 12.23
CA ARG EB 126 9.94 -73.05 13.11
C ARG EB 126 9.51 -71.63 12.79
N ARG EB 127 10.04 -70.66 13.52
CA ARG EB 127 9.51 -69.31 13.51
C ARG EB 127 10.59 -68.32 13.11
N THR EB 128 10.20 -67.28 12.37
CA THR EB 128 11.10 -66.17 12.13
C THR EB 128 10.36 -64.85 12.33
N TYR EB 129 11.12 -63.84 12.74
CA TYR EB 129 10.56 -62.57 13.19
C TYR EB 129 10.92 -61.48 12.19
N ARG EB 130 9.91 -60.72 11.76
CA ARG EB 130 10.07 -59.79 10.66
C ARG EB 130 9.77 -58.36 11.13
N ALA EB 131 9.74 -57.45 10.16
CA ALA EB 131 9.99 -56.04 10.44
C ALA EB 131 8.95 -55.43 11.37
N HIS EB 132 7.67 -55.61 11.08
CA HIS EB 132 6.71 -54.76 11.76
C HIS EB 132 5.86 -55.57 12.73
N GLY EB 133 6.51 -56.40 13.53
CA GLY EB 133 5.79 -57.24 14.46
C GLY EB 133 5.17 -58.45 13.82
N ARG EB 134 5.76 -58.96 12.76
CA ARG EB 134 5.19 -60.07 12.01
C ARG EB 134 5.98 -61.35 12.25
N ILE EB 135 5.26 -62.46 12.10
CA ILE EB 135 5.80 -63.80 12.27
C ILE EB 135 5.68 -64.50 10.93
N ASN EB 136 6.76 -65.11 10.46
CA ASN EB 136 6.69 -65.91 9.26
C ASN EB 136 7.26 -67.30 9.47
N PRO EB 137 6.83 -68.27 8.66
CA PRO EB 137 7.35 -69.63 8.80
C PRO EB 137 8.84 -69.71 8.51
N TYR EB 138 9.48 -70.69 9.13
CA TYR EB 138 10.87 -71.00 8.89
C TYR EB 138 11.01 -72.51 8.74
N MET EB 139 10.19 -73.07 7.88
CA MET EB 139 9.96 -74.51 7.83
C MET EB 139 11.16 -75.25 7.27
N SER EB 140 11.32 -76.48 7.75
CA SER EB 140 12.26 -77.43 7.16
C SER EB 140 11.56 -78.25 6.10
N SER EB 141 12.35 -78.83 5.21
CA SER EB 141 11.84 -79.64 4.10
C SER EB 141 12.56 -80.99 4.08
N PRO EB 142 12.24 -81.88 5.01
CA PRO EB 142 12.92 -83.17 5.06
C PRO EB 142 12.45 -84.10 3.96
N CYS EB 143 13.09 -85.25 3.84
CA CYS EB 143 12.75 -86.15 2.74
C CYS EB 143 12.84 -87.59 3.18
N HIS EB 144 11.97 -88.42 2.61
CA HIS EB 144 12.11 -89.85 2.62
C HIS EB 144 12.97 -90.26 1.44
N ILE EB 145 13.85 -91.22 1.64
CA ILE EB 145 14.69 -91.75 0.56
C ILE EB 145 14.52 -93.25 0.52
N GLU EB 146 14.45 -93.81 -0.68
CA GLU EB 146 14.43 -95.25 -0.84
C GLU EB 146 15.32 -95.61 -2.01
N MET EB 147 15.95 -96.77 -1.93
CA MET EB 147 16.81 -97.22 -3.02
C MET EB 147 16.83 -98.73 -3.09
N ILE EB 148 16.92 -99.22 -4.32
CA ILE EB 148 17.01 -100.64 -4.62
C ILE EB 148 18.23 -100.84 -5.49
N LEU EB 149 19.11 -101.74 -5.06
CA LEU EB 149 20.31 -102.10 -5.80
C LEU EB 149 20.15 -103.51 -6.35
N THR EB 150 20.70 -103.75 -7.52
CA THR EB 150 20.66 -105.07 -8.14
C THR EB 150 22.04 -105.47 -8.59
N GLU EB 151 22.19 -106.75 -8.90
CA GLU EB 151 23.42 -107.30 -9.45
C GLU EB 151 23.31 -107.37 -10.96
N LYS EB 152 24.31 -106.84 -11.66
CA LYS EB 152 24.36 -106.99 -13.11
C LYS EB 152 25.79 -106.78 -13.58
N GLU EB 153 26.40 -107.83 -14.11
CA GLU EB 153 27.70 -107.72 -14.76
C GLU EB 153 27.72 -108.59 -16.02
N GLY FB 1 -35.69 -67.86 -42.91
CA GLY FB 1 -36.46 -67.23 -41.87
C GLY FB 1 -37.88 -66.94 -42.30
N VAL FB 2 -38.82 -67.09 -41.37
CA VAL FB 2 -40.23 -66.87 -41.61
C VAL FB 2 -40.70 -65.73 -40.74
N ASP FB 3 -41.51 -64.85 -41.30
CA ASP FB 3 -41.98 -63.64 -40.62
C ASP FB 3 -43.31 -63.93 -39.94
N ILE FB 4 -43.23 -64.59 -38.78
CA ILE FB 4 -44.40 -64.90 -37.97
C ILE FB 4 -44.10 -64.59 -36.51
N ARG FB 5 -45.14 -64.59 -35.69
CA ARG FB 5 -45.02 -64.40 -34.26
C ARG FB 5 -45.48 -65.66 -33.54
N HIS FB 6 -44.71 -66.07 -32.55
CA HIS FB 6 -44.93 -67.34 -31.86
C HIS FB 6 -45.52 -67.17 -30.47
N ASN FB 7 -45.98 -65.97 -30.12
CA ASN FB 7 -46.46 -65.74 -28.77
C ASN FB 7 -47.89 -66.22 -28.56
N LYS FB 8 -48.62 -66.54 -29.63
CA LYS FB 8 -49.96 -67.07 -29.52
C LYS FB 8 -50.06 -68.48 -30.07
N ASP FB 9 -48.94 -69.15 -30.30
CA ASP FB 9 -48.96 -70.48 -30.91
C ASP FB 9 -49.65 -71.48 -30.00
N ARG FB 10 -49.31 -71.49 -28.72
CA ARG FB 10 -49.84 -72.45 -27.78
C ARG FB 10 -51.14 -71.93 -27.21
N LYS FB 11 -52.23 -72.64 -27.48
CA LYS FB 11 -53.55 -72.24 -26.99
C LYS FB 11 -53.74 -72.71 -25.57
N VAL FB 12 -54.08 -71.79 -24.69
CA VAL FB 12 -54.25 -72.07 -23.27
C VAL FB 12 -55.68 -72.59 -23.06
N ARG FB 13 -55.80 -73.87 -22.80
CA ARG FB 13 -57.10 -74.51 -22.59
C ARG FB 13 -56.88 -75.83 -21.89
N ARG FB 14 -57.90 -76.27 -21.17
CA ARG FB 14 -57.85 -77.55 -20.49
C ARG FB 14 -58.04 -78.67 -21.49
N LYS FB 15 -57.08 -79.60 -21.52
CA LYS FB 15 -57.21 -80.81 -22.31
C LYS FB 15 -57.51 -82.02 -21.45
N GLU FB 16 -57.53 -81.85 -20.14
CA GLU FB 16 -57.84 -82.90 -19.18
C GLU FB 16 -58.13 -82.24 -17.84
N PRO FB 17 -58.87 -82.90 -16.96
CA PRO FB 17 -59.05 -82.34 -15.62
C PRO FB 17 -57.75 -82.32 -14.86
N LYS FB 18 -57.59 -81.30 -14.02
CA LYS FB 18 -56.44 -81.26 -13.13
C LYS FB 18 -56.61 -82.15 -11.91
N SER FB 19 -57.81 -82.61 -11.65
CA SER FB 19 -58.08 -83.47 -10.50
C SER FB 19 -57.54 -84.87 -10.75
N GLN FB 20 -57.29 -85.58 -9.65
CA GLN FB 20 -56.93 -86.98 -9.69
C GLN FB 20 -58.10 -87.87 -9.32
N ASP FB 21 -59.30 -87.30 -9.21
CA ASP FB 21 -60.51 -88.03 -8.90
C ASP FB 21 -60.75 -89.13 -9.92
N ILE FB 22 -60.64 -90.39 -9.51
CA ILE FB 22 -60.66 -91.49 -10.47
C ILE FB 22 -62.05 -91.68 -11.06
N TYR FB 23 -63.10 -91.40 -10.31
CA TYR FB 23 -64.44 -91.49 -10.88
C TYR FB 23 -64.67 -90.40 -11.93
N LEU FB 24 -64.19 -89.19 -11.66
CA LEU FB 24 -64.27 -88.13 -12.65
C LEU FB 24 -63.46 -88.49 -13.89
N ARG FB 25 -62.28 -89.08 -13.70
CA ARG FB 25 -61.47 -89.50 -14.84
C ARG FB 25 -62.16 -90.61 -15.63
N LEU FB 26 -62.85 -91.53 -14.96
CA LEU FB 26 -63.56 -92.59 -15.66
C LEU FB 26 -64.69 -92.03 -16.52
N LEU FB 27 -65.49 -91.14 -15.96
CA LEU FB 27 -66.54 -90.59 -16.82
C LEU FB 27 -66.00 -89.59 -17.82
N VAL FB 28 -64.82 -89.02 -17.59
CA VAL FB 28 -64.14 -88.26 -18.64
C VAL FB 28 -63.73 -89.17 -19.78
N LYS FB 29 -63.24 -90.37 -19.47
CA LYS FB 29 -62.97 -91.36 -20.52
C LYS FB 29 -64.22 -91.68 -21.32
N LEU FB 30 -65.32 -91.92 -20.61
CA LEU FB 30 -66.59 -92.23 -21.27
C LEU FB 30 -67.01 -91.12 -22.22
N TYR FB 31 -67.01 -89.88 -21.75
CA TYR FB 31 -67.46 -88.78 -22.58
C TYR FB 31 -66.45 -88.35 -23.63
N ARG FB 32 -65.17 -88.63 -23.42
CA ARG FB 32 -64.19 -88.44 -24.47
C ARG FB 32 -64.47 -89.38 -25.63
N PHE FB 33 -64.74 -90.64 -25.33
CA PHE FB 33 -65.12 -91.58 -26.38
C PHE FB 33 -66.40 -91.15 -27.07
N LEU FB 34 -67.40 -90.71 -26.30
CA LEU FB 34 -68.68 -90.33 -26.89
C LEU FB 34 -68.54 -89.12 -27.79
N ALA FB 35 -67.81 -88.09 -27.34
CA ALA FB 35 -67.61 -86.91 -28.17
C ALA FB 35 -66.83 -87.23 -29.43
N ARG FB 36 -65.84 -88.11 -29.34
CA ARG FB 36 -65.07 -88.45 -30.52
C ARG FB 36 -65.90 -89.24 -31.52
N ARG FB 37 -66.65 -90.24 -31.04
CA ARG FB 37 -67.29 -91.20 -31.92
C ARG FB 37 -68.73 -90.85 -32.25
N THR FB 38 -69.23 -89.72 -31.77
CA THR FB 38 -70.55 -89.23 -32.19
C THR FB 38 -70.40 -87.84 -32.80
N ASN FB 39 -71.41 -87.47 -33.58
CA ASN FB 39 -71.45 -86.13 -34.14
C ASN FB 39 -72.15 -85.13 -33.22
N SER FB 40 -72.60 -85.57 -32.05
CA SER FB 40 -73.31 -84.69 -31.14
C SER FB 40 -72.37 -83.68 -30.51
N THR FB 41 -72.74 -82.40 -30.61
CA THR FB 41 -71.96 -81.35 -29.96
C THR FB 41 -72.28 -81.22 -28.48
N PHE FB 42 -73.39 -81.78 -28.03
CA PHE FB 42 -73.68 -81.82 -26.60
C PHE FB 42 -72.60 -82.57 -25.85
N ASN FB 43 -72.13 -83.68 -26.42
CA ASN FB 43 -71.07 -84.44 -25.77
C ASN FB 43 -69.77 -83.66 -25.72
N GLN FB 44 -69.47 -82.86 -26.75
CA GLN FB 44 -68.27 -82.04 -26.71
C GLN FB 44 -68.38 -80.97 -25.63
N VAL FB 45 -69.54 -80.34 -25.51
CA VAL FB 45 -69.72 -79.34 -24.45
C VAL FB 45 -69.60 -79.97 -23.08
N VAL FB 46 -70.20 -81.15 -22.89
CA VAL FB 46 -70.13 -81.83 -21.60
C VAL FB 46 -68.69 -82.22 -21.28
N LEU FB 47 -67.94 -82.70 -22.27
CA LEU FB 47 -66.55 -83.06 -22.03
C LEU FB 47 -65.72 -81.85 -21.63
N LYS FB 48 -65.87 -80.76 -22.36
CA LYS FB 48 -65.08 -79.57 -22.01
C LYS FB 48 -65.49 -78.99 -20.66
N ARG FB 49 -66.73 -79.19 -20.23
CA ARG FB 49 -67.11 -78.78 -18.89
C ARG FB 49 -66.61 -79.74 -17.83
N LEU FB 50 -66.46 -81.02 -18.16
CA LEU FB 50 -65.83 -81.94 -17.22
C LEU FB 50 -64.38 -81.58 -16.98
N PHE FB 51 -63.70 -81.06 -17.99
CA PHE FB 51 -62.33 -80.60 -17.78
C PHE FB 51 -62.24 -79.41 -16.84
N MET FB 52 -63.31 -78.65 -16.69
CA MET FB 52 -63.24 -77.33 -16.09
C MET FB 52 -62.94 -77.41 -14.60
N SER FB 53 -62.52 -76.27 -14.05
CA SER FB 53 -62.21 -76.14 -12.64
C SER FB 53 -63.48 -75.83 -11.84
N ARG FB 54 -63.35 -75.87 -10.52
CA ARG FB 54 -64.52 -75.71 -9.66
C ARG FB 54 -65.13 -74.33 -9.80
N THR FB 55 -64.30 -73.30 -9.90
CA THR FB 55 -64.82 -71.95 -10.08
C THR FB 55 -65.52 -71.81 -11.41
N ASN FB 56 -65.14 -72.61 -12.40
CA ASN FB 56 -65.80 -72.61 -13.70
C ASN FB 56 -66.95 -73.60 -13.75
N ARG FB 57 -67.23 -74.29 -12.66
CA ARG FB 57 -68.41 -75.15 -12.53
C ARG FB 57 -69.17 -74.70 -11.29
N PRO FB 58 -69.84 -73.56 -11.36
CA PRO FB 58 -70.51 -73.04 -10.18
C PRO FB 58 -71.71 -73.90 -9.83
N PRO FB 59 -72.12 -73.93 -8.56
CA PRO FB 59 -73.30 -74.69 -8.19
C PRO FB 59 -74.56 -74.10 -8.80
N LEU FB 60 -75.52 -74.97 -9.08
CA LEU FB 60 -76.81 -74.58 -9.63
C LEU FB 60 -77.86 -74.75 -8.55
N SER FB 61 -78.58 -73.67 -8.25
CA SER FB 61 -79.60 -73.76 -7.21
C SER FB 61 -80.84 -74.45 -7.74
N LEU FB 62 -81.58 -75.05 -6.81
CA LEU FB 62 -82.83 -75.71 -7.17
C LEU FB 62 -83.84 -74.72 -7.73
N SER FB 63 -83.89 -73.50 -7.18
CA SER FB 63 -84.80 -72.50 -7.69
C SER FB 63 -84.48 -72.14 -9.14
N ARG FB 64 -83.20 -71.94 -9.45
CA ARG FB 64 -82.81 -71.62 -10.82
C ARG FB 64 -83.11 -72.77 -11.76
N MET FB 65 -82.84 -74.00 -11.32
CA MET FB 65 -83.13 -75.16 -12.16
C MET FB 65 -84.62 -75.28 -12.43
N ILE FB 66 -85.44 -75.08 -11.42
CA ILE FB 66 -86.89 -75.14 -11.62
C ILE FB 66 -87.35 -74.03 -12.56
N ARG FB 67 -86.79 -72.83 -12.38
CA ARG FB 67 -87.21 -71.69 -13.21
C ARG FB 67 -86.83 -71.91 -14.67
N LYS FB 68 -85.67 -72.50 -14.93
CA LYS FB 68 -85.30 -72.80 -16.30
C LYS FB 68 -86.04 -74.02 -16.85
N MET FB 69 -86.47 -74.93 -15.99
CA MET FB 69 -87.22 -76.09 -16.46
C MET FB 69 -88.66 -75.74 -16.79
N LYS FB 70 -89.23 -74.72 -16.14
CA LYS FB 70 -90.63 -74.39 -16.35
C LYS FB 70 -90.86 -73.57 -17.61
N LEU FB 71 -89.81 -73.22 -18.35
CA LEU FB 71 -89.97 -72.48 -19.58
C LEU FB 71 -90.70 -73.34 -20.62
N PRO FB 72 -91.44 -72.71 -21.53
CA PRO FB 72 -92.27 -73.49 -22.47
C PRO FB 72 -91.44 -74.42 -23.34
N GLY FB 73 -92.01 -75.59 -23.61
CA GLY FB 73 -91.39 -76.57 -24.49
C GLY FB 73 -90.38 -77.49 -23.83
N ARG FB 74 -89.97 -77.19 -22.59
CA ARG FB 74 -88.98 -78.00 -21.89
C ARG FB 74 -89.60 -79.11 -21.07
N GLU FB 75 -90.76 -79.59 -21.49
CA GLU FB 75 -91.43 -80.67 -20.79
C GLU FB 75 -90.74 -82.00 -21.10
N ASN FB 76 -90.65 -82.85 -20.08
CA ASN FB 76 -90.09 -84.20 -20.21
C ASN FB 76 -88.64 -84.17 -20.70
N LYS FB 77 -87.90 -83.14 -20.34
CA LYS FB 77 -86.51 -83.00 -20.75
C LYS FB 77 -85.61 -83.18 -19.54
N THR FB 78 -84.45 -83.79 -19.75
CA THR FB 78 -83.51 -84.00 -18.66
C THR FB 78 -82.69 -82.75 -18.43
N ALA FB 79 -82.68 -82.27 -17.18
CA ALA FB 79 -81.84 -81.14 -16.81
C ALA FB 79 -80.43 -81.65 -16.55
N VAL FB 80 -79.46 -81.20 -17.35
CA VAL FB 80 -78.09 -81.63 -17.23
C VAL FB 80 -77.25 -80.46 -16.75
N VAL FB 81 -76.62 -80.61 -15.59
CA VAL FB 81 -75.66 -79.63 -15.09
C VAL FB 81 -74.37 -80.36 -14.78
N VAL FB 82 -73.26 -79.81 -15.27
CA VAL FB 82 -71.94 -80.38 -14.97
C VAL FB 82 -71.45 -79.64 -13.73
N GLY FB 83 -71.91 -80.12 -12.57
CA GLY FB 83 -71.63 -79.44 -11.33
C GLY FB 83 -72.55 -79.96 -10.24
N THR FB 84 -72.76 -79.11 -9.24
CA THR FB 84 -73.52 -79.48 -8.05
C THR FB 84 -74.89 -78.82 -8.08
N ILE FB 85 -75.93 -79.63 -7.89
CA ILE FB 85 -77.27 -79.11 -7.66
C ILE FB 85 -77.42 -78.81 -6.17
N THR FB 86 -77.85 -77.61 -5.87
CA THR FB 86 -77.89 -77.11 -4.50
C THR FB 86 -79.33 -76.78 -4.11
N ASP FB 87 -79.71 -77.16 -2.90
CA ASP FB 87 -81.04 -76.85 -2.40
C ASP FB 87 -81.23 -75.36 -2.22
N ASP FB 88 -82.41 -74.87 -2.57
CA ASP FB 88 -82.80 -73.50 -2.32
C ASP FB 88 -84.01 -73.54 -1.39
N VAL FB 89 -83.80 -73.11 -0.14
CA VAL FB 89 -84.87 -73.11 0.85
C VAL FB 89 -85.85 -71.98 0.64
N ARG FB 90 -85.63 -71.12 -0.36
CA ARG FB 90 -86.53 -70.03 -0.66
C ARG FB 90 -87.71 -70.47 -1.53
N VAL FB 91 -87.76 -71.73 -1.94
CA VAL FB 91 -88.88 -72.23 -2.73
C VAL FB 91 -89.62 -73.28 -1.91
N GLN FB 92 -90.92 -73.37 -2.16
CA GLN FB 92 -91.80 -74.31 -1.47
C GLN FB 92 -92.25 -75.46 -2.36
N GLU FB 93 -92.63 -75.17 -3.59
CA GLU FB 93 -93.12 -76.18 -4.51
C GLU FB 93 -91.96 -76.68 -5.37
N VAL FB 94 -91.75 -77.99 -5.36
CA VAL FB 94 -90.76 -78.64 -6.20
C VAL FB 94 -91.52 -79.53 -7.18
N PRO FB 95 -91.40 -79.31 -8.48
CA PRO FB 95 -92.11 -80.14 -9.45
C PRO FB 95 -91.35 -81.44 -9.70
N LYS FB 96 -91.88 -82.24 -10.63
CA LYS FB 96 -91.25 -83.51 -10.98
C LYS FB 96 -90.16 -83.25 -12.01
N LEU FB 97 -88.90 -83.34 -11.58
CA LEU FB 97 -87.75 -83.06 -12.42
C LEU FB 97 -86.94 -84.31 -12.67
N LYS FB 98 -86.45 -84.46 -13.88
CA LYS FB 98 -85.49 -85.50 -14.23
C LYS FB 98 -84.15 -84.82 -14.45
N VAL FB 99 -83.24 -84.98 -13.50
CA VAL FB 99 -81.99 -84.22 -13.53
C VAL FB 99 -80.82 -85.18 -13.65
N CYS FB 100 -79.72 -84.65 -14.16
CA CYS FB 100 -78.44 -85.35 -14.18
C CYS FB 100 -77.38 -84.37 -13.70
N ALA FB 101 -76.74 -84.69 -12.58
CA ALA FB 101 -75.80 -83.77 -11.96
C ALA FB 101 -74.53 -84.52 -11.64
N LEU FB 102 -73.44 -83.76 -11.56
CA LEU FB 102 -72.18 -84.33 -11.13
C LEU FB 102 -72.18 -84.56 -9.64
N ARG FB 103 -72.87 -83.68 -8.89
CA ARG FB 103 -73.12 -83.85 -7.47
C ARG FB 103 -74.49 -83.28 -7.14
N VAL FB 104 -75.14 -83.83 -6.13
CA VAL FB 104 -76.38 -83.29 -5.61
C VAL FB 104 -76.26 -83.20 -4.09
N THR FB 105 -76.59 -82.04 -3.54
CA THR FB 105 -76.64 -81.87 -2.09
C THR FB 105 -77.66 -82.82 -1.50
N SER FB 106 -77.40 -83.26 -0.26
CA SER FB 106 -78.28 -84.25 0.37
C SER FB 106 -79.72 -83.75 0.48
N ARG FB 107 -79.90 -82.51 0.93
CA ARG FB 107 -81.26 -81.98 1.08
C ARG FB 107 -81.93 -81.79 -0.27
N ALA FB 108 -81.20 -81.29 -1.25
CA ALA FB 108 -81.76 -81.11 -2.59
C ALA FB 108 -82.16 -82.45 -3.18
N ARG FB 109 -81.34 -83.47 -2.97
CA ARG FB 109 -81.65 -84.81 -3.46
C ARG FB 109 -82.90 -85.35 -2.80
N SER FB 110 -83.02 -85.16 -1.49
CA SER FB 110 -84.22 -85.62 -0.79
C SER FB 110 -85.46 -84.90 -1.30
N ARG FB 111 -85.37 -83.59 -1.54
CA ARG FB 111 -86.52 -82.85 -2.04
C ARG FB 111 -86.90 -83.29 -3.45
N ILE FB 112 -85.91 -83.47 -4.32
CA ILE FB 112 -86.20 -83.89 -5.70
C ILE FB 112 -86.85 -85.26 -5.71
N LEU FB 113 -86.30 -86.19 -4.92
CA LEU FB 113 -86.87 -87.53 -4.89
C LEU FB 113 -88.25 -87.56 -4.25
N ARG FB 114 -88.48 -86.72 -3.23
CA ARG FB 114 -89.79 -86.67 -2.61
C ARG FB 114 -90.84 -86.09 -3.54
N ALA FB 115 -90.45 -85.15 -4.40
CA ALA FB 115 -91.37 -84.60 -5.38
C ALA FB 115 -91.60 -85.53 -6.56
N GLY FB 116 -91.14 -86.78 -6.48
CA GLY FB 116 -91.31 -87.72 -7.58
C GLY FB 116 -90.30 -87.60 -8.69
N GLY FB 117 -89.24 -86.84 -8.48
CA GLY FB 117 -88.25 -86.67 -9.52
C GLY FB 117 -87.26 -87.82 -9.59
N LYS FB 118 -86.36 -87.73 -10.56
CA LYS FB 118 -85.35 -88.74 -10.81
C LYS FB 118 -83.99 -88.07 -10.91
N ILE FB 119 -82.97 -88.73 -10.38
CA ILE FB 119 -81.60 -88.23 -10.39
C ILE FB 119 -80.74 -89.24 -11.13
N LEU FB 120 -79.94 -88.75 -12.06
CA LEU FB 120 -79.01 -89.57 -12.82
C LEU FB 120 -77.59 -89.08 -12.60
N THR FB 121 -76.65 -90.02 -12.67
CA THR FB 121 -75.25 -89.66 -12.82
C THR FB 121 -74.95 -89.54 -14.31
N PHE FB 122 -73.72 -89.17 -14.64
CA PHE FB 122 -73.41 -88.94 -16.04
C PHE FB 122 -73.24 -90.23 -16.83
N ASP FB 123 -72.82 -91.32 -16.19
CA ASP FB 123 -72.84 -92.61 -16.89
C ASP FB 123 -74.26 -93.04 -17.21
N GLN FB 124 -75.18 -92.84 -16.27
CA GLN FB 124 -76.58 -93.14 -16.53
C GLN FB 124 -77.15 -92.23 -17.61
N LEU FB 125 -76.73 -90.97 -17.64
CA LEU FB 125 -77.16 -90.09 -18.73
C LEU FB 125 -76.62 -90.58 -20.06
N ALA FB 126 -75.38 -91.05 -20.09
CA ALA FB 126 -74.82 -91.59 -21.33
C ALA FB 126 -75.61 -92.80 -21.80
N LEU FB 127 -76.00 -93.67 -20.87
CA LEU FB 127 -76.83 -94.81 -21.27
C LEU FB 127 -78.22 -94.37 -21.72
N ASP FB 128 -78.77 -93.32 -21.11
CA ASP FB 128 -80.11 -92.86 -21.45
C ASP FB 128 -80.15 -92.19 -22.81
N SER FB 129 -79.41 -91.09 -22.95
CA SER FB 129 -79.31 -90.35 -24.21
C SER FB 129 -77.84 -90.22 -24.56
N PRO FB 130 -77.30 -91.18 -25.32
CA PRO FB 130 -75.88 -91.11 -25.69
C PRO FB 130 -75.53 -89.89 -26.51
N LYS FB 131 -76.48 -89.34 -27.26
CA LYS FB 131 -76.27 -88.10 -27.99
C LYS FB 131 -76.77 -86.88 -27.24
N GLY FB 132 -77.32 -87.07 -26.05
CA GLY FB 132 -77.84 -85.95 -25.29
C GLY FB 132 -79.13 -85.38 -25.81
N CYS FB 133 -79.90 -86.15 -26.55
CA CYS FB 133 -81.19 -85.69 -27.04
C CYS FB 133 -82.16 -85.52 -25.89
N GLY FB 134 -83.06 -84.55 -26.03
CA GLY FB 134 -84.06 -84.30 -25.01
C GLY FB 134 -83.49 -83.81 -23.70
N THR FB 135 -82.45 -82.99 -23.75
CA THR FB 135 -81.81 -82.46 -22.56
C THR FB 135 -81.77 -80.94 -22.64
N VAL FB 136 -81.79 -80.33 -21.46
CA VAL FB 136 -81.54 -78.91 -21.30
C VAL FB 136 -80.24 -78.78 -20.52
N LEU FB 137 -79.23 -78.23 -21.16
CA LEU FB 137 -77.92 -78.08 -20.56
C LEU FB 137 -77.87 -76.77 -19.81
N LEU FB 138 -77.93 -76.84 -18.48
CA LEU FB 138 -77.95 -75.68 -17.64
C LEU FB 138 -76.56 -75.43 -17.03
N SER FB 139 -76.39 -74.23 -16.51
CA SER FB 139 -75.16 -73.86 -15.82
C SER FB 139 -75.51 -72.90 -14.70
N GLY FB 140 -74.79 -73.02 -13.59
CA GLY FB 140 -74.94 -72.10 -12.50
C GLY FB 140 -74.34 -70.76 -12.87
N PRO FB 141 -74.65 -69.74 -12.09
CA PRO FB 141 -74.10 -68.41 -12.39
C PRO FB 141 -72.59 -68.37 -12.31
N ARG FB 142 -71.94 -68.14 -13.45
CA ARG FB 142 -70.48 -68.15 -13.49
C ARG FB 142 -69.91 -66.98 -12.71
N LYS FB 143 -70.53 -65.82 -12.80
CA LYS FB 143 -70.04 -64.63 -12.13
C LYS FB 143 -70.67 -64.42 -10.77
N GLY FB 144 -71.39 -65.42 -10.26
CA GLY FB 144 -71.91 -65.34 -8.91
C GLY FB 144 -70.87 -65.68 -7.88
N ARG FB 145 -69.81 -64.88 -7.82
CA ARG FB 145 -68.74 -65.08 -6.87
C ARG FB 145 -68.31 -63.73 -6.32
N GLU FB 146 -67.71 -63.75 -5.13
CA GLU FB 146 -67.34 -62.52 -4.46
C GLU FB 146 -66.23 -61.78 -5.20
N VAL FB 147 -65.35 -62.51 -5.88
CA VAL FB 147 -64.20 -61.90 -6.53
C VAL FB 147 -64.62 -60.95 -7.63
N TYR FB 148 -65.77 -61.22 -8.26
CA TYR FB 148 -66.21 -60.38 -9.37
C TYR FB 148 -66.73 -59.03 -8.91
N ARG FB 149 -66.96 -58.87 -7.62
CA ARG FB 149 -67.28 -57.56 -7.08
C ARG FB 149 -66.04 -56.68 -6.98
N HIS FB 150 -64.89 -57.27 -6.71
CA HIS FB 150 -63.64 -56.53 -6.71
C HIS FB 150 -63.05 -56.38 -8.10
N PHE FB 151 -63.38 -57.27 -9.01
CA PHE FB 151 -62.86 -57.15 -10.38
C PHE FB 151 -63.50 -55.97 -11.09
N GLY FB 152 -62.76 -55.43 -12.05
CA GLY FB 152 -63.24 -54.32 -12.86
C GLY FB 152 -62.31 -53.13 -12.78
N LYS FB 153 -62.87 -51.95 -13.03
CA LYS FB 153 -62.10 -50.73 -12.90
C LYS FB 153 -61.73 -50.50 -11.44
N ALA FB 154 -60.63 -49.77 -11.24
CA ALA FB 154 -60.17 -49.51 -9.89
C ALA FB 154 -61.19 -48.65 -9.15
N PRO FB 155 -61.35 -48.87 -7.83
CA PRO FB 155 -62.34 -48.11 -7.07
C PRO FB 155 -62.11 -46.62 -7.07
N GLY FB 156 -60.87 -46.17 -7.14
CA GLY FB 156 -60.57 -44.76 -7.08
C GLY FB 156 -60.57 -44.09 -8.44
N THR FB 157 -61.44 -44.53 -9.32
CA THR FB 157 -61.62 -43.96 -10.64
C THR FB 157 -63.08 -43.58 -10.85
N PRO FB 158 -63.36 -42.58 -11.68
CA PRO FB 158 -64.74 -42.18 -11.91
C PRO FB 158 -65.58 -43.27 -12.55
N HIS FB 159 -66.85 -43.32 -12.15
CA HIS FB 159 -67.84 -44.24 -12.70
C HIS FB 159 -67.42 -45.70 -12.54
N SER FB 160 -66.78 -46.01 -11.41
CA SER FB 160 -66.46 -47.37 -11.05
C SER FB 160 -67.16 -47.70 -9.75
N HIS FB 161 -67.89 -48.82 -9.74
CA HIS FB 161 -68.57 -49.25 -8.54
C HIS FB 161 -68.04 -50.61 -8.10
N THR FB 162 -66.73 -50.76 -8.09
CA THR FB 162 -66.10 -52.02 -7.70
C THR FB 162 -65.73 -51.99 -6.24
N LYS FB 163 -65.88 -53.13 -5.59
CA LYS FB 163 -65.67 -53.20 -4.16
C LYS FB 163 -64.18 -53.16 -3.85
N PRO FB 164 -63.72 -52.25 -2.99
CA PRO FB 164 -62.32 -52.25 -2.59
C PRO FB 164 -62.03 -53.35 -1.58
N TYR FB 165 -60.74 -53.66 -1.46
CA TYR FB 165 -60.27 -54.62 -0.46
C TYR FB 165 -60.02 -53.85 0.83
N VAL FB 166 -60.92 -53.99 1.79
CA VAL FB 166 -60.80 -53.32 3.07
C VAL FB 166 -60.92 -54.38 4.15
N ARG FB 167 -60.07 -54.30 5.18
CA ARG FB 167 -60.07 -55.33 6.22
C ARG FB 167 -61.35 -55.29 7.04
N SER FB 168 -61.86 -54.09 7.35
CA SER FB 168 -63.04 -53.93 8.16
C SER FB 168 -63.96 -52.93 7.50
N LYS FB 169 -65.27 -53.08 7.72
CA LYS FB 169 -66.25 -52.18 7.15
C LYS FB 169 -66.80 -51.29 8.26
N GLY FB 170 -66.64 -49.98 8.10
CA GLY FB 170 -67.12 -49.04 9.08
C GLY FB 170 -66.83 -47.63 8.62
N ARG FB 171 -67.28 -46.66 9.40
CA ARG FB 171 -67.15 -45.28 8.96
C ARG FB 171 -65.70 -44.79 9.03
N LYS FB 172 -64.80 -45.54 9.64
CA LYS FB 172 -63.41 -45.16 9.74
C LYS FB 172 -62.54 -45.78 8.67
N PHE FB 173 -63.08 -46.67 7.84
CA PHE FB 173 -62.29 -47.47 6.93
C PHE FB 173 -62.61 -47.08 5.50
N GLU FB 174 -61.78 -46.19 4.94
CA GLU FB 174 -61.82 -45.80 3.54
C GLU FB 174 -63.17 -45.19 3.17
N ARG FB 175 -63.46 -44.06 3.81
CA ARG FB 175 -64.67 -43.31 3.50
C ARG FB 175 -64.46 -41.80 3.41
N ALA FB 176 -63.25 -41.29 3.64
CA ALA FB 176 -63.13 -39.84 3.72
C ALA FB 176 -62.66 -39.16 2.43
N ARG FB 177 -61.42 -39.36 2.03
CA ARG FB 177 -60.81 -38.51 1.00
C ARG FB 177 -60.71 -39.27 -0.30
N GLY FB 178 -61.40 -38.78 -1.32
CA GLY FB 178 -61.66 -39.56 -2.50
C GLY FB 178 -63.01 -40.21 -2.52
N ARG FB 179 -63.79 -40.07 -1.45
CA ARG FB 179 -65.11 -40.65 -1.36
C ARG FB 179 -66.22 -39.63 -1.19
N ARG FB 180 -65.93 -38.45 -0.67
CA ARG FB 180 -66.93 -37.40 -0.53
C ARG FB 180 -66.29 -36.07 -0.86
N ALA FB 181 -67.11 -35.17 -1.41
CA ALA FB 181 -66.60 -33.87 -1.84
C ALA FB 181 -66.13 -33.01 -0.68
N SER FB 182 -66.59 -33.29 0.53
CA SER FB 182 -66.15 -32.52 1.70
C SER FB 182 -64.69 -32.79 2.02
N ARG FB 183 -64.21 -34.01 1.76
CA ARG FB 183 -62.81 -34.36 2.00
C ARG FB 183 -62.06 -34.42 0.66
N GLY FB 184 -61.75 -33.26 0.12
CA GLY FB 184 -60.92 -33.18 -1.05
C GLY FB 184 -61.65 -33.35 -2.37
N TYR FB 185 -62.00 -34.59 -2.70
CA TYR FB 185 -62.64 -34.88 -3.98
C TYR FB 185 -63.46 -36.13 -3.81
N LYS FB 186 -64.29 -36.42 -4.81
CA LYS FB 186 -65.16 -37.58 -4.74
C LYS FB 186 -65.00 -38.56 -5.89
N ASN FB 187 -64.82 -38.06 -7.12
CA ASN FB 187 -64.93 -38.81 -8.39
C ASN FB 187 -65.84 -40.04 -8.39
N LYS GB 1 -30.04 -46.79 -65.34
CA LYS GB 1 -29.97 -47.73 -66.45
C LYS GB 1 -28.60 -48.38 -66.53
N ALA GB 2 -28.57 -49.70 -66.55
CA ALA GB 2 -27.34 -50.45 -66.77
C ALA GB 2 -27.21 -50.73 -68.27
N SER GB 3 -26.39 -51.69 -68.65
CA SER GB 3 -26.17 -51.94 -70.07
C SER GB 3 -25.88 -53.42 -70.28
N GLY GB 4 -25.25 -53.73 -71.42
CA GLY GB 4 -25.06 -55.06 -71.95
C GLY GB 4 -24.58 -54.86 -73.37
N THR GB 5 -25.24 -55.46 -74.34
CA THR GB 5 -25.19 -54.96 -75.72
C THR GB 5 -26.55 -54.35 -76.04
N LEU GB 6 -26.56 -53.10 -76.45
CA LEU GB 6 -27.81 -52.39 -76.59
C LEU GB 6 -28.50 -52.77 -77.88
N ARG GB 7 -29.80 -52.48 -77.94
CA ARG GB 7 -30.58 -52.70 -79.14
C ARG GB 7 -31.62 -51.60 -79.24
N GLU GB 8 -31.84 -51.12 -80.46
CA GLU GB 8 -32.72 -49.99 -80.69
C GLU GB 8 -34.17 -50.42 -80.62
N TYR GB 9 -35.01 -49.56 -80.05
CA TYR GB 9 -36.43 -49.82 -79.94
C TYR GB 9 -37.18 -48.62 -80.47
N LYS GB 10 -38.21 -48.89 -81.25
CA LYS GB 10 -39.21 -47.90 -81.63
C LYS GB 10 -40.32 -48.02 -80.60
N VAL GB 11 -40.51 -46.97 -79.82
CA VAL GB 11 -41.55 -46.93 -78.80
C VAL GB 11 -42.53 -45.83 -79.16
N VAL GB 12 -43.80 -46.19 -79.35
CA VAL GB 12 -44.86 -45.25 -79.65
C VAL GB 12 -45.85 -45.27 -78.50
N GLY GB 13 -46.16 -44.09 -77.98
CA GLY GB 13 -47.10 -43.97 -76.89
C GLY GB 13 -48.05 -42.80 -77.12
N ARG GB 14 -48.99 -42.65 -76.20
CA ARG GB 14 -49.94 -41.54 -76.25
C ARG GB 14 -50.62 -41.40 -74.91
N CYS GB 15 -51.21 -40.23 -74.68
CA CYS GB 15 -52.03 -40.04 -73.51
C CYS GB 15 -53.30 -40.88 -73.60
N LEU GB 16 -53.91 -41.13 -72.45
CA LEU GB 16 -55.18 -41.82 -72.46
C LEU GB 16 -56.27 -40.88 -72.95
N PRO GB 17 -57.24 -41.39 -73.72
CA PRO GB 17 -58.32 -40.53 -74.21
C PRO GB 17 -59.15 -39.99 -73.05
N THR GB 18 -59.41 -38.70 -73.08
CA THR GB 18 -60.15 -37.99 -72.06
C THR GB 18 -61.22 -37.14 -72.73
N PRO GB 19 -62.29 -36.79 -72.03
CA PRO GB 19 -63.33 -35.96 -72.66
C PRO GB 19 -62.95 -34.50 -72.77
N LYS GB 20 -61.71 -34.23 -73.16
CA LYS GB 20 -61.26 -32.90 -73.55
C LYS GB 20 -60.56 -33.03 -74.90
N CYS GB 21 -59.95 -34.19 -75.12
CA CYS GB 21 -59.42 -34.58 -76.43
C CYS GB 21 -59.61 -36.08 -76.56
N HIS GB 22 -60.52 -36.49 -77.44
CA HIS GB 22 -60.88 -37.89 -77.55
C HIS GB 22 -59.85 -38.69 -78.33
N THR GB 23 -59.01 -38.03 -79.13
CA THR GB 23 -57.97 -38.70 -79.91
C THR GB 23 -56.66 -37.96 -79.65
N PRO GB 24 -55.98 -38.28 -78.56
CA PRO GB 24 -54.72 -37.61 -78.25
C PRO GB 24 -53.65 -38.01 -79.25
N PRO GB 25 -52.66 -37.14 -79.47
CA PRO GB 25 -51.63 -37.44 -80.48
C PRO GB 25 -50.71 -38.57 -80.05
N LEU GB 26 -50.12 -39.21 -81.05
CA LEU GB 26 -49.19 -40.30 -80.84
C LEU GB 26 -47.76 -39.78 -80.97
N TYR GB 27 -46.90 -40.19 -80.06
CA TYR GB 27 -45.50 -39.80 -80.07
C TYR GB 27 -44.62 -41.02 -80.22
N ARG GB 28 -43.57 -40.89 -81.02
CA ARG GB 28 -42.64 -41.97 -81.30
C ARG GB 28 -41.25 -41.58 -80.84
N MET GB 29 -40.51 -42.55 -80.31
CA MET GB 29 -39.15 -42.33 -79.86
C MET GB 29 -38.27 -43.51 -80.24
N ARG GB 30 -37.00 -43.22 -80.43
CA ARG GB 30 -35.96 -44.24 -80.55
C ARG GB 30 -35.27 -44.36 -79.20
N ILE GB 31 -35.30 -45.55 -78.62
CA ILE GB 31 -34.73 -45.80 -77.30
C ILE GB 31 -33.72 -46.92 -77.42
N PHE GB 32 -32.50 -46.67 -76.98
CA PHE GB 32 -31.45 -47.69 -76.97
C PHE GB 32 -31.36 -48.25 -75.56
N ALA GB 33 -31.84 -49.46 -75.37
CA ALA GB 33 -31.98 -50.06 -74.05
C ALA GB 33 -31.57 -51.53 -74.12
N PRO GB 34 -31.20 -52.12 -72.99
CA PRO GB 34 -30.92 -53.57 -72.98
C PRO GB 34 -32.11 -54.43 -73.35
N ASN GB 35 -33.31 -54.03 -72.96
CA ASN GB 35 -34.50 -54.82 -73.25
C ASN GB 35 -35.72 -53.91 -73.27
N HIS GB 36 -36.87 -54.51 -73.59
CA HIS GB 36 -38.07 -53.71 -73.83
C HIS GB 36 -38.62 -53.10 -72.55
N VAL GB 37 -38.39 -53.74 -71.40
CA VAL GB 37 -38.84 -53.14 -70.14
C VAL GB 37 -38.10 -51.84 -69.88
N VAL GB 38 -36.78 -51.85 -70.00
CA VAL GB 38 -36.00 -50.63 -69.85
C VAL GB 38 -36.37 -49.64 -70.96
N ALA GB 39 -36.69 -50.14 -72.15
CA ALA GB 39 -37.08 -49.26 -73.23
C ALA GB 39 -38.35 -48.49 -72.88
N LYS GB 40 -39.35 -49.17 -72.34
CA LYS GB 40 -40.58 -48.50 -71.97
C LYS GB 40 -40.36 -47.53 -70.80
N SER GB 41 -39.53 -47.92 -69.84
CA SER GB 41 -39.21 -47.00 -68.75
C SER GB 41 -38.53 -45.74 -69.26
N ARG GB 42 -37.58 -45.87 -70.17
CA ARG GB 42 -36.91 -44.70 -70.71
C ARG GB 42 -37.83 -43.86 -71.59
N PHE GB 43 -38.76 -44.52 -72.30
CA PHE GB 43 -39.73 -43.74 -73.08
C PHE GB 43 -40.56 -42.86 -72.17
N TRP GB 44 -41.03 -43.40 -71.05
CA TRP GB 44 -41.77 -42.55 -70.12
C TRP GB 44 -40.89 -41.48 -69.53
N TYR GB 45 -39.63 -41.78 -69.23
CA TYR GB 45 -38.71 -40.77 -68.72
C TYR GB 45 -38.56 -39.61 -69.70
N PHE GB 46 -38.49 -39.89 -70.99
CA PHE GB 46 -38.28 -38.81 -71.95
C PHE GB 46 -39.54 -38.05 -72.30
N VAL GB 47 -40.69 -38.74 -72.43
CA VAL GB 47 -41.90 -38.00 -72.72
C VAL GB 47 -42.38 -37.23 -71.51
N SER GB 48 -42.03 -37.64 -70.29
CA SER GB 48 -42.35 -36.83 -69.13
C SER GB 48 -41.60 -35.52 -69.15
N GLN GB 49 -40.36 -35.51 -69.65
CA GLN GB 49 -39.60 -34.29 -69.79
C GLN GB 49 -40.15 -33.42 -70.92
N LEU GB 50 -40.45 -34.03 -72.07
CA LEU GB 50 -40.84 -33.24 -73.23
C LEU GB 50 -42.29 -32.77 -73.15
N LYS GB 51 -43.23 -33.70 -73.10
CA LYS GB 51 -44.63 -33.37 -72.95
C LYS GB 51 -45.03 -33.49 -71.49
N LYS GB 52 -46.26 -33.10 -71.20
CA LYS GB 52 -46.79 -33.28 -69.85
C LYS GB 52 -47.51 -34.62 -69.74
N MET GB 53 -46.72 -35.68 -69.90
CA MET GB 53 -47.22 -37.03 -69.93
C MET GB 53 -46.62 -37.84 -68.79
N LYS GB 54 -47.41 -38.74 -68.24
CA LYS GB 54 -46.97 -39.64 -67.20
C LYS GB 54 -47.42 -41.05 -67.55
N LYS GB 55 -46.71 -42.04 -66.98
CA LYS GB 55 -47.01 -43.43 -67.28
C LYS GB 55 -48.43 -43.79 -66.88
N SER GB 56 -48.91 -43.22 -65.78
CA SER GB 56 -50.27 -43.50 -65.33
C SER GB 56 -51.31 -42.77 -66.16
N SER GB 57 -50.99 -41.59 -66.67
CA SER GB 57 -51.93 -40.82 -67.48
C SER GB 57 -51.86 -41.17 -68.96
N GLY GB 58 -50.97 -42.08 -69.35
CA GLY GB 58 -50.82 -42.45 -70.73
C GLY GB 58 -50.65 -43.94 -70.91
N GLU GB 59 -50.23 -44.34 -72.11
CA GLU GB 59 -50.03 -45.75 -72.44
C GLU GB 59 -49.08 -45.85 -73.61
N ILE GB 60 -48.53 -47.04 -73.78
CA ILE GB 60 -47.62 -47.34 -74.89
C ILE GB 60 -48.37 -48.22 -75.87
N VAL GB 61 -48.58 -47.70 -77.07
CA VAL GB 61 -49.30 -48.45 -78.09
C VAL GB 61 -48.38 -49.37 -78.89
N TYR GB 62 -47.08 -49.12 -78.89
CA TYR GB 62 -46.18 -50.01 -79.61
C TYR GB 62 -44.80 -49.95 -79.01
N CYS GB 63 -44.11 -51.09 -78.98
CA CYS GB 63 -42.71 -51.13 -78.59
C CYS GB 63 -42.09 -52.31 -79.33
N GLY GB 64 -41.36 -52.01 -80.39
CA GLY GB 64 -40.76 -53.05 -81.21
C GLY GB 64 -39.31 -52.77 -81.50
N GLN GB 65 -38.52 -53.83 -81.53
CA GLN GB 65 -37.10 -53.66 -81.81
C GLN GB 65 -36.89 -53.26 -83.26
N VAL GB 66 -35.95 -52.35 -83.47
CA VAL GB 66 -35.61 -51.85 -84.79
C VAL GB 66 -34.35 -52.57 -85.25
N PHE GB 67 -34.51 -53.48 -86.19
CA PHE GB 67 -33.37 -54.20 -86.74
C PHE GB 67 -32.55 -53.27 -87.62
N GLU GB 68 -31.24 -53.51 -87.64
CA GLU GB 68 -30.37 -52.72 -88.49
C GLU GB 68 -30.68 -53.00 -89.94
N LYS GB 69 -30.87 -51.94 -90.73
CA LYS GB 69 -31.25 -52.10 -92.12
C LYS GB 69 -30.08 -52.44 -93.02
N SER GB 70 -28.86 -52.38 -92.53
CA SER GB 70 -27.71 -52.81 -93.31
C SER GB 70 -26.58 -53.23 -92.37
N PRO GB 71 -26.70 -54.36 -91.70
CA PRO GB 71 -25.65 -54.80 -90.76
C PRO GB 71 -24.40 -55.34 -91.42
N LEU GB 72 -24.34 -55.38 -92.75
CA LEU GB 72 -23.15 -55.85 -93.45
C LEU GB 72 -22.34 -54.71 -94.04
N ARG GB 73 -22.64 -53.47 -93.66
CA ARG GB 73 -21.99 -52.31 -94.25
C ARG GB 73 -21.35 -51.48 -93.15
N VAL GB 74 -20.04 -51.24 -93.28
CA VAL GB 74 -19.35 -50.34 -92.36
C VAL GB 74 -19.84 -48.93 -92.61
N LYS GB 75 -20.20 -48.23 -91.55
CA LYS GB 75 -20.67 -46.87 -91.71
C LYS GB 75 -20.31 -46.04 -90.49
N ASN GB 76 -20.35 -44.73 -90.69
CA ASN GB 76 -19.97 -43.76 -89.67
C ASN GB 76 -21.23 -43.22 -89.00
N PHE GB 77 -21.24 -43.23 -87.67
CA PHE GB 77 -22.36 -42.75 -86.89
C PHE GB 77 -21.94 -41.52 -86.12
N GLY GB 78 -22.71 -40.44 -86.26
CA GLY GB 78 -22.57 -39.27 -85.43
C GLY GB 78 -23.66 -39.26 -84.37
N ILE GB 79 -23.26 -39.11 -83.12
CA ILE GB 79 -24.17 -39.17 -81.99
C ILE GB 79 -24.10 -37.83 -81.27
N TRP GB 80 -25.24 -37.14 -81.21
CA TRP GB 80 -25.41 -35.96 -80.38
C TRP GB 80 -26.05 -36.38 -79.08
N LEU GB 81 -25.45 -35.97 -77.97
CA LEU GB 81 -25.95 -36.36 -76.66
C LEU GB 81 -25.70 -35.22 -75.68
N ARG GB 82 -26.29 -35.37 -74.50
CA ARG GB 82 -26.00 -34.51 -73.37
C ARG GB 82 -25.79 -35.39 -72.15
N TYR GB 83 -24.88 -34.99 -71.28
CA TYR GB 83 -24.62 -35.77 -70.08
C TYR GB 83 -24.29 -34.83 -68.94
N ASP GB 84 -24.51 -35.32 -67.73
CA ASP GB 84 -24.22 -34.57 -66.52
C ASP GB 84 -22.81 -34.95 -66.04
N SER GB 85 -21.94 -33.97 -65.94
CA SER GB 85 -20.63 -34.18 -65.38
C SER GB 85 -20.70 -33.97 -63.87
N ARG GB 86 -19.56 -33.97 -63.20
CA ARG GB 86 -19.56 -33.70 -61.76
C ARG GB 86 -19.86 -32.25 -61.46
N SER GB 87 -19.73 -31.36 -62.43
CA SER GB 87 -19.88 -29.94 -62.16
C SER GB 87 -20.67 -29.23 -63.25
N GLY GB 88 -21.63 -29.90 -63.87
CA GLY GB 88 -22.47 -29.26 -64.85
C GLY GB 88 -22.95 -30.25 -65.89
N THR GB 89 -23.58 -29.70 -66.92
CA THR GB 89 -24.14 -30.46 -68.03
C THR GB 89 -23.54 -29.95 -69.33
N HIS GB 90 -23.23 -30.87 -70.23
CA HIS GB 90 -22.59 -30.53 -71.48
C HIS GB 90 -23.26 -31.25 -72.62
N ASN GB 91 -23.26 -30.62 -73.79
CA ASN GB 91 -23.67 -31.25 -75.04
C ASN GB 91 -22.44 -31.70 -75.80
N MET GB 92 -22.49 -32.91 -76.33
CA MET GB 92 -21.35 -33.52 -77.01
C MET GB 92 -21.80 -34.10 -78.34
N TYR GB 93 -20.90 -34.05 -79.30
CA TYR GB 93 -21.05 -34.75 -80.58
C TYR GB 93 -19.86 -35.69 -80.71
N ARG GB 94 -20.15 -36.98 -80.89
CA ARG GB 94 -19.11 -38.00 -81.02
C ARG GB 94 -19.33 -38.78 -82.31
N GLU GB 95 -18.28 -39.44 -82.77
CA GLU GB 95 -18.34 -40.21 -84.00
C GLU GB 95 -17.79 -41.60 -83.76
N TYR GB 96 -18.39 -42.59 -84.41
CA TYR GB 96 -17.96 -43.97 -84.30
C TYR GB 96 -18.11 -44.65 -85.65
N ARG GB 97 -17.40 -45.76 -85.81
CA ARG GB 97 -17.56 -46.62 -86.98
C ARG GB 97 -18.16 -47.94 -86.53
N ASP GB 98 -19.21 -48.38 -87.20
CA ASP GB 98 -19.79 -49.66 -86.85
C ASP GB 98 -20.67 -50.17 -87.99
N LEU GB 99 -21.16 -51.39 -87.81
CA LEU GB 99 -22.14 -51.97 -88.70
C LEU GB 99 -23.57 -51.71 -88.26
N THR GB 100 -23.81 -51.63 -86.95
CA THR GB 100 -25.15 -51.46 -86.41
C THR GB 100 -25.23 -50.19 -85.58
N THR GB 101 -26.39 -49.54 -85.67
CA THR GB 101 -26.62 -48.31 -84.92
C THR GB 101 -26.55 -48.56 -83.42
N ALA GB 102 -27.17 -49.64 -82.96
CA ALA GB 102 -27.11 -50.00 -81.56
C ALA GB 102 -25.69 -50.33 -81.12
N GLY GB 103 -24.90 -50.95 -82.00
CA GLY GB 103 -23.50 -51.16 -81.69
C GLY GB 103 -22.74 -49.86 -81.52
N ALA GB 104 -23.02 -48.88 -82.37
CA ALA GB 104 -22.38 -47.57 -82.23
C ALA GB 104 -22.79 -46.90 -80.93
N VAL GB 105 -24.06 -47.02 -80.56
CA VAL GB 105 -24.52 -46.39 -79.33
C VAL GB 105 -23.92 -47.08 -78.11
N THR GB 106 -23.76 -48.40 -78.17
CA THR GB 106 -23.07 -49.11 -77.10
C THR GB 106 -21.61 -48.66 -77.02
N GLN GB 107 -20.96 -48.50 -78.17
CA GLN GB 107 -19.61 -47.94 -78.19
C GLN GB 107 -19.59 -46.59 -77.51
N CYS GB 108 -20.60 -45.77 -77.76
CA CYS GB 108 -20.66 -44.43 -77.16
C CYS GB 108 -20.79 -44.52 -75.66
N TYR GB 109 -21.62 -45.43 -75.16
CA TYR GB 109 -21.77 -45.56 -73.71
C TYR GB 109 -20.47 -46.02 -73.07
N ARG GB 110 -19.82 -47.02 -73.65
CA ARG GB 110 -18.53 -47.47 -73.13
C ARG GB 110 -17.50 -46.35 -73.18
N ASP GB 111 -17.46 -45.60 -74.28
CA ASP GB 111 -16.48 -44.53 -74.45
C ASP GB 111 -16.72 -43.39 -73.47
N MET GB 112 -17.97 -43.02 -73.25
CA MET GB 112 -18.28 -41.97 -72.29
C MET GB 112 -17.91 -42.39 -70.89
N GLY GB 113 -18.18 -43.65 -70.53
CA GLY GB 113 -17.72 -44.16 -69.25
C GLY GB 113 -16.22 -44.19 -69.14
N ALA GB 114 -15.53 -44.49 -70.24
CA ALA GB 114 -14.08 -44.64 -70.22
C ALA GB 114 -13.38 -43.30 -70.11
N ARG GB 115 -13.87 -42.30 -70.83
CA ARG GB 115 -13.19 -41.02 -70.93
C ARG GB 115 -13.69 -39.99 -69.94
N HIS GB 116 -14.99 -39.93 -69.69
CA HIS GB 116 -15.57 -38.88 -68.87
C HIS GB 116 -16.15 -39.39 -67.57
N ARG GB 117 -15.95 -40.67 -67.26
CA ARG GB 117 -16.50 -41.32 -66.07
C ARG GB 117 -18.01 -41.19 -65.99
N ALA GB 118 -18.67 -40.94 -67.12
CA ALA GB 118 -20.10 -40.71 -67.13
C ALA GB 118 -20.83 -42.04 -67.08
N ARG GB 119 -21.90 -42.09 -66.30
CA ARG GB 119 -22.69 -43.30 -66.18
C ARG GB 119 -23.92 -43.19 -67.08
N ALA GB 120 -24.52 -44.36 -67.35
CA ALA GB 120 -25.60 -44.41 -68.32
C ALA GB 120 -26.83 -43.62 -67.88
N HIS GB 121 -27.02 -43.43 -66.57
CA HIS GB 121 -28.10 -42.55 -66.13
C HIS GB 121 -27.78 -41.09 -66.35
N SER GB 122 -26.50 -40.72 -66.39
CA SER GB 122 -26.12 -39.37 -66.75
C SER GB 122 -26.28 -39.12 -68.24
N ILE GB 123 -25.88 -40.09 -69.06
CA ILE GB 123 -25.88 -39.90 -70.51
C ILE GB 123 -27.31 -39.87 -71.02
N GLN GB 124 -27.56 -39.00 -72.00
CA GLN GB 124 -28.90 -38.77 -72.56
C GLN GB 124 -28.74 -38.61 -74.07
N ILE GB 125 -28.92 -39.69 -74.82
CA ILE GB 125 -28.72 -39.65 -76.26
C ILE GB 125 -29.90 -38.93 -76.89
N MET GB 126 -29.61 -37.89 -77.67
CA MET GB 126 -30.67 -37.11 -78.28
C MET GB 126 -30.74 -37.22 -79.80
N LYS GB 127 -29.67 -37.63 -80.48
CA LYS GB 127 -29.79 -37.86 -81.91
C LYS GB 127 -28.68 -38.80 -82.37
N VAL GB 128 -29.02 -39.74 -83.23
CA VAL GB 128 -28.04 -40.63 -83.85
C VAL GB 128 -28.28 -40.59 -85.35
N GLU GB 129 -27.24 -40.31 -86.11
CA GLU GB 129 -27.34 -40.21 -87.56
C GLU GB 129 -26.20 -40.98 -88.20
N GLU GB 130 -26.43 -41.47 -89.41
CA GLU GB 130 -25.40 -42.09 -90.21
C GLU GB 130 -24.84 -41.02 -91.16
N ILE GB 131 -23.61 -40.63 -90.91
CA ILE GB 131 -22.99 -39.53 -91.64
C ILE GB 131 -22.06 -40.08 -92.70
N ALA GB 132 -21.89 -39.31 -93.77
CA ALA GB 132 -20.98 -39.69 -94.84
C ALA GB 132 -19.54 -39.46 -94.41
N ALA GB 133 -18.63 -40.19 -95.05
CA ALA GB 133 -17.22 -40.10 -94.70
C ALA GB 133 -16.65 -38.71 -94.97
N SER GB 134 -17.22 -37.99 -95.93
CA SER GB 134 -16.82 -36.62 -96.19
C SER GB 134 -17.35 -35.64 -95.15
N LYS GB 135 -18.27 -36.07 -94.30
CA LYS GB 135 -18.84 -35.22 -93.26
C LYS GB 135 -18.31 -35.55 -91.87
N CYS GB 136 -17.33 -36.42 -91.76
CA CYS GB 136 -16.79 -36.79 -90.47
C CYS GB 136 -15.83 -35.73 -89.96
N ARG GB 137 -15.84 -35.50 -88.65
CA ARG GB 137 -15.00 -34.48 -88.04
C ARG GB 137 -13.95 -35.03 -87.08
N ARG GB 138 -14.09 -36.27 -86.63
CA ARG GB 138 -13.16 -36.83 -85.67
C ARG GB 138 -12.03 -37.53 -86.39
N PRO GB 139 -10.76 -37.15 -86.15
CA PRO GB 139 -9.66 -37.75 -86.90
C PRO GB 139 -9.52 -39.25 -86.72
N ALA GB 140 -9.88 -39.78 -85.55
CA ALA GB 140 -9.82 -41.21 -85.33
C ALA GB 140 -10.75 -41.96 -86.28
N VAL GB 141 -11.95 -41.42 -86.49
CA VAL GB 141 -12.87 -42.00 -87.46
C VAL GB 141 -12.37 -41.74 -88.89
N LYS GB 142 -11.81 -40.55 -89.13
CA LYS GB 142 -11.42 -40.17 -90.48
C LYS GB 142 -10.26 -40.98 -91.00
N GLN GB 143 -9.35 -41.43 -90.13
CA GLN GB 143 -8.16 -42.13 -90.60
C GLN GB 143 -8.47 -43.48 -91.22
N PHE GB 144 -9.68 -44.00 -91.05
CA PHE GB 144 -10.07 -45.26 -91.66
C PHE GB 144 -10.78 -45.06 -93.00
N HIS GB 145 -10.94 -43.82 -93.44
CA HIS GB 145 -11.48 -43.54 -94.77
C HIS GB 145 -10.34 -43.53 -95.77
N ASP GB 146 -9.80 -44.73 -96.00
CA ASP GB 146 -8.71 -44.93 -96.95
C ASP GB 146 -9.02 -46.19 -97.74
N SER GB 147 -9.20 -46.05 -99.05
CA SER GB 147 -9.50 -47.21 -99.88
C SER GB 147 -8.33 -48.18 -99.95
N LYS GB 148 -7.10 -47.68 -99.80
CA LYS GB 148 -5.90 -48.48 -99.79
C LYS GB 148 -5.35 -48.65 -98.38
N ILE GB 149 -6.24 -48.84 -97.40
CA ILE GB 149 -5.81 -48.96 -96.02
C ILE GB 149 -4.97 -50.21 -95.85
N LYS GB 150 -3.91 -50.10 -95.06
CA LYS GB 150 -2.93 -51.15 -94.92
C LYS GB 150 -2.13 -50.90 -93.64
N PHE GB 151 -2.08 -51.90 -92.77
CA PHE GB 151 -1.26 -51.81 -91.57
C PHE GB 151 -0.95 -53.20 -91.08
N PRO GB 152 0.17 -53.40 -90.38
CA PRO GB 152 0.46 -54.71 -89.80
C PRO GB 152 -0.11 -54.84 -88.41
N LEU GB 153 0.19 -55.97 -87.75
CA LEU GB 153 -0.11 -56.14 -86.34
C LEU GB 153 1.23 -56.30 -85.62
N PRO GB 154 1.78 -55.22 -85.06
CA PRO GB 154 3.23 -55.21 -84.79
C PRO GB 154 3.68 -56.07 -83.63
N HIS GB 155 3.00 -56.00 -82.49
CA HIS GB 155 3.50 -56.59 -81.25
C HIS GB 155 2.41 -57.50 -80.69
N ARG GB 156 2.35 -58.72 -81.20
CA ARG GB 156 1.30 -59.66 -80.84
C ARG GB 156 1.61 -60.23 -79.46
N VAL GB 157 0.81 -59.87 -78.47
CA VAL GB 157 1.00 -60.34 -77.11
C VAL GB 157 0.42 -61.74 -76.99
N LEU GB 158 1.15 -62.64 -76.33
CA LEU GB 158 0.65 -63.99 -76.12
C LEU GB 158 -0.52 -63.99 -75.16
N ARG GB 159 -1.62 -64.59 -75.58
CA ARG GB 159 -2.82 -64.62 -74.75
C ARG GB 159 -3.04 -65.96 -74.05
N ARG GB 160 -2.49 -67.05 -74.57
CA ARG GB 160 -2.52 -68.33 -73.88
C ARG GB 160 -1.28 -68.47 -73.01
N GLN GB 161 -1.20 -67.60 -72.00
CA GLN GB 161 -0.06 -67.62 -71.08
C GLN GB 161 -0.11 -68.76 -70.09
N HIS GB 162 -1.21 -69.51 -70.04
CA HIS GB 162 -1.33 -70.61 -69.11
C HIS GB 162 -1.53 -71.95 -69.78
N LYS GB 163 -1.47 -72.00 -71.11
CA LYS GB 163 -1.56 -73.24 -71.87
C LYS GB 163 -0.39 -73.29 -72.84
N PRO GB 164 0.76 -73.81 -72.42
CA PRO GB 164 1.11 -74.36 -71.11
C PRO GB 164 1.53 -73.29 -70.11
N ARG GB 165 1.39 -73.57 -68.81
CA ARG GB 165 1.85 -72.60 -67.82
C ARG GB 165 3.36 -72.57 -67.72
N PHE GB 166 4.02 -73.71 -67.92
CA PHE GB 166 5.48 -73.80 -67.89
C PHE GB 166 5.96 -74.39 -69.21
N THR GB 167 7.01 -73.80 -69.77
CA THR GB 167 7.52 -74.23 -71.06
C THR GB 167 8.98 -73.85 -71.16
N THR GB 168 9.68 -74.49 -72.10
CA THR GB 168 11.09 -74.20 -72.29
C THR GB 168 11.33 -73.07 -73.28
N LYS GB 169 10.42 -72.85 -74.22
CA LYS GB 169 10.60 -71.83 -75.24
C LYS GB 169 9.94 -70.53 -74.79
N ARG GB 170 10.65 -69.43 -74.99
CA ARG GB 170 10.04 -68.14 -74.73
C ARG GB 170 9.20 -67.72 -75.93
N PRO GB 171 8.05 -67.08 -75.69
CA PRO GB 171 7.11 -66.82 -76.78
C PRO GB 171 7.66 -65.84 -77.81
N ASN GB 172 7.20 -66.03 -79.04
CA ASN GB 172 7.53 -65.13 -80.13
C ASN GB 172 6.47 -64.06 -80.26
N THR GB 173 6.91 -62.84 -80.56
CA THR GB 173 6.01 -61.70 -80.74
C THR GB 173 5.85 -61.31 -82.20
N PHE GB 174 6.90 -61.39 -83.00
CA PHE GB 174 6.81 -61.05 -84.41
C PHE GB 174 6.08 -62.15 -85.17
N PHE GB 175 5.13 -61.76 -86.01
CA PHE GB 175 4.41 -62.70 -86.85
C PHE GB 175 4.23 -62.15 -88.26
N THR HB 1 -41.55 -29.02 -22.00
CA THR HB 1 -41.42 -27.58 -21.89
C THR HB 1 -42.59 -26.88 -22.57
N ASN HB 2 -43.41 -27.64 -23.26
CA ASN HB 2 -44.58 -27.08 -23.93
C ASN HB 2 -45.67 -26.81 -22.90
N THR HB 3 -46.36 -25.67 -23.07
CA THR HB 3 -47.45 -25.37 -22.18
C THR HB 3 -48.63 -26.30 -22.46
N LYS HB 4 -49.49 -26.47 -21.45
CA LYS HB 4 -50.68 -27.28 -21.58
C LYS HB 4 -51.90 -26.46 -21.91
N GLY HB 5 -51.73 -25.29 -22.54
CA GLY HB 5 -52.85 -24.41 -22.80
C GLY HB 5 -53.83 -25.04 -23.78
N LYS HB 6 -55.10 -24.68 -23.62
CA LYS HB 6 -56.14 -25.33 -24.42
C LYS HB 6 -56.06 -24.95 -25.88
N ARG HB 7 -55.48 -23.81 -26.19
CA ARG HB 7 -55.44 -23.31 -27.56
C ARG HB 7 -54.01 -23.01 -27.99
N ARG HB 8 -53.07 -23.88 -27.64
CA ARG HB 8 -51.69 -23.73 -28.06
C ARG HB 8 -51.49 -24.38 -29.41
N GLY HB 9 -50.99 -23.62 -30.37
CA GLY HB 9 -50.79 -24.12 -31.71
C GLY HB 9 -52.00 -24.03 -32.61
N THR HB 10 -53.05 -23.34 -32.19
CA THR HB 10 -54.28 -23.21 -32.96
C THR HB 10 -54.33 -21.90 -33.73
N ARG HB 11 -53.17 -21.25 -33.90
CA ARG HB 11 -53.12 -19.91 -34.48
C ARG HB 11 -53.70 -19.89 -35.89
N TYR HB 12 -53.35 -20.87 -36.71
CA TYR HB 12 -53.99 -21.01 -38.01
C TYR HB 12 -55.15 -22.00 -37.98
N MET HB 13 -55.19 -22.90 -37.00
CA MET HB 13 -56.25 -23.89 -36.96
C MET HB 13 -57.61 -23.24 -36.78
N PHE HB 14 -57.72 -22.27 -35.88
CA PHE HB 14 -59.00 -21.63 -35.63
C PHE HB 14 -59.15 -20.29 -36.34
N SER HB 15 -58.15 -19.86 -37.09
CA SER HB 15 -58.27 -18.63 -37.84
C SER HB 15 -59.22 -18.80 -39.02
N ARG HB 16 -59.91 -17.72 -39.34
CA ARG HB 16 -60.84 -17.73 -40.46
C ARG HB 16 -60.08 -17.80 -41.79
N PRO HB 17 -60.69 -18.34 -42.82
CA PRO HB 17 -60.08 -18.29 -44.15
C PRO HB 17 -59.99 -16.87 -44.66
N PHE HB 18 -59.19 -16.70 -45.71
CA PHE HB 18 -58.93 -15.38 -46.24
C PHE HB 18 -60.20 -14.78 -46.82
N ARG HB 19 -60.50 -13.54 -46.41
CA ARG HB 19 -61.69 -12.81 -46.85
C ARG HB 19 -62.96 -13.60 -46.56
N LYS HB 20 -62.99 -14.28 -45.42
CA LYS HB 20 -64.18 -14.98 -44.96
C LYS HB 20 -64.38 -14.75 -43.47
N HIS HB 21 -64.08 -13.53 -43.02
CA HIS HB 21 -64.31 -13.14 -41.64
C HIS HB 21 -65.73 -12.63 -41.48
N GLY HB 22 -66.06 -12.14 -40.30
CA GLY HB 22 -67.31 -11.43 -40.10
C GLY HB 22 -68.47 -12.25 -39.60
N VAL HB 23 -69.67 -11.95 -40.10
CA VAL HB 23 -70.89 -12.59 -39.62
C VAL HB 23 -70.94 -14.03 -40.10
N VAL HB 24 -71.29 -14.93 -39.20
CA VAL HB 24 -71.46 -16.34 -39.57
C VAL HB 24 -72.73 -16.48 -40.41
N PRO HB 25 -72.67 -17.09 -41.58
CA PRO HB 25 -73.88 -17.30 -42.38
C PRO HB 25 -74.88 -18.17 -41.64
N LEU HB 26 -76.16 -17.90 -41.87
CA LEU HB 26 -77.21 -18.46 -41.04
C LEU HB 26 -77.66 -19.85 -41.45
N ALA HB 27 -77.30 -20.33 -42.64
CA ALA HB 27 -77.62 -21.69 -42.97
C ALA HB 27 -76.94 -22.69 -42.05
N THR HB 28 -75.76 -22.34 -41.53
CA THR HB 28 -75.08 -23.20 -40.57
C THR HB 28 -75.94 -23.39 -39.32
N TYR HB 29 -76.62 -22.34 -38.88
CA TYR HB 29 -77.56 -22.48 -37.79
C TYR HB 29 -78.84 -23.17 -38.20
N MET HB 30 -79.23 -23.05 -39.46
CA MET HB 30 -80.46 -23.68 -39.93
C MET HB 30 -80.32 -25.15 -40.26
N ARG HB 31 -79.10 -25.71 -40.25
CA ARG HB 31 -78.96 -27.14 -40.46
C ARG HB 31 -79.61 -27.94 -39.34
N ILE HB 32 -80.05 -29.15 -39.67
CA ILE HB 32 -80.78 -30.01 -38.75
C ILE HB 32 -79.92 -31.23 -38.45
N TYR HB 33 -79.73 -31.52 -37.16
CA TYR HB 33 -78.91 -32.65 -36.72
C TYR HB 33 -79.76 -33.58 -35.87
N LYS HB 34 -79.91 -34.82 -36.33
CA LYS HB 34 -80.61 -35.84 -35.59
C LYS HB 34 -79.63 -36.68 -34.79
N LYS HB 35 -80.15 -37.59 -33.98
CA LYS HB 35 -79.30 -38.55 -33.31
C LYS HB 35 -78.86 -39.61 -34.30
N GLY HB 36 -77.57 -39.89 -34.32
CA GLY HB 36 -77.03 -40.94 -35.16
C GLY HB 36 -76.46 -40.50 -36.48
N ASP HB 37 -76.52 -39.22 -36.81
CA ASP HB 37 -75.94 -38.78 -38.06
C ASP HB 37 -74.49 -38.35 -37.86
N ILE HB 38 -73.76 -38.31 -38.96
CA ILE HB 38 -72.30 -38.25 -38.95
C ILE HB 38 -71.89 -36.83 -39.27
N VAL HB 39 -71.08 -36.23 -38.41
CA VAL HB 39 -70.71 -34.82 -38.52
C VAL HB 39 -69.21 -34.68 -38.45
N ASP HB 40 -68.66 -33.75 -39.25
CA ASP HB 40 -67.26 -33.39 -39.19
C ASP HB 40 -67.09 -32.23 -38.21
N ILE HB 41 -66.16 -32.38 -37.27
CA ILE HB 41 -65.88 -31.33 -36.30
C ILE HB 41 -64.86 -30.39 -36.91
N LYS HB 42 -65.27 -29.17 -37.24
CA LYS HB 42 -64.33 -28.22 -37.81
C LYS HB 42 -63.77 -27.28 -36.76
N GLY HB 43 -64.60 -26.44 -36.15
CA GLY HB 43 -64.08 -25.55 -35.14
C GLY HB 43 -63.68 -24.15 -35.56
N MET HB 44 -64.60 -23.37 -36.11
CA MET HB 44 -64.28 -21.99 -36.46
C MET HB 44 -64.05 -21.14 -35.22
N GLY HB 45 -63.24 -20.10 -35.39
CA GLY HB 45 -62.82 -19.25 -34.29
C GLY HB 45 -63.62 -18.00 -34.04
N THR HB 46 -64.61 -17.69 -34.89
CA THR HB 46 -65.47 -16.55 -34.63
C THR HB 46 -66.33 -16.78 -33.39
N VAL HB 47 -66.72 -18.02 -33.12
CA VAL HB 47 -67.52 -18.37 -31.96
C VAL HB 47 -66.58 -19.00 -30.94
N GLN HB 48 -66.39 -18.35 -29.80
CA GLN HB 48 -65.50 -18.86 -28.78
C GLN HB 48 -66.21 -19.78 -27.79
N LYS HB 49 -67.52 -19.86 -27.82
CA LYS HB 49 -68.26 -20.75 -26.94
C LYS HB 49 -68.46 -22.09 -27.62
N GLY HB 50 -68.37 -23.16 -26.84
CA GLY HB 50 -68.60 -24.49 -27.38
C GLY HB 50 -67.54 -24.97 -28.34
N MET HB 51 -66.36 -24.38 -28.33
CA MET HB 51 -65.30 -24.79 -29.23
C MET HB 51 -64.84 -26.20 -28.89
N PRO HB 52 -64.58 -27.03 -29.88
CA PRO HB 52 -63.93 -28.31 -29.62
C PRO HB 52 -62.47 -28.09 -29.30
N HIS HB 53 -61.87 -29.08 -28.65
CA HIS HB 53 -60.43 -29.02 -28.47
C HIS HB 53 -59.72 -29.29 -29.79
N LYS HB 54 -58.48 -28.83 -29.88
CA LYS HB 54 -57.73 -28.92 -31.13
C LYS HB 54 -57.50 -30.36 -31.57
N CYS HB 55 -57.60 -31.32 -30.64
CA CYS HB 55 -57.42 -32.71 -31.03
C CYS HB 55 -58.61 -33.26 -31.79
N TYR HB 56 -59.76 -32.59 -31.75
CA TYR HB 56 -60.94 -33.03 -32.46
C TYR HB 56 -61.18 -32.28 -33.76
N HIS HB 57 -60.42 -31.22 -34.01
CA HIS HB 57 -60.51 -30.54 -35.29
C HIS HB 57 -60.12 -31.50 -36.40
N GLY HB 58 -60.97 -31.59 -37.42
CA GLY HB 58 -60.74 -32.50 -38.51
C GLY HB 58 -61.19 -33.91 -38.27
N LYS HB 59 -61.72 -34.21 -37.09
CA LYS HB 59 -62.24 -35.54 -36.83
C LYS HB 59 -63.70 -35.63 -37.26
N THR HB 60 -64.22 -36.85 -37.26
CA THR HB 60 -65.59 -37.12 -37.63
C THR HB 60 -66.24 -37.99 -36.57
N GLY HB 61 -67.47 -37.68 -36.23
CA GLY HB 61 -68.15 -38.40 -35.17
C GLY HB 61 -69.62 -38.59 -35.44
N ARG HB 62 -70.32 -39.21 -34.49
CA ARG HB 62 -71.75 -39.48 -34.61
C ARG HB 62 -72.48 -38.76 -33.50
N VAL HB 63 -73.58 -38.09 -33.86
CA VAL HB 63 -74.34 -37.31 -32.90
C VAL HB 63 -75.16 -38.24 -32.03
N TYR HB 64 -75.05 -38.07 -30.71
CA TYR HB 64 -75.85 -38.83 -29.76
C TYR HB 64 -76.81 -37.99 -28.94
N ASN HB 65 -76.62 -36.67 -28.89
CA ASN HB 65 -77.45 -35.80 -28.07
C ASN HB 65 -77.63 -34.48 -28.80
N VAL HB 66 -78.83 -33.91 -28.68
CA VAL HB 66 -79.15 -32.62 -29.29
C VAL HB 66 -79.69 -31.70 -28.22
N THR HB 67 -79.12 -30.50 -28.12
CA THR HB 67 -79.51 -29.49 -27.15
C THR HB 67 -79.98 -28.24 -27.90
N GLN HB 68 -80.16 -27.14 -27.17
CA GLN HB 68 -80.64 -25.92 -27.80
C GLN HB 68 -79.67 -25.40 -28.85
N HIS HB 69 -78.38 -25.37 -28.54
CA HIS HB 69 -77.39 -24.77 -29.41
C HIS HB 69 -76.27 -25.70 -29.81
N ALA HB 70 -76.11 -26.84 -29.15
CA ALA HB 70 -74.98 -27.72 -29.38
C ALA HB 70 -75.48 -29.12 -29.65
N VAL HB 71 -74.54 -30.01 -29.93
CA VAL HB 71 -74.80 -31.43 -30.06
C VAL HB 71 -73.74 -32.19 -29.29
N GLY HB 72 -74.10 -33.40 -28.86
CA GLY HB 72 -73.14 -34.32 -28.27
C GLY HB 72 -72.67 -35.30 -29.34
N ILE HB 73 -71.36 -35.41 -29.48
CA ILE HB 73 -70.73 -36.18 -30.53
C ILE HB 73 -69.85 -37.24 -29.90
N VAL HB 74 -69.98 -38.47 -30.37
CA VAL HB 74 -69.12 -39.58 -29.96
C VAL HB 74 -68.02 -39.70 -31.02
N VAL HB 75 -66.81 -39.26 -30.68
CA VAL HB 75 -65.71 -39.18 -31.62
C VAL HB 75 -64.54 -39.97 -31.07
N ASN HB 76 -63.89 -40.75 -31.94
CA ASN HB 76 -62.77 -41.57 -31.52
C ASN HB 76 -61.53 -40.72 -31.36
N LYS HB 77 -60.78 -40.99 -30.29
CA LYS HB 77 -59.52 -40.31 -30.03
C LYS HB 77 -58.48 -41.37 -29.73
N GLN HB 78 -57.35 -41.31 -30.44
CA GLN HB 78 -56.27 -42.25 -30.20
C GLN HB 78 -55.34 -41.67 -29.16
N VAL HB 79 -55.19 -42.38 -28.05
CA VAL HB 79 -54.36 -41.96 -26.94
C VAL HB 79 -53.33 -43.06 -26.71
N LYS HB 80 -52.11 -42.81 -27.18
CA LYS HB 80 -51.01 -43.77 -27.09
C LYS HB 80 -51.42 -45.04 -27.80
N GLY HB 81 -51.57 -46.17 -27.11
CA GLY HB 81 -51.85 -47.42 -27.80
C GLY HB 81 -53.29 -47.86 -27.73
N LYS HB 82 -54.19 -46.96 -27.39
CA LYS HB 82 -55.60 -47.28 -27.30
C LYS HB 82 -56.42 -46.17 -27.93
N ILE HB 83 -57.46 -46.56 -28.65
CA ILE HB 83 -58.44 -45.63 -29.20
C ILE HB 83 -59.67 -45.69 -28.31
N LEU HB 84 -60.11 -44.55 -27.82
CA LEU HB 84 -61.27 -44.51 -26.95
C LEU HB 84 -62.27 -43.49 -27.48
N ALA HB 85 -63.55 -43.80 -27.30
CA ALA HB 85 -64.62 -42.96 -27.82
C ALA HB 85 -64.98 -41.90 -26.80
N LYS HB 86 -64.76 -40.64 -27.14
CA LYS HB 86 -65.00 -39.51 -26.26
C LYS HB 86 -66.29 -38.82 -26.67
N ARG HB 87 -67.05 -38.39 -25.67
CA ARG HB 87 -68.26 -37.63 -25.89
C ARG HB 87 -67.93 -36.16 -25.68
N ILE HB 88 -68.19 -35.33 -26.69
CA ILE HB 88 -67.88 -33.91 -26.64
C ILE HB 88 -69.11 -33.10 -27.00
N ASN HB 89 -69.33 -32.01 -26.28
CA ASN HB 89 -70.42 -31.08 -26.57
C ASN HB 89 -69.87 -29.96 -27.44
N VAL HB 90 -70.40 -29.84 -28.65
CA VAL HB 90 -69.90 -28.86 -29.61
C VAL HB 90 -71.06 -28.04 -30.13
N ARG HB 91 -70.92 -26.72 -30.08
CA ARG HB 91 -71.93 -25.85 -30.68
C ARG HB 91 -71.92 -26.01 -32.19
N ILE HB 92 -73.09 -25.83 -32.80
CA ILE HB 92 -73.30 -26.21 -34.19
C ILE HB 92 -72.51 -25.38 -35.18
N GLU HB 93 -71.90 -24.27 -34.76
CA GLU HB 93 -71.05 -23.52 -35.66
C GLU HB 93 -69.79 -24.29 -36.04
N HIS HB 94 -69.37 -25.22 -35.18
CA HIS HB 94 -68.12 -25.94 -35.36
C HIS HB 94 -68.30 -27.31 -35.98
N ILE HB 95 -69.50 -27.65 -36.44
CA ILE HB 95 -69.75 -28.95 -37.05
C ILE HB 95 -70.47 -28.74 -38.37
N LYS HB 96 -70.45 -29.79 -39.19
CA LYS HB 96 -71.20 -29.82 -40.43
C LYS HB 96 -71.44 -31.27 -40.79
N HIS HB 97 -72.46 -31.50 -41.61
CA HIS HB 97 -72.80 -32.85 -42.03
C HIS HB 97 -71.68 -33.46 -42.85
N SER HB 98 -71.50 -34.76 -42.71
CA SER HB 98 -70.46 -35.48 -43.44
C SER HB 98 -71.07 -36.14 -44.68
N LYS HB 99 -70.45 -35.91 -45.83
CA LYS HB 99 -70.95 -36.46 -47.08
C LYS HB 99 -70.49 -37.88 -47.34
N SER HB 100 -69.55 -38.39 -46.53
CA SER HB 100 -69.13 -39.77 -46.66
C SER HB 100 -70.29 -40.72 -46.41
N ARG HB 101 -71.10 -40.43 -45.40
CA ARG HB 101 -72.29 -41.23 -45.15
C ARG HB 101 -73.31 -41.08 -46.28
N ASP HB 102 -73.47 -39.86 -46.79
CA ASP HB 102 -74.49 -39.59 -47.79
C ASP HB 102 -74.21 -40.29 -49.11
N SER HB 103 -72.95 -40.37 -49.51
CA SER HB 103 -72.63 -41.10 -50.74
C SER HB 103 -73.00 -42.56 -50.61
N PHE HB 104 -72.72 -43.16 -49.46
CA PHE HB 104 -73.08 -44.56 -49.24
C PHE HB 104 -74.59 -44.74 -49.21
N LEU HB 105 -75.31 -43.80 -48.61
CA LEU HB 105 -76.77 -43.89 -48.62
C LEU HB 105 -77.33 -43.82 -50.03
N LYS HB 106 -76.76 -42.96 -50.87
CA LYS HB 106 -77.17 -42.92 -52.27
C LYS HB 106 -76.90 -44.25 -52.96
N ARG HB 107 -75.72 -44.84 -52.70
CA ARG HB 107 -75.41 -46.12 -53.30
C ARG HB 107 -76.38 -47.20 -52.85
N VAL HB 108 -76.77 -47.17 -51.57
CA VAL HB 108 -77.72 -48.15 -51.05
C VAL HB 108 -79.07 -48.00 -51.72
N LYS HB 109 -79.54 -46.76 -51.85
CA LYS HB 109 -80.84 -46.52 -52.47
C LYS HB 109 -80.84 -46.98 -53.92
N GLU HB 110 -79.78 -46.65 -54.66
CA GLU HB 110 -79.69 -47.11 -56.04
C GLU HB 110 -79.55 -48.62 -56.11
N ASN HB 111 -78.84 -49.23 -55.16
CA ASN HB 111 -78.70 -50.69 -55.12
C ASN HB 111 -80.04 -51.36 -54.92
N ASP HB 112 -80.84 -50.82 -54.00
CA ASP HB 112 -82.15 -51.42 -53.75
C ASP HB 112 -83.07 -51.24 -54.95
N GLN HB 113 -83.01 -50.09 -55.60
CA GLN HB 113 -83.79 -49.88 -56.82
C GLN HB 113 -83.37 -50.88 -57.89
N LYS HB 114 -82.07 -51.06 -58.07
CA LYS HB 114 -81.57 -51.97 -59.11
C LYS HB 114 -81.93 -53.42 -58.79
N LYS HB 115 -81.85 -53.81 -57.51
CA LYS HB 115 -82.25 -55.15 -57.12
C LYS HB 115 -83.73 -55.38 -57.37
N LYS HB 116 -84.56 -54.38 -57.06
CA LYS HB 116 -85.99 -54.49 -57.31
C LYS HB 116 -86.26 -54.63 -58.80
N GLU HB 117 -85.56 -53.83 -59.62
CA GLU HB 117 -85.71 -53.94 -61.07
C GLU HB 117 -85.28 -55.32 -61.58
N ALA HB 118 -84.17 -55.84 -61.05
CA ALA HB 118 -83.69 -57.14 -61.48
C ALA HB 118 -84.66 -58.26 -61.09
N LYS HB 119 -85.20 -58.19 -59.87
CA LYS HB 119 -86.18 -59.19 -59.46
C LYS HB 119 -87.47 -59.06 -60.26
N GLU HB 120 -87.83 -57.84 -60.64
CA GLU HB 120 -89.05 -57.65 -61.43
C GLU HB 120 -88.90 -58.23 -62.84
N LYS HB 121 -87.79 -57.92 -63.51
CA LYS HB 121 -87.61 -58.40 -64.87
C LYS HB 121 -87.11 -59.84 -64.89
N GLY HB 122 -85.91 -60.07 -64.38
CA GLY HB 122 -85.32 -61.40 -64.41
C GLY HB 122 -83.87 -61.40 -64.86
N THR HB 123 -83.29 -60.22 -65.06
CA THR HB 123 -81.94 -60.08 -65.56
C THR HB 123 -80.98 -59.79 -64.39
N TRP HB 124 -79.96 -60.61 -64.25
CA TRP HB 124 -78.98 -60.42 -63.18
C TRP HB 124 -78.06 -59.25 -63.48
N VAL HB 125 -77.70 -58.51 -62.43
CA VAL HB 125 -76.88 -57.31 -62.54
C VAL HB 125 -75.79 -57.38 -61.47
N GLN HB 126 -74.58 -56.93 -61.84
CA GLN HB 126 -73.50 -56.79 -60.88
C GLN HB 126 -73.80 -55.64 -59.92
N LEU HB 127 -73.88 -55.96 -58.63
CA LEU HB 127 -74.20 -54.98 -57.59
C LEU HB 127 -72.97 -54.48 -56.85
N LYS HB 128 -72.05 -55.39 -56.48
CA LYS HB 128 -70.82 -54.98 -55.85
C LYS HB 128 -69.99 -54.11 -56.79
N ARG HB 129 -69.51 -52.99 -56.30
CA ARG HB 129 -68.55 -52.22 -57.06
C ARG HB 129 -67.18 -52.87 -56.99
N GLN HB 130 -66.38 -52.63 -58.02
CA GLN HB 130 -65.13 -53.35 -58.19
C GLN HB 130 -63.98 -52.38 -58.38
N PRO HB 131 -62.76 -52.78 -58.00
CA PRO HB 131 -61.60 -51.91 -58.25
C PRO HB 131 -61.35 -51.79 -59.75
N ALA HB 132 -60.66 -50.71 -60.11
CA ALA HB 132 -60.41 -50.37 -61.51
C ALA HB 132 -59.73 -51.53 -62.22
N PRO HB 133 -60.42 -52.17 -63.16
CA PRO HB 133 -59.86 -53.35 -63.82
C PRO HB 133 -58.78 -52.94 -64.82
N PRO HB 134 -57.92 -53.88 -65.21
CA PRO HB 134 -56.95 -53.57 -66.27
C PRO HB 134 -57.65 -53.23 -67.57
N ARG HB 135 -57.07 -52.30 -68.31
CA ARG HB 135 -57.69 -51.83 -69.54
C ARG HB 135 -57.75 -52.94 -70.59
N GLU HB 136 -58.85 -52.98 -71.32
CA GLU HB 136 -59.03 -54.01 -72.33
C GLU HB 136 -58.23 -53.68 -73.58
N ALA HB 137 -58.18 -54.65 -74.49
CA ALA HB 137 -57.51 -54.44 -75.76
C ALA HB 137 -58.30 -53.45 -76.62
N HIS HB 138 -57.56 -52.66 -77.40
CA HIS HB 138 -58.18 -51.69 -78.28
C HIS HB 138 -57.23 -51.40 -79.42
N PHE HB 139 -57.78 -50.80 -80.48
CA PHE HB 139 -57.01 -50.40 -81.64
C PHE HB 139 -56.83 -48.90 -81.62
N VAL HB 140 -55.61 -48.45 -81.89
CA VAL HB 140 -55.31 -47.04 -81.98
C VAL HB 140 -55.06 -46.71 -83.45
N ARG HB 141 -55.97 -45.94 -84.04
CA ARG HB 141 -55.83 -45.55 -85.44
C ARG HB 141 -54.77 -44.47 -85.57
N THR HB 142 -53.97 -44.56 -86.62
CA THR HB 142 -52.99 -43.52 -86.92
C THR HB 142 -53.59 -42.38 -87.71
N ASN HB 143 -54.75 -42.60 -88.35
CA ASN HB 143 -55.45 -41.59 -89.13
C ASN HB 143 -54.57 -41.04 -90.25
N GLY HB 144 -53.74 -41.90 -90.82
CA GLY HB 144 -52.84 -41.49 -91.89
C GLY HB 144 -51.81 -40.48 -91.45
N LYS HB 145 -51.33 -40.56 -90.23
CA LYS HB 145 -50.31 -39.66 -89.71
C LYS HB 145 -49.23 -40.48 -89.03
N GLU HB 146 -47.99 -40.21 -89.38
CA GLU HB 146 -46.88 -40.82 -88.64
C GLU HB 146 -46.81 -40.18 -87.25
N PRO HB 147 -46.69 -40.97 -86.19
CA PRO HB 147 -46.52 -40.39 -84.86
C PRO HB 147 -45.28 -39.53 -84.80
N GLU HB 148 -45.41 -38.37 -84.15
CA GLU HB 148 -44.34 -37.38 -84.16
C GLU HB 148 -43.13 -37.90 -83.41
N LEU HB 149 -41.95 -37.77 -84.02
CA LEU HB 149 -40.72 -38.23 -83.41
C LEU HB 149 -40.26 -37.21 -82.39
N LEU HB 150 -40.12 -37.65 -81.14
CA LEU HB 150 -39.68 -36.80 -80.06
C LEU HB 150 -38.22 -37.09 -79.74
N GLU HB 151 -37.46 -36.03 -79.45
CA GLU HB 151 -36.06 -36.14 -79.08
C GLU HB 151 -35.79 -35.22 -77.90
N PRO HB 152 -34.90 -35.61 -76.99
CA PRO HB 152 -34.48 -34.70 -75.94
C PRO HB 152 -33.78 -33.48 -76.51
N ILE HB 153 -33.92 -32.35 -75.81
CA ILE HB 153 -33.40 -31.08 -76.28
C ILE HB 153 -31.99 -30.87 -75.75
N PRO HB 154 -31.16 -30.08 -76.44
CA PRO HB 154 -29.83 -29.77 -75.90
C PRO HB 154 -29.92 -28.94 -74.64
N TYR HB 155 -28.95 -29.13 -73.77
CA TYR HB 155 -28.87 -28.36 -72.55
C TYR HB 155 -28.45 -26.92 -72.86
N GLU HB 156 -28.99 -25.98 -72.09
CA GLU HB 156 -28.51 -24.61 -72.15
C GLU HB 156 -28.64 -23.96 -70.77
N PHE HB 157 -27.67 -23.13 -70.44
CA PHE HB 157 -27.64 -22.44 -69.16
C PHE HB 157 -28.53 -21.21 -69.26
N MET HB 158 -29.72 -21.27 -68.65
CA MET HB 158 -30.70 -20.22 -68.83
C MET HB 158 -30.24 -18.91 -68.21
N ALA HB 159 -29.81 -18.95 -66.96
CA ALA HB 159 -29.34 -17.76 -66.27
C ALA HB 159 -28.43 -18.15 -65.11
N GLN IB 1 76.37 -53.79 63.37
CA GLN IB 1 77.14 -53.13 62.32
C GLN IB 1 77.68 -54.14 61.33
N VAL IB 2 77.15 -55.35 61.38
CA VAL IB 2 77.55 -56.44 60.50
C VAL IB 2 76.28 -57.08 59.94
N LEU IB 3 76.23 -57.27 58.62
CA LEU IB 3 75.07 -57.86 57.99
C LEU IB 3 75.19 -59.39 57.91
N LYS IB 4 76.25 -59.88 57.26
CA LYS IB 4 76.61 -61.29 57.26
C LYS IB 4 75.49 -62.16 56.69
N PHE IB 5 75.26 -62.00 55.39
CA PHE IB 5 74.37 -62.89 54.66
C PHE IB 5 75.16 -64.09 54.12
N THR IB 6 74.44 -65.15 53.75
CA THR IB 6 75.11 -66.31 53.20
C THR IB 6 74.31 -66.92 52.06
N LEU IB 7 75.03 -67.63 51.19
CA LEU IB 7 74.49 -68.38 50.06
C LEU IB 7 74.94 -69.83 50.17
N ASP IB 8 74.00 -70.76 50.03
CA ASP IB 8 74.26 -72.17 50.18
C ASP IB 8 74.27 -72.82 48.80
N CYS IB 9 75.46 -73.00 48.23
CA CYS IB 9 75.63 -73.69 46.95
C CYS IB 9 76.11 -75.10 47.25
N THR IB 10 75.17 -75.98 47.57
CA THR IB 10 75.49 -77.36 47.92
C THR IB 10 74.97 -78.35 46.90
N HIS IB 11 73.67 -78.35 46.63
CA HIS IB 11 73.12 -79.30 45.64
C HIS IB 11 73.72 -79.11 44.25
N PRO IB 12 73.75 -77.93 43.64
CA PRO IB 12 74.30 -77.85 42.29
C PRO IB 12 75.81 -78.04 42.25
N VAL IB 13 76.52 -77.59 43.28
CA VAL IB 13 77.96 -77.80 43.33
C VAL IB 13 78.27 -79.29 43.42
N GLU IB 14 77.53 -80.02 44.25
CA GLU IB 14 77.75 -81.45 44.37
C GLU IB 14 77.25 -82.23 43.17
N ASP IB 15 76.32 -81.68 42.40
CA ASP IB 15 75.90 -82.31 41.15
C ASP IB 15 76.72 -81.87 39.96
N GLY IB 16 77.65 -80.93 40.15
CA GLY IB 16 78.60 -80.59 39.12
C GLY IB 16 78.11 -79.66 38.04
N ILE IB 17 76.90 -79.11 38.18
CA ILE IB 17 76.42 -78.18 37.16
C ILE IB 17 76.94 -76.76 37.37
N MET IB 18 77.54 -76.48 38.53
CA MET IB 18 78.15 -75.18 38.76
C MET IB 18 79.15 -75.32 39.90
N ASP IB 19 79.98 -74.30 40.07
CA ASP IB 19 81.01 -74.32 41.10
C ASP IB 19 81.01 -73.02 41.89
N ALA IB 20 81.11 -73.18 43.21
CA ALA IB 20 81.10 -72.04 44.12
C ALA IB 20 82.31 -71.14 43.93
N ALA IB 21 83.43 -71.67 43.46
CA ALA IB 21 84.58 -70.82 43.18
C ALA IB 21 84.26 -69.81 42.08
N ASN IB 22 83.65 -70.28 40.99
CA ASN IB 22 83.27 -69.37 39.93
C ASN IB 22 82.14 -68.44 40.36
N PHE IB 23 81.23 -68.92 41.20
CA PHE IB 23 80.18 -68.04 41.71
C PHE IB 23 80.77 -66.91 42.56
N GLU IB 24 81.70 -67.25 43.46
CA GLU IB 24 82.37 -66.23 44.25
C GLU IB 24 83.13 -65.28 43.36
N GLN IB 25 83.82 -65.81 42.33
CA GLN IB 25 84.52 -64.97 41.38
C GLN IB 25 83.56 -64.00 40.69
N PHE IB 26 82.36 -64.48 40.36
CA PHE IB 26 81.35 -63.59 39.79
C PHE IB 26 80.98 -62.49 40.77
N LEU IB 27 80.91 -62.80 42.06
CA LEU IB 27 80.29 -61.87 43.00
C LEU IB 27 81.10 -60.60 43.25
N GLN IB 28 82.44 -60.68 43.37
CA GLN IB 28 83.14 -59.53 43.94
C GLN IB 28 83.24 -58.36 42.97
N GLU IB 29 83.34 -58.62 41.68
CA GLU IB 29 83.37 -57.53 40.71
C GLU IB 29 81.98 -57.16 40.21
N ARG IB 30 80.93 -57.81 40.72
CA ARG IB 30 79.58 -57.43 40.38
C ARG IB 30 78.84 -56.75 41.53
N ILE IB 31 79.31 -56.92 42.76
CA ILE IB 31 78.64 -56.28 43.90
C ILE IB 31 78.91 -54.79 43.85
N LYS IB 32 77.83 -54.00 43.87
CA LYS IB 32 77.91 -52.56 43.80
C LYS IB 32 77.79 -51.98 45.20
N VAL IB 33 78.72 -51.09 45.56
CA VAL IB 33 78.62 -50.31 46.78
C VAL IB 33 78.60 -48.85 46.37
N ASN IB 34 77.52 -48.15 46.74
CA ASN IB 34 77.28 -46.77 46.30
C ASN IB 34 77.30 -46.65 44.78
N GLY IB 35 76.78 -47.68 44.11
CA GLY IB 35 76.62 -47.65 42.68
C GLY IB 35 77.87 -47.99 41.88
N LYS IB 36 78.97 -48.34 42.54
CA LYS IB 36 80.24 -48.59 41.86
C LYS IB 36 80.63 -50.06 42.05
N ALA IB 37 80.56 -50.82 40.97
CA ALA IB 37 81.00 -52.21 41.01
C ALA IB 37 82.51 -52.28 41.03
N GLY IB 38 83.04 -53.38 41.54
CA GLY IB 38 84.46 -53.50 41.69
C GLY IB 38 84.90 -53.20 43.11
N ASN IB 39 86.01 -53.84 43.51
CA ASN IB 39 86.79 -53.68 44.75
C ASN IB 39 85.95 -53.73 46.02
N LEU IB 40 84.69 -54.17 45.92
CA LEU IB 40 83.81 -54.38 47.07
C LEU IB 40 83.73 -53.14 47.97
N GLY IB 41 83.60 -51.97 47.34
CA GLY IB 41 83.55 -50.74 48.10
C GLY IB 41 84.82 -50.46 48.85
N GLY IB 42 85.97 -50.71 48.24
CA GLY IB 42 87.23 -50.58 48.95
C GLY IB 42 87.41 -51.60 50.05
N GLY IB 43 86.86 -52.79 49.89
CA GLY IB 43 86.93 -53.80 50.92
C GLY IB 43 85.94 -53.62 52.04
N VAL IB 44 84.93 -52.77 51.87
CA VAL IB 44 83.96 -52.58 52.95
C VAL IB 44 82.99 -53.75 53.00
N VAL IB 45 82.89 -54.51 51.92
CA VAL IB 45 82.05 -55.70 51.85
C VAL IB 45 82.97 -56.88 51.61
N THR IB 46 83.17 -57.69 52.64
CA THR IB 46 84.08 -58.82 52.54
C THR IB 46 83.35 -60.05 52.03
N ILE IB 47 84.00 -60.77 51.13
CA ILE IB 47 83.51 -62.02 50.58
C ILE IB 47 84.34 -63.15 51.16
N GLU IB 48 83.69 -64.30 51.38
CA GLU IB 48 84.44 -65.46 51.82
C GLU IB 48 83.67 -66.71 51.43
N ARG IB 49 84.34 -67.85 51.49
CA ARG IB 49 83.73 -69.11 51.12
C ARG IB 49 84.14 -70.20 52.10
N SER IB 50 83.22 -71.13 52.36
CA SER IB 50 83.50 -72.37 53.07
C SER IB 50 83.53 -73.56 52.12
N LYS IB 51 83.94 -73.33 50.89
CA LYS IB 51 84.14 -74.32 49.82
C LYS IB 51 82.82 -74.83 49.26
N SER IB 52 81.71 -74.52 49.91
CA SER IB 52 80.40 -74.65 49.29
C SER IB 52 79.44 -73.53 49.63
N LYS IB 53 79.71 -72.72 50.65
CA LYS IB 53 78.82 -71.64 51.06
C LYS IB 53 79.56 -70.32 50.95
N ILE IB 54 78.93 -69.35 50.32
CA ILE IB 54 79.53 -68.04 50.09
C ILE IB 54 78.93 -67.06 51.09
N THR IB 55 79.77 -66.51 51.95
CA THR IB 55 79.34 -65.58 52.97
C THR IB 55 79.73 -64.16 52.57
N VAL IB 56 78.78 -63.24 52.66
CA VAL IB 56 78.98 -61.83 52.36
C VAL IB 56 78.80 -61.07 53.66
N THR IB 57 79.89 -60.54 54.18
CA THR IB 57 79.86 -59.73 55.39
C THR IB 57 79.93 -58.27 54.99
N SER IB 58 79.08 -57.44 55.58
CA SER IB 58 79.02 -56.04 55.20
C SER IB 58 78.91 -55.17 56.44
N GLU IB 59 79.53 -53.99 56.35
CA GLU IB 59 79.42 -52.95 57.38
C GLU IB 59 78.49 -51.83 56.97
N VAL IB 60 78.44 -51.48 55.69
CA VAL IB 60 77.48 -50.52 55.17
C VAL IB 60 76.12 -51.21 55.12
N PRO IB 61 75.01 -50.47 55.08
CA PRO IB 61 73.71 -51.11 54.88
C PRO IB 61 73.67 -51.89 53.57
N PHE IB 62 73.30 -53.15 53.66
CA PHE IB 62 73.30 -54.07 52.54
C PHE IB 62 71.92 -54.71 52.40
N SER IB 63 71.57 -55.09 51.19
CA SER IB 63 70.29 -55.71 50.90
C SER IB 63 70.49 -57.19 50.57
N LYS IB 64 69.72 -58.04 51.25
CA LYS IB 64 69.76 -59.47 50.95
C LYS IB 64 69.16 -59.75 49.57
N ARG IB 65 68.13 -59.00 49.22
CA ARG IB 65 67.53 -59.16 47.90
C ARG IB 65 68.49 -58.76 46.79
N TYR IB 66 69.48 -57.92 47.08
CA TYR IB 66 70.54 -57.67 46.11
C TYR IB 66 71.34 -58.93 45.84
N LEU IB 67 71.64 -59.70 46.90
CA LEU IB 67 72.33 -60.97 46.70
C LEU IB 67 71.47 -61.93 45.89
N LYS IB 68 70.16 -61.96 46.17
CA LYS IB 68 69.28 -62.82 45.38
C LYS IB 68 69.26 -62.40 43.91
N TYR IB 69 69.22 -61.09 43.67
CA TYR IB 69 69.24 -60.57 42.31
C TYR IB 69 70.52 -60.95 41.58
N LEU IB 70 71.67 -60.83 42.26
CA LEU IB 70 72.93 -61.21 41.63
C LEU IB 70 73.02 -62.72 41.41
N THR IB 71 72.48 -63.52 42.33
CA THR IB 71 72.50 -64.97 42.14
C THR IB 71 71.65 -65.36 40.94
N LYS IB 72 70.48 -64.75 40.78
CA LYS IB 72 69.67 -65.02 39.59
C LYS IB 72 70.37 -64.53 38.33
N LYS IB 73 71.10 -63.42 38.42
CA LYS IB 73 71.90 -62.95 37.30
C LYS IB 73 72.92 -64.01 36.89
N TYR IB 74 73.63 -64.57 37.87
CA TYR IB 74 74.64 -65.59 37.58
C TYR IB 74 74.00 -66.84 36.99
N LEU IB 75 72.86 -67.26 37.53
CA LEU IB 75 72.19 -68.45 37.02
C LEU IB 75 71.72 -68.25 35.58
N LYS IB 76 71.19 -67.08 35.26
CA LYS IB 76 70.82 -66.80 33.88
C LYS IB 76 72.05 -66.77 32.99
N LYS IB 77 73.17 -66.23 33.48
CA LYS IB 77 74.39 -66.21 32.70
C LYS IB 77 74.86 -67.61 32.37
N ASN IB 78 74.76 -68.53 33.33
CA ASN IB 78 75.26 -69.88 33.16
C ASN IB 78 74.18 -70.88 32.78
N ASN IB 79 73.00 -70.40 32.38
CA ASN IB 79 71.92 -71.24 31.83
C ASN IB 79 71.42 -72.26 32.85
N LEU IB 80 71.40 -71.87 34.12
CA LEU IB 80 70.88 -72.71 35.18
C LEU IB 80 69.52 -72.24 35.68
N ARG IB 81 68.98 -71.17 35.11
CA ARG IB 81 67.76 -70.56 35.64
C ARG IB 81 66.55 -71.47 35.49
N ASP IB 82 66.54 -72.35 34.51
CA ASP IB 82 65.42 -73.24 34.31
C ASP IB 82 65.49 -74.51 35.16
N TRP IB 83 66.56 -74.68 35.92
CA TRP IB 83 66.69 -75.84 36.81
C TRP IB 83 66.68 -75.47 38.28
N LEU IB 84 67.33 -74.37 38.65
CA LEU IB 84 67.52 -74.00 40.04
C LEU IB 84 66.69 -72.77 40.39
N ARG IB 85 66.45 -72.60 41.68
CA ARG IB 85 65.78 -71.41 42.17
C ARG IB 85 66.35 -71.05 43.53
N VAL IB 86 66.45 -69.75 43.79
CA VAL IB 86 66.97 -69.23 45.05
C VAL IB 86 65.83 -69.16 46.04
N VAL IB 87 65.99 -69.80 47.20
CA VAL IB 87 64.96 -69.90 48.22
C VAL IB 87 65.56 -69.42 49.53
N ALA IB 88 64.83 -68.57 50.24
CA ALA IB 88 65.26 -68.13 51.57
C ALA IB 88 65.00 -69.27 52.56
N ASN IB 89 66.01 -70.10 52.76
CA ASN IB 89 65.88 -71.21 53.72
C ASN IB 89 65.78 -70.71 55.15
N SER IB 90 66.33 -69.54 55.45
CA SER IB 90 66.21 -68.91 56.76
C SER IB 90 66.49 -67.43 56.57
N LYS IB 91 66.51 -66.69 57.68
CA LYS IB 91 66.98 -65.33 57.61
C LYS IB 91 68.47 -65.33 57.34
N GLU IB 92 68.96 -64.18 56.84
CA GLU IB 92 70.36 -63.96 56.44
C GLU IB 92 70.93 -65.11 55.61
N SER IB 93 70.08 -65.84 54.90
CA SER IB 93 70.55 -67.01 54.17
C SER IB 93 69.67 -67.26 52.96
N TYR IB 94 70.30 -67.47 51.81
CA TYR IB 94 69.66 -68.02 50.63
C TYR IB 94 70.26 -69.38 50.31
N GLU IB 95 69.49 -70.20 49.61
CA GLU IB 95 69.93 -71.53 49.22
C GLU IB 95 69.29 -71.83 47.88
N LEU IB 96 70.09 -72.18 46.89
CA LEU IB 96 69.54 -72.52 45.60
C LEU IB 96 69.31 -74.02 45.51
N ARG IB 97 68.15 -74.38 44.99
CA ARG IB 97 67.71 -75.77 44.99
C ARG IB 97 66.89 -76.04 43.75
N TYR IB 98 66.75 -77.32 43.41
CA TYR IB 98 66.13 -77.70 42.15
C TYR IB 98 64.62 -77.55 42.21
N PHE IB 99 64.04 -77.27 41.04
CA PHE IB 99 62.60 -77.35 40.88
C PHE IB 99 62.15 -78.79 41.04
N GLN IB 100 60.93 -78.97 41.54
CA GLN IB 100 60.40 -80.32 41.63
C GLN IB 100 59.89 -80.78 40.27
N ILE IB 101 59.47 -82.03 40.21
CA ILE IB 101 59.04 -82.62 38.94
C ILE IB 101 57.69 -82.08 38.53
N SER JB 1 53.94 -19.82 -40.64
CA SER JB 1 53.54 -19.12 -39.42
C SER JB 1 53.69 -20.02 -38.19
N GLY JB 2 52.58 -20.60 -37.76
CA GLY JB 2 52.57 -21.48 -36.61
C GLY JB 2 51.39 -21.25 -35.69
N ALA JB 3 50.63 -22.30 -35.41
CA ALA JB 3 49.44 -22.23 -34.59
C ALA JB 3 49.75 -22.81 -33.20
N LYS JB 4 49.14 -22.22 -32.18
CA LYS JB 4 49.43 -22.64 -30.81
C LYS JB 4 48.89 -24.03 -30.55
N PHE JB 5 49.74 -24.90 -30.02
CA PHE JB 5 49.33 -26.25 -29.67
C PHE JB 5 48.43 -26.22 -28.45
N ARG JB 6 47.69 -27.30 -28.27
CA ARG JB 6 46.80 -27.42 -27.12
C ARG JB 6 47.62 -27.59 -25.84
N ILE JB 7 47.19 -26.90 -24.78
CA ILE JB 7 47.83 -26.99 -23.48
C ILE JB 7 46.76 -27.24 -22.43
N SER JB 8 47.20 -27.69 -21.26
CA SER JB 8 46.28 -27.89 -20.14
C SER JB 8 45.77 -26.53 -19.67
N LEU JB 9 44.45 -26.43 -19.50
CA LEU JB 9 43.85 -25.11 -19.29
C LEU JB 9 43.93 -24.67 -17.83
N GLY JB 10 43.23 -25.36 -16.94
CA GLY JB 10 43.39 -25.10 -15.53
C GLY JB 10 42.87 -23.77 -15.02
N LEU JB 11 42.22 -22.96 -15.84
CA LEU JB 11 41.60 -21.71 -15.39
C LEU JB 11 40.18 -21.63 -15.91
N PRO JB 12 39.22 -22.22 -15.20
CA PRO JB 12 37.83 -22.19 -15.64
C PRO JB 12 37.22 -20.82 -15.39
N VAL JB 13 35.97 -20.68 -15.83
CA VAL JB 13 35.23 -19.45 -15.58
C VAL JB 13 34.98 -19.32 -14.08
N GLY JB 14 35.22 -18.13 -13.55
CA GLY JB 14 35.14 -17.91 -12.13
C GLY JB 14 36.47 -17.85 -11.44
N ALA JB 15 37.56 -17.97 -12.17
CA ALA JB 15 38.89 -17.88 -11.59
C ALA JB 15 39.30 -16.44 -11.46
N VAL JB 16 39.90 -16.09 -10.32
CA VAL JB 16 40.44 -14.77 -10.09
C VAL JB 16 41.95 -14.88 -10.13
N ILE JB 17 42.57 -14.24 -11.11
CA ILE JB 17 44.00 -14.29 -11.34
C ILE JB 17 44.58 -12.91 -11.14
N ASN JB 18 45.90 -12.85 -10.95
CA ASN JB 18 46.54 -11.56 -10.76
C ASN JB 18 46.54 -10.76 -12.06
N CYS JB 19 46.61 -9.45 -11.93
CA CYS JB 19 46.69 -8.56 -13.08
C CYS JB 19 48.10 -7.97 -13.08
N ALA JB 20 48.91 -8.42 -14.03
CA ALA JB 20 50.35 -8.19 -13.98
C ALA JB 20 50.78 -6.88 -14.64
N ASP JB 21 49.87 -6.11 -15.20
CA ASP JB 21 50.28 -4.86 -15.83
C ASP JB 21 50.19 -3.71 -14.84
N ASN JB 22 50.66 -2.54 -15.26
CA ASN JB 22 50.58 -1.33 -14.45
C ASN JB 22 49.31 -0.54 -14.71
N THR JB 23 48.23 -1.21 -15.13
CA THR JB 23 47.00 -0.52 -15.46
C THR JB 23 46.37 0.12 -14.23
N GLY JB 24 46.49 -0.54 -13.08
CA GLY JB 24 45.85 -0.09 -11.86
C GLY JB 24 44.88 -1.08 -11.28
N ALA JB 25 44.64 -2.20 -11.97
CA ALA JB 25 43.81 -3.27 -11.45
C ALA JB 25 44.67 -4.26 -10.69
N LYS JB 26 44.08 -4.85 -9.66
CA LYS JB 26 44.82 -5.82 -8.85
C LYS JB 26 44.58 -7.26 -9.30
N ASN JB 27 43.37 -7.59 -9.73
CA ASN JB 27 43.09 -8.94 -10.18
C ASN JB 27 42.00 -8.91 -11.24
N LEU JB 28 41.90 -10.04 -11.95
CA LEU JB 28 40.91 -10.24 -13.00
C LEU JB 28 40.07 -11.45 -12.66
N TYR JB 29 38.77 -11.30 -12.73
CA TYR JB 29 37.82 -12.39 -12.51
C TYR JB 29 37.32 -12.81 -13.89
N ILE JB 30 37.63 -14.04 -14.27
CA ILE JB 30 37.34 -14.52 -15.62
C ILE JB 30 35.85 -14.86 -15.71
N ILE JB 31 35.16 -14.26 -16.66
CA ILE JB 31 33.76 -14.54 -16.87
C ILE JB 31 33.50 -15.36 -18.12
N SER JB 32 34.44 -15.42 -19.06
CA SER JB 32 34.31 -16.27 -20.24
C SER JB 32 35.64 -16.28 -20.98
N VAL JB 33 35.75 -17.22 -21.91
CA VAL JB 33 36.95 -17.41 -22.73
C VAL JB 33 36.55 -17.30 -24.19
N LYS JB 34 37.38 -16.61 -24.98
CA LYS JB 34 37.10 -16.47 -26.40
C LYS JB 34 37.36 -17.77 -27.14
N GLY JB 35 36.52 -18.06 -28.13
CA GLY JB 35 36.68 -19.24 -28.95
C GLY JB 35 36.11 -20.51 -28.39
N ILE JB 36 35.41 -20.46 -27.27
CA ILE JB 36 34.86 -21.64 -26.63
C ILE JB 36 33.47 -21.90 -27.20
N LYS JB 37 33.33 -22.94 -28.03
CA LYS JB 37 32.02 -23.34 -28.50
C LYS JB 37 31.18 -23.88 -27.34
N GLY JB 38 31.75 -24.79 -26.57
CA GLY JB 38 31.15 -25.24 -25.34
C GLY JB 38 30.54 -26.63 -25.46
N ARG JB 39 30.21 -27.15 -24.28
CA ARG JB 39 29.55 -28.44 -24.14
C ARG JB 39 28.70 -28.35 -22.88
N LEU JB 40 27.70 -29.21 -22.80
CA LEU JB 40 26.77 -29.16 -21.67
C LEU JB 40 27.51 -29.40 -20.37
N ASN JB 41 27.27 -28.52 -19.40
CA ASN JB 41 27.80 -28.51 -18.04
C ASN JB 41 29.28 -28.20 -17.96
N ARG JB 42 29.98 -28.04 -19.08
CA ARG JB 42 31.42 -27.84 -19.07
C ARG JB 42 31.73 -26.36 -18.93
N LEU JB 43 32.54 -26.02 -17.93
CA LEU JB 43 32.95 -24.65 -17.75
C LEU JB 43 33.96 -24.26 -18.82
N PRO JB 44 33.81 -23.11 -19.47
CA PRO JB 44 34.88 -22.63 -20.34
C PRO JB 44 36.14 -22.39 -19.53
N ALA JB 45 37.27 -22.77 -20.12
CA ALA JB 45 38.54 -22.69 -19.41
C ALA JB 45 39.61 -22.14 -20.34
N ALA JB 46 40.63 -21.54 -19.75
CA ALA JB 46 41.67 -20.87 -20.50
C ALA JB 46 43.04 -21.27 -19.97
N GLY JB 47 44.01 -21.33 -20.88
CA GLY JB 47 45.40 -21.46 -20.53
C GLY JB 47 46.17 -20.20 -20.87
N VAL JB 48 47.49 -20.31 -20.80
CA VAL JB 48 48.34 -19.17 -21.16
C VAL JB 48 48.24 -18.93 -22.65
N GLY JB 49 48.18 -17.65 -23.03
CA GLY JB 49 47.97 -17.27 -24.40
C GLY JB 49 46.54 -17.15 -24.81
N ASP JB 50 45.59 -17.44 -23.92
CA ASP JB 50 44.18 -17.39 -24.25
C ASP JB 50 43.59 -16.04 -23.90
N MET JB 51 42.67 -15.58 -24.74
CA MET JB 51 41.96 -14.33 -24.55
C MET JB 51 40.66 -14.60 -23.82
N VAL JB 52 40.48 -13.93 -22.69
CA VAL JB 52 39.32 -14.11 -21.83
C VAL JB 52 38.60 -12.77 -21.74
N MET JB 53 37.37 -12.81 -21.25
CA MET JB 53 36.67 -11.62 -20.81
C MET JB 53 36.70 -11.63 -19.29
N ALA JB 54 37.03 -10.50 -18.69
CA ALA JB 54 37.24 -10.47 -17.25
C ALA JB 54 36.71 -9.17 -16.67
N THR JB 55 36.35 -9.21 -15.40
CA THR JB 55 36.00 -8.01 -14.65
C THR JB 55 36.99 -7.87 -13.50
N VAL JB 56 37.46 -6.67 -13.25
CA VAL JB 56 38.40 -6.51 -12.15
C VAL JB 56 37.63 -6.33 -10.85
N LYS JB 57 38.01 -7.09 -9.84
CA LYS JB 57 37.35 -7.03 -8.54
C LYS JB 57 38.02 -6.04 -7.59
N LYS JB 58 39.35 -6.02 -7.55
CA LYS JB 58 40.09 -5.04 -6.78
C LYS JB 58 40.89 -4.17 -7.75
N GLY JB 59 40.80 -2.87 -7.56
CA GLY JB 59 41.50 -1.95 -8.43
C GLY JB 59 40.78 -0.61 -8.45
N LYS JB 60 41.05 0.17 -9.49
CA LYS JB 60 40.51 1.50 -9.58
C LYS JB 60 39.01 1.46 -9.89
N PRO JB 61 38.25 2.39 -9.34
CA PRO JB 61 36.81 2.44 -9.63
C PRO JB 61 36.50 2.63 -11.10
N GLU JB 62 37.32 3.39 -11.83
CA GLU JB 62 37.06 3.57 -13.25
C GLU JB 62 37.31 2.32 -14.07
N LEU JB 63 37.91 1.29 -13.48
CA LEU JB 63 38.05 -0.01 -14.09
C LEU JB 63 37.10 -1.04 -13.53
N ARG JB 64 36.59 -0.82 -12.32
CA ARG JB 64 36.12 -1.91 -11.48
C ARG JB 64 34.86 -2.60 -12.03
N LYS JB 65 33.83 -1.84 -12.39
CA LYS JB 65 32.55 -2.44 -12.76
C LYS JB 65 32.36 -2.43 -14.28
N LYS JB 66 33.23 -3.17 -14.97
CA LYS JB 66 33.23 -3.17 -16.43
C LYS JB 66 33.86 -4.47 -16.92
N VAL JB 67 33.52 -4.86 -18.13
CA VAL JB 67 34.09 -6.04 -18.77
C VAL JB 67 35.25 -5.60 -19.65
N HIS JB 68 36.40 -6.26 -19.49
CA HIS JB 68 37.60 -5.98 -20.25
C HIS JB 68 38.09 -7.26 -20.92
N PRO JB 69 38.55 -7.19 -22.17
CA PRO JB 69 39.32 -8.30 -22.72
C PRO JB 69 40.66 -8.40 -22.01
N ALA JB 70 41.09 -9.64 -21.78
CA ALA JB 70 42.33 -9.90 -21.08
C ALA JB 70 43.00 -11.09 -21.74
N VAL JB 71 44.30 -11.24 -21.50
CA VAL JB 71 45.07 -12.36 -22.02
C VAL JB 71 45.82 -12.99 -20.87
N VAL JB 72 45.73 -14.32 -20.76
CA VAL JB 72 46.44 -15.02 -19.70
C VAL JB 72 47.91 -15.15 -20.06
N ILE JB 73 48.78 -14.77 -19.13
CA ILE JB 73 50.22 -14.82 -19.37
C ILE JB 73 50.96 -15.80 -18.47
N ARG JB 74 50.41 -16.16 -17.31
CA ARG JB 74 51.02 -17.14 -16.43
C ARG JB 74 49.93 -18.01 -15.83
N GLN JB 75 50.18 -19.31 -15.73
CA GLN JB 75 49.23 -20.21 -15.12
C GLN JB 75 49.95 -21.14 -14.16
N ARG JB 76 49.26 -21.51 -13.09
CA ARG JB 76 49.80 -22.44 -12.11
C ARG JB 76 49.61 -23.90 -12.49
N LYS JB 77 48.74 -24.18 -13.46
CA LYS JB 77 48.56 -25.54 -13.94
C LYS JB 77 49.71 -25.90 -14.87
N SER JB 78 50.33 -27.05 -14.60
CA SER JB 78 51.45 -27.49 -15.40
C SER JB 78 51.00 -27.89 -16.80
N TYR JB 79 51.77 -27.48 -17.80
CA TYR JB 79 51.44 -27.83 -19.18
C TYR JB 79 52.69 -28.28 -19.91
N ARG JB 80 52.50 -29.16 -20.90
CA ARG JB 80 53.58 -29.81 -21.62
C ARG JB 80 53.90 -29.02 -22.87
N ARG JB 81 55.18 -28.71 -23.07
CA ARG JB 81 55.59 -27.78 -24.12
C ARG JB 81 56.14 -28.49 -25.35
N LYS JB 82 55.59 -29.66 -25.70
CA LYS JB 82 55.87 -30.36 -26.95
C LYS JB 82 57.32 -30.81 -27.07
N ASP JB 83 58.16 -30.45 -26.10
CA ASP JB 83 59.53 -30.95 -26.03
C ASP JB 83 59.75 -31.70 -24.73
N GLY JB 84 58.67 -32.07 -24.05
CA GLY JB 84 58.74 -32.86 -22.85
C GLY JB 84 58.87 -32.09 -21.57
N VAL JB 85 59.07 -30.79 -21.63
CA VAL JB 85 59.12 -30.02 -20.40
C VAL JB 85 57.70 -29.74 -19.94
N PHE JB 86 57.44 -30.01 -18.68
CA PHE JB 86 56.20 -29.64 -18.04
C PHE JB 86 56.48 -28.38 -17.25
N LEU JB 87 55.86 -27.28 -17.66
CA LEU JB 87 56.14 -25.98 -17.08
C LEU JB 87 54.92 -25.48 -16.33
N TYR JB 88 55.14 -24.91 -15.15
CA TYR JB 88 54.11 -24.18 -14.44
C TYR JB 88 54.76 -23.00 -13.73
N PHE JB 89 53.93 -22.01 -13.41
CA PHE JB 89 54.39 -20.77 -12.81
C PHE JB 89 53.97 -20.69 -11.36
N GLU JB 90 54.47 -19.67 -10.66
CA GLU JB 90 54.16 -19.51 -9.26
C GLU JB 90 52.75 -19.00 -9.02
N ASP JB 91 52.16 -18.30 -10.00
CA ASP JB 91 50.82 -17.77 -9.83
C ASP JB 91 50.14 -17.68 -11.19
N ASN JB 92 48.82 -17.50 -11.15
CA ASN JB 92 48.05 -17.21 -12.35
C ASN JB 92 47.98 -15.70 -12.53
N ALA JB 93 48.28 -15.25 -13.74
CA ALA JB 93 48.29 -13.82 -14.02
C ALA JB 93 47.96 -13.57 -15.48
N GLY JB 94 47.32 -12.44 -15.73
CA GLY JB 94 47.02 -12.00 -17.07
C GLY JB 94 47.11 -10.49 -17.14
N VAL JB 95 46.92 -9.97 -18.35
CA VAL JB 95 46.98 -8.53 -18.60
C VAL JB 95 45.71 -8.11 -19.33
N ILE JB 96 45.40 -6.83 -19.24
CA ILE JB 96 44.21 -6.26 -19.87
C ILE JB 96 44.58 -5.72 -21.24
N VAL JB 97 43.85 -6.17 -22.26
CA VAL JB 97 44.10 -5.80 -23.64
C VAL JB 97 42.81 -5.28 -24.24
N ASN JB 98 42.90 -4.74 -25.45
CA ASN JB 98 41.72 -4.37 -26.21
C ASN JB 98 41.34 -5.52 -27.14
N ASN JB 99 40.37 -5.29 -28.02
CA ASN JB 99 39.94 -6.33 -28.94
C ASN JB 99 41.02 -6.70 -29.95
N LYS JB 100 42.00 -5.83 -30.18
CA LYS JB 100 43.09 -6.09 -31.11
C LYS JB 100 44.29 -6.75 -30.46
N GLY JB 101 44.20 -7.12 -29.19
CA GLY JB 101 45.33 -7.70 -28.51
C GLY JB 101 46.41 -6.71 -28.15
N GLU JB 102 46.07 -5.43 -28.02
CA GLU JB 102 47.02 -4.40 -27.64
C GLU JB 102 46.80 -4.05 -26.18
N MET JB 103 47.89 -3.99 -25.42
CA MET JB 103 47.78 -3.83 -23.98
C MET JB 103 47.28 -2.45 -23.60
N LYS JB 104 46.43 -2.39 -22.57
CA LYS JB 104 46.04 -1.11 -22.00
C LYS JB 104 47.17 -0.53 -21.17
N GLY JB 105 47.90 -1.37 -20.44
CA GLY JB 105 49.03 -0.93 -19.67
C GLY JB 105 50.27 -0.76 -20.52
N SER JB 106 51.39 -0.54 -19.84
CA SER JB 106 52.65 -0.31 -20.52
C SER JB 106 53.79 -1.15 -20.00
N ALA JB 107 53.56 -1.99 -18.98
CA ALA JB 107 54.62 -2.83 -18.44
C ALA JB 107 53.99 -4.06 -17.84
N ILE JB 108 54.81 -5.10 -17.68
CA ILE JB 108 54.39 -6.37 -17.10
C ILE JB 108 55.38 -6.76 -16.02
N THR JB 109 54.87 -7.15 -14.86
CA THR JB 109 55.71 -7.63 -13.78
C THR JB 109 55.77 -9.15 -13.84
N GLY JB 110 56.98 -9.69 -13.81
CA GLY JB 110 57.17 -11.12 -13.82
C GLY JB 110 57.30 -11.67 -15.21
N PRO JB 111 57.54 -12.97 -15.33
CA PRO JB 111 57.72 -13.57 -16.65
C PRO JB 111 56.41 -13.71 -17.39
N VAL JB 112 56.53 -13.91 -18.70
CA VAL JB 112 55.40 -14.17 -19.59
C VAL JB 112 55.70 -15.47 -20.31
N ALA JB 113 54.71 -16.36 -20.38
CA ALA JB 113 54.89 -17.64 -21.04
C ALA JB 113 55.24 -17.45 -22.50
N LYS JB 114 56.05 -18.37 -23.03
CA LYS JB 114 56.42 -18.29 -24.44
C LYS JB 114 55.22 -18.48 -25.35
N GLU JB 115 54.27 -19.34 -24.95
CA GLU JB 115 53.08 -19.57 -25.74
C GLU JB 115 52.24 -18.29 -25.86
N CYS JB 116 52.16 -17.52 -24.78
CA CYS JB 116 51.50 -16.23 -24.85
C CYS JB 116 52.31 -15.21 -25.62
N ALA JB 117 53.64 -15.24 -25.46
CA ALA JB 117 54.49 -14.21 -26.06
C ALA JB 117 54.45 -14.28 -27.57
N ASP JB 118 54.69 -15.46 -28.14
CA ASP JB 118 54.72 -15.55 -29.59
C ASP JB 118 53.33 -15.42 -30.22
N LEU JB 119 52.28 -15.68 -29.44
CA LEU JB 119 50.92 -15.49 -29.94
C LEU JB 119 50.49 -14.03 -29.91
N TRP JB 120 50.96 -13.27 -28.93
CA TRP JB 120 50.65 -11.85 -28.82
C TRP JB 120 51.92 -11.03 -28.85
N PRO JB 121 52.31 -10.49 -30.01
CA PRO JB 121 53.56 -9.71 -30.08
C PRO JB 121 53.54 -8.44 -29.23
N ARG JB 122 52.38 -7.81 -29.04
CA ARG JB 122 52.34 -6.60 -28.24
C ARG JB 122 52.63 -6.89 -26.78
N ILE JB 123 52.13 -8.01 -26.26
CA ILE JB 123 52.43 -8.40 -24.89
C ILE JB 123 53.89 -8.81 -24.76
N ALA JB 124 54.45 -9.44 -25.79
CA ALA JB 124 55.85 -9.85 -25.75
C ALA JB 124 56.77 -8.64 -25.66
N SER JB 125 56.40 -7.54 -26.28
CA SER JB 125 57.23 -6.33 -26.22
C SER JB 125 57.32 -5.80 -24.80
N ASN JB 126 56.17 -5.72 -24.12
CA ASN JB 126 56.15 -5.21 -22.75
C ASN JB 126 56.59 -6.24 -21.74
N ALA JB 127 56.75 -7.51 -22.13
CA ALA JB 127 57.18 -8.53 -21.21
C ALA JB 127 58.60 -8.29 -20.74
N GLY JB 128 58.85 -8.52 -19.46
CA GLY JB 128 60.18 -8.40 -18.92
C GLY JB 128 61.05 -9.54 -19.35
N SER JB 129 60.66 -10.76 -18.98
CA SER JB 129 61.36 -11.96 -19.38
C SER JB 129 60.35 -12.98 -19.88
N ILE JB 130 60.82 -13.90 -20.73
CA ILE JB 130 59.98 -14.92 -21.34
C ILE JB 130 60.36 -16.26 -20.74
N ALA JB 131 59.36 -16.97 -20.23
CA ALA JB 131 59.59 -18.29 -19.64
C ALA JB 131 58.93 -19.38 -20.47
N LYS KB 1 -27.25 -31.17 97.26
CA LYS KB 1 -26.26 -30.10 97.26
C LYS KB 1 -24.90 -30.63 96.83
N LYS KB 2 -24.73 -31.94 96.88
CA LYS KB 2 -23.46 -32.58 96.56
C LYS KB 2 -23.37 -32.98 95.09
N LYS KB 3 -24.41 -32.73 94.30
CA LYS KB 3 -24.38 -33.01 92.86
C LYS KB 3 -23.87 -31.76 92.15
N ILE KB 4 -22.63 -31.82 91.68
CA ILE KB 4 -21.98 -30.69 91.03
C ILE KB 4 -21.34 -31.16 89.74
N ARG KB 5 -21.55 -30.42 88.67
CA ARG KB 5 -20.93 -30.68 87.37
C ARG KB 5 -19.83 -29.65 87.18
N THR KB 6 -18.58 -30.07 87.43
CA THR KB 6 -17.45 -29.18 87.28
C THR KB 6 -16.90 -29.15 85.85
N SER KB 7 -17.38 -30.02 84.98
CA SER KB 7 -16.95 -30.02 83.60
C SER KB 7 -18.15 -29.78 82.68
N PRO KB 8 -18.01 -28.93 81.66
CA PRO KB 8 -19.14 -28.62 80.78
C PRO KB 8 -19.46 -29.71 79.76
N THR KB 9 -18.88 -30.89 79.89
CA THR KB 9 -19.13 -32.00 78.99
C THR KB 9 -19.94 -33.06 79.71
N PHE KB 10 -21.01 -33.51 79.09
CA PHE KB 10 -21.74 -34.68 79.56
C PHE KB 10 -21.11 -35.90 78.92
N ARG KB 11 -20.54 -36.78 79.73
CA ARG KB 11 -20.01 -38.04 79.27
C ARG KB 11 -20.99 -39.15 79.60
N ARG KB 12 -21.01 -40.18 78.76
CA ARG KB 12 -21.89 -41.31 79.00
C ARG KB 12 -21.48 -42.00 80.30
N PRO KB 13 -22.39 -42.13 81.27
CA PRO KB 13 -22.01 -42.74 82.54
C PRO KB 13 -21.61 -44.19 82.37
N LYS KB 14 -20.64 -44.61 83.18
CA LYS KB 14 -20.18 -45.98 83.14
C LYS KB 14 -21.21 -46.89 83.78
N THR KB 15 -21.77 -47.81 83.01
CA THR KB 15 -22.77 -48.74 83.48
C THR KB 15 -22.16 -50.12 83.65
N LEU KB 16 -22.96 -51.02 84.22
CA LEU KB 16 -22.50 -52.37 84.49
C LEU KB 16 -22.65 -53.24 83.24
N ARG KB 17 -21.60 -53.99 82.91
CA ARG KB 17 -21.59 -54.89 81.78
C ARG KB 17 -21.40 -56.31 82.30
N LEU KB 18 -22.47 -57.10 82.26
CA LEU KB 18 -22.40 -58.47 82.74
C LEU KB 18 -21.57 -59.33 81.81
N ARG KB 19 -21.01 -60.40 82.36
CA ARG KB 19 -20.34 -61.41 81.56
C ARG KB 19 -21.37 -62.39 81.02
N ARG KB 20 -21.01 -63.05 79.92
CA ARG KB 20 -21.90 -64.02 79.31
C ARG KB 20 -22.09 -65.22 80.23
N GLN KB 21 -23.35 -65.61 80.43
CA GLN KB 21 -23.71 -66.80 81.18
C GLN KB 21 -24.62 -67.64 80.29
N PRO KB 22 -24.05 -68.29 79.29
CA PRO KB 22 -24.87 -68.92 78.25
C PRO KB 22 -25.67 -70.09 78.81
N LYS KB 23 -26.92 -70.20 78.37
CA LYS KB 23 -27.77 -71.29 78.80
C LYS KB 23 -27.38 -72.60 78.13
N TYR KB 24 -26.60 -72.55 77.06
CA TYR KB 24 -26.15 -73.73 76.37
C TYR KB 24 -24.88 -73.37 75.62
N PRO KB 25 -23.89 -74.26 75.53
CA PRO KB 25 -22.73 -73.98 74.70
C PRO KB 25 -23.10 -74.11 73.23
N ARG KB 26 -22.52 -73.24 72.40
CA ARG KB 26 -22.82 -73.30 70.98
C ARG KB 26 -22.14 -74.46 70.29
N LYS KB 27 -21.02 -74.95 70.84
CA LYS KB 27 -20.37 -76.16 70.37
C LYS KB 27 -20.50 -77.21 71.46
N SER KB 28 -20.99 -78.40 71.07
CA SER KB 28 -21.30 -79.43 72.06
C SER KB 28 -20.05 -79.87 72.81
N ALA KB 29 -18.95 -80.10 72.09
CA ALA KB 29 -17.69 -80.47 72.70
C ALA KB 29 -16.58 -79.70 72.00
N PRO KB 30 -15.53 -79.34 72.74
CA PRO KB 30 -14.37 -78.71 72.10
C PRO KB 30 -13.70 -79.66 71.11
N ARG KB 31 -13.31 -79.11 69.97
CA ARG KB 31 -12.66 -79.91 68.96
C ARG KB 31 -11.27 -80.32 69.42
N ARG KB 32 -10.79 -81.44 68.87
CA ARG KB 32 -9.46 -81.88 69.25
C ARG KB 32 -8.41 -81.11 68.44
N ASN KB 33 -7.20 -81.08 68.98
CA ASN KB 33 -6.10 -80.37 68.35
C ASN KB 33 -5.64 -81.16 67.13
N LYS KB 34 -5.85 -80.60 65.94
CA LYS KB 34 -5.40 -81.28 64.73
C LYS KB 34 -3.88 -81.22 64.59
N LEU KB 35 -3.27 -80.13 65.05
CA LEU KB 35 -1.82 -79.97 64.98
C LEU KB 35 -1.18 -80.56 66.24
N ASP KB 36 -1.29 -81.88 66.35
CA ASP KB 36 -0.64 -82.61 67.43
C ASP KB 36 0.81 -82.85 67.05
N HIS KB 37 1.51 -83.70 67.82
CA HIS KB 37 2.93 -83.89 67.58
C HIS KB 37 3.19 -84.69 66.31
N TYR KB 38 2.39 -85.73 66.08
CA TYR KB 38 2.56 -86.53 64.87
C TYR KB 38 2.17 -85.75 63.63
N ALA KB 39 1.20 -84.84 63.76
CA ALA KB 39 0.90 -83.95 62.66
C ALA KB 39 2.01 -82.92 62.44
N ILE KB 40 2.66 -82.48 63.51
CA ILE KB 40 3.70 -81.47 63.39
C ILE KB 40 4.91 -82.04 62.66
N ILE KB 41 5.38 -83.21 63.08
CA ILE KB 41 6.54 -83.81 62.44
C ILE KB 41 6.05 -84.77 61.36
N LYS KB 42 6.28 -84.41 60.10
CA LYS KB 42 5.82 -85.24 58.99
C LYS KB 42 6.78 -86.38 58.72
N PHE KB 43 8.01 -86.05 58.31
CA PHE KB 43 9.02 -87.04 58.03
C PHE KB 43 10.37 -86.35 58.05
N PRO KB 44 11.45 -87.09 58.32
CA PRO KB 44 12.79 -86.48 58.29
C PRO KB 44 13.41 -86.51 56.92
N LEU KB 45 14.14 -85.44 56.60
CA LEU KB 45 14.84 -85.33 55.34
C LEU KB 45 16.13 -86.14 55.39
N THR KB 46 16.39 -86.91 54.34
CA THR KB 46 17.54 -87.80 54.30
C THR KB 46 18.46 -87.49 53.13
N THR KB 47 18.51 -86.23 52.70
CA THR KB 47 19.37 -85.85 51.60
C THR KB 47 20.82 -85.79 52.06
N GLU KB 48 21.71 -85.52 51.12
CA GLU KB 48 23.13 -85.41 51.45
C GLU KB 48 23.40 -84.23 52.37
N SER KB 49 22.71 -83.12 52.13
CA SER KB 49 22.85 -81.97 53.02
C SER KB 49 22.35 -82.29 54.42
N ALA KB 50 21.25 -83.03 54.51
CA ALA KB 50 20.75 -83.45 55.81
C ALA KB 50 21.74 -84.36 56.52
N MET KB 51 22.37 -85.28 55.79
CA MET KB 51 23.38 -86.14 56.39
C MET KB 51 24.59 -85.34 56.86
N LYS KB 52 25.00 -84.33 56.08
CA LYS KB 52 26.09 -83.46 56.52
C LYS KB 52 25.72 -82.73 57.79
N LYS KB 53 24.49 -82.23 57.88
CA LYS KB 53 24.04 -81.57 59.11
C LYS KB 53 24.04 -82.54 60.29
N ILE KB 54 23.60 -83.77 60.06
CA ILE KB 54 23.53 -84.74 61.15
C ILE KB 54 24.91 -85.09 61.65
N GLU KB 55 25.84 -85.36 60.74
CA GLU KB 55 27.16 -85.83 61.16
C GLU KB 55 28.14 -84.71 61.46
N ASP KB 56 27.78 -83.46 61.20
CA ASP KB 56 28.69 -82.36 61.48
C ASP KB 56 28.15 -81.39 62.52
N ASN KB 57 26.95 -80.85 62.32
CA ASN KB 57 26.42 -79.79 63.16
C ASN KB 57 25.50 -80.30 64.25
N ASN KB 58 25.42 -81.62 64.45
CA ASN KB 58 24.57 -82.21 65.48
C ASN KB 58 23.11 -81.79 65.31
N THR KB 59 22.66 -81.73 64.07
CA THR KB 59 21.35 -81.20 63.73
C THR KB 59 20.56 -82.24 62.94
N LEU KB 60 19.33 -82.50 63.38
CA LEU KB 60 18.39 -83.29 62.61
C LEU KB 60 17.64 -82.39 61.65
N VAL KB 61 17.29 -82.92 60.48
CA VAL KB 61 16.53 -82.17 59.50
C VAL KB 61 15.19 -82.86 59.32
N PHE KB 62 14.11 -82.10 59.52
CA PHE KB 62 12.77 -82.62 59.44
C PHE KB 62 11.96 -81.82 58.44
N ILE KB 63 10.94 -82.46 57.88
CA ILE KB 63 9.89 -81.75 57.15
C ILE KB 63 8.69 -81.70 58.06
N VAL KB 64 8.24 -80.49 58.39
CA VAL KB 64 7.21 -80.29 59.40
C VAL KB 64 6.01 -79.64 58.74
N ASP KB 65 4.95 -79.50 59.54
CA ASP KB 65 3.77 -78.80 59.05
C ASP KB 65 4.08 -77.33 58.82
N VAL KB 66 3.45 -76.76 57.79
CA VAL KB 66 3.70 -75.37 57.47
C VAL KB 66 3.14 -74.46 58.56
N LYS KB 67 2.12 -74.91 59.28
CA LYS KB 67 1.52 -74.12 60.35
C LYS KB 67 2.28 -74.21 61.65
N ALA KB 68 3.25 -75.11 61.77
CA ALA KB 68 4.01 -75.26 63.00
C ALA KB 68 5.01 -74.13 63.14
N ASN KB 69 5.19 -73.65 64.36
CA ASN KB 69 6.22 -72.67 64.67
C ASN KB 69 7.34 -73.35 65.44
N LYS KB 70 8.35 -72.56 65.80
CA LYS KB 70 9.55 -73.12 66.41
C LYS KB 70 9.27 -73.74 67.76
N HIS KB 71 8.40 -73.11 68.57
CA HIS KB 71 8.05 -73.68 69.85
C HIS KB 71 7.37 -75.03 69.70
N GLN KB 72 6.43 -75.12 68.77
CA GLN KB 72 5.73 -76.38 68.55
C GLN KB 72 6.66 -77.46 68.03
N ILE KB 73 7.57 -77.09 67.11
CA ILE KB 73 8.54 -78.06 66.59
C ILE KB 73 9.43 -78.57 67.71
N LYS KB 74 9.92 -77.66 68.55
CA LYS KB 74 10.78 -78.05 69.67
C LYS KB 74 10.06 -79.00 70.61
N GLN KB 75 8.82 -78.66 70.98
CA GLN KB 75 8.05 -79.51 71.87
C GLN KB 75 7.79 -80.88 71.24
N ALA KB 76 7.43 -80.91 69.95
CA ALA KB 76 7.12 -82.17 69.30
C ALA KB 76 8.34 -83.08 69.23
N VAL KB 77 9.49 -82.53 68.86
CA VAL KB 77 10.70 -83.35 68.80
C VAL KB 77 11.06 -83.87 70.18
N LYS KB 78 11.03 -83.00 71.20
CA LYS KB 78 11.34 -83.43 72.55
C LYS KB 78 10.37 -84.50 73.03
N LYS KB 79 9.11 -84.42 72.61
CA LYS KB 79 8.12 -85.36 73.12
C LYS KB 79 8.25 -86.72 72.44
N LEU KB 80 8.24 -86.75 71.12
CA LEU KB 80 8.17 -88.02 70.42
C LEU KB 80 9.54 -88.59 70.06
N TYR KB 81 10.63 -87.95 70.48
CA TYR KB 81 11.94 -88.57 70.36
C TYR KB 81 12.72 -88.61 71.66
N ASP KB 82 12.25 -87.93 72.71
CA ASP KB 82 12.90 -87.90 74.02
C ASP KB 82 14.34 -87.40 73.93
N ILE KB 83 14.52 -86.31 73.20
CA ILE KB 83 15.83 -85.68 73.03
C ILE KB 83 15.69 -84.19 73.28
N ASP KB 84 16.66 -83.61 73.98
CA ASP KB 84 16.70 -82.17 74.17
C ASP KB 84 17.20 -81.50 72.90
N VAL KB 85 16.72 -80.28 72.67
CA VAL KB 85 17.08 -79.52 71.49
C VAL KB 85 17.59 -78.17 71.92
N ALA KB 86 18.61 -77.68 71.22
CA ALA KB 86 19.21 -76.39 71.54
C ALA KB 86 18.48 -75.25 70.84
N LYS KB 87 18.22 -75.40 69.55
CA LYS KB 87 17.51 -74.39 68.80
C LYS KB 87 16.90 -75.02 67.56
N VAL KB 88 15.95 -74.31 66.96
CA VAL KB 88 15.29 -74.75 65.74
C VAL KB 88 15.35 -73.60 64.74
N ASN KB 89 15.88 -73.88 63.55
CA ASN KB 89 15.84 -72.94 62.45
C ASN KB 89 14.86 -73.44 61.41
N THR KB 90 14.10 -72.52 60.83
CA THR KB 90 12.95 -72.88 60.01
C THR KB 90 13.01 -72.17 58.69
N LEU KB 91 12.82 -72.90 57.60
CA LEU KB 91 12.63 -72.28 56.31
C LEU KB 91 11.45 -72.95 55.63
N ILE KB 92 10.93 -72.30 54.61
CA ILE KB 92 9.85 -72.88 53.81
C ILE KB 92 10.41 -73.10 52.42
N ARG KB 93 10.38 -74.35 51.97
CA ARG KB 93 10.99 -74.73 50.72
C ARG KB 93 10.23 -74.14 49.54
N PRO KB 94 10.88 -74.03 48.38
CA PRO KB 94 10.18 -73.49 47.21
C PRO KB 94 9.00 -74.33 46.75
N ASP KB 95 8.93 -75.59 47.14
CA ASP KB 95 7.78 -76.41 46.80
C ASP KB 95 6.67 -76.32 47.85
N GLY KB 96 6.84 -75.48 48.86
CA GLY KB 96 5.78 -75.21 49.82
C GLY KB 96 5.93 -75.89 51.15
N GLU KB 97 6.78 -76.90 51.26
CA GLU KB 97 6.96 -77.61 52.53
C GLU KB 97 7.85 -76.81 53.46
N LYS KB 98 7.64 -76.99 54.75
CA LYS KB 98 8.46 -76.35 55.77
C LYS KB 98 9.53 -77.32 56.25
N LYS KB 99 10.77 -76.85 56.27
CA LYS KB 99 11.92 -77.63 56.69
C LYS KB 99 12.47 -77.04 57.98
N ALA KB 100 12.80 -77.91 58.92
CA ALA KB 100 13.32 -77.53 60.22
C ALA KB 100 14.69 -78.16 60.44
N TYR KB 101 15.66 -77.32 60.77
CA TYR KB 101 16.97 -77.76 61.25
C TYR KB 101 16.93 -77.67 62.77
N VAL KB 102 16.87 -78.82 63.42
CA VAL KB 102 16.72 -78.89 64.86
C VAL KB 102 18.07 -79.32 65.43
N ARG KB 103 18.76 -78.41 66.12
CA ARG KB 103 20.05 -78.73 66.70
C ARG KB 103 19.86 -79.31 68.10
N LEU KB 104 20.49 -80.44 68.35
CA LEU KB 104 20.31 -81.13 69.61
C LEU KB 104 21.23 -80.53 70.68
N ALA KB 105 20.91 -80.86 71.93
CA ALA KB 105 21.73 -80.44 73.04
C ALA KB 105 23.10 -81.11 72.97
N PRO KB 106 24.13 -80.50 73.57
CA PRO KB 106 25.48 -81.09 73.46
C PRO KB 106 25.58 -82.50 73.99
N ASP KB 107 24.80 -82.86 75.00
CA ASP KB 107 24.87 -84.20 75.56
C ASP KB 107 24.10 -85.24 74.75
N TYR KB 108 23.37 -84.83 73.71
CA TYR KB 108 22.74 -85.77 72.80
C TYR KB 108 23.52 -85.78 71.49
N ASP KB 109 23.60 -86.94 70.86
CA ASP KB 109 24.34 -87.12 69.63
C ASP KB 109 23.38 -87.40 68.48
N ALA KB 110 23.41 -86.52 67.47
CA ALA KB 110 22.51 -86.65 66.35
C ALA KB 110 22.74 -87.93 65.56
N LEU KB 111 23.96 -88.46 65.54
CA LEU KB 111 24.22 -89.66 64.77
C LEU KB 111 23.45 -90.85 65.32
N ASP KB 112 23.58 -91.14 66.61
CA ASP KB 112 22.84 -92.29 67.12
C ASP KB 112 21.38 -91.97 67.37
N VAL KB 113 21.01 -90.70 67.52
CA VAL KB 113 19.59 -90.36 67.53
C VAL KB 113 18.96 -90.70 66.18
N ALA KB 114 19.62 -90.34 65.08
CA ALA KB 114 19.13 -90.69 63.76
C ALA KB 114 19.22 -92.19 63.51
N ASN KB 115 20.20 -92.86 64.12
CA ASN KB 115 20.24 -94.31 64.06
C ASN KB 115 18.99 -94.92 64.67
N LYS KB 116 18.61 -94.43 65.85
CA LYS KB 116 17.40 -94.91 66.51
C LYS KB 116 16.15 -94.58 65.70
N ILE KB 117 16.09 -93.38 65.13
CA ILE KB 117 14.94 -92.98 64.32
C ILE KB 117 14.82 -93.88 63.10
N GLY KB 118 15.94 -94.14 62.43
CA GLY KB 118 15.96 -95.07 61.31
C GLY KB 118 16.27 -94.41 59.99
N ILE KB 119 17.01 -93.30 60.01
CA ILE KB 119 17.24 -92.51 58.81
C ILE KB 119 18.73 -92.44 58.46
N ILE KB 120 19.54 -93.30 59.05
CA ILE KB 120 20.97 -93.23 58.82
C ILE KB 120 21.31 -93.71 57.42
N MET LB 1 -43.70 -105.91 23.47
CA MET LB 1 -42.53 -105.06 23.58
C MET LB 1 -42.52 -104.27 24.88
N LYS LB 2 -41.63 -103.29 24.99
CA LYS LB 2 -41.46 -102.55 26.22
C LYS LB 2 -42.58 -101.52 26.38
N PHE LB 3 -43.26 -101.55 27.53
CA PHE LB 3 -44.32 -100.61 27.83
C PHE LB 3 -44.04 -99.71 29.02
N ASN LB 4 -43.06 -100.04 29.85
CA ASN LB 4 -42.74 -99.21 30.99
C ASN LB 4 -42.23 -97.87 30.51
N PRO LB 5 -42.88 -96.76 30.86
CA PRO LB 5 -42.42 -95.44 30.41
C PRO LB 5 -41.24 -94.88 31.17
N PHE LB 6 -40.63 -95.66 32.07
CA PHE LB 6 -39.51 -95.18 32.85
C PHE LB 6 -38.21 -95.90 32.53
N VAL LB 7 -38.27 -97.04 31.87
CA VAL LB 7 -37.09 -97.65 31.28
C VAL LB 7 -36.97 -97.14 29.85
N THR LB 8 -35.75 -96.83 29.43
CA THR LB 8 -35.51 -96.25 28.13
C THR LB 8 -35.12 -97.32 27.12
N SER LB 9 -35.52 -97.11 25.87
CA SER LB 9 -35.05 -97.92 24.77
C SER LB 9 -34.02 -97.18 23.93
N ASP LB 10 -33.49 -96.08 24.44
CA ASP LB 10 -32.53 -95.29 23.68
C ASP LB 10 -31.21 -96.02 23.57
N ARG LB 11 -30.68 -96.11 22.35
CA ARG LB 11 -29.42 -96.79 22.12
C ARG LB 11 -28.28 -96.12 22.85
N SER LB 12 -28.21 -94.78 22.78
CA SER LB 12 -27.14 -94.06 23.45
C SER LB 12 -27.21 -94.24 24.95
N LYS LB 13 -28.40 -94.14 25.52
CA LYS LB 13 -28.55 -94.29 26.97
C LYS LB 13 -28.20 -95.70 27.42
N ASN LB 14 -28.65 -96.71 26.68
CA ASN LB 14 -28.32 -98.09 27.05
C ASN LB 14 -26.83 -98.34 26.96
N ARG LB 15 -26.18 -97.84 25.91
CA ARG LB 15 -24.74 -98.03 25.79
C ARG LB 15 -23.98 -97.30 26.88
N LYS LB 16 -24.40 -96.08 27.21
CA LYS LB 16 -23.76 -95.33 28.28
C LYS LB 16 -23.89 -96.04 29.62
N ARG LB 17 -25.10 -96.54 29.92
CA ARG LB 17 -25.29 -97.30 31.15
C ARG LB 17 -24.42 -98.54 31.17
N HIS LB 18 -24.33 -99.25 30.05
CA HIS LB 18 -23.54 -100.47 29.99
C HIS LB 18 -22.06 -100.19 30.22
N PHE LB 19 -21.51 -99.16 29.58
CA PHE LB 19 -20.08 -98.93 29.66
C PHE LB 19 -19.67 -98.11 30.87
N ASN LB 20 -20.62 -97.50 31.58
CA ASN LB 20 -20.31 -96.79 32.82
C ASN LB 20 -20.94 -97.45 34.02
N ALA LB 21 -21.40 -98.69 33.88
CA ALA LB 21 -21.95 -99.41 35.01
C ALA LB 21 -20.88 -99.65 36.07
N PRO LB 22 -21.18 -99.42 37.34
CA PRO LB 22 -20.24 -99.77 38.40
C PRO LB 22 -20.08 -101.27 38.51
N SER LB 23 -19.05 -101.69 39.25
CA SER LB 23 -18.66 -103.10 39.25
C SER LB 23 -19.77 -103.99 39.82
N HIS LB 24 -20.57 -103.47 40.74
CA HIS LB 24 -21.58 -104.32 41.38
C HIS LB 24 -22.72 -104.68 40.45
N ILE LB 25 -22.92 -103.94 39.37
CA ILE LB 25 -23.84 -104.38 38.31
C ILE LB 25 -23.11 -104.86 37.07
N ARG LB 26 -21.83 -104.56 36.92
CA ARG LB 26 -21.03 -105.26 35.92
C ARG LB 26 -20.95 -106.73 36.26
N ARG LB 27 -20.98 -107.08 37.53
CA ARG LB 27 -21.05 -108.48 37.93
C ARG LB 27 -22.32 -109.14 37.41
N LYS LB 28 -23.45 -108.45 37.51
CA LYS LB 28 -24.70 -108.98 36.98
C LYS LB 28 -24.66 -109.07 35.47
N ILE LB 29 -24.07 -108.07 34.81
CA ILE LB 29 -23.96 -108.07 33.36
C ILE LB 29 -23.12 -109.24 32.89
N MET LB 30 -22.02 -109.52 33.58
CA MET LB 30 -21.09 -110.59 33.21
C MET LB 30 -21.58 -111.92 33.76
N SER LB 31 -22.71 -112.36 33.23
CA SER LB 31 -23.29 -113.65 33.58
C SER LB 31 -23.01 -114.66 32.48
N SER LB 32 -23.10 -115.94 32.84
CA SER LB 32 -22.88 -117.03 31.91
C SER LB 32 -23.98 -118.06 32.09
N PRO LB 33 -24.31 -118.81 31.04
CA PRO LB 33 -25.27 -119.90 31.20
C PRO LB 33 -24.64 -121.07 31.93
N LEU LB 34 -25.47 -121.84 32.60
CA LEU LB 34 -25.02 -123.09 33.17
C LEU LB 34 -25.20 -124.21 32.16
N SER LB 35 -24.50 -125.32 32.39
CA SER LB 35 -24.65 -126.49 31.54
C SER LB 35 -26.05 -127.06 31.66
N LYS LB 36 -26.38 -127.99 30.77
CA LYS LB 36 -27.70 -128.61 30.84
C LYS LB 36 -27.85 -129.41 32.13
N GLU LB 37 -26.80 -130.09 32.55
CA GLU LB 37 -26.83 -130.85 33.80
C GLU LB 37 -27.02 -129.92 35.00
N LEU LB 38 -26.32 -128.80 35.02
CA LEU LB 38 -26.47 -127.85 36.12
C LEU LB 38 -27.83 -127.17 36.08
N ARG LB 39 -28.35 -126.89 34.89
CA ARG LB 39 -29.68 -126.32 34.75
C ARG LB 39 -30.77 -127.28 35.19
N GLN LB 40 -30.55 -128.58 35.04
CA GLN LB 40 -31.49 -129.54 35.60
C GLN LB 40 -31.31 -129.69 37.11
N LYS LB 41 -30.07 -129.67 37.59
CA LYS LB 41 -29.82 -129.89 39.01
C LYS LB 41 -30.36 -128.74 39.85
N TYR LB 42 -30.01 -127.51 39.50
CA TYR LB 42 -30.59 -126.32 40.08
C TYR LB 42 -31.50 -125.70 39.04
N ASN LB 43 -32.73 -125.38 39.42
CA ASN LB 43 -33.70 -124.89 38.45
C ASN LB 43 -33.41 -123.43 38.08
N VAL LB 44 -32.19 -123.19 37.61
CA VAL LB 44 -31.76 -121.86 37.22
C VAL LB 44 -31.11 -121.96 35.84
N ARG LB 45 -31.21 -120.88 35.07
CA ARG LB 45 -30.67 -120.89 33.73
C ARG LB 45 -29.25 -120.32 33.68
N SER LB 46 -29.03 -119.17 34.29
CA SER LB 46 -27.74 -118.50 34.23
C SER LB 46 -27.40 -117.92 35.59
N MET LB 47 -26.11 -117.88 35.89
CA MET LB 47 -25.58 -117.30 37.11
C MET LB 47 -24.42 -116.38 36.77
N PRO LB 48 -24.20 -115.33 37.55
CA PRO LB 48 -23.05 -114.44 37.29
C PRO LB 48 -21.74 -115.20 37.44
N ILE LB 49 -20.79 -114.88 36.58
CA ILE LB 49 -19.50 -115.56 36.60
C ILE LB 49 -18.74 -115.16 37.85
N ARG LB 50 -17.83 -116.04 38.27
CA ARG LB 50 -17.15 -115.89 39.55
C ARG LB 50 -15.79 -116.54 39.44
N LYS LB 51 -14.90 -116.20 40.38
CA LYS LB 51 -13.47 -116.36 40.17
C LYS LB 51 -13.05 -117.81 39.97
N ASP LB 52 -13.60 -118.74 40.75
CA ASP LB 52 -12.98 -120.04 40.90
C ASP LB 52 -13.89 -121.17 40.44
N ASP LB 53 -14.56 -121.02 39.30
CA ASP LB 53 -15.42 -122.07 38.78
C ASP LB 53 -14.95 -122.50 37.40
N GLU LB 54 -15.37 -123.68 36.98
CA GLU LB 54 -14.92 -124.28 35.73
C GLU LB 54 -15.92 -124.00 34.61
N VAL LB 55 -15.40 -123.57 33.46
CA VAL LB 55 -16.21 -123.23 32.31
C VAL LB 55 -15.61 -123.88 31.08
N GLN LB 56 -16.40 -123.97 30.02
CA GLN LB 56 -15.88 -124.35 28.71
C GLN LB 56 -16.32 -123.30 27.69
N VAL LB 57 -15.43 -123.02 26.75
CA VAL LB 57 -15.68 -121.98 25.76
C VAL LB 57 -16.47 -122.57 24.60
N VAL LB 58 -17.54 -121.89 24.21
CA VAL LB 58 -18.45 -122.40 23.19
C VAL LB 58 -18.42 -121.58 21.91
N ARG LB 59 -17.76 -120.42 21.90
CA ARG LB 59 -17.62 -119.61 20.71
C ARG LB 59 -16.19 -119.12 20.61
N GLY LB 60 -15.77 -118.85 19.38
CA GLY LB 60 -14.49 -118.22 19.15
C GLY LB 60 -13.39 -119.19 18.76
N HIS LB 61 -12.16 -118.71 18.92
CA HIS LB 61 -10.99 -119.50 18.54
C HIS LB 61 -10.76 -120.66 19.49
N TYR LB 62 -11.19 -120.53 20.74
CA TYR LB 62 -10.91 -121.53 21.77
C TYR LB 62 -12.12 -122.41 22.06
N LYS LB 63 -12.94 -122.68 21.05
CA LYS LB 63 -14.04 -123.61 21.21
C LYS LB 63 -13.51 -125.00 21.54
N GLY LB 64 -14.32 -125.77 22.23
CA GLY LB 64 -13.95 -127.14 22.54
C GLY LB 64 -14.69 -127.62 23.77
N GLN LB 65 -14.47 -128.89 24.07
CA GLN LB 65 -15.05 -129.52 25.24
C GLN LB 65 -14.11 -129.51 26.44
N GLN LB 66 -12.94 -128.92 26.32
CA GLN LB 66 -12.02 -128.85 27.45
C GLN LB 66 -12.55 -127.91 28.52
N ILE LB 67 -12.42 -128.32 29.78
CA ILE LB 67 -12.95 -127.59 30.91
C ILE LB 67 -11.80 -126.87 31.59
N GLY LB 68 -11.89 -125.56 31.69
CA GLY LB 68 -10.85 -124.74 32.29
C GLY LB 68 -11.40 -123.93 33.44
N LYS LB 69 -10.58 -123.77 34.48
CA LYS LB 69 -10.99 -123.02 35.66
C LYS LB 69 -10.72 -121.54 35.44
N VAL LB 70 -11.71 -120.70 35.77
CA VAL LB 70 -11.55 -119.27 35.69
C VAL LB 70 -10.45 -118.84 36.66
N VAL LB 71 -9.61 -117.91 36.22
CA VAL LB 71 -8.50 -117.43 37.04
C VAL LB 71 -8.54 -115.94 37.29
N GLN LB 72 -9.42 -115.20 36.61
CA GLN LB 72 -9.56 -113.77 36.81
C GLN LB 72 -10.83 -113.28 36.14
N VAL LB 73 -11.60 -112.46 36.84
CA VAL LB 73 -12.79 -111.84 36.27
C VAL LB 73 -12.48 -110.36 36.13
N TYR LB 74 -12.01 -109.95 34.95
CA TYR LB 74 -11.54 -108.58 34.75
C TYR LB 74 -12.78 -107.78 34.37
N ARG LB 75 -13.42 -107.19 35.38
CA ARG LB 75 -14.69 -106.51 35.14
C ARG LB 75 -14.52 -105.18 34.44
N LYS LB 76 -13.36 -104.56 34.53
CA LYS LB 76 -13.14 -103.31 33.82
C LYS LB 76 -13.16 -103.52 32.32
N LYS LB 77 -12.64 -104.65 31.85
CA LYS LB 77 -12.63 -104.97 30.43
C LYS LB 77 -13.72 -105.95 30.04
N TYR LB 78 -14.63 -106.28 30.96
CA TYR LB 78 -15.76 -107.18 30.70
C TYR LB 78 -15.30 -108.54 30.20
N VAL LB 79 -14.19 -109.07 30.72
CA VAL LB 79 -13.70 -110.35 30.25
C VAL LB 79 -13.36 -111.24 31.43
N ILE LB 80 -13.10 -112.51 31.13
CA ILE LB 80 -12.60 -113.46 32.10
C ILE LB 80 -11.41 -114.17 31.50
N TYR LB 81 -10.50 -114.60 32.36
CA TYR LB 81 -9.33 -115.38 31.97
C TYR LB 81 -9.52 -116.80 32.47
N ILE LB 82 -9.17 -117.77 31.63
CA ILE LB 82 -9.34 -119.18 31.95
C ILE LB 82 -7.95 -119.83 31.93
N GLU LB 83 -7.89 -121.08 32.39
CA GLU LB 83 -6.61 -121.73 32.64
C GLU LB 83 -5.79 -121.89 31.38
N ARG LB 84 -6.37 -122.49 30.34
CA ARG LB 84 -5.63 -122.78 29.12
C ARG LB 84 -6.03 -121.91 27.94
N VAL LB 85 -6.84 -120.89 28.17
CA VAL LB 85 -7.19 -119.94 27.12
C VAL LB 85 -6.11 -118.87 27.09
N GLN LB 86 -5.01 -119.16 26.43
CA GLN LB 86 -3.84 -118.29 26.49
C GLN LB 86 -3.07 -118.42 25.19
N ARG LB 87 -2.10 -117.51 25.03
CA ARG LB 87 -1.26 -117.51 23.85
C ARG LB 87 0.11 -116.99 24.23
N GLU LB 88 1.10 -117.37 23.43
CA GLU LB 88 2.46 -116.91 23.61
C GLU LB 88 2.65 -115.63 22.81
N LYS LB 89 3.18 -114.60 23.46
CA LYS LB 89 3.47 -113.37 22.75
C LYS LB 89 4.88 -113.45 22.16
N ALA LB 90 5.42 -112.31 21.72
CA ALA LB 90 6.66 -112.33 20.95
C ALA LB 90 7.82 -112.89 21.75
N ASN LB 91 8.02 -112.39 22.96
CA ASN LB 91 9.15 -112.83 23.78
C ASN LB 91 8.91 -114.19 24.43
N GLY LB 92 7.89 -114.92 24.00
CA GLY LB 92 7.67 -116.26 24.47
C GLY LB 92 6.91 -116.37 25.78
N THR LB 93 6.57 -115.26 26.41
CA THR LB 93 5.79 -115.34 27.63
C THR LB 93 4.32 -115.59 27.29
N THR LB 94 3.63 -116.22 28.24
CA THR LB 94 2.24 -116.60 28.07
C THR LB 94 1.34 -115.53 28.65
N VAL LB 95 0.36 -115.09 27.87
CA VAL LB 95 -0.67 -114.16 28.32
C VAL LB 95 -2.03 -114.80 28.12
N HIS LB 96 -2.92 -114.58 29.08
CA HIS LB 96 -4.29 -115.07 28.98
C HIS LB 96 -5.05 -114.25 27.96
N VAL LB 97 -6.00 -114.90 27.29
CA VAL LB 97 -6.87 -114.23 26.33
C VAL LB 97 -8.22 -114.04 26.98
N GLY LB 98 -8.70 -112.80 27.00
CA GLY LB 98 -9.97 -112.51 27.63
C GLY LB 98 -11.12 -112.80 26.71
N ILE LB 99 -12.11 -113.51 27.22
CA ILE LB 99 -13.32 -113.82 26.46
C ILE LB 99 -14.53 -113.39 27.27
N HIS LB 100 -15.59 -113.05 26.57
CA HIS LB 100 -16.81 -112.61 27.24
C HIS LB 100 -17.46 -113.77 27.96
N PRO LB 101 -17.98 -113.56 29.18
CA PRO LB 101 -18.62 -114.65 29.90
C PRO LB 101 -19.89 -115.16 29.23
N SER LB 102 -20.51 -114.39 28.35
CA SER LB 102 -21.69 -114.90 27.66
C SER LB 102 -21.33 -115.99 26.66
N LYS LB 103 -20.05 -116.16 26.35
CA LYS LB 103 -19.58 -117.14 25.39
C LYS LB 103 -18.96 -118.36 26.05
N VAL LB 104 -19.26 -118.60 27.33
CA VAL LB 104 -18.80 -119.80 28.03
C VAL LB 104 -20.02 -120.51 28.60
N VAL LB 105 -19.77 -121.69 29.15
CA VAL LB 105 -20.80 -122.45 29.86
C VAL LB 105 -20.19 -122.91 31.18
N ILE LB 106 -20.78 -122.49 32.29
CA ILE LB 106 -20.31 -122.90 33.60
C ILE LB 106 -20.68 -124.37 33.80
N THR LB 107 -19.67 -125.24 33.77
CA THR LB 107 -19.89 -126.67 33.93
C THR LB 107 -19.79 -127.12 35.38
N ARG LB 108 -19.17 -126.32 36.25
CA ARG LB 108 -19.10 -126.63 37.66
C ARG LB 108 -19.01 -125.32 38.43
N LEU LB 109 -19.89 -125.14 39.42
CA LEU LB 109 -19.99 -123.90 40.15
C LEU LB 109 -19.05 -123.89 41.35
N LYS LB 110 -18.54 -122.70 41.66
CA LYS LB 110 -17.79 -122.47 42.89
C LYS LB 110 -18.81 -122.11 43.96
N LEU LB 111 -19.10 -123.05 44.85
CA LEU LB 111 -20.25 -122.95 45.74
C LEU LB 111 -19.83 -122.54 47.14
N ASP LB 112 -20.51 -121.54 47.68
CA ASP LB 112 -20.45 -121.20 49.09
C ASP LB 112 -21.86 -120.80 49.52
N LYS LB 113 -21.99 -120.26 50.73
CA LYS LB 113 -23.32 -119.94 51.23
C LYS LB 113 -24.01 -118.88 50.39
N ASP LB 114 -23.25 -117.89 49.91
CA ASP LB 114 -23.85 -116.85 49.07
C ASP LB 114 -24.34 -117.41 47.75
N ARG LB 115 -23.53 -118.24 47.09
CA ARG LB 115 -23.96 -118.84 45.83
C ARG LB 115 -25.17 -119.74 46.04
N LYS LB 116 -25.18 -120.51 47.13
CA LYS LB 116 -26.34 -121.36 47.41
C LYS LB 116 -27.59 -120.54 47.63
N LYS LB 117 -27.48 -119.43 48.37
CA LYS LB 117 -28.62 -118.57 48.59
C LYS LB 117 -29.13 -117.97 47.29
N ILE LB 118 -28.22 -117.53 46.42
CA ILE LB 118 -28.64 -116.96 45.14
C ILE LB 118 -29.32 -118.02 44.27
N LEU LB 119 -28.77 -119.23 44.26
CA LEU LB 119 -29.38 -120.30 43.47
C LEU LB 119 -30.78 -120.62 43.98
N GLU LB 120 -30.96 -120.67 45.30
CA GLU LB 120 -32.29 -120.94 45.84
C GLU LB 120 -33.26 -119.81 45.52
N ARG LB 121 -32.78 -118.56 45.59
CA ARG LB 121 -33.66 -117.43 45.26
C ARG LB 121 -34.11 -117.48 43.82
N LYS LB 122 -33.19 -117.76 42.90
CA LYS LB 122 -33.55 -117.82 41.48
C LYS LB 122 -34.50 -118.98 41.20
N ALA LB 123 -34.24 -120.16 41.79
CA ALA LB 123 -35.11 -121.30 41.57
C ALA LB 123 -36.50 -121.04 42.15
N LYS LB 124 -36.58 -120.40 43.31
CA LYS LB 124 -37.87 -120.07 43.90
C LYS LB 124 -38.65 -119.11 43.02
N SER LB 125 -37.98 -118.08 42.48
CA SER LB 125 -38.67 -117.16 41.59
C SER LB 125 -39.15 -117.86 40.33
N ARG LB 126 -38.33 -118.76 39.78
CA ARG LB 126 -38.73 -119.50 38.59
C ARG LB 126 -39.96 -120.36 38.87
N GLN LB 127 -39.98 -121.04 40.02
CA GLN LB 127 -41.13 -121.86 40.36
C GLN LB 127 -42.38 -121.01 40.57
N VAL LB 128 -42.23 -119.85 41.23
CA VAL LB 128 -43.36 -118.96 41.41
C VAL LB 128 -43.93 -118.55 40.07
N GLY LB 129 -43.07 -118.25 39.10
CA GLY LB 129 -43.53 -117.98 37.76
C GLY LB 129 -44.23 -119.16 37.10
N LYS LB 130 -43.71 -120.37 37.32
CA LYS LB 130 -44.30 -121.55 36.68
C LYS LB 130 -45.72 -121.80 37.18
N GLU LB 131 -45.91 -121.80 38.51
CA GLU LB 131 -47.30 -121.95 38.99
C GLU LB 131 -48.11 -120.66 38.91
N LYS LB 132 -47.51 -119.53 38.55
CA LYS LB 132 -48.31 -118.39 38.11
C LYS LB 132 -48.91 -118.66 36.74
N GLY LB 133 -48.09 -119.17 35.83
CA GLY LB 133 -48.52 -119.48 34.47
C GLY LB 133 -49.34 -120.74 34.32
N LYS LB 134 -49.34 -121.61 35.33
CA LYS LB 134 -50.12 -122.84 35.28
C LYS LB 134 -51.62 -122.54 35.24
N GLY MB 1 27.14 2.59 100.56
CA GLY MB 1 28.40 1.93 100.85
C GLY MB 1 28.40 0.46 100.50
N LYS MB 2 29.03 -0.35 101.34
CA LYS MB 2 29.05 -1.78 101.16
C LYS MB 2 27.81 -2.43 101.77
N PHE MB 3 27.44 -3.58 101.24
CA PHE MB 3 26.30 -4.32 101.76
C PHE MB 3 26.55 -5.80 101.95
N MET MB 4 27.62 -6.37 101.39
CA MET MB 4 27.92 -7.77 101.63
C MET MB 4 28.47 -7.93 103.04
N LYS MB 5 27.59 -8.21 103.99
CA LYS MB 5 27.92 -8.28 105.40
C LYS MB 5 27.47 -9.61 105.96
N PRO MB 6 28.06 -10.06 107.06
CA PRO MB 6 27.53 -11.25 107.73
C PRO MB 6 26.08 -11.06 108.15
N GLY MB 7 25.29 -12.12 108.00
CA GLY MB 7 23.87 -12.06 108.24
C GLY MB 7 23.03 -11.67 107.05
N LYS MB 8 23.66 -11.30 105.94
CA LYS MB 8 22.92 -10.92 104.74
C LYS MB 8 22.41 -12.16 104.01
N VAL MB 9 21.17 -12.09 103.56
CA VAL MB 9 20.56 -13.18 102.80
C VAL MB 9 20.85 -12.95 101.32
N VAL MB 10 21.39 -13.99 100.67
CA VAL MB 10 21.73 -13.95 99.26
C VAL MB 10 21.06 -15.13 98.57
N LEU MB 11 20.93 -15.02 97.25
CA LEU MB 11 20.42 -16.10 96.43
C LEU MB 11 21.57 -16.66 95.62
N VAL MB 12 21.77 -17.98 95.69
CA VAL MB 12 22.83 -18.61 94.91
C VAL MB 12 22.41 -18.64 93.45
N LEU MB 13 23.27 -18.13 92.58
CA LEU MB 13 22.96 -18.04 91.17
C LEU MB 13 23.53 -19.18 90.34
N ALA MB 14 24.64 -19.77 90.76
CA ALA MB 14 25.31 -20.77 89.97
C ALA MB 14 25.66 -21.98 90.83
N GLY MB 15 25.93 -23.09 90.15
CA GLY MB 15 26.34 -24.29 90.83
C GLY MB 15 25.18 -25.22 91.12
N ARG MB 16 25.48 -26.23 91.94
CA ARG MB 16 24.48 -27.22 92.30
C ARG MB 16 23.33 -26.59 93.07
N TYR MB 17 23.64 -25.67 93.99
CA TYR MB 17 22.65 -25.03 94.84
C TYR MB 17 22.10 -23.75 94.25
N SER MB 18 22.08 -23.62 92.93
CA SER MB 18 21.56 -22.40 92.33
C SER MB 18 20.08 -22.27 92.61
N GLY MB 19 19.65 -21.08 93.01
CA GLY MB 19 18.29 -20.85 93.42
C GLY MB 19 18.04 -21.01 94.89
N ARG MB 20 19.02 -21.47 95.66
CA ARG MB 20 18.84 -21.62 97.09
C ARG MB 20 19.10 -20.31 97.81
N LYS MB 21 18.37 -20.08 98.89
CA LYS MB 21 18.61 -18.96 99.76
C LYS MB 21 19.72 -19.30 100.74
N ALA MB 22 20.49 -18.29 101.13
CA ALA MB 22 21.64 -18.54 101.97
C ALA MB 22 21.94 -17.29 102.78
N VAL MB 23 22.71 -17.46 103.86
CA VAL MB 23 23.09 -16.35 104.72
C VAL MB 23 24.61 -16.28 104.78
N ILE MB 24 25.15 -15.08 104.59
CA ILE MB 24 26.59 -14.89 104.55
C ILE MB 24 27.16 -15.03 105.96
N VAL MB 25 28.03 -16.02 106.14
CA VAL MB 25 28.71 -16.20 107.41
C VAL MB 25 29.95 -15.31 107.51
N LYS MB 26 30.72 -15.21 106.43
CA LYS MB 26 31.90 -14.35 106.47
C LYS MB 26 32.26 -13.88 105.08
N ASN MB 27 32.11 -12.59 104.83
CA ASN MB 27 32.57 -11.98 103.59
C ASN MB 27 34.06 -11.70 103.65
N ILE MB 28 34.72 -11.79 102.50
CA ILE MB 28 36.13 -11.45 102.39
C ILE MB 28 36.34 -10.21 101.54
N ASP MB 29 35.72 -10.20 100.35
CA ASP MB 29 35.68 -9.07 99.41
C ASP MB 29 37.06 -8.48 99.09
N ASP MB 30 38.13 -9.24 99.34
CA ASP MB 30 39.47 -8.79 99.02
C ASP MB 30 40.34 -9.86 98.38
N GLY MB 31 39.96 -11.13 98.43
CA GLY MB 31 40.84 -12.19 98.03
C GLY MB 31 41.75 -12.63 99.16
N THR MB 32 42.29 -13.84 99.03
CA THR MB 32 43.12 -14.42 100.07
C THR MB 32 44.37 -15.06 99.50
N SER MB 33 44.84 -14.58 98.35
CA SER MB 33 46.02 -15.05 97.63
C SER MB 33 45.86 -16.47 97.10
N ASP MB 34 44.74 -17.13 97.38
CA ASP MB 34 44.39 -18.39 96.75
C ASP MB 34 42.99 -18.38 96.15
N ARG MB 35 42.15 -17.44 96.54
CA ARG MB 35 40.91 -17.11 95.83
C ARG MB 35 40.99 -15.61 95.57
N PRO MB 36 41.69 -15.18 94.52
CA PRO MB 36 41.92 -13.75 94.33
C PRO MB 36 40.64 -12.94 94.14
N TYR MB 37 39.55 -13.57 93.72
CA TYR MB 37 38.28 -12.88 93.57
C TYR MB 37 37.67 -12.59 94.94
N SER MB 38 36.64 -11.76 94.95
CA SER MB 38 35.89 -11.48 96.16
C SER MB 38 34.91 -12.61 96.43
N HIS MB 39 34.94 -13.16 97.64
CA HIS MB 39 34.14 -14.31 97.97
C HIS MB 39 33.57 -14.17 99.37
N ALA MB 40 32.74 -15.14 99.74
CA ALA MB 40 32.10 -15.14 101.05
C ALA MB 40 31.73 -16.55 101.44
N LEU MB 41 32.21 -16.98 102.60
CA LEU MB 41 31.67 -18.18 103.22
C LEU MB 41 30.20 -17.95 103.53
N VAL MB 42 29.36 -18.90 103.12
CA VAL MB 42 27.91 -18.76 103.18
C VAL MB 42 27.31 -20.08 103.63
N ALA MB 43 26.20 -19.99 104.35
CA ALA MB 43 25.48 -21.17 104.83
C ALA MB 43 24.05 -21.09 104.31
N GLY MB 44 23.65 -22.08 103.53
CA GLY MB 44 22.34 -22.06 102.93
C GLY MB 44 21.56 -23.31 103.26
N ILE MB 45 20.39 -23.47 102.65
CA ILE MB 45 19.54 -24.63 102.89
C ILE MB 45 19.29 -25.35 101.58
N ASP MB 46 19.53 -26.66 101.57
CA ASP MB 46 19.35 -27.47 100.39
C ASP MB 46 17.88 -27.88 100.23
N ARG MB 47 17.30 -28.44 101.28
CA ARG MB 47 15.92 -28.90 101.26
C ARG MB 47 15.11 -27.97 102.15
N TYR MB 48 14.26 -27.17 101.55
CA TYR MB 48 13.36 -26.34 102.33
C TYR MB 48 12.35 -27.22 103.06
N PRO MB 49 11.95 -26.85 104.26
CA PRO MB 49 10.90 -27.61 104.95
C PRO MB 49 9.59 -27.51 104.19
N ARG MB 50 8.85 -28.62 104.17
CA ARG MB 50 7.59 -28.64 103.46
C ARG MB 50 6.52 -27.90 104.25
N LYS MB 51 5.47 -27.50 103.53
CA LYS MB 51 4.38 -26.78 104.17
C LYS MB 51 3.63 -27.68 105.14
N VAL MB 52 3.15 -27.08 106.22
CA VAL MB 52 2.42 -27.78 107.25
C VAL MB 52 1.05 -27.13 107.43
N THR MB 53 0.03 -27.94 107.59
CA THR MB 53 -1.34 -27.48 107.74
C THR MB 53 -1.84 -27.81 109.15
N ALA MB 54 -2.98 -27.21 109.50
CA ALA MB 54 -3.53 -27.41 110.83
C ALA MB 54 -3.96 -28.85 111.06
N ALA MB 55 -4.56 -29.48 110.06
CA ALA MB 55 -5.06 -30.84 110.20
C ALA MB 55 -4.03 -31.84 109.69
N MET MB 56 -2.85 -31.80 110.30
CA MET MB 56 -1.73 -32.62 109.85
C MET MB 56 -1.24 -33.58 110.91
N GLY MB 57 -0.91 -33.09 112.09
CA GLY MB 57 -0.43 -33.97 113.14
C GLY MB 57 0.97 -33.65 113.62
N LYS MB 58 1.25 -33.92 114.89
CA LYS MB 58 2.54 -33.56 115.47
C LYS MB 58 3.69 -34.28 114.80
N LYS MB 59 3.55 -35.60 114.60
CA LYS MB 59 4.64 -36.38 114.01
C LYS MB 59 4.90 -35.96 112.57
N LYS MB 60 3.84 -35.76 111.80
CA LYS MB 60 4.01 -35.37 110.40
C LYS MB 60 4.61 -33.96 110.30
N ILE MB 61 4.18 -33.05 111.17
CA ILE MB 61 4.75 -31.70 111.16
C ILE MB 61 6.23 -31.75 111.53
N ALA MB 62 6.58 -32.56 112.52
CA ALA MB 62 7.99 -32.71 112.90
C ALA MB 62 8.80 -33.29 111.76
N LYS MB 63 8.25 -34.29 111.07
CA LYS MB 63 8.95 -34.89 109.95
C LYS MB 63 9.15 -33.90 108.81
N ARG MB 64 8.14 -33.08 108.54
CA ARG MB 64 8.21 -32.13 107.43
C ARG MB 64 8.99 -30.88 107.76
N SER MB 65 9.25 -30.61 109.05
CA SER MB 65 9.98 -29.42 109.45
C SER MB 65 11.49 -29.63 109.51
N LYS MB 66 12.00 -30.67 108.86
CA LYS MB 66 13.42 -30.93 108.83
C LYS MB 66 14.07 -30.19 107.67
N ILE MB 67 15.32 -29.77 107.87
CA ILE MB 67 16.02 -28.89 106.95
C ILE MB 67 17.36 -29.51 106.59
N LYS MB 68 17.64 -29.60 105.30
CA LYS MB 68 18.98 -29.92 104.82
C LYS MB 68 19.71 -28.62 104.52
N SER MB 69 20.96 -28.54 104.98
CA SER MB 69 21.73 -27.32 104.85
C SER MB 69 22.97 -27.59 104.02
N PHE MB 70 23.68 -26.51 103.68
CA PHE MB 70 24.97 -26.61 103.03
C PHE MB 70 25.82 -25.42 103.45
N VAL MB 71 27.13 -25.58 103.33
CA VAL MB 71 28.08 -24.50 103.53
C VAL MB 71 28.98 -24.44 102.31
N LYS MB 72 29.20 -23.24 101.80
CA LYS MB 72 30.00 -23.08 100.59
C LYS MB 72 30.81 -21.79 100.70
N VAL MB 73 31.75 -21.64 99.78
CA VAL MB 73 32.47 -20.39 99.58
C VAL MB 73 32.20 -19.97 98.16
N TYR MB 74 31.38 -18.94 97.98
CA TYR MB 74 30.92 -18.52 96.67
C TYR MB 74 31.63 -17.25 96.24
N ASN MB 75 32.01 -17.19 94.97
CA ASN MB 75 32.40 -15.93 94.37
C ASN MB 75 31.21 -14.98 94.37
N TYR MB 76 31.49 -13.69 94.55
CA TYR MB 76 30.41 -12.71 94.62
C TYR MB 76 29.58 -12.68 93.35
N ASN MB 77 30.19 -12.96 92.21
CA ASN MB 77 29.46 -12.95 90.94
C ASN MB 77 28.46 -14.07 90.84
N HIS MB 78 28.51 -15.05 91.73
CA HIS MB 78 27.55 -16.15 91.72
C HIS MB 78 26.52 -16.03 92.83
N LEU MB 79 26.39 -14.85 93.41
CA LEU MB 79 25.42 -14.57 94.46
C LEU MB 79 24.58 -13.36 94.07
N MET MB 80 23.33 -13.35 94.54
CA MET MB 80 22.41 -12.24 94.31
C MET MB 80 22.01 -11.69 95.67
N PRO MB 81 22.55 -10.55 96.09
CA PRO MB 81 22.20 -10.02 97.41
C PRO MB 81 20.75 -9.59 97.49
N THR MB 82 20.17 -9.75 98.66
CA THR MB 82 18.81 -9.31 98.94
C THR MB 82 18.84 -8.27 100.04
N ARG MB 83 17.71 -7.57 100.20
CA ARG MB 83 17.59 -6.61 101.29
C ARG MB 83 17.41 -7.30 102.63
N TYR MB 84 17.02 -8.56 102.64
CA TYR MB 84 16.69 -9.25 103.87
C TYR MB 84 17.96 -9.67 104.60
N SER MB 85 17.86 -9.75 105.93
CA SER MB 85 18.96 -10.19 106.77
C SER MB 85 18.41 -11.06 107.88
N VAL MB 86 19.07 -12.19 108.12
CA VAL MB 86 18.72 -13.09 109.21
C VAL MB 86 19.86 -13.09 110.22
N ASP MB 87 19.53 -12.80 111.47
CA ASP MB 87 20.53 -12.75 112.55
C ASP MB 87 20.61 -14.07 113.29
N ILE MB 88 20.80 -15.17 112.55
CA ILE MB 88 20.90 -16.49 113.15
C ILE MB 88 22.28 -16.64 113.76
N PRO MB 89 22.39 -16.96 115.05
CA PRO MB 89 23.70 -17.09 115.69
C PRO MB 89 24.42 -18.40 115.33
N LEU MB 90 25.02 -18.41 114.13
CA LEU MB 90 25.89 -19.52 113.77
C LEU MB 90 27.19 -19.45 114.55
N ASP MB 91 27.81 -20.61 114.73
CA ASP MB 91 29.09 -20.69 115.42
C ASP MB 91 30.22 -20.58 114.41
N LYS MB 92 31.01 -19.51 114.52
CA LYS MB 92 32.09 -19.30 113.57
C LYS MB 92 33.22 -20.30 113.76
N THR MB 93 33.39 -20.83 114.98
CA THR MB 93 34.41 -21.82 115.23
C THR MB 93 34.11 -23.15 114.54
N VAL MB 94 32.86 -23.37 114.15
CA VAL MB 94 32.47 -24.56 113.40
C VAL MB 94 32.30 -24.25 111.93
N VAL MB 95 31.74 -23.10 111.60
CA VAL MB 95 31.52 -22.68 110.22
C VAL MB 95 32.60 -21.67 109.89
N ASN MB 96 33.65 -22.12 109.22
CA ASN MB 96 34.81 -21.29 108.95
C ASN MB 96 35.43 -21.73 107.62
N LYS MB 97 36.52 -21.09 107.24
CA LYS MB 97 37.09 -21.32 105.91
C LYS MB 97 37.79 -22.67 105.81
N ASP MB 98 38.48 -23.09 106.86
CA ASP MB 98 39.28 -24.31 106.80
C ASP MB 98 38.45 -25.57 106.98
N VAL MB 99 37.14 -25.49 106.82
CA VAL MB 99 36.28 -26.65 107.02
C VAL MB 99 36.24 -27.53 105.79
N PHE MB 100 36.69 -27.03 104.63
CA PHE MB 100 36.59 -27.73 103.37
C PHE MB 100 37.78 -28.66 103.11
N ARG MB 101 38.48 -29.08 104.16
CA ARG MB 101 39.53 -30.07 104.02
C ARG MB 101 39.23 -31.38 104.74
N ASP MB 102 38.50 -31.33 105.85
CA ASP MB 102 38.12 -32.52 106.58
C ASP MB 102 36.63 -32.77 106.40
N PRO MB 103 36.23 -33.89 105.79
CA PRO MB 103 34.79 -34.17 105.67
C PRO MB 103 34.08 -34.28 106.99
N ALA MB 104 34.76 -34.69 108.06
CA ALA MB 104 34.13 -34.70 109.38
C ALA MB 104 33.79 -33.29 109.83
N LEU MB 105 34.72 -32.35 109.62
CA LEU MB 105 34.46 -30.96 110.00
C LEU MB 105 33.34 -30.37 109.18
N LYS MB 106 33.27 -30.68 107.88
CA LYS MB 106 32.19 -30.16 107.06
C LYS MB 106 30.85 -30.73 107.49
N ARG MB 107 30.82 -32.01 107.85
CA ARG MB 107 29.59 -32.59 108.38
C ARG MB 107 29.18 -31.90 109.68
N LYS MB 108 30.15 -31.60 110.53
CA LYS MB 108 29.85 -30.88 111.78
C LYS MB 108 29.29 -29.49 111.50
N ALA MB 109 29.88 -28.79 110.53
CA ALA MB 109 29.41 -27.45 110.20
C ALA MB 109 28.00 -27.48 109.65
N ARG MB 110 27.71 -28.41 108.74
CA ARG MB 110 26.36 -28.52 108.21
C ARG MB 110 25.37 -28.94 109.29
N ARG MB 111 25.81 -29.79 110.24
CA ARG MB 111 24.93 -30.16 111.34
C ARG MB 111 24.56 -28.96 112.19
N GLU MB 112 25.55 -28.13 112.54
CA GLU MB 112 25.29 -26.97 113.36
C GLU MB 112 24.40 -25.96 112.62
N ALA MB 113 24.68 -25.75 111.34
CA ALA MB 113 23.83 -24.88 110.54
C ALA MB 113 22.41 -25.41 110.46
N LYS MB 114 22.27 -26.73 110.33
CA LYS MB 114 20.93 -27.33 110.24
C LYS MB 114 20.15 -27.14 111.52
N VAL MB 115 20.79 -27.36 112.67
CA VAL MB 115 20.04 -27.22 113.92
C VAL MB 115 19.67 -25.76 114.18
N LYS MB 116 20.56 -24.83 113.85
CA LYS MB 116 20.21 -23.42 114.00
C LYS MB 116 19.08 -23.03 113.06
N PHE MB 117 19.15 -23.48 111.81
CA PHE MB 117 18.11 -23.17 110.84
C PHE MB 117 16.77 -23.74 111.28
N GLU MB 118 16.77 -24.95 111.85
CA GLU MB 118 15.52 -25.54 112.28
C GLU MB 118 14.92 -24.81 113.49
N GLU MB 119 15.75 -24.47 114.47
CA GLU MB 119 15.23 -23.74 115.62
C GLU MB 119 14.78 -22.34 115.23
N ARG MB 120 15.29 -21.77 114.14
CA ARG MB 120 14.74 -20.50 113.67
C ARG MB 120 13.52 -20.68 112.78
N TYR MB 121 13.40 -21.81 112.09
CA TYR MB 121 12.20 -22.09 111.33
C TYR MB 121 11.01 -22.26 112.26
N LYS MB 122 11.23 -22.90 113.41
CA LYS MB 122 10.24 -22.83 114.47
C LYS MB 122 10.10 -21.38 114.93
N THR MB 123 9.01 -21.12 115.67
CA THR MB 123 8.64 -19.78 116.16
C THR MB 123 8.29 -18.83 115.01
N GLY MB 124 8.19 -19.35 113.78
CA GLY MB 124 7.61 -18.63 112.67
C GLY MB 124 8.28 -17.32 112.31
N LYS MB 125 9.60 -17.28 112.29
CA LYS MB 125 10.34 -16.09 111.91
C LYS MB 125 11.12 -16.37 110.63
N ASN MB 126 11.41 -15.30 109.89
CA ASN MB 126 12.16 -15.37 108.64
C ASN MB 126 11.47 -16.31 107.65
N LYS MB 127 10.15 -16.11 107.52
CA LYS MB 127 9.36 -16.93 106.62
C LYS MB 127 9.84 -16.81 105.19
N TRP MB 128 10.25 -15.61 104.78
CA TRP MB 128 10.78 -15.45 103.44
C TRP MB 128 12.07 -16.24 103.27
N PHE MB 129 12.91 -16.27 104.29
CA PHE MB 129 14.14 -17.05 104.20
C PHE MB 129 13.84 -18.53 104.07
N PHE MB 130 12.89 -19.04 104.84
CA PHE MB 130 12.64 -20.47 104.85
C PHE MB 130 11.65 -20.93 103.80
N GLN MB 131 11.10 -20.02 103.00
CA GLN MB 131 10.30 -20.41 101.86
C GLN MB 131 11.17 -20.58 100.63
N LYS MB 132 10.72 -21.43 99.71
CA LYS MB 132 11.46 -21.73 98.51
C LYS MB 132 11.19 -20.70 97.42
N LEU MB 133 12.24 -20.30 96.71
CA LEU MB 133 12.08 -19.37 95.59
C LEU MB 133 11.45 -20.09 94.42
N ARG MB 134 10.33 -19.56 93.93
CA ARG MB 134 9.57 -20.19 92.87
C ARG MB 134 9.96 -19.55 91.54
N PHE MB 135 10.70 -20.28 90.72
CA PHE MB 135 11.12 -19.78 89.43
C PHE MB 135 11.10 -20.90 88.39
N PRO NB 1 -44.33 -78.04 1.07
CA PRO NB 1 -43.26 -78.72 0.35
C PRO NB 1 -42.34 -77.75 -0.37
N SER NB 2 -41.10 -77.66 0.10
CA SER NB 2 -40.14 -76.77 -0.53
C SER NB 2 -39.65 -77.27 -1.88
N ARG NB 3 -39.95 -78.52 -2.23
CA ARG NB 3 -39.52 -79.10 -3.49
C ARG NB 3 -40.39 -78.66 -4.66
N LEU NB 4 -41.47 -77.93 -4.40
CA LEU NB 4 -42.40 -77.50 -5.44
C LEU NB 4 -42.32 -76.01 -5.73
N ARG NB 5 -41.30 -75.32 -5.22
CA ARG NB 5 -41.26 -73.86 -5.29
C ARG NB 5 -40.20 -73.38 -6.27
N LYS NB 6 -40.27 -72.07 -6.56
CA LYS NB 6 -39.38 -71.47 -7.54
C LYS NB 6 -37.93 -71.50 -7.12
N THR NB 7 -37.66 -71.66 -5.82
CA THR NB 7 -36.29 -71.65 -5.35
C THR NB 7 -35.52 -72.84 -5.90
N ARG NB 8 -36.19 -73.96 -6.10
CA ARG NB 8 -35.50 -75.12 -6.66
C ARG NB 8 -35.25 -74.98 -8.15
N LYS NB 9 -35.96 -74.08 -8.82
CA LYS NB 9 -35.75 -73.85 -10.24
C LYS NB 9 -34.83 -72.68 -10.52
N LEU NB 10 -34.64 -71.78 -9.55
CA LEU NB 10 -33.77 -70.63 -9.72
C LEU NB 10 -32.34 -70.92 -9.35
N ARG NB 11 -32.00 -72.16 -9.02
CA ARG NB 11 -30.61 -72.53 -8.79
C ARG NB 11 -29.83 -72.50 -10.09
N GLY NB 12 -28.69 -71.83 -10.09
CA GLY NB 12 -27.88 -71.67 -11.28
C GLY NB 12 -28.08 -70.36 -12.00
N HIS NB 13 -29.18 -69.68 -11.74
CA HIS NB 13 -29.46 -68.37 -12.32
C HIS NB 13 -29.05 -67.32 -11.29
N VAL NB 14 -28.16 -66.41 -11.70
CA VAL NB 14 -27.37 -65.68 -10.71
C VAL NB 14 -28.24 -64.75 -9.88
N SER NB 15 -29.27 -64.15 -10.46
CA SER NB 15 -30.01 -63.10 -9.79
C SER NB 15 -31.21 -63.61 -9.01
N HIS NB 16 -31.49 -64.91 -9.07
CA HIS NB 16 -32.62 -65.52 -8.37
C HIS NB 16 -33.94 -64.88 -8.76
N GLY NB 17 -34.06 -64.50 -10.02
CA GLY NB 17 -35.31 -63.98 -10.53
C GLY NB 17 -35.63 -62.56 -10.14
N HIS NB 18 -34.67 -61.81 -9.61
CA HIS NB 18 -34.92 -60.44 -9.18
C HIS NB 18 -34.21 -59.42 -10.07
N GLY NB 19 -33.62 -59.85 -11.16
CA GLY NB 19 -33.07 -58.89 -12.11
C GLY NB 19 -31.63 -58.54 -11.81
N ARG NB 20 -30.91 -58.20 -12.87
CA ARG NB 20 -29.52 -57.78 -12.74
C ARG NB 20 -29.39 -56.28 -12.55
N ILE NB 21 -30.33 -55.50 -13.09
CA ILE NB 21 -30.21 -54.05 -13.04
C ILE NB 21 -30.71 -53.52 -11.70
N GLY NB 22 -31.97 -53.78 -11.38
CA GLY NB 22 -32.59 -53.22 -10.21
C GLY NB 22 -32.32 -54.01 -8.94
N LYS NB 23 -31.88 -55.25 -9.10
CA LYS NB 23 -31.47 -56.11 -8.00
C LYS NB 23 -32.58 -56.38 -7.01
N HIS NB 24 -32.27 -57.07 -5.93
CA HIS NB 24 -33.17 -57.23 -4.80
C HIS NB 24 -32.51 -56.59 -3.59
N ARG NB 25 -33.01 -55.43 -3.19
CA ARG NB 25 -32.44 -54.66 -2.10
C ARG NB 25 -33.37 -54.72 -0.91
N LYS NB 26 -33.01 -53.99 0.15
CA LYS NB 26 -33.71 -54.16 1.41
C LYS NB 26 -35.12 -53.60 1.38
N HIS NB 27 -35.25 -52.29 1.24
CA HIS NB 27 -36.56 -51.63 1.26
C HIS NB 27 -36.54 -50.40 0.39
N PRO NB 28 -36.59 -50.58 -0.93
CA PRO NB 28 -36.81 -49.42 -1.80
C PRO NB 28 -38.27 -49.02 -1.78
N GLY NB 29 -38.52 -47.76 -1.47
CA GLY NB 29 -39.86 -47.24 -1.34
C GLY NB 29 -40.32 -47.04 0.09
N GLY NB 30 -39.66 -47.66 1.06
CA GLY NB 30 -40.02 -47.54 2.45
C GLY NB 30 -40.57 -48.84 2.99
N ARG NB 31 -40.90 -48.79 4.28
CA ARG NB 31 -41.37 -49.96 5.00
C ARG NB 31 -42.85 -49.81 5.29
N GLY NB 32 -43.61 -50.88 5.06
CA GLY NB 32 -45.03 -50.84 5.32
C GLY NB 32 -45.73 -49.89 4.38
N ASN NB 33 -46.70 -49.16 4.91
CA ASN NB 33 -47.44 -48.18 4.12
C ASN NB 33 -46.75 -46.82 4.13
N ALA NB 34 -45.46 -46.83 3.88
CA ALA NB 34 -44.69 -45.60 3.89
C ALA NB 34 -44.95 -44.80 2.62
N GLY NB 35 -45.00 -43.48 2.77
CA GLY NB 35 -45.20 -42.62 1.62
C GLY NB 35 -46.54 -42.83 0.93
N GLY NB 36 -47.58 -43.10 1.71
CA GLY NB 36 -48.89 -43.26 1.12
C GLY NB 36 -49.50 -41.97 0.60
N LEU NB 37 -48.92 -40.84 0.97
CA LEU NB 37 -49.35 -39.56 0.43
C LEU NB 37 -48.31 -38.91 -0.46
N HIS NB 38 -47.12 -39.51 -0.57
CA HIS NB 38 -46.02 -38.86 -1.28
C HIS NB 38 -45.58 -39.61 -2.53
N HIS NB 39 -45.09 -40.84 -2.41
CA HIS NB 39 -44.62 -41.55 -3.58
C HIS NB 39 -45.37 -42.84 -3.83
N HIS NB 40 -46.36 -43.16 -3.01
CA HIS NB 40 -47.33 -44.21 -3.31
C HIS NB 40 -48.73 -43.62 -3.40
N ARG NB 41 -48.82 -42.32 -3.65
CA ARG NB 41 -50.10 -41.62 -3.68
C ARG NB 41 -50.98 -42.14 -4.80
N ILE NB 42 -50.40 -42.44 -5.96
CA ILE NB 42 -51.20 -42.93 -7.07
C ILE NB 42 -51.85 -44.25 -6.71
N ASN NB 43 -51.09 -45.16 -6.12
CA ASN NB 43 -51.64 -46.45 -5.73
C ASN NB 43 -52.72 -46.29 -4.68
N PHE NB 44 -52.48 -45.44 -3.68
CA PHE NB 44 -53.46 -45.27 -2.62
C PHE NB 44 -54.75 -44.65 -3.15
N ASP NB 45 -54.64 -43.63 -3.99
CA ASP NB 45 -55.82 -43.00 -4.56
C ASP NB 45 -56.55 -43.95 -5.50
N LYS NB 46 -55.81 -44.77 -6.23
CA LYS NB 46 -56.42 -45.64 -7.22
C LYS NB 46 -57.16 -46.79 -6.59
N TYR NB 47 -56.59 -47.41 -5.56
CA TYR NB 47 -57.18 -48.63 -5.02
C TYR NB 47 -57.84 -48.48 -3.67
N HIS NB 48 -57.46 -47.48 -2.88
CA HIS NB 48 -58.05 -47.24 -1.57
C HIS NB 48 -58.47 -45.78 -1.45
N PRO NB 49 -59.51 -45.36 -2.17
CA PRO NB 49 -60.06 -44.03 -1.93
C PRO NB 49 -60.70 -43.96 -0.57
N GLY NB 50 -60.66 -42.78 0.03
CA GLY NB 50 -61.20 -42.58 1.36
C GLY NB 50 -60.28 -42.93 2.49
N TYR NB 51 -59.04 -43.33 2.20
CA TYR NB 51 -58.14 -43.81 3.23
C TYR NB 51 -57.78 -42.73 4.23
N PHE NB 52 -57.54 -41.50 3.77
CA PHE NB 52 -57.06 -40.43 4.61
C PHE NB 52 -58.19 -39.52 5.05
N GLY NB 53 -58.17 -39.10 6.30
CA GLY NB 53 -59.12 -38.15 6.82
C GLY NB 53 -60.10 -38.78 7.79
N LYS NB 54 -60.90 -37.91 8.40
CA LYS NB 54 -61.91 -38.29 9.37
C LYS NB 54 -63.30 -38.05 8.82
N VAL NB 55 -64.23 -38.94 9.13
CA VAL NB 55 -65.64 -38.80 8.79
C VAL NB 55 -66.46 -39.25 9.98
N GLY NB 56 -67.45 -38.46 10.37
CA GLY NB 56 -68.42 -38.89 11.34
C GLY NB 56 -68.08 -38.53 12.77
N MET NB 57 -68.95 -38.96 13.66
CA MET NB 57 -68.85 -38.71 15.09
C MET NB 57 -68.20 -39.91 15.75
N LYS NB 58 -67.23 -39.68 16.62
CA LYS NB 58 -66.66 -40.77 17.39
C LYS NB 58 -67.50 -41.04 18.62
N HIS NB 59 -67.59 -42.31 18.99
CA HIS NB 59 -68.42 -42.74 20.10
C HIS NB 59 -67.57 -43.62 21.00
N TYR NB 60 -67.20 -43.10 22.16
CA TYR NB 60 -66.39 -43.87 23.09
C TYR NB 60 -67.20 -44.99 23.71
N HIS NB 61 -66.51 -46.09 24.02
CA HIS NB 61 -67.10 -47.25 24.69
C HIS NB 61 -68.30 -47.78 23.92
N LEU NB 62 -68.05 -48.18 22.69
CA LEU NB 62 -69.09 -48.84 21.91
C LEU NB 62 -69.27 -50.25 22.44
N LYS NB 63 -70.51 -50.60 22.74
CA LYS NB 63 -70.88 -51.95 23.16
C LYS NB 63 -71.64 -52.60 22.01
N ARG NB 64 -71.01 -53.57 21.35
CA ARG NB 64 -71.63 -54.22 20.21
C ARG NB 64 -72.89 -54.99 20.60
N ASN NB 65 -73.00 -55.37 21.87
CA ASN NB 65 -74.17 -56.13 22.32
C ASN NB 65 -75.42 -55.27 22.34
N GLN NB 66 -75.27 -53.96 22.57
CA GLN NB 66 -76.43 -53.08 22.65
C GLN NB 66 -77.17 -53.01 21.32
N SER NB 67 -76.44 -52.94 20.22
CA SER NB 67 -77.01 -52.80 18.90
C SER NB 67 -77.28 -54.12 18.22
N PHE NB 68 -77.28 -55.21 18.97
CA PHE NB 68 -77.47 -56.54 18.41
C PHE NB 68 -78.90 -56.67 17.90
N CYS NB 69 -79.05 -56.82 16.60
CA CYS NB 69 -80.37 -56.99 15.98
C CYS NB 69 -80.20 -57.76 14.68
N PRO NB 70 -80.11 -59.09 14.77
CA PRO NB 70 -80.06 -59.89 13.54
C PRO NB 70 -81.39 -59.87 12.83
N THR NB 71 -81.33 -60.02 11.51
CA THR NB 71 -82.49 -59.84 10.65
C THR NB 71 -82.71 -61.07 9.79
N VAL NB 72 -83.99 -61.38 9.57
CA VAL NB 72 -84.41 -62.49 8.72
C VAL NB 72 -85.38 -61.93 7.68
N ASN NB 73 -85.39 -62.54 6.51
CA ASN NB 73 -86.26 -62.09 5.44
C ASN NB 73 -87.50 -62.98 5.32
N LEU NB 74 -88.51 -62.46 4.63
CA LEU NB 74 -89.75 -63.20 4.47
C LEU NB 74 -89.57 -64.44 3.60
N ASP NB 75 -88.61 -64.43 2.68
CA ASP NB 75 -88.40 -65.61 1.86
C ASP NB 75 -87.83 -66.76 2.68
N LYS NB 76 -87.04 -66.45 3.70
CA LYS NB 76 -86.49 -67.46 4.60
C LYS NB 76 -87.33 -67.65 5.84
N LEU NB 77 -88.46 -66.94 5.94
CA LEU NB 77 -89.26 -66.97 7.17
C LEU NB 77 -89.78 -68.37 7.50
N TRP NB 78 -90.28 -69.10 6.51
CA TRP NB 78 -90.91 -70.38 6.81
C TRP NB 78 -89.90 -71.47 7.12
N THR NB 79 -88.62 -71.24 6.93
CA THR NB 79 -87.61 -72.23 7.28
C THR NB 79 -87.38 -72.31 8.79
N LEU NB 80 -87.91 -71.36 9.56
CA LEU NB 80 -87.69 -71.34 10.99
C LEU NB 80 -88.52 -72.37 11.74
N VAL NB 81 -89.53 -72.93 11.09
CA VAL NB 81 -90.38 -73.95 11.69
C VAL NB 81 -90.21 -75.25 10.92
N SER NB 82 -90.83 -76.31 11.43
CA SER NB 82 -90.78 -77.59 10.78
C SER NB 82 -91.62 -77.60 9.51
N GLU NB 83 -91.28 -78.52 8.60
CA GLU NB 83 -92.09 -78.69 7.40
C GLU NB 83 -93.48 -79.19 7.73
N GLN NB 84 -93.58 -80.06 8.75
CA GLN NB 84 -94.87 -80.55 9.22
C GLN NB 84 -95.80 -79.40 9.57
N THR NB 85 -95.26 -78.35 10.21
CA THR NB 85 -96.05 -77.17 10.52
C THR NB 85 -96.67 -76.57 9.28
N ARG NB 86 -95.86 -76.37 8.24
CA ARG NB 86 -96.37 -75.69 7.05
C ARG NB 86 -97.39 -76.54 6.31
N VAL NB 87 -97.14 -77.84 6.18
CA VAL NB 87 -98.10 -78.66 5.44
C VAL NB 87 -99.39 -78.80 6.22
N ASN NB 88 -99.31 -78.94 7.54
CA ASN NB 88 -100.52 -79.01 8.35
C ASN NB 88 -101.32 -77.72 8.25
N ALA NB 89 -100.64 -76.58 8.29
CA ALA NB 89 -101.34 -75.30 8.16
C ALA NB 89 -101.96 -75.15 6.78
N ALA NB 90 -101.26 -75.58 5.74
CA ALA NB 90 -101.79 -75.45 4.38
C ALA NB 90 -103.02 -76.33 4.18
N LYS NB 91 -102.98 -77.57 4.67
CA LYS NB 91 -104.09 -78.48 4.50
C LYS NB 91 -105.15 -78.33 5.59
N ASN NB 92 -104.95 -77.41 6.54
CA ASN NB 92 -105.96 -77.17 7.56
C ASN NB 92 -107.21 -76.55 6.96
N LYS NB 93 -108.36 -77.01 7.43
CA LYS NB 93 -109.64 -76.50 6.93
C LYS NB 93 -110.06 -75.24 7.65
N THR NB 94 -109.79 -75.14 8.95
CA THR NB 94 -110.15 -73.95 9.71
C THR NB 94 -109.19 -72.81 9.39
N GLY NB 95 -109.39 -71.68 10.05
CA GLY NB 95 -108.53 -70.54 9.87
C GLY NB 95 -107.32 -70.51 10.77
N ALA NB 96 -107.05 -71.60 11.49
CA ALA NB 96 -105.92 -71.64 12.41
C ALA NB 96 -104.62 -71.45 11.65
N ALA NB 97 -103.78 -70.54 12.16
CA ALA NB 97 -102.53 -70.21 11.52
C ALA NB 97 -101.38 -70.43 12.49
N PRO NB 98 -100.26 -70.97 12.03
CA PRO NB 98 -99.15 -71.24 12.93
C PRO NB 98 -98.44 -69.97 13.36
N ILE NB 99 -97.74 -70.07 14.49
CA ILE NB 99 -96.98 -68.98 15.06
C ILE NB 99 -95.51 -69.24 14.78
N ILE NB 100 -94.85 -68.26 14.17
CA ILE NB 100 -93.41 -68.33 13.93
C ILE NB 100 -92.72 -67.26 14.77
N ASP NB 101 -92.24 -67.64 15.94
CA ASP NB 101 -91.52 -66.72 16.82
C ASP NB 101 -90.07 -66.70 16.39
N VAL NB 102 -89.66 -65.64 15.70
CA VAL NB 102 -88.31 -65.57 15.17
C VAL NB 102 -87.28 -65.27 16.26
N VAL NB 103 -87.71 -64.74 17.40
CA VAL NB 103 -86.78 -64.54 18.51
C VAL NB 103 -86.29 -65.89 19.02
N ARG NB 104 -87.14 -66.90 18.99
CA ARG NB 104 -86.73 -68.25 19.37
C ARG NB 104 -85.66 -68.77 18.43
N SER NB 105 -85.81 -68.52 17.14
CA SER NB 105 -84.81 -68.96 16.17
C SER NB 105 -83.58 -68.07 16.14
N GLY NB 106 -83.61 -66.91 16.79
CA GLY NB 106 -82.43 -66.10 16.95
C GLY NB 106 -82.42 -64.80 16.18
N TYR NB 107 -83.54 -64.40 15.61
CA TYR NB 107 -83.66 -63.16 14.86
C TYR NB 107 -84.55 -62.19 15.62
N TYR NB 108 -84.23 -60.90 15.54
CA TYR NB 108 -85.02 -59.88 16.20
C TYR NB 108 -85.92 -59.12 15.24
N LYS NB 109 -85.41 -58.80 14.07
CA LYS NB 109 -86.11 -57.96 13.10
C LYS NB 109 -86.46 -58.78 11.88
N VAL NB 110 -87.70 -58.65 11.40
CA VAL NB 110 -88.15 -59.32 10.20
C VAL NB 110 -88.14 -58.32 9.06
N LEU NB 111 -87.30 -58.57 8.06
CA LEU NB 111 -87.24 -57.74 6.87
C LEU NB 111 -88.12 -58.35 5.78
N GLY NB 112 -88.37 -57.56 4.74
CA GLY NB 112 -89.39 -57.94 3.79
C GLY NB 112 -88.93 -58.28 2.39
N LYS NB 113 -87.80 -58.95 2.27
CA LYS NB 113 -87.30 -59.37 0.97
C LYS NB 113 -87.94 -60.69 0.56
N GLY NB 114 -88.33 -60.77 -0.69
CA GLY NB 114 -88.98 -61.96 -1.20
C GLY NB 114 -90.48 -61.89 -1.05
N LYS NB 115 -91.10 -63.04 -1.25
CA LYS NB 115 -92.55 -63.18 -1.17
C LYS NB 115 -92.90 -64.33 -0.26
N LEU NB 116 -94.14 -64.34 0.21
CA LEU NB 116 -94.62 -65.35 1.13
C LEU NB 116 -95.57 -66.31 0.42
N PRO NB 117 -95.59 -67.57 0.82
CA PRO NB 117 -96.66 -68.46 0.36
C PRO NB 117 -98.01 -68.01 0.89
N LYS NB 118 -99.05 -68.28 0.11
CA LYS NB 118 -100.38 -67.75 0.41
C LYS NB 118 -101.04 -68.59 1.49
N GLN NB 119 -100.66 -68.32 2.74
CA GLN NB 119 -101.33 -68.91 3.88
C GLN NB 119 -101.11 -68.02 5.09
N PRO NB 120 -102.10 -67.86 5.96
CA PRO NB 120 -101.93 -66.97 7.11
C PRO NB 120 -100.90 -67.51 8.10
N VAL NB 121 -100.27 -66.59 8.81
CA VAL NB 121 -99.24 -66.93 9.79
C VAL NB 121 -99.14 -65.77 10.77
N ILE NB 122 -98.94 -66.10 12.04
CA ILE NB 122 -98.72 -65.10 13.08
C ILE NB 122 -97.23 -65.05 13.35
N VAL NB 123 -96.61 -63.91 13.08
CA VAL NB 123 -95.17 -63.74 13.21
C VAL NB 123 -94.89 -62.88 14.42
N LYS NB 124 -94.10 -63.41 15.35
CA LYS NB 124 -93.69 -62.67 16.55
C LYS NB 124 -92.25 -62.20 16.37
N ALA NB 125 -92.02 -60.91 16.55
CA ALA NB 125 -90.68 -60.37 16.41
C ALA NB 125 -90.58 -59.10 17.23
N LYS NB 126 -89.34 -58.68 17.48
CA LYS NB 126 -89.13 -57.40 18.14
C LYS NB 126 -89.43 -56.24 17.21
N PHE NB 127 -88.94 -56.31 15.97
CA PHE NB 127 -89.16 -55.25 15.00
C PHE NB 127 -89.60 -55.85 13.67
N PHE NB 128 -90.43 -55.09 12.97
CA PHE NB 128 -90.85 -55.40 11.61
C PHE NB 128 -90.53 -54.23 10.71
N SER NB 129 -90.18 -54.51 9.47
CA SER NB 129 -90.14 -53.44 8.50
C SER NB 129 -91.53 -53.19 7.93
N ARG NB 130 -91.69 -52.04 7.29
CA ARG NB 130 -92.99 -51.63 6.80
C ARG NB 130 -93.49 -52.60 5.73
N ARG NB 131 -92.62 -52.96 4.79
CA ARG NB 131 -93.04 -53.85 3.72
C ARG NB 131 -93.21 -55.28 4.20
N ALA NB 132 -92.41 -55.71 5.19
CA ALA NB 132 -92.63 -57.03 5.76
C ALA NB 132 -93.99 -57.11 6.44
N GLU NB 133 -94.35 -56.07 7.18
CA GLU NB 133 -95.68 -56.04 7.78
C GLU NB 133 -96.76 -56.04 6.72
N GLU NB 134 -96.56 -55.28 5.64
CA GLU NB 134 -97.53 -55.25 4.55
C GLU NB 134 -97.72 -56.62 3.92
N LYS NB 135 -96.62 -57.34 3.66
CA LYS NB 135 -96.73 -58.64 3.00
C LYS NB 135 -97.37 -59.67 3.92
N ILE NB 136 -96.98 -59.68 5.20
CA ILE NB 136 -97.58 -60.62 6.14
C ILE NB 136 -99.08 -60.36 6.27
N LYS NB 137 -99.48 -59.09 6.28
CA LYS NB 137 -100.90 -58.78 6.31
C LYS NB 137 -101.59 -59.16 5.02
N SER NB 138 -100.90 -59.03 3.88
CA SER NB 138 -101.51 -59.33 2.60
C SER NB 138 -101.77 -60.82 2.42
N VAL NB 139 -100.95 -61.69 3.01
CA VAL NB 139 -101.23 -63.12 2.97
C VAL NB 139 -102.22 -63.52 4.06
N GLY NB 140 -102.85 -62.55 4.72
CA GLY NB 140 -103.83 -62.84 5.74
C GLY NB 140 -103.28 -63.07 7.13
N GLY NB 141 -101.98 -62.83 7.34
CA GLY NB 141 -101.36 -63.06 8.62
C GLY NB 141 -101.48 -61.87 9.54
N ALA NB 142 -100.64 -61.87 10.56
CA ALA NB 142 -100.61 -60.78 11.53
C ALA NB 142 -99.23 -60.70 12.15
N CYS NB 143 -98.75 -59.49 12.34
CA CYS NB 143 -97.47 -59.25 13.00
C CYS NB 143 -97.75 -58.83 14.43
N VAL NB 144 -97.15 -59.53 15.38
CA VAL NB 144 -97.29 -59.18 16.79
C VAL NB 144 -95.90 -58.94 17.35
N LEU NB 145 -95.82 -58.00 18.28
CA LEU NB 145 -94.54 -57.53 18.80
C LEU NB 145 -94.23 -58.18 20.14
N VAL NB 146 -92.96 -58.47 20.37
CA VAL NB 146 -92.47 -58.97 21.64
C VAL NB 146 -91.35 -58.06 22.10
N ALA NB 147 -91.08 -58.12 23.40
CA ALA NB 147 -90.07 -57.27 23.99
C ALA NB 147 -88.74 -57.99 24.15
N ALA OB 1 -25.21 -37.59 -14.05
CA ALA OB 1 -25.85 -36.35 -13.66
C ALA OB 1 -27.03 -36.04 -14.57
N LYS OB 2 -26.74 -35.54 -15.77
CA LYS OB 2 -27.79 -35.29 -16.75
C LYS OB 2 -28.21 -36.57 -17.44
N SER OB 3 -29.47 -36.62 -17.85
CA SER OB 3 -30.04 -37.80 -18.47
C SER OB 3 -30.92 -37.39 -19.64
N LYS OB 4 -31.37 -38.36 -20.40
CA LYS OB 4 -32.33 -38.11 -21.47
C LYS OB 4 -33.64 -37.62 -20.88
N ASN OB 5 -34.24 -36.63 -21.53
CA ASN OB 5 -35.42 -35.96 -20.99
C ASN OB 5 -36.72 -36.61 -21.42
N HIS OB 6 -36.89 -36.88 -22.70
CA HIS OB 6 -38.15 -37.42 -23.19
C HIS OB 6 -37.92 -38.05 -24.55
N THR OB 7 -38.61 -39.16 -24.82
CA THR OB 7 -38.61 -39.72 -26.16
C THR OB 7 -39.87 -40.55 -26.34
N THR OB 8 -40.27 -40.72 -27.60
CA THR OB 8 -41.31 -41.65 -27.97
C THR OB 8 -40.77 -42.79 -28.81
N HIS OB 9 -39.46 -42.94 -28.88
CA HIS OB 9 -38.86 -44.06 -29.58
C HIS OB 9 -39.33 -45.37 -28.96
N ASN OB 10 -39.66 -46.34 -29.81
CA ASN OB 10 -40.10 -47.69 -29.48
C ASN OB 10 -41.53 -47.71 -28.93
N GLN OB 11 -42.13 -46.55 -28.67
CA GLN OB 11 -43.48 -46.51 -28.11
C GLN OB 11 -44.51 -47.01 -29.11
N SER OB 12 -44.34 -46.69 -30.38
CA SER OB 12 -45.27 -47.15 -31.40
C SER OB 12 -45.22 -48.67 -31.53
N ARG OB 13 -44.02 -49.25 -31.46
CA ARG OB 13 -43.90 -50.70 -31.48
C ARG OB 13 -44.57 -51.32 -30.27
N LYS OB 14 -44.41 -50.70 -29.09
CA LYS OB 14 -45.09 -51.20 -27.91
C LYS OB 14 -46.60 -51.13 -28.08
N TRP OB 15 -47.10 -50.06 -28.66
CA TRP OB 15 -48.54 -49.91 -28.86
C TRP OB 15 -49.08 -50.94 -29.83
N HIS OB 16 -48.33 -51.28 -30.86
CA HIS OB 16 -48.82 -52.20 -31.87
C HIS OB 16 -48.54 -53.66 -31.54
N ARG OB 17 -47.78 -53.94 -30.48
CA ARG OB 17 -47.55 -55.34 -30.15
C ARG OB 17 -48.83 -56.06 -29.78
N ASN OB 18 -49.72 -55.42 -29.02
CA ASN OB 18 -51.04 -55.98 -28.75
C ASN OB 18 -52.13 -55.36 -29.60
N GLY OB 19 -51.76 -54.57 -30.60
CA GLY OB 19 -52.74 -53.96 -31.48
C GLY OB 19 -53.44 -52.77 -30.85
N ILE OB 20 -53.75 -51.77 -31.66
CA ILE OB 20 -54.48 -50.59 -31.21
C ILE OB 20 -55.95 -50.86 -31.53
N LYS OB 21 -56.64 -51.47 -30.56
CA LYS OB 21 -58.02 -51.87 -30.78
C LYS OB 21 -58.95 -50.68 -30.73
N LYS OB 22 -59.88 -50.62 -31.68
CA LYS OB 22 -60.95 -49.65 -31.64
C LYS OB 22 -61.91 -49.99 -30.50
N PRO OB 23 -62.65 -49.00 -30.00
CA PRO OB 23 -63.64 -49.28 -28.96
C PRO OB 23 -64.69 -50.26 -29.45
N ARG OB 24 -65.12 -51.14 -28.55
CA ARG OB 24 -66.04 -52.21 -28.90
C ARG OB 24 -67.42 -51.63 -29.16
N SER OB 25 -67.76 -51.44 -30.43
CA SER OB 25 -69.07 -50.95 -30.80
C SER OB 25 -70.11 -52.05 -30.67
N GLN OB 26 -71.28 -51.69 -30.15
CA GLN OB 26 -72.36 -52.66 -30.02
C GLN OB 26 -73.68 -51.93 -30.05
N ARG OB 27 -74.73 -52.69 -30.33
CA ARG OB 27 -76.08 -52.16 -30.34
C ARG OB 27 -76.43 -51.58 -28.99
N TYR OB 28 -77.40 -50.65 -28.99
CA TYR OB 28 -77.92 -50.06 -27.77
C TYR OB 28 -76.81 -49.33 -27.00
N GLU OB 29 -76.36 -48.25 -27.59
CA GLU OB 29 -75.43 -47.35 -26.93
C GLU OB 29 -76.10 -46.73 -25.70
N SER OB 30 -75.29 -46.46 -24.67
CA SER OB 30 -75.82 -46.04 -23.39
C SER OB 30 -76.45 -44.66 -23.46
N LEU OB 31 -77.43 -44.43 -22.59
CA LEU OB 31 -78.20 -43.18 -22.59
C LEU OB 31 -77.66 -42.14 -21.63
N LYS OB 32 -76.56 -42.40 -20.94
CA LYS OB 32 -76.04 -41.42 -20.00
C LYS OB 32 -75.50 -40.21 -20.75
N GLY OB 33 -75.64 -39.04 -20.12
CA GLY OB 33 -75.20 -37.80 -20.71
C GLY OB 33 -76.19 -37.15 -21.65
N VAL OB 34 -77.28 -37.82 -21.97
CA VAL OB 34 -78.32 -37.25 -22.80
C VAL OB 34 -79.14 -36.27 -21.97
N ASP OB 35 -79.68 -35.24 -22.63
CA ASP OB 35 -80.52 -34.19 -22.08
C ASP OB 35 -81.51 -34.73 -21.06
N PRO OB 36 -81.47 -34.24 -19.81
CA PRO OB 36 -82.35 -34.81 -18.78
C PRO OB 36 -83.83 -34.65 -19.07
N LYS OB 37 -84.24 -33.54 -19.70
CA LYS OB 37 -85.66 -33.34 -19.97
C LYS OB 37 -86.16 -34.33 -21.02
N PHE OB 38 -85.43 -34.46 -22.12
CA PHE OB 38 -85.75 -35.46 -23.13
C PHE OB 38 -85.70 -36.86 -22.56
N LEU OB 39 -84.77 -37.11 -21.64
CA LEU OB 39 -84.65 -38.44 -21.06
C LEU OB 39 -85.83 -38.78 -20.16
N ARG OB 40 -86.27 -37.84 -19.34
CA ARG OB 40 -87.42 -38.11 -18.50
C ARG OB 40 -88.70 -38.24 -19.31
N ASN OB 41 -88.84 -37.49 -20.41
CA ASN OB 41 -89.98 -37.75 -21.27
C ASN OB 41 -89.89 -39.11 -21.95
N MET OB 42 -88.69 -39.56 -22.32
CA MET OB 42 -88.57 -40.91 -22.88
C MET OB 42 -88.96 -41.97 -21.86
N ARG OB 43 -88.59 -41.77 -20.60
CA ARG OB 43 -88.99 -42.70 -19.56
C ARG OB 43 -90.51 -42.72 -19.40
N PHE OB 44 -91.15 -41.55 -19.47
CA PHE OB 44 -92.62 -41.52 -19.40
C PHE OB 44 -93.25 -42.24 -20.60
N ALA OB 45 -92.69 -42.03 -21.78
CA ALA OB 45 -93.21 -42.71 -22.97
C ALA OB 45 -93.07 -44.22 -22.84
N LYS OB 46 -91.95 -44.68 -22.32
CA LYS OB 46 -91.77 -46.11 -22.10
C LYS OB 46 -92.73 -46.65 -21.04
N LYS OB 47 -92.95 -45.89 -19.96
CA LYS OB 47 -93.85 -46.36 -18.91
C LYS OB 47 -95.27 -46.51 -19.45
N HIS OB 48 -95.75 -45.50 -20.17
CA HIS OB 48 -97.11 -45.54 -20.68
C HIS OB 48 -97.23 -46.27 -22.01
N ASN OB 49 -96.12 -46.82 -22.50
CA ASN OB 49 -96.13 -47.55 -23.76
C ASN OB 49 -97.02 -48.78 -23.69
N LYS OB 50 -97.24 -49.32 -22.48
CA LYS OB 50 -98.06 -50.52 -22.35
C LYS OB 50 -99.49 -50.27 -22.83
N LYS OB 51 -100.09 -49.17 -22.38
CA LYS OB 51 -101.45 -48.87 -22.82
C LYS OB 51 -101.47 -48.65 -24.33
N GLY OB 52 -102.59 -48.98 -24.94
CA GLY OB 52 -102.59 -49.09 -26.38
C GLY OB 52 -102.07 -50.41 -26.91
N LEU OB 53 -101.79 -51.36 -26.02
CA LEU OB 53 -101.41 -52.69 -26.47
C LEU OB 53 -102.55 -53.36 -27.24
N LYS OB 54 -103.78 -53.19 -26.77
CA LYS OB 54 -104.92 -53.73 -27.48
C LYS OB 54 -105.07 -53.12 -28.86
N LYS OB 55 -104.91 -51.80 -28.97
CA LYS OB 55 -104.99 -51.14 -30.27
C LYS OB 55 -103.89 -51.62 -31.20
N MET OB 56 -102.68 -51.74 -30.67
CA MET OB 56 -101.55 -52.19 -31.48
C MET OB 56 -101.77 -53.62 -31.95
N GLN OB 57 -102.28 -54.50 -31.08
CA GLN OB 57 -102.51 -55.88 -31.47
C GLN OB 57 -103.64 -55.99 -32.49
N ALA OB 58 -104.68 -55.17 -32.34
CA ALA OB 58 -105.75 -55.18 -33.33
C ALA OB 58 -105.26 -54.69 -34.69
N ASN OB 59 -104.46 -53.63 -34.72
CA ASN OB 59 -103.91 -53.15 -35.97
C ASN OB 59 -102.99 -54.19 -36.59
N ASN OB 60 -102.16 -54.85 -35.78
CA ASN OB 60 -101.28 -55.89 -36.28
C ASN OB 60 -102.08 -57.05 -36.85
N ALA OB 61 -103.17 -57.43 -36.17
CA ALA OB 61 -103.99 -58.52 -36.64
C ALA OB 61 -104.66 -58.19 -37.97
N LYS OB 62 -105.19 -56.98 -38.10
CA LYS OB 62 -105.84 -56.64 -39.37
C LYS OB 62 -104.83 -56.52 -40.51
N ALA OB 63 -103.63 -55.98 -40.23
CA ALA OB 63 -102.60 -55.94 -41.26
C ALA OB 63 -102.16 -57.34 -41.66
N MET OB 64 -102.02 -58.24 -40.69
CA MET OB 64 -101.64 -59.61 -41.00
C MET OB 64 -102.72 -60.31 -41.81
N SER OB 65 -103.99 -60.06 -41.49
CA SER OB 65 -105.08 -60.67 -42.25
C SER OB 65 -105.10 -60.15 -43.69
N ALA OB 66 -104.89 -58.84 -43.87
CA ALA OB 66 -104.84 -58.29 -45.21
C ALA OB 66 -103.68 -58.87 -46.01
N ARG OB 67 -102.51 -59.00 -45.38
CA ARG OB 67 -101.36 -59.60 -46.05
C ARG OB 67 -101.64 -61.05 -46.41
N ALA OB 68 -102.28 -61.80 -45.51
CA ALA OB 68 -102.58 -63.20 -45.76
C ALA OB 68 -103.56 -63.36 -46.92
N GLU OB 69 -104.60 -62.51 -46.96
CA GLU OB 69 -105.53 -62.59 -48.08
C GLU OB 69 -104.88 -62.16 -49.40
N ALA OB 70 -103.96 -61.18 -49.36
CA ALA OB 70 -103.28 -60.79 -50.58
C ALA OB 70 -102.33 -61.87 -51.08
N ILE OB 71 -101.69 -62.59 -50.15
CA ILE OB 71 -100.80 -63.68 -50.55
C ILE OB 71 -101.62 -64.86 -51.08
N LYS OB 72 -102.69 -65.22 -50.36
CA LYS OB 72 -103.48 -66.40 -50.71
C LYS OB 72 -104.42 -66.16 -51.88
N ALA OB 73 -104.59 -64.91 -52.32
CA ALA OB 73 -105.36 -64.63 -53.53
C ALA OB 73 -104.53 -65.07 -54.73
N LEU OB 74 -104.55 -66.38 -54.98
CA LEU OB 74 -103.75 -67.02 -56.02
C LEU OB 74 -104.68 -67.52 -57.12
N VAL OB 75 -104.59 -66.89 -58.29
CA VAL OB 75 -105.34 -67.30 -59.48
C VAL OB 75 -106.85 -67.34 -59.22
N VAL OB 88 -79.78 -79.14 -77.64
CA VAL OB 88 -78.74 -79.83 -78.39
C VAL OB 88 -78.00 -80.82 -77.50
N SER OB 89 -76.85 -81.29 -77.98
CA SER OB 89 -76.09 -82.30 -77.25
C SER OB 89 -75.25 -81.68 -76.15
N ARG OB 90 -74.29 -80.83 -76.52
CA ARG OB 90 -73.38 -80.17 -75.59
C ARG OB 90 -72.62 -81.21 -74.75
N LYS OB 91 -71.75 -81.93 -75.44
CA LYS OB 91 -70.91 -82.99 -74.90
C LYS OB 91 -70.34 -82.67 -73.52
N LEU OB 92 -69.73 -81.49 -73.39
CA LEU OB 92 -69.09 -81.13 -72.14
C LEU OB 92 -70.09 -80.91 -71.01
N ASP OB 93 -71.35 -80.68 -71.33
CA ASP OB 93 -72.37 -80.52 -70.29
C ASP OB 93 -73.09 -81.83 -69.98
N ARG OB 94 -73.36 -82.64 -70.99
CA ARG OB 94 -73.94 -83.96 -70.71
C ARG OB 94 -72.95 -84.82 -69.95
N LEU OB 95 -71.65 -84.62 -70.14
CA LEU OB 95 -70.68 -85.36 -69.35
C LEU OB 95 -70.73 -84.97 -67.89
N ALA OB 96 -70.89 -83.67 -67.59
CA ALA OB 96 -71.04 -83.25 -66.22
C ALA OB 96 -72.33 -83.78 -65.61
N TYR OB 97 -73.41 -83.79 -66.40
CA TYR OB 97 -74.66 -84.35 -65.91
C TYR OB 97 -74.52 -85.83 -65.58
N ILE OB 98 -73.83 -86.58 -66.44
CA ILE OB 98 -73.60 -87.99 -66.18
C ILE OB 98 -72.75 -88.17 -64.93
N ALA OB 99 -71.70 -87.36 -64.79
CA ALA OB 99 -70.81 -87.46 -63.64
C ALA OB 99 -71.47 -87.03 -62.34
N HIS OB 100 -72.57 -86.30 -62.39
CA HIS OB 100 -73.30 -85.95 -61.16
C HIS OB 100 -73.74 -87.22 -60.44
N PRO OB 101 -73.43 -87.36 -59.15
CA PRO OB 101 -73.74 -88.62 -58.45
C PRO OB 101 -75.22 -88.97 -58.40
N LYS OB 102 -76.10 -87.98 -58.27
CA LYS OB 102 -77.52 -88.23 -58.18
C LYS OB 102 -78.23 -88.07 -59.52
N LEU OB 103 -77.84 -87.07 -60.30
CA LEU OB 103 -78.52 -86.81 -61.56
C LEU OB 103 -78.14 -87.82 -62.63
N GLY OB 104 -76.94 -88.38 -62.57
CA GLY OB 104 -76.45 -89.22 -63.64
C GLY OB 104 -76.51 -90.71 -63.39
N LYS OB 105 -77.19 -91.11 -62.33
CA LYS OB 105 -77.28 -92.53 -61.99
C LYS OB 105 -77.88 -93.34 -63.12
N ARG OB 106 -79.02 -92.91 -63.64
CA ARG OB 106 -79.69 -93.64 -64.71
C ARG OB 106 -78.83 -93.66 -65.98
N ALA OB 107 -78.18 -92.53 -66.27
CA ALA OB 107 -77.36 -92.45 -67.49
C ALA OB 107 -76.19 -93.42 -67.45
N ARG OB 108 -75.43 -93.40 -66.35
CA ARG OB 108 -74.30 -94.31 -66.31
C ARG OB 108 -74.72 -95.76 -66.10
N ALA OB 109 -75.89 -96.01 -65.50
CA ALA OB 109 -76.42 -97.36 -65.50
C ALA OB 109 -76.74 -97.83 -66.91
N ARG OB 110 -77.31 -96.96 -67.73
CA ARG OB 110 -77.61 -97.32 -69.11
C ARG OB 110 -76.34 -97.60 -69.90
N ILE OB 111 -75.31 -96.77 -69.74
CA ILE OB 111 -74.09 -97.01 -70.50
C ILE OB 111 -73.39 -98.28 -69.99
N ALA OB 112 -73.47 -98.57 -68.69
CA ALA OB 112 -72.93 -99.82 -68.18
C ALA OB 112 -73.67 -101.02 -68.74
N LYS OB 113 -74.99 -100.93 -68.87
CA LYS OB 113 -75.76 -101.99 -69.48
C LYS OB 113 -75.38 -102.18 -70.94
N GLY OB 114 -75.12 -101.08 -71.66
CA GLY OB 114 -74.70 -101.18 -73.04
C GLY OB 114 -73.34 -101.81 -73.20
N LEU OB 115 -72.42 -101.54 -72.27
CA LEU OB 115 -71.09 -102.16 -72.35
C LEU OB 115 -71.15 -103.68 -72.21
N ARG OB 116 -72.12 -104.21 -71.49
CA ARG OB 116 -72.21 -105.65 -71.27
C ARG OB 116 -73.09 -106.35 -72.29
N LEU OB 117 -74.34 -105.91 -72.46
CA LEU OB 117 -75.27 -106.61 -73.31
C LEU OB 117 -74.96 -106.35 -74.78
N CYS OB 118 -75.16 -107.36 -75.62
CA CYS OB 118 -75.05 -107.24 -77.06
C CYS OB 118 -76.20 -107.98 -77.70
N ARG OB 119 -77.03 -107.27 -78.46
CA ARG OB 119 -78.19 -107.86 -79.10
C ARG OB 119 -78.20 -107.49 -80.58
N PRO OB 120 -78.57 -108.42 -81.44
CA PRO OB 120 -78.59 -108.12 -82.88
C PRO OB 120 -79.69 -107.14 -83.24
N LYS OB 121 -79.46 -106.45 -84.36
CA LYS OB 121 -80.39 -105.46 -84.91
C LYS OB 121 -80.74 -104.36 -83.92
N LYS PB 1 17.31 21.48 79.17
CA LYS PB 1 18.64 21.78 79.66
C LYS PB 1 19.28 20.55 80.30
N SER PB 2 18.43 19.59 80.69
CA SER PB 2 18.94 18.37 81.32
C SER PB 2 19.78 17.55 80.36
N LEU PB 3 19.37 17.46 79.09
CA LEU PB 3 20.12 16.67 78.11
C LEU PB 3 21.51 17.27 77.87
N GLU PB 4 21.56 18.57 77.58
CA GLU PB 4 22.87 19.20 77.38
C GLU PB 4 23.70 19.14 78.65
N SER PB 5 23.06 19.27 79.81
CA SER PB 5 23.79 19.20 81.07
C SER PB 5 24.41 17.83 81.27
N ILE PB 6 23.67 16.76 81.02
CA ILE PB 6 24.22 15.42 81.26
C ILE PB 6 25.29 15.09 80.23
N ASN PB 7 25.10 15.50 78.97
CA ASN PB 7 26.15 15.25 77.98
C ASN PB 7 27.43 16.01 78.31
N SER PB 8 27.30 17.29 78.65
CA SER PB 8 28.48 18.07 78.99
C SER PB 8 29.16 17.55 80.24
N ARG PB 9 28.37 17.15 81.24
CA ARG PB 9 28.96 16.65 82.48
C ARG PB 9 29.63 15.30 82.27
N LEU PB 10 29.07 14.44 81.43
CA LEU PB 10 29.77 13.20 81.10
C LEU PB 10 31.09 13.48 80.39
N GLN PB 11 31.07 14.40 79.43
CA GLN PB 11 32.31 14.74 78.72
C GLN PB 11 33.34 15.29 79.69
N LEU PB 12 32.90 16.03 80.69
CA LEU PB 12 33.85 16.58 81.65
C LEU PB 12 34.31 15.53 82.66
N VAL PB 13 33.46 14.56 83.02
CA VAL PB 13 33.90 13.45 83.86
C VAL PB 13 34.98 12.65 83.16
N MET PB 14 34.80 12.38 81.86
CA MET PB 14 35.90 11.84 81.09
C MET PB 14 37.09 12.79 81.14
N LYS PB 15 38.28 12.21 81.32
CA LYS PB 15 39.58 12.87 81.37
C LYS PB 15 39.79 13.73 82.61
N SER PB 16 38.78 13.84 83.48
CA SER PB 16 38.97 14.51 84.75
C SER PB 16 38.61 13.66 85.96
N GLY PB 17 37.64 12.75 85.83
CA GLY PB 17 37.23 11.90 86.91
C GLY PB 17 37.64 10.45 86.72
N LYS PB 18 37.17 9.61 87.64
CA LYS PB 18 37.39 8.18 87.58
C LYS PB 18 36.08 7.47 87.31
N TYR PB 19 36.12 6.45 86.45
CA TYR PB 19 34.90 5.79 86.06
C TYR PB 19 35.22 4.37 85.62
N VAL PB 20 34.18 3.55 85.55
CA VAL PB 20 34.27 2.23 84.94
C VAL PB 20 33.14 2.10 83.93
N LEU PB 21 33.42 1.45 82.82
CA LEU PB 21 32.44 1.24 81.76
C LEU PB 21 32.13 -0.25 81.67
N GLY PB 22 30.86 -0.58 81.64
CA GLY PB 22 30.47 -1.95 81.41
C GLY PB 22 29.80 -2.57 82.62
N TYR PB 23 29.07 -3.66 82.35
CA TYR PB 23 28.19 -4.26 83.34
C TYR PB 23 28.97 -4.90 84.48
N LYS PB 24 29.97 -5.72 84.15
CA LYS PB 24 30.70 -6.44 85.20
C LYS PB 24 31.47 -5.48 86.09
N GLN PB 25 32.22 -4.55 85.50
CA GLN PB 25 32.96 -3.58 86.29
C GLN PB 25 32.02 -2.69 87.10
N THR PB 26 30.91 -2.28 86.50
CA THR PB 26 29.95 -1.45 87.21
C THR PB 26 29.41 -2.17 88.43
N LEU PB 27 29.04 -3.43 88.26
CA LEU PB 27 28.45 -4.19 89.36
C LEU PB 27 29.48 -4.46 90.43
N LYS PB 28 30.73 -4.73 90.04
CA LYS PB 28 31.80 -4.94 91.00
C LYS PB 28 32.07 -3.68 91.82
N MET PB 29 32.10 -2.52 91.17
CA MET PB 29 32.28 -1.28 91.90
C MET PB 29 31.09 -0.99 92.83
N ILE PB 30 29.87 -1.28 92.38
CA ILE PB 30 28.70 -1.07 93.22
C ILE PB 30 28.80 -1.91 94.48
N ARG PB 31 29.12 -3.20 94.32
CA ARG PB 31 29.19 -4.06 95.48
C ARG PB 31 30.44 -3.85 96.30
N GLN PB 32 31.45 -3.17 95.77
CA GLN PB 32 32.56 -2.69 96.59
C GLN PB 32 32.27 -1.36 97.26
N GLY PB 33 31.18 -0.69 96.88
CA GLY PB 33 30.77 0.52 97.53
C GLY PB 33 31.48 1.77 97.06
N LYS PB 34 32.27 1.67 95.99
CA LYS PB 34 32.98 2.83 95.47
C LYS PB 34 32.21 3.56 94.38
N ALA PB 35 31.07 3.03 93.95
CA ALA PB 35 30.24 3.71 92.96
C ALA PB 35 29.49 4.85 93.62
N LYS PB 36 29.31 5.94 92.87
CA LYS PB 36 28.57 7.08 93.39
C LYS PB 36 27.43 7.45 92.45
N LEU PB 37 27.58 7.15 91.17
CA LEU PB 37 26.50 7.38 90.21
C LEU PB 37 26.59 6.31 89.14
N VAL PB 38 25.46 5.65 88.88
CA VAL PB 38 25.39 4.60 87.87
C VAL PB 38 24.45 5.06 86.77
N ILE PB 39 24.96 5.09 85.55
CA ILE PB 39 24.21 5.57 84.39
C ILE PB 39 23.89 4.38 83.50
N LEU PB 40 22.61 4.25 83.14
CA LEU PB 40 22.13 3.11 82.36
C LEU PB 40 21.48 3.62 81.09
N ALA PB 41 21.88 3.06 79.96
CA ALA PB 41 21.19 3.35 78.71
C ALA PB 41 19.79 2.77 78.74
N ASN PB 42 18.87 3.40 78.00
CA ASN PB 42 17.52 2.87 77.93
C ASN PB 42 17.47 1.59 77.11
N ASN PB 43 18.50 1.35 76.30
CA ASN PB 43 18.64 0.13 75.53
C ASN PB 43 18.93 -1.08 76.40
N CYS PB 44 19.20 -0.87 77.69
CA CYS PB 44 19.62 -1.95 78.56
C CYS PB 44 18.51 -2.99 78.69
N PRO PB 45 18.86 -4.27 78.76
CA PRO PB 45 17.84 -5.30 79.02
C PRO PB 45 17.18 -5.04 80.36
N ALA PB 46 15.87 -5.29 80.41
CA ALA PB 46 15.09 -4.90 81.57
C ALA PB 46 15.52 -5.65 82.82
N LEU PB 47 15.90 -6.92 82.67
CA LEU PB 47 16.39 -7.68 83.81
C LEU PB 47 17.66 -7.06 84.38
N ARG PB 48 18.60 -6.69 83.51
CA ARG PB 48 19.83 -6.06 83.97
C ARG PB 48 19.55 -4.70 84.59
N LYS PB 49 18.60 -3.96 84.02
CA LYS PB 49 18.23 -2.66 84.58
C LYS PB 49 17.67 -2.82 85.98
N SER PB 50 16.77 -3.78 86.18
CA SER PB 50 16.22 -4.03 87.51
C SER PB 50 17.29 -4.50 88.48
N GLU PB 51 18.20 -5.36 88.03
CA GLU PB 51 19.25 -5.85 88.90
C GLU PB 51 20.19 -4.73 89.33
N ILE PB 52 20.57 -3.86 88.39
CA ILE PB 52 21.43 -2.74 88.72
C ILE PB 52 20.73 -1.81 89.69
N GLU PB 53 19.44 -1.55 89.47
CA GLU PB 53 18.70 -0.69 90.37
C GLU PB 53 18.61 -1.29 91.77
N TYR PB 54 18.44 -2.61 91.87
CA TYR PB 54 18.40 -3.24 93.19
C TYR PB 54 19.75 -3.15 93.89
N TYR PB 55 20.84 -3.38 93.15
CA TYR PB 55 22.17 -3.23 93.73
C TYR PB 55 22.40 -1.81 94.21
N ALA PB 56 21.94 -0.83 93.43
CA ALA PB 56 22.12 0.57 93.82
C ALA PB 56 21.27 0.93 95.01
N MET PB 57 20.07 0.35 95.13
CA MET PB 57 19.27 0.56 96.33
C MET PB 57 19.98 -0.01 97.55
N LEU PB 58 20.58 -1.20 97.41
CA LEU PB 58 21.32 -1.78 98.53
C LEU PB 58 22.51 -0.93 98.91
N ALA PB 59 23.23 -0.41 97.92
CA ALA PB 59 24.46 0.34 98.16
C ALA PB 59 24.22 1.82 98.39
N LYS PB 60 22.98 2.28 98.31
CA LYS PB 60 22.61 3.68 98.49
C LYS PB 60 23.36 4.58 97.50
N THR PB 61 23.32 4.20 96.23
CA THR PB 61 23.89 4.99 95.15
C THR PB 61 22.79 5.37 94.18
N GLY PB 62 22.99 6.48 93.47
CA GLY PB 62 22.00 6.93 92.53
C GLY PB 62 22.12 6.26 91.17
N VAL PB 63 20.99 6.11 90.51
CA VAL PB 63 20.92 5.57 89.16
C VAL PB 63 20.27 6.62 88.26
N HIS PB 64 21.00 7.03 87.23
CA HIS PB 64 20.46 7.88 86.19
C HIS PB 64 20.14 7.02 84.97
N HIS PB 65 19.02 7.32 84.33
CA HIS PB 65 18.59 6.63 83.13
C HIS PB 65 18.85 7.54 81.94
N TYR PB 66 19.95 7.27 81.24
CA TYR PB 66 20.33 8.06 80.09
C TYR PB 66 19.27 7.97 79.00
N SER PB 67 18.94 9.12 78.42
CA SER PB 67 17.95 9.16 77.34
C SER PB 67 18.63 9.02 75.99
N GLY PB 68 19.43 7.96 75.85
CA GLY PB 68 20.06 7.63 74.60
C GLY PB 68 19.91 6.16 74.28
N ASN PB 69 21.01 5.48 74.02
CA ASN PB 69 21.08 4.03 74.08
C ASN PB 69 22.55 3.70 74.31
N ASN PB 70 22.94 2.44 74.14
CA ASN PB 70 24.34 2.13 74.37
C ASN PB 70 25.25 2.77 73.34
N ILE PB 71 24.76 2.98 72.12
CA ILE PB 71 25.59 3.59 71.07
C ILE PB 71 25.94 5.03 71.42
N GLU PB 72 24.95 5.90 71.61
CA GLU PB 72 25.30 7.27 71.97
C GLU PB 72 25.67 7.44 73.43
N LEU PB 73 25.46 6.43 74.28
CA LEU PB 73 26.09 6.48 75.59
C LEU PB 73 27.60 6.32 75.47
N GLY PB 74 28.05 5.37 74.64
CA GLY PB 74 29.48 5.28 74.36
C GLY PB 74 30.00 6.52 73.67
N THR PB 75 29.22 7.08 72.75
CA THR PB 75 29.64 8.31 72.08
C THR PB 75 29.78 9.46 73.08
N ALA PB 76 28.81 9.62 73.99
CA ALA PB 76 28.92 10.64 75.02
C ALA PB 76 30.10 10.39 75.92
N CYS PB 77 30.41 9.13 76.21
CA CYS PB 77 31.63 8.79 76.90
C CYS PB 77 32.87 9.09 76.08
N GLY PB 78 32.73 9.30 74.78
CA GLY PB 78 33.88 9.55 73.95
C GLY PB 78 34.58 8.30 73.47
N LYS PB 79 33.96 7.15 73.65
CA LYS PB 79 34.51 5.88 73.20
C LYS PB 79 33.96 5.56 71.83
N TYR PB 80 34.65 4.66 71.13
CA TYR PB 80 34.22 4.20 69.82
C TYR PB 80 33.50 2.86 69.90
N TYR PB 81 32.99 2.50 71.07
CA TYR PB 81 32.21 1.29 71.21
C TYR PB 81 30.90 1.59 71.92
N ARG PB 82 30.17 0.54 72.28
CA ARG PB 82 28.88 0.68 72.95
C ARG PB 82 29.08 0.54 74.45
N VAL PB 83 28.45 1.43 75.20
CA VAL PB 83 28.48 1.40 76.66
C VAL PB 83 27.04 1.34 77.13
N CYS PB 84 26.66 0.22 77.73
CA CYS PB 84 25.30 0.05 78.21
C CYS PB 84 25.13 0.54 79.64
N THR PB 85 26.12 0.29 80.50
CA THR PB 85 26.04 0.64 81.90
C THR PB 85 27.40 1.18 82.33
N LEU PB 86 27.42 2.28 83.07
CA LEU PB 86 28.68 2.86 83.50
C LEU PB 86 28.54 3.37 84.92
N ALA PB 87 29.67 3.53 85.60
CA ALA PB 87 29.69 4.01 86.97
C ALA PB 87 30.76 5.07 87.12
N ILE PB 88 30.47 6.09 87.92
CA ILE PB 88 31.40 7.17 88.20
C ILE PB 88 31.94 6.99 89.61
N ILE PB 89 33.22 6.64 89.72
CA ILE PB 89 33.84 6.51 91.04
C ILE PB 89 34.04 7.88 91.66
N ASP PB 90 34.46 8.86 90.86
CA ASP PB 90 34.67 10.22 91.34
C ASP PB 90 34.46 11.22 90.21
N PRO PB 91 33.54 12.18 90.37
CA PRO PB 91 33.20 13.07 89.25
C PRO PB 91 34.31 14.04 88.87
N GLY PB 92 34.76 14.85 89.82
CA GLY PB 92 35.68 15.93 89.53
C GLY PB 92 35.07 17.13 88.82
N ASP PB 93 33.76 17.12 88.57
CA ASP PB 93 33.14 18.22 87.84
C ASP PB 93 31.75 18.60 88.34
N SER PB 94 31.39 18.22 89.57
CA SER PB 94 30.06 18.50 90.13
C SER PB 94 28.95 17.89 89.29
N ASP PB 95 29.19 16.70 88.75
CA ASP PB 95 28.09 15.89 88.22
C ASP PB 95 27.16 15.47 89.34
N ILE PB 96 27.74 15.10 90.49
CA ILE PB 96 26.98 14.86 91.69
C ILE PB 96 27.15 16.06 92.61
N ILE PB 97 26.33 16.14 93.64
CA ILE PB 97 26.41 17.22 94.62
C ILE PB 97 27.19 16.70 95.82
N ARG PB 98 28.25 17.40 96.18
CA ARG PB 98 29.17 16.97 97.23
C ARG PB 98 28.49 16.94 98.60
N ASN QB 1 64.41 -92.06 1.79
CA ASN QB 1 63.77 -92.08 3.10
C ASN QB 1 62.48 -91.28 3.09
N GLU QB 2 61.61 -91.55 4.07
CA GLU QB 2 60.37 -90.81 4.22
C GLU QB 2 60.23 -90.19 5.61
N VAL QB 3 61.30 -90.19 6.41
CA VAL QB 3 61.25 -89.60 7.75
C VAL QB 3 62.24 -88.44 7.73
N VAL QB 4 62.33 -87.77 6.61
CA VAL QB 4 63.31 -86.71 6.41
C VAL QB 4 62.87 -85.44 7.13
N THR QB 5 63.84 -84.69 7.63
CA THR QB 5 63.64 -83.35 8.14
C THR QB 5 64.50 -82.37 7.37
N ARG QB 6 63.92 -81.25 6.98
CA ARG QB 6 64.59 -80.23 6.20
C ARG QB 6 64.30 -78.86 6.77
N GLU QB 7 65.10 -77.88 6.38
CA GLU QB 7 64.99 -76.52 6.89
C GLU QB 7 64.72 -75.58 5.73
N TYR QB 8 63.62 -74.83 5.81
CA TYR QB 8 63.25 -73.88 4.77
C TYR QB 8 63.10 -72.50 5.36
N THR QB 9 63.08 -71.51 4.47
CA THR QB 9 62.64 -70.16 4.81
C THR QB 9 61.50 -69.77 3.89
N ILE QB 10 60.43 -69.25 4.48
CA ILE QB 10 59.21 -68.91 3.77
C ILE QB 10 59.11 -67.39 3.68
N ASN QB 11 58.84 -66.90 2.48
CA ASN QB 11 58.56 -65.49 2.24
C ASN QB 11 57.11 -65.24 2.60
N ILE QB 12 56.88 -65.03 3.89
CA ILE QB 12 55.54 -64.73 4.37
C ILE QB 12 55.02 -63.44 3.76
N HIS QB 13 55.91 -62.46 3.56
CA HIS QB 13 55.52 -61.21 2.93
C HIS QB 13 54.95 -61.45 1.54
N LYS QB 14 55.67 -62.25 0.75
CA LYS QB 14 55.22 -62.60 -0.59
C LYS QB 14 53.89 -63.33 -0.55
N ARG QB 15 53.74 -64.28 0.36
CA ARG QB 15 52.51 -65.07 0.38
C ARG QB 15 51.34 -64.33 1.00
N ILE QB 16 51.58 -63.27 1.76
CA ILE QB 16 50.53 -62.58 2.47
C ILE QB 16 50.19 -61.24 1.85
N HIS QB 17 50.92 -60.83 0.82
CA HIS QB 17 50.69 -59.55 0.18
C HIS QB 17 49.25 -59.40 -0.29
N GLY QB 18 48.66 -58.25 0.03
CA GLY QB 18 47.32 -57.92 -0.40
C GLY QB 18 46.22 -58.28 0.55
N VAL QB 19 46.51 -59.03 1.60
CA VAL QB 19 45.49 -59.49 2.53
C VAL QB 19 45.20 -58.38 3.53
N GLY QB 20 43.92 -58.24 3.91
CA GLY QB 20 43.52 -57.20 4.82
C GLY QB 20 44.08 -57.38 6.21
N PHE QB 21 43.97 -56.32 7.00
CA PHE QB 21 44.68 -56.25 8.28
C PHE QB 21 44.27 -57.35 9.24
N LYS QB 22 42.98 -57.61 9.37
CA LYS QB 22 42.51 -58.58 10.35
C LYS QB 22 42.59 -60.01 9.85
N LYS QB 23 43.11 -60.23 8.65
CA LYS QB 23 43.24 -61.58 8.11
C LYS QB 23 44.67 -61.95 7.77
N ARG QB 24 45.65 -61.16 8.20
CA ARG QB 24 47.02 -61.38 7.74
C ARG QB 24 47.69 -62.51 8.52
N ALA QB 25 47.68 -62.45 9.84
CA ALA QB 25 48.26 -63.52 10.63
C ALA QB 25 47.54 -64.86 10.44
N PRO QB 26 46.20 -64.95 10.42
CA PRO QB 26 45.58 -66.25 10.12
C PRO QB 26 45.97 -66.80 8.75
N ARG QB 27 45.99 -65.94 7.74
CA ARG QB 27 46.33 -66.44 6.43
C ARG QB 27 47.82 -66.77 6.31
N ALA QB 28 48.66 -66.18 7.16
CA ALA QB 28 50.06 -66.59 7.20
C ALA QB 28 50.20 -68.04 7.61
N LEU QB 29 49.43 -68.47 8.61
CA LEU QB 29 49.45 -69.87 9.01
C LEU QB 29 48.78 -70.78 8.00
N LYS QB 30 47.72 -70.29 7.34
CA LYS QB 30 47.17 -71.08 6.24
C LYS QB 30 48.17 -71.28 5.12
N GLU QB 31 48.94 -70.25 4.79
CA GLU QB 31 49.98 -70.37 3.77
C GLU QB 31 51.14 -71.24 4.23
N ILE QB 32 51.48 -71.21 5.52
CA ILE QB 32 52.50 -72.11 6.04
C ILE QB 32 52.03 -73.56 5.92
N ARG QB 33 50.76 -73.80 6.23
CA ARG QB 33 50.20 -75.14 6.06
C ARG QB 33 50.24 -75.57 4.60
N LYS QB 34 49.87 -74.67 3.69
CA LYS QB 34 49.92 -74.99 2.26
C LYS QB 34 51.34 -75.27 1.80
N PHE QB 35 52.30 -74.48 2.28
CA PHE QB 35 53.70 -74.68 1.94
C PHE QB 35 54.17 -76.06 2.40
N ALA QB 36 53.86 -76.42 3.65
CA ALA QB 36 54.27 -77.72 4.16
C ALA QB 36 53.62 -78.85 3.38
N MET QB 37 52.33 -78.72 3.06
CA MET QB 37 51.63 -79.75 2.30
C MET QB 37 52.24 -79.91 0.92
N LYS QB 38 52.56 -78.81 0.25
CA LYS QB 38 53.11 -78.89 -1.09
C LYS QB 38 54.52 -79.46 -1.07
N GLU QB 39 55.32 -79.09 -0.07
CA GLU QB 39 56.73 -79.45 -0.08
C GLU QB 39 56.98 -80.86 0.45
N MET QB 40 56.17 -81.32 1.40
CA MET QB 40 56.34 -82.64 1.97
C MET QB 40 55.31 -83.65 1.50
N GLY QB 41 54.29 -83.21 0.78
CA GLY QB 41 53.30 -84.14 0.25
C GLY QB 41 52.47 -84.85 1.27
N THR QB 42 52.16 -84.19 2.40
CA THR QB 42 51.37 -84.79 3.46
C THR QB 42 50.20 -83.86 3.78
N PRO QB 43 48.96 -84.30 3.59
CA PRO QB 43 47.82 -83.46 3.98
C PRO QB 43 47.74 -83.22 5.47
N ASP QB 44 48.34 -84.08 6.29
CA ASP QB 44 48.37 -83.91 7.74
C ASP QB 44 49.60 -83.10 8.09
N VAL QB 45 49.39 -81.83 8.42
CA VAL QB 45 50.46 -80.94 8.83
C VAL QB 45 50.10 -80.37 10.18
N ARG QB 46 51.01 -80.48 11.14
CA ARG QB 46 50.82 -79.92 12.46
C ARG QB 46 51.87 -78.86 12.73
N ILE QB 47 51.41 -77.70 13.19
CA ILE QB 47 52.24 -76.52 13.39
C ILE QB 47 52.57 -76.42 14.87
N ASP QB 48 53.85 -76.29 15.19
CA ASP QB 48 54.27 -76.16 16.57
C ASP QB 48 53.72 -74.87 17.17
N THR QB 49 53.36 -74.93 18.44
CA THR QB 49 52.80 -73.76 19.11
C THR QB 49 53.80 -72.62 19.16
N ARG QB 50 55.09 -72.94 19.27
CA ARG QB 50 56.11 -71.90 19.19
C ARG QB 50 56.14 -71.23 17.82
N LEU QB 51 55.93 -72.00 16.76
CA LEU QB 51 55.86 -71.39 15.42
C LEU QB 51 54.63 -70.51 15.29
N ASN QB 52 53.49 -70.95 15.82
CA ASN QB 52 52.29 -70.11 15.81
C ASN QB 52 52.54 -68.82 16.55
N LYS QB 53 53.19 -68.90 17.71
CA LYS QB 53 53.54 -67.72 18.48
C LYS QB 53 54.49 -66.81 17.73
N ALA QB 54 55.46 -67.39 17.02
CA ALA QB 54 56.38 -66.58 16.23
C ALA QB 54 55.66 -65.83 15.11
N VAL QB 55 54.72 -66.49 14.45
CA VAL QB 55 53.95 -65.84 13.40
C VAL QB 55 53.09 -64.72 13.98
N TRP QB 56 52.53 -64.96 15.17
CA TRP QB 56 51.69 -63.96 15.83
C TRP QB 56 52.48 -63.02 16.74
N ALA QB 57 53.81 -63.00 16.63
CA ALA QB 57 54.62 -62.23 17.58
C ALA QB 57 54.35 -60.73 17.50
N LYS QB 58 54.18 -60.18 16.30
CA LYS QB 58 54.01 -58.75 16.12
C LYS QB 58 52.57 -58.37 15.81
N GLY QB 59 51.61 -59.10 16.37
CA GLY QB 59 50.22 -58.76 16.16
C GLY QB 59 49.62 -59.42 14.95
N ILE QB 60 48.39 -58.99 14.63
CA ILE QB 60 47.62 -59.67 13.60
C ILE QB 60 47.94 -59.14 12.21
N ARG QB 61 48.38 -57.89 12.09
CA ARG QB 61 48.58 -57.32 10.76
C ARG QB 61 50.02 -57.10 10.38
N ASN QB 62 50.93 -56.98 11.35
CA ASN QB 62 52.34 -56.77 11.03
C ASN QB 62 53.12 -58.08 11.14
N VAL QB 63 52.74 -59.02 10.30
CA VAL QB 63 53.36 -60.36 10.32
C VAL QB 63 54.80 -60.25 9.86
N PRO QB 64 55.72 -61.05 10.41
CA PRO QB 64 57.10 -61.03 9.91
C PRO QB 64 57.19 -61.34 8.42
N TYR QB 65 58.11 -60.65 7.74
CA TYR QB 65 58.24 -60.81 6.29
C TYR QB 65 58.74 -62.19 5.93
N ARG QB 66 59.71 -62.71 6.67
CA ARG QB 66 60.27 -64.02 6.41
C ARG QB 66 60.20 -64.84 7.68
N ILE QB 67 60.11 -66.15 7.53
CA ILE QB 67 60.13 -67.05 8.67
C ILE QB 67 61.04 -68.23 8.33
N ARG QB 68 61.78 -68.71 9.32
CA ARG QB 68 62.63 -69.88 9.14
C ARG QB 68 61.97 -71.06 9.84
N VAL QB 69 61.60 -72.07 9.07
CA VAL QB 69 60.87 -73.21 9.62
C VAL QB 69 61.65 -74.48 9.35
N ARG QB 70 61.25 -75.54 10.05
CA ARG QB 70 61.82 -76.86 9.87
C ARG QB 70 60.68 -77.82 9.66
N LEU QB 71 60.65 -78.45 8.48
CA LEU QB 71 59.63 -79.44 8.16
C LEU QB 71 60.18 -80.82 8.45
N SER QB 72 59.57 -81.52 9.41
CA SER QB 72 59.98 -82.88 9.74
C SER QB 72 58.83 -83.81 9.36
N ARG QB 73 59.03 -84.64 8.35
CA ARG QB 73 58.04 -85.64 8.00
C ARG QB 73 58.24 -86.85 8.90
N LYS QB 74 57.17 -87.27 9.57
CA LYS QB 74 57.24 -88.34 10.55
C LYS QB 74 56.14 -89.35 10.28
N ARG QB 75 56.38 -90.57 10.74
CA ARG QB 75 55.42 -91.65 10.59
C ARG QB 75 54.28 -91.45 11.58
N ASN QB 76 53.06 -91.40 11.08
CA ASN QB 76 51.88 -91.24 11.94
C ASN QB 76 51.46 -92.62 12.45
N GLU QB 77 52.31 -93.18 13.29
CA GLU QB 77 52.04 -94.47 13.91
C GLU QB 77 51.16 -94.34 15.14
N ASP QB 78 50.75 -93.12 15.49
CA ASP QB 78 49.97 -92.90 16.69
C ASP QB 78 48.58 -93.52 16.58
N GLU QB 79 48.05 -93.66 15.38
CA GLU QB 79 46.73 -94.23 15.18
C GLU QB 79 46.59 -94.68 13.73
N ASP QB 80 45.48 -95.35 13.44
CA ASP QB 80 45.21 -95.86 12.10
C ASP QB 80 44.33 -94.88 11.31
N SER QB 81 44.86 -93.67 11.14
CA SER QB 81 44.24 -92.70 10.25
C SER QB 81 44.60 -93.01 8.80
N PRO QB 82 43.82 -92.49 7.85
CA PRO QB 82 44.22 -92.64 6.43
C PRO QB 82 45.58 -92.03 6.12
N ASN QB 83 45.97 -90.98 6.83
CA ASN QB 83 47.28 -90.37 6.64
C ASN QB 83 48.28 -91.07 7.55
N LYS QB 84 49.10 -91.94 6.97
CA LYS QB 84 50.12 -92.64 7.73
C LYS QB 84 51.37 -91.80 7.94
N LEU QB 85 51.46 -90.64 7.29
CA LEU QB 85 52.58 -89.73 7.45
C LEU QB 85 52.04 -88.35 7.78
N TYR QB 86 52.71 -87.66 8.70
CA TYR QB 86 52.37 -86.28 9.00
C TYR QB 86 53.63 -85.43 8.94
N THR QB 87 53.46 -84.12 8.93
CA THR QB 87 54.57 -83.19 8.85
C THR QB 87 54.46 -82.22 10.02
N LEU QB 88 55.44 -82.26 10.91
CA LEU QB 88 55.51 -81.33 12.01
C LEU QB 88 56.41 -80.18 11.59
N VAL QB 89 55.90 -78.96 11.63
CA VAL QB 89 56.66 -77.78 11.26
C VAL QB 89 56.98 -76.96 12.50
N THR QB 90 58.27 -76.68 12.70
CA THR QB 90 58.72 -76.01 13.90
C THR QB 90 59.48 -74.73 13.55
N TYR QB 91 59.50 -73.82 14.51
CA TYR QB 91 60.14 -72.51 14.33
C TYR QB 91 61.63 -72.63 14.58
N VAL QB 92 62.44 -72.02 13.71
CA VAL QB 92 63.88 -71.94 13.87
C VAL QB 92 64.25 -70.47 14.01
N PRO QB 93 64.59 -69.99 15.20
CA PRO QB 93 65.00 -68.59 15.33
C PRO QB 93 66.32 -68.34 14.63
N VAL QB 94 66.40 -67.22 13.92
CA VAL QB 94 67.60 -66.83 13.20
C VAL QB 94 67.87 -65.37 13.47
N THR QB 95 69.11 -64.96 13.20
CA THR QB 95 69.52 -63.57 13.32
C THR QB 95 69.47 -62.83 11.99
N THR QB 96 69.71 -63.52 10.88
CA THR QB 96 69.66 -62.93 9.56
C THR QB 96 69.10 -63.94 8.58
N PHE QB 97 68.53 -63.43 7.49
CA PHE QB 97 67.99 -64.28 6.44
C PHE QB 97 68.84 -64.28 5.18
N LYS QB 98 69.95 -63.56 5.18
CA LYS QB 98 70.78 -63.52 3.98
C LYS QB 98 71.51 -64.83 3.79
N ASN QB 99 71.54 -65.29 2.53
CA ASN QB 99 72.31 -66.46 2.11
C ASN QB 99 71.87 -67.74 2.80
N LEU QB 100 70.60 -67.86 3.15
CA LEU QB 100 70.07 -69.08 3.74
C LEU QB 100 69.42 -69.92 2.67
N GLN QB 101 69.92 -71.14 2.49
CA GLN QB 101 69.38 -72.08 1.53
C GLN QB 101 68.52 -73.12 2.22
N THR QB 102 67.83 -73.91 1.41
CA THR QB 102 67.13 -75.08 1.93
C THR QB 102 68.15 -76.18 2.17
N VAL QB 103 68.30 -76.58 3.43
CA VAL QB 103 69.34 -77.52 3.83
C VAL QB 103 68.71 -78.71 4.53
N ASN QB 104 69.18 -79.90 4.19
CA ASN QB 104 68.82 -81.09 4.96
C ASN QB 104 69.54 -81.06 6.30
N VAL QB 105 68.87 -81.56 7.33
CA VAL QB 105 69.44 -81.62 8.67
C VAL QB 105 69.35 -83.04 9.18
N ASP QB 106 70.35 -83.44 9.95
CA ASP QB 106 70.37 -84.76 10.57
C ASP QB 106 69.55 -84.73 11.86
N GLU QB 107 69.67 -85.80 12.66
CA GLU QB 107 68.90 -85.91 13.90
C GLU QB 107 69.33 -84.86 14.92
N ALA RB 1 -22.85 -116.86 -32.14
CA ALA RB 1 -22.65 -117.37 -30.79
C ALA RB 1 -23.70 -116.83 -29.84
N ALA RB 2 -23.67 -115.52 -29.63
CA ALA RB 2 -24.54 -114.88 -28.66
C ALA RB 2 -25.98 -114.84 -29.17
N LEU RB 3 -26.89 -114.56 -28.25
CA LEU RB 3 -28.30 -114.40 -28.58
C LEU RB 3 -28.51 -113.14 -29.39
N ARG RB 4 -29.43 -113.19 -30.33
CA ARG RB 4 -29.58 -112.05 -31.20
C ARG RB 4 -30.89 -111.32 -30.96
N PRO RB 5 -30.92 -110.01 -31.15
CA PRO RB 5 -32.16 -109.26 -30.99
C PRO RB 5 -33.14 -109.59 -32.11
N LEU RB 6 -34.39 -109.16 -31.89
CA LEU RB 6 -35.42 -109.39 -32.89
C LEU RB 6 -35.08 -108.66 -34.19
N VAL RB 7 -34.73 -107.38 -34.09
CA VAL RB 7 -34.26 -106.61 -35.23
C VAL RB 7 -33.00 -105.87 -34.81
N LYS RB 8 -32.13 -105.62 -35.78
CA LYS RB 8 -30.91 -104.86 -35.55
C LYS RB 8 -30.83 -103.72 -36.54
N PRO RB 9 -31.56 -102.64 -36.29
CA PRO RB 9 -31.44 -101.46 -37.15
C PRO RB 9 -30.10 -100.78 -36.94
N LYS RB 10 -29.68 -100.06 -37.97
CA LYS RB 10 -28.46 -99.27 -37.86
C LYS RB 10 -28.69 -98.12 -36.88
N ILE RB 11 -27.88 -98.06 -35.83
CA ILE RB 11 -28.02 -97.04 -34.80
C ILE RB 11 -27.18 -95.84 -35.22
N VAL RB 12 -27.83 -94.68 -35.32
CA VAL RB 12 -27.19 -93.45 -35.77
C VAL RB 12 -27.11 -92.49 -34.59
N LYS RB 13 -25.90 -92.09 -34.24
CA LYS RB 13 -25.67 -91.11 -33.19
C LYS RB 13 -25.40 -89.76 -33.84
N LYS RB 14 -26.23 -88.77 -33.51
CA LYS RB 14 -26.00 -87.43 -34.05
C LYS RB 14 -24.69 -86.85 -33.53
N ARG RB 15 -24.39 -87.05 -32.26
CA ARG RB 15 -23.11 -86.68 -31.69
C ARG RB 15 -22.59 -87.83 -30.86
N THR RB 16 -21.29 -88.11 -30.99
CA THR RB 16 -20.67 -89.21 -30.27
C THR RB 16 -19.81 -88.74 -29.11
N LYS RB 17 -19.19 -87.57 -29.21
CA LYS RB 17 -18.42 -87.02 -28.11
C LYS RB 17 -19.34 -86.55 -26.99
N LYS RB 18 -18.74 -86.19 -25.87
CA LYS RB 18 -19.48 -85.65 -24.74
C LYS RB 18 -19.61 -84.14 -24.87
N PHE RB 19 -20.55 -83.57 -24.12
CA PHE RB 19 -20.65 -82.14 -23.96
C PHE RB 19 -19.92 -81.77 -22.68
N ILE RB 20 -18.75 -81.20 -22.80
CA ILE RB 20 -17.99 -80.83 -21.63
C ILE RB 20 -18.37 -79.43 -21.21
N ARG RB 21 -18.28 -79.16 -19.91
CA ARG RB 21 -18.58 -77.84 -19.39
C ARG RB 21 -17.56 -76.82 -19.88
N HIS RB 22 -18.02 -75.61 -20.09
CA HIS RB 22 -17.14 -74.51 -20.49
C HIS RB 22 -16.08 -74.28 -19.42
N GLN RB 23 -14.83 -74.16 -19.87
CA GLN RB 23 -13.66 -73.92 -19.03
C GLN RB 23 -13.39 -75.06 -18.05
N SER RB 24 -13.91 -76.25 -18.31
CA SER RB 24 -13.57 -77.40 -17.47
C SER RB 24 -12.17 -77.90 -17.75
N ASP RB 25 -11.57 -77.49 -18.86
CA ASP RB 25 -10.18 -77.82 -19.12
C ASP RB 25 -9.22 -77.01 -18.25
N ARG RB 26 -9.56 -75.75 -17.99
CA ARG RB 26 -8.63 -74.87 -17.30
C ARG RB 26 -8.60 -75.07 -15.79
N TYR RB 27 -9.60 -75.72 -15.22
CA TYR RB 27 -9.70 -75.83 -13.77
C TYR RB 27 -10.00 -77.26 -13.36
N VAL RB 28 -9.49 -77.62 -12.19
CA VAL RB 28 -9.84 -78.89 -11.58
C VAL RB 28 -11.10 -78.75 -10.73
N LYS RB 29 -11.35 -77.55 -10.20
CA LYS RB 29 -12.56 -77.31 -9.42
C LYS RB 29 -13.82 -77.37 -10.27
N ILE RB 30 -13.68 -77.30 -11.59
CA ILE RB 30 -14.81 -77.34 -12.51
C ILE RB 30 -14.80 -78.71 -13.18
N LYS RB 31 -15.81 -79.51 -12.88
CA LYS RB 31 -15.94 -80.83 -13.45
C LYS RB 31 -16.58 -80.73 -14.84
N ARG RB 32 -16.40 -81.78 -15.63
CA ARG RB 32 -16.85 -81.75 -17.01
C ARG RB 32 -18.36 -81.91 -17.16
N ASN RB 33 -19.09 -82.17 -16.07
CA ASN RB 33 -20.54 -82.24 -16.15
C ASN RB 33 -21.11 -80.94 -16.70
N TRP RB 34 -22.04 -81.05 -17.63
CA TRP RB 34 -22.49 -79.88 -18.37
C TRP RB 34 -23.27 -78.94 -17.48
N ARG RB 35 -22.92 -77.66 -17.53
CA ARG RB 35 -23.68 -76.59 -16.90
C ARG RB 35 -23.91 -75.51 -17.93
N LYS RB 36 -25.14 -75.03 -18.01
CA LYS RB 36 -25.47 -74.01 -18.99
C LYS RB 36 -24.81 -72.69 -18.61
N PRO RB 37 -24.00 -72.10 -19.48
CA PRO RB 37 -23.39 -70.81 -19.15
C PRO RB 37 -24.44 -69.71 -19.15
N ARG RB 38 -24.32 -68.82 -18.18
CA ARG RB 38 -25.30 -67.75 -18.03
C ARG RB 38 -24.63 -66.40 -17.81
N GLY RB 39 -23.33 -66.30 -18.09
CA GLY RB 39 -22.67 -65.03 -17.97
C GLY RB 39 -23.14 -64.05 -19.01
N ILE RB 40 -23.04 -62.75 -18.67
CA ILE RB 40 -23.53 -61.73 -19.58
C ILE RB 40 -22.67 -61.66 -20.83
N ASP RB 41 -21.38 -61.96 -20.73
CA ASP RB 41 -20.46 -61.87 -21.86
C ASP RB 41 -19.96 -63.24 -22.31
N ASN RB 42 -20.64 -64.31 -21.94
CA ASN RB 42 -20.15 -65.65 -22.22
C ASN RB 42 -20.27 -65.96 -23.71
N ARG RB 43 -19.14 -66.17 -24.37
CA ARG RB 43 -19.15 -66.45 -25.80
C ARG RB 43 -19.69 -67.84 -26.11
N VAL RB 44 -19.52 -68.80 -25.21
CA VAL RB 44 -20.12 -70.12 -25.42
C VAL RB 44 -21.63 -70.02 -25.39
N ARG RB 45 -22.17 -69.27 -24.42
CA ARG RB 45 -23.62 -69.07 -24.37
C ARG RB 45 -24.10 -68.31 -25.60
N ARG RB 46 -23.36 -67.30 -26.03
CA ARG RB 46 -23.75 -66.55 -27.21
C ARG RB 46 -23.52 -67.31 -28.50
N ARG RB 47 -22.86 -68.47 -28.45
CA ARG RB 47 -22.72 -69.39 -29.59
C ARG RB 47 -21.82 -68.80 -30.68
N PHE RB 48 -20.68 -68.27 -30.26
CA PHE RB 48 -19.66 -67.86 -31.20
C PHE RB 48 -19.05 -69.09 -31.86
N LYS RB 49 -18.56 -68.92 -33.09
CA LYS RB 49 -17.97 -70.04 -33.81
C LYS RB 49 -16.68 -70.48 -33.14
N GLY RB 50 -16.37 -71.76 -33.29
CA GLY RB 50 -15.15 -72.31 -32.73
C GLY RB 50 -15.16 -72.53 -31.24
N GLN RB 51 -16.32 -72.46 -30.59
CA GLN RB 51 -16.41 -72.61 -29.15
C GLN RB 51 -16.98 -73.97 -28.78
N ILE RB 52 -17.07 -74.21 -27.48
CA ILE RB 52 -17.72 -75.40 -26.96
C ILE RB 52 -19.19 -75.38 -27.31
N LEU RB 53 -19.69 -76.48 -27.86
CA LEU RB 53 -21.08 -76.55 -28.27
C LEU RB 53 -22.00 -76.78 -27.08
N MET RB 54 -23.20 -76.26 -27.17
CA MET RB 54 -24.21 -76.41 -26.13
C MET RB 54 -25.19 -77.49 -26.50
N PRO RB 55 -25.53 -78.39 -25.59
CA PRO RB 55 -26.57 -79.38 -25.86
C PRO RB 55 -27.92 -78.71 -26.09
N ASN RB 56 -28.68 -79.27 -27.02
CA ASN RB 56 -30.06 -78.88 -27.23
C ASN RB 56 -30.82 -80.08 -27.76
N ILE RB 57 -32.12 -79.91 -27.96
CA ILE RB 57 -32.98 -81.02 -28.32
C ILE RB 57 -32.74 -81.54 -29.73
N GLY RB 58 -32.04 -80.79 -30.57
CA GLY RB 58 -31.79 -81.24 -31.92
C GLY RB 58 -30.86 -82.42 -32.00
N TYR RB 59 -30.06 -82.65 -30.97
CA TYR RB 59 -29.14 -83.78 -30.89
C TYR RB 59 -29.84 -85.05 -30.45
N GLY RB 60 -31.15 -85.01 -30.23
CA GLY RB 60 -31.84 -86.16 -29.69
C GLY RB 60 -31.75 -87.36 -30.62
N SER RB 61 -31.61 -88.53 -30.02
CA SER RB 61 -31.48 -89.75 -30.80
C SER RB 61 -32.81 -90.15 -31.40
N ASN RB 62 -32.73 -90.92 -32.48
CA ASN RB 62 -33.92 -91.50 -33.08
C ASN RB 62 -34.65 -92.36 -32.06
N LYS RB 63 -35.98 -92.18 -31.97
CA LYS RB 63 -36.76 -92.85 -30.95
C LYS RB 63 -36.79 -94.36 -31.15
N LYS RB 64 -36.55 -94.85 -32.35
CA LYS RB 64 -36.55 -96.28 -32.58
C LYS RB 64 -35.29 -96.94 -32.04
N THR RB 65 -34.16 -96.26 -32.07
CA THR RB 65 -32.89 -96.81 -31.62
C THR RB 65 -32.41 -96.19 -30.32
N LYS RB 66 -33.24 -95.41 -29.64
CA LYS RB 66 -32.83 -94.79 -28.40
C LYS RB 66 -32.70 -95.83 -27.30
N HIS RB 67 -31.65 -95.67 -26.48
CA HIS RB 67 -31.25 -96.55 -25.39
C HIS RB 67 -30.83 -97.93 -25.86
N MET RB 68 -30.64 -98.13 -27.15
CA MET RB 68 -30.19 -99.42 -27.66
C MET RB 68 -28.70 -99.57 -27.43
N LEU RB 69 -28.30 -100.73 -26.90
CA LEU RB 69 -26.90 -101.05 -26.79
C LEU RB 69 -26.34 -101.36 -28.17
N PRO RB 70 -25.02 -101.36 -28.31
CA PRO RB 70 -24.43 -101.77 -29.60
C PRO RB 70 -24.91 -103.12 -30.09
N SER RB 71 -25.26 -104.03 -29.17
CA SER RB 71 -25.76 -105.34 -29.57
C SER RB 71 -27.15 -105.30 -30.19
N GLY RB 72 -27.88 -104.20 -30.03
CA GLY RB 72 -29.25 -104.14 -30.48
C GLY RB 72 -30.29 -104.42 -29.42
N PHE RB 73 -29.86 -104.75 -28.20
CA PHE RB 73 -30.77 -105.00 -27.10
C PHE RB 73 -30.96 -103.71 -26.31
N ARG RB 74 -31.86 -103.77 -25.32
CA ARG RB 74 -31.97 -102.72 -24.31
C ARG RB 74 -31.83 -103.35 -22.95
N LYS RB 75 -31.02 -102.76 -22.08
CA LYS RB 75 -30.71 -103.40 -20.81
C LYS RB 75 -31.82 -103.15 -19.80
N PHE RB 76 -31.96 -104.11 -18.89
CA PHE RB 76 -32.88 -104.00 -17.76
C PHE RB 76 -32.13 -104.49 -16.53
N LEU RB 77 -32.13 -103.68 -15.47
CA LEU RB 77 -31.36 -104.03 -14.28
C LEU RB 77 -32.13 -105.01 -13.42
N VAL RB 78 -31.50 -106.12 -13.08
CA VAL RB 78 -32.09 -107.15 -12.25
C VAL RB 78 -31.25 -107.31 -10.99
N HIS RB 79 -31.90 -107.81 -9.94
CA HIS RB 79 -31.25 -108.08 -8.68
C HIS RB 79 -31.40 -109.51 -8.20
N ASN RB 80 -32.31 -110.28 -8.79
CA ASN RB 80 -32.50 -111.68 -8.43
C ASN RB 80 -33.26 -112.38 -9.54
N VAL RB 81 -33.46 -113.68 -9.36
CA VAL RB 81 -34.08 -114.51 -10.39
C VAL RB 81 -35.52 -114.10 -10.62
N LYS RB 82 -36.22 -113.72 -9.56
CA LYS RB 82 -37.62 -113.30 -9.72
C LYS RB 82 -37.73 -112.07 -10.61
N GLU RB 83 -36.81 -111.11 -10.44
CA GLU RB 83 -36.81 -109.95 -11.33
C GLU RB 83 -36.37 -110.34 -12.73
N LEU RB 84 -35.47 -111.32 -12.86
CA LEU RB 84 -35.12 -111.82 -14.17
C LEU RB 84 -36.30 -112.45 -14.90
N GLU RB 85 -37.26 -113.00 -14.16
CA GLU RB 85 -38.40 -113.69 -14.76
C GLU RB 85 -39.29 -112.79 -15.61
N VAL RB 86 -39.20 -111.47 -15.47
CA VAL RB 86 -40.09 -110.58 -16.23
C VAL RB 86 -39.66 -110.37 -17.66
N LEU RB 87 -38.45 -110.78 -18.03
CA LEU RB 87 -37.98 -110.60 -19.40
C LEU RB 87 -38.30 -111.80 -20.28
N LEU RB 88 -39.06 -112.76 -19.75
CA LEU RB 88 -39.34 -113.99 -20.49
C LEU RB 88 -40.07 -113.71 -21.78
N MET RB 89 -41.01 -112.77 -21.77
CA MET RB 89 -41.75 -112.40 -22.96
C MET RB 89 -41.15 -111.19 -23.68
N CYS RB 90 -40.21 -110.49 -23.05
CA CYS RB 90 -39.43 -109.44 -23.68
C CYS RB 90 -38.06 -109.97 -24.07
N ASN RB 91 -38.02 -111.27 -24.33
CA ASN RB 91 -36.79 -112.01 -24.55
C ASN RB 91 -35.91 -111.39 -25.62
N LYS RB 92 -36.48 -111.06 -26.78
CA LYS RB 92 -35.69 -110.75 -27.96
C LYS RB 92 -35.45 -109.26 -28.15
N SER RB 93 -35.79 -108.43 -27.18
CA SER RB 93 -35.50 -107.02 -27.25
C SER RB 93 -34.81 -106.47 -26.02
N TYR RB 94 -34.92 -107.13 -24.87
CA TYR RB 94 -34.33 -106.65 -23.64
C TYR RB 94 -33.40 -107.70 -23.07
N CYS RB 95 -32.25 -107.25 -22.58
CA CYS RB 95 -31.22 -108.10 -22.01
C CYS RB 95 -31.04 -107.73 -20.54
N ALA RB 96 -30.79 -108.73 -19.72
CA ALA RB 96 -30.65 -108.52 -18.29
C ALA RB 96 -29.26 -108.01 -17.95
N GLU RB 97 -29.18 -107.17 -16.93
CA GLU RB 97 -27.91 -106.78 -16.34
C GLU RB 97 -28.00 -106.98 -14.84
N ILE RB 98 -27.12 -107.79 -14.30
CA ILE RB 98 -27.10 -108.07 -12.87
C ILE RB 98 -26.54 -106.86 -12.14
N ALA RB 99 -27.16 -106.48 -11.03
CA ALA RB 99 -26.71 -105.33 -10.28
C ALA RB 99 -25.32 -105.55 -9.71
N HIS RB 100 -24.61 -104.44 -9.47
CA HIS RB 100 -23.22 -104.53 -9.04
C HIS RB 100 -23.08 -105.12 -7.64
N ASN RB 101 -24.06 -104.89 -6.77
CA ASN RB 101 -23.95 -105.34 -5.40
C ASN RB 101 -24.41 -106.78 -5.21
N VAL RB 102 -24.84 -107.45 -6.27
CA VAL RB 102 -25.26 -108.85 -6.15
C VAL RB 102 -24.03 -109.72 -5.93
N SER RB 103 -24.14 -110.63 -4.97
CA SER RB 103 -23.01 -111.50 -4.64
C SER RB 103 -22.76 -112.52 -5.74
N SER RB 104 -21.55 -113.06 -5.75
CA SER RB 104 -21.15 -113.99 -6.80
C SER RB 104 -21.98 -115.26 -6.78
N LYS RB 105 -22.25 -115.79 -5.59
CA LYS RB 105 -23.07 -116.98 -5.47
C LYS RB 105 -24.44 -116.80 -6.09
N ASN RB 106 -25.06 -115.65 -5.86
CA ASN RB 106 -26.39 -115.39 -6.38
C ASN RB 106 -26.37 -115.08 -7.87
N ARG RB 107 -25.37 -114.34 -8.34
CA ARG RB 107 -25.33 -114.03 -9.76
C ARG RB 107 -25.01 -115.26 -10.59
N LYS RB 108 -24.37 -116.27 -9.99
CA LYS RB 108 -24.24 -117.55 -10.66
C LYS RB 108 -25.61 -118.16 -10.99
N ALA RB 109 -26.51 -118.16 -10.02
CA ALA RB 109 -27.85 -118.70 -10.24
C ALA RB 109 -28.63 -117.83 -11.22
N ILE RB 110 -28.45 -116.51 -11.16
CA ILE RB 110 -29.11 -115.64 -12.13
C ILE RB 110 -28.65 -115.96 -13.54
N VAL RB 111 -27.35 -116.16 -13.73
CA VAL RB 111 -26.82 -116.49 -15.06
C VAL RB 111 -27.36 -117.83 -15.52
N GLU RB 112 -27.44 -118.81 -14.61
CA GLU RB 112 -28.00 -120.10 -14.97
C GLU RB 112 -29.45 -119.96 -15.46
N ARG RB 113 -30.27 -119.24 -14.70
CA ARG RB 113 -31.67 -119.08 -15.06
C ARG RB 113 -31.82 -118.31 -16.36
N ALA RB 114 -30.97 -117.30 -16.57
CA ALA RB 114 -31.04 -116.53 -17.82
C ALA RB 114 -30.68 -117.39 -19.01
N ALA RB 115 -29.66 -118.24 -18.89
CA ALA RB 115 -29.35 -119.18 -19.96
C ALA RB 115 -30.52 -120.12 -20.22
N GLN RB 116 -31.21 -120.53 -19.15
CA GLN RB 116 -32.39 -121.37 -19.33
C GLN RB 116 -33.49 -120.64 -20.10
N LEU RB 117 -33.73 -119.38 -19.76
CA LEU RB 117 -34.83 -118.63 -20.34
C LEU RB 117 -34.45 -117.90 -21.62
N ALA RB 118 -33.23 -118.10 -22.11
CA ALA RB 118 -32.73 -117.48 -23.33
C ALA RB 118 -32.66 -115.96 -23.22
N ILE RB 119 -32.58 -115.44 -22.01
CA ILE RB 119 -32.38 -114.02 -21.79
C ILE RB 119 -30.88 -113.74 -21.87
N ARG RB 120 -30.52 -112.69 -22.60
CA ARG RB 120 -29.12 -112.32 -22.71
C ARG RB 120 -28.69 -111.50 -21.50
N VAL RB 121 -27.47 -111.74 -21.03
CA VAL RB 121 -26.89 -111.01 -19.91
C VAL RB 121 -25.68 -110.26 -20.41
N THR RB 122 -25.61 -108.96 -20.10
CA THR RB 122 -24.50 -108.14 -20.58
C THR RB 122 -23.23 -108.34 -19.78
N ASN RB 123 -23.31 -108.88 -18.57
CA ASN RB 123 -22.14 -109.21 -17.77
C ASN RB 123 -22.29 -110.62 -17.21
N PRO RB 124 -22.26 -111.64 -18.09
CA PRO RB 124 -22.50 -112.99 -17.62
C PRO RB 124 -21.35 -113.57 -16.81
N ASN RB 125 -20.11 -113.20 -17.13
CA ASN RB 125 -18.95 -113.65 -16.37
C ASN RB 125 -18.39 -112.43 -15.64
N ALA RB 126 -18.97 -112.13 -14.49
CA ALA RB 126 -18.71 -110.89 -13.80
C ALA RB 126 -18.09 -111.06 -12.43
N ARG RB 127 -18.33 -112.17 -11.74
CA ARG RB 127 -17.59 -112.45 -10.50
C ARG RB 127 -17.16 -113.92 -10.56
N LEU RB 128 -16.05 -114.17 -11.23
CA LEU RB 128 -15.53 -115.51 -11.46
C LEU RB 128 -14.17 -115.47 -12.16
N SER SB 1 2.63 -103.50 -64.47
CA SER SB 1 3.29 -103.16 -65.73
C SER SB 1 3.18 -101.68 -66.02
N GLY SB 2 2.07 -101.06 -65.60
CA GLY SB 2 1.83 -99.66 -65.90
C GLY SB 2 1.11 -98.97 -64.77
N ARG SB 3 1.07 -97.64 -64.89
CA ARG SB 3 0.52 -96.83 -63.80
C ARG SB 3 -0.98 -97.01 -63.67
N LEU SB 4 -1.71 -96.95 -64.77
CA LEU SB 4 -3.14 -97.23 -64.79
C LEU SB 4 -4.01 -96.33 -63.91
N TRP SB 5 -3.42 -95.33 -63.25
CA TRP SB 5 -4.21 -94.33 -62.55
C TRP SB 5 -3.65 -92.96 -62.85
N SER SB 6 -4.54 -91.98 -62.91
CA SER SB 6 -4.13 -90.60 -63.13
C SER SB 6 -3.66 -89.98 -61.84
N LYS SB 7 -2.62 -89.15 -61.94
CA LYS SB 7 -2.08 -88.48 -60.78
C LYS SB 7 -2.92 -87.27 -60.42
N ALA SB 8 -3.22 -87.11 -59.13
CA ALA SB 8 -3.92 -85.96 -58.63
C ALA SB 8 -3.24 -85.51 -57.35
N ILE SB 9 -3.46 -84.25 -56.99
CA ILE SB 9 -2.92 -83.69 -55.76
C ILE SB 9 -4.09 -83.30 -54.87
N PHE SB 10 -4.04 -83.73 -53.62
CA PHE SB 10 -5.02 -83.27 -52.64
C PHE SB 10 -4.69 -81.83 -52.30
N ALA SB 11 -5.46 -80.88 -52.86
CA ALA SB 11 -5.14 -79.47 -52.66
C ALA SB 11 -5.74 -78.90 -51.39
N GLY SB 12 -6.88 -79.42 -50.95
CA GLY SB 12 -7.49 -78.92 -49.73
C GLY SB 12 -8.95 -79.31 -49.69
N TYR SB 13 -9.59 -78.88 -48.61
CA TYR SB 13 -11.01 -79.12 -48.44
C TYR SB 13 -11.83 -78.02 -49.09
N LYS SB 14 -13.08 -78.34 -49.38
CA LYS SB 14 -14.05 -77.31 -49.71
C LYS SB 14 -14.15 -76.33 -48.56
N ARG SB 15 -14.08 -75.05 -48.87
CA ARG SB 15 -13.96 -74.07 -47.81
C ARG SB 15 -14.46 -72.73 -48.30
N GLY SB 16 -14.82 -71.88 -47.35
CA GLY SB 16 -14.97 -70.47 -47.63
C GLY SB 16 -13.64 -69.82 -47.36
N LEU SB 17 -13.63 -68.65 -46.76
CA LEU SB 17 -12.36 -68.13 -46.30
C LEU SB 17 -12.09 -68.53 -44.86
N ARG SB 18 -13.10 -68.46 -44.00
CA ARG SB 18 -12.95 -68.73 -42.58
C ARG SB 18 -13.80 -69.92 -42.14
N ASN SB 19 -14.19 -70.77 -43.07
CA ASN SB 19 -14.93 -71.98 -42.76
C ASN SB 19 -14.40 -73.10 -43.64
N GLN SB 20 -14.46 -74.33 -43.13
CA GLN SB 20 -13.86 -75.47 -43.80
C GLN SB 20 -14.80 -76.65 -43.69
N ARG SB 21 -15.23 -77.19 -44.82
CA ARG SB 21 -16.10 -78.36 -44.86
C ARG SB 21 -15.23 -79.56 -45.22
N GLU SB 22 -14.78 -80.27 -44.18
CA GLU SB 22 -13.83 -81.36 -44.38
C GLU SB 22 -14.43 -82.57 -45.05
N HIS SB 23 -15.76 -82.67 -45.15
CA HIS SB 23 -16.36 -83.88 -45.68
C HIS SB 23 -16.10 -84.06 -47.17
N THR SB 24 -15.68 -83.01 -47.87
CA THR SB 24 -15.35 -83.10 -49.28
C THR SB 24 -14.03 -82.40 -49.56
N ALA SB 25 -13.28 -82.95 -50.52
CA ALA SB 25 -11.92 -82.53 -50.79
C ALA SB 25 -11.79 -82.00 -52.21
N LEU SB 26 -10.82 -81.13 -52.41
CA LEU SB 26 -10.53 -80.59 -53.73
C LEU SB 26 -9.30 -81.28 -54.27
N LEU SB 27 -9.42 -81.81 -55.48
CA LEU SB 27 -8.34 -82.53 -56.15
C LEU SB 27 -7.94 -81.79 -57.40
N LYS SB 28 -6.64 -81.68 -57.62
CA LYS SB 28 -6.08 -81.11 -58.84
C LYS SB 28 -5.49 -82.26 -59.64
N ILE SB 29 -6.13 -82.60 -60.74
CA ILE SB 29 -5.68 -83.70 -61.57
C ILE SB 29 -4.66 -83.19 -62.57
N GLU SB 30 -3.59 -83.95 -62.77
CA GLU SB 30 -2.53 -83.51 -63.67
C GLU SB 30 -3.01 -83.51 -65.11
N GLY SB 31 -2.74 -82.42 -65.83
CA GLY SB 31 -3.10 -82.31 -67.21
C GLY SB 31 -4.51 -81.81 -67.47
N VAL SB 32 -5.30 -81.59 -66.44
CA VAL SB 32 -6.68 -81.13 -66.57
C VAL SB 32 -6.73 -79.72 -66.02
N TYR SB 33 -6.76 -78.72 -66.91
CA TYR SB 33 -6.65 -77.33 -66.51
C TYR SB 33 -7.80 -76.49 -67.07
N ALA SB 34 -8.94 -77.13 -67.32
CA ALA SB 34 -10.14 -76.42 -67.71
C ALA SB 34 -11.34 -77.22 -67.20
N ARG SB 35 -12.44 -76.52 -66.96
CA ARG SB 35 -13.60 -77.18 -66.37
C ARG SB 35 -14.21 -78.17 -67.33
N ASP SB 36 -14.21 -77.87 -68.63
CA ASP SB 36 -14.82 -78.75 -69.61
C ASP SB 36 -14.02 -80.01 -69.88
N GLU SB 37 -12.78 -80.08 -69.38
CA GLU SB 37 -11.99 -81.29 -69.48
C GLU SB 37 -12.22 -82.26 -68.33
N THR SB 38 -12.95 -81.85 -67.30
CA THR SB 38 -13.16 -82.67 -66.12
C THR SB 38 -14.29 -83.66 -66.28
N GLU SB 39 -15.01 -83.64 -67.40
CA GLU SB 39 -16.15 -84.54 -67.56
C GLU SB 39 -15.71 -86.00 -67.58
N PHE SB 40 -14.49 -86.27 -68.02
CA PHE SB 40 -14.01 -87.64 -68.07
C PHE SB 40 -13.93 -88.26 -66.68
N TYR SB 41 -13.53 -87.46 -65.70
CA TYR SB 41 -13.19 -87.97 -64.38
C TYR SB 41 -14.35 -87.98 -63.41
N LEU SB 42 -15.54 -87.53 -63.82
CA LEU SB 42 -16.67 -87.52 -62.92
C LEU SB 42 -17.11 -88.95 -62.62
N GLY SB 43 -17.27 -89.26 -61.33
CA GLY SB 43 -17.66 -90.58 -60.91
C GLY SB 43 -16.53 -91.58 -60.80
N LYS SB 44 -15.31 -91.21 -61.17
CA LYS SB 44 -14.20 -92.14 -61.09
C LYS SB 44 -13.80 -92.35 -59.64
N ARG SB 45 -13.46 -93.59 -59.31
CA ARG SB 45 -12.96 -93.90 -57.98
C ARG SB 45 -11.60 -93.26 -57.79
N CYS SB 46 -11.33 -92.81 -56.57
CA CYS SB 46 -10.04 -92.25 -56.24
C CYS SB 46 -9.58 -92.82 -54.91
N ALA SB 47 -8.26 -92.87 -54.73
CA ALA SB 47 -7.65 -93.54 -53.59
C ALA SB 47 -6.55 -92.68 -53.03
N TYR SB 48 -6.53 -92.53 -51.72
CA TYR SB 48 -5.39 -91.95 -51.01
C TYR SB 48 -4.64 -93.11 -50.37
N VAL SB 49 -3.49 -93.43 -50.92
CA VAL SB 49 -2.71 -94.59 -50.51
C VAL SB 49 -1.55 -94.10 -49.67
N TYR SB 50 -1.44 -94.60 -48.43
CA TYR SB 50 -0.37 -94.21 -47.54
C TYR SB 50 0.20 -95.45 -46.87
N LYS SB 51 1.23 -95.25 -46.08
CA LYS SB 51 1.87 -96.32 -45.33
C LYS SB 51 1.77 -96.03 -43.84
N ALA SB 52 1.63 -97.08 -43.06
CA ALA SB 52 1.60 -96.92 -41.62
C ALA SB 52 2.58 -97.85 -40.96
N LYS SB 53 2.48 -98.00 -39.64
CA LYS SB 53 3.44 -98.80 -38.88
C LYS SB 53 3.03 -100.27 -38.78
N ASN SB 54 1.79 -100.54 -38.42
CA ASN SB 54 1.33 -101.90 -38.26
C ASN SB 54 0.85 -102.47 -39.58
N ASN SB 55 1.00 -103.79 -39.73
CA ASN SB 55 0.53 -104.47 -40.92
C ASN SB 55 -0.99 -104.54 -40.93
N THR SB 56 -1.57 -104.43 -42.12
CA THR SB 56 -3.00 -104.56 -42.32
C THR SB 56 -3.24 -105.54 -43.46
N VAL SB 57 -4.41 -106.17 -43.46
CA VAL SB 57 -4.72 -107.18 -44.46
C VAL SB 57 -4.82 -106.53 -45.84
N THR SB 58 -4.21 -107.16 -46.82
CA THR SB 58 -4.33 -106.73 -48.21
C THR SB 58 -5.28 -107.65 -48.94
N PRO SB 59 -6.34 -107.14 -49.55
CA PRO SB 59 -7.18 -108.00 -50.39
C PRO SB 59 -6.40 -108.57 -51.55
N GLY SB 60 -6.48 -109.90 -51.70
CA GLY SB 60 -5.70 -110.56 -52.74
C GLY SB 60 -4.21 -110.44 -52.55
N GLY SB 61 -3.73 -110.60 -51.32
CA GLY SB 61 -2.31 -110.49 -51.07
C GLY SB 61 -2.02 -110.69 -49.60
N LYS SB 62 -0.76 -110.60 -49.28
CA LYS SB 62 -0.22 -110.75 -47.94
C LYS SB 62 -0.28 -109.42 -47.20
N PRO SB 63 -0.41 -109.45 -45.87
CA PRO SB 63 -0.47 -108.20 -45.11
C PRO SB 63 0.79 -107.38 -45.27
N ASN SB 64 0.63 -106.07 -45.41
CA ASN SB 64 1.74 -105.14 -45.53
C ASN SB 64 1.39 -103.87 -44.78
N LYS SB 65 2.22 -102.85 -44.95
CA LYS SB 65 2.03 -101.58 -44.27
C LYS SB 65 1.20 -100.59 -45.06
N THR SB 66 0.70 -100.99 -46.22
CA THR SB 66 -0.07 -100.10 -47.07
C THR SB 66 -1.51 -100.00 -46.60
N ARG SB 67 -2.00 -98.78 -46.46
CA ARG SB 67 -3.39 -98.50 -46.18
C ARG SB 67 -3.93 -97.58 -47.25
N VAL SB 68 -5.25 -97.57 -47.42
CA VAL SB 68 -5.88 -96.76 -48.46
C VAL SB 68 -7.19 -96.20 -47.92
N ILE SB 69 -7.51 -94.98 -48.32
CA ILE SB 69 -8.82 -94.39 -48.12
C ILE SB 69 -9.46 -94.22 -49.47
N TRP SB 70 -10.63 -94.81 -49.66
CA TRP SB 70 -11.32 -94.79 -50.94
C TRP SB 70 -12.30 -93.63 -50.99
N GLY SB 71 -12.56 -93.16 -52.20
CA GLY SB 71 -13.55 -92.14 -52.43
C GLY SB 71 -13.86 -92.06 -53.90
N LYS SB 72 -14.56 -91.01 -54.33
CA LYS SB 72 -14.81 -90.86 -55.76
C LYS SB 72 -14.98 -89.39 -56.09
N VAL SB 73 -14.72 -89.07 -57.35
CA VAL SB 73 -14.91 -87.71 -57.85
C VAL SB 73 -16.40 -87.47 -58.07
N THR SB 74 -16.89 -86.34 -57.55
CA THR SB 74 -18.31 -86.04 -57.60
C THR SB 74 -18.65 -84.96 -58.62
N ARG SB 75 -17.89 -83.87 -58.67
CA ARG SB 75 -18.21 -82.78 -59.58
C ARG SB 75 -16.96 -81.93 -59.81
N ALA SB 76 -17.04 -81.08 -60.81
CA ALA SB 76 -15.98 -80.14 -61.08
C ALA SB 76 -16.00 -79.00 -60.08
N HIS SB 77 -14.86 -78.33 -59.93
CA HIS SB 77 -14.72 -77.23 -59.00
C HIS SB 77 -14.03 -76.07 -59.70
N GLY SB 78 -14.73 -74.96 -59.85
CA GLY SB 78 -14.15 -73.81 -60.51
C GLY SB 78 -14.02 -74.02 -62.01
N ASN SB 79 -13.25 -73.12 -62.63
CA ASN SB 79 -13.04 -73.14 -64.06
C ASN SB 79 -11.70 -73.77 -64.46
N SER SB 80 -10.82 -74.05 -63.49
CA SER SB 80 -9.44 -74.42 -63.79
C SER SB 80 -9.21 -75.92 -63.75
N GLY SB 81 -10.25 -76.73 -63.88
CA GLY SB 81 -10.06 -78.15 -63.98
C GLY SB 81 -9.91 -78.88 -62.68
N MET SB 82 -10.16 -78.23 -61.55
CA MET SB 82 -10.15 -78.94 -60.29
C MET SB 82 -11.48 -79.64 -60.09
N VAL SB 83 -11.47 -80.65 -59.22
CA VAL SB 83 -12.66 -81.46 -58.99
C VAL SB 83 -12.89 -81.59 -57.49
N ARG SB 84 -14.11 -81.95 -57.12
CA ARG SB 84 -14.43 -82.30 -55.75
C ARG SB 84 -14.53 -83.81 -55.62
N ALA SB 85 -14.20 -84.31 -54.44
CA ALA SB 85 -14.21 -85.73 -54.18
C ALA SB 85 -14.79 -85.99 -52.80
N LYS SB 86 -15.55 -87.07 -52.68
CA LYS SB 86 -16.05 -87.55 -51.39
C LYS SB 86 -15.33 -88.84 -51.06
N PHE SB 87 -14.69 -88.87 -49.89
CA PHE SB 87 -14.02 -90.05 -49.40
C PHE SB 87 -14.84 -90.67 -48.28
N ARG SB 88 -14.64 -91.96 -48.04
CA ARG SB 88 -15.43 -92.66 -47.03
C ARG SB 88 -15.15 -92.11 -45.64
N SER SB 89 -13.90 -91.79 -45.35
CA SER SB 89 -13.55 -90.99 -44.18
C SER SB 89 -12.86 -89.74 -44.68
N ASN SB 90 -13.08 -88.63 -43.97
CA ASN SB 90 -12.50 -87.37 -44.38
C ASN SB 90 -10.99 -87.47 -44.42
N LEU SB 91 -10.39 -86.95 -45.48
CA LEU SB 91 -8.96 -87.10 -45.68
C LEU SB 91 -8.19 -86.40 -44.59
N PRO SB 92 -7.12 -86.99 -44.07
CA PRO SB 92 -6.31 -86.31 -43.07
C PRO SB 92 -5.64 -85.08 -43.66
N ALA SB 93 -5.48 -84.05 -42.83
CA ALA SB 93 -4.90 -82.81 -43.30
C ALA SB 93 -3.43 -82.95 -43.63
N LYS SB 94 -2.77 -84.00 -43.17
CA LYS SB 94 -1.38 -84.25 -43.52
C LYS SB 94 -1.20 -84.62 -44.99
N ALA SB 95 -2.28 -84.96 -45.69
CA ALA SB 95 -2.20 -85.38 -47.07
C ALA SB 95 -2.28 -84.22 -48.05
N ILE SB 96 -2.40 -82.99 -47.57
CA ILE SB 96 -2.51 -81.86 -48.48
C ILE SB 96 -1.19 -81.69 -49.23
N GLY SB 97 -1.27 -81.60 -50.54
CA GLY SB 97 -0.07 -81.59 -51.36
C GLY SB 97 0.50 -82.95 -51.64
N HIS SB 98 -0.26 -84.01 -51.41
CA HIS SB 98 0.21 -85.36 -51.66
C HIS SB 98 -0.66 -86.02 -52.72
N ARG SB 99 -0.24 -87.23 -53.08
CA ARG SB 99 -0.78 -87.92 -54.25
C ARG SB 99 -2.11 -88.58 -53.95
N ILE SB 100 -3.07 -88.35 -54.83
CA ILE SB 100 -4.31 -89.11 -54.92
C ILE SB 100 -4.30 -89.81 -56.27
N ARG SB 101 -4.74 -91.06 -56.31
CA ARG SB 101 -4.84 -91.78 -57.56
C ARG SB 101 -6.28 -91.77 -58.04
N VAL SB 102 -6.49 -91.42 -59.29
CA VAL SB 102 -7.81 -91.54 -59.92
C VAL SB 102 -7.77 -92.78 -60.80
N MET SB 103 -8.58 -93.78 -60.45
CA MET SB 103 -8.32 -95.17 -60.81
C MET SB 103 -8.84 -95.58 -62.17
N LEU SB 104 -9.63 -94.74 -62.85
CA LEU SB 104 -10.27 -95.05 -64.13
C LEU SB 104 -11.29 -96.18 -64.05
N TYR SB 105 -11.63 -96.65 -62.84
CA TYR SB 105 -12.38 -97.89 -62.71
C TYR SB 105 -13.76 -97.77 -63.34
N PRO SB 106 -14.68 -96.94 -62.81
CA PRO SB 106 -16.03 -97.02 -63.40
C PRO SB 106 -16.07 -96.29 -64.74
N SER SB 107 -15.58 -96.95 -65.77
CA SER SB 107 -15.41 -96.32 -67.06
C SER SB 107 -16.74 -96.14 -67.77
N ARG SB 108 -16.92 -94.99 -68.41
CA ARG SB 108 -18.06 -94.73 -69.23
C ARG SB 108 -17.73 -94.73 -70.71
N ILE SB 109 -16.52 -95.14 -71.08
CA ILE SB 109 -16.15 -95.24 -72.48
C ILE SB 109 -15.76 -96.68 -72.80
N VAL TB 1 42.02 -51.36 42.27
CA VAL TB 1 41.90 -51.56 43.71
C VAL TB 1 40.63 -52.30 44.04
N GLN TB 2 40.51 -52.74 45.29
CA GLN TB 2 39.35 -53.52 45.68
C GLN TB 2 38.13 -52.62 45.83
N ARG TB 3 37.05 -52.99 45.15
CA ARG TB 3 35.82 -52.22 45.15
C ARG TB 3 34.79 -52.88 46.05
N LEU TB 4 33.87 -52.08 46.58
CA LEU TB 4 33.01 -52.51 47.68
C LEU TB 4 31.57 -52.65 47.23
N THR TB 5 30.84 -53.48 47.97
CA THR TB 5 29.42 -53.70 47.72
C THR TB 5 28.66 -53.48 49.03
N TYR TB 6 27.39 -53.13 48.89
CA TYR TB 6 26.51 -53.06 50.03
C TYR TB 6 26.33 -54.44 50.63
N ARG TB 7 26.17 -54.50 51.94
CA ARG TB 7 25.94 -55.76 52.63
C ARG TB 7 24.48 -56.02 52.94
N ARG TB 8 23.58 -55.12 52.55
CA ARG TB 8 22.15 -55.30 52.77
C ARG TB 8 21.41 -55.04 51.46
N ARG TB 9 20.11 -55.26 51.49
CA ARG TB 9 19.29 -55.17 50.29
C ARG TB 9 18.80 -53.77 50.00
N LEU TB 10 19.13 -52.79 50.83
CA LEU TB 10 18.84 -51.39 50.52
C LEU TB 10 19.98 -50.86 49.65
N SER TB 11 19.66 -50.53 48.41
CA SER TB 11 20.68 -50.20 47.41
C SER TB 11 20.76 -48.72 47.08
N TYR TB 12 20.10 -47.87 47.86
CA TYR TB 12 20.05 -46.45 47.56
C TYR TB 12 20.77 -45.67 48.65
N ASN TB 13 21.35 -44.54 48.26
CA ASN TB 13 22.14 -43.71 49.17
C ASN TB 13 21.22 -42.85 50.03
N THR TB 14 20.34 -43.51 50.78
CA THR TB 14 19.38 -42.82 51.60
C THR TB 14 20.00 -42.43 52.95
N ALA TB 15 19.22 -41.71 53.75
CA ALA TB 15 19.71 -41.22 55.03
C ALA TB 15 19.93 -42.34 56.03
N SER TB 16 19.31 -43.49 55.83
CA SER TB 16 19.45 -44.63 56.73
C SER TB 16 20.41 -45.67 56.18
N ASN TB 17 21.12 -45.37 55.10
CA ASN TB 17 21.98 -46.32 54.43
C ASN TB 17 23.42 -45.84 54.42
N LYS TB 18 23.85 -45.15 55.47
CA LYS TB 18 25.16 -44.55 55.52
C LYS TB 18 26.18 -45.53 56.09
N THR TB 19 27.35 -45.56 55.46
CA THR TB 19 28.37 -46.56 55.73
C THR TB 19 29.71 -45.89 55.95
N ARG TB 20 30.61 -46.63 56.60
CA ARG TB 20 32.00 -46.23 56.69
C ARG TB 20 32.86 -47.42 56.34
N LEU TB 21 34.12 -47.14 56.01
CA LEU TB 21 35.05 -48.18 55.57
C LEU TB 21 35.80 -48.74 56.76
N SER TB 22 35.86 -50.07 56.85
CA SER TB 22 36.53 -50.77 57.94
C SER TB 22 37.45 -51.82 57.35
N ARG TB 23 38.59 -52.03 58.00
CA ARG TB 23 39.52 -53.08 57.60
C ARG TB 23 39.45 -54.20 58.63
N THR TB 24 39.19 -55.41 58.16
CA THR TB 24 38.97 -56.53 59.04
C THR TB 24 40.30 -57.20 59.39
N PRO TB 25 40.32 -58.06 60.42
CA PRO TB 25 41.50 -58.88 60.65
C PRO TB 25 41.84 -59.80 59.49
N GLY TB 26 40.89 -60.07 58.60
CA GLY TB 26 41.13 -60.82 57.39
C GLY TB 26 41.68 -60.01 56.23
N ASN TB 27 42.05 -58.76 56.47
CA ASN TB 27 42.69 -57.90 55.47
C ASN TB 27 41.79 -57.67 54.26
N ARG TB 28 40.54 -57.30 54.51
CA ARG TB 28 39.63 -56.86 53.47
C ARG TB 28 38.91 -55.61 53.95
N ILE TB 29 38.58 -54.75 53.01
CA ILE TB 29 37.83 -53.53 53.32
C ILE TB 29 36.35 -53.83 53.16
N VAL TB 30 35.55 -53.45 54.16
CA VAL TB 30 34.12 -53.69 54.15
C VAL TB 30 33.40 -52.43 54.60
N TYR TB 31 32.12 -52.35 54.24
CA TYR TB 31 31.22 -51.39 54.85
C TYR TB 31 30.81 -51.78 56.25
N LEU TB 32 30.79 -50.79 57.13
CA LEU TB 32 30.14 -50.88 58.43
C LEU TB 32 29.05 -49.83 58.43
N TYR TB 33 27.83 -50.27 58.66
CA TYR TB 33 26.69 -49.36 58.59
C TYR TB 33 26.65 -48.52 59.86
N THR TB 34 26.75 -47.21 59.71
CA THR TB 34 26.89 -46.32 60.84
C THR TB 34 25.54 -45.89 61.38
N LYS TB 35 25.51 -45.56 62.66
CA LYS TB 35 24.34 -44.96 63.26
C LYS TB 35 24.28 -43.48 62.91
N LYS TB 36 23.10 -42.91 63.07
CA LYS TB 36 22.96 -41.48 62.81
C LYS TB 36 23.66 -40.68 63.90
N VAL TB 37 24.04 -39.46 63.55
CA VAL TB 37 24.70 -38.56 64.50
C VAL TB 37 23.65 -38.02 65.46
N GLY TB 38 23.87 -38.23 66.74
CA GLY TB 38 22.97 -37.71 67.74
C GLY TB 38 23.18 -36.23 68.00
N LYS TB 39 22.20 -35.64 68.69
CA LYS TB 39 22.23 -34.22 69.02
C LYS TB 39 22.07 -34.05 70.52
N ALA TB 40 22.83 -33.11 71.07
CA ALA TB 40 22.64 -32.74 72.46
C ALA TB 40 21.30 -32.02 72.62
N PRO TB 41 20.73 -32.02 73.81
CA PRO TB 41 19.48 -31.29 74.01
C PRO TB 41 19.67 -29.79 73.80
N LYS TB 42 18.62 -29.17 73.28
CA LYS TB 42 18.56 -27.73 73.15
C LYS TB 42 17.92 -27.14 74.40
N SER TB 43 18.40 -25.96 74.78
CA SER TB 43 17.94 -25.34 76.02
C SER TB 43 16.45 -25.02 75.95
N ALA TB 44 15.76 -25.20 77.07
CA ALA TB 44 14.33 -24.96 77.13
C ALA TB 44 13.96 -23.48 77.06
N CYS TB 45 14.93 -22.59 77.18
CA CYS TB 45 14.65 -21.16 77.12
C CYS TB 45 14.10 -20.77 75.76
N GLY TB 46 14.63 -21.37 74.70
CA GLY TB 46 14.22 -21.03 73.36
C GLY TB 46 14.85 -19.77 72.81
N VAL TB 47 15.80 -19.18 73.51
CA VAL TB 47 16.42 -17.92 73.11
C VAL TB 47 17.90 -18.09 72.78
N CYS TB 48 18.60 -18.93 73.53
CA CYS TB 48 19.99 -18.98 73.10
C CYS TB 48 20.29 -20.26 72.33
N PRO TB 49 21.09 -20.16 71.26
CA PRO TB 49 21.11 -21.23 70.25
C PRO TB 49 22.02 -22.40 70.56
N GLY TB 50 22.92 -22.28 71.52
CA GLY TB 50 23.82 -23.37 71.82
C GLY TB 50 23.10 -24.55 72.46
N ARG TB 51 23.69 -25.73 72.28
CA ARG TB 51 23.15 -26.93 72.89
C ARG TB 51 23.77 -27.13 74.27
N LEU TB 52 23.04 -27.84 75.11
CA LEU TB 52 23.43 -28.00 76.50
C LEU TB 52 24.72 -28.80 76.63
N ARG TB 53 25.46 -28.53 77.69
CA ARG TB 53 26.72 -29.20 77.96
C ARG TB 53 26.54 -30.24 79.06
N GLY TB 54 27.47 -31.18 79.11
CA GLY TB 54 27.42 -32.22 80.10
C GLY TB 54 26.41 -33.31 79.81
N VAL TB 55 25.74 -33.28 78.68
CA VAL TB 55 24.74 -34.26 78.30
C VAL TB 55 25.24 -34.98 77.06
N ARG TB 56 25.24 -36.31 77.11
CA ARG TB 56 25.73 -37.11 76.01
C ARG TB 56 24.81 -37.00 74.80
N ALA TB 57 25.40 -36.84 73.63
CA ALA TB 57 24.66 -36.60 72.39
C ALA TB 57 24.48 -37.93 71.67
N VAL TB 58 23.29 -38.52 71.79
CA VAL TB 58 22.99 -39.81 71.21
C VAL TB 58 21.60 -39.75 70.57
N ARG TB 59 21.23 -40.85 69.90
CA ARG TB 59 19.89 -40.97 69.36
C ARG TB 59 18.88 -41.12 70.49
N PRO TB 60 17.63 -40.69 70.28
CA PRO TB 60 16.67 -40.65 71.39
C PRO TB 60 16.42 -41.98 72.07
N LYS TB 61 16.38 -43.08 71.32
CA LYS TB 61 16.09 -44.36 71.94
C LYS TB 61 17.29 -44.94 72.67
N VAL TB 62 18.49 -44.36 72.49
CA VAL TB 62 19.65 -44.76 73.25
C VAL TB 62 19.59 -44.21 74.66
N LEU TB 63 18.88 -43.09 74.86
CA LEU TB 63 18.77 -42.48 76.18
C LEU TB 63 18.06 -43.38 77.17
N MET TB 64 17.34 -44.39 76.70
CA MET TB 64 16.66 -45.31 77.59
C MET TB 64 17.67 -46.15 78.36
N ARG TB 65 18.79 -46.51 77.74
CA ARG TB 65 19.76 -47.40 78.35
C ARG TB 65 20.96 -46.67 78.93
N LEU TB 66 20.89 -45.35 79.07
CA LEU TB 66 21.96 -44.60 79.69
C LEU TB 66 21.70 -44.42 81.17
N SER TB 67 22.76 -44.15 81.90
CA SER TB 67 22.62 -43.82 83.31
C SER TB 67 21.99 -42.45 83.47
N LYS TB 68 21.40 -42.21 84.64
CA LYS TB 68 20.73 -40.94 84.89
C LYS TB 68 21.72 -39.77 84.82
N THR TB 69 22.92 -39.96 85.33
CA THR TB 69 23.90 -38.88 85.38
C THR TB 69 24.30 -38.42 83.99
N LYS TB 70 24.43 -39.37 83.05
CA LYS TB 70 24.83 -39.03 81.69
C LYS TB 70 23.77 -38.30 80.91
N LYS TB 71 22.61 -38.01 81.50
CA LYS TB 71 21.54 -37.33 80.79
C LYS TB 71 21.16 -35.99 81.40
N HIS TB 72 21.82 -35.54 82.46
CA HIS TB 72 21.46 -34.28 83.09
C HIS TB 72 22.67 -33.71 83.82
N VAL TB 73 22.48 -32.51 84.36
CA VAL TB 73 23.51 -31.77 85.08
C VAL TB 73 23.03 -31.57 86.51
N SER TB 74 23.97 -31.60 87.45
CA SER TB 74 23.66 -31.39 88.86
C SER TB 74 23.36 -29.91 89.10
N ARG TB 75 22.12 -29.53 88.78
CA ARG TB 75 21.66 -28.16 88.93
C ARG TB 75 20.16 -28.16 88.71
N ALA TB 76 19.49 -27.16 89.28
CA ALA TB 76 18.08 -26.95 88.97
C ALA TB 76 17.91 -26.70 87.48
N TYR TB 77 16.91 -27.36 86.89
CA TYR TB 77 16.66 -27.38 85.45
C TYR TB 77 17.81 -27.98 84.66
N GLY TB 78 18.76 -28.61 85.33
CA GLY TB 78 19.96 -29.10 84.65
C GLY TB 78 19.62 -30.22 83.70
N GLY TB 79 20.25 -30.20 82.53
CA GLY TB 79 19.92 -31.13 81.48
C GLY TB 79 18.70 -30.75 80.67
N SER TB 80 18.05 -29.66 81.02
CA SER TB 80 16.89 -29.13 80.32
C SER TB 80 17.05 -27.66 79.97
N MET TB 81 17.68 -26.88 80.85
CA MET TB 81 17.90 -25.46 80.60
C MET TB 81 19.35 -25.12 80.91
N CYS TB 82 19.83 -24.09 80.23
CA CYS TB 82 21.22 -23.68 80.35
C CYS TB 82 21.45 -22.85 81.60
N ALA TB 83 22.71 -22.81 82.03
CA ALA TB 83 23.07 -22.11 83.25
C ALA TB 83 22.77 -20.62 83.16
N LYS TB 84 23.04 -20.01 82.00
CA LYS TB 84 22.86 -18.57 81.86
C LYS TB 84 21.39 -18.19 82.01
N CYS TB 85 20.50 -18.92 81.36
CA CYS TB 85 19.09 -18.63 81.45
C CYS TB 85 18.49 -19.05 82.80
N VAL TB 86 19.07 -20.04 83.48
CA VAL TB 86 18.66 -20.32 84.86
C VAL TB 86 19.03 -19.17 85.77
N ARG TB 87 20.24 -18.61 85.63
CA ARG TB 87 20.61 -17.45 86.44
C ARG TB 87 19.69 -16.28 86.16
N ASP TB 88 19.39 -16.05 84.87
CA ASP TB 88 18.46 -14.98 84.51
C ASP TB 88 17.09 -15.20 85.12
N ARG TB 89 16.61 -16.44 85.13
CA ARG TB 89 15.29 -16.69 85.69
C ARG TB 89 15.26 -16.54 87.20
N ILE TB 90 16.33 -16.94 87.89
CA ILE TB 90 16.40 -16.72 89.33
C ILE TB 90 16.34 -15.24 89.64
N LYS TB 91 17.18 -14.45 88.96
CA LYS TB 91 17.20 -13.01 89.20
C LYS TB 91 15.86 -12.38 88.85
N ARG TB 92 15.25 -12.81 87.75
CA ARG TB 92 13.98 -12.26 87.33
C ARG TB 92 12.87 -12.56 88.33
N ALA TB 93 12.80 -13.80 88.81
CA ALA TB 93 11.79 -14.14 89.80
C ALA TB 93 11.96 -13.32 91.06
N PHE TB 94 13.18 -13.23 91.57
CA PHE TB 94 13.40 -12.49 92.80
C PHE TB 94 13.04 -11.02 92.62
N LEU TB 95 13.49 -10.41 91.52
CA LEU TB 95 13.28 -8.98 91.33
C LEU TB 95 11.81 -8.66 91.10
N ILE TB 96 11.09 -9.52 90.39
CA ILE TB 96 9.67 -9.26 90.16
C ILE TB 96 8.89 -9.42 91.45
N GLU TB 97 9.26 -10.39 92.30
CA GLU TB 97 8.59 -10.48 93.59
C GLU TB 97 8.89 -9.25 94.45
N GLU TB 98 10.11 -8.74 94.41
CA GLU TB 98 10.43 -7.51 95.13
C GLU TB 98 9.63 -6.34 94.60
N GLN TB 99 9.46 -6.25 93.28
CA GLN TB 99 8.63 -5.19 92.71
C GLN TB 99 7.17 -5.32 93.15
N LYS TB 100 6.68 -6.56 93.29
CA LYS TB 100 5.34 -6.75 93.83
C LYS TB 100 5.23 -6.19 95.23
N ILE TB 101 6.25 -6.44 96.06
CA ILE TB 101 6.26 -5.86 97.40
C ILE TB 101 6.30 -4.34 97.34
N VAL TB 102 7.07 -3.78 96.41
CA VAL TB 102 7.17 -2.33 96.27
C VAL TB 102 5.80 -1.74 95.94
N VAL TB 103 5.10 -2.34 94.98
CA VAL TB 103 3.79 -1.83 94.58
C VAL TB 103 2.80 -1.96 95.71
N LYS TB 104 2.87 -3.05 96.48
CA LYS TB 104 2.00 -3.23 97.62
C LYS TB 104 2.23 -2.15 98.67
N VAL TB 105 3.51 -1.84 98.95
CA VAL TB 105 3.82 -0.79 99.92
C VAL TB 105 3.35 0.57 99.41
N LEU TB 106 3.54 0.83 98.12
CA LEU TB 106 3.13 2.12 97.56
C LEU TB 106 1.62 2.30 97.65
N LYS TB 107 0.85 1.27 97.31
CA LYS TB 107 -0.61 1.40 97.43
C LYS TB 107 -1.07 1.44 98.88
N ALA TB 108 -0.37 0.74 99.79
CA ALA TB 108 -0.73 0.83 101.20
C ALA TB 108 -0.52 2.23 101.75
N GLN TB 109 0.62 2.84 101.43
CA GLN TB 109 0.85 4.21 101.88
C GLN TB 109 -0.05 5.20 101.16
N ALA TB 110 -0.45 4.92 99.92
CA ALA TB 110 -1.43 5.76 99.25
C ALA TB 110 -2.77 5.72 99.96
N GLN TB 111 -3.21 4.53 100.36
CA GLN TB 111 -4.47 4.41 101.10
C GLN TB 111 -4.37 5.08 102.46
N SER TB 112 -3.20 4.97 103.11
CA SER TB 112 -3.01 5.65 104.39
C SER TB 112 -3.05 7.16 104.23
N GLN TB 113 -2.48 7.68 103.15
CA GLN TB 113 -2.51 9.12 102.90
C GLN TB 113 -3.93 9.59 102.62
N LYS TB 114 -4.61 8.92 101.68
CA LYS TB 114 -6.00 9.20 101.25
C LYS TB 114 -6.41 10.68 101.28
N ALA UB 1 -5.00 -109.37 60.70
CA ALA UB 1 -4.66 -108.64 61.92
C ALA UB 1 -5.10 -107.19 61.83
N LYS UB 2 -6.17 -106.94 61.08
CA LYS UB 2 -6.69 -105.59 60.93
C LYS UB 2 -7.68 -105.27 62.04
N ILE UB 3 -7.88 -103.98 62.26
CA ILE UB 3 -8.87 -103.54 63.22
C ILE UB 3 -10.21 -103.38 62.52
N LYS UB 4 -11.28 -103.42 63.29
CA LYS UB 4 -12.63 -103.24 62.78
C LYS UB 4 -13.32 -102.21 63.64
N ALA UB 5 -14.36 -101.58 63.08
CA ALA UB 5 -15.13 -100.64 63.87
C ALA UB 5 -16.07 -101.34 64.83
N ARG UB 6 -16.51 -102.55 64.51
CA ARG UB 6 -17.53 -103.21 65.32
C ARG UB 6 -16.99 -103.65 66.67
N ASP UB 7 -15.69 -103.89 66.78
CA ASP UB 7 -15.09 -104.37 68.01
C ASP UB 7 -14.28 -103.30 68.73
N LEU UB 8 -14.39 -102.05 68.30
CA LEU UB 8 -13.88 -100.92 69.06
C LEU UB 8 -14.95 -100.24 69.89
N ARG UB 9 -16.23 -100.53 69.63
CA ARG UB 9 -17.30 -99.77 70.25
C ARG UB 9 -17.48 -100.13 71.72
N GLY UB 10 -17.08 -101.34 72.13
CA GLY UB 10 -17.14 -101.66 73.54
C GLY UB 10 -15.99 -101.11 74.35
N LYS UB 11 -14.88 -100.79 73.71
CA LYS UB 11 -13.69 -100.36 74.42
C LYS UB 11 -13.89 -98.98 75.04
N LYS UB 12 -13.22 -98.77 76.17
CA LYS UB 12 -13.30 -97.49 76.87
C LYS UB 12 -12.43 -96.45 76.18
N LYS UB 13 -12.55 -95.21 76.64
CA LYS UB 13 -11.88 -94.09 75.98
C LYS UB 13 -10.37 -94.22 76.04
N GLU UB 14 -9.83 -94.66 77.17
CA GLU UB 14 -8.39 -94.75 77.34
C GLU UB 14 -7.79 -95.79 76.38
N GLU UB 15 -8.46 -96.94 76.23
CA GLU UB 15 -7.98 -97.95 75.30
C GLU UB 15 -8.01 -97.46 73.87
N LEU UB 16 -9.06 -96.72 73.50
CA LEU UB 16 -9.13 -96.15 72.17
C LEU UB 16 -8.02 -95.14 71.93
N LEU UB 17 -7.72 -94.32 72.93
CA LEU UB 17 -6.62 -93.36 72.79
C LEU UB 17 -5.29 -94.08 72.66
N LYS UB 18 -5.08 -95.15 73.41
CA LYS UB 18 -3.85 -95.91 73.30
C LYS UB 18 -3.70 -96.55 71.92
N GLN UB 19 -4.79 -97.11 71.40
CA GLN UB 19 -4.77 -97.68 70.06
C GLN UB 19 -4.44 -96.63 69.02
N LEU UB 20 -5.04 -95.44 69.16
CA LEU UB 20 -4.76 -94.35 68.23
C LEU UB 20 -3.30 -93.92 68.31
N ASP UB 21 -2.74 -93.86 69.52
CA ASP UB 21 -1.34 -93.51 69.67
C ASP UB 21 -0.42 -94.53 69.03
N ASP UB 22 -0.71 -95.82 69.22
CA ASP UB 22 0.11 -96.85 68.59
C ASP UB 22 0.03 -96.78 67.07
N LEU UB 23 -1.17 -96.55 66.54
CA LEU UB 23 -1.30 -96.41 65.10
C LEU UB 23 -0.54 -95.20 64.58
N LYS UB 24 -0.56 -94.09 65.33
CA LYS UB 24 0.14 -92.89 64.88
C LYS UB 24 1.65 -93.09 64.88
N VAL UB 25 2.19 -93.75 65.91
CA VAL UB 25 3.63 -93.98 65.91
C VAL UB 25 4.02 -94.95 64.80
N GLU UB 26 3.16 -95.94 64.53
CA GLU UB 26 3.44 -96.85 63.41
C GLU UB 26 3.43 -96.10 62.08
N LEU UB 27 2.49 -95.17 61.90
CA LEU UB 27 2.43 -94.40 60.67
C LEU UB 27 3.66 -93.50 60.53
N SER UB 28 4.13 -92.91 61.63
CA SER UB 28 5.34 -92.10 61.54
C SER UB 28 6.54 -92.95 61.13
N GLN UB 29 6.65 -94.15 61.71
CA GLN UB 29 7.73 -95.05 61.29
C GLN UB 29 7.60 -95.42 59.83
N LEU UB 30 6.37 -95.65 59.35
CA LEU UB 30 6.18 -96.00 57.95
C LEU UB 30 6.58 -94.87 57.02
N ARG UB 31 6.28 -93.63 57.40
CA ARG UB 31 6.72 -92.51 56.58
C ARG UB 31 8.23 -92.36 56.59
N VAL UB 32 8.86 -92.63 57.74
CA VAL UB 32 10.33 -92.67 57.79
C VAL UB 32 10.87 -93.70 56.81
N ALA UB 33 10.27 -94.89 56.80
CA ALA UB 33 10.70 -95.92 55.86
C ALA UB 33 10.50 -95.50 54.41
N LYS UB 34 9.37 -94.85 54.12
CA LYS UB 34 9.10 -94.40 52.77
C LYS UB 34 10.15 -93.40 52.30
N VAL UB 35 10.56 -92.50 53.19
CA VAL UB 35 11.62 -91.56 52.83
C VAL UB 35 12.95 -92.29 52.64
N THR UB 36 13.27 -93.23 53.53
CA THR UB 36 14.53 -93.96 53.47
C THR UB 36 14.48 -95.15 52.52
N GLY UB 37 13.50 -95.19 51.62
CA GLY UB 37 13.43 -96.25 50.63
C GLY UB 37 12.50 -97.37 51.02
N GLY UB 38 12.89 -98.18 52.01
CA GLY UB 38 11.99 -99.18 52.53
C GLY UB 38 11.64 -100.26 51.52
N ALA UB 39 10.48 -100.87 51.73
CA ALA UB 39 10.02 -101.97 50.91
C ALA UB 39 8.57 -101.75 50.51
N ALA UB 40 8.14 -102.49 49.49
CA ALA UB 40 6.79 -102.33 48.97
C ALA UB 40 5.75 -102.68 50.02
N SER UB 41 6.05 -103.65 50.89
CA SER UB 41 5.14 -103.95 51.99
C SER UB 41 5.00 -102.75 52.92
N LYS UB 42 6.11 -102.11 53.25
CA LYS UB 42 6.06 -100.93 54.11
C LYS UB 42 5.28 -99.81 53.45
N LEU UB 43 5.46 -99.62 52.15
CA LEU UB 43 4.73 -98.55 51.45
C LEU UB 43 3.24 -98.86 51.38
N SER UB 44 2.88 -100.12 51.18
CA SER UB 44 1.47 -100.47 51.11
C SER UB 44 0.81 -100.42 52.48
N LYS UB 45 1.58 -100.55 53.55
CA LYS UB 45 0.98 -100.49 54.88
C LYS UB 45 0.56 -99.08 55.29
N ILE UB 46 1.02 -98.06 54.57
CA ILE UB 46 0.71 -96.68 54.96
C ILE UB 46 -0.79 -96.42 54.87
N ARG UB 47 -1.41 -96.84 53.77
CA ARG UB 47 -2.86 -96.65 53.63
C ARG UB 47 -3.64 -97.44 54.67
N VAL UB 48 -3.17 -98.65 54.99
CA VAL UB 48 -3.86 -99.45 55.99
C VAL UB 48 -3.83 -98.77 57.34
N VAL UB 49 -2.67 -98.24 57.73
CA VAL UB 49 -2.57 -97.56 59.02
C VAL UB 49 -3.37 -96.27 59.02
N ARG UB 50 -3.38 -95.55 57.89
CA ARG UB 50 -4.17 -94.33 57.81
C ARG UB 50 -5.66 -94.62 57.98
N LYS UB 51 -6.15 -95.66 57.32
CA LYS UB 51 -7.56 -96.01 57.47
C LYS UB 51 -7.87 -96.50 58.87
N SER UB 52 -6.91 -97.20 59.51
CA SER UB 52 -7.13 -97.60 60.89
C SER UB 52 -7.23 -96.39 61.82
N ILE UB 53 -6.38 -95.39 61.60
CA ILE UB 53 -6.45 -94.16 62.38
C ILE UB 53 -7.79 -93.48 62.17
N ALA UB 54 -8.24 -93.41 60.92
CA ALA UB 54 -9.54 -92.80 60.63
C ALA UB 54 -10.66 -93.56 61.33
N ARG UB 55 -10.57 -94.89 61.35
CA ARG UB 55 -11.61 -95.71 61.96
C ARG UB 55 -11.66 -95.52 63.47
N VAL UB 56 -10.51 -95.51 64.13
CA VAL UB 56 -10.48 -95.30 65.57
C VAL UB 56 -11.01 -93.91 65.91
N LEU UB 57 -10.61 -92.90 65.14
CA LEU UB 57 -11.08 -91.55 65.39
C LEU UB 57 -12.58 -91.44 65.18
N THR UB 58 -13.11 -92.11 64.15
CA THR UB 58 -14.55 -92.09 63.91
C THR UB 58 -15.30 -92.71 65.07
N VAL UB 59 -14.80 -93.84 65.59
CA VAL UB 59 -15.46 -94.47 66.72
C VAL UB 59 -15.42 -93.56 67.95
N ILE UB 60 -14.28 -92.93 68.21
CA ILE UB 60 -14.17 -92.02 69.34
C ILE UB 60 -15.17 -90.88 69.22
N ASN UB 61 -15.23 -90.25 68.04
CA ASN UB 61 -16.10 -89.10 67.85
C ASN UB 61 -17.56 -89.49 67.92
N GLN UB 62 -17.92 -90.64 67.37
CA GLN UB 62 -19.31 -91.10 67.46
C GLN UB 62 -19.70 -91.38 68.91
N THR UB 63 -18.81 -92.03 69.66
CA THR UB 63 -19.12 -92.30 71.06
C THR UB 63 -19.33 -90.99 71.82
N GLN UB 64 -18.45 -90.01 71.61
CA GLN UB 64 -18.59 -88.73 72.28
C GLN UB 64 -19.88 -88.02 71.86
N LYS UB 65 -20.22 -88.05 70.58
CA LYS UB 65 -21.39 -87.33 70.09
C LYS UB 65 -22.68 -87.90 70.63
N GLU UB 66 -22.86 -89.22 70.57
CA GLU UB 66 -24.10 -89.75 71.15
C GLU UB 66 -24.09 -89.78 72.68
N ASN UB 67 -22.94 -89.76 73.34
CA ASN UB 67 -22.96 -89.48 74.78
C ASN UB 67 -23.51 -88.09 75.05
N LEU UB 68 -23.08 -87.10 74.26
CA LEU UB 68 -23.61 -85.75 74.43
C LEU UB 68 -25.09 -85.68 74.08
N ARG UB 69 -25.53 -86.46 73.09
CA ARG UB 69 -26.94 -86.48 72.76
C ARG UB 69 -27.77 -87.04 73.91
N LYS UB 70 -27.28 -88.09 74.56
CA LYS UB 70 -27.94 -88.60 75.75
C LYS UB 70 -27.96 -87.55 76.86
N PHE UB 71 -26.85 -86.84 77.04
CA PHE UB 71 -26.77 -85.85 78.10
C PHE UB 71 -27.77 -84.71 77.87
N TYR UB 72 -27.90 -84.25 76.64
CA TYR UB 72 -28.76 -83.12 76.32
C TYR UB 72 -30.17 -83.53 75.96
N LYS UB 73 -30.48 -84.81 75.97
CA LYS UB 73 -31.84 -85.26 75.69
C LYS UB 73 -32.80 -84.74 76.75
N GLY UB 74 -33.88 -84.10 76.30
CA GLY UB 74 -34.88 -83.58 77.19
C GLY UB 74 -34.64 -82.18 77.71
N LYS UB 75 -33.48 -81.60 77.44
CA LYS UB 75 -33.19 -80.25 77.90
C LYS UB 75 -33.77 -79.22 76.92
N LYS UB 76 -34.10 -78.05 77.46
CA LYS UB 76 -34.74 -77.02 76.64
C LYS UB 76 -33.79 -76.49 75.58
N TYR UB 77 -32.54 -76.22 75.96
CA TYR UB 77 -31.56 -75.63 75.05
C TYR UB 77 -30.46 -76.63 74.77
N LYS UB 78 -30.18 -76.85 73.50
CA LYS UB 78 -29.18 -77.79 73.05
C LYS UB 78 -28.20 -77.09 72.13
N PRO UB 79 -26.96 -77.57 72.06
CA PRO UB 79 -25.98 -76.96 71.17
C PRO UB 79 -26.39 -77.07 69.71
N LEU UB 80 -25.91 -76.12 68.91
CA LEU UB 80 -26.34 -76.01 67.52
C LEU UB 80 -25.98 -77.25 66.72
N ASP UB 81 -24.84 -77.86 67.00
CA ASP UB 81 -24.49 -79.10 66.32
C ASP UB 81 -25.39 -80.25 66.74
N LEU UB 82 -26.00 -80.18 67.92
CA LEU UB 82 -26.93 -81.21 68.35
C LEU UB 82 -28.35 -80.97 67.84
N ARG UB 83 -28.69 -79.74 67.51
CA ARG UB 83 -29.99 -79.46 66.93
C ARG UB 83 -30.09 -80.01 65.51
N PRO UB 84 -31.29 -80.31 65.05
CA PRO UB 84 -31.45 -80.80 63.67
C PRO UB 84 -31.04 -79.76 62.64
N LYS UB 85 -30.55 -80.23 61.51
CA LYS UB 85 -30.07 -79.37 60.44
C LYS UB 85 -30.85 -79.60 59.16
N LYS UB 86 -32.17 -79.57 59.23
CA LYS UB 86 -33.01 -79.86 58.06
C LYS UB 86 -32.62 -78.99 56.88
N THR UB 87 -32.85 -77.68 57.02
CA THR UB 87 -32.67 -76.66 56.01
C THR UB 87 -32.96 -75.36 56.73
N ARG UB 88 -32.32 -74.27 56.29
CA ARG UB 88 -32.54 -72.99 56.96
C ARG UB 88 -34.02 -72.61 56.97
N ALA UB 89 -34.67 -72.72 55.81
CA ALA UB 89 -36.08 -72.38 55.72
C ALA UB 89 -36.94 -73.35 56.52
N MET UB 90 -36.61 -74.64 56.48
CA MET UB 90 -37.38 -75.63 57.21
C MET UB 90 -37.24 -75.45 58.71
N ARG UB 91 -36.12 -74.92 59.17
CA ARG UB 91 -35.96 -74.58 60.58
C ARG UB 91 -36.68 -73.29 60.92
N ARG UB 92 -36.82 -72.39 59.96
CA ARG UB 92 -37.58 -71.16 60.20
C ARG UB 92 -39.08 -71.37 60.28
N ARG UB 93 -39.61 -72.36 59.57
CA ARG UB 93 -41.06 -72.48 59.46
C ARG UB 93 -41.69 -72.87 60.79
N LEU UB 94 -43.02 -72.70 60.86
CA LEU UB 94 -43.77 -72.97 62.08
C LEU UB 94 -43.73 -74.45 62.43
N ASN UB 95 -43.82 -74.77 63.72
CA ASN UB 95 -43.81 -76.16 64.13
C ASN UB 95 -45.21 -76.75 64.02
N LYS UB 96 -45.31 -78.04 64.33
CA LYS UB 96 -46.54 -78.79 64.07
C LYS UB 96 -47.71 -78.23 64.87
N HIS UB 97 -47.47 -77.88 66.13
CA HIS UB 97 -48.56 -77.40 66.97
C HIS UB 97 -49.03 -76.03 66.54
N GLU UB 98 -48.09 -75.11 66.30
CA GLU UB 98 -48.47 -73.75 65.98
C GLU UB 98 -48.90 -73.58 64.54
N GLU UB 99 -48.71 -74.59 63.69
CA GLU UB 99 -49.33 -74.57 62.38
C GLU UB 99 -50.69 -75.26 62.38
N ASN UB 100 -51.12 -75.79 63.52
CA ASN UB 100 -52.36 -76.54 63.59
C ASN UB 100 -53.38 -75.96 64.53
N LEU UB 101 -53.00 -75.07 65.46
CA LEU UB 101 -54.01 -74.51 66.33
C LEU UB 101 -54.89 -73.53 65.55
N LYS UB 102 -56.12 -73.35 66.03
CA LYS UB 102 -57.10 -72.53 65.33
C LYS UB 102 -57.74 -71.56 66.32
N THR UB 103 -58.36 -70.51 65.76
CA THR UB 103 -59.11 -69.58 66.59
C THR UB 103 -60.39 -70.23 67.09
N LYS UB 104 -60.91 -69.68 68.18
CA LYS UB 104 -62.19 -70.15 68.69
C LYS UB 104 -63.30 -69.91 67.69
N LYS UB 105 -63.24 -68.80 66.94
CA LYS UB 105 -64.20 -68.56 65.89
C LYS UB 105 -64.15 -69.66 64.82
N GLN UB 106 -62.94 -70.04 64.42
CA GLN UB 106 -62.78 -71.08 63.40
C GLN UB 106 -63.31 -72.41 63.89
N GLN UB 107 -62.98 -72.79 65.13
CA GLN UB 107 -63.46 -74.09 65.58
C GLN UB 107 -64.95 -74.08 65.92
N ARG UB 108 -65.53 -72.95 66.30
CA ARG UB 108 -66.98 -72.89 66.42
C ARG UB 108 -67.65 -73.04 65.07
N LYS UB 109 -67.10 -72.41 64.03
CA LYS UB 109 -67.65 -72.60 62.69
C LYS UB 109 -67.57 -74.07 62.28
N GLU UB 110 -66.43 -74.71 62.56
CA GLU UB 110 -66.28 -76.11 62.19
C GLU UB 110 -67.23 -77.00 62.97
N ARG UB 111 -67.46 -76.71 64.25
CA ARG UB 111 -68.38 -77.53 65.03
C ARG UB 111 -69.81 -77.35 64.56
N LEU UB 112 -70.22 -76.11 64.28
CA LEU UB 112 -71.61 -75.84 63.93
C LEU UB 112 -71.95 -76.31 62.52
N TYR UB 113 -71.05 -76.10 61.57
CA TYR UB 113 -71.34 -76.36 60.16
C TYR UB 113 -70.26 -77.27 59.58
N PRO UB 114 -70.29 -78.55 59.91
CA PRO UB 114 -69.29 -79.47 59.37
C PRO UB 114 -69.68 -79.94 57.98
N LEU UB 115 -68.66 -80.32 57.21
CA LEU UB 115 -68.88 -80.73 55.84
C LEU UB 115 -69.58 -82.08 55.82
N ARG UB 116 -70.76 -82.14 55.23
CA ARG UB 116 -71.55 -83.35 55.24
C ARG UB 116 -71.23 -84.22 54.04
N LYS UB 117 -71.49 -85.51 54.19
CA LYS UB 117 -71.35 -86.48 53.12
C LYS UB 117 -72.71 -86.68 52.49
N TYR UB 118 -72.80 -86.49 51.18
CA TYR UB 118 -74.09 -86.53 50.51
C TYR UB 118 -73.92 -87.06 49.10
N ALA UB 119 -75.04 -87.49 48.53
CA ALA UB 119 -75.10 -87.90 47.13
C ALA UB 119 -76.42 -87.41 46.56
N VAL UB 120 -76.45 -87.20 45.25
CA VAL UB 120 -77.62 -86.67 44.57
C VAL UB 120 -78.13 -87.72 43.61
N LYS UB 121 -79.41 -88.07 43.73
CA LYS UB 121 -80.03 -89.01 42.81
C LYS UB 121 -80.08 -88.41 41.41
N ALA UB 122 -79.80 -89.24 40.41
CA ALA UB 122 -79.78 -88.78 39.04
C ALA UB 122 -81.18 -88.41 38.57
N ALA VB 1 -104.07 -57.79 19.65
CA ALA VB 1 -104.28 -56.89 20.78
C ALA VB 1 -103.87 -55.48 20.42
N LEU VB 2 -104.44 -54.51 21.13
CA LEU VB 2 -104.13 -53.11 20.84
C LEU VB 2 -102.69 -52.77 21.20
N ARG VB 3 -102.23 -53.25 22.35
CA ARG VB 3 -100.89 -52.93 22.84
C ARG VB 3 -100.12 -54.21 23.10
N TYR VB 4 -98.84 -54.19 22.73
CA TYR VB 4 -97.95 -55.32 22.91
C TYR VB 4 -96.72 -54.86 23.68
N PRO VB 5 -96.05 -55.77 24.37
CA PRO VB 5 -94.77 -55.41 24.97
C PRO VB 5 -93.75 -55.12 23.88
N MET VB 6 -93.30 -53.88 23.81
CA MET VB 6 -92.41 -53.46 22.73
C MET VB 6 -90.99 -53.33 23.26
N ALA VB 7 -90.03 -53.50 22.35
CA ALA VB 7 -88.63 -53.34 22.69
C ALA VB 7 -88.18 -51.89 22.70
N VAL VB 8 -89.04 -50.96 22.26
CA VAL VB 8 -88.73 -49.55 22.26
C VAL VB 8 -89.93 -48.79 22.80
N GLY VB 9 -89.69 -47.56 23.20
CA GLY VB 9 -90.74 -46.68 23.68
C GLY VB 9 -90.58 -46.34 25.14
N LEU VB 10 -91.62 -45.69 25.68
CA LEU VB 10 -91.59 -45.26 27.06
C LEU VB 10 -91.77 -46.41 28.04
N ASN VB 11 -92.35 -47.52 27.60
CA ASN VB 11 -92.61 -48.67 28.45
C ASN VB 11 -91.91 -49.91 27.92
N LYS VB 12 -90.73 -49.71 27.33
CA LYS VB 12 -90.03 -50.80 26.70
C LYS VB 12 -89.58 -51.84 27.71
N GLY VB 13 -89.48 -53.08 27.26
CA GLY VB 13 -88.95 -54.13 28.10
C GLY VB 13 -89.88 -55.31 28.30
N HIS VB 14 -89.29 -56.45 28.59
CA HIS VB 14 -90.05 -57.64 28.96
C HIS VB 14 -90.80 -57.39 30.26
N LYS VB 15 -92.07 -57.80 30.29
CA LYS VB 15 -92.92 -57.55 31.44
C LYS VB 15 -92.71 -58.65 32.47
N VAL VB 16 -92.06 -58.30 33.58
CA VAL VB 16 -91.94 -59.17 34.74
C VAL VB 16 -92.39 -58.38 35.96
N THR VB 17 -92.95 -59.09 36.93
CA THR VB 17 -93.40 -58.43 38.14
C THR VB 17 -92.21 -58.20 39.08
N LYS VB 18 -92.20 -57.04 39.72
CA LYS VB 18 -91.06 -56.65 40.54
C LYS VB 18 -91.11 -57.35 41.88
N ASN VB 19 -89.94 -57.78 42.35
CA ASN VB 19 -89.80 -58.41 43.66
C ASN VB 19 -89.43 -57.32 44.66
N VAL VB 20 -90.43 -56.78 45.34
CA VAL VB 20 -90.16 -55.77 46.36
C VAL VB 20 -89.52 -56.46 47.57
N SER VB 21 -88.46 -55.83 48.09
CA SER VB 21 -87.74 -56.41 49.21
C SER VB 21 -87.00 -55.30 49.94
N LYS VB 22 -86.56 -55.61 51.16
CA LYS VB 22 -85.82 -54.66 51.94
C LYS VB 22 -84.50 -54.32 51.24
N PRO VB 23 -84.07 -53.07 51.27
CA PRO VB 23 -82.76 -52.74 50.70
C PRO VB 23 -81.65 -53.40 51.49
N ARG VB 24 -80.56 -53.69 50.80
CA ARG VB 24 -79.43 -54.34 51.43
C ARG VB 24 -78.82 -53.43 52.49
N HIS VB 25 -78.16 -54.05 53.47
CA HIS VB 25 -77.64 -53.27 54.59
C HIS VB 25 -76.50 -52.35 54.18
N SER VB 26 -75.78 -52.69 53.12
CA SER VB 26 -74.71 -51.80 52.67
C SER VB 26 -75.25 -50.47 52.17
N ARG VB 27 -76.52 -50.42 51.75
CA ARG VB 27 -77.11 -49.17 51.32
C ARG VB 27 -77.35 -48.21 52.47
N ARG VB 28 -77.19 -48.66 53.71
CA ARG VB 28 -77.32 -47.83 54.90
C ARG VB 28 -76.06 -47.02 55.18
N ARG VB 29 -75.00 -47.21 54.42
CA ARG VB 29 -73.76 -46.48 54.65
C ARG VB 29 -74.00 -44.99 54.58
N GLY VB 30 -73.42 -44.26 55.53
CA GLY VB 30 -73.48 -42.82 55.53
C GLY VB 30 -74.66 -42.22 56.25
N ARG VB 31 -75.61 -43.02 56.72
CA ARG VB 31 -76.72 -42.46 57.48
C ARG VB 31 -76.22 -41.98 58.83
N LEU VB 32 -76.63 -40.79 59.21
CA LEU VB 32 -76.16 -40.19 60.45
C LEU VB 32 -76.93 -40.79 61.62
N THR VB 33 -76.23 -41.54 62.46
CA THR VB 33 -76.83 -42.06 63.66
C THR VB 33 -76.78 -41.03 64.77
N LYS VB 34 -77.61 -41.24 65.80
CA LYS VB 34 -77.72 -40.28 66.89
C LYS VB 34 -76.42 -40.15 67.65
N HIS VB 35 -75.77 -41.28 67.94
CA HIS VB 35 -74.53 -41.24 68.70
C HIS VB 35 -73.41 -40.60 67.89
N THR VB 36 -73.34 -40.90 66.59
CA THR VB 36 -72.33 -40.30 65.74
C THR VB 36 -72.53 -38.79 65.63
N LYS VB 37 -73.79 -38.34 65.51
CA LYS VB 37 -74.05 -36.92 65.50
C LYS VB 37 -73.63 -36.27 66.81
N PHE VB 38 -73.89 -36.95 67.93
CA PHE VB 38 -73.45 -36.43 69.22
C PHE VB 38 -71.94 -36.29 69.29
N VAL VB 39 -71.21 -37.31 68.82
CA VAL VB 39 -69.76 -37.27 68.85
C VAL VB 39 -69.25 -36.12 67.99
N ARG VB 40 -69.81 -35.97 66.78
CA ARG VB 40 -69.34 -34.93 65.89
C ARG VB 40 -69.62 -33.55 66.46
N ASP VB 41 -70.78 -33.35 67.06
CA ASP VB 41 -71.09 -32.05 67.67
C ASP VB 41 -70.17 -31.75 68.84
N MET VB 42 -69.86 -32.77 69.65
CA MET VB 42 -68.90 -32.61 70.73
C MET VB 42 -67.55 -32.17 70.18
N ILE VB 43 -67.09 -32.81 69.11
CA ILE VB 43 -65.81 -32.46 68.53
C ILE VB 43 -65.85 -31.05 67.94
N ARG VB 44 -66.98 -30.65 67.35
CA ARG VB 44 -67.07 -29.30 66.81
C ARG VB 44 -66.96 -28.26 67.91
N GLU VB 45 -67.62 -28.49 69.04
CA GLU VB 45 -67.48 -27.51 70.11
C GLU VB 45 -66.11 -27.56 70.77
N VAL VB 46 -65.44 -28.71 70.75
CA VAL VB 46 -64.09 -28.79 71.30
C VAL VB 46 -63.10 -28.05 70.40
N CYS VB 47 -63.20 -28.26 69.10
CA CYS VB 47 -62.20 -27.78 68.15
C CYS VB 47 -62.49 -26.35 67.69
N GLY VB 48 -63.64 -26.13 67.07
CA GLY VB 48 -63.92 -24.85 66.47
C GLY VB 48 -64.15 -24.97 64.98
N PHE VB 49 -63.53 -24.09 64.21
CA PHE VB 49 -63.73 -24.04 62.78
C PHE VB 49 -62.39 -23.87 62.08
N ALA VB 50 -62.34 -24.31 60.83
CA ALA VB 50 -61.15 -24.08 60.02
C ALA VB 50 -61.10 -22.60 59.59
N PRO VB 51 -59.90 -22.07 59.33
CA PRO VB 51 -59.80 -20.66 58.93
C PRO VB 51 -60.58 -20.31 57.68
N TYR VB 52 -60.62 -21.20 56.68
CA TYR VB 52 -61.44 -20.92 55.50
C TYR VB 52 -62.92 -20.90 55.86
N GLU VB 53 -63.34 -21.75 56.78
CA GLU VB 53 -64.73 -21.73 57.22
C GLU VB 53 -65.04 -20.42 57.92
N ARG VB 54 -64.11 -19.90 58.72
CA ARG VB 54 -64.35 -18.63 59.39
C ARG VB 54 -64.42 -17.47 58.38
N ARG VB 55 -63.55 -17.50 57.37
CA ARG VB 55 -63.60 -16.49 56.32
C ARG VB 55 -64.93 -16.54 55.56
N ALA VB 56 -65.40 -17.75 55.24
CA ALA VB 56 -66.69 -17.88 54.57
C ALA VB 56 -67.82 -17.42 55.47
N MET VB 57 -67.71 -17.66 56.77
CA MET VB 57 -68.74 -17.17 57.69
C MET VB 57 -68.73 -15.65 57.75
N GLU VB 58 -67.56 -15.02 57.63
CA GLU VB 58 -67.52 -13.56 57.53
C GLU VB 58 -68.26 -13.08 56.28
N LEU VB 59 -68.03 -13.76 55.16
CA LEU VB 59 -68.75 -13.39 53.94
C LEU VB 59 -70.26 -13.57 54.09
N LEU VB 60 -70.69 -14.66 54.71
CA LEU VB 60 -72.12 -14.86 54.91
C LEU VB 60 -72.71 -13.88 55.93
N LYS VB 61 -71.90 -13.43 56.89
CA LYS VB 61 -72.35 -12.40 57.82
C LYS VB 61 -72.60 -11.08 57.11
N VAL VB 62 -71.69 -10.69 56.21
CA VAL VB 62 -71.90 -9.46 55.47
C VAL VB 62 -72.81 -9.72 54.28
N SER VB 63 -73.33 -10.95 54.20
CA SER VB 63 -74.43 -11.32 53.31
C SER VB 63 -74.01 -11.31 51.85
N LYS VB 64 -72.77 -11.71 51.59
CA LYS VB 64 -72.30 -11.93 50.23
C LYS VB 64 -72.38 -13.43 49.93
N ASP VB 65 -73.60 -13.89 49.66
CA ASP VB 65 -73.82 -15.31 49.45
C ASP VB 65 -73.10 -15.83 48.22
N LYS VB 66 -73.14 -15.07 47.13
CA LYS VB 66 -72.50 -15.53 45.89
C LYS VB 66 -70.99 -15.59 46.04
N ARG VB 67 -70.39 -14.57 46.65
CA ARG VB 67 -68.95 -14.59 46.89
C ARG VB 67 -68.58 -15.70 47.87
N ALA VB 68 -69.41 -15.94 48.88
CA ALA VB 68 -69.14 -17.02 49.81
C ALA VB 68 -69.17 -18.36 49.12
N LEU VB 69 -70.14 -18.57 48.22
CA LEU VB 69 -70.20 -19.81 47.46
C LEU VB 69 -68.97 -19.96 46.58
N LYS VB 70 -68.55 -18.89 45.91
CA LYS VB 70 -67.36 -18.98 45.06
C LYS VB 70 -66.13 -19.31 45.87
N PHE VB 71 -65.98 -18.68 47.04
CA PHE VB 71 -64.82 -18.93 47.88
C PHE VB 71 -64.82 -20.36 48.42
N ILE VB 72 -65.98 -20.84 48.88
CA ILE VB 72 -66.06 -22.20 49.39
C ILE VB 72 -65.81 -23.21 48.28
N LYS VB 73 -66.28 -22.91 47.06
CA LYS VB 73 -66.02 -23.80 45.96
C LYS VB 73 -64.53 -23.85 45.62
N LYS VB 74 -63.88 -22.68 45.64
CA LYS VB 74 -62.44 -22.64 45.39
C LYS VB 74 -61.67 -23.40 46.45
N ARG VB 75 -62.15 -23.39 47.70
CA ARG VB 75 -61.45 -24.11 48.75
C ARG VB 75 -61.73 -25.61 48.70
N VAL VB 76 -63.01 -25.99 48.82
CA VAL VB 76 -63.36 -27.40 48.93
C VAL VB 76 -63.19 -28.12 47.60
N GLY VB 77 -63.71 -27.55 46.53
CA GLY VB 77 -63.41 -28.11 45.22
C GLY VB 77 -64.54 -28.32 44.25
N THR VB 78 -65.72 -28.70 44.72
CA THR VB 78 -66.83 -28.99 43.83
C THR VB 78 -68.06 -28.18 44.23
N HIS VB 79 -68.95 -28.02 43.27
CA HIS VB 79 -70.16 -27.23 43.50
C HIS VB 79 -71.06 -27.89 44.54
N ILE VB 80 -71.22 -29.21 44.47
CA ILE VB 80 -72.13 -29.89 45.40
C ILE VB 80 -71.62 -29.80 46.83
N ARG VB 81 -70.34 -30.12 47.02
CA ARG VB 81 -69.75 -30.02 48.34
C ARG VB 81 -69.74 -28.58 48.84
N ALA VB 82 -69.50 -27.62 47.95
CA ALA VB 82 -69.52 -26.21 48.34
C ALA VB 82 -70.92 -25.79 48.78
N LYS VB 83 -71.96 -26.22 48.06
CA LYS VB 83 -73.31 -25.89 48.45
C LYS VB 83 -73.66 -26.47 49.80
N ARG VB 84 -73.29 -27.74 50.03
CA ARG VB 84 -73.56 -28.35 51.32
C ARG VB 84 -72.82 -27.63 52.44
N LYS VB 85 -71.56 -27.27 52.22
CA LYS VB 85 -70.78 -26.60 53.25
C LYS VB 85 -71.32 -25.20 53.53
N ARG VB 86 -71.74 -24.48 52.50
CA ARG VB 86 -72.34 -23.17 52.70
C ARG VB 86 -73.63 -23.28 53.49
N GLU VB 87 -74.42 -24.32 53.22
CA GLU VB 87 -75.61 -24.57 54.01
C GLU VB 87 -75.27 -24.80 55.47
N GLU VB 88 -74.23 -25.59 55.73
CA GLU VB 88 -73.81 -25.86 57.11
C GLU VB 88 -73.37 -24.58 57.81
N LEU VB 89 -72.56 -23.76 57.14
CA LEU VB 89 -72.07 -22.53 57.75
C LEU VB 89 -73.19 -21.53 57.99
N SER VB 90 -74.13 -21.42 57.05
CA SER VB 90 -75.29 -20.57 57.29
C SER VB 90 -76.11 -21.06 58.46
N ASN VB 91 -76.26 -22.38 58.60
CA ASN VB 91 -77.00 -22.93 59.73
C ASN VB 91 -76.33 -22.60 61.06
N VAL VB 92 -75.00 -22.71 61.12
CA VAL VB 92 -74.35 -22.40 62.40
C VAL VB 92 -74.40 -20.90 62.67
N LEU VB 93 -74.32 -20.07 61.64
CA LEU VB 93 -74.47 -18.63 61.84
C LEU VB 93 -75.85 -18.30 62.37
N ALA VB 94 -76.89 -18.91 61.81
CA ALA VB 94 -78.23 -18.68 62.30
C ALA VB 94 -78.41 -19.18 63.72
N ALA VB 95 -77.81 -20.33 64.05
CA ALA VB 95 -77.91 -20.86 65.40
C ALA VB 95 -77.26 -19.92 66.41
N MET VB 96 -76.06 -19.41 66.10
CA MET VB 96 -75.40 -18.51 67.04
C MET VB 96 -76.07 -17.15 67.08
N ARG VB 97 -76.68 -16.70 65.98
CA ARG VB 97 -77.49 -15.49 66.00
C ARG VB 97 -78.69 -15.65 66.93
N LYS VB 98 -79.37 -16.79 66.85
CA LYS VB 98 -80.48 -17.07 67.74
C LYS VB 98 -80.03 -17.12 69.19
N ALA VB 99 -78.91 -17.78 69.45
CA ALA VB 99 -78.39 -17.86 70.82
C ALA VB 99 -78.03 -16.48 71.37
N ALA VB 100 -77.45 -15.62 70.53
CA ALA VB 100 -77.19 -14.25 70.97
C ALA VB 100 -78.48 -13.48 71.20
N ALA VB 101 -79.49 -13.71 70.35
CA ALA VB 101 -80.76 -13.01 70.51
C ALA VB 101 -81.45 -13.38 71.81
N LYS VB 102 -81.42 -14.65 72.18
CA LYS VB 102 -82.03 -15.07 73.45
C LYS VB 102 -81.12 -14.70 74.62
N THR WB 1 8.77 -42.38 22.54
CA THR WB 1 8.14 -43.33 21.65
C THR WB 1 7.02 -44.08 22.34
N LYS WB 2 5.82 -44.00 21.77
CA LYS WB 2 4.63 -44.55 22.41
C LYS WB 2 4.58 -46.07 22.37
N GLY WB 3 5.46 -46.72 21.64
CA GLY WB 3 5.37 -48.17 21.50
C GLY WB 3 6.42 -48.97 22.23
N THR WB 4 7.40 -49.49 21.49
CA THR WB 4 8.34 -50.46 22.02
C THR WB 4 9.16 -49.89 23.17
N SER WB 5 9.59 -48.63 23.04
CA SER WB 5 10.33 -47.99 24.12
C SER WB 5 9.47 -47.86 25.37
N SER WB 6 8.22 -47.47 25.19
CA SER WB 6 7.34 -47.26 26.35
C SER WB 6 6.94 -48.56 27.02
N PHE WB 7 6.96 -49.68 26.30
CA PHE WB 7 6.66 -50.95 26.94
C PHE WB 7 7.75 -51.42 27.88
N GLY WB 8 8.91 -50.76 27.90
CA GLY WB 8 9.95 -51.15 28.82
C GLY WB 8 9.78 -50.62 30.22
N LYS WB 9 8.95 -49.59 30.41
CA LYS WB 9 8.83 -48.95 31.70
C LYS WB 9 7.77 -49.58 32.60
N ARG WB 10 7.00 -50.53 32.08
CA ARG WB 10 5.92 -51.10 32.87
C ARG WB 10 6.47 -52.19 33.78
N ARG WB 11 6.54 -51.88 35.06
CA ARG WB 11 7.01 -52.85 36.05
C ARG WB 11 6.23 -52.77 37.36
N ASN WB 12 5.15 -52.01 37.42
CA ASN WB 12 4.35 -51.86 38.63
C ASN WB 12 2.98 -52.45 38.40
N LYS WB 13 2.61 -53.44 39.20
CA LYS WB 13 1.36 -54.14 39.00
C LYS WB 13 0.17 -53.30 39.42
N THR WB 14 -0.82 -53.17 38.53
CA THR WB 14 -2.08 -52.52 38.89
C THR WB 14 -2.94 -53.43 39.75
N HIS WB 15 -3.04 -54.70 39.39
CA HIS WB 15 -3.95 -55.65 40.02
C HIS WB 15 -3.16 -56.74 40.73
N THR WB 16 -3.84 -57.44 41.62
CA THR WB 16 -3.31 -58.62 42.28
C THR WB 16 -4.43 -59.62 42.47
N LEU WB 17 -4.11 -60.77 43.06
CA LEU WB 17 -5.11 -61.78 43.32
C LEU WB 17 -6.10 -61.30 44.36
N CYS WB 18 -7.38 -61.52 44.08
CA CYS WB 18 -8.46 -61.16 44.99
C CYS WB 18 -8.73 -62.30 45.95
N ARG WB 19 -8.91 -61.98 47.23
CA ARG WB 19 -9.11 -63.03 48.22
C ARG WB 19 -10.46 -63.71 48.02
N ARG WB 20 -11.48 -62.97 47.65
CA ARG WB 20 -12.69 -63.52 47.07
C ARG WB 20 -12.42 -63.81 45.60
N CYS WB 21 -13.05 -64.86 45.07
CA CYS WB 21 -13.10 -65.17 43.64
C CYS WB 21 -11.74 -65.48 43.03
N GLY WB 22 -10.65 -65.29 43.76
CA GLY WB 22 -9.33 -65.69 43.34
C GLY WB 22 -8.84 -65.20 41.98
N SER WB 23 -9.36 -64.07 41.53
CA SER WB 23 -9.02 -63.54 40.22
C SER WB 23 -8.00 -62.43 40.35
N LYS WB 24 -7.08 -62.36 39.40
CA LYS WB 24 -6.04 -61.34 39.40
C LYS WB 24 -6.66 -60.04 38.87
N ALA WB 25 -7.58 -59.51 39.66
CA ALA WB 25 -8.30 -58.30 39.28
C ALA WB 25 -8.49 -57.36 40.45
N TYR WB 26 -7.79 -57.55 41.55
CA TYR WB 26 -7.94 -56.71 42.73
C TYR WB 26 -7.08 -55.47 42.55
N HIS WB 27 -7.72 -54.38 42.11
CA HIS WB 27 -7.06 -53.09 42.02
C HIS WB 27 -6.55 -52.69 43.39
N LEU WB 28 -5.22 -52.58 43.48
CA LEU WB 28 -4.54 -52.26 44.73
C LEU WB 28 -4.79 -50.84 45.15
N GLN WB 29 -4.72 -49.91 44.21
CA GLN WB 29 -4.81 -48.50 44.54
C GLN WB 29 -6.23 -48.11 44.91
N LYS WB 30 -7.22 -48.81 44.37
CA LYS WB 30 -8.62 -48.63 44.75
C LYS WB 30 -9.08 -49.62 45.80
N SER WB 31 -8.30 -50.66 46.06
CA SER WB 31 -8.65 -51.73 46.98
C SER WB 31 -10.00 -52.35 46.62
N THR WB 32 -10.15 -52.68 45.33
CA THR WB 32 -11.44 -53.17 44.85
C THR WB 32 -11.24 -54.16 43.72
N CYS WB 33 -11.99 -55.25 43.74
CA CYS WB 33 -11.90 -56.22 42.66
C CYS WB 33 -12.73 -55.77 41.47
N GLY WB 34 -12.12 -55.77 40.29
CA GLY WB 34 -12.82 -55.43 39.08
C GLY WB 34 -13.71 -56.52 38.54
N LYS WB 35 -13.65 -57.72 39.12
CA LYS WB 35 -14.51 -58.81 38.70
C LYS WB 35 -15.66 -59.08 39.67
N CYS WB 36 -15.38 -59.18 40.96
CA CYS WB 36 -16.42 -59.43 41.95
C CYS WB 36 -16.73 -58.23 42.83
N GLY WB 37 -15.84 -57.24 42.91
CA GLY WB 37 -16.02 -56.15 43.84
C GLY WB 37 -15.93 -56.63 45.27
N TYR WB 38 -14.76 -57.08 45.71
CA TYR WB 38 -14.67 -57.81 46.97
C TYR WB 38 -15.13 -57.04 48.19
N PRO WB 39 -14.69 -55.80 48.45
CA PRO WB 39 -15.14 -55.14 49.68
C PRO WB 39 -16.64 -54.91 49.71
N ALA WB 40 -17.30 -54.94 48.56
CA ALA WB 40 -18.75 -54.91 48.53
C ALA WB 40 -19.30 -56.26 48.99
N LYS WB 41 -20.42 -56.23 49.71
CA LYS WB 41 -21.02 -57.46 50.20
C LYS WB 41 -21.55 -58.32 49.06
N ARG WB 42 -22.17 -57.70 48.08
CA ARG WB 42 -22.75 -58.42 46.96
C ARG WB 42 -21.75 -58.54 45.83
N LYS WB 43 -21.75 -59.71 45.18
CA LYS WB 43 -20.81 -59.93 44.09
C LYS WB 43 -21.25 -59.16 42.85
N ARG WB 44 -20.26 -58.74 42.08
CA ARG WB 44 -20.49 -57.94 40.88
C ARG WB 44 -20.97 -58.84 39.77
N LYS WB 45 -22.16 -58.54 39.23
CA LYS WB 45 -22.80 -59.42 38.27
C LYS WB 45 -23.69 -58.57 37.38
N TYR WB 46 -23.57 -58.77 36.06
CA TYR WB 46 -24.28 -57.95 35.11
C TYR WB 46 -24.93 -58.80 34.03
N ASN WB 47 -26.10 -58.37 33.60
CA ASN WB 47 -26.86 -59.11 32.60
C ASN WB 47 -26.39 -58.86 31.18
N TRP WB 48 -25.50 -57.90 30.96
CA TRP WB 48 -24.98 -57.72 29.63
C TRP WB 48 -23.86 -58.70 29.30
N SER WB 49 -23.44 -59.54 30.24
CA SER WB 49 -22.46 -60.57 29.95
C SER WB 49 -22.96 -61.90 30.53
N ALA WB 50 -23.80 -62.59 29.75
CA ALA WB 50 -24.26 -63.90 30.15
C ALA WB 50 -23.13 -64.91 30.15
N LYS WB 51 -22.13 -64.71 29.28
CA LYS WB 51 -20.96 -65.57 29.28
C LYS WB 51 -20.17 -65.42 30.57
N ALA WB 52 -19.98 -64.19 31.04
CA ALA WB 52 -19.32 -63.99 32.32
C ALA WB 52 -20.15 -64.55 33.47
N LYS WB 53 -21.48 -64.47 33.35
CA LYS WB 53 -22.33 -65.07 34.38
C LYS WB 53 -22.15 -66.59 34.44
N ARG WB 54 -22.14 -67.25 33.28
CA ARG WB 54 -21.97 -68.70 33.26
C ARG WB 54 -20.57 -69.11 33.65
N ARG WB 55 -19.59 -68.22 33.57
CA ARG WB 55 -18.23 -68.60 33.92
C ARG WB 55 -18.06 -68.86 35.41
N ASN WB 56 -18.85 -68.23 36.27
CA ASN WB 56 -18.70 -68.43 37.70
C ASN WB 56 -20.04 -68.57 38.41
N THR WB 57 -21.08 -68.96 37.68
CA THR WB 57 -22.36 -69.22 38.32
C THR WB 57 -22.28 -70.46 39.21
N THR WB 58 -23.39 -70.76 39.89
CA THR WB 58 -23.48 -71.97 40.69
C THR WB 58 -23.40 -73.20 39.78
N GLY WB 59 -22.61 -74.18 40.20
CA GLY WB 59 -22.38 -75.36 39.42
C GLY WB 59 -21.06 -75.39 38.70
N THR WB 60 -20.40 -74.24 38.55
CA THR WB 60 -19.10 -74.20 37.93
C THR WB 60 -17.99 -74.58 38.89
N GLY WB 61 -18.29 -74.74 40.17
CA GLY WB 61 -17.28 -75.09 41.14
C GLY WB 61 -17.50 -76.46 41.72
N ARG WB 62 -17.45 -76.56 43.04
CA ARG WB 62 -17.41 -77.85 43.71
C ARG WB 62 -18.74 -78.26 44.32
N MET WB 63 -19.54 -77.29 44.78
CA MET WB 63 -20.89 -77.52 45.32
C MET WB 63 -20.87 -78.52 46.47
N ARG WB 64 -19.94 -78.27 47.41
CA ARG WB 64 -19.72 -79.19 48.52
C ARG WB 64 -20.98 -79.42 49.32
N HIS WB 65 -21.73 -78.36 49.59
CA HIS WB 65 -22.94 -78.47 50.39
C HIS WB 65 -24.15 -78.78 49.53
N LEU WB 66 -24.22 -78.25 48.32
CA LEU WB 66 -25.41 -78.40 47.51
C LEU WB 66 -25.55 -79.80 46.93
N LYS WB 67 -24.45 -80.50 46.66
CA LYS WB 67 -24.58 -81.90 46.26
C LYS WB 67 -25.23 -82.72 47.35
N ILE WB 68 -24.80 -82.52 48.60
CA ILE WB 68 -25.39 -83.26 49.71
C ILE WB 68 -26.83 -82.84 49.92
N VAL WB 69 -27.14 -81.55 49.70
CA VAL WB 69 -28.53 -81.10 49.83
C VAL WB 69 -29.40 -81.80 48.81
N TYR WB 70 -28.92 -81.90 47.56
CA TYR WB 70 -29.69 -82.58 46.52
C TYR WB 70 -29.87 -84.05 46.85
N ARG WB 71 -28.84 -84.70 47.37
CA ARG WB 71 -28.99 -86.10 47.75
C ARG WB 71 -29.96 -86.26 48.91
N ARG WB 72 -29.88 -85.37 49.91
CA ARG WB 72 -30.70 -85.49 51.09
C ARG WB 72 -32.16 -85.18 50.80
N PHE WB 73 -32.43 -84.36 49.79
CA PHE WB 73 -33.81 -84.01 49.47
C PHE WB 73 -34.62 -85.22 49.06
N ARG WB 74 -33.98 -86.20 48.44
CA ARG WB 74 -34.69 -87.37 47.94
C ARG WB 74 -35.26 -88.24 49.05
N HIS WB 75 -34.84 -88.03 50.30
CA HIS WB 75 -35.38 -88.79 51.41
C HIS WB 75 -36.01 -87.89 52.47
N GLY WB 76 -36.39 -86.67 52.08
CA GLY WB 76 -37.10 -85.79 52.98
C GLY WB 76 -36.25 -85.15 54.06
N PHE WB 77 -34.94 -85.03 53.83
CA PHE WB 77 -34.01 -84.44 54.80
C PHE WB 77 -34.11 -85.13 56.15
N ARG WB 78 -34.16 -86.45 56.14
CA ARG WB 78 -34.23 -87.22 57.37
C ARG WB 78 -32.94 -87.06 58.17
N GLU WB 79 -33.08 -87.04 59.49
CA GLU WB 79 -31.94 -86.88 60.38
C GLU WB 79 -32.15 -87.71 61.63
N GLY WB 80 -31.05 -88.06 62.28
CA GLY WB 80 -31.12 -88.81 63.52
C GLY WB 80 -31.49 -90.26 63.36
N THR WB 81 -31.58 -90.76 62.14
CA THR WB 81 -31.96 -92.14 61.90
C THR WB 81 -30.77 -92.90 61.34
N THR WB 82 -30.88 -94.22 61.40
CA THR WB 82 -29.85 -95.14 60.97
C THR WB 82 -30.54 -96.32 60.31
N PRO WB 83 -29.94 -96.91 59.29
CA PRO WB 83 -30.49 -98.17 58.75
C PRO WB 83 -30.55 -99.22 59.84
N LYS WB 84 -31.55 -100.08 59.76
CA LYS WB 84 -31.77 -101.10 60.77
C LYS WB 84 -30.53 -101.99 60.86
N PRO WB 85 -29.92 -102.13 62.03
CA PRO WB 85 -28.69 -102.92 62.13
C PRO WB 85 -28.93 -104.38 61.76
N LYS WB 86 -27.94 -104.97 61.12
CA LYS WB 86 -28.03 -106.35 60.68
C LYS WB 86 -27.81 -107.31 61.85
N PRO XB 1 35.02 -57.71 75.72
CA PRO XB 1 36.04 -58.23 76.63
C PRO XB 1 36.46 -57.18 77.65
N ARG XB 2 36.79 -57.63 78.86
CA ARG XB 2 37.27 -56.75 79.90
C ARG XB 2 38.70 -57.11 80.26
N LYS XB 3 39.45 -56.11 80.68
CA LYS XB 3 40.84 -56.27 81.05
C LYS XB 3 40.99 -56.08 82.55
N ILE XB 4 41.68 -57.00 83.20
CA ILE XB 4 41.93 -56.94 84.63
C ILE XB 4 43.36 -56.46 84.84
N GLU XB 5 43.58 -55.67 85.88
CA GLU XB 5 44.90 -55.14 86.18
C GLU XB 5 45.57 -55.84 87.35
N GLU XB 6 44.84 -56.11 88.42
CA GLU XB 6 45.43 -56.66 89.63
C GLU XB 6 45.13 -58.16 89.76
N ILE XB 7 46.02 -58.86 90.48
CA ILE XB 7 45.96 -60.31 90.53
C ILE XB 7 44.76 -60.80 91.34
N LYS XB 8 44.50 -60.16 92.48
CA LYS XB 8 43.41 -60.61 93.33
C LYS XB 8 42.06 -60.43 92.66
N ASP XB 9 41.90 -59.38 91.85
CA ASP XB 9 40.68 -59.22 91.09
C ASP XB 9 40.47 -60.37 90.13
N PHE XB 10 41.53 -60.78 89.43
CA PHE XB 10 41.40 -61.92 88.54
C PHE XB 10 41.07 -63.18 89.31
N LEU XB 11 41.66 -63.35 90.49
CA LEU XB 11 41.36 -64.54 91.29
C LEU XB 11 39.89 -64.57 91.70
N LEU XB 12 39.36 -63.43 92.16
CA LEU XB 12 37.97 -63.42 92.61
C LEU XB 12 37.00 -63.52 91.44
N THR XB 13 37.36 -63.01 90.26
CA THR XB 13 36.48 -63.18 89.12
C THR XB 13 36.67 -64.53 88.43
N ALA XB 14 37.73 -65.26 88.74
CA ALA XB 14 37.88 -66.62 88.27
C ALA XB 14 37.18 -67.62 89.16
N ARG XB 15 37.05 -67.31 90.46
CA ARG XB 15 36.31 -68.18 91.35
C ARG XB 15 34.81 -67.92 91.34
N ARG XB 16 34.32 -67.16 90.37
CA ARG XB 16 32.90 -66.93 90.23
C ARG XB 16 32.20 -68.22 89.78
N LYS XB 17 30.88 -68.25 89.99
CA LYS XB 17 30.11 -69.44 89.63
C LYS XB 17 29.97 -69.60 88.12
N ASP XB 18 29.99 -68.50 87.36
CA ASP XB 18 29.74 -68.54 85.93
C ASP XB 18 31.00 -68.63 85.09
N ALA XB 19 32.16 -68.85 85.72
CA ALA XB 19 33.42 -68.93 84.98
C ALA XB 19 33.51 -70.29 84.31
N LYS XB 20 33.39 -70.31 82.98
CA LYS XB 20 33.41 -71.58 82.26
C LYS XB 20 34.80 -72.20 82.26
N SER XB 21 35.82 -71.41 81.96
CA SER XB 21 37.16 -71.95 81.80
C SER XB 21 38.18 -70.82 81.89
N VAL XB 22 39.45 -71.21 81.96
CA VAL XB 22 40.57 -70.29 81.92
C VAL XB 22 41.53 -70.78 80.84
N LYS XB 23 41.87 -69.89 79.92
CA LYS XB 23 42.83 -70.15 78.86
C LYS XB 23 44.11 -69.39 79.16
N ILE XB 24 45.23 -70.10 79.10
CA ILE XB 24 46.54 -69.49 79.37
C ILE XB 24 47.30 -69.44 78.06
N LYS XB 25 47.68 -68.22 77.67
CA LYS XB 25 48.38 -67.98 76.42
C LYS XB 25 49.76 -67.43 76.72
N LYS XB 26 50.78 -68.11 76.23
CA LYS XB 26 52.17 -67.70 76.43
C LYS XB 26 52.66 -66.98 75.17
N ASN XB 27 52.82 -65.67 75.27
CA ASN XB 27 53.38 -64.90 74.17
C ASN XB 27 54.89 -64.79 74.35
N LYS XB 28 55.52 -64.03 73.45
CA LYS XB 28 56.96 -63.81 73.54
C LYS XB 28 57.32 -62.93 74.72
N ASP XB 29 56.44 -61.99 75.08
CA ASP XB 29 56.76 -60.99 76.09
C ASP XB 29 55.79 -60.95 77.27
N ASN XB 30 54.72 -61.74 77.25
CA ASN XB 30 53.79 -61.74 78.38
C ASN XB 30 53.02 -63.06 78.38
N VAL XB 31 52.26 -63.24 79.46
CA VAL XB 31 51.34 -64.37 79.60
C VAL XB 31 49.96 -63.80 79.86
N LYS XB 32 48.98 -64.27 79.12
CA LYS XB 32 47.60 -63.82 79.24
C LYS XB 32 46.75 -64.92 79.87
N PHE XB 33 46.00 -64.57 80.89
CA PHE XB 33 45.02 -65.45 81.50
C PHE XB 33 43.64 -64.94 81.13
N LYS XB 34 42.86 -65.76 80.43
CA LYS XB 34 41.57 -65.36 79.92
C LYS XB 34 40.51 -66.26 80.55
N VAL XB 35 39.73 -65.71 81.46
CA VAL XB 35 38.64 -66.44 82.09
C VAL XB 35 37.35 -66.13 81.34
N ARG XB 36 36.63 -67.17 80.97
CA ARG XB 36 35.42 -67.06 80.15
C ARG XB 36 34.22 -67.00 81.10
N CYS XB 37 33.80 -65.79 81.43
CA CYS XB 37 32.63 -65.61 82.28
C CYS XB 37 31.38 -65.65 81.42
N SER XB 38 30.23 -65.34 82.02
CA SER XB 38 28.97 -65.43 81.28
C SER XB 38 28.88 -64.36 80.21
N ARG XB 39 29.28 -63.13 80.53
CA ARG XB 39 29.14 -62.00 79.62
C ARG XB 39 30.44 -61.56 78.99
N TYR XB 40 31.53 -61.50 79.76
CA TYR XB 40 32.80 -61.02 79.26
C TYR XB 40 33.86 -62.10 79.33
N LEU XB 41 34.88 -61.93 78.50
CA LEU XB 41 36.11 -62.73 78.57
C LEU XB 41 37.15 -61.84 79.24
N TYR XB 42 37.41 -62.10 80.52
CA TYR XB 42 38.30 -61.27 81.29
C TYR XB 42 39.74 -61.69 81.04
N THR XB 43 40.57 -60.76 80.59
CA THR XB 43 41.95 -61.02 80.27
C THR XB 43 42.86 -60.29 81.25
N LEU XB 44 43.79 -61.01 81.84
CA LEU XB 44 44.80 -60.43 82.70
C LEU XB 44 46.17 -60.69 82.10
N VAL XB 45 46.97 -59.64 81.94
CA VAL XB 45 48.28 -59.73 81.31
C VAL XB 45 49.35 -59.63 82.38
N ILE XB 46 50.27 -60.59 82.39
CA ILE XB 46 51.39 -60.60 83.31
C ILE XB 46 52.67 -60.58 82.49
N THR XB 47 53.58 -59.67 82.83
CA THR XB 47 54.79 -59.51 82.05
C THR XB 47 55.94 -60.40 82.50
N ASP XB 48 55.86 -61.01 83.69
CA ASP XB 48 56.96 -61.82 84.19
C ASP XB 48 56.50 -63.24 84.52
N LYS XB 49 57.31 -64.21 84.12
CA LYS XB 49 56.91 -65.61 84.14
C LYS XB 49 56.91 -66.20 85.55
N GLU XB 50 57.64 -65.61 86.49
CA GLU XB 50 57.54 -66.10 87.86
C GLU XB 50 56.16 -65.78 88.47
N LYS XB 51 55.66 -64.56 88.24
CA LYS XB 51 54.29 -64.25 88.64
C LYS XB 51 53.30 -65.09 87.85
N ALA XB 52 53.59 -65.33 86.57
CA ALA XB 52 52.71 -66.17 85.76
C ALA XB 52 52.61 -67.58 86.35
N GLU XB 53 53.74 -68.15 86.75
CA GLU XB 53 53.73 -69.49 87.34
C GLU XB 53 53.05 -69.49 88.70
N LYS XB 54 53.27 -68.45 89.50
CA LYS XB 54 52.59 -68.35 90.79
C LYS XB 54 51.07 -68.32 90.60
N LEU XB 55 50.59 -67.54 89.65
CA LEU XB 55 49.15 -67.49 89.39
C LEU XB 55 48.65 -68.83 88.86
N LYS XB 56 49.42 -69.48 88.00
CA LYS XB 56 49.00 -70.78 87.47
C LYS XB 56 48.86 -71.80 88.58
N GLN XB 57 49.76 -71.78 89.55
CA GLN XB 57 49.61 -72.66 90.71
C GLN XB 57 48.47 -72.21 91.62
N SER XB 58 48.15 -70.91 91.64
CA SER XB 58 47.10 -70.39 92.50
C SER XB 58 45.72 -70.44 91.87
N LEU XB 59 45.59 -70.94 90.65
CA LEU XB 59 44.28 -71.04 90.02
C LEU XB 59 43.37 -71.97 90.81
N PRO XB 60 42.07 -71.67 90.87
CA PRO XB 60 41.16 -72.49 91.65
C PRO XB 60 40.97 -73.86 91.02
N PRO XB 61 40.75 -74.89 91.83
CA PRO XB 61 40.51 -76.22 91.28
C PRO XB 61 39.08 -76.34 90.77
N GLY XB 62 38.84 -77.43 90.04
CA GLY XB 62 37.53 -77.67 89.46
C GLY XB 62 37.21 -76.88 88.23
N LEU XB 63 38.17 -76.13 87.70
CA LEU XB 63 37.96 -75.26 86.56
C LEU XB 63 38.94 -75.64 85.45
N ALA XB 64 38.49 -75.54 84.21
CA ALA XB 64 39.34 -75.88 83.08
C ALA XB 64 40.50 -74.89 83.01
N VAL XB 65 41.71 -75.41 82.82
CA VAL XB 65 42.95 -74.63 82.91
C VAL XB 65 43.63 -74.77 81.55
N LYS XB 66 42.83 -74.73 80.50
CA LYS XB 66 43.32 -75.00 79.15
C LYS XB 66 44.45 -74.05 78.77
N GLU XB 67 45.49 -74.59 78.14
CA GLU XB 67 46.64 -73.83 77.70
C GLU XB 67 46.70 -73.83 76.18
N LEU XB 68 47.03 -72.70 75.59
CA LEU XB 68 46.96 -72.59 74.14
C LEU XB 68 48.13 -73.23 73.41
N LYS XB 69 49.15 -73.68 74.13
CA LYS XB 69 50.27 -74.37 73.48
C LYS XB 69 50.46 -75.75 74.08
N SER YB 1 10.37 -61.36 42.71
CA SER YB 1 11.50 -60.73 43.35
C SER YB 1 11.99 -61.58 44.50
N SER YB 2 13.06 -61.15 45.15
CA SER YB 2 13.50 -61.81 46.36
C SER YB 2 12.52 -61.55 47.50
N HIS YB 3 12.07 -60.31 47.64
CA HIS YB 3 11.01 -59.99 48.57
C HIS YB 3 9.69 -60.47 48.02
N LYS YB 4 9.04 -61.41 48.71
CA LYS YB 4 7.75 -61.89 48.28
C LYS YB 4 6.89 -62.19 49.51
N THR YB 5 5.58 -62.18 49.31
CA THR YB 5 4.67 -62.51 50.39
C THR YB 5 4.43 -64.01 50.43
N PHE YB 6 3.86 -64.45 51.56
CA PHE YB 6 3.60 -65.88 51.75
C PHE YB 6 2.61 -66.41 50.73
N ARG YB 7 1.56 -65.66 50.41
CA ARG YB 7 0.59 -66.12 49.43
C ARG YB 7 1.21 -66.26 48.05
N ILE YB 8 2.04 -65.29 47.66
CA ILE YB 8 2.71 -65.39 46.36
C ILE YB 8 3.64 -66.60 46.34
N LYS YB 9 4.38 -66.81 47.43
CA LYS YB 9 5.29 -67.94 47.47
C LYS YB 9 4.54 -69.26 47.38
N ARG YB 10 3.39 -69.35 48.04
CA ARG YB 10 2.61 -70.58 48.00
C ARG YB 10 2.01 -70.83 46.62
N PHE YB 11 1.56 -69.76 45.95
CA PHE YB 11 1.06 -69.89 44.59
C PHE YB 11 2.15 -70.37 43.64
N LEU YB 12 3.34 -69.78 43.76
CA LEU YB 12 4.46 -70.24 42.94
C LEU YB 12 4.84 -71.68 43.26
N ALA YB 13 4.74 -72.07 44.53
CA ALA YB 13 5.06 -73.44 44.90
C ALA YB 13 4.10 -74.41 44.24
N LYS YB 14 2.80 -74.11 44.24
CA LYS YB 14 1.85 -74.99 43.59
C LYS YB 14 2.11 -75.08 42.09
N LYS YB 15 2.40 -73.94 41.46
CA LYS YB 15 2.69 -73.97 40.02
C LYS YB 15 3.91 -74.83 39.72
N GLN YB 16 4.97 -74.67 40.52
CA GLN YB 16 6.17 -75.46 40.34
C GLN YB 16 5.91 -76.94 40.53
N LYS YB 17 5.11 -77.30 41.53
CA LYS YB 17 4.81 -78.71 41.77
C LYS YB 17 4.00 -79.32 40.64
N GLN YB 18 3.03 -78.58 40.11
CA GLN YB 18 2.19 -79.15 39.07
C GLN YB 18 2.80 -79.06 37.67
N ASN YB 19 3.92 -78.37 37.51
CA ASN YB 19 4.63 -78.37 36.23
C ASN YB 19 5.66 -79.49 36.19
N ARG YB 20 5.19 -80.69 35.87
CA ARG YB 20 6.06 -81.85 35.73
C ARG YB 20 5.42 -82.83 34.76
N PRO YB 21 6.21 -83.71 34.14
CA PRO YB 21 5.65 -84.65 33.17
C PRO YB 21 4.77 -85.70 33.83
N ILE YB 22 3.95 -86.34 33.01
CA ILE YB 22 3.07 -87.41 33.50
C ILE YB 22 3.92 -88.62 33.86
N PRO YB 23 3.52 -89.41 34.84
CA PRO YB 23 4.22 -90.66 35.12
C PRO YB 23 4.07 -91.62 33.95
N GLN YB 24 5.08 -92.47 33.78
CA GLN YB 24 5.13 -93.34 32.61
C GLN YB 24 4.00 -94.36 32.62
N TRP YB 25 3.65 -94.87 33.80
CA TRP YB 25 2.65 -95.93 33.91
C TRP YB 25 1.24 -95.47 33.60
N ILE YB 26 0.99 -94.17 33.51
CA ILE YB 26 -0.34 -93.68 33.18
C ILE YB 26 -0.72 -94.12 31.77
N ARG YB 27 0.25 -94.17 30.86
CA ARG YB 27 -0.02 -94.56 29.49
C ARG YB 27 -0.41 -96.03 29.35
N MET YB 28 -0.21 -96.83 30.39
CA MET YB 28 -0.56 -98.24 30.36
C MET YB 28 -1.96 -98.51 30.89
N LYS YB 29 -2.67 -97.50 31.39
CA LYS YB 29 -3.99 -97.70 31.96
C LYS YB 29 -4.99 -98.06 30.87
N THR YB 30 -6.10 -98.67 31.29
CA THR YB 30 -7.16 -99.08 30.38
C THR YB 30 -7.96 -97.86 29.94
N GLY YB 31 -8.04 -97.64 28.63
CA GLY YB 31 -8.72 -96.48 28.11
C GLY YB 31 -8.07 -95.19 28.51
N ASN YB 32 -6.74 -95.12 28.38
CA ASN YB 32 -5.99 -93.99 28.89
C ASN YB 32 -6.27 -92.72 28.09
N LYS YB 33 -5.88 -92.73 26.81
CA LYS YB 33 -6.10 -91.61 25.89
C LYS YB 33 -5.42 -90.32 26.35
N ILE YB 34 -4.27 -90.44 27.00
CA ILE YB 34 -3.43 -89.30 27.35
C ILE YB 34 -2.01 -89.61 26.91
N ARG YB 35 -1.44 -88.75 26.08
CA ARG YB 35 -0.11 -88.99 25.54
C ARG YB 35 0.98 -88.27 26.33
N TYR YB 36 0.76 -87.00 26.66
CA TYR YB 36 1.71 -86.20 27.39
C TYR YB 36 0.95 -85.24 28.28
N ASN YB 37 1.69 -84.36 28.96
CA ASN YB 37 1.08 -83.32 29.79
C ASN YB 37 0.97 -82.06 28.95
N SER YB 38 -0.24 -81.76 28.49
CA SER YB 38 -0.45 -80.60 27.64
C SER YB 38 -0.40 -79.29 28.41
N LYS YB 39 -0.37 -79.34 29.74
CA LYS YB 39 -0.37 -78.14 30.56
C LYS YB 39 1.02 -77.77 31.05
N ARG YB 40 2.06 -78.27 30.40
CA ARG YB 40 3.42 -77.91 30.77
C ARG YB 40 3.65 -76.43 30.51
N ARG YB 41 4.40 -75.79 31.40
CA ARG YB 41 4.68 -74.37 31.31
C ARG YB 41 6.17 -74.14 31.44
N HIS YB 42 6.72 -73.36 30.52
CA HIS YB 42 8.10 -72.91 30.61
C HIS YB 42 8.14 -71.47 31.08
N TRP YB 43 9.12 -71.15 31.92
CA TRP YB 43 9.18 -69.83 32.52
C TRP YB 43 9.43 -68.75 31.48
N ARG YB 44 10.12 -69.07 30.40
CA ARG YB 44 10.44 -68.09 29.39
C ARG YB 44 9.38 -67.99 28.30
N ARG YB 45 8.66 -69.08 28.03
CA ARG YB 45 7.67 -69.07 26.96
C ARG YB 45 6.39 -68.38 27.39
N THR YB 46 5.79 -68.85 28.48
CA THR YB 46 4.53 -68.30 28.97
C THR YB 46 4.72 -67.84 30.41
N LYS YB 47 4.33 -66.61 30.69
CA LYS YB 47 4.42 -66.06 32.03
C LYS YB 47 3.15 -66.33 32.80
N LEU YB 48 3.30 -66.55 34.11
CA LEU YB 48 2.14 -66.72 34.96
C LEU YB 48 1.31 -65.44 34.97
N GLY YB 49 0.00 -65.62 35.08
CA GLY YB 49 -0.89 -64.46 35.07
C GLY YB 49 -0.60 -63.51 36.20
N LEU YB 50 -0.17 -64.05 37.34
CA LEU YB 50 0.30 -63.26 38.46
C LEU YB 50 1.48 -62.40 38.05
N ILE ZB 1 35.53 -4.91 -68.85
CA ILE ZB 1 36.48 -4.46 -69.86
C ILE ZB 1 36.48 -5.45 -71.03
N ILE ZB 2 35.66 -6.49 -70.89
CA ILE ZB 2 35.48 -7.47 -71.95
C ILE ZB 2 34.93 -6.78 -73.19
N GLU ZB 3 35.40 -7.21 -74.36
CA GLU ZB 3 34.84 -6.69 -75.60
C GLU ZB 3 33.37 -7.10 -75.71
N PRO ZB 4 32.54 -6.26 -76.34
CA PRO ZB 4 31.09 -6.50 -76.30
C PRO ZB 4 30.65 -7.81 -76.91
N SER ZB 5 31.35 -8.31 -77.94
CA SER ZB 5 30.96 -9.59 -78.53
C SER ZB 5 31.10 -10.72 -77.52
N LEU ZB 6 32.26 -10.83 -76.88
CA LEU ZB 6 32.46 -11.85 -75.86
C LEU ZB 6 31.56 -11.61 -74.65
N ARG ZB 7 31.30 -10.34 -74.34
CA ARG ZB 7 30.42 -10.04 -73.21
C ARG ZB 7 29.01 -10.56 -73.47
N GLN ZB 8 28.49 -10.33 -74.67
CA GLN ZB 8 27.16 -10.84 -74.99
C GLN ZB 8 27.15 -12.34 -75.16
N LEU ZB 9 28.27 -12.95 -75.59
CA LEU ZB 9 28.34 -14.40 -75.60
C LEU ZB 9 28.22 -14.98 -74.20
N ALA ZB 10 28.91 -14.37 -73.23
CA ALA ZB 10 28.77 -14.83 -71.85
C ALA ZB 10 27.36 -14.56 -71.32
N GLN ZB 11 26.79 -13.41 -71.67
CA GLN ZB 11 25.45 -13.08 -71.19
C GLN ZB 11 24.38 -13.97 -71.80
N LYS ZB 12 24.64 -14.58 -72.96
CA LYS ZB 12 23.69 -15.55 -73.50
C LYS ZB 12 23.51 -16.73 -72.56
N TYR ZB 13 24.56 -17.12 -71.85
CA TYR ZB 13 24.49 -18.24 -70.92
C TYR ZB 13 24.23 -17.81 -69.49
N ASN ZB 14 24.53 -16.57 -69.13
CA ASN ZB 14 24.41 -16.16 -67.74
C ASN ZB 14 23.25 -15.22 -67.44
N CYS ZB 15 22.76 -14.46 -68.40
CA CYS ZB 15 21.78 -13.44 -68.05
C CYS ZB 15 20.50 -13.52 -68.87
N ASP ZB 16 20.56 -13.91 -70.13
CA ASP ZB 16 19.39 -13.87 -71.02
C ASP ZB 16 18.54 -15.11 -70.75
N LYS ZB 17 17.73 -15.04 -69.69
CA LYS ZB 17 17.00 -16.22 -69.25
C LYS ZB 17 15.72 -15.80 -68.55
N MET ZB 18 14.83 -16.78 -68.37
CA MET ZB 18 13.61 -16.62 -67.59
C MET ZB 18 13.80 -17.26 -66.21
N ILE ZB 19 13.04 -16.76 -65.25
CA ILE ZB 19 13.03 -17.28 -63.89
C ILE ZB 19 11.59 -17.61 -63.52
N CYS ZB 20 11.37 -18.81 -63.03
CA CYS ZB 20 10.06 -19.18 -62.51
C CYS ZB 20 9.81 -18.43 -61.22
N ARG ZB 21 8.62 -17.85 -61.07
CA ARG ZB 21 8.31 -17.10 -59.87
C ARG ZB 21 8.05 -18.01 -58.68
N LYS ZB 22 7.72 -19.28 -58.91
CA LYS ZB 22 7.41 -20.17 -57.81
C LYS ZB 22 8.62 -20.92 -57.30
N CYS ZB 23 9.51 -21.35 -58.19
CA CYS ZB 23 10.63 -22.19 -57.79
C CYS ZB 23 11.98 -21.68 -58.25
N TYR ZB 24 12.05 -20.46 -58.79
CA TYR ZB 24 13.30 -19.79 -59.14
C TYR ZB 24 14.13 -20.55 -60.17
N ALA ZB 25 13.53 -21.45 -60.93
CA ALA ZB 25 14.29 -22.22 -61.90
C ALA ZB 25 14.78 -21.33 -63.04
N ARG ZB 26 15.98 -21.64 -63.53
CA ARG ZB 26 16.60 -20.87 -64.60
C ARG ZB 26 16.19 -21.48 -65.94
N LEU ZB 27 15.32 -20.79 -66.67
CA LEU ZB 27 14.74 -21.31 -67.89
C LEU ZB 27 15.22 -20.51 -69.10
N HIS ZB 28 15.08 -21.11 -70.27
CA HIS ZB 28 15.54 -20.49 -71.51
C HIS ZB 28 14.69 -19.24 -71.81
N PRO ZB 29 15.24 -18.29 -72.57
CA PRO ZB 29 14.55 -17.01 -72.75
C PRO ZB 29 13.17 -17.10 -73.38
N ARG ZB 30 12.93 -18.07 -74.25
CA ARG ZB 30 11.65 -18.22 -74.91
C ARG ZB 30 10.69 -19.12 -74.14
N ALA ZB 31 10.94 -19.35 -72.86
CA ALA ZB 31 10.10 -20.24 -72.08
C ALA ZB 31 8.73 -19.63 -71.81
N VAL ZB 32 7.72 -20.50 -71.76
CA VAL ZB 32 6.39 -20.11 -71.34
C VAL ZB 32 5.99 -20.78 -70.04
N ASN ZB 33 6.39 -22.05 -69.85
CA ASN ZB 33 6.10 -22.80 -68.65
C ASN ZB 33 7.41 -23.27 -68.02
N CYS ZB 34 7.41 -23.37 -66.70
CA CYS ZB 34 8.56 -23.96 -66.02
C CYS ZB 34 8.63 -25.44 -66.31
N ARG ZB 35 9.85 -25.97 -66.33
CA ARG ZB 35 10.09 -27.35 -66.69
C ARG ZB 35 10.12 -28.28 -65.50
N LYS ZB 36 9.83 -27.78 -64.30
CA LYS ZB 36 10.01 -28.55 -63.08
C LYS ZB 36 8.67 -28.91 -62.47
N LYS ZB 37 8.60 -30.14 -61.94
CA LYS ZB 37 7.34 -30.65 -61.41
C LYS ZB 37 6.95 -29.96 -60.12
N LYS ZB 38 7.91 -29.57 -59.31
CA LYS ZB 38 7.62 -29.10 -57.96
C LYS ZB 38 6.84 -27.79 -57.94
N CYS ZB 39 6.78 -27.08 -59.06
CA CYS ZB 39 5.90 -25.93 -59.19
C CYS ZB 39 4.68 -26.23 -60.05
N GLY ZB 40 4.59 -27.43 -60.60
CA GLY ZB 40 3.45 -27.79 -61.42
C GLY ZB 40 3.52 -27.25 -62.83
N HIS ZB 41 4.72 -27.04 -63.37
CA HIS ZB 41 4.92 -26.50 -64.71
C HIS ZB 41 4.20 -25.17 -64.89
N THR ZB 42 4.28 -24.32 -63.88
CA THR ZB 42 3.54 -23.06 -63.90
C THR ZB 42 4.08 -22.14 -64.99
N ASN ZB 43 3.20 -21.26 -65.47
CA ASN ZB 43 3.56 -20.25 -66.46
C ASN ZB 43 3.80 -18.89 -65.82
N ASN ZB 44 3.89 -18.83 -64.50
CA ASN ZB 44 4.29 -17.62 -63.80
C ASN ZB 44 5.80 -17.46 -63.92
N LEU ZB 45 6.23 -16.79 -64.99
CA LEU ZB 45 7.64 -16.56 -65.22
C LEU ZB 45 7.90 -15.07 -65.34
N ARG ZB 46 9.15 -14.69 -65.07
CA ARG ZB 46 9.59 -13.32 -65.23
C ARG ZB 46 10.97 -13.34 -65.89
N PRO ZB 47 11.40 -12.26 -66.50
CA PRO ZB 47 12.77 -12.21 -66.99
C PRO ZB 47 13.76 -12.19 -65.85
N LYS ZB 48 14.96 -12.70 -66.10
CA LYS ZB 48 16.04 -12.55 -65.13
C LYS ZB 48 16.44 -11.09 -65.05
N LYS ZB 49 16.63 -10.60 -63.84
CA LYS ZB 49 16.90 -9.19 -63.65
C LYS ZB 49 18.27 -8.83 -64.20
N LYS ZB 50 18.37 -7.67 -64.82
CA LYS ZB 50 19.62 -7.18 -65.37
C LYS ZB 50 20.38 -6.37 -64.32
N VAL ZB 51 21.64 -6.08 -64.63
CA VAL ZB 51 22.50 -5.34 -63.71
C VAL ZB 51 22.34 -3.84 -63.91
N LYS ZB 52 21.35 -3.46 -64.71
CA LYS ZB 52 21.09 -2.05 -64.98
C LYS ZB 52 20.21 -1.45 -63.90
N MET AC 1 3.58 35.20 24.76
CA MET AC 1 4.93 34.69 24.98
C MET AC 1 5.50 34.15 23.69
N ARG AC 2 5.66 35.02 22.69
CA ARG AC 2 6.07 34.55 21.37
C ARG AC 2 7.45 33.93 21.40
N ALA AC 3 8.39 34.53 22.14
CA ALA AC 3 9.73 33.95 22.23
C ALA AC 3 9.71 32.60 22.94
N LYS AC 4 8.91 32.48 24.00
CA LYS AC 4 8.79 31.20 24.70
C LYS AC 4 8.20 30.14 23.78
N TRP AC 5 7.19 30.49 22.99
CA TRP AC 5 6.59 29.50 22.11
C TRP AC 5 7.51 29.15 20.95
N ARG AC 6 8.32 30.11 20.50
CA ARG AC 6 9.35 29.79 19.52
C ARG AC 6 10.39 28.84 20.10
N LYS AC 7 10.75 29.02 21.37
CA LYS AC 7 11.64 28.08 22.04
C LYS AC 7 11.04 26.69 22.09
N LYS AC 8 9.75 26.60 22.43
CA LYS AC 8 9.08 25.31 22.47
C LYS AC 8 9.03 24.66 21.09
N ARG AC 9 8.75 25.45 20.06
CA ARG AC 9 8.75 24.95 18.70
C ARG AC 9 10.12 24.42 18.29
N MET AC 10 11.17 25.15 18.66
CA MET AC 10 12.53 24.69 18.38
C MET AC 10 12.83 23.38 19.08
N ARG AC 11 12.35 23.22 20.31
CA ARG AC 11 12.57 21.97 21.02
C ARG AC 11 11.87 20.81 20.35
N ARG AC 12 10.62 21.01 19.91
CA ARG AC 12 9.93 19.93 19.19
C ARG AC 12 10.66 19.58 17.89
N LEU AC 13 11.14 20.60 17.17
CA LEU AC 13 11.89 20.34 15.95
C LEU AC 13 13.18 19.57 16.23
N LYS AC 14 13.87 19.92 17.32
CA LYS AC 14 15.09 19.20 17.67
C LYS AC 14 14.80 17.75 18.00
N ARG AC 15 13.70 17.49 18.70
CA ARG AC 15 13.33 16.10 18.99
C ARG AC 15 13.06 15.33 17.70
N LYS AC 16 12.35 15.95 16.75
CA LYS AC 16 12.11 15.32 15.47
C LYS AC 16 13.42 15.02 14.74
N ARG AC 17 14.36 15.97 14.77
CA ARG AC 17 15.64 15.77 14.11
C ARG AC 17 16.41 14.61 14.74
N ARG AC 18 16.41 14.53 16.07
CA ARG AC 18 17.07 13.42 16.74
C ARG AC 18 16.46 12.09 16.32
N LYS AC 19 15.13 12.04 16.26
CA LYS AC 19 14.47 10.80 15.87
C LYS AC 19 14.83 10.38 14.46
N MET AC 20 14.81 11.32 13.51
CA MET AC 20 15.17 10.99 12.13
C MET AC 20 16.62 10.53 12.03
N ARG AC 21 17.54 11.22 12.73
CA ARG AC 21 18.94 10.84 12.67
C ARG AC 21 19.18 9.47 13.28
N GLN AC 22 18.53 9.16 14.40
CA GLN AC 22 18.69 7.83 14.99
C GLN AC 22 18.10 6.76 14.10
N ARG AC 23 17.04 7.10 13.35
CA ARG AC 23 16.55 6.17 12.34
C ARG AC 23 17.61 5.89 11.27
N SER AC 24 18.14 6.95 10.67
CA SER AC 24 19.10 6.76 9.58
C SER AC 24 20.54 6.82 10.08
N VAL BC 1 -60.62 -3.97 -5.27
CA VAL BC 1 -61.90 -3.87 -5.95
C VAL BC 1 -62.88 -3.10 -5.08
N ASN BC 2 -64.01 -2.73 -5.67
CA ASN BC 2 -65.04 -1.96 -4.97
C ASN BC 2 -66.38 -2.66 -5.15
N VAL BC 3 -66.99 -3.09 -4.04
CA VAL BC 3 -68.30 -3.71 -4.11
C VAL BC 3 -69.27 -2.89 -3.26
N PRO BC 4 -70.52 -2.77 -3.66
CA PRO BC 4 -71.48 -1.96 -2.91
C PRO BC 4 -71.88 -2.63 -1.61
N LYS BC 5 -72.35 -1.82 -0.68
CA LYS BC 5 -72.73 -2.30 0.64
C LYS BC 5 -74.03 -3.08 0.64
N THR BC 6 -74.83 -2.99 -0.42
CA THR BC 6 -76.06 -3.75 -0.53
C THR BC 6 -76.10 -4.43 -1.89
N ARG BC 7 -76.75 -5.58 -1.95
CA ARG BC 7 -76.99 -6.21 -3.24
C ARG BC 7 -78.25 -7.06 -3.17
N ARG BC 8 -78.92 -7.19 -4.29
CA ARG BC 8 -80.11 -8.01 -4.38
C ARG BC 8 -79.71 -9.36 -4.96
N THR BC 9 -79.83 -10.41 -4.17
CA THR BC 9 -79.40 -11.73 -4.59
C THR BC 9 -80.25 -12.79 -3.92
N PHE BC 10 -80.04 -14.03 -4.32
CA PHE BC 10 -80.89 -15.13 -3.88
C PHE BC 10 -80.74 -15.36 -2.38
N CYS BC 11 -81.87 -15.56 -1.71
CA CYS BC 11 -81.89 -15.94 -0.30
C CYS BC 11 -82.35 -17.38 -0.20
N LYS BC 12 -81.52 -18.23 0.40
CA LYS BC 12 -81.84 -19.65 0.48
C LYS BC 12 -83.06 -19.89 1.36
N LYS BC 13 -83.15 -19.19 2.50
CA LYS BC 13 -84.29 -19.37 3.37
C LYS BC 13 -85.56 -18.79 2.77
N CYS BC 14 -85.48 -17.57 2.21
CA CYS BC 14 -86.63 -16.99 1.55
C CYS BC 14 -87.01 -17.76 0.29
N GLY BC 15 -86.04 -18.41 -0.34
CA GLY BC 15 -86.31 -19.11 -1.57
C GLY BC 15 -86.49 -18.21 -2.77
N LYS BC 16 -86.01 -16.97 -2.70
CA LYS BC 16 -86.22 -16.01 -3.77
C LYS BC 16 -85.16 -14.92 -3.64
N HIS BC 17 -85.08 -14.08 -4.67
CA HIS BC 17 -84.17 -12.94 -4.63
C HIS BC 17 -84.66 -11.90 -3.65
N GLN BC 18 -83.76 -11.43 -2.79
CA GLN BC 18 -84.06 -10.48 -1.75
C GLN BC 18 -82.91 -9.49 -1.64
N PRO BC 19 -83.15 -8.29 -1.10
CA PRO BC 19 -82.05 -7.40 -0.77
C PRO BC 19 -81.21 -7.97 0.36
N HIS BC 20 -79.94 -7.64 0.34
CA HIS BC 20 -78.95 -8.15 1.28
C HIS BC 20 -78.00 -7.03 1.64
N LYS BC 21 -77.62 -6.99 2.91
CA LYS BC 21 -76.58 -6.12 3.40
C LYS BC 21 -75.25 -6.85 3.33
N VAL BC 22 -74.23 -6.19 2.80
CA VAL BC 22 -72.94 -6.81 2.52
C VAL BC 22 -71.92 -6.25 3.49
N THR BC 23 -71.25 -7.13 4.23
CA THR BC 23 -70.09 -6.77 5.03
C THR BC 23 -68.93 -7.67 4.65
N GLN BC 24 -67.78 -7.44 5.26
CA GLN BC 24 -66.61 -8.28 5.02
C GLN BC 24 -66.45 -9.26 6.17
N TYR BC 25 -66.38 -10.55 5.83
CA TYR BC 25 -66.18 -11.59 6.82
C TYR BC 25 -64.79 -11.49 7.43
N LYS BC 26 -64.73 -11.60 8.75
CA LYS BC 26 -63.47 -11.67 9.47
C LYS BC 26 -63.45 -12.91 10.34
N LYS BC 27 -62.31 -13.58 10.37
CA LYS BC 27 -62.18 -14.81 11.13
C LYS BC 27 -62.38 -14.57 12.61
N GLY BC 28 -63.19 -15.41 13.24
CA GLY BC 28 -63.41 -15.29 14.67
C GLY BC 28 -62.22 -15.78 15.47
N LYS BC 29 -62.27 -15.51 16.77
CA LYS BC 29 -61.22 -15.97 17.66
C LYS BC 29 -61.36 -17.46 17.92
N ASP BC 30 -60.24 -18.10 18.22
CA ASP BC 30 -60.22 -19.53 18.45
C ASP BC 30 -60.89 -19.89 19.77
N SER BC 31 -61.52 -21.06 19.80
CA SER BC 31 -62.40 -21.40 20.91
C SER BC 31 -61.66 -21.83 22.16
N LEU BC 32 -60.47 -22.43 22.00
CA LEU BC 32 -59.66 -23.02 23.07
C LEU BC 32 -60.31 -24.29 23.61
N TYR BC 33 -61.53 -24.57 23.18
CA TYR BC 33 -62.21 -25.82 23.53
C TYR BC 33 -62.69 -26.55 22.30
N ALA BC 34 -62.28 -26.12 21.12
CA ALA BC 34 -62.44 -26.95 19.94
C ALA BC 34 -61.59 -28.20 20.11
N GLN BC 35 -62.05 -29.30 19.51
CA GLN BC 35 -61.42 -30.59 19.77
C GLN BC 35 -59.97 -30.60 19.32
N GLY BC 36 -59.67 -29.97 18.19
CA GLY BC 36 -58.30 -29.91 17.72
C GLY BC 36 -57.42 -29.07 18.61
N LYS BC 37 -57.96 -27.97 19.14
CA LYS BC 37 -57.19 -27.17 20.08
C LYS BC 37 -56.93 -27.92 21.38
N ARG BC 38 -57.92 -28.68 21.86
CA ARG BC 38 -57.72 -29.50 23.05
C ARG BC 38 -56.64 -30.55 22.80
N ARG BC 39 -56.69 -31.21 21.65
CA ARG BC 39 -55.69 -32.20 21.31
C ARG BC 39 -54.31 -31.59 21.20
N TYR BC 40 -54.23 -30.41 20.60
CA TYR BC 40 -52.95 -29.71 20.50
C TYR BC 40 -52.40 -29.34 21.87
N ASP BC 41 -53.25 -28.84 22.75
CA ASP BC 41 -52.79 -28.45 24.08
C ASP BC 41 -52.30 -29.65 24.86
N ARG BC 42 -53.04 -30.76 24.79
CA ARG BC 42 -52.58 -31.98 25.46
C ARG BC 42 -51.27 -32.47 24.87
N LYS BC 43 -51.11 -32.39 23.56
CA LYS BC 43 -49.88 -32.83 22.91
C LYS BC 43 -48.70 -31.95 23.32
N GLN BC 44 -48.93 -30.65 23.45
CA GLN BC 44 -47.85 -29.72 23.76
C GLN BC 44 -47.50 -29.71 25.24
N SER BC 45 -48.41 -30.14 26.11
CA SER BC 45 -48.08 -30.20 27.52
C SER BC 45 -46.99 -31.24 27.77
N GLY BC 46 -46.07 -30.90 28.67
CA GLY BC 46 -45.00 -31.81 29.02
C GLY BC 46 -43.69 -31.49 28.35
N TYR BC 47 -42.89 -32.52 28.10
CA TYR BC 47 -41.60 -32.37 27.42
C TYR BC 47 -41.71 -32.90 26.00
N GLY BC 48 -40.80 -32.44 25.15
CA GLY BC 48 -40.81 -32.85 23.77
C GLY BC 48 -40.77 -31.67 22.82
N GLY BC 49 -41.03 -30.48 23.34
CA GLY BC 49 -40.99 -29.30 22.51
C GLY BC 49 -42.17 -29.21 21.58
N GLN BC 50 -41.95 -28.58 20.43
CA GLN BC 50 -43.02 -28.40 19.46
C GLN BC 50 -43.34 -29.73 18.80
N THR BC 51 -44.63 -30.06 18.75
CA THR BC 51 -45.09 -31.36 18.29
C THR BC 51 -45.85 -31.31 16.98
N LYS BC 52 -46.18 -30.12 16.48
CA LYS BC 52 -46.88 -29.95 15.22
C LYS BC 52 -46.10 -28.96 14.37
N PRO BC 53 -46.19 -29.05 13.04
CA PRO BC 53 -45.45 -28.13 12.18
C PRO BC 53 -45.93 -26.69 12.34
N ILE BC 54 -44.99 -25.77 12.18
CA ILE BC 54 -45.27 -24.34 12.11
C ILE BC 54 -44.88 -23.87 10.73
N PHE BC 55 -45.85 -23.33 9.99
CA PHE BC 55 -45.72 -23.15 8.55
C PHE BC 55 -44.51 -22.33 8.11
N ARG BC 56 -44.47 -21.05 8.47
CA ARG BC 56 -43.37 -20.11 8.19
C ARG BC 56 -42.77 -20.20 6.79
N LYS BC 57 -43.58 -20.44 5.76
CA LYS BC 57 -43.10 -20.49 4.39
C LYS BC 57 -44.07 -19.75 3.48
N LYS BC 58 -44.46 -18.55 3.89
CA LYS BC 58 -45.52 -17.82 3.20
C LYS BC 58 -45.12 -17.46 1.77
N ALA BC 59 -46.06 -17.63 0.86
CA ALA BC 59 -45.87 -17.26 -0.54
C ALA BC 59 -46.98 -16.37 -1.06
N LYS BC 60 -48.22 -16.60 -0.65
CA LYS BC 60 -49.32 -15.75 -1.07
C LYS BC 60 -49.19 -14.36 -0.48
N THR BC 61 -49.63 -13.37 -1.23
CA THR BC 61 -49.63 -11.99 -0.76
C THR BC 61 -51.02 -11.45 -0.51
N THR BC 62 -52.06 -12.13 -0.97
CA THR BC 62 -53.43 -11.69 -0.86
C THR BC 62 -54.26 -12.77 -0.18
N LYS BC 63 -55.55 -12.50 -0.03
CA LYS BC 63 -56.50 -13.47 0.46
C LYS BC 63 -57.74 -13.39 -0.40
N LYS BC 64 -58.47 -14.49 -0.49
CA LYS BC 64 -59.79 -14.46 -1.10
C LYS BC 64 -60.74 -13.75 -0.16
N ILE BC 65 -61.37 -12.69 -0.63
CA ILE BC 65 -62.24 -11.88 0.22
C ILE BC 65 -63.59 -12.55 0.30
N VAL BC 66 -64.08 -12.75 1.53
CA VAL BC 66 -65.40 -13.33 1.77
C VAL BC 66 -66.36 -12.22 2.16
N LEU BC 67 -67.47 -12.15 1.46
CA LEU BC 67 -68.52 -11.20 1.79
C LEU BC 67 -69.57 -11.90 2.62
N ARG BC 68 -69.87 -11.32 3.77
CA ARG BC 68 -70.96 -11.76 4.62
C ARG BC 68 -72.23 -11.08 4.13
N LEU BC 69 -73.12 -11.85 3.57
CA LEU BC 69 -74.42 -11.37 3.13
C LEU BC 69 -75.41 -11.54 4.27
N GLU BC 70 -76.36 -10.62 4.39
CA GLU BC 70 -77.43 -10.75 5.37
C GLU BC 70 -78.73 -10.33 4.73
N CYS BC 71 -79.69 -11.25 4.66
CA CYS BC 71 -81.01 -10.92 4.15
C CYS BC 71 -81.66 -9.87 5.06
N VAL BC 72 -82.23 -8.84 4.43
CA VAL BC 72 -82.80 -7.73 5.18
C VAL BC 72 -84.25 -7.94 5.55
N GLU BC 73 -84.88 -9.02 5.11
CA GLU BC 73 -86.25 -9.29 5.50
C GLU BC 73 -86.31 -9.55 6.99
N PRO BC 74 -87.18 -8.88 7.74
CA PRO BC 74 -87.13 -8.95 9.20
C PRO BC 74 -87.33 -10.35 9.76
N ASN BC 75 -88.14 -11.18 9.12
CA ASN BC 75 -88.35 -12.54 9.58
C ASN BC 75 -87.29 -13.50 9.08
N CYS BC 76 -86.35 -13.03 8.29
CA CYS BC 76 -85.28 -13.85 7.71
C CYS BC 76 -83.98 -13.07 7.76
N ARG BC 77 -83.21 -13.27 8.82
CA ARG BC 77 -81.88 -12.68 8.93
C ARG BC 77 -80.81 -13.64 8.47
N SER BC 78 -81.15 -14.51 7.52
CA SER BC 78 -80.24 -15.56 7.08
C SER BC 78 -78.99 -14.96 6.46
N LYS BC 79 -77.86 -15.60 6.71
CA LYS BC 79 -76.57 -15.11 6.24
C LYS BC 79 -75.93 -16.11 5.30
N ARG BC 80 -74.98 -15.62 4.52
CA ARG BC 80 -74.31 -16.44 3.53
C ARG BC 80 -72.91 -15.89 3.33
N MET BC 81 -72.02 -16.76 2.86
CA MET BC 81 -70.64 -16.41 2.56
C MET BC 81 -70.44 -16.46 1.05
N LEU BC 82 -70.12 -15.31 0.46
CA LEU BC 82 -69.70 -15.26 -0.94
C LEU BC 82 -68.23 -14.92 -1.01
N ALA BC 83 -67.48 -15.71 -1.74
CA ALA BC 83 -66.05 -15.50 -1.93
C ALA BC 83 -65.80 -14.91 -3.30
N ILE BC 84 -64.99 -13.86 -3.36
CA ILE BC 84 -64.59 -13.26 -4.62
C ILE BC 84 -63.12 -13.55 -4.82
N LYS BC 85 -62.57 -13.13 -5.95
CA LYS BC 85 -61.20 -13.48 -6.28
C LYS BC 85 -60.22 -12.73 -5.37
N ARG BC 86 -58.95 -13.03 -5.53
CA ARG BC 86 -57.90 -12.42 -4.74
C ARG BC 86 -57.67 -10.98 -5.19
N CYS BC 87 -57.70 -10.05 -4.23
CA CYS BC 87 -57.45 -8.66 -4.53
C CYS BC 87 -56.52 -8.08 -3.47
N LYS BC 88 -55.60 -7.22 -3.92
CA LYS BC 88 -54.70 -6.58 -2.97
C LYS BC 88 -55.43 -5.50 -2.17
N HIS BC 89 -56.28 -4.72 -2.82
CA HIS BC 89 -57.02 -3.64 -2.16
C HIS BC 89 -58.50 -3.87 -2.34
N PHE BC 90 -59.23 -3.87 -1.23
CA PHE BC 90 -60.67 -4.12 -1.23
C PHE BC 90 -61.35 -3.02 -0.43
N GLU BC 91 -62.37 -2.39 -1.03
CA GLU BC 91 -63.15 -1.37 -0.36
C GLU BC 91 -64.62 -1.73 -0.45
N LEU BC 92 -65.35 -1.49 0.62
CA LEU BC 92 -66.77 -1.78 0.69
C LEU BC 92 -67.55 -0.49 0.52
N GLY BC 93 -68.37 -0.43 -0.53
CA GLY BC 93 -69.20 0.73 -0.76
C GLY BC 93 -68.43 2.01 -0.99
N GLY BC 94 -67.36 1.94 -1.78
CA GLY BC 94 -66.58 3.12 -2.10
C GLY BC 94 -67.31 4.00 -3.09
N ASP BC 95 -66.69 5.15 -3.36
CA ASP BC 95 -67.24 6.08 -4.32
C ASP BC 95 -67.14 5.51 -5.74
N LYS BC 96 -68.23 5.61 -6.49
CA LYS BC 96 -68.26 5.02 -7.81
C LYS BC 96 -67.46 5.84 -8.80
N LYS BC 97 -67.02 5.19 -9.86
CA LYS BC 97 -66.20 5.83 -10.88
C LYS BC 97 -67.07 6.55 -11.89
N ARG BC 98 -66.51 7.59 -12.48
CA ARG BC 98 -67.15 8.34 -13.56
C ARG BC 98 -66.21 8.39 -14.75
N LYS BC 99 -66.78 8.43 -15.94
CA LYS BC 99 -66.01 8.26 -17.17
C LYS BC 99 -65.50 9.59 -17.73
N GLY BC 100 -66.39 10.52 -18.03
CA GLY BC 100 -65.97 11.76 -18.66
C GLY BC 100 -65.45 12.79 -17.69
N GLN BC 101 -64.36 12.49 -17.00
CA GLN BC 101 -63.79 13.39 -16.01
C GLN BC 101 -62.31 13.62 -16.28
N VAL BC 102 -61.80 14.72 -15.77
CA VAL BC 102 -60.41 15.07 -15.93
C VAL BC 102 -59.59 14.44 -14.80
N ILE BC 103 -58.30 14.32 -15.02
CA ILE BC 103 -57.40 13.86 -13.97
C ILE BC 103 -56.97 15.05 -13.13
N GLN BC 104 -57.15 14.95 -11.82
CA GLN BC 104 -56.92 16.08 -10.93
C GLN BC 104 -55.44 16.45 -10.89
N PHE BC 105 -55.18 17.75 -10.93
CA PHE BC 105 -53.82 18.28 -10.95
C PHE BC 105 -53.17 18.17 -9.57
N ALA CC 1 39.38 -1.96 42.84
CA ALA CC 1 38.91 -0.98 41.87
C ALA CC 1 37.40 -1.02 41.73
N LYS CC 2 36.82 0.03 41.17
CA LYS CC 2 35.40 0.01 40.88
C LYS CC 2 35.14 -0.96 39.73
N ARG CC 3 34.18 -1.85 39.93
CA ARG CC 3 33.97 -2.94 38.98
C ARG CC 3 32.84 -2.68 38.02
N THR CC 4 31.79 -1.98 38.43
CA THR CC 4 30.70 -1.60 37.55
C THR CC 4 30.44 -0.11 37.71
N LYS CC 5 30.09 0.54 36.61
CA LYS CC 5 29.80 1.96 36.67
C LYS CC 5 28.50 2.24 37.40
N LYS CC 6 27.42 1.54 37.04
CA LYS CC 6 26.12 1.90 37.59
C LYS CC 6 25.24 0.74 38.04
N VAL CC 7 25.43 -0.49 37.54
CA VAL CC 7 24.47 -1.54 37.87
C VAL CC 7 24.61 -1.95 39.33
N GLY CC 8 25.83 -2.06 39.83
CA GLY CC 8 26.03 -2.46 41.21
C GLY CC 8 25.55 -3.86 41.51
N ILE CC 9 24.64 -3.98 42.47
CA ILE CC 9 24.22 -5.30 42.95
C ILE CC 9 23.45 -6.08 41.90
N VAL CC 10 22.84 -5.42 40.92
CA VAL CC 10 22.04 -6.13 39.93
C VAL CC 10 22.91 -6.48 38.75
N GLY CC 11 24.23 -6.45 38.94
CA GLY CC 11 25.10 -7.00 37.93
C GLY CC 11 24.97 -8.50 37.76
N LYS CC 12 24.39 -9.17 38.76
CA LYS CC 12 24.15 -10.60 38.66
C LYS CC 12 23.10 -10.94 37.62
N TYR CC 13 22.21 -10.00 37.29
CA TYR CC 13 21.13 -10.27 36.36
C TYR CC 13 21.54 -10.08 34.91
N GLY CC 14 22.78 -9.66 34.66
CA GLY CC 14 23.25 -9.58 33.29
C GLY CC 14 22.52 -8.52 32.50
N THR CC 15 22.20 -8.86 31.24
CA THR CC 15 21.49 -7.97 30.36
C THR CC 15 19.98 -8.20 30.39
N ARG CC 16 19.50 -9.03 31.30
CA ARG CC 16 18.13 -9.51 31.26
C ARG CC 16 17.19 -8.59 32.02
N TYR CC 17 15.90 -8.74 31.71
CA TYR CC 17 14.72 -8.24 32.41
C TYR CC 17 14.46 -6.75 32.19
N GLY CC 18 15.35 -6.01 31.52
CA GLY CC 18 15.08 -4.62 31.28
C GLY CC 18 15.74 -3.69 32.27
N ALA CC 19 16.25 -2.56 31.78
CA ALA CC 19 17.01 -1.66 32.62
C ALA CC 19 16.15 -1.07 33.73
N SER CC 20 14.92 -0.70 33.42
CA SER CC 20 14.05 -0.12 34.42
C SER CC 20 13.69 -1.14 35.50
N LEU CC 21 13.45 -2.38 35.11
CA LEU CC 21 13.14 -3.41 36.10
C LEU CC 21 14.35 -3.71 36.98
N ARG CC 22 15.54 -3.77 36.40
CA ARG CC 22 16.74 -3.96 37.20
C ARG CC 22 16.97 -2.78 38.15
N LYS CC 23 16.75 -1.56 37.66
CA LYS CC 23 16.90 -0.38 38.49
C LYS CC 23 15.90 -0.37 39.64
N MET CC 24 14.66 -0.78 39.36
CA MET CC 24 13.65 -0.86 40.40
C MET CC 24 14.01 -1.89 41.45
N VAL CC 25 14.48 -3.07 41.03
CA VAL CC 25 14.77 -4.13 41.98
C VAL CC 25 16.09 -3.89 42.70
N LYS CC 26 16.93 -2.98 42.20
CA LYS CC 26 18.23 -2.74 42.85
C LYS CC 26 18.06 -2.19 44.26
N LYS CC 27 17.23 -1.16 44.42
CA LYS CC 27 17.03 -0.57 45.75
C LYS CC 27 16.44 -1.58 46.72
N ILE CC 28 15.47 -2.36 46.25
CA ILE CC 28 14.84 -3.36 47.10
C ILE CC 28 15.84 -4.43 47.50
N GLU CC 29 16.68 -4.88 46.58
CA GLU CC 29 17.67 -5.90 46.95
C GLU CC 29 18.70 -5.37 47.92
N ILE CC 30 19.13 -4.11 47.74
CA ILE CC 30 20.07 -3.53 48.70
C ILE CC 30 19.45 -3.45 50.09
N SER CC 31 18.22 -2.96 50.18
CA SER CC 31 17.59 -2.84 51.49
C SER CC 31 17.24 -4.20 52.08
N GLN CC 32 16.99 -5.19 51.22
CA GLN CC 32 16.59 -6.51 51.69
C GLN CC 32 17.78 -7.30 52.21
N HIS CC 33 18.95 -7.12 51.61
CA HIS CC 33 20.14 -7.83 52.06
C HIS CC 33 21.02 -6.99 52.97
N ALA CC 34 20.65 -5.74 53.26
CA ALA CC 34 21.42 -4.94 54.18
C ALA CC 34 21.24 -5.44 55.61
N LYS CC 35 22.22 -5.16 56.45
CA LYS CC 35 22.18 -5.47 57.87
C LYS CC 35 21.89 -4.19 58.63
N TYR CC 36 20.81 -4.19 59.40
CA TYR CC 36 20.41 -3.02 60.15
C TYR CC 36 20.97 -3.10 61.57
N THR CC 37 20.92 -1.95 62.25
CA THR CC 37 21.34 -1.90 63.65
C THR CC 37 20.18 -2.34 64.52
N CYS CC 38 20.41 -3.36 65.34
CA CYS CC 38 19.36 -3.85 66.23
C CYS CC 38 19.08 -2.81 67.29
N SER CC 39 17.80 -2.48 67.46
CA SER CC 39 17.41 -1.50 68.46
C SER CC 39 17.38 -2.07 69.86
N PHE CC 40 17.58 -3.38 70.02
CA PHE CC 40 17.55 -4.02 71.32
C PHE CC 40 18.94 -4.20 71.91
N CYS CC 41 19.95 -4.46 71.08
CA CYS CC 41 21.30 -4.67 71.57
C CYS CC 41 22.30 -3.68 71.02
N GLY CC 42 21.92 -2.88 70.03
CA GLY CC 42 22.82 -1.88 69.48
C GLY CC 42 23.79 -2.39 68.44
N LYS CC 43 23.76 -3.68 68.12
CA LYS CC 43 24.68 -4.23 67.15
C LYS CC 43 24.08 -4.19 65.76
N THR CC 44 24.96 -4.12 64.76
CA THR CC 44 24.56 -4.17 63.36
C THR CC 44 24.47 -5.63 62.89
N LYS CC 45 23.59 -6.36 63.54
CA LYS CC 45 23.45 -7.79 63.29
C LYS CC 45 22.01 -8.21 63.06
N MET CC 46 21.12 -7.27 62.74
CA MET CC 46 19.73 -7.58 62.49
C MET CC 46 19.52 -7.69 60.98
N LYS CC 47 19.21 -8.89 60.50
CA LYS CC 47 19.08 -9.12 59.08
C LYS CC 47 17.85 -9.96 58.81
N ARG CC 48 17.39 -9.92 57.56
CA ARG CC 48 16.15 -10.58 57.18
C ARG CC 48 16.32 -12.09 57.13
N ARG CC 49 15.38 -12.80 57.73
CA ARG CC 49 15.33 -14.25 57.66
C ARG CC 49 14.41 -14.71 56.54
N ALA CC 50 13.14 -14.35 56.62
CA ALA CC 50 12.17 -14.58 55.56
C ALA CC 50 11.48 -13.26 55.27
N VAL CC 51 10.50 -13.28 54.37
CA VAL CC 51 9.81 -12.04 54.03
C VAL CC 51 8.99 -11.58 55.23
N GLY CC 52 9.28 -10.37 55.70
CA GLY CC 52 8.62 -9.83 56.86
C GLY CC 52 9.22 -10.21 58.20
N ILE CC 53 10.21 -11.08 58.23
CA ILE CC 53 10.80 -11.58 59.47
C ILE CC 53 12.23 -11.11 59.55
N TRP CC 54 12.58 -10.44 60.64
CA TRP CC 54 13.91 -9.87 60.81
C TRP CC 54 14.51 -10.39 62.11
N HIS CC 55 15.62 -11.10 62.01
CA HIS CC 55 16.23 -11.76 63.14
C HIS CC 55 17.56 -11.10 63.44
N CYS CC 56 17.84 -10.89 64.73
CA CYS CC 56 19.15 -10.41 65.16
C CYS CC 56 20.00 -11.61 65.53
N GLY CC 57 21.21 -11.66 64.97
CA GLY CC 57 22.10 -12.77 65.31
C GLY CC 57 22.66 -12.69 66.71
N SER CC 58 22.73 -11.49 67.28
CA SER CC 58 23.40 -11.31 68.56
C SER CC 58 22.47 -11.63 69.73
N CYS CC 59 21.39 -10.87 69.87
CA CYS CC 59 20.48 -11.06 70.99
C CYS CC 59 19.36 -12.02 70.67
N MET CC 60 19.35 -12.61 69.47
CA MET CC 60 18.39 -13.64 69.08
C MET CC 60 16.96 -13.15 69.16
N LYS CC 61 16.73 -11.88 68.84
CA LYS CC 61 15.41 -11.28 68.85
C LYS CC 61 14.85 -11.28 67.44
N THR CC 62 13.62 -11.74 67.29
CA THR CC 62 12.93 -11.79 66.01
C THR CC 62 11.82 -10.74 66.01
N VAL CC 63 11.77 -9.94 64.95
CA VAL CC 63 10.83 -8.84 64.82
C VAL CC 63 10.03 -9.04 63.54
N ALA CC 64 8.76 -8.68 63.58
CA ALA CC 64 7.92 -8.68 62.39
C ALA CC 64 7.99 -7.29 61.76
N GLY CC 65 8.70 -7.18 60.65
CA GLY CC 65 8.85 -5.92 59.98
C GLY CC 65 8.37 -5.96 58.54
N GLY CC 66 8.96 -5.15 57.68
CA GLY CC 66 8.53 -5.08 56.30
C GLY CC 66 9.12 -6.19 55.45
N ALA CC 67 8.61 -6.29 54.22
CA ALA CC 67 9.05 -7.31 53.30
C ALA CC 67 10.51 -7.13 52.92
N TRP CC 68 10.92 -5.91 52.64
CA TRP CC 68 12.28 -5.61 52.22
C TRP CC 68 13.04 -4.72 53.17
N THR CC 69 12.36 -3.81 53.86
CA THR CC 69 12.99 -2.96 54.85
C THR CC 69 12.67 -3.48 56.25
N TYR CC 70 13.47 -3.05 57.22
CA TYR CC 70 13.25 -3.48 58.59
C TYR CC 70 11.90 -3.01 59.12
N ASN CC 71 11.54 -1.76 58.85
CA ASN CC 71 10.21 -1.28 59.17
C ASN CC 71 9.72 -0.39 58.04
N THR CC 72 8.41 -0.34 57.88
CA THR CC 72 7.82 0.44 56.80
C THR CC 72 7.29 1.78 57.32
N THR CC 73 7.21 2.73 56.40
CA THR CC 73 6.76 4.07 56.74
C THR CC 73 5.33 4.04 57.29
N SER CC 74 4.47 3.23 56.68
CA SER CC 74 3.11 3.10 57.18
C SER CC 74 3.12 2.58 58.61
N ALA CC 75 3.94 1.57 58.89
CA ALA CC 75 4.01 1.02 60.24
C ALA CC 75 4.48 2.07 61.24
N VAL CC 76 5.49 2.86 60.88
CA VAL CC 76 6.01 3.86 61.82
C VAL CC 76 4.96 4.93 62.09
N THR CC 77 4.33 5.45 61.04
CA THR CC 77 3.31 6.47 61.24
C THR CC 77 2.13 5.93 62.03
N VAL CC 78 1.77 4.67 61.80
CA VAL CC 78 0.67 4.07 62.53
C VAL CC 78 1.01 3.90 64.00
N LYS CC 79 2.25 3.50 64.29
CA LYS CC 79 2.66 3.35 65.68
C LYS CC 79 2.61 4.70 66.40
N SER CC 80 3.07 5.76 65.74
CA SER CC 80 2.99 7.08 66.34
C SER CC 80 1.55 7.51 66.56
N ALA CC 81 0.68 7.23 65.58
CA ALA CC 81 -0.73 7.59 65.71
C ALA CC 81 -1.41 6.84 66.86
N ILE CC 82 -1.08 5.55 67.02
CA ILE CC 82 -1.64 4.78 68.12
C ILE CC 82 -1.14 5.31 69.45
N ARG CC 83 0.13 5.70 69.51
CA ARG CC 83 0.65 6.29 70.73
C ARG CC 83 -0.06 7.59 71.08
N ARG CC 84 -0.34 8.42 70.08
CA ARG CC 84 -1.11 9.64 70.33
C ARG CC 84 -2.53 9.35 70.77
N LEU CC 85 -3.19 8.35 70.17
CA LEU CC 85 -4.54 8.00 70.61
C LEU CC 85 -4.54 7.50 72.04
N LYS CC 86 -3.54 6.71 72.41
CA LYS CC 86 -3.45 6.23 73.79
C LYS CC 86 -3.22 7.37 74.77
N GLU CC 87 -2.34 8.32 74.41
CA GLU CC 87 -2.13 9.45 75.31
C GLU CC 87 -3.35 10.34 75.39
N LEU CC 88 -4.16 10.42 74.34
CA LEU CC 88 -5.42 11.15 74.43
C LEU CC 88 -6.42 10.41 75.32
N LYS CC 89 -6.47 9.08 75.21
CA LYS CC 89 -7.36 8.29 76.06
C LYS CC 89 -7.01 8.45 77.53
N ASP CC 90 -5.72 8.46 77.85
CA ASP CC 90 -5.33 8.64 79.25
C ASP CC 90 -5.51 10.10 79.68
N GLN CC 91 -4.68 10.98 79.10
CA GLN CC 91 -4.67 12.44 79.34
C GLN CC 91 -5.15 12.91 80.71
N SER DC 1 -64.90 -102.78 -9.71
CA SER DC 1 -64.86 -102.93 -11.16
C SER DC 1 -63.45 -102.90 -11.70
N ALA DC 2 -63.27 -103.50 -12.87
CA ALA DC 2 -61.92 -103.60 -13.45
C ALA DC 2 -61.34 -102.22 -13.74
N HIS DC 3 -62.14 -101.34 -14.33
CA HIS DC 3 -61.64 -100.02 -14.69
C HIS DC 3 -61.34 -99.17 -13.46
N LEU DC 4 -62.17 -99.28 -12.42
CA LEU DC 4 -61.90 -98.53 -11.19
C LEU DC 4 -60.64 -99.05 -10.51
N GLN DC 5 -60.51 -100.36 -10.39
CA GLN DC 5 -59.31 -100.93 -9.78
C GLN DC 5 -58.07 -100.59 -10.60
N TRP DC 6 -58.21 -100.50 -11.92
CA TRP DC 6 -57.10 -100.06 -12.75
C TRP DC 6 -56.72 -98.63 -12.44
N MET DC 7 -57.72 -97.75 -12.30
CA MET DC 7 -57.43 -96.38 -11.93
C MET DC 7 -56.72 -96.30 -10.59
N VAL DC 8 -57.00 -97.24 -9.70
CA VAL DC 8 -56.30 -97.27 -8.41
C VAL DC 8 -54.86 -97.76 -8.55
N VAL DC 9 -54.61 -98.84 -9.29
CA VAL DC 9 -53.31 -99.51 -9.22
C VAL DC 9 -52.46 -99.28 -10.46
N ARG DC 10 -52.85 -98.37 -11.35
CA ARG DC 10 -52.06 -98.17 -12.56
C ARG DC 10 -50.69 -97.61 -12.27
N ASN DC 11 -50.52 -96.92 -11.15
CA ASN DC 11 -49.23 -96.36 -10.79
C ASN DC 11 -48.80 -96.66 -9.37
N CYS DC 12 -49.68 -97.20 -8.54
CA CYS DC 12 -49.37 -97.49 -7.14
C CYS DC 12 -49.67 -98.96 -6.91
N SER DC 13 -48.68 -99.81 -7.16
CA SER DC 13 -48.83 -101.24 -6.93
C SER DC 13 -47.50 -101.80 -6.44
N SER DC 14 -47.58 -102.86 -5.66
CA SER DC 14 -46.37 -103.54 -5.21
C SER DC 14 -45.74 -104.40 -6.30
N PHE DC 15 -46.51 -104.79 -7.30
CA PHE DC 15 -46.00 -105.57 -8.43
C PHE DC 15 -45.37 -104.69 -9.49
N LEU DC 16 -45.40 -103.38 -9.33
CA LEU DC 16 -44.97 -102.45 -10.36
C LEU DC 16 -43.46 -102.26 -10.29
N ILE DC 17 -42.77 -102.50 -11.40
CA ILE DC 17 -41.34 -102.26 -11.53
C ILE DC 17 -41.14 -101.20 -12.61
N LYS DC 18 -40.47 -100.11 -12.26
CA LYS DC 18 -40.22 -99.01 -13.19
C LYS DC 18 -38.72 -98.75 -13.20
N ARG DC 19 -38.06 -99.18 -14.27
CA ARG DC 19 -36.62 -99.11 -14.34
C ARG DC 19 -36.19 -99.05 -15.79
N ASN DC 20 -35.11 -98.30 -16.05
CA ASN DC 20 -34.47 -98.24 -17.37
C ASN DC 20 -35.45 -97.84 -18.46
N LYS DC 21 -36.28 -96.84 -18.16
CA LYS DC 21 -37.33 -96.35 -19.06
C LYS DC 21 -38.34 -97.44 -19.42
N GLN DC 22 -38.39 -98.51 -18.63
CA GLN DC 22 -39.31 -99.61 -18.84
C GLN DC 22 -40.27 -99.71 -17.67
N THR DC 23 -41.29 -100.54 -17.84
CA THR DC 23 -42.30 -100.74 -16.81
C THR DC 23 -42.79 -102.17 -16.88
N TYR DC 24 -42.80 -102.85 -15.73
CA TYR DC 24 -43.20 -104.24 -15.66
C TYR DC 24 -44.14 -104.43 -14.49
N SER DC 25 -44.93 -105.50 -14.57
CA SER DC 25 -45.85 -105.88 -13.52
C SER DC 25 -45.67 -107.36 -13.26
N THR DC 26 -45.61 -107.75 -11.99
CA THR DC 26 -45.21 -109.11 -11.63
C THR DC 26 -46.31 -109.86 -10.88
N GLU DC 27 -47.57 -109.48 -11.05
CA GLU DC 27 -48.63 -110.27 -10.43
C GLU DC 27 -48.74 -111.62 -11.13
N PRO DC 28 -49.19 -112.66 -10.41
CA PRO DC 28 -49.04 -114.03 -10.93
C PRO DC 28 -49.73 -114.31 -12.25
N ASN DC 29 -50.89 -113.71 -12.53
CA ASN DC 29 -51.69 -114.10 -13.68
C ASN DC 29 -51.50 -113.17 -14.86
N ASN DC 30 -50.30 -112.60 -15.00
CA ASN DC 30 -50.01 -111.59 -16.00
C ASN DC 30 -49.17 -112.22 -17.10
N LEU DC 31 -49.78 -112.44 -18.26
CA LEU DC 31 -49.02 -112.80 -19.45
C LEU DC 31 -48.33 -111.54 -19.98
N LYS DC 32 -47.11 -111.72 -20.48
CA LYS DC 32 -46.27 -110.64 -21.01
C LYS DC 32 -45.70 -109.76 -19.90
N ALA DC 33 -46.20 -109.93 -18.68
CA ALA DC 33 -45.66 -109.27 -17.48
C ALA DC 33 -45.55 -107.76 -17.63
N ARG DC 34 -46.48 -107.16 -18.36
CA ARG DC 34 -46.45 -105.71 -18.54
C ARG DC 34 -47.54 -105.06 -17.72
N ASN DC 35 -47.30 -103.80 -17.38
CA ASN DC 35 -48.28 -102.99 -16.67
C ASN DC 35 -49.29 -102.46 -17.68
N SER DC 36 -50.44 -103.12 -17.77
CA SER DC 36 -51.45 -102.69 -18.71
C SER DC 36 -52.80 -103.19 -18.24
N PHE DC 37 -53.85 -102.49 -18.66
CA PHE DC 37 -55.21 -102.88 -18.30
C PHE DC 37 -55.57 -104.24 -18.89
N ARG DC 38 -55.16 -104.47 -20.14
CA ARG DC 38 -55.50 -105.73 -20.80
C ARG DC 38 -54.84 -106.92 -20.12
N TYR DC 39 -53.58 -106.77 -19.69
CA TYR DC 39 -52.80 -107.89 -19.22
C TYR DC 39 -52.71 -107.99 -17.71
N ASN DC 40 -53.29 -107.06 -16.96
CA ASN DC 40 -53.26 -107.16 -15.52
C ASN DC 40 -54.01 -108.41 -15.08
N GLY DC 41 -53.42 -109.16 -14.16
CA GLY DC 41 -53.96 -110.45 -13.79
C GLY DC 41 -54.69 -110.46 -12.47
N LEU DC 42 -55.19 -109.30 -12.05
CA LEU DC 42 -55.86 -109.20 -10.76
C LEU DC 42 -57.21 -108.53 -10.88
N ILE DC 43 -57.34 -107.60 -11.84
CA ILE DC 43 -58.49 -106.70 -11.84
C ILE DC 43 -59.66 -107.19 -12.66
N HIS DC 44 -59.50 -108.25 -13.43
CA HIS DC 44 -60.54 -108.69 -14.35
C HIS DC 44 -61.36 -109.84 -13.76
N ARG DC 45 -62.63 -109.87 -14.13
CA ARG DC 45 -63.52 -110.94 -13.67
C ARG DC 45 -63.07 -112.29 -14.17
N LYS DC 46 -62.40 -112.33 -15.32
CA LYS DC 46 -61.84 -113.58 -15.84
C LYS DC 46 -60.45 -113.30 -16.36
N THR DC 47 -59.49 -114.15 -15.97
CA THR DC 47 -58.11 -114.02 -16.38
C THR DC 47 -57.55 -115.41 -16.67
N VAL DC 48 -56.50 -115.44 -17.49
CA VAL DC 48 -55.74 -116.66 -17.73
C VAL DC 48 -54.28 -116.42 -17.39
N GLY DC 49 -53.59 -117.50 -17.04
CA GLY DC 49 -52.17 -117.43 -16.75
C GLY DC 49 -51.50 -118.75 -17.06
N VAL DC 50 -50.30 -118.70 -17.61
CA VAL DC 50 -49.53 -119.89 -17.91
C VAL DC 50 -48.25 -119.84 -17.10
N GLU DC 51 -48.01 -120.88 -16.32
CA GLU DC 51 -46.83 -120.96 -15.47
C GLU DC 51 -46.11 -122.27 -15.72
N PRO DC 52 -44.83 -122.36 -15.40
CA PRO DC 52 -44.16 -123.66 -15.42
C PRO DC 52 -44.76 -124.59 -14.38
N ALA DC 53 -44.76 -125.88 -14.69
CA ALA DC 53 -45.33 -126.85 -13.79
C ALA DC 53 -44.49 -126.96 -12.51
N ALA DC 54 -45.02 -127.73 -11.55
CA ALA DC 54 -44.33 -127.88 -10.27
C ALA DC 54 -42.96 -128.50 -10.45
N ASP DC 55 -42.88 -129.55 -11.27
CA ASP DC 55 -41.61 -130.08 -11.71
C ASP DC 55 -41.21 -129.40 -13.02
N GLY DC 56 -40.05 -129.75 -13.54
CA GLY DC 56 -39.56 -129.10 -14.74
C GLY DC 56 -40.08 -129.68 -16.02
N LYS DC 57 -41.37 -129.99 -16.08
CA LYS DC 57 -41.96 -130.57 -17.29
C LYS DC 57 -43.43 -130.20 -17.37
N GLY DC 58 -43.82 -129.61 -18.49
CA GLY DC 58 -45.20 -129.22 -18.70
C GLY DC 58 -45.48 -127.81 -18.26
N VAL DC 59 -46.73 -127.40 -18.48
CA VAL DC 59 -47.19 -126.08 -18.07
C VAL DC 59 -48.41 -126.26 -17.18
N VAL DC 60 -48.72 -125.20 -16.44
CA VAL DC 60 -49.93 -125.13 -15.64
C VAL DC 60 -50.72 -123.93 -16.15
N VAL DC 61 -51.94 -124.18 -16.61
CA VAL DC 61 -52.85 -123.14 -17.05
C VAL DC 61 -53.81 -122.87 -15.91
N VAL DC 62 -53.84 -121.63 -15.44
CA VAL DC 62 -54.76 -121.20 -14.40
C VAL DC 62 -55.76 -120.24 -15.01
N ILE DC 63 -57.04 -120.47 -14.72
CA ILE DC 63 -58.10 -119.59 -15.19
C ILE DC 63 -58.93 -119.17 -13.99
N LYS DC 64 -59.51 -117.98 -14.09
CA LYS DC 64 -60.34 -117.44 -13.01
C LYS DC 64 -61.79 -117.86 -13.25
N ARG DC 65 -62.40 -118.47 -12.24
CA ARG DC 65 -63.81 -118.80 -12.34
C ARG DC 65 -64.66 -117.54 -12.16
N ARG DC 66 -65.94 -117.65 -12.51
CA ARG DC 66 -66.79 -116.47 -12.54
C ARG DC 66 -67.48 -116.16 -11.22
N SER DC 67 -67.50 -117.10 -10.27
CA SER DC 67 -68.34 -116.91 -9.08
C SER DC 67 -67.58 -116.29 -7.91
N GLY DC 68 -66.56 -116.98 -7.42
CA GLY DC 68 -65.92 -116.53 -6.20
C GLY DC 68 -64.93 -115.41 -6.39
N GLN DC 69 -65.40 -114.22 -6.79
CA GLN DC 69 -64.49 -113.11 -7.02
C GLN DC 69 -63.90 -112.60 -5.72
N ARG DC 70 -64.70 -112.58 -4.65
CA ARG DC 70 -64.24 -112.10 -3.36
C ARG DC 70 -63.62 -113.20 -2.51
N LYS DC 71 -63.47 -114.41 -3.06
CA LYS DC 71 -63.01 -115.58 -2.31
C LYS DC 71 -61.77 -116.13 -3.00
N PRO DC 72 -60.60 -115.51 -2.75
CA PRO DC 72 -59.40 -115.87 -3.52
C PRO DC 72 -58.89 -117.28 -3.28
N ALA DC 73 -59.36 -117.98 -2.26
CA ALA DC 73 -58.90 -119.35 -2.03
C ALA DC 73 -59.34 -120.27 -3.15
N THR DC 74 -60.55 -120.08 -3.68
CA THR DC 74 -61.11 -120.97 -4.68
C THR DC 74 -61.31 -120.28 -6.03
N SER DC 75 -60.83 -119.05 -6.20
CA SER DC 75 -61.15 -118.28 -7.39
C SER DC 75 -60.42 -118.77 -8.64
N TYR DC 76 -59.35 -119.53 -8.48
CA TYR DC 76 -58.49 -119.90 -9.59
C TYR DC 76 -58.48 -121.42 -9.74
N VAL DC 77 -58.73 -121.88 -10.97
CA VAL DC 77 -58.70 -123.30 -11.30
C VAL DC 77 -57.43 -123.55 -12.09
N ARG DC 78 -56.59 -124.45 -11.58
CA ARG DC 78 -55.30 -124.75 -12.18
C ARG DC 78 -55.33 -126.15 -12.77
N THR DC 79 -54.89 -126.27 -14.02
CA THR DC 79 -54.82 -127.56 -14.68
C THR DC 79 -53.44 -127.72 -15.32
N THR DC 80 -52.86 -128.90 -15.17
CA THR DC 80 -51.50 -129.16 -15.63
C THR DC 80 -51.54 -129.94 -16.93
N ILE DC 81 -50.85 -129.41 -17.94
CA ILE DC 81 -50.73 -130.05 -19.24
C ILE DC 81 -49.28 -130.44 -19.43
N ASN DC 82 -49.03 -131.74 -19.59
CA ASN DC 82 -47.68 -132.30 -19.67
C ASN DC 82 -47.56 -133.20 -20.89
N LYS DC 83 -47.96 -132.69 -22.04
CA LYS DC 83 -47.84 -133.42 -23.30
C LYS DC 83 -46.90 -132.65 -24.22
N ASN DC 84 -46.82 -133.08 -25.47
CA ASN DC 84 -45.92 -132.47 -26.43
C ASN DC 84 -46.35 -131.03 -26.71
N ALA DC 85 -45.44 -130.28 -27.33
CA ALA DC 85 -45.64 -128.83 -27.46
C ALA DC 85 -46.84 -128.51 -28.34
N ARG DC 86 -46.99 -129.22 -29.46
CA ARG DC 86 -48.09 -128.92 -30.37
C ARG DC 86 -49.44 -129.19 -29.72
N ALA DC 87 -49.57 -130.32 -29.02
CA ALA DC 87 -50.82 -130.62 -28.35
C ALA DC 87 -51.07 -129.67 -27.18
N THR DC 88 -50.02 -129.23 -26.49
CA THR DC 88 -50.19 -128.25 -25.43
C THR DC 88 -50.74 -126.95 -25.98
N LEU DC 89 -50.16 -126.47 -27.09
CA LEU DC 89 -50.64 -125.25 -27.71
C LEU DC 89 -52.07 -125.41 -28.22
N SER DC 90 -52.40 -126.58 -28.76
CA SER DC 90 -53.77 -126.84 -29.19
C SER DC 90 -54.73 -126.79 -28.02
N SER DC 91 -54.36 -127.37 -26.89
CA SER DC 91 -55.21 -127.33 -25.70
C SER DC 91 -55.43 -125.91 -25.23
N ILE DC 92 -54.39 -125.08 -25.27
CA ILE DC 92 -54.54 -123.71 -24.84
C ILE DC 92 -55.44 -122.93 -25.81
N ARG DC 93 -55.27 -123.16 -27.12
CA ARG DC 93 -56.17 -122.55 -28.10
C ARG DC 93 -57.61 -122.93 -27.81
N HIS DC 94 -57.86 -124.19 -27.50
CA HIS DC 94 -59.22 -124.61 -27.26
C HIS DC 94 -59.76 -124.03 -25.95
N MET DC 95 -58.92 -123.93 -24.93
CA MET DC 95 -59.37 -123.35 -23.67
C MET DC 95 -59.76 -121.89 -23.83
N ILE DC 96 -59.01 -121.13 -24.61
CA ILE DC 96 -59.29 -119.70 -24.73
C ILE DC 96 -60.33 -119.41 -25.80
N ARG DC 97 -60.22 -120.05 -26.96
CA ARG DC 97 -61.06 -119.70 -28.10
C ARG DC 97 -62.42 -120.38 -28.04
N LYS DC 98 -62.46 -121.68 -27.78
CA LYS DC 98 -63.73 -122.39 -27.78
C LYS DC 98 -64.64 -121.91 -26.65
N ASN DC 99 -64.07 -121.66 -25.47
CA ASN DC 99 -64.84 -121.11 -24.37
C ASN DC 99 -65.17 -119.65 -24.54
N LYS DC 100 -64.54 -118.97 -25.52
CA LYS DC 100 -64.62 -117.52 -25.64
C LYS DC 100 -64.25 -116.85 -24.33
N TYR DC 101 -63.24 -117.42 -23.67
CA TYR DC 101 -62.79 -116.97 -22.36
C TYR DC 101 -61.58 -116.08 -22.59
N ARG DC 102 -61.85 -114.78 -22.70
CA ARG DC 102 -60.84 -113.76 -22.96
C ARG DC 102 -60.03 -114.08 -24.21
N PRO DC 103 -60.64 -114.03 -25.40
CA PRO DC 103 -59.90 -114.38 -26.61
C PRO DC 103 -58.77 -113.43 -26.94
N ASP DC 104 -58.74 -112.25 -26.35
CA ASP DC 104 -57.67 -111.30 -26.63
C ASP DC 104 -56.33 -111.71 -26.03
N LEU DC 105 -56.30 -112.72 -25.16
CA LEU DC 105 -55.06 -113.21 -24.58
C LEU DC 105 -54.60 -114.52 -25.21
N ARG DC 106 -55.21 -114.93 -26.33
CA ARG DC 106 -54.93 -116.24 -26.91
C ARG DC 106 -53.49 -116.37 -27.36
N MET DC 107 -53.02 -115.43 -28.18
CA MET DC 107 -51.67 -115.53 -28.68
C MET DC 107 -50.63 -115.24 -27.61
N ALA DC 108 -50.97 -114.37 -26.66
CA ALA DC 108 -50.08 -114.13 -25.53
C ALA DC 108 -49.86 -115.41 -24.73
N ALA DC 109 -50.93 -116.15 -24.45
CA ALA DC 109 -50.82 -117.40 -23.74
C ALA DC 109 -50.08 -118.46 -24.55
N ILE DC 110 -50.33 -118.54 -25.86
CA ILE DC 110 -49.63 -119.52 -26.67
C ILE DC 110 -48.13 -119.23 -26.70
N ARG DC 111 -47.76 -117.96 -26.88
CA ARG DC 111 -46.36 -117.60 -26.89
C ARG DC 111 -45.71 -117.86 -25.55
N ARG DC 112 -46.40 -117.57 -24.45
CA ARG DC 112 -45.82 -117.83 -23.13
C ARG DC 112 -45.64 -119.32 -22.89
N ALA DC 113 -46.60 -120.14 -23.32
CA ALA DC 113 -46.44 -121.58 -23.19
C ALA DC 113 -45.27 -122.09 -24.02
N SER DC 114 -45.11 -121.56 -25.22
CA SER DC 114 -43.96 -121.94 -26.05
C SER DC 114 -42.65 -121.57 -25.37
N ALA DC 115 -42.59 -120.39 -24.77
CA ALA DC 115 -41.38 -119.97 -24.07
C ALA DC 115 -41.09 -120.88 -22.89
N ILE DC 116 -42.13 -121.26 -22.14
CA ILE DC 116 -41.94 -122.13 -20.98
C ILE DC 116 -41.43 -123.50 -21.42
N LEU DC 117 -42.01 -124.06 -22.48
CA LEU DC 117 -41.59 -125.37 -22.94
C LEU DC 117 -40.17 -125.33 -23.50
N ARG DC 118 -39.82 -124.27 -24.21
CA ARG DC 118 -38.46 -124.12 -24.73
C ARG DC 118 -37.48 -124.01 -23.57
N SER DC 119 -37.85 -123.32 -22.50
CA SER DC 119 -36.98 -123.26 -21.33
C SER DC 119 -36.86 -124.62 -20.67
N GLN DC 120 -37.94 -125.38 -20.63
CA GLN DC 120 -37.93 -126.67 -19.96
C GLN DC 120 -37.10 -127.71 -20.69
N LYS DC 121 -37.10 -127.67 -22.02
CA LYS DC 121 -36.34 -128.68 -22.76
C LYS DC 121 -34.84 -128.50 -22.51
N PRO DC 122 -34.08 -129.60 -22.50
CA PRO DC 122 -32.69 -129.53 -22.01
C PRO DC 122 -31.81 -128.66 -22.90
N VAL DC 123 -30.85 -127.99 -22.26
CA VAL DC 123 -29.91 -127.15 -22.98
C VAL DC 123 -28.94 -128.02 -23.76
N MET DC 124 -28.49 -127.52 -24.92
CA MET DC 124 -27.52 -128.22 -25.73
C MET DC 124 -26.12 -127.71 -25.40
N VAL DC 125 -25.12 -128.30 -26.05
CA VAL DC 125 -23.74 -127.84 -25.88
C VAL DC 125 -23.14 -127.47 -27.22
N ASP EC 1 -13.80 -5.95 -94.15
CA ASP EC 1 -12.63 -5.09 -94.25
C ASP EC 1 -11.54 -5.75 -95.08
N ARG EC 2 -11.10 -6.93 -94.64
CA ARG EC 2 -10.02 -7.62 -95.34
C ARG EC 2 -10.46 -8.07 -96.74
N ALA EC 3 -11.64 -8.70 -96.83
CA ALA EC 3 -12.13 -9.15 -98.12
C ALA EC 3 -12.43 -7.96 -99.04
N THR EC 4 -12.96 -6.88 -98.47
CA THR EC 4 -13.18 -5.67 -99.25
C THR EC 4 -11.88 -5.12 -99.80
N TRP EC 5 -10.83 -5.09 -98.97
CA TRP EC 5 -9.53 -4.61 -99.43
C TRP EC 5 -8.97 -5.50 -100.52
N LYS EC 6 -9.12 -6.82 -100.38
CA LYS EC 6 -8.62 -7.73 -101.40
C LYS EC 6 -9.37 -7.56 -102.72
N SER EC 7 -10.69 -7.39 -102.67
CA SER EC 7 -11.46 -7.16 -103.88
C SER EC 7 -11.08 -5.83 -104.52
N ASN EC 8 -10.89 -4.80 -103.72
CA ASN EC 8 -10.45 -3.51 -104.25
C ASN EC 8 -9.07 -3.60 -104.87
N TYR EC 9 -8.17 -4.41 -104.30
CA TYR EC 9 -6.87 -4.61 -104.90
C TYR EC 9 -6.99 -5.33 -106.25
N PHE EC 10 -7.84 -6.35 -106.33
CA PHE EC 10 -8.09 -7.00 -107.61
C PHE EC 10 -8.57 -5.99 -108.65
N LEU EC 11 -9.54 -5.16 -108.26
CA LEU EC 11 -10.07 -4.16 -109.17
C LEU EC 11 -8.99 -3.18 -109.61
N LYS EC 12 -8.17 -2.73 -108.68
CA LYS EC 12 -7.10 -1.79 -109.00
C LYS EC 12 -6.12 -2.39 -110.00
N ILE EC 13 -5.67 -3.62 -109.75
CA ILE EC 13 -4.67 -4.19 -110.65
C ILE EC 13 -5.26 -4.48 -112.02
N ILE EC 14 -6.52 -4.93 -112.09
CA ILE EC 14 -7.07 -5.25 -113.41
C ILE EC 14 -7.31 -3.97 -114.21
N GLN EC 15 -7.81 -2.91 -113.56
CA GLN EC 15 -8.01 -1.67 -114.30
C GLN EC 15 -6.68 -1.06 -114.72
N LEU EC 16 -5.64 -1.17 -113.89
CA LEU EC 16 -4.36 -0.58 -114.25
C LEU EC 16 -3.72 -1.34 -115.42
N LEU EC 17 -3.78 -2.67 -115.38
CA LEU EC 17 -3.21 -3.44 -116.50
C LEU EC 17 -4.01 -3.21 -117.78
N ASP EC 18 -5.34 -3.06 -117.66
CA ASP EC 18 -6.14 -2.75 -118.84
C ASP EC 18 -5.80 -1.38 -119.40
N ASP EC 19 -5.61 -0.39 -118.53
CA ASP EC 19 -5.29 0.96 -118.98
C ASP EC 19 -3.93 1.00 -119.66
N TYR EC 20 -2.91 0.39 -119.07
CA TYR EC 20 -1.58 0.46 -119.64
C TYR EC 20 -1.21 -0.87 -120.27
N PRO EC 21 -1.19 -0.97 -121.60
CA PRO EC 21 -0.93 -2.28 -122.23
C PRO EC 21 0.48 -2.80 -122.04
N LYS EC 22 1.43 -1.95 -121.64
CA LYS EC 22 2.81 -2.36 -121.46
C LYS EC 22 3.28 -2.05 -120.06
N CYS EC 23 4.02 -2.98 -119.46
CA CYS EC 23 4.41 -2.85 -118.06
C CYS EC 23 5.69 -3.62 -117.81
N PHE EC 24 6.36 -3.24 -116.73
CA PHE EC 24 7.57 -3.89 -116.27
C PHE EC 24 7.26 -4.72 -115.04
N ILE EC 25 8.01 -5.79 -114.83
CA ILE EC 25 8.07 -6.45 -113.54
C ILE EC 25 9.38 -6.04 -112.88
N VAL EC 26 9.27 -5.54 -111.65
CA VAL EC 26 10.34 -4.81 -110.99
C VAL EC 26 10.63 -5.49 -109.66
N GLY EC 27 11.91 -5.57 -109.32
CA GLY EC 27 12.30 -6.20 -108.08
C GLY EC 27 12.35 -5.22 -106.92
N ALA EC 28 11.41 -5.36 -105.99
CA ALA EC 28 11.39 -4.51 -104.79
C ALA EC 28 12.48 -4.99 -103.85
N ASP EC 29 13.66 -4.40 -103.95
CA ASP EC 29 14.76 -4.72 -103.06
C ASP EC 29 14.57 -4.02 -101.73
N ASN EC 30 15.62 -3.94 -100.92
CA ASN EC 30 15.49 -3.35 -99.60
C ASN EC 30 15.35 -1.84 -99.68
N VAL EC 31 14.30 -1.37 -100.35
CA VAL EC 31 14.03 0.05 -100.48
C VAL EC 31 13.05 0.47 -99.40
N GLY EC 32 13.35 1.57 -98.72
CA GLY EC 32 12.53 2.01 -97.62
C GLY EC 32 11.21 2.58 -98.07
N SER EC 33 10.36 2.87 -97.09
CA SER EC 33 9.10 3.53 -97.37
C SER EC 33 9.33 4.89 -98.01
N LYS EC 34 10.34 5.61 -97.54
CA LYS EC 34 10.67 6.91 -98.12
C LYS EC 34 11.14 6.76 -99.57
N GLN EC 35 11.89 5.70 -99.86
CA GLN EC 35 12.36 5.47 -101.22
C GLN EC 35 11.20 5.10 -102.14
N MET EC 36 10.27 4.29 -101.66
CA MET EC 36 9.08 3.99 -102.44
C MET EC 36 8.25 5.25 -102.66
N GLN EC 37 8.14 6.11 -101.64
CA GLN EC 37 7.41 7.35 -101.80
C GLN EC 37 8.09 8.27 -102.81
N GLN EC 38 9.43 8.33 -102.82
CA GLN EC 38 10.09 9.23 -103.74
C GLN EC 38 10.05 8.72 -105.17
N ILE EC 39 10.14 7.40 -105.38
CA ILE EC 39 9.93 6.91 -106.75
C ILE EC 39 8.47 7.10 -107.18
N ARG EC 40 7.53 6.97 -106.24
CA ARG EC 40 6.12 7.22 -106.54
C ARG EC 40 5.91 8.67 -106.96
N MET EC 41 6.51 9.62 -106.24
CA MET EC 41 6.37 11.02 -106.58
C MET EC 41 7.17 11.39 -107.82
N SER EC 42 8.24 10.64 -108.14
CA SER EC 42 8.97 10.87 -109.37
C SER EC 42 8.15 10.46 -110.58
N LEU EC 43 7.50 9.30 -110.51
CA LEU EC 43 6.55 8.90 -111.55
C LEU EC 43 5.12 9.27 -111.20
N ARG EC 44 4.90 10.34 -110.45
CA ARG EC 44 3.55 10.79 -110.13
C ARG EC 44 2.79 11.23 -111.38
N GLY EC 45 3.48 11.55 -112.47
CA GLY EC 45 2.81 11.89 -113.70
C GLY EC 45 3.29 11.08 -114.90
N LYS EC 46 4.26 10.20 -114.67
CA LYS EC 46 4.88 9.45 -115.76
C LYS EC 46 4.19 8.10 -115.99
N ALA EC 47 4.20 7.24 -114.98
CA ALA EC 47 3.62 5.91 -115.07
C ALA EC 47 3.02 5.59 -113.71
N VAL EC 48 2.72 4.31 -113.46
CA VAL EC 48 2.22 3.90 -112.16
C VAL EC 48 2.97 2.66 -111.71
N VAL EC 49 3.34 2.64 -110.45
CA VAL EC 49 4.00 1.49 -109.82
C VAL EC 49 3.03 0.89 -108.81
N LEU EC 50 2.78 -0.41 -108.95
CA LEU EC 50 1.80 -1.09 -108.11
C LEU EC 50 2.44 -2.33 -107.51
N MET EC 51 2.37 -2.43 -106.19
CA MET EC 51 2.92 -3.54 -105.44
C MET EC 51 1.80 -4.27 -104.71
N GLY EC 52 2.17 -5.32 -103.99
CA GLY EC 52 1.19 -6.05 -103.20
C GLY EC 52 1.56 -7.51 -103.11
N LYS EC 53 0.52 -8.32 -102.89
CA LYS EC 53 0.70 -9.76 -102.70
C LYS EC 53 0.84 -10.44 -104.07
N ASN EC 54 1.96 -11.13 -104.25
CA ASN EC 54 2.18 -11.87 -105.49
C ASN EC 54 1.15 -12.98 -105.66
N THR EC 55 0.79 -13.64 -104.56
CA THR EC 55 -0.22 -14.68 -104.61
C THR EC 55 -1.57 -14.14 -105.08
N MET EC 56 -1.87 -12.89 -104.74
CA MET EC 56 -3.09 -12.25 -105.23
C MET EC 56 -2.95 -11.84 -106.70
N MET EC 57 -1.78 -11.31 -107.07
CA MET EC 57 -1.57 -10.90 -108.45
C MET EC 57 -1.74 -12.05 -109.41
N ARG EC 58 -1.10 -13.18 -109.11
CA ARG EC 58 -1.23 -14.37 -109.96
C ARG EC 58 -2.69 -14.79 -110.11
N LYS EC 59 -3.41 -14.88 -108.99
CA LYS EC 59 -4.79 -15.35 -109.04
C LYS EC 59 -5.67 -14.41 -109.85
N ALA EC 60 -5.53 -13.09 -109.63
CA ALA EC 60 -6.39 -12.14 -110.33
C ALA EC 60 -6.10 -12.13 -111.83
N ILE EC 61 -4.82 -12.11 -112.21
CA ILE EC 61 -4.54 -12.06 -113.64
C ILE EC 61 -4.86 -13.40 -114.32
N ARG EC 62 -4.71 -14.52 -113.61
CA ARG EC 62 -5.10 -15.80 -114.18
C ARG EC 62 -6.60 -15.91 -114.32
N GLY EC 63 -7.36 -15.27 -113.42
CA GLY EC 63 -8.80 -15.26 -113.56
C GLY EC 63 -9.35 -14.25 -114.54
N HIS EC 64 -8.58 -13.22 -114.88
CA HIS EC 64 -9.08 -12.20 -115.80
C HIS EC 64 -8.12 -11.96 -116.95
N LEU EC 65 -7.41 -13.01 -117.38
CA LEU EC 65 -6.70 -12.99 -118.65
C LEU EC 65 -7.62 -13.05 -119.86
N GLU EC 66 -8.92 -13.28 -119.66
CA GLU EC 66 -9.82 -13.51 -120.80
C GLU EC 66 -10.01 -12.26 -121.65
N ASN EC 67 -10.04 -11.08 -121.02
CA ASN EC 67 -10.25 -9.86 -121.81
C ASN EC 67 -9.01 -9.44 -122.57
N ASN EC 68 -7.83 -9.90 -122.16
CA ASN EC 68 -6.62 -9.62 -122.94
C ASN EC 68 -5.62 -10.76 -122.80
N PRO EC 69 -5.28 -11.42 -123.90
CA PRO EC 69 -4.33 -12.53 -123.82
C PRO EC 69 -2.89 -12.05 -123.60
N ALA EC 70 -1.94 -12.99 -123.68
CA ALA EC 70 -0.52 -12.73 -123.53
C ALA EC 70 -0.16 -12.24 -122.12
N LEU EC 71 -1.16 -12.21 -121.23
CA LEU EC 71 -0.92 -11.88 -119.84
C LEU EC 71 -0.36 -13.06 -119.06
N GLU EC 72 -0.53 -14.28 -119.56
CA GLU EC 72 -0.02 -15.47 -118.91
C GLU EC 72 1.51 -15.57 -118.98
N LYS EC 73 2.14 -14.83 -119.90
CA LYS EC 73 3.58 -14.90 -120.06
C LYS EC 73 4.32 -14.30 -118.88
N LEU EC 74 3.67 -13.42 -118.10
CA LEU EC 74 4.29 -12.84 -116.93
C LEU EC 74 4.23 -13.76 -115.71
N LEU EC 75 3.46 -14.84 -115.77
CA LEU EC 75 3.28 -15.71 -114.61
C LEU EC 75 4.58 -16.35 -114.13
N PRO EC 76 5.39 -17.02 -114.95
CA PRO EC 76 6.59 -17.67 -114.41
C PRO EC 76 7.69 -16.70 -114.00
N HIS EC 77 7.47 -15.39 -114.15
CA HIS EC 77 8.47 -14.39 -113.83
C HIS EC 77 8.13 -13.54 -112.63
N ILE EC 78 6.87 -13.55 -112.19
CA ILE EC 78 6.48 -12.77 -110.99
C ILE EC 78 6.68 -13.70 -109.80
N ARG EC 79 7.93 -13.76 -109.34
CA ARG EC 79 8.33 -14.56 -108.21
C ARG EC 79 9.19 -13.70 -107.28
N GLY EC 80 9.17 -14.03 -106.00
CA GLY EC 80 9.94 -13.22 -105.08
C GLY EC 80 9.29 -11.86 -104.87
N ASN EC 81 10.09 -10.95 -104.33
CA ASN EC 81 9.61 -9.60 -104.03
C ASN EC 81 9.57 -8.79 -105.31
N VAL EC 82 8.46 -8.88 -106.03
CA VAL EC 82 8.31 -8.20 -107.31
C VAL EC 82 7.01 -7.42 -107.34
N GLY EC 83 6.97 -6.40 -108.18
CA GLY EC 83 5.78 -5.61 -108.42
C GLY EC 83 5.68 -5.21 -109.87
N PHE EC 84 4.64 -4.45 -110.23
CA PHE EC 84 4.41 -4.07 -111.62
C PHE EC 84 4.59 -2.57 -111.79
N VAL EC 85 5.00 -2.19 -112.99
CA VAL EC 85 5.17 -0.80 -113.38
C VAL EC 85 4.43 -0.62 -114.70
N PHE EC 86 3.18 -0.18 -114.65
CA PHE EC 86 2.38 0.03 -115.84
C PHE EC 86 2.71 1.39 -116.43
N THR EC 87 3.07 1.41 -117.72
CA THR EC 87 3.56 2.65 -118.31
C THR EC 87 2.92 2.90 -119.66
N LYS EC 88 2.98 4.17 -120.07
CA LYS EC 88 2.54 4.61 -121.38
C LYS EC 88 3.69 5.08 -122.26
N GLU EC 89 4.79 5.54 -121.68
CA GLU EC 89 5.93 6.04 -122.43
C GLU EC 89 6.76 4.85 -122.92
N ASP EC 90 7.98 5.14 -123.39
CA ASP EC 90 8.88 4.10 -123.87
C ASP EC 90 9.53 3.38 -122.71
N LEU EC 91 10.55 2.59 -123.00
CA LEU EC 91 11.28 1.86 -121.96
C LEU EC 91 12.39 2.70 -121.33
N THR EC 92 13.18 3.39 -122.16
CA THR EC 92 14.43 3.99 -121.71
C THR EC 92 14.19 5.10 -120.69
N GLU EC 93 13.14 5.90 -120.89
CA GLU EC 93 12.88 7.02 -119.99
C GLU EC 93 12.62 6.56 -118.57
N ILE EC 94 11.68 5.62 -118.40
CA ILE EC 94 11.40 5.09 -117.08
C ILE EC 94 12.61 4.34 -116.53
N ARG EC 95 13.30 3.58 -117.40
CA ARG EC 95 14.44 2.79 -116.94
C ARG EC 95 15.52 3.68 -116.35
N ASP EC 96 15.99 4.68 -117.10
CA ASP EC 96 17.07 5.48 -116.60
C ASP EC 96 16.61 6.48 -115.54
N MET EC 97 15.32 6.83 -115.48
CA MET EC 97 14.87 7.67 -114.39
C MET EC 97 14.86 6.92 -113.06
N LEU EC 98 14.35 5.68 -113.06
CA LEU EC 98 14.35 4.92 -111.82
C LEU EC 98 15.74 4.40 -111.45
N LEU EC 99 16.64 4.26 -112.42
CA LEU EC 99 18.04 4.05 -112.08
C LEU EC 99 18.72 5.33 -111.61
N ALA EC 100 18.24 6.49 -112.04
CA ALA EC 100 18.88 7.75 -111.65
C ALA EC 100 18.55 8.11 -110.21
N ASN EC 101 17.29 7.95 -109.79
CA ASN EC 101 16.92 8.39 -108.44
C ASN EC 101 17.35 7.33 -107.42
N LYS EC 102 18.66 7.27 -107.21
CA LYS EC 102 19.25 6.40 -106.20
C LYS EC 102 19.23 7.08 -104.83
N VAL EC 103 19.21 6.26 -103.78
CA VAL EC 103 19.26 6.73 -102.41
C VAL EC 103 20.32 5.94 -101.66
N PRO EC 104 21.32 6.59 -101.05
CA PRO EC 104 22.35 5.86 -100.29
C PRO EC 104 21.81 5.42 -98.93
N ALA EC 105 21.92 4.12 -98.66
CA ALA EC 105 21.44 3.57 -97.40
C ALA EC 105 22.60 3.42 -96.42
N ALA EC 106 22.49 4.09 -95.28
CA ALA EC 106 23.53 4.04 -94.28
C ALA EC 106 23.55 2.68 -93.58
N ALA EC 107 24.76 2.18 -93.31
CA ALA EC 107 24.90 0.90 -92.63
C ALA EC 107 24.45 1.01 -91.18
N ARG EC 108 23.79 -0.04 -90.69
CA ARG EC 108 23.31 -0.07 -89.31
C ARG EC 108 23.78 -1.36 -88.64
N ALA EC 109 23.26 -1.63 -87.44
CA ALA EC 109 23.62 -2.86 -86.74
C ALA EC 109 23.05 -4.07 -87.46
N GLY EC 110 23.87 -5.13 -87.55
CA GLY EC 110 23.45 -6.35 -88.22
C GLY EC 110 23.20 -6.16 -89.70
N ALA EC 111 24.11 -5.49 -90.39
CA ALA EC 111 23.95 -5.16 -91.80
C ALA EC 111 25.04 -5.81 -92.64
N ILE EC 112 24.75 -5.96 -93.93
CA ILE EC 112 25.68 -6.51 -94.90
C ILE EC 112 26.12 -5.37 -95.82
N ALA EC 113 27.43 -5.22 -95.99
CA ALA EC 113 27.98 -4.13 -96.79
C ALA EC 113 28.63 -4.69 -98.05
N PRO EC 114 27.94 -4.70 -99.20
CA PRO EC 114 28.58 -5.16 -100.44
C PRO EC 114 29.72 -4.28 -100.91
N CYS EC 115 29.79 -3.03 -100.47
CA CYS EC 115 30.83 -2.11 -100.89
C CYS EC 115 31.84 -1.93 -99.76
N GLU EC 116 33.07 -1.57 -100.15
CA GLU EC 116 34.15 -1.36 -99.21
C GLU EC 116 34.27 0.13 -98.91
N VAL EC 117 34.35 0.47 -97.63
CA VAL EC 117 34.54 1.85 -97.18
C VAL EC 117 35.78 1.90 -96.31
N THR EC 118 36.66 2.86 -96.60
CA THR EC 118 37.96 2.98 -95.94
C THR EC 118 38.08 4.35 -95.30
N VAL EC 119 38.42 4.37 -94.03
CA VAL EC 119 38.60 5.65 -93.32
C VAL EC 119 39.88 6.32 -93.79
N PRO EC 120 39.85 7.61 -94.13
CA PRO EC 120 41.08 8.31 -94.50
C PRO EC 120 41.76 8.93 -93.30
N ALA EC 121 42.99 9.38 -93.52
CA ALA EC 121 43.76 10.08 -92.48
C ALA EC 121 43.54 11.58 -92.59
N GLN EC 122 42.29 11.98 -92.37
CA GLN EC 122 41.86 13.37 -92.51
C GLN EC 122 41.18 13.82 -91.24
N ASN EC 123 41.18 15.15 -91.03
CA ASN EC 123 40.55 15.73 -89.85
C ASN EC 123 39.07 15.42 -89.82
N THR EC 124 38.58 14.97 -88.65
CA THR EC 124 37.17 14.63 -88.53
C THR EC 124 36.28 15.86 -88.68
N GLY EC 125 36.69 17.00 -88.12
CA GLY EC 125 35.99 18.24 -88.30
C GLY EC 125 35.07 18.64 -87.15
N LEU EC 126 34.79 17.73 -86.22
CA LEU EC 126 33.95 18.02 -85.07
C LEU EC 126 34.80 18.04 -83.80
N GLY EC 127 34.13 18.26 -82.67
CA GLY EC 127 34.80 18.32 -81.39
C GLY EC 127 35.34 16.97 -80.97
N PRO EC 128 36.18 16.95 -79.94
CA PRO EC 128 36.79 15.68 -79.50
C PRO EC 128 35.83 14.81 -78.70
N GLU EC 129 34.58 14.68 -79.13
CA GLU EC 129 33.55 14.00 -78.36
C GLU EC 129 33.26 12.59 -78.89
N LYS EC 130 34.13 12.06 -79.75
CA LYS EC 130 33.99 10.69 -80.24
C LYS EC 130 35.23 9.85 -79.96
N THR EC 131 36.07 10.30 -79.02
CA THR EC 131 37.29 9.56 -78.70
C THR EC 131 36.99 8.19 -78.13
N SER EC 132 35.94 8.07 -77.32
CA SER EC 132 35.55 6.76 -76.78
C SER EC 132 35.18 5.79 -77.91
N PHE EC 133 34.41 6.27 -78.88
CA PHE EC 133 34.02 5.42 -80.01
C PHE EC 133 35.23 5.07 -80.87
N PHE EC 134 36.13 6.03 -81.08
CA PHE EC 134 37.33 5.76 -81.86
C PHE EC 134 38.20 4.71 -81.19
N GLN EC 135 38.37 4.80 -79.87
CA GLN EC 135 39.15 3.82 -79.15
C GLN EC 135 38.46 2.46 -79.10
N ALA EC 136 37.13 2.45 -79.04
CA ALA EC 136 36.40 1.19 -79.08
C ALA EC 136 36.59 0.48 -80.41
N LEU EC 137 36.53 1.23 -81.52
CA LEU EC 137 36.78 0.63 -82.82
C LEU EC 137 38.26 0.40 -83.10
N GLY EC 138 39.15 0.96 -82.28
CA GLY EC 138 40.57 0.69 -82.37
C GLY EC 138 41.38 1.74 -83.08
N ILE EC 139 40.73 2.74 -83.69
CA ILE EC 139 41.43 3.79 -84.43
C ILE EC 139 42.06 4.73 -83.41
N THR EC 140 43.36 4.57 -83.17
CA THR EC 140 44.08 5.44 -82.26
C THR EC 140 44.44 6.75 -82.98
N THR EC 141 44.05 7.87 -82.38
CA THR EC 141 44.17 9.17 -83.02
C THR EC 141 44.99 10.12 -82.16
N LYS EC 142 45.10 11.36 -82.63
CA LYS EC 142 45.75 12.43 -81.89
C LYS EC 142 44.80 13.63 -81.80
N ILE EC 143 45.03 14.46 -80.80
CA ILE EC 143 44.13 15.55 -80.46
C ILE EC 143 44.84 16.87 -80.68
N SER EC 144 44.23 17.76 -81.46
CA SER EC 144 44.82 19.06 -81.77
C SER EC 144 43.74 19.99 -82.29
N ARG EC 145 43.92 21.29 -82.00
CA ARG EC 145 43.07 22.37 -82.48
C ARG EC 145 41.61 22.19 -82.06
N GLY EC 146 41.39 21.55 -80.91
CA GLY EC 146 40.03 21.33 -80.43
C GLY EC 146 39.21 20.41 -81.30
N THR EC 147 39.84 19.60 -82.14
CA THR EC 147 39.16 18.68 -83.03
C THR EC 147 39.89 17.34 -82.97
N ILE EC 148 39.52 16.43 -83.86
CA ILE EC 148 40.15 15.12 -83.97
C ILE EC 148 40.68 14.94 -85.39
N GLU EC 149 41.92 14.49 -85.51
CA GLU EC 149 42.54 14.19 -86.79
C GLU EC 149 42.98 12.74 -86.80
N ILE EC 150 42.60 12.03 -87.86
CA ILE EC 150 42.96 10.62 -87.99
C ILE EC 150 44.40 10.53 -88.50
N LEU EC 151 45.23 9.78 -87.78
CA LEU EC 151 46.66 9.72 -88.08
C LEU EC 151 47.04 8.58 -89.02
N SER EC 152 46.10 7.70 -89.38
CA SER EC 152 46.45 6.53 -90.17
C SER EC 152 45.22 6.01 -90.90
N ASP EC 153 45.47 5.22 -91.93
CA ASP EC 153 44.40 4.55 -92.66
C ASP EC 153 44.14 3.18 -92.07
N VAL EC 154 42.86 2.84 -91.95
CA VAL EC 154 42.43 1.56 -91.38
C VAL EC 154 41.39 0.94 -92.32
N GLN EC 155 41.52 -0.35 -92.58
CA GLN EC 155 40.54 -1.07 -93.39
C GLN EC 155 39.28 -1.24 -92.54
N LEU EC 156 38.30 -0.36 -92.75
CA LEU EC 156 37.14 -0.28 -91.87
C LEU EC 156 36.28 -1.55 -91.96
N ILE EC 157 35.91 -1.95 -93.18
CA ILE EC 157 35.08 -3.13 -93.35
C ILE EC 157 35.33 -3.68 -94.75
N LYS EC 158 35.09 -4.98 -94.92
CA LYS EC 158 35.29 -5.65 -96.19
C LYS EC 158 33.99 -5.62 -97.00
N THR EC 159 33.94 -6.40 -98.07
CA THR EC 159 32.80 -6.43 -98.98
C THR EC 159 31.94 -7.66 -98.69
N GLY EC 160 30.65 -7.44 -98.47
CA GLY EC 160 29.73 -8.53 -98.23
C GLY EC 160 29.95 -9.29 -96.94
N ASP EC 161 30.21 -8.58 -95.84
CA ASP EC 161 30.38 -9.21 -94.53
C ASP EC 161 29.49 -8.52 -93.51
N LYS EC 162 29.70 -8.83 -92.23
CA LYS EC 162 28.86 -8.28 -91.17
C LYS EC 162 29.50 -7.02 -90.59
N VAL EC 163 28.71 -5.95 -90.50
CA VAL EC 163 29.17 -4.67 -89.96
C VAL EC 163 28.75 -4.60 -88.49
N GLY EC 164 29.70 -4.22 -87.63
CA GLY EC 164 29.43 -4.18 -86.21
C GLY EC 164 28.57 -2.98 -85.81
N ALA EC 165 27.91 -3.14 -84.66
CA ALA EC 165 27.07 -2.06 -84.13
C ALA EC 165 27.90 -0.87 -83.69
N SER EC 166 29.07 -1.11 -83.09
CA SER EC 166 29.98 -0.05 -82.69
C SER EC 166 30.89 0.41 -83.84
N GLU EC 167 30.47 0.13 -85.07
CA GLU EC 167 31.21 0.51 -86.27
C GLU EC 167 30.27 1.26 -87.21
N ALA EC 168 29.00 0.84 -87.22
CA ALA EC 168 27.99 1.55 -88.01
C ALA EC 168 27.83 2.98 -87.53
N THR EC 169 27.82 3.20 -86.21
CA THR EC 169 27.72 4.57 -85.69
C THR EC 169 28.98 5.38 -85.98
N LEU EC 170 30.14 4.73 -86.03
CA LEU EC 170 31.36 5.44 -86.41
C LEU EC 170 31.30 5.89 -87.86
N LEU EC 171 30.81 5.02 -88.75
CA LEU EC 171 30.61 5.42 -90.14
C LEU EC 171 29.59 6.54 -90.24
N ASN EC 172 28.52 6.47 -89.43
CA ASN EC 172 27.51 7.52 -89.43
C ASN EC 172 28.10 8.86 -89.01
N MET EC 173 28.92 8.86 -87.95
CA MET EC 173 29.48 10.11 -87.46
C MET EC 173 30.56 10.66 -88.40
N LEU EC 174 31.30 9.79 -89.08
CA LEU EC 174 32.27 10.27 -90.06
C LEU EC 174 31.61 10.65 -91.37
N ASN EC 175 30.34 10.27 -91.57
CA ASN EC 175 29.53 10.69 -92.72
C ASN EC 175 30.16 10.24 -94.04
N ILE EC 176 30.53 8.96 -94.10
CA ILE EC 176 31.02 8.36 -95.33
C ILE EC 176 29.86 7.64 -96.01
N SER EC 177 29.70 7.85 -97.31
CA SER EC 177 28.61 7.23 -98.05
C SER EC 177 28.89 5.74 -98.24
N PRO EC 178 28.09 4.85 -97.65
CA PRO EC 178 28.34 3.42 -97.80
C PRO EC 178 27.69 2.85 -99.05
N PHE EC 179 27.70 1.51 -99.13
CA PHE EC 179 26.97 0.76 -100.15
C PHE EC 179 25.55 1.30 -100.34
N SER EC 180 25.13 1.38 -101.60
CA SER EC 180 23.81 1.89 -101.95
C SER EC 180 23.10 0.88 -102.85
N PHE EC 181 21.78 0.90 -102.79
CA PHE EC 181 20.95 -0.01 -103.56
C PHE EC 181 19.57 0.61 -103.75
N GLY EC 182 19.04 0.47 -104.96
CA GLY EC 182 17.76 1.05 -105.31
C GLY EC 182 16.80 0.01 -105.85
N LEU EC 183 15.97 0.45 -106.79
CA LEU EC 183 14.92 -0.37 -107.38
C LEU EC 183 15.37 -0.86 -108.74
N VAL EC 184 15.32 -2.18 -108.95
CA VAL EC 184 15.80 -2.79 -110.18
C VAL EC 184 14.64 -3.52 -110.86
N ILE EC 185 14.60 -3.40 -112.18
CA ILE EC 185 13.53 -3.97 -113.00
C ILE EC 185 13.89 -5.41 -113.30
N GLN EC 186 12.98 -6.34 -112.95
CA GLN EC 186 13.23 -7.74 -113.26
C GLN EC 186 13.20 -8.00 -114.75
N GLN EC 187 12.15 -7.55 -115.43
CA GLN EC 187 12.07 -7.67 -116.88
C GLN EC 187 10.96 -6.76 -117.41
N VAL EC 188 10.85 -6.70 -118.73
CA VAL EC 188 9.94 -5.80 -119.42
C VAL EC 188 8.95 -6.63 -120.23
N PHE EC 189 7.68 -6.26 -120.18
CA PHE EC 189 6.61 -6.93 -120.90
C PHE EC 189 5.90 -5.90 -121.78
N ASP EC 190 6.01 -6.07 -123.09
CA ASP EC 190 5.40 -5.20 -124.08
C ASP EC 190 4.38 -6.02 -124.87
N ASN EC 191 3.13 -5.97 -124.41
CA ASN EC 191 1.95 -6.45 -125.14
C ASN EC 191 2.00 -7.94 -125.48
N GLY EC 192 2.98 -8.67 -124.96
CA GLY EC 192 3.12 -10.08 -125.31
C GLY EC 192 4.56 -10.49 -125.54
N SER EC 193 5.47 -9.53 -125.47
CA SER EC 193 6.89 -9.80 -125.60
C SER EC 193 7.59 -9.54 -124.27
N ILE EC 194 8.61 -10.34 -123.99
CA ILE EC 194 9.39 -10.22 -122.76
C ILE EC 194 10.83 -9.90 -123.12
N TYR EC 195 11.41 -8.92 -122.43
CA TYR EC 195 12.77 -8.47 -122.67
C TYR EC 195 13.45 -8.16 -121.34
N ASN EC 196 14.76 -7.93 -121.41
CA ASN EC 196 15.52 -7.53 -120.24
C ASN EC 196 15.37 -6.03 -119.99
N PRO FC 1 34.08 24.27 -98.88
CA PRO FC 1 32.80 23.82 -98.33
C PRO FC 1 31.88 25.00 -98.00
N ASN FC 2 31.96 26.06 -98.80
CA ASN FC 2 31.22 27.31 -98.63
C ASN FC 2 31.51 27.97 -97.28
N GLU FC 3 32.63 27.60 -96.65
CA GLU FC 3 33.17 28.17 -95.42
C GLU FC 3 32.31 27.88 -94.19
N ILE FC 4 31.14 27.27 -94.34
CA ILE FC 4 30.27 26.98 -93.20
C ILE FC 4 29.26 25.92 -93.63
N LYS FC 5 28.92 25.04 -92.69
CA LYS FC 5 27.87 24.03 -92.85
C LYS FC 5 26.95 24.18 -91.64
N VAL FC 6 25.89 24.98 -91.80
CA VAL FC 6 25.01 25.33 -90.70
C VAL FC 6 23.57 25.04 -91.11
N VAL FC 7 23.41 24.14 -92.07
CA VAL FC 7 22.12 23.86 -92.69
C VAL FC 7 21.17 23.13 -91.74
N TYR FC 8 21.64 22.79 -90.54
CA TYR FC 8 20.77 22.12 -89.58
C TYR FC 8 19.64 23.04 -89.14
N LEU FC 9 18.46 22.47 -88.97
CA LEU FC 9 17.28 23.26 -88.66
C LEU FC 9 17.21 23.58 -87.16
N ARG FC 10 16.21 24.34 -86.79
CA ARG FC 10 16.05 24.84 -85.44
C ARG FC 10 14.57 24.87 -85.08
N CYS FC 11 14.25 24.46 -83.85
CA CYS FC 11 12.88 24.39 -83.36
C CYS FC 11 12.78 24.97 -81.96
N THR FC 12 13.29 26.18 -81.77
CA THR FC 12 13.04 26.92 -80.54
C THR FC 12 12.35 28.24 -80.88
N GLY FC 13 11.54 28.73 -79.94
CA GLY FC 13 10.76 29.92 -80.20
C GLY FC 13 9.99 30.41 -78.99
N GLY FC 14 8.80 30.97 -79.23
CA GLY FC 14 8.04 31.56 -78.14
C GLY FC 14 8.80 32.76 -77.58
N GLU FC 15 9.01 32.74 -76.27
CA GLU FC 15 9.84 33.75 -75.63
C GLU FC 15 11.31 33.54 -76.01
N VAL FC 16 12.16 34.50 -75.64
CA VAL FC 16 13.57 34.42 -75.99
C VAL FC 16 14.22 33.19 -75.36
N GLY FC 17 13.97 32.96 -74.07
CA GLY FC 17 14.44 31.76 -73.42
C GLY FC 17 15.91 31.74 -73.09
N ALA FC 18 16.75 31.85 -74.13
CA ALA FC 18 18.20 31.84 -74.02
C ALA FC 18 18.71 30.58 -73.34
N THR FC 19 18.94 30.66 -72.02
CA THR FC 19 19.44 29.51 -71.28
C THR FC 19 18.44 28.35 -71.30
N SER FC 20 17.15 28.64 -71.15
CA SER FC 20 16.13 27.59 -71.18
C SER FC 20 16.01 26.97 -72.57
N ALA FC 21 16.23 27.76 -73.61
CA ALA FC 21 16.18 27.25 -74.98
C ALA FC 21 17.43 26.44 -75.29
N LEU FC 22 17.33 25.63 -76.34
CA LEU FC 22 18.44 24.78 -76.78
C LEU FC 22 19.45 25.53 -77.65
N ALA FC 23 19.39 26.86 -77.67
CA ALA FC 23 20.36 27.64 -78.42
C ALA FC 23 21.80 27.45 -77.95
N PRO FC 24 22.13 27.47 -76.65
CA PRO FC 24 23.50 27.11 -76.25
C PRO FC 24 23.84 25.66 -76.55
N LYS FC 25 22.84 24.77 -76.66
CA LYS FC 25 23.12 23.39 -77.02
C LYS FC 25 23.45 23.24 -78.49
N ILE FC 26 22.87 24.08 -79.35
CA ILE FC 26 23.14 24.01 -80.79
C ILE FC 26 24.24 24.96 -81.24
N GLY FC 27 24.70 25.85 -80.36
CA GLY FC 27 25.78 26.75 -80.70
C GLY FC 27 27.07 26.10 -81.16
N PRO FC 28 27.56 25.08 -80.42
CA PRO FC 28 28.78 24.37 -80.87
C PRO FC 28 28.66 23.66 -82.20
N LEU FC 29 27.44 23.46 -82.72
CA LEU FC 29 27.29 22.83 -84.04
C LEU FC 29 27.97 23.65 -85.13
N GLY FC 30 27.99 24.96 -84.99
CA GLY FC 30 28.72 25.80 -85.93
C GLY FC 30 29.97 26.41 -85.32
N LEU FC 31 29.88 26.77 -84.04
CA LEU FC 31 30.95 27.37 -83.23
C LEU FC 31 31.27 28.80 -83.67
N SER FC 32 30.70 29.23 -84.79
CA SER FC 32 30.76 30.61 -85.25
C SER FC 32 29.70 31.49 -84.59
N PRO FC 33 28.39 31.10 -84.57
CA PRO FC 33 27.38 32.02 -84.02
C PRO FC 33 27.53 32.30 -82.53
N LYS FC 34 27.53 31.24 -81.72
CA LYS FC 34 27.60 31.33 -80.25
C LYS FC 34 26.43 32.19 -79.75
N LYS FC 35 26.66 32.92 -78.64
CA LYS FC 35 25.58 33.65 -77.99
C LYS FC 35 25.02 34.75 -78.89
N VAL FC 36 25.90 35.50 -79.55
CA VAL FC 36 25.42 36.58 -80.41
C VAL FC 36 24.65 36.02 -81.60
N GLY FC 37 25.12 34.92 -82.18
CA GLY FC 37 24.42 34.32 -83.29
C GLY FC 37 23.04 33.78 -82.92
N ASP FC 38 22.96 33.04 -81.82
CA ASP FC 38 21.68 32.48 -81.43
C ASP FC 38 20.80 33.46 -80.67
N ASP FC 39 21.30 34.67 -80.39
CA ASP FC 39 20.45 35.75 -79.93
C ASP FC 39 19.90 36.59 -81.08
N ILE FC 40 20.70 36.85 -82.11
CA ILE FC 40 20.13 37.52 -83.29
C ILE FC 40 19.18 36.56 -84.01
N ALA FC 41 19.38 35.25 -83.86
CA ALA FC 41 18.41 34.29 -84.37
C ALA FC 41 17.05 34.49 -83.71
N LYS FC 42 17.04 34.65 -82.38
CA LYS FC 42 15.78 34.93 -81.70
C LYS FC 42 15.27 36.32 -82.03
N ALA FC 43 16.16 37.27 -82.29
CA ALA FC 43 15.73 38.61 -82.70
C ALA FC 43 14.96 38.56 -84.02
N THR FC 44 15.43 37.74 -84.96
CA THR FC 44 14.74 37.59 -86.24
C THR FC 44 13.59 36.59 -86.18
N GLY FC 45 13.51 35.75 -85.16
CA GLY FC 45 12.45 34.76 -85.08
C GLY FC 45 11.52 34.86 -83.88
N ASP FC 46 11.48 36.03 -83.24
CA ASP FC 46 10.49 36.26 -82.20
C ASP FC 46 9.08 36.07 -82.73
N TRP FC 47 8.78 36.66 -83.88
CA TRP FC 47 7.50 36.52 -84.54
C TRP FC 47 7.69 35.83 -85.88
N LYS FC 48 6.57 35.51 -86.52
CA LYS FC 48 6.52 34.74 -87.77
C LYS FC 48 7.33 33.44 -87.65
N GLY FC 49 6.83 32.53 -86.82
CA GLY FC 49 5.63 32.63 -86.01
C GLY FC 49 5.96 33.02 -84.58
N LEU FC 50 4.92 33.18 -83.76
CA LEU FC 50 5.09 33.39 -82.33
C LEU FC 50 5.18 32.09 -81.57
N ARG FC 51 5.60 31.02 -82.24
CA ARG FC 51 5.57 29.65 -81.73
C ARG FC 51 6.96 29.04 -81.80
N ILE FC 52 7.03 27.71 -81.70
CA ILE FC 52 8.29 26.96 -81.66
C ILE FC 52 9.20 27.29 -82.84
N THR FC 53 8.64 27.88 -83.90
CA THR FC 53 9.39 28.57 -84.96
C THR FC 53 10.41 27.64 -85.62
N VAL FC 54 9.86 26.66 -86.33
CA VAL FC 54 10.69 25.72 -87.10
C VAL FC 54 11.34 26.51 -88.24
N LYS FC 55 12.65 26.63 -88.20
CA LYS FC 55 13.39 27.45 -89.16
C LYS FC 55 14.69 26.76 -89.54
N LEU FC 56 15.41 27.40 -90.47
CA LEU FC 56 16.71 26.95 -90.94
C LEU FC 56 17.64 28.14 -90.97
N THR FC 57 18.83 27.98 -90.40
CA THR FC 57 19.77 29.09 -90.25
C THR FC 57 20.88 29.00 -91.29
N ILE FC 58 21.28 30.17 -91.80
CA ILE FC 58 22.36 30.29 -92.78
C ILE FC 58 23.35 31.33 -92.26
N GLN FC 59 24.64 30.96 -92.27
CA GLN FC 59 25.69 31.73 -91.61
C GLN FC 59 26.46 32.56 -92.63
N ASN FC 60 26.57 33.86 -92.37
CA ASN FC 60 27.43 34.76 -93.13
C ASN FC 60 28.82 34.89 -92.52
N ARG FC 61 29.25 33.87 -91.77
CA ARG FC 61 30.54 33.72 -91.11
C ARG FC 61 30.67 34.64 -89.89
N GLN FC 62 29.75 35.59 -89.75
CA GLN FC 62 29.50 36.26 -88.48
C GLN FC 62 28.01 36.37 -88.16
N ALA FC 63 27.18 36.61 -89.18
CA ALA FC 63 25.76 36.84 -88.99
C ALA FC 63 24.96 35.60 -89.37
N GLN FC 64 23.68 35.61 -89.00
CA GLN FC 64 22.81 34.46 -89.23
C GLN FC 64 21.46 34.93 -89.74
N ILE FC 65 20.96 34.24 -90.75
CA ILE FC 65 19.66 34.54 -91.34
C ILE FC 65 18.80 33.29 -91.25
N GLU FC 66 17.55 33.47 -90.79
CA GLU FC 66 16.66 32.35 -90.53
C GLU FC 66 15.53 32.36 -91.57
N VAL FC 67 15.47 31.30 -92.37
CA VAL FC 67 14.35 31.07 -93.28
C VAL FC 67 13.38 30.12 -92.59
N VAL FC 68 12.11 30.51 -92.53
CA VAL FC 68 11.12 29.82 -91.72
C VAL FC 68 10.14 29.11 -92.65
N PRO FC 69 10.24 27.78 -92.77
CA PRO FC 69 9.21 27.03 -93.49
C PRO FC 69 7.87 27.09 -92.77
N SER FC 70 6.80 27.02 -93.56
CA SER FC 70 5.44 27.14 -93.02
C SER FC 70 4.97 25.78 -92.54
N ALA FC 71 5.25 25.47 -91.29
CA ALA FC 71 4.65 24.31 -90.64
C ALA FC 71 3.14 24.53 -90.50
N SER FC 72 2.38 23.45 -90.65
CA SER FC 72 0.93 23.59 -90.66
C SER FC 72 0.38 23.99 -89.30
N ALA FC 73 0.84 23.32 -88.24
CA ALA FC 73 0.43 23.72 -86.89
C ALA FC 73 0.90 25.13 -86.57
N LEU FC 74 2.11 25.48 -87.00
CA LEU FC 74 2.63 26.83 -86.78
C LEU FC 74 1.73 27.86 -87.43
N ILE FC 75 1.37 27.65 -88.70
CA ILE FC 75 0.60 28.67 -89.42
C ILE FC 75 -0.83 28.73 -88.89
N ILE FC 76 -1.42 27.61 -88.50
CA ILE FC 76 -2.79 27.69 -87.98
C ILE FC 76 -2.81 28.37 -86.62
N LYS FC 77 -1.82 28.08 -85.76
CA LYS FC 77 -1.77 28.75 -84.46
C LYS FC 77 -1.43 30.23 -84.61
N ALA FC 78 -0.66 30.59 -85.63
CA ALA FC 78 -0.36 32.00 -85.87
C ALA FC 78 -1.57 32.72 -86.45
N LEU FC 79 -2.30 32.08 -87.35
CA LEU FC 79 -3.47 32.70 -87.94
C LEU FC 79 -4.60 32.85 -86.94
N LYS FC 80 -4.69 31.92 -85.98
CA LYS FC 80 -5.55 32.16 -84.83
C LYS FC 80 -4.95 33.28 -83.98
N GLU FC 81 -5.82 34.15 -83.48
CA GLU FC 81 -5.38 35.28 -82.67
C GLU FC 81 -5.08 34.85 -81.24
N ILE FC 98 -15.55 26.58 -85.91
CA ILE FC 98 -15.28 27.54 -86.97
C ILE FC 98 -14.71 26.79 -88.18
N THR FC 99 -15.06 27.24 -89.39
CA THR FC 99 -14.62 26.58 -90.60
C THR FC 99 -13.21 27.03 -91.00
N PHE FC 100 -13.04 28.35 -91.18
CA PHE FC 100 -11.81 29.01 -91.64
C PHE FC 100 -11.10 28.24 -92.76
N ASP FC 101 -11.87 27.69 -93.70
CA ASP FC 101 -11.29 26.89 -94.78
C ASP FC 101 -10.59 27.75 -95.82
N GLU FC 102 -11.04 29.00 -96.00
CA GLU FC 102 -10.52 29.84 -97.06
C GLU FC 102 -9.06 30.23 -96.82
N ILE FC 103 -8.64 30.32 -95.55
CA ILE FC 103 -7.27 30.69 -95.27
C ILE FC 103 -6.34 29.49 -95.37
N VAL FC 104 -6.79 28.31 -94.91
CA VAL FC 104 -5.98 27.11 -95.03
C VAL FC 104 -5.92 26.63 -96.48
N ASN FC 105 -6.87 27.05 -97.32
CA ASN FC 105 -6.79 26.71 -98.74
C ASN FC 105 -5.56 27.34 -99.38
N ILE FC 106 -5.26 28.59 -99.04
CA ILE FC 106 -4.10 29.28 -99.61
C ILE FC 106 -2.88 29.22 -98.72
N ALA FC 107 -2.99 28.64 -97.52
CA ALA FC 107 -1.86 28.57 -96.61
C ALA FC 107 -0.75 27.65 -97.10
N ARG FC 108 -0.98 26.84 -98.12
CA ARG FC 108 0.03 25.91 -98.61
C ARG FC 108 0.38 26.12 -100.08
N GLN FC 109 0.17 27.32 -100.61
CA GLN FC 109 0.67 27.60 -101.95
C GLN FC 109 2.17 27.87 -101.96
N MET FC 110 2.77 28.08 -100.79
CA MET FC 110 4.18 28.40 -100.67
C MET FC 110 4.97 27.34 -99.91
N ARG FC 111 4.34 26.24 -99.52
CA ARG FC 111 5.01 25.21 -98.74
C ARG FC 111 5.89 24.37 -99.65
N HIS FC 112 6.49 23.32 -99.08
CA HIS FC 112 7.29 22.39 -99.89
C HIS FC 112 6.44 21.70 -100.93
N ARG FC 113 5.19 21.38 -100.56
CA ARG FC 113 4.18 20.81 -101.46
C ARG FC 113 4.63 19.47 -102.03
N SER FC 114 5.44 18.72 -101.29
CA SER FC 114 5.75 17.35 -101.68
C SER FC 114 4.82 16.37 -100.98
N LEU FC 115 4.89 16.31 -99.64
CA LEU FC 115 3.91 15.67 -98.77
C LEU FC 115 3.59 14.22 -99.15
N ALA FC 116 4.38 13.63 -100.04
CA ALA FC 116 4.07 12.34 -100.66
C ALA FC 116 2.61 12.31 -101.15
N ARG FC 117 2.31 13.24 -102.06
CA ARG FC 117 0.94 13.49 -102.50
C ARG FC 117 0.75 13.04 -103.95
N GLU FC 118 -0.51 13.09 -104.38
CA GLU FC 118 -0.90 12.86 -105.76
C GLU FC 118 -1.57 14.07 -106.40
N LEU FC 119 -2.44 14.76 -105.67
CA LEU FC 119 -3.08 15.98 -106.14
C LEU FC 119 -3.08 17.00 -105.01
N SER FC 120 -3.67 18.17 -105.28
CA SER FC 120 -3.66 19.26 -104.33
C SER FC 120 -4.64 19.06 -103.17
N GLY FC 121 -5.71 18.30 -103.39
CA GLY FC 121 -6.68 18.07 -102.32
C GLY FC 121 -6.10 17.32 -101.14
N THR FC 122 -5.00 16.59 -101.35
CA THR FC 122 -4.34 15.89 -100.26
C THR FC 122 -3.88 16.86 -99.18
N ILE FC 123 -3.35 18.03 -99.59
CA ILE FC 123 -2.81 18.98 -98.64
C ILE FC 123 -3.92 19.56 -97.76
N LYS FC 124 -5.04 19.95 -98.37
CA LYS FC 124 -6.15 20.47 -97.58
C LYS FC 124 -6.78 19.38 -96.71
N GLU FC 125 -6.78 18.13 -97.19
CA GLU FC 125 -7.19 17.03 -96.33
C GLU FC 125 -6.28 16.93 -95.10
N ILE FC 126 -4.97 17.03 -95.29
CA ILE FC 126 -4.03 16.94 -94.19
C ILE FC 126 -4.22 18.09 -93.23
N LEU FC 127 -4.51 19.29 -93.76
CA LEU FC 127 -4.71 20.45 -92.91
C LEU FC 127 -5.96 20.30 -92.06
N GLY FC 128 -7.09 19.94 -92.69
CA GLY FC 128 -8.30 19.72 -91.94
C GLY FC 128 -8.18 18.59 -90.95
N THR FC 129 -7.33 17.61 -91.25
CA THR FC 129 -7.10 16.50 -90.34
C THR FC 129 -6.25 16.92 -89.15
N ALA FC 130 -5.20 17.71 -89.38
CA ALA FC 130 -4.28 18.10 -88.33
C ALA FC 130 -4.80 19.26 -87.49
N GLN FC 131 -5.81 19.99 -87.97
CA GLN FC 131 -6.35 21.10 -87.20
C GLN FC 131 -7.30 20.65 -86.10
N SER FC 132 -7.49 19.33 -85.93
CA SER FC 132 -8.27 18.84 -84.81
C SER FC 132 -7.61 19.17 -83.47
N VAL FC 133 -6.32 19.46 -83.48
CA VAL FC 133 -5.59 19.89 -82.29
C VAL FC 133 -6.09 21.27 -81.85
N HIS FC 141 -16.22 20.04 -84.30
CA HIS FC 141 -14.99 19.37 -84.69
C HIS FC 141 -14.74 19.49 -86.19
N PRO FC 142 -13.48 19.74 -86.57
CA PRO FC 142 -13.12 19.81 -87.99
C PRO FC 142 -12.80 18.45 -88.61
N HIS FC 143 -13.66 17.46 -88.33
CA HIS FC 143 -13.54 16.14 -88.91
C HIS FC 143 -14.73 15.75 -89.77
N ASP FC 144 -15.90 16.34 -89.54
CA ASP FC 144 -17.04 16.09 -90.41
C ASP FC 144 -16.76 16.57 -91.83
N ILE FC 145 -16.12 17.73 -91.96
CA ILE FC 145 -15.79 18.28 -93.27
C ILE FC 145 -14.71 17.48 -93.98
N ILE FC 146 -14.07 16.52 -93.31
CA ILE FC 146 -13.03 15.72 -93.95
C ILE FC 146 -13.65 14.77 -94.96
N ASP FC 147 -14.78 14.16 -94.62
CA ASP FC 147 -15.36 13.14 -95.49
C ASP FC 147 -16.11 13.76 -96.67
N ASP FC 148 -17.14 14.56 -96.39
CA ASP FC 148 -17.95 15.15 -97.44
C ASP FC 148 -17.43 16.54 -97.79
N ILE FC 149 -16.33 16.55 -98.53
CA ILE FC 149 -15.70 17.77 -99.00
C ILE FC 149 -15.62 17.72 -100.52
N ASN FC 150 -16.14 18.75 -101.17
CA ASN FC 150 -16.12 18.84 -102.63
C ASN FC 150 -15.74 20.22 -103.14
N SER FC 151 -15.75 21.25 -102.31
CA SER FC 151 -15.40 22.60 -102.72
C SER FC 151 -13.90 22.83 -102.60
N GLY FC 152 -13.34 23.51 -103.59
CA GLY FC 152 -11.91 23.74 -103.63
C GLY FC 152 -11.09 22.48 -103.83
N ALA FC 153 -11.57 21.56 -104.67
CA ALA FC 153 -10.85 20.32 -104.92
C ALA FC 153 -9.59 20.57 -105.74
N VAL FC 154 -9.68 21.44 -106.74
CA VAL FC 154 -8.54 21.76 -107.60
C VAL FC 154 -8.35 23.27 -107.62
N GLU FC 155 -8.78 23.94 -106.54
CA GLU FC 155 -8.71 25.40 -106.49
C GLU FC 155 -7.26 25.88 -106.47
N CYS FC 156 -6.40 25.18 -105.72
CA CYS FC 156 -5.01 25.62 -105.60
C CYS FC 156 -4.24 25.59 -106.92
N PRO FC 157 -4.23 24.48 -107.70
CA PRO FC 157 -3.42 24.58 -108.91
C PRO FC 157 -4.12 25.32 -110.05
N GLY GC 1 38.26 104.32 -5.07
CA GLY GC 1 37.86 104.97 -6.30
C GLY GC 1 37.47 103.98 -7.39
N PRO GC 2 38.47 103.48 -8.12
CA PRO GC 2 38.18 102.48 -9.16
C PRO GC 2 37.58 101.21 -8.56
N THR GC 3 36.66 100.61 -9.32
CA THR GC 3 35.96 99.42 -8.83
C THR GC 3 36.94 98.26 -8.63
N ALA GC 4 37.71 97.93 -9.67
CA ALA GC 4 38.68 96.84 -9.59
C ALA GC 4 39.97 97.19 -10.33
N ALA GC 5 40.46 98.41 -10.16
CA ALA GC 5 41.68 98.81 -10.86
C ALA GC 5 42.48 99.77 -9.97
N GLN GC 6 43.49 100.39 -10.58
CA GLN GC 6 44.51 101.27 -9.97
C GLN GC 6 45.48 100.46 -9.12
N ALA GC 7 45.15 99.18 -8.90
CA ALA GC 7 46.09 98.19 -8.40
C ALA GC 7 45.86 96.84 -9.06
N LYS GC 8 44.88 96.72 -9.95
CA LYS GC 8 44.49 95.45 -10.57
C LYS GC 8 44.18 95.71 -12.03
N SER GC 9 45.10 95.32 -12.91
CA SER GC 9 44.97 95.48 -14.35
C SER GC 9 45.70 94.30 -14.99
N LYS GC 10 46.04 94.43 -16.27
CA LYS GC 10 46.90 93.41 -16.87
C LYS GC 10 48.37 93.77 -16.66
N GLN GC 11 48.79 94.91 -17.21
CA GLN GC 11 50.17 95.35 -17.10
C GLN GC 11 50.53 95.74 -15.67
N ALA GC 12 49.60 96.39 -14.96
CA ALA GC 12 49.85 96.78 -13.58
C ALA GC 12 50.06 95.56 -12.70
N ILE GC 13 49.21 94.54 -12.85
CA ILE GC 13 49.38 93.32 -12.06
C ILE GC 13 50.68 92.60 -12.42
N LEU GC 14 51.01 92.57 -13.71
CA LEU GC 14 52.28 91.93 -14.10
C LEU GC 14 53.47 92.65 -13.47
N ALA GC 15 53.50 93.98 -13.56
CA ALA GC 15 54.60 94.74 -12.99
C ALA GC 15 54.64 94.63 -11.46
N ALA GC 16 53.47 94.46 -10.83
CA ALA GC 16 53.44 94.27 -9.38
C ALA GC 16 53.96 92.90 -9.00
N GLN GC 17 53.57 91.86 -9.76
CA GLN GC 17 54.07 90.52 -9.53
C GLN GC 17 55.58 90.42 -9.73
N ARG GC 18 56.15 91.29 -10.57
CA ARG GC 18 57.61 91.37 -10.64
C ARG GC 18 58.20 91.66 -9.26
N ARG GC 19 57.89 92.82 -8.68
CA ARG GC 19 58.44 93.20 -7.39
C ARG GC 19 57.44 92.97 -6.26
N GLY GC 20 57.08 91.71 -6.04
CA GLY GC 20 56.25 91.35 -4.90
C GLY GC 20 54.88 91.99 -4.90
N GLU GC 21 54.71 93.00 -4.04
CA GLU GC 21 53.56 93.89 -3.97
C GLU GC 21 52.31 93.23 -3.40
N ASP GC 22 52.37 91.91 -3.20
CA ASP GC 22 51.28 91.15 -2.58
C ASP GC 22 49.94 91.38 -3.29
N VAL GC 23 49.90 90.99 -4.56
CA VAL GC 23 48.72 91.22 -5.38
C VAL GC 23 47.56 90.39 -4.85
N GLU GC 24 46.44 91.05 -4.59
CA GLU GC 24 45.25 90.39 -4.04
C GLU GC 24 44.41 89.81 -5.17
N THR GC 25 43.98 88.57 -5.00
CA THR GC 25 43.13 87.89 -5.97
C THR GC 25 41.93 87.29 -5.25
N SER GC 26 40.74 87.59 -5.76
CA SER GC 26 39.50 87.12 -5.15
C SER GC 26 38.64 86.43 -6.21
N LYS GC 27 37.93 85.40 -5.78
CA LYS GC 27 37.10 84.64 -6.70
C LYS GC 27 35.81 85.40 -6.99
N LYS GC 28 35.17 85.04 -8.09
CA LYS GC 28 33.99 85.72 -8.57
C LYS GC 28 32.72 85.07 -8.00
N TRP GC 29 31.56 85.63 -8.36
CA TRP GC 29 30.29 85.08 -7.88
C TRP GC 29 30.07 83.67 -8.42
N ALA GC 30 30.17 83.49 -9.74
CA ALA GC 30 29.99 82.18 -10.34
C ALA GC 30 31.07 81.21 -9.88
N ALA GC 31 32.32 81.48 -10.27
CA ALA GC 31 33.49 80.72 -9.85
C ALA GC 31 33.33 79.23 -10.15
N GLY GC 32 33.21 78.92 -11.44
CA GLY GC 32 33.13 77.55 -11.87
C GLY GC 32 31.75 76.93 -11.83
N GLN GC 33 30.74 77.67 -11.39
CA GLN GC 33 29.38 77.14 -11.37
C GLN GC 33 28.81 77.05 -12.76
N ASN GC 34 28.03 76.00 -13.02
CA ASN GC 34 27.37 75.81 -14.31
C ASN GC 34 25.96 76.41 -14.27
N LYS GC 35 25.92 77.70 -13.97
CA LYS GC 35 24.66 78.40 -13.74
C LYS GC 35 23.87 78.50 -15.03
N GLN GC 36 22.82 77.68 -15.14
CA GLN GC 36 21.91 77.75 -16.28
C GLN GC 36 20.73 78.67 -16.03
N HIS GC 37 20.64 79.26 -14.83
CA HIS GC 37 19.49 80.09 -14.48
C HIS GC 37 19.43 81.35 -15.32
N SER GC 38 20.59 82.00 -15.54
CA SER GC 38 20.74 83.17 -16.39
C SER GC 38 19.86 84.33 -15.89
N ILE GC 39 20.21 84.81 -14.69
CA ILE GC 39 19.55 85.96 -14.11
C ILE GC 39 19.85 87.20 -14.94
N THR GC 40 18.80 87.98 -15.25
CA THR GC 40 18.93 89.16 -16.08
C THR GC 40 18.78 90.45 -15.30
N LYS GC 41 17.66 90.64 -14.61
CA LYS GC 41 17.45 91.84 -13.82
C LYS GC 41 18.09 91.67 -12.45
N ASN GC 42 18.61 92.78 -11.91
CA ASN GC 42 19.31 92.72 -10.64
C ASN GC 42 18.33 92.48 -9.50
N THR GC 43 18.62 91.48 -8.67
CA THR GC 43 17.77 91.19 -7.52
C THR GC 43 17.79 92.35 -6.53
N ALA GC 44 18.95 92.97 -6.34
CA ALA GC 44 19.03 94.14 -5.47
C ALA GC 44 18.20 95.29 -6.03
N LYS GC 45 18.24 95.49 -7.35
CA LYS GC 45 17.40 96.51 -7.97
C LYS GC 45 15.92 96.21 -7.76
N LEU GC 46 15.53 94.93 -7.89
CA LEU GC 46 14.14 94.56 -7.67
C LEU GC 46 13.72 94.80 -6.23
N ASP GC 47 14.59 94.50 -5.27
CA ASP GC 47 14.28 94.78 -3.87
C ASP GC 47 14.13 96.28 -3.64
N ARG GC 48 15.01 97.09 -4.23
CA ARG GC 48 14.94 98.53 -4.03
C ARG GC 48 13.70 99.14 -4.67
N GLU GC 49 13.29 98.62 -5.83
CA GLU GC 49 12.23 99.25 -6.62
C GLU GC 49 10.89 99.08 -5.92
N THR GC 50 10.46 100.13 -5.23
CA THR GC 50 9.15 100.18 -4.61
C THR GC 50 8.18 101.07 -5.37
N GLU GC 51 8.59 101.62 -6.50
CA GLU GC 51 7.74 102.49 -7.30
C GLU GC 51 7.46 101.93 -8.69
N GLU GC 52 8.50 101.59 -9.44
CA GLU GC 52 8.30 101.08 -10.80
C GLU GC 52 7.68 99.69 -10.75
N LEU GC 53 6.67 99.47 -11.58
CA LEU GC 53 5.96 98.20 -11.60
C LEU GC 53 5.58 97.76 -13.02
N HIS GC 54 6.29 98.27 -14.02
CA HIS GC 54 5.97 98.02 -15.42
C HIS GC 54 7.13 97.30 -16.09
N HIS GC 55 6.82 96.18 -16.74
CA HIS GC 55 7.83 95.42 -17.47
C HIS GC 55 7.82 95.84 -18.94
N ASP GC 56 8.62 95.15 -19.75
CA ASP GC 56 8.94 95.63 -21.09
C ASP GC 56 8.35 94.78 -22.21
N ARG GC 57 8.60 93.48 -22.20
CA ARG GC 57 8.13 92.53 -23.22
C ARG GC 57 8.76 92.78 -24.60
N VAL GC 58 8.69 91.77 -25.46
CA VAL GC 58 9.31 91.83 -26.79
C VAL GC 58 8.34 92.46 -27.77
N THR GC 59 8.84 93.38 -28.60
CA THR GC 59 8.01 94.03 -29.60
C THR GC 59 7.70 93.08 -30.76
N LEU GC 60 6.58 93.35 -31.43
CA LEU GC 60 6.19 92.56 -32.57
C LEU GC 60 7.18 92.68 -33.72
N GLU GC 61 7.94 93.77 -33.79
CA GLU GC 61 9.01 93.87 -34.78
C GLU GC 61 10.04 92.76 -34.55
N VAL GC 62 10.47 92.59 -33.30
CA VAL GC 62 11.41 91.53 -32.97
C VAL GC 62 10.79 90.17 -33.21
N GLY GC 63 9.51 90.01 -32.89
CA GLY GC 63 8.84 88.75 -33.17
C GLY GC 63 8.83 88.41 -34.65
N LYS GC 64 8.57 89.40 -35.50
CA LYS GC 64 8.60 89.19 -36.94
C LYS GC 64 10.00 88.86 -37.43
N VAL GC 65 11.02 89.50 -36.85
CA VAL GC 65 12.41 89.17 -37.20
C VAL GC 65 12.70 87.71 -36.88
N ILE GC 66 12.25 87.26 -35.70
CA ILE GC 66 12.46 85.87 -35.30
C ILE GC 66 11.76 84.91 -36.26
N GLN GC 67 10.51 85.21 -36.59
CA GLN GC 67 9.76 84.34 -37.50
C GLN GC 67 10.40 84.30 -38.87
N GLN GC 68 10.85 85.45 -39.39
CA GLN GC 68 11.49 85.50 -40.69
C GLN GC 68 12.78 84.69 -40.69
N GLY GC 69 13.60 84.83 -39.65
CA GLY GC 69 14.83 84.07 -39.58
C GLY GC 69 14.58 82.57 -39.54
N ARG GC 70 13.61 82.14 -38.74
CA ARG GC 70 13.33 80.70 -38.65
C ARG GC 70 12.76 80.17 -39.95
N GLN GC 71 11.88 80.92 -40.61
CA GLN GC 71 11.33 80.45 -41.87
C GLN GC 71 12.37 80.46 -42.97
N SER GC 72 13.36 81.35 -42.88
CA SER GC 72 14.47 81.31 -43.81
C SER GC 72 15.34 80.08 -43.57
N LYS GC 73 15.56 79.72 -42.31
CA LYS GC 73 16.40 78.57 -41.98
C LYS GC 73 15.63 77.25 -41.99
N GLY GC 74 14.33 77.28 -42.23
CA GLY GC 74 13.52 76.07 -42.24
C GLY GC 74 13.44 75.37 -40.89
N LEU GC 75 13.38 76.13 -39.80
CA LEU GC 75 13.31 75.56 -38.46
C LEU GC 75 12.00 75.94 -37.81
N THR GC 76 11.29 74.95 -37.27
CA THR GC 76 10.04 75.20 -36.58
C THR GC 76 10.32 75.64 -35.15
N GLN GC 77 9.24 75.93 -34.41
CA GLN GC 77 9.39 76.33 -33.01
C GLN GC 77 10.04 75.24 -32.19
N LYS GC 78 9.58 74.00 -32.32
CA LYS GC 78 10.17 72.90 -31.58
C LYS GC 78 11.61 72.65 -31.99
N ASP GC 79 11.90 72.78 -33.29
CA ASP GC 79 13.26 72.56 -33.78
C ASP GC 79 14.23 73.57 -33.18
N LEU GC 80 13.87 74.85 -33.23
CA LEU GC 80 14.75 75.85 -32.65
C LEU GC 80 14.79 75.75 -31.14
N ALA GC 81 13.70 75.31 -30.52
CA ALA GC 81 13.69 75.11 -29.08
C ALA GC 81 14.69 74.04 -28.67
N THR GC 82 14.72 72.91 -29.38
CA THR GC 82 15.70 71.89 -29.07
C THR GC 82 17.12 72.34 -29.42
N LYS GC 83 17.28 73.14 -30.48
CA LYS GC 83 18.61 73.63 -30.83
C LYS GC 83 19.16 74.55 -29.76
N ILE GC 84 18.32 75.42 -29.20
CA ILE GC 84 18.75 76.38 -28.19
C ILE GC 84 18.70 75.80 -26.79
N ASN GC 85 18.08 74.62 -26.62
CA ASN GC 85 17.86 74.01 -25.31
C ASN GC 85 17.00 74.92 -24.44
N GLU GC 86 15.80 75.19 -24.94
CA GLU GC 86 14.81 75.99 -24.24
C GLU GC 86 13.43 75.43 -24.60
N LYS GC 87 12.44 75.76 -23.79
CA LYS GC 87 11.12 75.20 -23.97
C LYS GC 87 10.41 75.81 -25.18
N PRO GC 88 9.63 74.99 -25.90
CA PRO GC 88 8.83 75.54 -27.02
C PRO GC 88 7.82 76.58 -26.57
N GLN GC 89 7.33 76.51 -25.33
CA GLN GC 89 6.44 77.56 -24.83
C GLN GC 89 7.17 78.90 -24.76
N VAL GC 90 8.42 78.89 -24.30
CA VAL GC 90 9.21 80.12 -24.28
C VAL GC 90 9.51 80.59 -25.69
N ILE GC 91 9.76 79.65 -26.60
CA ILE GC 91 10.01 79.99 -28.00
C ILE GC 91 8.79 80.70 -28.60
N ALA GC 92 7.60 80.14 -28.37
CA ALA GC 92 6.38 80.76 -28.86
C ALA GC 92 6.11 82.09 -28.19
N ASP GC 93 6.46 82.22 -26.91
CA ASP GC 93 6.33 83.50 -26.23
C ASP GC 93 7.23 84.56 -26.88
N TYR GC 94 8.43 84.18 -27.26
CA TYR GC 94 9.33 85.14 -27.92
C TYR GC 94 8.82 85.51 -29.30
N GLU GC 95 8.23 84.55 -30.03
CA GLU GC 95 7.60 84.92 -31.29
C GLU GC 95 6.42 85.86 -31.09
N SER GC 96 5.60 85.61 -30.08
CA SER GC 96 4.46 86.47 -29.78
C SER GC 96 4.96 87.72 -29.05
N GLY GC 97 4.03 88.48 -28.47
CA GLY GC 97 4.39 89.69 -27.78
C GLY GC 97 4.59 89.59 -26.28
N ARG GC 98 4.44 88.40 -25.69
CA ARG GC 98 4.51 88.28 -24.24
C ARG GC 98 5.95 88.23 -23.76
N ALA GC 99 6.65 87.14 -24.09
CA ALA GC 99 8.09 86.98 -23.93
C ALA GC 99 8.66 87.41 -22.58
N ILE GC 100 8.71 88.73 -22.34
CA ILE GC 100 9.46 89.34 -21.23
C ILE GC 100 10.92 88.92 -21.37
N PRO GC 101 11.66 89.54 -22.29
CA PRO GC 101 12.91 88.94 -22.79
C PRO GC 101 13.99 88.80 -21.74
N ASN GC 102 14.84 87.79 -21.96
CA ASN GC 102 16.09 87.61 -21.22
C ASN GC 102 17.25 87.77 -22.19
N ASN GC 103 18.31 88.43 -21.72
CA ASN GC 103 19.44 88.75 -22.58
C ASN GC 103 20.16 87.49 -23.05
N GLN GC 104 20.32 86.51 -22.15
CA GLN GC 104 20.99 85.27 -22.53
C GLN GC 104 20.19 84.52 -23.60
N VAL GC 105 18.88 84.45 -23.44
CA VAL GC 105 18.05 83.77 -24.42
C VAL GC 105 18.05 84.52 -25.75
N LEU GC 106 18.02 85.85 -25.69
CA LEU GC 106 18.07 86.64 -26.92
C LEU GC 106 19.38 86.42 -27.66
N GLY GC 107 20.49 86.38 -26.94
CA GLY GC 107 21.76 86.07 -27.58
C GLY GC 107 21.81 84.68 -28.15
N LYS GC 108 21.21 83.71 -27.45
CA LYS GC 108 21.15 82.36 -27.95
C LYS GC 108 20.38 82.28 -29.26
N ILE GC 109 19.24 83.00 -29.33
CA ILE GC 109 18.46 83.00 -30.56
C ILE GC 109 19.22 83.72 -31.68
N GLU GC 110 19.94 84.80 -31.34
CA GLU GC 110 20.77 85.47 -32.33
C GLU GC 110 21.79 84.51 -32.93
N ARG GC 111 22.51 83.78 -32.06
CA ARG GC 111 23.52 82.84 -32.54
C ARG GC 111 22.89 81.71 -33.36
N ALA GC 112 21.71 81.25 -32.96
CA ALA GC 112 21.08 80.15 -33.67
C ALA GC 112 20.52 80.57 -35.03
N ILE GC 113 20.05 81.80 -35.16
CA ILE GC 113 19.38 82.25 -36.37
C ILE GC 113 20.35 82.90 -37.34
N GLY GC 114 21.10 83.90 -36.87
CA GLY GC 114 21.98 84.67 -37.74
C GLY GC 114 21.60 86.12 -37.88
N LEU GC 115 20.56 86.58 -37.19
CA LEU GC 115 20.13 87.97 -37.25
C LEU GC 115 20.29 88.61 -35.88
N LYS GC 116 21.01 89.73 -35.83
CA LYS GC 116 21.20 90.43 -34.57
C LYS GC 116 19.92 91.15 -34.17
N LEU GC 117 19.67 91.18 -32.86
CA LEU GC 117 18.50 91.88 -32.34
C LEU GC 117 18.76 92.60 -31.01
N ARG GC 118 20.01 92.67 -30.55
CA ARG GC 118 20.34 93.33 -29.28
C ARG GC 118 20.75 94.76 -29.60
N GLY GC 119 19.76 95.65 -29.67
CA GLY GC 119 20.04 97.05 -29.88
C GLY GC 119 20.61 97.34 -31.26
N LYS GC 120 21.26 98.51 -31.34
CA LYS GC 120 21.85 99.03 -32.58
C LYS GC 120 20.78 99.08 -33.67
N ASP GC 121 20.86 98.15 -34.61
CA ASP GC 121 19.82 97.94 -35.60
C ASP GC 121 19.36 96.50 -35.54
N ILE GC 122 18.05 96.30 -35.48
CA ILE GC 122 17.46 94.98 -35.32
C ILE GC 122 17.24 94.39 -36.71
N GLY GC 123 17.91 93.28 -36.99
CA GLY GC 123 17.77 92.63 -38.27
C GLY GC 123 19.01 92.70 -39.14
N LYS GC 124 20.17 92.67 -38.51
CA LYS GC 124 21.41 92.58 -39.27
C LYS GC 124 21.46 91.22 -39.98
N PRO GC 125 21.78 91.19 -41.27
CA PRO GC 125 21.74 89.90 -42.00
C PRO GC 125 22.67 88.85 -41.42
N ILE GC 126 23.84 89.25 -40.94
CA ILE GC 126 24.80 88.34 -40.33
C ILE GC 126 25.20 88.91 -38.98
N GLU GC 127 25.41 88.02 -38.00
CA GLU GC 127 25.82 88.43 -36.67
C GLU GC 127 27.19 89.10 -36.71
N LYS GC 128 28.22 88.32 -37.04
CA LYS GC 128 29.56 88.86 -37.24
C LYS GC 128 30.30 88.27 -38.44
N GLY GC 129 29.92 87.09 -38.92
CA GLY GC 129 30.64 86.44 -39.99
C GLY GC 129 31.57 85.36 -39.47
N PRO GC 130 31.13 84.11 -39.54
CA PRO GC 130 31.94 83.00 -39.03
C PRO GC 130 32.91 82.46 -40.06
N ARG GC 131 33.99 81.87 -39.54
CA ARG GC 131 34.99 81.24 -40.40
C ARG GC 131 35.71 80.16 -39.61
N ALA GC 132 36.15 79.12 -40.32
CA ALA GC 132 36.88 78.02 -39.70
C ALA GC 132 38.35 78.37 -39.51
MG MG HC . -67.75 63.64 -2.99
MG MG IC . 111.89 12.85 -17.51
ZN ZN JC . -7.51 40.66 41.37
MG MG KC . 6.27 50.15 29.30
MG MG LC . 31.95 50.18 20.99
MG MG MC . 22.65 63.47 -17.39
MG MG NC . 45.44 30.97 45.22
MG MG OC . 55.04 47.02 50.13
MG MG PC . 39.98 43.88 41.05
MG MG QC . 55.16 25.76 1.89
MG MG RC . 71.17 18.54 -2.30
MG MG SC . 90.45 16.93 -5.50
MG MG TC . -28.27 24.46 39.72
MG MG UC . 20.39 43.82 26.92
MG MG VC . 26.69 40.00 16.01
MG MG WC . -17.63 88.03 17.63
MG MG XC . -9.70 42.87 32.57
MG MG YC . -0.07 36.09 29.36
MG MG ZC . 5.59 9.37 42.94
MG MG AD . -3.70 40.34 25.69
MG MG BD . 62.04 34.67 2.38
MG MG CD . -2.30 36.84 25.14
MG MG DD . 70.09 12.25 -5.15
MG MG ED . -12.87 21.96 41.12
MG MG FD . 11.75 21.53 43.66
MG MG GD . 13.86 35.70 43.50
MG MG HD . 69.00 32.40 -1.56
MG MG ID . 49.16 65.93 -29.56
MG MG JD . -5.97 -26.64 14.60
MG MG KD . -22.12 -67.78 -10.44
MG MG LD . 8.96 -42.19 -5.47
MG MG MD . -34.17 -41.66 -18.03
MG MG ND . -26.01 -62.80 74.40
MG MG OD . -31.17 -40.38 9.74
MG MG PD . 8.77 -44.96 -13.87
MG MG QD . -17.31 -41.32 -18.21
MG MG RD . -39.08 -66.68 -29.97
MG MG SD . -62.37 -62.10 66.96
MG MG TD . -47.80 -48.71 23.32
MG MG UD . -63.94 -60.28 12.60
MG MG VD . -14.78 -46.42 -3.44
MG MG WD . -7.81 -50.28 -22.89
MG MG XD . -16.44 -59.90 -19.21
MG MG YD . -22.57 -73.91 14.49
MG MG ZD . -4.90 -94.82 7.50
MG MG AE . -0.49 -26.25 6.61
MG MG BE . -28.93 -59.81 7.29
MG MG CE . -0.16 -48.34 -8.39
MG MG DE . 2.80 -47.03 -13.05
MG MG EE . -31.73 -61.58 49.37
MG MG FE . -50.17 -65.03 47.50
MG MG GE . -17.57 -78.39 16.83
MG MG HE . -3.75 -23.71 18.37
MG MG IE . -23.41 -58.02 -23.19
MG MG JE . -34.15 -45.14 5.29
MG MG KE . -32.82 -114.81 29.57
MG MG LE . -25.87 -107.03 18.37
MG MG ME . -31.41 -47.98 -12.34
MG MG NE . -12.60 -45.37 1.54
MG MG OE . -33.72 -56.02 32.69
MG MG PE . -19.28 -46.12 -18.60
MG MG QE . -35.58 -71.22 -28.12
MG MG RE . -32.59 -66.58 -17.82
MG MG SE . -29.07 -39.70 16.57
MG MG TE . -25.60 -27.80 18.95
MG MG UE . -39.71 -39.87 20.16
MG MG VE . -75.23 -67.80 18.05
MG MG WE . -72.14 -37.84 29.31
MG MG XE . -24.05 -55.10 10.97
MG MG YE . -53.35 -60.52 48.54
MG MG ZE . 2.57 -59.70 26.45
MG MG AF . 4.95 -36.03 -17.45
MG MG BF . -6.98 -50.07 -11.44
MG MG CF . -28.35 -54.06 -20.03
MG MG DF . -24.88 -48.91 -10.13
MG MG EF . -35.67 -58.44 -29.95
MG MG FF . -36.04 -42.70 9.64
MG MG GF . -30.56 -108.97 20.32
MG MG HF . 41.74 -51.10 25.13
MG MG IF . -16.26 -51.57 -8.23
MG MG JF . -2.53 -36.39 -55.02
MG MG KF . 21.96 -66.08 -1.11
MG MG LF . 6.56 -35.13 15.75
MG MG MF . 7.52 -56.35 18.23
MG MG NF . 21.67 -62.66 -5.73
MG MG OF . -30.23 -55.43 -44.04
MG MG PF . -62.46 -55.78 71.58
MG MG QF . -47.14 -24.43 -37.56
MG MG RF . 51.66 -38.39 -1.87
MG MG SF . 13.55 -47.39 56.00
MG MG TF . 11.88 -28.36 10.95
MG MG UF . -46.43 -34.13 -38.53
MG MG VF . 11.18 -32.90 14.43
MG MG WF . -32.55 -38.34 -3.37
MG MG XF . 0.26 -49.36 59.37
MG MG YF . -18.10 -61.70 -40.43
MG MG ZF . -39.82 -21.63 -47.89
MG MG AG . 22.67 -22.17 32.50
MG MG BG . -6.32 -59.71 -7.22
MG MG CG . -7.44 -105.10 4.45
MG MG DG . -23.60 -73.74 -60.91
MG MG EG . 1.11 -52.91 56.23
MG MG FG . 9.90 -61.97 28.40
MG MG GG . 25.34 -66.75 46.81
MG MG HG . 24.90 -23.71 27.63
MG MG IG . -44.47 -31.19 -7.19
MG MG JG . 45.86 -54.48 24.19
MG MG KG . 11.96 -17.43 21.64
MG MG LG . -0.53 -16.14 29.44
MG MG MG . 17.11 -38.48 -0.07
MG MG NG . -13.84 -8.82 12.24
MG MG OG . 20.37 -74.72 14.62
MG MG PG . 26.49 -28.15 7.27
MG MG QG . -28.28 -74.27 2.36
MG MG RG . -0.95 -44.12 23.08
MG MG SG . -19.91 -77.89 -1.64
MG MG TG . -25.43 -76.93 -47.24
MG MG UG . 21.36 -63.51 47.38
MG MG VG . 38.06 -48.28 21.83
MG MG WG . 23.11 -73.25 35.05
MG MG XG . 33.27 -57.86 13.08
MG MG YG . -48.66 -30.91 -35.78
MG MG ZG . -11.75 -52.07 -43.69
MG MG AH . 31.29 -65.41 15.78
MG MG BH . 13.28 -77.46 32.46
MG MG CH . 13.32 -67.24 58.74
MG MG DH . -23.24 -89.48 -25.80
MG MG EH . -15.08 -73.93 -4.02
MG MG FH . 41.22 -29.89 -5.82
MG MG GH . 5.73 -3.58 27.13
MG MG HH . -37.25 -98.71 -45.06
MG MG IH . -51.16 -59.00 -5.47
MG MG JH . 15.67 -40.30 5.75
MG MG KH . 11.53 -29.47 -45.72
MG MG LH . -81.52 -63.04 -22.46
MG MG MH . -10.74 -61.68 -50.48
MG MG NH . -7.20 -70.64 -55.32
MG MG OH . -69.31 -78.94 -89.72
MG MG PH . 2.89 -44.05 37.37
MG MG QH . 22.55 -15.15 -5.11
MG MG RH . -43.83 -7.45 -48.82
MG MG SH . -18.07 -23.25 22.85
MG MG TH . 24.40 -61.04 3.69
MG MG UH . 26.33 -54.35 -43.18
MG MG VH . 2.66 -0.43 1.34
MG MG WH . -34.66 -17.49 18.09
MG MG XH . -82.36 -4.39 -32.42
MG MG YH . 8.61 10.61 4.74
MG MG ZH . 42.47 -37.04 -22.66
MG MG AI . -23.65 -38.50 -23.11
MG MG BI . 18.69 -86.97 13.93
MG MG CI . -67.63 -17.03 -21.19
MG MG DI . 16.80 -29.95 -30.31
MG MG EI . -66.15 -76.33 35.05
MG MG FI . -7.23 2.39 21.17
MG MG GI . 26.42 -39.67 -63.90
MG MG HI . -40.67 -106.37 35.86
MG MG II . 4.32 2.01 -56.33
MG MG JI . -80.33 -50.50 -15.32
MG MG KI . 27.07 -55.62 36.75
MG MG LI . -81.31 -21.88 -15.96
MG MG MI . 24.60 -20.34 -8.82
MG MG NI . -41.78 -4.18 34.36
MG MG OI . -0.98 7.43 7.35
MG MG PI . 12.80 -2.33 1.03
MG MG QI . 27.12 -40.59 -35.97
MG MG RI . 22.93 -23.36 -12.47
MG MG SI . 2.07 -53.22 -29.62
MG MG TI . -6.65 -19.66 -36.81
MG MG UI . 15.92 -66.10 -10.61
MG MG VI . 17.26 -33.25 -64.72
MG MG WI . -36.31 -72.77 -85.61
MG MG XI . 22.68 -61.11 21.49
MG MG YI . 28.63 -11.92 -51.95
MG MG ZI . 44.74 -26.91 -4.53
MG MG AJ . 29.45 -9.75 16.25
MG MG BJ . -75.50 -3.06 -30.22
MG MG CJ . 8.44 -27.97 0.68
MG MG DJ . -25.88 -35.08 12.92
MG MG EJ . 18.11 -55.96 24.50
MG MG FJ . -43.53 -33.17 -1.52
MG MG GJ . -27.61 -59.86 -34.97
MG MG HJ . 7.22 -10.16 0.85
MG MG IJ . 44.81 -55.09 66.88
MG MG JJ . -36.36 -71.90 -38.87
N1 SPM KJ . -54.23 -16.21 -40.93
C2 SPM KJ . -53.57 -16.87 -42.03
C3 SPM KJ . -53.71 -18.38 -41.88
C4 SPM KJ . -52.96 -19.11 -42.99
N5 SPM KJ . -51.77 -18.37 -43.36
C6 SPM KJ . -50.64 -18.93 -42.67
C7 SPM KJ . -49.43 -18.96 -43.60
C8 SPM KJ . -48.19 -19.29 -42.78
C9 SPM KJ . -47.17 -20.00 -43.66
N10 SPM KJ . -46.01 -20.36 -42.88
C11 SPM KJ . -45.00 -20.85 -43.77
C12 SPM KJ . -43.74 -21.20 -42.97
C13 SPM KJ . -43.01 -19.92 -42.59
N14 SPM KJ . -41.92 -20.26 -41.71
MG MG LJ . -27.25 -37.87 -29.74
MG MG MJ . -14.96 -86.77 9.45
N1 SPD NJ . -41.99 -37.55 5.64
C2 SPD NJ . -42.96 -36.51 5.95
C3 SPD NJ . -44.30 -37.16 6.28
C4 SPD NJ . -45.36 -36.10 6.49
C5 SPD NJ . -46.71 -36.79 6.42
N6 SPD NJ . -47.76 -35.86 6.80
C7 SPD NJ . -48.96 -36.63 7.11
C8 SPD NJ . -50.09 -35.69 7.47
C9 SPD NJ . -51.36 -36.52 7.68
N10 SPD NJ . -52.50 -35.63 7.67
MG MG OJ . 65.03 -61.98 -4.95
N1 SPM PJ . -36.61 -41.95 -11.91
C2 SPM PJ . -35.92 -40.70 -12.20
C3 SPM PJ . -36.94 -39.56 -12.25
C4 SPM PJ . -36.24 -38.27 -12.66
N5 SPM PJ . -37.21 -37.20 -12.74
C6 SPM PJ . -37.41 -36.84 -14.13
C7 SPM PJ . -37.39 -35.31 -14.28
C8 SPM PJ . -35.96 -34.84 -14.42
C9 SPM PJ . -35.91 -33.38 -14.87
N10 SPM PJ . -34.53 -32.98 -15.02
C11 SPM PJ . -34.47 -31.69 -15.69
C12 SPM PJ . -34.78 -31.89 -17.17
C13 SPM PJ . -35.71 -30.78 -17.64
N14 SPM PJ . -34.91 -29.62 -18.02
N1 SPM QJ . -54.42 -39.58 24.75
C2 SPM QJ . -53.54 -38.53 24.27
C3 SPM QJ . -52.49 -39.16 23.37
C4 SPM QJ . -51.47 -39.88 24.22
N5 SPM QJ . -50.24 -40.01 23.48
C6 SPM QJ . -49.35 -40.89 24.21
C7 SPM QJ . -47.91 -40.50 23.89
C8 SPM QJ . -47.08 -41.78 23.77
C9 SPM QJ . -46.18 -41.93 24.99
N10 SPM QJ . -45.87 -43.33 25.16
C11 SPM QJ . -44.46 -43.55 24.99
C12 SPM QJ . -44.02 -44.71 25.88
C13 SPM QJ . -44.48 -46.02 25.27
N14 SPM QJ . -44.13 -47.09 26.17
MG MG RJ . 40.55 -49.90 63.73
MG MG SJ . -0.05 -11.78 32.26
N1 SPM TJ . -23.94 -40.72 30.14
C2 SPM TJ . -23.37 -41.29 28.94
C3 SPM TJ . -23.22 -40.21 27.88
C4 SPM TJ . -23.14 -40.86 26.51
N5 SPM TJ . -23.24 -39.83 25.49
C6 SPM TJ . -21.96 -39.17 25.35
C7 SPM TJ . -22.08 -38.04 24.33
C8 SPM TJ . -22.23 -38.64 22.94
C9 SPM TJ . -23.30 -37.89 22.17
N10 SPM TJ . -22.69 -36.84 21.36
C11 SPM TJ . -23.18 -35.56 21.84
C12 SPM TJ . -22.39 -34.43 21.20
C13 SPM TJ . -22.99 -34.07 19.85
N14 SPM TJ . -22.67 -32.69 19.57
MG MG UJ . 9.63 -31.93 23.77
MG MG VJ . -12.60 -38.50 74.47
MG MG WJ . 55.39 -43.26 21.34
MG MG XJ . 62.93 -25.18 23.26
MG MG YJ . -18.95 -55.44 -11.16
MG MG ZJ . 16.50 -29.85 -86.96
MG MG AK . -9.96 -65.99 -2.43
MG MG BK . -1.56 -46.53 39.84
MG MG CK . -13.78 7.44 25.23
MG MG DK . 63.54 -47.64 21.82
MG MG EK . -57.93 -85.80 18.92
MG MG FK . 39.68 -14.33 75.27
MG MG GK . 10.13 -6.96 22.78
MG MG HK . 51.23 -66.56 62.58
MG MG IK . -67.16 -56.72 51.32
N1 SPD JK . 8.75 -38.02 23.44
C2 SPD JK . 10.02 -38.72 23.33
C3 SPD JK . 10.41 -38.82 21.87
C4 SPD JK . 11.86 -39.33 21.73
C5 SPD JK . 12.45 -38.80 20.44
N6 SPD JK . 13.70 -39.48 20.15
C7 SPD JK . 14.23 -39.00 18.89
C8 SPD JK . 15.61 -39.58 18.64
C9 SPD JK . 16.06 -39.12 17.26
N10 SPD JK . 17.51 -39.23 17.14
N1 SPD KK . -62.07 -52.24 53.56
C2 SPD KK . -62.81 -53.09 52.64
C3 SPD KK . -61.86 -53.63 51.58
C4 SPD KK . -60.97 -54.71 52.20
C5 SPD KK . -59.68 -54.81 51.39
N6 SPD KK . -59.62 -56.09 50.71
C7 SPD KK . -58.33 -56.24 50.07
C8 SPD KK . -57.23 -56.36 51.12
C9 SPD KK . -55.89 -55.96 50.50
N10 SPD KK . -55.46 -56.95 49.54
N1 SPD LK . 25.05 -35.12 26.04
C2 SPD LK . 25.84 -34.08 25.38
C3 SPD LK . 25.21 -33.76 24.05
C4 SPD LK . 26.12 -32.82 23.26
C5 SPD LK . 25.31 -31.68 22.67
N6 SPD LK . 26.11 -30.48 22.64
C7 SPD LK . 26.90 -30.52 21.43
C8 SPD LK . 27.93 -29.40 21.44
C9 SPD LK . 29.19 -29.90 20.74
N10 SPD LK . 29.77 -28.84 19.94
N1 SPD MK . -15.96 -44.60 -34.56
C2 SPD MK . -14.86 -45.19 -35.30
C3 SPD MK . -13.67 -44.24 -35.29
C4 SPD MK . -12.53 -44.85 -36.09
C5 SPD MK . -11.19 -44.49 -35.47
N6 SPD MK . -10.78 -45.52 -34.53
C7 SPD MK . -9.41 -45.27 -34.13
C8 SPD MK . -8.98 -46.26 -33.04
C9 SPD MK . -7.49 -46.08 -32.79
N10 SPD MK . -7.06 -46.92 -31.70
N1 SPD NK . -5.42 -83.73 -21.69
C2 SPD NK . -6.27 -83.53 -22.85
C3 SPD NK . -5.45 -83.64 -24.13
C4 SPD NK . -4.32 -82.61 -24.12
C5 SPD NK . -3.85 -82.39 -25.56
N6 SPD NK . -2.82 -81.36 -25.59
C7 SPD NK . -2.62 -80.95 -26.97
C8 SPD NK . -1.26 -81.44 -27.46
C9 SPD NK . -0.20 -80.38 -27.20
N10 SPD NK . 1.12 -80.98 -27.24
N1 SPM OK . 22.98 -44.53 -37.54
C2 SPM OK . 22.87 -44.49 -39.00
C3 SPM OK . 22.75 -45.90 -39.57
C4 SPM OK . 21.28 -46.26 -39.75
N5 SPM OK . 20.48 -45.51 -38.78
C6 SPM OK . 19.07 -45.59 -39.12
C7 SPM OK . 18.35 -44.43 -38.47
C8 SPM OK . 19.03 -43.12 -38.87
C9 SPM OK . 18.30 -41.96 -38.23
N10 SPM OK . 16.89 -42.02 -38.58
C11 SPM OK . 16.40 -40.67 -38.78
C12 SPM OK . 15.89 -40.53 -40.21
C13 SPM OK . 15.50 -39.07 -40.47
N14 SPM OK . 14.87 -38.96 -41.77
N1 SPD PK . 31.19 -36.59 -45.21
C2 SPD PK . 31.02 -37.98 -45.62
C3 SPD PK . 29.94 -38.64 -44.78
C4 SPD PK . 30.46 -38.90 -43.38
C5 SPD PK . 29.29 -38.95 -42.41
N6 SPD PK . 28.45 -40.09 -42.70
C7 SPD PK . 27.31 -40.11 -41.81
C8 SPD PK . 26.22 -40.99 -42.41
C9 SPD PK . 25.44 -41.67 -41.28
N10 SPD PK . 25.09 -43.02 -41.68
N1 SPD QK . -23.52 -58.21 17.66
C2 SPD QK . -23.00 -58.17 19.01
C3 SPD QK . -23.71 -59.22 19.85
C4 SPD QK . -23.10 -60.58 19.54
C5 SPD QK . -23.50 -61.58 20.63
N6 SPD QK . -24.88 -61.34 21.02
C7 SPD QK . -24.98 -61.50 22.45
C8 SPD QK . -25.64 -62.83 22.78
C9 SPD QK . -27.16 -62.70 22.68
N10 SPD QK . -27.55 -62.78 21.28
N1 SPM RK . 14.29 -0.42 8.05
C2 SPM RK . 13.03 -1.14 8.04
C3 SPM RK . 12.30 -0.91 9.37
C4 SPM RK . 10.96 -1.63 9.35
N5 SPM RK . 10.29 -1.42 10.62
C6 SPM RK . 8.95 -2.01 10.59
C7 SPM RK . 9.04 -3.49 10.98
C8 SPM RK . 9.16 -3.61 12.50
C9 SPM RK . 7.77 -3.67 13.12
N10 SPM RK . 7.37 -5.04 13.33
C11 SPM RK . 6.90 -5.21 14.68
C12 SPM RK . 6.18 -6.56 14.83
C13 SPM RK . 5.10 -6.70 13.77
N14 SPM RK . 4.07 -5.71 13.99
N1 SPM SK . 10.67 -63.46 -29.01
C2 SPM SK . 9.53 -64.35 -28.75
C3 SPM SK . 8.62 -64.35 -29.97
C4 SPM SK . 7.47 -65.32 -29.74
N5 SPM SK . 6.42 -65.09 -30.72
C6 SPM SK . 6.94 -65.26 -32.06
C7 SPM SK . 5.92 -64.76 -33.08
C8 SPM SK . 4.54 -65.40 -32.84
C9 SPM SK . 3.80 -65.53 -34.17
N10 SPM SK . 2.56 -66.26 -33.96
C11 SPM SK . 2.20 -67.00 -35.16
C12 SPM SK . 1.06 -67.97 -34.86
C13 SPM SK . 1.24 -69.24 -35.68
N14 SPM SK . 0.04 -69.49 -36.45
MG MG TK . 3.15 -89.42 -11.53
MG MG UK . -30.56 -51.03 -47.40
MG MG VK . -60.62 -6.00 -65.75
MG MG WK . -39.43 -37.72 -58.62
N1 SPD XK . -27.62 -48.52 67.15
C2 SPD XK . -27.00 -48.60 68.46
C3 SPD XK . -26.84 -50.06 68.87
C4 SPD XK . -25.89 -50.15 70.06
C5 SPD XK . -24.46 -50.29 69.57
N6 SPD XK . -24.10 -51.70 69.54
C7 SPD XK . -22.71 -51.84 69.21
C8 SPD XK . -22.09 -52.93 70.07
C9 SPD XK . -20.60 -52.62 70.29
N10 SPD XK . -20.04 -53.61 71.19
MG MG YK . -1.65 -91.40 -0.30
MG MG ZK . -25.30 -92.73 3.16
MG MG AL . -38.02 -35.35 87.75
MG MG BL . -16.92 -98.39 55.02
MG MG CL . -11.59 -16.96 18.72
MG MG DL . 56.94 -46.81 -14.31
MG MG EL . -28.31 -25.20 -36.30
N1 SPD FL . -34.41 -29.40 43.29
C2 SPD FL . -34.97 -30.74 43.22
C3 SPD FL . -35.66 -31.08 44.53
C4 SPD FL . -36.02 -32.55 44.60
C5 SPD FL . -36.73 -32.80 45.92
N6 SPD FL . -37.19 -34.17 46.02
C7 SPD FL . -36.14 -34.97 46.60
C8 SPD FL . -36.75 -35.88 47.66
C9 SPD FL . -37.73 -36.83 46.99
N10 SPD FL . -37.00 -37.65 46.04
MG MG GL . 14.07 -60.52 11.45
MG MG HL . 24.16 -27.76 -16.07
MG MG IL . -11.99 -79.69 -14.75
ZN ZN JL . 19.31 -20.18 77.27
ZN ZN KL . -12.65 -60.54 43.39
ZN ZN LL . 9.10 -23.52 -61.62
ZN ZN ML . -84.27 -14.13 3.51
ZN ZN NL . 20.03 -7.48 68.63
#